data_9E1E
#
_entry.id   9E1E
#
_cell.length_a   1.00
_cell.length_b   1.00
_cell.length_c   1.00
_cell.angle_alpha   90.00
_cell.angle_beta   90.00
_cell.angle_gamma   90.00
#
_symmetry.space_group_name_H-M   'P 1'
#
loop_
_entity.id
_entity.type
_entity.pdbx_description
1 polymer 'Ryanodine receptor 1'
2 polymer 'Peptidyl-prolyl cis-trans isomerase FKBP1A'
3 non-polymer "ADENOSINE-5'-TRIPHOSPHATE"
4 non-polymer 'CALCIUM ION'
5 non-polymer 'ZINC ION'
6 non-polymer URACIL
#
loop_
_entity_poly.entity_id
_entity_poly.type
_entity_poly.pdbx_seq_one_letter_code
_entity_poly.pdbx_strand_id
1 'polypeptide(L)'
;MGDGGEGEDEVQFLRTDDEVVLQCSATVLKEQLKLCLAAEGFGNRLCFLEPTSNAQNVPPDLAICCFTLEQSLSVRALQE
MLANTVEAGVESSQGGGHRTLLYGHAILLRHAHSRMYLSCLTTSRSMTDKLAFDVGLQEDATGEACWWTMHPASKQRSEG
EKVRVGDDLILVSVSSERYLHLSTASGELQVDASFMQTLWNMNPICSCCEEGYVTGGHVLRLFHGHMDECLTISAADSDD
QRRLVYYEGGAVCTHARSLWRLEPLRISWSGSHLRWGQPLRIRHVTTGRYLALTEDQGLVVVDACKAHTKATSFCFRVSK
EKLDTAPKRDVEGMGPPEIKYGESLCFVQHVASGLWLTYAAPDPKALRLGVLKKKAILHQEGHMDDALFLTRCQQEESQA
ARMIHSTAGLYNQFIKGLDSFSGKPRGSGPPAGPALPIEAVILSLQDLIGYFEPPSEELQHEEKQSKLRSLRNRQSLFQE
EGMLSLVLNCIDRLNVYTTAAHFAEYAGEEAAESWKEIVNLLYELLASLIRGNRANCALFSTNLDWVVSKLDRLEASSGI
LEVLYCVLIESPEVLNIIQENHIKSIISLLDKHGRNHKVLDVLCSLCVCNGVAVRSNQDLITENLLPGRELLLQTNLINY
VTSIRPNIFVGRAEGSTQYGKWYFEVMVDEVVPFLTAQATHLRVGWALTEGYSPYPGGGEGWGGNGVGDDLYSYGFDGLH
LWTGHVARPVTSPGQHLLAPEDVVSCCLDLSVPSISFRINGCPVQGVFEAFNLDGLFFPVVSFSAGVKVRFLLGGRHGEF
KFLPPPGYAPCHEAVLPRERLRLEPIKEYRREGPRGPHLVGPSRCLSHTDFVPCPVDTVQIVLPPHLERIREKLAENIHE
LWALTRIEQGWTYGPVRDDNKRLHPCLVNFHSLPEPERNYNLQMSGETLKTLLALGCHVGMADEKAEDNLKKTKLPKTYM
MSNGYKPAPLDLSHVRLTPAQTTLVDRLAENGHNVWARDRVAQGWSYSAVQDIPARRNPRLVPYRLLDEATKRSNRDSLC
QAVRTLLGYGYNIEPPDQEPSQVENQSRWDRVRIFRAEKSYTVQSGRWYFEFEAVTTGEMRVGWARPELRPDVELGADEL
AYVFNGHRGQRWHLGSEPFGRPWQSGDVVGCMIDLTENTIIFTLNGEVLMSDSGSETAFREIEIGDGFLPVCSLGPGQVG
HLNLGQDVSSLRFFAICGLQEGFEPFAINMQRPVTTWFSKSLPQFEPVPPEHPHYEVARMDGTVDTPPCLRLAHRTWGSQ
NSLVEMLFLRLSLPVQFHQHFRCTAGATPLAPPGLQPPAEDEARAAEPDPDYENLRRSAGGWGEAEGGKEGTAKEGTPGG
TPQPGVEAQPVRAENEKDATTEKNKKRGFLFKAKKAAMMTQPPATPALPRLPHDVVPADNRDDPEIILNTTTYYYSVRVF
AGQEPSCVWVGWVTPDYHQHDMNFDLSKVRAVTVTMGDEQGNVHSSLKCSNCYMVWGGDFVSPGQQGRISHTDLVIGCLV
DLATGLMTFTANGKESNTFFQVEPNTKLFPAVFVLPTHQNVIQFELGKQKNIMPLSAAMFLSERKNPAPQCPPRLEVQML
MPVSWSRMPNHFLQVETRRAGERLGWAVQCQDPLTMMALHIPEENRCMDILELSERLDLQRFHSHTLRLYRAVCALGNNR
VAHALCSHVDQAQLLHALEDAHLPGPLRAGYYDLLISIHLESACRSRRSMLSEYIVPLTPETRAITLFPPGRKGGNARRH
GLPGVGVTTSLRPPHHFSPPCFVAALPAAGVAEAPARLSPAIPLEALRDKALRMLGEAVRDGGQHARDPVGGSVEFQFVP
VLKLVSTLLVMGIFGDEDVKQILKMIEPEVFTEEEEEEEEEEEEEEEEEEDEEEKEEDEEEEEKEDAEKEEEEAPEGEKE
DLEEGLLQMKLPESVKLQMCNLLEYFCDQELQHRVESLAAFAERYVDKLQANQRSRYALLMRAFTMSAAETARRTREFRS
PPQEQINMLLHFKDEADEEDCPLPEDIRQDLQDFHQDLLAHCGIQLEGEEEEPEEETSLSSRLRSLLETVRLVKKKEEKP
EEELPAEEKKPQSLQELVSHMVVRWAQEDYVQSPELVRAMFSLLHRQYDGLGELLRALPRAYTISPSSVEDTMSLLECLG
QIRSLLIVQMGPQEENLMIQSIGNIMNNKVFYQHPNLMRALGMHETVMEVMVNVLGGGETKEIRFPKMVTSCCRFLCYFC
RISRQNQRSMFDHLSYLLENSGIGLGMQGSTPLDVAAASVIDNNELALALQEQDLEKVVSYLAGCGLQSCPMLLAKGYPD
IGWNPCGGERYLDFLRFAVFVNGESVEENANVVVRLLIRKPECFGPALRGEGGSGLLAAIEEAIRISEDPARDGPGVRRD
RRREHFGEEPPEENRVHLGHAIMSFYAALIDLLGRCAPEMHLIQAGKGEALRIRAILRSLVPLDDLVGIISLPLQIPTLG
KDGALVQPKMSASFVPDHKASMVLFLDRVYGIENQDFLLHVLDVGFLPDMRAAASLDTATFSTTEMALALNRYLCLAVLP
LITKCAPLFAGTEHRAIMVDSMLHTVYRLSRGRSLTKAQRDVIEDCLMALCRYIRPSMLQHLLRRLVFDVPILNEFAKMP
LKLLTNHYERCWKYYCLPTGWANFGVTSEEELHLTRKLFWGIFDSLAHKKYDQELYRMAMPCLCAIAGALPPDYVDASYS
SKAEKKATVDAEGNFDPRPVETLNVIIPEKLDSFINKFAEYTHEKWAFDKIQNNWSYGENVDEELKTHPMLRPYKTFSEK
DKEIYRWPIKESLKAMIAWEWTIEKAREGEEERTEKKKTRKISQTAQTYDPREGYNPQPPDLSGVTLSRELQAMAEQLAE
NYHNTWGRKKKQELEAKGGGTHPLLVPYDTLTAKEKARDREKAQELLKFLQMNGYAVTRGLKDMELDTSSIEKRFAFGFL
QQLLRWMDISQEFIAHLEAVVSSGRVEKSPHEQEIKFFAKILLPLINQYFTNHCLYFLSTPAKVLGSGGHASNKEKEMIT
SLFCKLAALVRHRVSLFGTDAPAVVNCLHILARSLDARTVMKSGPEIVKAGLRSFFESASEDIEKMVENLRLGKVSQART
QVKGVGQNLTYTTVALLPVLTTLFQHIAQHQFGDDVILDDVQVSCYRTLCSIYSLGTTKNTYVEKLRPALGECLARLAAA
MPVAFLEPQLNEYNACSVYTTKSPRERAILGLPNSVEEMCPDIPVLDRLMADIGGLAESGARYTEMPHVIEITLPMLCSY
LPRWWERGPEAPPPALPAGAPPPCTAVTSDHLNSLLGNILRIIVNNLGIDEATWMKRLAVFAQPIVSRARPELLHSHFIP
TIGRLRKRAGKVVAEEEQLRLEAKAEAEEGELLVRDEFSVLCRDLYALYPLLIRYVDNNRAHWLTEPNANAEELFRMVGE
IFIYWSKSHNFKREEQNFVVQNEINNMSFLTADSKSKMAKAGDAQSGGSDQERTKKKRRGDRYSVQTSLIVATLKKMLPI
GLNMCAPTDQDLIMLAKTRYALKDTDEEVREFLQNNLHLQGKVEGSPSLRWQMALYRGLPGREEDADDPEKIVRRVQEVS
AVLYHLEQTEHPYKSKKAVWHKLLSKQRRRAVVACFRMTPLYNLPTHRACNMFLESYKAAWILTEDHSFEDRMIDDLSKA
GEQEEEEEEVEEKKPDPLHQLVLHFSRTALTEKSKLDEDYLYMAYADIMAKSCHLEEGGENGEAEEEEVEVSFEEKEMEK
QRLLYQQSRLHTRGAAEMVLQMISACKGETGAMVSSTLKLGISILNGGNAEVQQKMLDYLKDKKEVGFFQSIQALMQTCS
VLDLNAFERQNKAEGLGMVNEDGTVINRQNGEKVMADDEFTQDLFRFLQLLCEGHNNDFQNYLRTQTGNTTTINIIICTV
DYLLRLQESISDFYWYYSGKDVIEEQGKRNFSKAMSVAKQVFNSLTEYIQGPCTGNQQSLAHSRLWDAVVGFLHVFAHMM
MKLAQDSSQIELLKELLDLQKDMVVMLLSLLEGNVVNGMIARQMVDMLVESSSNVEMILKFFDMFLKLKDIVGSEAFQDY
VTDPRGLISKKDFQKAMDSQKQFTGPEIQFLLSCSEADENEMINFEEFANRFQEPARDIGFNVAVLLTNLSEHVPHDPRL
RNFLELAESILEYFRPYLGRIEIMGASRRIERIYFEISETNRAQWEMPQVKESKRQFIFDVVNEGGEAEKMELFVSFCED
TIFEMQIAAQISEPEGEPEADEDEGMGEAAAEGAEEGAAGAEGAAGTVAAGATARLAAAAARALRGLSYRSLRRRVRRLR
RLTAREAATALAALLWAVVARAGAAGAGAAAGALRLLWGSLFGGGLVEGAKKVTVTELLAGMPDPTSDEVHGEQPAGPGG
DADGAGEGEGEGDAAEGDGDEEVAGHEAGPGGAEGVVAVADGGPFRPEGAGGLGDMGDTTPAEPPTPEGSPILKRKLGVD
GEEEELVPEPEPEPEPEPEKADEENGEKEEVPEAPPEPPKKAPPSPPAKKEEAGGAGMEFWGELEVQRVKFLNYLSRNFY
TLRFLALFLAFAINFILLFYKVSDSPPGEDDMEGSAAGDLAGAGSGGGSGWGSGAGEEAEGDEDENMVYYFLEESTGYME
PALWCLSLLHTLVAFLCIIGYNCLKVPLVIFKREKELARKLEFDGLYITEQPGDDDVKGQWDRLVLNTPSFPSNYWDKFV
KRKVLDKHGDIFGRERIAELLGMDLASLEITAHNERKPDPPPGLLTWLMSIDVKYQIWKFGVIFTDNSFLYLGWYMVMSL
LGHYNNFFFAAHLLDIAMGVKTLRTILSSVTHNGKQLVMTVGLLAVVVYLYTVVAFNFFRKFYNKSEDEDEPDMKCDDMM
TCYLFHMYVGVRAGGGIGDEIEDPAGDEYELYRVVFDITFFFFVIVILLAIIQGLIIDAFGELRDQQEQVKEDMETKCFI
CGIGSDYFDTTPHGFETHTLEEHNLANYMFFLMYLINKDETEHTGQESYVWKMYQERCWDFFPAGDCFRKQYEDQLS
;
A,B,D,C
2 'polypeptide(L)'
;MGVQVETISPGDGRTFPKRGQTCVVHYTGMLEDGKKFDSSRDRNKPFKFMLGKQEVIRGWEEGVAQMSVGQRAKLTISPD
YAYGATGHPGIIPPHATLVFDVELLKLE
;
E,H,G,F
#
loop_
_chem_comp.id
_chem_comp.type
_chem_comp.name
_chem_comp.formula
ATP non-polymer ADENOSINE-5'-TRIPHOSPHATE 'C10 H16 N5 O13 P3'
CA non-polymer 'CALCIUM ION' 'Ca 2'
URA non-polymer URACIL 'C4 H4 N2 O2'
ZN non-polymer 'ZINC ION' 'Zn 2'
#
# COMPACT_ATOMS: atom_id res chain seq x y z
N GLU A 10 -27.11 -2.99 -6.35
CA GLU A 10 -28.11 -2.93 -7.40
C GLU A 10 -29.23 -3.92 -7.12
N VAL A 11 -30.47 -3.44 -7.17
CA VAL A 11 -31.62 -4.31 -6.93
C VAL A 11 -31.77 -5.25 -8.11
N GLN A 12 -31.77 -6.55 -7.83
CA GLN A 12 -31.84 -7.54 -8.89
C GLN A 12 -33.24 -7.62 -9.47
N PHE A 13 -33.32 -7.83 -10.78
CA PHE A 13 -34.58 -7.89 -11.49
C PHE A 13 -34.73 -9.25 -12.15
N LEU A 14 -35.94 -9.80 -12.07
CA LEU A 14 -36.24 -11.07 -12.72
C LEU A 14 -36.23 -10.89 -14.23
N ARG A 15 -35.63 -11.84 -14.94
CA ARG A 15 -35.57 -11.82 -16.39
C ARG A 15 -36.07 -13.15 -16.93
N THR A 16 -36.29 -13.20 -18.23
CA THR A 16 -36.70 -14.45 -18.86
C THR A 16 -35.55 -15.45 -18.81
N ASP A 17 -35.91 -16.73 -18.90
CA ASP A 17 -35.00 -17.87 -18.83
C ASP A 17 -34.38 -18.03 -17.45
N ASP A 18 -34.91 -17.36 -16.43
CA ASP A 18 -34.44 -17.54 -15.07
C ASP A 18 -35.33 -18.55 -14.34
N GLU A 19 -34.71 -19.32 -13.45
CA GLU A 19 -35.42 -20.32 -12.68
C GLU A 19 -35.92 -19.71 -11.38
N VAL A 20 -37.22 -19.84 -11.12
CA VAL A 20 -37.85 -19.25 -9.96
C VAL A 20 -38.73 -20.29 -9.27
N VAL A 21 -39.17 -19.96 -8.06
CA VAL A 21 -40.12 -20.75 -7.30
C VAL A 21 -41.24 -19.82 -6.84
N LEU A 22 -42.48 -20.25 -7.03
CA LEU A 22 -43.64 -19.48 -6.57
C LEU A 22 -43.87 -19.80 -5.11
N GLN A 23 -43.68 -18.81 -4.24
CA GLN A 23 -43.72 -19.02 -2.80
C GLN A 23 -44.80 -18.15 -2.16
N CYS A 24 -45.58 -18.76 -1.27
CA CYS A 24 -46.61 -18.08 -0.50
C CYS A 24 -46.38 -18.36 0.98
N SER A 25 -47.15 -17.67 1.81
CA SER A 25 -47.04 -17.80 3.26
C SER A 25 -48.42 -18.02 3.87
N ALA A 26 -48.48 -18.96 4.81
CA ALA A 26 -49.72 -19.25 5.51
C ALA A 26 -49.42 -19.40 7.00
N THR A 27 -50.44 -19.12 7.81
CA THR A 27 -50.31 -19.18 9.27
C THR A 27 -50.92 -20.48 9.76
N VAL A 28 -50.11 -21.29 10.43
CA VAL A 28 -50.54 -22.58 10.98
C VAL A 28 -50.16 -22.59 12.45
N LEU A 29 -51.16 -22.44 13.32
CA LEU A 29 -50.96 -22.43 14.78
C LEU A 29 -49.98 -21.34 15.18
N LYS A 30 -50.28 -20.11 14.77
CA LYS A 30 -49.48 -18.93 15.07
C LYS A 30 -48.05 -19.02 14.53
N GLU A 31 -47.79 -19.92 13.59
CA GLU A 31 -46.48 -20.09 12.98
C GLU A 31 -46.57 -19.74 11.50
N GLN A 32 -45.65 -18.90 11.04
CA GLN A 32 -45.62 -18.51 9.63
C GLN A 32 -44.94 -19.63 8.83
N LEU A 33 -45.72 -20.31 8.01
CA LEU A 33 -45.23 -21.41 7.19
C LEU A 33 -45.13 -20.95 5.75
N LYS A 34 -43.96 -21.14 5.14
CA LYS A 34 -43.73 -20.76 3.76
C LYS A 34 -43.86 -21.99 2.87
N LEU A 35 -44.64 -21.86 1.81
CA LEU A 35 -44.95 -22.97 0.92
C LEU A 35 -44.57 -22.60 -0.51
N CYS A 36 -44.17 -23.60 -1.28
CA CYS A 36 -43.80 -23.42 -2.67
C CYS A 36 -44.71 -24.24 -3.57
N LEU A 37 -45.17 -23.63 -4.66
CA LEU A 37 -46.02 -24.32 -5.61
C LEU A 37 -45.22 -25.43 -6.29
N ALA A 38 -45.80 -26.63 -6.33
CA ALA A 38 -45.12 -27.79 -6.86
C ALA A 38 -46.09 -28.64 -7.67
N ALA A 39 -45.53 -29.43 -8.58
CA ALA A 39 -46.31 -30.36 -9.38
C ALA A 39 -45.38 -31.44 -9.90
N GLU A 40 -45.87 -32.69 -9.88
CA GLU A 40 -45.07 -33.79 -10.39
C GLU A 40 -45.03 -33.82 -11.91
N GLY A 41 -46.15 -33.48 -12.56
CA GLY A 41 -46.21 -33.48 -14.00
C GLY A 41 -46.65 -34.81 -14.58
N PHE A 42 -45.80 -35.81 -14.50
CA PHE A 42 -46.12 -37.13 -15.02
C PHE A 42 -46.94 -37.90 -13.99
N GLY A 43 -48.15 -38.29 -14.37
CA GLY A 43 -49.03 -39.04 -13.51
C GLY A 43 -49.93 -38.20 -12.64
N ASN A 44 -49.63 -36.91 -12.47
CA ASN A 44 -50.46 -36.03 -11.66
C ASN A 44 -50.24 -34.60 -12.13
N ARG A 45 -51.17 -34.08 -12.92
CA ARG A 45 -51.04 -32.73 -13.44
C ARG A 45 -51.27 -31.67 -12.37
N LEU A 46 -52.12 -31.97 -11.38
CA LEU A 46 -52.52 -30.97 -10.40
C LEU A 46 -51.33 -30.52 -9.55
N CYS A 47 -51.37 -29.26 -9.14
CA CYS A 47 -50.32 -28.64 -8.36
C CYS A 47 -50.66 -28.69 -6.88
N PHE A 48 -49.65 -28.95 -6.06
CA PHE A 48 -49.80 -28.91 -4.61
C PHE A 48 -48.75 -27.99 -4.02
N LEU A 49 -48.67 -27.95 -2.69
CA LEU A 49 -47.77 -27.05 -1.99
C LEU A 49 -46.72 -27.83 -1.22
N GLU A 50 -45.46 -27.48 -1.40
CA GLU A 50 -44.36 -28.13 -0.71
C GLU A 50 -43.82 -27.19 0.36
N PRO A 51 -44.05 -27.45 1.65
CA PRO A 51 -43.55 -26.55 2.68
C PRO A 51 -42.03 -26.51 2.70
N THR A 52 -41.50 -25.33 3.05
CA THR A 52 -40.06 -25.12 3.06
C THR A 52 -39.55 -24.52 4.37
N SER A 53 -40.44 -24.15 5.29
CA SER A 53 -39.99 -23.54 6.55
C SER A 53 -39.27 -24.54 7.45
N ASN A 54 -39.50 -25.84 7.26
CA ASN A 54 -38.86 -26.87 8.06
C ASN A 54 -37.67 -27.51 7.33
N ALA A 55 -36.96 -26.73 6.52
CA ALA A 55 -35.86 -27.28 5.75
C ALA A 55 -34.68 -27.69 6.62
N GLN A 56 -34.58 -27.15 7.84
CA GLN A 56 -33.47 -27.51 8.71
C GLN A 56 -33.60 -28.94 9.23
N ASN A 57 -34.83 -29.41 9.41
CA ASN A 57 -35.07 -30.77 9.88
C ASN A 57 -35.53 -31.71 8.78
N VAL A 58 -36.34 -31.24 7.85
CA VAL A 58 -36.81 -32.06 6.74
C VAL A 58 -36.56 -31.31 5.43
N PRO A 59 -35.66 -31.80 4.58
CA PRO A 59 -35.37 -31.11 3.33
C PRO A 59 -36.57 -31.15 2.40
N PRO A 60 -36.92 -30.02 1.78
CA PRO A 60 -38.02 -30.00 0.82
C PRO A 60 -37.60 -30.62 -0.51
N ASP A 61 -38.62 -30.97 -1.30
CA ASP A 61 -38.40 -31.56 -2.63
C ASP A 61 -38.47 -30.45 -3.66
N LEU A 62 -37.38 -29.71 -3.78
CA LEU A 62 -37.30 -28.56 -4.68
C LEU A 62 -37.18 -28.96 -6.15
N ALA A 63 -36.91 -30.23 -6.44
CA ALA A 63 -36.73 -30.65 -7.83
C ALA A 63 -37.98 -30.45 -8.67
N ILE A 64 -39.15 -30.37 -8.04
CA ILE A 64 -40.41 -30.24 -8.74
C ILE A 64 -41.06 -28.89 -8.49
N CYS A 65 -40.41 -28.00 -7.72
CA CYS A 65 -40.93 -26.67 -7.45
C CYS A 65 -40.34 -25.60 -8.35
N CYS A 66 -39.45 -25.97 -9.27
CA CYS A 66 -38.71 -25.01 -10.06
C CYS A 66 -39.36 -24.76 -11.41
N PHE A 67 -39.58 -23.49 -11.74
CA PHE A 67 -40.19 -23.08 -13.00
C PHE A 67 -39.29 -22.09 -13.71
N THR A 68 -39.24 -22.19 -15.04
CA THR A 68 -38.44 -21.29 -15.86
C THR A 68 -39.35 -20.28 -16.54
N LEU A 69 -38.97 -19.00 -16.47
CA LEU A 69 -39.70 -17.93 -17.13
C LEU A 69 -39.33 -17.93 -18.61
N GLU A 70 -40.19 -18.53 -19.44
CA GLU A 70 -39.89 -18.64 -20.85
C GLU A 70 -40.14 -17.33 -21.59
N GLN A 71 -41.32 -16.74 -21.41
CA GLN A 71 -41.69 -15.54 -22.15
C GLN A 71 -42.36 -14.55 -21.23
N SER A 72 -42.29 -13.28 -21.61
CA SER A 72 -42.96 -12.20 -20.88
C SER A 72 -43.37 -11.15 -21.89
N LEU A 73 -44.67 -11.05 -22.16
CA LEU A 73 -45.19 -10.16 -23.19
C LEU A 73 -46.30 -9.29 -22.62
N SER A 74 -46.52 -8.15 -23.26
CA SER A 74 -47.66 -7.32 -22.92
C SER A 74 -48.96 -8.02 -23.34
N VAL A 75 -50.08 -7.47 -22.89
CA VAL A 75 -51.37 -8.07 -23.20
C VAL A 75 -51.63 -8.03 -24.70
N ARG A 76 -51.34 -6.90 -25.34
CA ARG A 76 -51.55 -6.79 -26.78
C ARG A 76 -50.64 -7.73 -27.55
N ALA A 77 -49.37 -7.85 -27.14
CA ALA A 77 -48.46 -8.79 -27.78
C ALA A 77 -48.95 -10.21 -27.63
N LEU A 78 -49.44 -10.56 -26.44
CA LEU A 78 -49.97 -11.90 -26.22
C LEU A 78 -51.19 -12.16 -27.10
N GLN A 79 -52.08 -11.18 -27.21
CA GLN A 79 -53.26 -11.35 -28.04
C GLN A 79 -52.87 -11.54 -29.50
N GLU A 80 -51.92 -10.76 -29.98
CA GLU A 80 -51.48 -10.91 -31.37
C GLU A 80 -50.80 -12.26 -31.61
N MET A 81 -49.97 -12.71 -30.66
CA MET A 81 -49.33 -14.00 -30.80
C MET A 81 -50.35 -15.13 -30.80
N LEU A 82 -51.36 -15.04 -29.94
CA LEU A 82 -52.40 -16.07 -29.91
C LEU A 82 -53.21 -16.07 -31.20
N ALA A 83 -53.50 -14.88 -31.74
CA ALA A 83 -54.19 -14.80 -33.02
C ALA A 83 -53.36 -15.43 -34.14
N ASN A 84 -52.06 -15.17 -34.13
CA ASN A 84 -51.17 -15.76 -35.12
C ASN A 84 -50.88 -17.23 -34.80
N HIS A 98 -32.48 -11.85 -23.02
CA HIS A 98 -33.19 -12.09 -21.77
C HIS A 98 -34.01 -10.88 -21.37
N ARG A 99 -35.27 -10.86 -21.79
CA ARG A 99 -36.15 -9.74 -21.47
C ARG A 99 -36.39 -9.66 -19.97
N THR A 100 -36.51 -8.43 -19.47
CA THR A 100 -36.78 -8.21 -18.05
C THR A 100 -38.28 -8.17 -17.80
N LEU A 101 -38.70 -8.77 -16.70
CA LEU A 101 -40.13 -8.83 -16.37
C LEU A 101 -40.61 -7.45 -15.93
N LEU A 102 -41.77 -7.06 -16.44
CA LEU A 102 -42.43 -5.81 -16.08
C LEU A 102 -43.83 -6.10 -15.56
N TYR A 103 -44.26 -5.30 -14.58
CA TYR A 103 -45.60 -5.48 -14.03
C TYR A 103 -46.64 -5.22 -15.11
N GLY A 104 -47.68 -6.06 -15.10
CA GLY A 104 -48.72 -5.99 -16.11
C GLY A 104 -48.49 -6.88 -17.31
N HIS A 105 -47.30 -7.45 -17.46
CA HIS A 105 -47.03 -8.35 -18.56
C HIS A 105 -47.55 -9.75 -18.26
N ALA A 106 -47.66 -10.55 -19.31
CA ALA A 106 -48.11 -11.93 -19.19
C ALA A 106 -46.92 -12.86 -19.34
N ILE A 107 -46.75 -13.77 -18.39
CA ILE A 107 -45.60 -14.64 -18.33
C ILE A 107 -46.02 -16.08 -18.57
N LEU A 108 -45.08 -16.88 -19.08
CA LEU A 108 -45.28 -18.29 -19.35
C LEU A 108 -44.29 -19.07 -18.50
N LEU A 109 -44.81 -19.90 -17.60
CA LEU A 109 -44.00 -20.65 -16.65
C LEU A 109 -43.92 -22.10 -17.10
N ARG A 110 -42.70 -22.59 -17.34
CA ARG A 110 -42.48 -23.96 -17.76
C ARG A 110 -41.88 -24.76 -16.62
N HIS A 111 -42.54 -25.87 -16.28
CA HIS A 111 -42.05 -26.73 -15.22
C HIS A 111 -40.70 -27.33 -15.63
N ALA A 112 -39.71 -27.21 -14.74
CA ALA A 112 -38.36 -27.64 -15.09
C ALA A 112 -38.28 -29.15 -15.30
N HIS A 113 -38.92 -29.92 -14.44
CA HIS A 113 -38.80 -31.38 -14.53
C HIS A 113 -39.63 -31.93 -15.67
N SER A 114 -40.95 -31.68 -15.65
CA SER A 114 -41.85 -32.29 -16.63
C SER A 114 -41.88 -31.57 -17.96
N ARG A 115 -41.25 -30.40 -18.07
CA ARG A 115 -41.25 -29.58 -19.29
C ARG A 115 -42.66 -29.13 -19.66
N MET A 116 -43.60 -29.20 -18.73
CA MET A 116 -44.96 -28.74 -18.95
C MET A 116 -45.11 -27.31 -18.44
N TYR A 117 -46.27 -26.72 -18.72
CA TYR A 117 -46.50 -25.31 -18.44
C TYR A 117 -47.59 -25.16 -17.39
N LEU A 118 -47.37 -24.26 -16.43
CA LEU A 118 -48.38 -23.97 -15.43
C LEU A 118 -49.61 -23.39 -16.10
N SER A 119 -50.78 -23.94 -15.76
CA SER A 119 -52.00 -23.58 -16.45
C SER A 119 -53.15 -23.53 -15.47
N CYS A 120 -54.21 -22.84 -15.86
CA CYS A 120 -55.46 -22.79 -15.11
C CYS A 120 -56.41 -23.80 -15.73
N LEU A 121 -56.53 -24.96 -15.09
CA LEU A 121 -57.35 -26.04 -15.64
C LEU A 121 -58.84 -25.69 -15.52
N THR A 122 -59.61 -26.15 -16.51
CA THR A 122 -61.04 -25.91 -16.52
C THR A 122 -61.81 -26.77 -15.52
N THR A 123 -61.16 -27.76 -14.90
CA THR A 123 -61.81 -28.61 -13.92
C THR A 123 -61.74 -27.95 -12.54
N SER A 124 -62.52 -28.51 -11.61
CA SER A 124 -62.55 -28.00 -10.25
C SER A 124 -62.84 -29.16 -9.31
N ARG A 125 -61.81 -29.61 -8.58
CA ARG A 125 -61.97 -30.69 -7.62
C ARG A 125 -62.36 -30.19 -6.24
N SER A 126 -62.24 -28.90 -5.98
CA SER A 126 -62.62 -28.33 -4.69
C SER A 126 -64.13 -28.34 -4.54
N MET A 127 -64.59 -28.41 -3.29
CA MET A 127 -66.01 -28.38 -3.00
C MET A 127 -66.44 -27.14 -2.21
N THR A 128 -65.51 -26.50 -1.50
CA THR A 128 -65.87 -25.31 -0.73
C THR A 128 -66.21 -24.15 -1.66
N ASP A 129 -65.41 -23.94 -2.70
CA ASP A 129 -65.62 -22.85 -3.65
C ASP A 129 -66.20 -23.45 -4.94
N LYS A 130 -67.36 -22.92 -5.35
CA LYS A 130 -67.96 -23.36 -6.60
C LYS A 130 -67.40 -22.63 -7.80
N LEU A 131 -66.76 -21.47 -7.60
CA LEU A 131 -66.25 -20.65 -8.68
C LEU A 131 -64.75 -20.81 -8.88
N ALA A 132 -64.12 -21.73 -8.17
CA ALA A 132 -62.67 -21.90 -8.27
C ALA A 132 -62.33 -22.91 -9.36
N PHE A 133 -61.09 -22.81 -9.85
CA PHE A 133 -60.57 -23.72 -10.86
C PHE A 133 -59.26 -24.31 -10.39
N ASP A 134 -59.04 -25.58 -10.74
CA ASP A 134 -57.80 -26.26 -10.38
C ASP A 134 -56.63 -25.68 -11.16
N VAL A 135 -55.49 -25.59 -10.50
CA VAL A 135 -54.25 -25.12 -11.13
C VAL A 135 -53.34 -26.33 -11.30
N GLY A 136 -52.96 -26.60 -12.55
CA GLY A 136 -52.13 -27.75 -12.85
C GLY A 136 -51.16 -27.47 -13.97
N LEU A 137 -50.73 -28.52 -14.66
CA LEU A 137 -49.78 -28.40 -15.76
C LEU A 137 -50.44 -28.77 -17.06
N GLN A 138 -49.97 -28.17 -18.15
CA GLN A 138 -50.46 -28.42 -19.50
C GLN A 138 -49.31 -28.91 -20.36
N GLU A 139 -49.59 -29.90 -21.21
CA GLU A 139 -48.54 -30.51 -22.01
C GLU A 139 -47.92 -29.52 -22.98
N ASP A 140 -48.75 -28.69 -23.62
CA ASP A 140 -48.28 -27.76 -24.63
C ASP A 140 -48.52 -26.34 -24.18
N ALA A 141 -47.85 -25.40 -24.84
CA ALA A 141 -47.94 -23.98 -24.55
C ALA A 141 -49.03 -23.28 -25.35
N THR A 142 -49.81 -24.02 -26.14
CA THR A 142 -50.85 -23.41 -26.94
C THR A 142 -52.00 -22.94 -26.05
N GLY A 143 -52.73 -21.95 -26.56
CA GLY A 143 -53.86 -21.41 -25.84
C GLY A 143 -53.46 -20.34 -24.84
N GLU A 144 -54.47 -19.76 -24.21
CA GLU A 144 -54.28 -18.70 -23.23
C GLU A 144 -54.42 -19.18 -21.80
N ALA A 145 -54.66 -20.48 -21.58
CA ALA A 145 -54.79 -21.00 -20.23
C ALA A 145 -53.47 -21.08 -19.48
N CYS A 146 -52.34 -21.00 -20.19
CA CYS A 146 -51.02 -21.14 -19.58
C CYS A 146 -50.33 -19.80 -19.35
N TRP A 147 -51.06 -18.70 -19.47
CA TRP A 147 -50.49 -17.36 -19.35
C TRP A 147 -51.04 -16.67 -18.12
N TRP A 148 -50.16 -16.01 -17.39
CA TRP A 148 -50.51 -15.33 -16.14
C TRP A 148 -49.97 -13.91 -16.17
N THR A 149 -50.76 -12.96 -15.67
CA THR A 149 -50.39 -11.56 -15.64
C THR A 149 -49.92 -11.19 -14.24
N MET A 150 -48.80 -10.48 -14.17
CA MET A 150 -48.23 -10.06 -12.89
C MET A 150 -48.79 -8.69 -12.52
N HIS A 151 -49.21 -8.55 -11.28
CA HIS A 151 -49.71 -7.29 -10.77
C HIS A 151 -49.03 -6.96 -9.46
N PRO A 152 -48.80 -5.67 -9.17
CA PRO A 152 -48.21 -5.29 -7.88
C PRO A 152 -49.13 -5.65 -6.74
N ALA A 153 -48.54 -6.18 -5.66
CA ALA A 153 -49.34 -6.52 -4.49
C ALA A 153 -49.74 -5.29 -3.70
N SER A 154 -48.94 -4.23 -3.76
CA SER A 154 -49.21 -3.01 -3.02
C SER A 154 -48.74 -1.80 -3.83
N LYS A 155 -48.83 -0.62 -3.22
CA LYS A 155 -48.73 0.64 -3.96
C LYS A 155 -47.30 1.10 -4.19
N GLN A 156 -46.29 0.48 -3.58
CA GLN A 156 -44.92 0.87 -3.88
C GLN A 156 -44.55 0.56 -5.31
N ARG A 157 -45.21 -0.42 -5.92
CA ARG A 157 -44.99 -0.77 -7.31
C ARG A 157 -46.22 -0.43 -8.15
N SER A 158 -45.98 -0.03 -9.38
CA SER A 158 -47.05 0.32 -10.32
C SER A 158 -46.81 -0.40 -11.64
N GLU A 159 -47.82 -0.36 -12.50
CA GLU A 159 -47.74 -1.05 -13.77
C GLU A 159 -46.62 -0.48 -14.64
N GLY A 160 -45.87 -1.38 -15.27
CA GLY A 160 -44.74 -0.99 -16.09
C GLY A 160 -43.41 -0.99 -15.37
N GLU A 161 -43.41 -0.94 -14.04
CA GLU A 161 -42.17 -1.00 -13.29
C GLU A 161 -41.56 -2.39 -13.37
N LYS A 162 -40.23 -2.45 -13.31
CA LYS A 162 -39.54 -3.73 -13.35
C LYS A 162 -39.85 -4.53 -12.10
N VAL A 163 -40.10 -5.82 -12.28
CA VAL A 163 -40.41 -6.71 -11.17
C VAL A 163 -39.11 -7.14 -10.50
N ARG A 164 -38.93 -6.74 -9.25
CA ARG A 164 -37.69 -6.97 -8.52
C ARG A 164 -37.77 -8.23 -7.68
N VAL A 165 -36.61 -8.80 -7.38
CA VAL A 165 -36.54 -10.01 -6.57
C VAL A 165 -37.04 -9.69 -5.18
N GLY A 166 -37.91 -10.57 -4.65
CA GLY A 166 -38.47 -10.39 -3.33
C GLY A 166 -39.76 -9.62 -3.30
N ASP A 167 -40.20 -9.05 -4.41
CA ASP A 167 -41.48 -8.37 -4.45
C ASP A 167 -42.63 -9.37 -4.34
N ASP A 168 -43.71 -8.93 -3.71
CA ASP A 168 -44.93 -9.73 -3.66
C ASP A 168 -45.77 -9.44 -4.90
N LEU A 169 -46.27 -10.51 -5.52
CA LEU A 169 -46.95 -10.42 -6.80
C LEU A 169 -48.38 -10.92 -6.68
N ILE A 170 -49.20 -10.51 -7.65
CA ILE A 170 -50.56 -10.99 -7.80
C ILE A 170 -50.67 -11.54 -9.22
N LEU A 171 -50.92 -12.84 -9.34
CA LEU A 171 -51.00 -13.51 -10.62
C LEU A 171 -52.47 -13.76 -10.97
N VAL A 172 -52.84 -13.39 -12.19
CA VAL A 172 -54.21 -13.52 -12.68
C VAL A 172 -54.19 -14.37 -13.94
N SER A 173 -55.06 -15.38 -14.00
CA SER A 173 -55.14 -16.21 -15.18
C SER A 173 -55.72 -15.42 -16.34
N VAL A 174 -55.04 -15.49 -17.49
CA VAL A 174 -55.52 -14.77 -18.67
C VAL A 174 -56.83 -15.36 -19.16
N SER A 175 -56.94 -16.69 -19.15
CA SER A 175 -58.11 -17.34 -19.73
C SER A 175 -59.32 -17.24 -18.81
N SER A 176 -59.10 -17.28 -17.49
CA SER A 176 -60.20 -17.39 -16.55
C SER A 176 -60.41 -16.16 -15.68
N GLU A 177 -59.51 -15.18 -15.74
CA GLU A 177 -59.62 -13.96 -14.95
C GLU A 177 -59.75 -14.26 -13.46
N ARG A 178 -58.96 -15.22 -12.98
CA ARG A 178 -58.98 -15.61 -11.58
C ARG A 178 -57.58 -15.56 -11.00
N TYR A 179 -57.49 -15.26 -9.71
CA TYR A 179 -56.21 -15.15 -9.04
C TYR A 179 -55.67 -16.53 -8.68
N LEU A 180 -54.34 -16.63 -8.68
CA LEU A 180 -53.68 -17.81 -8.13
C LEU A 180 -53.82 -17.76 -6.62
N HIS A 181 -54.69 -18.60 -6.08
CA HIS A 181 -55.14 -18.48 -4.70
C HIS A 181 -54.65 -19.65 -3.86
N LEU A 182 -54.30 -19.35 -2.62
CA LEU A 182 -54.01 -20.37 -1.61
C LEU A 182 -55.25 -20.52 -0.73
N SER A 183 -55.87 -21.70 -0.79
CA SER A 183 -57.14 -21.94 -0.14
C SER A 183 -56.94 -22.74 1.14
N THR A 184 -57.44 -22.21 2.25
CA THR A 184 -57.40 -22.88 3.54
C THR A 184 -58.79 -23.26 4.01
N ALA A 185 -59.78 -23.27 3.11
CA ALA A 185 -61.15 -23.56 3.51
C ALA A 185 -61.29 -24.96 4.08
N SER A 186 -60.65 -25.94 3.46
CA SER A 186 -60.63 -27.29 3.99
C SER A 186 -59.61 -27.39 5.11
N GLY A 187 -59.38 -28.62 5.58
CA GLY A 187 -58.40 -28.83 6.63
C GLY A 187 -56.97 -28.67 6.18
N GLU A 188 -56.71 -28.81 4.88
CA GLU A 188 -55.36 -28.74 4.34
C GLU A 188 -55.16 -27.43 3.59
N LEU A 189 -53.94 -27.26 3.09
CA LEU A 189 -53.56 -26.11 2.28
C LEU A 189 -53.55 -26.51 0.83
N GLN A 190 -54.30 -25.80 -0.01
CA GLN A 190 -54.44 -26.12 -1.41
C GLN A 190 -54.32 -24.86 -2.25
N VAL A 191 -53.96 -25.05 -3.52
CA VAL A 191 -53.80 -23.97 -4.48
C VAL A 191 -54.85 -24.13 -5.57
N ASP A 192 -55.55 -23.04 -5.87
CA ASP A 192 -56.57 -23.04 -6.91
C ASP A 192 -56.68 -21.64 -7.49
N ALA A 193 -57.35 -21.54 -8.64
CA ALA A 193 -57.60 -20.26 -9.29
C ALA A 193 -58.99 -19.80 -8.89
N SER A 194 -59.05 -18.77 -8.03
CA SER A 194 -60.30 -18.27 -7.51
C SER A 194 -60.35 -16.75 -7.70
N PHE A 195 -61.42 -16.15 -7.18
CA PHE A 195 -61.61 -14.71 -7.26
C PHE A 195 -61.04 -13.98 -6.05
N MET A 196 -60.34 -14.69 -5.16
CA MET A 196 -59.68 -14.08 -4.02
C MET A 196 -58.19 -14.04 -4.30
N GLN A 197 -57.58 -12.88 -4.08
CA GLN A 197 -56.16 -12.72 -4.39
C GLN A 197 -55.31 -13.36 -3.29
N THR A 198 -54.05 -13.62 -3.65
CA THR A 198 -53.07 -14.15 -2.71
C THR A 198 -51.70 -13.67 -3.15
N LEU A 199 -50.90 -13.24 -2.18
CA LEU A 199 -49.58 -12.69 -2.50
C LEU A 199 -48.59 -13.82 -2.73
N TRP A 200 -47.81 -13.71 -3.81
CA TRP A 200 -46.82 -14.70 -4.17
C TRP A 200 -45.46 -14.05 -4.34
N ASN A 201 -44.42 -14.78 -3.99
CA ASN A 201 -43.04 -14.35 -4.19
C ASN A 201 -42.39 -15.28 -5.20
N MET A 202 -41.73 -14.70 -6.20
CA MET A 202 -40.98 -15.48 -7.19
C MET A 202 -39.51 -15.40 -6.82
N ASN A 203 -39.12 -16.26 -5.89
CA ASN A 203 -37.73 -16.32 -5.45
C ASN A 203 -36.86 -16.95 -6.52
N PRO A 204 -35.76 -16.32 -6.93
CA PRO A 204 -34.93 -16.88 -7.99
C PRO A 204 -34.18 -18.12 -7.53
N ILE A 205 -33.87 -18.98 -8.49
CA ILE A 205 -33.03 -20.15 -8.27
C ILE A 205 -31.69 -20.00 -8.97
N CYS A 206 -31.71 -19.71 -10.26
CA CYS A 206 -30.49 -19.50 -11.04
C CYS A 206 -30.82 -18.63 -12.24
N SER A 207 -29.89 -17.73 -12.58
CA SER A 207 -30.07 -16.83 -13.70
C SER A 207 -29.29 -17.27 -14.93
N CYS A 208 -27.96 -17.38 -14.81
CA CYS A 208 -27.10 -17.74 -15.93
C CYS A 208 -25.86 -18.43 -15.40
N CYS A 209 -25.53 -19.58 -16.00
CA CYS A 209 -24.42 -20.41 -15.54
C CYS A 209 -23.34 -20.43 -16.60
N GLU A 210 -22.08 -20.37 -16.16
CA GLU A 210 -20.96 -20.46 -17.07
C GLU A 210 -20.86 -21.87 -17.66
N GLU A 211 -20.08 -21.98 -18.74
CA GLU A 211 -19.86 -23.29 -19.34
C GLU A 211 -19.26 -24.24 -18.31
N GLY A 212 -19.85 -25.43 -18.21
CA GLY A 212 -19.47 -26.32 -17.13
C GLY A 212 -19.72 -25.66 -15.80
N TYR A 213 -18.73 -25.74 -14.92
CA TYR A 213 -18.69 -24.95 -13.68
C TYR A 213 -19.93 -25.24 -12.81
N VAL A 214 -19.91 -26.44 -12.22
CA VAL A 214 -21.01 -27.05 -11.50
C VAL A 214 -21.77 -26.05 -10.62
N THR A 215 -23.10 -26.12 -10.66
CA THR A 215 -23.97 -25.29 -9.84
C THR A 215 -24.90 -26.19 -9.03
N GLY A 216 -25.47 -25.61 -7.98
CA GLY A 216 -26.36 -26.39 -7.12
C GLY A 216 -27.66 -26.74 -7.81
N GLY A 217 -28.31 -27.77 -7.30
CA GLY A 217 -29.56 -28.26 -7.85
C GLY A 217 -29.42 -29.17 -9.04
N HIS A 218 -28.19 -29.49 -9.46
CA HIS A 218 -27.99 -30.33 -10.63
C HIS A 218 -27.94 -31.80 -10.24
N VAL A 219 -28.14 -32.66 -11.23
CA VAL A 219 -28.01 -34.09 -11.08
C VAL A 219 -26.73 -34.54 -11.76
N LEU A 220 -25.88 -35.27 -11.05
CA LEU A 220 -24.55 -35.59 -11.55
C LEU A 220 -24.09 -36.90 -10.95
N ARG A 221 -22.95 -37.40 -11.45
CA ARG A 221 -22.28 -38.57 -10.93
C ARG A 221 -20.95 -38.16 -10.33
N LEU A 222 -20.57 -38.83 -9.25
CA LEU A 222 -19.31 -38.57 -8.55
C LEU A 222 -18.34 -39.70 -8.87
N PHE A 223 -17.38 -39.42 -9.75
CA PHE A 223 -16.44 -40.43 -10.20
C PHE A 223 -15.17 -40.40 -9.35
N HIS A 224 -14.64 -41.58 -9.07
CA HIS A 224 -13.49 -41.70 -8.17
C HIS A 224 -12.19 -41.43 -8.91
N GLY A 225 -11.87 -42.24 -9.91
CA GLY A 225 -10.58 -42.15 -10.57
C GLY A 225 -10.63 -41.68 -12.01
N HIS A 226 -10.21 -42.53 -12.93
CA HIS A 226 -10.15 -42.18 -14.35
C HIS A 226 -11.40 -42.67 -15.06
N MET A 227 -12.54 -42.13 -14.62
CA MET A 227 -13.85 -42.46 -15.18
C MET A 227 -14.12 -43.96 -15.13
N ASP A 228 -13.67 -44.61 -14.06
CA ASP A 228 -13.84 -46.04 -13.88
C ASP A 228 -14.82 -46.38 -12.77
N GLU A 229 -14.69 -45.76 -11.61
CA GLU A 229 -15.56 -46.02 -10.47
C GLU A 229 -16.38 -44.79 -10.14
N CYS A 230 -17.62 -45.00 -9.73
CA CYS A 230 -18.54 -43.92 -9.40
C CYS A 230 -19.28 -44.26 -8.11
N LEU A 231 -19.68 -43.21 -7.40
CA LEU A 231 -20.45 -43.38 -6.17
C LEU A 231 -21.87 -43.81 -6.49
N THR A 232 -22.34 -44.84 -5.80
CA THR A 232 -23.68 -45.36 -6.04
C THR A 232 -24.14 -46.15 -4.83
N ILE A 233 -25.35 -46.68 -4.92
CA ILE A 233 -25.89 -47.58 -3.91
C ILE A 233 -26.15 -48.93 -4.55
N SER A 234 -26.61 -49.90 -3.77
CA SER A 234 -26.84 -51.23 -4.29
C SER A 234 -28.00 -51.24 -5.27
N ALA A 235 -28.07 -52.30 -6.08
CA ALA A 235 -29.12 -52.43 -7.07
C ALA A 235 -30.46 -52.68 -6.39
N ALA A 236 -31.50 -52.83 -7.20
CA ALA A 236 -32.84 -53.05 -6.67
C ALA A 236 -32.93 -54.42 -6.00
N ASP A 237 -33.92 -54.55 -5.13
CA ASP A 237 -34.20 -55.76 -4.34
C ASP A 237 -32.91 -56.41 -3.83
N SER A 238 -32.10 -55.59 -3.16
CA SER A 238 -30.86 -56.05 -2.55
C SER A 238 -31.07 -56.31 -1.07
N ASP A 239 -30.11 -57.02 -0.47
CA ASP A 239 -30.25 -57.40 0.93
C ASP A 239 -30.03 -56.22 1.87
N ASP A 240 -29.26 -55.22 1.45
CA ASP A 240 -28.93 -54.09 2.30
C ASP A 240 -30.00 -53.00 2.32
N GLN A 241 -31.17 -53.28 1.74
CA GLN A 241 -32.28 -52.32 1.66
C GLN A 241 -31.89 -51.05 0.92
N ARG A 242 -30.87 -51.12 0.07
CA ARG A 242 -30.39 -49.98 -0.71
C ARG A 242 -30.06 -48.80 0.20
N ARG A 243 -29.41 -49.09 1.33
CA ARG A 243 -29.05 -48.07 2.30
C ARG A 243 -27.56 -47.99 2.55
N LEU A 244 -26.75 -48.57 1.67
CA LEU A 244 -25.30 -48.54 1.79
C LEU A 244 -24.70 -47.99 0.51
N VAL A 245 -23.60 -47.24 0.67
CA VAL A 245 -22.97 -46.53 -0.43
C VAL A 245 -21.69 -47.26 -0.81
N TYR A 246 -21.47 -47.45 -2.11
CA TYR A 246 -20.33 -48.19 -2.62
C TYR A 246 -19.66 -47.43 -3.75
N TYR A 247 -18.39 -47.73 -3.96
CA TYR A 247 -17.66 -47.30 -5.15
C TYR A 247 -17.67 -48.46 -6.14
N GLU A 248 -18.49 -48.37 -7.17
CA GLU A 248 -18.68 -49.44 -8.12
C GLU A 248 -18.37 -48.94 -9.52
N GLY A 249 -17.86 -49.83 -10.38
CA GLY A 249 -17.53 -49.51 -11.74
C GLY A 249 -18.23 -50.44 -12.72
N GLY A 250 -18.11 -50.08 -14.00
CA GLY A 250 -18.71 -50.88 -15.05
C GLY A 250 -20.01 -50.29 -15.58
N ALA A 251 -21.03 -51.14 -15.73
CA ALA A 251 -22.29 -50.67 -16.27
C ALA A 251 -23.01 -49.71 -15.34
N VAL A 252 -22.62 -49.67 -14.06
CA VAL A 252 -23.24 -48.76 -13.11
C VAL A 252 -22.98 -47.30 -13.48
N CYS A 253 -21.92 -47.04 -14.24
CA CYS A 253 -21.62 -45.67 -14.63
C CYS A 253 -22.64 -45.09 -15.59
N THR A 254 -23.48 -45.93 -16.19
CA THR A 254 -24.54 -45.47 -17.08
C THR A 254 -25.93 -45.79 -16.56
N HIS A 255 -26.04 -46.23 -15.31
CA HIS A 255 -27.33 -46.55 -14.72
C HIS A 255 -27.83 -45.39 -13.88
N ALA A 256 -29.10 -45.46 -13.50
CA ALA A 256 -29.75 -44.38 -12.77
C ALA A 256 -29.47 -44.40 -11.27
N ARG A 257 -28.96 -45.50 -10.73
CA ARG A 257 -28.70 -45.57 -9.30
C ARG A 257 -27.39 -44.88 -8.91
N SER A 258 -26.62 -44.42 -9.88
CA SER A 258 -25.40 -43.66 -9.63
C SER A 258 -25.61 -42.16 -9.75
N LEU A 259 -26.86 -41.71 -9.84
CA LEU A 259 -27.18 -40.30 -10.04
C LEU A 259 -27.50 -39.66 -8.70
N TRP A 260 -26.88 -38.52 -8.44
CA TRP A 260 -27.07 -37.78 -7.19
C TRP A 260 -27.42 -36.34 -7.50
N ARG A 261 -28.18 -35.73 -6.59
CA ARG A 261 -28.58 -34.33 -6.71
C ARG A 261 -27.98 -33.54 -5.56
N LEU A 262 -27.33 -32.44 -5.89
CA LEU A 262 -26.67 -31.60 -4.89
C LEU A 262 -27.62 -30.47 -4.49
N GLU A 263 -28.02 -30.46 -3.23
CA GLU A 263 -29.02 -29.51 -2.72
C GLU A 263 -28.41 -28.63 -1.64
N PRO A 264 -28.11 -27.36 -1.95
CA PRO A 264 -27.60 -26.46 -0.93
C PRO A 264 -28.64 -26.19 0.16
N LEU A 265 -28.14 -25.77 1.32
CA LEU A 265 -29.00 -25.56 2.48
C LEU A 265 -29.72 -24.22 2.41
N ARG A 266 -30.39 -23.96 1.30
CA ARG A 266 -31.17 -22.74 1.11
C ARG A 266 -32.06 -22.93 -0.10
N ILE A 267 -33.11 -22.12 -0.16
CA ILE A 267 -34.06 -22.16 -1.26
C ILE A 267 -33.75 -21.09 -2.29
N SER A 268 -33.68 -19.83 -1.87
CA SER A 268 -33.34 -18.75 -2.79
C SER A 268 -31.90 -18.90 -3.26
N TRP A 269 -31.70 -18.79 -4.57
CA TRP A 269 -30.38 -18.94 -5.18
C TRP A 269 -29.76 -20.30 -4.88
N SER A 270 -30.60 -21.33 -4.72
CA SER A 270 -30.08 -22.68 -4.54
C SER A 270 -29.41 -23.21 -5.80
N GLY A 271 -29.66 -22.59 -6.94
CA GLY A 271 -29.03 -22.96 -8.20
C GLY A 271 -27.76 -22.21 -8.51
N SER A 272 -27.24 -21.43 -7.57
CA SER A 272 -26.02 -20.67 -7.79
C SER A 272 -24.82 -21.60 -7.91
N HIS A 273 -23.68 -21.01 -8.30
CA HIS A 273 -22.46 -21.78 -8.46
C HIS A 273 -22.04 -22.40 -7.14
N LEU A 274 -21.65 -23.67 -7.18
CA LEU A 274 -21.12 -24.32 -6.01
C LEU A 274 -19.74 -23.76 -5.67
N ARG A 275 -19.46 -23.67 -4.38
CA ARG A 275 -18.22 -23.09 -3.89
C ARG A 275 -17.59 -24.05 -2.90
N TRP A 276 -16.27 -23.97 -2.78
CA TRP A 276 -15.55 -24.82 -1.84
C TRP A 276 -15.99 -24.51 -0.41
N GLY A 277 -16.29 -25.56 0.34
CA GLY A 277 -16.72 -25.40 1.71
C GLY A 277 -18.18 -25.04 1.89
N GLN A 278 -18.94 -24.92 0.81
CA GLN A 278 -20.35 -24.60 0.92
C GLN A 278 -21.13 -25.82 1.38
N PRO A 279 -21.88 -25.73 2.47
CA PRO A 279 -22.63 -26.90 2.94
C PRO A 279 -23.81 -27.21 2.04
N LEU A 280 -24.02 -28.49 1.79
CA LEU A 280 -25.10 -28.94 0.93
C LEU A 280 -25.49 -30.35 1.29
N ARG A 281 -26.71 -30.73 0.93
CA ARG A 281 -27.18 -32.10 1.03
C ARG A 281 -26.94 -32.83 -0.28
N ILE A 282 -26.79 -34.14 -0.20
CA ILE A 282 -26.64 -34.99 -1.38
C ILE A 282 -27.81 -35.97 -1.38
N ARG A 283 -28.58 -35.97 -2.46
CA ARG A 283 -29.82 -36.73 -2.55
C ARG A 283 -29.73 -37.75 -3.66
N HIS A 284 -30.09 -38.99 -3.36
CA HIS A 284 -30.16 -40.03 -4.39
C HIS A 284 -31.46 -39.86 -5.16
N VAL A 285 -31.35 -39.73 -6.48
CA VAL A 285 -32.49 -39.29 -7.28
C VAL A 285 -33.57 -40.37 -7.34
N THR A 286 -33.17 -41.62 -7.59
CA THR A 286 -34.16 -42.66 -7.80
C THR A 286 -34.83 -43.09 -6.49
N THR A 287 -34.07 -43.16 -5.40
CA THR A 287 -34.62 -43.59 -4.13
C THR A 287 -35.11 -42.44 -3.26
N GLY A 288 -34.70 -41.21 -3.57
CA GLY A 288 -35.12 -40.07 -2.78
C GLY A 288 -34.51 -39.99 -1.41
N ARG A 289 -33.45 -40.74 -1.14
CA ARG A 289 -32.82 -40.74 0.17
C ARG A 289 -31.56 -39.89 0.14
N TYR A 290 -31.26 -39.29 1.29
CA TYR A 290 -30.17 -38.34 1.43
C TYR A 290 -28.96 -39.00 2.09
N LEU A 291 -27.78 -38.72 1.55
CA LEU A 291 -26.55 -39.20 2.14
C LEU A 291 -26.42 -38.66 3.56
N ALA A 292 -26.08 -39.55 4.50
CA ALA A 292 -26.07 -39.16 5.91
C ALA A 292 -24.99 -39.93 6.65
N LEU A 293 -24.59 -39.38 7.78
CA LEU A 293 -23.69 -40.03 8.73
C LEU A 293 -24.47 -40.29 10.01
N THR A 294 -24.72 -41.56 10.30
CA THR A 294 -25.47 -41.96 11.48
C THR A 294 -24.53 -42.55 12.52
N GLU A 295 -24.90 -42.39 13.79
CA GLU A 295 -24.08 -42.90 14.88
C GLU A 295 -24.02 -44.42 14.89
N ASP A 296 -24.98 -45.09 14.26
CA ASP A 296 -25.05 -46.55 14.34
C ASP A 296 -24.33 -47.21 13.16
N GLN A 297 -24.77 -46.95 11.94
CA GLN A 297 -24.24 -47.60 10.76
C GLN A 297 -23.20 -46.74 10.03
N GLY A 298 -22.96 -45.53 10.49
CA GLY A 298 -21.98 -44.67 9.83
C GLY A 298 -22.55 -43.98 8.61
N LEU A 299 -21.90 -44.17 7.46
CA LEU A 299 -22.31 -43.52 6.22
C LEU A 299 -23.38 -44.36 5.55
N VAL A 300 -24.61 -43.86 5.54
CA VAL A 300 -25.75 -44.50 4.90
C VAL A 300 -26.57 -43.42 4.20
N VAL A 301 -27.64 -43.86 3.54
CA VAL A 301 -28.64 -42.95 2.98
C VAL A 301 -29.92 -43.12 3.77
N VAL A 302 -30.45 -42.01 4.26
CA VAL A 302 -31.61 -42.03 5.14
C VAL A 302 -32.76 -41.32 4.44
N ASP A 303 -33.98 -41.55 4.96
CA ASP A 303 -35.16 -40.93 4.40
C ASP A 303 -35.17 -39.43 4.69
N ALA A 304 -36.06 -38.72 4.00
CA ALA A 304 -36.14 -37.28 4.14
C ALA A 304 -36.55 -36.85 5.54
N CYS A 305 -37.26 -37.71 6.27
CA CYS A 305 -37.68 -37.37 7.63
C CYS A 305 -36.55 -37.42 8.64
N LYS A 306 -35.39 -37.97 8.27
CA LYS A 306 -34.26 -38.09 9.18
C LYS A 306 -33.05 -37.28 8.73
N ALA A 307 -33.24 -36.34 7.80
CA ALA A 307 -32.15 -35.52 7.28
C ALA A 307 -32.24 -34.15 7.94
N HIS A 308 -31.66 -34.03 9.14
CA HIS A 308 -31.83 -32.86 9.99
C HIS A 308 -30.62 -31.93 9.95
N THR A 309 -29.97 -31.83 8.79
CA THR A 309 -28.94 -30.85 8.46
C THR A 309 -27.66 -31.03 9.26
N LYS A 310 -27.62 -31.95 10.22
CA LYS A 310 -26.38 -32.29 10.91
C LYS A 310 -25.77 -33.57 10.41
N ALA A 311 -26.59 -34.58 10.11
CA ALA A 311 -26.11 -35.81 9.52
C ALA A 311 -25.96 -35.71 8.01
N THR A 312 -26.64 -34.78 7.37
CA THR A 312 -26.71 -34.72 5.91
C THR A 312 -26.06 -33.47 5.32
N SER A 313 -25.15 -32.85 6.05
CA SER A 313 -24.45 -31.66 5.56
C SER A 313 -23.05 -32.06 5.12
N PHE A 314 -22.72 -31.79 3.86
CA PHE A 314 -21.42 -32.09 3.29
C PHE A 314 -20.91 -30.86 2.55
N CYS A 315 -19.61 -30.87 2.25
CA CYS A 315 -19.00 -29.80 1.49
C CYS A 315 -17.86 -30.36 0.66
N PHE A 316 -17.59 -29.70 -0.46
CA PHE A 316 -16.46 -30.06 -1.32
C PHE A 316 -15.27 -29.19 -0.96
N ARG A 317 -14.13 -29.82 -0.77
CA ARG A 317 -12.89 -29.11 -0.42
C ARG A 317 -11.81 -29.45 -1.43
N VAL A 318 -11.05 -28.43 -1.83
CA VAL A 318 -10.00 -28.64 -2.81
C VAL A 318 -8.84 -29.45 -2.25
N SER A 319 -8.60 -29.38 -0.94
CA SER A 319 -7.52 -30.13 -0.32
C SER A 319 -7.92 -30.48 1.10
N LYS A 320 -7.26 -31.51 1.63
CA LYS A 320 -7.58 -32.02 2.96
C LYS A 320 -6.94 -31.21 4.08
N GLU A 321 -6.22 -30.14 3.75
CA GLU A 321 -5.63 -29.29 4.79
C GLU A 321 -6.72 -28.65 5.64
N LYS A 322 -6.49 -28.61 6.95
CA LYS A 322 -7.46 -28.08 7.89
C LYS A 322 -7.39 -26.56 7.87
N LEU A 323 -8.00 -25.98 6.83
CA LEU A 323 -8.02 -24.52 6.70
C LEU A 323 -8.79 -23.89 7.86
N ASP A 324 -10.09 -24.16 7.93
CA ASP A 324 -10.94 -23.65 9.00
C ASP A 324 -10.81 -22.13 9.14
N THR A 325 -10.78 -21.44 8.00
CA THR A 325 -10.51 -20.00 8.02
C THR A 325 -11.69 -19.23 8.59
N ALA A 326 -12.85 -19.30 7.93
CA ALA A 326 -14.03 -18.57 8.37
C ALA A 326 -15.26 -19.09 7.63
N PRO A 327 -16.45 -18.98 8.22
CA PRO A 327 -17.67 -19.36 7.49
C PRO A 327 -18.00 -18.36 6.39
N LYS A 328 -17.94 -18.83 5.14
CA LYS A 328 -18.25 -17.96 4.01
C LYS A 328 -19.72 -17.55 4.03
N ARG A 329 -19.97 -16.29 3.69
CA ARG A 329 -21.32 -15.75 3.65
C ARG A 329 -21.86 -15.82 2.22
N ASP A 330 -23.08 -16.34 2.08
CA ASP A 330 -23.66 -16.52 0.76
C ASP A 330 -24.02 -15.18 0.13
N VAL A 331 -23.79 -15.07 -1.18
CA VAL A 331 -24.12 -13.89 -1.94
C VAL A 331 -25.48 -14.09 -2.59
N GLU A 332 -26.12 -12.97 -2.95
CA GLU A 332 -27.44 -13.00 -3.57
C GLU A 332 -27.27 -12.95 -5.09
N GLY A 333 -26.90 -14.10 -5.65
CA GLY A 333 -26.71 -14.19 -7.08
C GLY A 333 -25.99 -15.47 -7.44
N MET A 334 -25.60 -15.56 -8.71
CA MET A 334 -24.89 -16.73 -9.20
C MET A 334 -23.55 -16.91 -8.49
N GLY A 335 -22.93 -15.81 -8.06
CA GLY A 335 -21.70 -15.86 -7.31
C GLY A 335 -20.50 -16.17 -8.17
N PRO A 336 -19.32 -16.22 -7.56
CA PRO A 336 -18.10 -16.53 -8.31
C PRO A 336 -18.07 -18.00 -8.69
N PRO A 337 -17.82 -18.30 -9.97
CA PRO A 337 -17.79 -19.70 -10.42
C PRO A 337 -16.50 -20.37 -10.01
N GLU A 338 -16.61 -21.50 -9.30
CA GLU A 338 -15.44 -22.15 -8.73
C GLU A 338 -15.20 -23.56 -9.24
N ILE A 339 -16.19 -24.45 -9.14
CA ILE A 339 -15.97 -25.89 -9.34
C ILE A 339 -16.42 -26.29 -10.73
N LYS A 340 -15.53 -26.92 -11.49
CA LYS A 340 -15.77 -27.30 -12.87
C LYS A 340 -16.23 -28.75 -12.98
N TYR A 341 -16.83 -29.07 -14.13
CA TYR A 341 -17.26 -30.43 -14.42
C TYR A 341 -16.11 -31.20 -15.07
N GLY A 342 -15.64 -32.24 -14.39
CA GLY A 342 -14.64 -33.13 -14.96
C GLY A 342 -13.21 -32.64 -14.90
N GLU A 343 -12.96 -31.46 -14.34
CA GLU A 343 -11.61 -30.95 -14.18
C GLU A 343 -11.25 -30.71 -12.72
N SER A 344 -12.21 -30.25 -11.91
CA SER A 344 -11.94 -30.02 -10.51
C SER A 344 -11.93 -31.33 -9.74
N LEU A 345 -10.92 -31.51 -8.91
CA LEU A 345 -10.86 -32.66 -8.01
C LEU A 345 -11.37 -32.22 -6.65
N CYS A 346 -12.45 -32.85 -6.19
CA CYS A 346 -13.16 -32.40 -4.99
C CYS A 346 -13.07 -33.48 -3.91
N PHE A 347 -12.86 -33.04 -2.68
CA PHE A 347 -12.88 -33.92 -1.52
C PHE A 347 -14.17 -33.68 -0.75
N VAL A 348 -14.95 -34.73 -0.55
CA VAL A 348 -16.22 -34.62 0.17
C VAL A 348 -15.94 -34.78 1.66
N GLN A 349 -16.37 -33.80 2.44
CA GLN A 349 -16.18 -33.81 3.88
C GLN A 349 -17.51 -33.58 4.58
N HIS A 350 -17.79 -34.41 5.58
CA HIS A 350 -18.96 -34.19 6.42
C HIS A 350 -18.73 -32.95 7.27
N VAL A 351 -19.70 -32.03 7.26
CA VAL A 351 -19.51 -30.73 7.89
C VAL A 351 -19.45 -30.88 9.40
N ALA A 352 -20.41 -31.60 9.98
CA ALA A 352 -20.52 -31.65 11.43
C ALA A 352 -19.35 -32.42 12.06
N SER A 353 -18.94 -33.52 11.44
CA SER A 353 -17.90 -34.37 12.02
C SER A 353 -16.51 -34.11 11.47
N GLY A 354 -16.39 -33.51 10.29
CA GLY A 354 -15.10 -33.31 9.67
C GLY A 354 -14.52 -34.54 9.01
N LEU A 355 -15.24 -35.65 8.99
CA LEU A 355 -14.72 -36.88 8.39
C LEU A 355 -14.69 -36.75 6.88
N TRP A 356 -13.85 -37.59 6.26
CA TRP A 356 -13.62 -37.55 4.83
C TRP A 356 -14.22 -38.78 4.17
N LEU A 357 -14.82 -38.57 2.99
CA LEU A 357 -15.43 -39.66 2.24
C LEU A 357 -14.34 -40.48 1.56
N THR A 358 -14.28 -41.77 1.86
CA THR A 358 -13.26 -42.65 1.31
C THR A 358 -13.80 -44.08 1.30
N TYR A 359 -13.03 -44.97 0.70
CA TYR A 359 -13.41 -46.38 0.62
C TYR A 359 -12.97 -47.11 1.89
N ALA A 360 -13.47 -48.34 2.03
CA ALA A 360 -13.32 -49.11 3.26
C ALA A 360 -12.16 -50.09 3.22
N ALA A 361 -11.37 -50.11 2.14
CA ALA A 361 -10.23 -51.03 2.02
C ALA A 361 -10.71 -52.47 2.17
N PRO A 362 -11.37 -53.02 1.16
CA PRO A 362 -12.05 -54.32 1.32
C PRO A 362 -11.11 -55.42 1.79
N ASP A 363 -11.62 -56.27 2.67
CA ASP A 363 -10.84 -57.36 3.21
C ASP A 363 -10.52 -58.37 2.12
N PRO A 364 -9.33 -58.99 2.14
CA PRO A 364 -9.01 -60.02 1.15
C PRO A 364 -9.92 -61.24 1.24
N LYS A 365 -9.74 -62.18 0.31
CA LYS A 365 -10.54 -63.40 0.18
C LYS A 365 -11.93 -63.06 -0.36
N ALA A 366 -12.22 -61.76 -0.49
CA ALA A 366 -13.46 -61.31 -1.10
C ALA A 366 -13.32 -60.98 -2.57
N LEU A 367 -12.09 -61.00 -3.10
CA LEU A 367 -11.89 -60.74 -4.53
C LEU A 367 -12.30 -61.94 -5.37
N ARG A 368 -12.17 -63.15 -4.82
CA ARG A 368 -12.58 -64.35 -5.56
C ARG A 368 -14.08 -64.36 -5.80
N LEU A 369 -14.85 -63.73 -4.91
CA LEU A 369 -16.29 -63.61 -5.09
C LEU A 369 -16.67 -62.71 -6.24
N GLY A 370 -15.72 -61.96 -6.80
CA GLY A 370 -16.02 -61.02 -7.86
C GLY A 370 -16.54 -59.68 -7.38
N VAL A 371 -16.43 -59.38 -6.09
CA VAL A 371 -16.94 -58.13 -5.53
C VAL A 371 -15.94 -57.00 -5.79
N LEU A 372 -16.13 -56.30 -6.91
CA LEU A 372 -15.32 -55.12 -7.20
C LEU A 372 -15.80 -53.89 -6.43
N LYS A 373 -16.98 -53.96 -5.82
CA LYS A 373 -17.50 -52.84 -5.06
C LYS A 373 -16.65 -52.59 -3.82
N LYS A 374 -16.39 -51.32 -3.53
CA LYS A 374 -15.72 -50.89 -2.31
C LYS A 374 -16.71 -50.06 -1.50
N LYS A 375 -16.92 -50.45 -0.26
CA LYS A 375 -17.84 -49.72 0.60
C LYS A 375 -17.33 -48.31 0.86
N ALA A 376 -18.22 -47.33 0.76
CA ALA A 376 -17.87 -45.95 1.06
C ALA A 376 -18.07 -45.69 2.54
N ILE A 377 -17.06 -45.09 3.18
CA ILE A 377 -17.09 -44.80 4.60
C ILE A 377 -16.61 -43.38 4.83
N LEU A 378 -16.91 -42.85 6.01
CA LEU A 378 -16.38 -41.58 6.47
C LEU A 378 -15.26 -41.86 7.47
N HIS A 379 -14.07 -41.36 7.18
CA HIS A 379 -12.90 -41.64 7.99
C HIS A 379 -12.17 -40.34 8.32
N GLN A 380 -11.43 -40.36 9.43
CA GLN A 380 -10.75 -39.16 9.88
C GLN A 380 -9.62 -38.75 8.95
N GLU A 381 -8.93 -39.72 8.34
CA GLU A 381 -7.80 -39.44 7.46
C GLU A 381 -8.10 -39.77 6.01
N GLY A 382 -8.61 -40.95 5.72
CA GLY A 382 -8.87 -41.33 4.35
C GLY A 382 -7.61 -41.73 3.61
N HIS A 383 -7.62 -41.50 2.30
CA HIS A 383 -6.51 -41.84 1.42
C HIS A 383 -6.16 -40.64 0.55
N MET A 384 -5.14 -40.83 -0.28
CA MET A 384 -4.71 -39.75 -1.17
C MET A 384 -5.57 -39.67 -2.42
N ASP A 385 -6.23 -40.77 -2.80
CA ASP A 385 -7.06 -40.82 -3.99
C ASP A 385 -8.55 -40.64 -3.67
N ASP A 386 -8.86 -39.85 -2.64
CA ASP A 386 -10.24 -39.61 -2.25
C ASP A 386 -10.90 -38.52 -3.09
N ALA A 387 -10.16 -37.85 -3.97
CA ALA A 387 -10.74 -36.80 -4.80
C ALA A 387 -11.77 -37.39 -5.75
N LEU A 388 -12.83 -36.63 -5.99
CA LEU A 388 -13.94 -37.07 -6.83
C LEU A 388 -14.14 -36.11 -7.99
N PHE A 389 -14.40 -36.68 -9.16
CA PHE A 389 -14.76 -35.93 -10.35
C PHE A 389 -16.27 -35.80 -10.41
N LEU A 390 -16.75 -34.57 -10.65
CA LEU A 390 -18.17 -34.32 -10.85
C LEU A 390 -18.44 -34.28 -12.36
N THR A 391 -19.26 -35.22 -12.83
CA THR A 391 -19.55 -35.36 -14.24
C THR A 391 -21.01 -35.05 -14.50
N ARG A 392 -21.26 -34.30 -15.57
CA ARG A 392 -22.61 -33.91 -15.92
C ARG A 392 -23.46 -35.11 -16.31
N CYS A 393 -24.75 -35.02 -16.00
CA CYS A 393 -25.73 -36.02 -16.38
C CYS A 393 -26.68 -35.44 -17.41
N GLN A 394 -27.07 -36.26 -18.39
CA GLN A 394 -27.97 -35.81 -19.43
C GLN A 394 -29.34 -35.47 -18.85
N GLN A 395 -30.00 -34.50 -19.47
CA GLN A 395 -31.35 -34.14 -19.07
C GLN A 395 -32.30 -35.33 -19.20
N GLU A 396 -32.11 -36.14 -20.24
CA GLU A 396 -32.92 -37.34 -20.41
C GLU A 396 -32.75 -38.28 -19.25
N GLU A 397 -31.51 -38.53 -18.83
CA GLU A 397 -31.26 -39.44 -17.72
C GLU A 397 -31.81 -38.89 -16.40
N SER A 398 -31.63 -37.59 -16.16
CA SER A 398 -32.14 -37.00 -14.93
C SER A 398 -33.66 -37.09 -14.86
N GLN A 399 -34.34 -36.74 -15.96
CA GLN A 399 -35.79 -36.85 -16.00
C GLN A 399 -36.25 -38.29 -15.83
N ALA A 400 -35.54 -39.23 -16.47
CA ALA A 400 -35.88 -40.63 -16.32
C ALA A 400 -35.74 -41.09 -14.88
N ALA A 401 -34.68 -40.65 -14.19
CA ALA A 401 -34.48 -41.05 -12.80
C ALA A 401 -35.59 -40.52 -11.91
N ARG A 402 -35.95 -39.24 -12.09
CA ARG A 402 -37.04 -38.70 -11.28
C ARG A 402 -38.37 -39.39 -11.57
N MET A 403 -38.63 -39.69 -12.85
CA MET A 403 -39.83 -40.42 -13.21
C MET A 403 -39.83 -41.81 -12.58
N ILE A 404 -38.67 -42.46 -12.55
CA ILE A 404 -38.56 -43.76 -11.91
C ILE A 404 -38.92 -43.66 -10.44
N HIS A 405 -38.40 -42.64 -9.76
CA HIS A 405 -38.72 -42.44 -8.34
C HIS A 405 -40.23 -42.30 -8.14
N SER A 406 -40.85 -41.39 -8.87
CA SER A 406 -42.27 -41.13 -8.69
C SER A 406 -43.11 -42.35 -9.04
N THR A 407 -42.79 -43.02 -10.16
CA THR A 407 -43.54 -44.19 -10.60
C THR A 407 -43.41 -45.33 -9.60
N ALA A 408 -42.21 -45.55 -9.08
CA ALA A 408 -42.01 -46.61 -8.09
C ALA A 408 -42.83 -46.34 -6.85
N GLY A 409 -42.82 -45.10 -6.36
CA GLY A 409 -43.65 -44.77 -5.21
C GLY A 409 -45.12 -45.02 -5.46
N LEU A 410 -45.63 -44.54 -6.59
CA LEU A 410 -47.05 -44.68 -6.89
C LEU A 410 -47.45 -46.15 -7.02
N TYR A 411 -46.64 -46.94 -7.73
CA TYR A 411 -47.02 -48.33 -7.96
C TYR A 411 -46.84 -49.18 -6.72
N ASN A 412 -45.88 -48.84 -5.85
CA ASN A 412 -45.79 -49.52 -4.57
C ASN A 412 -47.01 -49.23 -3.72
N GLN A 413 -47.48 -47.97 -3.72
CA GLN A 413 -48.71 -47.64 -3.02
C GLN A 413 -49.89 -48.43 -3.57
N PHE A 414 -49.98 -48.53 -4.90
CA PHE A 414 -51.06 -49.29 -5.53
C PHE A 414 -50.99 -50.77 -5.16
N ILE A 415 -49.78 -51.34 -5.13
CA ILE A 415 -49.61 -52.75 -4.80
C ILE A 415 -50.03 -53.02 -3.36
N LYS A 416 -49.60 -52.16 -2.43
CA LYS A 416 -49.98 -52.38 -1.04
C LYS A 416 -51.47 -52.15 -0.84
N GLY A 417 -52.07 -51.23 -1.58
CA GLY A 417 -53.51 -51.08 -1.53
C GLY A 417 -54.24 -52.32 -2.01
N LEU A 418 -53.75 -52.94 -3.09
CA LEU A 418 -54.33 -54.19 -3.55
C LEU A 418 -54.18 -55.29 -2.51
N ASP A 419 -52.99 -55.39 -1.90
CA ASP A 419 -52.75 -56.42 -0.89
C ASP A 419 -53.53 -56.17 0.39
N SER A 420 -54.02 -54.96 0.61
CA SER A 420 -54.80 -54.69 1.82
C SER A 420 -56.03 -55.58 1.89
N PHE A 421 -56.67 -55.85 0.75
CA PHE A 421 -57.85 -56.71 0.69
C PHE A 421 -57.60 -57.97 -0.14
N SER A 422 -56.41 -58.57 0.04
CA SER A 422 -56.04 -59.72 -0.78
C SER A 422 -57.01 -60.88 -0.59
N GLY A 423 -57.41 -61.13 0.65
CA GLY A 423 -58.35 -62.20 0.93
C GLY A 423 -59.45 -61.80 1.87
N LYS A 424 -59.85 -60.53 1.82
CA LYS A 424 -60.85 -59.96 2.73
C LYS A 424 -62.03 -59.48 1.91
N PRO A 425 -63.03 -60.32 1.66
CA PRO A 425 -64.23 -59.86 0.94
C PRO A 425 -64.92 -58.75 1.71
N ARG A 426 -65.43 -57.76 0.97
CA ARG A 426 -66.08 -56.62 1.60
C ARG A 426 -67.52 -56.92 2.00
N GLY A 427 -68.11 -57.99 1.48
CA GLY A 427 -69.51 -58.27 1.75
C GLY A 427 -70.38 -57.16 1.21
N SER A 428 -71.42 -56.84 1.96
CA SER A 428 -72.29 -55.70 1.62
C SER A 428 -71.84 -54.43 2.33
N GLY A 429 -70.57 -54.09 2.17
CA GLY A 429 -70.00 -52.94 2.83
C GLY A 429 -68.79 -52.39 2.11
N PRO A 430 -68.21 -51.33 2.66
CA PRO A 430 -67.03 -50.71 2.03
C PRO A 430 -65.82 -51.63 2.09
N PRO A 431 -64.83 -51.43 1.22
CA PRO A 431 -63.63 -52.27 1.26
C PRO A 431 -62.83 -52.14 2.55
N ALA A 432 -63.13 -51.15 3.39
CA ALA A 432 -62.47 -50.96 4.68
C ALA A 432 -60.96 -50.78 4.53
N GLY A 433 -60.60 -49.70 3.86
CA GLY A 433 -59.21 -49.34 3.67
C GLY A 433 -59.05 -48.06 2.88
N PRO A 434 -57.83 -47.60 2.73
CA PRO A 434 -57.58 -46.40 1.92
C PRO A 434 -57.92 -46.66 0.46
N ALA A 435 -58.41 -45.61 -0.20
CA ALA A 435 -58.81 -45.74 -1.59
C ALA A 435 -57.60 -45.99 -2.48
N LEU A 436 -57.80 -46.78 -3.53
CA LEU A 436 -56.74 -47.03 -4.48
C LEU A 436 -56.48 -45.78 -5.33
N PRO A 437 -55.23 -45.50 -5.67
CA PRO A 437 -54.94 -44.37 -6.56
C PRO A 437 -55.27 -44.69 -8.00
N ILE A 438 -56.56 -44.88 -8.31
CA ILE A 438 -56.95 -45.38 -9.62
C ILE A 438 -56.61 -44.35 -10.70
N GLU A 439 -57.02 -43.10 -10.50
CA GLU A 439 -56.80 -42.08 -11.52
C GLU A 439 -55.32 -41.80 -11.71
N ALA A 440 -54.55 -41.73 -10.61
CA ALA A 440 -53.13 -41.50 -10.72
C ALA A 440 -52.43 -42.64 -11.44
N VAL A 441 -52.81 -43.88 -11.14
CA VAL A 441 -52.20 -45.03 -11.81
C VAL A 441 -52.53 -45.01 -13.30
N ILE A 442 -53.78 -44.72 -13.65
CA ILE A 442 -54.16 -44.69 -15.06
C ILE A 442 -53.39 -43.62 -15.80
N LEU A 443 -53.32 -42.41 -15.22
CA LEU A 443 -52.62 -41.32 -15.88
C LEU A 443 -51.13 -41.61 -15.99
N SER A 444 -50.53 -42.20 -14.95
CA SER A 444 -49.11 -42.55 -15.02
C SER A 444 -48.84 -43.60 -16.08
N LEU A 445 -49.72 -44.60 -16.18
CA LEU A 445 -49.56 -45.62 -17.22
C LEU A 445 -49.66 -45.02 -18.61
N GLN A 446 -50.62 -44.12 -18.82
CA GLN A 446 -50.74 -43.49 -20.13
C GLN A 446 -49.52 -42.62 -20.43
N ASP A 447 -49.04 -41.88 -19.44
CA ASP A 447 -47.86 -41.06 -19.63
C ASP A 447 -46.64 -41.90 -19.98
N LEU A 448 -46.45 -43.03 -19.29
CA LEU A 448 -45.32 -43.90 -19.59
C LEU A 448 -45.45 -44.52 -20.97
N ILE A 449 -46.67 -44.93 -21.35
CA ILE A 449 -46.87 -45.50 -22.68
C ILE A 449 -46.53 -44.49 -23.75
N GLY A 450 -46.96 -43.23 -23.59
CA GLY A 450 -46.54 -42.20 -24.52
C GLY A 450 -45.08 -41.85 -24.43
N TYR A 451 -44.46 -42.10 -23.28
CA TYR A 451 -43.03 -41.83 -23.09
C TYR A 451 -42.17 -42.87 -23.78
N PHE A 452 -42.66 -44.11 -23.90
CA PHE A 452 -41.90 -45.19 -24.51
C PHE A 452 -42.36 -45.50 -25.93
N GLU A 453 -43.12 -44.61 -26.55
CA GLU A 453 -43.63 -44.88 -27.88
C GLU A 453 -42.46 -44.96 -28.87
N PRO A 454 -42.42 -45.95 -29.76
CA PRO A 454 -41.34 -46.02 -30.73
C PRO A 454 -41.43 -44.88 -31.71
N PRO A 455 -40.30 -44.43 -32.27
CA PRO A 455 -40.34 -43.33 -33.24
C PRO A 455 -41.10 -43.72 -34.49
N SER A 456 -41.72 -42.72 -35.12
CA SER A 456 -42.54 -42.96 -36.29
C SER A 456 -41.69 -43.43 -37.47
N GLU A 457 -42.26 -44.32 -38.28
CA GLU A 457 -41.54 -44.84 -39.44
C GLU A 457 -41.35 -43.80 -40.53
N GLU A 458 -42.09 -42.70 -40.51
CA GLU A 458 -41.95 -41.67 -41.52
C GLU A 458 -40.84 -40.68 -41.23
N LEU A 459 -40.17 -40.81 -40.09
CA LEU A 459 -39.06 -39.93 -39.76
C LEU A 459 -37.85 -40.28 -40.64
N GLN A 460 -36.95 -39.30 -40.78
CA GLN A 460 -35.73 -39.55 -41.53
C GLN A 460 -34.80 -40.46 -40.73
N HIS A 461 -33.82 -41.03 -41.44
CA HIS A 461 -33.03 -42.12 -40.88
C HIS A 461 -32.23 -41.68 -39.66
N GLU A 462 -31.57 -40.52 -39.74
CA GLU A 462 -30.67 -40.12 -38.66
C GLU A 462 -31.43 -39.84 -37.36
N GLU A 463 -32.50 -39.05 -37.43
CA GLU A 463 -33.25 -38.77 -36.21
C GLU A 463 -34.03 -40.00 -35.74
N LYS A 464 -34.43 -40.88 -36.66
CA LYS A 464 -35.07 -42.12 -36.24
C LYS A 464 -34.09 -42.97 -35.44
N GLN A 465 -32.84 -43.07 -35.89
CA GLN A 465 -31.85 -43.82 -35.15
C GLN A 465 -31.52 -43.17 -33.81
N SER A 466 -31.47 -41.83 -33.78
CA SER A 466 -31.23 -41.15 -32.51
C SER A 466 -32.36 -41.41 -31.52
N LYS A 467 -33.61 -41.35 -31.99
CA LYS A 467 -34.74 -41.62 -31.11
C LYS A 467 -34.74 -43.08 -30.66
N LEU A 468 -34.35 -44.00 -31.54
CA LEU A 468 -34.24 -45.39 -31.14
C LEU A 468 -33.19 -45.56 -30.05
N ARG A 469 -32.05 -44.88 -30.19
CA ARG A 469 -31.02 -44.95 -29.16
C ARG A 469 -31.52 -44.43 -27.82
N SER A 470 -32.21 -43.28 -27.84
CA SER A 470 -32.74 -42.73 -26.61
C SER A 470 -33.78 -43.67 -25.99
N LEU A 471 -34.64 -44.25 -26.81
CA LEU A 471 -35.66 -45.17 -26.31
C LEU A 471 -35.02 -46.39 -25.68
N ARG A 472 -33.99 -46.96 -26.32
CA ARG A 472 -33.30 -48.11 -25.73
C ARG A 472 -32.66 -47.74 -24.41
N ASN A 473 -32.04 -46.56 -24.33
CA ASN A 473 -31.42 -46.15 -23.08
C ASN A 473 -32.46 -46.01 -21.97
N ARG A 474 -33.61 -45.41 -22.28
CA ARG A 474 -34.64 -45.23 -21.25
C ARG A 474 -35.23 -46.56 -20.82
N GLN A 475 -35.44 -47.48 -21.77
CA GLN A 475 -35.93 -48.80 -21.42
C GLN A 475 -34.93 -49.53 -20.53
N SER A 476 -33.64 -49.43 -20.85
CA SER A 476 -32.63 -50.07 -20.02
C SER A 476 -32.61 -49.47 -18.62
N LEU A 477 -32.74 -48.15 -18.51
CA LEU A 477 -32.76 -47.52 -17.19
C LEU A 477 -33.94 -48.02 -16.36
N PHE A 478 -35.13 -48.01 -16.95
CA PHE A 478 -36.32 -48.44 -16.22
C PHE A 478 -36.22 -49.91 -15.83
N GLN A 479 -35.71 -50.76 -16.73
CA GLN A 479 -35.54 -52.16 -16.39
C GLN A 479 -34.53 -52.35 -15.26
N GLU A 480 -33.41 -51.64 -15.32
CA GLU A 480 -32.38 -51.76 -14.30
C GLU A 480 -32.84 -51.24 -12.95
N GLU A 481 -33.84 -50.37 -12.91
CA GLU A 481 -34.39 -49.91 -11.64
C GLU A 481 -35.56 -50.75 -11.16
N GLY A 482 -35.89 -51.84 -11.84
CA GLY A 482 -36.92 -52.75 -11.37
C GLY A 482 -38.33 -52.41 -11.77
N MET A 483 -38.53 -51.46 -12.68
CA MET A 483 -39.87 -51.08 -13.07
C MET A 483 -40.57 -52.21 -13.81
N LEU A 484 -39.82 -53.02 -14.57
CA LEU A 484 -40.42 -54.17 -15.23
C LEU A 484 -40.99 -55.15 -14.22
N SER A 485 -40.22 -55.46 -13.17
CA SER A 485 -40.71 -56.35 -12.13
C SER A 485 -41.89 -55.73 -11.38
N LEU A 486 -41.86 -54.41 -11.19
CA LEU A 486 -42.98 -53.74 -10.53
C LEU A 486 -44.26 -53.88 -11.36
N VAL A 487 -44.14 -53.69 -12.68
CA VAL A 487 -45.29 -53.87 -13.56
C VAL A 487 -45.79 -55.31 -13.51
N LEU A 488 -44.87 -56.27 -13.49
CA LEU A 488 -45.27 -57.67 -13.38
C LEU A 488 -46.01 -57.94 -12.08
N ASN A 489 -45.55 -57.35 -10.98
CA ASN A 489 -46.24 -57.53 -9.70
C ASN A 489 -47.64 -56.96 -9.73
N CYS A 490 -47.79 -55.75 -10.30
CA CYS A 490 -49.12 -55.17 -10.43
C CYS A 490 -50.02 -56.05 -11.28
N ILE A 491 -49.48 -56.57 -12.39
CA ILE A 491 -50.27 -57.42 -13.27
C ILE A 491 -50.70 -58.69 -12.55
N ASP A 492 -49.81 -59.31 -11.78
CA ASP A 492 -50.17 -60.51 -11.05
C ASP A 492 -51.27 -60.23 -10.02
N ARG A 493 -51.10 -59.17 -9.23
CA ARG A 493 -52.07 -58.87 -8.19
C ARG A 493 -53.43 -58.51 -8.75
N LEU A 494 -53.47 -57.86 -9.92
CA LEU A 494 -54.75 -57.65 -10.59
C LEU A 494 -55.27 -58.91 -11.26
N ASN A 495 -54.39 -59.83 -11.64
CA ASN A 495 -54.75 -61.03 -12.37
C ASN A 495 -55.25 -62.14 -11.47
N VAL A 496 -55.05 -62.03 -10.15
CA VAL A 496 -55.67 -62.99 -9.25
C VAL A 496 -57.19 -62.91 -9.25
N TYR A 497 -57.77 -61.92 -9.92
CA TYR A 497 -59.21 -61.75 -10.03
C TYR A 497 -59.63 -62.09 -11.46
N THR A 498 -60.70 -62.89 -11.59
CA THR A 498 -61.08 -63.39 -12.89
C THR A 498 -61.79 -62.33 -13.74
N THR A 499 -62.51 -61.41 -13.11
CA THR A 499 -63.29 -60.43 -13.87
C THR A 499 -63.53 -59.21 -13.00
N ALA A 500 -64.19 -58.22 -13.60
CA ALA A 500 -64.43 -56.95 -12.92
C ALA A 500 -65.38 -57.11 -11.75
N ALA A 501 -66.41 -57.94 -11.90
CA ALA A 501 -67.32 -58.19 -10.78
C ALA A 501 -66.60 -58.91 -9.64
N HIS A 502 -65.74 -59.87 -9.98
CA HIS A 502 -64.95 -60.56 -8.97
C HIS A 502 -64.04 -59.58 -8.24
N PHE A 503 -63.46 -58.63 -8.98
CA PHE A 503 -62.65 -57.59 -8.34
C PHE A 503 -63.49 -56.68 -7.46
N ALA A 504 -64.72 -56.38 -7.88
CA ALA A 504 -65.61 -55.54 -7.09
C ALA A 504 -65.98 -56.20 -5.77
N GLU A 505 -66.15 -57.53 -5.78
CA GLU A 505 -66.44 -58.24 -4.55
C GLU A 505 -65.43 -57.98 -3.44
N TYR A 506 -64.25 -57.43 -3.77
CA TYR A 506 -63.21 -57.14 -2.81
C TYR A 506 -62.83 -55.68 -2.73
N ALA A 507 -62.95 -54.93 -3.82
CA ALA A 507 -62.50 -53.54 -3.86
C ALA A 507 -63.63 -52.55 -4.12
N GLY A 508 -64.82 -53.01 -4.45
CA GLY A 508 -65.94 -52.12 -4.71
C GLY A 508 -66.12 -51.83 -6.19
N GLU A 509 -67.34 -51.40 -6.53
CA GLU A 509 -67.69 -51.17 -7.92
C GLU A 509 -66.94 -49.97 -8.49
N GLU A 510 -66.78 -48.90 -7.69
CA GLU A 510 -66.10 -47.71 -8.17
C GLU A 510 -64.64 -48.00 -8.53
N ALA A 511 -64.01 -48.93 -7.83
CA ALA A 511 -62.66 -49.35 -8.18
C ALA A 511 -62.65 -50.40 -9.29
N ALA A 512 -63.70 -51.21 -9.38
CA ALA A 512 -63.71 -52.29 -10.36
C ALA A 512 -64.10 -51.79 -11.74
N GLU A 513 -64.65 -50.59 -11.84
CA GLU A 513 -65.00 -50.08 -13.16
C GLU A 513 -63.79 -49.60 -13.94
N SER A 514 -62.59 -49.63 -13.35
CA SER A 514 -61.36 -49.30 -14.05
C SER A 514 -60.39 -50.48 -14.12
N TRP A 515 -60.82 -51.66 -13.68
CA TRP A 515 -59.93 -52.82 -13.61
C TRP A 515 -59.45 -53.24 -14.99
N LYS A 516 -60.38 -53.35 -15.95
CA LYS A 516 -60.02 -53.76 -17.30
C LYS A 516 -59.10 -52.74 -17.95
N GLU A 517 -59.40 -51.45 -17.79
CA GLU A 517 -58.54 -50.41 -18.35
C GLU A 517 -57.14 -50.47 -17.76
N ILE A 518 -57.05 -50.67 -16.44
CA ILE A 518 -55.74 -50.69 -15.80
C ILE A 518 -54.92 -51.89 -16.25
N VAL A 519 -55.55 -53.06 -16.36
CA VAL A 519 -54.78 -54.23 -16.78
C VAL A 519 -54.35 -54.10 -18.25
N ASN A 520 -55.21 -53.54 -19.09
CA ASN A 520 -54.82 -53.32 -20.48
C ASN A 520 -53.66 -52.33 -20.57
N LEU A 521 -53.71 -51.26 -19.79
CA LEU A 521 -52.62 -50.30 -19.80
C LEU A 521 -51.33 -50.91 -19.27
N LEU A 522 -51.44 -51.79 -18.27
CA LEU A 522 -50.24 -52.45 -17.75
C LEU A 522 -49.60 -53.34 -18.81
N TYR A 523 -50.41 -54.12 -19.53
CA TYR A 523 -49.85 -54.95 -20.60
C TYR A 523 -49.25 -54.09 -21.71
N GLU A 524 -49.90 -52.98 -22.05
CA GLU A 524 -49.36 -52.09 -23.07
C GLU A 524 -48.03 -51.48 -22.63
N LEU A 525 -47.93 -51.10 -21.36
CA LEU A 525 -46.68 -50.56 -20.84
C LEU A 525 -45.59 -51.62 -20.84
N LEU A 526 -45.92 -52.86 -20.50
CA LEU A 526 -44.92 -53.92 -20.54
C LEU A 526 -44.41 -54.14 -21.96
N ALA A 527 -45.33 -54.14 -22.92
CA ALA A 527 -44.92 -54.28 -24.32
C ALA A 527 -44.04 -53.12 -24.76
N SER A 528 -44.38 -51.89 -24.34
CA SER A 528 -43.55 -50.75 -24.66
C SER A 528 -42.16 -50.85 -24.03
N LEU A 529 -42.09 -51.33 -22.79
CA LEU A 529 -40.81 -51.47 -22.11
C LEU A 529 -39.91 -52.51 -22.78
N ILE A 530 -40.46 -53.64 -23.22
CA ILE A 530 -39.64 -54.71 -23.78
C ILE A 530 -39.51 -54.63 -25.29
N ARG A 531 -40.27 -53.80 -25.99
CA ARG A 531 -40.27 -53.82 -27.44
C ARG A 531 -38.93 -53.35 -27.99
N GLY A 532 -38.33 -54.19 -28.83
CA GLY A 532 -37.10 -53.86 -29.51
C GLY A 532 -35.85 -53.93 -28.65
N ASN A 533 -35.97 -54.34 -27.41
CA ASN A 533 -34.85 -54.41 -26.47
C ASN A 533 -34.56 -55.87 -26.17
N ARG A 534 -33.47 -56.38 -26.75
CA ARG A 534 -33.14 -57.79 -26.56
C ARG A 534 -32.81 -58.08 -25.10
N ALA A 535 -32.14 -57.15 -24.42
CA ALA A 535 -31.80 -57.38 -23.02
C ALA A 535 -33.05 -57.54 -22.17
N ASN A 536 -34.06 -56.71 -22.39
CA ASN A 536 -35.29 -56.82 -21.62
C ASN A 536 -36.10 -58.04 -22.04
N CYS A 537 -36.10 -58.36 -23.34
CA CYS A 537 -36.84 -59.54 -23.80
C CYS A 537 -36.23 -60.83 -23.28
N ALA A 538 -34.91 -60.86 -23.07
CA ALA A 538 -34.25 -62.06 -22.59
C ALA A 538 -34.62 -62.40 -21.16
N LEU A 539 -35.19 -61.45 -20.41
CA LEU A 539 -35.58 -61.73 -19.04
C LEU A 539 -36.71 -62.75 -18.95
N PHE A 540 -37.48 -62.91 -20.02
CA PHE A 540 -38.59 -63.87 -20.02
C PHE A 540 -38.14 -65.27 -20.36
N SER A 541 -36.85 -65.49 -20.60
CA SER A 541 -36.34 -66.83 -20.82
C SER A 541 -36.39 -67.69 -19.56
N THR A 542 -36.68 -67.10 -18.41
CA THR A 542 -36.88 -67.86 -17.18
C THR A 542 -38.35 -67.97 -16.81
N ASN A 543 -39.15 -66.95 -17.07
CA ASN A 543 -40.58 -66.96 -16.79
C ASN A 543 -41.32 -66.75 -18.11
N LEU A 544 -41.55 -67.83 -18.82
CA LEU A 544 -42.33 -67.80 -20.06
C LEU A 544 -43.74 -68.33 -19.86
N ASP A 545 -43.93 -69.28 -18.94
CA ASP A 545 -45.27 -69.69 -18.57
C ASP A 545 -46.07 -68.54 -17.99
N TRP A 546 -45.40 -67.54 -17.42
CA TRP A 546 -46.09 -66.36 -16.93
C TRP A 546 -46.84 -65.65 -18.05
N VAL A 547 -46.21 -65.56 -19.22
CA VAL A 547 -46.86 -64.91 -20.36
C VAL A 547 -47.82 -65.86 -21.06
N VAL A 548 -47.39 -67.11 -21.25
CA VAL A 548 -48.19 -68.05 -22.04
C VAL A 548 -49.49 -68.40 -21.33
N SER A 549 -49.44 -68.61 -20.01
CA SER A 549 -50.63 -69.01 -19.27
C SER A 549 -51.69 -67.94 -19.24
N LYS A 550 -51.34 -66.70 -19.58
CA LYS A 550 -52.29 -65.60 -19.60
C LYS A 550 -52.92 -65.37 -20.97
N LEU A 551 -52.55 -66.17 -21.98
CA LEU A 551 -53.07 -65.95 -23.31
C LEU A 551 -54.58 -66.14 -23.38
N ASP A 552 -55.13 -67.02 -22.56
CA ASP A 552 -56.56 -67.29 -22.57
C ASP A 552 -57.38 -66.26 -21.81
N ARG A 553 -56.73 -65.33 -21.11
CA ARG A 553 -57.48 -64.29 -20.41
C ARG A 553 -58.19 -63.40 -21.42
N LEU A 554 -59.46 -63.11 -21.16
CA LEU A 554 -60.31 -62.44 -22.12
C LEU A 554 -60.25 -60.92 -22.04
N GLU A 555 -59.76 -60.35 -20.94
CA GLU A 555 -59.80 -58.91 -20.80
C GLU A 555 -58.72 -58.21 -21.60
N ALA A 556 -57.54 -58.82 -21.74
CA ALA A 556 -56.40 -58.18 -22.40
C ALA A 556 -55.72 -59.16 -23.34
N SER A 557 -56.52 -59.87 -24.14
CA SER A 557 -55.96 -60.88 -25.03
C SER A 557 -55.01 -60.28 -26.04
N SER A 558 -55.40 -59.16 -26.65
CA SER A 558 -54.53 -58.52 -27.64
C SER A 558 -53.24 -58.02 -27.00
N GLY A 559 -53.32 -57.43 -25.81
CA GLY A 559 -52.12 -56.95 -25.16
C GLY A 559 -51.17 -58.07 -24.79
N ILE A 560 -51.69 -59.18 -24.28
CA ILE A 560 -50.83 -60.28 -23.91
C ILE A 560 -50.21 -60.92 -25.14
N LEU A 561 -50.98 -61.03 -26.23
CA LEU A 561 -50.43 -61.54 -27.47
C LEU A 561 -49.33 -60.62 -28.00
N GLU A 562 -49.51 -59.30 -27.88
CA GLU A 562 -48.48 -58.37 -28.30
C GLU A 562 -47.22 -58.51 -27.47
N VAL A 563 -47.37 -58.71 -26.16
CA VAL A 563 -46.21 -58.93 -25.30
C VAL A 563 -45.47 -60.19 -25.73
N LEU A 564 -46.21 -61.26 -26.00
CA LEU A 564 -45.58 -62.51 -26.46
C LEU A 564 -44.86 -62.30 -27.78
N TYR A 565 -45.49 -61.56 -28.71
CA TYR A 565 -44.86 -61.30 -30.00
C TYR A 565 -43.57 -60.52 -29.84
N CYS A 566 -43.59 -59.49 -29.00
CA CYS A 566 -42.38 -58.70 -28.78
C CYS A 566 -41.28 -59.54 -28.15
N VAL A 567 -41.64 -60.42 -27.20
CA VAL A 567 -40.64 -61.28 -26.59
C VAL A 567 -40.03 -62.22 -27.62
N LEU A 568 -40.87 -62.84 -28.45
CA LEU A 568 -40.37 -63.86 -29.37
C LEU A 568 -39.57 -63.25 -30.53
N ILE A 569 -39.92 -62.02 -30.93
CA ILE A 569 -39.22 -61.38 -32.04
C ILE A 569 -37.76 -61.10 -31.73
N GLU A 570 -37.42 -60.79 -30.48
CA GLU A 570 -36.09 -60.30 -30.15
C GLU A 570 -35.16 -61.33 -29.55
N SER A 571 -35.67 -62.25 -28.73
CA SER A 571 -34.81 -63.10 -27.92
C SER A 571 -34.78 -64.53 -28.44
N PRO A 572 -33.69 -64.98 -29.05
CA PRO A 572 -33.55 -66.42 -29.35
C PRO A 572 -33.45 -67.28 -28.11
N GLU A 573 -33.08 -66.70 -26.97
CA GLU A 573 -33.06 -67.47 -25.72
C GLU A 573 -34.46 -67.98 -25.39
N VAL A 574 -35.48 -67.16 -25.63
CA VAL A 574 -36.86 -67.59 -25.39
C VAL A 574 -37.24 -68.69 -26.38
N LEU A 575 -36.78 -68.59 -27.62
CA LEU A 575 -37.07 -69.64 -28.59
C LEU A 575 -36.44 -70.96 -28.20
N ASN A 576 -35.25 -70.92 -27.59
CA ASN A 576 -34.57 -72.15 -27.19
C ASN A 576 -35.26 -72.87 -26.04
N ILE A 577 -36.21 -72.22 -25.35
CA ILE A 577 -36.91 -72.85 -24.23
C ILE A 577 -38.36 -73.15 -24.56
N ILE A 578 -38.81 -72.85 -25.77
CA ILE A 578 -40.20 -73.10 -26.15
C ILE A 578 -40.48 -74.59 -26.10
N GLN A 579 -41.62 -74.95 -25.52
CA GLN A 579 -41.99 -76.35 -25.34
C GLN A 579 -43.30 -76.66 -26.06
N GLU A 580 -43.59 -77.97 -26.11
CA GLU A 580 -44.78 -78.43 -26.81
C GLU A 580 -46.05 -77.88 -26.18
N ASN A 581 -46.09 -77.79 -24.84
CA ASN A 581 -47.26 -77.22 -24.19
C ASN A 581 -47.43 -75.75 -24.55
N HIS A 582 -46.33 -75.00 -24.64
CA HIS A 582 -46.42 -73.61 -25.07
C HIS A 582 -46.99 -73.51 -26.48
N ILE A 583 -46.49 -74.34 -27.39
CA ILE A 583 -46.98 -74.28 -28.76
C ILE A 583 -48.45 -74.69 -28.84
N LYS A 584 -48.84 -75.68 -28.05
CA LYS A 584 -50.24 -76.11 -28.04
C LYS A 584 -51.14 -75.03 -27.46
N SER A 585 -50.64 -74.27 -26.48
CA SER A 585 -51.40 -73.13 -25.97
C SER A 585 -51.57 -72.06 -27.04
N ILE A 586 -50.51 -71.79 -27.80
CA ILE A 586 -50.61 -70.78 -28.86
C ILE A 586 -51.58 -71.24 -29.95
N ILE A 587 -51.61 -72.54 -30.24
CA ILE A 587 -52.56 -73.05 -31.22
C ILE A 587 -53.98 -73.00 -30.68
N SER A 588 -54.16 -73.34 -29.40
CA SER A 588 -55.47 -73.20 -28.76
C SER A 588 -55.94 -71.75 -28.79
N LEU A 589 -55.00 -70.80 -28.80
CA LEU A 589 -55.40 -69.41 -28.98
C LEU A 589 -56.12 -69.20 -30.30
N LEU A 590 -55.59 -69.77 -31.39
CA LEU A 590 -56.32 -69.76 -32.65
C LEU A 590 -57.67 -70.44 -32.52
N ASP A 591 -57.68 -71.63 -31.93
CA ASP A 591 -58.89 -72.43 -31.86
C ASP A 591 -60.00 -71.70 -31.12
N LYS A 592 -59.65 -70.94 -30.08
CA LYS A 592 -60.65 -70.33 -29.21
C LYS A 592 -60.91 -68.87 -29.50
N HIS A 593 -60.04 -68.18 -30.23
CA HIS A 593 -60.24 -66.77 -30.52
C HIS A 593 -60.49 -66.49 -31.99
N GLY A 594 -60.37 -67.49 -32.86
CA GLY A 594 -60.65 -67.27 -34.27
C GLY A 594 -59.40 -67.05 -35.09
N ARG A 595 -59.61 -66.85 -36.38
CA ARG A 595 -58.53 -66.75 -37.34
C ARG A 595 -57.92 -65.36 -37.27
N ASN A 596 -56.93 -65.22 -36.39
CA ASN A 596 -56.18 -63.98 -36.21
C ASN A 596 -54.77 -64.19 -36.75
N HIS A 597 -54.37 -63.35 -37.71
CA HIS A 597 -53.08 -63.53 -38.36
C HIS A 597 -51.90 -63.22 -37.44
N LYS A 598 -52.13 -62.53 -36.33
CA LYS A 598 -51.04 -62.26 -35.39
C LYS A 598 -50.56 -63.54 -34.72
N VAL A 599 -51.46 -64.49 -34.48
CA VAL A 599 -51.05 -65.79 -33.95
C VAL A 599 -50.18 -66.52 -34.96
N LEU A 600 -50.53 -66.42 -36.24
CA LEU A 600 -49.70 -67.01 -37.28
C LEU A 600 -48.34 -66.34 -37.32
N ASP A 601 -48.29 -65.03 -37.13
CA ASP A 601 -47.00 -64.33 -37.07
C ASP A 601 -46.17 -64.79 -35.89
N VAL A 602 -46.82 -65.00 -34.73
CA VAL A 602 -46.12 -65.53 -33.56
C VAL A 602 -45.54 -66.90 -33.86
N LEU A 603 -46.33 -67.77 -34.49
CA LEU A 603 -45.84 -69.09 -34.85
C LEU A 603 -44.68 -69.00 -35.85
N CYS A 604 -44.76 -68.08 -36.79
CA CYS A 604 -43.65 -67.88 -37.73
C CYS A 604 -42.39 -67.45 -36.99
N SER A 605 -42.52 -66.51 -36.05
CA SER A 605 -41.37 -66.08 -35.27
C SER A 605 -40.80 -67.20 -34.43
N LEU A 606 -41.63 -68.17 -34.02
CA LEU A 606 -41.12 -69.31 -33.26
C LEU A 606 -40.16 -70.17 -34.07
N CYS A 607 -40.20 -70.09 -35.40
CA CYS A 607 -39.43 -71.01 -36.23
C CYS A 607 -38.01 -70.52 -36.48
N VAL A 608 -37.84 -69.29 -36.96
CA VAL A 608 -36.55 -68.75 -37.35
C VAL A 608 -36.33 -67.41 -36.66
N CYS A 609 -35.14 -67.24 -36.08
CA CYS A 609 -34.75 -65.96 -35.50
C CYS A 609 -33.31 -65.66 -35.90
N ASN A 610 -33.09 -64.49 -36.51
CA ASN A 610 -31.75 -64.05 -36.92
C ASN A 610 -31.10 -65.06 -37.85
N GLY A 611 -31.89 -65.63 -38.77
CA GLY A 611 -31.34 -66.52 -39.77
C GLY A 611 -30.99 -67.90 -39.28
N VAL A 612 -31.39 -68.27 -38.07
CA VAL A 612 -31.14 -69.61 -37.53
C VAL A 612 -32.49 -70.27 -37.24
N ALA A 613 -32.67 -71.48 -37.74
CA ALA A 613 -33.92 -72.20 -37.62
C ALA A 613 -33.90 -73.11 -36.40
N VAL A 614 -35.07 -73.30 -35.80
CA VAL A 614 -35.24 -74.17 -34.64
C VAL A 614 -36.07 -75.36 -35.08
N ARG A 615 -35.39 -76.49 -35.28
CA ARG A 615 -36.05 -77.69 -35.80
C ARG A 615 -37.12 -78.18 -34.84
N SER A 616 -36.88 -78.08 -33.53
CA SER A 616 -37.87 -78.52 -32.56
C SER A 616 -39.17 -77.72 -32.70
N ASN A 617 -39.06 -76.41 -32.79
CA ASN A 617 -40.25 -75.57 -32.94
C ASN A 617 -40.94 -75.86 -34.27
N GLN A 618 -40.17 -75.97 -35.36
CA GLN A 618 -40.78 -76.25 -36.66
C GLN A 618 -41.55 -77.56 -36.63
N ASP A 619 -40.94 -78.61 -36.09
CA ASP A 619 -41.58 -79.92 -36.06
C ASP A 619 -42.79 -79.93 -35.14
N LEU A 620 -42.71 -79.25 -33.99
CA LEU A 620 -43.86 -79.21 -33.09
C LEU A 620 -45.04 -78.48 -33.72
N ILE A 621 -44.76 -77.34 -34.39
CA ILE A 621 -45.85 -76.63 -35.07
C ILE A 621 -46.45 -77.50 -36.17
N THR A 622 -45.60 -78.15 -36.97
CA THR A 622 -46.09 -79.00 -38.05
C THR A 622 -46.93 -80.15 -37.52
N GLU A 623 -46.51 -80.75 -36.42
CA GLU A 623 -47.23 -81.87 -35.84
C GLU A 623 -48.53 -81.48 -35.16
N ASN A 624 -48.58 -80.32 -34.50
CA ASN A 624 -49.75 -79.94 -33.73
C ASN A 624 -50.69 -79.00 -34.47
N LEU A 625 -50.36 -78.59 -35.69
CA LEU A 625 -51.28 -77.68 -36.36
C LEU A 625 -51.77 -78.19 -37.70
N LEU A 626 -50.91 -78.85 -38.47
CA LEU A 626 -51.25 -79.19 -39.85
C LEU A 626 -52.15 -80.43 -39.99
N PRO A 627 -51.82 -81.58 -39.36
CA PRO A 627 -52.58 -82.80 -39.67
C PRO A 627 -54.05 -82.74 -39.32
N GLY A 628 -54.45 -81.84 -38.42
CA GLY A 628 -55.84 -81.71 -38.06
C GLY A 628 -56.71 -81.26 -39.22
N ARG A 629 -56.21 -80.31 -39.99
CA ARG A 629 -56.93 -79.75 -41.14
C ARG A 629 -58.29 -79.19 -40.72
N GLU A 630 -58.27 -78.42 -39.63
CA GLU A 630 -59.49 -77.85 -39.08
C GLU A 630 -59.37 -76.34 -38.93
N LEU A 631 -58.19 -75.85 -38.57
CA LEU A 631 -58.03 -74.42 -38.34
C LEU A 631 -57.66 -73.67 -39.62
N LEU A 632 -56.55 -74.06 -40.24
CA LEU A 632 -56.12 -73.38 -41.46
C LEU A 632 -57.07 -73.68 -42.61
N LEU A 633 -57.23 -72.71 -43.49
CA LEU A 633 -58.05 -72.89 -44.68
C LEU A 633 -57.38 -73.88 -45.62
N GLN A 634 -58.19 -74.73 -46.24
CA GLN A 634 -57.69 -75.81 -47.08
C GLN A 634 -57.94 -75.50 -48.55
N THR A 635 -57.03 -75.95 -49.40
CA THR A 635 -57.08 -75.69 -50.83
C THR A 635 -56.91 -76.99 -51.59
N ASN A 636 -57.53 -77.03 -52.77
CA ASN A 636 -57.47 -78.18 -53.65
C ASN A 636 -58.08 -77.78 -54.98
N LEU A 637 -57.72 -78.52 -56.03
CA LEU A 637 -58.28 -78.31 -57.35
C LEU A 637 -59.47 -79.25 -57.54
N ILE A 638 -60.60 -78.69 -57.97
CA ILE A 638 -61.82 -79.45 -58.16
C ILE A 638 -62.36 -79.20 -59.56
N ASN A 639 -63.19 -80.12 -60.03
CA ASN A 639 -63.80 -80.01 -61.34
C ASN A 639 -65.14 -79.31 -61.26
N TYR A 640 -65.43 -78.50 -62.28
CA TYR A 640 -66.75 -77.90 -62.40
C TYR A 640 -67.78 -78.97 -62.76
N VAL A 641 -68.96 -78.85 -62.18
CA VAL A 641 -70.05 -79.81 -62.40
C VAL A 641 -71.29 -79.03 -62.82
N THR A 642 -71.98 -79.53 -63.83
CA THR A 642 -73.17 -78.89 -64.36
C THR A 642 -74.32 -79.90 -64.39
N SER A 643 -75.54 -79.40 -64.25
CA SER A 643 -76.74 -80.23 -64.31
C SER A 643 -77.55 -79.87 -65.55
N ILE A 644 -78.21 -80.87 -66.13
CA ILE A 644 -79.07 -80.69 -67.29
C ILE A 644 -80.37 -81.43 -67.03
N ARG A 645 -81.49 -80.77 -67.34
CA ARG A 645 -82.80 -81.35 -67.12
C ARG A 645 -83.67 -81.16 -68.35
N PRO A 646 -84.64 -82.04 -68.56
CA PRO A 646 -85.73 -81.74 -69.48
C PRO A 646 -86.73 -80.80 -68.83
N ASN A 647 -87.53 -80.14 -69.66
CA ASN A 647 -88.60 -79.31 -69.13
C ASN A 647 -89.81 -80.18 -68.80
N ILE A 648 -89.60 -81.16 -67.92
CA ILE A 648 -90.64 -82.08 -67.48
C ILE A 648 -90.77 -81.93 -65.97
N PHE A 649 -91.92 -81.44 -65.52
CA PHE A 649 -92.14 -81.16 -64.11
C PHE A 649 -93.39 -81.90 -63.65
N VAL A 650 -93.25 -82.72 -62.61
CA VAL A 650 -94.35 -83.48 -62.06
C VAL A 650 -94.39 -83.25 -60.56
N GLY A 651 -95.57 -83.40 -59.98
CA GLY A 651 -95.72 -83.14 -58.56
C GLY A 651 -97.03 -83.71 -58.05
N ARG A 652 -97.20 -83.62 -56.74
CA ARG A 652 -98.39 -84.14 -56.07
C ARG A 652 -99.01 -83.04 -55.22
N ALA A 653 -100.34 -82.92 -55.32
CA ALA A 653 -101.07 -81.96 -54.51
C ALA A 653 -102.50 -82.46 -54.39
N GLU A 654 -103.19 -81.96 -53.37
CA GLU A 654 -104.57 -82.36 -53.13
C GLU A 654 -105.45 -81.77 -54.23
N GLY A 655 -106.01 -82.64 -55.07
CA GLY A 655 -106.82 -82.20 -56.18
C GLY A 655 -106.05 -81.80 -57.42
N SER A 656 -104.76 -82.11 -57.48
CA SER A 656 -103.96 -81.76 -58.64
C SER A 656 -104.34 -82.64 -59.83
N THR A 657 -104.05 -82.13 -61.02
CA THR A 657 -104.37 -82.83 -62.27
C THR A 657 -103.24 -83.72 -62.77
N GLN A 658 -102.14 -83.82 -62.04
CA GLN A 658 -100.97 -84.55 -62.51
C GLN A 658 -101.02 -86.01 -62.06
N TYR A 659 -100.46 -86.87 -62.90
CA TYR A 659 -100.33 -88.28 -62.57
C TYR A 659 -99.22 -88.46 -61.52
N GLY A 660 -99.23 -89.62 -60.87
CA GLY A 660 -98.38 -89.82 -59.72
C GLY A 660 -97.10 -90.60 -59.93
N LYS A 661 -97.06 -91.46 -60.95
CA LYS A 661 -95.93 -92.34 -61.17
C LYS A 661 -95.31 -92.05 -62.53
N TRP A 662 -93.99 -91.87 -62.55
CA TRP A 662 -93.28 -91.46 -63.75
C TRP A 662 -92.00 -92.28 -63.89
N TYR A 663 -91.49 -92.33 -65.12
CA TYR A 663 -90.38 -93.20 -65.47
C TYR A 663 -89.58 -92.59 -66.60
N PHE A 664 -88.25 -92.68 -66.50
CA PHE A 664 -87.37 -92.27 -67.57
C PHE A 664 -86.06 -93.03 -67.46
N GLU A 665 -85.29 -93.03 -68.55
CA GLU A 665 -84.03 -93.74 -68.62
C GLU A 665 -82.93 -92.83 -69.15
N VAL A 666 -81.71 -93.06 -68.68
CA VAL A 666 -80.53 -92.37 -69.15
C VAL A 666 -79.51 -93.42 -69.58
N MET A 667 -79.07 -93.34 -70.83
CA MET A 667 -78.11 -94.28 -71.39
C MET A 667 -76.75 -93.60 -71.52
N VAL A 668 -75.72 -94.24 -71.00
CA VAL A 668 -74.37 -93.69 -71.00
C VAL A 668 -73.64 -94.14 -72.25
N ASP A 669 -73.16 -93.17 -73.03
CA ASP A 669 -72.48 -93.46 -74.28
C ASP A 669 -70.96 -93.35 -74.19
N GLU A 670 -70.44 -92.39 -73.43
CA GLU A 670 -69.00 -92.20 -73.36
C GLU A 670 -68.66 -91.57 -72.02
N VAL A 671 -67.77 -92.19 -71.26
CA VAL A 671 -67.29 -91.64 -70.00
C VAL A 671 -65.77 -91.80 -69.96
N VAL A 672 -65.06 -90.69 -69.75
CA VAL A 672 -63.63 -90.72 -69.49
C VAL A 672 -63.44 -90.77 -67.98
N PRO A 673 -62.94 -91.87 -67.42
CA PRO A 673 -62.87 -91.98 -65.96
C PRO A 673 -62.07 -90.88 -65.28
N PHE A 674 -60.96 -90.46 -65.89
CA PHE A 674 -60.11 -89.42 -65.33
C PHE A 674 -59.67 -88.50 -66.47
N LEU A 675 -60.47 -87.48 -66.74
CA LEU A 675 -60.05 -86.43 -67.66
C LEU A 675 -59.07 -85.50 -66.97
N THR A 676 -59.27 -85.24 -65.69
CA THR A 676 -58.35 -84.49 -64.86
C THR A 676 -57.90 -85.35 -63.70
N ALA A 677 -57.16 -84.78 -62.76
CA ALA A 677 -56.71 -85.52 -61.59
C ALA A 677 -57.85 -85.94 -60.67
N GLN A 678 -59.05 -85.39 -60.86
CA GLN A 678 -60.21 -85.75 -60.06
C GLN A 678 -61.15 -86.63 -60.89
N ALA A 679 -61.77 -87.60 -60.23
CA ALA A 679 -62.61 -88.56 -60.92
C ALA A 679 -63.79 -87.86 -61.57
N THR A 680 -64.19 -88.36 -62.74
CA THR A 680 -65.26 -87.76 -63.50
C THR A 680 -66.60 -87.92 -62.78
N HIS A 681 -67.34 -86.83 -62.67
CA HIS A 681 -68.63 -86.83 -62.00
C HIS A 681 -69.74 -87.22 -62.96
N LEU A 682 -70.63 -88.11 -62.53
CA LEU A 682 -71.79 -88.47 -63.34
C LEU A 682 -72.83 -89.10 -62.43
N ARG A 683 -73.97 -88.42 -62.27
CA ARG A 683 -75.05 -88.92 -61.43
C ARG A 683 -76.38 -88.69 -62.14
N VAL A 684 -77.35 -89.54 -61.83
CA VAL A 684 -78.67 -89.49 -62.44
C VAL A 684 -79.70 -89.60 -61.33
N GLY A 685 -80.78 -88.82 -61.42
CA GLY A 685 -81.83 -88.90 -60.43
C GLY A 685 -82.89 -87.84 -60.66
N TRP A 686 -83.58 -87.51 -59.57
CA TRP A 686 -84.64 -86.52 -59.56
C TRP A 686 -84.26 -85.35 -58.66
N ALA A 687 -84.81 -84.18 -58.94
CA ALA A 687 -84.55 -82.99 -58.15
C ALA A 687 -85.83 -82.17 -58.04
N LEU A 688 -85.88 -81.33 -57.01
CA LEU A 688 -87.05 -80.52 -56.71
C LEU A 688 -86.82 -79.10 -57.20
N THR A 689 -87.86 -78.51 -57.80
CA THR A 689 -87.73 -77.18 -58.38
C THR A 689 -87.40 -76.13 -57.31
N GLU A 690 -88.06 -76.19 -56.17
CA GLU A 690 -87.91 -75.19 -55.12
C GLU A 690 -86.79 -75.63 -54.19
N GLY A 691 -85.55 -75.32 -54.57
CA GLY A 691 -84.42 -75.58 -53.70
C GLY A 691 -83.16 -76.10 -54.37
N TYR A 692 -83.29 -76.84 -55.47
CA TYR A 692 -82.13 -77.38 -56.17
C TYR A 692 -81.57 -76.30 -57.08
N SER A 693 -80.61 -75.55 -56.58
CA SER A 693 -79.97 -74.47 -57.33
C SER A 693 -78.46 -74.59 -57.19
N PRO A 694 -77.84 -75.54 -57.89
CA PRO A 694 -76.39 -75.71 -57.80
C PRO A 694 -75.68 -74.68 -58.66
N TYR A 695 -74.92 -73.83 -58.03
CA TYR A 695 -74.21 -72.85 -58.82
C TYR A 695 -72.82 -73.34 -59.17
N PRO A 696 -72.28 -72.92 -60.32
CA PRO A 696 -70.92 -73.34 -60.68
C PRO A 696 -69.90 -72.87 -59.67
N GLY A 697 -68.90 -73.70 -59.42
CA GLY A 697 -67.81 -73.35 -58.55
C GLY A 697 -68.01 -73.89 -57.13
N GLY A 698 -67.95 -73.00 -56.15
CA GLY A 698 -68.02 -73.41 -54.76
C GLY A 698 -69.40 -73.85 -54.34
N GLY A 699 -69.48 -74.35 -53.12
CA GLY A 699 -70.73 -74.82 -52.57
C GLY A 699 -70.48 -75.69 -51.35
N GLU A 700 -71.40 -76.64 -51.14
CA GLU A 700 -71.30 -77.53 -50.00
C GLU A 700 -70.10 -78.47 -50.15
N GLY A 701 -69.49 -78.81 -49.02
CA GLY A 701 -68.38 -79.74 -49.05
C GLY A 701 -67.19 -79.15 -49.78
N TRP A 702 -66.76 -79.85 -50.82
CA TRP A 702 -65.60 -79.45 -51.62
C TRP A 702 -66.03 -79.03 -53.03
N GLY A 703 -67.21 -78.45 -53.14
CA GLY A 703 -67.69 -77.99 -54.43
C GLY A 703 -68.07 -79.15 -55.34
N GLY A 704 -68.24 -78.81 -56.61
CA GLY A 704 -68.69 -79.79 -57.58
C GLY A 704 -70.03 -80.38 -57.25
N ASN A 705 -70.96 -79.54 -56.79
CA ASN A 705 -72.25 -80.04 -56.32
C ASN A 705 -73.13 -80.44 -57.50
N GLY A 706 -73.73 -81.61 -57.40
CA GLY A 706 -74.62 -82.15 -58.41
C GLY A 706 -75.87 -82.72 -57.78
N VAL A 707 -76.34 -83.82 -58.37
CA VAL A 707 -77.52 -84.50 -57.83
C VAL A 707 -77.13 -85.23 -56.55
N GLY A 708 -77.92 -85.03 -55.51
CA GLY A 708 -77.65 -85.65 -54.23
C GLY A 708 -76.73 -84.87 -53.33
N ASP A 709 -76.25 -83.71 -53.76
CA ASP A 709 -75.38 -82.89 -52.93
C ASP A 709 -76.16 -81.95 -52.04
N ASP A 710 -77.48 -82.03 -52.04
CA ASP A 710 -78.34 -81.31 -51.11
C ASP A 710 -79.52 -82.21 -50.78
N LEU A 711 -80.46 -81.71 -49.99
CA LEU A 711 -81.64 -82.46 -49.62
C LEU A 711 -82.80 -82.23 -50.58
N TYR A 712 -82.57 -81.53 -51.69
CA TYR A 712 -83.57 -81.34 -52.72
C TYR A 712 -83.36 -82.25 -53.93
N SER A 713 -82.33 -83.08 -53.91
CA SER A 713 -82.00 -83.92 -55.05
C SER A 713 -81.64 -85.31 -54.57
N TYR A 714 -81.82 -86.29 -55.45
CA TYR A 714 -81.64 -87.70 -55.11
C TYR A 714 -81.02 -88.39 -56.32
N GLY A 715 -79.75 -88.79 -56.20
CA GLY A 715 -78.98 -89.29 -57.32
C GLY A 715 -78.51 -90.73 -57.16
N PHE A 716 -77.83 -91.19 -58.20
CA PHE A 716 -77.30 -92.55 -58.25
C PHE A 716 -76.17 -92.57 -59.27
N ASP A 717 -74.97 -92.91 -58.83
CA ASP A 717 -73.79 -92.86 -59.68
C ASP A 717 -73.30 -94.24 -60.10
N GLY A 718 -74.07 -95.29 -59.86
CA GLY A 718 -73.71 -96.66 -60.19
C GLY A 718 -73.26 -97.48 -59.00
N LEU A 719 -72.80 -96.82 -57.94
CA LEU A 719 -72.36 -97.50 -56.72
C LEU A 719 -73.00 -96.96 -55.46
N HIS A 720 -73.48 -95.72 -55.45
CA HIS A 720 -73.98 -95.09 -54.23
C HIS A 720 -75.30 -94.40 -54.53
N LEU A 721 -76.08 -94.21 -53.47
CA LEU A 721 -77.26 -93.35 -53.49
C LEU A 721 -76.87 -92.04 -52.83
N TRP A 722 -77.00 -90.94 -53.57
CA TRP A 722 -76.56 -89.63 -53.11
C TRP A 722 -77.75 -88.79 -52.67
N THR A 723 -77.68 -88.27 -51.45
CA THR A 723 -78.64 -87.30 -50.96
C THR A 723 -78.02 -86.58 -49.78
N GLY A 724 -78.23 -85.28 -49.71
CA GLY A 724 -77.65 -84.49 -48.63
C GLY A 724 -76.15 -84.53 -48.58
N HIS A 725 -75.49 -84.60 -49.74
CA HIS A 725 -74.03 -84.61 -49.85
C HIS A 725 -73.41 -85.78 -49.11
N VAL A 726 -74.13 -86.90 -49.02
CA VAL A 726 -73.64 -88.11 -48.36
C VAL A 726 -73.84 -89.28 -49.31
N ALA A 727 -72.79 -90.06 -49.51
CA ALA A 727 -72.82 -91.22 -50.39
C ALA A 727 -73.05 -92.47 -49.55
N ARG A 728 -74.13 -93.19 -49.84
CA ARG A 728 -74.44 -94.41 -49.13
C ARG A 728 -74.34 -95.59 -50.10
N PRO A 729 -73.44 -96.54 -49.87
CA PRO A 729 -73.25 -97.63 -50.83
C PRO A 729 -74.53 -98.45 -51.00
N VAL A 730 -74.78 -98.86 -52.24
CA VAL A 730 -75.97 -99.63 -52.58
C VAL A 730 -75.52 -100.84 -53.40
N THR A 731 -76.27 -101.93 -53.27
CA THR A 731 -75.90 -103.20 -53.86
C THR A 731 -76.72 -103.46 -55.11
N SER A 732 -76.03 -103.75 -56.21
CA SER A 732 -76.64 -104.15 -57.46
C SER A 732 -75.82 -105.28 -58.07
N PRO A 733 -76.43 -106.15 -58.86
CA PRO A 733 -75.65 -107.21 -59.52
C PRO A 733 -74.64 -106.64 -60.50
N GLY A 734 -73.36 -106.82 -60.20
CA GLY A 734 -72.30 -106.27 -61.02
C GLY A 734 -72.08 -104.80 -60.74
N GLN A 735 -71.82 -104.46 -59.48
CA GLN A 735 -71.62 -103.06 -59.10
C GLN A 735 -70.44 -102.46 -59.83
N HIS A 736 -70.63 -101.25 -60.34
CA HIS A 736 -69.55 -100.50 -60.96
C HIS A 736 -70.02 -99.07 -61.18
N LEU A 737 -69.08 -98.13 -61.18
CA LEU A 737 -69.38 -96.77 -61.56
C LEU A 737 -69.92 -96.73 -62.98
N LEU A 738 -70.82 -95.78 -63.25
CA LEU A 738 -71.47 -95.71 -64.55
C LEU A 738 -70.45 -95.70 -65.67
N ALA A 739 -70.64 -96.59 -66.63
CA ALA A 739 -69.70 -96.87 -67.70
C ALA A 739 -70.45 -96.81 -69.01
N PRO A 740 -69.74 -96.67 -70.13
CA PRO A 740 -70.41 -96.65 -71.43
C PRO A 740 -71.25 -97.90 -71.66
N GLU A 741 -72.38 -97.71 -72.34
CA GLU A 741 -73.38 -98.73 -72.66
C GLU A 741 -74.20 -99.14 -71.44
N ASP A 742 -74.18 -98.36 -70.36
CA ASP A 742 -75.04 -98.62 -69.22
C ASP A 742 -76.34 -97.84 -69.37
N VAL A 743 -77.43 -98.46 -68.93
CA VAL A 743 -78.76 -97.84 -68.98
C VAL A 743 -79.28 -97.75 -67.55
N VAL A 744 -79.61 -96.54 -67.13
CA VAL A 744 -80.11 -96.28 -65.78
C VAL A 744 -81.59 -95.94 -65.89
N SER A 745 -82.42 -96.66 -65.14
CA SER A 745 -83.86 -96.45 -65.13
C SER A 745 -84.25 -95.86 -63.79
N CYS A 746 -84.87 -94.69 -63.81
CA CYS A 746 -85.29 -94.00 -62.60
C CYS A 746 -86.82 -94.00 -62.51
N CYS A 747 -87.34 -94.44 -61.37
CA CYS A 747 -88.77 -94.53 -61.14
C CYS A 747 -89.14 -93.59 -60.00
N LEU A 748 -90.17 -92.77 -60.22
CA LEU A 748 -90.69 -91.87 -59.21
C LEU A 748 -92.14 -92.25 -58.94
N ASP A 749 -92.46 -92.47 -57.67
CA ASP A 749 -93.82 -92.81 -57.25
C ASP A 749 -94.22 -91.82 -56.17
N LEU A 750 -94.91 -90.75 -56.57
CA LEU A 750 -95.27 -89.70 -55.63
C LEU A 750 -96.28 -90.13 -54.59
N SER A 751 -96.93 -91.28 -54.77
CA SER A 751 -97.94 -91.71 -53.81
C SER A 751 -97.32 -92.08 -52.48
N VAL A 752 -96.12 -92.67 -52.49
CA VAL A 752 -95.52 -93.19 -51.26
C VAL A 752 -95.00 -92.05 -50.39
N PRO A 753 -94.11 -91.17 -50.86
CA PRO A 753 -93.38 -91.09 -52.14
C PRO A 753 -92.12 -91.95 -52.13
N SER A 754 -91.62 -92.38 -53.29
CA SER A 754 -90.44 -93.22 -53.33
C SER A 754 -89.74 -93.04 -54.67
N ILE A 755 -88.42 -93.12 -54.63
CA ILE A 755 -87.57 -93.08 -55.83
C ILE A 755 -86.75 -94.35 -55.86
N SER A 756 -86.81 -95.06 -56.99
CA SER A 756 -86.10 -96.32 -57.15
C SER A 756 -85.36 -96.33 -58.47
N PHE A 757 -84.30 -97.12 -58.54
CA PHE A 757 -83.43 -97.17 -59.71
C PHE A 757 -83.28 -98.61 -60.19
N ARG A 758 -82.98 -98.74 -61.48
CA ARG A 758 -82.53 -100.00 -62.07
C ARG A 758 -81.42 -99.70 -63.04
N ILE A 759 -80.35 -100.48 -62.98
CA ILE A 759 -79.21 -100.32 -63.87
C ILE A 759 -79.10 -101.57 -64.74
N ASN A 760 -79.16 -101.39 -66.06
CA ASN A 760 -79.11 -102.49 -67.01
C ASN A 760 -80.19 -103.52 -66.74
N GLY A 761 -81.33 -103.08 -66.23
CA GLY A 761 -82.45 -103.95 -65.97
C GLY A 761 -82.47 -104.60 -64.61
N CYS A 762 -81.32 -104.71 -63.94
CA CYS A 762 -81.41 -105.34 -62.63
C CYS A 762 -81.72 -104.30 -61.56
N PRO A 763 -82.56 -104.65 -60.58
CA PRO A 763 -82.96 -103.66 -59.57
C PRO A 763 -81.78 -103.22 -58.72
N VAL A 764 -81.84 -101.97 -58.29
CA VAL A 764 -80.87 -101.39 -57.36
C VAL A 764 -81.48 -101.50 -55.97
N GLN A 765 -80.80 -102.23 -55.08
CA GLN A 765 -81.36 -102.57 -53.77
C GLN A 765 -81.24 -101.37 -52.83
N GLY A 766 -82.04 -100.35 -53.10
CA GLY A 766 -82.09 -99.15 -52.30
C GLY A 766 -83.06 -98.14 -52.86
N VAL A 767 -83.80 -97.44 -51.99
CA VAL A 767 -84.81 -96.48 -52.43
C VAL A 767 -84.78 -95.27 -51.50
N PHE A 768 -84.99 -94.10 -52.09
CA PHE A 768 -85.34 -92.92 -51.31
C PHE A 768 -86.83 -92.92 -51.05
N GLU A 769 -87.23 -92.50 -49.86
CA GLU A 769 -88.64 -92.47 -49.52
C GLU A 769 -88.90 -91.46 -48.42
N ALA A 770 -90.16 -91.10 -48.27
CA ALA A 770 -90.62 -90.20 -47.21
C ALA A 770 -89.89 -88.87 -47.25
N PHE A 771 -89.80 -88.28 -48.44
CA PHE A 771 -89.20 -86.96 -48.59
C PHE A 771 -90.27 -85.90 -48.78
N ASN A 772 -89.83 -84.65 -48.84
CA ASN A 772 -90.74 -83.53 -48.99
C ASN A 772 -91.40 -83.53 -50.36
N LEU A 773 -92.60 -82.97 -50.42
CA LEU A 773 -93.39 -82.92 -51.64
C LEU A 773 -93.84 -81.51 -51.97
N ASP A 774 -93.13 -80.49 -51.48
CA ASP A 774 -93.55 -79.10 -51.65
C ASP A 774 -92.86 -78.48 -52.87
N GLY A 775 -93.08 -79.11 -54.02
CA GLY A 775 -92.51 -78.62 -55.25
C GLY A 775 -92.72 -79.61 -56.38
N LEU A 776 -92.11 -79.30 -57.52
CA LEU A 776 -92.19 -80.12 -58.71
C LEU A 776 -90.88 -80.87 -58.91
N PHE A 777 -90.97 -82.10 -59.37
CA PHE A 777 -89.81 -82.95 -59.60
C PHE A 777 -89.49 -83.00 -61.08
N PHE A 778 -88.20 -82.97 -61.41
CA PHE A 778 -87.77 -83.09 -62.79
C PHE A 778 -86.61 -84.05 -62.90
N PRO A 779 -86.52 -84.78 -64.01
CA PRO A 779 -85.31 -85.58 -64.26
C PRO A 779 -84.09 -84.69 -64.37
N VAL A 780 -82.96 -85.19 -63.89
CA VAL A 780 -81.74 -84.40 -63.87
C VAL A 780 -80.54 -85.34 -63.94
N VAL A 781 -79.51 -84.90 -64.65
CA VAL A 781 -78.21 -85.55 -64.67
C VAL A 781 -77.16 -84.50 -64.33
N SER A 782 -76.26 -84.84 -63.41
CA SER A 782 -75.13 -84.00 -63.07
C SER A 782 -73.86 -84.64 -63.58
N PHE A 783 -72.95 -83.83 -64.10
CA PHE A 783 -71.78 -84.39 -64.74
C PHE A 783 -70.64 -83.38 -64.71
N SER A 784 -69.42 -83.91 -64.72
CA SER A 784 -68.23 -83.14 -64.98
C SER A 784 -67.88 -83.28 -66.47
N ALA A 785 -66.83 -82.59 -66.89
CA ALA A 785 -66.39 -82.69 -68.27
C ALA A 785 -65.89 -84.09 -68.56
N GLY A 786 -66.17 -84.56 -69.77
CA GLY A 786 -65.77 -85.88 -70.19
C GLY A 786 -66.84 -86.94 -70.15
N VAL A 787 -68.10 -86.59 -70.45
CA VAL A 787 -69.20 -87.54 -70.45
C VAL A 787 -70.00 -87.36 -71.73
N LYS A 788 -70.84 -88.36 -72.01
CA LYS A 788 -71.76 -88.29 -73.15
C LYS A 788 -72.91 -89.23 -72.84
N VAL A 789 -74.07 -88.65 -72.53
CA VAL A 789 -75.25 -89.42 -72.14
C VAL A 789 -76.41 -89.03 -73.03
N ARG A 790 -77.45 -89.86 -73.01
CA ARG A 790 -78.67 -89.60 -73.76
C ARG A 790 -79.87 -89.82 -72.85
N PHE A 791 -80.80 -88.87 -72.87
CA PHE A 791 -82.06 -89.02 -72.15
C PHE A 791 -83.02 -89.86 -72.97
N LEU A 792 -83.68 -90.82 -72.33
CA LEU A 792 -84.70 -91.65 -72.96
C LEU A 792 -86.01 -91.38 -72.23
N LEU A 793 -86.89 -90.61 -72.87
CA LEU A 793 -88.13 -90.16 -72.25
C LEU A 793 -89.36 -90.84 -72.83
N GLY A 794 -89.19 -91.83 -73.71
CA GLY A 794 -90.30 -92.54 -74.28
C GLY A 794 -90.90 -91.84 -75.49
N GLY A 795 -91.81 -92.54 -76.16
CA GLY A 795 -92.47 -91.98 -77.32
C GLY A 795 -91.48 -91.69 -78.43
N ARG A 796 -91.53 -90.46 -78.94
CA ARG A 796 -90.62 -90.01 -79.99
C ARG A 796 -89.37 -89.37 -79.42
N HIS A 797 -89.18 -89.41 -78.11
CA HIS A 797 -88.03 -88.79 -77.45
C HIS A 797 -87.15 -89.83 -76.77
N GLY A 798 -86.94 -90.97 -77.44
CA GLY A 798 -86.06 -91.99 -76.91
C GLY A 798 -86.77 -93.27 -76.55
N GLU A 799 -86.58 -94.31 -77.35
CA GLU A 799 -87.20 -95.59 -77.09
C GLU A 799 -86.56 -96.25 -75.87
N PHE A 800 -87.39 -96.72 -74.94
CA PHE A 800 -86.88 -97.32 -73.72
C PHE A 800 -86.15 -98.62 -74.02
N LYS A 801 -84.99 -98.80 -73.39
CA LYS A 801 -84.29 -100.07 -73.51
C LYS A 801 -84.96 -101.15 -72.67
N PHE A 802 -85.70 -100.75 -71.64
CA PHE A 802 -86.38 -101.68 -70.76
C PHE A 802 -87.82 -101.22 -70.54
N LEU A 803 -88.69 -102.18 -70.30
CA LEU A 803 -90.11 -101.87 -70.12
C LEU A 803 -90.32 -101.18 -68.77
N PRO A 804 -91.01 -100.04 -68.74
CA PRO A 804 -91.26 -99.38 -67.47
C PRO A 804 -92.13 -100.24 -66.57
N PRO A 805 -91.95 -100.16 -65.26
CA PRO A 805 -92.76 -100.99 -64.37
C PRO A 805 -94.23 -100.60 -64.47
N PRO A 806 -95.12 -101.56 -64.20
CA PRO A 806 -96.55 -101.30 -64.43
C PRO A 806 -97.06 -100.10 -63.63
N GLY A 807 -97.91 -99.32 -64.26
CA GLY A 807 -98.49 -98.14 -63.65
C GLY A 807 -97.66 -96.89 -63.77
N TYR A 808 -96.42 -97.00 -64.24
CA TYR A 808 -95.54 -95.84 -64.36
C TYR A 808 -95.66 -95.25 -65.76
N ALA A 809 -95.69 -93.93 -65.82
CA ALA A 809 -95.90 -93.24 -67.09
C ALA A 809 -94.57 -92.71 -67.63
N PRO A 810 -94.34 -92.82 -68.94
CA PRO A 810 -93.15 -92.21 -69.53
C PRO A 810 -93.16 -90.71 -69.33
N CYS A 811 -91.96 -90.15 -69.15
CA CYS A 811 -91.84 -88.74 -68.80
C CYS A 811 -92.24 -87.82 -69.95
N HIS A 812 -92.20 -88.29 -71.20
CA HIS A 812 -92.58 -87.44 -72.32
C HIS A 812 -94.05 -87.06 -72.27
N GLU A 813 -94.87 -87.81 -71.53
CA GLU A 813 -96.28 -87.48 -71.39
C GLU A 813 -96.52 -86.27 -70.50
N ALA A 814 -95.51 -85.81 -69.77
CA ALA A 814 -95.67 -84.72 -68.82
C ALA A 814 -95.35 -83.36 -69.39
N VAL A 815 -95.01 -83.27 -70.67
CA VAL A 815 -94.73 -81.97 -71.27
C VAL A 815 -96.03 -81.19 -71.40
N LEU A 816 -95.99 -79.92 -70.99
CA LEU A 816 -97.21 -79.13 -70.93
C LEU A 816 -97.65 -78.71 -72.33
N PRO A 817 -98.95 -78.41 -72.50
CA PRO A 817 -99.45 -78.06 -73.84
C PRO A 817 -98.79 -76.82 -74.43
N ARG A 818 -98.38 -75.87 -73.61
CA ARG A 818 -97.82 -74.62 -74.09
C ARG A 818 -96.30 -74.68 -74.30
N GLU A 819 -95.67 -75.83 -74.08
CA GLU A 819 -94.24 -75.96 -74.20
C GLU A 819 -93.87 -77.18 -75.02
N ARG A 820 -92.76 -77.07 -75.74
CA ARG A 820 -92.13 -78.21 -76.40
C ARG A 820 -91.07 -78.82 -75.49
N LEU A 821 -90.73 -80.07 -75.75
CA LEU A 821 -89.72 -80.74 -74.94
C LEU A 821 -88.33 -80.27 -75.35
N ARG A 822 -87.48 -80.05 -74.36
CA ARG A 822 -86.11 -79.59 -74.61
C ARG A 822 -85.25 -79.88 -73.40
N LEU A 823 -83.95 -79.69 -73.56
CA LEU A 823 -82.98 -79.85 -72.49
C LEU A 823 -82.40 -78.49 -72.16
N GLU A 824 -82.37 -78.14 -70.88
CA GLU A 824 -81.99 -76.82 -70.44
C GLU A 824 -81.16 -76.91 -69.18
N PRO A 825 -80.33 -75.90 -68.89
CA PRO A 825 -79.68 -75.83 -67.59
C PRO A 825 -80.65 -75.54 -66.47
N ILE A 826 -80.17 -75.40 -65.25
CA ILE A 826 -81.03 -75.19 -64.09
C ILE A 826 -80.61 -73.90 -63.41
N LYS A 827 -81.50 -72.91 -63.44
CA LYS A 827 -81.28 -71.61 -62.78
C LYS A 827 -79.96 -70.98 -63.20
N GLU A 828 -79.79 -70.79 -64.50
CA GLU A 828 -78.59 -70.16 -65.01
C GLU A 828 -78.68 -68.64 -64.87
N TYR A 829 -77.58 -68.02 -64.49
CA TYR A 829 -77.47 -66.56 -64.47
C TYR A 829 -76.67 -66.03 -65.65
N ARG A 830 -76.39 -66.87 -66.64
CA ARG A 830 -75.47 -66.51 -67.71
C ARG A 830 -75.65 -67.51 -68.84
N ARG A 831 -75.57 -67.03 -70.07
CA ARG A 831 -75.62 -67.90 -71.23
C ARG A 831 -74.90 -67.22 -72.38
N GLU A 832 -74.52 -68.03 -73.37
CA GLU A 832 -73.83 -67.51 -74.55
C GLU A 832 -74.82 -66.83 -75.48
N GLY A 833 -74.35 -65.83 -76.21
CA GLY A 833 -75.16 -65.11 -77.15
C GLY A 833 -74.42 -64.83 -78.44
N PRO A 834 -75.07 -64.10 -79.35
CA PRO A 834 -74.40 -63.79 -80.63
C PRO A 834 -73.16 -62.93 -80.47
N ARG A 835 -73.27 -61.80 -79.79
CA ARG A 835 -72.15 -60.88 -79.63
C ARG A 835 -71.35 -61.14 -78.36
N GLY A 836 -71.80 -62.05 -77.50
CA GLY A 836 -71.12 -62.32 -76.26
C GLY A 836 -72.04 -62.91 -75.22
N PRO A 837 -71.55 -63.05 -74.00
CA PRO A 837 -72.38 -63.63 -72.94
C PRO A 837 -73.59 -62.76 -72.62
N HIS A 838 -74.68 -63.41 -72.27
CA HIS A 838 -75.92 -62.75 -71.87
C HIS A 838 -76.15 -62.98 -70.38
N LEU A 839 -76.39 -61.90 -69.65
CA LEU A 839 -76.78 -62.01 -68.26
C LEU A 839 -78.25 -62.35 -68.17
N VAL A 840 -78.60 -63.26 -67.26
CA VAL A 840 -79.94 -63.81 -67.15
C VAL A 840 -80.43 -63.58 -65.73
N GLY A 841 -81.64 -63.09 -65.59
CA GLY A 841 -82.27 -62.93 -64.30
C GLY A 841 -82.88 -64.23 -63.83
N PRO A 842 -83.55 -64.19 -62.68
CA PRO A 842 -84.20 -65.40 -62.16
C PRO A 842 -85.26 -65.91 -63.13
N SER A 843 -85.46 -67.22 -63.11
CA SER A 843 -86.40 -67.88 -64.00
C SER A 843 -87.74 -68.07 -63.29
N ARG A 844 -88.82 -67.73 -63.98
CA ARG A 844 -90.15 -67.99 -63.45
C ARG A 844 -90.40 -69.49 -63.43
N CYS A 845 -90.83 -70.01 -62.28
CA CYS A 845 -91.03 -71.44 -62.11
C CYS A 845 -92.44 -71.71 -61.62
N LEU A 846 -93.05 -72.77 -62.15
CA LEU A 846 -94.36 -73.19 -61.70
C LEU A 846 -94.28 -73.84 -60.32
N SER A 847 -95.44 -73.94 -59.67
CA SER A 847 -95.56 -74.61 -58.39
C SER A 847 -96.46 -75.82 -58.55
N HIS A 848 -96.35 -76.75 -57.60
CA HIS A 848 -97.21 -77.93 -57.63
C HIS A 848 -98.67 -77.57 -57.43
N THR A 849 -98.94 -76.39 -56.88
CA THR A 849 -100.31 -75.94 -56.70
C THR A 849 -100.88 -75.28 -57.96
N ASP A 850 -100.04 -74.97 -58.94
CA ASP A 850 -100.53 -74.41 -60.20
C ASP A 850 -101.31 -75.43 -61.02
N PHE A 851 -101.20 -76.71 -60.70
CA PHE A 851 -101.94 -77.76 -61.40
C PHE A 851 -103.24 -78.11 -60.69
N VAL A 852 -103.57 -77.40 -59.62
CA VAL A 852 -104.81 -77.63 -58.88
C VAL A 852 -105.84 -76.63 -59.38
N PRO A 853 -106.89 -77.08 -60.08
CA PRO A 853 -107.91 -76.13 -60.53
C PRO A 853 -108.68 -75.55 -59.35
N CYS A 854 -108.87 -74.23 -59.37
CA CYS A 854 -109.52 -73.50 -58.29
C CYS A 854 -110.65 -72.66 -58.85
N PRO A 855 -111.79 -73.28 -59.15
CA PRO A 855 -112.93 -72.52 -59.65
C PRO A 855 -113.54 -71.66 -58.55
N VAL A 856 -114.28 -70.64 -58.97
CA VAL A 856 -114.94 -69.76 -58.00
C VAL A 856 -116.01 -70.55 -57.25
N ASP A 857 -116.29 -70.11 -56.03
CA ASP A 857 -117.24 -70.82 -55.19
C ASP A 857 -118.65 -70.64 -55.72
N THR A 858 -119.40 -71.75 -55.77
CA THR A 858 -120.79 -71.75 -56.24
C THR A 858 -121.71 -72.39 -55.21
N VAL A 859 -121.31 -72.37 -53.94
CA VAL A 859 -122.14 -72.93 -52.87
C VAL A 859 -123.45 -72.17 -52.75
N GLN A 860 -123.39 -70.84 -52.91
CA GLN A 860 -124.58 -70.00 -52.80
C GLN A 860 -125.46 -70.25 -54.03
N ILE A 861 -126.24 -71.32 -53.94
CA ILE A 861 -127.15 -71.69 -55.04
C ILE A 861 -128.45 -70.93 -54.79
N VAL A 862 -128.45 -69.67 -55.21
CA VAL A 862 -129.61 -68.79 -55.08
C VAL A 862 -129.71 -67.99 -56.38
N LEU A 863 -130.56 -68.41 -57.25
CA LEU A 863 -130.72 -67.63 -58.46
C LEU A 863 -132.10 -67.01 -58.52
N PRO A 864 -132.22 -65.83 -59.12
CA PRO A 864 -133.55 -65.27 -59.36
C PRO A 864 -134.36 -66.21 -60.24
N PRO A 865 -135.68 -66.27 -60.03
CA PRO A 865 -136.49 -67.23 -60.80
C PRO A 865 -136.43 -67.02 -62.30
N HIS A 866 -136.31 -65.78 -62.75
CA HIS A 866 -136.18 -65.51 -64.18
C HIS A 866 -134.87 -66.06 -64.74
N LEU A 867 -133.76 -65.86 -64.03
CA LEU A 867 -132.51 -66.49 -64.44
C LEU A 867 -132.62 -68.01 -64.40
N GLU A 868 -133.34 -68.55 -63.42
CA GLU A 868 -133.54 -69.99 -63.35
C GLU A 868 -134.27 -70.51 -64.58
N ARG A 869 -135.30 -69.79 -65.03
CA ARG A 869 -136.09 -70.30 -66.15
C ARG A 869 -135.40 -70.01 -67.48
N ILE A 870 -134.44 -69.09 -67.49
CA ILE A 870 -133.63 -68.91 -68.70
C ILE A 870 -132.40 -69.81 -68.73
N ARG A 871 -132.05 -70.44 -67.60
CA ARG A 871 -130.90 -71.33 -67.57
C ARG A 871 -131.08 -72.52 -68.50
N GLU A 872 -132.26 -73.14 -68.49
CA GLU A 872 -132.52 -74.27 -69.36
C GLU A 872 -132.50 -73.88 -70.83
N LYS A 873 -133.05 -72.70 -71.15
CA LYS A 873 -133.04 -72.23 -72.53
C LYS A 873 -131.61 -71.90 -72.97
N LEU A 874 -130.79 -71.36 -72.07
CA LEU A 874 -129.37 -71.16 -72.39
C LEU A 874 -128.67 -72.48 -72.66
N ALA A 875 -129.01 -73.51 -71.88
CA ALA A 875 -128.48 -74.85 -72.16
C ALA A 875 -128.88 -75.32 -73.55
N GLU A 876 -130.15 -75.17 -73.92
CA GLU A 876 -130.59 -75.55 -75.26
C GLU A 876 -129.84 -74.78 -76.33
N ASN A 877 -129.66 -73.48 -76.12
CA ASN A 877 -129.00 -72.66 -77.14
C ASN A 877 -127.54 -73.06 -77.31
N ILE A 878 -126.79 -73.19 -76.20
CA ILE A 878 -125.40 -73.59 -76.32
C ILE A 878 -125.29 -74.98 -76.91
N HIS A 879 -126.27 -75.85 -76.64
CA HIS A 879 -126.35 -77.13 -77.33
C HIS A 879 -126.41 -76.92 -78.83
N GLU A 880 -127.27 -75.99 -79.27
CA GLU A 880 -127.40 -75.73 -80.70
C GLU A 880 -126.12 -75.18 -81.31
N LEU A 881 -125.43 -74.27 -80.59
CA LEU A 881 -124.18 -73.74 -81.12
C LEU A 881 -123.09 -74.81 -81.23
N TRP A 882 -122.94 -75.67 -80.22
CA TRP A 882 -121.87 -76.66 -80.36
C TRP A 882 -122.25 -77.76 -81.33
N ALA A 883 -123.56 -77.97 -81.53
CA ALA A 883 -124.01 -78.81 -82.64
C ALA A 883 -123.65 -78.19 -83.98
N LEU A 884 -123.79 -76.86 -84.09
CA LEU A 884 -123.38 -76.18 -85.32
C LEU A 884 -121.89 -76.31 -85.56
N THR A 885 -121.09 -76.21 -84.49
CA THR A 885 -119.65 -76.41 -84.64
C THR A 885 -119.33 -77.83 -85.07
N ARG A 886 -120.05 -78.81 -84.54
CA ARG A 886 -119.89 -80.19 -85.01
C ARG A 886 -120.27 -80.32 -86.48
N ILE A 887 -121.30 -79.59 -86.92
CA ILE A 887 -121.63 -79.55 -88.34
C ILE A 887 -120.46 -79.02 -89.15
N GLU A 888 -119.89 -77.89 -88.71
CA GLU A 888 -118.75 -77.32 -89.43
C GLU A 888 -117.58 -78.29 -89.47
N GLN A 889 -117.40 -79.07 -88.40
CA GLN A 889 -116.37 -80.11 -88.40
C GLN A 889 -116.75 -81.31 -89.27
N GLY A 890 -118.03 -81.50 -89.56
CA GLY A 890 -118.47 -82.58 -90.41
C GLY A 890 -119.36 -83.62 -89.77
N TRP A 891 -119.95 -83.33 -88.61
CA TRP A 891 -120.80 -84.31 -87.94
C TRP A 891 -122.16 -84.41 -88.62
N THR A 892 -122.77 -85.59 -88.53
CA THR A 892 -124.10 -85.86 -89.06
C THR A 892 -124.93 -86.52 -87.97
N TYR A 893 -126.20 -86.78 -88.29
CA TYR A 893 -127.10 -87.41 -87.33
C TYR A 893 -126.85 -88.91 -87.25
N GLY A 894 -126.94 -89.45 -86.04
CA GLY A 894 -126.79 -90.87 -85.82
C GLY A 894 -127.15 -91.26 -84.39
N PRO A 895 -127.72 -92.45 -84.22
CA PRO A 895 -128.06 -92.89 -82.86
C PRO A 895 -126.86 -93.03 -81.95
N VAL A 896 -125.68 -93.27 -82.51
CA VAL A 896 -124.44 -93.35 -81.74
C VAL A 896 -123.75 -91.99 -81.77
N ARG A 897 -123.18 -91.58 -80.65
CA ARG A 897 -122.50 -90.30 -80.51
C ARG A 897 -120.99 -90.57 -80.49
N ASP A 898 -120.36 -90.42 -81.65
CA ASP A 898 -118.92 -90.66 -81.78
C ASP A 898 -118.28 -89.49 -82.51
N ASP A 899 -117.08 -89.12 -82.08
CA ASP A 899 -116.34 -88.05 -82.75
C ASP A 899 -115.80 -88.52 -84.09
N ASN A 900 -115.23 -89.72 -84.14
CA ASN A 900 -114.69 -90.23 -85.40
C ASN A 900 -115.79 -90.58 -86.39
N LYS A 901 -116.87 -91.19 -85.91
CA LYS A 901 -117.95 -91.59 -86.80
C LYS A 901 -118.80 -90.40 -87.26
N ARG A 902 -118.68 -89.26 -86.58
CA ARG A 902 -119.41 -88.03 -86.93
C ARG A 902 -120.92 -88.28 -86.98
N LEU A 903 -121.42 -89.05 -86.02
CA LEU A 903 -122.85 -89.29 -85.85
C LEU A 903 -123.27 -88.70 -84.51
N HIS A 904 -124.46 -88.10 -84.48
CA HIS A 904 -124.88 -87.36 -83.30
C HIS A 904 -126.39 -87.37 -83.16
N PRO A 905 -126.94 -87.88 -82.05
CA PRO A 905 -128.39 -87.82 -81.85
C PRO A 905 -128.89 -86.43 -81.51
N CYS A 906 -128.10 -85.64 -80.79
CA CYS A 906 -128.44 -84.27 -80.45
C CYS A 906 -128.49 -83.35 -81.68
N LEU A 907 -127.91 -83.79 -82.80
CA LEU A 907 -127.75 -82.93 -83.96
C LEU A 907 -128.99 -82.96 -84.86
N VAL A 908 -130.14 -82.62 -84.32
CA VAL A 908 -131.35 -82.44 -85.13
C VAL A 908 -131.93 -81.06 -84.87
N ASN A 909 -132.24 -80.79 -83.61
CA ASN A 909 -132.82 -79.52 -83.19
C ASN A 909 -132.75 -79.45 -81.67
N PHE A 910 -132.94 -78.25 -81.13
CA PHE A 910 -132.93 -78.08 -79.68
C PHE A 910 -134.09 -78.82 -79.02
N HIS A 911 -135.28 -78.76 -79.63
CA HIS A 911 -136.41 -79.50 -79.09
C HIS A 911 -136.33 -80.97 -79.45
N SER A 912 -135.83 -81.27 -80.66
CA SER A 912 -135.75 -82.66 -81.09
C SER A 912 -134.68 -83.46 -80.34
N LEU A 913 -133.65 -82.78 -79.85
CA LEU A 913 -132.61 -83.48 -79.09
C LEU A 913 -133.21 -84.01 -77.79
N PRO A 914 -132.86 -85.23 -77.38
CA PRO A 914 -133.50 -85.83 -76.21
C PRO A 914 -133.29 -85.00 -74.94
N GLU A 915 -134.35 -84.91 -74.13
CA GLU A 915 -134.27 -84.15 -72.89
C GLU A 915 -133.26 -84.71 -71.90
N PRO A 916 -133.16 -86.04 -71.68
CA PRO A 916 -132.07 -86.53 -70.81
C PRO A 916 -130.69 -86.16 -71.30
N GLU A 917 -130.49 -86.15 -72.62
CA GLU A 917 -129.22 -85.68 -73.17
C GLU A 917 -129.03 -84.19 -72.92
N ARG A 918 -130.13 -83.43 -72.98
CA ARG A 918 -130.07 -82.00 -72.70
C ARG A 918 -129.64 -81.74 -71.27
N ASN A 919 -130.20 -82.49 -70.32
CA ASN A 919 -129.91 -82.30 -68.90
C ASN A 919 -128.49 -82.70 -68.54
N TYR A 920 -127.76 -83.34 -69.45
CA TYR A 920 -126.35 -83.61 -69.20
C TYR A 920 -125.57 -82.33 -68.96
N ASN A 921 -125.86 -81.29 -69.74
CA ASN A 921 -125.19 -80.01 -69.61
C ASN A 921 -126.04 -78.98 -68.86
N LEU A 922 -127.18 -79.37 -68.30
CA LEU A 922 -127.98 -78.42 -67.53
C LEU A 922 -127.25 -77.96 -66.28
N GLN A 923 -126.53 -78.86 -65.63
CA GLN A 923 -125.76 -78.49 -64.44
C GLN A 923 -124.74 -77.39 -64.77
N MET A 924 -123.93 -77.62 -65.80
CA MET A 924 -122.93 -76.62 -66.19
C MET A 924 -123.60 -75.34 -66.69
N SER A 925 -124.73 -75.47 -67.38
CA SER A 925 -125.44 -74.28 -67.87
C SER A 925 -125.91 -73.41 -66.71
N GLY A 926 -126.46 -74.03 -65.67
CA GLY A 926 -126.81 -73.27 -64.48
C GLY A 926 -125.60 -72.70 -63.79
N GLU A 927 -124.49 -73.44 -63.81
CA GLU A 927 -123.24 -72.90 -63.27
C GLU A 927 -122.79 -71.67 -64.02
N THR A 928 -123.07 -71.57 -65.33
CA THR A 928 -122.72 -70.36 -66.05
C THR A 928 -123.38 -69.13 -65.41
N LEU A 929 -124.69 -69.20 -65.15
CA LEU A 929 -125.37 -68.08 -64.52
C LEU A 929 -124.87 -67.86 -63.09
N LYS A 930 -124.70 -68.95 -62.34
CA LYS A 930 -124.23 -68.83 -60.97
C LYS A 930 -122.84 -68.21 -60.91
N THR A 931 -122.07 -68.33 -62.00
CA THR A 931 -120.71 -67.81 -61.98
C THR A 931 -120.67 -66.29 -62.09
N LEU A 932 -121.46 -65.68 -62.97
CA LEU A 932 -121.49 -64.21 -62.96
C LEU A 932 -122.32 -63.70 -61.81
N LEU A 933 -123.10 -64.58 -61.17
CA LEU A 933 -123.65 -64.20 -59.87
C LEU A 933 -122.56 -64.10 -58.81
N ALA A 934 -121.65 -65.08 -58.77
CA ALA A 934 -120.63 -65.13 -57.73
C ALA A 934 -119.52 -64.12 -57.99
N LEU A 935 -119.19 -63.88 -59.25
CA LEU A 935 -118.10 -62.99 -59.64
C LEU A 935 -118.35 -61.54 -59.29
N GLY A 936 -119.58 -61.19 -58.90
CA GLY A 936 -119.93 -59.82 -58.64
C GLY A 936 -120.68 -59.12 -59.74
N CYS A 937 -120.86 -59.77 -60.89
CA CYS A 937 -121.61 -59.17 -61.97
C CYS A 937 -123.09 -59.05 -61.62
N HIS A 938 -123.67 -57.89 -61.90
CA HIS A 938 -125.08 -57.64 -61.65
C HIS A 938 -125.88 -57.97 -62.89
N VAL A 939 -126.73 -59.00 -62.81
CA VAL A 939 -127.56 -59.43 -63.92
C VAL A 939 -129.02 -59.39 -63.47
N GLY A 940 -129.86 -58.74 -64.27
CA GLY A 940 -131.27 -58.64 -63.96
C GLY A 940 -132.07 -58.64 -65.24
N MET A 941 -133.40 -58.56 -65.07
CA MET A 941 -134.32 -58.59 -66.20
C MET A 941 -134.63 -57.16 -66.63
N ALA A 942 -133.71 -56.59 -67.42
CA ALA A 942 -133.95 -55.27 -67.97
C ALA A 942 -134.96 -55.31 -69.12
N ASP A 943 -134.92 -56.37 -69.93
CA ASP A 943 -135.77 -56.49 -71.11
C ASP A 943 -136.45 -57.85 -71.12
N GLU A 944 -137.76 -57.84 -71.38
CA GLU A 944 -138.52 -59.07 -71.62
C GLU A 944 -139.01 -59.21 -73.05
N LYS A 945 -139.42 -58.11 -73.68
CA LYS A 945 -139.79 -58.17 -75.09
C LYS A 945 -138.60 -58.54 -75.97
N ALA A 946 -137.39 -58.28 -75.50
CA ALA A 946 -136.20 -58.75 -76.22
C ALA A 946 -136.16 -60.26 -76.26
N GLU A 947 -136.45 -60.91 -75.12
CA GLU A 947 -136.55 -62.36 -75.11
C GLU A 947 -137.74 -62.83 -75.93
N ASP A 948 -138.85 -62.10 -75.89
CA ASP A 948 -140.04 -62.51 -76.62
C ASP A 948 -139.81 -62.51 -78.13
N ASN A 949 -139.14 -61.49 -78.65
CA ASN A 949 -138.97 -61.33 -80.09
C ASN A 949 -137.50 -61.37 -80.45
N LEU A 950 -137.10 -62.38 -81.22
CA LEU A 950 -135.74 -62.51 -81.73
C LEU A 950 -135.77 -63.20 -83.07
N LYS A 951 -134.71 -62.99 -83.85
CA LYS A 951 -134.50 -63.78 -85.06
C LYS A 951 -133.78 -65.08 -84.71
N LYS A 952 -133.94 -66.08 -85.56
CA LYS A 952 -133.35 -67.39 -85.36
C LYS A 952 -132.48 -67.75 -86.56
N THR A 953 -131.20 -68.00 -86.32
CA THR A 953 -130.31 -68.50 -87.36
C THR A 953 -130.52 -69.99 -87.55
N LYS A 954 -130.69 -70.42 -88.79
CA LYS A 954 -130.88 -71.82 -89.11
C LYS A 954 -129.74 -72.30 -90.00
N LEU A 955 -129.39 -73.58 -89.83
CA LEU A 955 -128.30 -74.16 -90.60
C LEU A 955 -128.65 -74.16 -92.08
N PRO A 956 -127.68 -73.86 -92.96
CA PRO A 956 -127.97 -73.88 -94.40
C PRO A 956 -128.40 -75.27 -94.86
N LYS A 957 -129.34 -75.28 -95.81
CA LYS A 957 -129.84 -76.55 -96.33
C LYS A 957 -128.78 -77.27 -97.15
N THR A 958 -127.77 -76.55 -97.65
CA THR A 958 -126.69 -77.22 -98.39
C THR A 958 -125.74 -77.94 -97.44
N TYR A 959 -125.28 -77.24 -96.40
CA TYR A 959 -124.45 -77.86 -95.35
C TYR A 959 -125.37 -78.70 -94.46
N MET A 960 -125.79 -79.83 -94.99
CA MET A 960 -126.90 -80.58 -94.43
C MET A 960 -126.47 -81.87 -93.74
N MET A 961 -127.20 -82.20 -92.69
CA MET A 961 -127.02 -83.38 -91.87
C MET A 961 -128.11 -84.41 -92.12
N SER A 962 -128.01 -85.57 -91.46
CA SER A 962 -128.73 -86.76 -91.90
C SER A 962 -130.24 -86.63 -91.75
N ASN A 963 -130.71 -86.23 -90.57
CA ASN A 963 -132.14 -86.34 -90.29
C ASN A 963 -132.95 -85.40 -91.18
N GLY A 964 -132.38 -84.25 -91.55
CA GLY A 964 -133.02 -83.36 -92.49
C GLY A 964 -133.70 -82.15 -91.90
N TYR A 965 -133.61 -81.94 -90.59
CA TYR A 965 -134.20 -80.75 -90.00
C TYR A 965 -133.12 -79.70 -89.75
N LYS A 966 -133.54 -78.44 -89.76
CA LYS A 966 -132.64 -77.31 -89.57
C LYS A 966 -132.65 -76.86 -88.12
N PRO A 967 -131.56 -77.04 -87.38
CA PRO A 967 -131.50 -76.46 -86.02
C PRO A 967 -131.53 -74.95 -86.09
N ALA A 968 -132.08 -74.33 -85.04
CA ALA A 968 -132.32 -72.89 -85.01
C ALA A 968 -131.73 -72.26 -83.76
N PRO A 969 -130.40 -72.13 -83.69
CA PRO A 969 -129.81 -71.27 -82.66
C PRO A 969 -130.16 -69.82 -82.91
N LEU A 970 -130.10 -69.04 -81.84
CA LEU A 970 -130.55 -67.65 -81.90
C LEU A 970 -129.69 -66.84 -82.86
N ASP A 971 -130.35 -66.06 -83.72
CA ASP A 971 -129.68 -65.14 -84.62
C ASP A 971 -129.32 -63.88 -83.85
N LEU A 972 -128.03 -63.64 -83.66
CA LEU A 972 -127.57 -62.63 -82.72
C LEU A 972 -126.40 -61.82 -83.27
N SER A 973 -126.47 -61.46 -84.55
CA SER A 973 -125.41 -60.62 -85.13
C SER A 973 -125.51 -59.19 -84.63
N HIS A 974 -126.68 -58.80 -84.12
CA HIS A 974 -126.89 -57.42 -83.69
C HIS A 974 -126.30 -57.11 -82.33
N VAL A 975 -125.80 -58.13 -81.62
CA VAL A 975 -125.33 -57.93 -80.25
C VAL A 975 -123.85 -57.58 -80.27
N ARG A 976 -123.49 -56.53 -79.51
CA ARG A 976 -122.10 -56.11 -79.36
C ARG A 976 -121.73 -56.09 -77.89
N LEU A 977 -120.48 -56.43 -77.59
CA LEU A 977 -119.97 -56.52 -76.22
C LEU A 977 -118.88 -55.49 -75.99
N THR A 978 -118.79 -55.01 -74.75
CA THR A 978 -117.72 -54.11 -74.35
C THR A 978 -116.45 -54.91 -74.06
N PRO A 979 -115.29 -54.24 -74.04
CA PRO A 979 -114.07 -54.94 -73.62
C PRO A 979 -114.15 -55.54 -72.22
N ALA A 980 -114.84 -54.86 -71.30
CA ALA A 980 -115.08 -55.46 -69.99
C ALA A 980 -115.91 -56.72 -70.11
N GLN A 981 -116.91 -56.72 -70.99
CA GLN A 981 -117.69 -57.93 -71.24
C GLN A 981 -116.82 -59.04 -71.82
N THR A 982 -115.89 -58.71 -72.72
CA THR A 982 -114.98 -59.73 -73.24
C THR A 982 -114.09 -60.29 -72.14
N THR A 983 -113.63 -59.42 -71.23
CA THR A 983 -112.86 -59.89 -70.08
C THR A 983 -113.70 -60.84 -69.22
N LEU A 984 -114.98 -60.50 -69.02
CA LEU A 984 -115.88 -61.41 -68.32
C LEU A 984 -116.01 -62.73 -69.05
N VAL A 985 -116.04 -62.70 -70.38
CA VAL A 985 -116.09 -63.93 -71.15
C VAL A 985 -114.86 -64.79 -70.88
N ASP A 986 -113.68 -64.16 -70.84
CA ASP A 986 -112.46 -64.91 -70.56
C ASP A 986 -112.48 -65.53 -69.16
N ARG A 987 -112.89 -64.75 -68.15
CA ARG A 987 -112.97 -65.32 -66.81
C ARG A 987 -114.02 -66.43 -66.73
N LEU A 988 -115.11 -66.28 -67.48
CA LEU A 988 -116.15 -67.31 -67.49
C LEU A 988 -115.63 -68.61 -68.10
N ALA A 989 -114.90 -68.51 -69.21
CA ALA A 989 -114.31 -69.69 -69.82
C ALA A 989 -113.30 -70.33 -68.88
N GLU A 990 -112.49 -69.51 -68.22
CA GLU A 990 -111.53 -70.04 -67.25
C GLU A 990 -112.23 -70.81 -66.14
N ASN A 991 -113.30 -70.24 -65.58
CA ASN A 991 -113.96 -70.90 -64.47
C ASN A 991 -114.67 -72.18 -64.91
N GLY A 992 -115.29 -72.16 -66.10
CA GLY A 992 -115.91 -73.37 -66.61
C GLY A 992 -114.91 -74.48 -66.84
N HIS A 993 -113.75 -74.13 -67.42
CA HIS A 993 -112.71 -75.13 -67.61
C HIS A 993 -112.20 -75.66 -66.28
N ASN A 994 -112.05 -74.78 -65.28
CA ASN A 994 -111.60 -75.24 -63.97
C ASN A 994 -112.62 -76.17 -63.32
N VAL A 995 -113.90 -75.86 -63.46
CA VAL A 995 -114.94 -76.74 -62.91
C VAL A 995 -114.88 -78.10 -63.57
N TRP A 996 -114.78 -78.12 -64.91
CA TRP A 996 -114.70 -79.40 -65.61
C TRP A 996 -113.46 -80.18 -65.19
N ALA A 997 -112.33 -79.49 -65.06
CA ALA A 997 -111.09 -80.15 -64.69
C ALA A 997 -111.17 -80.75 -63.28
N ARG A 998 -111.73 -79.99 -62.34
CA ARG A 998 -111.82 -80.51 -60.98
C ARG A 998 -112.81 -81.66 -60.90
N ASP A 999 -113.90 -81.61 -61.68
CA ASP A 999 -114.82 -82.74 -61.71
C ASP A 999 -114.13 -83.99 -62.27
N ARG A 1000 -113.35 -83.82 -63.34
CA ARG A 1000 -112.64 -84.96 -63.92
C ARG A 1000 -111.60 -85.51 -62.94
N VAL A 1001 -110.92 -84.64 -62.22
CA VAL A 1001 -109.96 -85.10 -61.22
C VAL A 1001 -110.67 -85.88 -60.13
N ALA A 1002 -111.81 -85.38 -59.66
CA ALA A 1002 -112.61 -86.15 -58.71
C ALA A 1002 -113.06 -87.48 -59.30
N GLN A 1003 -113.19 -87.55 -60.62
CA GLN A 1003 -113.51 -88.80 -61.29
C GLN A 1003 -112.29 -89.67 -61.57
N GLY A 1004 -111.09 -89.19 -61.27
CA GLY A 1004 -109.89 -89.99 -61.42
C GLY A 1004 -109.06 -89.72 -62.66
N TRP A 1005 -109.32 -88.65 -63.38
CA TRP A 1005 -108.57 -88.35 -64.59
C TRP A 1005 -107.28 -87.60 -64.27
N SER A 1006 -106.32 -87.70 -65.18
CA SER A 1006 -105.02 -87.05 -65.01
C SER A 1006 -104.53 -86.56 -66.36
N TYR A 1007 -103.63 -85.58 -66.32
CA TYR A 1007 -103.12 -85.00 -67.55
C TYR A 1007 -102.11 -85.93 -68.21
N SER A 1008 -102.10 -85.94 -69.54
CA SER A 1008 -101.12 -86.67 -70.32
C SER A 1008 -101.04 -86.04 -71.70
N ALA A 1009 -99.82 -85.92 -72.23
CA ALA A 1009 -99.65 -85.36 -73.56
C ALA A 1009 -100.30 -86.26 -74.61
N VAL A 1010 -100.29 -87.56 -74.39
CA VAL A 1010 -100.94 -88.52 -75.28
C VAL A 1010 -102.25 -88.94 -74.64
N GLN A 1011 -103.35 -88.75 -75.37
CA GLN A 1011 -104.66 -89.10 -74.86
C GLN A 1011 -104.78 -90.61 -74.71
N ASP A 1012 -105.33 -91.05 -73.57
CA ASP A 1012 -105.56 -92.48 -73.31
C ASP A 1012 -106.89 -92.57 -72.56
N ILE A 1013 -107.97 -92.79 -73.32
CA ILE A 1013 -109.30 -92.83 -72.71
C ILE A 1013 -109.45 -93.96 -71.70
N PRO A 1014 -109.05 -95.21 -71.99
CA PRO A 1014 -109.16 -96.26 -70.97
C PRO A 1014 -108.34 -95.97 -69.73
N ALA A 1015 -107.22 -95.27 -69.86
CA ALA A 1015 -106.37 -94.92 -68.73
C ALA A 1015 -106.77 -93.62 -68.06
N ARG A 1016 -107.86 -93.00 -68.51
CA ARG A 1016 -108.36 -91.75 -67.93
C ARG A 1016 -107.29 -90.66 -67.98
N ARG A 1017 -106.62 -90.55 -69.11
CA ARG A 1017 -105.61 -89.54 -69.34
C ARG A 1017 -106.08 -88.62 -70.46
N ASN A 1018 -106.06 -87.31 -70.21
CA ASN A 1018 -106.63 -86.35 -71.13
C ASN A 1018 -105.63 -85.22 -71.38
N PRO A 1019 -105.41 -84.83 -72.64
CA PRO A 1019 -104.48 -83.72 -72.93
C PRO A 1019 -104.98 -82.38 -72.44
N ARG A 1020 -106.28 -82.23 -72.18
CA ARG A 1020 -106.83 -80.97 -71.71
C ARG A 1020 -107.04 -80.94 -70.21
N LEU A 1021 -106.62 -81.99 -69.50
CA LEU A 1021 -106.79 -82.07 -68.05
C LEU A 1021 -105.75 -81.20 -67.35
N VAL A 1022 -105.79 -79.92 -67.67
CA VAL A 1022 -104.87 -78.93 -67.08
C VAL A 1022 -105.64 -77.65 -66.81
N PRO A 1023 -105.21 -76.90 -65.80
CA PRO A 1023 -105.86 -75.61 -65.53
C PRO A 1023 -105.82 -74.68 -66.73
N TYR A 1024 -106.75 -73.72 -66.73
CA TYR A 1024 -106.96 -72.86 -67.89
C TYR A 1024 -105.71 -72.07 -68.23
N ARG A 1025 -105.01 -71.57 -67.21
CA ARG A 1025 -103.82 -70.77 -67.46
C ARG A 1025 -102.72 -71.57 -68.14
N LEU A 1026 -102.61 -72.87 -67.84
CA LEU A 1026 -101.67 -73.72 -68.55
C LEU A 1026 -102.22 -74.28 -69.85
N LEU A 1027 -103.53 -74.14 -70.10
CA LEU A 1027 -104.11 -74.67 -71.32
C LEU A 1027 -103.54 -73.94 -72.54
N ASP A 1028 -103.50 -74.64 -73.67
CA ASP A 1028 -102.94 -74.07 -74.88
C ASP A 1028 -103.90 -73.05 -75.50
N GLU A 1029 -103.35 -72.24 -76.41
CA GLU A 1029 -104.12 -71.14 -76.97
C GLU A 1029 -105.29 -71.60 -77.82
N ALA A 1030 -105.15 -72.72 -78.54
CA ALA A 1030 -106.24 -73.16 -79.40
C ALA A 1030 -107.48 -73.53 -78.58
N THR A 1031 -107.30 -74.39 -77.57
CA THR A 1031 -108.43 -74.75 -76.73
C THR A 1031 -108.91 -73.57 -75.89
N LYS A 1032 -107.98 -72.70 -75.49
CA LYS A 1032 -108.37 -71.50 -74.75
C LYS A 1032 -109.30 -70.63 -75.59
N ARG A 1033 -108.95 -70.42 -76.86
CA ARG A 1033 -109.79 -69.62 -77.74
C ARG A 1033 -111.10 -70.31 -78.04
N SER A 1034 -111.08 -71.64 -78.17
CA SER A 1034 -112.33 -72.36 -78.41
C SER A 1034 -113.31 -72.19 -77.24
N ASN A 1035 -112.82 -72.41 -76.02
CA ASN A 1035 -113.67 -72.21 -74.85
C ASN A 1035 -114.11 -70.77 -74.71
N ARG A 1036 -113.22 -69.83 -75.05
CA ARG A 1036 -113.58 -68.42 -75.02
C ARG A 1036 -114.70 -68.12 -76.00
N ASP A 1037 -114.65 -68.71 -77.20
CA ASP A 1037 -115.72 -68.51 -78.18
C ASP A 1037 -117.02 -69.11 -77.69
N SER A 1038 -116.97 -70.29 -77.06
CA SER A 1038 -118.20 -70.89 -76.56
C SER A 1038 -118.85 -70.01 -75.49
N LEU A 1039 -118.04 -69.56 -74.51
CA LEU A 1039 -118.59 -68.66 -73.50
C LEU A 1039 -119.01 -67.33 -74.09
N CYS A 1040 -118.35 -66.89 -75.15
CA CYS A 1040 -118.76 -65.66 -75.83
C CYS A 1040 -120.13 -65.82 -76.46
N GLN A 1041 -120.39 -66.98 -77.06
CA GLN A 1041 -121.72 -67.24 -77.60
C GLN A 1041 -122.77 -67.30 -76.49
N ALA A 1042 -122.41 -67.88 -75.33
CA ALA A 1042 -123.33 -67.87 -74.21
C ALA A 1042 -123.67 -66.45 -73.77
N VAL A 1043 -122.64 -65.59 -73.66
CA VAL A 1043 -122.87 -64.20 -73.30
C VAL A 1043 -123.66 -63.49 -74.39
N ARG A 1044 -123.42 -63.86 -75.65
CA ARG A 1044 -124.21 -63.31 -76.75
C ARG A 1044 -125.69 -63.64 -76.56
N THR A 1045 -125.99 -64.87 -76.19
CA THR A 1045 -127.38 -65.25 -75.94
C THR A 1045 -127.97 -64.45 -74.79
N LEU A 1046 -127.20 -64.31 -73.70
CA LEU A 1046 -127.69 -63.56 -72.55
C LEU A 1046 -127.98 -62.10 -72.92
N LEU A 1047 -127.10 -61.48 -73.70
CA LEU A 1047 -127.32 -60.11 -74.14
C LEU A 1047 -128.48 -60.00 -75.13
N GLY A 1048 -128.60 -60.98 -76.03
CA GLY A 1048 -129.67 -60.94 -77.01
C GLY A 1048 -131.04 -61.04 -76.38
N TYR A 1049 -131.15 -61.81 -75.29
CA TYR A 1049 -132.39 -61.78 -74.52
C TYR A 1049 -132.61 -60.43 -73.83
N GLY A 1050 -131.70 -59.48 -73.99
CA GLY A 1050 -131.87 -58.15 -73.46
C GLY A 1050 -131.48 -57.97 -72.02
N TYR A 1051 -130.88 -58.98 -71.38
CA TYR A 1051 -130.59 -58.89 -69.96
C TYR A 1051 -129.39 -57.98 -69.73
N ASN A 1052 -129.46 -57.16 -68.69
CA ASN A 1052 -128.35 -56.29 -68.34
C ASN A 1052 -127.24 -57.10 -67.70
N ILE A 1053 -126.01 -56.90 -68.17
CA ILE A 1053 -124.83 -57.57 -67.63
C ILE A 1053 -123.87 -56.48 -67.17
N GLU A 1054 -123.65 -56.41 -65.86
CA GLU A 1054 -122.84 -55.35 -65.27
C GLU A 1054 -121.44 -55.88 -65.01
N PRO A 1055 -120.40 -55.34 -65.66
CA PRO A 1055 -119.04 -55.78 -65.38
C PRO A 1055 -118.59 -55.35 -64.00
N PRO A 1056 -118.16 -56.29 -63.16
CA PRO A 1056 -117.68 -55.93 -61.82
C PRO A 1056 -116.40 -55.12 -61.89
N ASP A 1057 -116.20 -54.30 -60.86
CA ASP A 1057 -114.95 -53.56 -60.70
C ASP A 1057 -113.85 -54.56 -60.41
N GLN A 1058 -112.92 -54.72 -61.36
CA GLN A 1058 -111.87 -55.71 -61.22
C GLN A 1058 -110.98 -55.40 -60.04
N GLU A 1059 -110.66 -56.43 -59.24
CA GLU A 1059 -109.82 -56.27 -58.07
C GLU A 1059 -108.44 -56.84 -58.34
N PRO A 1060 -107.41 -56.00 -58.45
CA PRO A 1060 -106.06 -56.53 -58.72
C PRO A 1060 -105.52 -57.32 -57.54
N SER A 1061 -104.64 -58.27 -57.86
CA SER A 1061 -103.99 -59.09 -56.84
C SER A 1061 -102.59 -59.43 -57.32
N GLN A 1062 -101.68 -59.62 -56.36
CA GLN A 1062 -100.30 -59.95 -56.64
C GLN A 1062 -100.01 -61.36 -56.13
N VAL A 1063 -99.70 -62.27 -57.04
CA VAL A 1063 -99.57 -63.68 -56.69
C VAL A 1063 -98.32 -63.93 -55.83
N GLU A 1064 -97.21 -63.29 -56.19
CA GLU A 1064 -95.91 -63.53 -55.55
C GLU A 1064 -95.55 -65.02 -55.61
N ASN A 1065 -95.37 -65.50 -56.84
CA ASN A 1065 -95.03 -66.91 -57.03
C ASN A 1065 -93.67 -67.23 -56.43
N GLN A 1066 -92.70 -66.35 -56.58
CA GLN A 1066 -91.37 -66.53 -56.03
C GLN A 1066 -91.23 -65.76 -54.72
N SER A 1067 -90.17 -66.08 -53.98
CA SER A 1067 -89.89 -65.40 -52.73
C SER A 1067 -89.49 -63.94 -53.01
N ARG A 1068 -89.28 -63.19 -51.93
CA ARG A 1068 -88.93 -61.79 -52.08
C ARG A 1068 -87.55 -61.61 -52.68
N TRP A 1069 -86.61 -62.51 -52.39
CA TRP A 1069 -85.22 -62.33 -52.79
C TRP A 1069 -84.90 -62.90 -54.15
N ASP A 1070 -85.49 -64.03 -54.53
CA ASP A 1070 -85.25 -64.60 -55.85
C ASP A 1070 -86.10 -63.88 -56.89
N ARG A 1071 -86.01 -62.56 -56.91
CA ARG A 1071 -86.70 -61.73 -57.89
C ARG A 1071 -85.75 -60.82 -58.67
N VAL A 1072 -84.72 -60.28 -58.02
CA VAL A 1072 -83.77 -59.39 -58.65
C VAL A 1072 -82.37 -59.97 -58.47
N ARG A 1073 -81.63 -60.07 -59.56
CA ARG A 1073 -80.26 -60.54 -59.55
C ARG A 1073 -79.37 -59.40 -60.02
N ILE A 1074 -78.39 -59.03 -59.18
CA ILE A 1074 -77.56 -57.86 -59.43
C ILE A 1074 -76.18 -58.32 -59.88
N PHE A 1075 -75.70 -57.74 -60.98
CA PHE A 1075 -74.37 -58.03 -61.50
C PHE A 1075 -73.54 -56.76 -61.44
N ARG A 1076 -72.37 -56.84 -60.81
CA ARG A 1076 -71.46 -55.71 -60.72
C ARG A 1076 -70.05 -56.16 -60.99
N ALA A 1077 -69.21 -55.22 -61.40
CA ALA A 1077 -67.80 -55.50 -61.58
C ALA A 1077 -67.11 -55.67 -60.24
N GLU A 1078 -65.93 -56.27 -60.27
CA GLU A 1078 -65.16 -56.46 -59.06
C GLU A 1078 -64.70 -55.12 -58.48
N LYS A 1079 -64.59 -55.07 -57.16
CA LYS A 1079 -64.24 -53.83 -56.48
C LYS A 1079 -62.88 -53.29 -56.90
N SER A 1080 -61.98 -54.15 -57.39
CA SER A 1080 -60.68 -53.68 -57.83
C SER A 1080 -60.75 -52.82 -59.08
N TYR A 1081 -61.88 -52.79 -59.77
CA TYR A 1081 -62.08 -51.96 -60.95
C TYR A 1081 -62.71 -50.62 -60.62
N THR A 1082 -62.80 -50.28 -59.35
CA THR A 1082 -63.42 -49.03 -58.93
C THR A 1082 -62.67 -47.84 -59.53
N VAL A 1083 -63.42 -46.89 -60.08
CA VAL A 1083 -62.86 -45.72 -60.74
C VAL A 1083 -63.18 -44.49 -59.90
N GLN A 1084 -62.16 -43.67 -59.65
CA GLN A 1084 -62.31 -42.44 -58.89
C GLN A 1084 -61.95 -41.19 -59.69
N SER A 1085 -61.62 -41.33 -60.97
CA SER A 1085 -61.33 -40.18 -61.82
C SER A 1085 -61.52 -40.60 -63.27
N GLY A 1086 -61.61 -39.60 -64.14
CA GLY A 1086 -61.74 -39.85 -65.55
C GLY A 1086 -63.18 -39.93 -66.01
N ARG A 1087 -63.35 -40.13 -67.31
CA ARG A 1087 -64.64 -40.24 -67.95
C ARG A 1087 -64.77 -41.62 -68.58
N TRP A 1088 -65.81 -42.36 -68.20
CA TRP A 1088 -65.94 -43.76 -68.57
C TRP A 1088 -67.29 -44.01 -69.22
N TYR A 1089 -67.37 -45.10 -69.97
CA TYR A 1089 -68.51 -45.42 -70.81
C TYR A 1089 -68.66 -46.92 -70.93
N PHE A 1090 -69.91 -47.38 -70.94
CA PHE A 1090 -70.21 -48.78 -71.25
C PHE A 1090 -71.66 -48.86 -71.73
N GLU A 1091 -71.98 -50.00 -72.34
CA GLU A 1091 -73.29 -50.20 -72.96
C GLU A 1091 -74.00 -51.38 -72.31
N PHE A 1092 -75.33 -51.32 -72.32
CA PHE A 1092 -76.17 -52.40 -71.81
C PHE A 1092 -77.34 -52.60 -72.76
N GLU A 1093 -77.30 -53.67 -73.53
CA GLU A 1093 -78.36 -53.99 -74.47
C GLU A 1093 -79.48 -54.72 -73.75
N ALA A 1094 -80.71 -54.26 -73.95
CA ALA A 1094 -81.89 -54.87 -73.33
C ALA A 1094 -82.46 -55.89 -74.31
N VAL A 1095 -82.08 -57.15 -74.12
CA VAL A 1095 -82.66 -58.22 -74.94
C VAL A 1095 -84.15 -58.32 -74.69
N THR A 1096 -84.55 -58.28 -73.43
CA THR A 1096 -85.95 -58.21 -73.05
C THR A 1096 -86.33 -56.76 -72.78
N THR A 1097 -87.59 -56.53 -72.41
CA THR A 1097 -88.10 -55.19 -72.18
C THR A 1097 -88.67 -55.01 -70.79
N GLY A 1098 -88.37 -55.90 -69.85
CA GLY A 1098 -88.96 -55.88 -68.53
C GLY A 1098 -88.19 -55.04 -67.53
N GLU A 1099 -88.30 -55.42 -66.27
CA GLU A 1099 -87.71 -54.68 -65.15
C GLU A 1099 -86.22 -54.95 -65.10
N MET A 1100 -85.42 -54.03 -65.65
CA MET A 1100 -83.97 -54.09 -65.55
C MET A 1100 -83.44 -52.69 -65.30
N ARG A 1101 -82.45 -52.59 -64.43
CA ARG A 1101 -81.82 -51.32 -64.08
C ARG A 1101 -80.34 -51.41 -64.35
N VAL A 1102 -79.78 -50.34 -64.91
CA VAL A 1102 -78.35 -50.30 -65.24
C VAL A 1102 -77.81 -48.94 -64.85
N GLY A 1103 -76.58 -48.92 -64.35
CA GLY A 1103 -75.94 -47.68 -63.97
C GLY A 1103 -74.62 -47.85 -63.28
N TRP A 1104 -74.35 -46.98 -62.30
CA TRP A 1104 -73.11 -47.00 -61.53
C TRP A 1104 -73.44 -47.20 -60.06
N ALA A 1105 -72.59 -47.96 -59.38
CA ALA A 1105 -72.80 -48.27 -57.97
C ALA A 1105 -71.48 -48.12 -57.22
N ARG A 1106 -71.60 -47.87 -55.92
CA ARG A 1106 -70.44 -47.79 -55.06
C ARG A 1106 -70.00 -49.18 -54.63
N PRO A 1107 -68.73 -49.34 -54.27
CA PRO A 1107 -68.22 -50.68 -53.93
C PRO A 1107 -68.94 -51.34 -52.77
N GLU A 1108 -69.48 -50.57 -51.83
CA GLU A 1108 -70.16 -51.13 -50.67
C GLU A 1108 -71.62 -51.45 -50.95
N LEU A 1109 -71.99 -51.62 -52.22
CA LEU A 1109 -73.38 -51.91 -52.57
C LEU A 1109 -73.85 -53.19 -51.90
N ARG A 1110 -75.03 -53.12 -51.30
CA ARG A 1110 -75.59 -54.29 -50.63
C ARG A 1110 -76.25 -55.21 -51.66
N PRO A 1111 -76.20 -56.53 -51.46
CA PRO A 1111 -76.78 -57.44 -52.46
C PRO A 1111 -78.29 -57.60 -52.34
N ASP A 1112 -78.88 -57.31 -51.19
CA ASP A 1112 -80.29 -57.56 -50.95
C ASP A 1112 -81.15 -56.30 -50.99
N VAL A 1113 -80.67 -55.24 -51.63
CA VAL A 1113 -81.42 -54.00 -51.76
C VAL A 1113 -81.56 -53.67 -53.23
N GLU A 1114 -82.76 -53.24 -53.62
CA GLU A 1114 -83.00 -52.85 -55.00
C GLU A 1114 -82.08 -51.70 -55.39
N LEU A 1115 -81.58 -51.74 -56.62
CA LEU A 1115 -80.68 -50.70 -57.10
C LEU A 1115 -81.36 -49.35 -57.07
N GLY A 1116 -80.70 -48.36 -56.49
CA GLY A 1116 -81.22 -47.02 -56.41
C GLY A 1116 -82.17 -46.76 -55.27
N ALA A 1117 -82.62 -47.80 -54.58
CA ALA A 1117 -83.46 -47.61 -53.40
C ALA A 1117 -82.69 -46.95 -52.26
N ASP A 1118 -81.35 -46.99 -52.32
CA ASP A 1118 -80.52 -46.34 -51.33
C ASP A 1118 -79.49 -45.44 -52.03
N GLU A 1119 -78.52 -44.95 -51.28
CA GLU A 1119 -77.54 -44.00 -51.80
C GLU A 1119 -76.33 -44.67 -52.44
N LEU A 1120 -76.39 -45.98 -52.66
CA LEU A 1120 -75.23 -46.72 -53.12
C LEU A 1120 -75.25 -47.03 -54.62
N ALA A 1121 -76.21 -46.49 -55.37
CA ALA A 1121 -76.26 -46.74 -56.79
C ALA A 1121 -76.99 -45.60 -57.50
N TYR A 1122 -76.59 -45.35 -58.75
CA TYR A 1122 -77.25 -44.39 -59.63
C TYR A 1122 -77.59 -45.14 -60.92
N VAL A 1123 -78.81 -45.65 -61.01
CA VAL A 1123 -79.19 -46.53 -62.12
C VAL A 1123 -80.34 -45.89 -62.88
N PHE A 1124 -80.59 -46.45 -64.07
CA PHE A 1124 -81.69 -46.03 -64.93
C PHE A 1124 -82.57 -47.23 -65.22
N ASN A 1125 -83.85 -47.12 -64.86
CA ASN A 1125 -84.82 -48.18 -65.07
C ASN A 1125 -85.53 -47.93 -66.39
N GLY A 1126 -85.18 -48.70 -67.40
CA GLY A 1126 -85.74 -48.53 -68.72
C GLY A 1126 -87.08 -49.19 -68.97
N HIS A 1127 -87.64 -49.87 -67.97
CA HIS A 1127 -88.95 -50.47 -68.17
C HIS A 1127 -90.03 -49.41 -68.28
N ARG A 1128 -90.00 -48.41 -67.40
CA ARG A 1128 -90.98 -47.33 -67.42
C ARG A 1128 -90.31 -45.96 -67.44
N GLY A 1129 -89.01 -45.91 -67.68
CA GLY A 1129 -88.31 -44.64 -67.76
C GLY A 1129 -88.16 -43.93 -66.44
N GLN A 1130 -87.36 -44.48 -65.53
CA GLN A 1130 -87.10 -43.87 -64.24
C GLN A 1130 -85.61 -43.90 -63.95
N ARG A 1131 -85.17 -42.94 -63.14
CA ARG A 1131 -83.83 -42.93 -62.59
C ARG A 1131 -83.92 -43.12 -61.09
N TRP A 1132 -83.04 -43.97 -60.54
CA TRP A 1132 -83.14 -44.40 -59.15
C TRP A 1132 -81.89 -44.00 -58.40
N HIS A 1133 -82.07 -43.14 -57.38
CA HIS A 1133 -81.04 -42.90 -56.38
C HIS A 1133 -81.75 -42.32 -55.16
N LEU A 1134 -81.79 -43.09 -54.07
CA LEU A 1134 -82.55 -42.73 -52.88
C LEU A 1134 -84.02 -42.48 -53.25
N GLY A 1135 -84.55 -43.30 -54.13
CA GLY A 1135 -85.91 -43.18 -54.61
C GLY A 1135 -85.96 -43.06 -56.11
N SER A 1136 -87.19 -42.95 -56.62
CA SER A 1136 -87.45 -42.94 -58.05
C SER A 1136 -88.00 -41.58 -58.48
N GLU A 1137 -87.63 -41.16 -59.68
CA GLU A 1137 -88.20 -39.99 -60.32
C GLU A 1137 -88.14 -40.19 -61.83
N PRO A 1138 -89.15 -39.73 -62.56
CA PRO A 1138 -89.22 -40.01 -64.00
C PRO A 1138 -88.02 -39.46 -64.75
N PHE A 1139 -87.58 -40.22 -65.75
CA PHE A 1139 -86.41 -39.84 -66.54
C PHE A 1139 -86.38 -40.68 -67.80
N GLY A 1140 -86.30 -40.04 -68.95
CA GLY A 1140 -86.17 -40.77 -70.18
C GLY A 1140 -87.46 -41.47 -70.59
N ARG A 1141 -87.32 -42.42 -71.50
CA ARG A 1141 -88.43 -43.17 -72.05
C ARG A 1141 -88.16 -44.66 -71.96
N PRO A 1142 -89.21 -45.48 -71.94
CA PRO A 1142 -89.01 -46.93 -71.88
C PRO A 1142 -88.31 -47.45 -73.13
N TRP A 1143 -87.49 -48.48 -72.93
CA TRP A 1143 -86.74 -49.08 -74.02
C TRP A 1143 -87.55 -50.16 -74.72
N GLN A 1144 -87.02 -50.62 -75.85
CA GLN A 1144 -87.60 -51.71 -76.61
C GLN A 1144 -86.57 -52.83 -76.72
N SER A 1145 -86.98 -53.94 -77.32
CA SER A 1145 -86.08 -55.07 -77.48
C SER A 1145 -84.91 -54.67 -78.37
N GLY A 1146 -83.70 -54.95 -77.91
CA GLY A 1146 -82.50 -54.59 -78.64
C GLY A 1146 -82.00 -53.20 -78.40
N ASP A 1147 -82.71 -52.37 -77.64
CA ASP A 1147 -82.23 -51.04 -77.34
C ASP A 1147 -80.98 -51.09 -76.47
N VAL A 1148 -80.02 -50.25 -76.80
CA VAL A 1148 -78.73 -50.20 -76.11
C VAL A 1148 -78.67 -48.94 -75.28
N VAL A 1149 -78.42 -49.09 -73.98
CA VAL A 1149 -78.30 -47.98 -73.06
C VAL A 1149 -76.82 -47.66 -72.89
N GLY A 1150 -76.45 -46.42 -73.15
CA GLY A 1150 -75.08 -45.99 -72.95
C GLY A 1150 -74.91 -45.26 -71.65
N CYS A 1151 -74.19 -45.85 -70.71
CA CYS A 1151 -73.97 -45.26 -69.39
C CYS A 1151 -72.63 -44.57 -69.37
N MET A 1152 -72.62 -43.28 -69.05
CA MET A 1152 -71.41 -42.49 -68.97
C MET A 1152 -71.34 -41.84 -67.59
N ILE A 1153 -70.14 -41.85 -67.00
CA ILE A 1153 -69.88 -41.16 -65.76
C ILE A 1153 -68.71 -40.21 -65.99
N ASP A 1154 -68.87 -38.97 -65.54
CA ASP A 1154 -67.86 -37.92 -65.71
C ASP A 1154 -67.42 -37.50 -64.31
N LEU A 1155 -66.33 -38.09 -63.84
CA LEU A 1155 -65.84 -37.79 -62.50
C LEU A 1155 -65.09 -36.47 -62.44
N THR A 1156 -64.85 -35.82 -63.57
CA THR A 1156 -64.34 -34.45 -63.57
C THR A 1156 -65.45 -33.43 -63.34
N GLU A 1157 -66.63 -33.65 -63.93
CA GLU A 1157 -67.77 -32.78 -63.74
C GLU A 1157 -68.76 -33.31 -62.70
N ASN A 1158 -68.53 -34.51 -62.18
CA ASN A 1158 -69.44 -35.15 -61.21
C ASN A 1158 -70.85 -35.26 -61.77
N THR A 1159 -70.96 -35.83 -62.97
CA THR A 1159 -72.24 -35.98 -63.65
C THR A 1159 -72.36 -37.39 -64.23
N ILE A 1160 -73.60 -37.83 -64.41
CA ILE A 1160 -73.92 -39.13 -64.98
C ILE A 1160 -74.90 -38.92 -66.12
N ILE A 1161 -74.58 -39.46 -67.30
CA ILE A 1161 -75.36 -39.30 -68.51
C ILE A 1161 -75.79 -40.67 -69.01
N PHE A 1162 -77.05 -40.81 -69.36
CA PHE A 1162 -77.57 -42.02 -70.00
C PHE A 1162 -78.03 -41.69 -71.41
N THR A 1163 -77.64 -42.54 -72.36
CA THR A 1163 -78.06 -42.41 -73.74
C THR A 1163 -78.74 -43.69 -74.19
N LEU A 1164 -79.82 -43.55 -74.94
CA LEU A 1164 -80.58 -44.68 -75.48
C LEU A 1164 -80.42 -44.67 -76.99
N ASN A 1165 -79.73 -45.69 -77.51
CA ASN A 1165 -79.45 -45.81 -78.95
C ASN A 1165 -78.71 -44.59 -79.48
N GLY A 1166 -77.82 -44.03 -78.64
CA GLY A 1166 -77.01 -42.90 -79.03
C GLY A 1166 -77.64 -41.55 -78.78
N GLU A 1167 -78.90 -41.50 -78.37
CA GLU A 1167 -79.59 -40.26 -78.09
C GLU A 1167 -79.61 -40.02 -76.59
N VAL A 1168 -79.15 -38.84 -76.17
CA VAL A 1168 -79.05 -38.54 -74.75
C VAL A 1168 -80.45 -38.45 -74.16
N LEU A 1169 -80.67 -39.14 -73.05
CA LEU A 1169 -81.94 -39.08 -72.35
C LEU A 1169 -81.98 -37.86 -71.43
N MET A 1170 -83.15 -37.25 -71.34
CA MET A 1170 -83.35 -36.05 -70.55
C MET A 1170 -84.51 -36.26 -69.58
N SER A 1171 -84.51 -35.48 -68.51
CA SER A 1171 -85.58 -35.51 -67.53
C SER A 1171 -86.77 -34.72 -68.04
N ASP A 1172 -87.74 -34.44 -67.17
CA ASP A 1172 -88.89 -33.63 -67.55
C ASP A 1172 -88.51 -32.15 -67.51
N SER A 1173 -87.37 -31.83 -68.08
CA SER A 1173 -86.81 -30.48 -68.15
C SER A 1173 -85.64 -30.55 -69.11
N GLY A 1174 -84.90 -29.44 -69.22
CA GLY A 1174 -83.77 -29.41 -70.11
C GLY A 1174 -82.53 -30.10 -69.61
N SER A 1175 -82.61 -30.81 -68.48
CA SER A 1175 -81.46 -31.45 -67.87
C SER A 1175 -80.94 -32.55 -68.78
N GLU A 1176 -79.72 -32.38 -69.28
CA GLU A 1176 -79.07 -33.39 -70.11
C GLU A 1176 -78.35 -34.45 -69.29
N THR A 1177 -78.25 -34.27 -67.98
CA THR A 1177 -77.55 -35.20 -67.10
C THR A 1177 -78.55 -35.82 -66.13
N ALA A 1178 -78.40 -37.12 -65.89
CA ALA A 1178 -79.30 -37.82 -64.98
C ALA A 1178 -79.01 -37.46 -63.53
N PHE A 1179 -77.74 -37.34 -63.17
CA PHE A 1179 -77.36 -37.05 -61.80
C PHE A 1179 -76.26 -36.00 -61.79
N ARG A 1180 -76.26 -35.15 -60.77
CA ARG A 1180 -75.33 -34.05 -60.67
C ARG A 1180 -74.79 -33.96 -59.26
N GLU A 1181 -73.63 -33.31 -59.12
CA GLU A 1181 -73.02 -33.04 -57.84
C GLU A 1181 -72.81 -34.32 -57.03
N ILE A 1182 -72.37 -35.37 -57.71
CA ILE A 1182 -72.12 -36.64 -57.06
C ILE A 1182 -70.70 -36.65 -56.51
N GLU A 1183 -70.57 -36.92 -55.22
CA GLU A 1183 -69.25 -37.02 -54.60
C GLU A 1183 -68.57 -38.29 -55.06
N ILE A 1184 -67.27 -38.19 -55.37
CA ILE A 1184 -66.51 -39.35 -55.81
C ILE A 1184 -66.38 -40.35 -54.66
N GLY A 1185 -65.75 -39.92 -53.57
CA GLY A 1185 -65.66 -40.78 -52.40
C GLY A 1185 -64.89 -42.05 -52.68
N ASP A 1186 -65.53 -43.19 -52.40
CA ASP A 1186 -64.86 -44.48 -52.56
C ASP A 1186 -64.77 -44.88 -54.03
N GLY A 1187 -65.65 -44.37 -54.88
CA GLY A 1187 -65.58 -44.60 -56.30
C GLY A 1187 -66.87 -45.17 -56.84
N PHE A 1188 -66.81 -45.70 -58.07
CA PHE A 1188 -68.00 -46.20 -58.74
C PHE A 1188 -67.66 -47.44 -59.55
N LEU A 1189 -68.67 -48.29 -59.73
CA LEU A 1189 -68.56 -49.52 -60.48
C LEU A 1189 -69.77 -49.67 -61.40
N PRO A 1190 -69.59 -50.17 -62.62
CA PRO A 1190 -70.75 -50.51 -63.45
C PRO A 1190 -71.58 -51.59 -62.80
N VAL A 1191 -72.90 -51.47 -62.94
CA VAL A 1191 -73.83 -52.36 -62.24
C VAL A 1191 -75.09 -52.51 -63.08
N CYS A 1192 -75.72 -53.67 -62.97
CA CYS A 1192 -77.00 -53.92 -63.61
C CYS A 1192 -77.77 -54.93 -62.80
N SER A 1193 -79.09 -54.81 -62.81
CA SER A 1193 -79.97 -55.74 -62.13
C SER A 1193 -81.00 -56.25 -63.13
N LEU A 1194 -81.33 -57.53 -63.02
CA LEU A 1194 -82.27 -58.17 -63.93
C LEU A 1194 -83.38 -58.83 -63.12
N GLY A 1195 -84.62 -58.56 -63.52
CA GLY A 1195 -85.76 -59.15 -62.86
C GLY A 1195 -86.03 -60.55 -63.38
N PRO A 1196 -87.15 -61.14 -62.96
CA PRO A 1196 -87.45 -62.51 -63.37
C PRO A 1196 -87.72 -62.58 -64.87
N GLY A 1197 -87.06 -63.54 -65.52
CA GLY A 1197 -87.25 -63.73 -66.94
C GLY A 1197 -86.59 -62.70 -67.83
N GLN A 1198 -85.73 -61.86 -67.27
CA GLN A 1198 -85.09 -60.77 -68.00
C GLN A 1198 -83.70 -61.17 -68.45
N VAL A 1199 -83.36 -60.81 -69.67
CA VAL A 1199 -82.05 -61.11 -70.26
C VAL A 1199 -81.44 -59.81 -70.75
N GLY A 1200 -80.19 -59.58 -70.40
CA GLY A 1200 -79.50 -58.37 -70.83
C GLY A 1200 -78.06 -58.68 -71.19
N HIS A 1201 -77.49 -57.85 -72.06
CA HIS A 1201 -76.12 -57.98 -72.50
C HIS A 1201 -75.32 -56.79 -71.97
N LEU A 1202 -74.24 -57.07 -71.27
CA LEU A 1202 -73.39 -56.04 -70.68
C LEU A 1202 -72.08 -55.98 -71.46
N ASN A 1203 -71.78 -54.81 -72.03
CA ASN A 1203 -70.58 -54.61 -72.82
C ASN A 1203 -69.75 -53.52 -72.15
N LEU A 1204 -68.68 -53.91 -71.48
CA LEU A 1204 -67.81 -52.96 -70.82
C LEU A 1204 -66.74 -52.39 -71.76
N GLY A 1205 -66.84 -52.69 -73.06
CA GLY A 1205 -65.98 -52.04 -74.03
C GLY A 1205 -64.55 -52.49 -74.05
N GLN A 1206 -64.28 -53.77 -73.74
CA GLN A 1206 -62.93 -54.28 -73.93
C GLN A 1206 -62.54 -54.27 -75.41
N ASP A 1207 -63.48 -54.62 -76.27
CA ASP A 1207 -63.32 -54.51 -77.71
C ASP A 1207 -64.05 -53.25 -78.15
N VAL A 1208 -63.29 -52.19 -78.42
CA VAL A 1208 -63.89 -50.89 -78.73
C VAL A 1208 -64.72 -50.97 -80.01
N SER A 1209 -64.38 -51.88 -80.92
CA SER A 1209 -65.16 -52.05 -82.13
C SER A 1209 -66.49 -52.74 -81.87
N SER A 1210 -66.63 -53.43 -80.74
CA SER A 1210 -67.89 -54.09 -80.41
C SER A 1210 -68.95 -53.11 -79.96
N LEU A 1211 -68.57 -51.98 -79.39
CA LEU A 1211 -69.54 -50.99 -78.96
C LEU A 1211 -70.31 -50.45 -80.15
N ARG A 1212 -71.63 -50.34 -79.99
CA ARG A 1212 -72.50 -50.01 -81.11
C ARG A 1212 -72.86 -48.53 -81.22
N PHE A 1213 -72.79 -47.79 -80.11
CA PHE A 1213 -73.12 -46.37 -80.14
C PHE A 1213 -72.06 -45.50 -79.47
N PHE A 1214 -70.86 -46.03 -79.27
CA PHE A 1214 -69.80 -45.24 -78.65
C PHE A 1214 -69.33 -44.13 -79.56
N ALA A 1215 -69.18 -44.42 -80.86
CA ALA A 1215 -68.76 -43.39 -81.80
C ALA A 1215 -69.81 -42.31 -81.96
N ILE A 1216 -71.09 -42.69 -81.97
CA ILE A 1216 -72.16 -41.72 -82.15
C ILE A 1216 -72.21 -40.75 -80.99
N CYS A 1217 -72.10 -41.25 -79.76
CA CYS A 1217 -72.16 -40.39 -78.58
C CYS A 1217 -71.24 -40.96 -77.52
N GLY A 1218 -70.20 -40.20 -77.16
CA GLY A 1218 -69.28 -40.61 -76.12
C GLY A 1218 -67.84 -40.54 -76.55
N LEU A 1219 -67.55 -40.88 -77.80
CA LEU A 1219 -66.18 -40.85 -78.29
C LEU A 1219 -65.65 -39.42 -78.39
N GLN A 1220 -66.44 -38.53 -79.00
CA GLN A 1220 -65.99 -37.15 -79.18
C GLN A 1220 -66.05 -36.35 -77.89
N GLU A 1221 -66.88 -36.73 -76.93
CA GLU A 1221 -66.98 -36.02 -75.66
C GLU A 1221 -65.82 -36.32 -74.73
N GLY A 1222 -64.94 -37.27 -75.09
CA GLY A 1222 -63.79 -37.59 -74.29
C GLY A 1222 -63.94 -38.78 -73.38
N PHE A 1223 -65.07 -39.48 -73.45
CA PHE A 1223 -65.26 -40.66 -72.62
C PHE A 1223 -64.50 -41.85 -73.18
N GLU A 1224 -64.16 -42.78 -72.30
CA GLU A 1224 -63.46 -43.99 -72.69
C GLU A 1224 -64.27 -45.22 -72.29
N PRO A 1225 -64.14 -46.32 -73.04
CA PRO A 1225 -64.75 -47.57 -72.58
C PRO A 1225 -64.17 -47.98 -71.24
N PHE A 1226 -65.02 -48.60 -70.41
CA PHE A 1226 -64.63 -48.88 -69.04
C PHE A 1226 -63.45 -49.85 -68.97
N ALA A 1227 -63.28 -50.70 -69.98
CA ALA A 1227 -62.22 -51.70 -69.99
C ALA A 1227 -61.42 -51.60 -71.27
N ILE A 1228 -61.03 -50.38 -71.64
CA ILE A 1228 -60.44 -50.16 -72.96
C ILE A 1228 -59.12 -50.89 -73.09
N ASN A 1229 -58.24 -50.78 -72.10
CA ASN A 1229 -56.94 -51.44 -72.13
C ASN A 1229 -56.90 -52.47 -71.01
N MET A 1230 -57.46 -53.65 -71.28
CA MET A 1230 -57.45 -54.75 -70.35
C MET A 1230 -57.29 -56.05 -71.13
N GLN A 1231 -56.39 -56.91 -70.67
CA GLN A 1231 -56.18 -58.18 -71.34
CA GLN A 1231 -56.18 -58.18 -71.35
C GLN A 1231 -57.34 -59.14 -71.10
N ARG A 1232 -57.60 -59.45 -69.85
CA ARG A 1232 -58.68 -60.36 -69.52
C ARG A 1232 -59.98 -59.59 -69.35
N PRO A 1233 -61.12 -60.23 -69.63
CA PRO A 1233 -62.41 -59.57 -69.40
C PRO A 1233 -62.59 -59.24 -67.93
N VAL A 1234 -63.34 -58.16 -67.68
CA VAL A 1234 -63.55 -57.69 -66.32
C VAL A 1234 -64.28 -58.75 -65.52
N THR A 1235 -63.76 -59.06 -64.34
CA THR A 1235 -64.41 -60.01 -63.45
C THR A 1235 -65.67 -59.40 -62.88
N THR A 1236 -66.77 -60.14 -62.90
CA THR A 1236 -68.05 -59.68 -62.40
C THR A 1236 -68.48 -60.52 -61.21
N TRP A 1237 -69.11 -59.87 -60.25
CA TRP A 1237 -69.72 -60.53 -59.11
C TRP A 1237 -71.23 -60.37 -59.19
N PHE A 1238 -71.95 -61.44 -58.85
CA PHE A 1238 -73.41 -61.42 -58.89
C PHE A 1238 -73.96 -61.72 -57.51
N SER A 1239 -75.19 -61.30 -57.28
CA SER A 1239 -75.87 -61.51 -56.01
C SER A 1239 -76.48 -62.90 -56.00
N LYS A 1240 -75.89 -63.82 -55.24
CA LYS A 1240 -76.36 -65.20 -55.15
C LYS A 1240 -77.40 -65.29 -54.05
N SER A 1241 -78.61 -65.72 -54.41
CA SER A 1241 -79.71 -65.83 -53.45
C SER A 1241 -79.73 -67.20 -52.79
N LEU A 1242 -78.59 -67.59 -52.23
CA LEU A 1242 -78.49 -68.80 -51.42
C LEU A 1242 -78.25 -68.38 -49.98
N PRO A 1243 -79.22 -68.55 -49.09
CA PRO A 1243 -79.06 -68.04 -47.72
C PRO A 1243 -77.86 -68.66 -47.02
N GLN A 1244 -77.13 -67.82 -46.29
CA GLN A 1244 -75.95 -68.23 -45.56
C GLN A 1244 -75.98 -67.61 -44.18
N PHE A 1245 -75.32 -68.26 -43.23
CA PHE A 1245 -75.23 -67.75 -41.87
C PHE A 1245 -74.03 -66.81 -41.77
N GLU A 1246 -74.27 -65.60 -41.29
CA GLU A 1246 -73.24 -64.59 -41.10
C GLU A 1246 -73.36 -64.01 -39.70
N PRO A 1247 -72.26 -63.51 -39.13
CA PRO A 1247 -72.33 -62.91 -37.80
C PRO A 1247 -73.28 -61.73 -37.78
N VAL A 1248 -73.99 -61.58 -36.68
CA VAL A 1248 -74.91 -60.45 -36.51
C VAL A 1248 -74.07 -59.18 -36.45
N PRO A 1249 -74.31 -58.21 -37.32
CA PRO A 1249 -73.48 -57.00 -37.35
C PRO A 1249 -73.55 -56.26 -36.04
N PRO A 1250 -72.44 -55.69 -35.57
CA PRO A 1250 -72.47 -54.92 -34.33
C PRO A 1250 -73.36 -53.69 -34.39
N GLU A 1251 -73.68 -53.20 -35.58
CA GLU A 1251 -74.48 -51.99 -35.76
C GLU A 1251 -75.85 -52.29 -36.36
N HIS A 1252 -76.30 -53.53 -36.24
CA HIS A 1252 -77.58 -53.90 -36.84
C HIS A 1252 -78.70 -53.08 -36.22
N PRO A 1253 -79.56 -52.46 -37.03
CA PRO A 1253 -80.57 -51.54 -36.47
C PRO A 1253 -81.58 -52.20 -35.54
N HIS A 1254 -81.88 -53.48 -35.73
CA HIS A 1254 -82.99 -54.11 -35.00
C HIS A 1254 -82.56 -55.18 -34.01
N TYR A 1255 -81.43 -55.86 -34.24
CA TYR A 1255 -81.03 -57.00 -33.44
C TYR A 1255 -79.74 -56.70 -32.71
N GLU A 1256 -79.71 -56.98 -31.41
CA GLU A 1256 -78.54 -56.78 -30.59
C GLU A 1256 -78.24 -58.06 -29.83
N VAL A 1257 -76.98 -58.47 -29.85
CA VAL A 1257 -76.52 -59.66 -29.15
C VAL A 1257 -75.50 -59.22 -28.11
N ALA A 1258 -75.75 -59.57 -26.84
CA ALA A 1258 -74.89 -59.19 -25.74
C ALA A 1258 -74.34 -60.43 -25.07
N ARG A 1259 -73.05 -60.40 -24.75
CA ARG A 1259 -72.35 -61.54 -24.16
C ARG A 1259 -72.34 -61.38 -22.65
N MET A 1260 -73.18 -62.16 -21.96
CA MET A 1260 -73.20 -62.19 -20.51
C MET A 1260 -72.07 -63.07 -19.98
N ASP A 1261 -71.38 -62.58 -18.95
CA ASP A 1261 -70.38 -63.38 -18.28
C ASP A 1261 -71.04 -64.36 -17.32
N GLY A 1262 -70.27 -65.39 -16.93
CA GLY A 1262 -70.79 -66.38 -16.02
C GLY A 1262 -70.70 -65.97 -14.56
N THR A 1263 -71.83 -65.90 -13.89
CA THR A 1263 -71.87 -65.58 -12.47
C THR A 1263 -71.80 -66.86 -11.64
N VAL A 1264 -72.03 -66.74 -10.34
CA VAL A 1264 -71.99 -67.91 -9.47
C VAL A 1264 -73.17 -68.83 -9.76
N ASP A 1265 -74.33 -68.25 -10.07
CA ASP A 1265 -75.55 -69.02 -10.26
C ASP A 1265 -75.97 -69.14 -11.72
N THR A 1266 -75.31 -68.45 -12.64
CA THR A 1266 -75.67 -68.51 -14.04
C THR A 1266 -74.45 -68.82 -14.89
N PRO A 1267 -74.65 -69.51 -16.01
CA PRO A 1267 -73.53 -69.78 -16.92
C PRO A 1267 -73.35 -68.63 -17.89
N PRO A 1268 -72.27 -68.63 -18.67
CA PRO A 1268 -72.13 -67.62 -19.73
C PRO A 1268 -73.27 -67.75 -20.73
N CYS A 1269 -73.73 -66.60 -21.22
CA CYS A 1269 -74.90 -66.56 -22.08
C CYS A 1269 -74.68 -65.62 -23.25
N LEU A 1270 -75.47 -65.84 -24.29
CA LEU A 1270 -75.52 -64.96 -25.47
C LEU A 1270 -76.97 -64.53 -25.63
N ARG A 1271 -77.29 -63.32 -25.20
CA ARG A 1271 -78.66 -62.84 -25.14
C ARG A 1271 -78.98 -61.99 -26.36
N LEU A 1272 -80.17 -62.22 -26.93
CA LEU A 1272 -80.65 -61.47 -28.08
C LEU A 1272 -81.74 -60.51 -27.64
N ALA A 1273 -81.66 -59.27 -28.12
CA ALA A 1273 -82.65 -58.26 -27.80
C ALA A 1273 -83.07 -57.53 -29.08
N HIS A 1274 -84.34 -57.15 -29.13
CA HIS A 1274 -84.88 -56.39 -30.26
C HIS A 1274 -84.69 -54.92 -29.97
N ARG A 1275 -83.84 -54.25 -30.76
CA ARG A 1275 -83.48 -52.87 -30.48
C ARG A 1275 -84.68 -51.94 -30.59
N THR A 1276 -85.51 -52.13 -31.62
CA THR A 1276 -86.58 -51.19 -31.92
C THR A 1276 -87.97 -51.80 -31.72
N TRP A 1277 -88.12 -52.73 -30.78
CA TRP A 1277 -89.42 -53.35 -30.58
C TRP A 1277 -90.43 -52.33 -30.09
N GLY A 1278 -91.65 -52.43 -30.62
CA GLY A 1278 -92.73 -51.54 -30.27
C GLY A 1278 -92.73 -50.22 -31.01
N SER A 1279 -91.55 -49.72 -31.36
CA SER A 1279 -91.43 -48.45 -32.05
C SER A 1279 -91.90 -48.57 -33.50
N GLN A 1280 -92.28 -47.44 -34.07
CA GLN A 1280 -92.64 -47.38 -35.48
C GLN A 1280 -91.40 -47.69 -36.32
N ASN A 1281 -91.61 -48.49 -37.37
CA ASN A 1281 -90.63 -49.03 -38.32
C ASN A 1281 -89.94 -50.30 -37.81
N SER A 1282 -90.38 -50.83 -36.68
CA SER A 1282 -89.80 -52.06 -36.16
C SER A 1282 -89.92 -53.20 -37.17
N LEU A 1283 -88.85 -53.98 -37.30
CA LEU A 1283 -88.82 -55.12 -38.20
C LEU A 1283 -89.13 -56.38 -37.42
N VAL A 1284 -90.29 -56.98 -37.71
CA VAL A 1284 -90.73 -58.20 -37.04
C VAL A 1284 -90.89 -59.28 -38.10
N GLU A 1285 -89.95 -60.21 -38.14
CA GLU A 1285 -89.96 -61.29 -39.11
C GLU A 1285 -89.20 -62.46 -38.53
N MET A 1286 -89.38 -63.64 -39.16
CA MET A 1286 -88.73 -64.85 -38.68
C MET A 1286 -87.21 -64.66 -38.65
N LEU A 1287 -86.59 -65.09 -37.56
CA LEU A 1287 -85.17 -64.92 -37.34
C LEU A 1287 -84.52 -66.28 -37.18
N PHE A 1288 -83.48 -66.54 -37.96
CA PHE A 1288 -82.78 -67.81 -37.95
C PHE A 1288 -81.38 -67.58 -37.37
N LEU A 1289 -81.15 -68.12 -36.18
CA LEU A 1289 -79.90 -67.93 -35.47
C LEU A 1289 -79.21 -69.26 -35.27
N ARG A 1290 -77.87 -69.21 -35.26
CA ARG A 1290 -77.07 -70.39 -34.93
C ARG A 1290 -75.77 -69.93 -34.32
N LEU A 1291 -75.14 -70.82 -33.56
CA LEU A 1291 -73.83 -70.54 -33.02
C LEU A 1291 -72.76 -70.82 -34.09
N SER A 1292 -71.67 -70.06 -34.01
CA SER A 1292 -70.69 -70.07 -35.08
C SER A 1292 -69.85 -71.34 -35.12
N LEU A 1293 -69.95 -72.20 -34.12
CA LEU A 1293 -69.11 -73.38 -34.10
C LEU A 1293 -69.95 -74.64 -33.94
N PRO A 1294 -69.59 -75.73 -34.59
CA PRO A 1294 -70.37 -76.96 -34.50
C PRO A 1294 -69.83 -77.92 -33.44
N VAL A 1295 -70.59 -78.99 -33.23
CA VAL A 1295 -70.15 -80.15 -32.46
C VAL A 1295 -70.15 -81.35 -33.38
N GLN A 1296 -69.04 -82.07 -33.41
CA GLN A 1296 -68.85 -83.18 -34.33
C GLN A 1296 -69.01 -84.50 -33.59
N PHE A 1297 -69.90 -85.35 -34.08
CA PHE A 1297 -70.09 -86.67 -33.49
C PHE A 1297 -68.87 -87.55 -33.81
N HIS A 1298 -68.62 -88.49 -32.91
CA HIS A 1298 -67.43 -89.32 -33.01
C HIS A 1298 -67.47 -90.16 -34.27
N GLN A 1299 -66.28 -90.50 -34.77
CA GLN A 1299 -66.19 -91.25 -36.02
C GLN A 1299 -66.76 -92.65 -35.88
N HIS A 1300 -66.57 -93.29 -34.73
CA HIS A 1300 -67.11 -94.62 -34.47
C HIS A 1300 -67.99 -94.57 -33.23
N PHE A 1301 -69.18 -95.12 -33.32
CA PHE A 1301 -70.10 -95.14 -32.20
C PHE A 1301 -69.86 -96.37 -31.33
N ARG A 1302 -70.17 -96.23 -30.04
CA ARG A 1302 -70.05 -97.34 -29.11
C ARG A 1302 -70.99 -98.47 -29.51
N CYS A 1303 -70.53 -99.71 -29.32
CA CYS A 1303 -71.33 -100.87 -29.65
C CYS A 1303 -72.54 -100.94 -28.73
N THR A 1304 -73.68 -101.34 -29.31
CA THR A 1304 -74.95 -101.44 -28.59
C THR A 1304 -75.31 -100.15 -27.86
N ASP A 1419 -74.93 -80.70 -2.39
CA ASP A 1419 -75.49 -81.65 -3.32
C ASP A 1419 -75.29 -81.16 -4.76
N ASN A 1420 -75.77 -81.94 -5.72
CA ASN A 1420 -75.64 -81.64 -7.14
C ASN A 1420 -74.18 -81.44 -7.52
N ARG A 1421 -73.31 -82.31 -7.01
CA ARG A 1421 -71.89 -82.29 -7.31
C ARG A 1421 -71.58 -83.36 -8.35
N ASP A 1422 -70.75 -83.01 -9.33
CA ASP A 1422 -70.42 -83.93 -10.40
C ASP A 1422 -69.44 -84.99 -9.91
N ASP A 1423 -69.73 -86.24 -10.20
CA ASP A 1423 -68.80 -87.33 -9.91
C ASP A 1423 -67.62 -87.21 -10.87
N PRO A 1424 -66.39 -87.05 -10.38
CA PRO A 1424 -65.26 -86.81 -11.29
C PRO A 1424 -65.05 -87.91 -12.32
N GLU A 1425 -65.18 -89.18 -11.92
CA GLU A 1425 -64.94 -90.27 -12.86
C GLU A 1425 -66.01 -90.30 -13.95
N ILE A 1426 -67.25 -90.00 -13.61
CA ILE A 1426 -68.31 -89.97 -14.61
C ILE A 1426 -68.15 -88.78 -15.54
N ILE A 1427 -67.86 -87.59 -14.98
CA ILE A 1427 -67.78 -86.40 -15.80
C ILE A 1427 -66.54 -86.40 -16.68
N LEU A 1428 -65.49 -87.12 -16.28
CA LEU A 1428 -64.28 -87.19 -17.10
C LEU A 1428 -64.36 -88.27 -18.17
N ASN A 1429 -65.40 -89.10 -18.17
CA ASN A 1429 -65.55 -90.14 -19.17
C ASN A 1429 -66.83 -90.00 -19.99
N THR A 1430 -67.68 -89.05 -19.67
CA THR A 1430 -68.94 -88.88 -20.39
C THR A 1430 -68.70 -88.33 -21.79
N THR A 1431 -69.64 -88.62 -22.68
CA THR A 1431 -69.64 -88.05 -24.02
C THR A 1431 -70.92 -87.26 -24.31
N THR A 1432 -71.69 -86.94 -23.28
CA THR A 1432 -72.93 -86.20 -23.43
C THR A 1432 -72.66 -84.71 -23.16
N TYR A 1433 -73.17 -83.85 -24.03
CA TYR A 1433 -72.96 -82.43 -23.94
C TYR A 1433 -74.30 -81.70 -23.94
N TYR A 1434 -74.34 -80.56 -23.26
CA TYR A 1434 -75.59 -79.89 -22.95
C TYR A 1434 -75.50 -78.41 -23.27
N TYR A 1435 -76.62 -77.85 -23.73
CA TYR A 1435 -76.81 -76.42 -23.80
C TYR A 1435 -78.30 -76.14 -23.79
N SER A 1436 -78.69 -75.01 -23.22
CA SER A 1436 -80.09 -74.68 -23.04
C SER A 1436 -80.37 -73.30 -23.60
N VAL A 1437 -81.63 -73.07 -23.95
CA VAL A 1437 -82.10 -71.80 -24.47
C VAL A 1437 -83.23 -71.30 -23.57
N ARG A 1438 -83.11 -70.07 -23.09
CA ARG A 1438 -84.10 -69.48 -22.20
C ARG A 1438 -84.98 -68.55 -23.02
N VAL A 1439 -86.26 -68.88 -23.12
CA VAL A 1439 -87.23 -68.03 -23.80
C VAL A 1439 -87.82 -67.10 -22.75
N PHE A 1440 -87.46 -65.82 -22.82
CA PHE A 1440 -87.86 -64.86 -21.80
C PHE A 1440 -89.37 -64.68 -21.78
N ALA A 1441 -89.90 -64.42 -20.59
CA ALA A 1441 -91.32 -64.15 -20.44
C ALA A 1441 -91.73 -62.96 -21.28
N GLY A 1442 -92.82 -63.10 -22.02
CA GLY A 1442 -93.25 -62.13 -23.00
C GLY A 1442 -93.00 -62.57 -24.43
N GLN A 1443 -91.95 -63.36 -24.65
CA GLN A 1443 -91.71 -63.97 -25.94
C GLN A 1443 -92.53 -65.25 -26.04
N GLU A 1444 -93.40 -65.31 -27.03
CA GLU A 1444 -94.33 -66.43 -27.14
C GLU A 1444 -93.57 -67.71 -27.46
N PRO A 1445 -93.69 -68.76 -26.66
CA PRO A 1445 -93.02 -70.02 -27.00
C PRO A 1445 -93.50 -70.62 -28.30
N SER A 1446 -94.71 -70.29 -28.74
CA SER A 1446 -95.22 -70.80 -30.01
C SER A 1446 -94.43 -70.28 -31.20
N CYS A 1447 -93.61 -69.24 -31.02
CA CYS A 1447 -92.82 -68.67 -32.09
C CYS A 1447 -91.33 -68.97 -31.94
N VAL A 1448 -90.99 -70.00 -31.17
CA VAL A 1448 -89.59 -70.34 -30.90
C VAL A 1448 -89.38 -71.81 -31.23
N TRP A 1449 -88.33 -72.10 -32.01
CA TRP A 1449 -87.87 -73.45 -32.28
C TRP A 1449 -86.43 -73.56 -31.83
N VAL A 1450 -86.12 -74.62 -31.09
CA VAL A 1450 -84.81 -74.81 -30.49
C VAL A 1450 -84.27 -76.17 -30.92
N GLY A 1451 -83.00 -76.21 -31.33
CA GLY A 1451 -82.38 -77.45 -31.71
C GLY A 1451 -81.03 -77.29 -32.35
N TRP A 1452 -80.77 -78.07 -33.40
CA TRP A 1452 -79.49 -78.06 -34.10
C TRP A 1452 -79.74 -78.03 -35.61
N VAL A 1453 -78.76 -77.52 -36.34
CA VAL A 1453 -78.79 -77.50 -37.79
C VAL A 1453 -77.47 -78.03 -38.32
N THR A 1454 -77.54 -78.80 -39.39
CA THR A 1454 -76.35 -79.25 -40.10
C THR A 1454 -75.81 -78.13 -40.97
N PRO A 1455 -74.53 -78.20 -41.37
CA PRO A 1455 -73.93 -77.08 -42.12
C PRO A 1455 -74.53 -76.84 -43.50
N ASP A 1456 -75.55 -77.60 -43.89
CA ASP A 1456 -76.18 -77.42 -45.20
C ASP A 1456 -77.62 -76.94 -45.06
N TYR A 1457 -77.89 -76.07 -44.10
CA TYR A 1457 -79.20 -75.47 -43.93
C TYR A 1457 -79.22 -74.11 -44.61
N HIS A 1458 -80.05 -73.97 -45.63
CA HIS A 1458 -80.18 -72.73 -46.39
C HIS A 1458 -81.64 -72.42 -46.65
N GLN A 1459 -82.48 -72.60 -45.64
CA GLN A 1459 -83.93 -72.47 -45.80
C GLN A 1459 -84.40 -71.23 -45.05
N HIS A 1460 -84.49 -70.11 -45.77
CA HIS A 1460 -84.90 -68.83 -45.19
C HIS A 1460 -86.40 -68.64 -45.40
N ASP A 1461 -87.17 -69.52 -44.79
CA ASP A 1461 -88.62 -69.53 -44.92
C ASP A 1461 -89.24 -68.57 -43.92
N MET A 1462 -90.09 -67.67 -44.40
CA MET A 1462 -90.72 -66.70 -43.52
C MET A 1462 -91.98 -67.23 -42.84
N ASN A 1463 -92.46 -68.40 -43.26
CA ASN A 1463 -93.59 -69.06 -42.59
C ASN A 1463 -93.15 -70.40 -42.04
N PHE A 1464 -91.99 -70.41 -41.38
CA PHE A 1464 -91.34 -71.66 -41.01
C PHE A 1464 -92.14 -72.41 -39.95
N ASP A 1465 -92.21 -73.73 -40.11
CA ASP A 1465 -92.65 -74.64 -39.08
C ASP A 1465 -91.98 -75.98 -39.33
N LEU A 1466 -92.15 -76.91 -38.39
CA LEU A 1466 -91.42 -78.18 -38.47
C LEU A 1466 -91.82 -79.01 -39.68
N SER A 1467 -92.92 -78.68 -40.34
CA SER A 1467 -93.30 -79.38 -41.56
C SER A 1467 -92.45 -78.96 -42.75
N LYS A 1468 -91.79 -77.80 -42.67
CA LYS A 1468 -90.94 -77.33 -43.76
C LYS A 1468 -89.54 -77.93 -43.72
N VAL A 1469 -89.19 -78.64 -42.66
CA VAL A 1469 -87.84 -79.18 -42.52
C VAL A 1469 -87.60 -80.25 -43.58
N ARG A 1470 -86.46 -80.16 -44.26
CA ARG A 1470 -86.10 -81.16 -45.24
C ARG A 1470 -85.90 -82.52 -44.55
N ALA A 1471 -86.41 -83.57 -45.17
CA ALA A 1471 -86.28 -84.91 -44.64
C ALA A 1471 -86.28 -85.90 -45.79
N VAL A 1472 -85.64 -87.04 -45.57
CA VAL A 1472 -85.59 -88.12 -46.55
C VAL A 1472 -85.14 -89.38 -45.83
N THR A 1473 -85.68 -90.52 -46.26
CA THR A 1473 -85.32 -91.81 -45.70
C THR A 1473 -84.67 -92.66 -46.78
N VAL A 1474 -83.45 -93.10 -46.53
CA VAL A 1474 -82.73 -93.97 -47.45
C VAL A 1474 -82.82 -95.40 -46.90
N THR A 1475 -83.45 -96.28 -47.67
CA THR A 1475 -83.73 -97.64 -47.25
C THR A 1475 -82.98 -98.62 -48.15
N MET A 1476 -82.23 -99.53 -47.53
CA MET A 1476 -81.49 -100.55 -48.24
C MET A 1476 -82.06 -101.93 -47.91
N GLY A 1477 -81.97 -102.84 -48.87
CA GLY A 1477 -82.50 -104.18 -48.69
C GLY A 1477 -81.66 -105.19 -49.45
N ASP A 1478 -82.04 -106.46 -49.31
CA ASP A 1478 -81.36 -107.55 -49.99
C ASP A 1478 -82.01 -107.79 -51.34
N GLU A 1479 -81.70 -108.93 -51.97
CA GLU A 1479 -82.20 -109.19 -53.31
C GLU A 1479 -83.73 -109.24 -53.36
N GLN A 1480 -84.38 -109.58 -52.26
CA GLN A 1480 -85.84 -109.67 -52.20
C GLN A 1480 -86.33 -108.88 -50.97
N GLY A 1481 -86.50 -107.58 -51.15
CA GLY A 1481 -87.02 -106.75 -50.06
C GLY A 1481 -86.13 -106.82 -48.85
N ASN A 1482 -86.72 -107.20 -47.71
CA ASN A 1482 -86.00 -107.47 -46.47
C ASN A 1482 -85.08 -106.30 -46.08
N VAL A 1483 -85.73 -105.19 -45.76
CA VAL A 1483 -85.06 -103.98 -45.33
C VAL A 1483 -84.10 -104.27 -44.19
N HIS A 1484 -82.82 -103.98 -44.40
CA HIS A 1484 -81.81 -104.16 -43.36
C HIS A 1484 -81.16 -102.86 -42.93
N SER A 1485 -81.56 -101.73 -43.51
CA SER A 1485 -81.01 -100.43 -43.13
C SER A 1485 -81.97 -99.36 -43.62
N SER A 1486 -82.42 -98.51 -42.70
CA SER A 1486 -83.35 -97.42 -43.03
C SER A 1486 -82.89 -96.18 -42.27
N LEU A 1487 -82.06 -95.37 -42.92
CA LEU A 1487 -81.53 -94.16 -42.32
C LEU A 1487 -82.42 -92.97 -42.63
N LYS A 1488 -82.55 -92.09 -41.65
CA LYS A 1488 -83.33 -90.86 -41.79
C LYS A 1488 -82.38 -89.66 -41.82
N CYS A 1489 -82.54 -88.81 -42.82
CA CYS A 1489 -81.65 -87.68 -43.03
C CYS A 1489 -82.41 -86.38 -42.94
N SER A 1490 -81.75 -85.34 -42.44
CA SER A 1490 -82.34 -84.02 -42.33
C SER A 1490 -81.23 -83.01 -42.14
N ASN A 1491 -81.61 -81.73 -42.11
CA ASN A 1491 -80.68 -80.66 -41.82
C ASN A 1491 -81.11 -79.80 -40.65
N CYS A 1492 -82.27 -80.07 -40.05
CA CYS A 1492 -82.79 -79.25 -38.97
C CYS A 1492 -83.43 -80.17 -37.94
N TYR A 1493 -82.74 -80.39 -36.82
CA TYR A 1493 -83.23 -81.22 -35.74
C TYR A 1493 -83.64 -80.30 -34.61
N MET A 1494 -84.92 -79.93 -34.57
CA MET A 1494 -85.41 -78.91 -33.67
C MET A 1494 -86.67 -79.39 -32.98
N VAL A 1495 -87.00 -78.73 -31.87
CA VAL A 1495 -88.25 -78.95 -31.17
C VAL A 1495 -89.00 -77.63 -31.10
N TRP A 1496 -90.32 -77.72 -31.20
CA TRP A 1496 -91.17 -76.54 -31.20
C TRP A 1496 -91.45 -76.12 -29.77
N GLY A 1497 -91.30 -74.82 -29.50
CA GLY A 1497 -91.59 -74.30 -28.17
C GLY A 1497 -93.03 -74.41 -27.78
N GLY A 1498 -93.94 -74.53 -28.74
CA GLY A 1498 -95.35 -74.68 -28.45
C GLY A 1498 -95.75 -76.05 -27.95
N ASP A 1499 -94.85 -77.02 -28.01
CA ASP A 1499 -95.09 -78.35 -27.45
C ASP A 1499 -94.85 -78.39 -25.94
N PHE A 1500 -94.36 -77.30 -25.35
CA PHE A 1500 -93.96 -77.29 -23.95
C PHE A 1500 -94.77 -76.28 -23.14
N VAL A 1501 -95.95 -75.90 -23.65
CA VAL A 1501 -96.84 -75.00 -22.94
C VAL A 1501 -98.14 -75.72 -22.66
N SER A 1502 -98.54 -75.74 -21.39
CA SER A 1502 -99.77 -76.41 -21.01
C SER A 1502 -100.97 -75.66 -21.61
N PRO A 1503 -102.02 -76.36 -22.01
CA PRO A 1503 -103.19 -75.69 -22.58
C PRO A 1503 -104.01 -74.96 -21.54
N GLY A 1504 -103.43 -73.93 -20.92
CA GLY A 1504 -104.15 -73.16 -19.93
C GLY A 1504 -105.24 -72.30 -20.56
N GLN A 1505 -106.12 -71.80 -19.70
CA GLN A 1505 -107.21 -70.95 -20.17
C GLN A 1505 -106.67 -69.68 -20.83
N GLN A 1506 -105.72 -69.02 -20.17
CA GLN A 1506 -105.02 -67.86 -20.71
C GLN A 1506 -103.75 -67.73 -19.86
N GLY A 1507 -103.04 -66.61 -20.01
CA GLY A 1507 -101.76 -66.47 -19.35
C GLY A 1507 -100.64 -67.16 -20.08
N ARG A 1508 -100.75 -67.27 -21.41
CA ARG A 1508 -99.69 -67.90 -22.20
C ARG A 1508 -98.39 -67.14 -22.06
N ILE A 1509 -98.45 -65.84 -21.76
CA ILE A 1509 -97.27 -65.09 -21.37
C ILE A 1509 -97.04 -65.39 -19.89
N SER A 1510 -96.27 -66.44 -19.62
CA SER A 1510 -96.13 -66.94 -18.27
C SER A 1510 -95.18 -66.07 -17.45
N HIS A 1511 -95.29 -66.19 -16.13
CA HIS A 1511 -94.33 -65.55 -15.25
C HIS A 1511 -92.95 -66.19 -15.37
N THR A 1512 -92.91 -67.46 -15.75
CA THR A 1512 -91.67 -68.22 -15.79
C THR A 1512 -91.16 -68.32 -17.23
N ASP A 1513 -89.88 -68.05 -17.42
CA ASP A 1513 -89.25 -68.23 -18.71
C ASP A 1513 -89.17 -69.71 -19.05
N LEU A 1514 -89.38 -70.04 -20.32
CA LEU A 1514 -89.22 -71.40 -20.79
C LEU A 1514 -87.75 -71.67 -21.07
N VAL A 1515 -87.22 -72.74 -20.49
CA VAL A 1515 -85.80 -73.07 -20.59
C VAL A 1515 -85.72 -74.45 -21.23
N ILE A 1516 -85.57 -74.49 -22.55
CA ILE A 1516 -85.46 -75.74 -23.29
C ILE A 1516 -84.01 -76.16 -23.32
N GLY A 1517 -83.73 -77.39 -22.89
CA GLY A 1517 -82.38 -77.92 -22.87
C GLY A 1517 -82.18 -78.96 -23.96
N CYS A 1518 -80.96 -79.02 -24.49
CA CYS A 1518 -80.62 -79.92 -25.57
C CYS A 1518 -79.44 -80.79 -25.15
N LEU A 1519 -79.57 -82.10 -25.37
CA LEU A 1519 -78.54 -83.06 -25.02
C LEU A 1519 -78.10 -83.80 -26.27
N VAL A 1520 -76.79 -83.92 -26.46
CA VAL A 1520 -76.22 -84.68 -27.57
C VAL A 1520 -75.18 -85.64 -27.01
N ASP A 1521 -75.25 -86.89 -27.45
CA ASP A 1521 -74.27 -87.91 -27.08
C ASP A 1521 -73.41 -88.17 -28.32
N LEU A 1522 -72.19 -87.63 -28.31
CA LEU A 1522 -71.34 -87.71 -29.48
C LEU A 1522 -70.84 -89.12 -29.74
N ALA A 1523 -71.00 -90.04 -28.80
CA ALA A 1523 -70.55 -91.41 -28.98
C ALA A 1523 -71.68 -92.36 -29.40
N THR A 1524 -72.93 -91.91 -29.41
CA THR A 1524 -74.04 -92.75 -29.84
C THR A 1524 -74.94 -92.09 -30.88
N GLY A 1525 -74.80 -90.79 -31.12
CA GLY A 1525 -75.63 -90.14 -32.11
C GLY A 1525 -77.05 -89.89 -31.69
N LEU A 1526 -77.33 -89.92 -30.39
CA LEU A 1526 -78.68 -89.75 -29.87
C LEU A 1526 -78.83 -88.36 -29.27
N MET A 1527 -79.93 -87.69 -29.61
CA MET A 1527 -80.19 -86.33 -29.15
C MET A 1527 -81.54 -86.28 -28.45
N THR A 1528 -81.56 -85.68 -27.27
CA THR A 1528 -82.77 -85.58 -26.46
C THR A 1528 -82.95 -84.14 -26.00
N PHE A 1529 -84.17 -83.85 -25.54
CA PHE A 1529 -84.53 -82.48 -25.16
C PHE A 1529 -85.28 -82.49 -23.84
N THR A 1530 -85.22 -81.37 -23.13
CA THR A 1530 -85.91 -81.19 -21.87
C THR A 1530 -86.73 -79.91 -21.93
N ALA A 1531 -87.95 -79.96 -21.41
CA ALA A 1531 -88.85 -78.81 -21.45
C ALA A 1531 -88.53 -77.81 -20.35
N ASN A 1532 -88.63 -78.25 -19.08
CA ASN A 1532 -88.24 -77.45 -17.94
C ASN A 1532 -87.60 -78.34 -16.89
N GLY A 1533 -86.73 -79.24 -17.34
CA GLY A 1533 -86.23 -80.31 -16.51
C GLY A 1533 -86.91 -81.65 -16.73
N LYS A 1534 -88.03 -81.67 -17.44
CA LYS A 1534 -88.73 -82.91 -17.77
C LYS A 1534 -88.34 -83.34 -19.18
N GLU A 1535 -87.94 -84.60 -19.31
CA GLU A 1535 -87.54 -85.13 -20.61
C GLU A 1535 -88.70 -85.10 -21.58
N SER A 1536 -88.45 -84.60 -22.78
CA SER A 1536 -89.46 -84.57 -23.84
C SER A 1536 -89.49 -85.90 -24.57
N ASN A 1537 -90.59 -86.11 -25.30
CA ASN A 1537 -90.75 -87.35 -26.06
C ASN A 1537 -89.90 -87.37 -27.31
N THR A 1538 -89.67 -86.22 -27.92
CA THR A 1538 -88.95 -86.16 -29.19
C THR A 1538 -87.48 -86.51 -29.00
N PHE A 1539 -86.92 -87.22 -29.99
CA PHE A 1539 -85.51 -87.58 -30.00
C PHE A 1539 -85.09 -87.80 -31.44
N PHE A 1540 -83.78 -87.72 -31.68
CA PHE A 1540 -83.23 -87.87 -33.01
C PHE A 1540 -82.01 -88.78 -32.96
N GLN A 1541 -81.73 -89.41 -34.09
CA GLN A 1541 -80.56 -90.26 -34.25
C GLN A 1541 -79.80 -89.80 -35.48
N VAL A 1542 -78.49 -89.61 -35.34
CA VAL A 1542 -77.66 -89.12 -36.43
C VAL A 1542 -76.48 -90.05 -36.64
N GLU A 1543 -75.94 -90.01 -37.86
CA GLU A 1543 -74.81 -90.83 -38.24
C GLU A 1543 -73.51 -90.24 -37.70
N PRO A 1544 -72.45 -91.06 -37.63
CA PRO A 1544 -71.16 -90.54 -37.16
C PRO A 1544 -70.60 -89.48 -38.11
N ASN A 1545 -69.71 -88.66 -37.54
CA ASN A 1545 -69.05 -87.55 -38.23
C ASN A 1545 -70.03 -86.44 -38.62
N THR A 1546 -71.15 -86.34 -37.93
CA THR A 1546 -72.13 -85.30 -38.21
C THR A 1546 -71.79 -84.03 -37.46
N LYS A 1547 -71.88 -82.90 -38.16
CA LYS A 1547 -71.66 -81.58 -37.59
C LYS A 1547 -73.01 -80.94 -37.30
N LEU A 1548 -73.21 -80.49 -36.06
CA LEU A 1548 -74.44 -79.84 -35.66
C LEU A 1548 -74.12 -78.49 -35.03
N PHE A 1549 -74.79 -77.46 -35.50
CA PHE A 1549 -74.66 -76.12 -34.94
C PHE A 1549 -75.84 -75.83 -34.02
N PRO A 1550 -75.59 -75.37 -32.79
CA PRO A 1550 -76.72 -74.97 -31.94
C PRO A 1550 -77.47 -73.80 -32.55
N ALA A 1551 -78.74 -74.01 -32.85
CA ALA A 1551 -79.52 -73.03 -33.59
C ALA A 1551 -80.86 -72.81 -32.92
N VAL A 1552 -81.37 -71.59 -33.03
CA VAL A 1552 -82.70 -71.22 -32.56
C VAL A 1552 -83.38 -70.40 -33.64
N PHE A 1553 -84.58 -70.81 -34.04
CA PHE A 1553 -85.39 -70.07 -35.00
C PHE A 1553 -86.55 -69.43 -34.23
N VAL A 1554 -86.65 -68.11 -34.30
CA VAL A 1554 -87.59 -67.38 -33.48
C VAL A 1554 -88.22 -66.25 -34.29
N LEU A 1555 -89.51 -66.02 -34.05
CA LEU A 1555 -90.19 -64.82 -34.51
C LEU A 1555 -90.39 -63.90 -33.32
N PRO A 1556 -89.67 -62.79 -33.23
CA PRO A 1556 -89.71 -61.98 -32.00
C PRO A 1556 -91.10 -61.46 -31.68
N THR A 1557 -91.45 -61.51 -30.40
CA THR A 1557 -92.67 -60.91 -29.90
C THR A 1557 -92.44 -60.10 -28.64
N HIS A 1558 -91.19 -59.68 -28.38
CA HIS A 1558 -90.82 -59.01 -27.14
C HIS A 1558 -89.46 -58.38 -27.33
N GLN A 1559 -89.13 -57.42 -26.47
CA GLN A 1559 -87.81 -56.79 -26.53
C GLN A 1559 -86.72 -57.79 -26.18
N ASN A 1560 -86.95 -58.61 -25.16
CA ASN A 1560 -86.07 -59.72 -24.84
C ASN A 1560 -86.61 -60.98 -25.52
N VAL A 1561 -85.79 -61.61 -26.35
CA VAL A 1561 -86.29 -62.68 -27.20
C VAL A 1561 -85.84 -64.04 -26.69
N ILE A 1562 -84.54 -64.31 -26.74
CA ILE A 1562 -84.01 -65.62 -26.35
C ILE A 1562 -82.67 -65.42 -25.65
N GLN A 1563 -82.06 -66.52 -25.21
CA GLN A 1563 -80.77 -66.45 -24.55
C GLN A 1563 -80.11 -67.83 -24.65
N PHE A 1564 -79.05 -67.92 -25.44
CA PHE A 1564 -78.24 -69.14 -25.45
C PHE A 1564 -77.54 -69.28 -24.12
N GLU A 1565 -77.79 -70.39 -23.42
CA GLU A 1565 -77.18 -70.65 -22.13
C GLU A 1565 -76.16 -71.77 -22.30
N LEU A 1566 -74.88 -71.42 -22.26
CA LEU A 1566 -73.80 -72.36 -22.52
C LEU A 1566 -73.31 -72.98 -21.21
N GLY A 1567 -74.26 -73.58 -20.48
CA GLY A 1567 -73.98 -74.18 -19.20
C GLY A 1567 -73.84 -75.68 -19.27
N LYS A 1568 -74.10 -76.34 -18.14
CA LYS A 1568 -73.96 -77.77 -18.04
C LYS A 1568 -75.00 -78.30 -17.06
N GLN A 1569 -75.07 -79.62 -16.98
CA GLN A 1569 -75.91 -80.33 -16.03
C GLN A 1569 -75.03 -81.24 -15.18
N LYS A 1570 -75.68 -81.98 -14.28
CA LYS A 1570 -74.95 -82.92 -13.44
C LYS A 1570 -74.37 -84.05 -14.28
N ASN A 1571 -73.05 -84.21 -14.23
CA ASN A 1571 -72.34 -85.26 -14.96
C ASN A 1571 -72.54 -85.15 -16.47
N ILE A 1572 -72.71 -83.93 -16.97
CA ILE A 1572 -72.81 -83.66 -18.40
C ILE A 1572 -71.93 -82.46 -18.73
N MET A 1573 -71.06 -82.62 -19.71
CA MET A 1573 -70.11 -81.57 -20.08
C MET A 1573 -70.81 -80.44 -20.84
N PRO A 1574 -70.28 -79.23 -20.76
CA PRO A 1574 -70.84 -78.11 -21.52
C PRO A 1574 -70.38 -78.16 -22.98
N LEU A 1575 -70.92 -77.23 -23.78
CA LEU A 1575 -70.61 -77.23 -25.21
C LEU A 1575 -69.16 -76.84 -25.48
N SER A 1576 -68.56 -76.03 -24.62
CA SER A 1576 -67.17 -75.65 -24.83
C SER A 1576 -66.23 -76.85 -24.77
N ALA A 1577 -66.62 -77.90 -24.06
CA ALA A 1577 -65.80 -79.10 -24.01
C ALA A 1577 -65.81 -79.83 -25.35
N ALA A 1578 -66.92 -79.81 -26.06
CA ALA A 1578 -67.04 -80.46 -27.36
C ALA A 1578 -66.54 -79.61 -28.51
N MET A 1579 -66.67 -78.28 -28.41
CA MET A 1579 -66.26 -77.41 -29.50
C MET A 1579 -64.76 -77.24 -29.60
N PHE A 1580 -64.03 -77.29 -28.49
CA PHE A 1580 -62.62 -76.97 -28.47
C PHE A 1580 -61.82 -78.14 -27.93
N LEU A 1581 -60.74 -78.48 -28.64
CA LEU A 1581 -59.92 -79.63 -28.27
C LEU A 1581 -59.24 -79.41 -26.92
N SER A 1582 -58.76 -78.19 -26.66
CA SER A 1582 -58.04 -77.92 -25.43
C SER A 1582 -58.93 -77.97 -24.20
N GLU A 1583 -60.25 -78.03 -24.37
CA GLU A 1583 -61.18 -78.05 -23.25
C GLU A 1583 -61.95 -79.36 -23.17
N ARG A 1584 -61.43 -80.43 -23.77
CA ARG A 1584 -62.15 -81.71 -23.78
C ARG A 1584 -62.38 -82.22 -22.37
N LYS A 1585 -61.46 -81.94 -21.45
CA LYS A 1585 -61.55 -82.40 -20.08
C LYS A 1585 -61.82 -81.26 -19.11
N ASN A 1586 -62.33 -80.14 -19.60
CA ASN A 1586 -62.60 -78.99 -18.76
C ASN A 1586 -64.11 -78.88 -18.52
N PRO A 1587 -64.61 -79.22 -17.33
CA PRO A 1587 -66.06 -79.15 -17.10
C PRO A 1587 -66.57 -77.75 -16.82
N ALA A 1588 -65.70 -76.76 -16.68
CA ALA A 1588 -66.14 -75.40 -16.44
C ALA A 1588 -66.68 -74.80 -17.73
N PRO A 1589 -67.93 -74.32 -17.75
CA PRO A 1589 -68.47 -73.73 -18.97
C PRO A 1589 -67.67 -72.51 -19.41
N GLN A 1590 -67.51 -72.36 -20.72
CA GLN A 1590 -66.80 -71.24 -21.30
C GLN A 1590 -67.52 -70.75 -22.54
N CYS A 1591 -67.34 -69.46 -22.84
CA CYS A 1591 -67.83 -68.84 -24.07
C CYS A 1591 -66.68 -68.05 -24.69
N PRO A 1592 -65.78 -68.72 -25.40
CA PRO A 1592 -64.63 -68.04 -25.99
C PRO A 1592 -65.05 -67.07 -27.08
N PRO A 1593 -64.21 -66.08 -27.40
CA PRO A 1593 -64.62 -65.05 -28.36
C PRO A 1593 -64.95 -65.59 -29.74
N ARG A 1594 -64.42 -66.76 -30.12
CA ARG A 1594 -64.74 -67.32 -31.42
C ARG A 1594 -66.20 -67.75 -31.49
N LEU A 1595 -66.78 -68.15 -30.36
CA LEU A 1595 -68.18 -68.55 -30.31
C LEU A 1595 -69.06 -67.31 -30.31
N GLU A 1596 -69.92 -67.20 -31.33
CA GLU A 1596 -70.76 -66.01 -31.47
C GLU A 1596 -72.04 -66.40 -32.21
N VAL A 1597 -73.04 -65.53 -32.10
CA VAL A 1597 -74.33 -65.79 -32.71
C VAL A 1597 -74.30 -65.34 -34.16
N GLN A 1598 -74.79 -66.19 -35.05
CA GLN A 1598 -74.86 -65.90 -36.47
C GLN A 1598 -76.32 -65.89 -36.92
N MET A 1599 -76.62 -65.08 -37.92
CA MET A 1599 -77.96 -64.93 -38.46
C MET A 1599 -77.96 -65.27 -39.94
N LEU A 1600 -79.12 -65.69 -40.44
CA LEU A 1600 -79.23 -66.15 -41.82
C LEU A 1600 -79.51 -64.98 -42.75
N MET A 1601 -78.56 -64.66 -43.61
CA MET A 1601 -78.73 -63.62 -44.61
C MET A 1601 -79.20 -64.26 -45.91
N PRO A 1602 -80.25 -63.74 -46.54
CA PRO A 1602 -80.79 -64.41 -47.75
C PRO A 1602 -79.90 -64.26 -48.98
N VAL A 1603 -79.24 -63.13 -49.16
CA VAL A 1603 -78.48 -62.85 -50.37
C VAL A 1603 -77.06 -62.51 -50.01
N SER A 1604 -76.11 -62.97 -50.82
CA SER A 1604 -74.70 -62.67 -50.64
C SER A 1604 -74.04 -62.47 -51.99
N TRP A 1605 -72.88 -61.82 -51.98
CA TRP A 1605 -72.12 -61.62 -53.20
C TRP A 1605 -71.32 -62.87 -53.54
N SER A 1606 -71.32 -63.22 -54.83
CA SER A 1606 -70.57 -64.37 -55.31
C SER A 1606 -69.85 -63.99 -56.59
N ARG A 1607 -68.70 -64.61 -56.81
CA ARG A 1607 -67.85 -64.28 -57.95
C ARG A 1607 -68.21 -65.17 -59.13
N MET A 1608 -68.48 -64.54 -60.27
CA MET A 1608 -68.79 -65.30 -61.48
C MET A 1608 -67.53 -65.96 -62.01
N PRO A 1609 -67.56 -67.25 -62.33
CA PRO A 1609 -66.39 -67.89 -62.93
C PRO A 1609 -66.04 -67.24 -64.26
N ASN A 1610 -64.74 -67.21 -64.55
CA ASN A 1610 -64.28 -66.61 -65.80
C ASN A 1610 -64.65 -67.47 -67.00
N HIS A 1611 -64.69 -68.78 -66.83
CA HIS A 1611 -65.05 -69.69 -67.91
C HIS A 1611 -66.06 -70.71 -67.40
N PHE A 1612 -66.93 -71.14 -68.30
CA PHE A 1612 -68.01 -72.06 -67.97
C PHE A 1612 -67.94 -73.29 -68.87
N LEU A 1613 -68.47 -74.39 -68.38
CA LEU A 1613 -68.46 -75.63 -69.13
C LEU A 1613 -69.27 -75.50 -70.42
N GLN A 1614 -68.73 -76.02 -71.51
CA GLN A 1614 -69.40 -76.01 -72.80
C GLN A 1614 -70.19 -77.29 -72.93
N VAL A 1615 -71.51 -77.19 -72.80
CA VAL A 1615 -72.41 -78.34 -72.85
C VAL A 1615 -73.20 -78.27 -74.14
N GLU A 1616 -73.17 -79.35 -74.91
CA GLU A 1616 -73.91 -79.45 -76.17
C GLU A 1616 -75.10 -80.35 -75.96
N THR A 1617 -76.30 -79.82 -76.21
CA THR A 1617 -77.54 -80.56 -76.09
C THR A 1617 -78.23 -80.58 -77.44
N ARG A 1618 -78.69 -81.77 -77.85
CA ARG A 1618 -79.37 -81.91 -79.13
C ARG A 1618 -80.25 -83.15 -79.09
N ARG A 1619 -81.21 -83.19 -79.99
CA ARG A 1619 -82.09 -84.35 -80.15
C ARG A 1619 -81.41 -85.31 -81.12
N ALA A 1620 -80.93 -86.43 -80.61
CA ALA A 1620 -80.19 -87.38 -81.44
C ALA A 1620 -81.09 -88.11 -82.43
N GLY A 1621 -82.39 -88.18 -82.15
CA GLY A 1621 -83.28 -88.86 -83.05
C GLY A 1621 -84.55 -89.30 -82.33
N GLU A 1622 -85.41 -89.96 -83.09
CA GLU A 1622 -86.67 -90.44 -82.52
C GLU A 1622 -86.43 -91.58 -81.55
N ARG A 1623 -85.43 -92.42 -81.82
CA ARG A 1623 -85.15 -93.56 -80.96
C ARG A 1623 -83.98 -93.32 -80.01
N LEU A 1624 -82.99 -92.54 -80.43
CA LEU A 1624 -81.83 -92.29 -79.59
C LEU A 1624 -82.11 -91.33 -78.44
N GLY A 1625 -83.08 -90.43 -78.60
CA GLY A 1625 -83.42 -89.52 -77.52
C GLY A 1625 -82.67 -88.20 -77.62
N TRP A 1626 -82.48 -87.58 -76.46
CA TRP A 1626 -81.81 -86.28 -76.35
C TRP A 1626 -80.43 -86.48 -75.77
N ALA A 1627 -79.42 -85.93 -76.44
CA ALA A 1627 -78.03 -86.18 -76.09
C ALA A 1627 -77.42 -85.01 -75.32
N VAL A 1628 -76.63 -85.32 -74.31
CA VAL A 1628 -75.89 -84.34 -73.52
C VAL A 1628 -74.41 -84.68 -73.63
N GLN A 1629 -73.59 -83.66 -73.88
CA GLN A 1629 -72.18 -83.86 -74.17
C GLN A 1629 -71.36 -82.73 -73.57
N CYS A 1630 -70.23 -83.08 -72.95
CA CYS A 1630 -69.31 -82.10 -72.40
C CYS A 1630 -67.91 -82.71 -72.43
N GLN A 1631 -66.98 -82.06 -73.11
CA GLN A 1631 -65.67 -82.63 -73.36
C GLN A 1631 -64.53 -81.82 -72.77
N ASP A 1632 -64.59 -80.49 -72.83
CA ASP A 1632 -63.46 -79.67 -72.40
C ASP A 1632 -63.43 -79.56 -70.88
N PRO A 1633 -62.34 -79.95 -70.23
CA PRO A 1633 -62.29 -79.87 -68.77
C PRO A 1633 -62.16 -78.44 -68.27
N LEU A 1634 -62.62 -78.23 -67.04
CA LEU A 1634 -62.45 -76.96 -66.35
C LEU A 1634 -62.22 -77.23 -64.87
N THR A 1635 -61.23 -76.54 -64.31
CA THR A 1635 -60.81 -76.76 -62.94
C THR A 1635 -60.72 -75.41 -62.23
N MET A 1636 -61.05 -75.41 -60.93
CA MET A 1636 -60.92 -74.21 -60.11
C MET A 1636 -60.23 -74.58 -58.81
N MET A 1637 -59.52 -73.60 -58.25
CA MET A 1637 -58.87 -73.76 -56.96
C MET A 1637 -59.87 -73.38 -55.87
N ALA A 1638 -60.28 -74.36 -55.08
CA ALA A 1638 -61.29 -74.17 -54.07
C ALA A 1638 -60.65 -73.91 -52.71
N LEU A 1639 -61.18 -72.91 -52.00
CA LEU A 1639 -60.78 -72.64 -50.62
C LEU A 1639 -61.85 -73.20 -49.70
N HIS A 1640 -61.45 -74.09 -48.80
CA HIS A 1640 -62.37 -74.83 -47.96
C HIS A 1640 -62.35 -74.26 -46.54
N ILE A 1641 -63.53 -73.97 -46.01
CA ILE A 1641 -63.67 -73.58 -44.61
C ILE A 1641 -64.06 -74.83 -43.82
N PRO A 1642 -63.18 -75.37 -42.96
CA PRO A 1642 -63.45 -76.69 -42.37
C PRO A 1642 -64.70 -76.76 -41.52
N GLU A 1643 -64.84 -75.85 -40.54
CA GLU A 1643 -65.95 -75.96 -39.60
C GLU A 1643 -67.30 -75.75 -40.26
N GLU A 1644 -67.35 -74.99 -41.35
CA GLU A 1644 -68.60 -74.77 -42.06
C GLU A 1644 -68.84 -75.80 -43.16
N ASN A 1645 -67.85 -76.63 -43.47
CA ASN A 1645 -67.98 -77.69 -44.47
C ASN A 1645 -68.47 -77.13 -45.81
N ARG A 1646 -67.93 -75.98 -46.20
CA ARG A 1646 -68.26 -75.37 -47.47
C ARG A 1646 -66.98 -74.82 -48.09
N CYS A 1647 -67.01 -74.64 -49.40
CA CYS A 1647 -65.85 -74.15 -50.12
C CYS A 1647 -66.25 -73.00 -51.03
N MET A 1648 -65.29 -72.14 -51.33
CA MET A 1648 -65.46 -71.04 -52.26
C MET A 1648 -64.28 -71.02 -53.22
N ASP A 1649 -64.45 -70.28 -54.32
CA ASP A 1649 -63.33 -70.05 -55.22
C ASP A 1649 -62.27 -69.24 -54.50
N ILE A 1650 -61.01 -69.64 -54.66
CA ILE A 1650 -59.93 -68.90 -54.02
C ILE A 1650 -59.79 -67.52 -54.62
N LEU A 1651 -60.33 -67.30 -55.82
CA LEU A 1651 -60.30 -65.97 -56.42
C LEU A 1651 -61.29 -65.03 -55.77
N GLU A 1652 -62.19 -65.54 -54.93
CA GLU A 1652 -63.05 -64.66 -54.15
C GLU A 1652 -62.29 -63.93 -53.06
N LEU A 1653 -61.04 -64.31 -52.78
CA LEU A 1653 -60.24 -63.62 -51.79
C LEU A 1653 -59.75 -62.27 -52.28
N SER A 1654 -60.07 -61.88 -53.51
CA SER A 1654 -59.77 -60.54 -53.97
C SER A 1654 -60.69 -59.51 -53.35
N GLU A 1655 -61.81 -59.94 -52.77
CA GLU A 1655 -62.72 -59.05 -52.06
C GLU A 1655 -62.91 -59.42 -50.59
N ARG A 1656 -62.55 -60.63 -50.19
CA ARG A 1656 -62.62 -61.04 -48.79
C ARG A 1656 -61.23 -60.84 -48.19
N LEU A 1657 -60.96 -59.61 -47.76
CA LEU A 1657 -59.59 -59.22 -47.42
C LEU A 1657 -59.11 -59.87 -46.13
N ASP A 1658 -60.00 -60.10 -45.17
CA ASP A 1658 -59.58 -60.75 -43.93
C ASP A 1658 -59.12 -62.18 -44.20
N LEU A 1659 -59.89 -62.92 -44.99
CA LEU A 1659 -59.47 -64.27 -45.38
C LEU A 1659 -58.21 -64.23 -46.23
N GLN A 1660 -58.09 -63.22 -47.10
CA GLN A 1660 -56.87 -63.10 -47.90
C GLN A 1660 -55.65 -62.92 -47.03
N ARG A 1661 -55.73 -62.03 -46.03
CA ARG A 1661 -54.61 -61.82 -45.14
C ARG A 1661 -54.30 -63.08 -44.33
N PHE A 1662 -55.33 -63.74 -43.83
CA PHE A 1662 -55.10 -64.95 -43.04
C PHE A 1662 -54.44 -66.04 -43.89
N HIS A 1663 -54.86 -66.18 -45.14
CA HIS A 1663 -54.29 -67.22 -45.98
C HIS A 1663 -52.87 -66.87 -46.42
N SER A 1664 -52.60 -65.59 -46.65
CA SER A 1664 -51.22 -65.19 -46.96
C SER A 1664 -50.30 -65.47 -45.79
N HIS A 1665 -50.76 -65.18 -44.56
CA HIS A 1665 -49.95 -65.50 -43.40
C HIS A 1665 -49.85 -66.99 -43.17
N THR A 1666 -50.87 -67.76 -43.59
CA THR A 1666 -50.77 -69.21 -43.56
C THR A 1666 -49.66 -69.70 -44.48
N LEU A 1667 -49.57 -69.13 -45.68
CA LEU A 1667 -48.48 -69.47 -46.58
C LEU A 1667 -47.14 -69.06 -45.99
N ARG A 1668 -47.11 -67.92 -45.30
CA ARG A 1668 -45.89 -67.51 -44.61
C ARG A 1668 -45.48 -68.54 -43.57
N LEU A 1669 -46.45 -69.06 -42.81
CA LEU A 1669 -46.14 -70.08 -41.82
C LEU A 1669 -45.68 -71.37 -42.47
N TYR A 1670 -46.27 -71.72 -43.62
CA TYR A 1670 -45.82 -72.89 -44.36
C TYR A 1670 -44.36 -72.73 -44.76
N ARG A 1671 -43.97 -71.55 -45.23
CA ARG A 1671 -42.58 -71.32 -45.57
C ARG A 1671 -41.69 -71.33 -44.34
N ALA A 1672 -42.20 -70.83 -43.21
CA ALA A 1672 -41.39 -70.76 -42.00
C ALA A 1672 -41.10 -72.14 -41.42
N VAL A 1673 -42.10 -73.04 -41.43
CA VAL A 1673 -41.91 -74.33 -40.79
C VAL A 1673 -40.89 -75.18 -41.55
N CYS A 1674 -40.80 -75.02 -42.87
CA CYS A 1674 -39.85 -75.77 -43.68
C CYS A 1674 -38.62 -74.95 -44.02
N ALA A 1675 -38.42 -73.82 -43.38
CA ALA A 1675 -37.31 -72.94 -43.72
C ALA A 1675 -35.97 -73.54 -43.32
N LEU A 1676 -34.94 -73.21 -44.08
CA LEU A 1676 -33.55 -73.53 -43.78
C LEU A 1676 -33.33 -75.05 -43.67
N GLY A 1677 -33.80 -75.75 -44.70
CA GLY A 1677 -33.44 -77.15 -44.88
C GLY A 1677 -34.24 -78.15 -44.10
N ASN A 1678 -35.48 -77.85 -43.72
CA ASN A 1678 -36.33 -78.82 -43.04
C ASN A 1678 -37.08 -79.63 -44.10
N ASN A 1679 -36.35 -80.57 -44.71
CA ASN A 1679 -36.89 -81.35 -45.81
C ASN A 1679 -38.01 -82.29 -45.36
N ARG A 1680 -37.97 -82.78 -44.13
CA ARG A 1680 -39.08 -83.60 -43.64
C ARG A 1680 -40.37 -82.79 -43.58
N VAL A 1681 -40.29 -81.56 -43.07
CA VAL A 1681 -41.47 -80.70 -43.03
C VAL A 1681 -41.90 -80.31 -44.44
N ALA A 1682 -40.95 -80.11 -45.36
CA ALA A 1682 -41.33 -79.83 -46.75
C ALA A 1682 -42.08 -81.01 -47.37
N HIS A 1683 -41.62 -82.23 -47.11
CA HIS A 1683 -42.35 -83.41 -47.56
C HIS A 1683 -43.75 -83.46 -46.96
N ALA A 1684 -43.88 -83.12 -45.68
CA ALA A 1684 -45.19 -83.06 -45.06
C ALA A 1684 -46.08 -82.01 -45.72
N LEU A 1685 -45.52 -80.85 -46.02
CA LEU A 1685 -46.25 -79.78 -46.70
C LEU A 1685 -46.69 -80.16 -48.10
N CYS A 1686 -45.95 -81.04 -48.77
CA CYS A 1686 -46.37 -81.49 -50.09
C CYS A 1686 -47.73 -82.19 -50.06
N SER A 1687 -48.17 -82.65 -48.89
CA SER A 1687 -49.50 -83.24 -48.75
C SER A 1687 -50.60 -82.22 -48.59
N HIS A 1688 -50.27 -80.97 -48.28
CA HIS A 1688 -51.26 -79.93 -48.09
C HIS A 1688 -51.40 -79.02 -49.30
N VAL A 1689 -50.30 -78.54 -49.86
CA VAL A 1689 -50.28 -77.79 -51.11
C VAL A 1689 -49.53 -78.64 -52.10
N ASP A 1690 -50.26 -79.33 -52.98
CA ASP A 1690 -49.64 -80.30 -53.87
C ASP A 1690 -49.04 -79.62 -55.10
N GLN A 1691 -48.33 -80.42 -55.88
CA GLN A 1691 -47.63 -79.90 -57.06
C GLN A 1691 -48.62 -79.35 -58.08
N ALA A 1692 -49.76 -80.01 -58.25
CA ALA A 1692 -50.77 -79.50 -59.17
C ALA A 1692 -51.29 -78.14 -58.74
N GLN A 1693 -51.54 -77.97 -57.44
CA GLN A 1693 -51.98 -76.67 -56.94
C GLN A 1693 -50.93 -75.61 -57.15
N LEU A 1694 -49.66 -75.94 -56.88
CA LEU A 1694 -48.59 -74.96 -57.05
C LEU A 1694 -48.47 -74.54 -58.52
N LEU A 1695 -48.47 -75.51 -59.43
CA LEU A 1695 -48.34 -75.20 -60.85
C LEU A 1695 -49.54 -74.42 -61.35
N HIS A 1696 -50.74 -74.72 -60.85
CA HIS A 1696 -51.91 -73.94 -61.20
C HIS A 1696 -51.77 -72.50 -60.72
N ALA A 1697 -51.32 -72.32 -59.49
CA ALA A 1697 -51.22 -70.98 -58.93
C ALA A 1697 -50.15 -70.16 -59.64
N LEU A 1698 -49.11 -70.80 -60.17
CA LEU A 1698 -48.11 -70.05 -60.91
C LEU A 1698 -48.71 -69.37 -62.13
N GLU A 1699 -49.57 -70.07 -62.86
CA GLU A 1699 -50.15 -69.53 -64.09
C GLU A 1699 -51.47 -68.81 -63.87
N ASP A 1700 -52.05 -68.89 -62.67
CA ASP A 1700 -53.33 -68.23 -62.42
C ASP A 1700 -53.16 -66.72 -62.52
N ALA A 1701 -53.89 -66.10 -63.46
CA ALA A 1701 -53.76 -64.68 -63.71
C ALA A 1701 -54.70 -63.83 -62.85
N HIS A 1702 -55.68 -64.43 -62.19
CA HIS A 1702 -56.61 -63.67 -61.37
C HIS A 1702 -56.33 -63.78 -59.88
N LEU A 1703 -55.24 -64.42 -59.49
CA LEU A 1703 -54.90 -64.50 -58.09
C LEU A 1703 -54.56 -63.12 -57.55
N PRO A 1704 -54.98 -62.80 -56.32
CA PRO A 1704 -54.50 -61.58 -55.69
C PRO A 1704 -52.99 -61.63 -55.52
N GLY A 1705 -52.37 -60.45 -55.57
CA GLY A 1705 -50.93 -60.32 -55.52
C GLY A 1705 -50.26 -61.01 -54.34
N PRO A 1706 -50.77 -60.77 -53.13
CA PRO A 1706 -50.19 -61.48 -51.97
C PRO A 1706 -50.23 -62.99 -52.10
N LEU A 1707 -51.33 -63.55 -52.60
CA LEU A 1707 -51.42 -64.99 -52.76
C LEU A 1707 -50.50 -65.50 -53.86
N ARG A 1708 -50.39 -64.75 -54.97
CA ARG A 1708 -49.48 -65.13 -56.04
C ARG A 1708 -48.05 -65.17 -55.55
N ALA A 1709 -47.61 -64.11 -54.86
CA ALA A 1709 -46.26 -64.09 -54.32
C ALA A 1709 -46.06 -65.19 -53.30
N GLY A 1710 -47.05 -65.41 -52.43
CA GLY A 1710 -46.92 -66.45 -51.42
C GLY A 1710 -46.79 -67.84 -52.01
N TYR A 1711 -47.56 -68.12 -53.07
CA TYR A 1711 -47.47 -69.44 -53.69
C TYR A 1711 -46.16 -69.62 -54.45
N TYR A 1712 -45.66 -68.58 -55.11
CA TYR A 1712 -44.35 -68.69 -55.74
C TYR A 1712 -43.28 -68.96 -54.70
N ASP A 1713 -43.29 -68.20 -53.61
CA ASP A 1713 -42.30 -68.41 -52.56
C ASP A 1713 -42.49 -69.76 -51.87
N LEU A 1714 -43.72 -70.26 -51.79
CA LEU A 1714 -43.94 -71.58 -51.21
C LEU A 1714 -43.38 -72.68 -52.08
N LEU A 1715 -43.56 -72.57 -53.40
CA LEU A 1715 -42.93 -73.53 -54.31
C LEU A 1715 -41.42 -73.50 -54.16
N ILE A 1716 -40.84 -72.30 -54.11
CA ILE A 1716 -39.39 -72.18 -53.96
C ILE A 1716 -38.93 -72.81 -52.64
N SER A 1717 -39.65 -72.53 -51.55
CA SER A 1717 -39.25 -73.03 -50.25
C SER A 1717 -39.35 -74.55 -50.18
N ILE A 1718 -40.44 -75.11 -50.70
CA ILE A 1718 -40.64 -76.55 -50.60
C ILE A 1718 -39.66 -77.30 -51.48
N HIS A 1719 -39.45 -76.84 -52.71
CA HIS A 1719 -38.76 -77.65 -53.70
C HIS A 1719 -37.38 -77.16 -54.10
N LEU A 1720 -37.10 -75.86 -53.96
CA LEU A 1720 -35.88 -75.31 -54.54
C LEU A 1720 -34.94 -74.65 -53.55
N GLU A 1721 -35.42 -74.26 -52.37
CA GLU A 1721 -34.63 -73.42 -51.48
C GLU A 1721 -33.35 -74.13 -51.02
N SER A 1722 -33.48 -75.38 -50.56
CA SER A 1722 -32.31 -76.08 -50.02
C SER A 1722 -31.27 -76.35 -51.09
N ALA A 1723 -31.69 -76.85 -52.25
CA ALA A 1723 -30.74 -77.12 -53.33
C ALA A 1723 -30.09 -75.84 -53.82
N CYS A 1724 -30.87 -74.77 -53.94
CA CYS A 1724 -30.31 -73.49 -54.38
C CYS A 1724 -29.27 -72.98 -53.39
N ARG A 1725 -29.55 -73.07 -52.09
CA ARG A 1725 -28.61 -72.62 -51.09
C ARG A 1725 -27.33 -73.44 -51.11
N SER A 1726 -27.47 -74.77 -51.22
CA SER A 1726 -26.29 -75.63 -51.23
C SER A 1726 -25.44 -75.37 -52.48
N ARG A 1727 -26.08 -75.13 -53.62
CA ARG A 1727 -25.33 -74.83 -54.84
C ARG A 1727 -24.66 -73.47 -54.74
N ARG A 1728 -25.37 -72.47 -54.22
CA ARG A 1728 -24.80 -71.14 -54.10
C ARG A 1728 -23.62 -71.12 -53.15
N SER A 1729 -23.64 -71.95 -52.11
CA SER A 1729 -22.49 -72.06 -51.23
C SER A 1729 -21.27 -72.57 -51.99
N MET A 1730 -21.48 -73.52 -52.91
CA MET A 1730 -20.40 -74.12 -53.67
C MET A 1730 -19.97 -73.28 -54.87
N LEU A 1731 -20.76 -72.29 -55.27
CA LEU A 1731 -20.43 -71.51 -56.46
C LEU A 1731 -19.25 -70.57 -56.28
N SER A 1732 -18.77 -70.39 -55.04
CA SER A 1732 -17.69 -69.45 -54.80
C SER A 1732 -16.31 -70.05 -54.96
N GLU A 1733 -16.21 -71.36 -55.18
CA GLU A 1733 -14.94 -72.05 -55.37
C GLU A 1733 -14.89 -72.67 -56.75
N TYR A 1734 -13.68 -72.75 -57.30
CA TYR A 1734 -13.46 -73.24 -58.67
C TYR A 1734 -12.44 -74.37 -58.61
N ILE A 1735 -12.92 -75.59 -58.48
CA ILE A 1735 -12.08 -76.79 -58.54
C ILE A 1735 -12.20 -77.33 -59.95
N VAL A 1736 -11.17 -77.11 -60.77
CA VAL A 1736 -11.23 -77.39 -62.20
C VAL A 1736 -10.45 -78.68 -62.45
N PRO A 1737 -11.10 -79.77 -62.86
CA PRO A 1737 -10.37 -80.95 -63.27
C PRO A 1737 -9.62 -80.71 -64.57
N LEU A 1738 -8.51 -81.43 -64.72
CA LEU A 1738 -7.68 -81.31 -65.92
C LEU A 1738 -8.10 -82.37 -66.93
N THR A 1739 -9.24 -82.12 -67.54
CA THR A 1739 -9.87 -83.00 -68.52
C THR A 1739 -9.83 -82.35 -69.90
N PRO A 1740 -9.99 -83.14 -70.97
CA PRO A 1740 -10.00 -82.54 -72.32
C PRO A 1740 -11.06 -81.49 -72.51
N GLU A 1741 -12.22 -81.63 -71.86
CA GLU A 1741 -13.23 -80.59 -71.91
C GLU A 1741 -12.69 -79.28 -71.34
N THR A 1742 -11.95 -79.37 -70.23
CA THR A 1742 -11.28 -78.19 -69.69
C THR A 1742 -10.26 -77.65 -70.68
N ARG A 1743 -9.49 -78.53 -71.31
CA ARG A 1743 -8.45 -78.09 -72.24
CA ARG A 1743 -8.46 -78.08 -72.25
C ARG A 1743 -9.07 -77.30 -73.40
N ALA A 1744 -10.24 -77.71 -73.87
CA ALA A 1744 -10.88 -77.04 -74.99
C ALA A 1744 -11.37 -75.63 -74.66
N ILE A 1745 -11.38 -75.23 -73.38
CA ILE A 1745 -11.96 -73.95 -72.99
C ILE A 1745 -11.04 -72.82 -73.42
N THR A 1746 -11.62 -71.77 -74.02
CA THR A 1746 -10.91 -70.58 -74.40
C THR A 1746 -11.70 -69.35 -73.94
N LEU A 1747 -10.98 -68.23 -73.78
CA LEU A 1747 -11.62 -67.01 -73.30
C LEU A 1747 -12.63 -66.49 -74.31
N PHE A 1748 -12.28 -66.50 -75.59
CA PHE A 1748 -13.19 -66.04 -76.63
C PHE A 1748 -13.56 -67.20 -77.55
N PRO A 1749 -14.78 -67.19 -78.11
CA PRO A 1749 -15.12 -68.21 -79.08
C PRO A 1749 -14.24 -68.10 -80.31
N PRO A 1750 -13.99 -69.21 -80.99
CA PRO A 1750 -13.17 -69.16 -82.21
C PRO A 1750 -13.82 -68.28 -83.27
N GLY A 1751 -13.16 -67.17 -83.61
CA GLY A 1751 -13.71 -66.21 -84.55
C GLY A 1751 -12.60 -65.46 -85.26
N ARG A 1752 -13.02 -64.50 -86.09
CA ARG A 1752 -12.08 -63.73 -86.91
C ARG A 1752 -12.23 -62.22 -86.70
N LYS A 1753 -12.81 -61.81 -85.57
CA LYS A 1753 -12.97 -60.38 -85.30
C LYS A 1753 -11.61 -59.71 -85.12
N GLY A 1754 -10.78 -60.25 -84.26
CA GLY A 1754 -9.45 -59.68 -84.04
C GLY A 1754 -8.56 -60.66 -83.30
N GLY A 1755 -7.27 -60.56 -83.57
CA GLY A 1755 -6.31 -61.45 -82.92
C GLY A 1755 -6.22 -61.23 -81.42
N ASN A 1756 -6.17 -59.96 -80.99
CA ASN A 1756 -6.07 -59.66 -79.57
C ASN A 1756 -7.35 -60.07 -78.83
N ALA A 1757 -8.50 -59.88 -79.47
CA ALA A 1757 -9.78 -60.23 -78.85
C ALA A 1757 -10.85 -60.36 -79.92
N ARG A 1758 -11.53 -61.48 -79.94
CA ARG A 1758 -12.73 -61.64 -80.75
C ARG A 1758 -13.89 -60.99 -80.01
N ARG A 1759 -15.12 -61.24 -80.47
CA ARG A 1759 -16.28 -60.73 -79.75
C ARG A 1759 -16.58 -61.62 -78.56
N HIS A 1760 -17.05 -61.01 -77.47
CA HIS A 1760 -17.41 -61.76 -76.28
C HIS A 1760 -18.50 -62.76 -76.59
N GLY A 1761 -18.41 -63.93 -75.98
CA GLY A 1761 -19.49 -64.88 -76.05
C GLY A 1761 -20.63 -64.49 -75.13
N LEU A 1762 -21.74 -65.19 -75.28
CA LEU A 1762 -22.88 -64.94 -74.41
C LEU A 1762 -22.57 -65.40 -73.01
N PRO A 1763 -22.74 -64.56 -71.99
CA PRO A 1763 -22.45 -64.99 -70.62
C PRO A 1763 -23.37 -66.12 -70.20
N GLY A 1764 -22.80 -67.07 -69.45
CA GLY A 1764 -23.53 -68.24 -69.04
C GLY A 1764 -23.72 -69.30 -70.09
N VAL A 1765 -23.16 -69.11 -71.28
CA VAL A 1765 -23.30 -70.04 -72.40
C VAL A 1765 -21.93 -70.59 -72.72
N GLY A 1766 -21.82 -71.91 -72.74
CA GLY A 1766 -20.57 -72.56 -73.09
C GLY A 1766 -20.33 -73.76 -72.20
N VAL A 1767 -19.08 -74.19 -72.15
CA VAL A 1767 -18.67 -75.36 -71.39
C VAL A 1767 -18.01 -74.89 -70.10
N THR A 1768 -18.53 -75.36 -68.97
CA THR A 1768 -17.93 -75.12 -67.67
C THR A 1768 -17.65 -76.47 -67.02
N THR A 1769 -16.46 -76.62 -66.46
CA THR A 1769 -16.03 -77.89 -65.90
C THR A 1769 -15.77 -77.85 -64.40
N SER A 1770 -15.94 -76.70 -63.76
CA SER A 1770 -15.72 -76.63 -62.32
C SER A 1770 -16.67 -77.56 -61.58
N LEU A 1771 -16.16 -78.21 -60.54
CA LEU A 1771 -16.92 -79.24 -59.86
C LEU A 1771 -18.00 -78.64 -58.98
N ARG A 1772 -19.23 -79.09 -59.18
CA ARG A 1772 -20.36 -78.76 -58.31
C ARG A 1772 -21.14 -80.05 -58.04
N PRO A 1773 -21.38 -80.39 -56.77
CA PRO A 1773 -22.12 -81.60 -56.46
C PRO A 1773 -23.53 -81.54 -57.01
N PRO A 1774 -24.09 -82.66 -57.46
CA PRO A 1774 -25.42 -82.65 -58.05
C PRO A 1774 -26.51 -82.49 -57.00
N HIS A 1775 -27.69 -82.10 -57.47
CA HIS A 1775 -28.84 -82.00 -56.59
C HIS A 1775 -29.42 -83.38 -56.32
N HIS A 1776 -30.01 -83.53 -55.14
CA HIS A 1776 -30.64 -84.78 -54.72
C HIS A 1776 -32.05 -84.50 -54.25
N PHE A 1777 -33.01 -85.24 -54.79
CA PHE A 1777 -34.41 -85.09 -54.44
C PHE A 1777 -35.03 -86.45 -54.19
N SER A 1778 -36.09 -86.47 -53.37
CA SER A 1778 -36.84 -87.67 -53.09
C SER A 1778 -38.30 -87.48 -53.48
N PRO A 1779 -38.90 -88.48 -54.13
CA PRO A 1779 -40.29 -88.35 -54.55
C PRO A 1779 -41.22 -88.24 -53.35
N PRO A 1780 -42.16 -87.30 -53.38
CA PRO A 1780 -43.11 -87.18 -52.26
C PRO A 1780 -44.18 -88.27 -52.36
N CYS A 1781 -44.10 -89.24 -51.47
CA CYS A 1781 -45.03 -90.36 -51.44
C CYS A 1781 -45.41 -90.65 -50.00
N PHE A 1782 -46.71 -90.76 -49.73
CA PHE A 1782 -47.21 -90.94 -48.38
C PHE A 1782 -47.94 -92.27 -48.22
N VAL A 1783 -47.49 -93.29 -48.96
CA VAL A 1783 -48.00 -94.65 -48.78
C VAL A 1783 -46.81 -95.57 -48.55
N ALA A 1784 -45.61 -94.99 -48.50
CA ALA A 1784 -44.39 -95.74 -48.27
C ALA A 1784 -44.35 -96.25 -46.84
N ALA A 1785 -43.70 -97.40 -46.66
CA ALA A 1785 -43.63 -98.03 -45.35
C ALA A 1785 -42.83 -97.16 -44.38
N LEU A 1786 -43.28 -97.12 -43.14
CA LEU A 1786 -42.62 -96.31 -42.13
C LEU A 1786 -41.26 -96.90 -41.81
N PRO A 1787 -40.18 -96.12 -41.87
CA PRO A 1787 -38.83 -96.67 -41.68
C PRO A 1787 -38.68 -97.31 -40.30
N ALA A 1788 -38.07 -98.49 -40.28
CA ALA A 1788 -37.77 -99.16 -39.02
C ALA A 1788 -36.66 -98.45 -38.25
N ALA A 1789 -35.87 -97.63 -38.91
CA ALA A 1789 -34.83 -96.86 -38.22
C ALA A 1789 -35.47 -95.78 -37.36
N GLY A 1790 -34.92 -95.59 -36.16
CA GLY A 1790 -35.44 -94.59 -35.25
C GLY A 1790 -35.03 -93.18 -35.65
N VAL A 1791 -35.59 -92.22 -34.92
CA VAL A 1791 -35.25 -90.82 -35.15
C VAL A 1791 -33.78 -90.59 -34.79
N ALA A 1792 -33.17 -89.60 -35.45
CA ALA A 1792 -31.77 -89.19 -35.30
C ALA A 1792 -30.80 -90.25 -35.83
N GLU A 1793 -31.31 -91.38 -36.35
CA GLU A 1793 -30.46 -92.41 -36.93
C GLU A 1793 -30.77 -92.69 -38.39
N ALA A 1794 -31.98 -92.40 -38.83
CA ALA A 1794 -32.32 -92.54 -40.24
C ALA A 1794 -31.57 -91.49 -41.07
N PRO A 1795 -31.27 -91.79 -42.33
CA PRO A 1795 -30.60 -90.80 -43.17
C PRO A 1795 -31.46 -89.55 -43.36
N ALA A 1796 -30.77 -88.41 -43.49
CA ALA A 1796 -31.46 -87.14 -43.61
C ALA A 1796 -32.34 -87.10 -44.86
N ARG A 1797 -33.52 -86.51 -44.74
CA ARG A 1797 -34.46 -86.43 -45.84
C ARG A 1797 -33.96 -85.47 -46.90
N LEU A 1798 -34.29 -85.78 -48.16
CA LEU A 1798 -33.98 -84.91 -49.28
C LEU A 1798 -35.19 -84.05 -49.61
N SER A 1799 -34.95 -83.01 -50.40
CA SER A 1799 -36.04 -82.13 -50.80
C SER A 1799 -37.01 -82.86 -51.72
N PRO A 1800 -38.30 -82.57 -51.62
CA PRO A 1800 -39.27 -83.20 -52.51
C PRO A 1800 -38.99 -82.85 -53.97
N ALA A 1801 -39.24 -83.82 -54.84
CA ALA A 1801 -38.95 -83.66 -56.26
C ALA A 1801 -40.10 -82.99 -56.97
N ILE A 1802 -39.77 -82.14 -57.94
CA ILE A 1802 -40.75 -81.54 -58.84
C ILE A 1802 -40.10 -81.50 -60.22
N PRO A 1803 -40.83 -81.80 -61.30
CA PRO A 1803 -40.21 -81.84 -62.62
C PRO A 1803 -39.55 -80.53 -63.02
N LEU A 1804 -38.21 -80.54 -63.07
CA LEU A 1804 -37.45 -79.32 -63.27
C LEU A 1804 -37.50 -78.84 -64.71
N GLU A 1805 -37.51 -79.76 -65.68
CA GLU A 1805 -37.61 -79.35 -67.07
C GLU A 1805 -38.95 -78.67 -67.36
N ALA A 1806 -40.04 -79.28 -66.90
CA ALA A 1806 -41.35 -78.65 -67.06
C ALA A 1806 -41.42 -77.33 -66.32
N LEU A 1807 -40.85 -77.28 -65.10
CA LEU A 1807 -40.86 -76.05 -64.33
C LEU A 1807 -40.11 -74.94 -65.04
N ARG A 1808 -38.94 -75.24 -65.62
CA ARG A 1808 -38.17 -74.20 -66.30
C ARG A 1808 -38.84 -73.77 -67.60
N ASP A 1809 -39.45 -74.70 -68.33
CA ASP A 1809 -40.18 -74.29 -69.52
C ASP A 1809 -41.34 -73.38 -69.17
N LYS A 1810 -42.08 -73.72 -68.11
CA LYS A 1810 -43.19 -72.87 -67.68
C LYS A 1810 -42.69 -71.51 -67.22
N ALA A 1811 -41.57 -71.48 -66.50
CA ALA A 1811 -41.02 -70.20 -66.03
C ALA A 1811 -40.59 -69.32 -67.20
N LEU A 1812 -39.93 -69.92 -68.21
CA LEU A 1812 -39.53 -69.14 -69.38
C LEU A 1812 -40.74 -68.59 -70.13
N ARG A 1813 -41.76 -69.43 -70.33
CA ARG A 1813 -42.95 -68.97 -71.02
C ARG A 1813 -43.65 -67.86 -70.26
N MET A 1814 -43.73 -68.00 -68.93
CA MET A 1814 -44.34 -66.97 -68.09
C MET A 1814 -43.56 -65.67 -68.16
N LEU A 1815 -42.22 -65.75 -68.14
CA LEU A 1815 -41.42 -64.53 -68.22
C LEU A 1815 -41.61 -63.83 -69.57
N GLY A 1816 -41.64 -64.60 -70.66
CA GLY A 1816 -41.87 -63.99 -71.96
C GLY A 1816 -43.24 -63.34 -72.05
N GLU A 1817 -44.26 -64.02 -71.54
CA GLU A 1817 -45.60 -63.45 -71.54
C GLU A 1817 -45.66 -62.18 -70.70
N ALA A 1818 -44.96 -62.18 -69.56
CA ALA A 1818 -44.92 -60.99 -68.71
C ALA A 1818 -44.24 -59.83 -69.40
N VAL A 1819 -43.15 -60.11 -70.13
CA VAL A 1819 -42.47 -59.05 -70.87
C VAL A 1819 -43.37 -58.46 -71.93
N ARG A 1820 -44.06 -59.32 -72.69
CA ARG A 1820 -44.99 -58.82 -73.71
C ARG A 1820 -46.13 -58.03 -73.08
N ASP A 1821 -46.66 -58.51 -71.96
CA ASP A 1821 -47.74 -57.80 -71.28
C ASP A 1821 -47.29 -56.43 -70.80
N GLY A 1822 -46.10 -56.35 -70.20
CA GLY A 1822 -45.57 -55.06 -69.80
C GLY A 1822 -45.35 -54.13 -70.97
N GLY A 1823 -44.92 -54.67 -72.11
CA GLY A 1823 -44.84 -53.86 -73.31
C GLY A 1823 -46.19 -53.32 -73.75
N GLN A 1824 -47.24 -54.14 -73.65
CA GLN A 1824 -48.58 -53.71 -74.03
C GLN A 1824 -49.13 -52.62 -73.12
N HIS A 1825 -48.63 -52.49 -71.89
CA HIS A 1825 -49.10 -51.48 -70.94
C HIS A 1825 -50.59 -51.62 -70.65
N ALA A 1826 -50.99 -52.80 -70.18
CA ALA A 1826 -52.37 -53.03 -69.82
C ALA A 1826 -52.71 -52.36 -68.49
N ARG A 1827 -54.00 -52.10 -68.28
CA ARG A 1827 -54.44 -51.46 -67.05
C ARG A 1827 -54.79 -52.46 -65.95
N ASP A 1828 -54.70 -53.76 -66.22
CA ASP A 1828 -54.94 -54.80 -65.23
C ASP A 1828 -53.78 -55.78 -65.26
N PRO A 1829 -52.63 -55.39 -64.70
CA PRO A 1829 -51.49 -56.31 -64.67
C PRO A 1829 -51.77 -57.49 -63.76
N VAL A 1830 -51.13 -58.62 -64.07
CA VAL A 1830 -51.32 -59.83 -63.28
C VAL A 1830 -50.86 -59.58 -61.85
N GLY A 1831 -51.68 -59.99 -60.89
CA GLY A 1831 -51.39 -59.75 -59.50
C GLY A 1831 -51.78 -58.38 -58.99
N GLY A 1832 -52.33 -57.53 -59.84
CA GLY A 1832 -52.74 -56.20 -59.44
C GLY A 1832 -51.70 -55.12 -59.62
N SER A 1833 -50.46 -55.47 -59.91
CA SER A 1833 -49.41 -54.48 -60.09
C SER A 1833 -48.28 -55.09 -60.88
N VAL A 1834 -47.45 -54.21 -61.46
CA VAL A 1834 -46.27 -54.66 -62.19
C VAL A 1834 -45.31 -55.40 -61.28
N GLU A 1835 -45.19 -54.93 -60.04
CA GLU A 1835 -44.34 -55.62 -59.06
C GLU A 1835 -44.83 -57.03 -58.82
N PHE A 1836 -46.13 -57.20 -58.54
CA PHE A 1836 -46.67 -58.52 -58.31
C PHE A 1836 -46.64 -59.40 -59.56
N GLN A 1837 -46.63 -58.80 -60.75
CA GLN A 1837 -46.51 -59.58 -61.98
C GLN A 1837 -45.08 -60.07 -62.21
N PHE A 1838 -44.08 -59.25 -61.92
CA PHE A 1838 -42.72 -59.56 -62.33
C PHE A 1838 -41.85 -60.17 -61.22
N VAL A 1839 -41.97 -59.70 -59.98
CA VAL A 1839 -41.07 -60.16 -58.92
C VAL A 1839 -41.11 -61.66 -58.72
N PRO A 1840 -42.28 -62.32 -58.61
CA PRO A 1840 -42.26 -63.78 -58.40
C PRO A 1840 -41.63 -64.56 -59.55
N VAL A 1841 -41.95 -64.18 -60.79
CA VAL A 1841 -41.40 -64.89 -61.94
C VAL A 1841 -39.88 -64.72 -62.00
N LEU A 1842 -39.40 -63.50 -61.75
CA LEU A 1842 -37.97 -63.28 -61.73
C LEU A 1842 -37.29 -64.02 -60.59
N LYS A 1843 -37.93 -64.12 -59.43
CA LYS A 1843 -37.37 -64.92 -58.35
C LYS A 1843 -37.23 -66.37 -58.76
N LEU A 1844 -38.27 -66.93 -59.40
CA LEU A 1844 -38.22 -68.32 -59.83
C LEU A 1844 -37.12 -68.52 -60.88
N VAL A 1845 -37.02 -67.60 -61.83
CA VAL A 1845 -36.00 -67.73 -62.88
C VAL A 1845 -34.61 -67.63 -62.30
N SER A 1846 -34.40 -66.70 -61.36
CA SER A 1846 -33.09 -66.57 -60.72
C SER A 1846 -32.73 -67.83 -59.94
N THR A 1847 -33.70 -68.39 -59.21
CA THR A 1847 -33.45 -69.61 -58.47
C THR A 1847 -33.05 -70.76 -59.40
N LEU A 1848 -33.77 -70.91 -60.51
CA LEU A 1848 -33.43 -71.98 -61.45
C LEU A 1848 -32.09 -71.72 -62.13
N LEU A 1849 -31.77 -70.47 -62.43
CA LEU A 1849 -30.47 -70.16 -63.01
C LEU A 1849 -29.35 -70.52 -62.07
N VAL A 1850 -29.49 -70.16 -60.79
CA VAL A 1850 -28.46 -70.51 -59.80
C VAL A 1850 -28.34 -72.01 -59.65
N MET A 1851 -29.48 -72.71 -59.60
CA MET A 1851 -29.46 -74.17 -59.53
C MET A 1851 -28.87 -74.80 -60.79
N GLY A 1852 -28.83 -74.08 -61.90
CA GLY A 1852 -28.26 -74.63 -63.12
C GLY A 1852 -29.20 -75.45 -63.96
N ILE A 1853 -30.50 -75.23 -63.82
CA ILE A 1853 -31.48 -76.02 -64.56
C ILE A 1853 -31.45 -75.64 -66.04
N PHE A 1854 -31.31 -74.35 -66.34
CA PHE A 1854 -31.42 -73.87 -67.71
C PHE A 1854 -30.23 -74.32 -68.55
N GLY A 1855 -30.52 -74.69 -69.79
CA GLY A 1855 -29.49 -75.00 -70.77
C GLY A 1855 -29.07 -73.76 -71.54
N ASP A 1856 -28.23 -74.00 -72.57
CA ASP A 1856 -27.71 -72.89 -73.36
C ASP A 1856 -28.81 -72.13 -74.09
N GLU A 1857 -29.75 -72.86 -74.70
CA GLU A 1857 -30.84 -72.19 -75.40
C GLU A 1857 -31.72 -71.41 -74.44
N ASP A 1858 -31.99 -71.96 -73.26
CA ASP A 1858 -32.77 -71.24 -72.26
C ASP A 1858 -32.04 -69.97 -71.82
N VAL A 1859 -30.73 -70.06 -71.62
CA VAL A 1859 -29.96 -68.88 -71.22
C VAL A 1859 -29.99 -67.84 -72.33
N LYS A 1860 -29.89 -68.27 -73.58
CA LYS A 1860 -29.98 -67.34 -74.69
C LYS A 1860 -31.33 -66.64 -74.71
N GLN A 1861 -32.41 -67.38 -74.46
CA GLN A 1861 -33.73 -66.76 -74.41
C GLN A 1861 -33.82 -65.75 -73.27
N ILE A 1862 -33.30 -66.11 -72.10
CA ILE A 1862 -33.34 -65.18 -70.97
C ILE A 1862 -32.57 -63.91 -71.31
N LEU A 1863 -31.43 -64.06 -71.98
CA LEU A 1863 -30.66 -62.90 -72.39
C LEU A 1863 -31.43 -62.06 -73.40
N LYS A 1864 -32.18 -62.71 -74.29
CA LYS A 1864 -33.02 -61.98 -75.23
C LYS A 1864 -34.09 -61.16 -74.51
N MET A 1865 -34.75 -61.76 -73.51
CA MET A 1865 -35.72 -60.98 -72.74
C MET A 1865 -35.06 -59.84 -71.98
N ILE A 1866 -33.86 -60.07 -71.44
CA ILE A 1866 -33.19 -59.00 -70.69
C ILE A 1866 -32.82 -57.84 -71.62
N GLU A 1867 -32.20 -58.14 -72.74
CA GLU A 1867 -31.79 -57.12 -73.69
C GLU A 1867 -31.70 -57.70 -75.09
N PRO A 1868 -32.74 -57.56 -75.91
CA PRO A 1868 -32.74 -58.20 -77.23
C PRO A 1868 -31.67 -57.69 -78.18
N GLU A 1869 -31.13 -56.48 -77.96
CA GLU A 1869 -30.17 -55.93 -78.89
C GLU A 1869 -28.73 -56.29 -78.55
N VAL A 1870 -28.36 -56.23 -77.27
CA VAL A 1870 -26.98 -56.51 -76.87
C VAL A 1870 -26.67 -57.99 -77.04
N PHE A 1871 -27.63 -58.87 -76.75
CA PHE A 1871 -27.39 -60.30 -76.62
C PHE A 1871 -27.86 -61.10 -77.83
N THR A 1872 -27.69 -60.58 -79.04
CA THR A 1872 -27.93 -61.34 -80.26
C THR A 1872 -26.59 -61.91 -80.73
N GLU A 1873 -26.55 -63.21 -80.96
CA GLU A 1873 -25.35 -63.88 -81.43
C GLU A 1873 -25.33 -63.93 -82.95
N GLU A 1874 -24.13 -64.01 -83.50
CA GLU A 1874 -23.95 -64.11 -84.95
C GLU A 1874 -22.59 -64.69 -85.29
N LEU A 1922 -44.07 -55.59 -79.72
CA LEU A 1922 -43.08 -54.84 -78.95
C LEU A 1922 -42.12 -55.80 -78.25
N GLU A 1923 -40.91 -55.92 -78.79
CA GLU A 1923 -39.91 -56.87 -78.30
C GLU A 1923 -38.93 -56.21 -77.33
N GLU A 1924 -39.28 -55.02 -76.85
CA GLU A 1924 -38.43 -54.28 -75.93
C GLU A 1924 -38.11 -55.11 -74.69
N GLY A 1925 -36.85 -55.10 -74.29
CA GLY A 1925 -36.39 -55.94 -73.22
C GLY A 1925 -36.79 -55.44 -71.84
N LEU A 1926 -36.41 -56.24 -70.84
CA LEU A 1926 -36.73 -55.89 -69.46
C LEU A 1926 -36.02 -54.62 -69.01
N LEU A 1927 -34.77 -54.42 -69.43
CA LEU A 1927 -34.00 -53.29 -68.92
C LEU A 1927 -34.50 -51.95 -69.43
N GLN A 1928 -35.42 -51.94 -70.39
CA GLN A 1928 -35.94 -50.69 -70.94
C GLN A 1928 -37.44 -50.54 -70.70
N MET A 1929 -37.97 -51.17 -69.66
CA MET A 1929 -39.41 -51.18 -69.42
C MET A 1929 -39.84 -50.32 -68.25
N LYS A 1930 -38.90 -49.64 -67.57
CA LYS A 1930 -39.21 -48.71 -66.48
C LYS A 1930 -39.97 -49.41 -65.35
N LEU A 1931 -39.28 -50.35 -64.72
CA LEU A 1931 -39.86 -51.15 -63.66
C LEU A 1931 -39.65 -50.51 -62.31
N PRO A 1932 -40.43 -50.90 -61.30
CA PRO A 1932 -40.18 -50.42 -59.94
C PRO A 1932 -38.93 -51.02 -59.32
N GLU A 1933 -38.67 -50.64 -58.06
CA GLU A 1933 -37.40 -50.96 -57.43
C GLU A 1933 -37.25 -52.43 -57.10
N SER A 1934 -38.34 -53.11 -56.74
CA SER A 1934 -38.25 -54.55 -56.48
C SER A 1934 -37.88 -55.32 -57.75
N VAL A 1935 -38.49 -54.96 -58.88
CA VAL A 1935 -38.13 -55.60 -60.13
C VAL A 1935 -36.69 -55.24 -60.51
N LYS A 1936 -36.27 -54.01 -60.22
CA LYS A 1936 -34.88 -53.65 -60.46
C LYS A 1936 -33.93 -54.51 -59.63
N LEU A 1937 -34.29 -54.78 -58.37
CA LEU A 1937 -33.46 -55.64 -57.53
C LEU A 1937 -33.37 -57.04 -58.09
N GLN A 1938 -34.49 -57.57 -58.58
CA GLN A 1938 -34.45 -58.91 -59.20
C GLN A 1938 -33.57 -58.91 -60.46
N MET A 1939 -33.65 -57.86 -61.28
CA MET A 1939 -32.77 -57.77 -62.43
C MET A 1939 -31.31 -57.69 -62.00
N CYS A 1940 -31.04 -57.01 -60.90
CA CYS A 1940 -29.68 -56.98 -60.36
C CYS A 1940 -29.23 -58.37 -59.97
N ASN A 1941 -30.12 -59.17 -59.39
CA ASN A 1941 -29.76 -60.56 -59.08
C ASN A 1941 -29.42 -61.35 -60.33
N LEU A 1942 -30.22 -61.20 -61.38
CA LEU A 1942 -29.94 -61.89 -62.63
C LEU A 1942 -28.58 -61.50 -63.21
N LEU A 1943 -28.33 -60.19 -63.27
CA LEU A 1943 -27.07 -59.72 -63.82
C LEU A 1943 -25.89 -60.11 -62.94
N GLU A 1944 -26.10 -60.21 -61.63
CA GLU A 1944 -25.06 -60.72 -60.74
C GLU A 1944 -24.74 -62.17 -61.06
N TYR A 1945 -25.77 -62.97 -61.34
CA TYR A 1945 -25.52 -64.35 -61.78
C TYR A 1945 -24.68 -64.39 -63.05
N PHE A 1946 -25.02 -63.56 -64.03
CA PHE A 1946 -24.27 -63.59 -65.27
C PHE A 1946 -22.84 -63.08 -65.10
N CYS A 1947 -22.64 -62.10 -64.22
CA CYS A 1947 -21.28 -61.65 -63.92
C CYS A 1947 -20.48 -62.74 -63.23
N ASP A 1948 -21.11 -63.49 -62.33
CA ASP A 1948 -20.44 -64.64 -61.73
C ASP A 1948 -20.06 -65.67 -62.77
N GLN A 1949 -20.93 -65.88 -63.76
CA GLN A 1949 -20.61 -66.81 -64.84
C GLN A 1949 -19.41 -66.33 -65.64
N GLU A 1950 -19.35 -65.02 -65.92
CA GLU A 1950 -18.19 -64.48 -66.64
C GLU A 1950 -16.90 -64.68 -65.84
N LEU A 1951 -16.96 -64.44 -64.53
CA LEU A 1951 -15.79 -64.66 -63.68
C LEU A 1951 -15.37 -66.13 -63.69
N GLN A 1952 -16.34 -67.03 -63.60
CA GLN A 1952 -16.03 -68.45 -63.63
C GLN A 1952 -15.42 -68.85 -64.96
N HIS A 1953 -15.92 -68.28 -66.06
CA HIS A 1953 -15.33 -68.56 -67.37
C HIS A 1953 -13.88 -68.08 -67.44
N ARG A 1954 -13.60 -66.91 -66.90
CA ARG A 1954 -12.22 -66.42 -66.88
C ARG A 1954 -11.33 -67.37 -66.08
N VAL A 1955 -11.80 -67.82 -64.91
CA VAL A 1955 -11.00 -68.72 -64.09
C VAL A 1955 -10.74 -70.02 -64.82
N GLU A 1956 -11.76 -70.58 -65.46
CA GLU A 1956 -11.59 -71.85 -66.14
C GLU A 1956 -10.69 -71.72 -67.37
N SER A 1957 -10.79 -70.61 -68.09
CA SER A 1957 -9.90 -70.37 -69.22
C SER A 1957 -8.46 -70.25 -68.76
N LEU A 1958 -8.25 -69.55 -67.64
CA LEU A 1958 -6.89 -69.46 -67.07
C LEU A 1958 -6.37 -70.83 -66.70
N ALA A 1959 -7.22 -71.67 -66.11
CA ALA A 1959 -6.80 -73.02 -65.75
C ALA A 1959 -6.45 -73.85 -66.98
N ALA A 1960 -7.24 -73.73 -68.04
CA ALA A 1960 -6.96 -74.47 -69.27
C ALA A 1960 -5.64 -74.03 -69.88
N PHE A 1961 -5.41 -72.71 -69.95
CA PHE A 1961 -4.12 -72.24 -70.45
C PHE A 1961 -2.98 -72.70 -69.56
N ALA A 1962 -3.22 -72.76 -68.25
CA ALA A 1962 -2.20 -73.30 -67.36
C ALA A 1962 -1.88 -74.74 -67.71
N GLU A 1963 -2.90 -75.54 -68.00
CA GLU A 1963 -2.68 -76.93 -68.35
C GLU A 1963 -1.85 -77.07 -69.61
N ARG A 1964 -2.15 -76.26 -70.63
CA ARG A 1964 -1.38 -76.35 -71.88
C ARG A 1964 0.04 -75.82 -71.69
N TYR A 1965 0.18 -74.66 -71.04
CA TYR A 1965 1.47 -74.03 -70.90
C TYR A 1965 2.40 -74.82 -69.99
N VAL A 1966 1.84 -75.53 -69.00
CA VAL A 1966 2.65 -76.38 -68.15
C VAL A 1966 3.27 -77.52 -68.95
N ASP A 1967 2.48 -78.13 -69.83
CA ASP A 1967 3.03 -79.17 -70.69
C ASP A 1967 4.14 -78.63 -71.56
N LYS A 1968 3.92 -77.46 -72.18
CA LYS A 1968 4.98 -76.88 -73.01
C LYS A 1968 6.23 -76.57 -72.19
N LEU A 1969 6.06 -75.98 -71.00
CA LEU A 1969 7.20 -75.64 -70.16
C LEU A 1969 7.96 -76.89 -69.72
N GLN A 1970 7.24 -77.94 -69.34
CA GLN A 1970 7.91 -79.17 -68.91
C GLN A 1970 8.69 -79.80 -70.05
N ALA A 1971 8.11 -79.84 -71.26
CA ALA A 1971 8.84 -80.38 -72.40
C ALA A 1971 10.10 -79.57 -72.66
N ASN A 1972 9.98 -78.23 -72.66
CA ASN A 1972 11.14 -77.39 -72.93
C ASN A 1972 12.21 -77.54 -71.86
N GLN A 1973 11.81 -77.64 -70.59
CA GLN A 1973 12.78 -77.77 -69.52
C GLN A 1973 13.49 -79.12 -69.58
N ARG A 1974 12.76 -80.18 -69.91
CA ARG A 1974 13.40 -81.49 -70.09
C ARG A 1974 14.42 -81.43 -71.22
N SER A 1975 14.06 -80.82 -72.34
CA SER A 1975 15.00 -80.68 -73.44
C SER A 1975 16.22 -79.87 -73.02
N ARG A 1976 16.00 -78.75 -72.33
CA ARG A 1976 17.11 -77.88 -71.94
C ARG A 1976 18.06 -78.59 -70.99
N TYR A 1977 17.52 -79.35 -70.04
CA TYR A 1977 18.36 -80.16 -69.17
C TYR A 1977 19.14 -81.20 -69.98
N ALA A 1978 18.49 -81.82 -70.96
CA ALA A 1978 19.17 -82.82 -71.79
C ALA A 1978 20.38 -82.22 -72.49
N LEU A 1979 20.21 -81.09 -73.18
CA LEU A 1979 21.39 -80.52 -73.85
C LEU A 1979 22.32 -79.81 -72.87
N LEU A 1980 21.85 -79.52 -71.65
CA LEU A 1980 22.74 -78.90 -70.67
C LEU A 1980 23.69 -79.92 -70.06
N MET A 1981 23.31 -81.20 -70.01
CA MET A 1981 24.21 -82.20 -69.48
C MET A 1981 25.49 -82.36 -70.31
N ARG A 1982 25.52 -81.84 -71.53
CA ARG A 1982 26.72 -81.87 -72.37
C ARG A 1982 27.46 -80.54 -72.39
N ALA A 1983 27.15 -79.63 -71.47
CA ALA A 1983 27.70 -78.28 -71.53
C ALA A 1983 29.16 -78.22 -71.12
N PHE A 1984 29.68 -79.24 -70.42
CA PHE A 1984 31.07 -79.19 -69.96
C PHE A 1984 32.05 -79.17 -71.13
N THR A 1985 31.62 -79.64 -72.31
CA THR A 1985 32.50 -79.64 -73.47
C THR A 1985 32.72 -78.25 -74.05
N MET A 1986 31.87 -77.27 -73.70
CA MET A 1986 32.01 -75.94 -74.25
C MET A 1986 31.77 -74.84 -73.23
N SER A 1987 32.00 -75.11 -71.94
CA SER A 1987 31.72 -74.13 -70.90
C SER A 1987 32.71 -74.32 -69.76
N ALA A 1988 32.39 -73.74 -68.61
CA ALA A 1988 33.31 -73.69 -67.47
C ALA A 1988 32.49 -73.78 -66.19
N ALA A 1989 33.10 -73.37 -65.08
CA ALA A 1989 32.45 -73.52 -63.77
C ALA A 1989 31.17 -72.71 -63.65
N GLU A 1990 30.95 -71.76 -64.57
CA GLU A 1990 29.71 -71.00 -64.59
C GLU A 1990 28.49 -71.87 -64.96
N THR A 1991 28.70 -73.17 -65.20
CA THR A 1991 27.58 -74.09 -65.42
C THR A 1991 26.62 -74.10 -64.23
N ALA A 1992 27.12 -73.77 -63.03
CA ALA A 1992 26.25 -73.70 -61.86
C ALA A 1992 25.14 -72.66 -62.06
N ARG A 1993 25.46 -71.57 -62.75
CA ARG A 1993 24.44 -70.56 -63.04
C ARG A 1993 23.34 -71.12 -63.95
N ARG A 1994 23.73 -71.87 -64.98
CA ARG A 1994 22.74 -72.45 -65.88
C ARG A 1994 21.92 -73.53 -65.19
N THR A 1995 22.56 -74.35 -64.36
CA THR A 1995 21.86 -75.39 -63.62
C THR A 1995 21.33 -74.92 -62.29
N ARG A 1996 21.47 -73.63 -61.97
CA ARG A 1996 20.83 -73.08 -60.79
C ARG A 1996 19.32 -73.27 -60.83
N GLU A 1997 18.76 -73.35 -62.04
CA GLU A 1997 17.33 -73.63 -62.19
C GLU A 1997 16.98 -74.97 -61.56
N PHE A 1998 17.81 -75.99 -61.78
CA PHE A 1998 17.52 -77.33 -61.32
C PHE A 1998 17.88 -77.56 -59.86
N ARG A 1999 18.50 -76.58 -59.21
CA ARG A 1999 18.82 -76.66 -57.79
C ARG A 1999 17.95 -75.74 -56.95
N SER A 2000 16.83 -75.29 -57.51
CA SER A 2000 15.93 -74.36 -56.84
C SER A 2000 14.54 -74.98 -56.77
N PRO A 2001 13.76 -74.63 -55.74
CA PRO A 2001 12.45 -75.25 -55.56
C PRO A 2001 11.57 -75.01 -56.77
N PRO A 2002 10.70 -75.97 -57.11
CA PRO A 2002 9.91 -75.84 -58.35
C PRO A 2002 9.09 -74.58 -58.43
N GLN A 2003 8.60 -74.07 -57.30
CA GLN A 2003 7.91 -72.79 -57.29
C GLN A 2003 8.84 -71.69 -57.80
N GLU A 2004 10.08 -71.68 -57.32
CA GLU A 2004 11.04 -70.69 -57.78
C GLU A 2004 11.44 -70.91 -59.23
N GLN A 2005 11.52 -72.17 -59.66
CA GLN A 2005 11.81 -72.46 -61.06
C GLN A 2005 10.74 -71.86 -61.96
N ILE A 2006 9.48 -72.08 -61.64
CA ILE A 2006 8.40 -71.53 -62.45
C ILE A 2006 8.31 -70.02 -62.31
N ASN A 2007 8.66 -69.47 -61.14
CA ASN A 2007 8.72 -68.02 -60.99
C ASN A 2007 9.74 -67.41 -61.93
N MET A 2008 10.93 -68.03 -62.01
CA MET A 2008 11.97 -67.53 -62.90
C MET A 2008 11.59 -67.74 -64.36
N LEU A 2009 10.93 -68.85 -64.67
CA LEU A 2009 10.50 -69.10 -66.05
C LEU A 2009 9.44 -68.10 -66.50
N LEU A 2010 8.60 -67.62 -65.58
CA LEU A 2010 7.58 -66.64 -65.92
C LEU A 2010 8.06 -65.20 -65.71
N HIS A 2011 9.34 -65.00 -65.39
CA HIS A 2011 9.85 -63.67 -65.04
C HIS A 2011 10.45 -63.03 -66.30
N PHE A 2012 9.58 -62.78 -67.27
CA PHE A 2012 10.01 -62.16 -68.54
C PHE A 2012 9.02 -61.14 -69.04
N LYS A 2013 8.30 -60.46 -68.14
CA LYS A 2013 7.23 -59.56 -68.56
C LYS A 2013 7.73 -58.16 -68.91
N ASP A 2014 8.65 -57.61 -68.12
CA ASP A 2014 8.99 -56.20 -68.21
C ASP A 2014 10.02 -55.87 -69.29
N GLU A 2015 10.51 -56.87 -70.03
CA GLU A 2015 11.48 -56.74 -71.11
C GLU A 2015 12.87 -56.41 -70.61
N ALA A 2016 13.03 -56.09 -69.33
CA ALA A 2016 14.34 -55.93 -68.72
C ALA A 2016 14.80 -57.21 -68.03
N ASP A 2017 14.03 -58.28 -68.14
CA ASP A 2017 14.32 -59.57 -67.50
C ASP A 2017 14.38 -60.67 -68.55
N GLU A 2018 14.80 -60.32 -69.76
CA GLU A 2018 14.90 -61.27 -70.86
C GLU A 2018 16.22 -62.04 -70.88
N GLU A 2019 17.09 -61.79 -69.90
CA GLU A 2019 18.38 -62.46 -69.83
C GLU A 2019 18.38 -63.64 -68.86
N ASP A 2020 17.73 -63.50 -67.71
CA ASP A 2020 17.69 -64.61 -66.74
C ASP A 2020 16.70 -65.68 -67.17
N CYS A 2021 15.63 -65.31 -67.87
CA CYS A 2021 14.64 -66.29 -68.31
C CYS A 2021 15.19 -67.11 -69.47
N PRO A 2022 15.29 -68.43 -69.35
CA PRO A 2022 15.83 -69.25 -70.44
C PRO A 2022 14.80 -69.74 -71.45
N LEU A 2023 13.54 -69.32 -71.34
CA LEU A 2023 12.52 -69.81 -72.26
C LEU A 2023 12.75 -69.25 -73.66
N PRO A 2024 12.40 -70.00 -74.69
CA PRO A 2024 12.44 -69.48 -76.06
C PRO A 2024 11.33 -68.46 -76.30
N GLU A 2025 11.58 -67.60 -77.28
CA GLU A 2025 10.64 -66.54 -77.62
C GLU A 2025 9.30 -67.11 -78.09
N ASP A 2026 9.31 -68.25 -78.76
CA ASP A 2026 8.06 -68.86 -79.20
C ASP A 2026 7.18 -69.23 -78.01
N ILE A 2027 7.79 -69.77 -76.95
CA ILE A 2027 7.03 -70.10 -75.74
C ILE A 2027 6.59 -68.84 -75.02
N ARG A 2028 7.46 -67.82 -74.99
CA ARG A 2028 7.10 -66.55 -74.36
C ARG A 2028 5.89 -65.92 -75.05
N GLN A 2029 5.81 -66.07 -76.37
CA GLN A 2029 4.76 -65.43 -77.14
C GLN A 2029 3.38 -65.96 -76.77
N ASP A 2030 3.27 -67.25 -76.48
CA ASP A 2030 1.97 -67.80 -76.10
C ASP A 2030 1.46 -67.18 -74.81
N LEU A 2031 2.32 -67.06 -73.81
CA LEU A 2031 1.91 -66.43 -72.55
C LEU A 2031 1.58 -64.96 -72.76
N GLN A 2032 2.37 -64.25 -73.57
CA GLN A 2032 2.07 -62.84 -73.80
C GLN A 2032 0.73 -62.67 -74.51
N ASP A 2033 0.46 -63.52 -75.51
CA ASP A 2033 -0.81 -63.44 -76.22
C ASP A 2033 -1.98 -63.75 -75.31
N PHE A 2034 -1.84 -64.77 -74.46
CA PHE A 2034 -2.92 -65.07 -73.52
C PHE A 2034 -3.11 -63.93 -72.52
N HIS A 2035 -2.03 -63.31 -72.06
CA HIS A 2035 -2.18 -62.18 -71.16
C HIS A 2035 -2.92 -61.04 -71.84
N GLN A 2036 -2.58 -60.75 -73.09
CA GLN A 2036 -3.27 -59.69 -73.82
C GLN A 2036 -4.74 -59.99 -74.01
N ASP A 2037 -5.07 -61.23 -74.38
CA ASP A 2037 -6.48 -61.54 -74.59
C ASP A 2037 -7.25 -61.62 -73.28
N LEU A 2038 -6.61 -62.00 -72.18
CA LEU A 2038 -7.27 -61.92 -70.87
C LEU A 2038 -7.55 -60.48 -70.48
N LEU A 2039 -6.59 -59.58 -70.69
CA LEU A 2039 -6.82 -58.18 -70.41
C LEU A 2039 -7.95 -57.62 -71.26
N ALA A 2040 -7.99 -58.01 -72.53
CA ALA A 2040 -9.09 -57.58 -73.40
C ALA A 2040 -10.43 -58.14 -72.92
N HIS A 2041 -10.45 -59.39 -72.48
CA HIS A 2041 -11.66 -59.99 -71.97
C HIS A 2041 -12.14 -59.32 -70.68
N CYS A 2042 -11.21 -58.79 -69.89
CA CYS A 2042 -11.57 -58.02 -68.70
C CYS A 2042 -11.89 -56.56 -69.03
N GLY A 2043 -11.87 -56.19 -70.30
CA GLY A 2043 -12.20 -54.83 -70.69
C GLY A 2043 -11.21 -53.77 -70.27
N ILE A 2044 -9.92 -54.06 -70.37
CA ILE A 2044 -8.90 -53.07 -69.99
C ILE A 2044 -8.66 -52.10 -71.14
N GLN A 2045 -8.18 -52.60 -72.27
CA GLN A 2045 -7.86 -51.77 -73.42
C GLN A 2045 -7.74 -52.67 -74.64
N LEU A 2046 -7.78 -52.04 -75.82
CA LEU A 2046 -7.62 -52.77 -77.07
C LEU A 2046 -6.73 -52.00 -78.04
N GLU A 2088 -21.43 -45.26 -80.62
CA GLU A 2088 -21.14 -46.37 -79.71
C GLU A 2088 -22.18 -46.44 -78.59
N LYS A 2089 -23.40 -45.99 -78.90
CA LYS A 2089 -24.47 -46.02 -77.91
C LYS A 2089 -24.88 -47.43 -77.53
N LYS A 2090 -24.70 -48.39 -78.42
CA LYS A 2090 -24.98 -49.78 -78.08
C LYS A 2090 -23.92 -50.29 -77.11
N PRO A 2091 -24.31 -50.82 -75.94
CA PRO A 2091 -23.29 -51.28 -74.99
C PRO A 2091 -22.36 -52.35 -75.55
N GLN A 2092 -22.88 -53.24 -76.40
CA GLN A 2092 -22.11 -54.27 -77.10
C GLN A 2092 -21.51 -55.32 -76.18
N SER A 2093 -21.67 -55.20 -74.86
CA SER A 2093 -21.10 -56.18 -73.95
C SER A 2093 -21.82 -56.09 -72.61
N LEU A 2094 -21.70 -57.16 -71.83
CA LEU A 2094 -22.35 -57.22 -70.53
C LEU A 2094 -21.83 -56.13 -69.60
N GLN A 2095 -20.51 -55.89 -69.62
CA GLN A 2095 -19.93 -54.90 -68.72
C GLN A 2095 -20.49 -53.51 -69.00
N GLU A 2096 -20.44 -53.07 -70.26
CA GLU A 2096 -20.98 -51.76 -70.60
C GLU A 2096 -22.47 -51.69 -70.37
N LEU A 2097 -23.20 -52.76 -70.68
CA LEU A 2097 -24.64 -52.77 -70.42
C LEU A 2097 -24.94 -52.55 -68.95
N VAL A 2098 -24.28 -53.31 -68.07
CA VAL A 2098 -24.55 -53.20 -66.65
C VAL A 2098 -24.15 -51.83 -66.12
N SER A 2099 -22.98 -51.33 -66.53
CA SER A 2099 -22.54 -50.03 -66.04
C SER A 2099 -23.50 -48.92 -66.45
N HIS A 2100 -23.89 -48.91 -67.74
CA HIS A 2100 -24.82 -47.90 -68.22
CA HIS A 2100 -24.81 -47.90 -68.22
C HIS A 2100 -26.16 -48.02 -67.53
N MET A 2101 -26.65 -49.25 -67.35
CA MET A 2101 -27.92 -49.46 -66.68
C MET A 2101 -27.90 -48.92 -65.26
N VAL A 2102 -26.83 -49.21 -64.51
CA VAL A 2102 -26.74 -48.75 -63.12
C VAL A 2102 -26.67 -47.24 -63.07
N VAL A 2103 -25.83 -46.62 -63.90
CA VAL A 2103 -25.70 -45.17 -63.88
C VAL A 2103 -27.03 -44.52 -64.27
N ARG A 2104 -27.70 -45.04 -65.28
CA ARG A 2104 -28.98 -44.48 -65.71
C ARG A 2104 -30.03 -44.62 -64.63
N TRP A 2105 -30.09 -45.79 -63.97
CA TRP A 2105 -31.03 -45.97 -62.87
C TRP A 2105 -30.77 -44.98 -61.76
N ALA A 2106 -29.50 -44.77 -61.42
CA ALA A 2106 -29.16 -43.88 -60.32
C ALA A 2106 -29.46 -42.42 -60.66
N GLN A 2107 -29.25 -42.01 -61.91
CA GLN A 2107 -29.48 -40.62 -62.28
C GLN A 2107 -30.89 -40.34 -62.77
N GLU A 2108 -31.73 -41.37 -62.91
CA GLU A 2108 -33.12 -41.15 -63.27
C GLU A 2108 -33.99 -40.85 -62.05
N ASP A 2109 -33.64 -41.38 -60.88
CA ASP A 2109 -34.43 -41.15 -59.69
C ASP A 2109 -33.56 -41.36 -58.47
N TYR A 2110 -34.02 -40.81 -57.35
CA TYR A 2110 -33.37 -41.01 -56.05
C TYR A 2110 -33.81 -42.36 -55.52
N VAL A 2111 -32.96 -43.38 -55.68
CA VAL A 2111 -33.33 -44.74 -55.29
C VAL A 2111 -33.49 -44.81 -53.78
N GLN A 2112 -34.62 -45.35 -53.34
CA GLN A 2112 -34.98 -45.36 -51.93
C GLN A 2112 -34.71 -46.68 -51.23
N SER A 2113 -34.40 -47.74 -51.97
CA SER A 2113 -34.17 -49.05 -51.36
C SER A 2113 -32.67 -49.23 -51.11
N PRO A 2114 -32.23 -49.29 -49.86
CA PRO A 2114 -30.80 -49.53 -49.60
C PRO A 2114 -30.30 -50.84 -50.17
N GLU A 2115 -31.12 -51.89 -50.14
CA GLU A 2115 -30.71 -53.15 -50.75
C GLU A 2115 -30.48 -52.99 -52.24
N LEU A 2116 -31.40 -52.31 -52.92
CA LEU A 2116 -31.22 -52.06 -54.34
C LEU A 2116 -29.97 -51.24 -54.61
N VAL A 2117 -29.73 -50.20 -53.81
CA VAL A 2117 -28.57 -49.33 -54.02
C VAL A 2117 -27.28 -50.12 -53.87
N ARG A 2118 -27.19 -50.92 -52.81
CA ARG A 2118 -26.01 -51.75 -52.60
C ARG A 2118 -25.83 -52.73 -53.75
N ALA A 2119 -26.93 -53.29 -54.24
CA ALA A 2119 -26.84 -54.22 -55.36
C ALA A 2119 -26.29 -53.53 -56.61
N MET A 2120 -26.83 -52.36 -56.97
CA MET A 2120 -26.37 -51.72 -58.19
C MET A 2120 -24.92 -51.32 -58.08
N PHE A 2121 -24.50 -50.83 -56.91
CA PHE A 2121 -23.13 -50.35 -56.81
C PHE A 2121 -22.12 -51.49 -56.73
N SER A 2122 -22.49 -52.61 -56.09
CA SER A 2122 -21.64 -53.79 -56.17
C SER A 2122 -21.50 -54.26 -57.61
N LEU A 2123 -22.62 -54.29 -58.34
CA LEU A 2123 -22.58 -54.71 -59.73
C LEU A 2123 -21.69 -53.80 -60.57
N LEU A 2124 -21.82 -52.48 -60.36
CA LEU A 2124 -21.02 -51.52 -61.10
C LEU A 2124 -19.53 -51.68 -60.80
N HIS A 2125 -19.19 -51.86 -59.52
CA HIS A 2125 -17.80 -52.05 -59.16
C HIS A 2125 -17.23 -53.30 -59.78
N ARG A 2126 -18.03 -54.36 -59.88
CA ARG A 2126 -17.53 -55.57 -60.54
C ARG A 2126 -17.23 -55.31 -62.01
N GLN A 2127 -18.06 -54.52 -62.69
CA GLN A 2127 -17.80 -54.21 -64.09
C GLN A 2127 -16.55 -53.37 -64.25
N TYR A 2128 -16.33 -52.41 -63.34
CA TYR A 2128 -15.18 -51.53 -63.51
C TYR A 2128 -13.87 -52.21 -63.14
N ASP A 2129 -13.88 -53.21 -62.27
CA ASP A 2129 -12.65 -53.90 -61.88
C ASP A 2129 -12.80 -55.40 -62.11
N GLY A 2130 -12.64 -55.81 -63.37
CA GLY A 2130 -12.74 -57.21 -63.72
C GLY A 2130 -11.46 -57.94 -63.40
N LEU A 2131 -10.33 -57.29 -63.67
CA LEU A 2131 -9.04 -57.88 -63.30
C LEU A 2131 -8.93 -58.02 -61.79
N GLY A 2132 -9.39 -57.02 -61.05
CA GLY A 2132 -9.40 -57.14 -59.60
C GLY A 2132 -10.32 -58.24 -59.11
N GLU A 2133 -11.50 -58.37 -59.72
CA GLU A 2133 -12.39 -59.46 -59.35
C GLU A 2133 -11.74 -60.82 -59.59
N LEU A 2134 -11.09 -60.99 -60.74
CA LEU A 2134 -10.40 -62.24 -61.03
C LEU A 2134 -9.26 -62.48 -60.04
N LEU A 2135 -8.50 -61.44 -59.72
CA LEU A 2135 -7.38 -61.59 -58.81
C LEU A 2135 -7.85 -62.01 -57.42
N ARG A 2136 -8.95 -61.44 -56.95
CA ARG A 2136 -9.50 -61.87 -55.67
C ARG A 2136 -10.18 -63.22 -55.73
N ALA A 2137 -10.60 -63.68 -56.92
CA ALA A 2137 -11.21 -64.99 -57.06
C ALA A 2137 -10.19 -66.12 -57.18
N LEU A 2138 -8.99 -65.85 -57.69
CA LEU A 2138 -8.01 -66.92 -57.91
C LEU A 2138 -7.63 -67.70 -56.66
N PRO A 2139 -7.47 -67.11 -55.46
CA PRO A 2139 -7.10 -67.93 -54.30
C PRO A 2139 -8.03 -69.09 -54.02
N ARG A 2140 -9.27 -69.05 -54.48
CA ARG A 2140 -10.21 -70.15 -54.32
C ARG A 2140 -10.28 -71.06 -55.54
N ALA A 2141 -9.33 -70.94 -56.46
CA ALA A 2141 -9.26 -71.79 -57.64
C ALA A 2141 -8.19 -72.86 -57.44
N TYR A 2142 -8.52 -74.08 -57.86
CA TYR A 2142 -7.63 -75.21 -57.65
C TYR A 2142 -7.81 -76.19 -58.80
N THR A 2143 -6.72 -76.79 -59.25
CA THR A 2143 -6.74 -77.76 -60.32
C THR A 2143 -6.41 -79.15 -59.79
N ILE A 2144 -7.20 -80.14 -60.18
CA ILE A 2144 -7.04 -81.49 -59.71
C ILE A 2144 -6.94 -82.43 -60.90
N SER A 2145 -6.34 -83.59 -60.67
CA SER A 2145 -6.28 -84.62 -61.68
C SER A 2145 -7.68 -85.18 -61.94
N PRO A 2146 -7.97 -85.62 -63.17
CA PRO A 2146 -9.28 -86.20 -63.45
C PRO A 2146 -9.55 -87.48 -62.68
N SER A 2147 -8.52 -88.12 -62.14
CA SER A 2147 -8.71 -89.35 -61.36
C SER A 2147 -9.18 -89.08 -59.93
N SER A 2148 -9.13 -87.83 -59.47
CA SER A 2148 -9.56 -87.47 -58.12
C SER A 2148 -10.95 -86.85 -58.11
N VAL A 2149 -11.65 -86.87 -59.23
CA VAL A 2149 -12.91 -86.14 -59.35
C VAL A 2149 -13.97 -86.72 -58.43
N GLU A 2150 -14.11 -88.05 -58.39
CA GLU A 2150 -15.17 -88.65 -57.58
C GLU A 2150 -14.92 -88.44 -56.09
N ASP A 2151 -13.68 -88.58 -55.64
CA ASP A 2151 -13.37 -88.33 -54.25
C ASP A 2151 -13.59 -86.87 -53.88
N THR A 2152 -13.19 -85.96 -54.78
CA THR A 2152 -13.43 -84.54 -54.54
C THR A 2152 -14.92 -84.24 -54.48
N MET A 2153 -15.72 -84.92 -55.32
CA MET A 2153 -17.16 -84.73 -55.29
C MET A 2153 -17.75 -85.20 -53.97
N SER A 2154 -17.30 -86.35 -53.47
CA SER A 2154 -17.76 -86.83 -52.18
C SER A 2154 -17.39 -85.84 -51.07
N LEU A 2155 -16.16 -85.33 -51.11
CA LEU A 2155 -15.73 -84.37 -50.11
C LEU A 2155 -16.56 -83.08 -50.18
N LEU A 2156 -16.88 -82.63 -51.40
CA LEU A 2156 -17.72 -81.45 -51.56
C LEU A 2156 -19.12 -81.70 -51.01
N GLU A 2157 -19.66 -82.89 -51.23
CA GLU A 2157 -20.95 -83.23 -50.65
C GLU A 2157 -20.90 -83.15 -49.12
N CYS A 2158 -19.88 -83.76 -48.52
CA CYS A 2158 -19.77 -83.74 -47.06
C CYS A 2158 -19.62 -82.32 -46.54
N LEU A 2159 -18.81 -81.50 -47.22
CA LEU A 2159 -18.66 -80.11 -46.82
C LEU A 2159 -19.96 -79.35 -46.98
N GLY A 2160 -20.77 -79.72 -47.98
CA GLY A 2160 -22.07 -79.09 -48.13
C GLY A 2160 -23.02 -79.41 -46.99
N GLN A 2161 -23.06 -80.68 -46.58
CA GLN A 2161 -23.84 -81.02 -45.39
C GLN A 2161 -23.33 -80.28 -44.16
N ILE A 2162 -22.02 -80.15 -44.02
CA ILE A 2162 -21.48 -79.41 -42.87
C ILE A 2162 -21.92 -77.95 -42.92
N ARG A 2163 -21.81 -77.32 -44.08
CA ARG A 2163 -22.16 -75.91 -44.20
C ARG A 2163 -23.64 -75.66 -43.99
N SER A 2164 -24.50 -76.58 -44.46
CA SER A 2164 -25.93 -76.39 -44.32
C SER A 2164 -26.37 -76.33 -42.86
N LEU A 2165 -25.57 -76.89 -41.96
CA LEU A 2165 -25.92 -76.94 -40.55
C LEU A 2165 -25.37 -75.76 -39.75
N LEU A 2166 -24.82 -74.75 -40.43
CA LEU A 2166 -24.44 -73.50 -39.81
C LEU A 2166 -25.64 -72.60 -39.51
N ILE A 2167 -26.81 -72.91 -40.06
CA ILE A 2167 -27.98 -72.05 -39.96
C ILE A 2167 -29.14 -72.73 -39.23
N VAL A 2168 -28.84 -73.74 -38.43
CA VAL A 2168 -29.86 -74.48 -37.69
C VAL A 2168 -29.37 -74.67 -36.26
N GLN A 2169 -30.30 -74.53 -35.30
CA GLN A 2169 -29.96 -74.80 -33.91
C GLN A 2169 -29.55 -76.26 -33.73
N MET A 2170 -28.64 -76.46 -32.80
CA MET A 2170 -27.90 -77.72 -32.74
C MET A 2170 -28.73 -78.79 -32.02
N GLY A 2171 -28.71 -80.00 -32.56
CA GLY A 2171 -29.51 -81.08 -32.02
C GLY A 2171 -28.88 -82.45 -32.21
N PRO A 2172 -29.60 -83.50 -31.82
CA PRO A 2172 -29.02 -84.85 -31.94
C PRO A 2172 -28.87 -85.34 -33.36
N GLN A 2173 -29.88 -85.13 -34.21
CA GLN A 2173 -29.75 -85.51 -35.62
C GLN A 2173 -28.61 -84.74 -36.28
N GLU A 2174 -28.54 -83.43 -36.01
CA GLU A 2174 -27.44 -82.63 -36.54
C GLU A 2174 -26.10 -83.12 -36.02
N GLU A 2175 -26.06 -83.62 -34.79
CA GLU A 2175 -24.81 -84.17 -34.25
C GLU A 2175 -24.40 -85.42 -35.00
N ASN A 2176 -25.36 -86.29 -35.30
CA ASN A 2176 -25.05 -87.47 -36.10
C ASN A 2176 -24.53 -87.08 -37.48
N LEU A 2177 -25.17 -86.09 -38.10
CA LEU A 2177 -24.71 -85.64 -39.42
C LEU A 2177 -23.32 -85.03 -39.35
N MET A 2178 -23.04 -84.21 -38.33
CA MET A 2178 -21.70 -83.68 -38.16
C MET A 2178 -20.68 -84.78 -38.02
N ILE A 2179 -20.95 -85.76 -37.17
CA ILE A 2179 -19.97 -86.81 -36.91
C ILE A 2179 -19.72 -87.63 -38.18
N GLN A 2180 -20.79 -88.00 -38.89
CA GLN A 2180 -20.60 -88.80 -40.09
C GLN A 2180 -19.94 -88.01 -41.20
N SER A 2181 -20.25 -86.72 -41.33
CA SER A 2181 -19.60 -85.90 -42.35
C SER A 2181 -18.12 -85.74 -42.06
N ILE A 2182 -17.77 -85.48 -40.80
CA ILE A 2182 -16.35 -85.34 -40.44
C ILE A 2182 -15.62 -86.66 -40.66
N GLY A 2183 -16.24 -87.77 -40.30
CA GLY A 2183 -15.61 -89.06 -40.54
C GLY A 2183 -15.40 -89.34 -42.01
N ASN A 2184 -16.41 -89.05 -42.84
CA ASN A 2184 -16.26 -89.27 -44.28
C ASN A 2184 -15.18 -88.38 -44.85
N ILE A 2185 -15.07 -87.14 -44.37
CA ILE A 2185 -14.02 -86.24 -44.83
C ILE A 2185 -12.66 -86.78 -44.46
N MET A 2186 -12.51 -87.25 -43.21
CA MET A 2186 -11.24 -87.77 -42.73
C MET A 2186 -10.83 -89.07 -43.40
N ASN A 2187 -11.78 -89.86 -43.86
CA ASN A 2187 -11.47 -91.09 -44.58
C ASN A 2187 -11.27 -90.86 -46.07
N ASN A 2188 -11.19 -89.61 -46.51
CA ASN A 2188 -11.02 -89.28 -47.92
C ASN A 2188 -9.55 -89.01 -48.21
N LYS A 2189 -9.04 -89.62 -49.29
CA LYS A 2189 -7.64 -89.42 -49.64
C LYS A 2189 -7.37 -87.99 -50.09
N VAL A 2190 -8.38 -87.31 -50.64
CA VAL A 2190 -8.20 -85.93 -51.06
C VAL A 2190 -7.89 -85.03 -49.88
N PHE A 2191 -8.56 -85.25 -48.76
CA PHE A 2191 -8.34 -84.44 -47.57
C PHE A 2191 -6.88 -84.46 -47.12
N TYR A 2192 -6.17 -85.54 -47.41
CA TYR A 2192 -4.77 -85.67 -47.05
C TYR A 2192 -3.81 -85.35 -48.19
N GLN A 2193 -4.26 -85.44 -49.43
CA GLN A 2193 -3.35 -85.19 -50.54
C GLN A 2193 -3.36 -83.73 -50.99
N HIS A 2194 -4.37 -82.96 -50.62
CA HIS A 2194 -4.51 -81.58 -51.06
C HIS A 2194 -4.82 -80.65 -49.89
N PRO A 2195 -3.90 -80.56 -48.92
CA PRO A 2195 -4.13 -79.65 -47.80
C PRO A 2195 -4.35 -78.21 -48.25
N ASN A 2196 -3.73 -77.80 -49.35
CA ASN A 2196 -3.97 -76.46 -49.88
C ASN A 2196 -5.43 -76.28 -50.29
N LEU A 2197 -6.01 -77.28 -50.97
CA LEU A 2197 -7.42 -77.20 -51.33
C LEU A 2197 -8.32 -77.18 -50.10
N MET A 2198 -8.07 -78.09 -49.15
CA MET A 2198 -8.86 -78.12 -47.93
C MET A 2198 -8.72 -76.83 -47.13
N ARG A 2199 -7.60 -76.13 -47.27
CA ARG A 2199 -7.45 -74.83 -46.63
C ARG A 2199 -8.22 -73.75 -47.38
N ALA A 2200 -8.22 -73.82 -48.72
CA ALA A 2200 -8.93 -72.83 -49.52
C ALA A 2200 -10.44 -72.95 -49.35
N LEU A 2201 -10.93 -74.16 -49.02
CA LEU A 2201 -12.37 -74.34 -48.91
C LEU A 2201 -12.95 -73.82 -47.60
N GLY A 2202 -12.12 -73.36 -46.66
CA GLY A 2202 -12.63 -72.82 -45.42
C GLY A 2202 -13.18 -73.84 -44.46
N MET A 2203 -12.76 -75.10 -44.61
CA MET A 2203 -13.36 -76.18 -43.85
C MET A 2203 -13.01 -76.09 -42.36
N HIS A 2204 -11.76 -75.76 -42.04
CA HIS A 2204 -11.42 -75.62 -40.63
C HIS A 2204 -12.18 -74.46 -40.00
N GLU A 2205 -12.39 -73.38 -40.75
CA GLU A 2205 -13.22 -72.29 -40.27
C GLU A 2205 -14.64 -72.74 -40.00
N THR A 2206 -15.22 -73.54 -40.90
CA THR A 2206 -16.58 -74.00 -40.71
C THR A 2206 -16.70 -74.91 -39.49
N VAL A 2207 -15.76 -75.83 -39.32
CA VAL A 2207 -15.79 -76.71 -38.16
C VAL A 2207 -15.59 -75.92 -36.87
N MET A 2208 -14.68 -74.95 -36.89
CA MET A 2208 -14.50 -74.08 -35.74
C MET A 2208 -15.78 -73.33 -35.42
N GLU A 2209 -16.50 -72.88 -36.46
CA GLU A 2209 -17.72 -72.11 -36.24
C GLU A 2209 -18.80 -72.97 -35.59
N VAL A 2210 -19.00 -74.20 -36.09
CA VAL A 2210 -20.01 -75.05 -35.47
C VAL A 2210 -19.62 -75.40 -34.04
N MET A 2211 -18.33 -75.63 -33.79
CA MET A 2211 -17.92 -76.04 -32.46
C MET A 2211 -17.97 -74.88 -31.47
N VAL A 2212 -17.67 -73.66 -31.93
CA VAL A 2212 -17.86 -72.52 -31.05
C VAL A 2212 -19.34 -72.26 -30.81
N ASN A 2213 -20.20 -72.56 -31.79
CA ASN A 2213 -21.63 -72.44 -31.55
C ASN A 2213 -22.07 -73.38 -30.43
N VAL A 2214 -21.68 -74.65 -30.51
CA VAL A 2214 -22.11 -75.60 -29.51
C VAL A 2214 -21.50 -75.27 -28.14
N LEU A 2215 -20.26 -74.77 -28.12
CA LEU A 2215 -19.66 -74.34 -26.85
C LEU A 2215 -20.38 -73.13 -26.27
N GLY A 2216 -20.70 -72.13 -27.09
CA GLY A 2216 -21.43 -70.98 -26.59
C GLY A 2216 -22.80 -71.35 -26.05
N GLY A 2217 -23.43 -72.34 -26.68
CA GLY A 2217 -24.64 -72.90 -26.10
C GLY A 2217 -24.34 -73.61 -24.79
N GLY A 2218 -24.87 -73.08 -23.69
CA GLY A 2218 -24.59 -73.65 -22.39
C GLY A 2218 -23.14 -73.57 -21.96
N GLU A 2219 -22.53 -72.40 -22.09
CA GLU A 2219 -21.10 -72.25 -21.91
C GLU A 2219 -20.67 -72.27 -20.45
N THR A 2220 -21.58 -72.35 -19.50
CA THR A 2220 -21.14 -72.38 -18.10
C THR A 2220 -21.71 -73.53 -17.31
N LYS A 2221 -22.94 -73.95 -17.57
CA LYS A 2221 -23.60 -74.93 -16.72
C LYS A 2221 -23.40 -76.36 -17.20
N GLU A 2222 -23.47 -76.61 -18.50
CA GLU A 2222 -23.34 -77.95 -19.03
C GLU A 2222 -23.18 -77.86 -20.55
N ILE A 2223 -22.27 -78.66 -21.09
CA ILE A 2223 -22.01 -78.70 -22.52
C ILE A 2223 -22.70 -79.93 -23.09
N ARG A 2224 -23.54 -79.73 -24.10
CA ARG A 2224 -24.21 -80.81 -24.78
C ARG A 2224 -23.45 -81.21 -26.04
N PHE A 2225 -23.82 -82.35 -26.59
CA PHE A 2225 -23.19 -82.89 -27.80
C PHE A 2225 -21.67 -83.03 -27.68
N PRO A 2226 -21.19 -83.62 -26.57
CA PRO A 2226 -19.73 -83.79 -26.43
C PRO A 2226 -19.13 -84.66 -27.52
N LYS A 2227 -19.91 -85.60 -28.06
CA LYS A 2227 -19.42 -86.42 -29.15
C LYS A 2227 -19.08 -85.57 -30.37
N MET A 2228 -19.95 -84.62 -30.72
CA MET A 2228 -19.64 -83.73 -31.83
C MET A 2228 -18.51 -82.78 -31.48
N VAL A 2229 -18.43 -82.35 -30.21
CA VAL A 2229 -17.36 -81.44 -29.82
C VAL A 2229 -16.00 -82.11 -29.98
N THR A 2230 -15.88 -83.35 -29.50
CA THR A 2230 -14.63 -84.07 -29.65
C THR A 2230 -14.39 -84.50 -31.09
N SER A 2231 -15.44 -84.73 -31.88
CA SER A 2231 -15.24 -84.97 -33.31
C SER A 2231 -14.60 -83.76 -33.97
N CYS A 2232 -15.14 -82.56 -33.72
CA CYS A 2232 -14.57 -81.34 -34.28
C CYS A 2232 -13.13 -81.15 -33.81
N CYS A 2233 -12.87 -81.40 -32.52
CA CYS A 2233 -11.53 -81.18 -31.99
C CYS A 2233 -10.52 -82.14 -32.60
N ARG A 2234 -10.89 -83.42 -32.72
CA ARG A 2234 -9.97 -84.38 -33.33
C ARG A 2234 -9.76 -84.06 -34.80
N PHE A 2235 -10.82 -83.61 -35.49
CA PHE A 2235 -10.67 -83.20 -36.87
C PHE A 2235 -9.68 -82.05 -37.01
N LEU A 2236 -9.79 -81.05 -36.13
CA LEU A 2236 -8.88 -79.92 -36.19
C LEU A 2236 -7.45 -80.33 -35.84
N CYS A 2237 -7.28 -81.25 -34.90
CA CYS A 2237 -5.94 -81.72 -34.57
C CYS A 2237 -5.29 -82.44 -35.75
N TYR A 2238 -6.05 -83.32 -36.42
CA TYR A 2238 -5.50 -83.96 -37.61
C TYR A 2238 -5.25 -82.96 -38.72
N PHE A 2239 -6.10 -81.95 -38.85
CA PHE A 2239 -5.89 -80.91 -39.83
C PHE A 2239 -4.57 -80.19 -39.59
N CYS A 2240 -4.28 -79.89 -38.32
CA CYS A 2240 -2.97 -79.33 -37.97
C CYS A 2240 -1.85 -80.29 -38.33
N ARG A 2241 -2.01 -81.57 -38.00
CA ARG A 2241 -0.96 -82.56 -38.23
C ARG A 2241 -0.69 -82.81 -39.71
N ILE A 2242 -1.62 -82.46 -40.60
CA ILE A 2242 -1.41 -82.73 -42.02
C ILE A 2242 -0.22 -81.91 -42.56
N SER A 2243 -0.21 -80.62 -42.29
CA SER A 2243 0.84 -79.76 -42.86
C SER A 2243 1.06 -78.56 -41.97
N ARG A 2244 2.25 -77.97 -42.12
CA ARG A 2244 2.61 -76.79 -41.33
C ARG A 2244 1.77 -75.57 -41.71
N GLN A 2245 1.41 -75.44 -42.99
CA GLN A 2245 0.55 -74.33 -43.38
C GLN A 2245 -0.82 -74.44 -42.73
N ASN A 2246 -1.37 -75.66 -42.66
CA ASN A 2246 -2.62 -75.88 -41.94
C ASN A 2246 -2.44 -75.57 -40.46
N GLN A 2247 -1.29 -75.97 -39.89
CA GLN A 2247 -1.05 -75.68 -38.48
C GLN A 2247 -0.98 -74.19 -38.22
N ARG A 2248 -0.36 -73.43 -39.12
CA ARG A 2248 -0.30 -71.98 -38.97
C ARG A 2248 -1.69 -71.37 -39.08
N SER A 2249 -2.49 -71.85 -40.04
CA SER A 2249 -3.85 -71.33 -40.19
C SER A 2249 -4.66 -71.58 -38.92
N MET A 2250 -4.51 -72.77 -38.33
CA MET A 2250 -5.13 -73.02 -37.03
C MET A 2250 -4.53 -72.17 -35.92
N PHE A 2251 -3.25 -71.84 -36.02
CA PHE A 2251 -2.62 -71.00 -35.01
C PHE A 2251 -3.14 -69.57 -35.07
N ASP A 2252 -3.68 -69.15 -36.22
CA ASP A 2252 -4.27 -67.83 -36.30
C ASP A 2252 -5.48 -67.67 -35.40
N HIS A 2253 -6.05 -68.78 -34.91
CA HIS A 2253 -7.17 -68.75 -33.97
C HIS A 2253 -6.78 -69.23 -32.59
N LEU A 2254 -5.54 -68.99 -32.16
CA LEU A 2254 -5.06 -69.53 -30.89
C LEU A 2254 -5.82 -68.95 -29.70
N SER A 2255 -5.90 -67.61 -29.64
CA SER A 2255 -6.65 -66.97 -28.57
C SER A 2255 -8.14 -67.28 -28.69
N TYR A 2256 -8.61 -67.42 -29.93
CA TYR A 2256 -10.02 -67.70 -30.17
C TYR A 2256 -10.39 -69.09 -29.64
N LEU A 2257 -9.43 -70.03 -29.68
CA LEU A 2257 -9.62 -71.33 -29.05
C LEU A 2257 -9.47 -71.25 -27.54
N LEU A 2258 -8.49 -70.48 -27.06
CA LEU A 2258 -8.24 -70.42 -25.63
C LEU A 2258 -9.41 -69.82 -24.88
N GLU A 2259 -10.03 -68.78 -25.43
CA GLU A 2259 -11.16 -68.15 -24.75
C GLU A 2259 -12.35 -69.10 -24.61
N ASN A 2260 -12.49 -70.08 -25.50
CA ASN A 2260 -13.52 -71.10 -25.38
C ASN A 2260 -13.06 -72.32 -24.58
N SER A 2261 -11.79 -72.35 -24.17
CA SER A 2261 -11.23 -73.50 -23.47
C SER A 2261 -11.47 -73.46 -21.97
N GLY A 2262 -12.12 -72.41 -21.46
CA GLY A 2262 -12.35 -72.33 -20.03
C GLY A 2262 -13.30 -73.40 -19.50
N ILE A 2263 -14.33 -73.72 -20.29
CA ILE A 2263 -15.37 -74.65 -19.86
C ILE A 2263 -15.16 -76.05 -20.43
N GLY A 2264 -14.06 -76.29 -21.12
CA GLY A 2264 -13.78 -77.63 -21.62
C GLY A 2264 -13.34 -78.61 -20.54
N LEU A 2265 -13.27 -78.17 -19.28
CA LEU A 2265 -12.79 -79.03 -18.21
C LEU A 2265 -13.73 -80.21 -17.97
N GLY A 2266 -15.04 -79.97 -18.00
CA GLY A 2266 -15.97 -81.07 -17.79
C GLY A 2266 -15.92 -82.12 -18.88
N MET A 2267 -15.57 -81.68 -20.09
CA MET A 2267 -15.49 -82.61 -21.22
C MET A 2267 -14.14 -83.30 -21.26
N GLN A 2268 -14.14 -84.57 -21.67
CA GLN A 2268 -12.94 -85.38 -21.73
CA GLN A 2268 -12.94 -85.38 -21.73
C GLN A 2268 -12.77 -85.95 -23.14
N GLY A 2269 -11.52 -86.08 -23.56
CA GLY A 2269 -11.20 -86.55 -24.90
C GLY A 2269 -10.36 -85.55 -25.66
N SER A 2270 -10.86 -85.06 -26.78
CA SER A 2270 -10.22 -83.97 -27.51
C SER A 2270 -11.00 -82.69 -27.26
N THR A 2271 -10.28 -81.64 -26.88
CA THR A 2271 -10.85 -80.39 -26.41
C THR A 2271 -10.28 -79.22 -27.22
N PRO A 2272 -10.91 -78.05 -27.17
CA PRO A 2272 -10.30 -76.88 -27.79
C PRO A 2272 -8.91 -76.59 -27.27
N LEU A 2273 -8.66 -76.86 -25.99
CA LEU A 2273 -7.31 -76.73 -25.46
C LEU A 2273 -6.37 -77.70 -26.16
N ASP A 2274 -6.82 -78.93 -26.43
CA ASP A 2274 -6.01 -79.89 -27.17
C ASP A 2274 -5.74 -79.41 -28.58
N VAL A 2275 -6.74 -78.82 -29.24
CA VAL A 2275 -6.54 -78.29 -30.58
C VAL A 2275 -5.50 -77.18 -30.57
N ALA A 2276 -5.61 -76.26 -29.61
CA ALA A 2276 -4.66 -75.16 -29.51
C ALA A 2276 -3.25 -75.69 -29.24
N ALA A 2277 -3.13 -76.69 -28.38
CA ALA A 2277 -1.83 -77.30 -28.12
C ALA A 2277 -1.26 -77.94 -29.38
N ALA A 2278 -2.11 -78.65 -30.14
CA ALA A 2278 -1.66 -79.26 -31.38
C ALA A 2278 -1.35 -78.23 -32.45
N SER A 2279 -1.83 -77.00 -32.28
CA SER A 2279 -1.60 -75.93 -33.25
C SER A 2279 -0.25 -75.24 -33.06
N VAL A 2280 0.52 -75.61 -32.03
CA VAL A 2280 1.81 -75.00 -31.76
C VAL A 2280 2.92 -76.04 -31.59
N ILE A 2281 2.57 -77.29 -31.34
CA ILE A 2281 3.55 -78.32 -30.98
C ILE A 2281 4.56 -78.50 -32.10
N ASP A 2282 5.84 -78.57 -31.71
CA ASP A 2282 6.95 -78.87 -32.62
C ASP A 2282 6.98 -77.92 -33.81
N ASN A 2283 6.74 -76.64 -33.54
CA ASN A 2283 6.82 -75.59 -34.57
C ASN A 2283 7.52 -74.39 -33.94
N ASN A 2284 8.79 -74.18 -34.31
CA ASN A 2284 9.55 -73.09 -33.73
C ASN A 2284 8.98 -71.73 -34.10
N GLU A 2285 8.54 -71.56 -35.35
CA GLU A 2285 7.98 -70.28 -35.77
C GLU A 2285 6.74 -69.94 -34.96
N LEU A 2286 5.83 -70.90 -34.80
CA LEU A 2286 4.61 -70.63 -34.05
C LEU A 2286 4.88 -70.50 -32.56
N ALA A 2287 5.88 -71.20 -32.04
CA ALA A 2287 6.24 -71.04 -30.63
C ALA A 2287 6.80 -69.65 -30.37
N LEU A 2288 7.67 -69.17 -31.27
CA LEU A 2288 8.20 -67.82 -31.11
C LEU A 2288 7.15 -66.74 -31.34
N ALA A 2289 6.24 -66.95 -32.28
CA ALA A 2289 5.18 -65.99 -32.54
C ALA A 2289 4.04 -66.07 -31.54
N LEU A 2290 4.17 -66.86 -30.49
CA LEU A 2290 3.13 -66.99 -29.49
C LEU A 2290 3.07 -65.71 -28.66
N GLN A 2291 1.88 -65.12 -28.57
CA GLN A 2291 1.72 -63.85 -27.87
C GLN A 2291 1.67 -64.07 -26.36
N GLU A 2292 2.15 -63.07 -25.62
CA GLU A 2292 2.21 -63.17 -24.16
C GLU A 2292 0.81 -63.15 -23.55
N GLN A 2293 -0.15 -62.53 -24.22
CA GLN A 2293 -1.51 -62.47 -23.68
C GLN A 2293 -2.12 -63.86 -23.58
N ASP A 2294 -1.85 -64.72 -24.55
CA ASP A 2294 -2.36 -66.08 -24.50
C ASP A 2294 -1.79 -66.85 -23.31
N LEU A 2295 -0.48 -66.71 -23.07
CA LEU A 2295 0.12 -67.35 -21.92
C LEU A 2295 -0.44 -66.79 -20.62
N GLU A 2296 -0.69 -65.48 -20.58
CA GLU A 2296 -1.32 -64.89 -19.40
C GLU A 2296 -2.70 -65.49 -19.17
N LYS A 2297 -3.48 -65.68 -20.24
CA LYS A 2297 -4.80 -66.27 -20.10
C LYS A 2297 -4.71 -67.70 -19.57
N VAL A 2298 -3.77 -68.48 -20.10
CA VAL A 2298 -3.60 -69.85 -19.64
C VAL A 2298 -3.20 -69.89 -18.17
N VAL A 2299 -2.28 -69.02 -17.77
CA VAL A 2299 -1.84 -69.00 -16.37
C VAL A 2299 -2.97 -68.52 -15.46
N SER A 2300 -3.81 -67.60 -15.94
CA SER A 2300 -4.95 -67.17 -15.14
C SER A 2300 -5.93 -68.32 -14.95
N TYR A 2301 -6.18 -69.10 -16.01
CA TYR A 2301 -7.01 -70.29 -15.87
C TYR A 2301 -6.41 -71.26 -14.87
N LEU A 2302 -5.08 -71.44 -14.92
CA LEU A 2302 -4.41 -72.33 -14.00
C LEU A 2302 -4.56 -71.86 -12.56
N ALA A 2303 -4.40 -70.56 -12.33
CA ALA A 2303 -4.56 -70.01 -10.99
C ALA A 2303 -5.99 -70.20 -10.50
N GLY A 2304 -6.98 -69.98 -11.37
CA GLY A 2304 -8.35 -70.25 -10.99
C GLY A 2304 -8.56 -71.71 -10.62
N CYS A 2305 -7.95 -72.63 -11.37
CA CYS A 2305 -8.05 -74.04 -11.04
C CYS A 2305 -7.38 -74.35 -9.71
N GLY A 2306 -6.33 -73.62 -9.36
CA GLY A 2306 -5.62 -73.88 -8.12
C GLY A 2306 -6.26 -73.29 -6.87
N LEU A 2307 -7.42 -72.65 -6.99
CA LEU A 2307 -8.07 -72.02 -5.85
C LEU A 2307 -9.49 -72.50 -5.60
N GLN A 2308 -10.23 -72.91 -6.62
CA GLN A 2308 -11.63 -73.26 -6.46
C GLN A 2308 -11.82 -74.65 -7.06
N SER A 2309 -12.48 -75.53 -6.30
CA SER A 2309 -12.62 -76.92 -6.70
C SER A 2309 -13.37 -77.04 -8.02
N CYS A 2310 -13.39 -78.25 -8.55
CA CYS A 2310 -14.02 -78.48 -9.85
C CYS A 2310 -15.52 -78.68 -9.66
N PRO A 2311 -16.37 -77.93 -10.35
CA PRO A 2311 -17.81 -77.92 -10.01
C PRO A 2311 -18.55 -79.21 -10.33
N MET A 2312 -18.34 -79.81 -11.50
CA MET A 2312 -19.05 -81.05 -11.79
C MET A 2312 -18.44 -82.21 -11.01
N LEU A 2313 -17.20 -82.05 -10.56
CA LEU A 2313 -16.64 -82.98 -9.59
C LEU A 2313 -17.35 -82.87 -8.25
N LEU A 2314 -17.66 -81.64 -7.83
CA LEU A 2314 -18.41 -81.44 -6.60
C LEU A 2314 -19.81 -82.00 -6.71
N ALA A 2315 -20.45 -81.81 -7.87
CA ALA A 2315 -21.83 -82.24 -8.06
C ALA A 2315 -22.00 -83.75 -8.02
N LYS A 2316 -20.91 -84.51 -8.08
CA LYS A 2316 -20.96 -85.96 -8.07
C LYS A 2316 -20.57 -86.56 -6.71
N GLY A 2317 -20.61 -85.75 -5.66
CA GLY A 2317 -20.38 -86.25 -4.32
C GLY A 2317 -18.92 -86.35 -3.90
N TYR A 2318 -18.00 -85.89 -4.74
CA TYR A 2318 -16.59 -85.95 -4.37
C TYR A 2318 -16.31 -85.01 -3.20
N PRO A 2319 -15.35 -85.35 -2.34
CA PRO A 2319 -14.97 -84.43 -1.26
C PRO A 2319 -14.38 -83.15 -1.82
N ASP A 2320 -14.65 -82.05 -1.11
CA ASP A 2320 -14.31 -80.71 -1.58
C ASP A 2320 -12.95 -80.30 -1.03
N ILE A 2321 -11.90 -80.56 -1.80
CA ILE A 2321 -10.60 -79.98 -1.55
C ILE A 2321 -10.56 -78.62 -2.23
N GLY A 2322 -9.62 -77.78 -1.83
CA GLY A 2322 -9.65 -76.40 -2.25
C GLY A 2322 -9.01 -76.07 -3.59
N TRP A 2323 -8.98 -77.02 -4.52
CA TRP A 2323 -8.35 -76.78 -5.81
C TRP A 2323 -8.77 -77.87 -6.79
N ASN A 2324 -8.33 -77.72 -8.03
CA ASN A 2324 -8.74 -78.58 -9.15
C ASN A 2324 -7.51 -79.12 -9.85
N PRO A 2325 -6.92 -80.20 -9.32
CA PRO A 2325 -5.73 -80.78 -9.95
C PRO A 2325 -5.97 -81.24 -11.38
N CYS A 2326 -7.17 -81.73 -11.69
CA CYS A 2326 -7.43 -82.24 -13.03
C CYS A 2326 -7.32 -81.13 -14.07
N GLY A 2327 -7.98 -80.00 -13.83
CA GLY A 2327 -7.84 -78.87 -14.74
C GLY A 2327 -6.44 -78.29 -14.73
N GLY A 2328 -5.82 -78.22 -13.56
CA GLY A 2328 -4.48 -77.71 -13.48
C GLY A 2328 -3.52 -78.49 -14.36
N GLU A 2329 -3.66 -79.82 -14.38
CA GLU A 2329 -2.75 -80.64 -15.17
C GLU A 2329 -2.91 -80.36 -16.66
N ARG A 2330 -4.14 -80.19 -17.13
CA ARG A 2330 -4.32 -80.01 -18.57
C ARG A 2330 -3.96 -78.61 -19.01
N TYR A 2331 -3.95 -77.64 -18.10
CA TYR A 2331 -3.33 -76.37 -18.45
C TYR A 2331 -1.80 -76.46 -18.41
N LEU A 2332 -1.26 -77.23 -17.47
CA LEU A 2332 0.18 -77.37 -17.35
C LEU A 2332 0.78 -78.05 -18.57
N ASP A 2333 0.09 -79.03 -19.15
CA ASP A 2333 0.65 -79.68 -20.32
C ASP A 2333 0.64 -78.76 -21.54
N PHE A 2334 -0.36 -77.87 -21.65
CA PHE A 2334 -0.32 -76.87 -22.70
C PHE A 2334 0.88 -75.95 -22.51
N LEU A 2335 1.12 -75.50 -21.28
CA LEU A 2335 2.32 -74.70 -21.04
C LEU A 2335 3.59 -75.48 -21.38
N ARG A 2336 3.59 -76.78 -21.09
CA ARG A 2336 4.74 -77.63 -21.43
C ARG A 2336 4.99 -77.67 -22.92
N PHE A 2337 3.92 -77.82 -23.71
CA PHE A 2337 4.06 -77.78 -25.16
C PHE A 2337 4.48 -76.41 -25.66
N ALA A 2338 4.10 -75.35 -24.95
CA ALA A 2338 4.46 -74.00 -25.37
C ALA A 2338 5.94 -73.69 -25.12
N VAL A 2339 6.50 -74.18 -24.01
CA VAL A 2339 7.86 -73.80 -23.62
C VAL A 2339 8.92 -74.78 -24.08
N PHE A 2340 8.55 -75.87 -24.76
CA PHE A 2340 9.50 -76.91 -25.14
C PHE A 2340 9.22 -77.34 -26.57
N VAL A 2341 10.23 -77.21 -27.44
CA VAL A 2341 10.10 -77.54 -28.85
C VAL A 2341 11.33 -78.34 -29.28
N ASN A 2342 11.10 -79.50 -29.89
CA ASN A 2342 12.15 -80.27 -30.56
C ASN A 2342 13.28 -80.64 -29.60
N GLY A 2343 12.95 -80.86 -28.34
CA GLY A 2343 13.95 -81.26 -27.37
C GLY A 2343 14.77 -80.14 -26.78
N GLU A 2344 14.48 -78.89 -27.11
CA GLU A 2344 15.17 -77.73 -26.55
C GLU A 2344 14.15 -76.77 -25.97
N SER A 2345 14.57 -76.04 -24.95
CA SER A 2345 13.69 -75.10 -24.27
C SER A 2345 13.65 -73.78 -25.03
N VAL A 2346 12.45 -73.29 -25.31
CA VAL A 2346 12.27 -71.99 -25.93
C VAL A 2346 12.34 -70.95 -24.82
N GLU A 2347 13.49 -70.29 -24.70
CA GLU A 2347 13.73 -69.40 -23.57
C GLU A 2347 12.77 -68.22 -23.54
N GLU A 2348 12.39 -67.71 -24.72
CA GLU A 2348 11.50 -66.56 -24.76
C GLU A 2348 10.16 -66.87 -24.10
N ASN A 2349 9.61 -68.05 -24.38
CA ASN A 2349 8.36 -68.44 -23.73
C ASN A 2349 8.61 -68.88 -22.29
N ALA A 2350 9.74 -69.53 -22.03
CA ALA A 2350 10.01 -70.07 -20.70
C ALA A 2350 10.12 -68.97 -19.66
N ASN A 2351 10.83 -67.89 -20.00
CA ASN A 2351 10.98 -66.78 -19.04
C ASN A 2351 9.63 -66.16 -18.72
N VAL A 2352 8.80 -65.95 -19.74
CA VAL A 2352 7.48 -65.37 -19.53
C VAL A 2352 6.63 -66.28 -18.64
N VAL A 2353 6.67 -67.59 -18.91
CA VAL A 2353 5.86 -68.53 -18.14
C VAL A 2353 6.31 -68.54 -16.68
N VAL A 2354 7.62 -68.57 -16.44
CA VAL A 2354 8.12 -68.59 -15.07
C VAL A 2354 7.73 -67.32 -14.35
N ARG A 2355 7.88 -66.16 -15.02
CA ARG A 2355 7.51 -64.90 -14.39
C ARG A 2355 6.04 -64.85 -14.05
N LEU A 2356 5.17 -65.29 -14.97
CA LEU A 2356 3.75 -65.31 -14.68
C LEU A 2356 3.43 -66.25 -13.52
N LEU A 2357 4.06 -67.42 -13.51
CA LEU A 2357 3.79 -68.41 -12.47
C LEU A 2357 4.17 -67.88 -11.09
N ILE A 2358 5.32 -67.23 -10.99
CA ILE A 2358 5.71 -66.67 -9.69
C ILE A 2358 4.84 -65.46 -9.34
N ARG A 2359 4.36 -64.72 -10.34
CA ARG A 2359 3.46 -63.62 -10.05
C ARG A 2359 2.10 -64.10 -9.55
N LYS A 2360 1.70 -65.32 -9.89
CA LYS A 2360 0.47 -65.91 -9.38
C LYS A 2360 0.83 -67.22 -8.69
N PRO A 2361 1.27 -67.14 -7.43
CA PRO A 2361 1.84 -68.32 -6.77
C PRO A 2361 0.85 -69.45 -6.52
N GLU A 2362 -0.45 -69.18 -6.57
CA GLU A 2362 -1.42 -70.24 -6.31
C GLU A 2362 -1.44 -71.30 -7.40
N CYS A 2363 -0.78 -71.05 -8.52
CA CYS A 2363 -0.67 -72.06 -9.57
C CYS A 2363 0.15 -73.25 -9.15
N PHE A 2364 0.94 -73.13 -8.09
CA PHE A 2364 1.83 -74.18 -7.63
C PHE A 2364 1.13 -75.21 -6.77
N GLY A 2365 -0.16 -75.02 -6.46
CA GLY A 2365 -0.90 -75.95 -5.65
C GLY A 2365 -0.93 -75.56 -4.20
N PRO A 2366 -1.68 -76.30 -3.40
CA PRO A 2366 -1.68 -76.03 -1.95
C PRO A 2366 -0.31 -76.22 -1.32
N ALA A 2367 0.46 -77.20 -1.79
CA ALA A 2367 1.86 -77.28 -1.44
C ALA A 2367 2.65 -76.27 -2.25
N LEU A 2368 3.89 -76.03 -1.83
CA LEU A 2368 4.72 -74.97 -2.40
C LEU A 2368 4.05 -73.61 -2.28
N ARG A 2369 3.21 -73.44 -1.25
CA ARG A 2369 2.53 -72.17 -1.05
CA ARG A 2369 2.52 -72.18 -1.04
C ARG A 2369 3.37 -71.18 -0.26
N GLY A 2370 4.48 -71.60 0.30
CA GLY A 2370 5.30 -70.72 1.10
C GLY A 2370 4.89 -70.77 2.56
N GLU A 2371 4.09 -69.79 2.98
CA GLU A 2371 3.63 -69.74 4.36
C GLU A 2371 2.58 -70.82 4.58
N GLY A 2372 2.74 -71.58 5.67
CA GLY A 2372 1.76 -72.59 6.04
C GLY A 2372 1.54 -73.66 4.99
N GLY A 2373 2.49 -73.87 4.10
CA GLY A 2373 2.37 -74.86 3.04
C GLY A 2373 3.38 -75.98 3.23
N SER A 2374 2.91 -77.21 3.01
CA SER A 2374 3.79 -78.36 3.12
C SER A 2374 4.67 -78.49 1.89
N GLY A 2375 5.68 -79.33 1.99
CA GLY A 2375 6.59 -79.55 0.89
C GLY A 2375 6.02 -80.46 -0.16
N LEU A 2376 6.77 -80.58 -1.27
CA LEU A 2376 6.34 -81.42 -2.37
C LEU A 2376 6.31 -82.89 -1.99
N LEU A 2377 7.33 -83.35 -1.27
CA LEU A 2377 7.34 -84.74 -0.82
C LEU A 2377 6.21 -85.03 0.15
N ALA A 2378 5.94 -84.10 1.07
CA ALA A 2378 4.83 -84.27 1.98
C ALA A 2378 3.51 -84.31 1.22
N ALA A 2379 3.36 -83.48 0.20
CA ALA A 2379 2.15 -83.50 -0.62
C ALA A 2379 1.99 -84.84 -1.34
N ILE A 2380 3.09 -85.38 -1.86
CA ILE A 2380 3.01 -86.65 -2.57
C ILE A 2380 2.62 -87.77 -1.60
N GLU A 2381 3.21 -87.78 -0.41
CA GLU A 2381 2.85 -88.81 0.58
C GLU A 2381 1.40 -88.67 1.01
N GLU A 2382 0.93 -87.43 1.20
CA GLU A 2382 -0.47 -87.22 1.54
C GLU A 2382 -1.38 -87.72 0.43
N ALA A 2383 -1.00 -87.49 -0.82
CA ALA A 2383 -1.79 -87.98 -1.95
C ALA A 2383 -1.82 -89.51 -1.97
N ILE A 2384 -0.70 -90.14 -1.65
CA ILE A 2384 -0.67 -91.60 -1.59
C ILE A 2384 -1.60 -92.11 -0.51
N ARG A 2385 -1.59 -91.46 0.65
CA ARG A 2385 -2.51 -91.86 1.73
C ARG A 2385 -3.97 -91.66 1.31
N ILE A 2386 -4.25 -90.55 0.62
CA ILE A 2386 -5.60 -90.30 0.14
C ILE A 2386 -6.03 -91.40 -0.84
N SER A 2387 -5.13 -91.79 -1.74
CA SER A 2387 -5.44 -92.85 -2.68
C SER A 2387 -5.72 -94.16 -1.97
N GLU A 2388 -4.93 -94.47 -0.94
CA GLU A 2388 -5.15 -95.70 -0.18
C GLU A 2388 -6.45 -95.65 0.63
N ASP A 2389 -6.91 -94.46 1.01
CA ASP A 2389 -8.10 -94.34 1.84
C ASP A 2389 -9.32 -93.94 1.01
N PRO A 2390 -10.30 -94.82 0.83
CA PRO A 2390 -11.54 -94.40 0.17
C PRO A 2390 -12.34 -93.44 1.05
N ALA A 2391 -13.44 -92.92 0.52
CA ALA A 2391 -14.24 -91.83 1.09
C ALA A 2391 -13.47 -90.52 1.13
N ARG A 2392 -12.21 -90.52 0.73
CA ARG A 2392 -11.42 -89.32 0.51
C ARG A 2392 -10.77 -89.29 -0.86
N ASP A 2393 -10.81 -90.40 -1.59
CA ASP A 2393 -10.30 -90.48 -2.94
C ASP A 2393 -11.38 -90.44 -4.00
N GLY A 2394 -12.60 -90.89 -3.67
CA GLY A 2394 -13.70 -90.88 -4.59
C GLY A 2394 -15.00 -90.49 -3.93
N PRO A 2395 -16.10 -90.53 -4.68
CA PRO A 2395 -17.39 -90.12 -4.11
C PRO A 2395 -17.83 -90.98 -2.94
N GLY A 2396 -17.42 -92.23 -2.90
CA GLY A 2396 -17.81 -93.13 -1.81
C GLY A 2396 -19.30 -93.38 -1.75
N VAL A 2397 -19.92 -93.60 -2.90
CA VAL A 2397 -21.36 -93.84 -2.96
C VAL A 2397 -21.69 -95.18 -2.32
N PRO A 2410 -13.30 -98.74 -14.59
CA PRO A 2410 -13.76 -97.83 -13.55
C PRO A 2410 -15.28 -97.87 -13.39
N PRO A 2411 -15.76 -97.61 -12.16
CA PRO A 2411 -17.22 -97.57 -11.95
C PRO A 2411 -17.95 -96.59 -12.84
N GLU A 2412 -17.33 -95.43 -13.12
CA GLU A 2412 -17.89 -94.45 -14.05
C GLU A 2412 -17.21 -94.50 -15.41
N GLU A 2413 -16.32 -95.47 -15.62
CA GLU A 2413 -15.57 -95.71 -16.86
C GLU A 2413 -14.52 -94.63 -17.09
N ASN A 2414 -14.56 -93.55 -16.30
CA ASN A 2414 -13.50 -92.55 -16.27
C ASN A 2414 -13.31 -92.04 -14.86
N ARG A 2415 -13.32 -92.95 -13.88
CA ARG A 2415 -13.33 -92.56 -12.48
C ARG A 2415 -12.11 -91.72 -12.14
N VAL A 2416 -12.33 -90.59 -11.50
CA VAL A 2416 -11.25 -89.70 -11.10
C VAL A 2416 -10.87 -90.00 -9.66
N HIS A 2417 -9.60 -90.30 -9.43
CA HIS A 2417 -9.08 -90.59 -8.10
C HIS A 2417 -8.27 -89.38 -7.63
N LEU A 2418 -8.63 -88.85 -6.47
CA LEU A 2418 -8.06 -87.57 -6.04
C LEU A 2418 -6.56 -87.67 -5.83
N GLY A 2419 -6.08 -88.76 -5.21
CA GLY A 2419 -4.65 -88.88 -4.99
C GLY A 2419 -3.86 -88.92 -6.28
N HIS A 2420 -4.32 -89.75 -7.23
CA HIS A 2420 -3.66 -89.82 -8.53
C HIS A 2420 -3.70 -88.47 -9.23
N ALA A 2421 -4.83 -87.78 -9.17
CA ALA A 2421 -4.91 -86.44 -9.75
C ALA A 2421 -3.88 -85.51 -9.11
N ILE A 2422 -3.69 -85.62 -7.80
CA ILE A 2422 -2.77 -84.73 -7.10
C ILE A 2422 -1.33 -84.97 -7.53
N MET A 2423 -0.88 -86.23 -7.52
CA MET A 2423 0.52 -86.42 -7.91
C MET A 2423 0.71 -86.25 -9.40
N SER A 2424 -0.34 -86.46 -10.20
CA SER A 2424 -0.25 -86.15 -11.62
C SER A 2424 -0.09 -84.64 -11.83
N PHE A 2425 -0.83 -83.85 -11.08
CA PHE A 2425 -0.69 -82.39 -11.16
C PHE A 2425 0.71 -81.96 -10.76
N TYR A 2426 1.22 -82.49 -9.66
CA TYR A 2426 2.54 -82.06 -9.20
C TYR A 2426 3.63 -82.53 -10.16
N ALA A 2427 3.50 -83.74 -10.71
CA ALA A 2427 4.45 -84.22 -11.70
C ALA A 2427 4.43 -83.34 -12.95
N ALA A 2428 3.23 -82.95 -13.41
CA ALA A 2428 3.14 -82.07 -14.55
C ALA A 2428 3.77 -80.71 -14.26
N LEU A 2429 3.55 -80.17 -13.06
CA LEU A 2429 4.14 -78.89 -12.71
C LEU A 2429 5.67 -78.98 -12.68
N ILE A 2430 6.19 -80.04 -12.08
CA ILE A 2430 7.65 -80.20 -12.00
C ILE A 2430 8.24 -80.41 -13.39
N ASP A 2431 7.54 -81.14 -14.25
CA ASP A 2431 7.98 -81.31 -15.63
C ASP A 2431 8.01 -79.99 -16.36
N LEU A 2432 6.97 -79.16 -16.19
CA LEU A 2432 6.95 -77.85 -16.83
C LEU A 2432 8.11 -76.99 -16.35
N LEU A 2433 8.33 -76.96 -15.04
CA LEU A 2433 9.43 -76.16 -14.50
C LEU A 2433 10.78 -76.65 -15.01
N GLY A 2434 10.96 -77.97 -15.08
CA GLY A 2434 12.21 -78.51 -15.60
C GLY A 2434 12.43 -78.17 -17.06
N ARG A 2435 11.34 -78.18 -17.85
CA ARG A 2435 11.46 -77.79 -19.24
C ARG A 2435 11.66 -76.29 -19.40
N CYS A 2436 11.28 -75.50 -18.40
CA CYS A 2436 11.58 -74.07 -18.42
C CYS A 2436 13.03 -73.77 -18.04
N ALA A 2437 13.78 -74.76 -17.59
CA ALA A 2437 15.16 -74.53 -17.17
C ALA A 2437 16.02 -74.14 -18.37
N PRO A 2438 16.99 -73.25 -18.18
CA PRO A 2438 17.83 -72.83 -19.30
C PRO A 2438 18.72 -73.96 -19.79
N GLU A 2439 19.12 -73.86 -21.05
CA GLU A 2439 19.99 -74.86 -21.64
C GLU A 2439 21.42 -74.70 -21.11
N MET A 2440 22.16 -75.80 -21.20
CA MET A 2440 23.52 -75.83 -20.64
C MET A 2440 24.43 -74.85 -21.35
N HIS A 2441 24.19 -74.61 -22.65
CA HIS A 2441 25.01 -73.64 -23.35
C HIS A 2441 24.76 -72.22 -22.84
N LEU A 2442 23.50 -71.84 -22.65
CA LEU A 2442 23.20 -70.55 -22.04
C LEU A 2442 23.78 -70.48 -20.62
N ILE A 2443 23.82 -71.60 -19.92
CA ILE A 2443 24.37 -71.59 -18.57
C ILE A 2443 25.87 -71.32 -18.60
N GLN A 2444 26.62 -72.02 -19.46
CA GLN A 2444 28.07 -71.85 -19.38
C GLN A 2444 28.47 -70.51 -20.00
N ALA A 2445 27.61 -69.95 -20.85
CA ALA A 2445 27.86 -68.62 -21.37
C ALA A 2445 27.71 -67.54 -20.30
N GLY A 2446 27.20 -67.89 -19.12
CA GLY A 2446 27.07 -66.94 -18.05
C GLY A 2446 25.98 -65.91 -18.22
N LYS A 2447 24.94 -66.24 -18.98
CA LYS A 2447 23.87 -65.28 -19.21
C LYS A 2447 23.10 -65.03 -17.92
N GLY A 2448 22.94 -63.74 -17.59
CA GLY A 2448 22.32 -63.39 -16.33
C GLY A 2448 20.88 -63.84 -16.23
N GLU A 2449 20.12 -63.71 -17.31
CA GLU A 2449 18.73 -64.15 -17.29
C GLU A 2449 18.63 -65.65 -17.07
N ALA A 2450 19.48 -66.42 -17.75
CA ALA A 2450 19.47 -67.88 -17.56
C ALA A 2450 19.84 -68.25 -16.13
N LEU A 2451 20.88 -67.61 -15.59
CA LEU A 2451 21.26 -67.90 -14.21
C LEU A 2451 20.15 -67.55 -13.23
N ARG A 2452 19.49 -66.41 -13.45
CA ARG A 2452 18.41 -66.00 -12.57
C ARG A 2452 17.24 -66.99 -12.64
N ILE A 2453 16.89 -67.44 -13.83
CA ILE A 2453 15.78 -68.39 -13.97
C ILE A 2453 16.13 -69.70 -13.29
N ARG A 2454 17.36 -70.19 -13.49
CA ARG A 2454 17.76 -71.44 -12.85
C ARG A 2454 17.74 -71.30 -11.34
N ALA A 2455 18.19 -70.14 -10.82
CA ALA A 2455 18.15 -69.92 -9.38
C ALA A 2455 16.74 -69.90 -8.85
N ILE A 2456 15.82 -69.27 -9.58
CA ILE A 2456 14.41 -69.24 -9.16
C ILE A 2456 13.84 -70.65 -9.12
N LEU A 2457 14.14 -71.46 -10.14
CA LEU A 2457 13.64 -72.83 -10.16
C LEU A 2457 14.21 -73.64 -8.99
N ARG A 2458 15.51 -73.48 -8.72
CA ARG A 2458 16.11 -74.17 -7.59
C ARG A 2458 15.47 -73.75 -6.28
N SER A 2459 15.18 -72.46 -6.14
CA SER A 2459 14.51 -71.99 -4.93
C SER A 2459 13.12 -72.61 -4.80
N LEU A 2460 12.41 -72.75 -5.92
CA LEU A 2460 11.08 -73.34 -5.86
C LEU A 2460 11.12 -74.81 -5.45
N VAL A 2461 11.96 -75.61 -6.11
CA VAL A 2461 11.95 -77.05 -5.86
C VAL A 2461 13.26 -77.50 -5.22
N PRO A 2462 13.21 -78.06 -4.02
CA PRO A 2462 14.45 -78.49 -3.36
C PRO A 2462 14.91 -79.88 -3.77
N LEU A 2463 16.23 -80.04 -3.81
CA LEU A 2463 16.84 -81.29 -4.26
C LEU A 2463 16.52 -82.44 -3.34
N ASP A 2464 16.45 -82.19 -2.03
CA ASP A 2464 16.12 -83.25 -1.10
C ASP A 2464 14.70 -83.78 -1.36
N ASP A 2465 13.77 -82.87 -1.64
CA ASP A 2465 12.41 -83.30 -1.98
C ASP A 2465 12.39 -84.09 -3.28
N LEU A 2466 13.16 -83.65 -4.28
CA LEU A 2466 13.24 -84.41 -5.52
C LEU A 2466 13.73 -85.83 -5.27
N VAL A 2467 14.82 -85.96 -4.52
CA VAL A 2467 15.38 -87.29 -4.26
C VAL A 2467 14.41 -88.13 -3.42
N GLY A 2468 13.72 -87.50 -2.48
CA GLY A 2468 12.75 -88.23 -1.69
C GLY A 2468 11.60 -88.76 -2.52
N ILE A 2469 11.12 -87.97 -3.49
CA ILE A 2469 10.06 -88.45 -4.36
C ILE A 2469 10.57 -89.57 -5.25
N ILE A 2470 11.79 -89.44 -5.77
CA ILE A 2470 12.36 -90.51 -6.59
C ILE A 2470 12.53 -91.79 -5.77
N SER A 2471 12.79 -91.65 -4.48
CA SER A 2471 13.07 -92.81 -3.62
C SER A 2471 11.81 -93.46 -3.07
N LEU A 2472 10.63 -92.96 -3.40
CA LEU A 2472 9.41 -93.55 -2.88
C LEU A 2472 9.19 -94.93 -3.49
N PRO A 2473 8.75 -95.91 -2.70
CA PRO A 2473 8.52 -97.25 -3.24
C PRO A 2473 7.34 -97.28 -4.19
N LEU A 2474 7.40 -98.21 -5.15
CA LEU A 2474 6.33 -98.43 -6.11
C LEU A 2474 5.70 -99.78 -5.85
N GLN A 2475 4.39 -99.87 -6.04
CA GLN A 2475 3.70 -101.14 -5.88
C GLN A 2475 4.03 -102.06 -7.04
N ILE A 2476 4.56 -103.24 -6.73
CA ILE A 2476 5.03 -104.19 -7.72
C ILE A 2476 4.01 -105.32 -7.83
N PRO A 2477 3.64 -105.74 -9.05
CA PRO A 2477 2.67 -106.84 -9.18
C PRO A 2477 3.20 -108.12 -8.57
N THR A 2478 2.52 -108.59 -7.54
CA THR A 2478 2.88 -109.81 -6.83
C THR A 2478 1.90 -110.92 -7.18
N LEU A 2479 2.14 -112.09 -6.60
CA LEU A 2479 1.31 -113.27 -6.84
C LEU A 2479 0.87 -113.85 -5.50
N GLY A 2480 -0.29 -114.48 -5.49
CA GLY A 2480 -0.78 -115.11 -4.28
C GLY A 2480 -2.28 -115.33 -4.37
N LYS A 2481 -2.79 -116.01 -3.34
CA LYS A 2481 -4.21 -116.32 -3.22
C LYS A 2481 -4.72 -117.04 -4.46
N ASP A 2482 -4.22 -118.26 -4.65
CA ASP A 2482 -4.39 -119.22 -5.75
C ASP A 2482 -3.51 -118.85 -6.95
N GLY A 2483 -2.72 -117.79 -6.88
CA GLY A 2483 -1.85 -117.40 -7.96
C GLY A 2483 -2.37 -116.28 -8.85
N ALA A 2484 -3.48 -115.65 -8.49
CA ALA A 2484 -3.97 -114.52 -9.26
C ALA A 2484 -3.03 -113.34 -9.10
N LEU A 2485 -2.87 -112.56 -10.16
CA LEU A 2485 -1.96 -111.43 -10.16
C LEU A 2485 -2.58 -110.27 -9.39
N VAL A 2486 -1.85 -109.75 -8.41
CA VAL A 2486 -2.30 -108.58 -7.64
C VAL A 2486 -1.61 -107.36 -8.28
N GLN A 2487 -2.30 -106.78 -9.25
CA GLN A 2487 -1.73 -105.64 -9.95
C GLN A 2487 -2.31 -104.33 -9.43
N PRO A 2488 -1.49 -103.31 -9.26
CA PRO A 2488 -2.02 -102.00 -8.86
C PRO A 2488 -2.83 -101.38 -9.99
N LYS A 2489 -3.80 -100.57 -9.61
CA LYS A 2489 -4.60 -99.81 -10.56
C LYS A 2489 -3.80 -98.56 -10.96
N MET A 2490 -3.31 -98.55 -12.20
CA MET A 2490 -2.42 -97.48 -12.62
C MET A 2490 -3.12 -96.12 -12.69
N SER A 2491 -4.44 -96.10 -12.67
CA SER A 2491 -5.19 -94.85 -12.69
C SER A 2491 -5.49 -94.32 -11.30
N ALA A 2492 -5.04 -95.01 -10.25
CA ALA A 2492 -5.33 -94.59 -8.89
C ALA A 2492 -4.14 -94.79 -7.96
N SER A 2493 -2.93 -94.79 -8.50
CA SER A 2493 -1.76 -95.11 -7.69
C SER A 2493 -0.56 -94.31 -8.17
N PHE A 2494 0.47 -94.29 -7.34
CA PHE A 2494 1.75 -93.71 -7.70
C PHE A 2494 2.35 -94.47 -8.87
N VAL A 2495 2.75 -93.74 -9.91
CA VAL A 2495 3.18 -94.35 -11.17
C VAL A 2495 4.56 -93.81 -11.52
N PRO A 2496 5.31 -94.55 -12.34
CA PRO A 2496 6.67 -94.12 -12.68
C PRO A 2496 6.76 -92.80 -13.43
N ASP A 2497 5.68 -92.33 -14.06
CA ASP A 2497 5.74 -91.02 -14.72
C ASP A 2497 5.98 -89.90 -13.71
N HIS A 2498 5.41 -90.03 -12.52
CA HIS A 2498 5.63 -89.04 -11.48
C HIS A 2498 7.10 -88.97 -11.11
N LYS A 2499 7.79 -90.11 -11.12
CA LYS A 2499 9.23 -90.11 -10.89
C LYS A 2499 9.99 -89.57 -12.09
N ALA A 2500 9.51 -89.85 -13.30
CA ALA A 2500 10.21 -89.39 -14.49
C ALA A 2500 10.24 -87.86 -14.56
N SER A 2501 9.14 -87.22 -14.17
CA SER A 2501 9.12 -85.77 -14.12
C SER A 2501 10.17 -85.22 -13.17
N MET A 2502 10.28 -85.82 -11.98
CA MET A 2502 11.29 -85.40 -11.02
C MET A 2502 12.70 -85.61 -11.55
N VAL A 2503 12.91 -86.74 -12.25
CA VAL A 2503 14.23 -86.99 -12.84
C VAL A 2503 14.57 -85.93 -13.87
N LEU A 2504 13.60 -85.57 -14.72
CA LEU A 2504 13.84 -84.52 -15.70
C LEU A 2504 14.18 -83.20 -15.03
N PHE A 2505 13.45 -82.84 -13.98
CA PHE A 2505 13.76 -81.61 -13.25
C PHE A 2505 15.15 -81.67 -12.66
N LEU A 2506 15.52 -82.80 -12.05
CA LEU A 2506 16.83 -82.93 -11.43
C LEU A 2506 17.94 -82.79 -12.46
N ASP A 2507 17.74 -83.40 -13.64
CA ASP A 2507 18.76 -83.31 -14.68
C ASP A 2507 18.90 -81.88 -15.20
N ARG A 2508 17.78 -81.25 -15.55
CA ARG A 2508 17.86 -79.97 -16.25
C ARG A 2508 18.18 -78.81 -15.31
N VAL A 2509 17.70 -78.86 -14.07
CA VAL A 2509 17.88 -77.74 -13.14
C VAL A 2509 19.12 -77.92 -12.29
N TYR A 2510 19.17 -78.97 -11.48
CA TYR A 2510 20.30 -79.22 -10.60
C TYR A 2510 21.44 -79.93 -11.31
N GLY A 2511 21.13 -81.03 -11.97
CA GLY A 2511 22.15 -81.83 -12.62
C GLY A 2511 22.91 -82.69 -11.63
N ILE A 2512 23.67 -83.64 -12.18
CA ILE A 2512 24.51 -84.53 -11.38
C ILE A 2512 25.96 -84.19 -11.74
N GLU A 2513 26.72 -83.74 -10.75
CA GLU A 2513 28.07 -83.25 -10.98
C GLU A 2513 29.12 -83.92 -10.13
N ASN A 2514 28.75 -84.56 -9.03
CA ASN A 2514 29.71 -85.20 -8.14
C ASN A 2514 29.36 -86.66 -7.94
N GLN A 2515 30.41 -87.47 -7.82
CA GLN A 2515 30.27 -88.92 -7.77
C GLN A 2515 29.51 -89.36 -6.53
N ASP A 2516 29.74 -88.71 -5.39
CA ASP A 2516 29.05 -89.09 -4.16
C ASP A 2516 27.55 -88.88 -4.31
N PHE A 2517 27.14 -87.75 -4.90
CA PHE A 2517 25.72 -87.51 -5.12
C PHE A 2517 25.15 -88.49 -6.13
N LEU A 2518 25.91 -88.81 -7.18
CA LEU A 2518 25.44 -89.79 -8.15
C LEU A 2518 25.17 -91.14 -7.49
N LEU A 2519 26.10 -91.60 -6.66
CA LEU A 2519 25.91 -92.87 -5.97
C LEU A 2519 24.78 -92.80 -4.95
N HIS A 2520 24.62 -91.65 -4.30
CA HIS A 2520 23.52 -91.51 -3.34
C HIS A 2520 22.17 -91.54 -4.03
N VAL A 2521 22.08 -90.99 -5.24
CA VAL A 2521 20.85 -91.12 -6.01
C VAL A 2521 20.65 -92.56 -6.45
N LEU A 2522 21.72 -93.22 -6.90
CA LEU A 2522 21.60 -94.59 -7.39
C LEU A 2522 21.09 -95.53 -6.31
N ASP A 2523 21.70 -95.49 -5.13
CA ASP A 2523 21.44 -96.54 -4.15
C ASP A 2523 20.13 -96.37 -3.39
N VAL A 2524 19.43 -95.25 -3.55
CA VAL A 2524 18.14 -95.04 -2.89
C VAL A 2524 17.00 -94.92 -3.90
N GLY A 2525 17.22 -94.27 -5.04
CA GLY A 2525 16.11 -94.01 -5.93
C GLY A 2525 16.05 -94.84 -7.18
N PHE A 2526 17.20 -95.05 -7.84
CA PHE A 2526 17.24 -95.70 -9.13
C PHE A 2526 17.42 -97.20 -9.03
N LEU A 2527 18.41 -97.65 -8.28
CA LEU A 2527 18.72 -99.08 -8.22
C LEU A 2527 17.55 -99.94 -7.76
N PRO A 2528 16.78 -99.58 -6.73
CA PRO A 2528 15.59 -100.39 -6.41
C PRO A 2528 14.61 -100.49 -7.56
N ASP A 2529 14.42 -99.40 -8.31
CA ASP A 2529 13.50 -99.45 -9.45
C ASP A 2529 14.04 -100.36 -10.55
N MET A 2530 15.35 -100.30 -10.81
CA MET A 2530 15.95 -101.20 -11.80
C MET A 2530 15.80 -102.65 -11.36
N ARG A 2531 16.02 -102.93 -10.08
CA ARG A 2531 15.87 -104.29 -9.58
C ARG A 2531 14.43 -104.77 -9.70
N ALA A 2532 13.47 -103.90 -9.39
CA ALA A 2532 12.06 -104.26 -9.54
C ALA A 2532 11.72 -104.57 -10.99
N ALA A 2533 12.20 -103.73 -11.92
CA ALA A 2533 11.93 -103.97 -13.33
C ALA A 2533 12.58 -105.26 -13.80
N ALA A 2534 13.80 -105.55 -13.33
CA ALA A 2534 14.46 -106.80 -13.69
C ALA A 2534 13.68 -108.00 -13.15
N SER A 2535 13.18 -107.90 -11.93
CA SER A 2535 12.38 -108.98 -11.37
C SER A 2535 11.08 -109.17 -12.15
N LEU A 2536 10.43 -108.09 -12.57
CA LEU A 2536 9.17 -108.21 -13.29
C LEU A 2536 9.33 -108.83 -14.67
N ASP A 2537 10.55 -108.99 -15.17
CA ASP A 2537 10.77 -109.60 -16.49
C ASP A 2537 10.75 -111.11 -16.35
N THR A 2538 9.56 -111.63 -16.10
CA THR A 2538 9.32 -113.07 -16.02
C THR A 2538 8.27 -113.46 -17.06
N ALA A 2539 7.86 -114.72 -17.03
CA ALA A 2539 6.85 -115.17 -17.98
C ALA A 2539 5.51 -114.49 -17.74
N THR A 2540 5.15 -114.26 -16.49
CA THR A 2540 3.84 -113.73 -16.14
C THR A 2540 3.81 -112.20 -16.09
N PHE A 2541 4.76 -111.59 -15.40
CA PHE A 2541 4.72 -110.16 -15.09
C PHE A 2541 5.30 -109.27 -16.19
N SER A 2542 5.87 -109.85 -17.25
CA SER A 2542 6.60 -109.05 -18.22
C SER A 2542 5.70 -108.05 -18.93
N THR A 2543 4.50 -108.47 -19.31
CA THR A 2543 3.59 -107.64 -20.09
C THR A 2543 2.66 -106.81 -19.23
N THR A 2544 2.83 -106.84 -17.91
CA THR A 2544 1.95 -106.07 -17.03
C THR A 2544 2.15 -104.58 -17.22
N GLU A 2545 1.09 -103.83 -16.89
CA GLU A 2545 1.13 -102.38 -17.06
C GLU A 2545 2.23 -101.75 -16.23
N MET A 2546 2.40 -102.20 -14.98
CA MET A 2546 3.44 -101.64 -14.13
C MET A 2546 4.83 -101.94 -14.68
N ALA A 2547 5.04 -103.14 -15.21
CA ALA A 2547 6.33 -103.49 -15.79
C ALA A 2547 6.63 -102.63 -17.01
N LEU A 2548 5.63 -102.43 -17.88
CA LEU A 2548 5.85 -101.59 -19.05
C LEU A 2548 6.11 -100.15 -18.66
N ALA A 2549 5.40 -99.65 -17.65
CA ALA A 2549 5.64 -98.29 -17.17
C ALA A 2549 7.03 -98.15 -16.59
N LEU A 2550 7.49 -99.15 -15.85
CA LEU A 2550 8.85 -99.12 -15.33
C LEU A 2550 9.87 -99.14 -16.46
N ASN A 2551 9.62 -99.93 -17.50
CA ASN A 2551 10.53 -99.96 -18.64
C ASN A 2551 10.62 -98.59 -19.30
N ARG A 2552 9.47 -97.93 -19.50
CA ARG A 2552 9.49 -96.59 -20.07
C ARG A 2552 10.22 -95.61 -19.17
N TYR A 2553 9.97 -95.68 -17.86
CA TYR A 2553 10.63 -94.78 -16.91
C TYR A 2553 12.13 -94.96 -16.93
N LEU A 2554 12.59 -96.21 -17.01
CA LEU A 2554 14.03 -96.46 -17.03
C LEU A 2554 14.66 -96.01 -18.35
N CYS A 2555 14.00 -96.31 -19.48
CA CYS A 2555 14.59 -96.05 -20.77
C CYS A 2555 14.39 -94.62 -21.25
N LEU A 2556 13.62 -93.81 -20.54
CA LEU A 2556 13.44 -92.42 -20.91
C LEU A 2556 14.00 -91.43 -19.89
N ALA A 2557 14.14 -91.82 -18.63
CA ALA A 2557 14.59 -90.91 -17.59
C ALA A 2557 15.88 -91.35 -16.90
N VAL A 2558 15.97 -92.62 -16.51
CA VAL A 2558 17.04 -93.05 -15.61
C VAL A 2558 18.29 -93.42 -16.39
N LEU A 2559 18.15 -94.33 -17.35
CA LEU A 2559 19.32 -94.82 -18.08
C LEU A 2559 20.03 -93.75 -18.90
N PRO A 2560 19.34 -92.86 -19.64
CA PRO A 2560 20.08 -91.77 -20.30
C PRO A 2560 20.84 -90.88 -19.33
N LEU A 2561 20.26 -90.60 -18.16
CA LEU A 2561 20.96 -89.80 -17.16
C LEU A 2561 22.20 -90.51 -16.67
N ILE A 2562 22.11 -91.82 -16.44
CA ILE A 2562 23.27 -92.59 -16.02
C ILE A 2562 24.33 -92.59 -17.11
N THR A 2563 23.90 -92.74 -18.37
CA THR A 2563 24.84 -92.71 -19.48
C THR A 2563 25.57 -91.37 -19.55
N LYS A 2564 24.86 -90.27 -19.29
CA LYS A 2564 25.52 -88.98 -19.19
C LYS A 2564 26.51 -88.96 -18.04
N CYS A 2565 26.14 -89.53 -16.90
CA CYS A 2565 27.00 -89.55 -15.73
C CYS A 2565 27.96 -90.73 -15.71
N ALA A 2566 28.19 -91.35 -16.86
CA ALA A 2566 29.13 -92.47 -16.93
C ALA A 2566 30.55 -92.10 -16.53
N PRO A 2567 31.13 -90.97 -16.95
CA PRO A 2567 32.52 -90.68 -16.57
C PRO A 2567 32.73 -90.54 -15.07
N LEU A 2568 31.69 -90.31 -14.30
CA LEU A 2568 31.82 -90.16 -12.85
C LEU A 2568 32.11 -91.47 -12.14
N PHE A 2569 32.06 -92.60 -12.84
CA PHE A 2569 32.29 -93.91 -12.24
C PHE A 2569 33.75 -94.33 -12.25
N ALA A 2570 34.66 -93.42 -12.62
CA ALA A 2570 36.06 -93.81 -12.76
C ALA A 2570 36.66 -94.25 -11.43
N GLY A 2571 36.38 -93.53 -10.35
CA GLY A 2571 37.01 -93.80 -9.07
C GLY A 2571 36.07 -94.31 -8.00
N THR A 2572 35.22 -95.27 -8.34
CA THR A 2572 34.22 -95.81 -7.41
C THR A 2572 34.69 -97.06 -6.69
N GLU A 2573 35.99 -97.16 -6.39
CA GLU A 2573 36.51 -98.37 -5.78
C GLU A 2573 35.90 -98.62 -4.40
N HIS A 2574 35.42 -97.56 -3.74
CA HIS A 2574 34.86 -97.73 -2.40
C HIS A 2574 33.44 -98.26 -2.41
N ARG A 2575 32.76 -98.22 -3.56
CA ARG A 2575 31.40 -98.71 -3.68
C ARG A 2575 31.32 -99.81 -4.74
N ALA A 2576 32.29 -100.72 -4.71
CA ALA A 2576 32.39 -101.76 -5.72
C ALA A 2576 31.18 -102.68 -5.69
N ILE A 2577 30.65 -102.99 -4.51
CA ILE A 2577 29.49 -103.89 -4.43
C ILE A 2577 28.29 -103.26 -5.13
N MET A 2578 28.03 -101.99 -4.84
CA MET A 2578 26.91 -101.31 -5.49
C MET A 2578 27.12 -101.20 -6.99
N VAL A 2579 28.34 -100.89 -7.43
CA VAL A 2579 28.60 -100.77 -8.86
C VAL A 2579 28.40 -102.11 -9.56
N ASP A 2580 28.88 -103.19 -8.94
CA ASP A 2580 28.73 -104.52 -9.54
C ASP A 2580 27.27 -104.92 -9.60
N SER A 2581 26.51 -104.63 -8.53
CA SER A 2581 25.08 -104.96 -8.54
C SER A 2581 24.36 -104.17 -9.62
N MET A 2582 24.72 -102.90 -9.80
CA MET A 2582 24.06 -102.08 -10.80
C MET A 2582 24.39 -102.55 -12.20
N LEU A 2583 25.65 -102.97 -12.42
CA LEU A 2583 26.02 -103.57 -13.70
C LEU A 2583 25.22 -104.84 -13.97
N HIS A 2584 25.09 -105.70 -12.96
CA HIS A 2584 24.32 -106.93 -13.15
CA HIS A 2584 24.32 -106.93 -13.15
C HIS A 2584 22.86 -106.62 -13.47
N THR A 2585 22.27 -105.65 -12.78
CA THR A 2585 20.87 -105.31 -13.02
C THR A 2585 20.68 -104.76 -14.43
N VAL A 2586 21.57 -103.87 -14.88
CA VAL A 2586 21.40 -103.31 -16.21
C VAL A 2586 21.63 -104.37 -17.28
N TYR A 2587 22.56 -105.30 -17.05
CA TYR A 2587 22.75 -106.39 -17.99
C TYR A 2587 21.53 -107.30 -18.05
N ARG A 2588 20.96 -107.63 -16.90
CA ARG A 2588 19.74 -108.41 -16.86
C ARG A 2588 18.62 -107.71 -17.62
N LEU A 2589 18.46 -106.40 -17.39
CA LEU A 2589 17.46 -105.64 -18.13
C LEU A 2589 17.71 -105.70 -19.63
N SER A 2590 18.98 -105.65 -20.04
CA SER A 2590 19.29 -105.77 -21.45
C SER A 2590 18.81 -107.10 -22.00
N ARG A 2591 19.03 -108.18 -21.25
CA ARG A 2591 18.47 -109.47 -21.65
C ARG A 2591 17.02 -109.60 -21.21
N GLY A 2592 16.15 -108.73 -21.70
CA GLY A 2592 14.77 -108.74 -21.25
C GLY A 2592 13.75 -108.89 -22.35
N ARG A 2593 12.72 -109.69 -22.08
CA ARG A 2593 11.62 -109.84 -23.02
C ARG A 2593 10.63 -108.69 -22.88
N SER A 2594 9.72 -108.58 -23.85
CA SER A 2594 8.70 -107.53 -23.88
C SER A 2594 9.31 -106.14 -23.84
N LEU A 2595 10.48 -105.98 -24.45
CA LEU A 2595 11.15 -104.69 -24.56
C LEU A 2595 11.23 -104.30 -26.03
N THR A 2596 10.92 -103.05 -26.33
CA THR A 2596 11.05 -102.56 -27.69
C THR A 2596 12.52 -102.44 -28.06
N LYS A 2597 12.77 -102.38 -29.37
CA LYS A 2597 14.15 -102.22 -29.84
C LYS A 2597 14.73 -100.89 -29.37
N ALA A 2598 13.91 -99.85 -29.34
CA ALA A 2598 14.38 -98.55 -28.86
C ALA A 2598 14.82 -98.62 -27.41
N GLN A 2599 14.05 -99.31 -26.57
CA GLN A 2599 14.45 -99.49 -25.18
C GLN A 2599 15.71 -100.33 -25.07
N ARG A 2600 15.79 -101.39 -25.88
CA ARG A 2600 16.94 -102.29 -25.81
C ARG A 2600 18.23 -101.59 -26.18
N ASP A 2601 18.20 -100.76 -27.22
CA ASP A 2601 19.44 -100.08 -27.60
C ASP A 2601 19.85 -99.05 -26.56
N VAL A 2602 18.88 -98.42 -25.90
CA VAL A 2602 19.21 -97.50 -24.81
C VAL A 2602 19.90 -98.25 -23.67
N ILE A 2603 19.37 -99.43 -23.31
CA ILE A 2603 19.99 -100.21 -22.24
C ILE A 2603 21.40 -100.62 -22.64
N GLU A 2604 21.58 -101.06 -23.89
CA GLU A 2604 22.90 -101.47 -24.37
C GLU A 2604 23.88 -100.30 -24.34
N ASP A 2605 23.44 -99.12 -24.77
CA ASP A 2605 24.30 -97.95 -24.74
C ASP A 2605 24.70 -97.60 -23.32
N CYS A 2606 23.74 -97.68 -22.38
CA CYS A 2606 24.07 -97.42 -20.99
C CYS A 2606 25.11 -98.39 -20.47
N LEU A 2607 24.96 -99.68 -20.77
CA LEU A 2607 25.92 -100.67 -20.30
C LEU A 2607 27.30 -100.44 -20.90
N MET A 2608 27.35 -100.14 -22.20
CA MET A 2608 28.63 -99.89 -22.85
C MET A 2608 29.32 -98.67 -22.26
N ALA A 2609 28.57 -97.60 -22.04
CA ALA A 2609 29.14 -96.39 -21.46
C ALA A 2609 29.64 -96.63 -20.04
N LEU A 2610 28.91 -97.45 -19.27
CA LEU A 2610 29.37 -97.79 -17.93
C LEU A 2610 30.69 -98.54 -17.97
N CYS A 2611 30.75 -99.61 -18.78
CA CYS A 2611 31.97 -100.40 -18.86
C CYS A 2611 33.14 -99.64 -19.47
N ARG A 2612 32.86 -98.58 -20.24
CA ARG A 2612 33.95 -97.79 -20.80
CA ARG A 2612 33.95 -97.79 -20.80
C ARG A 2612 34.75 -97.06 -19.74
N TYR A 2613 34.11 -96.66 -18.64
CA TYR A 2613 34.78 -95.89 -17.60
C TYR A 2613 35.02 -96.66 -16.31
N ILE A 2614 34.29 -97.75 -16.07
CA ILE A 2614 34.52 -98.53 -14.85
C ILE A 2614 35.88 -99.21 -14.94
N ARG A 2615 36.59 -99.25 -13.82
CA ARG A 2615 37.92 -99.84 -13.78
C ARG A 2615 37.84 -101.34 -14.08
N PRO A 2616 38.88 -101.90 -14.71
CA PRO A 2616 38.82 -103.32 -15.08
C PRO A 2616 38.68 -104.26 -13.90
N SER A 2617 39.11 -103.85 -12.71
CA SER A 2617 39.04 -104.73 -11.55
C SER A 2617 37.60 -105.05 -11.17
N MET A 2618 36.69 -104.10 -11.34
CA MET A 2618 35.29 -104.28 -10.94
C MET A 2618 34.46 -105.04 -11.97
N LEU A 2619 34.94 -105.15 -13.22
CA LEU A 2619 34.21 -105.84 -14.26
C LEU A 2619 34.38 -107.36 -14.19
N GLN A 2620 34.99 -107.87 -13.11
CA GLN A 2620 35.27 -109.30 -13.04
C GLN A 2620 33.99 -110.12 -12.98
N HIS A 2621 33.01 -109.70 -12.18
CA HIS A 2621 31.78 -110.47 -12.06
C HIS A 2621 30.96 -110.39 -13.35
N LEU A 2622 30.93 -109.24 -14.00
CA LEU A 2622 30.24 -109.13 -15.28
C LEU A 2622 30.90 -110.03 -16.32
N LEU A 2623 32.23 -110.06 -16.35
CA LEU A 2623 32.92 -110.98 -17.26
C LEU A 2623 32.62 -112.42 -16.92
N ARG A 2624 32.49 -112.73 -15.63
CA ARG A 2624 32.14 -114.08 -15.21
C ARG A 2624 30.76 -114.48 -15.73
N ARG A 2625 29.80 -113.57 -15.65
CA ARG A 2625 28.47 -113.84 -16.21
C ARG A 2625 28.53 -113.98 -17.73
N LEU A 2626 29.33 -113.16 -18.39
CA LEU A 2626 29.44 -113.23 -19.84
C LEU A 2626 30.12 -114.51 -20.29
N VAL A 2627 31.00 -115.08 -19.46
CA VAL A 2627 31.61 -116.37 -19.80
C VAL A 2627 30.55 -117.44 -19.94
N PHE A 2628 29.51 -117.38 -19.12
CA PHE A 2628 28.39 -118.30 -19.26
C PHE A 2628 27.52 -117.92 -20.46
N ASP A 2629 27.11 -116.66 -20.55
CA ASP A 2629 26.08 -116.25 -21.50
C ASP A 2629 26.54 -116.17 -22.95
N VAL A 2630 27.74 -115.64 -23.20
CA VAL A 2630 28.16 -115.38 -24.59
C VAL A 2630 28.30 -116.64 -25.43
N PRO A 2631 28.97 -117.71 -24.98
CA PRO A 2631 29.32 -118.79 -25.91
C PRO A 2631 28.13 -119.48 -26.58
N ILE A 2632 26.90 -119.30 -26.08
CA ILE A 2632 25.75 -119.86 -26.78
C ILE A 2632 25.60 -119.21 -28.14
N LEU A 2633 26.04 -117.96 -28.28
CA LEU A 2633 26.03 -117.24 -29.55
C LEU A 2633 24.63 -117.18 -30.16
N ASN A 2634 23.64 -116.97 -29.31
CA ASN A 2634 22.27 -116.77 -29.76
C ASN A 2634 22.09 -115.33 -30.22
N GLU A 2635 20.84 -114.91 -30.43
CA GLU A 2635 20.58 -113.54 -30.86
C GLU A 2635 20.85 -112.52 -29.77
N PHE A 2636 21.04 -112.96 -28.52
CA PHE A 2636 21.28 -112.04 -27.42
C PHE A 2636 22.76 -111.77 -27.17
N ALA A 2637 23.65 -112.37 -27.95
CA ALA A 2637 25.09 -112.29 -27.71
C ALA A 2637 25.76 -111.14 -28.45
N LYS A 2638 25.03 -110.39 -29.27
CA LYS A 2638 25.66 -109.35 -30.08
C LYS A 2638 26.22 -108.23 -29.21
N MET A 2639 25.39 -107.68 -28.31
CA MET A 2639 25.86 -106.65 -27.40
C MET A 2639 26.94 -107.15 -26.45
N PRO A 2640 26.83 -108.33 -25.83
CA PRO A 2640 27.96 -108.81 -25.02
C PRO A 2640 29.24 -108.96 -25.83
N LEU A 2641 29.15 -109.44 -27.08
CA LEU A 2641 30.35 -109.56 -27.89
C LEU A 2641 30.99 -108.21 -28.16
N LYS A 2642 30.17 -107.21 -28.52
CA LYS A 2642 30.72 -105.88 -28.77
C LYS A 2642 31.31 -105.28 -27.50
N LEU A 2643 30.64 -105.50 -26.37
CA LEU A 2643 31.13 -104.97 -25.11
C LEU A 2643 32.47 -105.61 -24.73
N LEU A 2644 32.60 -106.92 -24.91
CA LEU A 2644 33.86 -107.59 -24.64
C LEU A 2644 34.95 -107.10 -25.58
N THR A 2645 34.62 -106.90 -26.85
CA THR A 2645 35.59 -106.36 -27.80
C THR A 2645 36.13 -105.03 -27.31
N ASN A 2646 35.23 -104.10 -26.97
CA ASN A 2646 35.65 -102.78 -26.51
C ASN A 2646 36.46 -102.88 -25.22
N HIS A 2647 36.01 -103.72 -24.28
CA HIS A 2647 36.68 -103.83 -22.99
C HIS A 2647 38.10 -104.35 -23.16
N TYR A 2648 38.29 -105.38 -23.98
CA TYR A 2648 39.62 -105.96 -24.14
C TYR A 2648 40.51 -105.10 -25.02
N GLU A 2649 39.96 -104.38 -25.99
CA GLU A 2649 40.78 -103.44 -26.73
C GLU A 2649 41.25 -102.29 -25.84
N ARG A 2650 40.37 -101.82 -24.95
CA ARG A 2650 40.72 -100.70 -24.10
C ARG A 2650 41.70 -101.10 -23.00
N CYS A 2651 41.47 -102.26 -22.38
CA CYS A 2651 42.20 -102.67 -21.18
C CYS A 2651 43.15 -103.84 -21.47
N TRP A 2652 43.79 -103.84 -22.65
CA TRP A 2652 44.63 -104.97 -23.01
C TRP A 2652 45.90 -105.03 -22.17
N LYS A 2653 46.46 -103.89 -21.80
CA LYS A 2653 47.66 -103.88 -20.97
C LYS A 2653 47.41 -104.51 -19.62
N TYR A 2654 46.26 -104.22 -19.01
CA TYR A 2654 45.93 -104.75 -17.69
C TYR A 2654 45.98 -106.27 -17.65
N TYR A 2655 45.66 -106.92 -18.76
CA TYR A 2655 45.70 -108.38 -18.82
C TYR A 2655 47.00 -108.92 -19.40
N CYS A 2656 47.69 -108.15 -20.24
CA CYS A 2656 48.86 -108.69 -20.92
C CYS A 2656 50.16 -108.37 -20.20
N LEU A 2657 50.40 -107.09 -19.90
CA LEU A 2657 51.70 -106.69 -19.38
C LEU A 2657 51.91 -107.26 -17.98
N PRO A 2658 53.10 -107.82 -17.69
CA PRO A 2658 53.35 -108.35 -16.34
C PRO A 2658 53.26 -107.28 -15.26
N THR A 2659 53.68 -106.06 -15.56
CA THR A 2659 53.55 -104.97 -14.60
C THR A 2659 52.15 -104.39 -14.55
N GLY A 2660 51.29 -104.76 -15.50
CA GLY A 2660 49.93 -104.28 -15.51
C GLY A 2660 49.80 -102.88 -16.08
N TRP A 2661 48.56 -102.40 -16.09
CA TRP A 2661 48.28 -101.07 -16.59
C TRP A 2661 48.73 -100.02 -15.59
N ALA A 2662 49.07 -98.84 -16.10
CA ALA A 2662 49.45 -97.74 -15.23
C ALA A 2662 48.29 -97.38 -14.32
N ASN A 2663 48.59 -97.25 -13.03
CA ASN A 2663 47.67 -96.86 -11.94
C ASN A 2663 46.31 -97.55 -12.06
N PHE A 2664 46.27 -98.76 -12.60
CA PHE A 2664 45.05 -99.56 -12.64
C PHE A 2664 45.22 -100.96 -12.07
N GLY A 2665 46.45 -101.39 -11.81
CA GLY A 2665 46.69 -102.72 -11.28
C GLY A 2665 46.98 -103.74 -12.37
N VAL A 2666 47.02 -105.00 -11.94
CA VAL A 2666 47.27 -106.14 -12.83
C VAL A 2666 46.17 -107.16 -12.61
N THR A 2667 46.02 -108.06 -13.58
CA THR A 2667 45.02 -109.11 -13.48
C THR A 2667 45.31 -110.01 -12.28
N SER A 2668 44.28 -110.72 -11.83
CA SER A 2668 44.33 -111.45 -10.57
C SER A 2668 44.46 -112.95 -10.76
N GLU A 2669 44.89 -113.41 -11.93
CA GLU A 2669 45.17 -114.81 -12.21
C GLU A 2669 43.87 -115.60 -12.30
N GLU A 2670 42.76 -114.96 -11.98
CA GLU A 2670 41.43 -115.52 -12.20
C GLU A 2670 40.73 -114.86 -13.37
N GLU A 2671 40.89 -113.54 -13.53
CA GLU A 2671 40.39 -112.87 -14.71
C GLU A 2671 41.02 -113.44 -15.97
N LEU A 2672 42.29 -113.84 -15.90
CA LEU A 2672 42.92 -114.52 -17.02
C LEU A 2672 42.23 -115.85 -17.31
N HIS A 2673 41.85 -116.58 -16.25
CA HIS A 2673 41.15 -117.84 -16.44
C HIS A 2673 39.80 -117.63 -17.13
N LEU A 2674 39.05 -116.63 -16.67
CA LEU A 2674 37.77 -116.32 -17.32
C LEU A 2674 37.98 -115.88 -18.76
N THR A 2675 39.03 -115.10 -19.02
CA THR A 2675 39.31 -114.67 -20.38
C THR A 2675 39.63 -115.84 -21.29
N ARG A 2676 40.44 -116.79 -20.80
CA ARG A 2676 40.76 -117.98 -21.58
C ARG A 2676 39.52 -118.82 -21.85
N LYS A 2677 38.69 -119.01 -20.81
CA LYS A 2677 37.46 -119.78 -20.99
C LYS A 2677 36.54 -119.11 -21.99
N LEU A 2678 36.42 -117.79 -21.93
CA LEU A 2678 35.60 -117.05 -22.88
C LEU A 2678 36.12 -117.21 -24.29
N PHE A 2679 37.43 -117.07 -24.48
CA PHE A 2679 38.01 -117.21 -25.80
C PHE A 2679 37.73 -118.59 -26.38
N TRP A 2680 37.99 -119.63 -25.61
CA TRP A 2680 37.83 -120.97 -26.15
C TRP A 2680 36.36 -121.33 -26.34
N GLY A 2681 35.47 -120.85 -25.47
CA GLY A 2681 34.06 -121.09 -25.69
C GLY A 2681 33.55 -120.44 -26.96
N ILE A 2682 33.91 -119.17 -27.18
CA ILE A 2682 33.50 -118.49 -28.40
C ILE A 2682 34.09 -119.19 -29.62
N PHE A 2683 35.37 -119.56 -29.56
CA PHE A 2683 36.02 -120.21 -30.68
C PHE A 2683 35.34 -121.53 -31.02
N ASP A 2684 35.10 -122.37 -30.00
CA ASP A 2684 34.48 -123.67 -30.25
C ASP A 2684 33.06 -123.53 -30.76
N SER A 2685 32.28 -122.61 -30.19
CA SER A 2685 30.91 -122.43 -30.66
C SER A 2685 30.88 -121.90 -32.09
N LEU A 2686 31.77 -120.98 -32.42
CA LEU A 2686 31.79 -120.43 -33.77
C LEU A 2686 32.28 -121.45 -34.78
N ALA A 2687 33.16 -122.36 -34.36
CA ALA A 2687 33.64 -123.40 -35.26
C ALA A 2687 32.54 -124.37 -35.66
N HIS A 2688 31.46 -124.44 -34.90
CA HIS A 2688 30.34 -125.33 -35.21
C HIS A 2688 29.10 -124.61 -35.72
N LYS A 2689 28.95 -123.32 -35.40
CA LYS A 2689 27.79 -122.58 -35.88
C LYS A 2689 27.79 -122.51 -37.39
N LYS A 2690 26.61 -122.67 -37.99
CA LYS A 2690 26.47 -122.49 -39.42
C LYS A 2690 26.79 -121.06 -39.80
N TYR A 2691 27.37 -120.88 -40.98
CA TYR A 2691 27.92 -119.58 -41.36
C TYR A 2691 26.84 -118.51 -41.38
N ASP A 2692 26.98 -117.54 -40.49
CA ASP A 2692 26.15 -116.34 -40.48
C ASP A 2692 27.08 -115.13 -40.58
N GLN A 2693 26.88 -114.31 -41.61
CA GLN A 2693 27.76 -113.17 -41.82
C GLN A 2693 27.67 -112.19 -40.66
N GLU A 2694 26.47 -111.93 -40.16
CA GLU A 2694 26.31 -111.00 -39.05
C GLU A 2694 27.03 -111.49 -37.81
N LEU A 2695 26.95 -112.80 -37.54
CA LEU A 2695 27.64 -113.36 -36.39
C LEU A 2695 29.15 -113.28 -36.57
N TYR A 2696 29.65 -113.70 -37.74
CA TYR A 2696 31.08 -113.76 -37.96
C TYR A 2696 31.73 -112.39 -37.92
N ARG A 2697 31.12 -111.41 -38.59
CA ARG A 2697 31.78 -110.12 -38.78
C ARG A 2697 32.11 -109.46 -37.45
N MET A 2698 31.22 -109.58 -36.46
CA MET A 2698 31.48 -108.96 -35.18
C MET A 2698 31.84 -109.95 -34.08
N ALA A 2699 31.93 -111.24 -34.39
CA ALA A 2699 32.50 -112.19 -33.44
C ALA A 2699 34.01 -112.31 -33.62
N MET A 2700 34.51 -112.09 -34.84
CA MET A 2700 35.94 -112.12 -35.07
C MET A 2700 36.70 -111.07 -34.24
N PRO A 2701 36.28 -109.79 -34.20
CA PRO A 2701 37.05 -108.82 -33.41
C PRO A 2701 37.11 -109.16 -31.93
N CYS A 2702 36.07 -109.78 -31.38
CA CYS A 2702 36.10 -110.18 -29.98
C CYS A 2702 37.20 -111.22 -29.74
N LEU A 2703 37.30 -112.21 -30.62
CA LEU A 2703 38.36 -113.20 -30.51
C LEU A 2703 39.74 -112.56 -30.65
N CYS A 2704 39.88 -111.64 -31.61
CA CYS A 2704 41.16 -110.98 -31.79
C CYS A 2704 41.55 -110.19 -30.56
N ALA A 2705 40.61 -109.43 -29.98
CA ALA A 2705 40.90 -108.65 -28.79
C ALA A 2705 41.24 -109.53 -27.60
N ILE A 2706 40.49 -110.62 -27.41
CA ILE A 2706 40.77 -111.52 -26.29
C ILE A 2706 42.15 -112.15 -26.44
N ALA A 2707 42.48 -112.62 -27.64
CA ALA A 2707 43.80 -113.21 -27.86
C ALA A 2707 44.90 -112.20 -27.65
N GLY A 2708 44.72 -110.96 -28.10
CA GLY A 2708 45.72 -109.94 -27.84
C GLY A 2708 45.83 -109.54 -26.39
N ALA A 2709 44.76 -109.69 -25.61
CA ALA A 2709 44.79 -109.41 -24.19
C ALA A 2709 45.46 -110.51 -23.37
N LEU A 2710 45.22 -111.77 -23.71
CA LEU A 2710 45.81 -112.86 -22.95
C LEU A 2710 47.32 -112.90 -23.16
N PRO A 2711 48.11 -113.04 -22.10
CA PRO A 2711 49.54 -113.26 -22.27
C PRO A 2711 49.81 -114.54 -23.03
N PRO A 2712 50.79 -114.55 -23.93
CA PRO A 2712 51.06 -115.77 -24.70
C PRO A 2712 51.46 -116.97 -23.86
N ASP A 2713 52.15 -116.74 -22.75
CA ASP A 2713 52.69 -117.81 -21.92
C ASP A 2713 51.86 -118.06 -20.66
N TYR A 2714 50.67 -117.50 -20.58
CA TYR A 2714 49.82 -117.72 -19.41
C TYR A 2714 49.45 -119.19 -19.29
N VAL A 2715 49.58 -119.72 -18.08
CA VAL A 2715 49.22 -121.10 -17.77
C VAL A 2715 48.17 -121.08 -16.67
N ASP A 2716 47.01 -121.68 -16.95
CA ASP A 2716 45.92 -121.70 -15.98
C ASP A 2716 46.22 -122.70 -14.88
N ALA A 2717 46.03 -122.27 -13.63
CA ALA A 2717 46.29 -123.15 -12.49
C ALA A 2717 45.37 -124.36 -12.51
N SER A 2718 44.08 -124.15 -12.81
CA SER A 2718 43.10 -125.23 -12.88
C SER A 2718 42.97 -125.66 -14.33
N TYR A 2719 43.86 -126.56 -14.75
CA TYR A 2719 43.87 -127.05 -16.13
C TYR A 2719 42.94 -128.25 -16.25
N SER A 2720 41.66 -127.99 -16.01
CA SER A 2720 40.63 -129.02 -16.13
C SER A 2720 39.29 -128.33 -16.37
N SER A 2721 38.37 -129.09 -16.96
CA SER A 2721 37.04 -128.56 -17.24
C SER A 2721 36.03 -129.71 -17.23
N LYS A 2722 34.77 -129.36 -16.99
CA LYS A 2722 33.72 -130.37 -16.99
C LYS A 2722 33.37 -130.82 -18.41
N ALA A 2723 33.58 -129.95 -19.40
CA ALA A 2723 33.24 -130.22 -20.79
C ALA A 2723 31.76 -130.58 -20.94
N GLU A 2724 30.91 -129.87 -20.20
CA GLU A 2724 29.47 -130.07 -20.24
C GLU A 2724 28.82 -129.04 -21.16
N LYS A 2725 27.56 -129.30 -21.50
CA LYS A 2725 26.77 -128.43 -22.36
C LYS A 2725 27.44 -128.18 -23.70
N ASN A 2734 15.13 -119.48 -15.93
CA ASN A 2734 16.19 -118.99 -15.05
C ASN A 2734 17.21 -120.08 -14.77
N PHE A 2735 17.73 -120.10 -13.55
CA PHE A 2735 18.72 -121.07 -13.13
C PHE A 2735 18.07 -122.07 -12.19
N ASP A 2736 18.16 -123.36 -12.55
CA ASP A 2736 17.55 -124.43 -11.77
C ASP A 2736 18.63 -125.44 -11.38
N PRO A 2737 19.23 -125.33 -10.20
CA PRO A 2737 20.25 -126.30 -9.79
C PRO A 2737 19.64 -127.64 -9.42
N ARG A 2738 19.96 -128.67 -10.20
CA ARG A 2738 19.40 -130.00 -9.96
C ARG A 2738 20.13 -130.66 -8.79
N PRO A 2739 19.42 -131.11 -7.76
CA PRO A 2739 20.09 -131.86 -6.68
C PRO A 2739 20.42 -133.27 -7.11
N VAL A 2740 20.94 -134.08 -6.19
CA VAL A 2740 21.29 -135.47 -6.47
C VAL A 2740 20.31 -136.36 -5.72
N GLU A 2741 19.68 -137.29 -6.45
CA GLU A 2741 18.69 -138.19 -5.87
C GLU A 2741 19.41 -139.32 -5.15
N THR A 2742 19.32 -139.33 -3.83
CA THR A 2742 19.97 -140.35 -3.02
C THR A 2742 19.04 -141.04 -2.02
N LEU A 2743 17.86 -140.48 -1.74
CA LEU A 2743 16.92 -141.16 -0.85
C LEU A 2743 16.38 -142.43 -1.49
N ASN A 2744 16.26 -142.46 -2.81
CA ASN A 2744 15.75 -143.64 -3.49
C ASN A 2744 16.69 -144.83 -3.31
N VAL A 2745 17.99 -144.61 -3.43
CA VAL A 2745 18.96 -145.69 -3.31
C VAL A 2745 19.22 -145.99 -1.84
N ILE A 2746 19.40 -147.27 -1.53
CA ILE A 2746 19.67 -147.69 -0.17
C ILE A 2746 21.08 -147.29 0.23
N ILE A 2747 21.21 -146.60 1.35
CA ILE A 2747 22.49 -146.14 1.86
C ILE A 2747 23.21 -147.32 2.50
N PRO A 2748 24.45 -147.61 2.14
CA PRO A 2748 25.22 -148.61 2.88
C PRO A 2748 25.46 -148.15 4.31
N GLU A 2749 25.35 -149.10 5.25
CA GLU A 2749 25.54 -148.82 6.66
C GLU A 2749 26.68 -149.62 7.27
N LYS A 2750 27.60 -150.11 6.43
CA LYS A 2750 28.76 -150.86 6.93
C LYS A 2750 29.75 -149.96 7.66
N LEU A 2751 29.61 -148.64 7.53
CA LEU A 2751 30.49 -147.68 8.19
C LEU A 2751 29.74 -146.82 9.19
N ASP A 2752 28.70 -147.38 9.82
CA ASP A 2752 27.92 -146.65 10.81
C ASP A 2752 28.77 -146.15 11.97
N SER A 2753 29.83 -146.89 12.32
CA SER A 2753 30.73 -146.45 13.38
C SER A 2753 31.40 -145.13 13.01
N PHE A 2754 31.49 -144.81 11.72
CA PHE A 2754 31.88 -143.47 11.30
C PHE A 2754 30.69 -142.54 11.15
N ILE A 2755 29.58 -143.04 10.59
CA ILE A 2755 28.42 -142.19 10.31
C ILE A 2755 27.94 -141.51 11.59
N ASN A 2756 27.53 -142.31 12.58
CA ASN A 2756 26.99 -141.74 13.81
C ASN A 2756 28.04 -140.95 14.59
N LYS A 2757 29.27 -141.46 14.61
CA LYS A 2757 30.34 -140.81 15.35
C LYS A 2757 30.59 -139.40 14.82
N PHE A 2758 30.73 -139.26 13.49
CA PHE A 2758 30.90 -137.94 12.90
C PHE A 2758 29.64 -137.09 13.00
N ALA A 2759 28.46 -137.71 12.94
CA ALA A 2759 27.22 -136.95 13.06
C ALA A 2759 27.14 -136.25 14.41
N GLU A 2760 27.51 -136.94 15.48
CA GLU A 2760 27.58 -136.29 16.78
C GLU A 2760 28.85 -135.46 16.94
N TYR A 2761 29.92 -135.77 16.20
CA TYR A 2761 31.16 -135.03 16.32
C TYR A 2761 31.04 -133.63 15.72
N THR A 2762 30.15 -133.44 14.75
CA THR A 2762 29.90 -132.08 14.26
C THR A 2762 29.37 -131.18 15.36
N HIS A 2763 28.38 -131.65 16.12
CA HIS A 2763 27.87 -130.86 17.24
C HIS A 2763 28.88 -130.77 18.35
N GLU A 2764 29.71 -131.81 18.54
CA GLU A 2764 30.78 -131.72 19.52
C GLU A 2764 31.79 -130.64 19.13
N LYS A 2765 32.07 -130.50 17.84
CA LYS A 2765 32.94 -129.43 17.36
C LYS A 2765 32.27 -128.06 17.51
N TRP A 2766 30.96 -128.00 17.34
CA TRP A 2766 30.25 -126.77 17.68
C TRP A 2766 30.41 -126.42 19.15
N ALA A 2767 30.47 -127.43 20.01
CA ALA A 2767 30.74 -127.18 21.43
C ALA A 2767 32.12 -126.55 21.63
N PHE A 2768 33.12 -127.02 20.88
CA PHE A 2768 34.44 -126.39 20.93
C PHE A 2768 34.40 -124.96 20.39
N ASP A 2769 33.65 -124.74 19.31
CA ASP A 2769 33.43 -123.39 18.82
C ASP A 2769 32.80 -122.49 19.87
N LYS A 2770 31.96 -123.04 20.74
CA LYS A 2770 31.38 -122.25 21.82
C LYS A 2770 32.45 -121.75 22.78
N ILE A 2771 33.40 -122.60 23.16
CA ILE A 2771 34.46 -122.14 24.05
C ILE A 2771 35.42 -121.22 23.30
N GLN A 2772 35.50 -121.36 21.97
CA GLN A 2772 36.24 -120.39 21.17
C GLN A 2772 35.51 -119.05 21.09
N ASN A 2773 34.20 -119.05 21.35
CA ASN A 2773 33.41 -117.82 21.33
C ASN A 2773 33.55 -117.02 22.62
N ASN A 2774 34.28 -117.53 23.60
CA ASN A 2774 34.52 -116.95 24.92
C ASN A 2774 33.29 -116.97 25.82
N TRP A 2775 32.16 -117.47 25.34
CA TRP A 2775 30.97 -117.67 26.16
C TRP A 2775 30.69 -119.17 26.25
N SER A 2776 30.57 -119.67 27.47
CA SER A 2776 30.42 -121.10 27.69
C SER A 2776 29.01 -121.56 27.33
N TYR A 2777 28.82 -122.88 27.34
CA TYR A 2777 27.53 -123.49 27.06
C TYR A 2777 26.59 -123.33 28.25
N GLY A 2778 25.29 -123.38 27.96
CA GLY A 2778 24.28 -123.25 29.00
C GLY A 2778 23.19 -124.28 28.84
N GLU A 2779 22.55 -124.60 29.96
CA GLU A 2779 21.47 -125.58 29.99
C GLU A 2779 20.12 -124.94 29.71
N ASN A 2780 19.81 -123.84 30.41
CA ASN A 2780 18.53 -123.16 30.22
C ASN A 2780 18.47 -122.51 28.85
N VAL A 2781 17.27 -122.46 28.29
CA VAL A 2781 17.05 -121.78 27.02
C VAL A 2781 17.04 -120.27 27.27
N ASP A 2782 17.67 -119.52 26.36
CA ASP A 2782 17.79 -118.08 26.52
C ASP A 2782 18.33 -117.48 25.23
N GLU A 2783 17.93 -116.24 24.95
CA GLU A 2783 18.43 -115.49 23.81
C GLU A 2783 19.50 -114.47 24.21
N GLU A 2784 19.82 -114.36 25.50
CA GLU A 2784 20.82 -113.41 25.96
C GLU A 2784 22.25 -113.95 25.87
N LEU A 2785 22.42 -115.26 25.83
CA LEU A 2785 23.75 -115.86 25.74
C LEU A 2785 24.30 -115.85 24.31
N LYS A 2786 23.49 -115.44 23.33
CA LYS A 2786 23.84 -115.37 21.91
C LYS A 2786 24.60 -116.59 21.42
N THR A 2787 24.34 -117.74 22.05
CA THR A 2787 24.95 -119.01 21.67
C THR A 2787 23.88 -120.11 21.66
N HIS A 2788 24.29 -121.35 21.56
CA HIS A 2788 23.34 -122.45 21.61
C HIS A 2788 22.79 -122.57 23.02
N PRO A 2789 21.48 -122.42 23.23
CA PRO A 2789 20.94 -122.42 24.59
C PRO A 2789 20.72 -123.81 25.16
N MET A 2790 20.73 -124.85 24.34
CA MET A 2790 20.49 -126.22 24.80
C MET A 2790 21.76 -127.07 24.78
N LEU A 2791 22.93 -126.46 24.74
CA LEU A 2791 24.19 -127.20 24.75
C LEU A 2791 24.51 -127.62 26.18
N ARG A 2792 24.51 -128.93 26.42
CA ARG A 2792 24.67 -129.47 27.76
C ARG A 2792 25.78 -130.52 27.75
N PRO A 2793 26.44 -130.71 28.90
CA PRO A 2793 27.46 -131.76 28.98
C PRO A 2793 26.86 -133.14 28.78
N TYR A 2794 27.66 -134.05 28.23
CA TYR A 2794 27.16 -135.37 27.85
C TYR A 2794 26.59 -136.13 29.04
N LYS A 2795 26.99 -135.81 30.26
CA LYS A 2795 26.38 -136.42 31.43
C LYS A 2795 24.89 -136.06 31.53
N THR A 2796 24.56 -134.81 31.19
CA THR A 2796 23.17 -134.34 31.23
C THR A 2796 22.69 -133.86 29.88
N PHE A 2797 23.29 -134.34 28.79
CA PHE A 2797 22.89 -133.95 27.44
C PHE A 2797 21.80 -134.91 26.95
N SER A 2798 20.62 -134.37 26.70
CA SER A 2798 19.52 -135.17 26.18
C SER A 2798 19.84 -135.64 24.76
N GLU A 2799 19.43 -136.85 24.44
CA GLU A 2799 19.67 -137.44 23.13
C GLU A 2799 18.62 -137.03 22.09
N LYS A 2800 17.61 -136.26 22.48
CA LYS A 2800 16.62 -135.81 21.52
C LYS A 2800 17.25 -134.92 20.46
N ASP A 2801 18.15 -134.02 20.86
CA ASP A 2801 18.88 -133.20 19.90
C ASP A 2801 19.97 -133.99 19.20
N LYS A 2802 20.57 -134.96 19.88
CA LYS A 2802 21.60 -135.79 19.24
C LYS A 2802 21.02 -136.65 18.14
N GLU A 2803 19.75 -137.03 18.24
CA GLU A 2803 19.09 -137.85 17.24
C GLU A 2803 18.40 -137.03 16.16
N ILE A 2804 18.54 -135.72 16.17
CA ILE A 2804 18.07 -134.87 15.08
C ILE A 2804 19.19 -134.13 14.39
N TYR A 2805 20.35 -133.95 15.03
CA TYR A 2805 21.50 -133.30 14.40
C TYR A 2805 22.23 -134.22 13.43
N ARG A 2806 21.91 -135.52 13.42
CA ARG A 2806 22.63 -136.45 12.56
C ARG A 2806 22.12 -136.44 11.12
N TRP A 2807 20.95 -135.87 10.87
CA TRP A 2807 20.38 -135.88 9.52
C TRP A 2807 21.25 -135.16 8.50
N PRO A 2808 21.80 -133.97 8.76
CA PRO A 2808 22.70 -133.37 7.75
C PRO A 2808 23.89 -134.24 7.42
N ILE A 2809 24.48 -134.91 8.40
CA ILE A 2809 25.63 -135.78 8.13
C ILE A 2809 25.19 -137.02 7.36
N LYS A 2810 24.02 -137.57 7.68
CA LYS A 2810 23.47 -138.68 6.92
C LYS A 2810 23.33 -138.31 5.46
N GLU A 2811 22.71 -137.15 5.18
CA GLU A 2811 22.54 -136.72 3.80
C GLU A 2811 23.86 -136.37 3.14
N SER A 2812 24.82 -135.85 3.91
CA SER A 2812 26.14 -135.56 3.36
C SER A 2812 26.84 -136.83 2.88
N LEU A 2813 26.82 -137.88 3.70
CA LEU A 2813 27.40 -139.15 3.29
C LEU A 2813 26.63 -139.78 2.13
N LYS A 2814 25.30 -139.65 2.14
CA LYS A 2814 24.52 -140.14 1.01
C LYS A 2814 24.93 -139.45 -0.28
N ALA A 2815 25.07 -138.12 -0.24
CA ALA A 2815 25.46 -137.36 -1.43
C ALA A 2815 26.86 -137.73 -1.88
N MET A 2816 27.78 -137.89 -0.92
CA MET A 2816 29.16 -138.25 -1.25
C MET A 2816 29.25 -139.62 -1.90
N ILE A 2817 28.47 -140.60 -1.42
CA ILE A 2817 28.53 -141.94 -2.00
C ILE A 2817 27.65 -142.08 -3.24
N ALA A 2818 26.73 -141.15 -3.48
CA ALA A 2818 25.88 -141.25 -4.67
C ALA A 2818 26.66 -141.01 -5.95
N TRP A 2819 27.70 -140.19 -5.91
CA TRP A 2819 28.46 -139.86 -7.11
C TRP A 2819 29.50 -140.94 -7.42
N GLU A 2820 29.04 -142.19 -7.54
CA GLU A 2820 29.84 -143.37 -7.85
C GLU A 2820 31.19 -143.38 -7.13
N TRP A 2821 31.21 -142.93 -5.88
CA TRP A 2821 32.42 -142.87 -5.08
C TRP A 2821 32.33 -143.88 -3.95
N THR A 2822 32.80 -145.10 -4.21
CA THR A 2822 32.85 -146.11 -3.17
C THR A 2822 33.90 -145.73 -2.12
N ILE A 2823 33.57 -145.96 -0.85
CA ILE A 2823 34.44 -145.63 0.27
C ILE A 2823 34.82 -146.92 0.98
N GLU A 2824 36.11 -147.12 1.18
CA GLU A 2824 36.65 -148.34 1.78
C GLU A 2824 37.42 -148.01 3.05
N LYS A 2825 37.23 -148.83 4.07
CA LYS A 2825 37.92 -148.66 5.35
C LYS A 2825 39.28 -149.34 5.26
N ALA A 2826 40.31 -148.55 4.96
CA ALA A 2826 41.66 -149.09 4.94
C ALA A 2826 42.09 -149.54 6.33
N ARG A 2827 41.76 -148.75 7.35
CA ARG A 2827 42.11 -149.10 8.72
C ARG A 2827 41.05 -149.98 9.35
N GLU A 2828 41.39 -150.58 10.49
CA GLU A 2828 40.45 -151.38 11.27
C GLU A 2828 40.82 -151.22 12.74
N GLY A 2829 40.05 -150.39 13.44
CA GLY A 2829 40.29 -150.14 14.84
C GLY A 2829 39.08 -149.55 15.51
N GLU A 2830 39.33 -148.91 16.66
CA GLU A 2830 38.28 -148.28 17.46
C GLU A 2830 37.19 -149.27 17.84
N TYR A 2855 32.68 -134.10 28.58
CA TYR A 2855 32.05 -133.56 27.37
C TYR A 2855 32.99 -132.55 26.71
N ASN A 2856 33.89 -133.05 25.88
CA ASN A 2856 34.88 -132.20 25.22
C ASN A 2856 35.45 -132.90 24.00
N PRO A 2857 35.43 -132.25 22.83
CA PRO A 2857 36.04 -132.87 21.64
C PRO A 2857 37.56 -132.80 21.69
N GLN A 2858 38.19 -133.75 22.38
CA GLN A 2858 39.64 -133.75 22.49
C GLN A 2858 40.34 -133.88 21.14
N PRO A 2859 39.95 -134.79 20.25
CA PRO A 2859 40.55 -134.79 18.90
C PRO A 2859 40.00 -133.64 18.08
N PRO A 2860 40.83 -132.67 17.71
CA PRO A 2860 40.31 -131.49 17.00
C PRO A 2860 40.18 -131.70 15.50
N ASP A 2861 38.99 -131.40 14.96
CA ASP A 2861 38.76 -131.46 13.53
C ASP A 2861 39.04 -130.10 12.93
N LEU A 2862 40.07 -130.02 12.10
CA LEU A 2862 40.50 -128.77 11.47
C LEU A 2862 40.48 -128.92 9.96
N SER A 2863 40.52 -127.77 9.27
CA SER A 2863 40.49 -127.77 7.81
C SER A 2863 41.66 -126.98 7.20
N GLY A 2864 42.63 -126.57 8.00
CA GLY A 2864 43.75 -125.79 7.49
C GLY A 2864 44.87 -126.59 6.86
N VAL A 2865 44.82 -127.92 6.95
CA VAL A 2865 45.86 -128.75 6.36
C VAL A 2865 45.50 -129.06 4.91
N THR A 2866 46.53 -129.33 4.11
CA THR A 2866 46.35 -129.60 2.69
C THR A 2866 45.90 -131.03 2.46
N LEU A 2867 45.68 -131.36 1.19
CA LEU A 2867 45.19 -132.68 0.81
C LEU A 2867 45.54 -132.94 -0.66
N SER A 2868 45.46 -134.21 -1.04
CA SER A 2868 45.75 -134.61 -2.41
C SER A 2868 44.73 -134.01 -3.38
N ARG A 2869 45.20 -133.70 -4.59
CA ARG A 2869 44.36 -133.04 -5.59
C ARG A 2869 43.21 -133.93 -6.04
N GLU A 2870 43.47 -135.23 -6.22
CA GLU A 2870 42.44 -136.13 -6.73
CA GLU A 2870 42.44 -136.13 -6.73
C GLU A 2870 41.27 -136.21 -5.76
N LEU A 2871 41.55 -136.33 -4.46
CA LEU A 2871 40.48 -136.42 -3.47
C LEU A 2871 39.86 -135.04 -3.18
N GLN A 2872 40.67 -133.97 -3.26
CA GLN A 2872 40.12 -132.64 -3.09
C GLN A 2872 39.16 -132.28 -4.21
N ALA A 2873 39.38 -132.82 -5.42
CA ALA A 2873 38.42 -132.61 -6.50
C ALA A 2873 37.07 -133.23 -6.15
N MET A 2874 37.08 -134.43 -5.58
CA MET A 2874 35.84 -135.04 -5.12
C MET A 2874 35.20 -134.21 -4.01
N ALA A 2875 36.02 -133.66 -3.11
CA ALA A 2875 35.49 -132.80 -2.06
C ALA A 2875 34.83 -131.56 -2.63
N GLU A 2876 35.45 -130.94 -3.64
CA GLU A 2876 34.86 -129.76 -4.26
C GLU A 2876 33.59 -130.11 -5.03
N GLN A 2877 33.53 -131.30 -5.61
CA GLN A 2877 32.30 -131.74 -6.26
C GLN A 2877 31.20 -131.96 -5.23
N LEU A 2878 31.56 -132.47 -4.05
CA LEU A 2878 30.58 -132.61 -2.97
C LEU A 2878 30.09 -131.25 -2.51
N ALA A 2879 30.99 -130.27 -2.44
CA ALA A 2879 30.57 -128.90 -2.13
C ALA A 2879 29.68 -128.33 -3.22
N GLU A 2880 29.95 -128.67 -4.48
CA GLU A 2880 29.08 -128.28 -5.57
C GLU A 2880 27.68 -128.87 -5.40
N ASN A 2881 27.61 -130.13 -5.00
CA ASN A 2881 26.32 -130.74 -4.71
C ASN A 2881 25.63 -130.06 -3.55
N TYR A 2882 26.38 -129.72 -2.50
CA TYR A 2882 25.84 -128.93 -1.40
C TYR A 2882 25.18 -127.66 -1.92
N HIS A 2883 25.91 -126.92 -2.76
CA HIS A 2883 25.42 -125.64 -3.24
C HIS A 2883 24.21 -125.81 -4.16
N ASN A 2884 24.20 -126.84 -5.00
CA ASN A 2884 23.06 -126.98 -5.91
C ASN A 2884 21.82 -127.44 -5.17
N THR A 2885 21.99 -128.27 -4.12
CA THR A 2885 20.85 -128.61 -3.27
C THR A 2885 20.32 -127.37 -2.55
N TRP A 2886 21.23 -126.54 -2.03
CA TRP A 2886 20.82 -125.32 -1.36
C TRP A 2886 20.09 -124.38 -2.31
N GLY A 2887 20.61 -124.23 -3.53
CA GLY A 2887 19.95 -123.41 -4.53
C GLY A 2887 18.61 -123.95 -4.94
N ARG A 2888 18.49 -125.28 -5.04
CA ARG A 2888 17.20 -125.89 -5.35
C ARG A 2888 16.17 -125.59 -4.27
N LYS A 2889 16.54 -125.79 -3.00
CA LYS A 2889 15.57 -125.56 -1.94
C LYS A 2889 15.25 -124.07 -1.77
N LYS A 2890 16.19 -123.19 -2.13
CA LYS A 2890 15.87 -121.76 -2.11
C LYS A 2890 14.99 -121.35 -3.28
N LYS A 2891 15.28 -121.87 -4.48
CA LYS A 2891 14.50 -121.52 -5.65
C LYS A 2891 13.11 -122.14 -5.65
N GLN A 2892 12.88 -123.21 -4.87
CA GLN A 2892 11.53 -123.71 -4.72
C GLN A 2892 10.63 -122.69 -4.04
N GLU A 2893 11.18 -121.98 -3.03
CA GLU A 2893 10.42 -120.92 -2.39
C GLU A 2893 10.40 -119.66 -3.25
N LEU A 2894 11.51 -119.37 -3.94
CA LEU A 2894 11.60 -118.14 -4.73
C LEU A 2894 10.72 -118.18 -5.98
N GLU A 2895 10.50 -119.36 -6.55
CA GLU A 2895 9.78 -119.47 -7.81
C GLU A 2895 8.28 -119.25 -7.68
N ALA A 2896 7.76 -119.14 -6.45
CA ALA A 2896 6.35 -118.84 -6.27
C ALA A 2896 5.97 -117.51 -6.90
N LYS A 2897 6.85 -116.51 -6.85
CA LYS A 2897 6.63 -115.26 -7.56
C LYS A 2897 6.99 -115.36 -9.03
N GLY A 2898 8.03 -116.12 -9.36
CA GLY A 2898 8.52 -116.23 -10.71
C GLY A 2898 9.41 -115.09 -11.16
N GLY A 2899 9.52 -114.02 -10.36
CA GLY A 2899 10.31 -112.87 -10.75
C GLY A 2899 11.54 -112.67 -9.88
N GLY A 2900 12.65 -112.30 -10.52
CA GLY A 2900 13.90 -112.12 -9.80
C GLY A 2900 14.58 -113.45 -9.51
N THR A 2901 15.78 -113.34 -8.95
CA THR A 2901 16.55 -114.52 -8.60
C THR A 2901 17.45 -114.20 -7.41
N HIS A 2902 17.79 -115.23 -6.66
CA HIS A 2902 18.73 -115.07 -5.57
C HIS A 2902 20.12 -114.78 -6.11
N PRO A 2903 20.86 -113.85 -5.51
CA PRO A 2903 22.20 -113.51 -6.03
C PRO A 2903 23.16 -114.69 -6.04
N LEU A 2904 22.98 -115.68 -5.18
CA LEU A 2904 23.84 -116.85 -5.12
C LEU A 2904 23.35 -117.98 -6.00
N LEU A 2905 22.27 -117.78 -6.75
CA LEU A 2905 21.78 -118.79 -7.69
C LEU A 2905 22.64 -118.81 -8.95
N VAL A 2906 23.88 -119.25 -8.75
CA VAL A 2906 24.87 -119.32 -9.83
C VAL A 2906 25.53 -120.69 -9.77
N PRO A 2907 26.09 -121.16 -10.89
CA PRO A 2907 26.82 -122.43 -10.87
C PRO A 2907 28.00 -122.38 -9.91
N TYR A 2908 28.28 -123.54 -9.30
CA TYR A 2908 29.29 -123.61 -8.25
C TYR A 2908 30.67 -123.20 -8.75
N ASP A 2909 31.02 -123.56 -9.99
CA ASP A 2909 32.30 -123.15 -10.53
C ASP A 2909 32.36 -121.64 -10.73
N THR A 2910 31.22 -121.01 -11.00
CA THR A 2910 31.21 -119.57 -11.26
C THR A 2910 31.49 -118.77 -9.98
N LEU A 2911 30.82 -119.10 -8.88
CA LEU A 2911 30.93 -118.31 -7.67
C LEU A 2911 32.36 -118.30 -7.14
N THR A 2912 32.77 -117.14 -6.63
CA THR A 2912 34.13 -116.94 -6.18
C THR A 2912 34.38 -117.68 -4.86
N ALA A 2913 35.63 -117.61 -4.39
CA ALA A 2913 36.03 -118.39 -3.22
C ALA A 2913 35.41 -117.85 -1.93
N LYS A 2914 35.16 -116.53 -1.85
CA LYS A 2914 34.64 -115.97 -0.62
C LYS A 2914 33.25 -116.50 -0.31
N GLU A 2915 32.41 -116.65 -1.32
CA GLU A 2915 31.08 -117.25 -1.15
C GLU A 2915 31.11 -118.77 -1.25
N LYS A 2916 32.23 -119.34 -1.71
CA LYS A 2916 32.42 -120.78 -1.73
C LYS A 2916 32.88 -121.32 -0.38
N ALA A 2917 33.15 -120.43 0.58
CA ALA A 2917 33.78 -120.82 1.84
C ALA A 2917 32.93 -121.80 2.64
N ARG A 2918 31.61 -121.60 2.72
CA ARG A 2918 30.78 -122.44 3.58
C ARG A 2918 30.82 -123.91 3.12
N ASP A 2919 30.38 -124.17 1.89
CA ASP A 2919 30.38 -125.53 1.37
C ASP A 2919 31.79 -126.09 1.25
N ARG A 2920 32.75 -125.25 0.86
CA ARG A 2920 34.14 -125.69 0.77
C ARG A 2920 34.63 -126.21 2.12
N GLU A 2921 34.41 -125.44 3.19
CA GLU A 2921 34.87 -125.84 4.51
C GLU A 2921 34.11 -127.06 5.01
N LYS A 2922 32.81 -127.15 4.73
CA LYS A 2922 32.05 -128.32 5.15
C LYS A 2922 32.60 -129.59 4.49
N ALA A 2923 32.76 -129.56 3.17
CA ALA A 2923 33.28 -130.73 2.47
C ALA A 2923 34.70 -131.05 2.91
N GLN A 2924 35.54 -130.03 3.09
CA GLN A 2924 36.91 -130.28 3.50
C GLN A 2924 36.98 -130.85 4.91
N GLU A 2925 36.11 -130.38 5.81
CA GLU A 2925 36.11 -130.91 7.18
C GLU A 2925 35.65 -132.36 7.20
N LEU A 2926 34.62 -132.70 6.41
CA LEU A 2926 34.21 -134.10 6.31
C LEU A 2926 35.35 -134.95 5.74
N LEU A 2927 36.05 -134.42 4.73
CA LEU A 2927 37.14 -135.17 4.12
C LEU A 2927 38.30 -135.34 5.08
N LYS A 2928 38.58 -134.33 5.92
CA LYS A 2928 39.62 -134.46 6.93
C LYS A 2928 39.25 -135.50 7.97
N PHE A 2929 37.97 -135.53 8.38
CA PHE A 2929 37.51 -136.54 9.32
C PHE A 2929 37.69 -137.94 8.74
N LEU A 2930 37.38 -138.10 7.45
CA LEU A 2930 37.72 -139.35 6.78
C LEU A 2930 39.22 -139.60 6.72
N GLN A 2931 40.02 -138.55 6.49
CA GLN A 2931 41.45 -138.70 6.24
C GLN A 2931 42.21 -139.20 7.46
N MET A 2932 42.01 -138.56 8.62
CA MET A 2932 42.88 -138.92 9.74
C MET A 2932 42.55 -140.31 10.27
N ASN A 2933 41.41 -140.87 9.88
CA ASN A 2933 41.09 -142.26 10.17
C ASN A 2933 41.57 -143.20 9.06
N GLY A 2934 41.57 -142.73 7.81
CA GLY A 2934 42.05 -143.54 6.71
C GLY A 2934 40.95 -144.19 5.89
N TYR A 2935 39.95 -143.41 5.52
CA TYR A 2935 38.86 -143.89 4.67
C TYR A 2935 39.22 -143.63 3.21
N ALA A 2936 39.38 -144.72 2.45
CA ALA A 2936 39.80 -144.64 1.05
C ALA A 2936 38.56 -144.58 0.18
N VAL A 2937 38.39 -143.46 -0.53
CA VAL A 2937 37.29 -143.26 -1.47
C VAL A 2937 37.88 -142.87 -2.81
N THR A 2938 37.55 -143.62 -3.85
CA THR A 2938 38.08 -143.40 -5.19
C THR A 2938 36.98 -143.64 -6.21
N ARG A 2939 37.09 -142.96 -7.35
CA ARG A 2939 36.12 -143.11 -8.43
C ARG A 2939 36.20 -144.50 -9.06
N LEU A 2946 46.46 -134.53 -18.68
CA LEU A 2946 47.05 -135.44 -17.71
C LEU A 2946 48.57 -135.52 -17.91
N ASP A 2947 49.30 -135.25 -16.84
CA ASP A 2947 50.77 -135.24 -16.86
C ASP A 2947 51.29 -134.29 -17.94
N THR A 2948 50.65 -133.14 -18.06
CA THR A 2948 51.02 -132.15 -19.06
C THR A 2948 52.02 -131.17 -18.48
N SER A 2949 53.11 -130.94 -19.21
CA SER A 2949 54.13 -130.01 -18.76
C SER A 2949 53.62 -128.58 -18.84
N SER A 2950 54.32 -127.67 -18.14
CA SER A 2950 53.90 -126.28 -18.10
C SER A 2950 53.95 -125.64 -19.48
N ILE A 2951 54.91 -126.05 -20.32
CA ILE A 2951 55.02 -125.47 -21.66
C ILE A 2951 53.79 -125.81 -22.49
N GLU A 2952 53.33 -127.06 -22.43
CA GLU A 2952 52.20 -127.48 -23.24
C GLU A 2952 50.88 -126.89 -22.74
N LYS A 2953 50.86 -126.31 -21.55
CA LYS A 2953 49.66 -125.67 -21.04
C LYS A 2953 49.55 -124.20 -21.43
N ARG A 2954 50.54 -123.67 -22.15
CA ARG A 2954 50.52 -122.27 -22.52
C ARG A 2954 49.43 -121.97 -23.53
N PHE A 2955 48.86 -120.77 -23.42
CA PHE A 2955 47.78 -120.37 -24.32
C PHE A 2955 48.26 -120.32 -25.76
N ALA A 2956 49.47 -119.81 -26.00
CA ALA A 2956 50.02 -119.80 -27.35
C ALA A 2956 50.21 -121.22 -27.87
N PHE A 2957 50.65 -122.13 -27.01
CA PHE A 2957 50.79 -123.53 -27.42
C PHE A 2957 49.46 -124.10 -27.88
N GLY A 2958 48.42 -123.94 -27.06
CA GLY A 2958 47.12 -124.47 -27.44
C GLY A 2958 46.56 -123.82 -28.69
N PHE A 2959 46.75 -122.50 -28.82
CA PHE A 2959 46.27 -121.79 -29.99
C PHE A 2959 46.94 -122.28 -31.26
N LEU A 2960 48.27 -122.45 -31.21
CA LEU A 2960 48.99 -122.95 -32.37
C LEU A 2960 48.58 -124.38 -32.70
N GLN A 2961 48.35 -125.20 -31.67
CA GLN A 2961 47.90 -126.57 -31.92
C GLN A 2961 46.56 -126.59 -32.64
N GLN A 2962 45.63 -125.73 -32.21
CA GLN A 2962 44.35 -125.65 -32.89
C GLN A 2962 44.50 -125.13 -34.31
N LEU A 2963 45.41 -124.17 -34.51
CA LEU A 2963 45.64 -123.67 -35.86
C LEU A 2963 46.16 -124.76 -36.79
N LEU A 2964 47.05 -125.62 -36.29
CA LEU A 2964 47.52 -126.73 -37.12
C LEU A 2964 46.41 -127.75 -37.38
N ARG A 2965 45.59 -128.03 -36.36
CA ARG A 2965 44.46 -128.93 -36.54
C ARG A 2965 43.52 -128.40 -37.61
N TRP A 2966 43.38 -127.09 -37.71
CA TRP A 2966 42.58 -126.52 -38.78
C TRP A 2966 43.33 -126.44 -40.10
N MET A 2967 44.66 -126.38 -40.06
CA MET A 2967 45.46 -126.43 -41.29
C MET A 2967 45.25 -127.74 -42.04
N ASP A 2968 45.22 -128.85 -41.31
CA ASP A 2968 44.98 -130.12 -42.00
C ASP A 2968 43.57 -130.19 -42.58
N ILE A 2969 42.58 -129.63 -41.89
CA ILE A 2969 41.23 -129.58 -42.44
C ILE A 2969 41.20 -128.72 -43.70
N SER A 2970 41.94 -127.62 -43.69
CA SER A 2970 42.05 -126.79 -44.89
C SER A 2970 42.67 -127.57 -46.04
N GLN A 2971 43.70 -128.35 -45.75
CA GLN A 2971 44.30 -129.21 -46.76
C GLN A 2971 43.26 -130.15 -47.34
N GLU A 2972 42.43 -130.75 -46.49
CA GLU A 2972 41.39 -131.64 -46.96
C GLU A 2972 40.42 -130.93 -47.90
N PHE A 2973 39.85 -129.80 -47.47
CA PHE A 2973 38.81 -129.23 -48.31
C PHE A 2973 39.35 -128.51 -49.54
N ILE A 2974 40.59 -128.02 -49.54
CA ILE A 2974 41.12 -127.47 -50.78
C ILE A 2974 41.38 -128.58 -51.79
N ALA A 2975 41.79 -129.76 -51.33
CA ALA A 2975 41.90 -130.90 -52.22
C ALA A 2975 40.54 -131.28 -52.80
N HIS A 2976 39.51 -131.26 -51.96
CA HIS A 2976 38.15 -131.52 -52.46
C HIS A 2976 37.75 -130.49 -53.51
N LEU A 2977 38.05 -129.21 -53.25
CA LEU A 2977 37.69 -128.16 -54.21
C LEU A 2977 38.45 -128.31 -55.51
N GLU A 2978 39.74 -128.68 -55.44
CA GLU A 2978 40.49 -128.94 -56.67
C GLU A 2978 39.87 -130.09 -57.45
N ALA A 2979 39.48 -131.15 -56.75
CA ALA A 2979 38.86 -132.28 -57.43
C ALA A 2979 37.57 -131.87 -58.12
N VAL A 2980 36.71 -131.10 -57.44
CA VAL A 2980 35.43 -130.74 -58.02
C VAL A 2980 35.60 -129.73 -59.14
N VAL A 2981 36.61 -128.86 -59.05
CA VAL A 2981 36.85 -127.90 -60.12
C VAL A 2981 37.54 -128.55 -61.31
N SER A 2982 38.20 -129.68 -61.11
CA SER A 2982 38.81 -130.42 -62.22
C SER A 2982 37.81 -131.31 -62.94
N SER A 2983 37.04 -132.10 -62.20
CA SER A 2983 36.04 -132.97 -62.80
C SER A 2983 34.90 -133.20 -61.83
N GLY A 2984 33.75 -133.54 -62.38
CA GLY A 2984 32.57 -133.77 -61.57
C GLY A 2984 32.09 -132.52 -60.85
N ARG A 2985 31.61 -131.55 -61.62
CA ARG A 2985 31.17 -130.29 -61.04
C ARG A 2985 30.00 -130.51 -60.10
N VAL A 2986 30.10 -129.93 -58.90
CA VAL A 2986 29.04 -130.03 -57.90
C VAL A 2986 29.12 -128.79 -57.01
N GLU A 2987 27.97 -128.18 -56.77
CA GLU A 2987 27.88 -126.95 -55.99
C GLU A 2987 27.39 -127.18 -54.58
N LYS A 2988 27.37 -128.44 -54.12
CA LYS A 2988 26.94 -128.72 -52.76
C LYS A 2988 27.87 -128.08 -51.74
N SER A 2989 29.18 -128.16 -51.97
CA SER A 2989 30.21 -127.62 -51.08
C SER A 2989 29.99 -128.13 -49.66
N PRO A 2990 30.27 -129.41 -49.40
CA PRO A 2990 30.02 -129.96 -48.05
C PRO A 2990 30.85 -129.29 -46.97
N HIS A 2991 31.99 -128.70 -47.32
CA HIS A 2991 32.84 -128.02 -46.35
C HIS A 2991 32.66 -126.51 -46.40
N GLU A 2992 31.44 -126.04 -46.68
CA GLU A 2992 31.20 -124.60 -46.78
C GLU A 2992 31.46 -123.91 -45.44
N GLN A 2993 30.99 -124.51 -44.35
CA GLN A 2993 31.22 -123.93 -43.03
C GLN A 2993 32.70 -123.89 -42.71
N GLU A 2994 33.42 -124.96 -43.02
CA GLU A 2994 34.86 -124.98 -42.76
C GLU A 2994 35.59 -123.92 -43.57
N ILE A 2995 35.23 -123.79 -44.86
CA ILE A 2995 35.88 -122.79 -45.70
C ILE A 2995 35.61 -121.39 -45.16
N LYS A 2996 34.36 -121.11 -44.80
CA LYS A 2996 34.01 -119.78 -44.31
C LYS A 2996 34.72 -119.49 -42.99
N PHE A 2997 34.79 -120.47 -42.09
CA PHE A 2997 35.45 -120.26 -40.81
C PHE A 2997 36.95 -120.03 -41.01
N PHE A 2998 37.57 -120.79 -41.92
CA PHE A 2998 38.98 -120.61 -42.19
C PHE A 2998 39.27 -119.24 -42.79
N ALA A 2999 38.45 -118.82 -43.75
CA ALA A 2999 38.74 -117.59 -44.48
C ALA A 2999 38.37 -116.35 -43.69
N LYS A 3000 37.29 -116.40 -42.91
CA LYS A 3000 36.73 -115.21 -42.30
C LYS A 3000 37.11 -115.04 -40.83
N ILE A 3001 37.62 -116.08 -40.18
CA ILE A 3001 38.00 -116.03 -38.77
C ILE A 3001 39.48 -116.32 -38.57
N LEU A 3002 39.95 -117.47 -39.05
CA LEU A 3002 41.31 -117.91 -38.78
C LEU A 3002 42.34 -116.97 -39.39
N LEU A 3003 42.12 -116.53 -40.62
CA LEU A 3003 43.09 -115.65 -41.25
C LEU A 3003 43.23 -114.32 -40.53
N PRO A 3004 42.16 -113.57 -40.25
CA PRO A 3004 42.34 -112.34 -39.45
C PRO A 3004 42.87 -112.61 -38.06
N LEU A 3005 42.48 -113.73 -37.44
CA LEU A 3005 42.97 -114.05 -36.10
C LEU A 3005 44.47 -114.22 -36.12
N ILE A 3006 45.00 -114.99 -37.08
CA ILE A 3006 46.43 -115.15 -37.23
C ILE A 3006 47.08 -113.80 -37.52
N ASN A 3007 46.50 -113.04 -38.45
CA ASN A 3007 47.09 -111.79 -38.89
C ASN A 3007 47.30 -110.83 -37.74
N GLN A 3008 46.31 -110.72 -36.85
CA GLN A 3008 46.46 -109.83 -35.72
C GLN A 3008 47.28 -110.44 -34.57
N TYR A 3009 47.08 -111.72 -34.28
CA TYR A 3009 47.74 -112.33 -33.13
C TYR A 3009 49.25 -112.35 -33.32
N PHE A 3010 49.72 -112.70 -34.52
CA PHE A 3010 51.16 -112.75 -34.72
C PHE A 3010 51.74 -111.40 -35.09
N THR A 3011 50.90 -110.41 -35.37
CA THR A 3011 51.38 -109.03 -35.43
C THR A 3011 51.64 -108.51 -34.02
N ASN A 3012 50.74 -108.80 -33.08
CA ASN A 3012 50.91 -108.29 -31.72
C ASN A 3012 52.05 -108.98 -30.99
N HIS A 3013 52.19 -110.30 -31.17
CA HIS A 3013 53.11 -111.10 -30.37
C HIS A 3013 54.32 -111.57 -31.17
N CYS A 3014 54.81 -110.75 -32.09
CA CYS A 3014 55.99 -111.14 -32.86
C CYS A 3014 57.22 -111.25 -31.98
N LEU A 3015 57.38 -110.33 -31.03
CA LEU A 3015 58.57 -110.33 -30.18
C LEU A 3015 58.60 -111.53 -29.23
N TYR A 3016 57.44 -112.00 -28.80
CA TYR A 3016 57.40 -113.17 -27.94
C TYR A 3016 57.96 -114.39 -28.65
N PHE A 3017 57.60 -114.59 -29.92
CA PHE A 3017 58.11 -115.73 -30.67
C PHE A 3017 59.54 -115.52 -31.13
N LEU A 3018 59.95 -114.28 -31.38
CA LEU A 3018 61.33 -114.03 -31.74
C LEU A 3018 62.27 -114.01 -30.54
N SER A 3019 61.74 -113.99 -29.32
CA SER A 3019 62.58 -113.88 -28.14
C SER A 3019 63.23 -115.21 -27.79
N THR A 3020 64.40 -115.13 -27.18
CA THR A 3020 65.16 -116.28 -26.71
C THR A 3020 65.68 -115.95 -25.32
N PRO A 3021 65.90 -116.97 -24.48
CA PRO A 3021 66.46 -116.68 -23.15
C PRO A 3021 67.79 -115.96 -23.18
N ALA A 3022 68.60 -116.20 -24.22
CA ALA A 3022 69.86 -115.47 -24.34
C ALA A 3022 69.63 -113.98 -24.57
N LYS A 3023 68.64 -113.63 -25.40
CA LYS A 3023 68.38 -112.24 -25.76
C LYS A 3023 66.87 -112.05 -25.86
N VAL A 3024 66.30 -111.35 -24.87
CA VAL A 3024 64.86 -111.09 -24.85
C VAL A 3024 64.60 -109.72 -25.46
N LEU A 3025 63.71 -109.68 -26.45
CA LEU A 3025 63.34 -108.44 -27.11
C LEU A 3025 62.00 -107.89 -26.64
N GLY A 3026 61.08 -108.76 -26.22
CA GLY A 3026 59.76 -108.33 -25.83
C GLY A 3026 59.71 -107.79 -24.41
N SER A 3027 58.49 -107.48 -23.97
CA SER A 3027 58.30 -106.99 -22.61
C SER A 3027 58.66 -108.06 -21.59
N GLY A 3028 58.24 -109.31 -21.84
CA GLY A 3028 58.57 -110.39 -20.95
C GLY A 3028 58.16 -111.71 -21.55
N GLY A 3029 58.87 -112.77 -21.15
CA GLY A 3029 58.59 -114.10 -21.64
C GLY A 3029 59.12 -114.35 -23.04
N HIS A 3030 59.43 -115.60 -23.34
CA HIS A 3030 59.93 -115.98 -24.65
C HIS A 3030 59.31 -117.30 -25.06
N ALA A 3031 59.09 -117.44 -26.36
CA ALA A 3031 58.45 -118.65 -26.88
C ALA A 3031 59.36 -119.85 -26.69
N SER A 3032 58.75 -120.99 -26.36
CA SER A 3032 59.50 -122.22 -26.21
C SER A 3032 59.86 -122.79 -27.58
N ASN A 3033 60.75 -123.78 -27.55
CA ASN A 3033 61.18 -124.42 -28.79
C ASN A 3033 60.01 -125.07 -29.51
N LYS A 3034 59.12 -125.72 -28.76
CA LYS A 3034 57.94 -126.33 -29.39
C LYS A 3034 57.05 -125.29 -30.04
N GLU A 3035 56.89 -124.12 -29.40
CA GLU A 3035 56.09 -123.06 -29.99
C GLU A 3035 56.72 -122.54 -31.27
N LYS A 3036 58.04 -122.35 -31.27
CA LYS A 3036 58.73 -121.92 -32.49
C LYS A 3036 58.58 -122.95 -33.60
N GLU A 3037 58.72 -124.23 -33.26
CA GLU A 3037 58.53 -125.28 -34.26
C GLU A 3037 57.12 -125.28 -34.81
N MET A 3038 56.13 -125.08 -33.94
CA MET A 3038 54.74 -125.06 -34.39
C MET A 3038 54.47 -123.88 -35.31
N ILE A 3039 55.02 -122.70 -35.00
CA ILE A 3039 54.79 -121.57 -35.88
C ILE A 3039 55.51 -121.76 -37.22
N THR A 3040 56.70 -122.36 -37.21
CA THR A 3040 57.38 -122.66 -38.48
C THR A 3040 56.57 -123.64 -39.30
N SER A 3041 56.04 -124.69 -38.67
CA SER A 3041 55.23 -125.66 -39.38
C SER A 3041 53.95 -125.03 -39.91
N LEU A 3042 53.35 -124.11 -39.15
CA LEU A 3042 52.16 -123.41 -39.62
C LEU A 3042 52.48 -122.57 -40.86
N PHE A 3043 53.61 -121.87 -40.85
CA PHE A 3043 53.99 -121.08 -42.02
C PHE A 3043 54.22 -121.97 -43.23
N CYS A 3044 54.94 -123.08 -43.05
CA CYS A 3044 55.20 -123.97 -44.17
C CYS A 3044 53.92 -124.59 -44.70
N LYS A 3045 53.01 -125.00 -43.81
CA LYS A 3045 51.76 -125.59 -44.24
C LYS A 3045 50.89 -124.59 -44.97
N LEU A 3046 50.84 -123.35 -44.50
CA LEU A 3046 50.05 -122.34 -45.19
C LEU A 3046 50.63 -122.03 -46.57
N ALA A 3047 51.96 -121.94 -46.66
CA ALA A 3047 52.59 -121.71 -47.96
C ALA A 3047 52.30 -122.84 -48.93
N ALA A 3048 52.40 -124.09 -48.46
CA ALA A 3048 52.07 -125.22 -49.32
C ALA A 3048 50.60 -125.22 -49.71
N LEU A 3049 49.72 -124.81 -48.79
CA LEU A 3049 48.30 -124.73 -49.09
C LEU A 3049 48.03 -123.73 -50.20
N VAL A 3050 48.66 -122.55 -50.13
CA VAL A 3050 48.42 -121.51 -51.11
C VAL A 3050 49.22 -121.73 -52.40
N ARG A 3051 50.16 -122.67 -52.41
CA ARG A 3051 50.97 -122.93 -53.59
C ARG A 3051 50.08 -123.37 -54.75
N HIS A 3052 50.13 -122.63 -55.86
CA HIS A 3052 49.39 -122.93 -57.08
C HIS A 3052 47.89 -123.02 -56.87
N ARG A 3053 47.38 -122.40 -55.80
CA ARG A 3053 45.95 -122.36 -55.53
C ARG A 3053 45.52 -120.93 -55.22
N VAL A 3054 46.23 -119.94 -55.78
CA VAL A 3054 45.89 -118.55 -55.53
C VAL A 3054 44.52 -118.22 -56.11
N SER A 3055 44.21 -118.77 -57.30
CA SER A 3055 42.91 -118.50 -57.91
C SER A 3055 41.77 -119.13 -57.12
N LEU A 3056 42.00 -120.29 -56.51
CA LEU A 3056 40.94 -120.98 -55.79
C LEU A 3056 40.45 -120.21 -54.57
N PHE A 3057 41.29 -119.36 -53.99
CA PHE A 3057 40.90 -118.62 -52.79
C PHE A 3057 40.07 -117.38 -53.11
N GLY A 3058 39.98 -116.98 -54.36
CA GLY A 3058 39.18 -115.83 -54.70
C GLY A 3058 39.74 -114.56 -54.08
N THR A 3059 38.91 -113.89 -53.29
CA THR A 3059 39.31 -112.64 -52.66
C THR A 3059 40.05 -112.85 -51.34
N ASP A 3060 40.20 -114.09 -50.88
CA ASP A 3060 40.90 -114.36 -49.64
C ASP A 3060 42.41 -114.50 -49.82
N ALA A 3061 42.88 -114.54 -51.08
CA ALA A 3061 44.31 -114.64 -51.32
C ALA A 3061 45.12 -113.48 -50.72
N PRO A 3062 44.68 -112.22 -50.77
CA PRO A 3062 45.41 -111.18 -50.04
C PRO A 3062 45.51 -111.45 -48.55
N ALA A 3063 44.44 -111.97 -47.93
CA ALA A 3063 44.52 -112.32 -46.51
C ALA A 3063 45.53 -113.42 -46.28
N VAL A 3064 45.55 -114.43 -47.16
CA VAL A 3064 46.49 -115.53 -47.01
C VAL A 3064 47.92 -115.03 -47.12
N VAL A 3065 48.20 -114.18 -48.10
CA VAL A 3065 49.57 -113.72 -48.29
C VAL A 3065 49.98 -112.78 -47.16
N ASN A 3066 49.04 -112.00 -46.62
CA ASN A 3066 49.38 -111.18 -45.45
C ASN A 3066 49.71 -112.05 -44.25
N CYS A 3067 48.94 -113.13 -44.04
CA CYS A 3067 49.26 -114.06 -42.97
C CYS A 3067 50.63 -114.68 -43.17
N LEU A 3068 50.96 -115.02 -44.42
CA LEU A 3068 52.28 -115.56 -44.71
C LEU A 3068 53.37 -114.54 -44.39
N HIS A 3069 53.15 -113.28 -44.76
CA HIS A 3069 54.10 -112.22 -44.44
C HIS A 3069 54.36 -112.15 -42.94
N ILE A 3070 53.29 -112.12 -42.15
CA ILE A 3070 53.45 -111.96 -40.71
C ILE A 3070 54.10 -113.18 -40.08
N LEU A 3071 53.68 -114.37 -40.50
CA LEU A 3071 54.30 -115.59 -39.99
C LEU A 3071 55.79 -115.63 -40.32
N ALA A 3072 56.15 -115.19 -41.53
CA ALA A 3072 57.55 -115.11 -41.89
C ALA A 3072 58.29 -114.13 -41.01
N ARG A 3073 57.68 -112.98 -40.72
CA ARG A 3073 58.31 -112.02 -39.82
C ARG A 3073 58.39 -112.51 -38.38
N SER A 3074 57.66 -113.56 -38.01
CA SER A 3074 57.69 -114.06 -36.65
C SER A 3074 58.28 -115.47 -36.56
N LEU A 3075 59.37 -115.73 -37.28
CA LEU A 3075 60.00 -117.05 -37.28
C LEU A 3075 61.37 -116.98 -36.61
N ASP A 3076 61.61 -117.88 -35.65
CA ASP A 3076 62.94 -118.06 -35.09
C ASP A 3076 63.63 -119.23 -35.80
N ALA A 3077 63.86 -119.01 -37.10
CA ALA A 3077 64.41 -120.03 -37.96
C ALA A 3077 65.77 -120.51 -37.48
N ARG A 3078 66.56 -119.65 -36.84
CA ARG A 3078 67.85 -120.08 -36.32
C ARG A 3078 67.70 -121.22 -35.33
N THR A 3079 66.86 -121.03 -34.31
CA THR A 3079 66.64 -122.08 -33.34
C THR A 3079 65.96 -123.30 -33.96
N VAL A 3080 65.00 -123.06 -34.86
CA VAL A 3080 64.28 -124.17 -35.47
C VAL A 3080 65.23 -125.07 -36.26
N MET A 3081 66.14 -124.48 -37.03
CA MET A 3081 67.08 -125.27 -37.80
C MET A 3081 68.19 -125.85 -36.94
N LYS A 3082 68.59 -125.16 -35.87
CA LYS A 3082 69.67 -125.69 -35.04
C LYS A 3082 69.19 -126.87 -34.20
N SER A 3083 68.18 -126.66 -33.37
CA SER A 3083 67.65 -127.68 -32.47
C SER A 3083 66.15 -127.80 -32.72
N GLY A 3084 65.78 -128.66 -33.66
CA GLY A 3084 64.39 -128.85 -34.01
C GLY A 3084 64.14 -130.20 -34.65
N PRO A 3085 62.87 -130.60 -34.72
CA PRO A 3085 62.54 -131.89 -35.34
C PRO A 3085 62.90 -131.93 -36.81
N GLU A 3086 63.28 -133.13 -37.24
CA GLU A 3086 63.66 -133.33 -38.64
C GLU A 3086 62.48 -133.03 -39.56
N ILE A 3087 61.26 -133.31 -39.11
CA ILE A 3087 60.09 -133.06 -39.95
C ILE A 3087 59.92 -131.55 -40.19
N VAL A 3088 60.11 -130.74 -39.15
CA VAL A 3088 59.96 -129.29 -39.32
C VAL A 3088 61.09 -128.73 -40.17
N LYS A 3089 62.32 -129.19 -39.93
CA LYS A 3089 63.43 -128.73 -40.75
C LYS A 3089 63.23 -129.11 -42.21
N ALA A 3090 62.76 -130.33 -42.47
CA ALA A 3090 62.48 -130.75 -43.83
C ALA A 3090 61.34 -129.95 -44.45
N GLY A 3091 60.35 -129.57 -43.65
CA GLY A 3091 59.29 -128.72 -44.17
C GLY A 3091 59.83 -127.38 -44.64
N LEU A 3092 60.69 -126.75 -43.84
CA LEU A 3092 61.26 -125.47 -44.27
C LEU A 3092 62.14 -125.64 -45.51
N ARG A 3093 62.96 -126.70 -45.54
CA ARG A 3093 63.78 -126.97 -46.71
C ARG A 3093 62.93 -127.19 -47.94
N SER A 3094 61.81 -127.91 -47.80
CA SER A 3094 60.92 -128.15 -48.93
C SER A 3094 60.25 -126.86 -49.39
N PHE A 3095 59.95 -125.95 -48.46
CA PHE A 3095 59.43 -124.65 -48.87
C PHE A 3095 60.43 -123.92 -49.74
N PHE A 3096 61.70 -123.88 -49.31
CA PHE A 3096 62.72 -123.20 -50.12
C PHE A 3096 62.90 -123.88 -51.46
N GLU A 3097 62.89 -125.21 -51.48
CA GLU A 3097 63.06 -125.95 -52.74
C GLU A 3097 61.90 -125.67 -53.69
N SER A 3098 60.68 -125.66 -53.17
CA SER A 3098 59.52 -125.37 -54.01
C SER A 3098 59.57 -123.94 -54.54
N ALA A 3099 60.01 -122.99 -53.72
CA ALA A 3099 60.18 -121.63 -54.20
C ALA A 3099 61.18 -121.56 -55.34
N SER A 3100 62.31 -122.27 -55.19
CA SER A 3100 63.32 -122.28 -56.25
C SER A 3100 62.77 -122.89 -57.53
N GLU A 3101 62.06 -124.00 -57.41
CA GLU A 3101 61.50 -124.65 -58.60
C GLU A 3101 60.48 -123.75 -59.29
N ASP A 3102 59.61 -123.10 -58.51
CA ASP A 3102 58.61 -122.22 -59.10
C ASP A 3102 59.26 -121.04 -59.78
N ILE A 3103 60.31 -120.47 -59.19
CA ILE A 3103 60.99 -119.34 -59.82
C ILE A 3103 61.69 -119.79 -61.10
N GLU A 3104 62.27 -120.99 -61.09
CA GLU A 3104 62.90 -121.51 -62.32
C GLU A 3104 61.86 -121.69 -63.43
N LYS A 3105 60.70 -122.25 -63.08
CA LYS A 3105 59.65 -122.38 -64.09
C LYS A 3105 59.17 -121.01 -64.57
N MET A 3106 59.07 -120.04 -63.67
CA MET A 3106 58.66 -118.70 -64.05
C MET A 3106 59.65 -118.09 -65.04
N VAL A 3107 60.94 -118.20 -64.76
CA VAL A 3107 61.93 -117.58 -65.64
C VAL A 3107 62.01 -118.31 -66.97
N GLU A 3108 61.88 -119.64 -66.96
CA GLU A 3108 61.94 -120.37 -68.22
C GLU A 3108 60.70 -120.11 -69.07
N ASN A 3109 59.55 -119.83 -68.44
CA ASN A 3109 58.39 -119.40 -69.21
C ASN A 3109 58.55 -117.97 -69.69
N LEU A 3110 59.16 -117.12 -68.88
CA LEU A 3110 59.40 -115.73 -69.27
C LEU A 3110 60.42 -115.62 -70.39
N ARG A 3111 61.22 -116.65 -70.61
CA ARG A 3111 62.14 -116.70 -71.75
C ARG A 3111 61.40 -116.92 -73.06
N LEU A 3112 60.07 -116.80 -73.02
CA LEU A 3112 59.20 -116.97 -74.18
C LEU A 3112 59.25 -118.40 -74.70
N GLY A 3113 59.57 -119.36 -73.83
CA GLY A 3113 59.34 -120.75 -74.16
C GLY A 3113 57.86 -121.05 -74.36
N LYS A 3114 57.00 -120.33 -73.62
CA LYS A 3114 55.56 -120.39 -73.79
C LYS A 3114 55.04 -118.96 -73.99
N VAL A 3115 53.93 -118.85 -74.71
CA VAL A 3115 53.39 -117.53 -75.06
C VAL A 3115 53.01 -116.77 -73.80
N SER A 3116 52.35 -117.45 -72.85
CA SER A 3116 51.94 -116.86 -71.59
C SER A 3116 51.07 -115.62 -71.77
N LYS A 3123 46.55 -123.23 -69.25
CA LYS A 3123 47.32 -124.29 -68.61
C LYS A 3123 47.94 -123.80 -67.31
N GLY A 3124 48.95 -124.52 -66.84
CA GLY A 3124 49.59 -124.19 -65.57
C GLY A 3124 50.60 -123.06 -65.65
N VAL A 3125 50.93 -122.59 -66.86
CA VAL A 3125 51.93 -121.54 -66.99
C VAL A 3125 51.43 -120.24 -66.38
N GLY A 3126 50.20 -119.84 -66.73
CA GLY A 3126 49.64 -118.63 -66.15
C GLY A 3126 49.40 -118.75 -64.66
N GLN A 3127 48.98 -119.95 -64.22
CA GLN A 3127 48.79 -120.20 -62.80
C GLN A 3127 50.10 -120.00 -62.04
N ASN A 3128 51.18 -120.61 -62.54
CA ASN A 3128 52.49 -120.44 -61.92
C ASN A 3128 52.93 -118.98 -61.95
N LEU A 3129 52.70 -118.29 -63.06
CA LEU A 3129 53.12 -116.90 -63.16
C LEU A 3129 52.41 -116.03 -62.13
N THR A 3130 51.08 -116.16 -62.03
CA THR A 3130 50.36 -115.33 -61.07
C THR A 3130 50.67 -115.72 -59.64
N TYR A 3131 50.88 -117.01 -59.37
CA TYR A 3131 51.25 -117.43 -58.01
C TYR A 3131 52.61 -116.87 -57.62
N THR A 3132 53.55 -116.85 -58.56
CA THR A 3132 54.88 -116.33 -58.24
C THR A 3132 54.86 -114.81 -58.10
N THR A 3133 54.11 -114.12 -58.95
CA THR A 3133 54.12 -112.66 -58.90
C THR A 3133 53.22 -112.08 -57.82
N VAL A 3134 52.30 -112.88 -57.27
CA VAL A 3134 51.35 -112.40 -56.27
C VAL A 3134 51.73 -112.85 -54.87
N ALA A 3135 52.14 -114.11 -54.71
CA ALA A 3135 52.41 -114.68 -53.40
C ALA A 3135 53.88 -115.02 -53.17
N LEU A 3136 54.47 -115.81 -54.07
CA LEU A 3136 55.78 -116.39 -53.80
C LEU A 3136 56.85 -115.32 -53.68
N LEU A 3137 56.92 -114.40 -54.64
CA LEU A 3137 57.95 -113.36 -54.59
C LEU A 3137 57.82 -112.47 -53.37
N PRO A 3138 56.66 -111.91 -53.04
CA PRO A 3138 56.57 -111.10 -51.81
C PRO A 3138 56.88 -111.88 -50.55
N VAL A 3139 56.37 -113.11 -50.42
CA VAL A 3139 56.63 -113.88 -49.21
C VAL A 3139 58.11 -114.20 -49.09
N LEU A 3140 58.75 -114.60 -50.19
CA LEU A 3140 60.18 -114.90 -50.16
C LEU A 3140 61.00 -113.66 -49.84
N THR A 3141 60.62 -112.51 -50.40
CA THR A 3141 61.31 -111.26 -50.10
C THR A 3141 61.20 -110.93 -48.61
N THR A 3142 60.01 -111.07 -48.05
CA THR A 3142 59.84 -110.78 -46.62
C THR A 3142 60.65 -111.75 -45.77
N LEU A 3143 60.65 -113.03 -46.12
CA LEU A 3143 61.41 -114.01 -45.34
C LEU A 3143 62.89 -113.72 -45.40
N PHE A 3144 63.41 -113.39 -46.59
CA PHE A 3144 64.83 -113.09 -46.72
C PHE A 3144 65.19 -111.82 -45.96
N GLN A 3145 64.33 -110.80 -46.00
CA GLN A 3145 64.60 -109.58 -45.25
C GLN A 3145 64.61 -109.85 -43.76
N HIS A 3146 63.69 -110.67 -43.28
CA HIS A 3146 63.67 -111.06 -41.87
C HIS A 3146 64.94 -111.78 -41.47
N ILE A 3147 65.37 -112.73 -42.30
CA ILE A 3147 66.59 -113.49 -42.02
C ILE A 3147 67.80 -112.56 -41.99
N ALA A 3148 67.89 -111.65 -42.95
CA ALA A 3148 69.02 -110.72 -43.00
C ALA A 3148 69.01 -109.79 -41.79
N GLN A 3149 67.83 -109.30 -41.41
CA GLN A 3149 67.75 -108.38 -40.28
C GLN A 3149 68.16 -109.05 -38.98
N HIS A 3150 67.71 -110.28 -38.75
CA HIS A 3150 68.03 -110.96 -37.50
C HIS A 3150 69.29 -111.81 -37.59
N GLN A 3151 70.10 -111.62 -38.63
CA GLN A 3151 71.38 -112.33 -38.78
C GLN A 3151 71.21 -113.84 -38.75
N PHE A 3152 70.12 -114.32 -39.33
CA PHE A 3152 69.83 -115.75 -39.35
C PHE A 3152 70.46 -116.47 -40.52
N GLY A 3153 71.12 -115.75 -41.45
CA GLY A 3153 71.58 -116.41 -42.66
C GLY A 3153 72.61 -117.50 -42.41
N ASP A 3154 73.61 -117.19 -41.58
CA ASP A 3154 74.69 -118.13 -41.31
C ASP A 3154 74.22 -119.37 -40.57
N ASP A 3155 73.02 -119.36 -40.00
CA ASP A 3155 72.48 -120.51 -39.29
C ASP A 3155 71.35 -121.20 -40.04
N VAL A 3156 70.71 -120.53 -40.99
CA VAL A 3156 69.59 -121.08 -41.72
C VAL A 3156 70.00 -121.57 -43.10
N ILE A 3157 70.68 -120.72 -43.88
CA ILE A 3157 71.01 -121.07 -45.26
C ILE A 3157 72.36 -121.77 -45.22
N LEU A 3158 72.33 -123.08 -44.98
CA LEU A 3158 73.54 -123.84 -44.73
C LEU A 3158 73.82 -124.93 -45.76
N ASP A 3159 72.96 -125.93 -45.90
CA ASP A 3159 73.35 -127.14 -46.61
C ASP A 3159 72.58 -127.36 -47.91
N ASP A 3160 71.24 -127.42 -47.86
CA ASP A 3160 70.45 -127.63 -49.06
C ASP A 3160 69.59 -126.43 -49.42
N VAL A 3161 69.12 -125.67 -48.44
CA VAL A 3161 68.49 -124.40 -48.75
C VAL A 3161 69.51 -123.44 -49.33
N GLN A 3162 70.81 -123.69 -49.08
CA GLN A 3162 71.84 -122.99 -49.84
C GLN A 3162 71.76 -123.31 -51.32
N VAL A 3163 71.56 -124.58 -51.66
CA VAL A 3163 71.44 -124.94 -53.07
C VAL A 3163 70.18 -124.33 -53.67
N SER A 3164 69.09 -124.33 -52.90
CA SER A 3164 67.86 -123.70 -53.38
C SER A 3164 68.05 -122.21 -53.63
N CYS A 3165 68.71 -121.52 -52.70
CA CYS A 3165 68.99 -120.10 -52.86
C CYS A 3165 69.95 -119.85 -54.02
N TYR A 3166 70.91 -120.74 -54.23
CA TYR A 3166 71.80 -120.63 -55.38
C TYR A 3166 71.01 -120.74 -56.68
N ARG A 3167 70.08 -121.69 -56.75
CA ARG A 3167 69.24 -121.82 -57.94
C ARG A 3167 68.40 -120.57 -58.16
N THR A 3168 67.82 -120.03 -57.09
CA THR A 3168 67.05 -118.79 -57.20
C THR A 3168 67.93 -117.65 -57.70
N LEU A 3169 69.13 -117.53 -57.14
CA LEU A 3169 70.04 -116.44 -57.53
C LEU A 3169 70.47 -116.57 -58.98
N CYS A 3170 70.81 -117.78 -59.41
CA CYS A 3170 71.13 -118.00 -60.82
C CYS A 3170 69.95 -117.62 -61.71
N SER A 3171 68.76 -118.14 -61.40
CA SER A 3171 67.62 -117.96 -62.28
C SER A 3171 67.19 -116.51 -62.39
N ILE A 3172 67.13 -115.79 -61.26
CA ILE A 3172 66.68 -114.41 -61.29
C ILE A 3172 67.65 -113.53 -62.07
N TYR A 3173 68.96 -113.70 -61.83
CA TYR A 3173 69.94 -112.94 -62.57
C TYR A 3173 69.98 -113.32 -64.04
N SER A 3174 69.54 -114.54 -64.38
CA SER A 3174 69.57 -114.96 -65.79
C SER A 3174 68.54 -114.24 -66.64
N LEU A 3175 67.86 -113.22 -66.12
CA LEU A 3175 66.92 -112.42 -66.91
C LEU A 3175 67.61 -111.28 -67.66
N GLY A 3176 68.93 -111.13 -67.51
CA GLY A 3176 69.61 -110.03 -68.18
C GLY A 3176 69.54 -110.14 -69.70
N THR A 3177 69.61 -111.37 -70.22
CA THR A 3177 69.58 -111.61 -71.65
C THR A 3177 68.16 -111.83 -72.19
N THR A 3178 67.15 -111.31 -71.51
CA THR A 3178 65.76 -111.45 -71.91
C THR A 3178 65.14 -110.08 -72.07
N LYS A 3179 64.38 -109.89 -73.14
CA LYS A 3179 63.70 -108.63 -73.43
C LYS A 3179 62.24 -108.91 -73.76
N ASN A 3180 61.36 -108.59 -72.82
CA ASN A 3180 59.92 -108.79 -73.00
C ASN A 3180 59.19 -107.68 -72.26
N THR A 3181 57.86 -107.73 -72.31
CA THR A 3181 57.06 -106.77 -71.54
C THR A 3181 56.81 -107.27 -70.13
N TYR A 3182 56.57 -108.57 -69.98
CA TYR A 3182 56.40 -109.13 -68.63
C TYR A 3182 57.69 -109.01 -67.83
N VAL A 3183 58.84 -109.22 -68.47
CA VAL A 3183 60.10 -109.01 -67.79
C VAL A 3183 60.23 -107.56 -67.34
N GLU A 3184 59.85 -106.63 -68.21
CA GLU A 3184 59.95 -105.21 -67.88
C GLU A 3184 59.07 -104.86 -66.68
N LYS A 3185 57.87 -105.43 -66.63
CA LYS A 3185 56.99 -105.14 -65.50
C LYS A 3185 57.31 -105.94 -64.25
N LEU A 3186 58.12 -107.00 -64.36
CA LEU A 3186 58.47 -107.82 -63.21
C LEU A 3186 59.86 -107.54 -62.66
N ARG A 3187 60.67 -106.75 -63.35
CA ARG A 3187 62.02 -106.46 -62.86
C ARG A 3187 62.07 -105.90 -61.45
N PRO A 3188 61.21 -104.95 -61.04
CA PRO A 3188 61.35 -104.41 -59.67
C PRO A 3188 61.23 -105.47 -58.57
N ALA A 3189 60.22 -106.34 -58.65
CA ALA A 3189 60.05 -107.36 -57.63
C ALA A 3189 61.21 -108.34 -57.63
N LEU A 3190 61.68 -108.75 -58.81
CA LEU A 3190 62.82 -109.64 -58.90
C LEU A 3190 64.05 -109.00 -58.29
N GLY A 3191 64.28 -107.72 -58.58
CA GLY A 3191 65.44 -107.04 -58.02
C GLY A 3191 65.38 -106.92 -56.51
N GLU A 3192 64.19 -106.61 -55.98
CA GLU A 3192 64.06 -106.51 -54.52
C GLU A 3192 64.28 -107.87 -53.86
N CYS A 3193 63.71 -108.93 -54.44
CA CYS A 3193 63.92 -110.26 -53.88
C CYS A 3193 65.39 -110.65 -53.94
N LEU A 3194 66.06 -110.33 -55.05
CA LEU A 3194 67.48 -110.65 -55.16
C LEU A 3194 68.31 -109.85 -54.16
N ALA A 3195 67.95 -108.59 -53.94
CA ALA A 3195 68.66 -107.79 -52.94
C ALA A 3195 68.52 -108.38 -51.56
N ARG A 3196 67.31 -108.79 -51.18
CA ARG A 3196 67.13 -109.41 -49.88
C ARG A 3196 67.87 -110.74 -49.78
N LEU A 3197 67.87 -111.51 -50.86
CA LEU A 3197 68.61 -112.77 -50.87
C LEU A 3197 70.10 -112.54 -50.71
N ALA A 3198 70.63 -111.51 -51.36
CA ALA A 3198 72.05 -111.20 -51.23
C ALA A 3198 72.38 -110.71 -49.82
N ALA A 3199 71.43 -110.00 -49.20
CA ALA A 3199 71.62 -109.60 -47.81
C ALA A 3199 71.66 -110.79 -46.87
N ALA A 3200 70.79 -111.76 -47.08
CA ALA A 3200 70.66 -112.88 -46.15
C ALA A 3200 71.52 -114.08 -46.52
N MET A 3201 72.22 -114.05 -47.65
CA MET A 3201 72.83 -115.27 -48.18
C MET A 3201 74.28 -115.35 -47.72
N PRO A 3202 74.67 -116.41 -47.01
CA PRO A 3202 75.88 -116.37 -46.19
C PRO A 3202 77.19 -116.62 -46.92
N VAL A 3203 77.18 -116.90 -48.22
CA VAL A 3203 78.42 -117.13 -48.95
C VAL A 3203 78.59 -116.02 -49.97
N ALA A 3204 79.85 -115.68 -50.23
CA ALA A 3204 80.20 -114.60 -51.17
C ALA A 3204 80.16 -115.18 -52.59
N PHE A 3205 78.96 -115.23 -53.15
CA PHE A 3205 78.77 -115.83 -54.47
C PHE A 3205 79.43 -115.01 -55.58
N LEU A 3206 79.73 -113.74 -55.34
CA LEU A 3206 80.44 -112.93 -56.32
C LEU A 3206 81.94 -113.02 -56.19
N GLU A 3207 82.45 -113.72 -55.17
CA GLU A 3207 83.88 -113.89 -54.94
C GLU A 3207 84.16 -115.36 -54.69
N PRO A 3208 84.07 -116.20 -55.72
CA PRO A 3208 84.25 -117.64 -55.50
C PRO A 3208 85.68 -118.05 -55.24
N GLN A 3209 86.67 -117.23 -55.61
CA GLN A 3209 88.06 -117.61 -55.43
C GLN A 3209 88.45 -117.68 -53.95
N LEU A 3210 87.68 -117.05 -53.07
CA LEU A 3210 87.98 -117.05 -51.63
C LEU A 3210 86.99 -117.90 -50.84
N ASN A 3211 86.26 -118.79 -51.51
CA ASN A 3211 85.21 -119.55 -50.84
C ASN A 3211 85.75 -120.55 -49.85
N GLU A 3212 86.96 -121.06 -50.05
CA GLU A 3212 87.50 -122.08 -49.15
C GLU A 3212 87.86 -121.53 -47.78
N TYR A 3213 87.84 -120.20 -47.61
CA TYR A 3213 88.05 -119.59 -46.30
C TYR A 3213 86.74 -119.38 -45.55
N ASN A 3214 85.61 -119.79 -46.11
CA ASN A 3214 84.30 -119.50 -45.54
C ASN A 3214 83.77 -120.75 -44.86
N ALA A 3215 83.40 -120.61 -43.58
CA ALA A 3215 82.94 -121.76 -42.81
C ALA A 3215 81.51 -122.15 -43.16
N CYS A 3216 80.65 -121.18 -43.46
CA CYS A 3216 79.24 -121.45 -43.72
C CYS A 3216 78.97 -121.68 -45.20
N SER A 3217 79.72 -122.60 -45.81
CA SER A 3217 79.56 -122.96 -47.20
C SER A 3217 79.43 -124.47 -47.33
N VAL A 3218 78.75 -124.92 -48.38
CA VAL A 3218 78.56 -126.35 -48.58
C VAL A 3218 79.88 -127.04 -48.86
N TYR A 3219 80.79 -126.38 -49.58
CA TYR A 3219 82.07 -126.98 -49.93
C TYR A 3219 83.01 -127.13 -48.74
N THR A 3220 82.67 -126.55 -47.60
CA THR A 3220 83.43 -126.80 -46.36
C THR A 3220 82.64 -127.61 -45.34
N THR A 3221 81.31 -127.49 -45.34
CA THR A 3221 80.51 -128.25 -44.39
C THR A 3221 80.36 -129.71 -44.81
N LYS A 3222 80.28 -129.96 -46.12
CA LYS A 3222 80.06 -131.31 -46.61
C LYS A 3222 81.31 -131.88 -47.28
N SER A 3223 81.54 -133.16 -47.04
CA SER A 3223 82.71 -133.84 -47.56
C SER A 3223 82.60 -134.03 -49.07
N PRO A 3224 83.72 -134.12 -49.77
CA PRO A 3224 83.67 -134.42 -51.21
C PRO A 3224 83.03 -135.77 -51.53
N ARG A 3225 83.01 -136.71 -50.58
CA ARG A 3225 82.28 -137.95 -50.80
C ARG A 3225 80.80 -137.68 -51.01
N GLU A 3226 80.21 -136.83 -50.16
CA GLU A 3226 78.89 -136.29 -50.42
C GLU A 3226 79.04 -135.12 -51.39
N ARG A 3227 77.99 -134.33 -51.57
CA ARG A 3227 77.92 -133.29 -52.60
C ARG A 3227 77.97 -133.90 -53.99
N ALA A 3228 78.04 -135.23 -54.06
CA ALA A 3228 77.90 -135.97 -55.30
C ALA A 3228 76.66 -136.84 -55.34
N ILE A 3229 76.22 -137.34 -54.19
CA ILE A 3229 74.91 -137.98 -54.10
C ILE A 3229 73.82 -136.99 -54.45
N LEU A 3230 73.98 -135.74 -54.02
CA LEU A 3230 73.14 -134.63 -54.47
C LEU A 3230 73.92 -133.84 -55.51
N GLY A 3231 73.26 -133.52 -56.61
CA GLY A 3231 73.93 -132.92 -57.75
C GLY A 3231 74.56 -131.58 -57.47
N LEU A 3232 75.89 -131.55 -57.40
CA LEU A 3232 76.65 -130.32 -57.28
C LEU A 3232 77.77 -130.33 -58.32
N PRO A 3233 78.14 -129.15 -58.84
CA PRO A 3233 79.06 -129.09 -59.98
C PRO A 3233 80.52 -129.29 -59.64
N ASN A 3234 80.85 -129.80 -58.45
CA ASN A 3234 82.21 -130.17 -58.02
C ASN A 3234 83.11 -128.96 -57.81
N SER A 3235 82.65 -127.74 -58.07
CA SER A 3235 83.45 -126.55 -57.86
C SER A 3235 82.53 -125.39 -57.54
N VAL A 3236 82.98 -124.52 -56.63
CA VAL A 3236 82.15 -123.39 -56.21
C VAL A 3236 81.92 -122.44 -57.37
N GLU A 3237 82.91 -122.29 -58.26
CA GLU A 3237 82.78 -121.38 -59.39
C GLU A 3237 81.67 -121.76 -60.34
N GLU A 3238 81.22 -123.02 -60.33
CA GLU A 3238 80.25 -123.51 -61.29
C GLU A 3238 78.82 -123.53 -60.75
N MET A 3239 78.59 -123.12 -59.50
CA MET A 3239 77.23 -123.08 -58.99
C MET A 3239 76.39 -122.05 -59.74
N CYS A 3240 76.89 -120.82 -59.83
CA CYS A 3240 76.25 -119.75 -60.60
C CYS A 3240 77.29 -119.22 -61.57
N PRO A 3241 77.56 -119.95 -62.66
CA PRO A 3241 78.60 -119.53 -63.60
C PRO A 3241 78.25 -118.31 -64.42
N ASP A 3242 76.98 -117.94 -64.52
CA ASP A 3242 76.57 -116.82 -65.34
C ASP A 3242 76.59 -115.49 -64.59
N ILE A 3243 76.99 -115.49 -63.32
CA ILE A 3243 77.12 -114.27 -62.53
C ILE A 3243 78.57 -113.82 -62.60
N PRO A 3244 78.86 -112.64 -63.13
CA PRO A 3244 80.25 -112.18 -63.16
C PRO A 3244 80.79 -111.96 -61.75
N VAL A 3245 82.10 -112.07 -61.61
CA VAL A 3245 82.75 -111.86 -60.31
C VAL A 3245 82.63 -110.39 -59.95
N LEU A 3246 82.94 -110.06 -58.69
CA LEU A 3246 82.71 -108.71 -58.20
C LEU A 3246 83.52 -107.68 -58.98
N ASP A 3247 84.79 -107.98 -59.26
CA ASP A 3247 85.63 -107.03 -59.97
C ASP A 3247 85.08 -106.74 -61.36
N ARG A 3248 84.69 -107.79 -62.08
CA ARG A 3248 84.11 -107.60 -63.40
C ARG A 3248 82.81 -106.81 -63.33
N LEU A 3249 81.99 -107.09 -62.32
CA LEU A 3249 80.71 -106.40 -62.20
C LEU A 3249 80.91 -104.92 -61.95
N MET A 3250 81.80 -104.56 -61.02
CA MET A 3250 82.06 -103.15 -60.76
C MET A 3250 82.71 -102.48 -61.96
N ALA A 3251 83.58 -103.21 -62.69
CA ALA A 3251 84.18 -102.63 -63.89
C ALA A 3251 83.11 -102.32 -64.93
N ASP A 3252 82.17 -103.24 -65.14
CA ASP A 3252 81.11 -103.00 -66.11
C ASP A 3252 80.22 -101.83 -65.70
N ILE A 3253 79.88 -101.76 -64.41
CA ILE A 3253 79.04 -100.67 -63.94
C ILE A 3253 79.75 -99.33 -64.11
N GLY A 3254 81.04 -99.28 -63.78
CA GLY A 3254 81.80 -98.05 -63.96
C GLY A 3254 81.92 -97.67 -65.43
N GLY A 3255 82.10 -98.66 -66.31
CA GLY A 3255 82.15 -98.37 -67.72
C GLY A 3255 80.85 -97.78 -68.23
N LEU A 3256 79.72 -98.36 -67.81
CA LEU A 3256 78.43 -97.81 -68.20
C LEU A 3256 78.25 -96.39 -67.66
N ALA A 3257 78.62 -96.16 -66.40
CA ALA A 3257 78.46 -94.85 -65.80
C ALA A 3257 79.30 -93.80 -66.51
N GLU A 3258 80.54 -94.13 -66.87
CA GLU A 3258 81.38 -93.17 -67.56
C GLU A 3258 80.96 -92.98 -69.02
N SER A 3259 80.41 -94.02 -69.66
CA SER A 3259 79.90 -93.87 -71.00
C SER A 3259 78.59 -93.10 -71.05
N GLY A 3260 77.89 -92.99 -69.92
CA GLY A 3260 76.68 -92.19 -69.90
C GLY A 3260 75.48 -92.85 -70.53
N ALA A 3261 75.44 -94.18 -70.53
CA ALA A 3261 74.31 -94.90 -71.10
C ALA A 3261 73.04 -94.59 -70.32
N ARG A 3262 71.93 -94.48 -71.04
CA ARG A 3262 70.64 -94.19 -70.42
C ARG A 3262 70.07 -95.46 -69.80
N TYR A 3263 68.91 -95.32 -69.15
CA TYR A 3263 68.27 -96.45 -68.51
C TYR A 3263 67.80 -97.48 -69.53
N THR A 3264 67.41 -97.04 -70.72
CA THR A 3264 66.83 -97.95 -71.71
C THR A 3264 67.84 -98.99 -72.18
N GLU A 3265 69.11 -98.62 -72.27
CA GLU A 3265 70.13 -99.55 -72.74
C GLU A 3265 70.79 -100.33 -71.62
N MET A 3266 70.32 -100.18 -70.38
CA MET A 3266 70.89 -100.92 -69.26
C MET A 3266 69.86 -101.12 -68.14
N PRO A 3267 68.67 -101.65 -68.44
CA PRO A 3267 67.66 -101.79 -67.39
C PRO A 3267 67.97 -102.90 -66.39
N HIS A 3268 68.61 -103.98 -66.84
CA HIS A 3268 68.91 -105.08 -65.93
C HIS A 3268 69.91 -104.66 -64.86
N VAL A 3269 70.90 -103.85 -65.23
CA VAL A 3269 71.90 -103.41 -64.27
C VAL A 3269 71.26 -102.52 -63.21
N ILE A 3270 70.41 -101.59 -63.63
CA ILE A 3270 69.81 -100.65 -62.69
C ILE A 3270 68.79 -101.35 -61.80
N GLU A 3271 67.98 -102.24 -62.38
CA GLU A 3271 66.86 -102.80 -61.64
C GLU A 3271 67.25 -103.99 -60.79
N ILE A 3272 68.32 -104.70 -61.14
CA ILE A 3272 68.65 -105.96 -60.46
C ILE A 3272 70.07 -105.93 -59.93
N THR A 3273 71.04 -105.71 -60.82
CA THR A 3273 72.44 -105.80 -60.43
C THR A 3273 72.81 -104.74 -59.40
N LEU A 3274 72.36 -103.51 -59.60
CA LEU A 3274 72.66 -102.46 -58.63
C LEU A 3274 72.05 -102.73 -57.26
N PRO A 3275 70.78 -103.10 -57.13
CA PRO A 3275 70.28 -103.49 -55.81
C PRO A 3275 71.02 -104.67 -55.21
N MET A 3276 71.38 -105.67 -56.02
CA MET A 3276 72.09 -106.82 -55.48
C MET A 3276 73.44 -106.42 -54.93
N LEU A 3277 74.16 -105.54 -55.63
CA LEU A 3277 75.43 -105.05 -55.12
C LEU A 3277 75.25 -104.17 -53.89
N CYS A 3278 74.26 -103.28 -53.89
CA CYS A 3278 74.02 -102.40 -52.76
C CYS A 3278 73.62 -103.17 -51.52
N SER A 3279 73.11 -104.38 -51.68
CA SER A 3279 72.80 -105.26 -50.56
C SER A 3279 73.92 -106.23 -50.22
N TYR A 3280 74.80 -106.50 -51.18
CA TYR A 3280 75.88 -107.47 -50.97
C TYR A 3280 77.10 -106.82 -50.32
N LEU A 3281 77.49 -105.65 -50.82
CA LEU A 3281 78.70 -105.00 -50.32
C LEU A 3281 78.63 -104.65 -48.83
N PRO A 3282 77.56 -104.05 -48.31
CA PRO A 3282 77.53 -103.78 -46.87
C PRO A 3282 77.65 -105.03 -46.01
N ARG A 3283 77.07 -106.15 -46.45
CA ARG A 3283 77.13 -107.37 -45.67
C ARG A 3283 78.56 -107.88 -45.55
N TRP A 3284 79.32 -107.82 -46.64
CA TRP A 3284 80.66 -108.39 -46.66
C TRP A 3284 81.75 -107.39 -46.30
N TRP A 3285 81.41 -106.10 -46.19
CA TRP A 3285 82.37 -105.15 -45.65
C TRP A 3285 82.61 -105.41 -44.17
N GLU A 3286 81.59 -105.86 -43.45
CA GLU A 3286 81.70 -106.16 -42.03
C GLU A 3286 82.36 -107.51 -41.75
N ARG A 3287 82.53 -108.35 -42.78
CA ARG A 3287 83.13 -109.67 -42.61
C ARG A 3287 84.42 -109.83 -43.41
N GLY A 3288 85.00 -108.74 -43.88
CA GLY A 3288 86.24 -108.79 -44.61
C GLY A 3288 87.29 -107.89 -44.02
N PRO A 3289 88.32 -107.58 -44.79
CA PRO A 3289 89.30 -106.59 -44.34
C PRO A 3289 88.65 -105.22 -44.22
N GLU A 3290 89.28 -104.38 -43.39
CA GLU A 3290 88.82 -103.04 -43.02
C GLU A 3290 87.62 -103.10 -42.09
N ALA A 3291 87.09 -104.27 -41.78
CA ALA A 3291 86.07 -104.40 -40.75
C ALA A 3291 86.71 -104.20 -39.38
N PRO A 3292 85.95 -103.70 -38.41
CA PRO A 3292 86.50 -103.50 -37.05
C PRO A 3292 86.58 -104.81 -36.30
N PRO A 3293 87.70 -105.53 -36.41
CA PRO A 3293 87.71 -106.94 -36.04
C PRO A 3293 87.95 -107.14 -34.56
N PRO A 3294 86.99 -107.71 -33.84
CA PRO A 3294 87.30 -108.26 -32.51
C PRO A 3294 87.83 -109.66 -32.64
N ALA A 3295 88.79 -109.84 -33.55
CA ALA A 3295 89.25 -111.16 -33.99
C ALA A 3295 90.61 -111.51 -33.42
N LEU A 3296 90.88 -111.12 -32.17
CA LEU A 3296 92.10 -111.57 -31.52
C LEU A 3296 92.14 -113.10 -31.39
N PRO A 3297 91.08 -113.78 -30.91
CA PRO A 3297 91.12 -115.25 -30.90
C PRO A 3297 90.77 -115.86 -32.26
N ALA A 3298 89.88 -115.22 -33.00
CA ALA A 3298 89.31 -115.79 -34.22
C ALA A 3298 89.92 -115.19 -35.48
N GLY A 3299 91.09 -114.56 -35.38
CA GLY A 3299 91.74 -113.99 -36.55
C GLY A 3299 92.55 -114.96 -37.38
N ALA A 3300 92.65 -116.21 -36.97
CA ALA A 3300 93.40 -117.19 -37.75
C ALA A 3300 92.82 -117.40 -39.15
N PRO A 3301 91.50 -117.56 -39.34
CA PRO A 3301 90.98 -117.65 -40.70
C PRO A 3301 90.96 -116.30 -41.37
N PRO A 3302 91.65 -116.15 -42.50
CA PRO A 3302 91.60 -114.88 -43.22
C PRO A 3302 90.21 -114.66 -43.79
N PRO A 3303 89.84 -113.41 -44.05
CA PRO A 3303 88.49 -113.13 -44.53
C PRO A 3303 88.21 -113.82 -45.86
N CYS A 3304 86.96 -114.22 -46.04
CA CYS A 3304 86.52 -114.89 -47.26
C CYS A 3304 86.07 -113.91 -48.33
N THR A 3305 86.22 -112.61 -48.10
CA THR A 3305 85.85 -111.59 -49.07
C THR A 3305 86.93 -110.52 -49.11
N ALA A 3306 86.94 -109.76 -50.20
CA ALA A 3306 87.93 -108.69 -50.39
C ALA A 3306 87.24 -107.34 -50.54
N VAL A 3307 86.07 -107.17 -49.92
CA VAL A 3307 85.33 -105.93 -50.03
C VAL A 3307 85.87 -104.93 -49.01
N THR A 3308 86.26 -103.76 -49.51
CA THR A 3308 86.71 -102.66 -48.68
C THR A 3308 85.81 -101.45 -48.90
N SER A 3309 86.12 -100.35 -48.21
CA SER A 3309 85.36 -99.13 -48.42
C SER A 3309 85.55 -98.56 -49.82
N ASP A 3310 86.62 -98.94 -50.51
CA ASP A 3310 86.83 -98.49 -51.88
C ASP A 3310 85.70 -98.95 -52.79
N HIS A 3311 85.27 -100.21 -52.63
CA HIS A 3311 84.19 -100.73 -53.46
C HIS A 3311 82.90 -99.96 -53.23
N LEU A 3312 82.58 -99.69 -51.95
CA LEU A 3312 81.35 -98.95 -51.66
C LEU A 3312 81.42 -97.53 -52.20
N ASN A 3313 82.56 -96.87 -52.04
CA ASN A 3313 82.71 -95.51 -52.56
C ASN A 3313 82.58 -95.50 -54.08
N SER A 3314 83.21 -96.46 -54.77
CA SER A 3314 83.12 -96.52 -56.22
C SER A 3314 81.69 -96.78 -56.68
N LEU A 3315 81.00 -97.70 -56.00
CA LEU A 3315 79.62 -98.01 -56.37
C LEU A 3315 78.72 -96.79 -56.18
N LEU A 3316 78.90 -96.07 -55.08
CA LEU A 3316 78.08 -94.87 -54.85
C LEU A 3316 78.37 -93.80 -55.89
N GLY A 3317 79.64 -93.60 -56.23
CA GLY A 3317 79.96 -92.65 -57.29
C GLY A 3317 79.34 -93.03 -58.62
N ASN A 3318 79.40 -94.32 -58.96
CA ASN A 3318 78.78 -94.78 -60.20
C ASN A 3318 77.27 -94.58 -60.17
N ILE A 3319 76.64 -94.81 -59.02
CA ILE A 3319 75.20 -94.60 -58.91
C ILE A 3319 74.85 -93.13 -59.13
N LEU A 3320 75.62 -92.24 -58.52
CA LEU A 3320 75.37 -90.81 -58.71
C LEU A 3320 75.56 -90.41 -60.18
N ARG A 3321 76.62 -90.92 -60.82
CA ARG A 3321 76.84 -90.62 -62.22
C ARG A 3321 75.71 -91.17 -63.10
N ILE A 3322 75.19 -92.35 -62.76
CA ILE A 3322 74.06 -92.91 -63.50
C ILE A 3322 72.84 -91.99 -63.38
N ILE A 3323 72.54 -91.56 -62.15
CA ILE A 3323 71.36 -90.73 -61.93
C ILE A 3323 71.49 -89.41 -62.67
N VAL A 3324 72.69 -88.82 -62.69
CA VAL A 3324 72.85 -87.56 -63.41
C VAL A 3324 72.93 -87.77 -64.91
N ASN A 3325 73.29 -88.98 -65.36
CA ASN A 3325 73.16 -89.29 -66.78
C ASN A 3325 71.71 -89.33 -67.20
N ASN A 3326 70.83 -89.87 -66.35
CA ASN A 3326 69.41 -89.94 -66.64
C ASN A 3326 68.65 -88.77 -66.01
N LEU A 3327 69.30 -87.62 -65.86
CA LEU A 3327 68.76 -86.57 -65.01
C LEU A 3327 67.50 -85.94 -65.59
N GLY A 3328 67.53 -85.54 -66.85
CA GLY A 3328 66.46 -84.76 -67.43
C GLY A 3328 65.44 -85.50 -68.27
N ILE A 3329 65.41 -86.83 -68.21
CA ILE A 3329 64.50 -87.57 -69.09
C ILE A 3329 63.06 -87.42 -68.60
N ASP A 3330 62.13 -87.77 -69.47
CA ASP A 3330 60.71 -87.54 -69.21
C ASP A 3330 60.21 -88.45 -68.10
N GLU A 3331 60.50 -89.75 -68.19
CA GLU A 3331 59.98 -90.72 -67.24
C GLU A 3331 61.10 -91.61 -66.73
N ALA A 3332 61.28 -91.64 -65.41
CA ALA A 3332 62.19 -92.58 -64.78
C ALA A 3332 61.65 -92.88 -63.39
N THR A 3333 60.87 -93.95 -63.27
CA THR A 3333 60.30 -94.36 -61.99
C THR A 3333 61.25 -95.21 -61.16
N TRP A 3334 62.41 -95.59 -61.72
CA TRP A 3334 63.38 -96.40 -61.01
C TRP A 3334 64.27 -95.58 -60.08
N MET A 3335 64.19 -94.25 -60.14
CA MET A 3335 65.09 -93.41 -59.37
C MET A 3335 64.84 -93.57 -57.87
N LYS A 3336 63.58 -93.58 -57.44
CA LYS A 3336 63.30 -93.74 -56.03
C LYS A 3336 63.76 -95.10 -55.52
N ARG A 3337 63.52 -96.15 -56.30
CA ARG A 3337 63.97 -97.49 -55.89
C ARG A 3337 65.49 -97.55 -55.79
N LEU A 3338 66.19 -96.96 -56.76
CA LEU A 3338 67.64 -96.97 -56.73
C LEU A 3338 68.16 -96.17 -55.55
N ALA A 3339 67.54 -95.04 -55.21
CA ALA A 3339 67.97 -94.27 -54.05
C ALA A 3339 67.77 -95.06 -52.75
N VAL A 3340 66.60 -95.69 -52.61
CA VAL A 3340 66.35 -96.48 -51.41
C VAL A 3340 67.33 -97.64 -51.30
N PHE A 3341 67.68 -98.26 -52.43
CA PHE A 3341 68.64 -99.35 -52.39
C PHE A 3341 70.06 -98.86 -52.12
N ALA A 3342 70.40 -97.65 -52.57
CA ALA A 3342 71.74 -97.12 -52.38
C ALA A 3342 71.95 -96.45 -51.04
N GLN A 3343 70.88 -96.20 -50.28
CA GLN A 3343 71.04 -95.59 -48.96
C GLN A 3343 71.97 -96.37 -48.02
N PRO A 3344 71.89 -97.70 -47.89
CA PRO A 3344 72.78 -98.37 -46.94
C PRO A 3344 74.26 -98.18 -47.20
N ILE A 3345 74.68 -98.08 -48.47
CA ILE A 3345 76.11 -98.04 -48.77
C ILE A 3345 76.71 -96.65 -48.61
N VAL A 3346 75.89 -95.63 -48.37
CA VAL A 3346 76.42 -94.27 -48.27
C VAL A 3346 77.12 -94.03 -46.94
N SER A 3347 76.97 -94.94 -45.98
CA SER A 3347 77.59 -94.76 -44.68
C SER A 3347 79.11 -94.90 -44.73
N ARG A 3348 79.65 -95.45 -45.82
CA ARG A 3348 81.08 -95.62 -45.98
C ARG A 3348 81.67 -94.67 -47.02
N ALA A 3349 80.93 -93.65 -47.42
CA ALA A 3349 81.41 -92.73 -48.44
C ALA A 3349 82.58 -91.90 -47.91
N ARG A 3350 83.55 -91.66 -48.79
CA ARG A 3350 84.72 -90.86 -48.47
C ARG A 3350 84.44 -89.38 -48.66
N PRO A 3351 85.21 -88.51 -47.99
CA PRO A 3351 84.97 -87.06 -48.11
C PRO A 3351 85.14 -86.52 -49.52
N GLU A 3352 85.89 -87.19 -50.39
CA GLU A 3352 86.11 -86.68 -51.73
C GLU A 3352 84.84 -86.65 -52.57
N LEU A 3353 83.82 -87.43 -52.20
CA LEU A 3353 82.57 -87.44 -52.94
C LEU A 3353 81.84 -86.11 -52.86
N LEU A 3354 82.09 -85.31 -51.81
CA LEU A 3354 81.48 -84.00 -51.73
C LEU A 3354 81.92 -83.12 -52.89
N HIS A 3355 83.21 -83.16 -53.21
CA HIS A 3355 83.75 -82.31 -54.27
C HIS A 3355 83.62 -82.95 -55.65
N SER A 3356 83.78 -84.26 -55.75
CA SER A 3356 83.80 -84.89 -57.06
C SER A 3356 82.40 -84.99 -57.65
N HIS A 3357 81.41 -85.37 -56.85
CA HIS A 3357 80.08 -85.66 -57.37
C HIS A 3357 79.01 -84.71 -56.84
N PHE A 3358 78.87 -84.61 -55.52
CA PHE A 3358 77.69 -83.98 -54.94
C PHE A 3358 77.57 -82.51 -55.34
N ILE A 3359 78.69 -81.78 -55.31
CA ILE A 3359 78.67 -80.37 -55.66
C ILE A 3359 78.21 -80.16 -57.11
N PRO A 3360 78.80 -80.83 -58.12
CA PRO A 3360 78.27 -80.68 -59.48
C PRO A 3360 76.83 -81.12 -59.63
N THR A 3361 76.41 -82.20 -58.97
CA THR A 3361 75.03 -82.66 -59.11
C THR A 3361 74.06 -81.62 -58.58
N ILE A 3362 74.31 -81.12 -57.37
CA ILE A 3362 73.41 -80.14 -56.79
C ILE A 3362 73.48 -78.82 -57.54
N GLY A 3363 74.64 -78.50 -58.12
CA GLY A 3363 74.72 -77.31 -58.95
C GLY A 3363 73.86 -77.40 -60.19
N ARG A 3364 73.88 -78.57 -60.85
CA ARG A 3364 73.01 -78.77 -62.01
C ARG A 3364 71.54 -78.68 -61.61
N LEU A 3365 71.18 -79.30 -60.48
CA LEU A 3365 69.80 -79.21 -60.02
C LEU A 3365 69.41 -77.76 -59.72
N ARG A 3366 70.32 -77.01 -59.10
CA ARG A 3366 70.05 -75.61 -58.77
C ARG A 3366 69.86 -74.77 -60.02
N LYS A 3367 70.70 -74.97 -61.04
CA LYS A 3367 70.54 -74.16 -62.24
C LYS A 3367 69.27 -74.53 -62.99
N ARG A 3368 68.90 -75.82 -62.99
CA ARG A 3368 67.62 -76.20 -63.59
C ARG A 3368 66.45 -75.55 -62.85
N ALA A 3369 66.51 -75.54 -61.52
CA ALA A 3369 65.45 -74.90 -60.74
C ALA A 3369 65.37 -73.42 -61.04
N GLY A 3370 66.53 -72.76 -61.17
CA GLY A 3370 66.54 -71.35 -61.51
C GLY A 3370 65.93 -71.09 -62.87
N LYS A 3371 66.26 -71.91 -63.86
CA LYS A 3371 65.66 -71.75 -65.18
C LYS A 3371 64.15 -71.93 -65.14
N VAL A 3372 63.68 -72.95 -64.41
CA VAL A 3372 62.25 -73.21 -64.34
C VAL A 3372 61.52 -72.06 -63.66
N VAL A 3373 62.06 -71.54 -62.56
CA VAL A 3373 61.39 -70.44 -61.88
C VAL A 3373 61.46 -69.16 -62.71
N ALA A 3374 62.52 -68.98 -63.50
CA ALA A 3374 62.56 -67.86 -64.42
C ALA A 3374 61.45 -67.96 -65.46
N GLU A 3375 61.24 -69.16 -66.01
CA GLU A 3375 60.13 -69.35 -66.93
C GLU A 3375 58.79 -69.08 -66.24
N GLU A 3376 58.66 -69.52 -64.99
CA GLU A 3376 57.41 -69.32 -64.26
C GLU A 3376 57.11 -67.83 -64.06
N GLU A 3377 58.12 -67.05 -63.66
CA GLU A 3377 57.88 -65.62 -63.46
C GLU A 3377 57.67 -64.90 -64.78
N GLN A 3378 58.33 -65.34 -65.85
CA GLN A 3378 58.07 -64.78 -67.17
C GLN A 3378 56.63 -65.02 -67.59
N LEU A 3379 56.11 -66.22 -67.32
CA LEU A 3379 54.70 -66.49 -67.59
C LEU A 3379 53.79 -65.61 -66.73
N ARG A 3380 54.11 -65.48 -65.44
CA ARG A 3380 53.19 -64.80 -64.54
C ARG A 3380 53.18 -63.29 -64.73
N LEU A 3381 54.26 -62.71 -65.26
CA LEU A 3381 54.29 -61.25 -65.39
C LEU A 3381 53.28 -60.76 -66.42
N GLU A 3382 53.02 -61.55 -67.46
CA GLU A 3382 52.06 -61.19 -68.51
C GLU A 3382 50.85 -62.09 -68.38
N ALA A 3383 49.83 -61.61 -67.67
CA ALA A 3383 48.61 -62.38 -67.48
C ALA A 3383 47.85 -62.48 -68.79
N LYS A 3384 47.42 -63.70 -69.13
CA LYS A 3384 46.73 -63.95 -70.38
C LYS A 3384 45.96 -65.25 -70.27
N ALA A 3385 44.98 -65.43 -71.15
CA ALA A 3385 44.31 -66.71 -71.27
C ALA A 3385 45.25 -67.78 -71.82
N GLU A 3386 46.35 -67.39 -72.46
CA GLU A 3386 47.34 -68.32 -72.95
C GLU A 3386 48.32 -68.78 -71.87
N ALA A 3387 48.37 -68.08 -70.74
CA ALA A 3387 49.26 -68.48 -69.65
C ALA A 3387 48.91 -69.87 -69.13
N GLU A 3388 47.64 -70.26 -69.22
CA GLU A 3388 47.27 -71.63 -68.88
C GLU A 3388 47.99 -72.63 -69.76
N GLU A 3389 48.11 -72.33 -71.05
CA GLU A 3389 48.91 -73.14 -71.97
C GLU A 3389 50.36 -72.71 -71.78
N GLY A 3390 51.04 -73.40 -70.86
CA GLY A 3390 52.38 -73.04 -70.44
C GLY A 3390 52.51 -73.22 -68.95
N GLU A 3391 51.41 -72.98 -68.23
CA GLU A 3391 51.37 -73.39 -66.83
C GLU A 3391 51.53 -74.90 -66.71
N LEU A 3392 50.93 -75.66 -67.61
CA LEU A 3392 51.14 -77.10 -67.63
C LEU A 3392 52.59 -77.46 -67.94
N LEU A 3393 53.23 -76.70 -68.84
CA LEU A 3393 54.64 -76.96 -69.16
C LEU A 3393 55.52 -76.75 -67.94
N VAL A 3394 55.32 -75.63 -67.23
CA VAL A 3394 56.13 -75.37 -66.05
C VAL A 3394 55.79 -76.36 -64.95
N ARG A 3395 54.54 -76.83 -64.87
CA ARG A 3395 54.20 -77.88 -63.91
C ARG A 3395 54.95 -79.16 -64.21
N ASP A 3396 55.03 -79.54 -65.49
CA ASP A 3396 55.76 -80.77 -65.85
C ASP A 3396 57.25 -80.61 -65.53
N GLU A 3397 57.81 -79.44 -65.83
CA GLU A 3397 59.22 -79.20 -65.50
C GLU A 3397 59.45 -79.28 -64.00
N PHE A 3398 58.55 -78.70 -63.20
CA PHE A 3398 58.68 -78.80 -61.76
C PHE A 3398 58.53 -80.23 -61.28
N SER A 3399 57.68 -81.03 -61.94
CA SER A 3399 57.51 -82.41 -61.54
C SER A 3399 58.77 -83.23 -61.79
N VAL A 3400 59.37 -83.07 -62.97
CA VAL A 3400 60.60 -83.81 -63.24
C VAL A 3400 61.73 -83.32 -62.33
N LEU A 3401 61.75 -82.01 -62.04
CA LEU A 3401 62.75 -81.49 -61.11
C LEU A 3401 62.58 -82.08 -59.71
N CYS A 3402 61.33 -82.17 -59.25
CA CYS A 3402 61.08 -82.76 -57.94
C CYS A 3402 61.45 -84.24 -57.93
N ARG A 3403 61.21 -84.95 -59.03
CA ARG A 3403 61.62 -86.35 -59.10
C ARG A 3403 63.13 -86.48 -58.96
N ASP A 3404 63.88 -85.63 -59.67
CA ASP A 3404 65.33 -85.67 -59.55
C ASP A 3404 65.79 -85.30 -58.14
N LEU A 3405 65.15 -84.30 -57.54
CA LEU A 3405 65.52 -83.89 -56.19
C LEU A 3405 65.27 -85.01 -55.19
N TYR A 3406 64.15 -85.72 -55.32
CA TYR A 3406 63.87 -86.84 -54.44
C TYR A 3406 64.71 -88.07 -54.77
N ALA A 3407 65.26 -88.14 -55.97
CA ALA A 3407 66.24 -89.18 -56.29
C ALA A 3407 67.61 -88.92 -55.69
N LEU A 3408 68.02 -87.66 -55.58
CA LEU A 3408 69.37 -87.35 -55.10
C LEU A 3408 69.43 -86.94 -53.64
N TYR A 3409 68.37 -86.36 -53.08
CA TYR A 3409 68.45 -85.79 -51.74
C TYR A 3409 68.68 -86.79 -50.62
N PRO A 3410 68.02 -87.96 -50.56
CA PRO A 3410 68.26 -88.85 -49.41
C PRO A 3410 69.72 -89.26 -49.25
N LEU A 3411 70.41 -89.53 -50.36
CA LEU A 3411 71.83 -89.84 -50.30
C LEU A 3411 72.61 -88.67 -49.73
N LEU A 3412 72.31 -87.45 -50.20
CA LEU A 3412 72.98 -86.27 -49.69
C LEU A 3412 72.69 -86.06 -48.22
N ILE A 3413 71.47 -86.36 -47.79
CA ILE A 3413 71.08 -86.18 -46.40
C ILE A 3413 71.88 -87.11 -45.50
N ARG A 3414 72.00 -88.37 -45.91
CA ARG A 3414 72.77 -89.31 -45.09
C ARG A 3414 74.25 -88.98 -45.10
N TYR A 3415 74.77 -88.54 -46.25
CA TYR A 3415 76.16 -88.12 -46.33
C TYR A 3415 76.42 -86.92 -45.42
N VAL A 3416 75.49 -85.97 -45.38
CA VAL A 3416 75.60 -84.82 -44.49
C VAL A 3416 75.54 -85.27 -43.04
N ASP A 3417 74.64 -86.20 -42.73
CA ASP A 3417 74.56 -86.71 -41.37
C ASP A 3417 75.87 -87.35 -40.93
N ASN A 3418 76.57 -87.98 -41.87
CA ASN A 3418 77.84 -88.62 -41.52
C ASN A 3418 79.03 -87.67 -41.55
N ASN A 3419 78.96 -86.53 -42.23
CA ASN A 3419 80.12 -85.66 -42.35
C ASN A 3419 79.95 -84.27 -41.74
N ARG A 3420 78.79 -83.97 -41.16
CA ARG A 3420 78.56 -82.63 -40.62
C ARG A 3420 79.41 -82.36 -39.40
N ALA A 3421 79.68 -83.39 -38.59
CA ALA A 3421 80.57 -83.20 -37.45
C ALA A 3421 81.95 -82.74 -37.91
N HIS A 3422 82.50 -83.38 -38.94
CA HIS A 3422 83.79 -82.97 -39.45
CA HIS A 3422 83.79 -82.97 -39.47
C HIS A 3422 83.72 -81.58 -40.07
N TRP A 3423 82.65 -81.29 -40.82
CA TRP A 3423 82.55 -79.98 -41.47
C TRP A 3423 82.45 -78.85 -40.46
N LEU A 3424 81.78 -79.10 -39.32
CA LEU A 3424 81.69 -78.09 -38.28
C LEU A 3424 82.99 -77.99 -37.49
N THR A 3425 83.65 -79.12 -37.23
CA THR A 3425 84.91 -79.08 -36.49
C THR A 3425 85.98 -78.33 -37.28
N GLU A 3426 86.09 -78.62 -38.58
CA GLU A 3426 87.03 -77.93 -39.45
C GLU A 3426 86.24 -77.37 -40.63
N PRO A 3427 86.14 -76.05 -40.75
CA PRO A 3427 85.29 -75.47 -41.81
C PRO A 3427 85.76 -75.89 -43.19
N ASN A 3428 84.79 -76.13 -44.08
CA ASN A 3428 85.07 -76.62 -45.42
C ASN A 3428 84.39 -75.71 -46.44
N ALA A 3429 85.18 -75.19 -47.38
CA ALA A 3429 84.63 -74.34 -48.43
C ALA A 3429 83.64 -75.12 -49.29
N ASN A 3430 83.92 -76.40 -49.54
CA ASN A 3430 82.98 -77.21 -50.31
C ASN A 3430 81.67 -77.40 -49.57
N ALA A 3431 81.73 -77.59 -48.26
CA ALA A 3431 80.50 -77.69 -47.47
C ALA A 3431 79.73 -76.38 -47.50
N GLU A 3432 80.44 -75.26 -47.45
CA GLU A 3432 79.77 -73.96 -47.56
C GLU A 3432 79.10 -73.79 -48.91
N GLU A 3433 79.77 -74.22 -49.98
CA GLU A 3433 79.19 -74.12 -51.32
C GLU A 3433 77.96 -75.02 -51.44
N LEU A 3434 78.02 -76.21 -50.85
CA LEU A 3434 76.86 -77.08 -50.84
C LEU A 3434 75.71 -76.45 -50.07
N PHE A 3435 76.01 -75.77 -48.97
CA PHE A 3435 74.96 -75.05 -48.25
C PHE A 3435 74.36 -73.96 -49.11
N ARG A 3436 75.19 -73.23 -49.86
CA ARG A 3436 74.65 -72.20 -50.74
C ARG A 3436 73.72 -72.81 -51.78
N MET A 3437 74.11 -73.94 -52.36
CA MET A 3437 73.27 -74.58 -53.37
C MET A 3437 71.94 -75.03 -52.78
N VAL A 3438 71.97 -75.73 -51.64
CA VAL A 3438 70.72 -76.20 -51.05
C VAL A 3438 69.87 -75.03 -50.59
N GLY A 3439 70.50 -73.95 -50.11
CA GLY A 3439 69.74 -72.77 -49.72
C GLY A 3439 69.05 -72.11 -50.89
N GLU A 3440 69.74 -72.01 -52.03
CA GLU A 3440 69.11 -71.42 -53.21
C GLU A 3440 67.96 -72.29 -53.70
N ILE A 3441 68.13 -73.61 -53.67
CA ILE A 3441 67.04 -74.50 -54.05
C ILE A 3441 65.84 -74.32 -53.11
N PHE A 3442 66.11 -74.21 -51.81
CA PHE A 3442 65.04 -74.02 -50.85
C PHE A 3442 64.35 -72.67 -51.03
N ILE A 3443 65.11 -71.63 -51.36
CA ILE A 3443 64.53 -70.32 -51.63
C ILE A 3443 63.62 -70.39 -52.85
N TYR A 3444 64.07 -71.07 -53.90
CA TYR A 3444 63.22 -71.26 -55.07
C TYR A 3444 61.95 -72.00 -54.70
N TRP A 3445 62.07 -73.03 -53.86
CA TRP A 3445 60.90 -73.79 -53.43
C TRP A 3445 59.94 -72.92 -52.62
N SER A 3446 60.47 -72.01 -51.80
CA SER A 3446 59.61 -71.17 -50.98
C SER A 3446 58.92 -70.10 -51.81
N LYS A 3447 59.63 -69.48 -52.75
CA LYS A 3447 59.02 -68.46 -53.58
C LYS A 3447 58.06 -69.08 -54.59
N SER A 3448 58.53 -70.02 -55.41
CA SER A 3448 57.68 -70.64 -56.41
C SER A 3448 56.66 -71.55 -55.75
N HIS A 3449 55.39 -71.39 -56.14
CA HIS A 3449 54.33 -72.20 -55.55
C HIS A 3449 54.13 -73.50 -56.32
N ASN A 3450 54.19 -73.45 -57.65
CA ASN A 3450 54.08 -74.66 -58.45
C ASN A 3450 55.13 -75.69 -58.03
N PHE A 3451 56.28 -75.23 -57.55
CA PHE A 3451 57.26 -76.12 -56.96
C PHE A 3451 56.64 -76.89 -55.80
N LYS A 3452 55.91 -76.20 -54.92
CA LYS A 3452 55.32 -76.85 -53.76
C LYS A 3452 54.24 -77.85 -54.16
N ARG A 3453 53.30 -77.45 -55.02
CA ARG A 3453 52.29 -78.41 -55.45
C ARG A 3453 52.89 -79.58 -56.21
N GLU A 3454 53.89 -79.34 -57.06
CA GLU A 3454 54.50 -80.45 -57.77
C GLU A 3454 55.20 -81.40 -56.81
N GLU A 3455 55.87 -80.85 -55.79
CA GLU A 3455 56.52 -81.72 -54.80
C GLU A 3455 55.50 -82.58 -54.07
N GLN A 3456 54.41 -81.97 -53.58
CA GLN A 3456 53.46 -82.75 -52.79
C GLN A 3456 52.74 -83.79 -53.66
N ASN A 3457 52.42 -83.43 -54.92
CA ASN A 3457 51.76 -84.40 -55.77
C ASN A 3457 52.70 -85.54 -56.13
N PHE A 3458 53.98 -85.23 -56.36
CA PHE A 3458 54.95 -86.29 -56.57
C PHE A 3458 55.01 -87.23 -55.38
N VAL A 3459 55.06 -86.69 -54.17
CA VAL A 3459 55.17 -87.52 -52.99
C VAL A 3459 53.94 -88.42 -52.85
N VAL A 3460 52.74 -87.84 -53.01
CA VAL A 3460 51.52 -88.61 -52.81
C VAL A 3460 51.34 -89.66 -53.91
N GLN A 3461 51.72 -89.32 -55.15
CA GLN A 3461 51.52 -90.26 -56.25
C GLN A 3461 52.54 -91.38 -56.24
N ASN A 3462 53.77 -91.12 -55.79
CA ASN A 3462 54.79 -92.15 -55.75
C ASN A 3462 54.92 -92.80 -54.38
N GLU A 3463 54.09 -92.41 -53.41
CA GLU A 3463 54.06 -93.05 -52.09
C GLU A 3463 55.44 -93.00 -51.43
N ILE A 3464 56.14 -91.89 -51.58
CA ILE A 3464 57.44 -91.72 -50.93
C ILE A 3464 57.22 -91.64 -49.43
N ASN A 3465 57.93 -92.48 -48.68
CA ASN A 3465 57.74 -92.54 -47.24
C ASN A 3465 58.08 -91.22 -46.57
N ASN A 3466 59.21 -90.61 -46.97
CA ASN A 3466 59.67 -89.32 -46.45
C ASN A 3466 59.96 -89.38 -44.95
N MET A 3467 59.83 -90.54 -44.35
CA MET A 3467 60.18 -90.76 -42.96
C MET A 3467 61.30 -91.78 -42.79
N SER A 3468 61.29 -92.84 -43.61
CA SER A 3468 62.42 -93.74 -43.66
C SER A 3468 63.68 -93.02 -44.11
N PHE A 3469 63.55 -92.07 -45.05
CA PHE A 3469 64.68 -91.31 -45.52
C PHE A 3469 65.37 -90.53 -44.41
N LEU A 3470 64.67 -90.27 -43.31
CA LEU A 3470 65.23 -89.53 -42.18
C LEU A 3470 65.47 -90.39 -40.96
N THR A 3471 64.88 -91.58 -40.87
CA THR A 3471 65.09 -92.47 -39.74
C THR A 3471 65.93 -93.70 -40.09
N ALA A 3472 66.45 -93.78 -41.32
CA ALA A 3472 67.28 -94.92 -41.68
C ALA A 3472 68.56 -94.96 -40.86
N ASP A 3473 69.15 -93.80 -40.56
CA ASP A 3473 70.33 -93.78 -39.71
C ASP A 3473 70.02 -94.30 -38.31
N SER A 3474 68.88 -93.88 -37.75
CA SER A 3474 68.49 -94.37 -36.43
C SER A 3474 68.26 -95.88 -36.44
N LYS A 3475 67.61 -96.39 -37.49
CA LYS A 3475 67.40 -97.83 -37.59
C LYS A 3475 68.72 -98.58 -37.77
N SER A 3476 69.68 -98.00 -38.49
CA SER A 3476 70.97 -98.64 -38.67
C SER A 3476 71.76 -98.67 -37.37
N LYS A 3477 71.64 -97.62 -36.57
CA LYS A 3477 72.29 -97.57 -35.26
C LYS A 3477 71.65 -98.52 -34.25
N MET A 3478 70.64 -99.28 -34.65
CA MET A 3478 69.97 -100.27 -33.80
C MET A 3478 69.40 -99.60 -32.54
N ALA A 3479 68.44 -98.70 -32.77
CA ALA A 3479 67.78 -97.99 -31.68
C ALA A 3479 66.68 -98.85 -31.06
N ARG A 3498 51.61 -91.03 -38.31
CA ARG A 3498 50.25 -90.91 -37.77
C ARG A 3498 49.61 -89.59 -38.20
N ARG A 3499 50.24 -88.48 -37.83
CA ARG A 3499 49.72 -87.17 -38.20
C ARG A 3499 49.97 -86.88 -39.68
N GLY A 3500 51.23 -86.87 -40.08
CA GLY A 3500 51.60 -86.61 -41.47
C GLY A 3500 52.29 -87.78 -42.12
N ASP A 3501 51.78 -88.99 -41.87
CA ASP A 3501 52.42 -90.19 -42.40
C ASP A 3501 52.44 -90.19 -43.92
N ARG A 3502 51.33 -89.81 -44.55
CA ARG A 3502 51.28 -89.76 -46.01
C ARG A 3502 52.18 -88.65 -46.55
N TYR A 3503 52.04 -87.44 -46.02
CA TYR A 3503 52.87 -86.31 -46.42
C TYR A 3503 52.70 -85.19 -45.41
N SER A 3504 53.79 -84.45 -45.19
CA SER A 3504 53.75 -83.27 -44.33
C SER A 3504 54.89 -82.34 -44.74
N VAL A 3505 54.68 -81.04 -44.54
CA VAL A 3505 55.69 -80.05 -44.89
C VAL A 3505 56.93 -80.23 -44.02
N GLN A 3506 56.75 -80.64 -42.76
CA GLN A 3506 57.88 -80.85 -41.88
C GLN A 3506 58.79 -81.96 -42.40
N THR A 3507 58.21 -83.00 -42.99
CA THR A 3507 58.97 -84.14 -43.49
C THR A 3507 59.40 -83.97 -44.95
N SER A 3508 59.14 -82.81 -45.55
CA SER A 3508 59.62 -82.55 -46.91
C SER A 3508 61.13 -82.58 -46.94
N LEU A 3509 61.69 -83.30 -47.93
CA LEU A 3509 63.14 -83.41 -48.01
C LEU A 3509 63.78 -82.10 -48.42
N ILE A 3510 63.09 -81.28 -49.21
CA ILE A 3510 63.66 -80.01 -49.66
C ILE A 3510 63.96 -79.11 -48.48
N VAL A 3511 63.08 -79.11 -47.47
CA VAL A 3511 63.34 -78.31 -46.28
C VAL A 3511 64.18 -79.08 -45.26
N ALA A 3512 64.10 -80.41 -45.25
CA ALA A 3512 64.89 -81.18 -44.29
C ALA A 3512 66.38 -81.09 -44.60
N THR A 3513 66.75 -81.14 -45.87
CA THR A 3513 68.15 -81.01 -46.24
C THR A 3513 68.69 -79.64 -45.86
N LEU A 3514 67.89 -78.60 -46.08
CA LEU A 3514 68.34 -77.25 -45.72
C LEU A 3514 68.45 -77.09 -44.21
N LYS A 3515 67.52 -77.69 -43.46
CA LYS A 3515 67.63 -77.63 -42.01
C LYS A 3515 68.85 -78.39 -41.51
N LYS A 3516 69.22 -79.49 -42.16
CA LYS A 3516 70.42 -80.21 -41.77
C LYS A 3516 71.69 -79.47 -42.17
N MET A 3517 71.65 -78.71 -43.26
CA MET A 3517 72.80 -77.93 -43.71
C MET A 3517 72.88 -76.56 -43.05
N LEU A 3518 71.86 -76.16 -42.30
CA LEU A 3518 71.89 -74.87 -41.63
C LEU A 3518 73.11 -74.63 -40.76
N PRO A 3519 73.56 -75.56 -39.92
CA PRO A 3519 74.74 -75.28 -39.08
C PRO A 3519 75.97 -74.90 -39.89
N ILE A 3520 76.16 -75.49 -41.07
CA ILE A 3520 77.30 -75.14 -41.90
C ILE A 3520 77.21 -73.67 -42.34
N GLY A 3521 76.00 -73.23 -42.72
CA GLY A 3521 75.83 -71.84 -43.10
C GLY A 3521 76.02 -70.89 -41.95
N LEU A 3522 75.45 -71.23 -40.78
CA LEU A 3522 75.61 -70.37 -39.60
C LEU A 3522 77.05 -70.32 -39.14
N ASN A 3523 77.82 -71.38 -39.40
CA ASN A 3523 79.22 -71.39 -39.02
C ASN A 3523 80.04 -70.40 -39.86
N MET A 3524 79.55 -70.06 -41.05
CA MET A 3524 80.25 -69.07 -41.87
C MET A 3524 80.26 -67.70 -41.19
N CYS A 3525 79.14 -67.31 -40.61
CA CYS A 3525 79.02 -65.97 -40.03
C CYS A 3525 79.67 -65.92 -38.67
N ALA A 3526 80.41 -64.83 -38.41
CA ALA A 3526 80.98 -64.61 -37.10
C ALA A 3526 79.91 -64.13 -36.13
N PRO A 3527 80.06 -64.44 -34.84
CA PRO A 3527 79.05 -64.02 -33.86
C PRO A 3527 78.90 -62.52 -33.70
N THR A 3528 79.62 -61.70 -34.48
CA THR A 3528 79.32 -60.28 -34.50
C THR A 3528 78.18 -59.93 -35.45
N ASP A 3529 77.66 -60.89 -36.21
CA ASP A 3529 76.80 -60.57 -37.34
C ASP A 3529 75.32 -60.79 -37.09
N GLN A 3530 74.90 -61.08 -35.86
CA GLN A 3530 73.47 -61.23 -35.61
C GLN A 3530 72.71 -59.94 -35.85
N ASP A 3531 73.28 -58.80 -35.45
CA ASP A 3531 72.59 -57.55 -35.74
C ASP A 3531 72.31 -57.42 -37.23
N LEU A 3532 73.34 -57.64 -38.06
CA LEU A 3532 73.16 -57.58 -39.51
C LEU A 3532 72.17 -58.62 -40.00
N ILE A 3533 72.16 -59.81 -39.38
CA ILE A 3533 71.27 -60.86 -39.84
C ILE A 3533 69.82 -60.50 -39.58
N MET A 3534 69.51 -60.00 -38.38
CA MET A 3534 68.16 -59.48 -38.14
C MET A 3534 67.80 -58.31 -39.05
N LEU A 3535 68.72 -57.37 -39.31
CA LEU A 3535 68.35 -56.31 -40.26
C LEU A 3535 68.02 -56.88 -41.63
N ALA A 3536 68.84 -57.79 -42.15
CA ALA A 3536 68.59 -58.37 -43.46
C ALA A 3536 67.32 -59.19 -43.48
N LYS A 3537 67.01 -59.87 -42.37
CA LYS A 3537 65.75 -60.59 -42.25
C LYS A 3537 64.57 -59.62 -42.31
N THR A 3538 64.70 -58.45 -41.68
CA THR A 3538 63.64 -57.45 -41.78
C THR A 3538 63.45 -56.99 -43.22
N ARG A 3539 64.55 -56.73 -43.92
CA ARG A 3539 64.41 -56.31 -45.32
C ARG A 3539 63.75 -57.40 -46.17
N TYR A 3540 64.14 -58.66 -45.97
CA TYR A 3540 63.49 -59.74 -46.69
C TYR A 3540 62.02 -59.87 -46.31
N ALA A 3541 61.68 -59.55 -45.06
CA ALA A 3541 60.28 -59.51 -44.65
C ALA A 3541 59.55 -58.36 -45.34
N LEU A 3542 60.27 -57.31 -45.74
CA LEU A 3542 59.68 -56.22 -46.53
C LEU A 3542 59.74 -56.50 -48.03
N LYS A 3543 59.87 -57.77 -48.43
CA LYS A 3543 59.91 -58.15 -49.84
C LYS A 3543 60.95 -57.33 -50.61
N ASP A 3544 62.21 -57.47 -50.21
CA ASP A 3544 63.32 -56.81 -50.88
C ASP A 3544 64.21 -57.86 -51.54
N THR A 3545 64.80 -57.51 -52.67
CA THR A 3545 65.58 -58.47 -53.44
C THR A 3545 66.99 -58.60 -52.88
N ASP A 3546 67.74 -59.54 -53.45
CA ASP A 3546 69.11 -59.79 -53.00
C ASP A 3546 69.99 -58.56 -53.21
N GLU A 3547 69.86 -57.88 -54.34
CA GLU A 3547 70.63 -56.66 -54.54
C GLU A 3547 70.26 -55.60 -53.51
N GLU A 3548 68.97 -55.48 -53.19
CA GLU A 3548 68.54 -54.49 -52.22
C GLU A 3548 69.11 -54.78 -50.83
N VAL A 3549 69.08 -56.04 -50.40
CA VAL A 3549 69.63 -56.35 -49.08
C VAL A 3549 71.15 -56.19 -49.08
N ARG A 3550 71.81 -56.52 -50.19
CA ARG A 3550 73.26 -56.32 -50.27
C ARG A 3550 73.62 -54.84 -50.15
N GLU A 3551 72.92 -53.97 -50.87
CA GLU A 3551 73.25 -52.55 -50.80
C GLU A 3551 72.88 -51.97 -49.45
N PHE A 3552 71.77 -52.42 -48.84
CA PHE A 3552 71.42 -51.96 -47.51
C PHE A 3552 72.48 -52.37 -46.49
N LEU A 3553 72.99 -53.59 -46.60
CA LEU A 3553 74.06 -54.05 -45.72
C LEU A 3553 75.35 -53.27 -45.94
N GLN A 3554 75.65 -52.94 -47.20
CA GLN A 3554 76.82 -52.11 -47.49
C GLN A 3554 76.69 -50.74 -46.84
N ASN A 3555 75.51 -50.14 -46.94
CA ASN A 3555 75.27 -48.82 -46.34
C ASN A 3555 75.22 -48.87 -44.82
N ASN A 3556 74.83 -50.00 -44.23
CA ASN A 3556 74.60 -50.10 -42.79
C ASN A 3556 75.51 -51.14 -42.15
N LEU A 3557 76.80 -51.11 -42.50
CA LEU A 3557 77.74 -52.09 -41.97
C LEU A 3557 78.16 -51.78 -40.54
N HIS A 3558 78.00 -50.54 -40.09
CA HIS A 3558 78.52 -50.11 -38.80
C HIS A 3558 77.64 -50.52 -37.62
N LEU A 3559 76.52 -51.18 -37.87
CA LEU A 3559 75.65 -51.64 -36.80
C LEU A 3559 75.90 -53.08 -36.38
N GLN A 3560 77.01 -53.67 -36.78
CA GLN A 3560 77.34 -55.01 -36.33
C GLN A 3560 77.69 -54.99 -34.85
N GLY A 3561 77.58 -56.16 -34.21
CA GLY A 3561 77.74 -56.23 -32.77
C GLY A 3561 79.12 -55.84 -32.31
N LYS A 3562 79.18 -55.26 -31.12
CA LYS A 3562 80.43 -54.89 -30.48
C LYS A 3562 80.70 -55.82 -29.30
N VAL A 3563 81.92 -56.36 -29.25
CA VAL A 3563 82.23 -57.42 -28.30
C VAL A 3563 82.10 -56.94 -26.86
N GLU A 3564 82.54 -55.72 -26.58
CA GLU A 3564 82.53 -55.22 -25.21
C GLU A 3564 81.11 -55.08 -24.67
N GLY A 3565 80.16 -54.70 -25.51
CA GLY A 3565 78.81 -54.43 -25.05
C GLY A 3565 77.94 -55.65 -24.83
N SER A 3566 78.44 -56.85 -25.12
CA SER A 3566 77.65 -58.06 -24.96
C SER A 3566 78.47 -59.10 -24.20
N PRO A 3567 77.90 -59.74 -23.18
CA PRO A 3567 78.66 -60.74 -22.43
C PRO A 3567 78.75 -62.08 -23.14
N SER A 3568 77.67 -62.49 -23.81
CA SER A 3568 77.68 -63.77 -24.51
C SER A 3568 78.57 -63.72 -25.74
N LEU A 3569 78.52 -62.60 -26.47
CA LEU A 3569 79.31 -62.44 -27.67
C LEU A 3569 80.81 -62.53 -27.40
N ARG A 3570 81.24 -62.27 -26.17
CA ARG A 3570 82.65 -62.42 -25.82
C ARG A 3570 83.11 -63.86 -26.00
N TRP A 3571 82.48 -64.80 -25.30
CA TRP A 3571 82.89 -66.19 -25.44
C TRP A 3571 82.49 -66.75 -26.81
N GLN A 3572 81.45 -66.21 -27.43
CA GLN A 3572 81.14 -66.63 -28.79
C GLN A 3572 82.29 -66.29 -29.75
N MET A 3573 82.82 -65.07 -29.65
CA MET A 3573 84.01 -64.72 -30.42
C MET A 3573 85.21 -65.57 -30.05
N ALA A 3574 85.38 -65.86 -28.75
CA ALA A 3574 86.50 -66.71 -28.36
C ALA A 3574 86.43 -68.06 -29.07
N LEU A 3575 85.28 -68.71 -29.00
CA LEU A 3575 85.12 -70.02 -29.61
C LEU A 3575 85.23 -69.95 -31.13
N TYR A 3576 84.67 -68.90 -31.75
CA TYR A 3576 84.75 -68.77 -33.19
C TYR A 3576 86.18 -68.55 -33.66
N ARG A 3577 86.86 -67.57 -33.05
CA ARG A 3577 88.26 -67.27 -33.36
C ARG A 3577 89.17 -68.45 -33.10
N GLY A 3578 88.79 -69.37 -32.21
CA GLY A 3578 89.59 -70.56 -32.00
C GLY A 3578 89.56 -71.57 -33.13
N LEU A 3579 88.75 -71.34 -34.15
CA LEU A 3579 88.63 -72.29 -35.25
C LEU A 3579 89.88 -72.24 -36.14
N PRO A 3580 90.23 -73.36 -36.78
CA PRO A 3580 91.49 -73.38 -37.56
C PRO A 3580 91.44 -72.55 -38.84
N GLY A 3581 90.37 -72.66 -39.61
CA GLY A 3581 90.35 -72.08 -40.94
C GLY A 3581 89.85 -70.65 -41.00
N ARG A 3582 89.80 -69.97 -39.87
CA ARG A 3582 89.28 -68.61 -39.79
C ARG A 3582 90.43 -67.63 -39.97
N GLU A 3583 90.27 -66.69 -40.89
CA GLU A 3583 91.25 -65.64 -41.15
C GLU A 3583 90.57 -64.27 -41.07
N GLU A 3584 91.32 -63.28 -40.57
CA GLU A 3584 90.79 -61.93 -40.46
C GLU A 3584 90.56 -61.29 -41.82
N ASP A 3585 91.34 -61.67 -42.84
CA ASP A 3585 91.12 -61.15 -44.18
C ASP A 3585 89.77 -61.58 -44.75
N ALA A 3586 89.19 -62.66 -44.22
CA ALA A 3586 87.85 -63.08 -44.63
C ALA A 3586 86.77 -62.10 -44.15
N ASP A 3587 87.10 -61.18 -43.26
CA ASP A 3587 86.15 -60.17 -42.80
C ASP A 3587 86.21 -58.92 -43.68
N ASP A 3588 86.14 -59.13 -44.99
CA ASP A 3588 85.99 -58.02 -45.90
C ASP A 3588 84.52 -57.58 -45.93
N PRO A 3589 84.25 -56.32 -46.27
CA PRO A 3589 82.84 -55.90 -46.37
C PRO A 3589 82.05 -56.75 -47.34
N GLU A 3590 82.63 -57.11 -48.48
CA GLU A 3590 81.91 -57.92 -49.46
C GLU A 3590 81.63 -59.32 -48.94
N LYS A 3591 82.63 -59.95 -48.31
CA LYS A 3591 82.40 -61.29 -47.75
C LYS A 3591 81.33 -61.25 -46.66
N ILE A 3592 81.42 -60.28 -45.76
CA ILE A 3592 80.42 -60.15 -44.71
C ILE A 3592 79.04 -59.98 -45.31
N VAL A 3593 78.89 -59.07 -46.27
CA VAL A 3593 77.56 -58.79 -46.77
C VAL A 3593 76.99 -59.98 -47.55
N ARG A 3594 77.81 -60.67 -48.36
CA ARG A 3594 77.24 -61.79 -49.10
C ARG A 3594 76.88 -62.95 -48.18
N ARG A 3595 77.73 -63.23 -47.19
CA ARG A 3595 77.40 -64.35 -46.30
C ARG A 3595 76.17 -64.03 -45.46
N VAL A 3596 76.06 -62.79 -44.96
CA VAL A 3596 74.90 -62.41 -44.18
C VAL A 3596 73.64 -62.43 -45.04
N GLN A 3597 73.75 -61.97 -46.29
CA GLN A 3597 72.59 -61.99 -47.18
C GLN A 3597 72.10 -63.41 -47.41
N GLU A 3598 73.01 -64.32 -47.75
CA GLU A 3598 72.61 -65.71 -47.99
C GLU A 3598 71.97 -66.32 -46.75
N VAL A 3599 72.65 -66.22 -45.61
CA VAL A 3599 72.16 -66.87 -44.41
C VAL A 3599 70.83 -66.26 -43.98
N SER A 3600 70.71 -64.92 -44.07
CA SER A 3600 69.49 -64.24 -43.66
C SER A 3600 68.31 -64.64 -44.53
N ALA A 3601 68.51 -64.72 -45.85
CA ALA A 3601 67.44 -65.21 -46.71
C ALA A 3601 67.04 -66.61 -46.30
N VAL A 3602 68.02 -67.45 -45.97
CA VAL A 3602 67.72 -68.82 -45.55
C VAL A 3602 66.82 -68.83 -44.32
N LEU A 3603 67.19 -68.09 -43.27
CA LEU A 3603 66.36 -68.14 -42.06
C LEU A 3603 65.02 -67.48 -42.27
N TYR A 3604 64.95 -66.42 -43.09
CA TYR A 3604 63.66 -65.77 -43.30
C TYR A 3604 62.68 -66.73 -43.95
N HIS A 3605 63.10 -67.38 -45.03
CA HIS A 3605 62.19 -68.36 -45.64
C HIS A 3605 61.97 -69.57 -44.74
N LEU A 3606 62.95 -69.92 -43.90
CA LEU A 3606 62.76 -71.02 -42.97
C LEU A 3606 61.65 -70.71 -41.97
N GLU A 3607 61.64 -69.51 -41.40
CA GLU A 3607 60.60 -69.17 -40.45
C GLU A 3607 59.25 -68.99 -41.14
N GLN A 3608 59.23 -68.45 -42.35
CA GLN A 3608 57.99 -68.43 -43.12
C GLN A 3608 57.43 -69.83 -43.34
N THR A 3609 58.28 -70.81 -43.61
CA THR A 3609 57.83 -72.19 -43.78
C THR A 3609 57.39 -72.83 -42.47
N GLU A 3610 58.22 -72.73 -41.43
CA GLU A 3610 57.92 -73.43 -40.18
C GLU A 3610 56.68 -72.87 -39.50
N HIS A 3611 56.55 -71.55 -39.45
CA HIS A 3611 55.36 -70.91 -38.91
C HIS A 3611 54.55 -70.36 -40.06
N PRO A 3612 53.56 -71.10 -40.56
CA PRO A 3612 52.83 -70.64 -41.76
C PRO A 3612 52.08 -69.35 -41.56
N TYR A 3613 51.77 -68.98 -40.31
CA TYR A 3613 51.03 -67.77 -39.95
C TYR A 3613 49.77 -67.59 -40.80
N LYS A 3614 49.23 -68.69 -41.32
CA LYS A 3614 47.97 -68.65 -42.05
C LYS A 3614 46.76 -68.75 -41.11
N SER A 3615 46.99 -68.91 -39.81
CA SER A 3615 45.92 -68.88 -38.84
C SER A 3615 45.37 -67.46 -38.71
N LYS A 3616 44.19 -67.35 -38.11
CA LYS A 3616 43.47 -66.09 -37.95
C LYS A 3616 43.10 -65.47 -39.29
N LYS A 3617 43.34 -66.21 -40.38
CA LYS A 3617 42.90 -65.80 -41.71
C LYS A 3617 41.61 -66.54 -42.08
N ALA A 3618 41.65 -67.87 -42.06
CA ALA A 3618 40.47 -68.72 -42.22
C ALA A 3618 40.50 -69.73 -41.07
N VAL A 3619 39.93 -69.35 -39.93
CA VAL A 3619 39.78 -70.23 -38.79
C VAL A 3619 38.49 -71.02 -38.95
N TRP A 3620 38.24 -71.99 -38.07
CA TRP A 3620 36.95 -72.66 -38.04
C TRP A 3620 35.87 -71.61 -37.86
N HIS A 3621 35.02 -71.43 -38.88
CA HIS A 3621 34.11 -70.30 -38.92
C HIS A 3621 32.64 -70.67 -38.85
N LYS A 3622 32.26 -71.87 -39.26
CA LYS A 3622 30.86 -72.34 -39.32
C LYS A 3622 29.92 -71.22 -39.78
N LEU A 3623 30.22 -70.70 -40.98
CA LEU A 3623 29.51 -69.53 -41.49
C LEU A 3623 28.00 -69.75 -41.53
N LEU A 3624 27.54 -70.79 -42.23
CA LEU A 3624 26.17 -71.26 -42.03
C LEU A 3624 26.05 -72.77 -42.09
N SER A 3625 27.16 -73.51 -41.99
CA SER A 3625 27.13 -74.96 -42.25
C SER A 3625 26.31 -75.69 -41.20
N LYS A 3626 26.56 -75.42 -39.92
CA LYS A 3626 26.00 -76.23 -38.84
C LYS A 3626 24.47 -76.24 -38.84
N GLN A 3627 23.83 -75.25 -39.46
CA GLN A 3627 22.37 -75.21 -39.52
C GLN A 3627 21.81 -75.24 -40.93
N ARG A 3628 22.65 -75.06 -41.97
CA ARG A 3628 22.18 -75.05 -43.34
C ARG A 3628 22.77 -76.19 -44.18
N ARG A 3629 23.41 -77.16 -43.54
CA ARG A 3629 23.91 -78.31 -44.29
C ARG A 3629 22.79 -79.10 -44.93
N ARG A 3630 21.65 -79.24 -44.22
CA ARG A 3630 20.50 -79.91 -44.82
C ARG A 3630 20.04 -79.18 -46.08
N ALA A 3631 19.97 -77.85 -46.03
CA ALA A 3631 19.52 -77.08 -47.20
C ALA A 3631 20.51 -77.22 -48.35
N VAL A 3632 21.80 -77.08 -48.08
CA VAL A 3632 22.78 -77.12 -49.16
C VAL A 3632 22.85 -78.52 -49.77
N VAL A 3633 22.61 -79.56 -48.96
CA VAL A 3633 22.56 -80.92 -49.50
C VAL A 3633 21.31 -81.12 -50.33
N ALA A 3634 20.15 -80.64 -49.84
CA ALA A 3634 18.91 -80.82 -50.56
C ALA A 3634 18.88 -80.03 -51.86
N CYS A 3635 19.71 -78.99 -51.97
CA CYS A 3635 19.79 -78.24 -53.22
C CYS A 3635 20.25 -79.13 -54.37
N PHE A 3636 21.25 -79.96 -54.13
CA PHE A 3636 21.83 -80.78 -55.20
C PHE A 3636 20.97 -81.96 -55.59
N ARG A 3637 19.99 -82.35 -54.76
CA ARG A 3637 19.18 -83.53 -55.01
C ARG A 3637 17.73 -83.20 -55.31
N MET A 3638 17.38 -81.93 -55.38
CA MET A 3638 15.98 -81.56 -55.47
C MET A 3638 15.39 -81.90 -56.83
N THR A 3639 14.07 -81.93 -56.90
CA THR A 3639 13.36 -82.42 -58.08
C THR A 3639 13.19 -81.32 -59.13
N PRO A 3640 13.43 -81.61 -60.40
CA PRO A 3640 13.14 -80.62 -61.45
C PRO A 3640 11.64 -80.43 -61.63
N LEU A 3641 11.30 -79.34 -62.31
CA LEU A 3641 9.89 -79.00 -62.51
C LEU A 3641 9.21 -79.96 -63.48
N TYR A 3642 9.95 -80.49 -64.45
CA TYR A 3642 9.32 -81.33 -65.47
C TYR A 3642 8.91 -82.70 -64.94
N ASN A 3643 9.32 -83.07 -63.73
CA ASN A 3643 8.92 -84.34 -63.13
C ASN A 3643 7.70 -84.21 -62.23
N LEU A 3644 7.21 -83.01 -62.01
CA LEU A 3644 6.08 -82.81 -61.11
C LEU A 3644 4.76 -83.20 -61.78
N PRO A 3645 3.75 -83.55 -61.00
CA PRO A 3645 2.44 -83.83 -61.59
C PRO A 3645 1.84 -82.59 -62.23
N THR A 3646 0.97 -82.84 -63.23
CA THR A 3646 0.42 -81.75 -64.02
C THR A 3646 -0.39 -80.79 -63.16
N HIS A 3647 -1.21 -81.30 -62.26
CA HIS A 3647 -2.04 -80.44 -61.44
C HIS A 3647 -1.21 -79.60 -60.47
N ARG A 3648 -0.18 -80.20 -59.88
CA ARG A 3648 0.73 -79.45 -59.02
C ARG A 3648 1.41 -78.33 -59.80
N ALA A 3649 1.91 -78.64 -61.00
CA ALA A 3649 2.55 -77.62 -61.82
C ALA A 3649 1.57 -76.53 -62.21
N CYS A 3650 0.31 -76.89 -62.48
CA CYS A 3650 -0.69 -75.90 -62.85
C CYS A 3650 -0.99 -74.96 -61.68
N ASN A 3651 -1.09 -75.50 -60.47
CA ASN A 3651 -1.31 -74.65 -59.30
C ASN A 3651 -0.13 -73.71 -59.08
N MET A 3652 1.09 -74.23 -59.22
CA MET A 3652 2.27 -73.38 -59.11
C MET A 3652 2.26 -72.29 -60.17
N PHE A 3653 1.88 -72.64 -61.39
CA PHE A 3653 1.83 -71.65 -62.46
C PHE A 3653 0.78 -70.58 -62.18
N LEU A 3654 -0.37 -70.98 -61.64
CA LEU A 3654 -1.40 -70.00 -61.29
C LEU A 3654 -0.87 -69.03 -60.25
N GLU A 3655 -0.20 -69.54 -59.21
CA GLU A 3655 0.37 -68.66 -58.21
C GLU A 3655 1.40 -67.71 -58.82
N SER A 3656 2.32 -68.24 -59.63
CA SER A 3656 3.36 -67.41 -60.22
C SER A 3656 2.76 -66.37 -61.16
N TYR A 3657 1.77 -66.77 -61.96
CA TYR A 3657 1.17 -65.86 -62.93
C TYR A 3657 0.43 -64.73 -62.24
N LYS A 3658 -0.36 -65.04 -61.19
CA LYS A 3658 -1.04 -63.96 -60.49
C LYS A 3658 -0.06 -63.09 -59.73
N ALA A 3659 1.07 -63.65 -59.27
CA ALA A 3659 2.03 -62.84 -58.54
C ALA A 3659 2.81 -61.90 -59.46
N ALA A 3660 3.16 -62.36 -60.66
CA ALA A 3660 4.11 -61.62 -61.49
C ALA A 3660 3.49 -60.97 -62.71
N TRP A 3661 2.24 -61.26 -63.05
CA TRP A 3661 1.64 -60.74 -64.27
C TRP A 3661 0.33 -60.02 -64.05
N ILE A 3662 -0.51 -60.47 -63.12
CA ILE A 3662 -1.78 -59.82 -62.86
C ILE A 3662 -1.63 -58.73 -61.81
N LEU A 3663 -0.93 -59.02 -60.71
CA LEU A 3663 -0.69 -58.02 -59.70
C LEU A 3663 0.14 -56.86 -60.24
N THR A 3664 1.15 -57.16 -61.06
CA THR A 3664 1.99 -56.11 -61.62
C THR A 3664 1.25 -55.24 -62.63
N GLU A 3665 0.13 -55.71 -63.15
CA GLU A 3665 -0.63 -54.95 -64.12
C GLU A 3665 -1.24 -53.71 -63.47
N ASP A 3666 -1.19 -52.60 -64.20
CA ASP A 3666 -1.73 -51.33 -63.73
C ASP A 3666 -2.99 -51.00 -64.54
N HIS A 3667 -4.01 -50.50 -63.86
CA HIS A 3667 -5.27 -50.14 -64.50
C HIS A 3667 -5.91 -49.03 -63.68
N SER A 3668 -5.75 -47.79 -64.13
CA SER A 3668 -6.30 -46.64 -63.44
C SER A 3668 -7.74 -46.43 -63.89
N PHE A 3669 -8.69 -46.80 -63.04
CA PHE A 3669 -10.11 -46.61 -63.34
C PHE A 3669 -10.81 -45.74 -62.31
N GLU A 3670 -10.11 -45.30 -61.26
CA GLU A 3670 -10.77 -44.54 -60.21
C GLU A 3670 -11.27 -43.19 -60.72
N ASP A 3671 -10.43 -42.46 -61.43
CA ASP A 3671 -10.83 -41.15 -61.95
C ASP A 3671 -11.98 -41.29 -62.93
N ARG A 3672 -11.91 -42.27 -63.82
CA ARG A 3672 -12.97 -42.46 -64.81
C ARG A 3672 -14.28 -42.85 -64.12
N MET A 3673 -14.23 -43.72 -63.11
CA MET A 3673 -15.42 -44.07 -62.37
C MET A 3673 -16.03 -42.86 -61.66
N ILE A 3674 -15.19 -42.05 -61.02
CA ILE A 3674 -15.71 -40.89 -60.30
C ILE A 3674 -16.31 -39.88 -61.26
N ASP A 3675 -15.66 -39.66 -62.41
CA ASP A 3675 -16.20 -38.76 -63.41
C ASP A 3675 -17.53 -39.27 -63.95
N ASP A 3676 -17.64 -40.57 -64.19
CA ASP A 3676 -18.89 -41.13 -64.68
C ASP A 3676 -20.01 -41.00 -63.65
N LEU A 3677 -19.69 -41.21 -62.38
CA LEU A 3677 -20.69 -41.12 -61.32
C LEU A 3677 -21.01 -39.68 -60.92
N SER A 3678 -20.19 -38.71 -61.34
CA SER A 3678 -20.42 -37.33 -60.98
C SER A 3678 -21.32 -36.58 -61.96
N LYS A 3679 -21.87 -37.26 -62.94
CA LYS A 3679 -22.68 -36.63 -63.98
C LYS A 3679 -24.16 -36.92 -63.73
N ALA A 3680 -24.97 -35.88 -63.80
CA ALA A 3680 -26.42 -36.03 -63.77
C ALA A 3680 -26.92 -36.19 -65.21
N GLY A 3681 -27.71 -37.23 -65.45
CA GLY A 3681 -28.05 -37.59 -66.81
C GLY A 3681 -29.34 -37.02 -67.37
N GLU A 3682 -29.22 -35.94 -68.13
CA GLU A 3682 -30.26 -35.44 -69.02
C GLU A 3682 -31.62 -35.33 -68.33
N GLN A 3683 -31.60 -34.74 -67.12
CA GLN A 3683 -32.82 -34.44 -66.40
C GLN A 3683 -33.08 -32.94 -66.32
N GLU A 3684 -32.47 -32.15 -67.22
CA GLU A 3684 -32.55 -30.70 -67.19
C GLU A 3684 -33.44 -30.14 -68.30
N GLU A 3685 -34.41 -30.92 -68.78
CA GLU A 3685 -35.35 -30.45 -69.78
C GLU A 3685 -36.66 -29.97 -69.19
N GLU A 3686 -36.75 -29.90 -67.86
CA GLU A 3686 -37.95 -29.41 -67.19
C GLU A 3686 -37.70 -28.17 -66.34
N GLU A 3687 -36.55 -28.11 -65.66
CA GLU A 3687 -36.12 -26.96 -64.84
C GLU A 3687 -37.28 -26.35 -64.04
N GLU A 3688 -38.02 -27.22 -63.37
CA GLU A 3688 -39.13 -26.81 -62.52
C GLU A 3688 -38.62 -26.60 -61.10
N GLU A 3689 -39.53 -26.51 -60.12
CA GLU A 3689 -39.18 -26.29 -58.72
C GLU A 3689 -38.57 -27.55 -58.10
N VAL A 3690 -38.12 -28.48 -58.94
CA VAL A 3690 -37.44 -29.69 -58.53
C VAL A 3690 -36.04 -29.36 -58.03
N GLU A 3691 -35.73 -28.06 -57.94
CA GLU A 3691 -34.39 -27.56 -57.61
C GLU A 3691 -33.84 -28.14 -56.32
N GLU A 3692 -34.67 -28.89 -55.58
CA GLU A 3692 -34.14 -29.79 -54.57
C GLU A 3692 -32.98 -30.61 -55.11
N LYS A 3693 -32.99 -30.91 -56.41
CA LYS A 3693 -31.83 -31.46 -57.12
C LYS A 3693 -31.39 -32.79 -56.51
N LYS A 3694 -32.25 -33.79 -56.68
CA LYS A 3694 -32.03 -35.16 -56.25
C LYS A 3694 -30.59 -35.58 -56.51
N PRO A 3695 -29.98 -36.34 -55.61
CA PRO A 3695 -28.54 -36.58 -55.69
C PRO A 3695 -28.14 -37.33 -56.96
N ASP A 3696 -26.97 -36.98 -57.48
CA ASP A 3696 -26.35 -37.72 -58.56
C ASP A 3696 -25.82 -39.05 -58.01
N PRO A 3697 -25.46 -40.00 -58.88
CA PRO A 3697 -25.07 -41.34 -58.38
C PRO A 3697 -23.98 -41.33 -57.33
N LEU A 3698 -22.95 -40.50 -57.48
CA LEU A 3698 -21.90 -40.43 -56.46
C LEU A 3698 -22.46 -39.93 -55.14
N HIS A 3699 -23.32 -38.92 -55.19
CA HIS A 3699 -23.95 -38.41 -53.97
C HIS A 3699 -24.81 -39.47 -53.32
N GLN A 3700 -25.55 -40.25 -54.12
CA GLN A 3700 -26.35 -41.32 -53.56
C GLN A 3700 -25.50 -42.40 -52.92
N LEU A 3701 -24.36 -42.73 -53.52
CA LEU A 3701 -23.45 -43.69 -52.91
C LEU A 3701 -22.92 -43.19 -51.58
N VAL A 3702 -22.51 -41.92 -51.53
CA VAL A 3702 -22.05 -41.34 -50.28
C VAL A 3702 -23.15 -41.36 -49.23
N LEU A 3703 -24.38 -41.02 -49.62
CA LEU A 3703 -25.49 -41.03 -48.68
C LEU A 3703 -25.79 -42.43 -48.19
N HIS A 3704 -25.66 -43.42 -49.06
CA HIS A 3704 -25.87 -44.81 -48.64
C HIS A 3704 -24.83 -45.23 -47.61
N PHE A 3705 -23.57 -44.88 -47.83
CA PHE A 3705 -22.55 -45.22 -46.85
C PHE A 3705 -22.75 -44.46 -45.54
N SER A 3706 -23.17 -43.20 -45.62
CA SER A 3706 -23.51 -42.46 -44.40
C SER A 3706 -24.67 -43.11 -43.67
N ARG A 3707 -25.67 -43.58 -44.39
CA ARG A 3707 -26.82 -44.26 -43.78
C ARG A 3707 -26.38 -45.53 -43.06
N THR A 3708 -25.55 -46.34 -43.71
CA THR A 3708 -25.09 -47.56 -43.04
C THR A 3708 -24.11 -47.27 -41.92
N ALA A 3709 -23.49 -46.09 -41.92
CA ALA A 3709 -22.66 -45.70 -40.79
C ALA A 3709 -23.49 -45.22 -39.60
N LEU A 3710 -24.63 -44.57 -39.85
CA LEU A 3710 -25.43 -44.01 -38.78
C LEU A 3710 -26.34 -45.04 -38.10
N THR A 3711 -26.43 -46.26 -38.63
CA THR A 3711 -27.26 -47.27 -38.00
C THR A 3711 -26.69 -47.64 -36.64
N GLU A 3712 -27.56 -47.81 -35.66
CA GLU A 3712 -27.14 -48.15 -34.30
C GLU A 3712 -26.77 -49.63 -34.25
N LYS A 3713 -25.49 -49.91 -34.00
CA LYS A 3713 -25.00 -51.28 -33.91
C LYS A 3713 -23.95 -51.36 -32.81
N SER A 3714 -23.80 -52.57 -32.26
CA SER A 3714 -22.78 -52.78 -31.23
C SER A 3714 -21.38 -52.58 -31.80
N LYS A 3715 -21.12 -53.10 -33.00
CA LYS A 3715 -19.81 -52.98 -33.63
C LYS A 3715 -19.96 -52.62 -35.09
N LEU A 3716 -18.89 -52.08 -35.67
CA LEU A 3716 -18.86 -51.70 -37.07
C LEU A 3716 -18.33 -52.87 -37.87
N ASP A 3717 -19.21 -53.51 -38.63
CA ASP A 3717 -18.86 -54.74 -39.35
C ASP A 3717 -18.03 -54.43 -40.58
N GLU A 3718 -17.28 -55.44 -41.03
CA GLU A 3718 -16.41 -55.30 -42.19
C GLU A 3718 -17.26 -55.20 -43.44
N ASP A 3719 -16.89 -54.30 -44.36
CA ASP A 3719 -17.68 -54.06 -45.57
C ASP A 3719 -16.75 -53.83 -46.75
N TYR A 3720 -16.52 -54.88 -47.54
CA TYR A 3720 -15.59 -54.78 -48.66
C TYR A 3720 -16.06 -53.77 -49.70
N LEU A 3721 -17.37 -53.60 -49.85
CA LEU A 3721 -17.86 -52.63 -50.83
C LEU A 3721 -17.51 -51.21 -50.43
N TYR A 3722 -17.77 -50.84 -49.17
CA TYR A 3722 -17.36 -49.54 -48.68
C TYR A 3722 -15.85 -49.40 -48.74
N MET A 3723 -15.12 -50.47 -48.44
CA MET A 3723 -13.67 -50.43 -48.52
C MET A 3723 -13.21 -50.04 -49.91
N ALA A 3724 -13.71 -50.75 -50.92
CA ALA A 3724 -13.29 -50.51 -52.29
C ALA A 3724 -13.67 -49.11 -52.76
N TYR A 3725 -14.90 -48.69 -52.45
CA TYR A 3725 -15.31 -47.35 -52.90
C TYR A 3725 -14.58 -46.25 -52.17
N ALA A 3726 -14.23 -46.46 -50.90
CA ALA A 3726 -13.41 -45.47 -50.20
C ALA A 3726 -12.02 -45.38 -50.83
N ASP A 3727 -11.43 -46.52 -51.20
CA ASP A 3727 -10.15 -46.45 -51.89
C ASP A 3727 -10.28 -45.74 -53.24
N ILE A 3728 -11.37 -45.99 -53.96
CA ILE A 3728 -11.57 -45.32 -55.26
C ILE A 3728 -11.66 -43.82 -55.06
N MET A 3729 -12.47 -43.38 -54.10
CA MET A 3729 -12.62 -41.95 -53.84
C MET A 3729 -11.30 -41.33 -53.40
N ALA A 3730 -10.55 -42.02 -52.54
CA ALA A 3730 -9.28 -41.50 -52.09
C ALA A 3730 -8.28 -41.38 -53.23
N LYS A 3731 -8.21 -42.39 -54.09
CA LYS A 3731 -7.28 -42.33 -55.22
C LYS A 3731 -7.71 -41.33 -56.27
N SER A 3732 -8.98 -40.98 -56.31
CA SER A 3732 -9.46 -39.97 -57.24
C SER A 3732 -8.98 -38.56 -56.90
N CYS A 3733 -8.48 -38.33 -55.69
CA CYS A 3733 -8.24 -36.97 -55.24
C CYS A 3733 -6.81 -36.51 -55.32
N HIS A 3734 -5.82 -37.41 -55.22
CA HIS A 3734 -4.45 -36.92 -55.23
C HIS A 3734 -3.90 -36.83 -56.65
N LEU A 3735 -3.81 -37.96 -57.35
CA LEU A 3735 -3.28 -38.01 -58.72
C LEU A 3735 -1.90 -37.35 -58.81
N GLU A 3736 -1.10 -37.53 -57.76
CA GLU A 3736 0.26 -36.98 -57.75
C GLU A 3736 1.16 -37.79 -56.82
N VAL A 3749 12.78 -30.29 -62.38
CA VAL A 3749 12.56 -30.39 -60.95
C VAL A 3749 12.31 -29.01 -60.34
N GLU A 3750 12.08 -28.03 -61.22
CA GLU A 3750 11.76 -26.66 -60.82
C GLU A 3750 10.34 -26.35 -61.29
N VAL A 3751 9.36 -26.67 -60.45
CA VAL A 3751 7.98 -26.41 -60.78
C VAL A 3751 7.71 -24.91 -60.68
N SER A 3752 7.23 -24.31 -61.77
CA SER A 3752 6.95 -22.89 -61.75
C SER A 3752 5.65 -22.62 -61.00
N PHE A 3753 5.45 -21.34 -60.66
CA PHE A 3753 4.29 -20.96 -59.87
C PHE A 3753 2.99 -21.26 -60.60
N GLU A 3754 2.97 -21.09 -61.92
CA GLU A 3754 1.74 -21.30 -62.68
C GLU A 3754 1.24 -22.73 -62.54
N GLU A 3755 2.11 -23.71 -62.79
CA GLU A 3755 1.68 -25.10 -62.67
C GLU A 3755 1.60 -25.56 -61.21
N LYS A 3756 2.34 -24.93 -60.30
CA LYS A 3756 2.09 -25.19 -58.88
C LYS A 3756 0.65 -24.84 -58.50
N GLU A 3757 0.21 -23.64 -58.86
CA GLU A 3757 -1.15 -23.24 -58.58
C GLU A 3757 -2.15 -24.07 -59.36
N MET A 3758 -1.82 -24.47 -60.58
CA MET A 3758 -2.71 -25.38 -61.33
C MET A 3758 -2.87 -26.70 -60.62
N GLU A 3759 -1.79 -27.26 -60.08
CA GLU A 3759 -1.90 -28.49 -59.31
C GLU A 3759 -2.75 -28.27 -58.07
N LYS A 3760 -2.58 -27.14 -57.40
CA LYS A 3760 -3.39 -26.84 -56.22
C LYS A 3760 -4.87 -26.76 -56.56
N GLN A 3761 -5.21 -26.05 -57.65
CA GLN A 3761 -6.62 -25.92 -58.02
C GLN A 3761 -7.20 -27.25 -58.50
N ARG A 3762 -6.39 -28.06 -59.18
CA ARG A 3762 -6.87 -29.38 -59.60
C ARG A 3762 -7.15 -30.26 -58.40
N LEU A 3763 -6.26 -30.25 -57.41
CA LEU A 3763 -6.51 -30.99 -56.18
C LEU A 3763 -7.74 -30.45 -55.46
N LEU A 3764 -7.90 -29.13 -55.44
CA LEU A 3764 -9.08 -28.54 -54.81
C LEU A 3764 -10.36 -28.98 -55.48
N TYR A 3765 -10.37 -29.01 -56.82
CA TYR A 3765 -11.57 -29.45 -57.53
C TYR A 3765 -11.86 -30.93 -57.27
N GLN A 3766 -10.82 -31.76 -57.28
CA GLN A 3766 -11.02 -33.18 -57.03
C GLN A 3766 -11.54 -33.43 -55.62
N GLN A 3767 -11.07 -32.65 -54.66
CA GLN A 3767 -11.59 -32.74 -53.31
C GLN A 3767 -13.01 -32.19 -53.20
N SER A 3768 -13.32 -31.17 -54.00
CA SER A 3768 -14.67 -30.60 -54.01
C SER A 3768 -15.69 -31.60 -54.53
N ARG A 3769 -15.31 -32.39 -55.54
CA ARG A 3769 -16.23 -33.40 -56.06
C ARG A 3769 -16.71 -34.34 -54.97
N LEU A 3770 -15.91 -34.55 -53.93
CA LEU A 3770 -16.28 -35.44 -52.83
C LEU A 3770 -16.93 -34.68 -51.68
N HIS A 3771 -16.37 -33.54 -51.28
CA HIS A 3771 -16.90 -32.87 -50.09
C HIS A 3771 -18.14 -32.04 -50.39
N THR A 3772 -18.51 -31.89 -51.66
CA THR A 3772 -19.80 -31.31 -51.98
C THR A 3772 -20.91 -32.35 -52.00
N ARG A 3773 -20.60 -33.61 -51.70
CA ARG A 3773 -21.56 -34.70 -51.75
C ARG A 3773 -21.60 -35.48 -50.43
N GLY A 3774 -20.99 -34.93 -49.38
CA GLY A 3774 -21.10 -35.52 -48.07
C GLY A 3774 -19.97 -36.42 -47.63
N ALA A 3775 -18.85 -36.44 -48.36
CA ALA A 3775 -17.74 -37.30 -47.99
C ALA A 3775 -17.14 -36.90 -46.64
N ALA A 3776 -17.06 -35.60 -46.37
CA ALA A 3776 -16.49 -35.15 -45.10
C ALA A 3776 -17.31 -35.64 -43.92
N GLU A 3777 -18.64 -35.59 -44.04
CA GLU A 3777 -19.49 -36.13 -43.00
C GLU A 3777 -19.41 -37.64 -42.93
N MET A 3778 -19.30 -38.31 -44.08
CA MET A 3778 -19.19 -39.77 -44.08
C MET A 3778 -17.94 -40.21 -43.30
N VAL A 3779 -16.83 -39.51 -43.50
CA VAL A 3779 -15.59 -39.88 -42.82
C VAL A 3779 -15.76 -39.80 -41.31
N LEU A 3780 -16.33 -38.70 -40.82
CA LEU A 3780 -16.52 -38.54 -39.39
C LEU A 3780 -17.49 -39.58 -38.85
N GLN A 3781 -18.57 -39.85 -39.58
CA GLN A 3781 -19.54 -40.84 -39.12
C GLN A 3781 -18.91 -42.23 -39.03
N MET A 3782 -18.09 -42.60 -40.01
CA MET A 3782 -17.44 -43.91 -39.96
C MET A 3782 -16.42 -43.98 -38.84
N ILE A 3783 -15.68 -42.90 -38.60
CA ILE A 3783 -14.72 -42.89 -37.49
C ILE A 3783 -15.46 -43.04 -36.16
N SER A 3784 -16.58 -42.34 -36.01
CA SER A 3784 -17.37 -42.49 -34.79
C SER A 3784 -17.97 -43.88 -34.66
N ALA A 3785 -18.36 -44.49 -35.78
CA ALA A 3785 -19.01 -45.79 -35.74
C ALA A 3785 -18.03 -46.91 -35.43
N CYS A 3786 -16.77 -46.77 -35.85
CA CYS A 3786 -15.80 -47.82 -35.55
C CYS A 3786 -15.57 -47.98 -34.06
N LYS A 3787 -15.87 -46.96 -33.26
CA LYS A 3787 -15.80 -47.02 -31.80
C LYS A 3787 -14.41 -47.39 -31.31
N GLY A 3788 -13.38 -46.90 -31.99
CA GLY A 3788 -12.02 -47.13 -31.55
C GLY A 3788 -11.49 -48.54 -31.77
N GLU A 3789 -12.06 -49.29 -32.70
CA GLU A 3789 -11.56 -50.61 -33.05
C GLU A 3789 -10.69 -50.48 -34.28
N THR A 3790 -9.42 -50.86 -34.15
CA THR A 3790 -8.52 -50.82 -35.29
C THR A 3790 -8.95 -51.85 -36.33
N GLY A 3791 -8.77 -51.49 -37.59
CA GLY A 3791 -9.13 -52.40 -38.67
C GLY A 3791 -9.03 -51.71 -40.02
N ALA A 3792 -9.20 -52.52 -41.06
CA ALA A 3792 -9.10 -52.02 -42.42
C ALA A 3792 -10.19 -51.00 -42.74
N MET A 3793 -11.36 -51.11 -42.10
CA MET A 3793 -12.42 -50.15 -42.36
C MET A 3793 -12.04 -48.75 -41.90
N VAL A 3794 -11.54 -48.64 -40.67
CA VAL A 3794 -11.13 -47.33 -40.18
C VAL A 3794 -9.88 -46.85 -40.89
N SER A 3795 -9.01 -47.79 -41.32
CA SER A 3795 -7.86 -47.36 -42.12
C SER A 3795 -8.31 -46.73 -43.44
N SER A 3796 -9.28 -47.34 -44.11
CA SER A 3796 -9.81 -46.79 -45.34
C SER A 3796 -10.48 -45.44 -45.09
N THR A 3797 -11.23 -45.33 -44.00
CA THR A 3797 -11.87 -44.05 -43.67
C THR A 3797 -10.83 -42.96 -43.44
N LEU A 3798 -9.76 -43.28 -42.71
CA LEU A 3798 -8.71 -42.30 -42.44
C LEU A 3798 -7.98 -41.91 -43.72
N LYS A 3799 -7.74 -42.88 -44.61
CA LYS A 3799 -7.09 -42.56 -45.88
C LYS A 3799 -7.98 -41.65 -46.73
N LEU A 3800 -9.29 -41.90 -46.74
CA LEU A 3800 -10.20 -41.01 -47.47
C LEU A 3800 -10.19 -39.62 -46.85
N GLY A 3801 -10.19 -39.54 -45.52
CA GLY A 3801 -10.14 -38.23 -44.87
C GLY A 3801 -8.87 -37.46 -45.22
N ILE A 3802 -7.73 -38.13 -45.20
CA ILE A 3802 -6.48 -37.51 -45.61
C ILE A 3802 -6.55 -37.08 -47.06
N SER A 3803 -7.14 -37.92 -47.92
CA SER A 3803 -7.20 -37.62 -49.35
C SER A 3803 -8.01 -36.37 -49.60
N ILE A 3804 -9.11 -36.17 -48.87
CA ILE A 3804 -9.91 -34.97 -49.07
C ILE A 3804 -9.43 -33.79 -48.23
N LEU A 3805 -8.51 -34.00 -47.30
CA LEU A 3805 -7.97 -32.91 -46.49
C LEU A 3805 -6.57 -32.49 -46.89
N ASN A 3806 -5.96 -33.14 -47.86
CA ASN A 3806 -4.58 -32.83 -48.23
C ASN A 3806 -4.43 -31.36 -48.64
N GLY A 3807 -3.34 -30.75 -48.20
CA GLY A 3807 -3.11 -29.34 -48.45
C GLY A 3807 -3.84 -28.40 -47.51
N GLY A 3808 -4.58 -28.92 -46.55
CA GLY A 3808 -5.33 -28.08 -45.64
C GLY A 3808 -6.55 -27.45 -46.29
N ASN A 3809 -7.49 -28.29 -46.73
CA ASN A 3809 -8.70 -27.80 -47.37
C ASN A 3809 -9.59 -27.12 -46.33
N ALA A 3810 -9.61 -25.79 -46.38
CA ALA A 3810 -10.36 -25.02 -45.38
C ALA A 3810 -11.85 -25.32 -45.44
N GLU A 3811 -12.38 -25.56 -46.65
CA GLU A 3811 -13.80 -25.84 -46.77
C GLU A 3811 -14.15 -27.18 -46.11
N VAL A 3812 -13.33 -28.20 -46.33
CA VAL A 3812 -13.57 -29.50 -45.69
C VAL A 3812 -13.40 -29.38 -44.18
N GLN A 3813 -12.41 -28.62 -43.72
CA GLN A 3813 -12.24 -28.42 -42.29
C GLN A 3813 -13.47 -27.75 -41.69
N GLN A 3814 -13.99 -26.72 -42.36
CA GLN A 3814 -15.17 -26.03 -41.87
C GLN A 3814 -16.37 -26.97 -41.82
N LYS A 3815 -16.56 -27.78 -42.86
CA LYS A 3815 -17.68 -28.71 -42.88
C LYS A 3815 -17.57 -29.72 -41.74
N MET A 3816 -16.39 -30.28 -41.53
CA MET A 3816 -16.20 -31.25 -40.45
C MET A 3816 -16.45 -30.62 -39.10
N LEU A 3817 -15.92 -29.42 -38.88
CA LEU A 3817 -16.10 -28.76 -37.58
C LEU A 3817 -17.56 -28.42 -37.35
N ASP A 3818 -18.26 -27.92 -38.38
CA ASP A 3818 -19.67 -27.61 -38.23
C ASP A 3818 -20.48 -28.86 -37.93
N TYR A 3819 -20.20 -29.96 -38.63
CA TYR A 3819 -20.92 -31.20 -38.36
C TYR A 3819 -20.70 -31.68 -36.93
N LEU A 3820 -19.44 -31.66 -36.48
CA LEU A 3820 -19.16 -32.09 -35.12
C LEU A 3820 -19.85 -31.20 -34.09
N LYS A 3821 -19.83 -29.89 -34.31
CA LYS A 3821 -20.42 -28.97 -33.34
C LYS A 3821 -21.94 -29.07 -33.31
N ASP A 3822 -22.58 -29.33 -34.47
CA ASP A 3822 -24.03 -29.44 -34.44
C ASP A 3822 -24.47 -30.79 -33.89
N LYS A 3823 -23.70 -31.85 -34.13
CA LYS A 3823 -24.08 -33.16 -33.59
C LYS A 3823 -23.81 -33.28 -32.11
N LYS A 3824 -22.74 -32.65 -31.62
CA LYS A 3824 -22.39 -32.68 -30.19
C LYS A 3824 -22.25 -34.11 -29.69
N GLU A 3825 -21.64 -34.97 -30.49
CA GLU A 3825 -21.46 -36.37 -30.11
C GLU A 3825 -20.05 -36.60 -29.61
N VAL A 3826 -19.95 -37.40 -28.54
CA VAL A 3826 -18.65 -37.73 -27.95
C VAL A 3826 -18.02 -38.97 -28.58
N GLY A 3827 -18.77 -39.70 -29.40
CA GLY A 3827 -18.26 -40.92 -29.99
C GLY A 3827 -17.05 -40.69 -30.88
N PHE A 3828 -17.00 -39.57 -31.58
CA PHE A 3828 -15.89 -39.30 -32.49
C PHE A 3828 -14.57 -39.22 -31.72
N PHE A 3829 -14.51 -38.39 -30.69
CA PHE A 3829 -13.27 -38.26 -29.95
C PHE A 3829 -13.00 -39.46 -29.05
N GLN A 3830 -14.04 -40.15 -28.58
CA GLN A 3830 -13.80 -41.40 -27.88
C GLN A 3830 -13.13 -42.41 -28.78
N SER A 3831 -13.61 -42.54 -30.02
CA SER A 3831 -12.98 -43.44 -30.98
C SER A 3831 -11.57 -43.01 -31.30
N ILE A 3832 -11.33 -41.70 -31.46
CA ILE A 3832 -9.99 -41.22 -31.76
C ILE A 3832 -9.04 -41.56 -30.61
N GLN A 3833 -9.48 -41.33 -29.37
CA GLN A 3833 -8.63 -41.63 -28.21
C GLN A 3833 -8.35 -43.12 -28.11
N ALA A 3834 -9.37 -43.96 -28.35
CA ALA A 3834 -9.14 -45.40 -28.29
C ALA A 3834 -8.16 -45.84 -29.37
N LEU A 3835 -8.30 -45.31 -30.59
CA LEU A 3835 -7.38 -45.66 -31.66
C LEU A 3835 -5.96 -45.23 -31.33
N MET A 3836 -5.81 -44.03 -30.75
CA MET A 3836 -4.48 -43.56 -30.39
C MET A 3836 -3.88 -44.38 -29.26
N GLN A 3837 -4.71 -44.89 -28.35
CA GLN A 3837 -4.21 -45.76 -27.30
C GLN A 3837 -3.86 -47.15 -27.80
N THR A 3838 -4.46 -47.58 -28.91
CA THR A 3838 -4.15 -48.89 -29.49
C THR A 3838 -2.95 -48.84 -30.44
N CYS A 3839 -2.42 -47.67 -30.73
CA CYS A 3839 -1.21 -47.59 -31.56
C CYS A 3839 -0.02 -48.16 -30.82
N SER A 3840 0.79 -48.94 -31.53
CA SER A 3840 1.89 -49.65 -30.92
C SER A 3840 3.19 -48.85 -31.03
N VAL A 3841 4.19 -49.30 -30.28
CA VAL A 3841 5.53 -48.72 -30.32
C VAL A 3841 6.54 -49.85 -30.49
N LEU A 3842 7.82 -49.52 -30.46
CA LEU A 3842 8.86 -50.54 -30.61
C LEU A 3842 8.79 -51.53 -29.46
N ASP A 3843 8.98 -52.82 -29.77
CA ASP A 3843 8.91 -53.89 -28.79
C ASP A 3843 10.14 -54.77 -28.91
N LEU A 3844 11.01 -54.71 -27.90
CA LEU A 3844 12.26 -55.48 -27.94
C LEU A 3844 12.00 -56.98 -27.87
N ASN A 3845 10.98 -57.40 -27.12
CA ASN A 3845 10.67 -58.82 -27.05
C ASN A 3845 10.27 -59.36 -28.41
N ALA A 3846 9.38 -58.64 -29.11
CA ALA A 3846 9.00 -59.04 -30.46
C ALA A 3846 10.18 -58.99 -31.41
N PHE A 3847 11.06 -58.00 -31.23
CA PHE A 3847 12.25 -57.92 -32.07
C PHE A 3847 13.14 -59.13 -31.88
N GLU A 3848 13.36 -59.55 -30.64
CA GLU A 3848 14.19 -60.72 -30.38
C GLU A 3848 13.54 -62.00 -30.91
N ARG A 3849 12.23 -62.13 -30.73
CA ARG A 3849 11.53 -63.29 -31.28
C ARG A 3849 11.65 -63.34 -32.80
N GLN A 3850 11.52 -62.18 -33.45
CA GLN A 3850 11.68 -62.14 -34.91
C GLN A 3850 13.10 -62.50 -35.30
N ASN A 3851 14.09 -62.05 -34.53
CA ASN A 3851 15.48 -62.41 -34.83
C ASN A 3851 15.66 -63.92 -34.76
N LYS A 3852 15.13 -64.56 -33.72
CA LYS A 3852 15.26 -66.02 -33.63
C LYS A 3852 14.51 -66.72 -34.75
N ALA A 3853 13.32 -66.22 -35.10
CA ALA A 3853 12.54 -66.84 -36.17
C ALA A 3853 13.26 -66.75 -37.51
N GLU A 3854 13.83 -65.58 -37.82
CA GLU A 3854 14.56 -65.44 -39.08
C GLU A 3854 15.89 -66.18 -39.05
N GLY A 3855 16.48 -66.38 -37.87
CA GLY A 3855 17.67 -67.18 -37.78
C GLY A 3855 17.46 -68.68 -37.94
N LEU A 3856 16.29 -69.19 -37.55
CA LEU A 3856 16.05 -70.62 -37.68
C LEU A 3856 16.05 -71.04 -39.16
N GLY A 3857 15.38 -70.26 -40.01
CA GLY A 3857 15.35 -70.56 -41.43
C GLY A 3857 14.52 -71.76 -41.82
N MET A 3858 13.20 -71.64 -41.74
CA MET A 3858 12.31 -72.76 -41.98
C MET A 3858 11.76 -72.73 -43.40
N VAL A 3859 11.30 -73.91 -43.86
CA VAL A 3859 10.73 -74.08 -45.19
C VAL A 3859 9.36 -74.76 -45.06
N ASN A 3860 8.70 -74.95 -46.19
CA ASN A 3860 7.36 -75.52 -46.22
C ASN A 3860 7.37 -76.92 -46.83
N GLU A 3861 6.18 -77.52 -46.91
CA GLU A 3861 6.05 -78.88 -47.44
C GLU A 3861 6.05 -78.89 -48.97
N ASP A 3862 5.06 -78.26 -49.58
CA ASP A 3862 4.93 -78.28 -51.03
C ASP A 3862 6.00 -77.39 -51.67
N GLY A 3863 7.16 -77.96 -51.95
CA GLY A 3863 8.28 -77.19 -52.46
C GLY A 3863 9.21 -76.78 -51.35
N THR A 3864 9.70 -75.54 -51.42
CA THR A 3864 10.59 -75.01 -50.39
C THR A 3864 10.57 -73.49 -50.47
N VAL A 3865 10.15 -72.84 -49.40
CA VAL A 3865 10.10 -71.38 -49.35
C VAL A 3865 11.42 -70.85 -48.82
N ILE A 3866 11.92 -69.79 -49.44
CA ILE A 3866 13.22 -69.23 -49.08
C ILE A 3866 12.94 -68.06 -48.12
N ASN A 3867 12.89 -68.37 -46.83
CA ASN A 3867 12.76 -67.37 -45.77
C ASN A 3867 11.50 -66.52 -45.95
N ARG A 3868 10.36 -67.20 -45.80
CA ARG A 3868 9.06 -66.56 -45.97
C ARG A 3868 8.97 -65.26 -45.19
N GLN A 3869 8.30 -64.27 -45.79
CA GLN A 3869 8.29 -62.89 -45.31
C GLN A 3869 6.99 -62.53 -44.61
N ASN A 3870 6.46 -63.43 -43.78
CA ASN A 3870 5.23 -63.20 -43.03
C ASN A 3870 5.29 -61.89 -42.25
N GLY A 3871 4.11 -61.35 -41.92
CA GLY A 3871 3.95 -60.01 -41.37
C GLY A 3871 4.92 -59.60 -40.28
N GLU A 3872 5.43 -58.37 -40.40
CA GLU A 3872 6.31 -57.82 -39.38
C GLU A 3872 5.53 -57.58 -38.09
N LYS A 3873 6.09 -58.04 -36.97
CA LYS A 3873 5.44 -57.91 -35.68
C LYS A 3873 6.02 -56.79 -34.82
N VAL A 3874 6.94 -56.01 -35.36
CA VAL A 3874 7.49 -54.84 -34.67
C VAL A 3874 6.96 -53.61 -35.39
N MET A 3875 6.19 -52.79 -34.69
CA MET A 3875 5.53 -51.61 -35.26
C MET A 3875 4.70 -52.02 -36.48
N ALA A 3876 3.81 -52.99 -36.26
CA ALA A 3876 3.04 -53.55 -37.36
C ALA A 3876 2.08 -52.52 -37.96
N ASP A 3877 1.51 -51.66 -37.11
CA ASP A 3877 0.54 -50.65 -37.53
C ASP A 3877 1.18 -49.27 -37.70
N ASP A 3878 2.43 -49.22 -38.17
CA ASP A 3878 3.10 -47.94 -38.32
C ASP A 3878 2.39 -47.06 -39.35
N GLU A 3879 1.94 -47.64 -40.46
CA GLU A 3879 1.22 -46.86 -41.45
C GLU A 3879 -0.10 -46.35 -40.89
N PHE A 3880 -0.77 -47.15 -40.06
CA PHE A 3880 -2.02 -46.69 -39.47
C PHE A 3880 -1.77 -45.55 -38.49
N THR A 3881 -0.71 -45.65 -37.68
CA THR A 3881 -0.37 -44.55 -36.78
C THR A 3881 -0.06 -43.28 -37.57
N GLN A 3882 0.71 -43.42 -38.64
CA GLN A 3882 1.05 -42.28 -39.47
C GLN A 3882 -0.19 -41.63 -40.07
N ASP A 3883 -1.13 -42.44 -40.56
CA ASP A 3883 -2.30 -41.83 -41.19
C ASP A 3883 -3.25 -41.24 -40.15
N LEU A 3884 -3.35 -41.84 -38.97
CA LEU A 3884 -4.15 -41.24 -37.91
C LEU A 3884 -3.60 -39.86 -37.53
N PHE A 3885 -2.29 -39.77 -37.31
CA PHE A 3885 -1.74 -38.48 -36.92
C PHE A 3885 -1.69 -37.49 -38.08
N ARG A 3886 -1.59 -37.98 -39.32
CA ARG A 3886 -1.70 -37.11 -40.47
C ARG A 3886 -3.10 -36.51 -40.58
N PHE A 3887 -4.13 -37.33 -40.31
CA PHE A 3887 -5.49 -36.83 -40.29
C PHE A 3887 -5.67 -35.75 -39.22
N LEU A 3888 -5.15 -36.01 -38.02
CA LEU A 3888 -5.26 -35.02 -36.95
C LEU A 3888 -4.52 -33.73 -37.31
N GLN A 3889 -3.34 -33.86 -37.94
CA GLN A 3889 -2.60 -32.68 -38.37
C GLN A 3889 -3.37 -31.90 -39.42
N LEU A 3890 -3.97 -32.61 -40.39
CA LEU A 3890 -4.71 -31.94 -41.46
C LEU A 3890 -5.97 -31.26 -40.95
N LEU A 3891 -6.52 -31.73 -39.83
CA LEU A 3891 -7.64 -31.00 -39.24
C LEU A 3891 -7.22 -29.58 -38.83
N CYS A 3892 -5.97 -29.40 -38.40
CA CYS A 3892 -5.48 -28.10 -37.97
C CYS A 3892 -4.61 -27.41 -39.01
N GLU A 3893 -4.37 -28.04 -40.16
CA GLU A 3893 -3.48 -27.46 -41.16
C GLU A 3893 -3.99 -26.10 -41.61
N GLY A 3894 -3.05 -25.18 -41.87
CA GLY A 3894 -3.40 -23.81 -42.18
C GLY A 3894 -3.67 -22.94 -40.99
N HIS A 3895 -3.32 -23.40 -39.79
CA HIS A 3895 -3.56 -22.67 -38.54
C HIS A 3895 -5.06 -22.41 -38.34
N ASN A 3896 -5.85 -23.46 -38.46
CA ASN A 3896 -7.27 -23.37 -38.19
C ASN A 3896 -7.49 -23.26 -36.69
N ASN A 3897 -7.65 -22.03 -36.20
CA ASN A 3897 -7.70 -21.80 -34.76
C ASN A 3897 -8.91 -22.47 -34.12
N ASP A 3898 -10.05 -22.46 -34.82
CA ASP A 3898 -11.25 -23.07 -34.26
C ASP A 3898 -11.06 -24.58 -34.07
N PHE A 3899 -10.47 -25.26 -35.05
CA PHE A 3899 -10.28 -26.70 -34.90
C PHE A 3899 -9.14 -27.01 -33.94
N GLN A 3900 -8.12 -26.15 -33.86
CA GLN A 3900 -7.08 -26.32 -32.87
C GLN A 3900 -7.64 -26.24 -31.46
N ASN A 3901 -8.56 -25.30 -31.23
CA ASN A 3901 -9.21 -25.21 -29.93
C ASN A 3901 -10.18 -26.37 -29.70
N TYR A 3902 -10.87 -26.81 -30.76
CA TYR A 3902 -11.84 -27.89 -30.59
C TYR A 3902 -11.17 -29.22 -30.28
N LEU A 3903 -9.97 -29.44 -30.80
CA LEU A 3903 -9.23 -30.65 -30.44
C LEU A 3903 -8.87 -30.65 -28.95
N ARG A 3904 -8.50 -29.49 -28.42
CA ARG A 3904 -8.16 -29.42 -27.00
C ARG A 3904 -9.41 -29.58 -26.13
N THR A 3905 -10.48 -28.86 -26.46
CA THR A 3905 -11.70 -28.94 -25.65
C THR A 3905 -12.92 -28.87 -26.56
N GLN A 3906 -13.94 -29.63 -26.19
CA GLN A 3906 -15.23 -29.63 -26.90
C GLN A 3906 -16.26 -29.01 -25.95
N THR A 3907 -16.57 -27.74 -26.21
CA THR A 3907 -17.41 -26.99 -25.27
C THR A 3907 -18.83 -27.54 -25.22
N GLY A 3908 -19.45 -27.79 -26.38
CA GLY A 3908 -20.85 -28.18 -26.39
C GLY A 3908 -21.10 -29.59 -25.90
N ASN A 3909 -20.10 -30.46 -25.95
CA ASN A 3909 -20.31 -31.86 -25.61
C ASN A 3909 -20.46 -32.03 -24.10
N THR A 3910 -21.04 -33.17 -23.71
CA THR A 3910 -21.18 -33.49 -22.29
C THR A 3910 -19.84 -33.82 -21.66
N THR A 3911 -18.91 -34.37 -22.42
CA THR A 3911 -17.58 -34.71 -21.93
C THR A 3911 -16.54 -34.22 -22.93
N THR A 3912 -15.32 -34.04 -22.45
CA THR A 3912 -14.24 -33.47 -23.23
C THR A 3912 -13.04 -34.41 -23.22
N ILE A 3913 -12.39 -34.56 -24.37
CA ILE A 3913 -11.17 -35.34 -24.51
C ILE A 3913 -10.09 -34.43 -25.09
N ASN A 3914 -8.92 -34.42 -24.46
CA ASN A 3914 -7.82 -33.57 -24.89
C ASN A 3914 -6.92 -34.36 -25.84
N ILE A 3915 -7.16 -34.17 -27.14
CA ILE A 3915 -6.39 -34.87 -28.16
C ILE A 3915 -4.94 -34.44 -28.13
N ILE A 3916 -4.66 -33.19 -27.74
CA ILE A 3916 -3.29 -32.73 -27.61
C ILE A 3916 -2.53 -33.56 -26.58
N ILE A 3917 -3.15 -33.75 -25.41
CA ILE A 3917 -2.52 -34.54 -24.36
C ILE A 3917 -2.43 -36.01 -24.75
N CYS A 3918 -3.43 -36.50 -25.50
CA CYS A 3918 -3.33 -37.87 -26.00
C CYS A 3918 -2.12 -38.04 -26.92
N THR A 3919 -1.90 -37.06 -27.80
CA THR A 3919 -0.72 -37.10 -28.67
C THR A 3919 0.56 -37.05 -27.86
N VAL A 3920 0.59 -36.23 -26.81
CA VAL A 3920 1.77 -36.17 -25.95
C VAL A 3920 2.02 -37.52 -25.29
N ASP A 3921 0.96 -38.18 -24.83
CA ASP A 3921 1.11 -39.49 -24.20
C ASP A 3921 1.67 -40.52 -25.18
N TYR A 3922 1.15 -40.54 -26.41
CA TYR A 3922 1.70 -41.46 -27.38
C TYR A 3922 3.16 -41.13 -27.69
N LEU A 3923 3.49 -39.84 -27.74
CA LEU A 3923 4.88 -39.45 -27.98
C LEU A 3923 5.78 -39.95 -26.85
N LEU A 3924 5.30 -39.88 -25.61
CA LEU A 3924 6.08 -40.41 -24.49
C LEU A 3924 6.31 -41.91 -24.64
N ARG A 3925 5.26 -42.66 -25.00
CA ARG A 3925 5.43 -44.10 -25.15
C ARG A 3925 6.42 -44.41 -26.27
N LEU A 3926 6.32 -43.69 -27.39
CA LEU A 3926 7.24 -43.89 -28.50
C LEU A 3926 8.67 -43.55 -28.11
N GLN A 3927 8.86 -42.46 -27.36
CA GLN A 3927 10.20 -42.08 -26.93
C GLN A 3927 10.79 -43.13 -25.99
N GLU A 3928 9.99 -43.66 -25.07
CA GLU A 3928 10.49 -44.71 -24.19
C GLU A 3928 10.87 -45.95 -24.98
N SER A 3929 10.08 -46.32 -25.98
CA SER A 3929 10.44 -47.46 -26.82
C SER A 3929 11.75 -47.21 -27.55
N ILE A 3930 11.94 -46.00 -28.08
CA ILE A 3930 13.17 -45.69 -28.80
C ILE A 3930 14.37 -45.72 -27.86
N SER A 3931 14.19 -45.23 -26.63
CA SER A 3931 15.27 -45.30 -25.65
C SER A 3931 15.63 -46.73 -25.32
N ASP A 3932 14.61 -47.59 -25.18
CA ASP A 3932 14.89 -49.02 -24.94
C ASP A 3932 15.66 -49.63 -26.10
N PHE A 3933 15.26 -49.31 -27.33
CA PHE A 3933 15.98 -49.83 -28.49
C PHE A 3933 17.43 -49.36 -28.51
N TYR A 3934 17.64 -48.07 -28.19
CA TYR A 3934 19.01 -47.56 -28.13
C TYR A 3934 19.82 -48.28 -27.07
N TRP A 3935 19.24 -48.52 -25.90
CA TRP A 3935 19.97 -49.24 -24.87
C TRP A 3935 20.29 -50.66 -25.32
N TYR A 3936 19.36 -51.31 -26.02
CA TYR A 3936 19.63 -52.64 -26.54
C TYR A 3936 20.82 -52.63 -27.50
N TYR A 3937 20.89 -51.64 -28.38
CA TYR A 3937 21.96 -51.61 -29.38
C TYR A 3937 23.21 -50.86 -28.93
N SER A 3938 23.23 -50.29 -27.73
CA SER A 3938 24.39 -49.51 -27.30
C SER A 3938 25.64 -50.37 -27.20
N GLY A 3939 25.51 -51.58 -26.64
CA GLY A 3939 26.68 -52.43 -26.49
C GLY A 3939 27.28 -52.85 -27.81
N LYS A 3940 26.43 -53.18 -28.78
CA LYS A 3940 26.91 -53.64 -30.08
C LYS A 3940 27.58 -52.50 -30.84
N ASP A 3941 28.61 -52.84 -31.61
CA ASP A 3941 29.38 -51.83 -32.33
C ASP A 3941 28.61 -51.28 -33.52
N VAL A 3942 27.95 -52.15 -34.28
CA VAL A 3942 27.25 -51.76 -35.50
C VAL A 3942 25.83 -52.28 -35.46
N ILE A 3943 24.87 -51.43 -35.81
CA ILE A 3943 23.47 -51.82 -35.86
C ILE A 3943 23.23 -52.59 -37.14
N GLU A 3944 22.53 -53.71 -37.04
CA GLU A 3944 22.25 -54.54 -38.21
C GLU A 3944 21.01 -54.04 -38.94
N GLU A 3945 20.68 -54.70 -40.04
CA GLU A 3945 19.67 -54.18 -40.96
C GLU A 3945 18.29 -54.16 -40.32
N GLN A 3946 17.93 -55.20 -39.58
CA GLN A 3946 16.61 -55.24 -38.95
C GLN A 3946 16.45 -54.10 -37.95
N GLY A 3947 17.47 -53.88 -37.12
CA GLY A 3947 17.43 -52.78 -36.20
C GLY A 3947 17.37 -51.43 -36.89
N LYS A 3948 18.11 -51.28 -38.00
CA LYS A 3948 18.07 -50.04 -38.74
C LYS A 3948 16.68 -49.77 -39.30
N ARG A 3949 16.01 -50.81 -39.83
CA ARG A 3949 14.70 -50.60 -40.43
C ARG A 3949 13.66 -50.30 -39.36
N ASN A 3950 13.73 -50.98 -38.21
CA ASN A 3950 12.82 -50.65 -37.12
C ASN A 3950 13.06 -49.23 -36.60
N PHE A 3951 14.33 -48.82 -36.48
CA PHE A 3951 14.63 -47.45 -36.09
C PHE A 3951 14.04 -46.46 -37.10
N SER A 3952 14.16 -46.77 -38.39
CA SER A 3952 13.66 -45.85 -39.41
C SER A 3952 12.15 -45.70 -39.33
N LYS A 3953 11.42 -46.81 -39.15
CA LYS A 3953 9.97 -46.68 -39.09
C LYS A 3953 9.52 -45.97 -37.81
N ALA A 3954 10.20 -46.23 -36.68
CA ALA A 3954 9.89 -45.48 -35.47
C ALA A 3954 10.18 -44.00 -35.65
N MET A 3955 11.27 -43.67 -36.34
CA MET A 3955 11.61 -42.27 -36.59
C MET A 3955 10.57 -41.60 -37.49
N SER A 3956 10.05 -42.33 -38.47
CA SER A 3956 9.00 -41.76 -39.32
C SER A 3956 7.74 -41.49 -38.52
N VAL A 3957 7.35 -42.43 -37.65
CA VAL A 3957 6.20 -42.20 -36.79
C VAL A 3957 6.45 -40.98 -35.90
N ALA A 3958 7.65 -40.85 -35.35
CA ALA A 3958 7.97 -39.72 -34.50
C ALA A 3958 7.91 -38.41 -35.29
N LYS A 3959 8.38 -38.42 -36.53
CA LYS A 3959 8.27 -37.24 -37.39
C LYS A 3959 6.82 -36.83 -37.55
N GLN A 3960 5.95 -37.80 -37.82
CA GLN A 3960 4.54 -37.47 -37.97
C GLN A 3960 3.94 -36.90 -36.70
N VAL A 3961 4.30 -37.48 -35.54
CA VAL A 3961 3.77 -36.98 -34.27
C VAL A 3961 4.27 -35.56 -34.01
N PHE A 3962 5.55 -35.29 -34.29
CA PHE A 3962 6.08 -33.95 -34.12
C PHE A 3962 5.36 -32.95 -35.01
N ASN A 3963 5.11 -33.34 -36.26
CA ASN A 3963 4.40 -32.46 -37.19
C ASN A 3963 2.98 -32.20 -36.71
N SER A 3964 2.32 -33.22 -36.16
CA SER A 3964 0.98 -33.04 -35.63
C SER A 3964 0.97 -32.06 -34.46
N LEU A 3965 1.93 -32.20 -33.53
CA LEU A 3965 1.99 -31.26 -32.42
C LEU A 3965 2.28 -29.85 -32.89
N THR A 3966 3.20 -29.72 -33.85
CA THR A 3966 3.51 -28.40 -34.41
C THR A 3966 2.28 -27.77 -35.03
N GLU A 3967 1.49 -28.56 -35.75
CA GLU A 3967 0.27 -28.03 -36.35
C GLU A 3967 -0.77 -27.69 -35.29
N TYR A 3968 -0.80 -28.44 -34.19
CA TYR A 3968 -1.68 -28.08 -33.09
C TYR A 3968 -1.36 -26.69 -32.56
N ILE A 3969 -0.07 -26.39 -32.38
CA ILE A 3969 0.29 -25.17 -31.65
C ILE A 3969 0.59 -23.97 -32.54
N GLN A 3970 0.82 -24.16 -33.83
CA GLN A 3970 1.20 -23.03 -34.66
C GLN A 3970 0.01 -22.12 -34.92
N GLY A 3971 0.32 -20.86 -35.21
CA GLY A 3971 -0.68 -19.86 -35.51
C GLY A 3971 -0.54 -18.53 -34.80
N PRO A 3972 -0.22 -18.51 -33.48
CA PRO A 3972 -0.18 -19.60 -32.51
C PRO A 3972 -1.54 -19.87 -31.88
N CYS A 3973 -1.72 -21.04 -31.29
CA CYS A 3973 -2.90 -21.36 -30.48
C CYS A 3973 -2.44 -21.31 -29.04
N THR A 3974 -2.79 -20.24 -28.33
CA THR A 3974 -2.27 -20.03 -26.98
C THR A 3974 -2.75 -21.11 -26.02
N GLY A 3975 -4.00 -21.55 -26.16
CA GLY A 3975 -4.49 -22.62 -25.32
C GLY A 3975 -3.70 -23.91 -25.50
N ASN A 3976 -3.43 -24.28 -26.75
CA ASN A 3976 -2.63 -25.46 -27.02
C ASN A 3976 -1.21 -25.30 -26.51
N GLN A 3977 -0.64 -24.10 -26.65
CA GLN A 3977 0.71 -23.85 -26.14
C GLN A 3977 0.76 -24.05 -24.63
N GLN A 3978 -0.23 -23.50 -23.91
CA GLN A 3978 -0.25 -23.67 -22.46
C GLN A 3978 -0.45 -25.13 -22.08
N SER A 3979 -1.35 -25.83 -22.79
CA SER A 3979 -1.60 -27.23 -22.50
C SER A 3979 -0.33 -28.05 -22.70
N LEU A 3980 0.42 -27.78 -23.77
CA LEU A 3980 1.68 -28.49 -23.98
C LEU A 3980 2.71 -28.12 -22.92
N ALA A 3981 2.76 -26.84 -22.53
CA ALA A 3981 3.75 -26.41 -21.54
C ALA A 3981 3.47 -27.07 -20.19
N HIS A 3982 2.22 -27.44 -19.93
CA HIS A 3982 1.88 -28.10 -18.68
C HIS A 3982 1.79 -29.62 -18.80
N SER A 3983 2.28 -30.20 -19.90
CA SER A 3983 2.21 -31.64 -20.11
C SER A 3983 3.58 -32.27 -19.88
N ARG A 3984 3.71 -33.55 -20.21
CA ARG A 3984 4.97 -34.27 -20.13
C ARG A 3984 5.79 -34.17 -21.41
N LEU A 3985 5.44 -33.20 -22.27
CA LEU A 3985 6.20 -32.95 -23.49
C LEU A 3985 7.66 -32.67 -23.16
N TRP A 3986 7.92 -31.99 -22.04
CA TRP A 3986 9.30 -31.69 -21.67
C TRP A 3986 10.07 -32.97 -21.34
N ASP A 3987 9.44 -33.91 -20.65
CA ASP A 3987 10.09 -35.19 -20.38
C ASP A 3987 10.36 -35.95 -21.67
N ALA A 3988 9.39 -35.95 -22.58
CA ALA A 3988 9.62 -36.60 -23.87
C ALA A 3988 10.78 -35.97 -24.62
N VAL A 3989 10.88 -34.64 -24.58
CA VAL A 3989 11.96 -33.95 -25.27
C VAL A 3989 13.30 -34.25 -24.62
N VAL A 3990 13.34 -34.35 -23.29
CA VAL A 3990 14.58 -34.70 -22.61
C VAL A 3990 15.05 -36.10 -23.04
N GLY A 3991 14.13 -37.07 -23.04
CA GLY A 3991 14.49 -38.40 -23.50
C GLY A 3991 14.95 -38.41 -24.94
N PHE A 3992 14.25 -37.67 -25.80
CA PHE A 3992 14.64 -37.60 -27.20
C PHE A 3992 16.01 -36.96 -27.38
N LEU A 3993 16.33 -35.94 -26.58
CA LEU A 3993 17.64 -35.34 -26.66
C LEU A 3993 18.74 -36.32 -26.26
N HIS A 3994 18.50 -37.09 -25.21
CA HIS A 3994 19.48 -38.11 -24.83
C HIS A 3994 19.70 -39.11 -25.95
N VAL A 3995 18.60 -39.65 -26.50
CA VAL A 3995 18.72 -40.62 -27.59
C VAL A 3995 19.41 -39.99 -28.79
N PHE A 3996 19.04 -38.75 -29.13
CA PHE A 3996 19.64 -38.07 -30.27
C PHE A 3996 21.15 -37.95 -30.11
N ALA A 3997 21.60 -37.41 -28.98
CA ALA A 3997 23.03 -37.22 -28.79
C ALA A 3997 23.79 -38.53 -28.89
N HIS A 3998 23.34 -39.54 -28.15
CA HIS A 3998 24.10 -40.79 -28.15
C HIS A 3998 24.02 -41.50 -29.49
N MET A 3999 22.88 -41.42 -30.19
CA MET A 3999 22.76 -42.08 -31.48
C MET A 3999 23.59 -41.38 -32.55
N MET A 4000 23.65 -40.04 -32.53
CA MET A 4000 24.57 -39.36 -33.44
C MET A 4000 26.00 -39.80 -33.21
N MET A 4001 26.44 -39.80 -31.94
CA MET A 4001 27.81 -40.18 -31.67
C MET A 4001 28.09 -41.62 -32.08
N LYS A 4002 27.10 -42.51 -31.89
CA LYS A 4002 27.31 -43.91 -32.26
C LYS A 4002 27.30 -44.11 -33.77
N LEU A 4003 26.34 -43.53 -34.47
CA LEU A 4003 26.18 -43.77 -35.90
C LEU A 4003 27.25 -43.06 -36.72
N ALA A 4004 27.84 -42.00 -36.18
CA ALA A 4004 28.86 -41.28 -36.93
C ALA A 4004 30.14 -42.10 -37.11
N GLN A 4005 30.30 -43.20 -36.40
CA GLN A 4005 31.55 -43.97 -36.41
C GLN A 4005 31.59 -45.02 -37.52
N ASP A 4006 30.54 -45.16 -38.31
CA ASP A 4006 30.55 -46.09 -39.44
C ASP A 4006 29.68 -45.55 -40.55
N SER A 4007 30.21 -45.54 -41.78
CA SER A 4007 29.52 -44.95 -42.91
C SER A 4007 28.38 -45.81 -43.43
N SER A 4008 28.26 -47.06 -42.99
CA SER A 4008 27.15 -47.90 -43.43
C SER A 4008 25.81 -47.43 -42.87
N GLN A 4009 25.83 -46.57 -41.86
CA GLN A 4009 24.62 -46.09 -41.20
C GLN A 4009 24.37 -44.61 -41.47
N ILE A 4010 24.93 -44.08 -42.55
CA ILE A 4010 24.83 -42.66 -42.83
C ILE A 4010 23.39 -42.26 -43.15
N GLU A 4011 22.64 -43.15 -43.81
CA GLU A 4011 21.24 -42.86 -44.09
C GLU A 4011 20.43 -42.76 -42.80
N LEU A 4012 20.67 -43.69 -41.87
CA LEU A 4012 19.98 -43.64 -40.58
C LEU A 4012 20.36 -42.39 -39.81
N LEU A 4013 21.63 -41.98 -39.91
CA LEU A 4013 22.05 -40.74 -39.26
C LEU A 4013 21.35 -39.53 -39.86
N LYS A 4014 21.21 -39.49 -41.19
CA LYS A 4014 20.48 -38.40 -41.83
C LYS A 4014 19.03 -38.35 -41.35
N GLU A 4015 18.39 -39.52 -41.27
CA GLU A 4015 17.01 -39.57 -40.79
C GLU A 4015 16.92 -39.07 -39.35
N LEU A 4016 17.87 -39.46 -38.51
CA LEU A 4016 17.89 -39.01 -37.13
C LEU A 4016 18.05 -37.48 -37.07
N LEU A 4017 18.92 -36.93 -37.91
CA LEU A 4017 19.14 -35.49 -37.90
C LEU A 4017 17.89 -34.73 -38.33
N ASP A 4018 17.18 -35.21 -39.35
CA ASP A 4018 15.97 -34.49 -39.72
C ASP A 4018 14.86 -34.66 -38.68
N LEU A 4019 14.85 -35.80 -37.96
CA LEU A 4019 13.92 -35.93 -36.84
C LEU A 4019 14.23 -34.89 -35.76
N GLN A 4020 15.52 -34.68 -35.48
CA GLN A 4020 15.89 -33.63 -34.54
C GLN A 4020 15.43 -32.26 -35.03
N LYS A 4021 15.56 -32.01 -36.33
CA LYS A 4021 15.09 -30.75 -36.88
C LYS A 4021 13.59 -30.58 -36.65
N ASP A 4022 12.83 -31.65 -36.84
CA ASP A 4022 11.38 -31.58 -36.59
C ASP A 4022 11.08 -31.26 -35.13
N MET A 4023 11.82 -31.89 -34.21
CA MET A 4023 11.62 -31.57 -32.79
C MET A 4023 11.93 -30.12 -32.49
N VAL A 4024 13.01 -29.60 -33.07
CA VAL A 4024 13.37 -28.20 -32.84
C VAL A 4024 12.32 -27.27 -33.45
N VAL A 4025 11.74 -27.67 -34.58
CA VAL A 4025 10.66 -26.88 -35.17
C VAL A 4025 9.46 -26.84 -34.23
N MET A 4026 9.16 -27.97 -33.58
CA MET A 4026 8.10 -27.96 -32.57
C MET A 4026 8.42 -26.99 -31.44
N LEU A 4027 9.67 -27.01 -30.96
CA LEU A 4027 10.04 -26.11 -29.87
C LEU A 4027 9.89 -24.65 -30.29
N LEU A 4028 10.36 -24.31 -31.49
CA LEU A 4028 10.22 -22.96 -32.00
C LEU A 4028 8.75 -22.56 -32.13
N SER A 4029 7.89 -23.50 -32.54
CA SER A 4029 6.47 -23.23 -32.56
C SER A 4029 5.93 -22.95 -31.17
N LEU A 4030 6.40 -23.68 -30.16
CA LEU A 4030 6.06 -23.36 -28.78
C LEU A 4030 6.49 -21.97 -28.39
N LEU A 4031 7.58 -21.46 -28.97
CA LEU A 4031 8.03 -20.10 -28.67
C LEU A 4031 7.36 -19.02 -29.51
N GLU A 4032 6.31 -19.35 -30.25
CA GLU A 4032 5.64 -18.33 -31.06
C GLU A 4032 4.84 -17.39 -30.18
N GLY A 4033 4.94 -16.09 -30.47
CA GLY A 4033 4.23 -15.09 -29.68
C GLY A 4033 4.68 -15.01 -28.25
N ASN A 4034 5.97 -15.24 -28.00
CA ASN A 4034 6.52 -15.29 -26.65
C ASN A 4034 7.09 -13.93 -26.27
N VAL A 4035 6.68 -13.43 -25.12
CA VAL A 4035 7.19 -12.16 -24.60
C VAL A 4035 8.52 -12.40 -23.89
N VAL A 4036 9.24 -11.32 -23.59
CA VAL A 4036 10.49 -11.45 -22.86
C VAL A 4036 10.20 -11.99 -21.46
N ASN A 4037 11.04 -12.93 -21.02
CA ASN A 4037 10.85 -13.62 -19.74
C ASN A 4037 9.51 -14.34 -19.70
N GLY A 4038 9.11 -14.91 -20.83
CA GLY A 4038 7.89 -15.69 -20.88
C GLY A 4038 8.03 -17.01 -20.14
N MET A 4039 6.89 -17.49 -19.65
CA MET A 4039 6.87 -18.74 -18.90
C MET A 4039 7.33 -19.91 -19.76
N ILE A 4040 6.87 -19.97 -21.01
CA ILE A 4040 7.26 -21.07 -21.88
C ILE A 4040 8.74 -21.00 -22.22
N ALA A 4041 9.26 -19.80 -22.43
CA ALA A 4041 10.69 -19.65 -22.68
C ALA A 4041 11.52 -20.11 -21.49
N ARG A 4042 11.10 -19.72 -20.28
CA ARG A 4042 11.84 -20.14 -19.09
C ARG A 4042 11.73 -21.64 -18.88
N GLN A 4043 10.58 -22.23 -19.20
CA GLN A 4043 10.44 -23.68 -19.11
C GLN A 4043 11.34 -24.38 -20.12
N MET A 4044 11.46 -23.83 -21.33
CA MET A 4044 12.38 -24.40 -22.31
C MET A 4044 13.83 -24.33 -21.81
N VAL A 4045 14.19 -23.21 -21.19
CA VAL A 4045 15.55 -23.10 -20.65
C VAL A 4045 15.77 -24.13 -19.55
N ASP A 4046 14.77 -24.32 -18.69
CA ASP A 4046 14.89 -25.33 -17.63
C ASP A 4046 15.02 -26.72 -18.22
N MET A 4047 14.25 -27.02 -19.27
CA MET A 4047 14.35 -28.33 -19.90
C MET A 4047 15.73 -28.54 -20.52
N LEU A 4048 16.28 -27.52 -21.15
CA LEU A 4048 17.63 -27.63 -21.72
C LEU A 4048 18.66 -27.84 -20.62
N VAL A 4049 18.52 -27.14 -19.50
CA VAL A 4049 19.44 -27.34 -18.38
C VAL A 4049 19.32 -28.77 -17.85
N GLU A 4050 18.10 -29.31 -17.83
CA GLU A 4050 17.89 -30.66 -17.32
C GLU A 4050 18.60 -31.69 -18.18
N SER A 4051 18.78 -31.42 -19.46
CA SER A 4051 19.48 -32.30 -20.39
C SER A 4051 20.76 -31.65 -20.88
N SER A 4052 21.49 -31.00 -19.97
CA SER A 4052 22.66 -30.21 -20.35
C SER A 4052 23.75 -31.09 -20.96
N SER A 4053 23.96 -32.29 -20.41
CA SER A 4053 24.99 -33.16 -20.95
C SER A 4053 24.70 -33.54 -22.39
N ASN A 4054 23.45 -33.89 -22.69
CA ASN A 4054 23.10 -34.28 -24.05
C ASN A 4054 23.16 -33.10 -25.01
N VAL A 4055 22.73 -31.91 -24.54
CA VAL A 4055 22.82 -30.73 -25.38
C VAL A 4055 24.28 -30.41 -25.69
N GLU A 4056 25.15 -30.53 -24.70
CA GLU A 4056 26.57 -30.31 -24.93
C GLU A 4056 27.14 -31.33 -25.89
N MET A 4057 26.71 -32.58 -25.78
CA MET A 4057 27.15 -33.60 -26.73
C MET A 4057 26.74 -33.25 -28.15
N ILE A 4058 25.52 -32.77 -28.34
CA ILE A 4058 25.06 -32.38 -29.66
C ILE A 4058 25.88 -31.21 -30.20
N LEU A 4059 26.08 -30.19 -29.36
CA LEU A 4059 26.83 -29.02 -29.79
C LEU A 4059 28.27 -29.38 -30.13
N LYS A 4060 28.88 -30.26 -29.34
CA LYS A 4060 30.23 -30.72 -29.62
C LYS A 4060 30.29 -31.58 -30.87
N PHE A 4061 29.22 -32.31 -31.18
CA PHE A 4061 29.17 -33.03 -32.44
C PHE A 4061 29.18 -32.05 -33.61
N PHE A 4062 28.42 -30.97 -33.51
CA PHE A 4062 28.36 -30.02 -34.61
C PHE A 4062 29.68 -29.25 -34.76
N ASP A 4063 30.22 -28.76 -33.64
CA ASP A 4063 31.40 -27.90 -33.74
C ASP A 4063 32.63 -28.67 -34.16
N MET A 4064 32.72 -29.94 -33.78
CA MET A 4064 33.87 -30.76 -34.18
C MET A 4064 33.97 -30.85 -35.69
N PHE A 4065 32.85 -31.14 -36.36
CA PHE A 4065 32.90 -31.26 -37.81
C PHE A 4065 32.96 -29.91 -38.50
N LEU A 4066 32.36 -28.87 -37.91
CA LEU A 4066 32.53 -27.54 -38.47
C LEU A 4066 34.01 -27.13 -38.43
N LYS A 4067 34.70 -27.44 -37.34
CA LYS A 4067 36.12 -27.14 -37.25
C LYS A 4067 36.93 -28.01 -38.21
N LEU A 4068 36.57 -29.28 -38.34
CA LEU A 4068 37.28 -30.17 -39.25
C LEU A 4068 37.20 -29.68 -40.68
N LYS A 4069 36.03 -29.20 -41.09
CA LYS A 4069 35.86 -28.75 -42.47
C LYS A 4069 36.83 -27.63 -42.82
N ASP A 4070 37.06 -26.70 -41.89
CA ASP A 4070 38.01 -25.63 -42.16
C ASP A 4070 39.45 -26.03 -41.90
N ILE A 4071 39.68 -27.00 -41.02
CA ILE A 4071 41.06 -27.43 -40.73
C ILE A 4071 41.64 -28.18 -41.92
N VAL A 4072 40.83 -29.04 -42.57
CA VAL A 4072 41.37 -29.82 -43.68
C VAL A 4072 41.80 -28.91 -44.83
N GLY A 4073 41.23 -27.72 -44.93
CA GLY A 4073 41.64 -26.77 -45.94
C GLY A 4073 42.81 -25.89 -45.57
N SER A 4074 43.40 -26.11 -44.40
CA SER A 4074 44.48 -25.24 -43.93
C SER A 4074 45.82 -25.66 -44.52
N GLU A 4075 46.69 -24.66 -44.72
CA GLU A 4075 48.03 -24.93 -45.23
C GLU A 4075 48.84 -25.78 -44.26
N ALA A 4076 48.61 -25.60 -42.96
CA ALA A 4076 49.29 -26.44 -41.97
C ALA A 4076 48.91 -27.90 -42.14
N PHE A 4077 47.64 -28.18 -42.39
CA PHE A 4077 47.21 -29.54 -42.66
C PHE A 4077 47.79 -30.05 -43.98
N GLN A 4078 47.80 -29.21 -45.01
CA GLN A 4078 48.39 -29.62 -46.27
C GLN A 4078 49.88 -29.91 -46.15
N ASP A 4079 50.55 -29.29 -45.19
CA ASP A 4079 51.95 -29.64 -44.91
C ASP A 4079 52.07 -31.09 -44.48
N TYR A 4080 51.17 -31.55 -43.61
CA TYR A 4080 51.20 -32.94 -43.19
C TYR A 4080 50.75 -33.88 -44.31
N VAL A 4081 49.83 -33.43 -45.17
CA VAL A 4081 49.41 -34.26 -46.30
C VAL A 4081 50.61 -34.48 -47.20
N THR A 4082 51.06 -35.73 -47.32
CA THR A 4082 52.22 -36.07 -48.13
C THR A 4082 51.94 -37.10 -49.21
N ASP A 4083 50.90 -37.91 -49.07
CA ASP A 4083 50.62 -38.94 -50.06
C ASP A 4083 50.23 -38.31 -51.39
N PRO A 4084 50.86 -38.70 -52.49
CA PRO A 4084 50.49 -38.11 -53.79
C PRO A 4084 49.05 -38.36 -54.19
N ARG A 4085 48.45 -39.46 -53.73
CA ARG A 4085 47.07 -39.76 -54.08
C ARG A 4085 46.08 -38.82 -53.43
N GLY A 4086 46.50 -38.04 -52.43
CA GLY A 4086 45.59 -37.15 -51.74
C GLY A 4086 45.00 -37.71 -50.47
N LEU A 4087 45.67 -38.65 -49.82
CA LEU A 4087 45.20 -39.27 -48.59
C LEU A 4087 46.18 -38.97 -47.47
N ILE A 4088 45.74 -39.23 -46.24
CA ILE A 4088 46.58 -38.98 -45.07
C ILE A 4088 46.42 -40.16 -44.12
N SER A 4089 47.54 -40.60 -43.55
CA SER A 4089 47.51 -41.77 -42.68
C SER A 4089 46.98 -41.39 -41.30
N LYS A 4090 46.60 -42.42 -40.53
CA LYS A 4090 45.96 -42.18 -39.25
C LYS A 4090 46.92 -41.51 -38.26
N LYS A 4091 48.17 -41.96 -38.19
CA LYS A 4091 49.09 -41.32 -37.25
C LYS A 4091 49.50 -39.94 -37.76
N ASP A 4092 49.55 -39.76 -39.08
CA ASP A 4092 49.75 -38.42 -39.63
C ASP A 4092 48.56 -37.52 -39.31
N PHE A 4093 47.34 -38.06 -39.41
CA PHE A 4093 46.16 -37.30 -39.01
C PHE A 4093 46.23 -36.93 -37.54
N GLN A 4094 46.67 -37.87 -36.70
CA GLN A 4094 46.78 -37.63 -35.27
C GLN A 4094 47.78 -36.50 -34.98
N LYS A 4095 48.94 -36.55 -35.64
CA LYS A 4095 49.96 -35.54 -35.37
C LYS A 4095 49.66 -34.21 -36.06
N ALA A 4096 48.76 -34.20 -37.04
CA ALA A 4096 48.32 -32.93 -37.62
C ALA A 4096 47.23 -32.28 -36.79
N MET A 4097 46.30 -33.07 -36.26
CA MET A 4097 45.18 -32.50 -35.52
C MET A 4097 45.63 -31.82 -34.24
N ASP A 4098 46.52 -32.48 -33.48
CA ASP A 4098 46.99 -31.88 -32.24
C ASP A 4098 47.94 -30.72 -32.48
N SER A 4099 48.47 -30.59 -33.70
CA SER A 4099 49.27 -29.42 -34.05
C SER A 4099 48.40 -28.17 -34.18
N GLN A 4100 47.10 -28.34 -34.46
CA GLN A 4100 46.19 -27.21 -34.51
C GLN A 4100 45.76 -26.73 -33.13
N LYS A 4101 45.95 -27.54 -32.10
CA LYS A 4101 45.61 -27.19 -30.72
C LYS A 4101 44.15 -26.78 -30.60
N GLN A 4102 43.27 -27.44 -31.36
CA GLN A 4102 41.85 -27.15 -31.33
C GLN A 4102 40.99 -28.31 -30.85
N PHE A 4103 41.52 -29.52 -30.83
CA PHE A 4103 40.81 -30.67 -30.30
C PHE A 4103 41.56 -31.24 -29.09
N THR A 4104 40.86 -32.05 -28.32
CA THR A 4104 41.46 -32.79 -27.23
C THR A 4104 41.76 -34.21 -27.70
N GLY A 4105 42.39 -35.00 -26.83
CA GLY A 4105 42.73 -36.37 -27.15
C GLY A 4105 41.54 -37.23 -27.50
N PRO A 4106 40.53 -37.26 -26.62
CA PRO A 4106 39.31 -38.01 -26.96
C PRO A 4106 38.63 -37.53 -28.22
N GLU A 4107 38.64 -36.22 -28.48
CA GLU A 4107 38.02 -35.72 -29.70
C GLU A 4107 38.77 -36.17 -30.94
N ILE A 4108 40.11 -36.16 -30.89
CA ILE A 4108 40.89 -36.64 -32.01
C ILE A 4108 40.66 -38.14 -32.22
N GLN A 4109 40.56 -38.90 -31.12
CA GLN A 4109 40.28 -40.33 -31.25
C GLN A 4109 38.92 -40.57 -31.87
N PHE A 4110 37.91 -39.78 -31.47
CA PHE A 4110 36.58 -39.90 -32.06
C PHE A 4110 36.62 -39.57 -33.54
N LEU A 4111 37.36 -38.54 -33.92
CA LEU A 4111 37.48 -38.21 -35.34
C LEU A 4111 38.17 -39.32 -36.12
N LEU A 4112 39.19 -39.93 -35.53
CA LEU A 4112 39.85 -41.05 -36.17
C LEU A 4112 38.90 -42.23 -36.35
N SER A 4113 38.08 -42.50 -35.34
CA SER A 4113 37.09 -43.57 -35.45
C SER A 4113 36.08 -43.26 -36.55
N CYS A 4114 35.63 -42.01 -36.63
CA CYS A 4114 34.66 -41.65 -37.66
C CYS A 4114 35.27 -41.66 -39.05
N SER A 4115 36.58 -41.47 -39.15
CA SER A 4115 37.25 -41.54 -40.44
C SER A 4115 37.16 -42.96 -40.98
N GLU A 4116 36.79 -43.09 -42.26
CA GLU A 4116 36.65 -44.41 -42.88
C GLU A 4116 38.01 -44.84 -43.44
N ALA A 4117 38.95 -45.03 -42.53
CA ALA A 4117 40.27 -45.50 -42.91
C ALA A 4117 40.20 -46.91 -43.47
N ASP A 4118 40.95 -47.15 -44.54
CA ASP A 4118 40.97 -48.46 -45.18
C ASP A 4118 41.89 -49.39 -44.41
N GLU A 4119 42.23 -50.54 -45.02
CA GLU A 4119 43.13 -51.49 -44.40
C GLU A 4119 44.54 -50.92 -44.21
N ASN A 4120 44.92 -49.91 -44.99
CA ASN A 4120 46.24 -49.32 -44.91
C ASN A 4120 46.28 -48.08 -44.02
N GLU A 4121 45.24 -47.87 -43.21
CA GLU A 4121 45.14 -46.68 -42.35
C GLU A 4121 45.22 -45.39 -43.17
N MET A 4122 44.65 -45.42 -44.37
CA MET A 4122 44.66 -44.29 -45.29
C MET A 4122 43.32 -43.59 -45.20
N ILE A 4123 43.35 -42.28 -44.95
CA ILE A 4123 42.14 -41.50 -44.71
C ILE A 4123 41.92 -40.55 -45.89
N ASN A 4124 40.71 -40.56 -46.44
CA ASN A 4124 40.30 -39.63 -47.49
C ASN A 4124 39.67 -38.42 -46.81
N PHE A 4125 40.51 -37.46 -46.42
CA PHE A 4125 40.03 -36.31 -45.66
C PHE A 4125 39.10 -35.42 -46.48
N GLU A 4126 39.23 -35.41 -47.80
CA GLU A 4126 38.35 -34.58 -48.62
C GLU A 4126 36.89 -34.98 -48.44
N GLU A 4127 36.60 -36.28 -48.44
CA GLU A 4127 35.23 -36.73 -48.23
C GLU A 4127 34.90 -36.84 -46.74
N PHE A 4128 35.91 -37.07 -45.89
CA PHE A 4128 35.65 -37.09 -44.46
C PHE A 4128 35.13 -35.74 -43.98
N ALA A 4129 35.73 -34.65 -44.45
CA ALA A 4129 35.27 -33.32 -44.05
C ALA A 4129 33.92 -33.00 -44.66
N ASN A 4130 33.64 -33.51 -45.86
CA ASN A 4130 32.39 -33.24 -46.54
C ASN A 4130 31.37 -34.35 -46.40
N ARG A 4131 31.46 -35.17 -45.34
CA ARG A 4131 30.46 -36.20 -45.13
C ARG A 4131 29.24 -35.66 -44.38
N PHE A 4132 29.46 -34.92 -43.31
CA PHE A 4132 28.39 -34.50 -42.41
C PHE A 4132 27.97 -33.04 -42.60
N GLN A 4133 28.59 -32.30 -43.51
CA GLN A 4133 28.31 -30.86 -43.57
C GLN A 4133 26.92 -30.58 -44.10
N GLU A 4134 26.43 -31.40 -45.03
CA GLU A 4134 25.10 -31.23 -45.59
C GLU A 4134 24.01 -31.85 -44.72
N PRO A 4135 24.16 -33.10 -44.26
CA PRO A 4135 23.10 -33.66 -43.40
C PRO A 4135 22.86 -32.89 -42.12
N ALA A 4136 23.90 -32.29 -41.54
CA ALA A 4136 23.79 -31.61 -40.26
C ALA A 4136 23.48 -30.12 -40.41
N ARG A 4137 23.43 -29.60 -41.63
CA ARG A 4137 23.27 -28.16 -41.81
C ARG A 4137 21.93 -27.68 -41.29
N ASP A 4138 20.85 -28.39 -41.62
CA ASP A 4138 19.51 -27.92 -41.26
C ASP A 4138 19.29 -27.97 -39.76
N ILE A 4139 19.68 -29.08 -39.11
CA ILE A 4139 19.54 -29.17 -37.67
C ILE A 4139 20.45 -28.18 -36.97
N GLY A 4140 21.66 -27.97 -37.50
CA GLY A 4140 22.53 -26.96 -36.92
C GLY A 4140 21.94 -25.57 -36.99
N PHE A 4141 21.35 -25.22 -38.14
CA PHE A 4141 20.73 -23.91 -38.27
C PHE A 4141 19.54 -23.77 -37.32
N ASN A 4142 18.74 -24.82 -37.18
CA ASN A 4142 17.59 -24.73 -36.30
C ASN A 4142 18.01 -24.63 -34.84
N VAL A 4143 19.09 -25.32 -34.47
CA VAL A 4143 19.62 -25.19 -33.11
C VAL A 4143 20.12 -23.78 -32.87
N ALA A 4144 20.80 -23.20 -33.87
CA ALA A 4144 21.26 -21.82 -33.74
C ALA A 4144 20.09 -20.85 -33.58
N VAL A 4145 19.02 -21.07 -34.36
CA VAL A 4145 17.84 -20.22 -34.26
C VAL A 4145 17.20 -20.35 -32.88
N LEU A 4146 17.09 -21.58 -32.38
CA LEU A 4146 16.51 -21.79 -31.06
C LEU A 4146 17.32 -21.10 -29.98
N LEU A 4147 18.65 -21.25 -30.03
CA LEU A 4147 19.49 -20.62 -29.02
C LEU A 4147 19.44 -19.10 -29.11
N THR A 4148 19.42 -18.55 -30.32
CA THR A 4148 19.31 -17.10 -30.47
C THR A 4148 17.98 -16.60 -29.91
N ASN A 4149 16.88 -17.30 -30.23
CA ASN A 4149 15.57 -16.89 -29.72
C ASN A 4149 15.53 -16.93 -28.21
N LEU A 4150 16.03 -18.01 -27.60
CA LEU A 4150 16.03 -18.11 -26.15
C LEU A 4150 16.93 -17.06 -25.52
N SER A 4151 18.09 -16.79 -26.13
CA SER A 4151 19.01 -15.81 -25.55
C SER A 4151 18.42 -14.42 -25.62
N GLU A 4152 17.68 -14.10 -26.68
CA GLU A 4152 17.10 -12.78 -26.81
C GLU A 4152 15.80 -12.61 -26.05
N HIS A 4153 15.12 -13.69 -25.68
CA HIS A 4153 13.90 -13.56 -24.91
C HIS A 4153 14.05 -13.91 -23.43
N VAL A 4154 15.17 -14.48 -23.03
CA VAL A 4154 15.51 -14.69 -21.62
C VAL A 4154 16.91 -14.12 -21.44
N PRO A 4155 17.09 -12.81 -21.48
CA PRO A 4155 18.45 -12.24 -21.55
C PRO A 4155 19.23 -12.30 -20.25
N HIS A 4156 18.60 -12.65 -19.14
CA HIS A 4156 19.25 -12.59 -17.83
C HIS A 4156 19.32 -13.96 -17.16
N ASP A 4157 19.48 -15.02 -17.96
CA ASP A 4157 19.61 -16.37 -17.41
C ASP A 4157 21.05 -16.82 -17.57
N PRO A 4158 21.84 -16.91 -16.49
CA PRO A 4158 23.24 -17.33 -16.62
C PRO A 4158 23.42 -18.73 -17.15
N ARG A 4159 22.43 -19.61 -16.95
CA ARG A 4159 22.56 -20.99 -17.42
C ARG A 4159 22.54 -21.10 -18.93
N LEU A 4160 21.99 -20.10 -19.63
CA LEU A 4160 21.91 -20.11 -21.08
C LEU A 4160 23.20 -19.61 -21.74
N ARG A 4161 23.94 -18.73 -21.09
CA ARG A 4161 25.19 -18.26 -21.66
C ARG A 4161 26.20 -19.39 -21.82
N ASN A 4162 26.14 -20.40 -20.96
CA ASN A 4162 27.02 -21.56 -21.14
C ASN A 4162 26.74 -22.26 -22.46
N PHE A 4163 25.46 -22.53 -22.75
CA PHE A 4163 25.10 -23.13 -24.02
C PHE A 4163 25.48 -22.24 -25.19
N LEU A 4164 25.27 -20.93 -25.04
CA LEU A 4164 25.61 -20.00 -26.12
C LEU A 4164 27.10 -20.01 -26.41
N GLU A 4165 27.93 -20.04 -25.35
CA GLU A 4165 29.38 -20.13 -25.53
C GLU A 4165 29.78 -21.45 -26.16
N LEU A 4166 29.15 -22.55 -25.74
CA LEU A 4166 29.46 -23.84 -26.33
C LEU A 4166 29.03 -23.93 -27.79
N ALA A 4167 28.05 -23.13 -28.20
CA ALA A 4167 27.58 -23.10 -29.58
C ALA A 4167 28.16 -21.92 -30.35
N GLU A 4168 29.30 -21.40 -29.88
CA GLU A 4168 29.88 -20.21 -30.50
C GLU A 4168 30.22 -20.46 -31.96
N SER A 4169 30.82 -21.61 -32.26
CA SER A 4169 31.19 -21.91 -33.64
C SER A 4169 29.96 -22.06 -34.53
N ILE A 4170 28.92 -22.72 -34.02
CA ILE A 4170 27.70 -22.88 -34.80
C ILE A 4170 27.07 -21.53 -35.10
N LEU A 4171 27.00 -20.68 -34.08
CA LEU A 4171 26.43 -19.34 -34.26
C LEU A 4171 27.24 -18.50 -35.22
N GLU A 4172 28.57 -18.60 -35.13
CA GLU A 4172 29.43 -17.85 -36.04
C GLU A 4172 29.28 -18.34 -37.47
N TYR A 4173 29.17 -19.65 -37.65
CA TYR A 4173 29.01 -20.21 -38.99
C TYR A 4173 27.67 -19.81 -39.60
N PHE A 4174 26.60 -19.81 -38.81
CA PHE A 4174 25.28 -19.51 -39.33
C PHE A 4174 24.90 -18.05 -39.21
N ARG A 4175 25.80 -17.20 -38.74
CA ARG A 4175 25.48 -15.77 -38.62
C ARG A 4175 25.10 -15.13 -39.95
N PRO A 4176 25.81 -15.35 -41.06
CA PRO A 4176 25.37 -14.74 -42.32
C PRO A 4176 24.04 -15.24 -42.83
N TYR A 4177 23.56 -16.40 -42.38
CA TYR A 4177 22.32 -16.98 -42.87
C TYR A 4177 21.17 -16.84 -41.90
N LEU A 4178 21.40 -16.32 -40.70
CA LEU A 4178 20.34 -16.18 -39.69
C LEU A 4178 19.76 -14.79 -39.83
N GLY A 4179 18.71 -14.67 -40.64
CA GLY A 4179 18.04 -13.40 -40.85
C GLY A 4179 16.98 -13.17 -39.79
N ARG A 4180 16.93 -11.95 -39.27
CA ARG A 4180 15.96 -11.57 -38.27
C ARG A 4180 15.31 -10.25 -38.64
N ILE A 4181 14.00 -10.18 -38.51
CA ILE A 4181 13.24 -8.95 -38.70
C ILE A 4181 12.27 -8.81 -37.55
N GLU A 4182 11.69 -7.63 -37.43
CA GLU A 4182 10.65 -7.37 -36.44
C GLU A 4182 9.38 -6.98 -37.17
N ILE A 4183 8.25 -7.51 -36.71
CA ILE A 4183 6.95 -7.20 -37.28
C ILE A 4183 6.00 -6.85 -36.15
N MET A 4184 4.95 -6.11 -36.50
CA MET A 4184 3.84 -5.88 -35.58
C MET A 4184 2.89 -7.06 -35.75
N GLY A 4185 2.91 -7.98 -34.79
CA GLY A 4185 2.28 -9.27 -34.97
C GLY A 4185 0.79 -9.24 -34.74
N ALA A 4186 0.21 -10.45 -34.79
CA ALA A 4186 -1.23 -10.60 -34.57
C ALA A 4186 -1.65 -10.20 -33.18
N SER A 4187 -0.73 -10.24 -32.21
CA SER A 4187 -1.06 -9.94 -30.82
C SER A 4187 -0.92 -8.46 -30.48
N ARG A 4188 -0.89 -7.57 -31.47
CA ARG A 4188 -0.71 -6.14 -31.24
C ARG A 4188 0.59 -5.85 -30.50
N ARG A 4189 1.61 -6.68 -30.72
CA ARG A 4189 2.92 -6.50 -30.12
C ARG A 4189 4.00 -6.71 -31.18
N ILE A 4190 5.14 -6.07 -30.96
CA ILE A 4190 6.28 -6.24 -31.85
C ILE A 4190 6.89 -7.61 -31.61
N GLU A 4191 7.04 -8.40 -32.66
CA GLU A 4191 7.59 -9.73 -32.58
C GLU A 4191 8.84 -9.82 -33.45
N ARG A 4192 9.79 -10.63 -33.01
CA ARG A 4192 11.02 -10.85 -33.74
C ARG A 4192 10.95 -12.20 -34.44
N ILE A 4193 11.26 -12.21 -35.74
CA ILE A 4193 11.11 -13.38 -36.58
C ILE A 4193 12.48 -13.82 -37.05
N TYR A 4194 12.77 -15.11 -36.94
CA TYR A 4194 14.03 -15.68 -37.38
C TYR A 4194 13.77 -16.60 -38.57
N PHE A 4195 14.52 -16.40 -39.64
CA PHE A 4195 14.36 -17.19 -40.85
C PHE A 4195 15.74 -17.43 -41.45
N GLU A 4196 15.78 -18.15 -42.57
CA GLU A 4196 17.02 -18.55 -43.20
C GLU A 4196 17.23 -17.76 -44.47
N ILE A 4197 18.44 -17.21 -44.61
CA ILE A 4197 18.87 -16.52 -45.82
C ILE A 4197 19.79 -17.45 -46.59
N SER A 4198 19.49 -17.67 -47.87
CA SER A 4198 20.29 -18.59 -48.65
C SER A 4198 21.52 -17.89 -49.24
N GLU A 4199 22.54 -18.70 -49.51
CA GLU A 4199 23.80 -18.17 -50.05
C GLU A 4199 23.58 -17.49 -51.38
N THR A 4200 22.78 -18.10 -52.25
CA THR A 4200 22.51 -17.50 -53.56
C THR A 4200 21.79 -16.16 -53.40
N ASN A 4201 20.82 -16.09 -52.49
CA ASN A 4201 20.09 -14.84 -52.30
C ASN A 4201 21.03 -13.74 -51.80
N ARG A 4202 21.87 -14.05 -50.82
CA ARG A 4202 22.79 -13.02 -50.33
C ARG A 4202 23.78 -12.61 -51.40
N ALA A 4203 24.32 -13.57 -52.14
CA ALA A 4203 25.29 -13.24 -53.19
C ALA A 4203 24.66 -12.37 -54.27
N GLN A 4204 23.43 -12.68 -54.67
CA GLN A 4204 22.74 -11.85 -55.65
C GLN A 4204 22.45 -10.47 -55.10
N TRP A 4205 22.08 -10.36 -53.82
CA TRP A 4205 21.84 -9.05 -53.24
C TRP A 4205 23.12 -8.23 -53.16
N GLU A 4206 24.27 -8.87 -53.08
CA GLU A 4206 25.54 -8.16 -52.97
C GLU A 4206 26.13 -7.76 -54.31
N MET A 4207 25.44 -8.01 -55.42
CA MET A 4207 25.95 -7.61 -56.72
C MET A 4207 25.94 -6.09 -56.84
N PRO A 4208 26.95 -5.50 -57.49
CA PRO A 4208 27.01 -4.03 -57.59
C PRO A 4208 25.84 -3.41 -58.33
N GLN A 4209 25.26 -4.08 -59.33
CA GLN A 4209 24.09 -3.51 -59.98
C GLN A 4209 22.92 -3.43 -59.01
N VAL A 4210 22.71 -4.48 -58.21
CA VAL A 4210 21.65 -4.47 -57.22
C VAL A 4210 21.91 -3.40 -56.17
N LYS A 4211 23.17 -3.23 -55.77
CA LYS A 4211 23.49 -2.20 -54.80
C LYS A 4211 23.21 -0.80 -55.36
N GLU A 4212 23.55 -0.57 -56.63
CA GLU A 4212 23.26 0.72 -57.24
C GLU A 4212 21.76 0.96 -57.34
N SER A 4213 21.00 -0.08 -57.70
CA SER A 4213 19.55 0.06 -57.73
C SER A 4213 19.00 0.39 -56.34
N LYS A 4214 19.55 -0.25 -55.30
CA LYS A 4214 19.15 0.07 -53.94
C LYS A 4214 19.44 1.51 -53.59
N ARG A 4215 20.64 2.00 -53.95
CA ARG A 4215 20.98 3.39 -53.67
C ARG A 4215 20.03 4.34 -54.38
N GLN A 4216 19.72 4.07 -55.64
CA GLN A 4216 18.80 4.92 -56.38
C GLN A 4216 17.42 4.91 -55.74
N PHE A 4217 16.93 3.75 -55.34
CA PHE A 4217 15.62 3.66 -54.70
C PHE A 4217 15.60 4.43 -53.38
N ILE A 4218 16.64 4.26 -52.57
CA ILE A 4218 16.71 4.96 -51.29
C ILE A 4218 16.72 6.47 -51.50
N PHE A 4219 17.52 6.93 -52.45
CA PHE A 4219 17.57 8.36 -52.75
C PHE A 4219 16.21 8.87 -53.19
N ASP A 4220 15.55 8.15 -54.09
CA ASP A 4220 14.26 8.58 -54.59
C ASP A 4220 13.24 8.69 -53.46
N VAL A 4221 13.12 7.66 -52.63
CA VAL A 4221 12.09 7.70 -51.59
C VAL A 4221 12.41 8.78 -50.56
N VAL A 4222 13.65 8.84 -50.08
CA VAL A 4222 13.99 9.81 -49.05
C VAL A 4222 13.84 11.23 -49.57
N ASN A 4223 14.12 11.45 -50.85
CA ASN A 4223 14.07 12.80 -51.38
C ASN A 4223 12.66 13.23 -51.71
N GLU A 4224 11.98 12.49 -52.59
CA GLU A 4224 10.66 12.89 -53.08
C GLU A 4224 9.61 11.83 -52.78
N GLY A 4225 9.59 11.31 -51.55
CA GLY A 4225 8.60 10.36 -51.15
C GLY A 4225 7.91 10.77 -49.86
N GLY A 4226 6.73 10.19 -49.65
CA GLY A 4226 5.96 10.43 -48.45
C GLY A 4226 5.99 9.22 -47.52
N GLU A 4227 5.55 9.47 -46.28
CA GLU A 4227 5.55 8.41 -45.28
C GLU A 4227 4.43 7.40 -45.52
N ALA A 4228 3.33 7.81 -46.17
CA ALA A 4228 2.22 6.90 -46.39
C ALA A 4228 2.52 5.89 -47.48
N GLU A 4229 3.30 6.27 -48.49
CA GLU A 4229 3.61 5.40 -49.62
C GLU A 4229 4.93 4.67 -49.46
N LYS A 4230 5.65 4.90 -48.35
CA LYS A 4230 7.03 4.43 -48.25
C LYS A 4230 7.11 2.91 -48.27
N MET A 4231 6.28 2.24 -47.48
CA MET A 4231 6.36 0.79 -47.40
C MET A 4231 5.89 0.12 -48.68
N GLU A 4232 4.86 0.68 -49.32
CA GLU A 4232 4.42 0.14 -50.60
C GLU A 4232 5.50 0.28 -51.66
N LEU A 4233 6.16 1.44 -51.70
CA LEU A 4233 7.27 1.63 -52.62
C LEU A 4233 8.41 0.66 -52.32
N PHE A 4234 8.68 0.43 -51.05
CA PHE A 4234 9.75 -0.50 -50.68
C PHE A 4234 9.42 -1.92 -51.11
N VAL A 4235 8.17 -2.36 -50.93
CA VAL A 4235 7.78 -3.70 -51.34
C VAL A 4235 7.85 -3.83 -52.87
N SER A 4236 7.42 -2.78 -53.59
CA SER A 4236 7.54 -2.81 -55.04
C SER A 4236 8.99 -2.89 -55.49
N PHE A 4237 9.89 -2.15 -54.83
CA PHE A 4237 11.31 -2.26 -55.11
C PHE A 4237 11.83 -3.66 -54.83
N CYS A 4238 11.35 -4.28 -53.75
CA CYS A 4238 11.75 -5.65 -53.44
C CYS A 4238 11.33 -6.61 -54.54
N GLU A 4239 10.10 -6.47 -55.04
CA GLU A 4239 9.63 -7.34 -56.12
C GLU A 4239 10.44 -7.13 -57.40
N ASP A 4240 10.73 -5.86 -57.73
CA ASP A 4240 11.55 -5.59 -58.91
C ASP A 4240 12.94 -6.16 -58.77
N THR A 4241 13.53 -6.06 -57.57
CA THR A 4241 14.84 -6.65 -57.32
C THR A 4241 14.80 -8.17 -57.44
N ILE A 4242 13.71 -8.79 -56.97
CA ILE A 4242 13.54 -10.23 -57.11
C ILE A 4242 13.50 -10.63 -58.57
N PHE A 4243 12.79 -9.86 -59.40
CA PHE A 4243 12.75 -10.15 -60.83
C PHE A 4243 14.11 -9.96 -61.50
N GLU A 4244 14.84 -8.89 -61.12
CA GLU A 4244 16.16 -8.67 -61.67
C GLU A 4244 17.12 -9.78 -61.28
N MET A 4245 16.96 -10.34 -60.07
CA MET A 4245 17.77 -11.48 -59.68
C MET A 4245 17.53 -12.68 -60.59
N GLN A 4246 16.27 -12.93 -60.93
CA GLN A 4246 15.97 -14.01 -61.87
C GLN A 4246 16.58 -13.74 -63.23
N ILE A 4247 16.52 -12.49 -63.70
CA ILE A 4247 17.11 -12.15 -64.98
C ILE A 4247 18.62 -12.38 -64.97
N ALA A 4248 19.28 -11.96 -63.89
CA ALA A 4248 20.72 -12.14 -63.78
C ALA A 4248 21.09 -13.61 -63.73
N ALA A 4249 20.31 -14.41 -62.99
CA ALA A 4249 20.56 -15.85 -62.96
C ALA A 4249 20.38 -16.47 -64.33
N GLN A 4250 19.34 -16.05 -65.07
CA GLN A 4250 19.13 -16.57 -66.41
C GLN A 4250 20.30 -16.25 -67.33
N ILE A 4251 20.76 -15.00 -67.33
CA ILE A 4251 21.84 -14.63 -68.24
C ILE A 4251 23.20 -15.10 -67.75
N SER A 4252 23.32 -15.52 -66.50
CA SER A 4252 24.58 -16.02 -65.99
C SER A 4252 24.98 -17.32 -66.68
N GLU A 4253 26.26 -17.45 -67.00
CA GLU A 4253 26.78 -18.64 -67.64
C GLU A 4253 27.66 -19.43 -66.68
N PRO A 4254 27.65 -20.76 -66.75
CA PRO A 4254 28.44 -21.59 -65.84
C PRO A 4254 29.94 -21.50 -66.12
N PHE A 4540 18.74 -29.48 -86.52
CA PHE A 4540 19.73 -28.45 -86.30
C PHE A 4540 19.16 -27.31 -85.47
N TRP A 4541 17.84 -27.39 -85.21
CA TRP A 4541 17.16 -26.33 -84.48
C TRP A 4541 17.73 -26.19 -83.06
N GLY A 4542 18.01 -27.32 -82.41
CA GLY A 4542 18.60 -27.24 -81.08
C GLY A 4542 19.93 -26.53 -81.08
N GLU A 4543 20.76 -26.78 -82.09
CA GLU A 4543 22.09 -26.18 -82.14
C GLU A 4543 22.02 -24.66 -82.24
N LEU A 4544 21.27 -24.14 -83.21
CA LEU A 4544 21.27 -22.69 -83.34
C LEU A 4544 20.43 -22.04 -82.24
N GLU A 4545 19.48 -22.79 -81.66
CA GLU A 4545 18.76 -22.25 -80.50
C GLU A 4545 19.69 -22.07 -79.30
N VAL A 4546 20.50 -23.08 -78.99
CA VAL A 4546 21.40 -22.94 -77.85
C VAL A 4546 22.48 -21.90 -78.15
N GLN A 4547 22.96 -21.84 -79.39
CA GLN A 4547 23.92 -20.79 -79.73
C GLN A 4547 23.31 -19.40 -79.64
N ARG A 4548 22.05 -19.25 -80.07
CA ARG A 4548 21.39 -17.95 -79.98
C ARG A 4548 21.20 -17.52 -78.54
N VAL A 4549 20.78 -18.44 -77.67
CA VAL A 4549 20.58 -18.05 -76.28
C VAL A 4549 21.92 -17.76 -75.61
N LYS A 4550 22.96 -18.51 -75.96
CA LYS A 4550 24.29 -18.22 -75.42
C LYS A 4550 24.77 -16.85 -75.87
N PHE A 4551 24.57 -16.52 -77.15
CA PHE A 4551 25.01 -15.23 -77.66
C PHE A 4551 24.23 -14.09 -77.02
N LEU A 4552 22.93 -14.26 -76.85
CA LEU A 4552 22.12 -13.22 -76.21
C LEU A 4552 22.52 -13.03 -74.76
N ASN A 4553 22.80 -14.12 -74.05
CA ASN A 4553 23.25 -14.01 -72.66
C ASN A 4553 24.62 -13.34 -72.59
N TYR A 4554 25.50 -13.64 -73.55
CA TYR A 4554 26.79 -12.99 -73.59
C TYR A 4554 26.66 -11.49 -73.80
N LEU A 4555 25.76 -11.10 -74.71
CA LEU A 4555 25.51 -9.68 -74.93
C LEU A 4555 24.93 -9.02 -73.69
N SER A 4556 24.02 -9.71 -73.00
CA SER A 4556 23.42 -9.16 -71.79
C SER A 4556 24.45 -8.97 -70.69
N ARG A 4557 25.35 -9.94 -70.51
CA ARG A 4557 26.30 -9.88 -69.42
C ARG A 4557 27.34 -8.77 -69.63
N ASN A 4558 27.64 -8.46 -70.89
CA ASN A 4558 28.68 -7.50 -71.24
C ASN A 4558 28.11 -6.22 -71.84
N PHE A 4559 26.91 -5.83 -71.43
CA PHE A 4559 26.25 -4.67 -72.04
C PHE A 4559 27.02 -3.38 -71.77
N TYR A 4560 27.49 -3.20 -70.54
CA TYR A 4560 28.21 -1.97 -70.22
C TYR A 4560 29.60 -1.96 -70.84
N THR A 4561 30.25 -3.11 -70.95
CA THR A 4561 31.52 -3.16 -71.68
C THR A 4561 31.32 -2.82 -73.14
N LEU A 4562 30.22 -3.29 -73.74
CA LEU A 4562 29.91 -2.92 -75.11
C LEU A 4562 29.68 -1.42 -75.24
N ARG A 4563 28.98 -0.83 -74.27
CA ARG A 4563 28.76 0.61 -74.29
C ARG A 4563 30.08 1.37 -74.22
N PHE A 4564 30.99 0.95 -73.34
CA PHE A 4564 32.29 1.59 -73.24
C PHE A 4564 33.08 1.41 -74.53
N LEU A 4565 32.99 0.23 -75.15
CA LEU A 4565 33.68 0.00 -76.42
C LEU A 4565 33.14 0.91 -77.51
N ALA A 4566 31.82 1.13 -77.54
CA ALA A 4566 31.25 2.04 -78.50
C ALA A 4566 31.75 3.46 -78.29
N LEU A 4567 31.83 3.90 -77.02
CA LEU A 4567 32.36 5.22 -76.74
C LEU A 4567 33.82 5.35 -77.18
N PHE A 4568 34.63 4.33 -76.90
CA PHE A 4568 36.03 4.34 -77.31
C PHE A 4568 36.17 4.40 -78.83
N LEU A 4569 35.35 3.61 -79.53
CA LEU A 4569 35.37 3.63 -80.99
C LEU A 4569 34.96 4.98 -81.54
N ALA A 4570 33.97 5.62 -80.92
CA ALA A 4570 33.58 6.97 -81.36
C ALA A 4570 34.72 7.95 -81.18
N PHE A 4571 35.41 7.88 -80.03
CA PHE A 4571 36.55 8.77 -79.82
C PHE A 4571 37.66 8.53 -80.84
N ALA A 4572 37.95 7.26 -81.14
CA ALA A 4572 38.98 6.95 -82.13
C ALA A 4572 38.58 7.47 -83.51
N ILE A 4573 37.32 7.29 -83.90
CA ILE A 4573 36.86 7.76 -85.18
C ILE A 4573 36.99 9.28 -85.28
N ASN A 4574 36.61 9.99 -84.22
CA ASN A 4574 36.72 11.45 -84.26
C ASN A 4574 38.17 11.91 -84.27
N PHE A 4575 39.05 11.23 -83.54
CA PHE A 4575 40.48 11.56 -83.60
C PHE A 4575 41.01 11.40 -85.01
N ILE A 4576 40.60 10.34 -85.71
CA ILE A 4576 40.98 10.20 -87.11
C ILE A 4576 40.37 11.32 -87.94
N LEU A 4577 39.13 11.71 -87.62
CA LEU A 4577 38.46 12.78 -88.34
C LEU A 4577 39.15 14.12 -88.18
N LEU A 4578 39.95 14.30 -87.12
CA LEU A 4578 40.65 15.57 -86.95
C LEU A 4578 41.66 15.85 -88.06
N PHE A 4579 42.01 14.84 -88.85
CA PHE A 4579 43.02 15.00 -89.91
C PHE A 4579 42.40 15.29 -91.27
N TYR A 4580 41.10 15.56 -91.33
CA TYR A 4580 40.47 15.84 -92.61
C TYR A 4580 40.91 17.19 -93.16
N LYS A 4581 40.83 17.32 -94.48
CA LYS A 4581 41.28 18.52 -95.18
C LYS A 4581 40.45 18.70 -96.44
N VAL A 4582 40.22 19.95 -96.82
CA VAL A 4582 39.47 20.27 -98.03
C VAL A 4582 40.41 20.99 -99.00
N SER A 4583 40.40 20.55 -100.26
CA SER A 4583 41.27 21.12 -101.27
C SER A 4583 40.53 21.16 -102.60
N ASP A 4584 40.80 22.20 -103.39
CA ASP A 4584 40.15 22.32 -104.69
C ASP A 4584 40.72 21.30 -105.68
N SER A 4585 41.90 20.75 -105.39
CA SER A 4585 42.46 19.71 -106.25
C SER A 4585 41.95 18.34 -105.81
N PRO A 4586 41.74 17.42 -106.75
CA PRO A 4586 41.36 16.07 -106.36
C PRO A 4586 42.48 15.39 -105.61
N PRO A 4587 42.16 14.46 -104.70
CA PRO A 4587 43.18 13.74 -103.92
C PRO A 4587 43.98 12.77 -104.77
N ASN A 4626 33.54 23.58 -110.06
CA ASN A 4626 34.11 24.37 -108.98
C ASN A 4626 33.74 23.79 -107.62
N MET A 4627 33.72 22.47 -107.53
CA MET A 4627 33.38 21.76 -106.31
C MET A 4627 34.65 21.25 -105.62
N VAL A 4628 34.54 21.02 -104.32
CA VAL A 4628 35.69 20.75 -103.49
C VAL A 4628 35.65 19.30 -102.99
N TYR A 4629 36.83 18.76 -102.71
CA TYR A 4629 36.98 17.38 -102.26
C TYR A 4629 37.46 17.35 -100.82
N TYR A 4630 36.84 16.49 -100.02
CA TYR A 4630 37.21 16.27 -98.64
C TYR A 4630 37.99 14.97 -98.54
N PHE A 4631 39.19 15.03 -97.97
CA PHE A 4631 40.03 13.84 -97.86
C PHE A 4631 40.92 13.95 -96.64
N LEU A 4632 41.35 12.79 -96.14
CA LEU A 4632 42.28 12.75 -95.03
C LEU A 4632 43.67 13.17 -95.49
N GLU A 4633 44.41 13.83 -94.60
CA GLU A 4633 45.75 14.32 -94.90
C GLU A 4633 46.70 13.73 -93.87
N GLU A 4634 47.22 12.53 -94.18
CA GLU A 4634 48.18 11.87 -93.31
C GLU A 4634 49.22 11.17 -94.17
N SER A 4635 50.40 10.98 -93.59
CA SER A 4635 51.51 10.37 -94.31
C SER A 4635 51.61 8.87 -94.11
N THR A 4636 51.02 8.34 -93.03
CA THR A 4636 51.12 6.91 -92.76
C THR A 4636 50.41 6.08 -93.82
N GLY A 4637 49.23 6.51 -94.24
CA GLY A 4637 48.45 5.80 -95.24
C GLY A 4637 47.52 4.75 -94.69
N TYR A 4638 47.57 4.46 -93.39
CA TYR A 4638 46.68 3.47 -92.79
C TYR A 4638 45.41 4.08 -92.21
N MET A 4639 45.37 5.40 -92.04
CA MET A 4639 44.21 6.02 -91.38
C MET A 4639 42.96 5.89 -92.22
N GLU A 4640 43.08 5.97 -93.54
CA GLU A 4640 41.89 5.83 -94.39
C GLU A 4640 41.24 4.46 -94.27
N PRO A 4641 41.96 3.33 -94.35
CA PRO A 4641 41.30 2.05 -94.06
C PRO A 4641 40.90 1.88 -92.61
N ALA A 4642 41.68 2.45 -91.68
CA ALA A 4642 41.36 2.32 -90.27
C ALA A 4642 40.02 2.99 -89.95
N LEU A 4643 39.74 4.13 -90.58
CA LEU A 4643 38.48 4.81 -90.36
C LEU A 4643 37.31 3.97 -90.83
N TRP A 4644 37.45 3.33 -91.99
CA TRP A 4644 36.37 2.47 -92.50
C TRP A 4644 36.15 1.27 -91.58
N CYS A 4645 37.23 0.63 -91.13
CA CYS A 4645 37.10 -0.50 -90.23
C CYS A 4645 36.45 -0.08 -88.91
N LEU A 4646 36.87 1.06 -88.37
CA LEU A 4646 36.31 1.54 -87.11
C LEU A 4646 34.84 1.92 -87.26
N SER A 4647 34.46 2.50 -88.41
CA SER A 4647 33.07 2.83 -88.63
C SER A 4647 32.20 1.58 -88.66
N LEU A 4648 32.64 0.55 -89.40
CA LEU A 4648 31.88 -0.69 -89.43
C LEU A 4648 31.79 -1.32 -88.04
N LEU A 4649 32.91 -1.33 -87.31
CA LEU A 4649 32.91 -1.92 -85.97
C LEU A 4649 31.99 -1.14 -85.03
N HIS A 4650 31.98 0.19 -85.13
CA HIS A 4650 31.12 0.99 -84.28
C HIS A 4650 29.65 0.74 -84.58
N THR A 4651 29.30 0.61 -85.86
CA THR A 4651 27.92 0.27 -86.19
C THR A 4651 27.53 -1.08 -85.61
N LEU A 4652 28.42 -2.08 -85.73
CA LEU A 4652 28.14 -3.39 -85.16
C LEU A 4652 27.97 -3.31 -83.65
N VAL A 4653 28.83 -2.55 -82.98
CA VAL A 4653 28.76 -2.46 -81.52
C VAL A 4653 27.47 -1.76 -81.08
N ALA A 4654 27.04 -0.74 -81.82
CA ALA A 4654 25.78 -0.08 -81.49
C ALA A 4654 24.60 -1.03 -81.63
N PHE A 4655 24.59 -1.82 -82.71
CA PHE A 4655 23.53 -2.82 -82.88
C PHE A 4655 23.54 -3.84 -81.74
N LEU A 4656 24.73 -4.31 -81.36
CA LEU A 4656 24.83 -5.25 -80.25
C LEU A 4656 24.39 -4.61 -78.93
N CYS A 4657 24.66 -3.32 -78.74
CA CYS A 4657 24.20 -2.64 -77.54
C CYS A 4657 22.68 -2.60 -77.49
N ILE A 4658 22.04 -2.34 -78.64
CA ILE A 4658 20.58 -2.37 -78.67
C ILE A 4658 20.06 -3.75 -78.31
N ILE A 4659 20.66 -4.80 -78.89
CA ILE A 4659 20.20 -6.15 -78.59
C ILE A 4659 20.39 -6.48 -77.12
N GLY A 4660 21.55 -6.12 -76.55
CA GLY A 4660 21.81 -6.40 -75.15
C GLY A 4660 20.86 -5.67 -74.23
N TYR A 4661 20.54 -4.41 -74.56
CA TYR A 4661 19.57 -3.67 -73.75
C TYR A 4661 18.21 -4.33 -73.83
N ASN A 4662 17.78 -4.71 -75.03
CA ASN A 4662 16.50 -5.39 -75.18
C ASN A 4662 16.46 -6.71 -74.42
N CYS A 4663 17.59 -7.38 -74.26
CA CYS A 4663 17.63 -8.63 -73.53
C CYS A 4663 17.92 -8.46 -72.03
N LEU A 4664 18.25 -7.26 -71.57
CA LEU A 4664 18.65 -7.05 -70.18
C LEU A 4664 17.69 -6.16 -69.40
N LYS A 4665 17.20 -5.08 -69.99
CA LYS A 4665 16.40 -4.09 -69.27
C LYS A 4665 14.94 -4.08 -69.68
N VAL A 4666 14.65 -4.38 -70.96
CA VAL A 4666 13.27 -4.44 -71.42
C VAL A 4666 12.43 -5.42 -70.59
N PRO A 4667 12.92 -6.60 -70.20
CA PRO A 4667 12.10 -7.44 -69.32
C PRO A 4667 11.71 -6.75 -68.03
N LEU A 4668 12.62 -5.98 -67.44
CA LEU A 4668 12.30 -5.25 -66.22
C LEU A 4668 11.24 -4.19 -66.48
N VAL A 4669 11.36 -3.46 -67.60
CA VAL A 4669 10.36 -2.45 -67.93
C VAL A 4669 8.98 -3.08 -68.09
N ILE A 4670 8.91 -4.17 -68.86
CA ILE A 4670 7.63 -4.81 -69.11
C ILE A 4670 7.06 -5.42 -67.83
N PHE A 4671 7.94 -5.97 -66.98
CA PHE A 4671 7.49 -6.50 -65.70
C PHE A 4671 6.86 -5.40 -64.85
N LYS A 4672 7.53 -4.24 -64.76
CA LYS A 4672 6.99 -3.14 -63.98
C LYS A 4672 5.63 -2.72 -64.50
N ARG A 4673 5.51 -2.56 -65.82
CA ARG A 4673 4.25 -2.09 -66.38
C ARG A 4673 3.13 -3.11 -66.17
N GLU A 4674 3.42 -4.38 -66.40
CA GLU A 4674 2.41 -5.42 -66.20
C GLU A 4674 1.98 -5.50 -64.74
N LYS A 4675 2.94 -5.39 -63.82
CA LYS A 4675 2.61 -5.48 -62.39
C LYS A 4675 1.71 -4.33 -61.97
N GLU A 4676 2.08 -3.10 -62.36
CA GLU A 4676 1.24 -1.96 -61.98
C GLU A 4676 -0.13 -2.04 -62.62
N LEU A 4677 -0.22 -2.49 -63.88
CA LEU A 4677 -1.52 -2.62 -64.52
C LEU A 4677 -2.37 -3.68 -63.83
N ALA A 4678 -1.77 -4.80 -63.45
CA ALA A 4678 -2.53 -5.85 -62.76
C ALA A 4678 -3.05 -5.36 -61.42
N ARG A 4679 -2.21 -4.65 -60.67
CA ARG A 4679 -2.66 -4.18 -59.37
C ARG A 4679 -3.72 -3.09 -59.50
N LYS A 4680 -3.62 -2.24 -60.53
CA LYS A 4680 -4.67 -1.26 -60.76
C LYS A 4680 -5.97 -1.92 -61.21
N LEU A 4681 -5.88 -3.04 -61.94
CA LEU A 4681 -7.07 -3.78 -62.31
C LEU A 4681 -7.74 -4.39 -61.09
N GLU A 4682 -6.97 -5.03 -60.22
CA GLU A 4682 -7.54 -5.80 -59.13
C GLU A 4682 -7.98 -4.92 -57.97
N PHE A 4683 -7.10 -4.03 -57.51
CA PHE A 4683 -7.39 -3.25 -56.31
C PHE A 4683 -8.03 -1.89 -56.60
N ASP A 4684 -8.25 -1.54 -57.85
CA ASP A 4684 -8.88 -0.27 -58.19
C ASP A 4684 -9.98 -0.37 -59.23
N GLY A 4685 -10.03 -1.44 -60.04
CA GLY A 4685 -11.00 -1.52 -61.10
C GLY A 4685 -10.83 -0.40 -62.11
N LEU A 4686 -9.60 -0.18 -62.55
CA LEU A 4686 -9.28 0.99 -63.36
C LEU A 4686 -10.11 1.01 -64.64
N TYR A 4687 -10.19 -0.11 -65.34
CA TYR A 4687 -10.98 -0.23 -66.55
C TYR A 4687 -12.35 -0.83 -66.28
N ILE A 4688 -12.66 -1.11 -65.02
CA ILE A 4688 -13.96 -1.62 -64.62
C ILE A 4688 -14.83 -0.51 -64.03
N THR A 4689 -14.22 0.42 -63.31
CA THR A 4689 -14.95 1.48 -62.63
C THR A 4689 -14.61 2.87 -63.18
N GLU A 4690 -13.33 3.22 -63.27
CA GLU A 4690 -13.00 4.63 -63.42
C GLU A 4690 -12.77 5.01 -64.89
N GLN A 4691 -12.23 4.09 -65.70
CA GLN A 4691 -12.14 4.29 -67.16
C GLN A 4691 -11.46 5.60 -67.55
N PRO A 4692 -10.11 5.66 -67.49
CA PRO A 4692 -9.40 6.95 -67.69
C PRO A 4692 -9.92 7.78 -68.86
N GLY A 4693 -9.98 9.09 -68.68
CA GLY A 4693 -10.65 9.97 -69.61
C GLY A 4693 -9.83 10.49 -70.77
N ASP A 4694 -9.17 9.58 -71.50
CA ASP A 4694 -8.48 9.85 -72.76
C ASP A 4694 -7.32 10.83 -72.60
N ASP A 4695 -6.99 11.25 -71.39
CA ASP A 4695 -5.86 12.16 -71.16
C ASP A 4695 -4.60 11.42 -70.74
N ASP A 4696 -4.73 10.26 -70.10
CA ASP A 4696 -3.59 9.47 -69.66
C ASP A 4696 -3.19 8.55 -70.81
N VAL A 4697 -2.11 8.89 -71.49
CA VAL A 4697 -1.65 8.09 -72.62
C VAL A 4697 -1.27 6.70 -72.17
N LYS A 4698 -0.66 6.58 -70.98
CA LYS A 4698 -0.26 5.27 -70.47
C LYS A 4698 -1.47 4.38 -70.23
N GLY A 4699 -2.49 4.90 -69.54
CA GLY A 4699 -3.69 4.12 -69.30
C GLY A 4699 -4.44 3.78 -70.56
N GLN A 4700 -4.49 4.72 -71.51
CA GLN A 4700 -5.15 4.44 -72.78
C GLN A 4700 -4.41 3.40 -73.59
N TRP A 4701 -3.07 3.38 -73.52
CA TRP A 4701 -2.32 2.37 -74.26
C TRP A 4701 -2.41 1.01 -73.59
N ASP A 4702 -2.60 0.97 -72.27
CA ASP A 4702 -2.71 -0.30 -71.58
C ASP A 4702 -3.99 -1.05 -71.89
N ARG A 4703 -4.94 -0.42 -72.57
CA ARG A 4703 -6.17 -1.14 -72.95
C ARG A 4703 -5.90 -2.22 -73.98
N LEU A 4704 -4.86 -2.08 -74.80
CA LEU A 4704 -4.58 -3.06 -75.84
C LEU A 4704 -4.19 -4.42 -75.29
N VAL A 4705 -3.65 -4.47 -74.07
CA VAL A 4705 -3.12 -5.72 -73.54
C VAL A 4705 -4.10 -6.46 -72.65
N LEU A 4706 -5.26 -5.86 -72.34
CA LEU A 4706 -6.18 -6.47 -71.39
C LEU A 4706 -6.73 -7.79 -71.91
N ASN A 4707 -7.13 -7.84 -73.18
CA ASN A 4707 -7.74 -9.03 -73.74
C ASN A 4707 -6.74 -9.96 -74.40
N THR A 4708 -5.46 -9.63 -74.35
CA THR A 4708 -4.46 -10.50 -74.96
C THR A 4708 -4.31 -11.78 -74.13
N PRO A 4709 -4.15 -12.93 -74.78
CA PRO A 4709 -3.99 -14.18 -74.03
C PRO A 4709 -2.73 -14.24 -73.18
N SER A 4710 -1.73 -13.40 -73.48
CA SER A 4710 -0.47 -13.46 -72.76
C SER A 4710 -0.17 -12.15 -72.04
N PHE A 4711 -1.18 -11.56 -71.41
CA PHE A 4711 -0.98 -10.25 -70.77
C PHE A 4711 0.05 -10.33 -69.63
N PRO A 4712 -0.05 -11.23 -68.65
CA PRO A 4712 1.03 -11.28 -67.65
C PRO A 4712 2.17 -12.19 -68.10
N SER A 4713 2.88 -11.78 -69.15
CA SER A 4713 3.97 -12.58 -69.68
C SER A 4713 5.19 -12.55 -68.75
N ASN A 4714 5.57 -11.37 -68.26
CA ASN A 4714 6.70 -11.24 -67.36
C ASN A 4714 6.28 -11.20 -65.89
N TYR A 4715 5.20 -10.51 -65.58
CA TYR A 4715 4.68 -10.51 -64.22
C TYR A 4715 4.20 -11.91 -63.85
N TRP A 4716 4.58 -12.37 -62.66
CA TRP A 4716 4.44 -13.78 -62.31
C TRP A 4716 3.00 -14.19 -62.05
N ASP A 4717 2.13 -13.26 -61.64
CA ASP A 4717 0.75 -13.61 -61.30
C ASP A 4717 -0.02 -13.86 -62.59
N LYS A 4718 -0.15 -15.15 -62.92
CA LYS A 4718 -0.87 -15.56 -64.11
C LYS A 4718 -2.35 -15.71 -63.89
N PHE A 4719 -2.85 -15.39 -62.69
CA PHE A 4719 -4.25 -15.57 -62.35
C PHE A 4719 -4.92 -14.24 -62.04
N VAL A 4720 -4.30 -13.14 -62.47
CA VAL A 4720 -4.86 -11.82 -62.19
C VAL A 4720 -6.22 -11.66 -62.84
N LYS A 4721 -6.39 -12.21 -64.04
CA LYS A 4721 -7.70 -12.16 -64.69
C LYS A 4721 -8.74 -12.91 -63.87
N ARG A 4722 -8.38 -14.08 -63.34
CA ARG A 4722 -9.31 -14.83 -62.51
C ARG A 4722 -9.68 -14.06 -61.26
N LYS A 4723 -8.69 -13.43 -60.61
CA LYS A 4723 -8.99 -12.64 -59.42
C LYS A 4723 -9.90 -11.46 -59.73
N VAL A 4724 -9.62 -10.74 -60.83
CA VAL A 4724 -10.43 -9.59 -61.19
C VAL A 4724 -11.86 -10.04 -61.49
N LEU A 4725 -12.00 -11.16 -62.19
CA LEU A 4725 -13.34 -11.69 -62.45
C LEU A 4725 -14.06 -12.02 -61.15
N ASP A 4726 -13.42 -12.80 -60.27
CA ASP A 4726 -14.06 -13.19 -59.03
C ASP A 4726 -14.36 -11.98 -58.14
N LYS A 4727 -13.68 -10.87 -58.37
CA LYS A 4727 -13.89 -9.70 -57.52
C LYS A 4727 -14.95 -8.75 -58.08
N HIS A 4728 -15.09 -8.65 -59.40
CA HIS A 4728 -15.96 -7.62 -59.98
C HIS A 4728 -17.05 -8.17 -60.89
N GLY A 4729 -17.12 -9.48 -61.13
CA GLY A 4729 -18.13 -10.02 -62.02
C GLY A 4729 -19.54 -9.89 -61.47
N ASP A 4730 -19.69 -10.07 -60.16
CA ASP A 4730 -21.02 -9.97 -59.55
C ASP A 4730 -21.61 -8.58 -59.75
N ILE A 4731 -20.81 -7.53 -59.57
CA ILE A 4731 -21.33 -6.18 -59.68
C ILE A 4731 -21.41 -5.71 -61.13
N PHE A 4732 -20.38 -5.95 -61.94
CA PHE A 4732 -20.34 -5.40 -63.28
C PHE A 4732 -20.57 -6.40 -64.39
N GLY A 4733 -20.96 -7.64 -64.06
CA GLY A 4733 -21.25 -8.61 -65.09
C GLY A 4733 -20.08 -9.52 -65.41
N ARG A 4734 -20.24 -10.81 -65.11
CA ARG A 4734 -19.17 -11.77 -65.37
C ARG A 4734 -18.85 -11.84 -66.86
N GLU A 4735 -19.89 -11.86 -67.71
CA GLU A 4735 -19.66 -11.91 -69.14
C GLU A 4735 -18.99 -10.65 -69.65
N ARG A 4736 -19.37 -9.48 -69.14
CA ARG A 4736 -18.73 -8.24 -69.56
C ARG A 4736 -17.27 -8.21 -69.14
N ILE A 4737 -16.96 -8.66 -67.92
CA ILE A 4737 -15.57 -8.70 -67.47
C ILE A 4737 -14.77 -9.69 -68.31
N ALA A 4738 -15.36 -10.84 -68.62
CA ALA A 4738 -14.68 -11.82 -69.46
C ALA A 4738 -14.41 -11.27 -70.85
N GLU A 4739 -15.37 -10.53 -71.41
CA GLU A 4739 -15.14 -9.91 -72.71
C GLU A 4739 -14.02 -8.88 -72.63
N LEU A 4740 -13.99 -8.09 -71.54
CA LEU A 4740 -12.94 -7.09 -71.38
C LEU A 4740 -11.57 -7.73 -71.27
N LEU A 4741 -11.47 -8.84 -70.55
CA LEU A 4741 -10.18 -9.47 -70.27
C LEU A 4741 -9.86 -10.61 -71.22
N GLY A 4742 -10.68 -10.86 -72.24
CA GLY A 4742 -10.39 -11.92 -73.19
C GLY A 4742 -10.37 -13.31 -72.58
N MET A 4743 -11.37 -13.62 -71.76
CA MET A 4743 -11.43 -14.90 -71.07
C MET A 4743 -12.59 -15.74 -71.59
N ASP A 4744 -12.37 -17.06 -71.65
CA ASP A 4744 -13.42 -18.01 -71.98
C ASP A 4744 -13.98 -18.55 -70.67
N LEU A 4745 -15.27 -18.31 -70.43
CA LEU A 4745 -15.87 -18.73 -69.17
C LEU A 4745 -16.03 -20.24 -69.09
N ALA A 4746 -16.15 -20.90 -70.24
CA ALA A 4746 -16.36 -22.34 -70.24
C ALA A 4746 -15.08 -23.13 -69.99
N SER A 4747 -13.91 -22.51 -70.17
CA SER A 4747 -12.64 -23.22 -70.04
C SER A 4747 -12.13 -23.27 -68.61
N LEU A 4748 -12.58 -22.36 -67.74
CA LEU A 4748 -12.10 -22.36 -66.36
C LEU A 4748 -12.45 -23.66 -65.66
N GLU A 4749 -13.67 -24.14 -65.85
CA GLU A 4749 -14.10 -25.38 -65.21
C GLU A 4749 -13.24 -26.56 -65.64
N ILE A 4750 -13.00 -26.71 -66.95
CA ILE A 4750 -12.24 -27.87 -67.42
C ILE A 4750 -10.78 -27.77 -67.00
N THR A 4751 -10.23 -26.54 -66.98
CA THR A 4751 -8.86 -26.38 -66.51
C THR A 4751 -8.74 -26.78 -65.04
N ALA A 4752 -9.74 -26.42 -64.23
CA ALA A 4752 -9.77 -26.94 -62.86
C ALA A 4752 -9.99 -28.44 -62.82
N HIS A 4753 -10.73 -28.98 -63.79
CA HIS A 4753 -11.05 -30.40 -63.80
C HIS A 4753 -9.80 -31.25 -63.98
N ASN A 4754 -9.01 -30.95 -65.01
CA ASN A 4754 -7.86 -31.79 -65.33
C ASN A 4754 -6.88 -31.00 -66.18
N GLU A 4755 -5.73 -31.62 -66.46
CA GLU A 4755 -4.67 -31.01 -67.26
C GLU A 4755 -4.48 -31.80 -68.54
N ARG A 4756 -4.39 -31.09 -69.66
CA ARG A 4756 -4.17 -31.70 -70.96
C ARG A 4756 -2.70 -31.58 -71.34
N LYS A 4757 -2.18 -32.64 -71.97
CA LYS A 4757 -0.79 -32.70 -72.43
C LYS A 4757 -0.80 -32.86 -73.94
N PRO A 4758 -0.83 -31.77 -74.70
CA PRO A 4758 -0.83 -31.87 -76.16
C PRO A 4758 0.58 -32.10 -76.69
N ASP A 4759 0.69 -32.09 -78.02
CA ASP A 4759 1.99 -32.23 -78.67
C ASP A 4759 2.55 -30.84 -78.98
N PRO A 4760 3.67 -30.45 -78.39
CA PRO A 4760 4.31 -29.17 -78.72
C PRO A 4760 5.32 -29.34 -79.85
N PRO A 4761 4.89 -29.32 -81.11
CA PRO A 4761 5.81 -29.62 -82.21
C PRO A 4761 6.87 -28.53 -82.34
N PRO A 4762 8.16 -28.90 -82.34
CA PRO A 4762 9.24 -27.93 -82.45
C PRO A 4762 9.50 -27.46 -83.88
N GLY A 4763 8.49 -26.85 -84.49
CA GLY A 4763 8.58 -26.36 -85.86
C GLY A 4763 8.37 -24.86 -85.90
N LEU A 4764 9.15 -24.19 -86.76
CA LEU A 4764 8.98 -22.75 -86.95
C LEU A 4764 7.64 -22.42 -87.58
N LEU A 4765 7.15 -23.25 -88.48
CA LEU A 4765 5.81 -23.05 -89.03
C LEU A 4765 4.76 -23.09 -87.92
N THR A 4766 4.84 -24.08 -87.03
CA THR A 4766 3.89 -24.14 -85.92
C THR A 4766 4.09 -22.99 -84.95
N TRP A 4767 5.31 -22.45 -84.86
CA TRP A 4767 5.59 -21.28 -84.03
C TRP A 4767 5.06 -19.99 -84.66
N LEU A 4768 4.81 -19.99 -85.97
CA LEU A 4768 4.48 -18.75 -86.66
C LEU A 4768 3.21 -18.11 -86.10
N MET A 4769 2.11 -18.85 -86.01
CA MET A 4769 0.88 -18.24 -85.50
C MET A 4769 0.76 -18.34 -83.99
N SER A 4770 1.80 -18.82 -83.30
CA SER A 4770 1.80 -18.85 -81.85
C SER A 4770 2.11 -17.49 -81.24
N ILE A 4771 2.39 -16.48 -82.05
CA ILE A 4771 2.73 -15.14 -81.56
C ILE A 4771 1.45 -14.35 -81.36
N ASP A 4772 1.44 -13.50 -80.34
CA ASP A 4772 0.30 -12.65 -80.02
C ASP A 4772 0.57 -11.27 -80.58
N VAL A 4773 -0.03 -10.96 -81.74
CA VAL A 4773 0.32 -9.75 -82.46
C VAL A 4773 -0.07 -8.51 -81.66
N LYS A 4774 -1.25 -8.52 -81.04
CA LYS A 4774 -1.69 -7.36 -80.27
C LYS A 4774 -0.78 -7.13 -79.06
N TYR A 4775 -0.40 -8.21 -78.38
CA TYR A 4775 0.53 -8.07 -77.26
C TYR A 4775 1.87 -7.54 -77.72
N GLN A 4776 2.36 -8.00 -78.87
CA GLN A 4776 3.63 -7.50 -79.37
C GLN A 4776 3.54 -6.04 -79.76
N ILE A 4777 2.40 -5.61 -80.30
CA ILE A 4777 2.21 -4.20 -80.61
C ILE A 4777 2.25 -3.36 -79.33
N TRP A 4778 1.55 -3.81 -78.30
CA TRP A 4778 1.57 -3.10 -77.02
C TRP A 4778 2.99 -3.04 -76.45
N LYS A 4779 3.69 -4.18 -76.48
CA LYS A 4779 5.03 -4.25 -75.92
C LYS A 4779 6.00 -3.37 -76.69
N PHE A 4780 5.87 -3.33 -78.01
CA PHE A 4780 6.75 -2.49 -78.81
C PHE A 4780 6.45 -1.01 -78.58
N GLY A 4781 5.19 -0.65 -78.38
CA GLY A 4781 4.89 0.72 -77.99
C GLY A 4781 5.53 1.09 -76.66
N VAL A 4782 5.45 0.18 -75.69
CA VAL A 4782 6.07 0.43 -74.39
C VAL A 4782 7.58 0.58 -74.53
N ILE A 4783 8.21 -0.28 -75.34
CA ILE A 4783 9.66 -0.20 -75.54
C ILE A 4783 10.03 1.10 -76.25
N PHE A 4784 9.29 1.47 -77.29
CA PHE A 4784 9.60 2.68 -78.04
C PHE A 4784 9.27 3.95 -77.27
N THR A 4785 8.53 3.85 -76.17
CA THR A 4785 8.36 4.98 -75.28
C THR A 4785 9.39 5.03 -74.16
N ASP A 4786 10.36 4.11 -74.17
CA ASP A 4786 11.40 4.08 -73.15
C ASP A 4786 12.55 4.99 -73.54
N ASN A 4787 12.98 5.84 -72.60
CA ASN A 4787 14.00 6.84 -72.90
C ASN A 4787 15.33 6.19 -73.25
N SER A 4788 15.75 5.19 -72.50
CA SER A 4788 17.04 4.56 -72.77
C SER A 4788 17.03 3.84 -74.11
N PHE A 4789 15.94 3.14 -74.43
CA PHE A 4789 15.84 2.49 -75.72
C PHE A 4789 15.84 3.51 -76.85
N LEU A 4790 15.13 4.64 -76.66
CA LEU A 4790 15.13 5.67 -77.69
C LEU A 4790 16.52 6.25 -77.88
N TYR A 4791 17.26 6.45 -76.78
CA TYR A 4791 18.63 6.93 -76.89
C TYR A 4791 19.51 5.96 -77.66
N LEU A 4792 19.38 4.66 -77.36
CA LEU A 4792 20.19 3.67 -78.07
C LEU A 4792 19.80 3.61 -79.54
N GLY A 4793 18.51 3.75 -79.84
CA GLY A 4793 18.09 3.78 -81.23
C GLY A 4793 18.62 5.00 -81.97
N TRP A 4794 18.63 6.16 -81.31
CA TRP A 4794 19.22 7.34 -81.91
C TRP A 4794 20.71 7.15 -82.14
N TYR A 4795 21.39 6.51 -81.19
CA TYR A 4795 22.80 6.18 -81.35
C TYR A 4795 23.02 5.32 -82.59
N MET A 4796 22.18 4.29 -82.75
CA MET A 4796 22.33 3.41 -83.91
C MET A 4796 22.03 4.13 -85.21
N VAL A 4797 21.01 5.00 -85.22
CA VAL A 4797 20.67 5.74 -86.43
C VAL A 4797 21.81 6.67 -86.81
N MET A 4798 22.40 7.36 -85.82
CA MET A 4798 23.53 8.22 -86.09
C MET A 4798 24.72 7.42 -86.61
N SER A 4799 24.94 6.22 -86.05
CA SER A 4799 26.01 5.38 -86.54
C SER A 4799 25.79 4.98 -87.99
N LEU A 4800 24.54 4.65 -88.34
CA LEU A 4800 24.22 4.33 -89.74
C LEU A 4800 24.47 5.51 -90.65
N LEU A 4801 24.06 6.71 -90.21
CA LEU A 4801 24.30 7.91 -91.02
C LEU A 4801 25.78 8.23 -91.13
N GLY A 4802 26.58 7.78 -90.16
CA GLY A 4802 28.01 7.99 -90.24
C GLY A 4802 28.65 7.34 -91.45
N HIS A 4803 28.02 6.31 -92.00
CA HIS A 4803 28.52 5.72 -93.24
C HIS A 4803 28.16 6.60 -94.44
N TYR A 4804 27.00 7.25 -94.40
CA TYR A 4804 26.67 8.23 -95.42
C TYR A 4804 27.65 9.40 -95.40
N ASN A 4805 27.99 9.87 -94.20
CA ASN A 4805 28.98 10.93 -94.01
C ASN A 4805 29.68 10.72 -92.68
N ASN A 4806 31.00 10.57 -92.73
CA ASN A 4806 31.75 10.22 -91.54
C ASN A 4806 31.68 11.27 -90.45
N PHE A 4807 31.35 12.52 -90.79
CA PHE A 4807 31.26 13.56 -89.78
C PHE A 4807 30.03 13.39 -88.89
N PHE A 4808 29.08 12.53 -89.29
CA PHE A 4808 27.97 12.23 -88.40
C PHE A 4808 28.40 11.43 -87.18
N PHE A 4809 29.59 10.84 -87.21
CA PHE A 4809 30.11 10.14 -86.05
C PHE A 4809 30.48 11.09 -84.91
N ALA A 4810 30.53 12.40 -85.19
CA ALA A 4810 30.82 13.36 -84.13
C ALA A 4810 29.69 13.41 -83.11
N ALA A 4811 28.45 13.10 -83.55
CA ALA A 4811 27.33 13.12 -82.62
C ALA A 4811 27.49 12.09 -81.52
N HIS A 4812 28.20 10.99 -81.78
CA HIS A 4812 28.41 9.98 -80.77
C HIS A 4812 29.36 10.45 -79.67
N LEU A 4813 30.11 11.53 -79.91
CA LEU A 4813 30.91 12.12 -78.85
C LEU A 4813 30.06 12.70 -77.73
N LEU A 4814 28.77 12.93 -77.98
CA LEU A 4814 27.89 13.42 -76.92
C LEU A 4814 27.58 12.34 -75.91
N ASP A 4815 27.99 11.10 -76.17
CA ASP A 4815 27.65 9.98 -75.31
C ASP A 4815 28.31 10.11 -73.94
N ILE A 4816 29.32 10.97 -73.81
CA ILE A 4816 29.98 11.14 -72.52
C ILE A 4816 29.06 11.79 -71.50
N ALA A 4817 27.95 12.38 -71.94
CA ALA A 4817 26.99 12.95 -70.99
C ALA A 4817 26.37 11.87 -70.11
N MET A 4818 26.02 10.73 -70.69
CA MET A 4818 25.46 9.62 -69.94
C MET A 4818 26.49 8.55 -69.57
N GLY A 4819 27.60 8.45 -70.31
CA GLY A 4819 28.61 7.47 -69.96
C GLY A 4819 29.33 7.81 -68.67
N VAL A 4820 29.58 9.10 -68.44
CA VAL A 4820 30.32 9.56 -67.28
C VAL A 4820 29.34 10.14 -66.27
N LYS A 4821 29.35 9.58 -65.06
CA LYS A 4821 28.42 10.04 -64.03
C LYS A 4821 28.72 11.47 -63.60
N THR A 4822 30.00 11.87 -63.57
CA THR A 4822 30.33 13.25 -63.22
C THR A 4822 29.75 14.22 -64.24
N LEU A 4823 29.89 13.91 -65.53
CA LEU A 4823 29.30 14.75 -66.56
C LEU A 4823 27.78 14.76 -66.48
N ARG A 4824 27.18 13.60 -66.16
CA ARG A 4824 25.73 13.55 -66.02
C ARG A 4824 25.26 14.44 -64.88
N THR A 4825 25.98 14.44 -63.76
CA THR A 4825 25.62 15.32 -62.65
C THR A 4825 25.80 16.79 -63.03
N ILE A 4826 26.89 17.12 -63.73
CA ILE A 4826 27.12 18.50 -64.12
C ILE A 4826 26.01 18.98 -65.05
N LEU A 4827 25.56 18.11 -65.96
CA LEU A 4827 24.49 18.50 -66.88
C LEU A 4827 23.12 18.50 -66.20
N SER A 4828 22.94 17.67 -65.17
CA SER A 4828 21.73 17.79 -64.36
C SER A 4828 21.70 19.11 -63.62
N SER A 4829 22.88 19.64 -63.28
CA SER A 4829 22.95 20.97 -62.69
C SER A 4829 22.53 22.07 -63.66
N VAL A 4830 22.40 21.76 -64.94
CA VAL A 4830 21.87 22.72 -65.91
C VAL A 4830 20.40 22.43 -66.22
N THR A 4831 20.06 21.16 -66.40
CA THR A 4831 18.69 20.77 -66.71
C THR A 4831 17.75 20.83 -65.52
N HIS A 4832 18.27 21.07 -64.32
CA HIS A 4832 17.42 21.16 -63.15
C HIS A 4832 16.45 22.34 -63.24
N ASN A 4833 16.93 23.47 -63.75
CA ASN A 4833 16.14 24.67 -63.94
C ASN A 4833 15.97 25.01 -65.41
N GLY A 4834 15.77 23.97 -66.23
CA GLY A 4834 15.67 24.19 -67.67
C GLY A 4834 14.47 25.03 -68.07
N LYS A 4835 13.33 24.79 -67.42
CA LYS A 4835 12.15 25.59 -67.72
C LYS A 4835 12.39 27.06 -67.37
N GLN A 4836 13.04 27.32 -66.24
CA GLN A 4836 13.36 28.69 -65.86
C GLN A 4836 14.33 29.31 -66.87
N LEU A 4837 15.30 28.54 -67.35
CA LEU A 4837 16.24 29.07 -68.34
C LEU A 4837 15.54 29.42 -69.63
N VAL A 4838 14.64 28.55 -70.10
CA VAL A 4838 13.90 28.85 -71.32
C VAL A 4838 13.02 30.08 -71.13
N MET A 4839 12.37 30.18 -69.96
CA MET A 4839 11.51 31.34 -69.71
C MET A 4839 12.32 32.64 -69.65
N THR A 4840 13.50 32.62 -69.04
CA THR A 4840 14.29 33.83 -68.99
C THR A 4840 14.86 34.19 -70.35
N VAL A 4841 15.15 33.19 -71.19
CA VAL A 4841 15.52 33.50 -72.57
C VAL A 4841 14.36 34.16 -73.31
N GLY A 4842 13.15 33.67 -73.10
CA GLY A 4842 11.99 34.31 -73.71
C GLY A 4842 11.79 35.72 -73.22
N LEU A 4843 12.01 35.96 -71.93
CA LEU A 4843 11.92 37.31 -71.38
C LEU A 4843 12.97 38.21 -72.00
N LEU A 4844 14.18 37.68 -72.21
CA LEU A 4844 15.22 38.43 -72.90
C LEU A 4844 14.78 38.79 -74.31
N ALA A 4845 14.15 37.85 -75.00
CA ALA A 4845 13.65 38.13 -76.35
C ALA A 4845 12.61 39.25 -76.32
N VAL A 4846 11.73 39.23 -75.32
CA VAL A 4846 10.68 40.24 -75.24
C VAL A 4846 11.29 41.62 -74.97
N VAL A 4847 12.24 41.71 -74.04
CA VAL A 4847 12.81 43.02 -73.72
C VAL A 4847 13.63 43.55 -74.88
N VAL A 4848 14.33 42.65 -75.59
CA VAL A 4848 15.07 43.08 -76.78
C VAL A 4848 14.10 43.55 -77.85
N TYR A 4849 12.94 42.92 -77.95
CA TYR A 4849 11.92 43.39 -78.89
C TYR A 4849 11.44 44.79 -78.54
N LEU A 4850 11.23 45.05 -77.25
CA LEU A 4850 10.81 46.39 -76.85
C LEU A 4850 11.87 47.43 -77.19
N TYR A 4851 13.14 47.11 -76.93
CA TYR A 4851 14.22 48.02 -77.30
C TYR A 4851 14.28 48.21 -78.80
N THR A 4852 14.02 47.15 -79.57
CA THR A 4852 13.99 47.25 -81.02
C THR A 4852 12.88 48.17 -81.48
N VAL A 4853 11.71 48.08 -80.85
CA VAL A 4853 10.59 48.97 -81.21
C VAL A 4853 10.98 50.42 -80.95
N VAL A 4854 11.58 50.69 -79.79
CA VAL A 4854 12.00 52.05 -79.46
C VAL A 4854 13.02 52.56 -80.49
N ALA A 4855 14.00 51.72 -80.83
CA ALA A 4855 15.02 52.12 -81.79
C ALA A 4855 14.43 52.38 -83.16
N PHE A 4856 13.51 51.51 -83.61
CA PHE A 4856 12.86 51.70 -84.90
C PHE A 4856 12.08 53.01 -84.94
N ASN A 4857 11.44 53.37 -83.82
CA ASN A 4857 10.64 54.58 -83.83
C ASN A 4857 11.50 55.83 -83.74
N PHE A 4858 12.61 55.80 -83.00
CA PHE A 4858 13.32 57.04 -82.73
C PHE A 4858 14.78 57.07 -83.16
N PHE A 4859 15.55 56.00 -82.97
CA PHE A 4859 17.00 56.04 -83.11
C PHE A 4859 17.47 55.39 -84.40
N ARG A 4860 16.69 55.56 -85.48
CA ARG A 4860 17.00 54.86 -86.73
C ARG A 4860 18.30 55.36 -87.36
N LYS A 4861 18.60 56.65 -87.23
CA LYS A 4861 19.73 57.22 -87.97
C LYS A 4861 21.07 56.71 -87.45
N PHE A 4862 21.08 56.08 -86.28
CA PHE A 4862 22.32 55.61 -85.67
C PHE A 4862 22.69 54.19 -86.09
N TYR A 4863 21.88 53.53 -86.91
CA TYR A 4863 22.08 52.12 -87.25
C TYR A 4863 22.65 51.95 -88.65
N ASN A 4864 23.56 52.84 -89.04
CA ASN A 4864 24.28 52.71 -90.31
C ASN A 4864 25.56 51.94 -90.05
N LYS A 4865 25.62 50.68 -90.49
CA LYS A 4865 26.78 49.82 -90.28
C LYS A 4865 27.64 49.72 -91.53
N SER A 4866 27.76 50.79 -92.28
CA SER A 4866 28.58 50.82 -93.49
C SER A 4866 29.57 51.97 -93.40
N GLU A 4867 30.86 51.66 -93.47
CA GLU A 4867 31.87 52.71 -93.55
C GLU A 4867 31.82 53.42 -94.90
N ASP A 4868 31.18 52.81 -95.89
CA ASP A 4868 30.97 53.46 -97.18
C ASP A 4868 30.05 54.66 -97.02
N GLU A 4869 30.18 55.63 -97.94
CA GLU A 4869 29.47 56.89 -97.82
C GLU A 4869 28.31 57.07 -98.77
N ASP A 4870 28.24 56.32 -99.88
CA ASP A 4870 27.17 56.52 -100.84
C ASP A 4870 26.15 55.39 -100.88
N GLU A 4871 26.45 54.23 -100.29
CA GLU A 4871 25.49 53.14 -100.17
C GLU A 4871 25.39 52.70 -98.71
N PRO A 4872 24.54 53.31 -97.91
CA PRO A 4872 24.47 52.96 -96.48
C PRO A 4872 23.80 51.62 -96.25
N ASP A 4873 24.33 50.88 -95.27
CA ASP A 4873 23.77 49.61 -94.83
C ASP A 4873 22.99 49.86 -93.54
N MET A 4874 21.79 50.39 -93.69
CA MET A 4874 20.94 50.68 -92.54
C MET A 4874 20.35 49.39 -91.97
N LYS A 4875 20.61 49.14 -90.69
CA LYS A 4875 20.18 47.91 -90.05
C LYS A 4875 18.82 48.01 -89.39
N CYS A 4876 18.21 49.20 -89.35
CA CYS A 4876 16.95 49.39 -88.66
C CYS A 4876 15.90 50.04 -89.56
N ASP A 4877 16.06 49.92 -90.87
CA ASP A 4877 15.03 50.38 -91.79
C ASP A 4877 13.88 49.39 -91.93
N ASP A 4878 14.02 48.19 -91.36
CA ASP A 4878 12.95 47.22 -91.29
C ASP A 4878 12.92 46.69 -89.86
N MET A 4879 11.72 46.45 -89.35
CA MET A 4879 11.59 46.01 -87.97
C MET A 4879 12.19 44.63 -87.75
N MET A 4880 11.98 43.72 -88.71
CA MET A 4880 12.57 42.39 -88.61
C MET A 4880 14.09 42.46 -88.62
N THR A 4881 14.65 43.26 -89.52
CA THR A 4881 16.10 43.41 -89.59
C THR A 4881 16.65 44.03 -88.31
N CYS A 4882 15.96 45.03 -87.77
CA CYS A 4882 16.41 45.66 -86.54
C CYS A 4882 16.36 44.69 -85.37
N TYR A 4883 15.31 43.87 -85.30
CA TYR A 4883 15.19 42.90 -84.21
C TYR A 4883 16.27 41.84 -84.33
N LEU A 4884 16.55 41.36 -85.54
CA LEU A 4884 17.64 40.42 -85.73
C LEU A 4884 18.97 41.05 -85.34
N PHE A 4885 19.19 42.30 -85.74
CA PHE A 4885 20.44 42.99 -85.40
C PHE A 4885 20.60 43.10 -83.89
N HIS A 4886 19.55 43.51 -83.19
CA HIS A 4886 19.62 43.58 -81.73
C HIS A 4886 19.92 42.22 -81.14
N MET A 4887 19.07 41.22 -81.39
CA MET A 4887 19.26 39.92 -80.77
C MET A 4887 20.60 39.29 -81.13
N TYR A 4888 21.21 39.71 -82.24
CA TYR A 4888 22.43 39.06 -82.69
C TYR A 4888 23.69 39.76 -82.19
N VAL A 4889 23.70 41.09 -82.17
CA VAL A 4889 24.92 41.80 -81.83
C VAL A 4889 24.85 42.46 -80.47
N GLY A 4890 23.67 43.00 -80.10
CA GLY A 4890 23.57 43.71 -78.83
C GLY A 4890 23.70 42.79 -77.65
N VAL A 4891 23.12 41.59 -77.75
CA VAL A 4891 23.19 40.63 -76.64
C VAL A 4891 24.63 40.14 -76.46
N ARG A 4892 25.33 39.89 -77.57
CA ARG A 4892 26.68 39.37 -77.50
C ARG A 4892 27.73 40.45 -77.23
N ALA A 4893 27.38 41.72 -77.40
CA ALA A 4893 28.32 42.80 -77.13
C ALA A 4893 28.51 42.96 -75.63
N GLY A 4894 29.72 43.36 -75.24
CA GLY A 4894 30.01 43.53 -73.82
C GLY A 4894 29.23 44.67 -73.19
N GLY A 4895 29.10 45.79 -73.90
CA GLY A 4895 28.39 46.93 -73.37
C GLY A 4895 27.01 47.13 -73.94
N GLY A 4896 26.49 46.13 -74.65
CA GLY A 4896 25.17 46.24 -75.22
C GLY A 4896 25.18 46.82 -76.61
N ILE A 4897 24.00 47.31 -77.02
CA ILE A 4897 23.82 47.80 -78.38
C ILE A 4897 24.62 49.08 -78.62
N GLY A 4898 24.87 49.86 -77.57
CA GLY A 4898 25.60 51.11 -77.73
C GLY A 4898 27.03 50.90 -78.18
N ASP A 4899 27.56 49.69 -77.98
CA ASP A 4899 28.89 49.37 -78.50
C ASP A 4899 28.87 49.32 -80.02
N GLU A 4900 27.76 48.87 -80.60
CA GLU A 4900 27.71 48.67 -82.04
C GLU A 4900 27.19 49.90 -82.76
N ILE A 4901 26.15 50.54 -82.24
CA ILE A 4901 25.53 51.64 -82.96
C ILE A 4901 26.38 52.92 -82.81
N GLU A 4902 26.04 53.92 -83.61
CA GLU A 4902 26.88 55.09 -83.79
C GLU A 4902 26.91 55.95 -82.52
N ASP A 4903 27.99 56.72 -82.38
CA ASP A 4903 28.15 57.58 -81.21
C ASP A 4903 27.14 58.72 -81.25
N PRO A 4904 26.38 58.94 -80.18
CA PRO A 4904 25.35 59.98 -80.21
C PRO A 4904 25.83 61.35 -79.74
N ALA A 4905 27.15 61.52 -79.62
CA ALA A 4905 27.68 62.78 -79.11
C ALA A 4905 27.30 63.94 -80.02
N GLY A 4906 26.92 65.04 -79.41
CA GLY A 4906 26.53 66.23 -80.17
C GLY A 4906 25.27 66.04 -80.99
N ASP A 4907 24.24 65.44 -80.40
CA ASP A 4907 22.97 65.20 -81.08
C ASP A 4907 21.82 65.66 -80.18
N GLU A 4908 20.68 65.92 -80.81
CA GLU A 4908 19.52 66.39 -80.06
C GLU A 4908 18.94 65.29 -79.19
N TYR A 4909 19.20 64.04 -79.54
CA TYR A 4909 18.72 62.90 -78.76
C TYR A 4909 19.84 62.23 -77.97
N GLU A 4910 20.87 62.99 -77.58
CA GLU A 4910 22.03 62.40 -76.93
C GLU A 4910 21.65 61.75 -75.60
N LEU A 4911 20.96 62.51 -74.73
CA LEU A 4911 20.63 61.97 -73.41
C LEU A 4911 19.63 60.82 -73.52
N TYR A 4912 18.66 60.94 -74.42
CA TYR A 4912 17.71 59.84 -74.62
C TYR A 4912 18.45 58.58 -75.05
N ARG A 4913 19.42 58.72 -75.96
CA ARG A 4913 20.13 57.56 -76.45
C ARG A 4913 21.08 56.98 -75.40
N VAL A 4914 21.69 57.83 -74.57
CA VAL A 4914 22.56 57.28 -73.52
C VAL A 4914 21.72 56.55 -72.47
N VAL A 4915 20.52 57.05 -72.17
CA VAL A 4915 19.62 56.32 -71.29
C VAL A 4915 19.24 54.99 -71.92
N PHE A 4916 18.94 55.01 -73.22
CA PHE A 4916 18.63 53.79 -73.96
C PHE A 4916 19.75 52.77 -73.81
N ASP A 4917 20.98 53.18 -74.09
CA ASP A 4917 22.12 52.27 -74.05
C ASP A 4917 22.39 51.76 -72.64
N ILE A 4918 22.36 52.65 -71.65
CA ILE A 4918 22.65 52.25 -70.28
C ILE A 4918 21.60 51.28 -69.77
N THR A 4919 20.32 51.55 -70.02
CA THR A 4919 19.28 50.63 -69.58
C THR A 4919 19.36 49.31 -70.30
N PHE A 4920 19.66 49.31 -71.60
CA PHE A 4920 19.87 48.05 -72.31
C PHE A 4920 21.00 47.25 -71.68
N PHE A 4921 22.12 47.90 -71.39
CA PHE A 4921 23.26 47.21 -70.79
C PHE A 4921 22.90 46.64 -69.42
N PHE A 4922 22.18 47.40 -68.60
CA PHE A 4922 21.90 46.96 -67.24
C PHE A 4922 20.86 45.84 -67.23
N PHE A 4923 19.77 46.00 -67.98
CA PHE A 4923 18.71 45.01 -67.96
C PHE A 4923 19.10 43.73 -68.70
N VAL A 4924 19.70 43.87 -69.88
CA VAL A 4924 19.96 42.72 -70.73
C VAL A 4924 21.28 42.07 -70.38
N ILE A 4925 22.37 42.83 -70.47
CA ILE A 4925 23.70 42.23 -70.33
C ILE A 4925 23.95 41.82 -68.89
N VAL A 4926 23.54 42.65 -67.92
CA VAL A 4926 23.89 42.40 -66.53
C VAL A 4926 22.84 41.52 -65.86
N ILE A 4927 21.60 42.02 -65.78
CA ILE A 4927 20.59 41.39 -64.94
C ILE A 4927 20.18 40.03 -65.48
N LEU A 4928 19.88 39.94 -66.78
CA LEU A 4928 19.34 38.69 -67.31
C LEU A 4928 20.39 37.59 -67.37
N LEU A 4929 21.60 37.91 -67.84
CA LEU A 4929 22.67 36.93 -67.80
C LEU A 4929 23.00 36.53 -66.37
N ALA A 4930 22.96 37.49 -65.44
CA ALA A 4930 23.11 37.16 -64.02
C ALA A 4930 22.04 36.19 -63.55
N ILE A 4931 20.80 36.36 -64.03
CA ILE A 4931 19.73 35.44 -63.71
C ILE A 4931 20.06 34.04 -64.20
N ILE A 4932 20.58 33.93 -65.42
CA ILE A 4932 20.91 32.61 -65.96
C ILE A 4932 21.99 31.94 -65.12
N GLN A 4933 23.08 32.65 -64.84
CA GLN A 4933 24.15 32.06 -64.06
C GLN A 4933 23.69 31.75 -62.63
N GLY A 4934 22.83 32.59 -62.06
CA GLY A 4934 22.29 32.30 -60.75
C GLY A 4934 21.41 31.07 -60.72
N LEU A 4935 20.64 30.86 -61.79
CA LEU A 4935 19.85 29.63 -61.89
C LEU A 4935 20.77 28.42 -61.90
N ILE A 4936 21.87 28.48 -62.66
CA ILE A 4936 22.81 27.36 -62.68
C ILE A 4936 23.40 27.12 -61.29
N ILE A 4937 23.84 28.18 -60.63
CA ILE A 4937 24.44 28.05 -59.30
C ILE A 4937 23.44 27.49 -58.30
N ASP A 4938 22.19 27.97 -58.36
CA ASP A 4938 21.16 27.48 -57.46
C ASP A 4938 20.84 26.02 -57.71
N ALA A 4939 20.89 25.58 -58.97
CA ALA A 4939 20.71 24.16 -59.25
C ALA A 4939 21.83 23.34 -58.61
N PHE A 4940 23.08 23.81 -58.73
CA PHE A 4940 24.18 23.15 -58.03
C PHE A 4940 23.89 23.02 -56.54
N GLY A 4941 23.53 24.14 -55.91
CA GLY A 4941 23.29 24.11 -54.47
C GLY A 4941 22.14 23.19 -54.10
N GLU A 4942 21.07 23.20 -54.90
CA GLU A 4942 19.91 22.37 -54.61
C GLU A 4942 20.24 20.89 -54.70
N LEU A 4943 21.01 20.50 -55.73
CA LEU A 4943 21.39 19.09 -55.85
C LEU A 4943 22.28 18.67 -54.68
N ARG A 4944 23.25 19.50 -54.31
CA ARG A 4944 24.10 19.16 -53.18
C ARG A 4944 23.29 19.04 -51.90
N ASP A 4945 22.35 19.96 -51.69
CA ASP A 4945 21.50 19.91 -50.50
C ASP A 4945 20.64 18.66 -50.48
N GLN A 4946 20.13 18.24 -51.65
CA GLN A 4946 19.35 17.00 -51.71
C GLN A 4946 20.20 15.80 -51.31
N GLN A 4947 21.41 15.70 -51.85
CA GLN A 4947 22.29 14.59 -51.47
C GLN A 4947 22.55 14.59 -49.97
N GLU A 4948 22.89 15.76 -49.41
CA GLU A 4948 23.19 15.84 -47.99
C GLU A 4948 21.98 15.49 -47.14
N GLN A 4949 20.79 15.92 -47.56
CA GLN A 4949 19.58 15.63 -46.81
C GLN A 4949 19.28 14.13 -46.81
N VAL A 4950 19.45 13.48 -47.96
CA VAL A 4950 19.23 12.03 -48.02
C VAL A 4950 20.21 11.32 -47.09
N LYS A 4951 21.48 11.70 -47.14
CA LYS A 4951 22.47 11.07 -46.28
C LYS A 4951 22.14 11.28 -44.81
N GLU A 4952 21.78 12.51 -44.44
CA GLU A 4952 21.47 12.81 -43.05
C GLU A 4952 20.25 12.03 -42.57
N ASP A 4953 19.21 11.95 -43.39
CA ASP A 4953 18.03 11.19 -43.00
C ASP A 4953 18.37 9.72 -42.80
N MET A 4954 19.15 9.15 -43.71
CA MET A 4954 19.51 7.74 -43.57
C MET A 4954 20.36 7.49 -42.33
N GLU A 4955 21.28 8.41 -42.01
CA GLU A 4955 22.15 8.22 -40.86
C GLU A 4955 21.52 8.62 -39.53
N THR A 4956 20.37 9.30 -39.56
CA THR A 4956 19.74 9.75 -38.32
C THR A 4956 18.41 9.08 -38.01
N LYS A 4957 17.77 8.41 -38.96
CA LYS A 4957 16.52 7.73 -38.68
C LYS A 4957 16.56 6.32 -39.26
N CYS A 4958 15.76 5.43 -38.67
CA CYS A 4958 15.61 4.09 -39.21
C CYS A 4958 14.66 4.12 -40.40
N PHE A 4959 15.08 3.50 -41.50
CA PHE A 4959 14.27 3.47 -42.70
C PHE A 4959 12.94 2.76 -42.50
N ILE A 4960 12.88 1.80 -41.57
CA ILE A 4960 11.67 1.00 -41.39
C ILE A 4960 10.77 1.64 -40.35
N CYS A 4961 11.24 1.75 -39.11
CA CYS A 4961 10.37 2.18 -38.02
C CYS A 4961 10.33 3.70 -37.86
N GLY A 4962 11.34 4.42 -38.36
CA GLY A 4962 11.34 5.86 -38.27
C GLY A 4962 11.80 6.43 -36.95
N ILE A 4963 12.18 5.59 -35.98
CA ILE A 4963 12.67 6.11 -34.71
C ILE A 4963 14.09 6.64 -34.89
N GLY A 4964 14.35 7.81 -34.33
CA GLY A 4964 15.61 8.47 -34.54
C GLY A 4964 16.77 7.77 -33.85
N SER A 4965 17.97 8.11 -34.31
CA SER A 4965 19.20 7.53 -33.77
C SER A 4965 19.43 7.90 -32.32
N ASP A 4966 18.89 9.04 -31.87
CA ASP A 4966 19.11 9.48 -30.49
C ASP A 4966 18.54 8.48 -29.49
N TYR A 4967 17.36 7.93 -29.78
CA TYR A 4967 16.77 6.94 -28.90
C TYR A 4967 17.63 5.69 -28.82
N PHE A 4968 18.13 5.22 -29.96
CA PHE A 4968 18.88 3.96 -29.96
C PHE A 4968 20.27 4.15 -29.38
N ASP A 4969 20.84 5.35 -29.46
CA ASP A 4969 22.19 5.58 -28.98
C ASP A 4969 22.31 5.55 -27.47
N THR A 4970 21.20 5.50 -26.73
CA THR A 4970 21.28 5.32 -25.29
C THR A 4970 22.05 4.04 -24.95
N THR A 4971 21.79 2.97 -25.67
CA THR A 4971 22.65 1.80 -25.66
C THR A 4971 23.83 2.04 -26.60
N PRO A 4972 25.06 1.74 -26.19
CA PRO A 4972 26.21 1.99 -27.06
C PRO A 4972 26.07 1.26 -28.40
N HIS A 4973 26.36 1.99 -29.47
CA HIS A 4973 26.21 1.50 -30.85
C HIS A 4973 24.80 0.99 -31.11
N GLY A 4974 23.83 1.56 -30.40
CA GLY A 4974 22.46 1.07 -30.49
C GLY A 4974 21.86 1.25 -31.87
N PHE A 4975 22.09 2.40 -32.49
CA PHE A 4975 21.54 2.63 -33.82
C PHE A 4975 22.20 1.72 -34.86
N GLU A 4976 23.51 1.53 -34.75
CA GLU A 4976 24.19 0.62 -35.67
C GLU A 4976 23.65 -0.79 -35.55
N THR A 4977 23.49 -1.29 -34.31
CA THR A 4977 22.92 -2.61 -34.13
C THR A 4977 21.49 -2.69 -34.64
N HIS A 4978 20.68 -1.66 -34.37
CA HIS A 4978 19.29 -1.68 -34.80
C HIS A 4978 19.19 -1.71 -36.32
N THR A 4979 20.02 -0.94 -37.02
CA THR A 4979 19.97 -0.92 -38.47
C THR A 4979 20.60 -2.15 -39.10
N LEU A 4980 21.54 -2.81 -38.43
CA LEU A 4980 22.20 -3.97 -39.02
C LEU A 4980 21.52 -5.30 -38.71
N GLU A 4981 20.85 -5.42 -37.57
CA GLU A 4981 20.26 -6.69 -37.17
C GLU A 4981 18.76 -6.64 -37.00
N GLU A 4982 18.25 -5.61 -36.32
CA GLU A 4982 16.84 -5.60 -35.94
C GLU A 4982 15.94 -5.19 -37.10
N HIS A 4983 16.20 -4.04 -37.71
CA HIS A 4983 15.35 -3.49 -38.75
C HIS A 4983 16.12 -3.28 -40.05
N ASN A 4984 16.90 -4.29 -40.44
CA ASN A 4984 17.64 -4.20 -41.71
C ASN A 4984 16.68 -4.44 -42.87
N LEU A 4985 16.68 -3.50 -43.83
CA LEU A 4985 15.78 -3.60 -44.97
C LEU A 4985 16.17 -4.74 -45.90
N ALA A 4986 17.47 -5.04 -45.99
CA ALA A 4986 17.90 -6.23 -46.73
C ALA A 4986 17.28 -7.49 -46.14
N ASN A 4987 17.14 -7.54 -44.82
CA ASN A 4987 16.50 -8.69 -44.20
C ASN A 4987 15.01 -8.76 -44.50
N TYR A 4988 14.34 -7.61 -44.66
CA TYR A 4988 12.95 -7.65 -45.10
C TYR A 4988 12.83 -8.15 -46.52
N MET A 4989 13.73 -7.72 -47.41
CA MET A 4989 13.75 -8.28 -48.76
C MET A 4989 13.98 -9.78 -48.73
N PHE A 4990 14.94 -10.23 -47.91
CA PHE A 4990 15.22 -11.65 -47.79
C PHE A 4990 14.04 -12.42 -47.23
N PHE A 4991 13.33 -11.83 -46.27
CA PHE A 4991 12.13 -12.48 -45.73
C PHE A 4991 11.06 -12.61 -46.80
N LEU A 4992 10.88 -11.58 -47.62
CA LEU A 4992 9.91 -11.69 -48.70
C LEU A 4992 10.29 -12.82 -49.67
N MET A 4993 11.57 -12.91 -50.02
CA MET A 4993 12.00 -13.98 -50.91
C MET A 4993 11.81 -15.35 -50.27
N TYR A 4994 12.11 -15.45 -48.98
CA TYR A 4994 11.94 -16.69 -48.23
C TYR A 4994 10.48 -17.12 -48.18
N LEU A 4995 9.58 -16.16 -47.94
CA LEU A 4995 8.16 -16.45 -47.96
C LEU A 4995 7.69 -16.91 -49.33
N ILE A 4996 8.16 -16.23 -50.38
CA ILE A 4996 7.77 -16.61 -51.74
C ILE A 4996 8.23 -18.00 -52.11
N ASN A 4997 9.45 -18.38 -51.73
CA ASN A 4997 9.97 -19.70 -52.05
C ASN A 4997 9.39 -20.79 -51.16
N LYS A 4998 9.07 -20.49 -49.90
CA LYS A 4998 8.63 -21.50 -48.96
C LYS A 4998 7.23 -22.00 -49.28
N ASP A 4999 6.94 -23.22 -48.82
CA ASP A 4999 5.62 -23.80 -49.00
C ASP A 4999 4.63 -23.25 -47.97
N GLU A 5000 3.40 -23.01 -48.42
CA GLU A 5000 2.38 -22.46 -47.54
C GLU A 5000 2.04 -23.42 -46.42
N THR A 5001 2.02 -24.72 -46.71
CA THR A 5001 1.77 -25.71 -45.67
C THR A 5001 2.89 -25.79 -44.65
N GLU A 5002 4.06 -25.27 -45.00
CA GLU A 5002 5.19 -25.20 -44.07
C GLU A 5002 5.34 -23.84 -43.41
N HIS A 5003 4.59 -22.84 -43.86
CA HIS A 5003 4.62 -21.53 -43.21
C HIS A 5003 4.25 -21.66 -41.74
N THR A 5004 5.00 -20.96 -40.89
CA THR A 5004 4.65 -20.87 -39.48
C THR A 5004 3.47 -19.91 -39.31
N GLY A 5005 3.08 -19.68 -38.06
CA GLY A 5005 2.00 -18.73 -37.82
C GLY A 5005 2.35 -17.31 -38.22
N GLN A 5006 3.54 -16.85 -37.82
CA GLN A 5006 3.96 -15.50 -38.17
C GLN A 5006 4.20 -15.36 -39.66
N GLU A 5007 4.80 -16.39 -40.27
CA GLU A 5007 5.01 -16.36 -41.72
C GLU A 5007 3.69 -16.34 -42.46
N SER A 5008 2.70 -17.12 -42.00
CA SER A 5008 1.39 -17.10 -42.63
C SER A 5008 0.72 -15.74 -42.48
N TYR A 5009 0.84 -15.13 -41.30
CA TYR A 5009 0.28 -13.80 -41.08
C TYR A 5009 0.88 -12.78 -42.04
N VAL A 5010 2.20 -12.74 -42.11
CA VAL A 5010 2.86 -11.78 -43.00
C VAL A 5010 2.54 -12.07 -44.45
N TRP A 5011 2.50 -13.34 -44.84
CA TRP A 5011 2.19 -13.71 -46.22
C TRP A 5011 0.78 -13.29 -46.59
N LYS A 5012 -0.18 -13.50 -45.69
CA LYS A 5012 -1.55 -13.10 -45.96
C LYS A 5012 -1.66 -11.58 -46.13
N MET A 5013 -1.03 -10.83 -45.21
CA MET A 5013 -1.15 -9.38 -45.31
C MET A 5013 -0.34 -8.84 -46.48
N TYR A 5014 0.64 -9.60 -46.96
CA TYR A 5014 1.33 -9.24 -48.19
C TYR A 5014 0.45 -9.47 -49.40
N GLN A 5015 -0.24 -10.62 -49.44
CA GLN A 5015 -1.14 -10.91 -50.55
C GLN A 5015 -2.30 -9.94 -50.59
N GLU A 5016 -2.69 -9.39 -49.44
CA GLU A 5016 -3.73 -8.37 -49.38
C GLU A 5016 -3.19 -6.96 -49.55
N ARG A 5017 -1.89 -6.81 -49.76
CA ARG A 5017 -1.24 -5.51 -49.92
C ARG A 5017 -1.50 -4.61 -48.70
N CYS A 5018 -1.48 -5.21 -47.52
CA CYS A 5018 -1.60 -4.48 -46.27
C CYS A 5018 -0.24 -4.49 -45.57
N TRP A 5019 0.31 -3.31 -45.32
CA TRP A 5019 1.65 -3.17 -44.76
C TRP A 5019 1.64 -2.80 -43.29
N ASP A 5020 0.68 -3.34 -42.53
CA ASP A 5020 0.64 -3.07 -41.10
C ASP A 5020 1.63 -3.90 -40.31
N PHE A 5021 2.21 -4.94 -40.93
CA PHE A 5021 3.20 -5.74 -40.23
C PHE A 5021 4.54 -5.02 -40.10
N PHE A 5022 4.81 -4.05 -40.94
CA PHE A 5022 6.02 -3.25 -40.79
C PHE A 5022 5.93 -2.45 -39.50
N PRO A 5023 6.94 -2.52 -38.62
CA PRO A 5023 6.90 -1.71 -37.41
C PRO A 5023 7.06 -0.24 -37.74
N ALA A 5024 6.12 0.56 -37.26
CA ALA A 5024 6.12 2.00 -37.52
C ALA A 5024 6.07 2.73 -36.19
N GLY A 5025 7.16 3.40 -35.83
CA GLY A 5025 7.22 4.08 -34.56
C GLY A 5025 7.36 3.19 -33.35
N ASP A 5026 7.63 1.91 -33.55
CA ASP A 5026 7.77 0.96 -32.46
C ASP A 5026 8.83 -0.06 -32.82
N CYS A 5027 9.40 -0.68 -31.80
CA CYS A 5027 10.44 -1.69 -32.00
C CYS A 5027 10.49 -2.61 -30.80
N PHE A 5028 11.23 -3.71 -30.96
CA PHE A 5028 11.37 -4.70 -29.89
C PHE A 5028 12.05 -4.09 -28.67
N ARG A 5029 13.07 -3.25 -28.90
CA ARG A 5029 13.78 -2.63 -27.78
C ARG A 5029 12.86 -1.69 -27.01
N LYS A 5030 12.00 -0.95 -27.72
CA LYS A 5030 11.09 -0.03 -27.06
C LYS A 5030 9.97 -0.76 -26.34
N GLN A 5031 9.44 -1.83 -26.93
CA GLN A 5031 8.29 -2.51 -26.34
C GLN A 5031 8.63 -3.16 -25.00
N TYR A 5032 9.85 -3.68 -24.87
CA TYR A 5032 10.29 -4.37 -23.66
C TYR A 5032 11.39 -3.60 -22.96
N GLU A 5033 11.22 -2.27 -22.85
CA GLU A 5033 12.26 -1.45 -22.22
C GLU A 5033 12.48 -1.86 -20.77
N ASP A 5034 11.40 -2.04 -20.01
CA ASP A 5034 11.54 -2.37 -18.59
C ASP A 5034 12.08 -3.78 -18.40
N GLN A 5035 11.64 -4.74 -19.22
CA GLN A 5035 12.14 -6.10 -19.08
C GLN A 5035 13.61 -6.20 -19.47
N LEU A 5036 14.00 -5.55 -20.57
CA LEU A 5036 15.37 -5.67 -21.05
C LEU A 5036 16.33 -4.84 -20.20
N SER A 5037 15.86 -3.74 -19.64
CA SER A 5037 16.71 -2.88 -18.81
C SER A 5037 16.44 -3.10 -17.33
N GLY B 2 -56.80 -106.30 -42.03
CA GLY B 2 -57.25 -104.94 -41.88
C GLY B 2 -57.45 -104.23 -43.21
N VAL B 3 -57.53 -105.01 -44.29
CA VAL B 3 -57.71 -104.48 -45.63
C VAL B 3 -59.10 -104.87 -46.11
N GLN B 4 -59.85 -103.90 -46.61
CA GLN B 4 -61.18 -104.12 -47.16
C GLN B 4 -61.21 -103.55 -48.57
N VAL B 5 -61.54 -104.39 -49.54
CA VAL B 5 -61.44 -104.03 -50.95
C VAL B 5 -62.85 -104.00 -51.55
N GLU B 6 -63.25 -102.84 -52.04
CA GLU B 6 -64.50 -102.67 -52.78
C GLU B 6 -64.19 -102.26 -54.21
N THR B 7 -64.76 -102.97 -55.17
CA THR B 7 -64.52 -102.68 -56.57
C THR B 7 -65.29 -101.44 -57.00
N ILE B 8 -64.64 -100.63 -57.84
CA ILE B 8 -65.28 -99.48 -58.46
C ILE B 8 -65.49 -99.71 -59.95
N SER B 9 -64.47 -100.22 -60.65
CA SER B 9 -64.57 -100.60 -62.04
C SER B 9 -63.83 -101.91 -62.19
N PRO B 10 -64.45 -102.91 -62.80
CA PRO B 10 -63.81 -104.23 -62.88
C PRO B 10 -62.61 -104.25 -63.82
N GLY B 11 -61.63 -105.08 -63.47
CA GLY B 11 -60.47 -105.31 -64.29
C GLY B 11 -60.68 -106.45 -65.26
N ASP B 12 -59.55 -106.93 -65.79
CA ASP B 12 -59.60 -108.07 -66.70
C ASP B 12 -60.07 -109.33 -65.99
N GLY B 13 -59.71 -109.48 -64.72
CA GLY B 13 -60.21 -110.56 -63.90
C GLY B 13 -59.35 -111.81 -63.86
N ARG B 14 -58.28 -111.88 -64.66
CA ARG B 14 -57.41 -113.05 -64.68
C ARG B 14 -56.00 -112.69 -64.22
N THR B 15 -55.48 -111.54 -64.64
CA THR B 15 -54.11 -111.17 -64.26
C THR B 15 -54.08 -110.66 -62.83
N PHE B 16 -53.19 -111.22 -62.02
CA PHE B 16 -53.05 -110.81 -60.64
C PHE B 16 -51.58 -110.61 -60.32
N PRO B 17 -51.25 -109.64 -59.46
CA PRO B 17 -49.85 -109.43 -59.11
C PRO B 17 -49.29 -110.60 -58.32
N LYS B 18 -47.99 -110.83 -58.52
CA LYS B 18 -47.27 -111.89 -57.81
C LYS B 18 -46.01 -111.30 -57.20
N ARG B 19 -45.49 -111.99 -56.19
CA ARG B 19 -44.32 -111.51 -55.48
C ARG B 19 -43.15 -111.30 -56.44
N GLY B 20 -42.50 -110.16 -56.32
CA GLY B 20 -41.40 -109.82 -57.22
C GLY B 20 -41.84 -109.23 -58.54
N GLN B 21 -43.03 -108.66 -58.61
CA GLN B 21 -43.54 -108.04 -59.83
C GLN B 21 -43.93 -106.60 -59.53
N THR B 22 -43.48 -105.68 -60.36
CA THR B 22 -43.76 -104.26 -60.16
C THR B 22 -45.20 -103.95 -60.53
N CYS B 23 -45.88 -103.22 -59.65
CA CYS B 23 -47.27 -102.80 -59.87
C CYS B 23 -47.27 -101.29 -60.12
N VAL B 24 -47.76 -100.88 -61.28
CA VAL B 24 -47.86 -99.47 -61.61
C VAL B 24 -49.31 -99.05 -61.37
N VAL B 25 -49.51 -98.15 -60.40
CA VAL B 25 -50.86 -97.79 -59.96
C VAL B 25 -51.01 -96.28 -59.94
N HIS B 26 -52.27 -95.85 -59.97
CA HIS B 26 -52.67 -94.49 -59.69
C HIS B 26 -53.60 -94.52 -58.49
N TYR B 27 -53.30 -93.72 -57.48
CA TYR B 27 -54.04 -93.77 -56.23
C TYR B 27 -54.42 -92.37 -55.77
N THR B 28 -55.34 -92.32 -54.83
CA THR B 28 -55.77 -91.06 -54.20
C THR B 28 -56.10 -91.37 -52.75
N GLY B 29 -55.21 -90.99 -51.85
CA GLY B 29 -55.38 -91.30 -50.44
C GLY B 29 -56.21 -90.26 -49.71
N MET B 30 -57.18 -90.74 -48.95
CA MET B 30 -58.00 -89.88 -48.11
C MET B 30 -58.10 -90.49 -46.72
N LEU B 31 -58.16 -89.62 -45.72
CA LEU B 31 -58.51 -90.09 -44.38
C LEU B 31 -59.98 -90.46 -44.34
N GLU B 32 -60.34 -91.31 -43.38
CA GLU B 32 -61.72 -91.78 -43.30
C GLU B 32 -62.69 -90.65 -42.98
N ASP B 33 -62.19 -89.50 -42.53
CA ASP B 33 -63.03 -88.31 -42.40
C ASP B 33 -63.38 -87.71 -43.76
N GLY B 34 -62.72 -88.15 -44.84
CA GLY B 34 -62.93 -87.60 -46.15
C GLY B 34 -61.93 -86.57 -46.60
N LYS B 35 -60.86 -86.35 -45.83
CA LYS B 35 -59.85 -85.36 -46.17
C LYS B 35 -58.76 -86.01 -47.03
N LYS B 36 -58.53 -85.46 -48.21
CA LYS B 36 -57.47 -85.94 -49.07
C LYS B 36 -56.11 -85.58 -48.50
N PHE B 37 -55.18 -86.53 -48.57
CA PHE B 37 -53.81 -86.28 -48.14
C PHE B 37 -52.76 -86.69 -49.16
N ASP B 38 -53.10 -87.50 -50.16
CA ASP B 38 -52.14 -87.89 -51.18
C ASP B 38 -52.89 -88.33 -52.43
N SER B 39 -52.25 -88.13 -53.57
CA SER B 39 -52.77 -88.61 -54.85
C SER B 39 -51.66 -88.52 -55.88
N SER B 40 -51.43 -89.61 -56.61
CA SER B 40 -50.41 -89.63 -57.64
C SER B 40 -50.85 -88.97 -58.94
N ARG B 41 -52.12 -88.60 -59.05
CA ARG B 41 -52.62 -87.95 -60.25
C ARG B 41 -52.38 -86.45 -60.26
N ASP B 42 -52.30 -85.81 -59.10
CA ASP B 42 -51.86 -84.43 -59.05
C ASP B 42 -50.38 -84.27 -59.35
N ARG B 43 -49.64 -85.37 -59.35
CA ARG B 43 -48.25 -85.36 -59.81
C ARG B 43 -48.11 -85.86 -61.24
N ASN B 44 -49.18 -86.33 -61.87
CA ASN B 44 -49.17 -86.77 -63.26
C ASN B 44 -48.11 -87.84 -63.50
N LYS B 45 -47.94 -88.71 -62.51
CA LYS B 45 -46.94 -89.76 -62.62
C LYS B 45 -47.40 -91.00 -61.85
N PRO B 46 -47.60 -92.12 -62.53
CA PRO B 46 -48.01 -93.34 -61.84
C PRO B 46 -46.97 -93.79 -60.83
N PHE B 47 -47.45 -94.41 -59.76
CA PHE B 47 -46.61 -94.86 -58.65
C PHE B 47 -46.26 -96.32 -58.85
N LYS B 48 -44.96 -96.62 -58.86
CA LYS B 48 -44.46 -97.96 -59.07
C LYS B 48 -43.90 -98.53 -57.78
N PHE B 49 -44.24 -99.79 -57.51
CA PHE B 49 -43.68 -100.52 -56.39
C PHE B 49 -43.75 -102.01 -56.68
N MET B 50 -42.82 -102.75 -56.09
CA MET B 50 -42.71 -104.18 -56.32
C MET B 50 -43.28 -104.92 -55.12
N LEU B 51 -44.17 -105.88 -55.39
CA LEU B 51 -44.85 -106.60 -54.32
C LEU B 51 -43.88 -107.54 -53.62
N GLY B 52 -43.90 -107.52 -52.29
CA GLY B 52 -43.11 -108.42 -51.46
C GLY B 52 -41.94 -107.77 -50.77
N LYS B 53 -41.43 -106.66 -51.31
CA LYS B 53 -40.29 -105.97 -50.73
C LYS B 53 -40.67 -105.09 -49.54
N GLN B 54 -41.95 -104.96 -49.23
CA GLN B 54 -42.42 -104.18 -48.10
C GLN B 54 -41.96 -102.72 -48.19
N GLU B 55 -42.05 -102.17 -49.40
CA GLU B 55 -41.80 -100.76 -49.60
C GLU B 55 -42.99 -99.89 -49.24
N VAL B 56 -44.17 -100.50 -49.10
CA VAL B 56 -45.40 -99.77 -48.80
C VAL B 56 -46.03 -100.39 -47.56
N ILE B 57 -47.09 -99.74 -47.08
CA ILE B 57 -47.79 -100.25 -45.91
C ILE B 57 -48.43 -101.60 -46.22
N ARG B 58 -48.79 -102.33 -45.16
CA ARG B 58 -49.32 -103.68 -45.34
C ARG B 58 -50.60 -103.68 -46.17
N GLY B 59 -51.50 -102.75 -45.88
CA GLY B 59 -52.79 -102.70 -46.53
C GLY B 59 -52.69 -102.62 -48.04
N TRP B 60 -51.66 -101.92 -48.53
CA TRP B 60 -51.42 -101.89 -49.96
C TRP B 60 -50.95 -103.24 -50.48
N GLU B 61 -50.05 -103.89 -49.75
CA GLU B 61 -49.51 -105.17 -50.20
C GLU B 61 -50.60 -106.24 -50.26
N GLU B 62 -51.44 -106.32 -49.23
CA GLU B 62 -52.54 -107.27 -49.25
C GLU B 62 -53.66 -106.80 -50.17
N GLY B 63 -53.95 -105.51 -50.17
CA GLY B 63 -55.04 -104.97 -50.95
C GLY B 63 -54.85 -105.05 -52.45
N VAL B 64 -53.67 -104.62 -52.93
CA VAL B 64 -53.41 -104.64 -54.37
C VAL B 64 -53.27 -106.06 -54.87
N ALA B 65 -52.77 -106.97 -54.02
CA ALA B 65 -52.64 -108.37 -54.43
C ALA B 65 -53.99 -108.98 -54.78
N GLN B 66 -55.06 -108.50 -54.16
CA GLN B 66 -56.41 -108.98 -54.46
C GLN B 66 -57.01 -108.29 -55.67
N MET B 67 -56.31 -107.34 -56.28
CA MET B 67 -56.82 -106.61 -57.44
C MET B 67 -56.29 -107.22 -58.72
N SER B 68 -56.98 -106.93 -59.82
CA SER B 68 -56.58 -107.36 -61.14
C SER B 68 -56.12 -106.15 -61.95
N VAL B 69 -55.49 -106.44 -63.09
CA VAL B 69 -54.98 -105.37 -63.94
C VAL B 69 -56.15 -104.63 -64.58
N GLY B 70 -56.13 -103.30 -64.47
CA GLY B 70 -57.19 -102.46 -64.96
C GLY B 70 -58.32 -102.23 -63.97
N GLN B 71 -58.29 -102.91 -62.84
CA GLN B 71 -59.34 -102.76 -61.85
C GLN B 71 -59.16 -101.47 -61.05
N ARG B 72 -60.26 -100.76 -60.83
CA ARG B 72 -60.30 -99.63 -59.92
C ARG B 72 -61.04 -100.07 -58.66
N ALA B 73 -60.38 -99.95 -57.52
CA ALA B 73 -60.95 -100.45 -56.28
C ALA B 73 -60.68 -99.46 -55.16
N LYS B 74 -61.51 -99.54 -54.13
CA LYS B 74 -61.39 -98.69 -52.95
C LYS B 74 -60.89 -99.54 -51.78
N LEU B 75 -59.75 -99.16 -51.21
CA LEU B 75 -59.15 -99.89 -50.11
C LEU B 75 -59.35 -99.11 -48.82
N THR B 76 -59.91 -99.77 -47.81
CA THR B 76 -60.06 -99.18 -46.48
C THR B 76 -59.09 -99.89 -45.55
N ILE B 77 -58.01 -99.20 -45.21
CA ILE B 77 -56.92 -99.78 -44.43
C ILE B 77 -57.11 -99.45 -42.97
N SER B 78 -57.13 -100.48 -42.12
CA SER B 78 -57.14 -100.29 -40.68
C SER B 78 -55.83 -99.66 -40.23
N PRO B 79 -55.86 -98.85 -39.16
CA PRO B 79 -54.64 -98.19 -38.72
C PRO B 79 -53.51 -99.15 -38.36
N ASP B 80 -53.83 -100.32 -37.79
CA ASP B 80 -52.78 -101.26 -37.44
C ASP B 80 -52.21 -101.98 -38.66
N TYR B 81 -52.94 -101.99 -39.78
CA TYR B 81 -52.38 -102.36 -41.07
C TYR B 81 -51.80 -101.16 -41.79
N ALA B 82 -51.49 -100.10 -41.06
CA ALA B 82 -51.03 -98.83 -41.61
C ALA B 82 -50.07 -98.18 -40.63
N TYR B 83 -49.86 -96.87 -40.77
CA TYR B 83 -48.91 -96.14 -39.95
C TYR B 83 -49.19 -96.26 -38.46
N GLY B 84 -50.42 -96.55 -38.06
CA GLY B 84 -50.68 -97.01 -36.70
C GLY B 84 -50.60 -95.88 -35.68
N ALA B 85 -50.14 -96.25 -34.49
CA ALA B 85 -50.10 -95.34 -33.35
C ALA B 85 -49.19 -94.14 -33.57
N THR B 86 -48.07 -94.33 -34.27
CA THR B 86 -47.18 -93.22 -34.55
C THR B 86 -47.80 -92.29 -35.59
N GLY B 87 -48.09 -92.82 -36.78
CA GLY B 87 -48.67 -92.02 -37.83
C GLY B 87 -47.64 -91.12 -38.49
N HIS B 88 -47.79 -90.91 -39.80
CA HIS B 88 -46.91 -90.00 -40.53
C HIS B 88 -47.03 -88.61 -39.94
N PRO B 89 -45.96 -88.10 -39.33
CA PRO B 89 -46.07 -86.82 -38.60
C PRO B 89 -46.36 -85.66 -39.53
N GLY B 90 -47.33 -84.82 -39.14
CA GLY B 90 -47.72 -83.67 -39.90
C GLY B 90 -48.61 -83.98 -41.09
N ILE B 91 -48.89 -85.25 -41.34
CA ILE B 91 -49.66 -85.67 -42.51
C ILE B 91 -50.86 -86.49 -42.08
N ILE B 92 -50.59 -87.61 -41.41
CA ILE B 92 -51.61 -88.57 -41.01
C ILE B 92 -51.64 -88.61 -39.49
N PRO B 93 -52.79 -88.34 -38.86
CA PRO B 93 -52.83 -88.35 -37.40
C PRO B 93 -52.70 -89.76 -36.86
N PRO B 94 -52.32 -89.91 -35.60
CA PRO B 94 -52.28 -91.24 -34.99
C PRO B 94 -53.66 -91.90 -34.98
N HIS B 95 -53.67 -93.23 -35.13
CA HIS B 95 -54.88 -94.05 -35.13
C HIS B 95 -55.86 -93.57 -36.21
N ALA B 96 -55.36 -93.58 -37.44
CA ALA B 96 -56.12 -93.10 -38.59
C ALA B 96 -56.41 -94.25 -39.53
N THR B 97 -57.67 -94.38 -39.93
CA THR B 97 -58.07 -95.34 -40.94
C THR B 97 -57.97 -94.68 -42.30
N LEU B 98 -57.23 -95.30 -43.21
CA LEU B 98 -56.94 -94.73 -44.51
C LEU B 98 -57.83 -95.34 -45.58
N VAL B 99 -58.35 -94.50 -46.46
CA VAL B 99 -59.18 -94.91 -47.58
C VAL B 99 -58.46 -94.52 -48.86
N PHE B 100 -58.27 -95.48 -49.76
CA PHE B 100 -57.54 -95.26 -51.00
C PHE B 100 -58.42 -95.62 -52.19
N ASP B 101 -58.25 -94.89 -53.28
CA ASP B 101 -58.90 -95.20 -54.56
C ASP B 101 -57.79 -95.61 -55.51
N VAL B 102 -57.54 -96.91 -55.62
CA VAL B 102 -56.41 -97.44 -56.36
C VAL B 102 -56.88 -97.98 -57.70
N GLU B 103 -56.03 -97.83 -58.71
CA GLU B 103 -56.27 -98.37 -60.04
C GLU B 103 -54.99 -99.06 -60.51
N LEU B 104 -55.07 -100.37 -60.74
CA LEU B 104 -53.92 -101.14 -61.20
C LEU B 104 -53.76 -100.93 -62.70
N LEU B 105 -52.90 -99.99 -63.08
CA LEU B 105 -52.75 -99.65 -64.50
C LEU B 105 -52.11 -100.80 -65.27
N LYS B 106 -51.00 -101.34 -64.76
CA LYS B 106 -50.28 -102.38 -65.47
C LYS B 106 -49.32 -103.05 -64.49
N LEU B 107 -48.89 -104.26 -64.85
CA LEU B 107 -47.89 -104.99 -64.09
C LEU B 107 -46.62 -105.07 -64.93
N GLU B 108 -45.49 -104.66 -64.34
CA GLU B 108 -44.23 -104.64 -65.05
C GLU B 108 -43.09 -105.10 -64.15
N GLY C 2 -118.45 44.80 15.52
CA GLY C 2 -117.15 45.25 15.95
C GLY C 2 -116.72 46.53 15.26
N VAL C 3 -117.67 47.19 14.60
CA VAL C 3 -117.43 48.43 13.88
C VAL C 3 -118.08 49.58 14.64
N GLN C 4 -117.31 50.64 14.87
CA GLN C 4 -117.80 51.83 15.55
C GLN C 4 -117.47 53.03 14.68
N VAL C 5 -118.49 53.77 14.27
CA VAL C 5 -118.34 54.85 13.30
C VAL C 5 -118.61 56.17 14.00
N GLU C 6 -117.60 57.05 13.99
CA GLU C 6 -117.74 58.42 14.46
C GLU C 6 -117.51 59.38 13.31
N THR C 7 -118.46 60.29 13.10
CA THR C 7 -118.35 61.25 12.02
C THR C 7 -117.32 62.31 12.35
N ILE C 8 -116.55 62.71 11.33
CA ILE C 8 -115.62 63.82 11.43
C ILE C 8 -116.10 65.03 10.64
N SER C 9 -116.55 64.81 9.40
CA SER C 9 -117.15 65.84 8.59
C SER C 9 -118.36 65.21 7.92
N PRO C 10 -119.53 65.85 8.00
CA PRO C 10 -120.75 65.25 7.46
C PRO C 10 -120.72 65.15 5.95
N GLY C 11 -121.35 64.09 5.44
CA GLY C 11 -121.51 63.88 4.03
C GLY C 11 -122.80 64.51 3.50
N ASP C 12 -123.17 64.07 2.30
CA ASP C 12 -124.42 64.54 1.70
C ASP C 12 -125.63 64.08 2.50
N GLY C 13 -125.53 62.91 3.13
CA GLY C 13 -126.58 62.40 3.99
C GLY C 13 -127.66 61.61 3.30
N ARG C 14 -127.63 61.52 1.97
CA ARG C 14 -128.64 60.78 1.22
C ARG C 14 -128.01 59.57 0.53
N THR C 15 -126.96 59.76 -0.27
CA THR C 15 -126.37 58.65 -1.02
C THR C 15 -125.66 57.69 -0.06
N PHE C 16 -125.94 56.40 -0.21
CA PHE C 16 -125.31 55.37 0.58
C PHE C 16 -124.86 54.24 -0.33
N PRO C 17 -123.73 53.60 -0.02
CA PRO C 17 -123.26 52.49 -0.84
C PRO C 17 -124.21 51.30 -0.78
N LYS C 18 -124.28 50.57 -1.89
CA LYS C 18 -125.09 49.37 -1.99
C LYS C 18 -124.24 48.24 -2.53
N ARG C 19 -124.69 47.01 -2.29
CA ARG C 19 -123.93 45.83 -2.72
C ARG C 19 -123.73 45.86 -4.23
N GLY C 20 -122.50 45.60 -4.65
CA GLY C 20 -122.16 45.66 -6.06
C GLY C 20 -121.84 47.03 -6.59
N GLN C 21 -121.47 47.96 -5.72
CA GLN C 21 -121.12 49.32 -6.12
C GLN C 21 -119.73 49.65 -5.61
N THR C 22 -118.89 50.18 -6.48
CA THR C 22 -117.52 50.50 -6.13
C THR C 22 -117.47 51.77 -5.27
N CYS C 23 -116.72 51.70 -4.17
CA CYS C 23 -116.54 52.83 -3.27
C CYS C 23 -115.10 53.32 -3.40
N VAL C 24 -114.95 54.59 -3.78
CA VAL C 24 -113.64 55.21 -3.91
C VAL C 24 -113.38 56.02 -2.65
N VAL C 25 -112.39 55.61 -1.86
CA VAL C 25 -112.16 56.20 -0.54
C VAL C 25 -110.70 56.60 -0.40
N HIS C 26 -110.47 57.51 0.54
CA HIS C 26 -109.14 57.85 1.04
C HIS C 26 -109.12 57.53 2.52
N TYR C 27 -108.13 56.75 2.96
CA TYR C 27 -108.09 56.28 4.33
C TYR C 27 -106.70 56.48 4.92
N THR C 28 -106.64 56.34 6.25
CA THR C 28 -105.38 56.41 6.98
C THR C 28 -105.50 55.48 8.17
N GLY C 29 -104.84 54.32 8.10
CA GLY C 29 -104.97 53.32 9.14
C GLY C 29 -103.95 53.51 10.25
N MET C 30 -104.44 53.45 11.48
CA MET C 30 -103.60 53.52 12.66
C MET C 30 -103.98 52.42 13.63
N LEU C 31 -102.99 51.87 14.33
CA LEU C 31 -103.29 51.00 15.44
C LEU C 31 -103.82 51.82 16.61
N GLU C 32 -104.52 51.15 17.52
CA GLU C 32 -105.24 51.86 18.57
C GLU C 32 -104.31 52.58 19.54
N ASP C 33 -103.02 52.27 19.53
CA ASP C 33 -102.08 53.05 20.33
C ASP C 33 -101.61 54.30 19.60
N GLY C 34 -102.03 54.52 18.36
CA GLY C 34 -101.71 55.72 17.63
C GLY C 34 -100.62 55.60 16.59
N LYS C 35 -100.13 54.41 16.31
CA LYS C 35 -99.08 54.22 15.31
C LYS C 35 -99.72 54.00 13.95
N LYS C 36 -99.32 54.83 12.98
CA LYS C 36 -99.81 54.68 11.62
C LYS C 36 -99.19 53.47 10.95
N PHE C 37 -99.99 52.78 10.14
CA PHE C 37 -99.50 51.66 9.35
C PHE C 37 -99.93 51.68 7.89
N ASP C 38 -100.90 52.52 7.52
CA ASP C 38 -101.33 52.59 6.12
C ASP C 38 -102.02 53.92 5.88
N SER C 39 -101.90 54.40 4.64
CA SER C 39 -102.61 55.58 4.20
C SER C 39 -102.52 55.67 2.68
N SER C 40 -103.66 55.83 2.03
CA SER C 40 -103.67 55.99 0.58
C SER C 40 -103.24 57.36 0.13
N ARG C 41 -103.25 58.35 1.03
CA ARG C 41 -102.82 59.70 0.68
C ARG C 41 -101.31 59.82 0.53
N ASP C 42 -100.54 59.00 1.23
CA ASP C 42 -99.10 58.92 0.99
C ASP C 42 -98.79 58.25 -0.34
N ARG C 43 -99.76 57.58 -0.95
CA ARG C 43 -99.62 57.06 -2.30
C ARG C 43 -100.31 57.92 -3.34
N ASN C 44 -101.11 58.90 -2.90
CA ASN C 44 -101.75 59.86 -3.80
C ASN C 44 -102.66 59.15 -4.80
N LYS C 45 -103.29 58.08 -4.35
CA LYS C 45 -104.18 57.31 -5.20
C LYS C 45 -105.34 56.79 -4.38
N PRO C 46 -106.56 57.23 -4.65
CA PRO C 46 -107.72 56.73 -3.90
C PRO C 46 -107.87 55.24 -4.04
N PHE C 47 -108.34 54.61 -2.97
CA PHE C 47 -108.48 53.16 -2.90
C PHE C 47 -109.89 52.77 -3.32
N LYS C 48 -109.99 51.91 -4.32
CA LYS C 48 -111.28 51.47 -4.86
C LYS C 48 -111.56 50.04 -4.44
N PHE C 49 -112.78 49.80 -3.99
CA PHE C 49 -113.24 48.45 -3.68
C PHE C 49 -114.75 48.40 -3.83
N MET C 50 -115.25 47.22 -4.17
CA MET C 50 -116.67 47.04 -4.47
C MET C 50 -117.32 46.27 -3.32
N LEU C 51 -118.44 46.78 -2.85
CA LEU C 51 -119.08 46.27 -1.64
C LEU C 51 -119.73 44.92 -1.89
N GLY C 52 -119.55 43.98 -0.96
CA GLY C 52 -120.21 42.70 -0.96
C GLY C 52 -119.31 41.54 -1.34
N LYS C 53 -118.26 41.80 -2.10
CA LYS C 53 -117.34 40.76 -2.56
C LYS C 53 -116.19 40.48 -1.58
N GLN C 54 -116.21 41.09 -0.39
CA GLN C 54 -115.31 40.71 0.71
C GLN C 54 -113.84 40.82 0.32
N GLU C 55 -113.52 41.85 -0.46
CA GLU C 55 -112.13 42.15 -0.77
C GLU C 55 -111.43 42.86 0.38
N VAL C 56 -112.18 43.54 1.24
CA VAL C 56 -111.64 44.23 2.39
C VAL C 56 -112.16 43.57 3.65
N ILE C 57 -111.72 44.08 4.80
CA ILE C 57 -112.06 43.44 6.05
C ILE C 57 -113.54 43.68 6.39
N ARG C 58 -114.04 42.85 7.31
CA ARG C 58 -115.45 42.93 7.71
C ARG C 58 -115.77 44.30 8.29
N GLY C 59 -114.88 44.82 9.12
CA GLY C 59 -115.06 46.13 9.71
C GLY C 59 -115.22 47.20 8.66
N TRP C 60 -114.35 47.17 7.65
CA TRP C 60 -114.47 48.13 6.55
C TRP C 60 -115.79 47.98 5.80
N GLU C 61 -116.17 46.73 5.52
CA GLU C 61 -117.38 46.50 4.73
C GLU C 61 -118.62 47.03 5.45
N GLU C 62 -118.71 46.80 6.76
CA GLU C 62 -119.86 47.34 7.48
C GLU C 62 -119.74 48.85 7.70
N GLY C 63 -118.55 49.35 8.00
CA GLY C 63 -118.38 50.76 8.31
C GLY C 63 -118.63 51.69 7.14
N VAL C 64 -118.09 51.36 5.96
CA VAL C 64 -118.33 52.19 4.80
C VAL C 64 -119.80 52.16 4.39
N ALA C 65 -120.48 51.04 4.67
CA ALA C 65 -121.89 50.93 4.33
C ALA C 65 -122.73 51.93 5.11
N GLN C 66 -122.33 52.25 6.34
CA GLN C 66 -123.05 53.23 7.15
C GLN C 66 -122.64 54.66 6.84
N MET C 67 -121.70 54.87 5.92
CA MET C 67 -121.23 56.19 5.56
C MET C 67 -121.95 56.71 4.33
N SER C 68 -121.94 58.02 4.17
CA SER C 68 -122.51 58.68 3.00
C SER C 68 -121.40 59.25 2.13
N VAL C 69 -121.75 59.63 0.91
CA VAL C 69 -120.77 60.17 -0.03
C VAL C 69 -120.32 61.54 0.47
N GLY C 70 -119.00 61.73 0.53
CA GLY C 70 -118.41 62.94 1.02
C GLY C 70 -118.19 62.97 2.52
N GLN C 71 -118.64 61.95 3.23
CA GLN C 71 -118.49 61.90 4.68
C GLN C 71 -117.09 61.46 5.07
N ARG C 72 -116.52 62.15 6.05
CA ARG C 72 -115.27 61.74 6.69
C ARG C 72 -115.61 61.18 8.06
N ALA C 73 -115.24 59.92 8.29
CA ALA C 73 -115.61 59.26 9.52
C ALA C 73 -114.43 58.46 10.05
N LYS C 74 -114.46 58.20 11.36
CA LYS C 74 -113.44 57.42 12.04
C LYS C 74 -114.02 56.06 12.38
N LEU C 75 -113.39 55.00 11.90
CA LEU C 75 -113.84 53.63 12.14
C LEU C 75 -112.90 52.97 13.13
N THR C 76 -113.47 52.40 14.18
CA THR C 76 -112.71 51.64 15.18
C THR C 76 -113.10 50.18 15.05
N ILE C 77 -112.25 49.39 14.40
CA ILE C 77 -112.54 48.01 14.09
C ILE C 77 -112.01 47.11 15.19
N SER C 78 -112.87 46.27 15.74
CA SER C 78 -112.45 45.25 16.68
C SER C 78 -111.59 44.22 15.99
N PRO C 79 -110.64 43.62 16.71
CA PRO C 79 -109.75 42.64 16.06
C PRO C 79 -110.49 41.46 15.43
N ASP C 80 -111.57 40.99 16.04
CA ASP C 80 -112.29 39.86 15.46
C ASP C 80 -113.10 40.26 14.23
N TYR C 81 -113.39 41.55 14.06
CA TYR C 81 -113.88 42.09 12.81
C TYR C 81 -112.74 42.50 11.89
N ALA C 82 -111.54 41.99 12.13
CA ALA C 82 -110.33 42.38 11.43
C ALA C 82 -109.40 41.18 11.34
N TYR C 83 -108.11 41.42 11.11
CA TYR C 83 -107.12 40.37 10.92
C TYR C 83 -107.06 39.41 12.11
N GLY C 84 -107.45 39.83 13.30
CA GLY C 84 -107.71 38.91 14.38
C GLY C 84 -106.45 38.31 14.99
N ALA C 85 -106.56 37.05 15.40
CA ALA C 85 -105.49 36.37 16.12
C ALA C 85 -104.23 36.21 15.30
N THR C 86 -104.35 36.02 13.99
CA THR C 86 -103.17 35.89 13.14
C THR C 86 -102.52 37.25 12.96
N GLY C 87 -103.26 38.20 12.38
CA GLY C 87 -102.73 39.52 12.15
C GLY C 87 -101.81 39.57 10.95
N HIS C 88 -101.84 40.66 10.20
CA HIS C 88 -100.94 40.85 9.07
C HIS C 88 -99.50 40.78 9.55
N PRO C 89 -98.76 39.75 9.14
CA PRO C 89 -97.41 39.56 9.68
C PRO C 89 -96.47 40.69 9.31
N GLY C 90 -95.73 41.19 10.31
CA GLY C 90 -94.78 42.27 10.12
C GLY C 90 -95.40 43.64 10.01
N ILE C 91 -96.72 43.74 10.07
CA ILE C 91 -97.42 45.00 9.89
C ILE C 91 -98.34 45.26 11.07
N ILE C 92 -99.24 44.33 11.34
CA ILE C 92 -100.26 44.47 12.36
C ILE C 92 -100.07 43.34 13.37
N PRO C 93 -99.88 43.65 14.66
CA PRO C 93 -99.67 42.59 15.63
C PRO C 93 -100.95 41.81 15.87
N PRO C 94 -100.85 40.59 16.38
CA PRO C 94 -102.05 39.83 16.73
C PRO C 94 -102.89 40.54 17.78
N HIS C 95 -104.21 40.40 17.68
CA HIS C 95 -105.17 41.00 18.59
C HIS C 95 -105.00 42.52 18.64
N ALA C 96 -105.17 43.14 17.47
CA ALA C 96 -104.98 44.57 17.31
C ALA C 96 -106.30 45.20 16.92
N THR C 97 -106.67 46.27 17.63
CA THR C 97 -107.83 47.08 17.28
C THR C 97 -107.38 48.19 16.33
N LEU C 98 -108.00 48.23 15.15
CA LEU C 98 -107.60 49.15 14.10
C LEU C 98 -108.49 50.38 14.11
N VAL C 99 -107.87 51.55 13.92
CA VAL C 99 -108.58 52.82 13.81
C VAL C 99 -108.30 53.41 12.44
N PHE C 100 -109.35 53.76 11.73
CA PHE C 100 -109.24 54.27 10.37
C PHE C 100 -109.90 55.64 10.27
N ASP C 101 -109.34 56.50 9.43
CA ASP C 101 -109.93 57.80 9.10
C ASP C 101 -110.31 57.72 7.63
N VAL C 102 -111.57 57.37 7.37
CA VAL C 102 -112.03 57.09 6.02
C VAL C 102 -112.85 58.27 5.51
N GLU C 103 -112.73 58.52 4.21
CA GLU C 103 -113.51 59.56 3.53
C GLU C 103 -114.07 58.96 2.25
N LEU C 104 -115.40 58.90 2.15
CA LEU C 104 -116.06 58.36 0.96
C LEU C 104 -116.07 59.43 -0.13
N LEU C 105 -115.08 59.37 -1.02
CA LEU C 105 -114.95 60.39 -2.05
C LEU C 105 -116.11 60.33 -3.04
N LYS C 106 -116.40 59.14 -3.57
CA LYS C 106 -117.42 59.00 -4.58
C LYS C 106 -117.79 57.52 -4.69
N LEU C 107 -118.96 57.26 -5.26
CA LEU C 107 -119.42 55.92 -5.54
C LEU C 107 -119.45 55.72 -7.05
N GLU C 108 -118.80 54.65 -7.52
CA GLU C 108 -118.71 54.39 -8.94
C GLU C 108 -118.87 52.90 -9.23
N GLY D 2 29.38 72.70 100.93
CA GLY D 2 30.06 71.63 100.24
C GLY D 2 31.25 72.09 99.42
N VAL D 3 31.73 73.30 99.72
CA VAL D 3 32.88 73.89 99.04
C VAL D 3 34.01 74.02 100.03
N GLN D 4 35.20 73.56 99.63
CA GLN D 4 36.40 73.65 100.45
C GLN D 4 37.47 74.34 99.62
N VAL D 5 37.99 75.45 100.14
CA VAL D 5 38.89 76.33 99.40
C VAL D 5 40.27 76.27 100.05
N GLU D 6 41.27 75.82 99.29
CA GLU D 6 42.65 75.82 99.70
C GLU D 6 43.46 76.75 98.80
N THR D 7 44.18 77.68 99.42
CA THR D 7 44.96 78.63 98.65
C THR D 7 46.21 77.96 98.07
N ILE D 8 46.54 78.33 96.83
CA ILE D 8 47.77 77.90 96.19
C ILE D 8 48.75 79.06 96.04
N SER D 9 48.28 80.22 95.60
CA SER D 9 49.07 81.43 95.52
C SER D 9 48.19 82.57 96.01
N PRO D 10 48.66 83.37 96.96
CA PRO D 10 47.80 84.41 97.53
C PRO D 10 47.47 85.50 96.54
N GLY D 11 46.27 86.05 96.68
CA GLY D 11 45.83 87.17 95.88
C GLY D 11 46.17 88.50 96.52
N ASP D 12 45.48 89.55 96.04
CA ASP D 12 45.67 90.88 96.61
C ASP D 12 45.18 90.94 98.05
N GLY D 13 44.15 90.16 98.37
CA GLY D 13 43.66 90.05 99.72
C GLY D 13 42.62 91.09 100.12
N ARG D 14 42.33 92.06 99.25
CA ARG D 14 41.35 93.09 99.55
C ARG D 14 40.13 92.97 98.64
N THR D 15 40.33 92.95 97.33
CA THR D 15 39.20 92.93 96.41
C THR D 15 38.53 91.56 96.41
N PHE D 16 37.21 91.56 96.53
CA PHE D 16 36.43 90.34 96.52
C PHE D 16 35.25 90.49 95.57
N PRO D 17 34.83 89.40 94.93
CA PRO D 17 33.68 89.48 94.03
C PRO D 17 32.40 89.78 94.77
N LYS D 18 31.50 90.49 94.10
CA LYS D 18 30.19 90.83 94.64
C LYS D 18 29.12 90.46 93.62
N ARG D 19 27.89 90.29 94.11
CA ARG D 19 26.79 89.90 93.24
C ARG D 19 26.61 90.90 92.11
N GLY D 20 26.46 90.38 90.89
CA GLY D 20 26.34 91.22 89.73
C GLY D 20 27.64 91.71 89.15
N GLN D 21 28.75 91.03 89.45
CA GLN D 21 30.05 91.41 88.93
C GLN D 21 30.66 90.21 88.21
N THR D 22 31.16 90.45 87.00
CA THR D 22 31.74 89.39 86.18
C THR D 22 33.11 88.99 86.70
N CYS D 23 33.32 87.69 86.86
CA CYS D 23 34.59 87.14 87.32
C CYS D 23 35.25 86.44 86.13
N VAL D 24 36.45 86.90 85.78
CA VAL D 24 37.23 86.30 84.70
C VAL D 24 38.26 85.36 85.34
N VAL D 25 38.13 84.05 85.09
CA VAL D 25 38.93 83.05 85.76
C VAL D 25 39.56 82.12 84.74
N HIS D 26 40.62 81.45 85.18
CA HIS D 26 41.22 80.32 84.49
C HIS D 26 41.14 79.12 85.43
N TYR D 27 40.59 78.01 84.95
CA TYR D 27 40.34 76.86 85.80
C TYR D 27 40.82 75.59 85.12
N THR D 28 40.93 74.54 85.93
CA THR D 28 41.28 73.21 85.44
C THR D 28 40.54 72.20 86.30
N GLY D 29 39.50 71.58 85.74
CA GLY D 29 38.65 70.68 86.49
C GLY D 29 39.16 69.25 86.43
N MET D 30 39.20 68.61 87.60
CA MET D 30 39.59 67.21 87.72
C MET D 30 38.60 66.50 88.64
N LEU D 31 38.29 65.25 88.30
CA LEU D 31 37.58 64.40 89.24
C LEU D 31 38.53 64.04 90.38
N GLU D 32 37.94 63.69 91.54
CA GLU D 32 38.75 63.59 92.75
C GLU D 32 39.76 62.46 92.69
N ASP D 33 39.57 61.49 91.79
CA ASP D 33 40.57 60.46 91.58
C ASP D 33 41.75 60.95 90.76
N GLY D 34 41.69 62.17 90.24
CA GLY D 34 42.80 62.75 89.53
C GLY D 34 42.69 62.83 88.02
N LYS D 35 41.53 62.49 87.46
CA LYS D 35 41.34 62.53 86.01
C LYS D 35 40.85 63.91 85.60
N LYS D 36 41.58 64.56 84.71
CA LYS D 36 41.17 65.85 84.18
C LYS D 36 39.97 65.69 83.26
N PHE D 37 39.03 66.63 83.36
CA PHE D 37 37.88 66.66 82.47
C PHE D 37 37.60 68.02 81.85
N ASP D 38 38.20 69.09 82.34
CA ASP D 38 38.00 70.41 81.75
C ASP D 38 39.15 71.33 82.15
N SER D 39 39.43 72.29 81.27
CA SER D 39 40.42 73.32 81.56
C SER D 39 40.26 74.43 80.54
N SER D 40 40.16 75.67 81.01
CA SER D 40 40.04 76.82 80.12
C SER D 40 41.38 77.24 79.53
N ARG D 41 42.48 76.66 80.00
CA ARG D 41 43.79 76.99 79.46
C ARG D 41 44.13 76.20 78.21
N ASP D 42 43.57 75.01 78.04
CA ASP D 42 43.68 74.28 76.78
C ASP D 42 42.88 74.94 75.67
N ARG D 43 42.01 75.89 76.01
CA ARG D 43 41.32 76.69 75.02
C ARG D 43 41.89 78.08 74.87
N ASN D 44 42.88 78.44 75.69
CA ASN D 44 43.55 79.74 75.61
C ASN D 44 42.56 80.89 75.69
N LYS D 45 41.55 80.73 76.52
CA LYS D 45 40.50 81.73 76.66
C LYS D 45 39.95 81.73 78.09
N PRO D 46 40.13 82.81 78.83
CA PRO D 46 39.58 82.87 80.20
C PRO D 46 38.07 82.75 80.19
N PHE D 47 37.55 82.15 81.26
CA PHE D 47 36.13 81.88 81.40
C PHE D 47 35.48 83.00 82.20
N LYS D 48 34.44 83.60 81.64
CA LYS D 48 33.75 84.72 82.27
C LYS D 48 32.37 84.28 82.74
N PHE D 49 32.01 84.69 83.95
CA PHE D 49 30.67 84.46 84.47
C PHE D 49 30.37 85.52 85.52
N MET D 50 29.09 85.81 85.69
CA MET D 50 28.63 86.85 86.60
C MET D 50 28.05 86.22 87.86
N LEU D 51 28.49 86.70 89.01
CA LEU D 51 28.08 86.13 90.28
C LEU D 51 26.61 86.47 90.57
N GLY D 52 25.86 85.47 91.00
CA GLY D 52 24.48 85.63 91.40
C GLY D 52 23.46 85.09 90.41
N LYS D 53 23.84 84.98 89.13
CA LYS D 53 22.90 84.54 88.11
C LYS D 53 22.78 83.02 88.03
N GLN D 54 23.56 82.30 88.81
CA GLN D 54 23.52 80.83 88.89
C GLN D 54 23.79 80.19 87.53
N GLU D 55 24.71 80.79 86.79
CA GLU D 55 25.14 80.21 85.52
C GLU D 55 26.10 79.06 85.70
N VAL D 56 26.66 78.90 86.89
CA VAL D 56 27.61 77.84 87.19
C VAL D 56 27.09 77.06 88.39
N ILE D 57 27.77 75.95 88.70
CA ILE D 57 27.38 75.14 89.84
C ILE D 57 27.56 75.94 91.13
N ARG D 58 26.92 75.45 92.19
CA ARG D 58 26.93 76.18 93.46
C ARG D 58 28.36 76.34 93.99
N GLY D 59 29.15 75.28 93.93
CA GLY D 59 30.48 75.29 94.49
C GLY D 59 31.35 76.38 93.92
N TRP D 60 31.17 76.67 92.64
CA TRP D 60 31.88 77.79 92.03
C TRP D 60 31.41 79.12 92.58
N GLU D 61 30.09 79.29 92.72
CA GLU D 61 29.55 80.57 93.18
C GLU D 61 29.97 80.85 94.62
N GLU D 62 29.90 79.84 95.50
CA GLU D 62 30.36 80.04 96.87
C GLU D 62 31.88 80.05 96.95
N GLY D 63 32.54 79.18 96.19
CA GLY D 63 33.99 79.07 96.24
C GLY D 63 34.73 80.29 95.73
N VAL D 64 34.33 80.81 94.57
CA VAL D 64 35.00 81.97 94.01
C VAL D 64 34.72 83.22 94.84
N ALA D 65 33.54 83.28 95.47
CA ALA D 65 33.19 84.44 96.29
C ALA D 65 34.17 84.59 97.46
N GLN D 66 34.73 83.49 97.93
CA GLN D 66 35.71 83.52 99.01
C GLN D 66 37.12 83.81 98.52
N MET D 67 37.30 83.98 97.21
CA MET D 67 38.61 84.23 96.63
C MET D 67 38.81 85.71 96.38
N SER D 68 40.07 86.10 96.23
CA SER D 68 40.44 87.47 95.89
C SER D 68 41.05 87.51 94.50
N VAL D 69 41.18 88.72 93.96
CA VAL D 69 41.72 88.88 92.62
C VAL D 69 43.20 88.53 92.63
N GLY D 70 43.62 87.71 91.67
CA GLY D 70 44.98 87.22 91.58
C GLY D 70 45.24 85.97 92.40
N GLN D 71 44.27 85.51 93.17
CA GLN D 71 44.46 84.34 93.99
C GLN D 71 44.27 83.06 93.17
N ARG D 72 45.18 82.12 93.38
CA ARG D 72 45.04 80.77 92.83
C ARG D 72 44.65 79.85 93.97
N ALA D 73 43.52 79.16 93.81
CA ALA D 73 42.99 78.34 94.89
C ALA D 73 42.48 77.03 94.33
N LYS D 74 42.41 76.04 95.21
CA LYS D 74 41.90 74.71 94.87
C LYS D 74 40.54 74.52 95.53
N LEU D 75 39.52 74.24 94.73
CA LEU D 75 38.16 74.08 95.23
C LEU D 75 37.79 72.61 95.14
N THR D 76 37.36 72.04 96.27
CA THR D 76 36.87 70.67 96.33
C THR D 76 35.36 70.72 96.53
N ILE D 77 34.61 70.47 95.48
CA ILE D 77 33.16 70.65 95.47
C ILE D 77 32.49 69.31 95.71
N SER D 78 31.67 69.24 96.75
CA SER D 78 30.87 68.05 97.03
C SER D 78 29.86 67.83 95.90
N PRO D 79 29.52 66.57 95.62
CA PRO D 79 28.59 66.30 94.51
C PRO D 79 27.25 66.98 94.66
N ASP D 80 26.71 67.10 95.88
CA ASP D 80 25.43 67.75 96.08
C ASP D 80 25.52 69.26 95.90
N TYR D 81 26.71 69.84 96.05
CA TYR D 81 26.97 71.21 95.61
C TYR D 81 27.41 71.25 94.15
N ALA D 82 27.12 70.20 93.40
CA ALA D 82 27.59 70.04 92.02
C ALA D 82 26.55 69.26 91.24
N TYR D 83 26.96 68.68 90.11
CA TYR D 83 26.06 67.95 89.23
C TYR D 83 25.30 66.84 89.94
N GLY D 84 25.83 66.28 91.01
CA GLY D 84 25.03 65.43 91.88
C GLY D 84 24.73 64.09 91.27
N ALA D 85 23.54 63.56 91.60
CA ALA D 85 23.13 62.23 91.18
C ALA D 85 23.03 62.09 89.67
N THR D 86 22.50 63.11 88.98
CA THR D 86 22.41 63.05 87.53
C THR D 86 23.81 62.99 86.92
N GLY D 87 24.61 64.03 87.13
CA GLY D 87 25.95 64.07 86.59
C GLY D 87 25.94 64.40 85.11
N HIS D 88 26.90 65.23 84.67
CA HIS D 88 27.04 65.54 83.27
C HIS D 88 27.25 64.26 82.47
N PRO D 89 26.31 63.88 81.62
CA PRO D 89 26.40 62.57 80.95
C PRO D 89 27.58 62.52 80.00
N GLY D 90 28.33 61.41 80.07
CA GLY D 90 29.48 61.19 79.23
C GLY D 90 30.72 61.93 79.65
N ILE D 91 30.63 62.76 80.70
CA ILE D 91 31.75 63.59 81.13
C ILE D 91 32.04 63.30 82.60
N ILE D 92 31.05 63.52 83.46
CA ILE D 92 31.20 63.43 84.90
C ILE D 92 30.28 62.32 85.40
N PRO D 93 30.79 61.30 86.08
CA PRO D 93 29.93 60.22 86.55
C PRO D 93 29.03 60.70 87.67
N PRO D 94 27.95 59.98 87.93
CA PRO D 94 27.08 60.33 89.07
C PRO D 94 27.84 60.22 90.40
N HIS D 95 27.47 61.10 91.34
CA HIS D 95 28.05 61.14 92.68
C HIS D 95 29.57 61.34 92.61
N ALA D 96 29.96 62.42 91.96
CA ALA D 96 31.37 62.73 91.74
C ALA D 96 31.72 64.04 92.45
N THR D 97 32.78 63.99 93.25
CA THR D 97 33.32 65.19 93.86
C THR D 97 34.33 65.81 92.91
N LEU D 98 34.16 67.09 92.64
CA LEU D 98 34.98 67.79 91.65
C LEU D 98 36.06 68.61 92.34
N VAL D 99 37.26 68.58 91.77
CA VAL D 99 38.40 69.36 92.26
C VAL D 99 38.81 70.32 91.16
N PHE D 100 38.85 71.62 91.49
CA PHE D 100 39.17 72.66 90.53
C PHE D 100 40.39 73.43 90.99
N ASP D 101 41.18 73.88 90.02
CA ASP D 101 42.32 74.77 90.27
C ASP D 101 41.96 76.10 89.62
N VAL D 102 41.40 77.02 90.40
CA VAL D 102 40.85 78.26 89.89
C VAL D 102 41.82 79.41 90.19
N GLU D 103 41.90 80.34 89.26
CA GLU D 103 42.70 81.56 89.42
C GLU D 103 41.83 82.73 89.03
N LEU D 104 41.58 83.63 89.97
CA LEU D 104 40.75 84.81 89.72
C LEU D 104 41.58 85.88 89.03
N LEU D 105 41.53 85.89 87.70
CA LEU D 105 42.38 86.80 86.94
C LEU D 105 41.99 88.26 87.17
N LYS D 106 40.71 88.59 87.03
CA LYS D 106 40.26 89.95 87.15
C LYS D 106 38.75 89.98 87.32
N LEU D 107 38.26 91.07 87.91
CA LEU D 107 36.83 91.31 88.06
C LEU D 107 36.42 92.41 87.09
N GLU D 108 35.36 92.16 86.33
CA GLU D 108 34.91 93.13 85.34
C GLU D 108 33.40 93.17 85.25
N GLY E 2 91.04 -78.43 43.29
CA GLY E 2 90.00 -78.56 42.27
C GLY E 2 90.56 -78.62 40.87
N VAL E 3 91.87 -78.86 40.76
CA VAL E 3 92.55 -78.96 39.48
C VAL E 3 92.95 -80.40 39.25
N GLN E 4 92.64 -80.92 38.06
CA GLN E 4 93.00 -82.27 37.67
C GLN E 4 93.72 -82.19 36.34
N VAL E 5 94.96 -82.65 36.29
CA VAL E 5 95.82 -82.50 35.12
C VAL E 5 96.04 -83.86 34.50
N GLU E 6 95.61 -84.02 33.25
CA GLU E 6 95.87 -85.21 32.47
C GLU E 6 96.75 -84.85 31.27
N THR E 7 97.85 -85.56 31.11
CA THR E 7 98.77 -85.28 30.02
C THR E 7 98.21 -85.79 28.69
N ILE E 8 98.42 -84.99 27.64
CA ILE E 8 98.07 -85.37 26.29
C ILE E 8 99.32 -85.66 25.46
N SER E 9 100.32 -84.78 25.53
CA SER E 9 101.60 -84.97 24.89
C SER E 9 102.66 -84.54 25.90
N PRO E 10 103.66 -85.38 26.15
CA PRO E 10 104.64 -85.06 27.18
C PRO E 10 105.51 -83.87 26.81
N GLY E 11 105.89 -83.11 27.85
CA GLY E 11 106.77 -81.98 27.70
C GLY E 11 108.22 -82.35 27.81
N ASP E 12 109.05 -81.32 28.03
CA ASP E 12 110.48 -81.55 28.22
C ASP E 12 110.74 -82.32 29.51
N GLY E 13 109.92 -82.10 30.52
CA GLY E 13 109.98 -82.85 31.76
C GLY E 13 110.91 -82.29 32.81
N ARG E 14 111.68 -81.26 32.50
CA ARG E 14 112.57 -80.62 33.48
C ARG E 14 112.11 -79.21 33.81
N THR E 15 111.94 -78.36 32.81
CA THR E 15 111.61 -76.96 33.08
C THR E 15 110.18 -76.83 33.58
N PHE E 16 110.00 -76.09 34.67
CA PHE E 16 108.69 -75.84 35.25
C PHE E 16 108.52 -74.36 35.53
N PRO E 17 107.30 -73.85 35.44
CA PRO E 17 107.07 -72.43 35.74
C PRO E 17 107.31 -72.12 37.21
N LYS E 18 107.76 -70.90 37.46
CA LYS E 18 108.00 -70.40 38.80
C LYS E 18 107.32 -69.04 38.96
N ARG E 19 107.06 -68.68 40.22
CA ARG E 19 106.38 -67.42 40.49
C ARG E 19 107.15 -66.25 39.91
N GLY E 20 106.43 -65.36 39.24
CA GLY E 20 107.06 -64.23 38.59
C GLY E 20 107.63 -64.52 37.22
N GLN E 21 107.16 -65.57 36.56
CA GLN E 21 107.63 -65.94 35.23
C GLN E 21 106.44 -66.02 34.28
N THR E 22 106.56 -65.39 33.12
CA THR E 22 105.47 -65.37 32.16
C THR E 22 105.36 -66.69 31.44
N CYS E 23 104.13 -67.22 31.38
CA CYS E 23 103.85 -68.48 30.70
C CYS E 23 103.08 -68.17 29.42
N VAL E 24 103.64 -68.56 28.28
CA VAL E 24 102.99 -68.38 26.98
C VAL E 24 102.32 -69.69 26.61
N VAL E 25 100.99 -69.68 26.52
CA VAL E 25 100.23 -70.92 26.34
C VAL E 25 99.24 -70.75 25.18
N HIS E 26 98.81 -71.89 24.65
CA HIS E 26 97.68 -71.99 23.74
C HIS E 26 96.65 -72.91 24.40
N TYR E 27 95.42 -72.43 24.50
CA TYR E 27 94.39 -73.15 25.24
C TYR E 27 93.11 -73.24 24.42
N THR E 28 92.22 -74.11 24.87
CA THR E 28 90.89 -74.25 24.26
C THR E 28 89.93 -74.63 25.38
N GLY E 29 89.09 -73.68 25.80
CA GLY E 29 88.20 -73.91 26.93
C GLY E 29 86.87 -74.50 26.49
N MET E 30 86.46 -75.55 27.20
CA MET E 30 85.17 -76.18 26.98
C MET E 30 84.47 -76.39 28.31
N LEU E 31 83.16 -76.26 28.32
CA LEU E 31 82.39 -76.67 29.47
C LEU E 31 82.36 -78.20 29.53
N GLU E 32 82.06 -78.73 30.72
CA GLU E 32 82.17 -80.16 30.94
C GLU E 32 81.18 -80.97 30.12
N ASP E 33 80.15 -80.33 29.55
CA ASP E 33 79.27 -81.04 28.63
C ASP E 33 79.81 -81.06 27.21
N GLY E 34 80.94 -80.41 26.95
CA GLY E 34 81.58 -80.46 25.66
C GLY E 34 81.40 -79.24 24.77
N LYS E 35 80.79 -78.18 25.29
CA LYS E 35 80.58 -76.96 24.50
C LYS E 35 81.78 -76.05 24.64
N LYS E 36 82.38 -75.68 23.50
CA LYS E 36 83.50 -74.75 23.52
C LYS E 36 83.04 -73.34 23.85
N PHE E 37 83.86 -72.62 24.59
CA PHE E 37 83.59 -71.22 24.90
C PHE E 37 84.79 -70.30 24.72
N ASP E 38 86.01 -70.84 24.60
CA ASP E 38 87.18 -70.00 24.38
C ASP E 38 88.28 -70.83 23.75
N SER E 39 89.11 -70.15 22.97
CA SER E 39 90.31 -70.76 22.40
C SER E 39 91.19 -69.65 21.84
N SER E 40 92.47 -69.65 22.21
CA SER E 40 93.41 -68.68 21.69
C SER E 40 93.85 -69.00 20.27
N ARG E 41 93.64 -70.23 19.81
CA ARG E 41 94.02 -70.59 18.45
C ARG E 41 93.08 -70.02 17.40
N ASP E 42 91.81 -69.82 17.74
CA ASP E 42 90.91 -69.09 16.85
C ASP E 42 91.27 -67.61 16.76
N ARG E 43 92.07 -67.11 17.68
CA ARG E 43 92.62 -65.76 17.59
C ARG E 43 94.04 -65.74 17.07
N ASN E 44 94.69 -66.90 16.95
CA ASN E 44 96.03 -67.02 16.37
C ASN E 44 97.03 -66.18 17.15
N LYS E 45 96.84 -66.11 18.45
CA LYS E 45 97.72 -65.34 19.32
C LYS E 45 97.88 -66.06 20.65
N PRO E 46 99.07 -66.52 20.98
CA PRO E 46 99.28 -67.20 22.27
C PRO E 46 98.96 -66.28 23.43
N PHE E 47 98.45 -66.87 24.49
CA PHE E 47 98.00 -66.15 25.68
C PHE E 47 99.12 -66.11 26.70
N LYS E 48 99.51 -64.90 27.12
CA LYS E 48 100.59 -64.70 28.05
C LYS E 48 100.05 -64.26 29.40
N PHE E 49 100.58 -64.86 30.47
CA PHE E 49 100.23 -64.47 31.82
C PHE E 49 101.39 -64.84 32.74
N MET E 50 101.52 -64.09 33.83
CA MET E 50 102.62 -64.25 34.77
C MET E 50 102.11 -64.96 36.02
N LEU E 51 102.82 -65.99 36.43
CA LEU E 51 102.40 -66.80 37.58
C LEU E 51 102.57 -66.03 38.87
N GLY E 52 101.54 -66.09 39.72
CA GLY E 52 101.56 -65.50 41.04
C GLY E 52 100.75 -64.22 41.17
N LYS E 53 100.50 -63.53 40.06
CA LYS E 53 99.77 -62.26 40.11
C LYS E 53 98.25 -62.45 40.13
N GLN E 54 97.77 -63.69 40.05
CA GLN E 54 96.35 -64.02 40.11
C GLN E 54 95.56 -63.33 39.01
N GLU E 55 96.18 -63.22 37.84
CA GLU E 55 95.49 -62.68 36.68
C GLU E 55 94.54 -63.68 36.05
N VAL E 56 94.79 -64.97 36.23
CA VAL E 56 93.93 -66.03 35.71
C VAL E 56 93.31 -66.76 36.89
N ILE E 57 92.47 -67.75 36.58
CA ILE E 57 91.73 -68.42 37.64
C ILE E 57 92.66 -69.32 38.45
N ARG E 58 92.19 -69.69 39.64
CA ARG E 58 92.97 -70.52 40.55
C ARG E 58 93.33 -71.85 39.91
N GLY E 59 92.37 -72.46 39.22
CA GLY E 59 92.60 -73.72 38.54
C GLY E 59 93.72 -73.62 37.54
N TRP E 60 93.70 -72.56 36.73
CA TRP E 60 94.78 -72.34 35.77
C TRP E 60 96.11 -72.15 36.47
N GLU E 61 96.14 -71.36 37.54
CA GLU E 61 97.40 -71.07 38.21
C GLU E 61 98.03 -72.33 38.79
N GLU E 62 97.22 -73.20 39.40
CA GLU E 62 97.80 -74.44 39.91
C GLU E 62 98.11 -75.43 38.78
N GLY E 63 97.24 -75.53 37.78
CA GLY E 63 97.43 -76.50 36.73
C GLY E 63 98.64 -76.26 35.86
N VAL E 64 98.85 -75.01 35.43
CA VAL E 64 100.02 -74.72 34.60
C VAL E 64 101.31 -74.89 35.40
N ALA E 65 101.24 -74.68 36.72
CA ALA E 65 102.42 -74.84 37.56
C ALA E 65 102.90 -76.30 37.55
N GLN E 66 101.98 -77.24 37.40
CA GLN E 66 102.33 -78.66 37.35
C GLN E 66 102.72 -79.12 35.96
N MET E 67 102.72 -78.23 34.97
CA MET E 67 103.05 -78.59 33.61
C MET E 67 104.49 -78.20 33.30
N SER E 68 105.03 -78.82 32.25
CA SER E 68 106.36 -78.53 31.76
C SER E 68 106.26 -77.85 30.40
N VAL E 69 107.38 -77.27 29.96
CA VAL E 69 107.41 -76.58 28.68
C VAL E 69 107.27 -77.60 27.56
N GLY E 70 106.37 -77.32 26.61
CA GLY E 70 106.08 -78.20 25.52
C GLY E 70 105.01 -79.24 25.83
N GLN E 71 104.56 -79.31 27.09
CA GLN E 71 103.56 -80.29 27.46
C GLN E 71 102.17 -79.83 27.06
N ARG E 72 101.40 -80.74 26.50
CA ARG E 72 99.98 -80.55 26.23
C ARG E 72 99.19 -81.35 27.26
N ALA E 73 98.36 -80.67 28.03
CA ALA E 73 97.65 -81.31 29.12
C ALA E 73 96.20 -80.85 29.14
N LYS E 74 95.35 -81.68 29.73
CA LYS E 74 93.94 -81.38 29.88
C LYS E 74 93.68 -81.05 31.34
N LEU E 75 93.14 -79.86 31.60
CA LEU E 75 92.86 -79.40 32.95
C LEU E 75 91.35 -79.41 33.17
N THR E 76 90.91 -80.07 34.24
CA THR E 76 89.51 -80.12 34.63
C THR E 76 89.36 -79.30 35.91
N ILE E 77 88.87 -78.08 35.78
CA ILE E 77 88.80 -77.15 36.90
C ILE E 77 87.43 -77.28 37.55
N SER E 78 87.43 -77.49 38.86
CA SER E 78 86.20 -77.46 39.63
C SER E 78 85.64 -76.04 39.68
N PRO E 79 84.32 -75.89 39.75
CA PRO E 79 83.74 -74.54 39.75
C PRO E 79 84.23 -73.66 40.88
N ASP E 80 84.48 -74.21 42.07
CA ASP E 80 84.95 -73.39 43.17
C ASP E 80 86.42 -72.99 43.01
N TYR E 81 87.18 -73.72 42.19
CA TYR E 81 88.48 -73.26 41.72
C TYR E 81 88.36 -72.42 40.45
N ALA E 82 87.17 -71.89 40.18
CA ALA E 82 86.87 -71.17 38.96
C ALA E 82 85.84 -70.10 39.25
N TYR E 83 85.14 -69.61 38.22
CA TYR E 83 84.18 -68.54 38.36
C TYR E 83 83.08 -68.84 39.38
N GLY E 84 82.78 -70.10 39.62
CA GLY E 84 81.99 -70.46 40.78
C GLY E 84 80.52 -70.12 40.64
N ALA E 85 79.91 -69.73 41.76
CA ALA E 85 78.48 -69.48 41.82
C ALA E 85 78.03 -68.34 40.92
N THR E 86 78.83 -67.28 40.80
CA THR E 86 78.47 -66.17 39.92
C THR E 86 78.59 -66.59 38.47
N GLY E 87 79.79 -66.99 38.04
CA GLY E 87 79.99 -67.40 36.68
C GLY E 87 80.08 -66.21 35.73
N HIS E 88 80.92 -66.32 34.70
CA HIS E 88 81.04 -65.29 33.68
C HIS E 88 79.68 -65.10 33.01
N PRO E 89 79.04 -63.94 33.18
CA PRO E 89 77.67 -63.77 32.67
C PRO E 89 77.63 -63.83 31.16
N GLY E 90 76.65 -64.57 30.64
CA GLY E 90 76.46 -64.74 29.22
C GLY E 90 77.45 -65.67 28.54
N ILE E 91 78.41 -66.21 29.31
CA ILE E 91 79.46 -67.04 28.74
C ILE E 91 79.47 -68.39 29.44
N ILE E 92 79.69 -68.37 30.75
CA ILE E 92 79.84 -69.57 31.56
C ILE E 92 78.69 -69.60 32.57
N PRO E 93 77.89 -70.66 32.60
CA PRO E 93 76.78 -70.70 33.54
C PRO E 93 77.27 -70.87 34.95
N PRO E 94 76.47 -70.51 35.95
CA PRO E 94 76.85 -70.75 37.34
C PRO E 94 77.06 -72.23 37.63
N HIS E 95 78.01 -72.52 38.51
CA HIS E 95 78.36 -73.88 38.92
C HIS E 95 78.73 -74.73 37.70
N ALA E 96 79.77 -74.28 37.02
CA ALA E 96 80.24 -74.92 35.80
C ALA E 96 81.64 -75.46 36.00
N THR E 97 81.83 -76.73 35.65
CA THR E 97 83.16 -77.35 35.65
C THR E 97 83.81 -77.12 34.29
N LEU E 98 84.98 -76.50 34.29
CA LEU E 98 85.65 -76.11 33.06
C LEU E 98 86.71 -77.13 32.69
N VAL E 99 86.78 -77.45 31.39
CA VAL E 99 87.79 -78.36 30.86
C VAL E 99 88.62 -77.59 29.84
N PHE E 100 89.94 -77.60 30.02
CA PHE E 100 90.85 -76.86 29.17
C PHE E 100 91.85 -77.81 28.54
N ASP E 101 92.26 -77.50 27.31
CA ASP E 101 93.33 -78.20 26.62
C ASP E 101 94.48 -77.20 26.47
N VAL E 102 95.42 -77.24 27.41
CA VAL E 102 96.47 -76.25 27.51
C VAL E 102 97.77 -76.83 26.97
N GLU E 103 98.56 -75.99 26.31
CA GLU E 103 99.88 -76.35 25.81
C GLU E 103 100.85 -75.25 26.24
N LEU E 104 101.84 -75.61 27.04
CA LEU E 104 102.83 -74.66 27.53
C LEU E 104 103.87 -74.44 26.45
N LEU E 105 103.69 -73.41 25.63
CA LEU E 105 104.57 -73.18 24.49
C LEU E 105 105.97 -72.81 24.95
N LYS E 106 106.08 -71.82 25.84
CA LYS E 106 107.38 -71.35 26.28
C LYS E 106 107.22 -70.52 27.53
N LEU E 107 108.31 -70.41 28.29
CA LEU E 107 108.36 -69.58 29.49
C LEU E 107 109.24 -68.36 29.19
N GLU E 108 108.72 -67.17 29.50
CA GLU E 108 109.45 -65.94 29.21
C GLU E 108 109.25 -64.91 30.31
N GLU F 10 2.93 -27.22 -6.33
CA GLU F 10 3.39 -28.28 -7.22
C GLU F 10 3.70 -29.54 -6.43
N VAL F 11 3.25 -30.69 -6.94
CA VAL F 11 3.49 -31.94 -6.25
C VAL F 11 4.96 -32.30 -6.35
N GLN F 12 5.54 -32.77 -5.25
CA GLN F 12 6.98 -32.98 -5.18
C GLN F 12 7.35 -34.35 -5.71
N PHE F 13 8.47 -34.39 -6.43
CA PHE F 13 8.95 -35.61 -7.07
C PHE F 13 10.25 -36.05 -6.41
N LEU F 14 10.39 -37.37 -6.25
CA LEU F 14 11.62 -37.92 -5.72
C LEU F 14 12.68 -37.95 -6.81
N ARG F 15 13.88 -37.48 -6.47
CA ARG F 15 15.00 -37.44 -7.39
C ARG F 15 16.16 -38.22 -6.82
N THR F 16 17.15 -38.48 -7.66
CA THR F 16 18.36 -39.15 -7.19
C THR F 16 19.12 -38.24 -6.23
N ASP F 17 19.95 -38.87 -5.40
CA ASP F 17 20.74 -38.22 -4.36
C ASP F 17 19.89 -37.60 -3.27
N ASP F 18 18.62 -37.96 -3.17
CA ASP F 18 17.76 -37.51 -2.10
C ASP F 18 17.69 -38.58 -1.01
N GLU F 19 17.56 -38.14 0.23
CA GLU F 19 17.53 -39.04 1.38
C GLU F 19 16.09 -39.39 1.71
N VAL F 20 15.81 -40.69 1.79
CA VAL F 20 14.46 -41.18 1.99
C VAL F 20 14.46 -42.27 3.07
N VAL F 21 13.27 -42.57 3.56
CA VAL F 21 13.04 -43.68 4.48
C VAL F 21 11.93 -44.55 3.91
N LEU F 22 12.15 -45.86 3.89
CA LEU F 22 11.15 -46.82 3.42
C LEU F 22 10.20 -47.13 4.57
N GLN F 23 8.94 -46.72 4.45
CA GLN F 23 7.98 -46.80 5.53
C GLN F 23 6.81 -47.68 5.13
N CYS F 24 6.44 -48.60 6.03
CA CYS F 24 5.29 -49.47 5.85
C CYS F 24 4.37 -49.34 7.04
N SER F 25 3.13 -49.79 6.86
CA SER F 25 2.12 -49.72 7.91
C SER F 25 1.58 -51.11 8.20
N ALA F 26 1.45 -51.42 9.49
CA ALA F 26 0.91 -52.69 9.93
C ALA F 26 -0.10 -52.44 11.04
N THR F 27 -1.06 -53.35 11.17
CA THR F 27 -2.10 -53.25 12.18
C THR F 27 -1.67 -54.07 13.39
N VAL F 28 -1.82 -53.49 14.58
CA VAL F 28 -1.41 -54.10 15.84
C VAL F 28 -2.49 -53.78 16.87
N LEU F 29 -3.36 -54.75 17.14
CA LEU F 29 -4.54 -54.55 17.99
C LEU F 29 -5.36 -53.36 17.51
N LYS F 30 -5.84 -53.45 16.27
CA LYS F 30 -6.69 -52.46 15.63
C LYS F 30 -6.06 -51.08 15.58
N GLU F 31 -4.74 -50.99 15.74
CA GLU F 31 -4.02 -49.72 15.67
C GLU F 31 -3.06 -49.75 14.48
N GLN F 32 -3.06 -48.68 13.71
CA GLN F 32 -2.17 -48.57 12.56
C GLN F 32 -0.79 -48.13 13.04
N LEU F 33 0.18 -49.03 12.95
CA LEU F 33 1.54 -48.77 13.37
C LEU F 33 2.43 -48.58 12.15
N LYS F 34 3.18 -47.49 12.13
CA LYS F 34 4.07 -47.17 11.01
C LYS F 34 5.49 -47.57 11.36
N LEU F 35 6.13 -48.32 10.46
CA LEU F 35 7.46 -48.85 10.68
C LEU F 35 8.37 -48.42 9.54
N CYS F 36 9.65 -48.25 9.86
CA CYS F 36 10.65 -47.86 8.88
C CYS F 36 11.72 -48.93 8.78
N LEU F 37 12.10 -49.26 7.54
CA LEU F 37 13.14 -50.25 7.31
C LEU F 37 14.48 -49.71 7.80
N ALA F 38 15.17 -50.51 8.61
CA ALA F 38 16.41 -50.09 9.23
C ALA F 38 17.42 -51.22 9.19
N ALA F 39 18.69 -50.86 9.29
CA ALA F 39 19.77 -51.83 9.34
C ALA F 39 20.99 -51.16 9.97
N GLU F 40 21.70 -51.90 10.81
CA GLU F 40 22.89 -51.35 11.45
C GLU F 40 24.07 -51.31 10.48
N GLY F 41 24.20 -52.32 9.63
CA GLY F 41 25.30 -52.37 8.69
C GLY F 41 26.51 -53.09 9.22
N PHE F 42 27.19 -52.50 10.20
CA PHE F 42 28.37 -53.11 10.79
C PHE F 42 27.96 -54.07 11.89
N GLY F 43 28.33 -55.34 11.74
CA GLY F 43 28.02 -56.36 12.71
C GLY F 43 26.70 -57.05 12.50
N ASN F 44 25.80 -56.47 11.71
CA ASN F 44 24.51 -57.10 11.44
C ASN F 44 24.01 -56.58 10.10
N ARG F 45 24.16 -57.38 9.06
CA ARG F 45 23.72 -56.97 7.73
C ARG F 45 22.21 -56.97 7.60
N LEU F 46 21.53 -57.84 8.34
CA LEU F 46 20.10 -58.04 8.16
C LEU F 46 19.32 -56.79 8.56
N CYS F 47 18.23 -56.56 7.85
CA CYS F 47 17.38 -55.39 8.06
C CYS F 47 16.23 -55.72 9.01
N PHE F 48 15.88 -54.77 9.86
CA PHE F 48 14.74 -54.91 10.74
C PHE F 48 13.85 -53.67 10.62
N LEU F 49 12.81 -53.60 11.44
CA LEU F 49 11.83 -52.53 11.36
C LEU F 49 11.89 -51.68 12.62
N GLU F 50 12.01 -50.37 12.44
CA GLU F 50 12.04 -49.43 13.55
C GLU F 50 10.71 -48.70 13.63
N PRO F 51 9.88 -48.96 14.63
CA PRO F 51 8.59 -48.26 14.71
C PRO F 51 8.76 -46.77 14.91
N THR F 52 7.84 -46.01 14.31
CA THR F 52 7.89 -44.56 14.37
C THR F 52 6.58 -43.93 14.82
N SER F 53 5.50 -44.70 14.94
CA SER F 53 4.23 -44.13 15.35
C SER F 53 4.24 -43.67 16.80
N ASN F 54 5.18 -44.16 17.61
CA ASN F 54 5.31 -43.77 19.00
C ASN F 54 6.41 -42.74 19.21
N ALA F 55 6.62 -41.85 18.24
CA ALA F 55 7.70 -40.89 18.34
C ALA F 55 7.47 -39.84 19.42
N GLN F 56 6.22 -39.61 19.83
CA GLN F 56 5.97 -38.58 20.84
C GLN F 56 6.49 -39.02 22.20
N ASN F 57 6.36 -40.30 22.55
CA ASN F 57 6.85 -40.78 23.82
C ASN F 57 8.24 -41.40 23.75
N VAL F 58 8.56 -42.11 22.66
CA VAL F 58 9.87 -42.72 22.50
C VAL F 58 10.44 -42.34 21.13
N PRO F 59 11.53 -41.59 21.08
CA PRO F 59 12.09 -41.19 19.79
C PRO F 59 12.64 -42.38 19.03
N PRO F 60 12.36 -42.48 17.73
CA PRO F 60 12.92 -43.56 16.93
C PRO F 60 14.39 -43.30 16.62
N ASP F 61 15.07 -44.37 16.20
CA ASP F 61 16.49 -44.30 15.83
C ASP F 61 16.58 -44.15 14.32
N LEU F 62 16.36 -42.92 13.84
CA LEU F 62 16.34 -42.63 12.42
C LEU F 62 17.73 -42.60 11.80
N ALA F 63 18.79 -42.60 12.61
CA ALA F 63 20.13 -42.51 12.06
C ALA F 63 20.48 -43.71 11.17
N ILE F 64 19.78 -44.82 11.33
CA ILE F 64 20.05 -46.04 10.57
C ILE F 64 18.91 -46.38 9.62
N CYS F 65 17.88 -45.55 9.56
CA CYS F 65 16.74 -45.78 8.68
C CYS F 65 16.82 -45.00 7.38
N CYS F 66 17.87 -44.20 7.18
CA CYS F 66 17.94 -43.28 6.06
C CYS F 66 18.75 -43.88 4.91
N PHE F 67 18.17 -43.84 3.71
CA PHE F 67 18.79 -44.35 2.50
C PHE F 67 18.82 -43.28 1.44
N THR F 68 19.91 -43.25 0.66
CA THR F 68 20.08 -42.28 -0.42
C THR F 68 19.85 -42.97 -1.75
N LEU F 69 19.07 -42.31 -2.62
CA LEU F 69 18.81 -42.82 -3.97
C LEU F 69 20.00 -42.47 -4.85
N GLU F 70 20.90 -43.43 -5.04
CA GLU F 70 22.10 -43.15 -5.83
C GLU F 70 21.80 -43.11 -7.33
N GLN F 71 21.10 -44.12 -7.83
CA GLN F 71 20.86 -44.24 -9.26
C GLN F 71 19.42 -44.65 -9.51
N SER F 72 18.94 -44.34 -10.72
CA SER F 72 17.61 -44.76 -11.15
C SER F 72 17.67 -44.96 -12.66
N LEU F 73 17.62 -46.21 -13.10
CA LEU F 73 17.77 -46.55 -14.51
C LEU F 73 16.64 -47.47 -14.95
N SER F 74 16.39 -47.45 -16.26
CA SER F 74 15.44 -48.40 -16.83
C SER F 74 16.04 -49.81 -16.80
N VAL F 75 15.19 -50.79 -17.10
CA VAL F 75 15.64 -52.18 -17.06
C VAL F 75 16.72 -52.43 -18.12
N ARG F 76 16.53 -51.90 -19.32
CA ARG F 76 17.53 -52.08 -20.38
C ARG F 76 18.83 -51.39 -20.03
N ALA F 77 18.76 -50.19 -19.47
CA ALA F 77 19.98 -49.51 -19.05
C ALA F 77 20.69 -50.29 -17.96
N LEU F 78 19.94 -50.85 -17.01
CA LEU F 78 20.54 -51.65 -15.96
C LEU F 78 21.22 -52.88 -16.53
N GLN F 79 20.56 -53.56 -17.47
CA GLN F 79 21.16 -54.74 -18.09
C GLN F 79 22.45 -54.39 -18.81
N GLU F 80 22.45 -53.27 -19.55
CA GLU F 80 23.66 -52.87 -20.27
C GLU F 80 24.77 -52.50 -19.31
N MET F 81 24.45 -51.78 -18.23
CA MET F 81 25.48 -51.44 -17.25
C MET F 81 26.05 -52.68 -16.58
N LEU F 82 25.20 -53.64 -16.23
CA LEU F 82 25.67 -54.87 -15.62
C LEU F 82 26.54 -55.67 -16.59
N ALA F 83 26.17 -55.70 -17.86
CA ALA F 83 27.00 -56.37 -18.86
C ALA F 83 28.36 -55.67 -18.98
N ASN F 84 28.37 -54.35 -18.96
CA ASN F 84 29.61 -53.60 -19.03
C ASN F 84 30.29 -53.55 -17.67
N HIS F 98 20.37 -34.37 -11.29
CA HIS F 98 19.56 -35.17 -10.38
C HIS F 98 18.37 -35.78 -11.12
N ARG F 99 18.54 -37.01 -11.59
CA ARG F 99 17.47 -37.68 -12.33
C ARG F 99 16.26 -37.88 -11.43
N THR F 100 15.08 -37.71 -12.02
CA THR F 100 13.83 -37.91 -11.30
C THR F 100 13.38 -39.36 -11.42
N LEU F 101 12.88 -39.91 -10.31
CA LEU F 101 12.43 -41.30 -10.31
C LEU F 101 11.19 -41.46 -11.17
N LEU F 102 11.16 -42.54 -11.95
CA LEU F 102 10.01 -42.91 -12.76
C LEU F 102 9.60 -44.34 -12.42
N TYR F 103 8.30 -44.60 -12.46
CA TYR F 103 7.82 -45.95 -12.20
C TYR F 103 8.35 -46.92 -13.24
N GLY F 104 8.70 -48.12 -12.79
CA GLY F 104 9.27 -49.12 -13.66
C GLY F 104 10.77 -49.09 -13.77
N HIS F 105 11.43 -48.06 -13.24
CA HIS F 105 12.88 -47.99 -13.26
C HIS F 105 13.47 -48.85 -12.15
N ALA F 106 14.79 -48.92 -12.11
CA ALA F 106 15.52 -49.64 -11.08
C ALA F 106 16.36 -48.67 -10.27
N ILE F 107 16.19 -48.68 -8.95
CA ILE F 107 16.91 -47.77 -8.08
C ILE F 107 17.92 -48.54 -7.24
N LEU F 108 18.94 -47.83 -6.79
CA LEU F 108 20.00 -48.34 -5.94
C LEU F 108 19.99 -47.55 -4.64
N LEU F 109 19.67 -48.22 -3.53
CA LEU F 109 19.54 -47.58 -2.25
C LEU F 109 20.80 -47.80 -1.42
N ARG F 110 21.48 -46.73 -1.06
CA ARG F 110 22.70 -46.79 -0.27
C ARG F 110 22.40 -46.37 1.16
N HIS F 111 22.76 -47.24 2.11
CA HIS F 111 22.56 -46.93 3.51
C HIS F 111 23.43 -45.75 3.91
N ALA F 112 22.82 -44.75 4.55
CA ALA F 112 23.54 -43.52 4.85
C ALA F 112 24.67 -43.76 5.85
N HIS F 113 24.41 -44.54 6.89
CA HIS F 113 25.41 -44.73 7.94
C HIS F 113 26.53 -45.67 7.49
N SER F 114 26.19 -46.89 7.11
CA SER F 114 27.19 -47.90 6.80
C SER F 114 27.74 -47.79 5.38
N ARG F 115 27.16 -46.93 4.55
CA ARG F 115 27.55 -46.79 3.14
C ARG F 115 27.38 -48.07 2.35
N MET F 116 26.60 -49.01 2.86
CA MET F 116 26.29 -50.24 2.15
C MET F 116 24.98 -50.06 1.37
N TYR F 117 24.62 -51.08 0.60
CA TYR F 117 23.48 -51.01 -0.32
C TYR F 117 22.43 -52.03 0.08
N LEU F 118 21.17 -51.61 0.06
CA LEU F 118 20.08 -52.53 0.32
C LEU F 118 20.06 -53.62 -0.73
N SER F 119 19.96 -54.87 -0.29
CA SER F 119 20.10 -55.99 -1.19
C SER F 119 19.15 -57.10 -0.78
N CYS F 120 18.87 -58.00 -1.72
CA CYS F 120 18.09 -59.20 -1.47
C CYS F 120 19.08 -60.34 -1.27
N LEU F 121 19.30 -60.72 -0.02
CA LEU F 121 20.29 -61.74 0.29
C LEU F 121 19.80 -63.12 -0.14
N THR F 122 20.74 -63.94 -0.60
CA THR F 122 20.42 -65.29 -1.03
C THR F 122 20.11 -66.22 0.13
N THR F 123 20.35 -65.80 1.36
CA THR F 123 20.03 -66.62 2.52
C THR F 123 18.57 -66.43 2.92
N SER F 124 18.10 -67.32 3.78
CA SER F 124 16.71 -67.25 4.26
C SER F 124 16.71 -67.70 5.71
N ARG F 125 16.32 -66.80 6.61
CA ARG F 125 16.24 -67.13 8.03
C ARG F 125 14.83 -67.54 8.45
N SER F 126 13.81 -67.02 7.79
CA SER F 126 12.42 -67.31 8.16
C SER F 126 12.12 -68.78 7.95
N MET F 127 11.22 -69.32 8.77
CA MET F 127 10.79 -70.70 8.65
C MET F 127 9.37 -70.84 8.13
N THR F 128 8.53 -69.81 8.28
CA THR F 128 7.17 -69.89 7.77
C THR F 128 7.13 -69.94 6.26
N ASP F 129 7.89 -69.07 5.60
CA ASP F 129 7.93 -68.98 4.15
C ASP F 129 9.21 -69.63 3.66
N LYS F 130 9.08 -70.79 3.01
CA LYS F 130 10.25 -71.45 2.43
C LYS F 130 10.77 -70.73 1.20
N LEU F 131 9.93 -69.96 0.52
CA LEU F 131 10.30 -69.29 -0.71
C LEU F 131 10.78 -67.85 -0.49
N ALA F 132 10.89 -67.42 0.77
CA ALA F 132 11.27 -66.05 1.06
C ALA F 132 12.79 -65.95 1.20
N PHE F 133 13.29 -64.72 1.02
CA PHE F 133 14.70 -64.43 1.15
C PHE F 133 14.89 -63.27 2.12
N ASP F 134 16.02 -63.28 2.82
CA ASP F 134 16.32 -62.22 3.76
C ASP F 134 16.71 -60.95 3.02
N VAL F 135 16.34 -59.80 3.57
CA VAL F 135 16.69 -58.49 3.03
C VAL F 135 17.72 -57.88 3.97
N GLY F 136 18.90 -57.58 3.42
CA GLY F 136 19.96 -57.01 4.22
C GLY F 136 20.78 -55.99 3.46
N LEU F 137 22.04 -55.82 3.85
CA LEU F 137 22.93 -54.86 3.21
C LEU F 137 24.07 -55.59 2.52
N GLN F 138 24.56 -55.01 1.44
CA GLN F 138 25.68 -55.55 0.68
C GLN F 138 26.80 -54.53 0.65
N GLU F 139 28.04 -55.02 0.80
CA GLU F 139 29.18 -54.10 0.92
C GLU F 139 29.38 -53.30 -0.37
N ASP F 140 29.22 -53.94 -1.52
CA ASP F 140 29.47 -53.30 -2.80
C ASP F 140 28.19 -53.23 -3.61
N ALA F 141 28.21 -52.38 -4.64
CA ALA F 141 27.08 -52.18 -5.53
C ALA F 141 27.10 -53.11 -6.74
N THR F 142 28.07 -54.02 -6.81
CA THR F 142 28.16 -54.92 -7.94
C THR F 142 27.04 -55.94 -7.91
N GLY F 143 26.69 -56.45 -9.09
CA GLY F 143 25.64 -57.44 -9.21
C GLY F 143 24.27 -56.81 -9.27
N GLU F 144 23.28 -57.67 -9.49
CA GLU F 144 21.89 -57.26 -9.61
C GLU F 144 21.08 -57.50 -8.35
N ALA F 145 21.71 -57.96 -7.27
CA ALA F 145 21.01 -58.22 -6.03
C ALA F 145 20.65 -56.95 -5.28
N CYS F 146 21.28 -55.82 -5.61
CA CYS F 146 21.08 -54.57 -4.89
C CYS F 146 20.17 -53.60 -5.64
N TRP F 147 19.45 -54.07 -6.65
CA TRP F 147 18.59 -53.23 -7.47
C TRP F 147 17.13 -53.61 -7.28
N TRP F 148 16.28 -52.59 -7.18
CA TRP F 148 14.86 -52.77 -6.94
C TRP F 148 14.07 -51.92 -7.93
N THR F 149 12.94 -52.45 -8.39
CA THR F 149 12.10 -51.77 -9.37
C THR F 149 10.84 -51.25 -8.69
N MET F 150 10.52 -49.99 -8.93
CA MET F 150 9.29 -49.40 -8.40
C MET F 150 8.12 -49.79 -9.29
N HIS F 151 7.02 -50.15 -8.68
CA HIS F 151 5.79 -50.41 -9.40
C HIS F 151 4.65 -49.65 -8.74
N PRO F 152 3.72 -49.11 -9.53
CA PRO F 152 2.60 -48.37 -8.93
C PRO F 152 1.76 -49.26 -8.03
N ALA F 153 1.31 -48.68 -6.91
CA ALA F 153 0.48 -49.43 -5.98
C ALA F 153 -0.89 -49.70 -6.54
N SER F 154 -1.45 -48.77 -7.31
CA SER F 154 -2.79 -48.89 -7.87
C SER F 154 -2.84 -48.19 -9.22
N LYS F 155 -4.06 -48.02 -9.73
CA LYS F 155 -4.25 -47.65 -11.14
C LYS F 155 -4.12 -46.16 -11.40
N GLN F 156 -4.08 -45.30 -10.38
CA GLN F 156 -3.88 -43.88 -10.63
C GLN F 156 -2.49 -43.63 -11.23
N ARG F 157 -1.49 -44.37 -10.80
CA ARG F 157 -0.15 -44.27 -11.35
C ARG F 157 0.11 -45.41 -12.33
N SER F 158 0.83 -45.09 -13.39
CA SER F 158 1.19 -46.08 -14.41
C SER F 158 2.68 -46.01 -14.66
N GLU F 159 3.18 -46.99 -15.41
CA GLU F 159 4.61 -47.07 -15.69
C GLU F 159 5.05 -45.85 -16.49
N GLY F 160 6.19 -45.30 -16.11
CA GLY F 160 6.72 -44.12 -16.74
C GLY F 160 6.33 -42.80 -16.09
N GLU F 161 5.31 -42.82 -15.23
CA GLU F 161 4.93 -41.61 -14.51
C GLU F 161 5.95 -41.31 -13.42
N LYS F 162 6.11 -40.02 -13.13
CA LYS F 162 7.04 -39.60 -12.09
C LYS F 162 6.56 -40.07 -10.72
N VAL F 163 7.47 -40.63 -9.94
CA VAL F 163 7.15 -41.10 -8.60
C VAL F 163 7.06 -39.90 -7.67
N ARG F 164 5.90 -39.69 -7.08
CA ARG F 164 5.63 -38.51 -6.28
C ARG F 164 5.74 -38.82 -4.80
N VAL F 165 6.07 -37.79 -4.02
CA VAL F 165 6.21 -37.95 -2.58
C VAL F 165 4.87 -38.35 -1.98
N GLY F 166 4.90 -39.39 -1.14
CA GLY F 166 3.70 -39.89 -0.51
C GLY F 166 3.01 -41.00 -1.27
N ASP F 167 3.43 -41.28 -2.49
CA ASP F 167 2.86 -42.40 -3.24
C ASP F 167 3.25 -43.72 -2.59
N ASP F 168 2.36 -44.70 -2.72
CA ASP F 168 2.64 -46.06 -2.27
C ASP F 168 3.32 -46.82 -3.39
N LEU F 169 4.34 -47.59 -3.05
CA LEU F 169 5.21 -48.23 -4.02
C LEU F 169 5.26 -49.73 -3.80
N ILE F 170 5.52 -50.45 -4.88
CA ILE F 170 5.79 -51.88 -4.84
C ILE F 170 7.20 -52.10 -5.37
N LEU F 171 8.07 -52.66 -4.54
CA LEU F 171 9.46 -52.87 -4.89
C LEU F 171 9.70 -54.36 -5.14
N VAL F 172 10.35 -54.68 -6.26
CA VAL F 172 10.62 -56.05 -6.64
C VAL F 172 12.13 -56.21 -6.82
N SER F 173 12.69 -57.26 -6.23
CA SER F 173 14.11 -57.52 -6.37
C SER F 173 14.41 -57.93 -7.81
N VAL F 174 15.41 -57.29 -8.40
CA VAL F 174 15.79 -57.61 -9.77
C VAL F 174 16.36 -59.01 -9.85
N SER F 175 17.18 -59.40 -8.88
CA SER F 175 17.87 -60.69 -8.94
C SER F 175 16.94 -61.84 -8.60
N SER F 176 15.98 -61.62 -7.70
CA SER F 176 15.18 -62.71 -7.17
C SER F 176 13.71 -62.64 -7.58
N GLU F 177 13.27 -61.56 -8.21
CA GLU F 177 11.88 -61.41 -8.66
C GLU F 177 10.89 -61.59 -7.50
N ARG F 178 11.24 -61.03 -6.34
CA ARG F 178 10.41 -61.13 -5.15
C ARG F 178 10.11 -59.76 -4.60
N TYR F 179 8.95 -59.62 -3.98
CA TYR F 179 8.53 -58.34 -3.42
C TYR F 179 9.19 -58.09 -2.08
N LEU F 180 9.47 -56.82 -1.80
CA LEU F 180 9.88 -56.41 -0.46
C LEU F 180 8.67 -56.51 0.45
N HIS F 181 8.66 -57.52 1.32
CA HIS F 181 7.48 -57.92 2.05
C HIS F 181 7.64 -57.65 3.54
N LEU F 182 6.56 -57.21 4.17
CA LEU F 182 6.47 -57.12 5.63
C LEU F 182 5.76 -58.37 6.12
N SER F 183 6.48 -59.22 6.83
CA SER F 183 5.99 -60.54 7.22
C SER F 183 5.49 -60.51 8.66
N THR F 184 4.23 -60.88 8.84
CA THR F 184 3.62 -61.01 10.17
C THR F 184 3.29 -62.46 10.50
N ALA F 185 3.87 -63.41 9.76
CA ALA F 185 3.54 -64.81 9.97
C ALA F 185 3.93 -65.26 11.37
N SER F 186 5.11 -64.86 11.83
CA SER F 186 5.52 -65.15 13.19
C SER F 186 4.86 -64.16 14.15
N GLY F 187 5.28 -64.20 15.41
CA GLY F 187 4.72 -63.28 16.39
C GLY F 187 5.17 -61.84 16.21
N GLU F 188 6.31 -61.62 15.58
CA GLU F 188 6.88 -60.29 15.42
C GLU F 188 6.69 -59.79 13.99
N LEU F 189 7.17 -58.57 13.76
CA LEU F 189 7.12 -57.95 12.44
C LEU F 189 8.51 -58.03 11.83
N GLN F 190 8.60 -58.60 10.63
CA GLN F 190 9.87 -58.80 9.96
C GLN F 190 9.74 -58.42 8.49
N VAL F 191 10.88 -58.11 7.88
CA VAL F 191 10.95 -57.73 6.47
C VAL F 191 11.73 -58.81 5.73
N ASP F 192 11.19 -59.28 4.61
CA ASP F 192 11.84 -60.29 3.80
C ASP F 192 11.38 -60.12 2.36
N ALA F 193 12.10 -60.75 1.44
CA ALA F 193 11.76 -60.73 0.02
C ALA F 193 10.93 -61.98 -0.27
N SER F 194 9.63 -61.80 -0.48
CA SER F 194 8.70 -62.89 -0.70
C SER F 194 7.93 -62.67 -1.99
N PHE F 195 7.03 -63.58 -2.29
CA PHE F 195 6.17 -63.49 -3.46
C PHE F 195 4.85 -62.78 -3.16
N MET F 196 4.68 -62.26 -1.95
CA MET F 196 3.51 -61.48 -1.59
C MET F 196 3.91 -60.02 -1.46
N GLN F 197 3.15 -59.14 -2.10
CA GLN F 197 3.51 -57.73 -2.16
C GLN F 197 3.16 -57.02 -0.86
N THR F 198 3.74 -55.84 -0.69
CA THR F 198 3.49 -55.00 0.48
C THR F 198 3.70 -53.55 0.07
N LEU F 199 2.80 -52.68 0.50
CA LEU F 199 2.86 -51.26 0.14
C LEU F 199 3.94 -50.56 0.96
N TRP F 200 4.76 -49.76 0.28
CA TRP F 200 5.81 -49.00 0.93
C TRP F 200 5.71 -47.53 0.55
N ASN F 201 6.14 -46.67 1.45
CA ASN F 201 6.22 -45.24 1.22
C ASN F 201 7.67 -44.80 1.37
N MET F 202 8.16 -44.03 0.39
CA MET F 202 9.51 -43.48 0.46
C MET F 202 9.40 -42.02 0.87
N ASN F 203 9.29 -41.80 2.17
CA ASN F 203 9.17 -40.46 2.71
C ASN F 203 10.51 -39.73 2.64
N PRO F 204 10.56 -38.52 2.08
CA PRO F 204 11.84 -37.83 1.95
C PRO F 204 12.37 -37.36 3.29
N ILE F 205 13.69 -37.23 3.36
CA ILE F 205 14.38 -36.67 4.51
C ILE F 205 15.01 -35.32 4.15
N CYS F 206 15.81 -35.29 3.09
CA CYS F 206 16.42 -34.05 2.63
C CYS F 206 16.76 -34.20 1.15
N SER F 207 16.56 -33.13 0.39
CA SER F 207 16.83 -33.14 -1.05
C SER F 207 18.16 -32.47 -1.39
N CYS F 208 18.33 -31.20 -1.03
CA CYS F 208 19.52 -30.45 -1.36
C CYS F 208 19.75 -29.36 -0.33
N CYS F 209 20.95 -29.34 0.25
CA CYS F 209 21.29 -28.43 1.33
C CYS F 209 22.26 -27.37 0.82
N GLU F 210 22.04 -26.12 1.24
CA GLU F 210 22.96 -25.05 0.89
C GLU F 210 24.29 -25.24 1.60
N GLU F 211 25.32 -24.58 1.07
CA GLU F 211 26.63 -24.67 1.70
C GLU F 211 26.56 -24.18 3.14
N GLY F 212 27.20 -24.93 4.03
CA GLY F 212 27.01 -24.71 5.45
C GLY F 212 25.54 -24.85 5.80
N TYR F 213 25.04 -23.89 6.57
CA TYR F 213 23.60 -23.70 6.79
C TYR F 213 22.96 -24.97 7.37
N VAL F 214 23.27 -25.20 8.64
CA VAL F 214 22.93 -26.39 9.41
C VAL F 214 21.53 -26.90 9.11
N THR F 215 21.41 -28.22 8.94
CA THR F 215 20.14 -28.90 8.73
C THR F 215 19.97 -29.99 9.77
N GLY F 216 18.72 -30.39 9.99
CA GLY F 216 18.43 -31.40 10.98
C GLY F 216 18.97 -32.77 10.58
N GLY F 217 19.15 -33.62 11.58
CA GLY F 217 19.66 -34.96 11.37
C GLY F 217 21.17 -35.05 11.31
N HIS F 218 21.89 -33.94 11.44
CA HIS F 218 23.33 -33.95 11.35
C HIS F 218 23.96 -34.20 12.72
N VAL F 219 25.23 -34.57 12.69
CA VAL F 219 26.03 -34.75 13.90
C VAL F 219 27.00 -33.58 13.98
N LEU F 220 27.05 -32.91 15.12
CA LEU F 220 27.82 -31.69 15.25
C LEU F 220 28.25 -31.49 16.69
N ARG F 221 29.11 -30.50 16.90
CA ARG F 221 29.55 -30.08 18.22
C ARG F 221 29.02 -28.70 18.53
N LEU F 222 28.66 -28.47 19.78
CA LEU F 222 28.11 -27.19 20.23
C LEU F 222 29.20 -26.47 21.03
N PHE F 223 29.87 -25.53 20.37
CA PHE F 223 30.99 -24.81 20.98
C PHE F 223 30.48 -23.57 21.70
N HIS F 224 31.07 -23.29 22.86
CA HIS F 224 30.61 -22.20 23.71
C HIS F 224 31.15 -20.86 23.24
N GLY F 225 32.47 -20.69 23.28
CA GLY F 225 33.07 -19.41 22.97
C GLY F 225 33.84 -19.39 21.66
N HIS F 226 35.14 -19.13 21.75
CA HIS F 226 35.99 -19.01 20.57
C HIS F 226 36.70 -20.35 20.29
N MET F 227 35.88 -21.35 19.99
CA MET F 227 36.37 -22.70 19.69
C MET F 227 37.25 -23.24 20.82
N ASP F 228 36.88 -22.95 22.06
CA ASP F 228 37.63 -23.37 23.23
C ASP F 228 36.88 -24.41 24.05
N GLU F 229 35.61 -24.17 24.36
CA GLU F 229 34.80 -25.09 25.15
C GLU F 229 33.67 -25.63 24.31
N CYS F 230 33.31 -26.90 24.54
CA CYS F 230 32.25 -27.56 23.80
C CYS F 230 31.37 -28.34 24.78
N LEU F 231 30.12 -28.51 24.39
CA LEU F 231 29.18 -29.28 25.20
C LEU F 231 29.51 -30.77 25.10
N THR F 232 29.56 -31.44 26.24
CA THR F 232 29.90 -32.86 26.27
C THR F 232 29.40 -33.46 27.58
N ILE F 233 29.60 -34.77 27.70
CA ILE F 233 29.31 -35.48 28.94
C ILE F 233 30.63 -36.01 29.50
N SER F 234 30.57 -36.66 30.66
CA SER F 234 31.77 -37.16 31.30
C SER F 234 32.38 -38.28 30.47
N ALA F 235 33.64 -38.59 30.77
CA ALA F 235 34.37 -39.63 30.06
C ALA F 235 33.80 -41.00 30.42
N ALA F 236 34.40 -42.04 29.85
CA ALA F 236 33.95 -43.40 30.09
C ALA F 236 34.21 -43.80 31.54
N ASP F 237 33.41 -44.75 32.01
CA ASP F 237 33.45 -45.30 33.37
C ASP F 237 33.66 -44.20 34.41
N SER F 238 32.81 -43.18 34.33
CA SER F 238 32.81 -42.08 35.28
C SER F 238 31.81 -42.35 36.40
N ASP F 239 31.96 -41.59 37.48
CA ASP F 239 31.10 -41.80 38.65
C ASP F 239 29.66 -41.38 38.38
N ASP F 240 29.45 -40.36 37.56
CA ASP F 240 28.12 -39.82 37.32
C ASP F 240 27.33 -40.63 36.31
N GLN F 241 27.77 -41.85 35.98
CA GLN F 241 27.10 -42.72 35.02
C GLN F 241 26.96 -42.08 33.64
N ARG F 242 27.82 -41.10 33.33
CA ARG F 242 27.78 -40.38 32.07
C ARG F 242 26.40 -39.78 31.82
N ARG F 243 25.79 -39.25 32.88
CA ARG F 243 24.45 -38.68 32.80
C ARG F 243 24.43 -37.20 33.17
N LEU F 244 25.57 -36.53 33.13
CA LEU F 244 25.67 -35.11 33.41
C LEU F 244 26.37 -34.41 32.25
N VAL F 245 25.98 -33.17 32.01
CA VAL F 245 26.44 -32.39 30.87
C VAL F 245 27.38 -31.30 31.37
N TYR F 246 28.52 -31.14 30.70
CA TYR F 246 29.53 -30.19 31.12
C TYR F 246 30.01 -29.37 29.92
N TYR F 247 30.50 -28.18 30.21
CA TYR F 247 31.24 -27.37 29.24
C TYR F 247 32.72 -27.62 29.45
N GLU F 248 33.33 -28.40 28.57
CA GLU F 248 34.71 -28.83 28.74
C GLU F 248 35.51 -28.44 27.51
N GLY F 249 36.79 -28.12 27.72
CA GLY F 249 37.68 -27.74 26.65
C GLY F 249 38.90 -28.66 26.60
N GLY F 250 39.68 -28.48 25.53
CA GLY F 250 40.89 -29.27 25.36
C GLY F 250 40.73 -30.41 24.38
N ALA F 251 41.24 -31.59 24.72
CA ALA F 251 41.18 -32.72 23.81
C ALA F 251 39.76 -33.22 23.58
N VAL F 252 38.81 -32.82 24.43
CA VAL F 252 37.42 -33.24 24.25
C VAL F 252 36.83 -32.67 22.97
N CYS F 253 37.40 -31.57 22.46
CA CYS F 253 36.91 -30.99 21.22
C CYS F 253 37.15 -31.89 20.02
N THR F 254 38.03 -32.88 20.14
CA THR F 254 38.29 -33.82 19.06
C THR F 254 37.91 -35.25 19.43
N HIS F 255 37.17 -35.43 20.53
CA HIS F 255 36.74 -36.76 20.95
C HIS F 255 35.28 -37.00 20.56
N ALA F 256 34.87 -38.26 20.65
CA ALA F 256 33.55 -38.66 20.22
C ALA F 256 32.46 -38.38 21.24
N ARG F 257 32.81 -38.09 22.49
CA ARG F 257 31.79 -37.84 23.50
C ARG F 257 31.26 -36.41 23.46
N SER F 258 31.80 -35.56 22.58
CA SER F 258 31.31 -34.21 22.38
C SER F 258 30.45 -34.10 21.14
N LEU F 259 30.03 -35.22 20.56
CA LEU F 259 29.25 -35.24 19.33
C LEU F 259 27.78 -35.41 19.66
N TRP F 260 26.94 -34.55 19.09
CA TRP F 260 25.50 -34.58 19.31
C TRP F 260 24.78 -34.61 17.98
N ARG F 261 23.59 -35.21 17.99
CA ARG F 261 22.74 -35.31 16.81
C ARG F 261 21.45 -34.55 17.05
N LEU F 262 21.09 -33.69 16.10
CA LEU F 262 19.89 -32.88 16.22
C LEU F 262 18.74 -33.56 15.50
N GLU F 263 17.71 -33.93 16.24
CA GLU F 263 16.59 -34.71 15.72
C GLU F 263 15.30 -33.93 15.84
N PRO F 264 14.78 -33.36 14.75
CA PRO F 264 13.50 -32.67 14.80
C PRO F 264 12.36 -33.62 15.13
N LEU F 265 11.27 -33.04 15.63
CA LEU F 265 10.13 -33.83 16.09
C LEU F 265 9.25 -34.26 14.93
N ARG F 266 9.84 -34.86 13.90
CA ARG F 266 9.10 -35.36 12.76
C ARG F 266 10.02 -36.28 11.96
N ILE F 267 9.42 -37.13 11.16
CA ILE F 267 10.15 -38.07 10.32
C ILE F 267 10.31 -37.53 8.89
N SER F 268 9.20 -37.21 8.24
CA SER F 268 9.27 -36.66 6.90
C SER F 268 9.92 -35.28 6.95
N TRP F 269 10.90 -35.06 6.07
CA TRP F 269 11.64 -33.81 6.00
C TRP F 269 12.34 -33.49 7.32
N SER F 270 12.77 -34.52 8.05
CA SER F 270 13.55 -34.30 9.25
C SER F 270 14.93 -33.75 8.95
N GLY F 271 15.39 -33.88 7.71
CA GLY F 271 16.65 -33.34 7.28
C GLY F 271 16.58 -31.95 6.71
N SER F 272 15.45 -31.27 6.83
CA SER F 272 15.28 -29.93 6.30
C SER F 272 16.15 -28.94 7.06
N HIS F 273 16.25 -27.73 6.52
CA HIS F 273 17.05 -26.68 7.15
C HIS F 273 16.53 -26.36 8.53
N LEU F 274 17.45 -26.19 9.47
CA LEU F 274 17.07 -25.79 10.82
C LEU F 274 16.61 -24.35 10.85
N ARG F 275 15.59 -24.11 11.65
CA ARG F 275 14.93 -22.82 11.79
C ARG F 275 14.85 -22.42 13.25
N TRP F 276 14.94 -21.11 13.49
CA TRP F 276 14.90 -20.58 14.85
C TRP F 276 13.58 -20.93 15.50
N GLY F 277 13.64 -21.40 16.75
CA GLY F 277 12.45 -21.79 17.45
C GLY F 277 11.88 -23.15 17.07
N GLN F 278 12.56 -23.88 16.20
CA GLN F 278 12.10 -25.21 15.83
C GLN F 278 12.33 -26.18 16.99
N PRO F 279 11.32 -26.88 17.46
CA PRO F 279 11.54 -27.89 18.50
C PRO F 279 12.26 -29.11 17.95
N LEU F 280 13.24 -29.58 18.72
CA LEU F 280 14.01 -30.75 18.31
C LEU F 280 14.61 -31.42 19.53
N ARG F 281 14.92 -32.70 19.38
CA ARG F 281 15.66 -33.44 20.39
C ARG F 281 17.14 -33.37 20.11
N ILE F 282 17.94 -33.49 21.16
CA ILE F 282 19.39 -33.53 21.06
C ILE F 282 19.84 -34.88 21.61
N ARG F 283 20.55 -35.64 20.78
CA ARG F 283 20.93 -37.00 21.10
C ARG F 283 22.44 -37.14 21.15
N HIS F 284 22.93 -37.77 22.21
CA HIS F 284 24.36 -38.07 22.32
C HIS F 284 24.65 -39.31 21.49
N VAL F 285 25.60 -39.18 20.56
CA VAL F 285 25.77 -40.20 19.53
C VAL F 285 26.34 -41.49 20.13
N THR F 286 27.37 -41.38 20.97
CA THR F 286 28.04 -42.57 21.46
C THR F 286 27.23 -43.29 22.52
N THR F 287 26.54 -42.55 23.38
CA THR F 287 25.76 -43.17 24.45
C THR F 287 24.31 -43.39 24.07
N GLY F 288 23.83 -42.76 23.00
CA GLY F 288 22.46 -42.92 22.59
C GLY F 288 21.44 -42.30 23.53
N ARG F 289 21.87 -41.40 24.40
CA ARG F 289 20.97 -40.76 25.34
C ARG F 289 20.61 -39.36 24.90
N TYR F 290 19.40 -38.94 25.24
CA TYR F 290 18.85 -37.67 24.79
C TYR F 290 18.93 -36.64 25.89
N LEU F 291 19.33 -35.43 25.52
CA LEU F 291 19.36 -34.32 26.46
C LEU F 291 17.95 -34.07 27.01
N ALA F 292 17.84 -33.94 28.32
CA ALA F 292 16.53 -33.84 28.95
C ALA F 292 16.60 -32.90 30.13
N LEU F 293 15.42 -32.39 30.50
CA LEU F 293 15.24 -31.62 31.73
C LEU F 293 14.31 -32.43 32.63
N THR F 294 14.87 -33.01 33.68
CA THR F 294 14.13 -33.84 34.61
C THR F 294 13.78 -33.02 35.85
N GLU F 295 12.59 -33.27 36.39
CA GLU F 295 12.14 -32.55 37.58
C GLU F 295 12.94 -32.92 38.82
N ASP F 296 13.77 -33.96 38.75
CA ASP F 296 14.58 -34.38 39.89
C ASP F 296 16.02 -33.87 39.77
N GLN F 297 16.71 -34.26 38.71
CA GLN F 297 18.13 -33.96 38.54
C GLN F 297 18.38 -32.69 37.72
N GLY F 298 17.35 -32.14 37.10
CA GLY F 298 17.54 -30.97 36.25
C GLY F 298 17.94 -31.36 34.84
N LEU F 299 19.05 -30.82 34.35
CA LEU F 299 19.52 -31.08 33.00
C LEU F 299 20.42 -32.30 33.01
N VAL F 300 19.95 -33.40 32.43
CA VAL F 300 20.69 -34.65 32.33
C VAL F 300 20.44 -35.23 30.94
N VAL F 301 21.05 -36.39 30.68
CA VAL F 301 20.77 -37.17 29.48
C VAL F 301 20.08 -38.46 29.91
N VAL F 302 18.94 -38.75 29.28
CA VAL F 302 18.12 -39.87 29.67
C VAL F 302 18.05 -40.86 28.52
N ASP F 303 17.60 -42.07 28.84
CA ASP F 303 17.47 -43.11 27.82
C ASP F 303 16.31 -42.78 26.87
N ALA F 304 16.27 -43.52 25.76
CA ALA F 304 15.24 -43.28 24.75
C ALA F 304 13.85 -43.60 25.26
N CYS F 305 13.72 -44.40 26.32
CA CYS F 305 12.42 -44.74 26.86
C CYS F 305 11.83 -43.63 27.73
N LYS F 306 12.60 -42.58 28.02
CA LYS F 306 12.14 -41.48 28.87
C LYS F 306 12.17 -40.13 28.16
N ALA F 307 12.25 -40.12 26.83
CA ALA F 307 12.29 -38.88 26.05
C ALA F 307 10.90 -38.69 25.43
N HIS F 308 10.01 -38.06 26.19
CA HIS F 308 8.59 -38.00 25.84
C HIS F 308 8.18 -36.62 25.31
N THR F 309 9.07 -35.97 24.56
CA THR F 309 8.81 -34.74 23.81
C THR F 309 8.54 -33.54 24.70
N LYS F 310 8.43 -33.73 26.01
CA LYS F 310 8.24 -32.65 26.95
C LYS F 310 9.49 -32.36 27.77
N ALA F 311 10.29 -33.38 28.06
CA ALA F 311 11.56 -33.17 28.74
C ALA F 311 12.72 -33.00 27.77
N THR F 312 12.56 -33.44 26.51
CA THR F 312 13.67 -33.50 25.57
C THR F 312 13.46 -32.60 24.35
N SER F 313 12.59 -31.59 24.45
CA SER F 313 12.33 -30.68 23.35
C SER F 313 13.10 -29.39 23.59
N PHE F 314 13.94 -29.02 22.63
CA PHE F 314 14.73 -27.80 22.70
C PHE F 314 14.60 -27.04 21.38
N CYS F 315 15.00 -25.77 21.41
CA CYS F 315 15.00 -24.95 20.21
C CYS F 315 16.16 -23.98 20.28
N PHE F 316 16.63 -23.55 19.11
CA PHE F 316 17.65 -22.53 19.00
C PHE F 316 16.99 -21.19 18.75
N ARG F 317 17.39 -20.19 19.53
CA ARG F 317 16.84 -18.84 19.41
C ARG F 317 17.98 -17.86 19.21
N VAL F 318 17.77 -16.92 18.28
CA VAL F 318 18.81 -15.94 17.97
C VAL F 318 19.05 -14.97 19.11
N SER F 319 18.03 -14.68 19.92
CA SER F 319 18.17 -13.76 21.03
C SER F 319 17.22 -14.18 22.14
N LYS F 320 17.52 -13.73 23.35
CA LYS F 320 16.74 -14.10 24.53
C LYS F 320 15.46 -13.28 24.68
N GLU F 321 15.17 -12.39 23.75
CA GLU F 321 13.93 -11.62 23.83
C GLU F 321 12.76 -12.55 23.55
N LYS F 322 11.72 -12.43 24.38
CA LYS F 322 10.58 -13.35 24.32
C LYS F 322 9.68 -12.95 23.15
N LEU F 323 9.83 -13.68 22.04
CA LEU F 323 9.01 -13.41 20.87
C LEU F 323 7.57 -13.84 21.09
N ASP F 324 7.34 -15.15 21.22
CA ASP F 324 6.00 -15.73 21.30
C ASP F 324 5.08 -15.16 20.21
N THR F 325 5.60 -15.07 18.99
CA THR F 325 4.82 -14.49 17.90
C THR F 325 3.68 -15.40 17.49
N ALA F 326 4.00 -16.59 17.02
CA ALA F 326 3.01 -17.56 16.57
C ALA F 326 3.69 -18.91 16.35
N PRO F 327 2.97 -20.01 16.52
CA PRO F 327 3.52 -21.31 16.12
C PRO F 327 3.65 -21.40 14.61
N LYS F 328 4.90 -21.38 14.15
CA LYS F 328 5.23 -21.60 12.76
C LYS F 328 4.67 -22.93 12.27
N ARG F 329 4.27 -22.97 11.01
CA ARG F 329 3.86 -24.20 10.38
C ARG F 329 4.99 -24.73 9.50
N ASP F 330 5.28 -26.01 9.64
CA ASP F 330 6.37 -26.62 8.88
C ASP F 330 6.02 -26.72 7.40
N VAL F 331 7.02 -26.48 6.56
CA VAL F 331 6.87 -26.57 5.12
C VAL F 331 7.32 -27.95 4.67
N GLU F 332 6.74 -28.41 3.56
CA GLU F 332 7.06 -29.72 2.99
C GLU F 332 8.20 -29.56 2.00
N GLY F 333 9.40 -29.38 2.55
CA GLY F 333 10.57 -29.23 1.71
C GLY F 333 11.78 -28.88 2.55
N MET F 334 12.86 -28.54 1.84
CA MET F 334 14.11 -28.17 2.50
C MET F 334 13.93 -26.93 3.37
N GLY F 335 13.00 -26.06 3.01
CA GLY F 335 12.70 -24.90 3.82
C GLY F 335 13.70 -23.77 3.62
N PRO F 336 13.43 -22.62 4.20
CA PRO F 336 14.33 -21.49 4.07
C PRO F 336 15.56 -21.68 4.92
N PRO F 337 16.76 -21.49 4.36
CA PRO F 337 17.99 -21.70 5.11
C PRO F 337 18.24 -20.55 6.09
N GLU F 338 18.43 -20.90 7.36
CA GLU F 338 18.54 -19.89 8.41
C GLU F 338 19.85 -19.96 9.20
N ILE F 339 20.16 -21.11 9.79
CA ILE F 339 21.24 -21.23 10.78
C ILE F 339 22.49 -21.74 10.09
N LYS F 340 23.60 -21.02 10.24
CA LYS F 340 24.85 -21.34 9.59
C LYS F 340 25.80 -22.08 10.52
N TYR F 341 26.74 -22.80 9.91
CA TYR F 341 27.78 -23.51 10.65
C TYR F 341 28.92 -22.54 10.98
N GLY F 342 29.12 -22.28 12.27
CA GLY F 342 30.26 -21.50 12.70
C GLY F 342 30.11 -20.00 12.58
N GLU F 343 28.96 -19.51 12.11
CA GLU F 343 28.72 -18.07 12.03
C GLU F 343 27.48 -17.66 12.82
N SER F 344 26.47 -18.52 12.88
CA SER F 344 25.27 -18.19 13.65
C SER F 344 25.50 -18.45 15.13
N LEU F 345 25.18 -17.48 15.96
CA LEU F 345 25.24 -17.63 17.41
C LEU F 345 23.85 -18.04 17.90
N CYS F 346 23.76 -19.24 18.48
CA CYS F 346 22.48 -19.83 18.82
C CYS F 346 22.38 -19.99 20.34
N PHE F 347 21.21 -19.66 20.87
CA PHE F 347 20.89 -19.88 22.28
C PHE F 347 19.95 -21.07 22.37
N VAL F 348 20.28 -22.02 23.24
CA VAL F 348 19.48 -23.22 23.42
C VAL F 348 18.46 -22.98 24.52
N GLN F 349 17.20 -23.28 24.25
CA GLN F 349 16.12 -23.09 25.21
C GLN F 349 15.25 -24.33 25.27
N HIS F 350 14.91 -24.74 26.49
CA HIS F 350 13.95 -25.81 26.69
C HIS F 350 12.54 -25.27 26.44
N VAL F 351 11.88 -25.78 25.39
CA VAL F 351 10.65 -25.16 24.92
C VAL F 351 9.52 -25.35 25.93
N ALA F 352 9.54 -26.45 26.68
CA ALA F 352 8.43 -26.73 27.59
C ALA F 352 8.50 -25.87 28.84
N SER F 353 9.72 -25.54 29.30
CA SER F 353 9.90 -24.76 30.51
C SER F 353 10.36 -23.34 30.26
N GLY F 354 10.96 -23.06 29.10
CA GLY F 354 11.48 -21.75 28.81
C GLY F 354 12.85 -21.47 29.40
N LEU F 355 13.44 -22.42 30.11
CA LEU F 355 14.75 -22.23 30.70
C LEU F 355 15.82 -22.18 29.62
N TRP F 356 16.94 -21.54 29.94
CA TRP F 356 18.00 -21.30 28.96
C TRP F 356 19.22 -22.12 29.34
N LEU F 357 19.89 -22.69 28.34
CA LEU F 357 21.06 -23.51 28.56
C LEU F 357 22.24 -22.62 28.91
N THR F 358 22.83 -22.84 30.08
CA THR F 358 23.98 -22.05 30.52
C THR F 358 24.79 -22.88 31.50
N TYR F 359 25.95 -22.36 31.88
CA TYR F 359 26.82 -23.04 32.82
C TYR F 359 26.37 -22.78 34.25
N ALA F 360 26.92 -23.55 35.18
CA ALA F 360 26.46 -23.55 36.56
C ALA F 360 27.20 -22.56 37.44
N ALA F 361 28.12 -21.76 36.87
CA ALA F 361 28.91 -20.81 37.65
C ALA F 361 29.66 -21.56 38.74
N PRO F 362 30.71 -22.31 38.39
CA PRO F 362 31.31 -23.26 39.33
C PRO F 362 31.73 -22.60 40.64
N ASP F 363 31.47 -23.30 41.73
CA ASP F 363 31.82 -22.80 43.05
C ASP F 363 33.34 -22.71 43.20
N PRO F 364 33.85 -21.68 43.88
CA PRO F 364 35.30 -21.59 44.09
C PRO F 364 35.87 -22.76 44.89
N LYS F 365 37.20 -22.80 45.01
CA LYS F 365 37.94 -23.86 45.68
C LYS F 365 37.94 -25.13 44.84
N ALA F 366 37.16 -25.13 43.75
CA ALA F 366 37.17 -26.23 42.80
C ALA F 366 38.18 -26.02 41.67
N LEU F 367 38.72 -24.81 41.53
CA LEU F 367 39.73 -24.57 40.50
C LEU F 367 41.05 -25.23 40.83
N ARG F 368 41.38 -25.36 42.12
CA ARG F 368 42.62 -26.03 42.51
C ARG F 368 42.61 -27.50 42.11
N LEU F 369 41.43 -28.12 42.04
CA LEU F 369 41.32 -29.51 41.62
C LEU F 369 41.63 -29.70 40.14
N GLY F 370 41.76 -28.62 39.39
CA GLY F 370 41.96 -28.72 37.95
C GLY F 370 40.70 -28.91 37.15
N VAL F 371 39.53 -28.73 37.76
CA VAL F 371 38.26 -28.95 37.08
C VAL F 371 37.92 -27.73 36.23
N LEU F 372 38.34 -27.74 34.97
CA LEU F 372 37.90 -26.73 34.02
C LEU F 372 36.49 -26.98 33.52
N LYS F 373 35.92 -28.15 33.80
CA LYS F 373 34.57 -28.45 33.40
C LYS F 373 33.57 -27.57 34.16
N LYS F 374 32.62 -27.01 33.43
CA LYS F 374 31.53 -26.25 34.01
C LYS F 374 30.24 -27.01 33.75
N LYS F 375 29.51 -27.33 34.82
CA LYS F 375 28.27 -28.08 34.67
C LYS F 375 27.26 -27.27 33.89
N ALA F 376 26.60 -27.92 32.93
CA ALA F 376 25.55 -27.26 32.16
C ALA F 376 24.23 -27.38 32.90
N ILE F 377 23.53 -26.24 33.04
CA ILE F 377 22.26 -26.19 33.74
C ILE F 377 21.26 -25.41 32.90
N LEU F 378 19.99 -25.56 33.24
CA LEU F 378 18.92 -24.77 32.64
C LEU F 378 18.48 -23.73 33.65
N HIS F 379 18.49 -22.46 33.24
CA HIS F 379 18.20 -21.36 34.13
C HIS F 379 17.21 -20.40 33.47
N GLN F 380 16.46 -19.68 34.31
CA GLN F 380 15.46 -18.76 33.79
C GLN F 380 16.09 -17.55 33.11
N GLU F 381 17.25 -17.12 33.58
CA GLU F 381 17.92 -15.95 33.04
C GLU F 381 19.18 -16.27 32.26
N GLY F 382 20.04 -17.13 32.80
CA GLY F 382 21.28 -17.46 32.12
C GLY F 382 22.28 -16.30 32.14
N HIS F 383 23.13 -16.29 31.14
CA HIS F 383 24.16 -15.26 30.99
C HIS F 383 24.09 -14.68 29.58
N MET F 384 25.04 -13.77 29.30
CA MET F 384 25.09 -13.13 27.99
C MET F 384 25.93 -13.96 27.01
N ASP F 385 26.81 -14.80 27.52
CA ASP F 385 27.66 -15.65 26.68
C ASP F 385 27.11 -17.06 26.55
N ASP F 386 25.79 -17.21 26.59
CA ASP F 386 25.17 -18.52 26.41
C ASP F 386 25.07 -18.93 24.95
N ALA F 387 25.42 -18.05 24.02
CA ALA F 387 25.35 -18.39 22.61
C ALA F 387 26.32 -19.52 22.28
N LEU F 388 25.88 -20.42 21.41
CA LEU F 388 26.66 -21.59 21.04
C LEU F 388 26.94 -21.60 19.54
N PHE F 389 28.14 -22.04 19.19
CA PHE F 389 28.53 -22.23 17.80
C PHE F 389 28.29 -23.68 17.40
N LEU F 390 27.58 -23.88 16.30
CA LEU F 390 27.37 -25.20 15.74
C LEU F 390 28.45 -25.47 14.70
N THR F 391 29.30 -26.45 14.97
CA THR F 391 30.43 -26.78 14.12
C THR F 391 30.23 -28.14 13.48
N ARG F 392 30.53 -28.24 12.20
CA ARG F 392 30.36 -29.48 11.46
C ARG F 392 31.29 -30.56 11.99
N CYS F 393 30.82 -31.80 11.92
CA CYS F 393 31.60 -32.96 12.28
C CYS F 393 31.88 -33.79 11.03
N GLN F 394 33.08 -34.34 10.95
CA GLN F 394 33.46 -35.13 9.79
C GLN F 394 32.61 -36.39 9.70
N GLN F 395 32.38 -36.84 8.46
CA GLN F 395 31.66 -38.09 8.26
C GLN F 395 32.37 -39.25 8.90
N GLU F 396 33.71 -39.25 8.85
CA GLU F 396 34.49 -40.29 9.50
C GLU F 396 34.22 -40.33 11.00
N GLU F 397 34.24 -39.16 11.65
CA GLU F 397 34.01 -39.11 13.09
C GLU F 397 32.58 -39.51 13.44
N SER F 398 31.60 -39.06 12.66
CA SER F 398 30.22 -39.42 12.95
C SER F 398 30.01 -40.93 12.82
N GLN F 399 30.53 -41.52 11.74
CA GLN F 399 30.41 -42.97 11.57
C GLN F 399 31.13 -43.71 12.68
N ALA F 400 32.31 -43.23 13.08
CA ALA F 400 33.04 -43.86 14.17
C ALA F 400 32.25 -43.81 15.46
N ALA F 401 31.61 -42.68 15.74
CA ALA F 401 30.83 -42.56 16.97
C ALA F 401 29.64 -43.52 16.98
N ARG F 402 28.94 -43.61 15.85
CA ARG F 402 27.81 -44.54 15.79
C ARG F 402 28.27 -45.98 15.92
N MET F 403 29.39 -46.34 15.27
CA MET F 403 29.94 -47.68 15.41
C MET F 403 30.36 -47.96 16.84
N ILE F 404 30.91 -46.95 17.52
CA ILE F 404 31.27 -47.11 18.93
C ILE F 404 30.03 -47.42 19.75
N HIS F 405 28.94 -46.69 19.52
CA HIS F 405 27.70 -46.95 20.23
C HIS F 405 27.23 -48.39 20.02
N SER F 406 27.12 -48.81 18.76
CA SER F 406 26.61 -50.15 18.47
C SER F 406 27.53 -51.24 19.02
N THR F 407 28.84 -51.08 18.84
CA THR F 407 29.80 -52.07 19.30
C THR F 407 29.80 -52.17 20.81
N ALA F 408 29.71 -51.03 21.51
CA ALA F 408 29.66 -51.06 22.97
C ALA F 408 28.43 -51.80 23.45
N GLY F 409 27.28 -51.51 22.84
CA GLY F 409 26.07 -52.24 23.22
C GLY F 409 26.20 -53.74 23.01
N LEU F 410 26.70 -54.14 21.83
CA LEU F 410 26.81 -55.56 21.53
C LEU F 410 27.78 -56.26 22.47
N TYR F 411 28.93 -55.65 22.73
CA TYR F 411 29.92 -56.32 23.56
C TYR F 411 29.53 -56.32 25.03
N ASN F 412 28.80 -55.30 25.49
CA ASN F 412 28.26 -55.35 26.84
C ASN F 412 27.24 -56.47 26.97
N GLN F 413 26.40 -56.66 25.95
CA GLN F 413 25.48 -57.79 25.96
C GLN F 413 26.23 -59.11 26.01
N PHE F 414 27.30 -59.23 25.22
CA PHE F 414 28.10 -60.45 25.21
C PHE F 414 28.74 -60.69 26.57
N ILE F 415 29.26 -59.64 27.20
CA ILE F 415 29.90 -59.78 28.50
C ILE F 415 28.90 -60.22 29.56
N LYS F 416 27.72 -59.61 29.58
CA LYS F 416 26.73 -60.02 30.57
C LYS F 416 26.22 -61.43 30.30
N GLY F 417 26.14 -61.82 29.03
CA GLY F 417 25.80 -63.20 28.72
C GLY F 417 26.84 -64.18 29.24
N LEU F 418 28.12 -63.84 29.09
CA LEU F 418 29.18 -64.68 29.64
C LEU F 418 29.10 -64.76 31.15
N ASP F 419 28.86 -63.62 31.80
CA ASP F 419 28.76 -63.60 33.26
C ASP F 419 27.51 -64.29 33.78
N SER F 420 26.51 -64.50 32.93
CA SER F 420 25.31 -65.19 33.37
C SER F 420 25.62 -66.59 33.88
N PHE F 421 26.50 -67.31 33.19
CA PHE F 421 26.92 -68.66 33.59
C PHE F 421 28.36 -68.68 34.07
N SER F 422 28.76 -67.65 34.81
CA SER F 422 30.16 -67.52 35.21
C SER F 422 30.61 -68.70 36.06
N GLY F 423 29.76 -69.14 36.99
CA GLY F 423 30.11 -70.26 37.84
C GLY F 423 29.00 -71.28 37.97
N LYS F 424 28.18 -71.42 36.92
CA LYS F 424 27.02 -72.31 36.92
C LYS F 424 27.18 -73.34 35.81
N PRO F 425 27.77 -74.49 36.10
CA PRO F 425 27.86 -75.55 35.09
C PRO F 425 26.48 -76.00 34.63
N ARG F 426 26.36 -76.26 33.34
CA ARG F 426 25.07 -76.66 32.78
C ARG F 426 24.73 -78.11 33.06
N GLY F 427 25.71 -78.93 33.41
CA GLY F 427 25.46 -80.35 33.58
C GLY F 427 25.02 -80.98 32.28
N SER F 428 24.10 -81.93 32.37
CA SER F 428 23.51 -82.55 31.18
C SER F 428 22.24 -81.83 30.76
N GLY F 429 22.33 -80.52 30.57
CA GLY F 429 21.19 -79.71 30.22
C GLY F 429 21.58 -78.41 29.54
N PRO F 430 20.59 -77.60 29.20
CA PRO F 430 20.87 -76.32 28.53
C PRO F 430 21.55 -75.35 29.47
N PRO F 431 22.25 -74.34 28.94
CA PRO F 431 22.89 -73.34 29.80
C PRO F 431 21.90 -72.51 30.62
N ALA F 432 20.61 -72.59 30.32
CA ALA F 432 19.56 -71.90 31.08
C ALA F 432 19.78 -70.39 31.10
N GLY F 433 19.70 -69.80 29.91
CA GLY F 433 19.83 -68.37 29.76
C GLY F 433 19.68 -67.94 28.31
N PRO F 434 19.67 -66.63 28.06
CA PRO F 434 19.60 -66.15 26.69
C PRO F 434 20.85 -66.55 25.91
N ALA F 435 20.65 -66.85 24.63
CA ALA F 435 21.75 -67.27 23.79
C ALA F 435 22.76 -66.15 23.61
N LEU F 436 24.04 -66.50 23.54
CA LEU F 436 25.07 -65.52 23.30
C LEU F 436 24.96 -65.01 21.86
N PRO F 437 25.23 -63.72 21.63
CA PRO F 437 25.23 -63.22 20.25
C PRO F 437 26.50 -63.61 19.51
N ILE F 438 26.66 -64.91 19.25
CA ILE F 438 27.91 -65.42 18.71
C ILE F 438 28.14 -64.87 17.30
N GLU F 439 27.15 -65.00 16.43
CA GLU F 439 27.32 -64.58 15.04
C GLU F 439 27.50 -63.06 14.94
N ALA F 440 26.73 -62.31 15.72
CA ALA F 440 26.86 -60.86 15.71
C ALA F 440 28.23 -60.42 16.20
N VAL F 441 28.72 -61.06 17.26
CA VAL F 441 30.03 -60.72 17.79
C VAL F 441 31.12 -61.04 16.77
N ILE F 442 31.03 -62.21 16.12
CA ILE F 442 32.04 -62.58 15.14
C ILE F 442 32.03 -61.60 13.97
N LEU F 443 30.85 -61.27 13.46
CA LEU F 443 30.76 -60.35 12.33
C LEU F 443 31.24 -58.97 12.70
N SER F 444 30.91 -58.50 13.91
CA SER F 444 31.37 -57.19 14.35
C SER F 444 32.88 -57.16 14.49
N LEU F 445 33.46 -58.23 15.04
CA LEU F 445 34.92 -58.29 15.17
C LEU F 445 35.59 -58.27 13.80
N GLN F 446 35.06 -59.02 12.84
CA GLN F 446 35.64 -59.01 11.50
C GLN F 446 35.49 -57.64 10.85
N ASP F 447 34.34 -57.01 11.02
CA ASP F 447 34.13 -55.67 10.46
C ASP F 447 35.10 -54.67 11.06
N LEU F 448 35.31 -54.73 12.37
CA LEU F 448 36.25 -53.81 13.02
C LEU F 448 37.68 -54.08 12.57
N ILE F 449 38.05 -55.35 12.43
CA ILE F 449 39.40 -55.68 11.97
C ILE F 449 39.63 -55.12 10.58
N GLY F 450 38.65 -55.29 9.68
CA GLY F 450 38.77 -54.67 8.37
C GLY F 450 38.69 -53.17 8.40
N TYR F 451 38.06 -52.60 9.42
CA TYR F 451 37.95 -51.15 9.56
C TYR F 451 39.25 -50.53 10.03
N PHE F 452 40.05 -51.27 10.80
CA PHE F 452 41.31 -50.77 11.34
C PHE F 452 42.52 -51.30 10.57
N GLU F 453 42.32 -51.86 9.39
CA GLU F 453 43.44 -52.42 8.65
C GLU F 453 44.41 -51.30 8.25
N PRO F 454 45.72 -51.49 8.44
CA PRO F 454 46.66 -50.46 8.03
C PRO F 454 46.68 -50.31 6.52
N PRO F 455 46.98 -49.13 6.01
CA PRO F 455 47.00 -48.93 4.55
C PRO F 455 48.09 -49.75 3.89
N SER F 456 47.82 -50.17 2.65
CA SER F 456 48.77 -50.97 1.91
C SER F 456 50.03 -50.18 1.60
N GLU F 457 51.18 -50.85 1.67
CA GLU F 457 52.45 -50.19 1.41
C GLU F 457 52.63 -49.82 -0.05
N GLU F 458 51.94 -50.49 -0.96
CA GLU F 458 52.05 -50.18 -2.37
C GLU F 458 51.37 -48.87 -2.75
N LEU F 459 50.62 -48.27 -1.84
CA LEU F 459 50.01 -46.97 -2.10
C LEU F 459 51.07 -45.88 -2.17
N GLN F 460 50.72 -44.78 -2.82
CA GLN F 460 51.63 -43.66 -2.89
C GLN F 460 51.75 -42.97 -1.54
N HIS F 461 52.78 -42.14 -1.41
CA HIS F 461 53.13 -41.56 -0.12
C HIS F 461 52.01 -40.67 0.43
N GLU F 462 51.42 -39.83 -0.43
CA GLU F 462 50.45 -38.86 0.03
C GLU F 462 49.21 -39.54 0.62
N GLU F 463 48.60 -40.44 -0.16
CA GLU F 463 47.41 -41.12 0.32
C GLU F 463 47.72 -42.10 1.43
N LYS F 464 48.93 -42.68 1.44
CA LYS F 464 49.32 -43.54 2.54
C LYS F 464 49.37 -42.75 3.84
N GLN F 465 49.95 -41.55 3.81
CA GLN F 465 50.00 -40.72 5.01
C GLN F 465 48.61 -40.25 5.43
N SER F 466 47.76 -39.93 4.45
CA SER F 466 46.39 -39.54 4.79
C SER F 466 45.63 -40.68 5.46
N LYS F 467 45.78 -41.89 4.93
CA LYS F 467 45.12 -43.05 5.52
C LYS F 467 45.69 -43.36 6.90
N LEU F 468 47.00 -43.17 7.08
CA LEU F 468 47.58 -43.36 8.40
C LEU F 468 47.01 -42.35 9.40
N ARG F 469 46.84 -41.10 8.97
CA ARG F 469 46.26 -40.10 9.85
C ARG F 469 44.83 -40.47 10.23
N SER F 470 44.02 -40.90 9.26
CA SER F 470 42.66 -41.30 9.56
C SER F 470 42.63 -42.50 10.50
N LEU F 471 43.51 -43.48 10.27
CA LEU F 471 43.57 -44.65 11.13
C LEU F 471 43.94 -44.29 12.55
N ARG F 472 44.92 -43.40 12.73
CA ARG F 472 45.30 -42.97 14.06
C ARG F 472 44.15 -42.26 14.75
N ASN F 473 43.43 -41.40 14.01
CA ASN F 473 42.29 -40.71 14.61
C ASN F 473 41.21 -41.68 15.06
N ARG F 474 40.91 -42.68 14.22
CA ARG F 474 39.88 -43.64 14.59
C ARG F 474 40.30 -44.50 15.78
N GLN F 475 41.57 -44.91 15.80
CA GLN F 475 42.07 -45.67 16.95
C GLN F 475 41.99 -44.84 18.23
N SER F 476 42.35 -43.56 18.15
CA SER F 476 42.26 -42.70 19.32
C SER F 476 40.82 -42.55 19.79
N LEU F 477 39.89 -42.38 18.85
CA LEU F 477 38.48 -42.27 19.23
C LEU F 477 37.99 -43.52 19.95
N PHE F 478 38.27 -44.69 19.37
CA PHE F 478 37.82 -45.93 19.98
C PHE F 478 38.45 -46.16 21.34
N GLN F 479 39.74 -45.84 21.48
CA GLN F 479 40.39 -45.97 22.78
C GLN F 479 39.79 -45.02 23.79
N GLU F 480 39.54 -43.77 23.39
CA GLU F 480 38.98 -42.79 24.32
C GLU F 480 37.57 -43.12 24.74
N GLU F 481 36.84 -43.91 23.95
CA GLU F 481 35.50 -44.33 24.34
C GLU F 481 35.49 -45.65 25.11
N GLY F 482 36.66 -46.20 25.41
CA GLY F 482 36.72 -47.40 26.24
C GLY F 482 36.61 -48.71 25.50
N MET F 483 36.68 -48.70 24.17
CA MET F 483 36.57 -49.94 23.42
C MET F 483 37.73 -50.88 23.69
N LEU F 484 38.92 -50.32 23.92
CA LEU F 484 40.06 -51.16 24.26
C LEU F 484 39.83 -51.92 25.56
N SER F 485 39.35 -51.21 26.59
CA SER F 485 39.03 -51.87 27.85
C SER F 485 37.91 -52.88 27.69
N LEU F 486 36.92 -52.58 26.83
CA LEU F 486 35.85 -53.54 26.58
C LEU F 486 36.39 -54.82 25.94
N VAL F 487 37.30 -54.68 24.98
CA VAL F 487 37.92 -55.84 24.36
C VAL F 487 38.71 -56.63 25.39
N LEU F 488 39.43 -55.93 26.27
CA LEU F 488 40.18 -56.63 27.31
C LEU F 488 39.26 -57.39 28.24
N ASN F 489 38.12 -56.81 28.59
CA ASN F 489 37.16 -57.51 29.44
C ASN F 489 36.62 -58.76 28.77
N CYS F 490 36.27 -58.66 27.48
CA CYS F 490 35.81 -59.83 26.75
C CYS F 490 36.88 -60.91 26.72
N ILE F 491 38.14 -60.50 26.47
CA ILE F 491 39.23 -61.46 26.41
C ILE F 491 39.41 -62.15 27.75
N ASP F 492 39.35 -61.40 28.85
CA ASP F 492 39.49 -62.00 30.18
C ASP F 492 38.37 -63.00 30.45
N ARG F 493 37.13 -62.61 30.18
CA ARG F 493 36.01 -63.49 30.50
C ARG F 493 36.01 -64.74 29.64
N LEU F 494 36.48 -64.65 28.39
CA LEU F 494 36.67 -65.86 27.60
C LEU F 494 37.90 -66.64 28.02
N ASN F 495 38.90 -65.97 28.62
CA ASN F 495 40.16 -66.59 28.97
C ASN F 495 40.11 -67.30 30.32
N VAL F 496 39.06 -67.09 31.12
CA VAL F 496 38.91 -67.89 32.33
C VAL F 496 38.64 -69.35 32.02
N TYR F 497 38.43 -69.72 30.76
CA TYR F 497 38.21 -71.10 30.34
C TYR F 497 39.45 -71.60 29.61
N THR F 498 39.88 -72.82 29.94
CA THR F 498 41.13 -73.32 29.41
C THR F 498 41.02 -73.76 27.95
N THR F 499 39.86 -74.26 27.53
CA THR F 499 39.71 -74.81 26.19
C THR F 499 38.24 -74.80 25.80
N ALA F 500 37.99 -75.23 24.56
CA ALA F 500 36.64 -75.21 24.01
C ALA F 500 35.71 -76.15 24.77
N ALA F 501 36.20 -77.34 25.13
CA ALA F 501 35.36 -78.26 25.91
C ALA F 501 35.05 -77.69 27.28
N HIS F 502 36.04 -77.06 27.92
CA HIS F 502 35.81 -76.42 29.20
C HIS F 502 34.77 -75.32 29.08
N PHE F 503 34.81 -74.57 27.99
CA PHE F 503 33.79 -73.55 27.76
C PHE F 503 32.43 -74.17 27.51
N ALA F 504 32.39 -75.31 26.81
CA ALA F 504 31.13 -76.00 26.55
C ALA F 504 30.48 -76.49 27.83
N GLU F 505 31.29 -76.92 28.80
CA GLU F 505 30.75 -77.35 30.09
C GLU F 505 29.88 -76.27 30.74
N TYR F 506 29.95 -75.03 30.29
CA TYR F 506 29.18 -73.94 30.86
C TYR F 506 28.25 -73.26 29.86
N ALA F 507 28.61 -73.22 28.59
CA ALA F 507 27.83 -72.50 27.59
C ALA F 507 27.26 -73.40 26.50
N GLY F 508 27.62 -74.67 26.46
CA GLY F 508 27.12 -75.59 25.46
C GLY F 508 28.04 -75.73 24.27
N GLU F 509 27.84 -76.83 23.54
CA GLU F 509 28.70 -77.14 22.41
C GLU F 509 28.51 -76.16 21.26
N GLU F 510 27.27 -75.77 20.98
CA GLU F 510 27.01 -74.86 19.88
C GLU F 510 27.64 -73.50 20.12
N ALA F 511 27.79 -73.10 21.37
CA ALA F 511 28.48 -71.86 21.69
C ALA F 511 29.99 -72.05 21.78
N ALA F 512 30.45 -73.26 22.15
CA ALA F 512 31.87 -73.49 22.31
C ALA F 512 32.56 -73.79 20.98
N GLU F 513 31.79 -74.05 19.93
CA GLU F 513 32.42 -74.30 18.64
C GLU F 513 32.89 -73.02 17.97
N SER F 514 32.65 -71.86 18.58
CA SER F 514 33.15 -70.58 18.08
C SER F 514 34.07 -69.89 19.07
N TRP F 515 34.41 -70.55 20.17
CA TRP F 515 35.21 -69.93 21.23
C TRP F 515 36.61 -69.56 20.74
N LYS F 516 37.27 -70.49 20.05
CA LYS F 516 38.61 -70.24 19.54
C LYS F 516 38.60 -69.12 18.50
N GLU F 517 37.62 -69.15 17.60
CA GLU F 517 37.52 -68.10 16.60
C GLU F 517 37.30 -66.74 17.24
N ILE F 518 36.44 -66.67 18.25
CA ILE F 518 36.15 -65.39 18.88
C ILE F 518 37.37 -64.86 19.62
N VAL F 519 38.10 -65.72 20.32
CA VAL F 519 39.27 -65.22 21.05
C VAL F 519 40.36 -64.78 20.07
N ASN F 520 40.54 -65.51 18.98
CA ASN F 520 41.51 -65.10 17.98
C ASN F 520 41.13 -63.76 17.36
N LEU F 521 39.84 -63.57 17.05
CA LEU F 521 39.40 -62.30 16.50
C LEU F 521 39.57 -61.16 17.50
N LEU F 522 39.34 -61.44 18.79
CA LEU F 522 39.54 -60.41 19.81
C LEU F 522 40.99 -59.98 19.89
N TYR F 523 41.92 -60.95 19.86
CA TYR F 523 43.33 -60.59 19.88
C TYR F 523 43.73 -59.82 18.62
N GLU F 524 43.19 -60.23 17.47
CA GLU F 524 43.48 -59.52 16.23
C GLU F 524 42.96 -58.09 16.27
N LEU F 525 41.76 -57.90 16.82
CA LEU F 525 41.21 -56.55 16.95
C LEU F 525 42.02 -55.71 17.91
N LEU F 526 42.50 -56.30 19.01
CA LEU F 526 43.34 -55.55 19.94
C LEU F 526 44.63 -55.11 19.26
N ALA F 527 45.24 -56.00 18.49
CA ALA F 527 46.45 -55.66 17.76
C ALA F 527 46.19 -54.55 16.76
N SER F 528 45.04 -54.61 16.06
CA SER F 528 44.69 -53.56 15.12
C SER F 528 44.47 -52.23 15.82
N LEU F 529 43.82 -52.25 16.99
CA LEU F 529 43.58 -51.02 17.74
C LEU F 529 44.86 -50.37 18.23
N ILE F 530 45.84 -51.15 18.69
CA ILE F 530 47.05 -50.58 19.27
C ILE F 530 48.18 -50.43 18.27
N ARG F 531 48.08 -51.01 17.07
CA ARG F 531 49.21 -51.02 16.15
C ARG F 531 49.52 -49.62 15.66
N GLY F 532 50.79 -49.22 15.81
CA GLY F 532 51.26 -47.94 15.32
C GLY F 532 50.84 -46.75 16.14
N ASN F 533 50.10 -46.94 17.22
CA ASN F 533 49.59 -45.86 18.04
C ASN F 533 50.33 -45.88 19.37
N ARG F 534 51.24 -44.92 19.57
CA ARG F 534 52.04 -44.89 20.79
C ARG F 534 51.17 -44.61 22.01
N ALA F 535 50.15 -43.77 21.86
CA ALA F 535 49.27 -43.48 22.99
C ALA F 535 48.54 -44.73 23.46
N ASN F 536 48.05 -45.54 22.53
CA ASN F 536 47.35 -46.77 22.92
C ASN F 536 48.33 -47.82 23.42
N CYS F 537 49.52 -47.89 22.83
CA CYS F 537 50.51 -48.86 23.30
C CYS F 537 51.00 -48.54 24.70
N ALA F 538 51.06 -47.25 25.05
CA ALA F 538 51.55 -46.86 26.37
C ALA F 538 50.62 -47.28 27.49
N LEU F 539 49.37 -47.60 27.18
CA LEU F 539 48.44 -48.04 28.21
C LEU F 539 48.85 -49.35 28.84
N PHE F 540 49.65 -50.16 28.15
CA PHE F 540 50.08 -51.45 28.68
C PHE F 540 51.29 -51.33 29.59
N SER F 541 51.80 -50.12 29.80
CA SER F 541 52.88 -49.92 30.76
C SER F 541 52.43 -50.15 32.20
N THR F 542 51.13 -50.28 32.45
CA THR F 542 50.62 -50.64 33.75
C THR F 542 50.22 -52.10 33.85
N ASN F 543 49.65 -52.67 32.78
CA ASN F 543 49.24 -54.07 32.74
C ASN F 543 50.03 -54.74 31.62
N LEU F 544 51.25 -55.20 31.95
CA LEU F 544 52.05 -55.95 31.01
C LEU F 544 52.05 -57.44 31.31
N ASP F 545 51.92 -57.82 32.58
CA ASP F 545 51.71 -59.22 32.92
C ASP F 545 50.42 -59.75 32.32
N TRP F 546 49.46 -58.88 32.04
CA TRP F 546 48.24 -59.30 31.36
C TRP F 546 48.55 -59.88 29.99
N VAL F 547 49.47 -59.26 29.26
CA VAL F 547 49.84 -59.76 27.94
C VAL F 547 50.83 -60.91 28.06
N VAL F 548 51.83 -60.76 28.93
CA VAL F 548 52.91 -61.75 28.99
C VAL F 548 52.40 -63.09 29.50
N SER F 549 51.55 -63.06 30.54
CA SER F 549 51.06 -64.30 31.14
C SER F 549 50.20 -65.11 30.18
N LYS F 550 49.71 -64.51 29.11
CA LYS F 550 48.89 -65.21 28.13
C LYS F 550 49.70 -65.78 26.98
N LEU F 551 51.02 -65.60 26.98
CA LEU F 551 51.84 -66.08 25.86
C LEU F 551 51.80 -67.60 25.74
N ASP F 552 51.65 -68.30 26.85
CA ASP F 552 51.62 -69.75 26.84
C ASP F 552 50.29 -70.34 26.39
N ARG F 553 49.25 -69.52 26.27
CA ARG F 553 47.96 -70.01 25.81
C ARG F 553 48.09 -70.52 24.38
N LEU F 554 47.51 -71.69 24.12
CA LEU F 554 47.72 -72.38 22.86
C LEU F 554 46.73 -72.00 21.76
N GLU F 555 45.59 -71.42 22.12
CA GLU F 555 44.56 -71.15 21.12
C GLU F 555 44.90 -69.94 20.25
N ALA F 556 45.54 -68.93 20.82
CA ALA F 556 45.81 -67.68 20.10
C ALA F 556 47.26 -67.23 20.34
N SER F 557 48.20 -68.17 20.24
CA SER F 557 49.59 -67.85 20.50
C SER F 557 50.11 -66.79 19.55
N SER F 558 49.83 -66.94 18.25
CA SER F 558 50.30 -65.96 17.27
C SER F 558 49.69 -64.59 17.52
N GLY F 559 48.40 -64.54 17.83
CA GLY F 559 47.76 -63.26 18.08
C GLY F 559 48.32 -62.56 19.31
N ILE F 560 48.54 -63.31 20.38
CA ILE F 560 49.09 -62.69 21.59
C ILE F 560 50.52 -62.23 21.37
N LEU F 561 51.30 -63.02 20.61
CA LEU F 561 52.65 -62.60 20.28
C LEU F 561 52.64 -61.34 19.43
N GLU F 562 51.69 -61.24 18.49
CA GLU F 562 51.58 -60.03 17.68
C GLU F 562 51.21 -58.81 18.52
N VAL F 563 50.30 -59.00 19.49
CA VAL F 563 49.96 -57.91 20.39
C VAL F 563 51.18 -57.46 21.18
N LEU F 564 51.95 -58.41 21.69
CA LEU F 564 53.17 -58.06 22.43
C LEU F 564 54.15 -57.32 21.53
N TYR F 565 54.32 -57.79 20.30
CA TYR F 565 55.24 -57.14 19.37
C TYR F 565 54.81 -55.71 19.08
N CYS F 566 53.51 -55.49 18.85
CA CYS F 566 53.02 -54.15 18.59
C CYS F 566 53.22 -53.24 19.80
N VAL F 567 52.99 -53.77 21.00
CA VAL F 567 53.21 -52.97 22.20
C VAL F 567 54.67 -52.58 22.34
N LEU F 568 55.58 -53.54 22.16
CA LEU F 568 57.00 -53.28 22.41
C LEU F 568 57.60 -52.38 21.34
N ILE F 569 57.11 -52.48 20.10
CA ILE F 569 57.65 -51.65 19.02
C ILE F 569 57.44 -50.17 19.23
N GLU F 570 56.33 -49.76 19.81
CA GLU F 570 55.95 -48.35 19.86
C GLU F 570 56.28 -47.66 21.17
N SER F 571 56.17 -48.35 22.31
CA SER F 571 56.20 -47.68 23.60
C SER F 571 57.50 -47.96 24.35
N PRO F 572 58.40 -46.98 24.46
CA PRO F 572 59.55 -47.14 25.37
C PRO F 572 59.16 -47.22 26.83
N GLU F 573 57.96 -46.72 27.19
CA GLU F 573 57.49 -46.86 28.55
C GLU F 573 57.36 -48.33 28.95
N VAL F 574 56.90 -49.16 28.01
CA VAL F 574 56.80 -50.58 28.29
C VAL F 574 58.18 -51.20 28.42
N LEU F 575 59.14 -50.75 27.61
CA LEU F 575 60.50 -51.26 27.73
C LEU F 575 61.12 -50.91 29.07
N ASN F 576 60.79 -49.74 29.62
CA ASN F 576 61.36 -49.33 30.90
C ASN F 576 60.84 -50.16 32.07
N ILE F 577 59.75 -50.92 31.88
CA ILE F 577 59.20 -51.73 32.96
C ILE F 577 59.45 -53.21 32.75
N ILE F 578 60.13 -53.60 31.68
CA ILE F 578 60.38 -55.01 31.40
C ILE F 578 61.24 -55.61 32.50
N GLN F 579 60.86 -56.78 32.97
CA GLN F 579 61.54 -57.45 34.07
C GLN F 579 62.10 -58.80 33.64
N GLU F 580 62.93 -59.36 34.52
CA GLU F 580 63.59 -60.62 34.22
C GLU F 580 62.58 -61.74 34.03
N ASN F 581 61.51 -61.75 34.82
CA ASN F 581 60.48 -62.78 34.63
C ASN F 581 59.80 -62.64 33.27
N HIS F 582 59.54 -61.40 32.82
CA HIS F 582 58.99 -61.21 31.49
C HIS F 582 59.92 -61.76 30.42
N ILE F 583 61.21 -61.44 30.53
CA ILE F 583 62.15 -61.91 29.52
C ILE F 583 62.26 -63.43 29.54
N LYS F 584 62.23 -64.03 30.74
CA LYS F 584 62.30 -65.48 30.84
C LYS F 584 61.05 -66.12 30.27
N SER F 585 59.89 -65.48 30.41
CA SER F 585 58.68 -65.98 29.77
C SER F 585 58.80 -65.92 28.26
N ILE F 586 59.35 -64.84 27.73
CA ILE F 586 59.52 -64.73 26.28
C ILE F 586 60.49 -65.79 25.77
N ILE F 587 61.53 -66.09 26.54
CA ILE F 587 62.47 -67.14 26.15
C ILE F 587 61.82 -68.52 26.24
N SER F 588 61.05 -68.76 27.29
CA SER F 588 60.28 -69.99 27.38
C SER F 588 59.32 -70.14 26.22
N LEU F 589 58.86 -69.03 25.64
CA LEU F 589 58.06 -69.12 24.43
C LEU F 589 58.84 -69.79 23.31
N LEU F 590 60.10 -69.39 23.11
CA LEU F 590 60.95 -70.12 22.16
C LEU F 590 61.08 -71.57 22.55
N ASP F 591 61.38 -71.83 23.82
CA ASP F 591 61.67 -73.20 24.25
C ASP F 591 60.48 -74.12 24.03
N LYS F 592 59.27 -73.61 24.18
CA LYS F 592 58.08 -74.45 24.14
C LYS F 592 57.32 -74.40 22.82
N HIS F 593 57.57 -73.40 21.97
CA HIS F 593 56.88 -73.30 20.69
C HIS F 593 57.79 -73.49 19.50
N GLY F 594 59.10 -73.61 19.70
CA GLY F 594 60.00 -73.85 18.59
C GLY F 594 60.66 -72.58 18.10
N ARG F 595 61.48 -72.76 17.06
CA ARG F 595 62.30 -71.69 16.53
C ARG F 595 61.46 -70.79 15.64
N ASN F 596 60.86 -69.78 16.26
CA ASN F 596 60.04 -68.78 15.57
C ASN F 596 60.79 -67.45 15.60
N HIS F 597 61.06 -66.89 14.41
CA HIS F 597 61.84 -65.68 14.33
C HIS F 597 61.12 -64.46 14.88
N LYS F 598 59.80 -64.53 15.04
CA LYS F 598 59.07 -63.40 15.62
C LYS F 598 59.43 -63.20 17.08
N VAL F 599 59.71 -64.29 17.82
CA VAL F 599 60.18 -64.14 19.18
C VAL F 599 61.54 -63.46 19.22
N LEU F 600 62.41 -63.80 18.26
CA LEU F 600 63.69 -63.11 18.15
C LEU F 600 63.50 -61.63 17.85
N ASP F 601 62.52 -61.30 17.00
CA ASP F 601 62.22 -59.90 16.71
C ASP F 601 61.73 -59.17 17.97
N VAL F 602 60.89 -59.85 18.76
CA VAL F 602 60.43 -59.27 20.01
C VAL F 602 61.59 -59.00 20.94
N LEU F 603 62.51 -59.95 21.06
CA LEU F 603 63.69 -59.76 21.90
C LEU F 603 64.55 -58.62 21.37
N CYS F 604 64.69 -58.51 20.05
CA CYS F 604 65.44 -57.38 19.48
C CYS F 604 64.80 -56.06 19.84
N SER F 605 63.48 -55.97 19.70
CA SER F 605 62.78 -54.75 20.06
C SER F 605 62.89 -54.43 21.54
N LEU F 606 63.07 -55.44 22.39
CA LEU F 606 63.29 -55.18 23.81
C LEU F 606 64.58 -54.45 24.09
N CYS F 607 65.54 -54.46 23.16
CA CYS F 607 66.86 -53.91 23.44
C CYS F 607 66.95 -52.41 23.13
N VAL F 608 66.55 -52.01 21.93
CA VAL F 608 66.70 -50.62 21.48
C VAL F 608 65.37 -50.13 20.96
N CYS F 609 64.97 -48.93 21.40
CA CYS F 609 63.77 -48.28 20.88
C CYS F 609 64.10 -46.80 20.64
N ASN F 610 63.83 -46.33 19.42
CA ASN F 610 64.06 -44.94 19.04
C ASN F 610 65.50 -44.51 19.28
N GLY F 611 66.44 -45.42 18.97
CA GLY F 611 67.85 -45.10 19.06
C GLY F 611 68.42 -45.06 20.46
N VAL F 612 67.68 -45.50 21.46
CA VAL F 612 68.16 -45.53 22.84
C VAL F 612 68.16 -46.98 23.31
N ALA F 613 69.28 -47.43 23.86
CA ALA F 613 69.46 -48.80 24.27
C ALA F 613 69.13 -48.97 25.75
N VAL F 614 68.60 -50.13 26.09
CA VAL F 614 68.25 -50.47 27.47
C VAL F 614 69.22 -51.53 27.95
N ARG F 615 70.18 -51.11 28.78
CA ARG F 615 71.23 -52.01 29.24
C ARG F 615 70.65 -53.17 30.05
N SER F 616 69.63 -52.89 30.86
CA SER F 616 69.03 -53.95 31.66
C SER F 616 68.45 -55.04 30.78
N ASN F 617 67.70 -54.65 29.75
CA ASN F 617 67.13 -55.65 28.84
C ASN F 617 68.21 -56.39 28.09
N GLN F 618 69.22 -55.69 27.60
CA GLN F 618 70.31 -56.35 26.87
C GLN F 618 71.01 -57.37 27.75
N ASP F 619 71.34 -57.00 28.99
CA ASP F 619 72.04 -57.89 29.89
C ASP F 619 71.17 -59.08 30.28
N LEU F 620 69.88 -58.84 30.54
CA LEU F 620 69.00 -59.95 30.90
C LEU F 620 68.86 -60.94 29.76
N ILE F 621 68.70 -60.45 28.53
CA ILE F 621 68.61 -61.36 27.39
C ILE F 621 69.91 -62.13 27.23
N THR F 622 71.05 -61.45 27.34
CA THR F 622 72.34 -62.12 27.18
C THR F 622 72.55 -63.18 28.26
N GLU F 623 72.15 -62.90 29.49
CA GLU F 623 72.31 -63.84 30.59
C GLU F 623 71.36 -65.02 30.53
N ASN F 624 70.12 -64.81 30.08
CA ASN F 624 69.13 -65.87 30.11
C ASN F 624 68.96 -66.60 28.77
N LEU F 625 69.69 -66.19 27.74
CA LEU F 625 69.50 -66.90 26.48
C LEU F 625 70.77 -67.49 25.91
N LEU F 626 71.89 -66.81 26.04
CA LEU F 626 73.12 -67.22 25.36
C LEU F 626 73.88 -68.35 26.05
N PRO F 627 74.15 -68.29 27.36
CA PRO F 627 75.06 -69.28 27.95
C PRO F 627 74.54 -70.70 27.90
N GLY F 628 73.24 -70.90 27.77
CA GLY F 628 72.68 -72.23 27.68
C GLY F 628 73.15 -72.99 26.45
N ARG F 629 73.21 -72.30 25.31
CA ARG F 629 73.62 -72.90 24.04
C ARG F 629 72.75 -74.09 23.69
N GLU F 630 71.44 -73.90 23.83
CA GLU F 630 70.48 -74.96 23.56
C GLU F 630 69.45 -74.52 22.53
N LEU F 631 69.02 -73.27 22.60
CA LEU F 631 67.97 -72.80 21.70
C LEU F 631 68.54 -72.30 20.38
N LEU F 632 69.42 -71.31 20.44
CA LEU F 632 69.99 -70.75 19.22
C LEU F 632 70.92 -71.76 18.55
N LEU F 633 70.95 -71.70 17.22
CA LEU F 633 71.86 -72.56 16.46
C LEU F 633 73.30 -72.13 16.70
N GLN F 634 74.19 -73.10 16.84
CA GLN F 634 75.58 -72.85 17.16
C GLN F 634 76.47 -73.04 15.94
N THR F 635 77.52 -72.24 15.86
CA THR F 635 78.43 -72.25 14.73
C THR F 635 79.87 -72.37 15.22
N ASN F 636 80.70 -73.00 14.41
CA ASN F 636 82.11 -73.19 14.70
C ASN F 636 82.79 -73.67 13.44
N LEU F 637 84.11 -73.53 13.40
CA LEU F 637 84.90 -74.05 12.30
C LEU F 637 85.49 -75.40 12.68
N ILE F 638 85.31 -76.39 11.81
CA ILE F 638 85.75 -77.75 12.06
C ILE F 638 86.58 -78.22 10.88
N ASN F 639 87.41 -79.23 11.13
CA ASN F 639 88.26 -79.81 10.10
C ASN F 639 87.57 -80.97 9.42
N TYR F 640 87.80 -81.09 8.12
CA TYR F 640 87.31 -82.25 7.39
C TYR F 640 88.12 -83.49 7.79
N VAL F 641 87.43 -84.62 7.91
CA VAL F 641 88.03 -85.88 8.31
C VAL F 641 87.68 -86.93 7.26
N THR F 642 88.68 -87.72 6.87
CA THR F 642 88.51 -88.75 5.86
C THR F 642 89.01 -90.08 6.41
N SER F 643 88.41 -91.17 5.94
CA SER F 643 88.81 -92.52 6.33
C SER F 643 89.40 -93.24 5.12
N ILE F 644 90.40 -94.09 5.39
CA ILE F 644 91.04 -94.90 4.37
C ILE F 644 91.13 -96.33 4.88
N ARG F 645 90.79 -97.29 4.03
CA ARG F 645 90.80 -98.70 4.40
C ARG F 645 91.50 -99.52 3.34
N PRO F 646 92.08 -100.64 3.71
CA PRO F 646 92.43 -101.66 2.72
C PRO F 646 91.19 -102.43 2.30
N ASN F 647 91.30 -103.08 1.14
CA ASN F 647 90.22 -103.95 0.70
C ASN F 647 90.34 -105.32 1.36
N ILE F 648 90.33 -105.33 2.70
CA ILE F 648 90.43 -106.54 3.49
C ILE F 648 89.17 -106.63 4.34
N PHE F 649 88.34 -107.64 4.07
CA PHE F 649 87.06 -107.78 4.73
C PHE F 649 86.99 -109.15 5.39
N VAL F 650 86.72 -109.17 6.69
CA VAL F 650 86.63 -110.40 7.46
C VAL F 650 85.32 -110.39 8.23
N GLY F 651 84.81 -111.58 8.53
CA GLY F 651 83.55 -111.67 9.23
C GLY F 651 83.33 -113.06 9.78
N ARG F 652 82.27 -113.20 10.56
CA ARG F 652 81.91 -114.45 11.19
C ARG F 652 80.48 -114.82 10.82
N ALA F 653 80.30 -116.08 10.42
CA ALA F 653 78.97 -116.59 10.11
C ALA F 653 78.97 -118.09 10.35
N GLU F 654 77.79 -118.65 10.53
CA GLU F 654 77.65 -120.08 10.75
C GLU F 654 78.01 -120.83 9.47
N GLY F 655 79.11 -121.57 9.50
CA GLY F 655 79.56 -122.27 8.33
C GLY F 655 80.37 -121.46 7.36
N SER F 656 80.79 -120.25 7.75
CA SER F 656 81.59 -119.41 6.87
C SER F 656 82.99 -119.98 6.70
N THR F 657 83.63 -119.59 5.60
CA THR F 657 84.97 -120.06 5.26
C THR F 657 86.07 -119.15 5.78
N GLN F 658 85.74 -118.09 6.52
CA GLN F 658 86.73 -117.13 6.94
C GLN F 658 87.30 -117.46 8.31
N TYR F 659 88.58 -117.12 8.49
CA TYR F 659 89.23 -117.28 9.78
C TYR F 659 88.70 -116.23 10.76
N GLY F 660 88.90 -116.49 12.04
CA GLY F 660 88.27 -115.69 13.08
C GLY F 660 89.10 -114.60 13.71
N LYS F 661 90.43 -114.75 13.69
CA LYS F 661 91.31 -113.83 14.39
C LYS F 661 92.25 -113.16 13.38
N TRP F 662 92.36 -111.84 13.47
CA TRP F 662 93.11 -111.06 12.50
C TRP F 662 93.93 -109.99 13.21
N TYR F 663 94.96 -109.51 12.53
CA TYR F 663 95.93 -108.61 13.12
C TYR F 663 96.52 -107.71 12.05
N PHE F 664 96.70 -106.42 12.40
CA PHE F 664 97.39 -105.49 11.53
C PHE F 664 97.97 -104.37 12.38
N GLU F 665 98.91 -103.63 11.80
CA GLU F 665 99.58 -102.54 12.49
C GLU F 665 99.58 -101.29 11.64
N VAL F 666 99.56 -100.14 12.31
CA VAL F 666 99.66 -98.84 11.67
C VAL F 666 100.78 -98.07 12.34
N MET F 667 101.74 -97.61 11.55
CA MET F 667 102.88 -96.86 12.05
C MET F 667 102.73 -95.40 11.66
N VAL F 668 102.88 -94.52 12.64
CA VAL F 668 102.72 -93.08 12.45
C VAL F 668 104.07 -92.48 12.10
N ASP F 669 104.13 -91.79 10.95
CA ASP F 669 105.38 -91.19 10.47
C ASP F 669 105.43 -89.69 10.70
N GLU F 670 104.32 -88.97 10.53
CA GLU F 670 104.34 -87.52 10.66
C GLU F 670 102.97 -87.06 11.11
N VAL F 671 102.92 -86.29 12.20
CA VAL F 671 101.68 -85.69 12.68
C VAL F 671 101.97 -84.25 13.06
N VAL F 672 101.21 -83.31 12.48
CA VAL F 672 101.22 -81.92 12.91
C VAL F 672 100.12 -81.75 13.96
N PRO F 673 100.45 -81.52 15.22
CA PRO F 673 99.40 -81.49 16.25
C PRO F 673 98.31 -80.46 15.99
N PHE F 674 98.68 -79.27 15.50
CA PHE F 674 97.72 -78.21 15.22
C PHE F 674 98.06 -77.60 13.87
N LEU F 675 97.54 -78.19 12.80
CA LEU F 675 97.65 -77.55 11.48
C LEU F 675 96.67 -76.39 11.37
N THR F 676 95.52 -76.50 12.05
CA THR F 676 94.56 -75.43 12.14
C THR F 676 94.25 -75.16 13.61
N ALA F 677 93.24 -74.34 13.89
CA ALA F 677 92.84 -74.06 15.26
C ALA F 677 92.26 -75.27 15.97
N GLN F 678 91.92 -76.33 15.24
CA GLN F 678 91.38 -77.55 15.82
C GLN F 678 92.44 -78.64 15.79
N ALA F 679 92.48 -79.45 16.85
CA ALA F 679 93.49 -80.49 16.97
C ALA F 679 93.38 -81.50 15.84
N THR F 680 94.53 -81.99 15.39
CA THR F 680 94.57 -82.92 14.27
C THR F 680 93.93 -84.24 14.65
N HIS F 681 93.05 -84.73 13.78
CA HIS F 681 92.35 -85.98 14.01
C HIS F 681 93.19 -87.15 13.51
N LEU F 682 93.29 -88.21 14.31
CA LEU F 682 93.98 -89.43 13.89
C LEU F 682 93.53 -90.58 14.77
N ARG F 683 92.80 -91.52 14.20
CA ARG F 683 92.32 -92.69 14.93
C ARG F 683 92.53 -93.94 14.09
N VAL F 684 92.71 -95.07 14.77
CA VAL F 684 92.95 -96.36 14.15
C VAL F 684 92.03 -97.38 14.78
N GLY F 685 91.45 -98.25 13.96
CA GLY F 685 90.59 -99.29 14.50
C GLY F 685 89.95 -100.12 13.40
N TRP F 686 88.81 -100.70 13.74
CA TRP F 686 88.02 -101.53 12.83
C TRP F 686 86.66 -100.91 12.61
N ALA F 687 86.05 -101.24 11.48
CA ALA F 687 84.73 -100.72 11.13
C ALA F 687 83.94 -101.78 10.40
N LEU F 688 82.62 -101.65 10.44
CA LEU F 688 81.71 -102.61 9.84
C LEU F 688 81.20 -102.08 8.51
N THR F 689 81.12 -102.98 7.52
CA THR F 689 80.73 -102.57 6.18
C THR F 689 79.31 -102.00 6.15
N GLU F 690 78.38 -102.65 6.83
CA GLU F 690 76.98 -102.25 6.80
C GLU F 690 76.75 -101.23 7.91
N GLY F 691 77.01 -99.96 7.61
CA GLY F 691 76.70 -98.91 8.56
C GLY F 691 77.73 -97.80 8.68
N TYR F 692 79.00 -98.11 8.49
CA TYR F 692 80.06 -97.11 8.60
C TYR F 692 80.14 -96.34 7.29
N SER F 693 79.41 -95.23 7.21
CA SER F 693 79.38 -94.39 6.02
C SER F 693 79.57 -92.94 6.43
N PRO F 694 80.80 -92.56 6.80
CA PRO F 694 81.04 -91.17 7.21
C PRO F 694 81.16 -90.27 5.99
N TYR F 695 80.26 -89.33 5.88
CA TYR F 695 80.35 -88.44 4.75
C TYR F 695 81.12 -87.17 5.12
N PRO F 696 81.80 -86.56 4.15
CA PRO F 696 82.53 -85.32 4.44
C PRO F 696 81.60 -84.21 4.91
N GLY F 697 82.07 -83.42 5.86
CA GLY F 697 81.34 -82.27 6.34
C GLY F 697 80.57 -82.58 7.62
N GLY F 698 79.26 -82.36 7.59
CA GLY F 698 78.43 -82.50 8.77
C GLY F 698 78.21 -83.94 9.15
N GLY F 699 77.58 -84.11 10.31
CA GLY F 699 77.30 -85.44 10.83
C GLY F 699 76.96 -85.36 12.31
N GLU F 700 77.24 -86.46 12.99
CA GLU F 700 76.95 -86.55 14.42
C GLU F 700 77.83 -85.59 15.21
N GLY F 701 77.27 -85.05 16.28
CA GLY F 701 78.03 -84.16 17.13
C GLY F 701 78.39 -82.88 16.41
N TRP F 702 79.69 -82.59 16.35
CA TRP F 702 80.21 -81.38 15.72
C TRP F 702 80.95 -81.72 14.43
N GLY F 703 80.52 -82.77 13.74
CA GLY F 703 81.15 -83.14 12.49
C GLY F 703 82.51 -83.75 12.69
N GLY F 704 83.23 -83.87 11.58
CA GLY F 704 84.54 -84.51 11.60
C GLY F 704 84.47 -85.95 12.05
N ASN F 705 83.45 -86.68 11.58
CA ASN F 705 83.24 -88.04 12.05
C ASN F 705 84.26 -88.98 11.46
N GLY F 706 84.84 -89.83 12.31
CA GLY F 706 85.81 -90.81 11.91
C GLY F 706 85.51 -92.15 12.55
N VAL F 707 86.59 -92.84 12.93
CA VAL F 707 86.43 -94.13 13.60
C VAL F 707 85.98 -93.91 15.03
N GLY F 708 84.94 -94.63 15.43
CA GLY F 708 84.39 -94.48 16.75
C GLY F 708 83.35 -93.40 16.91
N ASP F 709 83.01 -92.70 15.83
CA ASP F 709 81.98 -91.67 15.89
C ASP F 709 80.59 -92.23 15.64
N ASP F 710 80.47 -93.54 15.46
CA ASP F 710 79.18 -94.22 15.39
C ASP F 710 79.34 -95.57 16.10
N LEU F 711 78.28 -96.36 16.08
CA LEU F 711 78.31 -97.68 16.70
C LEU F 711 78.72 -98.77 15.73
N TYR F 712 79.16 -98.41 14.53
CA TYR F 712 79.69 -99.35 13.55
C TYR F 712 81.21 -99.35 13.49
N SER F 713 81.87 -98.51 14.28
CA SER F 713 83.32 -98.37 14.24
C SER F 713 83.87 -98.34 15.65
N TYR F 714 85.14 -98.73 15.77
CA TYR F 714 85.79 -98.85 17.07
C TYR F 714 87.23 -98.40 16.89
N GLY F 715 87.58 -97.26 17.50
CA GLY F 715 88.86 -96.62 17.27
C GLY F 715 89.70 -96.42 18.51
N PHE F 716 90.91 -95.92 18.28
CA PHE F 716 91.88 -95.66 19.34
C PHE F 716 92.81 -94.58 18.87
N ASP F 717 92.88 -93.47 19.61
CA ASP F 717 93.66 -92.31 19.21
C ASP F 717 94.91 -92.11 20.06
N GLY F 718 95.29 -93.09 20.87
CA GLY F 718 96.45 -93.00 21.73
C GLY F 718 96.11 -92.75 23.19
N LEU F 719 94.95 -92.16 23.45
CA LEU F 719 94.52 -91.88 24.82
C LEU F 719 93.11 -92.36 25.13
N HIS F 720 92.26 -92.58 24.13
CA HIS F 720 90.87 -92.92 24.37
C HIS F 720 90.47 -94.07 23.45
N LEU F 721 89.43 -94.78 23.88
CA LEU F 721 88.74 -95.75 23.03
C LEU F 721 87.46 -95.09 22.53
N TRP F 722 87.32 -94.98 21.22
CA TRP F 722 86.22 -94.27 20.61
C TRP F 722 85.18 -95.25 20.08
N THR F 723 83.93 -95.06 20.49
CA THR F 723 82.81 -95.79 19.92
C THR F 723 81.53 -95.02 20.26
N GLY F 724 80.63 -94.94 19.29
CA GLY F 724 79.39 -94.21 19.49
C GLY F 724 79.59 -92.74 19.78
N HIS F 725 80.62 -92.13 19.19
CA HIS F 725 80.91 -90.71 19.36
C HIS F 725 81.18 -90.34 20.83
N VAL F 726 81.70 -91.29 21.60
CA VAL F 726 82.04 -91.06 23.00
C VAL F 726 83.47 -91.50 23.23
N ALA F 727 84.27 -90.64 23.84
CA ALA F 727 85.66 -90.92 24.14
C ALA F 727 85.77 -91.40 25.58
N ARG F 728 86.29 -92.61 25.76
CA ARG F 728 86.47 -93.19 27.08
C ARG F 728 87.95 -93.34 27.36
N PRO F 729 88.51 -92.65 28.35
CA PRO F 729 89.95 -92.71 28.58
C PRO F 729 90.41 -94.12 28.89
N VAL F 730 91.57 -94.47 28.36
CA VAL F 730 92.15 -95.80 28.53
C VAL F 730 93.60 -95.64 28.97
N THR F 731 94.06 -96.56 29.81
CA THR F 731 95.37 -96.47 30.43
C THR F 731 96.37 -97.33 29.67
N SER F 732 97.50 -96.74 29.32
CA SER F 732 98.62 -97.44 28.69
C SER F 732 99.91 -96.89 29.27
N PRO F 733 100.97 -97.68 29.29
CA PRO F 733 102.26 -97.17 29.75
C PRO F 733 102.79 -96.04 28.88
N GLY F 734 102.88 -94.84 29.43
CA GLY F 734 103.31 -93.69 28.66
C GLY F 734 102.20 -93.17 27.77
N GLN F 735 101.05 -92.82 28.36
CA GLN F 735 99.92 -92.33 27.60
C GLN F 735 100.27 -91.05 26.86
N HIS F 736 99.88 -90.99 25.59
CA HIS F 736 100.05 -89.79 24.79
C HIS F 736 99.26 -89.95 23.50
N LEU F 737 98.80 -88.83 22.95
CA LEU F 737 98.18 -88.84 21.63
C LEU F 737 99.17 -89.37 20.61
N LEU F 738 98.65 -90.04 19.58
CA LEU F 738 99.49 -90.66 18.58
C LEU F 738 100.49 -89.66 18.00
N ALA F 739 101.76 -90.04 18.03
CA ALA F 739 102.87 -89.18 17.69
C ALA F 739 103.73 -89.91 16.68
N PRO F 740 104.60 -89.20 15.97
CA PRO F 740 105.49 -89.87 15.00
C PRO F 740 106.32 -90.96 15.67
N GLU F 741 106.57 -92.01 14.90
CA GLU F 741 107.31 -93.22 15.30
C GLU F 741 106.52 -94.11 16.25
N ASP F 742 105.22 -93.87 16.42
CA ASP F 742 104.37 -94.76 17.19
C ASP F 742 103.86 -95.88 16.29
N VAL F 743 103.71 -97.07 16.86
CA VAL F 743 103.18 -98.23 16.16
C VAL F 743 101.96 -98.72 16.93
N VAL F 744 100.82 -98.79 16.25
CA VAL F 744 99.56 -99.22 16.83
C VAL F 744 99.23 -100.60 16.27
N SER F 745 98.99 -101.55 17.16
CA SER F 745 98.65 -102.92 16.77
C SER F 745 97.20 -103.18 17.15
N CYS F 746 96.37 -103.53 16.16
CA CYS F 746 94.96 -103.79 16.38
C CYS F 746 94.69 -105.28 16.20
N CYS F 747 94.02 -105.88 17.17
CA CYS F 747 93.69 -107.29 17.16
C CYS F 747 92.18 -107.46 17.14
N LEU F 748 91.69 -108.28 16.22
CA LEU F 748 90.27 -108.59 16.11
C LEU F 748 90.10 -110.09 16.34
N ASP F 749 89.24 -110.44 17.28
CA ASP F 749 88.92 -111.83 17.61
C ASP F 749 87.42 -112.00 17.51
N LEU F 750 86.95 -112.45 16.34
CA LEU F 750 85.52 -112.58 16.10
C LEU F 750 84.86 -113.66 16.93
N SER F 751 85.64 -114.53 17.58
CA SER F 751 85.04 -115.60 18.37
C SER F 751 84.33 -115.07 19.61
N VAL F 752 84.87 -114.02 20.23
CA VAL F 752 84.34 -113.53 21.50
C VAL F 752 83.03 -112.78 21.29
N PRO F 753 82.95 -111.72 20.44
CA PRO F 753 83.98 -111.01 19.68
C PRO F 753 84.70 -109.96 20.52
N SER F 754 85.93 -109.59 20.18
CA SER F 754 86.66 -108.60 20.95
C SER F 754 87.66 -107.88 20.06
N ILE F 755 87.89 -106.61 20.37
CA ILE F 755 88.89 -105.79 19.70
C ILE F 755 89.84 -105.25 20.76
N SER F 756 91.14 -105.46 20.54
CA SER F 756 92.16 -105.04 21.50
C SER F 756 93.28 -104.33 20.76
N PHE F 757 93.97 -103.45 21.48
CA PHE F 757 95.02 -102.62 20.90
C PHE F 757 96.30 -102.76 21.69
N ARG F 758 97.42 -102.52 21.01
CA ARG F 758 98.72 -102.36 21.64
C ARG F 758 99.43 -101.21 20.96
N ILE F 759 100.05 -100.34 21.74
CA ILE F 759 100.79 -99.20 21.23
C ILE F 759 102.25 -99.37 21.62
N ASN F 760 103.14 -99.43 20.62
CA ASN F 760 104.57 -99.62 20.83
C ASN F 760 104.86 -100.90 21.63
N GLY F 761 104.01 -101.90 21.47
CA GLY F 761 104.19 -103.17 22.13
C GLY F 761 103.54 -103.28 23.49
N CYS F 762 103.26 -102.18 24.15
CA CYS F 762 102.64 -102.37 25.46
C CYS F 762 101.13 -102.46 25.32
N PRO F 763 100.49 -103.36 26.06
CA PRO F 763 99.04 -103.54 25.92
C PRO F 763 98.27 -102.28 26.33
N VAL F 764 97.17 -102.04 25.63
CA VAL F 764 96.23 -100.97 25.97
C VAL F 764 95.15 -101.58 26.85
N GLN F 765 95.03 -101.08 28.08
CA GLN F 765 94.17 -101.70 29.08
C GLN F 765 92.71 -101.32 28.83
N GLY F 766 92.17 -101.88 27.76
CA GLY F 766 90.79 -101.67 27.38
C GLY F 766 90.44 -102.40 26.11
N VAL F 767 89.24 -102.98 26.03
CA VAL F 767 88.82 -103.77 24.88
C VAL F 767 87.37 -103.48 24.57
N PHE F 768 87.04 -103.46 23.28
CA PHE F 768 85.65 -103.54 22.84
C PHE F 768 85.24 -104.99 22.77
N GLU F 769 84.01 -105.28 23.18
CA GLU F 769 83.54 -106.65 23.16
C GLU F 769 82.02 -106.67 23.07
N ALA F 770 81.50 -107.84 22.70
CA ALA F 770 80.05 -108.08 22.64
C ALA F 770 79.35 -107.08 21.73
N PHE F 771 79.90 -106.88 20.54
CA PHE F 771 79.28 -106.02 19.55
C PHE F 771 78.60 -106.85 18.45
N ASN F 772 77.92 -106.15 17.56
CA ASN F 772 77.18 -106.81 16.49
C ASN F 772 78.15 -107.45 15.49
N LEU F 773 77.67 -108.51 14.85
CA LEU F 773 78.46 -109.27 13.89
C LEU F 773 77.77 -109.42 12.55
N ASP F 774 76.84 -108.52 12.23
CA ASP F 774 76.04 -108.62 11.01
C ASP F 774 76.68 -107.83 9.87
N GLY F 775 77.92 -108.20 9.56
CA GLY F 775 78.63 -107.55 8.49
C GLY F 775 80.08 -107.96 8.47
N LEU F 776 80.84 -107.31 7.59
CA LEU F 776 82.26 -107.56 7.43
C LEU F 776 83.06 -106.44 8.08
N PHE F 777 84.19 -106.80 8.67
CA PHE F 777 85.06 -105.85 9.34
C PHE F 777 86.27 -105.56 8.47
N PHE F 778 86.69 -104.29 8.45
CA PHE F 778 87.88 -103.91 7.71
C PHE F 778 88.73 -102.98 8.54
N PRO F 779 90.05 -103.04 8.38
CA PRO F 779 90.92 -102.04 9.01
C PRO F 779 90.61 -100.66 8.46
N VAL F 780 90.73 -99.65 9.33
CA VAL F 780 90.38 -98.29 8.94
C VAL F 780 91.21 -97.33 9.78
N VAL F 781 91.63 -96.23 9.15
CA VAL F 781 92.23 -95.09 9.84
C VAL F 781 91.46 -93.85 9.44
N SER F 782 91.09 -93.04 10.42
CA SER F 782 90.45 -91.75 10.19
C SER F 782 91.44 -90.66 10.55
N PHE F 783 91.46 -89.59 9.75
CA PHE F 783 92.47 -88.57 9.94
C PHE F 783 91.97 -87.25 9.38
N SER F 784 92.49 -86.17 9.95
CA SER F 784 92.37 -84.85 9.38
C SER F 784 93.64 -84.55 8.58
N ALA F 785 93.68 -83.36 7.99
CA ALA F 785 94.86 -82.97 7.23
C ALA F 785 96.05 -82.78 8.17
N GLY F 786 97.22 -83.17 7.71
CA GLY F 786 98.43 -83.05 8.48
C GLY F 786 98.91 -84.33 9.12
N VAL F 787 98.72 -85.48 8.48
CA VAL F 787 99.15 -86.76 9.00
C VAL F 787 99.91 -87.52 7.92
N LYS F 788 100.65 -88.54 8.35
CA LYS F 788 101.36 -89.41 7.42
C LYS F 788 101.55 -90.75 8.13
N VAL F 789 100.75 -91.74 7.74
CA VAL F 789 100.77 -93.06 8.38
C VAL F 789 101.05 -94.11 7.32
N ARG F 790 101.40 -95.31 7.79
CA ARG F 790 101.64 -96.44 6.92
C ARG F 790 100.91 -97.66 7.47
N PHE F 791 100.22 -98.39 6.59
CA PHE F 791 99.58 -99.63 6.96
C PHE F 791 100.60 -100.77 6.90
N LEU F 792 100.64 -101.58 7.95
CA LEU F 792 101.50 -102.76 8.00
C LEU F 792 100.59 -103.98 8.07
N LEU F 793 100.40 -104.63 6.92
CA LEU F 793 99.47 -105.74 6.82
C LEU F 793 100.16 -107.10 6.79
N GLY F 794 101.48 -107.13 6.98
CA GLY F 794 102.22 -108.38 7.01
C GLY F 794 102.60 -108.87 5.63
N GLY F 795 103.39 -109.93 5.62
CA GLY F 795 103.83 -110.51 4.36
C GLY F 795 104.65 -109.53 3.55
N ARG F 796 104.26 -109.33 2.30
CA ARG F 796 104.93 -108.40 1.40
C ARG F 796 104.33 -107.00 1.46
N HIS F 797 103.39 -106.76 2.36
CA HIS F 797 102.71 -105.47 2.48
C HIS F 797 103.00 -104.81 3.83
N GLY F 798 104.24 -104.90 4.29
CA GLY F 798 104.63 -104.24 5.52
C GLY F 798 105.04 -105.21 6.62
N GLU F 799 106.33 -105.24 6.93
CA GLU F 799 106.82 -106.12 7.98
C GLU F 799 106.37 -105.61 9.34
N PHE F 800 105.84 -106.51 10.16
CA PHE F 800 105.34 -106.12 11.47
C PHE F 800 106.48 -105.66 12.37
N LYS F 801 106.28 -104.56 13.08
CA LYS F 801 107.24 -104.14 14.08
C LYS F 801 107.20 -105.05 15.30
N PHE F 802 106.06 -105.68 15.57
CA PHE F 802 105.89 -106.55 16.72
C PHE F 802 105.21 -107.84 16.30
N LEU F 803 105.49 -108.90 17.05
CA LEU F 803 104.95 -110.21 16.72
C LEU F 803 103.45 -110.24 17.01
N PRO F 804 102.63 -110.68 16.06
CA PRO F 804 101.20 -110.79 16.33
C PRO F 804 100.94 -111.81 17.42
N PRO F 805 99.91 -111.60 18.24
CA PRO F 805 99.63 -112.55 19.31
C PRO F 805 99.27 -113.91 18.74
N PRO F 806 99.55 -114.98 19.47
CA PRO F 806 99.37 -116.33 18.90
C PRO F 806 97.94 -116.58 18.46
N GLY F 807 97.81 -117.25 17.32
CA GLY F 807 96.52 -117.57 16.76
C GLY F 807 95.95 -116.50 15.84
N TYR F 808 96.51 -115.30 15.85
CA TYR F 808 96.00 -114.21 15.04
C TYR F 808 96.68 -114.22 13.67
N ALA F 809 95.90 -113.97 12.63
CA ALA F 809 96.42 -114.03 11.28
C ALA F 809 96.68 -112.63 10.73
N PRO F 810 97.77 -112.45 10.00
CA PRO F 810 98.00 -111.16 9.34
C PRO F 810 96.90 -110.83 8.36
N CYS F 811 96.57 -109.54 8.27
CA CYS F 811 95.44 -109.12 7.46
C CYS F 811 95.67 -109.33 5.97
N HIS F 812 96.92 -109.38 5.52
CA HIS F 812 97.18 -109.58 4.10
C HIS F 812 96.72 -110.94 3.61
N GLU F 813 96.52 -111.90 4.51
CA GLU F 813 96.02 -113.21 4.13
C GLU F 813 94.54 -113.20 3.77
N ALA F 814 93.83 -112.12 4.08
CA ALA F 814 92.39 -112.05 3.86
C ALA F 814 92.02 -111.43 2.51
N VAL F 815 92.99 -111.11 1.68
CA VAL F 815 92.68 -110.54 0.38
C VAL F 815 92.09 -111.63 -0.51
N LEU F 816 91.01 -111.30 -1.20
CA LEU F 816 90.28 -112.30 -1.96
C LEU F 816 91.01 -112.68 -3.24
N PRO F 817 90.77 -113.88 -3.78
CA PRO F 817 91.49 -114.30 -4.98
C PRO F 817 91.26 -113.41 -6.19
N ARG F 818 90.09 -112.77 -6.30
CA ARG F 818 89.76 -111.97 -7.46
C ARG F 818 90.17 -110.51 -7.32
N GLU F 819 90.73 -110.11 -6.17
CA GLU F 819 91.10 -108.72 -5.94
C GLU F 819 92.55 -108.62 -5.48
N ARG F 820 93.22 -107.58 -5.95
CA ARG F 820 94.53 -107.17 -5.44
C ARG F 820 94.36 -106.32 -4.19
N LEU F 821 95.43 -106.20 -3.41
CA LEU F 821 95.40 -105.38 -2.21
C LEU F 821 95.64 -103.91 -2.57
N ARG F 822 94.82 -103.03 -1.98
CA ARG F 822 94.93 -101.60 -2.27
C ARG F 822 94.30 -100.83 -1.13
N LEU F 823 94.51 -99.51 -1.16
CA LEU F 823 93.92 -98.59 -0.20
C LEU F 823 92.89 -97.73 -0.91
N GLU F 824 91.70 -97.63 -0.34
CA GLU F 824 90.58 -96.98 -0.99
C GLU F 824 89.79 -96.17 0.02
N PRO F 825 89.06 -95.15 -0.42
CA PRO F 825 88.11 -94.48 0.47
C PRO F 825 86.94 -95.38 0.82
N ILE F 826 85.98 -94.86 1.58
CA ILE F 826 84.84 -95.66 2.03
C ILE F 826 83.58 -94.96 1.57
N LYS F 827 82.83 -95.62 0.67
CA LYS F 827 81.55 -95.13 0.17
C LYS F 827 81.65 -93.71 -0.36
N GLU F 828 82.55 -93.51 -1.32
CA GLU F 828 82.72 -92.20 -1.92
C GLU F 828 81.66 -91.97 -2.99
N TYR F 829 81.13 -90.74 -3.04
CA TYR F 829 80.21 -90.33 -4.08
C TYR F 829 80.89 -89.46 -5.13
N ARG F 830 82.21 -89.38 -5.10
CA ARG F 830 82.94 -88.42 -5.92
C ARG F 830 84.40 -88.82 -5.92
N ARG F 831 85.05 -88.64 -7.07
CA ARG F 831 86.49 -88.88 -7.16
C ARG F 831 87.06 -88.03 -8.28
N GLU F 832 88.37 -87.82 -8.22
CA GLU F 832 89.05 -87.05 -9.25
C GLU F 832 89.19 -87.87 -10.53
N GLY F 833 89.18 -87.18 -11.66
CA GLY F 833 89.31 -87.83 -12.94
C GLY F 833 90.24 -87.06 -13.87
N PRO F 834 90.39 -87.54 -15.10
CA PRO F 834 91.25 -86.84 -16.06
C PRO F 834 90.77 -85.44 -16.41
N ARG F 835 89.51 -85.32 -16.83
CA ARG F 835 88.96 -84.04 -17.25
C ARG F 835 88.21 -83.32 -16.14
N GLY F 836 88.11 -83.92 -14.97
CA GLY F 836 87.39 -83.30 -13.87
C GLY F 836 86.85 -84.34 -12.90
N PRO F 837 86.08 -83.89 -11.92
CA PRO F 837 85.52 -84.82 -10.93
C PRO F 837 84.58 -85.82 -11.57
N HIS F 838 84.59 -87.03 -11.04
CA HIS F 838 83.70 -88.10 -11.47
C HIS F 838 82.66 -88.35 -10.38
N LEU F 839 81.39 -88.35 -10.77
CA LEU F 839 80.34 -88.75 -9.85
C LEU F 839 80.27 -90.26 -9.76
N VAL F 840 80.12 -90.77 -8.55
CA VAL F 840 80.18 -92.20 -8.28
C VAL F 840 78.88 -92.62 -7.61
N GLY F 841 78.29 -93.71 -8.09
CA GLY F 841 77.12 -94.27 -7.48
C GLY F 841 77.48 -95.14 -6.28
N PRO F 842 76.48 -95.77 -5.68
CA PRO F 842 76.76 -96.65 -4.54
C PRO F 842 77.67 -97.80 -4.95
N SER F 843 78.45 -98.27 -3.98
CA SER F 843 79.41 -99.35 -4.21
C SER F 843 78.79 -100.68 -3.80
N ARG F 844 78.96 -101.69 -4.65
CA ARG F 844 78.53 -103.03 -4.31
C ARG F 844 79.42 -103.60 -3.21
N CYS F 845 78.81 -104.10 -2.15
CA CYS F 845 79.56 -104.61 -1.00
C CYS F 845 79.15 -106.04 -0.71
N LEU F 846 80.14 -106.86 -0.36
CA LEU F 846 79.89 -108.23 0.02
C LEU F 846 79.24 -108.29 1.40
N SER F 847 78.65 -109.44 1.72
CA SER F 847 78.07 -109.70 3.02
C SER F 847 78.83 -110.84 3.68
N HIS F 848 78.72 -110.91 5.01
CA HIS F 848 79.35 -112.01 5.72
C HIS F 848 78.76 -113.35 5.35
N THR F 849 77.55 -113.37 4.78
CA THR F 849 76.93 -114.60 4.33
C THR F 849 77.40 -115.02 2.95
N ASP F 850 78.08 -114.14 2.21
CA ASP F 850 78.61 -114.51 0.91
C ASP F 850 79.77 -115.48 1.01
N PHE F 851 80.36 -115.64 2.19
CA PHE F 851 81.45 -116.59 2.40
C PHE F 851 80.94 -117.92 2.93
N VAL F 852 79.63 -118.09 3.04
CA VAL F 852 79.03 -119.34 3.50
C VAL F 852 78.66 -120.15 2.26
N PRO F 853 79.32 -121.28 1.98
CA PRO F 853 78.93 -122.09 0.83
C PRO F 853 77.55 -122.70 1.05
N CYS F 854 76.72 -122.62 0.02
CA CYS F 854 75.33 -123.08 0.09
C CYS F 854 75.05 -124.01 -1.09
N PRO F 855 75.51 -125.25 -1.00
CA PRO F 855 75.21 -126.21 -2.07
C PRO F 855 73.75 -126.62 -2.05
N VAL F 856 73.28 -127.10 -3.21
CA VAL F 856 71.89 -127.54 -3.31
C VAL F 856 71.68 -128.75 -2.42
N ASP F 857 70.44 -128.93 -1.98
CA ASP F 857 70.12 -130.01 -1.06
C ASP F 857 70.25 -131.36 -1.74
N THR F 858 70.90 -132.30 -1.06
CA THR F 858 71.09 -133.66 -1.56
C THR F 858 70.56 -134.69 -0.57
N VAL F 859 69.62 -134.28 0.28
CA VAL F 859 69.04 -135.21 1.26
C VAL F 859 68.27 -136.31 0.55
N GLN F 860 67.61 -135.98 -0.55
CA GLN F 860 66.84 -136.96 -1.31
C GLN F 860 67.83 -137.90 -2.02
N ILE F 861 68.30 -138.89 -1.27
CA ILE F 861 69.25 -139.88 -1.80
C ILE F 861 68.39 -140.98 -2.42
N VAL F 862 67.97 -140.74 -3.67
CA VAL F 862 67.18 -141.69 -4.43
C VAL F 862 67.70 -141.64 -5.87
N LEU F 863 68.57 -142.55 -6.20
CA LEU F 863 69.01 -142.51 -7.58
C LEU F 863 68.47 -143.72 -8.34
N PRO F 864 68.18 -143.56 -9.63
CA PRO F 864 67.79 -144.72 -10.43
C PRO F 864 68.92 -145.72 -10.48
N PRO F 865 68.61 -147.02 -10.58
CA PRO F 865 69.66 -148.04 -10.53
C PRO F 865 70.72 -147.87 -11.60
N HIS F 866 70.34 -147.43 -12.80
CA HIS F 866 71.33 -147.21 -13.85
C HIS F 866 72.30 -146.09 -13.47
N LEU F 867 71.79 -144.97 -12.93
CA LEU F 867 72.68 -143.92 -12.46
C LEU F 867 73.55 -144.42 -11.32
N GLU F 868 73.00 -145.26 -10.44
CA GLU F 868 73.80 -145.82 -9.34
C GLU F 868 74.95 -146.65 -9.88
N ARG F 869 74.68 -147.47 -10.91
CA ARG F 869 75.74 -148.35 -11.40
C ARG F 869 76.74 -147.60 -12.27
N ILE F 870 76.31 -146.48 -12.87
CA ILE F 870 77.26 -145.67 -13.64
C ILE F 870 78.03 -144.67 -12.78
N ARG F 871 77.60 -144.46 -11.53
CA ARG F 871 78.30 -143.52 -10.65
C ARG F 871 79.73 -143.97 -10.38
N GLU F 872 79.92 -145.27 -10.11
CA GLU F 872 81.26 -145.79 -9.85
C GLU F 872 82.14 -145.67 -11.09
N LYS F 873 81.60 -145.96 -12.27
CA LYS F 873 82.36 -145.83 -13.50
C LYS F 873 82.70 -144.37 -13.79
N LEU F 874 81.78 -143.46 -13.49
CA LEU F 874 82.07 -142.04 -13.63
C LEU F 874 83.21 -141.62 -12.70
N ALA F 875 83.21 -142.16 -11.48
CA ALA F 875 84.33 -141.91 -10.57
C ALA F 875 85.64 -142.41 -11.16
N GLU F 876 85.65 -143.63 -11.71
CA GLU F 876 86.86 -144.14 -12.36
C GLU F 876 87.31 -143.23 -13.49
N ASN F 877 86.37 -142.78 -14.32
CA ASN F 877 86.75 -142.00 -15.49
C ASN F 877 87.27 -140.62 -15.10
N ILE F 878 86.61 -139.95 -14.14
CA ILE F 878 87.12 -138.65 -13.71
C ILE F 878 88.48 -138.82 -13.03
N HIS F 879 88.68 -139.94 -12.33
CA HIS F 879 90.02 -140.28 -11.86
C HIS F 879 91.00 -140.32 -13.03
N GLU F 880 90.60 -140.94 -14.13
CA GLU F 880 91.49 -141.07 -15.28
C GLU F 880 91.81 -139.71 -15.89
N LEU F 881 90.80 -138.85 -16.06
CA LEU F 881 91.08 -137.53 -16.64
C LEU F 881 91.97 -136.68 -15.73
N TRP F 882 91.72 -136.68 -14.42
CA TRP F 882 92.56 -135.84 -13.57
C TRP F 882 93.95 -136.44 -13.42
N ALA F 883 94.06 -137.76 -13.56
CA ALA F 883 95.37 -138.40 -13.69
C ALA F 883 96.08 -137.95 -14.97
N LEU F 884 95.33 -137.82 -16.07
CA LEU F 884 95.91 -137.32 -17.31
C LEU F 884 96.41 -135.90 -17.15
N THR F 885 95.64 -135.06 -16.44
CA THR F 885 96.09 -133.70 -16.17
C THR F 885 97.34 -133.70 -15.30
N ARG F 886 97.44 -134.63 -14.35
CA ARG F 886 98.67 -134.76 -13.58
C ARG F 886 99.84 -135.17 -14.45
N ILE F 887 99.60 -136.03 -15.45
CA ILE F 887 100.65 -136.34 -16.42
C ILE F 887 101.08 -135.08 -17.16
N GLU F 888 100.12 -134.30 -17.63
CA GLU F 888 100.45 -133.05 -18.33
C GLU F 888 101.26 -132.12 -17.43
N GLN F 889 100.97 -132.14 -16.13
CA GLN F 889 101.76 -131.37 -15.18
C GLN F 889 103.12 -132.00 -14.88
N GLY F 890 103.28 -133.30 -15.14
CA GLY F 890 104.53 -133.99 -14.91
C GLY F 890 104.53 -135.07 -13.86
N TRP F 891 103.38 -135.59 -13.46
CA TRP F 891 103.34 -136.62 -12.42
C TRP F 891 103.69 -138.00 -12.98
N THR F 892 104.18 -138.88 -12.10
CA THR F 892 104.52 -140.27 -12.41
C THR F 892 103.99 -141.17 -11.30
N TYR F 893 104.30 -142.48 -11.36
CA TYR F 893 103.81 -143.39 -10.34
C TYR F 893 104.76 -143.44 -9.15
N GLY F 894 104.21 -143.69 -7.97
CA GLY F 894 104.95 -143.82 -6.75
C GLY F 894 104.06 -144.26 -5.60
N PRO F 895 104.63 -145.01 -4.66
CA PRO F 895 103.85 -145.42 -3.48
C PRO F 895 103.38 -144.25 -2.63
N VAL F 896 104.04 -143.10 -2.75
CA VAL F 896 103.65 -141.90 -2.03
C VAL F 896 102.83 -141.00 -2.95
N ARG F 897 101.85 -140.31 -2.36
CA ARG F 897 100.99 -139.38 -3.09
C ARG F 897 101.29 -137.97 -2.60
N ASP F 898 102.05 -137.23 -3.39
CA ASP F 898 102.35 -135.83 -3.10
C ASP F 898 102.51 -135.06 -4.40
N ASP F 899 102.29 -133.75 -4.34
CA ASP F 899 102.37 -132.92 -5.55
C ASP F 899 103.81 -132.67 -5.97
N ASN F 900 104.70 -132.44 -4.99
CA ASN F 900 106.05 -131.98 -5.33
C ASN F 900 106.87 -133.09 -5.99
N LYS F 901 106.85 -134.30 -5.44
CA LYS F 901 107.65 -135.38 -6.00
C LYS F 901 107.03 -135.95 -7.27
N ARG F 902 105.78 -135.58 -7.57
CA ARG F 902 105.09 -136.02 -8.78
C ARG F 902 105.02 -137.55 -8.86
N LEU F 903 104.64 -138.17 -7.74
CA LEU F 903 104.47 -139.61 -7.66
C LEU F 903 103.03 -139.90 -7.24
N HIS F 904 102.45 -140.96 -7.82
CA HIS F 904 101.03 -141.22 -7.57
C HIS F 904 100.69 -142.68 -7.81
N PRO F 905 100.21 -143.41 -6.80
CA PRO F 905 99.81 -144.80 -7.03
C PRO F 905 98.63 -144.94 -8.00
N CYS F 906 97.73 -143.96 -8.03
CA CYS F 906 96.54 -144.01 -8.86
C CYS F 906 96.84 -143.88 -10.34
N LEU F 907 98.03 -143.41 -10.71
CA LEU F 907 98.33 -142.97 -12.07
C LEU F 907 98.73 -144.11 -13.00
N VAL F 908 98.07 -145.26 -12.90
CA VAL F 908 98.47 -146.40 -13.71
C VAL F 908 97.30 -146.78 -14.61
N ASN F 909 96.15 -147.03 -14.02
CA ASN F 909 94.96 -147.33 -14.78
C ASN F 909 93.76 -147.16 -13.86
N PHE F 910 92.57 -147.06 -14.47
CA PHE F 910 91.35 -147.01 -13.68
C PHE F 910 91.14 -148.30 -12.90
N HIS F 911 91.53 -149.43 -13.51
CA HIS F 911 91.42 -150.71 -12.80
C HIS F 911 92.63 -150.96 -11.92
N SER F 912 93.82 -150.53 -12.35
CA SER F 912 95.02 -150.74 -11.56
C SER F 912 95.09 -149.86 -10.32
N LEU F 913 94.41 -148.72 -10.34
CA LEU F 913 94.40 -147.85 -9.17
C LEU F 913 93.67 -148.55 -8.03
N PRO F 914 94.14 -148.40 -6.78
CA PRO F 914 93.52 -149.12 -5.66
C PRO F 914 92.04 -148.75 -5.50
N GLU F 915 91.23 -149.77 -5.21
CA GLU F 915 89.80 -149.55 -5.00
C GLU F 915 89.51 -148.67 -3.79
N PRO F 916 90.16 -148.85 -2.63
CA PRO F 916 89.92 -147.88 -1.54
C PRO F 916 90.27 -146.46 -1.92
N GLU F 917 91.32 -146.26 -2.71
CA GLU F 917 91.63 -144.92 -3.22
C GLU F 917 90.54 -144.43 -4.16
N ARG F 918 89.96 -145.34 -4.94
CA ARG F 918 88.85 -144.98 -5.82
C ARG F 918 87.65 -144.51 -5.01
N ASN F 919 87.32 -145.22 -3.93
CA ASN F 919 86.15 -144.89 -3.12
C ASN F 919 86.31 -143.57 -2.38
N TYR F 920 87.50 -142.98 -2.38
CA TYR F 920 87.67 -141.66 -1.79
C TYR F 920 86.80 -140.63 -2.49
N ASN F 921 86.75 -140.69 -3.82
CA ASN F 921 85.93 -139.78 -4.62
C ASN F 921 84.61 -140.40 -5.06
N LEU F 922 84.28 -141.62 -4.59
CA LEU F 922 83.00 -142.21 -4.92
C LEU F 922 81.86 -141.38 -4.36
N GLN F 923 82.04 -140.82 -3.17
CA GLN F 923 81.01 -139.97 -2.57
C GLN F 923 80.72 -138.77 -3.46
N MET F 924 81.76 -138.05 -3.89
CA MET F 924 81.54 -136.89 -4.74
C MET F 924 81.03 -137.29 -6.12
N SER F 925 81.43 -138.46 -6.61
CA SER F 925 80.91 -138.94 -7.89
C SER F 925 79.41 -139.20 -7.82
N GLY F 926 78.96 -139.81 -6.72
CA GLY F 926 77.52 -139.98 -6.53
C GLY F 926 76.80 -138.66 -6.34
N GLU F 927 77.43 -137.73 -5.62
CA GLU F 927 76.85 -136.40 -5.48
C GLU F 927 76.73 -135.70 -6.81
N THR F 928 77.64 -135.96 -7.75
CA THR F 928 77.51 -135.33 -9.07
C THR F 928 76.21 -135.71 -9.74
N LEU F 929 75.85 -136.99 -9.71
CA LEU F 929 74.58 -137.43 -10.28
C LEU F 929 73.40 -136.92 -9.46
N LYS F 930 73.50 -136.99 -8.13
CA LYS F 930 72.43 -136.50 -7.27
C LYS F 930 72.18 -135.02 -7.51
N THR F 931 73.20 -134.28 -7.94
CA THR F 931 73.06 -132.84 -8.12
C THR F 931 72.21 -132.49 -9.33
N LEU F 932 72.43 -133.12 -10.48
CA LEU F 932 71.57 -132.81 -11.61
C LEU F 932 70.23 -133.52 -11.46
N LEU F 933 70.15 -134.48 -10.53
CA LEU F 933 68.83 -134.95 -10.13
C LEU F 933 68.06 -133.85 -9.37
N ALA F 934 68.71 -133.23 -8.38
CA ALA F 934 68.03 -132.23 -7.55
C ALA F 934 67.80 -130.92 -8.30
N LEU F 935 68.70 -130.60 -9.24
CA LEU F 935 68.65 -129.35 -9.99
C LEU F 935 67.46 -129.27 -10.94
N GLY F 936 66.75 -130.37 -11.16
CA GLY F 936 65.63 -130.40 -12.06
C GLY F 936 65.92 -131.02 -13.41
N CYS F 937 67.16 -131.40 -13.68
CA CYS F 937 67.49 -132.03 -14.94
C CYS F 937 66.88 -133.43 -15.03
N HIS F 938 66.43 -133.79 -16.23
CA HIS F 938 65.83 -135.09 -16.47
C HIS F 938 66.84 -136.00 -17.15
N VAL F 939 67.01 -137.21 -16.61
CA VAL F 939 68.03 -138.15 -17.06
C VAL F 939 67.44 -139.55 -17.04
N GLY F 940 67.78 -140.36 -18.05
CA GLY F 940 67.30 -141.72 -18.12
C GLY F 940 67.97 -142.49 -19.23
N MET F 941 67.42 -143.67 -19.52
CA MET F 941 67.94 -144.55 -20.57
C MET F 941 67.50 -144.04 -21.94
N ALA F 942 68.37 -143.22 -22.53
CA ALA F 942 68.20 -142.86 -23.94
C ALA F 942 68.96 -143.83 -24.83
N ASP F 943 70.20 -144.16 -24.47
CA ASP F 943 71.03 -145.09 -25.23
C ASP F 943 71.77 -146.01 -24.28
N GLU F 944 71.73 -147.31 -24.57
CA GLU F 944 72.52 -148.31 -23.85
C GLU F 944 73.66 -148.89 -24.68
N LYS F 945 73.42 -149.13 -25.97
CA LYS F 945 74.50 -149.55 -26.85
C LYS F 945 75.58 -148.49 -26.97
N ALA F 946 75.22 -147.22 -26.74
CA ALA F 946 76.23 -146.17 -26.67
C ALA F 946 77.19 -146.42 -25.51
N GLU F 947 76.65 -146.77 -24.34
CA GLU F 947 77.50 -147.16 -23.23
C GLU F 947 78.30 -148.41 -23.54
N ASP F 948 77.67 -149.37 -24.23
CA ASP F 948 78.34 -150.63 -24.53
C ASP F 948 79.55 -150.42 -25.44
N ASN F 949 79.42 -149.57 -26.46
CA ASN F 949 80.46 -149.40 -27.46
C ASN F 949 80.94 -147.95 -27.45
N LEU F 950 82.20 -147.75 -27.07
CA LEU F 950 82.86 -146.45 -27.11
C LEU F 950 84.33 -146.63 -27.40
N LYS F 951 84.93 -145.59 -27.97
CA LYS F 951 86.38 -145.56 -28.13
C LYS F 951 87.03 -145.14 -26.83
N LYS F 952 88.32 -145.49 -26.68
CA LYS F 952 89.06 -145.23 -25.46
C LYS F 952 90.34 -144.48 -25.80
N THR F 953 90.46 -143.25 -25.29
CA THR F 953 91.69 -142.51 -25.44
C THR F 953 92.73 -143.02 -24.43
N LYS F 954 93.93 -143.30 -24.91
CA LYS F 954 95.02 -143.77 -24.08
C LYS F 954 96.16 -142.77 -24.08
N LEU F 955 96.89 -142.71 -22.97
CA LEU F 955 97.99 -141.78 -22.85
C LEU F 955 99.08 -142.13 -23.87
N PRO F 956 99.67 -141.14 -24.53
CA PRO F 956 100.71 -141.43 -25.52
C PRO F 956 101.91 -142.11 -24.88
N LYS F 957 102.53 -143.01 -25.65
CA LYS F 957 103.75 -143.68 -25.19
C LYS F 957 104.91 -142.72 -25.08
N THR F 958 104.83 -141.56 -25.73
CA THR F 958 105.88 -140.55 -25.57
C THR F 958 105.74 -139.83 -24.24
N TYR F 959 104.53 -139.33 -23.95
CA TYR F 959 104.25 -138.75 -22.64
C TYR F 959 104.09 -139.90 -21.65
N MET F 960 105.21 -140.58 -21.45
CA MET F 960 105.30 -141.83 -20.72
C MET F 960 105.71 -141.57 -19.28
N MET F 961 105.62 -142.63 -18.49
CA MET F 961 105.69 -142.57 -17.05
C MET F 961 106.30 -143.86 -16.49
N SER F 962 106.30 -144.02 -15.17
CA SER F 962 107.22 -144.97 -14.53
C SER F 962 106.79 -146.43 -14.65
N ASN F 963 105.61 -146.80 -14.09
CA ASN F 963 105.07 -148.17 -14.17
C ASN F 963 105.04 -148.70 -15.60
N GLY F 964 104.37 -148.01 -16.51
CA GLY F 964 104.43 -148.34 -17.89
C GLY F 964 103.11 -148.56 -18.58
N TYR F 965 102.00 -148.43 -17.88
CA TYR F 965 100.71 -148.70 -18.48
C TYR F 965 100.11 -147.41 -19.00
N LYS F 966 99.06 -147.57 -19.78
CA LYS F 966 98.41 -146.44 -20.44
C LYS F 966 96.99 -146.31 -19.90
N PRO F 967 96.73 -145.31 -19.07
CA PRO F 967 95.35 -145.09 -18.62
C PRO F 967 94.44 -144.78 -19.80
N ALA F 968 93.20 -145.25 -19.73
CA ALA F 968 92.27 -145.20 -20.85
C ALA F 968 90.94 -144.57 -20.46
N PRO F 969 90.89 -143.25 -20.31
CA PRO F 969 89.61 -142.56 -20.26
C PRO F 969 88.92 -142.64 -21.61
N LEU F 970 87.59 -142.56 -21.60
CA LEU F 970 86.81 -142.75 -22.81
C LEU F 970 87.15 -141.67 -23.83
N ASP F 971 87.37 -142.09 -25.07
CA ASP F 971 87.58 -141.17 -26.19
C ASP F 971 86.23 -140.54 -26.55
N LEU F 972 86.12 -139.22 -26.39
CA LEU F 972 84.83 -138.55 -26.44
C LEU F 972 84.91 -137.25 -27.21
N SER F 973 85.63 -137.23 -28.33
CA SER F 973 85.70 -136.03 -29.15
C SER F 973 84.41 -135.82 -29.94
N HIS F 974 83.62 -136.88 -30.12
CA HIS F 974 82.43 -136.81 -30.95
C HIS F 974 81.25 -136.15 -30.23
N VAL F 975 81.35 -135.91 -28.94
CA VAL F 975 80.23 -135.41 -28.16
C VAL F 975 80.25 -133.89 -28.13
N ARG F 976 79.09 -133.27 -28.34
CA ARG F 976 78.93 -131.82 -28.31
C ARG F 976 77.85 -131.44 -27.30
N LEU F 977 78.03 -130.28 -26.68
CA LEU F 977 77.09 -129.77 -25.68
C LEU F 977 76.40 -128.53 -26.19
N THR F 978 75.15 -128.33 -25.75
CA THR F 978 74.42 -127.11 -26.05
C THR F 978 74.84 -126.00 -25.10
N PRO F 979 74.54 -124.74 -25.44
CA PRO F 979 74.79 -123.65 -24.47
C PRO F 979 74.07 -123.83 -23.15
N ALA F 980 72.85 -124.40 -23.18
CA ALA F 980 72.17 -124.73 -21.93
C ALA F 980 72.96 -125.77 -21.14
N GLN F 981 73.55 -126.74 -21.84
CA GLN F 981 74.42 -127.71 -21.17
C GLN F 981 75.67 -127.05 -20.60
N THR F 982 76.22 -126.06 -21.29
CA THR F 982 77.35 -125.32 -20.73
C THR F 982 76.96 -124.60 -19.47
N THR F 983 75.80 -123.94 -19.46
CA THR F 983 75.31 -123.32 -18.24
C THR F 983 75.15 -124.35 -17.14
N LEU F 984 74.59 -125.51 -17.48
CA LEU F 984 74.39 -126.57 -16.50
C LEU F 984 75.70 -127.05 -15.91
N VAL F 985 76.74 -127.18 -16.73
CA VAL F 985 78.02 -127.65 -16.20
C VAL F 985 78.67 -126.58 -15.34
N ASP F 986 78.46 -125.30 -15.67
CA ASP F 986 78.93 -124.26 -14.77
C ASP F 986 78.27 -124.37 -13.40
N ARG F 987 76.94 -124.57 -13.38
CA ARG F 987 76.27 -124.71 -12.08
C ARG F 987 76.69 -125.99 -11.37
N LEU F 988 76.99 -127.05 -12.13
CA LEU F 988 77.47 -128.28 -11.52
C LEU F 988 78.84 -128.09 -10.87
N ALA F 989 79.75 -127.39 -11.55
CA ALA F 989 81.05 -127.09 -10.95
C ALA F 989 80.88 -126.20 -9.73
N GLU F 990 79.98 -125.23 -9.81
CA GLU F 990 79.66 -124.40 -8.65
C GLU F 990 79.24 -125.25 -7.47
N ASN F 991 78.30 -126.18 -7.69
CA ASN F 991 77.80 -126.99 -6.59
C ASN F 991 78.87 -127.92 -6.04
N GLY F 992 79.69 -128.50 -6.91
CA GLY F 992 80.77 -129.35 -6.43
C GLY F 992 81.77 -128.60 -5.58
N HIS F 993 82.16 -127.40 -6.03
CA HIS F 993 83.06 -126.58 -5.23
C HIS F 993 82.43 -126.20 -3.90
N ASN F 994 81.13 -125.88 -3.90
CA ASN F 994 80.46 -125.52 -2.65
C ASN F 994 80.43 -126.70 -1.69
N VAL F 995 80.16 -127.91 -2.21
CA VAL F 995 80.15 -129.10 -1.35
C VAL F 995 81.52 -129.33 -0.75
N TRP F 996 82.57 -129.24 -1.58
CA TRP F 996 83.91 -129.43 -1.06
C TRP F 996 84.26 -128.39 -0.01
N ALA F 997 83.88 -127.13 -0.26
CA ALA F 997 84.18 -126.06 0.67
C ALA F 997 83.46 -126.26 2.00
N ARG F 998 82.19 -126.66 1.96
CA ARG F 998 81.46 -126.85 3.20
C ARG F 998 81.97 -128.06 3.97
N ASP F 999 82.39 -129.12 3.26
CA ASP F 999 83.02 -130.25 3.94
C ASP F 999 84.31 -129.82 4.62
N ARG F 1000 85.13 -129.02 3.93
CA ARG F 1000 86.37 -128.56 4.53
C ARG F 1000 86.12 -127.67 5.73
N VAL F 1001 85.10 -126.81 5.65
CA VAL F 1001 84.74 -125.97 6.80
C VAL F 1001 84.31 -126.84 7.97
N ALA F 1002 83.51 -127.87 7.71
CA ALA F 1002 83.14 -128.81 8.76
C ALA F 1002 84.37 -129.52 9.31
N GLN F 1003 85.42 -129.65 8.50
CA GLN F 1003 86.68 -130.23 8.96
C GLN F 1003 87.60 -129.22 9.62
N GLY F 1004 87.24 -127.94 9.64
CA GLY F 1004 88.03 -126.93 10.32
C GLY F 1004 88.93 -126.09 9.43
N TRP F 1005 88.77 -126.16 8.12
CA TRP F 1005 89.60 -125.38 7.22
C TRP F 1005 89.07 -123.96 7.07
N SER F 1006 89.96 -123.04 6.72
CA SER F 1006 89.61 -121.63 6.56
C SER F 1006 90.41 -121.06 5.40
N TYR F 1007 89.89 -119.98 4.82
CA TYR F 1007 90.54 -119.35 3.68
C TYR F 1007 91.77 -118.57 4.11
N SER F 1008 92.79 -118.59 3.25
CA SER F 1008 93.98 -117.77 3.45
C SER F 1008 94.66 -117.58 2.11
N ALA F 1009 95.15 -116.37 1.87
CA ALA F 1009 95.85 -116.09 0.61
C ALA F 1009 97.13 -116.93 0.51
N VAL F 1010 97.79 -117.19 1.63
CA VAL F 1010 98.98 -118.02 1.68
C VAL F 1010 98.58 -119.39 2.22
N GLN F 1011 98.87 -120.43 1.45
CA GLN F 1011 98.51 -121.79 1.85
C GLN F 1011 99.32 -122.22 3.06
N ASP F 1012 98.65 -122.82 4.05
CA ASP F 1012 99.29 -123.35 5.25
C ASP F 1012 98.59 -124.65 5.59
N ILE F 1013 99.16 -125.77 5.12
CA ILE F 1013 98.54 -127.08 5.34
C ILE F 1013 98.44 -127.43 6.82
N PRO F 1014 99.51 -127.31 7.63
CA PRO F 1014 99.35 -127.61 9.06
C PRO F 1014 98.33 -126.73 9.75
N ALA F 1015 98.17 -125.49 9.32
CA ALA F 1015 97.19 -124.58 9.89
C ALA F 1015 95.82 -124.72 9.26
N ARG F 1016 95.65 -125.65 8.32
CA ARG F 1016 94.36 -125.91 7.68
C ARG F 1016 93.84 -124.67 6.96
N ARG F 1017 94.75 -123.96 6.31
CA ARG F 1017 94.42 -122.76 5.54
C ARG F 1017 94.65 -123.04 4.07
N ASN F 1018 93.63 -122.75 3.25
CA ASN F 1018 93.66 -123.12 1.84
C ASN F 1018 93.29 -121.91 0.98
N PRO F 1019 94.05 -121.63 -0.07
CA PRO F 1019 93.70 -120.49 -0.95
C PRO F 1019 92.40 -120.68 -1.70
N ARG F 1020 91.93 -121.91 -1.87
CA ARG F 1020 90.69 -122.17 -2.59
C ARG F 1020 89.50 -122.35 -1.67
N LEU F 1021 89.69 -122.18 -0.36
CA LEU F 1021 88.61 -122.35 0.61
C LEU F 1021 87.68 -121.14 0.58
N VAL F 1022 87.12 -120.89 -0.60
CA VAL F 1022 86.22 -119.75 -0.81
C VAL F 1022 85.05 -120.21 -1.67
N PRO F 1023 83.90 -119.57 -1.51
CA PRO F 1023 82.76 -119.91 -2.36
C PRO F 1023 83.06 -119.69 -3.84
N TYR F 1024 82.27 -120.40 -4.68
CA TYR F 1024 82.58 -120.47 -6.10
C TYR F 1024 82.47 -119.10 -6.77
N ARG F 1025 81.49 -118.28 -6.39
CA ARG F 1025 81.43 -116.95 -6.97
C ARG F 1025 82.70 -116.17 -6.69
N LEU F 1026 83.23 -116.26 -5.47
CA LEU F 1026 84.44 -115.53 -5.10
C LEU F 1026 85.72 -116.19 -5.61
N LEU F 1027 85.64 -117.42 -6.10
CA LEU F 1027 86.82 -118.10 -6.60
C LEU F 1027 87.37 -117.39 -7.83
N ASP F 1028 88.69 -117.51 -8.03
CA ASP F 1028 89.33 -116.85 -9.16
C ASP F 1028 89.03 -117.58 -10.47
N GLU F 1029 89.31 -116.89 -11.57
CA GLU F 1029 88.94 -117.41 -12.89
C GLU F 1029 89.72 -118.66 -13.27
N ALA F 1030 90.99 -118.75 -12.87
CA ALA F 1030 91.79 -119.92 -13.25
C ALA F 1030 91.22 -121.19 -12.64
N THR F 1031 91.02 -121.20 -11.32
CA THR F 1031 90.45 -122.37 -10.67
C THR F 1031 89.01 -122.59 -11.09
N LYS F 1032 88.26 -121.51 -11.33
CA LYS F 1032 86.89 -121.66 -11.81
C LYS F 1032 86.85 -122.38 -13.15
N ARG F 1033 87.73 -122.00 -14.07
CA ARG F 1033 87.79 -122.66 -15.37
C ARG F 1033 88.29 -124.09 -15.24
N SER F 1034 89.23 -124.35 -14.34
CA SER F 1034 89.71 -125.72 -14.15
C SER F 1034 88.59 -126.62 -13.65
N ASN F 1035 87.83 -126.18 -12.64
CA ASN F 1035 86.72 -126.97 -12.14
C ASN F 1035 85.64 -127.11 -13.21
N ARG F 1036 85.42 -126.06 -14.00
CA ARG F 1036 84.45 -126.14 -15.10
C ARG F 1036 84.87 -127.19 -16.11
N ASP F 1037 86.16 -127.25 -16.43
CA ASP F 1037 86.64 -128.26 -17.37
C ASP F 1037 86.49 -129.66 -16.80
N SER F 1038 86.78 -129.84 -15.51
CA SER F 1038 86.61 -131.16 -14.91
C SER F 1038 85.16 -131.62 -14.97
N LEU F 1039 84.23 -130.75 -14.53
CA LEU F 1039 82.82 -131.11 -14.63
C LEU F 1039 82.37 -131.25 -16.07
N CYS F 1040 83.02 -130.53 -16.99
CA CYS F 1040 82.69 -130.67 -18.40
C CYS F 1040 83.09 -132.03 -18.92
N GLN F 1041 84.24 -132.55 -18.48
CA GLN F 1041 84.62 -133.92 -18.81
C GLN F 1041 83.64 -134.92 -18.22
N ALA F 1042 83.17 -134.65 -17.00
CA ALA F 1042 82.15 -135.53 -16.41
C ALA F 1042 80.88 -135.55 -17.26
N VAL F 1043 80.42 -134.37 -17.70
CA VAL F 1043 79.23 -134.29 -18.55
C VAL F 1043 79.51 -134.93 -19.90
N ARG F 1044 80.75 -134.81 -20.39
CA ARG F 1044 81.15 -135.50 -21.61
C ARG F 1044 80.96 -137.00 -21.46
N THR F 1045 81.40 -137.56 -20.33
CA THR F 1045 81.23 -138.99 -20.08
C THR F 1045 79.77 -139.36 -20.03
N LEU F 1046 78.95 -138.56 -19.33
CA LEU F 1046 77.53 -138.86 -19.22
C LEU F 1046 76.86 -138.85 -20.59
N LEU F 1047 77.19 -137.86 -21.42
CA LEU F 1047 76.64 -137.82 -22.78
C LEU F 1047 77.16 -138.97 -23.64
N GLY F 1048 78.44 -139.32 -23.50
CA GLY F 1048 79.01 -140.39 -24.29
C GLY F 1048 78.35 -141.73 -24.00
N TYR F 1049 77.97 -141.96 -22.74
CA TYR F 1049 77.19 -143.16 -22.45
C TYR F 1049 75.79 -143.09 -23.02
N GLY F 1050 75.44 -142.04 -23.75
CA GLY F 1050 74.15 -141.93 -24.40
C GLY F 1050 73.02 -141.46 -23.54
N TYR F 1051 73.28 -141.16 -22.27
CA TYR F 1051 72.23 -140.72 -21.37
C TYR F 1051 71.68 -139.37 -21.80
N ASN F 1052 70.35 -139.24 -21.75
CA ASN F 1052 69.73 -137.96 -22.07
C ASN F 1052 69.87 -137.00 -20.90
N ILE F 1053 70.32 -135.78 -21.19
CA ILE F 1053 70.47 -134.73 -20.18
C ILE F 1053 69.58 -133.57 -20.58
N GLU F 1054 68.52 -133.35 -19.79
CA GLU F 1054 67.56 -132.29 -20.09
C GLU F 1054 67.89 -131.06 -19.25
N PRO F 1055 68.27 -129.94 -19.85
CA PRO F 1055 68.56 -128.74 -19.08
C PRO F 1055 67.29 -128.19 -18.45
N PRO F 1056 67.29 -127.96 -17.14
CA PRO F 1056 66.09 -127.42 -16.49
C PRO F 1056 65.82 -125.99 -16.93
N ASP F 1057 64.55 -125.62 -16.88
CA ASP F 1057 64.12 -124.25 -17.16
C ASP F 1057 64.65 -123.35 -16.05
N GLN F 1058 65.57 -122.46 -16.40
CA GLN F 1058 66.23 -121.62 -15.40
C GLN F 1058 65.21 -120.68 -14.74
N GLU F 1059 65.30 -120.56 -13.42
CA GLU F 1059 64.41 -119.70 -12.66
C GLU F 1059 65.17 -118.47 -12.19
N PRO F 1060 64.88 -117.27 -12.72
CA PRO F 1060 65.60 -116.08 -12.28
C PRO F 1060 65.28 -115.71 -10.85
N SER F 1061 66.24 -115.05 -10.20
CA SER F 1061 66.06 -114.59 -8.83
C SER F 1061 66.83 -113.29 -8.65
N GLN F 1062 66.33 -112.44 -7.75
CA GLN F 1062 66.94 -111.15 -7.45
C GLN F 1062 67.45 -111.17 -6.03
N VAL F 1063 68.77 -111.08 -5.87
CA VAL F 1063 69.39 -111.24 -4.56
C VAL F 1063 69.06 -110.07 -3.64
N GLU F 1064 69.11 -108.84 -4.17
CA GLU F 1064 68.95 -107.62 -3.38
C GLU F 1064 69.96 -107.58 -2.23
N ASN F 1065 71.23 -107.52 -2.62
CA ASN F 1065 72.32 -107.48 -1.64
C ASN F 1065 72.24 -106.22 -0.79
N GLN F 1066 71.94 -105.09 -1.42
CA GLN F 1066 71.80 -103.81 -0.72
C GLN F 1066 70.34 -103.52 -0.45
N SER F 1067 70.11 -102.54 0.42
CA SER F 1067 68.75 -102.12 0.75
C SER F 1067 68.12 -101.44 -0.46
N ARG F 1068 66.84 -101.07 -0.31
CA ARG F 1068 66.13 -100.44 -1.42
C ARG F 1068 66.68 -99.05 -1.74
N TRP F 1069 67.13 -98.31 -0.72
CA TRP F 1069 67.51 -96.92 -0.90
C TRP F 1069 68.97 -96.73 -1.30
N ASP F 1070 69.88 -97.56 -0.79
CA ASP F 1070 71.29 -97.43 -1.18
C ASP F 1070 71.52 -98.14 -2.51
N ARG F 1071 70.72 -97.77 -3.51
CA ARG F 1071 70.85 -98.28 -4.86
C ARG F 1071 71.01 -97.18 -5.90
N VAL F 1072 70.32 -96.06 -5.73
CA VAL F 1072 70.37 -94.95 -6.67
C VAL F 1072 70.79 -93.70 -5.91
N ARG F 1073 71.80 -93.01 -6.43
CA ARG F 1073 72.28 -91.77 -5.86
C ARG F 1073 72.04 -90.65 -6.88
N ILE F 1074 71.32 -89.62 -6.46
CA ILE F 1074 70.88 -88.55 -7.35
C ILE F 1074 71.72 -87.31 -7.09
N PHE F 1075 72.25 -86.71 -8.16
CA PHE F 1075 73.01 -85.47 -8.09
C PHE F 1075 72.28 -84.39 -8.85
N ARG F 1076 72.03 -83.27 -8.20
CA ARG F 1076 71.37 -82.14 -8.85
C ARG F 1076 72.07 -80.84 -8.45
N ALA F 1077 71.90 -79.84 -9.30
CA ALA F 1077 72.42 -78.52 -8.97
C ALA F 1077 71.59 -77.89 -7.87
N GLU F 1078 72.16 -76.84 -7.27
CA GLU F 1078 71.46 -76.12 -6.21
C GLU F 1078 70.25 -75.40 -6.77
N LYS F 1079 69.22 -75.27 -5.94
CA LYS F 1079 67.96 -74.66 -6.37
C LYS F 1079 68.14 -73.22 -6.82
N SER F 1080 69.19 -72.53 -6.36
CA SER F 1080 69.42 -71.16 -6.79
C SER F 1080 69.81 -71.05 -8.26
N TYR F 1081 70.18 -72.16 -8.88
CA TYR F 1081 70.53 -72.18 -10.30
C TYR F 1081 69.35 -72.52 -11.20
N THR F 1082 68.14 -72.52 -10.65
CA THR F 1082 66.95 -72.86 -11.42
C THR F 1082 66.76 -71.87 -12.56
N VAL F 1083 66.49 -72.41 -13.75
CA VAL F 1083 66.33 -71.61 -14.97
C VAL F 1083 64.87 -71.66 -15.39
N GLN F 1084 64.30 -70.49 -15.67
CA GLN F 1084 62.93 -70.38 -16.13
C GLN F 1084 62.79 -69.77 -17.52
N SER F 1085 63.91 -69.50 -18.21
CA SER F 1085 63.87 -68.98 -19.56
C SER F 1085 65.21 -69.26 -20.22
N GLY F 1086 65.24 -69.12 -21.54
CA GLY F 1086 66.45 -69.32 -22.30
C GLY F 1086 66.65 -70.74 -22.75
N ARG F 1087 67.74 -70.95 -23.47
CA ARG F 1087 68.11 -72.25 -24.00
C ARG F 1087 69.44 -72.67 -23.40
N TRP F 1088 69.47 -73.84 -22.76
CA TRP F 1088 70.60 -74.27 -21.96
C TRP F 1088 71.07 -75.65 -22.40
N TYR F 1089 72.32 -75.95 -22.10
CA TYR F 1089 72.99 -77.15 -22.58
C TYR F 1089 74.02 -77.62 -21.56
N PHE F 1090 74.14 -78.93 -21.41
CA PHE F 1090 75.22 -79.52 -20.64
C PHE F 1090 75.43 -80.95 -21.11
N GLU F 1091 76.55 -81.52 -20.70
CA GLU F 1091 76.96 -82.85 -21.14
C GLU F 1091 77.11 -83.79 -19.96
N PHE F 1092 76.92 -85.08 -20.22
CA PHE F 1092 77.08 -86.13 -19.22
C PHE F 1092 77.77 -87.32 -19.86
N GLU F 1093 79.06 -87.49 -19.57
CA GLU F 1093 79.85 -88.58 -20.11
C GLU F 1093 79.60 -89.84 -19.28
N ALA F 1094 79.29 -90.94 -19.95
CA ALA F 1094 79.04 -92.21 -19.28
C ALA F 1094 80.34 -92.99 -19.23
N VAL F 1095 81.03 -92.90 -18.10
CA VAL F 1095 82.24 -93.70 -17.91
C VAL F 1095 81.90 -95.18 -17.91
N THR F 1096 80.84 -95.55 -17.20
CA THR F 1096 80.31 -96.90 -17.23
C THR F 1096 79.14 -96.97 -18.20
N THR F 1097 78.53 -98.15 -18.30
CA THR F 1097 77.44 -98.37 -19.24
C THR F 1097 76.17 -98.88 -18.57
N GLY F 1098 76.07 -98.77 -17.25
CA GLY F 1098 74.96 -99.35 -16.52
C GLY F 1098 73.79 -98.40 -16.38
N GLU F 1099 73.05 -98.57 -15.29
CA GLU F 1099 71.81 -97.84 -15.06
C GLU F 1099 72.13 -96.45 -14.52
N MET F 1100 72.16 -95.46 -15.43
CA MET F 1100 72.25 -94.07 -15.04
C MET F 1100 71.28 -93.25 -15.88
N ARG F 1101 70.69 -92.25 -15.27
CA ARG F 1101 69.73 -91.37 -15.93
C ARG F 1101 70.20 -89.94 -15.81
N VAL F 1102 70.01 -89.16 -16.87
CA VAL F 1102 70.43 -87.77 -16.89
C VAL F 1102 69.35 -86.94 -17.58
N GLY F 1103 69.14 -85.73 -17.08
CA GLY F 1103 68.15 -84.84 -17.66
C GLY F 1103 67.91 -83.58 -16.86
N TRP F 1104 66.66 -83.13 -16.84
CA TRP F 1104 66.27 -81.92 -16.14
C TRP F 1104 65.22 -82.26 -15.09
N ALA F 1105 65.30 -81.59 -13.95
CA ALA F 1105 64.41 -81.85 -12.84
C ALA F 1105 63.91 -80.54 -12.26
N ARG F 1106 62.76 -80.60 -11.62
CA ARG F 1106 62.19 -79.45 -10.94
C ARG F 1106 62.81 -79.30 -9.55
N PRO F 1107 62.82 -78.08 -9.01
CA PRO F 1107 63.48 -77.86 -7.71
C PRO F 1107 62.90 -78.70 -6.57
N GLU F 1108 61.63 -79.06 -6.62
CA GLU F 1108 61.01 -79.83 -5.56
C GLU F 1108 61.20 -81.34 -5.74
N LEU F 1109 62.23 -81.74 -6.47
CA LEU F 1109 62.49 -83.16 -6.70
C LEU F 1109 62.71 -83.89 -5.38
N ARG F 1110 62.03 -85.02 -5.22
CA ARG F 1110 62.18 -85.82 -4.01
C ARG F 1110 63.43 -86.67 -4.10
N PRO F 1111 64.14 -86.90 -2.99
CA PRO F 1111 65.39 -87.66 -3.06
C PRO F 1111 65.20 -89.16 -3.09
N ASP F 1112 64.05 -89.67 -2.66
CA ASP F 1112 63.82 -91.10 -2.53
C ASP F 1112 62.94 -91.67 -3.63
N VAL F 1113 62.82 -90.99 -4.77
CA VAL F 1113 62.03 -91.46 -5.90
C VAL F 1113 62.93 -91.54 -7.12
N GLU F 1114 62.79 -92.62 -7.88
CA GLU F 1114 63.57 -92.78 -9.10
C GLU F 1114 63.27 -91.63 -10.06
N LEU F 1115 64.32 -91.17 -10.75
CA LEU F 1115 64.14 -90.07 -11.70
C LEU F 1115 63.17 -90.46 -12.80
N GLY F 1116 62.20 -89.59 -13.05
CA GLY F 1116 61.23 -89.81 -14.10
C GLY F 1116 60.05 -90.68 -13.70
N ALA F 1117 60.11 -91.34 -12.55
CA ALA F 1117 58.97 -92.10 -12.06
C ALA F 1117 57.80 -91.19 -11.70
N ASP F 1118 58.07 -89.91 -11.48
CA ASP F 1118 57.01 -88.94 -11.21
C ASP F 1118 57.13 -87.77 -12.16
N GLU F 1119 56.39 -86.70 -11.91
CA GLU F 1119 56.33 -85.56 -12.81
C GLU F 1119 57.41 -84.52 -12.53
N LEU F 1120 58.39 -84.84 -11.69
CA LEU F 1120 59.38 -83.87 -11.25
C LEU F 1120 60.70 -83.96 -12.00
N ALA F 1121 60.80 -84.80 -13.03
CA ALA F 1121 62.04 -84.91 -13.77
C ALA F 1121 61.77 -85.40 -15.19
N TYR F 1122 62.61 -84.96 -16.12
CA TYR F 1122 62.58 -85.40 -17.52
C TYR F 1122 63.97 -85.90 -17.84
N VAL F 1123 64.21 -87.21 -17.69
CA VAL F 1123 65.54 -87.77 -17.81
C VAL F 1123 65.58 -88.76 -18.96
N PHE F 1124 66.79 -89.13 -19.36
CA PHE F 1124 67.04 -90.11 -20.40
C PHE F 1124 67.88 -91.23 -19.83
N ASN F 1125 67.36 -92.45 -19.89
CA ASN F 1125 68.04 -93.64 -19.38
C ASN F 1125 68.79 -94.29 -20.54
N GLY F 1126 70.10 -94.11 -20.56
CA GLY F 1126 70.92 -94.63 -21.63
C GLY F 1126 71.33 -96.08 -21.51
N HIS F 1127 70.93 -96.77 -20.43
CA HIS F 1127 71.28 -98.17 -20.31
C HIS F 1127 70.54 -99.01 -21.34
N ARG F 1128 69.24 -98.76 -21.51
CA ARG F 1128 68.44 -99.51 -22.48
C ARG F 1128 67.69 -98.57 -23.42
N GLY F 1129 68.02 -97.28 -23.42
CA GLY F 1129 67.38 -96.34 -24.32
C GLY F 1129 65.95 -96.04 -23.97
N GLN F 1130 65.73 -95.35 -22.85
CA GLN F 1130 64.38 -94.96 -22.43
C GLN F 1130 64.39 -93.51 -21.97
N ARG F 1131 63.25 -92.86 -22.10
CA ARG F 1131 63.01 -91.54 -21.54
C ARG F 1131 61.96 -91.66 -20.44
N TRP F 1132 62.21 -91.00 -19.32
CA TRP F 1132 61.39 -91.17 -18.12
C TRP F 1132 60.73 -89.85 -17.74
N HIS F 1133 59.40 -89.84 -17.75
CA HIS F 1133 58.62 -88.77 -17.11
C HIS F 1133 57.23 -89.34 -16.87
N LEU F 1134 56.88 -89.55 -15.60
CA LEU F 1134 55.64 -90.21 -15.23
C LEU F 1134 55.54 -91.58 -15.88
N GLY F 1135 56.68 -92.28 -15.93
CA GLY F 1135 56.76 -93.58 -16.55
C GLY F 1135 57.84 -93.62 -17.61
N SER F 1136 57.98 -94.80 -18.22
CA SER F 1136 59.02 -95.06 -19.20
C SER F 1136 58.42 -95.30 -20.56
N GLU F 1137 59.13 -94.87 -21.60
CA GLU F 1137 58.80 -95.17 -22.98
C GLU F 1137 60.09 -95.17 -23.79
N PRO F 1138 60.21 -96.06 -24.78
CA PRO F 1138 61.47 -96.21 -25.50
C PRO F 1138 61.87 -94.92 -26.20
N PHE F 1139 63.18 -94.66 -26.22
CA PHE F 1139 63.72 -93.44 -26.81
C PHE F 1139 65.22 -93.60 -26.99
N GLY F 1140 65.71 -93.39 -28.20
CA GLY F 1140 67.13 -93.43 -28.43
C GLY F 1140 67.68 -94.85 -28.38
N ARG F 1141 69.00 -94.92 -28.23
CA ARG F 1141 69.73 -96.18 -28.21
C ARG F 1141 70.66 -96.22 -27.00
N PRO F 1142 71.00 -97.41 -26.53
CA PRO F 1142 71.90 -97.51 -25.38
C PRO F 1142 73.28 -96.94 -25.68
N TRP F 1143 73.89 -96.37 -24.65
CA TRP F 1143 75.21 -95.76 -24.79
C TRP F 1143 76.31 -96.79 -24.57
N GLN F 1144 77.54 -96.36 -24.82
CA GLN F 1144 78.73 -97.17 -24.59
C GLN F 1144 79.67 -96.40 -23.68
N SER F 1145 80.77 -97.04 -23.30
CA SER F 1145 81.74 -96.39 -22.43
C SER F 1145 82.32 -95.18 -23.11
N GLY F 1146 82.32 -94.04 -22.41
CA GLY F 1146 82.81 -92.80 -22.97
C GLY F 1146 81.81 -92.01 -23.79
N ASP F 1147 80.62 -92.54 -24.02
CA ASP F 1147 79.61 -91.80 -24.76
C ASP F 1147 79.15 -90.59 -23.96
N VAL F 1148 79.01 -89.47 -24.65
CA VAL F 1148 78.63 -88.20 -24.04
C VAL F 1148 77.20 -87.88 -24.44
N VAL F 1149 76.35 -87.65 -23.45
CA VAL F 1149 74.96 -87.28 -23.67
C VAL F 1149 74.84 -85.78 -23.55
N GLY F 1150 74.31 -85.14 -24.58
CA GLY F 1150 74.09 -83.71 -24.55
C GLY F 1150 72.66 -83.35 -24.25
N CYS F 1151 72.41 -82.84 -23.05
CA CYS F 1151 71.07 -82.47 -22.62
C CYS F 1151 70.82 -81.01 -22.93
N MET F 1152 69.78 -80.74 -23.71
CA MET F 1152 69.41 -79.38 -24.09
C MET F 1152 67.96 -79.14 -23.70
N ILE F 1153 67.70 -77.99 -23.09
CA ILE F 1153 66.35 -77.56 -22.76
C ILE F 1153 66.10 -76.23 -23.44
N ASP F 1154 64.93 -76.11 -24.05
CA ASP F 1154 64.53 -74.91 -24.78
C ASP F 1154 63.26 -74.38 -24.13
N LEU F 1155 63.41 -73.44 -23.21
CA LEU F 1155 62.26 -72.89 -22.50
C LEU F 1155 61.49 -71.88 -23.33
N THR F 1156 62.01 -71.48 -24.48
CA THR F 1156 61.23 -70.69 -25.43
C THR F 1156 60.25 -71.54 -26.22
N GLU F 1157 60.65 -72.74 -26.62
CA GLU F 1157 59.78 -73.67 -27.33
C GLU F 1157 59.20 -74.76 -26.44
N ASN F 1158 59.57 -74.79 -25.15
CA ASN F 1158 59.10 -75.81 -24.21
C ASN F 1158 59.40 -77.22 -24.73
N THR F 1159 60.66 -77.46 -25.08
CA THR F 1159 61.08 -78.75 -25.61
C THR F 1159 62.38 -79.17 -24.94
N ILE F 1160 62.63 -80.48 -24.93
CA ILE F 1160 63.84 -81.06 -24.37
C ILE F 1160 64.45 -81.98 -25.42
N ILE F 1161 65.73 -81.79 -25.72
CA ILE F 1161 66.44 -82.52 -26.75
C ILE F 1161 67.63 -83.23 -26.11
N PHE F 1162 67.80 -84.51 -26.44
CA PHE F 1162 68.97 -85.26 -26.02
C PHE F 1162 69.78 -85.65 -27.24
N THR F 1163 71.09 -85.46 -27.17
CA THR F 1163 72.01 -85.84 -28.22
C THR F 1163 73.05 -86.80 -27.66
N LEU F 1164 73.39 -87.82 -28.44
CA LEU F 1164 74.39 -88.81 -28.06
C LEU F 1164 75.57 -88.68 -29.01
N ASN F 1165 76.71 -88.25 -28.47
CA ASN F 1165 77.92 -88.02 -29.25
C ASN F 1165 77.68 -87.04 -30.39
N GLY F 1166 76.87 -86.03 -30.12
CA GLY F 1166 76.57 -84.99 -31.09
C GLY F 1166 75.44 -85.30 -32.05
N GLU F 1167 74.89 -86.51 -32.00
CA GLU F 1167 73.79 -86.90 -32.86
C GLU F 1167 72.50 -86.87 -32.07
N VAL F 1168 71.51 -86.16 -32.60
CA VAL F 1168 70.24 -85.99 -31.89
C VAL F 1168 69.53 -87.32 -31.80
N LEU F 1169 69.12 -87.70 -30.58
CA LEU F 1169 68.37 -88.92 -30.38
C LEU F 1169 66.91 -88.70 -30.74
N MET F 1170 66.31 -89.74 -31.32
CA MET F 1170 64.93 -89.69 -31.80
C MET F 1170 64.15 -90.85 -31.20
N SER F 1171 62.84 -90.67 -31.10
CA SER F 1171 61.96 -91.70 -30.59
C SER F 1171 61.67 -92.71 -31.70
N ASP F 1172 60.70 -93.60 -31.48
CA ASP F 1172 60.31 -94.54 -32.52
C ASP F 1172 59.39 -93.86 -33.52
N SER F 1173 59.77 -92.68 -33.95
CA SER F 1173 59.04 -91.85 -34.89
C SER F 1173 59.98 -90.72 -35.30
N GLY F 1174 59.46 -89.76 -36.06
CA GLY F 1174 60.28 -88.64 -36.48
C GLY F 1174 60.51 -87.58 -35.44
N SER F 1175 60.07 -87.80 -34.21
CA SER F 1175 60.17 -86.82 -33.15
C SER F 1175 61.64 -86.55 -32.83
N GLU F 1176 62.10 -85.32 -33.10
CA GLU F 1176 63.45 -84.91 -32.77
C GLU F 1176 63.58 -84.43 -31.34
N THR F 1177 62.47 -84.29 -30.61
CA THR F 1177 62.47 -83.81 -29.24
C THR F 1177 61.99 -84.91 -28.32
N ALA F 1178 62.64 -85.05 -27.17
CA ALA F 1178 62.25 -86.07 -26.21
C ALA F 1178 60.96 -85.71 -25.50
N PHE F 1179 60.81 -84.44 -25.10
CA PHE F 1179 59.64 -83.99 -24.38
C PHE F 1179 59.14 -82.69 -24.98
N ARG F 1180 57.83 -82.49 -24.95
CA ARG F 1180 57.20 -81.35 -25.59
C ARG F 1180 56.12 -80.79 -24.68
N GLU F 1181 55.79 -79.52 -24.91
CA GLU F 1181 54.72 -78.84 -24.17
C GLU F 1181 54.95 -78.91 -22.67
N ILE F 1182 56.19 -78.70 -22.25
CA ILE F 1182 56.53 -78.71 -20.84
C ILE F 1182 56.28 -77.33 -20.27
N GLU F 1183 55.50 -77.26 -19.19
CA GLU F 1183 55.26 -75.99 -18.51
C GLU F 1183 56.52 -75.58 -17.75
N ILE F 1184 56.85 -74.29 -17.83
CA ILE F 1184 58.02 -73.78 -17.12
C ILE F 1184 57.82 -73.87 -15.62
N GLY F 1185 56.76 -73.24 -15.13
CA GLY F 1185 56.43 -73.35 -13.71
C GLY F 1185 57.54 -72.80 -12.83
N ASP F 1186 58.01 -73.64 -11.91
CA ASP F 1186 59.03 -73.22 -10.97
C ASP F 1186 60.44 -73.26 -11.56
N GLY F 1187 60.61 -73.95 -12.69
CA GLY F 1187 61.87 -73.96 -13.40
C GLY F 1187 62.43 -75.36 -13.50
N PHE F 1188 63.69 -75.44 -13.91
CA PHE F 1188 64.35 -76.72 -14.13
C PHE F 1188 65.81 -76.66 -13.67
N LEU F 1189 66.33 -77.83 -13.30
CA LEU F 1189 67.70 -78.00 -12.87
C LEU F 1189 68.31 -79.22 -13.53
N PRO F 1190 69.59 -79.15 -13.92
CA PRO F 1190 70.27 -80.37 -14.39
C PRO F 1190 70.33 -81.40 -13.28
N VAL F 1191 70.18 -82.67 -13.67
CA VAL F 1191 70.07 -83.75 -12.70
C VAL F 1191 70.63 -85.03 -13.33
N CYS F 1192 71.18 -85.89 -12.49
CA CYS F 1192 71.65 -87.19 -12.92
C CYS F 1192 71.58 -88.15 -11.75
N SER F 1193 71.30 -89.42 -12.06
CA SER F 1193 71.26 -90.47 -11.05
C SER F 1193 72.19 -91.59 -11.49
N LEU F 1194 72.87 -92.20 -10.51
CA LEU F 1194 73.83 -93.26 -10.77
C LEU F 1194 73.46 -94.47 -9.93
N GLY F 1195 73.42 -95.63 -10.58
CA GLY F 1195 73.14 -96.87 -9.89
C GLY F 1195 74.37 -97.44 -9.23
N PRO F 1196 74.26 -98.64 -8.68
CA PRO F 1196 75.41 -99.24 -7.99
C PRO F 1196 76.55 -99.52 -8.94
N GLY F 1197 77.75 -99.09 -8.55
CA GLY F 1197 78.93 -99.34 -9.36
C GLY F 1197 79.05 -98.47 -10.59
N GLN F 1198 78.22 -97.44 -10.72
CA GLN F 1198 78.19 -96.61 -11.91
C GLN F 1198 78.99 -95.33 -11.67
N VAL F 1199 79.74 -94.92 -12.68
CA VAL F 1199 80.56 -93.72 -12.64
C VAL F 1199 80.20 -92.86 -13.84
N GLY F 1200 79.96 -91.58 -13.59
CA GLY F 1200 79.63 -90.65 -14.66
C GLY F 1200 80.30 -89.31 -14.43
N HIS F 1201 80.51 -88.59 -15.52
CA HIS F 1201 81.12 -87.27 -15.49
C HIS F 1201 80.07 -86.24 -15.90
N LEU F 1202 79.89 -85.23 -15.07
CA LEU F 1202 78.91 -84.17 -15.34
C LEU F 1202 79.66 -82.89 -15.68
N ASN F 1203 79.38 -82.34 -16.86
CA ASN F 1203 80.03 -81.13 -17.34
C ASN F 1203 78.96 -80.10 -17.60
N LEU F 1204 78.85 -79.11 -16.72
CA LEU F 1204 77.88 -78.04 -16.87
C LEU F 1204 78.39 -76.91 -17.74
N GLY F 1205 79.57 -77.04 -18.32
CA GLY F 1205 80.04 -76.08 -19.31
C GLY F 1205 80.55 -74.77 -18.75
N GLN F 1206 81.13 -74.78 -17.55
CA GLN F 1206 81.80 -73.57 -17.07
C GLN F 1206 82.98 -73.21 -17.96
N ASP F 1207 83.74 -74.22 -18.38
CA ASP F 1207 84.79 -74.05 -19.37
C ASP F 1207 84.21 -74.50 -20.72
N VAL F 1208 83.87 -73.52 -21.56
CA VAL F 1208 83.21 -73.83 -22.83
C VAL F 1208 84.09 -74.68 -23.73
N SER F 1209 85.41 -74.54 -23.60
CA SER F 1209 86.32 -75.35 -24.40
C SER F 1209 86.37 -76.80 -23.91
N SER F 1210 85.92 -77.07 -22.69
CA SER F 1210 85.91 -78.44 -22.19
C SER F 1210 84.80 -79.27 -22.79
N LEU F 1211 83.70 -78.65 -23.22
CA LEU F 1211 82.61 -79.39 -23.84
C LEU F 1211 83.08 -80.04 -25.13
N ARG F 1212 82.67 -81.29 -25.34
CA ARG F 1212 83.20 -82.09 -26.44
C ARG F 1212 82.30 -82.13 -27.65
N PHE F 1213 81.00 -81.92 -27.50
CA PHE F 1213 80.07 -81.96 -28.63
C PHE F 1213 79.18 -80.73 -28.68
N PHE F 1214 79.51 -79.67 -27.94
CA PHE F 1214 78.69 -78.46 -27.96
C PHE F 1214 78.77 -77.76 -29.31
N ALA F 1215 79.97 -77.69 -29.89
CA ALA F 1215 80.12 -77.05 -31.20
C ALA F 1215 79.41 -77.85 -32.28
N ILE F 1216 79.48 -79.18 -32.22
CA ILE F 1216 78.87 -80.01 -33.24
C ILE F 1216 77.35 -79.85 -33.23
N CYS F 1217 76.74 -79.84 -32.05
CA CYS F 1217 75.30 -79.72 -31.95
C CYS F 1217 74.96 -78.93 -30.69
N GLY F 1218 74.36 -77.75 -30.86
CA GLY F 1218 73.96 -76.93 -29.75
C GLY F 1218 74.44 -75.50 -29.85
N LEU F 1219 75.66 -75.32 -30.36
CA LEU F 1219 76.21 -73.97 -30.47
C LEU F 1219 75.47 -73.15 -31.52
N GLN F 1220 75.26 -73.72 -32.70
CA GLN F 1220 74.61 -72.99 -33.78
C GLN F 1220 73.11 -72.87 -33.58
N GLU F 1221 72.51 -73.71 -32.74
CA GLU F 1221 71.08 -73.64 -32.48
C GLU F 1221 70.71 -72.59 -31.44
N GLY F 1222 71.69 -71.90 -30.86
CA GLY F 1222 71.43 -70.86 -29.90
C GLY F 1222 71.46 -71.29 -28.45
N PHE F 1223 71.81 -72.53 -28.16
CA PHE F 1223 71.89 -73.00 -26.79
C PHE F 1223 73.17 -72.51 -26.13
N GLU F 1224 73.11 -72.31 -24.83
CA GLU F 1224 74.27 -71.90 -24.05
C GLU F 1224 74.62 -72.96 -23.02
N PRO F 1225 75.89 -73.09 -22.66
CA PRO F 1225 76.25 -73.95 -21.53
C PRO F 1225 75.58 -73.46 -20.26
N PHE F 1226 75.21 -74.41 -19.41
CA PHE F 1226 74.40 -74.07 -18.24
C PHE F 1226 75.13 -73.12 -17.29
N ALA F 1227 76.45 -73.15 -17.27
CA ALA F 1227 77.24 -72.32 -16.36
C ALA F 1227 78.28 -71.53 -17.14
N ILE F 1228 77.84 -70.88 -18.23
CA ILE F 1228 78.78 -70.27 -19.16
C ILE F 1228 79.56 -69.14 -18.49
N ASN F 1229 78.87 -68.26 -17.77
CA ASN F 1229 79.51 -67.14 -17.10
C ASN F 1229 79.30 -67.28 -15.60
N MET F 1230 80.15 -68.09 -14.96
CA MET F 1230 80.13 -68.27 -13.52
C MET F 1230 81.55 -68.42 -13.04
N GLN F 1231 81.90 -67.69 -11.97
CA GLN F 1231 83.24 -67.76 -11.42
CA GLN F 1231 83.24 -67.75 -11.43
C GLN F 1231 83.49 -69.09 -10.74
N ARG F 1232 82.64 -69.44 -9.79
CA ARG F 1232 82.82 -70.69 -9.08
C ARG F 1232 82.03 -71.81 -9.74
N PRO F 1233 82.48 -73.05 -9.60
CA PRO F 1233 81.71 -74.18 -10.15
C PRO F 1233 80.35 -74.27 -9.48
N VAL F 1234 79.38 -74.78 -10.23
CA VAL F 1234 78.01 -74.87 -9.74
C VAL F 1234 77.96 -75.81 -8.54
N THR F 1235 77.34 -75.36 -7.46
CA THR F 1235 77.17 -76.19 -6.28
C THR F 1235 76.16 -77.30 -6.57
N THR F 1236 76.51 -78.53 -6.20
CA THR F 1236 75.65 -79.68 -6.43
C THR F 1236 75.22 -80.28 -5.11
N TRP F 1237 73.97 -80.71 -5.06
CA TRP F 1237 73.42 -81.44 -3.92
C TRP F 1237 73.18 -82.88 -4.33
N PHE F 1238 73.47 -83.82 -3.44
CA PHE F 1238 73.29 -85.23 -3.70
C PHE F 1238 72.35 -85.83 -2.67
N SER F 1239 71.73 -86.95 -3.04
CA SER F 1239 70.80 -87.64 -2.15
C SER F 1239 71.59 -88.53 -1.21
N LYS F 1240 71.67 -88.15 0.05
CA LYS F 1240 72.40 -88.91 1.06
C LYS F 1240 71.48 -89.94 1.67
N SER F 1241 71.86 -91.21 1.57
CA SER F 1241 71.04 -92.30 2.11
C SER F 1241 71.39 -92.60 3.57
N LEU F 1242 71.37 -91.57 4.40
CA LEU F 1242 71.52 -91.72 5.84
C LEU F 1242 70.19 -91.40 6.49
N PRO F 1243 69.48 -92.38 7.04
CA PRO F 1243 68.14 -92.11 7.56
C PRO F 1243 68.15 -91.07 8.67
N GLN F 1244 67.17 -90.17 8.62
CA GLN F 1244 67.04 -89.09 9.59
C GLN F 1244 65.58 -88.99 10.00
N PHE F 1245 65.36 -88.47 11.21
CA PHE F 1245 64.02 -88.25 11.71
C PHE F 1245 63.52 -86.89 11.26
N GLU F 1246 62.36 -86.86 10.63
CA GLU F 1246 61.73 -85.63 10.18
C GLU F 1246 60.28 -85.61 10.63
N PRO F 1247 59.70 -84.42 10.80
CA PRO F 1247 58.29 -84.35 11.19
C PRO F 1247 57.40 -85.02 10.18
N VAL F 1248 56.35 -85.69 10.67
CA VAL F 1248 55.38 -86.34 9.80
C VAL F 1248 54.66 -85.25 9.02
N PRO F 1249 54.68 -85.29 7.69
CA PRO F 1249 54.06 -84.22 6.90
C PRO F 1249 52.56 -84.13 7.19
N PRO F 1250 52.01 -82.93 7.23
CA PRO F 1250 50.56 -82.79 7.46
C PRO F 1250 49.72 -83.40 6.36
N GLU F 1251 50.27 -83.59 5.16
CA GLU F 1251 49.53 -84.11 4.02
C GLU F 1251 49.98 -85.52 3.64
N HIS F 1252 50.61 -86.24 4.57
CA HIS F 1252 51.12 -87.56 4.26
C HIS F 1252 49.97 -88.49 3.86
N PRO F 1253 50.08 -89.20 2.75
CA PRO F 1253 48.94 -90.00 2.27
C PRO F 1253 48.51 -91.11 3.20
N HIS F 1254 49.41 -91.67 4.00
CA HIS F 1254 49.09 -92.87 4.76
C HIS F 1254 49.08 -92.69 6.27
N TYR F 1255 49.84 -91.72 6.80
CA TYR F 1255 50.01 -91.58 8.23
C TYR F 1255 49.45 -90.24 8.69
N GLU F 1256 48.63 -90.27 9.73
CA GLU F 1256 48.03 -89.08 10.30
C GLU F 1256 48.31 -89.05 11.80
N VAL F 1257 48.77 -87.90 12.28
CA VAL F 1257 49.05 -87.70 13.70
C VAL F 1257 48.13 -86.60 14.21
N ALA F 1258 47.35 -86.92 15.24
CA ALA F 1258 46.38 -85.99 15.80
C ALA F 1258 46.73 -85.70 17.25
N ARG F 1259 46.65 -84.44 17.64
CA ARG F 1259 47.01 -84.00 18.98
C ARG F 1259 45.76 -83.95 19.84
N MET F 1260 45.62 -84.89 20.76
CA MET F 1260 44.52 -84.92 21.71
C MET F 1260 44.81 -84.00 22.88
N ASP F 1261 43.81 -83.22 23.29
CA ASP F 1261 43.93 -82.40 24.48
C ASP F 1261 43.75 -83.25 25.73
N GLY F 1262 44.17 -82.70 26.86
CA GLY F 1262 44.03 -83.40 28.12
C GLY F 1262 42.67 -83.24 28.76
N THR F 1263 41.94 -84.33 28.89
CA THR F 1263 40.64 -84.31 29.53
C THR F 1263 40.81 -84.50 31.04
N VAL F 1264 39.71 -84.69 31.75
CA VAL F 1264 39.78 -84.89 33.20
C VAL F 1264 40.41 -86.24 33.53
N ASP F 1265 40.13 -87.27 32.73
CA ASP F 1265 40.60 -88.61 33.00
C ASP F 1265 41.72 -89.07 32.08
N THR F 1266 42.11 -88.27 31.09
CA THR F 1266 43.16 -88.65 30.17
C THR F 1266 44.19 -87.54 30.07
N PRO F 1267 45.46 -87.89 29.84
CA PRO F 1267 46.48 -86.88 29.63
C PRO F 1267 46.54 -86.45 28.18
N PRO F 1268 47.29 -85.40 27.86
CA PRO F 1268 47.48 -85.06 26.44
C PRO F 1268 48.17 -86.20 25.70
N CYS F 1269 47.76 -86.40 24.45
CA CYS F 1269 48.21 -87.55 23.69
C CYS F 1269 48.55 -87.13 22.26
N LEU F 1270 49.36 -87.96 21.62
CA LEU F 1270 49.71 -87.83 20.21
C LEU F 1270 49.35 -89.15 19.55
N ARG F 1271 48.21 -89.20 18.86
CA ARG F 1271 47.67 -90.44 18.33
C ARG F 1271 48.03 -90.58 16.86
N LEU F 1272 48.43 -91.79 16.48
CA LEU F 1272 48.78 -92.12 15.10
C LEU F 1272 47.68 -92.98 14.49
N ALA F 1273 47.29 -92.64 13.26
CA ALA F 1273 46.26 -93.39 12.54
C ALA F 1273 46.72 -93.66 11.12
N HIS F 1274 46.32 -94.81 10.59
CA HIS F 1274 46.63 -95.18 9.21
C HIS F 1274 45.50 -94.68 8.32
N ARG F 1275 45.82 -93.71 7.46
CA ARG F 1275 44.78 -93.07 6.65
C ARG F 1275 44.12 -94.05 5.69
N THR F 1276 44.91 -94.89 5.05
CA THR F 1276 44.40 -95.75 3.97
C THR F 1276 44.43 -97.22 4.33
N TRP F 1277 44.28 -97.57 5.61
CA TRP F 1277 44.33 -98.96 6.01
C TRP F 1277 43.16 -99.73 5.41
N GLY F 1278 43.45 -100.95 4.95
CA GLY F 1278 42.46 -101.81 4.34
C GLY F 1278 42.20 -101.53 2.88
N SER F 1279 42.35 -100.29 2.45
CA SER F 1279 42.09 -99.92 1.07
C SER F 1279 43.20 -100.40 0.15
N GLN F 1280 42.87 -100.52 -1.13
CA GLN F 1280 43.86 -100.87 -2.13
C GLN F 1280 44.89 -99.74 -2.23
N ASN F 1281 46.16 -100.13 -2.33
CA ASN F 1281 47.37 -99.31 -2.37
C ASN F 1281 47.85 -98.89 -1.00
N SER F 1282 47.27 -99.44 0.07
CA SER F 1282 47.72 -99.13 1.42
C SER F 1282 49.19 -99.50 1.59
N LEU F 1283 49.93 -98.62 2.25
CA LEU F 1283 51.35 -98.83 2.52
C LEU F 1283 51.49 -99.40 3.92
N VAL F 1284 51.95 -100.64 4.01
CA VAL F 1284 52.14 -101.33 5.28
C VAL F 1284 53.61 -101.71 5.38
N GLU F 1285 54.35 -101.01 6.21
CA GLU F 1285 55.78 -101.26 6.39
C GLU F 1285 56.17 -100.77 7.78
N MET F 1286 57.36 -101.19 8.22
CA MET F 1286 57.85 -100.80 9.53
C MET F 1286 57.93 -99.28 9.64
N LEU F 1287 57.44 -98.76 10.75
CA LEU F 1287 57.36 -97.33 10.99
C LEU F 1287 58.20 -96.98 12.21
N PHE F 1288 59.11 -96.02 12.05
CA PHE F 1288 60.01 -95.60 13.12
C PHE F 1288 59.62 -94.19 13.54
N LEU F 1289 59.08 -94.07 14.75
CA LEU F 1289 58.61 -92.79 15.25
C LEU F 1289 59.40 -92.39 16.49
N ARG F 1290 59.54 -91.09 16.68
CA ARG F 1290 60.14 -90.55 17.90
C ARG F 1290 59.57 -89.17 18.15
N LEU F 1291 59.65 -88.75 19.40
CA LEU F 1291 59.25 -87.40 19.75
C LEU F 1291 60.37 -86.42 19.45
N SER F 1292 59.99 -85.20 19.09
CA SER F 1292 60.94 -84.23 18.55
C SER F 1292 61.90 -83.69 19.61
N LEU F 1293 61.67 -83.96 20.89
CA LEU F 1293 62.54 -83.39 21.91
C LEU F 1293 63.07 -84.48 22.83
N PRO F 1294 64.31 -84.37 23.28
CA PRO F 1294 64.90 -85.39 24.13
C PRO F 1294 64.78 -85.06 25.61
N VAL F 1295 65.17 -86.03 26.44
CA VAL F 1295 65.36 -85.84 27.87
C VAL F 1295 66.82 -86.11 28.17
N GLN F 1296 67.46 -85.17 28.87
CA GLN F 1296 68.89 -85.24 29.12
C GLN F 1296 69.14 -85.66 30.57
N PHE F 1297 69.91 -86.72 30.74
CA PHE F 1297 70.27 -87.17 32.07
C PHE F 1297 71.23 -86.18 32.73
N HIS F 1298 71.17 -86.13 34.06
CA HIS F 1298 71.93 -85.14 34.80
C HIS F 1298 73.43 -85.35 34.61
N GLN F 1299 74.17 -84.25 34.73
CA GLN F 1299 75.61 -84.31 34.52
C GLN F 1299 76.30 -85.19 35.56
N HIS F 1300 75.86 -85.13 36.81
CA HIS F 1300 76.41 -85.96 37.87
C HIS F 1300 75.30 -86.79 38.48
N PHE F 1301 75.58 -88.06 38.72
CA PHE F 1301 74.61 -88.97 39.30
C PHE F 1301 74.71 -88.98 40.82
N ARG F 1302 73.59 -89.26 41.47
CA ARG F 1302 73.57 -89.35 42.93
C ARG F 1302 74.41 -90.51 43.40
N CYS F 1303 75.06 -90.31 44.56
CA CYS F 1303 75.88 -91.36 45.14
C CYS F 1303 75.02 -92.53 45.59
N THR F 1304 75.50 -93.74 45.34
CA THR F 1304 74.80 -94.98 45.68
C THR F 1304 73.38 -95.00 45.13
N ASP F 1419 41.38 -90.56 46.26
CA ASP F 1419 42.62 -91.29 46.46
C ASP F 1419 43.61 -91.00 45.34
N ASN F 1420 44.81 -91.57 45.45
CA ASN F 1420 45.86 -91.42 44.44
C ASN F 1420 46.25 -89.95 44.27
N ARG F 1421 46.63 -89.30 45.35
CA ARG F 1421 47.10 -87.92 45.30
C ARG F 1421 48.63 -87.92 45.31
N ASP F 1422 49.22 -86.80 44.91
CA ASP F 1422 50.67 -86.70 44.91
C ASP F 1422 51.16 -85.95 46.14
N ASP F 1423 52.12 -86.55 46.83
CA ASP F 1423 52.76 -85.90 47.95
C ASP F 1423 53.59 -84.73 47.43
N PRO F 1424 53.30 -83.49 47.82
CA PRO F 1424 54.02 -82.36 47.21
C PRO F 1424 55.52 -82.37 47.44
N GLU F 1425 55.96 -82.74 48.65
CA GLU F 1425 57.39 -82.72 48.92
C GLU F 1425 58.14 -83.76 48.08
N ILE F 1426 57.52 -84.92 47.86
CA ILE F 1426 58.14 -85.94 47.01
C ILE F 1426 58.11 -85.49 45.55
N ILE F 1427 56.98 -84.97 45.09
CA ILE F 1427 56.83 -84.64 43.68
C ILE F 1427 57.71 -83.46 43.28
N LEU F 1428 58.02 -82.56 44.23
CA LEU F 1428 58.88 -81.43 43.90
C LEU F 1428 60.36 -81.74 44.05
N ASN F 1429 60.72 -82.94 44.51
CA ASN F 1429 62.12 -83.32 44.64
C ASN F 1429 62.49 -84.55 43.81
N THR F 1430 61.51 -85.19 43.16
CA THR F 1430 61.79 -86.39 42.39
C THR F 1430 62.56 -86.06 41.12
N THR F 1431 63.29 -87.05 40.61
CA THR F 1431 63.97 -86.94 39.33
C THR F 1431 63.53 -88.03 38.36
N THR F 1432 62.43 -88.72 38.64
CA THR F 1432 61.91 -89.77 37.79
C THR F 1432 60.81 -89.19 36.90
N TYR F 1433 60.84 -89.53 35.62
CA TYR F 1433 59.89 -89.02 34.64
C TYR F 1433 59.27 -90.18 33.90
N TYR F 1434 58.03 -89.97 33.45
CA TYR F 1434 57.20 -91.05 32.96
C TYR F 1434 56.51 -90.65 31.66
N TYR F 1435 56.35 -91.63 30.77
CA TYR F 1435 55.48 -91.52 29.62
C TYR F 1435 55.09 -92.92 29.19
N SER F 1436 53.88 -93.05 28.64
CA SER F 1436 53.32 -94.34 28.30
C SER F 1436 52.84 -94.31 26.86
N VAL F 1437 52.79 -95.51 26.26
CA VAL F 1437 52.31 -95.70 24.90
C VAL F 1437 51.16 -96.69 24.94
N ARG F 1438 50.03 -96.30 24.36
CA ARG F 1438 48.83 -97.14 24.33
C ARG F 1438 48.75 -97.80 22.96
N VAL F 1439 48.85 -99.12 22.94
CA VAL F 1439 48.70 -99.89 21.72
C VAL F 1439 47.22 -100.27 21.60
N PHE F 1440 46.52 -99.64 20.67
CA PHE F 1440 45.09 -99.82 20.55
C PHE F 1440 44.73 -101.26 20.18
N ALA F 1441 43.58 -101.71 20.68
CA ALA F 1441 43.10 -103.04 20.34
C ALA F 1441 42.93 -103.19 18.84
N GLY F 1442 43.44 -104.29 18.30
CA GLY F 1442 43.52 -104.52 16.87
C GLY F 1442 44.93 -104.38 16.33
N GLN F 1443 45.74 -103.52 16.93
CA GLN F 1443 47.14 -103.43 16.59
C GLN F 1443 47.91 -104.50 17.35
N GLU F 1444 48.56 -105.39 16.63
CA GLU F 1444 49.22 -106.53 17.26
C GLU F 1444 50.38 -106.05 18.12
N PRO F 1445 50.41 -106.40 19.42
CA PRO F 1445 51.56 -106.01 20.24
C PRO F 1445 52.87 -106.61 19.78
N SER F 1446 52.82 -107.73 19.05
CA SER F 1446 54.03 -108.34 18.54
C SER F 1446 54.74 -107.47 17.50
N CYS F 1447 54.07 -106.45 16.97
CA CYS F 1447 54.63 -105.56 15.97
C CYS F 1447 54.93 -104.17 16.53
N VAL F 1448 55.04 -104.05 17.85
CA VAL F 1448 55.25 -102.76 18.50
C VAL F 1448 56.46 -102.86 19.42
N TRP F 1449 57.38 -101.91 19.28
CA TRP F 1449 58.51 -101.75 20.20
C TRP F 1449 58.44 -100.36 20.80
N VAL F 1450 58.58 -100.27 22.12
CA VAL F 1450 58.41 -99.02 22.85
C VAL F 1450 59.67 -98.78 23.67
N GLY F 1451 60.18 -97.55 23.62
CA GLY F 1451 61.34 -97.20 24.40
C GLY F 1451 61.93 -95.85 24.07
N TRP F 1452 63.26 -95.77 24.03
CA TRP F 1452 63.98 -94.53 23.77
C TRP F 1452 65.07 -94.79 22.75
N VAL F 1453 65.45 -93.73 22.04
CA VAL F 1453 66.56 -93.77 21.09
C VAL F 1453 67.48 -92.59 21.35
N THR F 1454 68.78 -92.83 21.23
CA THR F 1454 69.76 -91.77 21.30
C THR F 1454 69.80 -91.00 19.99
N PRO F 1455 70.31 -89.77 19.99
CA PRO F 1455 70.29 -88.96 18.76
C PRO F 1455 71.10 -89.51 17.60
N ASP F 1456 71.74 -90.66 17.74
CA ASP F 1456 72.53 -91.25 16.66
C ASP F 1456 71.92 -92.56 16.17
N TYR F 1457 70.59 -92.62 16.09
CA TYR F 1457 69.89 -93.78 15.54
C TYR F 1457 69.56 -93.51 14.08
N HIS F 1458 70.13 -94.31 13.19
CA HIS F 1458 69.91 -94.16 11.75
C HIS F 1458 69.70 -95.53 11.11
N GLN F 1459 68.94 -96.39 11.77
CA GLN F 1459 68.76 -97.77 11.35
C GLN F 1459 67.34 -97.96 10.84
N HIS F 1460 67.17 -97.83 9.52
CA HIS F 1460 65.88 -97.95 8.87
C HIS F 1460 65.69 -99.37 8.34
N ASP F 1461 65.57 -100.30 9.29
CA ASP F 1461 65.50 -101.72 8.97
C ASP F 1461 64.05 -102.14 8.83
N MET F 1462 63.69 -102.73 7.69
CA MET F 1462 62.32 -103.17 7.46
C MET F 1462 62.02 -104.52 8.10
N ASN F 1463 63.03 -105.22 8.62
CA ASN F 1463 62.81 -106.46 9.35
C ASN F 1463 63.31 -106.30 10.77
N PHE F 1464 62.96 -105.18 11.40
CA PHE F 1464 63.54 -104.82 12.67
C PHE F 1464 63.10 -105.75 13.80
N ASP F 1465 64.05 -106.09 14.67
CA ASP F 1465 63.75 -106.71 15.95
C ASP F 1465 64.89 -106.34 16.89
N LEU F 1466 64.74 -106.69 18.17
CA LEU F 1466 65.70 -106.25 19.17
C LEU F 1466 67.09 -106.83 18.96
N SER F 1467 67.22 -107.84 18.12
CA SER F 1467 68.54 -108.36 17.78
C SER F 1467 69.32 -107.45 16.84
N LYS F 1468 68.62 -106.57 16.12
CA LYS F 1468 69.28 -105.64 15.20
C LYS F 1468 69.83 -104.41 15.90
N VAL F 1469 69.51 -104.20 17.17
CA VAL F 1469 69.93 -103.00 17.87
C VAL F 1469 71.44 -103.00 18.03
N ARG F 1470 72.07 -101.88 17.70
CA ARG F 1470 73.50 -101.74 17.88
C ARG F 1470 73.86 -101.83 19.37
N ALA F 1471 74.92 -102.58 19.67
CA ALA F 1471 75.38 -102.72 21.04
C ALA F 1471 76.89 -102.93 21.03
N VAL F 1472 77.53 -102.54 22.12
CA VAL F 1472 78.96 -102.72 22.29
C VAL F 1472 79.27 -102.53 23.77
N THR F 1473 80.23 -103.32 24.26
CA THR F 1473 80.67 -103.23 25.64
C THR F 1473 82.12 -102.79 25.67
N VAL F 1474 82.40 -101.69 26.36
CA VAL F 1474 83.75 -101.18 26.54
C VAL F 1474 84.21 -101.57 27.93
N THR F 1475 85.26 -102.40 28.00
CA THR F 1475 85.75 -102.95 29.24
C THR F 1475 87.15 -102.42 29.53
N MET F 1476 87.33 -101.85 30.71
CA MET F 1476 88.61 -101.33 31.15
C MET F 1476 89.14 -102.16 32.31
N GLY F 1477 90.46 -102.35 32.33
CA GLY F 1477 91.10 -103.13 33.37
C GLY F 1477 92.42 -102.51 33.78
N ASP F 1478 93.02 -103.09 34.81
CA ASP F 1478 94.30 -102.63 35.30
C ASP F 1478 95.43 -103.36 34.57
N GLU F 1479 96.64 -103.29 35.11
CA GLU F 1479 97.80 -103.87 34.45
C GLU F 1479 97.63 -105.36 34.17
N GLN F 1480 96.91 -106.07 35.03
CA GLN F 1480 96.69 -107.51 34.87
C GLN F 1480 95.19 -107.81 35.01
N GLY F 1481 94.48 -107.71 33.90
CA GLY F 1481 93.05 -108.04 33.90
C GLY F 1481 92.30 -107.15 34.88
N ASN F 1482 91.59 -107.78 35.81
CA ASN F 1482 90.91 -107.11 36.91
C ASN F 1482 90.02 -105.97 36.40
N VAL F 1483 88.99 -106.37 35.66
CA VAL F 1483 88.02 -105.46 35.09
C VAL F 1483 87.43 -104.57 36.19
N HIS F 1484 87.64 -103.26 36.06
CA HIS F 1484 87.09 -102.29 37.00
C HIS F 1484 86.04 -101.40 36.39
N SER F 1485 85.76 -101.55 35.09
CA SER F 1485 84.74 -100.75 34.43
C SER F 1485 84.32 -101.47 33.16
N SER F 1486 83.02 -101.76 33.05
CA SER F 1486 82.47 -102.45 31.87
C SER F 1486 81.17 -101.75 31.50
N LEU F 1487 81.27 -100.77 30.62
CA LEU F 1487 80.11 -100.00 30.19
C LEU F 1487 79.48 -100.62 28.95
N LYS F 1488 78.15 -100.57 28.90
CA LYS F 1488 77.38 -101.08 27.77
C LYS F 1488 76.78 -99.90 27.02
N CYS F 1489 77.00 -99.87 25.70
CA CYS F 1489 76.57 -98.76 24.87
C CYS F 1489 75.57 -99.23 23.83
N SER F 1490 74.63 -98.36 23.48
CA SER F 1490 73.64 -98.65 22.46
C SER F 1490 73.01 -97.35 22.00
N ASN F 1491 72.10 -97.45 21.04
CA ASN F 1491 71.33 -96.31 20.57
C ASN F 1491 69.84 -96.54 20.62
N CYS F 1492 69.39 -97.73 21.05
CA CYS F 1492 67.97 -98.06 21.05
C CYS F 1492 67.69 -98.86 22.31
N TYR F 1493 67.05 -98.23 23.29
CA TYR F 1493 66.68 -98.87 24.55
C TYR F 1493 65.18 -99.07 24.54
N MET F 1494 64.75 -100.22 24.01
CA MET F 1494 63.33 -100.48 23.78
C MET F 1494 62.96 -101.81 24.39
N VAL F 1495 61.65 -102.01 24.57
CA VAL F 1495 61.08 -103.28 24.97
C VAL F 1495 60.12 -103.73 23.88
N TRP F 1496 59.99 -105.04 23.74
CA TRP F 1496 59.13 -105.63 22.73
C TRP F 1496 57.72 -105.79 23.28
N GLY F 1497 56.73 -105.37 22.50
CA GLY F 1497 55.35 -105.54 22.91
C GLY F 1497 54.90 -106.98 23.01
N GLY F 1498 55.61 -107.90 22.34
CA GLY F 1498 55.29 -109.30 22.42
C GLY F 1498 55.70 -109.98 23.71
N ASP F 1499 56.46 -109.30 24.54
CA ASP F 1499 56.83 -109.81 25.86
C ASP F 1499 55.73 -109.58 26.90
N PHE F 1500 54.66 -108.87 26.53
CA PHE F 1500 53.64 -108.47 27.49
C PHE F 1500 52.28 -109.03 27.12
N VAL F 1501 52.25 -110.09 26.32
CA VAL F 1501 51.01 -110.76 25.94
C VAL F 1501 51.05 -112.19 26.47
N SER F 1502 50.02 -112.55 27.22
CA SER F 1502 49.95 -113.91 27.75
C SER F 1502 49.74 -114.91 26.62
N PRO F 1503 50.35 -116.10 26.72
CA PRO F 1503 50.19 -117.08 25.64
C PRO F 1503 48.81 -117.72 25.63
N GLY F 1504 47.78 -116.93 25.34
CA GLY F 1504 46.43 -117.47 25.30
C GLY F 1504 46.21 -118.36 24.09
N GLN F 1505 45.12 -119.12 24.14
CA GLN F 1505 44.78 -120.01 23.04
C GLN F 1505 44.57 -119.22 21.75
N GLN F 1506 43.79 -118.16 21.82
CA GLN F 1506 43.57 -117.25 20.71
C GLN F 1506 43.01 -115.96 21.31
N GLY F 1507 42.50 -115.06 20.46
CA GLY F 1507 42.08 -113.77 20.94
C GLY F 1507 43.22 -112.83 21.20
N ARG F 1508 44.31 -112.95 20.43
CA ARG F 1508 45.45 -112.06 20.59
C ARG F 1508 45.06 -110.62 20.33
N ILE F 1509 44.01 -110.39 19.54
CA ILE F 1509 43.42 -109.06 19.41
C ILE F 1509 42.53 -108.88 20.63
N SER F 1510 43.10 -108.35 21.70
CA SER F 1510 42.40 -108.30 22.98
C SER F 1510 41.37 -107.19 23.00
N HIS F 1511 40.44 -107.30 23.94
CA HIS F 1511 39.49 -106.21 24.18
C HIS F 1511 40.19 -105.01 24.81
N THR F 1512 41.30 -105.25 25.50
CA THR F 1512 41.99 -104.21 26.26
C THR F 1512 43.24 -103.77 25.51
N ASP F 1513 43.40 -102.45 25.41
CA ASP F 1513 44.62 -101.90 24.81
C ASP F 1513 45.81 -102.15 25.72
N LEU F 1514 46.96 -102.39 25.10
CA LEU F 1514 48.21 -102.53 25.85
C LEU F 1514 48.79 -101.16 26.11
N VAL F 1515 49.12 -100.87 27.36
CA VAL F 1515 49.62 -99.56 27.78
C VAL F 1515 50.99 -99.79 28.41
N ILE F 1516 52.03 -99.65 27.60
CA ILE F 1516 53.40 -99.82 28.07
C ILE F 1516 53.90 -98.49 28.60
N GLY F 1517 54.40 -98.48 29.83
CA GLY F 1517 54.91 -97.27 30.45
C GLY F 1517 56.42 -97.30 30.57
N CYS F 1518 57.04 -96.13 30.47
CA CYS F 1518 58.49 -95.99 30.50
C CYS F 1518 58.88 -95.02 31.60
N LEU F 1519 59.86 -95.41 32.42
CA LEU F 1519 60.34 -94.60 33.52
C LEU F 1519 61.83 -94.36 33.34
N VAL F 1520 62.25 -93.11 33.53
CA VAL F 1520 63.65 -92.73 33.47
C VAL F 1520 63.98 -91.91 34.70
N ASP F 1521 65.08 -92.23 35.35
CA ASP F 1521 65.58 -91.48 36.50
C ASP F 1521 66.80 -90.71 36.04
N LEU F 1522 66.64 -89.40 35.82
CA LEU F 1522 67.71 -88.60 35.25
C LEU F 1522 68.88 -88.42 36.22
N ALA F 1523 68.69 -88.73 37.49
CA ALA F 1523 69.75 -88.59 38.47
C ALA F 1523 70.51 -89.88 38.73
N THR F 1524 70.07 -91.01 38.18
CA THR F 1524 70.76 -92.28 38.35
C THR F 1524 71.02 -93.03 37.06
N GLY F 1525 70.40 -92.62 35.95
CA GLY F 1525 70.61 -93.32 34.69
C GLY F 1525 69.92 -94.64 34.57
N LEU F 1526 68.90 -94.90 35.38
CA LEU F 1526 68.21 -96.18 35.39
C LEU F 1526 66.86 -96.05 34.70
N MET F 1527 66.55 -97.00 33.83
CA MET F 1527 65.34 -96.99 33.03
C MET F 1527 64.56 -98.27 33.26
N THR F 1528 63.27 -98.14 33.55
CA THR F 1528 62.42 -99.30 33.82
C THR F 1528 61.13 -99.17 33.02
N PHE F 1529 60.42 -100.28 32.90
CA PHE F 1529 59.22 -100.36 32.08
C PHE F 1529 58.10 -101.07 32.82
N THR F 1530 56.87 -100.76 32.44
CA THR F 1530 55.68 -101.40 33.01
C THR F 1530 54.81 -101.93 31.87
N ALA F 1531 54.27 -103.12 32.06
CA ALA F 1531 53.47 -103.76 31.02
C ALA F 1531 52.04 -103.23 31.01
N ASN F 1532 51.33 -103.39 32.11
CA ASN F 1532 49.99 -102.84 32.28
C ASN F 1532 49.79 -102.39 33.72
N GLY F 1533 50.81 -101.75 34.28
CA GLY F 1533 50.86 -101.45 35.69
C GLY F 1533 51.77 -102.38 36.47
N LYS F 1534 52.17 -103.50 35.90
CA LYS F 1534 53.10 -104.43 36.54
C LYS F 1534 54.51 -104.17 36.01
N GLU F 1535 55.47 -104.07 36.93
CA GLU F 1535 56.84 -103.78 36.55
C GLU F 1535 57.41 -104.91 35.70
N SER F 1536 58.09 -104.54 34.62
CA SER F 1536 58.74 -105.50 33.75
C SER F 1536 60.13 -105.85 34.27
N ASN F 1537 60.66 -106.95 33.77
CA ASN F 1537 61.98 -107.41 34.20
C ASN F 1537 63.10 -106.59 33.55
N THR F 1538 62.90 -106.16 32.31
CA THR F 1538 63.96 -105.48 31.58
C THR F 1538 64.27 -104.11 32.17
N PHE F 1539 65.53 -103.72 32.12
CA PHE F 1539 65.98 -102.42 32.59
C PHE F 1539 67.28 -102.06 31.89
N PHE F 1540 67.60 -100.77 31.90
CA PHE F 1540 68.79 -100.27 31.23
C PHE F 1540 69.50 -99.27 32.14
N GLN F 1541 70.80 -99.13 31.92
CA GLN F 1541 71.63 -98.17 32.63
C GLN F 1541 72.39 -97.33 31.61
N VAL F 1542 72.36 -96.01 31.78
CA VAL F 1542 72.99 -95.11 30.84
C VAL F 1542 73.89 -94.14 31.59
N GLU F 1543 74.88 -93.62 30.87
CA GLU F 1543 75.85 -92.68 31.40
C GLU F 1543 75.26 -91.28 31.52
N PRO F 1544 75.87 -90.42 32.33
CA PRO F 1544 75.38 -89.05 32.44
C PRO F 1544 75.51 -88.29 31.13
N ASN F 1545 74.72 -87.22 31.02
CA ASN F 1545 74.63 -86.36 29.84
C ASN F 1545 74.12 -87.10 28.62
N THR F 1546 73.30 -88.13 28.81
CA THR F 1546 72.74 -88.88 27.70
C THR F 1546 71.41 -88.30 27.27
N LYS F 1547 71.23 -88.14 25.97
CA LYS F 1547 69.99 -87.65 25.38
C LYS F 1547 69.17 -88.83 24.88
N LEU F 1548 67.92 -88.92 25.31
CA LEU F 1548 67.02 -89.99 24.89
C LEU F 1548 65.74 -89.39 24.34
N PHE F 1549 65.34 -89.84 23.17
CA PHE F 1549 64.10 -89.42 22.55
C PHE F 1549 63.04 -90.50 22.74
N PRO F 1550 61.85 -90.16 23.24
CA PRO F 1550 60.78 -91.18 23.31
C PRO F 1550 60.41 -91.65 21.92
N ALA F 1551 60.59 -92.95 21.68
CA ALA F 1551 60.43 -93.50 20.36
C ALA F 1551 59.59 -94.78 20.40
N VAL F 1552 58.83 -95.00 19.34
CA VAL F 1552 58.04 -96.20 19.16
C VAL F 1552 58.25 -96.71 17.73
N PHE F 1553 58.66 -97.97 17.60
CA PHE F 1553 58.80 -98.62 16.31
C PHE F 1553 57.66 -99.60 16.15
N VAL F 1554 56.87 -99.43 15.09
CA VAL F 1554 55.63 -100.21 14.93
C VAL F 1554 55.45 -100.59 13.47
N LEU F 1555 54.92 -101.79 13.24
CA LEU F 1555 54.43 -102.20 11.94
C LEU F 1555 52.92 -102.19 11.99
N PRO F 1556 52.25 -101.26 11.33
CA PRO F 1556 50.80 -101.11 11.53
C PRO F 1556 50.02 -102.35 11.12
N THR F 1557 49.02 -102.69 11.93
CA THR F 1557 48.08 -103.75 11.60
C THR F 1557 46.64 -103.32 11.83
N HIS F 1558 46.37 -102.03 11.95
CA HIS F 1558 45.04 -101.53 12.27
C HIS F 1558 44.98 -100.06 11.88
N GLN F 1559 43.76 -99.53 11.78
CA GLN F 1559 43.61 -98.11 11.49
C GLN F 1559 44.15 -97.26 12.63
N ASN F 1560 43.85 -97.63 13.87
CA ASN F 1560 44.43 -97.00 15.04
C ASN F 1560 45.66 -97.80 15.46
N VAL F 1561 46.81 -97.14 15.51
CA VAL F 1561 48.07 -97.86 15.69
C VAL F 1561 48.60 -97.72 17.11
N ILE F 1562 49.00 -96.51 17.48
CA ILE F 1562 49.60 -96.26 18.78
C ILE F 1562 49.14 -94.90 19.29
N GLN F 1563 49.57 -94.54 20.50
CA GLN F 1563 49.22 -93.25 21.09
C GLN F 1563 50.26 -92.91 22.14
N PHE F 1564 51.06 -91.89 21.87
CA PHE F 1564 51.96 -91.36 22.90
C PHE F 1564 51.13 -90.70 23.98
N GLU F 1565 51.26 -91.18 25.21
CA GLU F 1565 50.51 -90.62 26.34
C GLU F 1565 51.50 -89.87 27.23
N LEU F 1566 51.43 -88.54 27.19
CA LEU F 1566 52.38 -87.69 27.91
C LEU F 1566 51.84 -87.34 29.29
N GLY F 1567 51.52 -88.38 30.04
CA GLY F 1567 50.95 -88.24 31.37
C GLY F 1567 51.97 -88.41 32.47
N LYS F 1568 51.48 -88.79 33.65
CA LYS F 1568 52.33 -88.96 34.81
C LYS F 1568 51.77 -90.08 35.67
N GLN F 1569 52.54 -90.45 36.69
CA GLN F 1569 52.13 -91.41 37.70
C GLN F 1569 52.19 -90.75 39.07
N LYS F 1570 51.86 -91.52 40.10
CA LYS F 1570 51.92 -91.00 41.46
C LYS F 1570 53.36 -90.69 41.84
N ASN F 1571 53.60 -89.43 42.22
CA ASN F 1571 54.93 -88.97 42.64
C ASN F 1571 55.97 -89.13 41.55
N ILE F 1572 55.57 -89.04 40.29
CA ILE F 1572 56.49 -89.08 39.16
C ILE F 1572 56.08 -87.97 38.19
N MET F 1573 57.04 -87.15 37.80
CA MET F 1573 56.74 -86.01 36.94
C MET F 1573 56.58 -86.44 35.48
N PRO F 1574 55.82 -85.69 34.70
CA PRO F 1574 55.64 -86.01 33.28
C PRO F 1574 56.86 -85.59 32.47
N LEU F 1575 56.81 -85.91 31.17
CA LEU F 1575 57.95 -85.62 30.30
C LEU F 1575 58.12 -84.13 30.06
N SER F 1576 57.03 -83.36 30.12
CA SER F 1576 57.15 -81.92 29.91
C SER F 1576 58.00 -81.25 30.99
N ALA F 1577 58.06 -81.83 32.18
CA ALA F 1577 58.91 -81.29 33.23
C ALA F 1577 60.38 -81.46 32.90
N ALA F 1578 60.75 -82.57 32.28
CA ALA F 1578 62.13 -82.83 31.91
C ALA F 1578 62.55 -82.16 30.61
N MET F 1579 61.62 -82.01 29.66
CA MET F 1579 61.95 -81.44 28.37
C MET F 1579 62.14 -79.94 28.41
N PHE F 1580 61.40 -79.22 29.25
CA PHE F 1580 61.38 -77.77 29.24
C PHE F 1580 61.83 -77.24 30.59
N LEU F 1581 62.74 -76.26 30.57
CA LEU F 1581 63.28 -75.69 31.80
C LEU F 1581 62.21 -74.98 32.60
N SER F 1582 61.33 -74.24 31.92
CA SER F 1582 60.30 -73.46 32.62
C SER F 1582 59.28 -74.33 33.32
N GLU F 1583 59.24 -75.64 33.04
CA GLU F 1583 58.28 -76.55 33.65
C GLU F 1583 58.95 -77.57 34.56
N ARG F 1584 60.17 -77.28 35.05
CA ARG F 1584 60.88 -78.24 35.88
C ARG F 1584 60.11 -78.56 37.15
N LYS F 1585 59.31 -77.62 37.65
CA LYS F 1585 58.54 -77.81 38.87
C LYS F 1585 57.05 -77.83 38.61
N ASN F 1586 56.64 -78.11 37.37
CA ASN F 1586 55.22 -78.12 37.02
C ASN F 1586 54.77 -79.57 36.87
N PRO F 1587 54.03 -80.13 37.82
CA PRO F 1587 53.60 -81.52 37.69
C PRO F 1587 52.44 -81.73 36.72
N ALA F 1588 51.83 -80.67 36.24
CA ALA F 1588 50.72 -80.81 35.30
C ALA F 1588 51.24 -81.23 33.93
N PRO F 1589 50.78 -82.34 33.37
CA PRO F 1589 51.27 -82.75 32.05
C PRO F 1589 50.96 -81.72 30.98
N GLN F 1590 51.89 -81.55 30.05
CA GLN F 1590 51.73 -80.60 28.95
C GLN F 1590 52.26 -81.21 27.67
N CYS F 1591 51.70 -80.76 26.54
CA CYS F 1591 52.19 -81.11 25.22
C CYS F 1591 52.32 -79.83 24.41
N PRO F 1592 53.43 -79.09 24.59
CA PRO F 1592 53.60 -77.83 23.88
C PRO F 1592 53.75 -78.04 22.39
N PRO F 1593 53.49 -77.02 21.58
CA PRO F 1593 53.52 -77.20 20.12
C PRO F 1593 54.87 -77.65 19.57
N ARG F 1594 55.96 -77.39 20.29
CA ARG F 1594 57.26 -77.83 19.81
C ARG F 1594 57.39 -79.35 19.86
N LEU F 1595 56.69 -79.99 20.79
CA LEU F 1595 56.72 -81.44 20.91
C LEU F 1595 55.81 -82.03 19.84
N GLU F 1596 56.38 -82.87 18.97
CA GLU F 1596 55.62 -83.45 17.87
C GLU F 1596 56.25 -84.77 17.47
N VAL F 1597 55.49 -85.57 16.75
CA VAL F 1597 55.93 -86.89 16.33
C VAL F 1597 56.76 -86.77 15.06
N GLN F 1598 57.91 -87.43 15.05
CA GLN F 1598 58.80 -87.45 13.90
C GLN F 1598 58.92 -88.88 13.38
N MET F 1599 59.13 -89.00 12.07
CA MET F 1599 59.26 -90.29 11.40
C MET F 1599 60.60 -90.37 10.70
N LEU F 1600 61.08 -91.60 10.50
CA LEU F 1600 62.41 -91.82 9.94
C LEU F 1600 62.34 -91.85 8.42
N MET F 1601 62.93 -90.85 7.78
CA MET F 1601 63.03 -90.80 6.33
C MET F 1601 64.35 -91.41 5.90
N PRO F 1602 64.36 -92.33 4.93
CA PRO F 1602 65.62 -92.99 4.58
C PRO F 1602 66.59 -92.12 3.81
N VAL F 1603 66.11 -91.23 2.94
CA VAL F 1603 66.97 -90.45 2.07
C VAL F 1603 66.68 -88.97 2.27
N SER F 1604 67.73 -88.16 2.26
CA SER F 1604 67.60 -86.72 2.37
C SER F 1604 68.60 -86.04 1.44
N TRP F 1605 68.34 -84.77 1.15
CA TRP F 1605 69.25 -83.99 0.32
C TRP F 1605 70.42 -83.48 1.15
N SER F 1606 71.62 -83.55 0.58
CA SER F 1606 72.82 -83.08 1.25
C SER F 1606 73.66 -82.31 0.25
N ARG F 1607 74.43 -81.35 0.75
CA ARG F 1607 75.20 -80.46 -0.10
C ARG F 1607 76.63 -80.99 -0.25
N MET F 1608 77.06 -81.15 -1.49
CA MET F 1608 78.41 -81.62 -1.74
C MET F 1608 79.40 -80.51 -1.43
N PRO F 1609 80.45 -80.79 -0.66
CA PRO F 1609 81.46 -79.76 -0.39
C PRO F 1609 82.12 -79.29 -1.68
N ASN F 1610 82.50 -78.02 -1.69
CA ASN F 1610 83.14 -77.46 -2.87
C ASN F 1610 84.55 -78.01 -3.06
N HIS F 1611 85.24 -78.33 -1.97
CA HIS F 1611 86.58 -78.90 -2.06
C HIS F 1611 86.68 -80.09 -1.13
N PHE F 1612 87.54 -81.03 -1.50
CA PHE F 1612 87.70 -82.29 -0.77
C PHE F 1612 89.17 -82.48 -0.42
N LEU F 1613 89.41 -83.26 0.63
CA LEU F 1613 90.77 -83.50 1.08
C LEU F 1613 91.56 -84.27 0.02
N GLN F 1614 92.80 -83.85 -0.19
CA GLN F 1614 93.69 -84.51 -1.14
C GLN F 1614 94.48 -85.58 -0.40
N VAL F 1615 94.12 -86.84 -0.60
CA VAL F 1615 94.75 -87.97 0.07
C VAL F 1615 95.58 -88.73 -0.94
N GLU F 1616 96.85 -88.95 -0.62
CA GLU F 1616 97.77 -89.68 -1.48
C GLU F 1616 98.02 -91.06 -0.86
N THR F 1617 97.68 -92.10 -1.60
CA THR F 1617 97.88 -93.47 -1.16
C THR F 1617 98.82 -94.17 -2.13
N ARG F 1618 99.84 -94.83 -1.59
CA ARG F 1618 100.80 -95.55 -2.42
C ARG F 1618 101.43 -96.65 -1.60
N ARG F 1619 102.01 -97.62 -2.30
CA ARG F 1619 102.76 -98.70 -1.66
C ARG F 1619 104.19 -98.25 -1.47
N ALA F 1620 104.59 -98.03 -0.21
CA ALA F 1620 105.92 -97.51 0.07
C ALA F 1620 107.00 -98.55 -0.16
N GLY F 1621 106.67 -99.83 -0.11
CA GLY F 1621 107.65 -100.87 -0.32
C GLY F 1621 107.20 -102.18 0.30
N GLU F 1622 108.08 -103.17 0.20
CA GLU F 1622 107.77 -104.49 0.75
C GLU F 1622 107.74 -104.47 2.26
N ARG F 1623 108.67 -103.73 2.88
CA ARG F 1623 108.71 -103.65 4.34
C ARG F 1623 107.96 -102.46 4.90
N LEU F 1624 107.94 -101.33 4.18
CA LEU F 1624 107.31 -100.13 4.69
C LEU F 1624 105.79 -100.20 4.65
N GLY F 1625 105.21 -100.98 3.74
CA GLY F 1625 103.77 -101.12 3.69
C GLY F 1625 103.13 -100.10 2.76
N TRP F 1626 101.89 -99.74 3.08
CA TRP F 1626 101.10 -98.82 2.28
C TRP F 1626 100.96 -97.50 3.02
N ALA F 1627 101.30 -96.41 2.35
CA ALA F 1627 101.38 -95.10 2.97
C ALA F 1627 100.13 -94.27 2.68
N VAL F 1628 99.66 -93.55 3.70
CA VAL F 1628 98.55 -92.61 3.58
C VAL F 1628 99.05 -91.24 3.99
N GLN F 1629 98.75 -90.24 3.18
CA GLN F 1629 99.28 -88.90 3.38
C GLN F 1629 98.22 -87.86 3.05
N CYS F 1630 98.12 -86.83 3.90
CA CYS F 1630 97.22 -85.71 3.67
C CYS F 1630 97.81 -84.48 4.33
N GLN F 1631 98.06 -83.44 3.55
CA GLN F 1631 98.78 -82.27 4.04
C GLN F 1631 98.00 -80.98 4.00
N ASP F 1632 97.21 -80.75 2.95
CA ASP F 1632 96.53 -79.47 2.79
C ASP F 1632 95.29 -79.41 3.69
N PRO F 1633 95.19 -78.42 4.57
CA PRO F 1633 94.04 -78.34 5.47
C PRO F 1633 92.76 -77.92 4.74
N LEU F 1634 91.63 -78.31 5.30
CA LEU F 1634 90.33 -77.89 4.82
C LEU F 1634 89.39 -77.70 6.01
N THR F 1635 88.67 -76.59 6.00
CA THR F 1635 87.81 -76.22 7.12
C THR F 1635 86.43 -75.86 6.58
N MET F 1636 85.40 -76.19 7.34
CA MET F 1636 84.04 -75.80 7.00
C MET F 1636 83.36 -75.20 8.23
N MET F 1637 82.44 -74.27 7.98
CA MET F 1637 81.66 -73.65 9.04
C MET F 1637 80.45 -74.52 9.31
N ALA F 1638 80.41 -75.13 10.49
CA ALA F 1638 79.36 -76.07 10.85
C ALA F 1638 78.25 -75.36 11.61
N LEU F 1639 77.01 -75.69 11.26
CA LEU F 1639 75.84 -75.23 11.99
C LEU F 1639 75.33 -76.39 12.85
N HIS F 1640 75.28 -76.18 14.17
CA HIS F 1640 74.97 -77.24 15.11
C HIS F 1640 73.54 -77.08 15.60
N ILE F 1641 72.78 -78.16 15.56
CA ILE F 1641 71.45 -78.21 16.14
C ILE F 1641 71.58 -78.84 17.52
N PRO F 1642 71.38 -78.09 18.61
CA PRO F 1642 71.74 -78.62 19.94
C PRO F 1642 70.94 -79.84 20.36
N GLU F 1643 69.60 -79.79 20.27
CA GLU F 1643 68.79 -80.89 20.79
C GLU F 1643 68.97 -82.17 19.99
N GLU F 1644 69.29 -82.07 18.71
CA GLU F 1644 69.53 -83.25 17.89
C GLU F 1644 70.98 -83.70 17.92
N ASN F 1645 71.88 -82.91 18.49
CA ASN F 1645 73.29 -83.27 18.62
C ASN F 1645 73.90 -83.65 17.28
N ARG F 1646 73.53 -82.91 16.24
CA ARG F 1646 74.09 -83.09 14.91
C ARG F 1646 74.41 -81.73 14.31
N CYS F 1647 75.31 -81.73 13.34
CA CYS F 1647 75.71 -80.50 12.68
C CYS F 1647 75.60 -80.66 11.18
N MET F 1648 75.46 -79.52 10.50
CA MET F 1648 75.43 -79.47 9.04
C MET F 1648 76.30 -78.31 8.58
N ASP F 1649 76.66 -78.34 7.30
CA ASP F 1649 77.36 -77.21 6.73
C ASP F 1649 76.45 -75.99 6.73
N ILE F 1650 77.01 -74.84 7.13
CA ILE F 1650 76.22 -73.63 7.16
C ILE F 1650 75.82 -73.20 5.76
N LEU F 1651 76.52 -73.69 4.74
CA LEU F 1651 76.16 -73.38 3.37
C LEU F 1651 74.91 -74.14 2.92
N GLU F 1652 74.46 -75.12 3.70
CA GLU F 1652 73.19 -75.77 3.41
C GLU F 1652 72.01 -74.86 3.68
N LEU F 1653 72.22 -73.73 4.35
CA LEU F 1653 71.14 -72.79 4.60
C LEU F 1653 70.72 -72.03 3.35
N SER F 1654 71.37 -72.27 2.22
CA SER F 1654 70.92 -71.68 0.97
C SER F 1654 69.66 -72.37 0.46
N GLU F 1655 69.34 -73.55 0.98
CA GLU F 1655 68.12 -74.25 0.64
C GLU F 1655 67.19 -74.49 1.82
N ARG F 1656 67.70 -74.41 3.05
CA ARG F 1656 66.88 -74.55 4.24
C ARG F 1656 66.50 -73.14 4.69
N LEU F 1657 65.44 -72.61 4.10
CA LEU F 1657 65.12 -71.20 4.23
C LEU F 1657 64.62 -70.85 5.63
N ASP F 1658 63.90 -71.76 6.29
CA ASP F 1658 63.43 -71.48 7.64
C ASP F 1658 64.60 -71.34 8.60
N LEU F 1659 65.56 -72.26 8.53
CA LEU F 1659 66.76 -72.13 9.34
C LEU F 1659 67.57 -70.89 8.96
N GLN F 1660 67.61 -70.56 7.66
CA GLN F 1660 68.32 -69.36 7.25
C GLN F 1660 67.71 -68.11 7.88
N ARG F 1661 66.38 -68.00 7.84
CA ARG F 1661 65.72 -66.85 8.45
C ARG F 1661 65.95 -66.81 9.95
N PHE F 1662 65.83 -67.96 10.62
CA PHE F 1662 66.03 -67.99 12.05
C PHE F 1662 67.45 -67.58 12.42
N HIS F 1663 68.45 -68.04 11.65
CA HIS F 1663 69.83 -67.70 11.97
C HIS F 1663 70.14 -66.24 11.66
N SER F 1664 69.55 -65.70 10.59
CA SER F 1664 69.72 -64.29 10.30
C SER F 1664 69.14 -63.43 11.42
N HIS F 1665 67.96 -63.80 11.91
CA HIS F 1665 67.39 -63.06 13.03
C HIS F 1665 68.17 -63.29 14.32
N THR F 1666 68.82 -64.44 14.46
CA THR F 1666 69.73 -64.66 15.58
C THR F 1666 70.91 -63.69 15.52
N LEU F 1667 71.47 -63.50 14.33
CA LEU F 1667 72.54 -62.52 14.17
C LEU F 1667 72.04 -61.11 14.47
N ARG F 1668 70.81 -60.82 14.05
CA ARG F 1668 70.21 -59.52 14.37
C ARG F 1668 70.09 -59.33 15.88
N LEU F 1669 69.69 -60.38 16.60
CA LEU F 1669 69.60 -60.30 18.04
C LEU F 1669 70.98 -60.13 18.68
N TYR F 1670 71.99 -60.79 18.11
CA TYR F 1670 73.36 -60.60 18.58
C TYR F 1670 73.78 -59.15 18.44
N ARG F 1671 73.45 -58.53 17.32
CA ARG F 1671 73.77 -57.12 17.14
C ARG F 1671 72.96 -56.25 18.08
N ALA F 1672 71.72 -56.62 18.36
CA ALA F 1672 70.86 -55.80 19.22
C ALA F 1672 71.33 -55.82 20.66
N VAL F 1673 71.74 -56.99 21.17
CA VAL F 1673 72.09 -57.07 22.58
C VAL F 1673 73.36 -56.28 22.89
N CYS F 1674 74.27 -56.16 21.94
CA CYS F 1674 75.49 -55.39 22.12
C CYS F 1674 75.42 -54.01 21.48
N ALA F 1675 74.24 -53.56 21.08
CA ALA F 1675 74.11 -52.31 20.37
C ALA F 1675 74.37 -51.13 21.30
N LEU F 1676 74.90 -50.05 20.72
CA LEU F 1676 75.07 -48.76 21.38
C LEU F 1676 75.97 -48.88 22.62
N GLY F 1677 77.13 -49.47 22.41
CA GLY F 1677 78.19 -49.41 23.40
C GLY F 1677 78.12 -50.41 24.53
N ASN F 1678 77.47 -51.55 24.33
CA ASN F 1678 77.43 -52.59 25.36
C ASN F 1678 78.65 -53.50 25.18
N ASN F 1679 79.80 -52.99 25.60
CA ASN F 1679 81.06 -53.69 25.39
C ASN F 1679 81.15 -54.98 26.19
N ARG F 1680 80.53 -55.04 27.36
CA ARG F 1680 80.50 -56.28 28.12
C ARG F 1680 79.77 -57.38 27.35
N VAL F 1681 78.62 -57.04 26.77
CA VAL F 1681 77.88 -58.01 25.96
C VAL F 1681 78.65 -58.36 24.69
N ALA F 1682 79.36 -57.39 24.12
CA ALA F 1682 80.19 -57.72 22.95
C ALA F 1682 81.30 -58.70 23.31
N HIS F 1683 81.94 -58.51 24.46
CA HIS F 1683 82.92 -59.48 24.93
C HIS F 1683 82.29 -60.84 25.13
N ALA F 1684 81.08 -60.89 25.69
CA ALA F 1684 80.39 -62.16 25.84
C ALA F 1684 80.11 -62.81 24.49
N LEU F 1685 79.68 -62.02 23.50
CA LEU F 1685 79.42 -62.52 22.16
C LEU F 1685 80.67 -63.03 21.46
N CYS F 1686 81.84 -62.50 21.81
CA CYS F 1686 83.07 -63.02 21.23
C CYS F 1686 83.29 -64.49 21.56
N SER F 1687 82.64 -65.02 22.59
CA SER F 1687 82.72 -66.43 22.91
C SER F 1687 81.78 -67.29 22.07
N HIS F 1688 80.80 -66.70 21.41
CA HIS F 1688 79.85 -67.43 20.60
C HIS F 1688 80.18 -67.40 19.11
N VAL F 1689 80.47 -66.22 18.58
CA VAL F 1689 80.95 -66.07 17.21
C VAL F 1689 82.36 -65.51 17.31
N ASP F 1690 83.35 -66.38 17.16
CA ASP F 1690 84.74 -65.99 17.41
C ASP F 1690 85.33 -65.27 16.19
N GLN F 1691 86.54 -64.75 16.39
CA GLN F 1691 87.19 -63.97 15.35
C GLN F 1691 87.50 -64.82 14.13
N ALA F 1692 87.89 -66.08 14.33
CA ALA F 1692 88.13 -66.96 13.19
C ALA F 1692 86.86 -67.17 12.38
N GLN F 1693 85.72 -67.38 13.04
CA GLN F 1693 84.46 -67.53 12.33
C GLN F 1693 84.11 -66.27 11.56
N LEU F 1694 84.29 -65.10 12.19
CA LEU F 1694 83.95 -63.86 11.50
C LEU F 1694 84.82 -63.65 10.28
N LEU F 1695 86.13 -63.87 10.42
CA LEU F 1695 87.04 -63.69 9.29
C LEU F 1695 86.76 -64.70 8.19
N HIS F 1696 86.41 -65.93 8.55
CA HIS F 1696 86.03 -66.91 7.54
C HIS F 1696 84.76 -66.48 6.80
N ALA F 1697 83.77 -65.99 7.54
CA ALA F 1697 82.51 -65.59 6.92
C ALA F 1697 82.68 -64.39 6.01
N LEU F 1698 83.63 -63.51 6.32
CA LEU F 1698 83.85 -62.36 5.43
C LEU F 1698 84.29 -62.81 4.04
N GLU F 1699 85.17 -63.80 3.96
CA GLU F 1699 85.68 -64.26 2.68
C GLU F 1699 84.88 -65.40 2.07
N ASP F 1700 83.93 -65.98 2.80
CA ASP F 1700 83.15 -67.09 2.27
C ASP F 1700 82.31 -66.61 1.10
N ALA F 1701 82.51 -67.22 -0.07
CA ALA F 1701 81.83 -66.79 -1.29
C ALA F 1701 80.51 -67.52 -1.52
N HIS F 1702 80.22 -68.58 -0.79
CA HIS F 1702 78.99 -69.33 -0.97
C HIS F 1702 77.96 -69.06 0.11
N LEU F 1703 78.22 -68.13 1.02
CA LEU F 1703 77.24 -67.80 2.04
C LEU F 1703 76.01 -67.17 1.40
N PRO F 1704 74.82 -67.50 1.89
CA PRO F 1704 73.63 -66.76 1.45
C PRO F 1704 73.75 -65.29 1.84
N GLY F 1705 73.12 -64.44 1.02
CA GLY F 1705 73.20 -63.02 1.19
C GLY F 1705 72.83 -62.50 2.57
N PRO F 1706 71.69 -62.93 3.11
CA PRO F 1706 71.35 -62.52 4.48
C PRO F 1706 72.40 -62.88 5.51
N LEU F 1707 72.98 -64.08 5.42
CA LEU F 1707 74.00 -64.47 6.39
C LEU F 1707 75.29 -63.69 6.19
N ARG F 1708 75.67 -63.43 4.94
CA ARG F 1708 76.86 -62.64 4.67
C ARG F 1708 76.72 -61.24 5.24
N ALA F 1709 75.59 -60.58 4.97
CA ALA F 1709 75.35 -59.25 5.51
C ALA F 1709 75.29 -59.29 7.03
N GLY F 1710 74.64 -60.30 7.61
CA GLY F 1710 74.53 -60.38 9.05
C GLY F 1710 75.87 -60.56 9.73
N TYR F 1711 76.76 -61.37 9.13
CA TYR F 1711 78.07 -61.57 9.73
C TYR F 1711 78.96 -60.34 9.57
N TYR F 1712 78.89 -59.64 8.44
CA TYR F 1712 79.61 -58.38 8.33
C TYR F 1712 79.14 -57.38 9.37
N ASP F 1713 77.82 -57.23 9.51
CA ASP F 1713 77.30 -56.30 10.50
C ASP F 1713 77.59 -56.75 11.92
N LEU F 1714 77.67 -58.06 12.16
CA LEU F 1714 78.02 -58.56 13.49
C LEU F 1714 79.47 -58.24 13.82
N LEU F 1715 80.37 -58.40 12.86
CA LEU F 1715 81.76 -58.00 13.09
C LEU F 1715 81.84 -56.51 13.40
N ILE F 1716 81.12 -55.69 12.63
CA ILE F 1716 81.16 -54.25 12.87
C ILE F 1716 80.61 -53.92 14.26
N SER F 1717 79.50 -54.55 14.65
CA SER F 1717 78.88 -54.25 15.93
C SER F 1717 79.76 -54.68 17.09
N ILE F 1718 80.36 -55.87 16.99
CA ILE F 1718 81.16 -56.38 18.11
C ILE F 1718 82.45 -55.58 18.25
N HIS F 1719 83.13 -55.30 17.14
CA HIS F 1719 84.49 -54.80 17.23
C HIS F 1719 84.67 -53.35 16.82
N LEU F 1720 83.80 -52.79 15.98
CA LEU F 1720 84.06 -51.49 15.38
C LEU F 1720 83.02 -50.43 15.68
N GLU F 1721 81.81 -50.81 16.08
CA GLU F 1721 80.72 -49.83 16.15
C GLU F 1721 80.99 -48.75 17.18
N SER F 1722 81.40 -49.12 18.39
CA SER F 1722 81.60 -48.13 19.44
C SER F 1722 82.73 -47.18 19.12
N ALA F 1723 83.87 -47.70 18.68
CA ALA F 1723 85.00 -46.85 18.33
C ALA F 1723 84.66 -45.94 17.16
N CYS F 1724 83.98 -46.47 16.15
CA CYS F 1724 83.59 -45.65 15.00
C CYS F 1724 82.66 -44.52 15.43
N ARG F 1725 81.68 -44.82 16.29
CA ARG F 1725 80.77 -43.78 16.74
C ARG F 1725 81.50 -42.72 17.56
N SER F 1726 82.38 -43.14 18.45
CA SER F 1726 83.11 -42.17 19.28
C SER F 1726 84.01 -41.29 18.41
N ARG F 1727 84.65 -41.87 17.39
CA ARG F 1727 85.50 -41.08 16.52
C ARG F 1727 84.66 -40.13 15.66
N ARG F 1728 83.54 -40.60 15.13
CA ARG F 1728 82.69 -39.76 14.31
C ARG F 1728 82.12 -38.60 15.09
N SER F 1729 81.84 -38.80 16.38
CA SER F 1729 81.41 -37.69 17.22
C SER F 1729 82.48 -36.61 17.30
N MET F 1730 83.74 -37.01 17.39
CA MET F 1730 84.85 -36.08 17.52
C MET F 1730 85.32 -35.52 16.18
N LEU F 1731 84.87 -36.08 15.05
CA LEU F 1731 85.35 -35.60 13.76
C LEU F 1731 84.76 -34.25 13.36
N SER F 1732 83.78 -33.74 14.09
CA SER F 1732 83.14 -32.48 13.70
C SER F 1732 83.86 -31.26 14.26
N GLU F 1733 84.85 -31.43 15.12
CA GLU F 1733 85.60 -30.33 15.69
C GLU F 1733 87.06 -30.43 15.28
N TYR F 1734 87.71 -29.27 15.18
CA TYR F 1734 89.09 -29.18 14.71
C TYR F 1734 89.91 -28.41 15.73
N ILE F 1735 90.52 -29.14 16.67
CA ILE F 1735 91.43 -28.58 17.64
C ILE F 1735 92.84 -28.81 17.12
N VAL F 1736 93.47 -27.77 16.60
CA VAL F 1736 94.73 -27.89 15.88
C VAL F 1736 95.86 -27.40 16.79
N PRO F 1737 96.75 -28.27 17.24
CA PRO F 1737 97.93 -27.81 17.98
C PRO F 1737 98.87 -27.03 17.08
N LEU F 1738 99.60 -26.09 17.68
CA LEU F 1738 100.54 -25.26 16.95
C LEU F 1738 101.93 -25.90 17.01
N THR F 1739 102.05 -27.02 16.31
CA THR F 1739 103.26 -27.81 16.23
C THR F 1739 103.92 -27.64 14.86
N PRO F 1740 105.20 -27.96 14.74
CA PRO F 1740 105.87 -27.85 13.44
C PRO F 1740 105.20 -28.66 12.33
N GLU F 1741 104.65 -29.82 12.66
CA GLU F 1741 103.89 -30.58 11.68
C GLU F 1741 102.71 -29.78 11.17
N THR F 1742 102.01 -29.08 12.07
CA THR F 1742 100.96 -28.17 11.64
C THR F 1742 101.50 -27.05 10.77
N ARG F 1743 102.65 -26.48 11.15
CA ARG F 1743 103.22 -25.39 10.39
CA ARG F 1743 103.23 -25.38 10.38
C ARG F 1743 103.53 -25.80 8.96
N ALA F 1744 103.99 -27.04 8.77
CA ALA F 1744 104.34 -27.52 7.44
C ALA F 1744 103.13 -27.71 6.52
N ILE F 1745 101.92 -27.65 7.04
CA ILE F 1745 100.73 -27.95 6.24
C ILE F 1745 100.47 -26.80 5.27
N THR F 1746 100.17 -27.15 4.02
CA THR F 1746 99.82 -26.19 2.98
C THR F 1746 98.59 -26.67 2.24
N LEU F 1747 97.88 -25.73 1.63
CA LEU F 1747 96.65 -26.05 0.91
C LEU F 1747 96.91 -26.98 -0.26
N PHE F 1748 97.95 -26.69 -1.05
CA PHE F 1748 98.30 -27.50 -2.20
C PHE F 1748 99.68 -28.13 -1.96
N PRO F 1749 99.94 -29.28 -2.58
CA PRO F 1749 101.27 -29.87 -2.47
C PRO F 1749 102.30 -28.95 -3.11
N PRO F 1750 103.53 -28.95 -2.60
CA PRO F 1750 104.56 -28.09 -3.21
C PRO F 1750 104.87 -28.51 -4.64
N GLY F 1751 104.67 -27.59 -5.58
CA GLY F 1751 104.83 -27.91 -6.98
C GLY F 1751 104.99 -26.66 -7.83
N ARG F 1752 104.85 -26.84 -9.14
CA ARG F 1752 105.13 -25.80 -10.12
C ARG F 1752 103.99 -25.62 -11.12
N LYS F 1753 102.78 -26.07 -10.79
CA LYS F 1753 101.67 -25.93 -11.72
C LYS F 1753 101.27 -24.47 -11.89
N GLY F 1754 100.90 -23.82 -10.79
CA GLY F 1754 100.50 -22.42 -10.84
C GLY F 1754 100.61 -21.78 -9.48
N GLY F 1755 101.04 -20.51 -9.47
CA GLY F 1755 101.16 -19.80 -8.20
C GLY F 1755 99.84 -19.60 -7.51
N ASN F 1756 98.79 -19.25 -8.26
CA ASN F 1756 97.47 -19.08 -7.66
C ASN F 1756 96.88 -20.41 -7.23
N ALA F 1757 97.19 -21.49 -7.95
CA ALA F 1757 96.64 -22.80 -7.64
C ALA F 1757 97.49 -23.87 -8.29
N ARG F 1758 98.01 -24.79 -7.47
CA ARG F 1758 98.62 -26.01 -7.99
C ARG F 1758 97.52 -27.02 -8.23
N ARG F 1759 97.89 -28.27 -8.47
CA ARG F 1759 96.90 -29.34 -8.61
C ARG F 1759 96.48 -29.83 -7.24
N HIS F 1760 95.21 -30.17 -7.11
CA HIS F 1760 94.70 -30.70 -5.86
C HIS F 1760 95.40 -32.01 -5.50
N GLY F 1761 95.75 -32.15 -4.23
CA GLY F 1761 96.25 -33.42 -3.75
C GLY F 1761 95.13 -34.43 -3.60
N LEU F 1762 95.52 -35.68 -3.35
CA LEU F 1762 94.53 -36.72 -3.15
C LEU F 1762 93.81 -36.50 -1.82
N PRO F 1763 92.48 -36.48 -1.81
CA PRO F 1763 91.76 -36.30 -0.55
C PRO F 1763 92.03 -37.43 0.42
N GLY F 1764 92.15 -37.08 1.70
CA GLY F 1764 92.46 -38.05 2.72
C GLY F 1764 93.92 -38.45 2.79
N VAL F 1765 94.78 -37.85 1.98
CA VAL F 1765 96.19 -38.18 1.92
C VAL F 1765 96.99 -36.96 2.33
N GLY F 1766 97.85 -37.13 3.32
CA GLY F 1766 98.69 -36.05 3.79
C GLY F 1766 98.79 -36.06 5.30
N VAL F 1767 99.19 -34.93 5.85
CA VAL F 1767 99.40 -34.77 7.28
C VAL F 1767 98.20 -34.04 7.86
N THR F 1768 97.57 -34.64 8.87
CA THR F 1768 96.51 -34.03 9.63
C THR F 1768 96.91 -34.02 11.09
N THR F 1769 96.73 -32.88 11.75
CA THR F 1769 97.18 -32.71 13.13
C THR F 1769 96.04 -32.44 14.11
N SER F 1770 94.80 -32.36 13.63
CA SER F 1770 93.68 -32.13 14.53
C SER F 1770 93.57 -33.26 15.55
N LEU F 1771 93.28 -32.90 16.79
CA LEU F 1771 93.29 -33.86 17.88
C LEU F 1771 92.07 -34.77 17.82
N ARG F 1772 92.33 -36.07 17.88
CA ARG F 1772 91.29 -37.09 17.98
C ARG F 1772 91.72 -38.13 19.01
N PRO F 1773 90.87 -38.48 19.96
CA PRO F 1773 91.24 -39.49 20.96
C PRO F 1773 91.50 -40.84 20.32
N PRO F 1774 92.50 -41.58 20.81
CA PRO F 1774 92.80 -42.88 20.23
C PRO F 1774 91.77 -43.92 20.62
N HIS F 1775 91.73 -44.99 19.83
CA HIS F 1775 90.85 -46.10 20.13
C HIS F 1775 91.42 -46.95 21.24
N HIS F 1776 90.53 -47.51 22.07
CA HIS F 1776 90.91 -48.38 23.16
C HIS F 1776 90.18 -49.69 23.05
N PHE F 1777 90.92 -50.80 23.10
CA PHE F 1777 90.36 -52.14 22.99
C PHE F 1777 90.94 -53.02 24.08
N SER F 1778 90.17 -54.05 24.45
CA SER F 1778 90.61 -55.03 25.41
C SER F 1778 90.59 -56.41 24.78
N PRO F 1779 91.62 -57.22 25.00
CA PRO F 1779 91.66 -58.56 24.42
C PRO F 1779 90.55 -59.43 24.96
N PRO F 1780 89.83 -60.15 24.09
CA PRO F 1780 88.78 -61.05 24.58
C PRO F 1780 89.38 -62.32 25.16
N CYS F 1781 89.31 -62.45 26.49
CA CYS F 1781 89.86 -63.60 27.18
C CYS F 1781 88.90 -64.01 28.27
N PHE F 1782 88.60 -65.30 28.35
CA PHE F 1782 87.61 -65.82 29.30
C PHE F 1782 88.24 -66.81 30.26
N VAL F 1783 89.50 -66.58 30.63
CA VAL F 1783 90.14 -67.36 31.68
C VAL F 1783 90.72 -66.40 32.70
N ALA F 1784 90.39 -65.11 32.55
CA ALA F 1784 90.87 -64.09 33.46
C ALA F 1784 90.10 -64.14 34.78
N ALA F 1785 90.77 -63.71 35.84
CA ALA F 1785 90.17 -63.75 37.17
C ALA F 1785 88.99 -62.79 37.26
N LEU F 1786 87.98 -63.20 38.00
CA LEU F 1786 86.78 -62.38 38.15
C LEU F 1786 87.10 -61.17 39.03
N PRO F 1787 86.80 -59.96 38.58
CA PRO F 1787 87.15 -58.75 39.36
C PRO F 1787 86.48 -58.75 40.73
N ALA F 1788 87.23 -58.32 41.74
CA ALA F 1788 86.68 -58.18 43.07
C ALA F 1788 85.78 -56.95 43.21
N ALA F 1789 85.85 -56.02 42.25
CA ALA F 1789 84.99 -54.84 42.30
C ALA F 1789 83.55 -55.22 42.00
N GLY F 1790 82.62 -54.59 42.71
CA GLY F 1790 81.21 -54.87 42.51
C GLY F 1790 80.66 -54.23 41.26
N VAL F 1791 79.39 -54.56 40.97
CA VAL F 1791 78.74 -53.99 39.80
C VAL F 1791 78.56 -52.48 40.00
N ALA F 1792 78.60 -51.75 38.88
CA ALA F 1792 78.50 -50.29 38.81
C ALA F 1792 79.68 -49.59 39.46
N GLU F 1793 80.67 -50.33 39.96
CA GLU F 1793 81.89 -49.73 40.52
C GLU F 1793 83.15 -50.12 39.76
N ALA F 1794 83.11 -51.22 39.01
CA ALA F 1794 84.24 -51.59 38.17
C ALA F 1794 84.34 -50.64 36.99
N PRO F 1795 85.54 -50.45 36.44
CA PRO F 1795 85.69 -49.57 35.27
C PRO F 1795 84.95 -50.13 34.07
N ALA F 1796 84.50 -49.21 33.20
CA ALA F 1796 83.72 -49.60 32.03
C ALA F 1796 84.56 -50.46 31.09
N ARG F 1797 83.90 -51.45 30.48
CA ARG F 1797 84.58 -52.36 29.58
C ARG F 1797 84.90 -51.68 28.26
N LEU F 1798 85.98 -52.12 27.62
CA LEU F 1798 86.35 -51.64 26.30
C LEU F 1798 85.90 -52.63 25.24
N SER F 1799 85.89 -52.18 23.99
CA SER F 1799 85.49 -53.04 22.90
C SER F 1799 86.52 -54.16 22.70
N PRO F 1800 86.06 -55.35 22.32
CA PRO F 1800 87.00 -56.45 22.05
C PRO F 1800 87.93 -56.11 20.91
N ALA F 1801 89.17 -56.59 21.01
CA ALA F 1801 90.20 -56.27 20.04
C ALA F 1801 90.19 -57.29 18.89
N ILE F 1802 90.37 -56.77 17.68
CA ILE F 1802 90.55 -57.61 16.49
C ILE F 1802 91.69 -56.98 15.69
N PRO F 1803 92.60 -57.76 15.10
CA PRO F 1803 93.72 -57.16 14.38
C PRO F 1803 93.30 -56.23 13.25
N LEU F 1804 93.54 -54.93 13.44
CA LEU F 1804 93.03 -53.93 12.52
C LEU F 1804 93.82 -53.89 11.22
N GLU F 1805 95.13 -54.11 11.29
CA GLU F 1805 95.94 -54.12 10.07
C GLU F 1805 95.54 -55.28 9.16
N ALA F 1806 95.42 -56.48 9.73
CA ALA F 1806 94.97 -57.62 8.95
C ALA F 1806 93.55 -57.40 8.44
N LEU F 1807 92.68 -56.84 9.27
CA LEU F 1807 91.31 -56.58 8.85
C LEU F 1807 91.25 -55.61 7.67
N ARG F 1808 92.05 -54.54 7.71
CA ARG F 1808 92.02 -53.57 6.63
C ARG F 1808 92.65 -54.13 5.36
N ASP F 1809 93.71 -54.93 5.48
CA ASP F 1809 94.27 -55.58 4.29
C ASP F 1809 93.25 -56.51 3.65
N LYS F 1810 92.55 -57.31 4.47
CA LYS F 1810 91.53 -58.20 3.94
C LYS F 1810 90.39 -57.43 3.30
N ALA F 1811 89.98 -56.31 3.92
CA ALA F 1811 88.90 -55.51 3.36
C ALA F 1811 89.29 -54.91 2.02
N LEU F 1812 90.53 -54.39 1.92
CA LEU F 1812 90.99 -53.84 0.65
C LEU F 1812 91.05 -54.90 -0.43
N ARG F 1813 91.58 -56.08 -0.10
CA ARG F 1813 91.65 -57.16 -1.08
C ARG F 1813 90.25 -57.60 -1.52
N MET F 1814 89.32 -57.71 -0.57
CA MET F 1814 87.96 -58.10 -0.90
C MET F 1814 87.29 -57.05 -1.78
N LEU F 1815 87.50 -55.77 -1.50
CA LEU F 1815 86.92 -54.72 -2.34
C LEU F 1815 87.48 -54.77 -3.75
N GLY F 1816 88.79 -54.96 -3.89
CA GLY F 1816 89.37 -55.08 -5.21
C GLY F 1816 88.84 -56.27 -5.98
N GLU F 1817 88.73 -57.42 -5.31
CA GLU F 1817 88.18 -58.60 -5.95
C GLU F 1817 86.73 -58.37 -6.35
N ALA F 1818 85.95 -57.69 -5.51
CA ALA F 1818 84.57 -57.41 -5.84
C ALA F 1818 84.46 -56.48 -7.04
N VAL F 1819 85.33 -55.48 -7.13
CA VAL F 1819 85.31 -54.58 -8.29
C VAL F 1819 85.64 -55.35 -9.56
N ARG F 1820 86.67 -56.21 -9.50
CA ARG F 1820 87.02 -57.00 -10.68
C ARG F 1820 85.89 -57.95 -11.07
N ASP F 1821 85.25 -58.58 -10.07
CA ASP F 1821 84.15 -59.49 -10.34
C ASP F 1821 82.98 -58.77 -10.98
N GLY F 1822 82.62 -57.59 -10.46
CA GLY F 1822 81.55 -56.82 -11.05
C GLY F 1822 81.86 -56.39 -12.46
N GLY F 1823 83.11 -56.01 -12.73
CA GLY F 1823 83.51 -55.74 -14.10
C GLY F 1823 83.39 -56.96 -14.99
N GLN F 1824 83.67 -58.15 -14.45
CA GLN F 1824 83.54 -59.39 -15.22
C GLN F 1824 82.11 -59.72 -15.58
N HIS F 1825 81.13 -59.21 -14.83
CA HIS F 1825 79.71 -59.47 -15.10
C HIS F 1825 79.38 -60.96 -15.04
N ALA F 1826 79.68 -61.58 -13.89
CA ALA F 1826 79.36 -62.98 -13.70
C ALA F 1826 77.88 -63.16 -13.41
N ARG F 1827 77.37 -64.36 -13.66
CA ARG F 1827 75.97 -64.65 -13.41
C ARG F 1827 75.70 -65.19 -12.02
N ASP F 1828 76.74 -65.39 -11.21
CA ASP F 1828 76.59 -65.84 -9.82
C ASP F 1828 77.40 -64.92 -8.92
N PRO F 1829 76.91 -63.70 -8.68
CA PRO F 1829 77.63 -62.79 -7.79
C PRO F 1829 77.62 -63.31 -6.37
N VAL F 1830 78.66 -62.91 -5.62
CA VAL F 1830 78.78 -63.35 -4.23
C VAL F 1830 77.60 -62.84 -3.44
N GLY F 1831 77.00 -63.72 -2.64
CA GLY F 1831 75.83 -63.39 -1.87
C GLY F 1831 74.52 -63.47 -2.62
N GLY F 1832 74.56 -63.82 -3.91
CA GLY F 1832 73.36 -63.95 -4.71
C GLY F 1832 72.97 -62.71 -5.47
N SER F 1833 73.58 -61.57 -5.19
CA SER F 1833 73.25 -60.34 -5.90
C SER F 1833 74.40 -59.35 -5.78
N VAL F 1834 74.39 -58.37 -6.66
CA VAL F 1834 75.40 -57.32 -6.63
C VAL F 1834 75.31 -56.54 -5.33
N GLU F 1835 74.08 -56.31 -4.85
CA GLU F 1835 73.90 -55.62 -3.58
C GLU F 1835 74.55 -56.41 -2.44
N PHE F 1836 74.25 -57.69 -2.33
CA PHE F 1836 74.84 -58.51 -1.28
C PHE F 1836 76.34 -58.67 -1.44
N GLN F 1837 76.87 -58.54 -2.66
CA GLN F 1837 78.31 -58.59 -2.85
C GLN F 1837 79.01 -57.31 -2.42
N PHE F 1838 78.42 -56.15 -2.70
CA PHE F 1838 79.12 -54.88 -2.51
C PHE F 1838 78.79 -54.18 -1.19
N VAL F 1839 77.53 -54.19 -0.75
CA VAL F 1839 77.15 -53.39 0.41
C VAL F 1839 77.93 -53.75 1.65
N PRO F 1840 78.09 -55.02 2.04
CA PRO F 1840 78.85 -55.31 3.27
C PRO F 1840 80.30 -54.87 3.20
N VAL F 1841 80.97 -55.10 2.08
CA VAL F 1841 82.37 -54.72 1.95
C VAL F 1841 82.52 -53.20 2.03
N LEU F 1842 81.63 -52.47 1.36
CA LEU F 1842 81.67 -51.02 1.42
C LEU F 1842 81.38 -50.51 2.82
N LYS F 1843 80.45 -51.15 3.54
CA LYS F 1843 80.21 -50.77 4.93
C LYS F 1843 81.47 -50.94 5.78
N LEU F 1844 82.14 -52.08 5.62
CA LEU F 1844 83.37 -52.33 6.37
C LEU F 1844 84.45 -51.31 6.03
N VAL F 1845 84.62 -51.01 4.74
CA VAL F 1845 85.64 -50.06 4.32
C VAL F 1845 85.33 -48.67 4.85
N SER F 1846 84.06 -48.26 4.79
CA SER F 1846 83.68 -46.95 5.31
C SER F 1846 83.92 -46.86 6.80
N THR F 1847 83.58 -47.93 7.54
CA THR F 1847 83.82 -47.92 8.97
C THR F 1847 85.31 -47.78 9.29
N LEU F 1848 86.15 -48.53 8.57
CA LEU F 1848 87.58 -48.44 8.81
C LEU F 1848 88.13 -47.08 8.41
N LEU F 1849 87.62 -46.49 7.32
CA LEU F 1849 88.05 -45.16 6.92
C LEU F 1849 87.72 -44.13 7.99
N VAL F 1850 86.50 -44.20 8.52
CA VAL F 1850 86.11 -43.25 9.56
C VAL F 1850 86.96 -43.45 10.81
N MET F 1851 87.21 -44.71 11.18
CA MET F 1851 88.08 -44.98 12.32
C MET F 1851 89.53 -44.57 12.07
N GLY F 1852 89.92 -44.37 10.81
CA GLY F 1852 91.27 -43.94 10.50
C GLY F 1852 92.28 -45.05 10.45
N ILE F 1853 91.85 -46.28 10.18
CA ILE F 1853 92.78 -47.40 10.14
C ILE F 1853 93.67 -47.32 8.90
N PHE F 1854 93.12 -46.90 7.77
CA PHE F 1854 93.84 -46.92 6.51
C PHE F 1854 94.94 -45.86 6.50
N GLY F 1855 96.09 -46.23 5.92
CA GLY F 1855 97.17 -45.30 5.68
C GLY F 1855 97.04 -44.62 4.34
N ASP F 1856 98.08 -43.87 3.98
CA ASP F 1856 98.06 -43.12 2.73
C ASP F 1856 98.00 -44.04 1.51
N GLU F 1857 98.78 -45.11 1.52
CA GLU F 1857 98.76 -46.05 0.40
C GLU F 1857 97.40 -46.72 0.28
N ASP F 1858 96.82 -47.10 1.42
CA ASP F 1858 95.48 -47.70 1.39
C ASP F 1858 94.45 -46.73 0.86
N VAL F 1859 94.54 -45.46 1.25
CA VAL F 1859 93.60 -44.46 0.76
C VAL F 1859 93.77 -44.27 -0.74
N LYS F 1860 95.02 -44.27 -1.21
CA LYS F 1860 95.27 -44.16 -2.64
C LYS F 1860 94.65 -45.35 -3.39
N GLN F 1861 94.79 -46.55 -2.85
CA GLN F 1861 94.17 -47.72 -3.48
C GLN F 1861 92.65 -47.58 -3.52
N ILE F 1862 92.05 -47.15 -2.42
CA ILE F 1862 90.60 -46.98 -2.38
C ILE F 1862 90.17 -45.96 -3.43
N LEU F 1863 90.94 -44.88 -3.58
CA LEU F 1863 90.63 -43.88 -4.59
C LEU F 1863 90.78 -44.47 -5.99
N LYS F 1864 91.75 -45.35 -6.20
CA LYS F 1864 91.88 -46.02 -7.49
C LYS F 1864 90.67 -46.88 -7.79
N MET F 1865 90.19 -47.64 -6.80
CA MET F 1865 88.98 -48.43 -7.02
C MET F 1865 87.77 -47.55 -7.29
N ILE F 1866 87.67 -46.41 -6.60
CA ILE F 1866 86.52 -45.52 -6.81
C ILE F 1866 86.56 -44.92 -8.21
N GLU F 1867 87.71 -44.39 -8.62
CA GLU F 1867 87.84 -43.76 -9.92
C GLU F 1867 89.31 -43.80 -10.37
N PRO F 1868 89.70 -44.77 -11.17
CA PRO F 1868 91.12 -44.90 -11.54
C PRO F 1868 91.66 -43.74 -12.35
N GLU F 1869 90.82 -42.97 -13.03
CA GLU F 1869 91.32 -41.91 -13.89
C GLU F 1869 91.49 -40.59 -13.15
N VAL F 1870 90.51 -40.20 -12.32
CA VAL F 1870 90.58 -38.93 -11.63
C VAL F 1870 91.67 -38.94 -10.57
N PHE F 1871 91.84 -40.07 -9.89
CA PHE F 1871 92.67 -40.14 -8.69
C PHE F 1871 94.03 -40.79 -8.93
N THR F 1872 94.65 -40.52 -10.07
CA THR F 1872 96.01 -40.94 -10.32
C THR F 1872 96.96 -39.79 -9.99
N GLU F 1873 97.90 -40.04 -9.09
CA GLU F 1873 98.83 -39.01 -8.66
C GLU F 1873 100.05 -38.97 -9.58
N GLU F 1874 100.71 -37.83 -9.61
CA GLU F 1874 101.91 -37.65 -10.41
C GLU F 1874 102.74 -36.47 -9.90
N LEU F 1922 89.82 -55.53 -16.60
CA LEU F 1922 88.92 -54.38 -16.54
C LEU F 1922 89.13 -53.61 -15.24
N GLU F 1923 89.75 -52.44 -15.33
CA GLU F 1923 90.09 -51.64 -14.15
C GLU F 1923 89.07 -50.53 -13.91
N GLU F 1924 87.91 -50.64 -14.55
CA GLU F 1924 86.86 -49.64 -14.41
C GLU F 1924 86.47 -49.47 -12.96
N GLY F 1925 86.30 -48.22 -12.55
CA GLY F 1925 86.07 -47.93 -11.16
C GLY F 1925 84.65 -48.22 -10.71
N LEU F 1926 84.43 -48.03 -9.41
CA LEU F 1926 83.11 -48.27 -8.84
C LEU F 1926 82.07 -47.31 -9.39
N LEU F 1927 82.43 -46.03 -9.58
CA LEU F 1927 81.45 -45.04 -10.00
C LEU F 1927 80.93 -45.27 -11.41
N GLN F 1928 81.55 -46.17 -12.18
CA GLN F 1928 81.11 -46.45 -13.54
C GLN F 1928 80.62 -47.88 -13.72
N MET F 1929 80.12 -48.51 -12.66
CA MET F 1929 79.74 -49.91 -12.69
C MET F 1929 78.24 -50.14 -12.72
N LYS F 1930 77.43 -49.08 -12.67
CA LYS F 1930 75.97 -49.19 -12.73
C LYS F 1930 75.44 -50.06 -11.60
N LEU F 1931 75.62 -49.57 -10.38
CA LEU F 1931 75.24 -50.28 -9.17
C LEU F 1931 73.82 -49.95 -8.77
N PRO F 1932 73.21 -50.79 -7.93
CA PRO F 1932 71.90 -50.44 -7.37
C PRO F 1932 71.97 -49.34 -6.32
N GLU F 1933 70.81 -49.00 -5.76
CA GLU F 1933 70.71 -47.81 -4.92
C GLU F 1933 71.41 -47.99 -3.57
N SER F 1934 71.41 -49.20 -3.02
CA SER F 1934 72.12 -49.41 -1.76
C SER F 1934 73.62 -49.22 -1.94
N VAL F 1935 74.18 -49.75 -3.03
CA VAL F 1935 75.59 -49.54 -3.31
C VAL F 1935 75.86 -48.07 -3.58
N LYS F 1936 74.93 -47.39 -4.25
CA LYS F 1936 75.08 -45.95 -4.45
C LYS F 1936 75.12 -45.20 -3.13
N LEU F 1937 74.28 -45.59 -2.17
CA LEU F 1937 74.30 -44.96 -0.86
C LEU F 1937 75.63 -45.18 -0.15
N GLN F 1938 76.18 -46.40 -0.25
CA GLN F 1938 77.49 -46.63 0.34
C GLN F 1938 78.58 -45.80 -0.32
N MET F 1939 78.52 -45.65 -1.65
CA MET F 1939 79.48 -44.78 -2.33
C MET F 1939 79.31 -43.34 -1.87
N CYS F 1940 78.07 -42.91 -1.62
CA CYS F 1940 77.84 -41.58 -1.08
C CYS F 1940 78.49 -41.43 0.29
N ASN F 1941 78.44 -42.47 1.12
CA ASN F 1941 79.12 -42.42 2.41
C ASN F 1941 80.63 -42.26 2.23
N LEU F 1942 81.22 -43.03 1.31
CA LEU F 1942 82.66 -42.89 1.07
C LEU F 1942 83.02 -41.49 0.61
N LEU F 1943 82.25 -40.96 -0.34
CA LEU F 1943 82.54 -39.63 -0.87
C LEU F 1943 82.32 -38.56 0.19
N GLU F 1944 81.35 -38.75 1.10
CA GLU F 1944 81.17 -37.80 2.18
C GLU F 1944 82.36 -37.84 3.13
N TYR F 1945 82.94 -39.02 3.34
CA TYR F 1945 84.17 -39.09 4.13
C TYR F 1945 85.28 -38.28 3.47
N PHE F 1946 85.46 -38.45 2.17
CA PHE F 1946 86.54 -37.72 1.51
C PHE F 1946 86.29 -36.22 1.47
N CYS F 1947 85.02 -35.82 1.35
CA CYS F 1947 84.69 -34.40 1.42
C CYS F 1947 84.98 -33.83 2.81
N ASP F 1948 84.68 -34.60 3.85
CA ASP F 1948 85.03 -34.18 5.20
C ASP F 1948 86.55 -34.04 5.35
N GLN F 1949 87.31 -34.95 4.74
CA GLN F 1949 88.76 -34.83 4.78
C GLN F 1949 89.23 -33.56 4.08
N GLU F 1950 88.63 -33.23 2.95
CA GLU F 1950 88.99 -31.98 2.26
C GLU F 1950 88.70 -30.77 3.13
N LEU F 1951 87.53 -30.75 3.79
CA LEU F 1951 87.19 -29.65 4.68
C LEU F 1951 88.19 -29.55 5.83
N GLN F 1952 88.55 -30.69 6.42
CA GLN F 1952 89.52 -30.69 7.50
C GLN F 1952 90.88 -30.18 7.04
N HIS F 1953 91.27 -30.56 5.83
CA HIS F 1953 92.53 -30.06 5.27
C HIS F 1953 92.50 -28.54 5.10
N ARG F 1954 91.37 -28.01 4.62
CA ARG F 1954 91.25 -26.56 4.50
C ARG F 1954 91.36 -25.88 5.86
N VAL F 1955 90.69 -26.44 6.87
CA VAL F 1955 90.74 -25.84 8.20
C VAL F 1955 92.17 -25.86 8.74
N GLU F 1956 92.86 -26.98 8.59
CA GLU F 1956 94.21 -27.08 9.12
C GLU F 1956 95.19 -26.20 8.37
N SER F 1957 95.02 -26.06 7.05
CA SER F 1957 95.85 -25.14 6.30
C SER F 1957 95.62 -23.70 6.73
N LEU F 1958 94.36 -23.34 6.98
CA LEU F 1958 94.06 -22.00 7.48
C LEU F 1958 94.71 -21.78 8.85
N ALA F 1959 94.67 -22.79 9.71
CA ALA F 1959 95.31 -22.66 11.02
C ALA F 1959 96.82 -22.50 10.90
N ALA F 1960 97.46 -23.26 10.00
CA ALA F 1960 98.89 -23.13 9.80
C ALA F 1960 99.26 -21.75 9.28
N PHE F 1961 98.53 -21.25 8.29
CA PHE F 1961 98.79 -19.91 7.82
C PHE F 1961 98.56 -18.88 8.91
N ALA F 1962 97.56 -19.11 9.76
CA ALA F 1962 97.35 -18.22 10.91
C ALA F 1962 98.58 -18.21 11.81
N GLU F 1963 99.15 -19.38 12.06
CA GLU F 1963 100.32 -19.47 12.91
C GLU F 1963 101.49 -18.69 12.33
N ARG F 1964 101.72 -18.81 11.03
CA ARG F 1964 102.84 -18.07 10.42
C ARG F 1964 102.56 -16.58 10.37
N TYR F 1965 101.35 -16.20 9.95
CA TYR F 1965 101.03 -14.79 9.77
C TYR F 1965 100.95 -14.06 11.10
N VAL F 1966 100.55 -14.74 12.17
CA VAL F 1966 100.53 -14.11 13.48
C VAL F 1966 101.93 -13.75 13.92
N ASP F 1967 102.89 -14.65 13.70
CA ASP F 1967 104.27 -14.35 14.04
C ASP F 1967 104.78 -13.14 13.24
N LYS F 1968 104.49 -13.12 11.93
CA LYS F 1968 104.92 -11.97 11.13
C LYS F 1968 104.27 -10.68 11.63
N LEU F 1969 102.96 -10.73 11.91
CA LEU F 1969 102.25 -9.53 12.37
C LEU F 1969 102.80 -9.03 13.70
N GLN F 1970 103.08 -9.96 14.63
CA GLN F 1970 103.59 -9.56 15.93
C GLN F 1970 104.97 -8.93 15.81
N ALA F 1971 105.84 -9.51 14.97
CA ALA F 1971 107.16 -8.91 14.77
C ALA F 1971 107.03 -7.51 14.18
N ASN F 1972 106.18 -7.35 13.16
CA ASN F 1972 106.02 -6.05 12.54
C ASN F 1972 105.44 -5.04 13.52
N GLN F 1973 104.47 -5.45 14.33
CA GLN F 1973 103.86 -4.53 15.29
C GLN F 1973 104.87 -4.11 16.36
N ARG F 1974 105.70 -5.05 16.81
CA ARG F 1974 106.74 -4.69 17.77
C ARG F 1974 107.71 -3.68 17.18
N SER F 1975 108.14 -3.89 15.94
CA SER F 1975 109.02 -2.92 15.29
C SER F 1975 108.33 -1.56 15.13
N ARG F 1976 107.05 -1.56 14.75
CA ARG F 1976 106.34 -0.31 14.55
C ARG F 1976 106.20 0.45 15.86
N TYR F 1977 105.90 -0.24 16.95
CA TYR F 1977 105.82 0.43 18.25
C TYR F 1977 107.18 0.97 18.67
N ALA F 1978 108.25 0.18 18.48
CA ALA F 1978 109.58 0.64 18.83
C ALA F 1978 109.94 1.91 18.07
N LEU F 1979 109.56 1.98 16.80
CA LEU F 1979 109.81 3.20 16.03
C LEU F 1979 108.86 4.33 16.42
N LEU F 1980 107.65 3.99 16.88
CA LEU F 1980 106.66 5.01 17.21
C LEU F 1980 106.98 5.72 18.51
N MET F 1981 107.68 5.07 19.45
CA MET F 1981 108.06 5.77 20.67
C MET F 1981 109.03 6.91 20.44
N ARG F 1982 109.56 7.09 19.22
CA ARG F 1982 110.38 8.25 18.89
C ARG F 1982 109.64 9.26 18.02
N ALA F 1983 108.31 9.18 17.94
CA ALA F 1983 107.57 10.02 17.01
C ALA F 1983 107.43 11.46 17.48
N PHE F 1984 107.57 11.73 18.78
CA PHE F 1984 107.35 13.08 19.29
C PHE F 1984 108.31 14.08 18.70
N THR F 1985 109.50 13.64 18.27
CA THR F 1985 110.48 14.57 17.74
C THR F 1985 110.19 14.99 16.30
N MET F 1986 109.33 14.25 15.58
CA MET F 1986 108.94 14.70 14.24
C MET F 1986 107.43 14.74 14.05
N SER F 1987 106.65 14.87 15.11
CA SER F 1987 105.20 14.85 14.97
C SER F 1987 104.59 15.74 16.05
N ALA F 1988 103.29 15.57 16.27
CA ALA F 1988 102.50 16.47 17.11
C ALA F 1988 101.43 15.64 17.83
N ALA F 1989 100.40 16.32 18.34
CA ALA F 1989 99.41 15.66 19.17
C ALA F 1989 98.64 14.58 18.42
N GLU F 1990 98.71 14.57 17.09
CA GLU F 1990 98.09 13.52 16.29
C GLU F 1990 98.74 12.12 16.53
N THR F 1991 99.75 12.05 17.40
CA THR F 1991 100.33 10.77 17.78
C THR F 1991 99.28 9.84 18.39
N ALA F 1992 98.21 10.39 18.95
CA ALA F 1992 97.14 9.57 19.50
C ALA F 1992 96.51 8.70 18.42
N ARG F 1993 96.39 9.23 17.20
CA ARG F 1993 95.87 8.44 16.09
C ARG F 1993 96.77 7.26 15.77
N ARG F 1994 98.09 7.49 15.75
CA ARG F 1994 99.03 6.40 15.48
C ARG F 1994 99.02 5.37 16.60
N THR F 1995 98.96 5.81 17.85
CA THR F 1995 98.94 4.91 18.98
C THR F 1995 97.52 4.50 19.37
N ARG F 1996 96.51 4.91 18.59
CA ARG F 1996 95.16 4.40 18.78
C ARG F 1996 95.12 2.89 18.68
N GLU F 1997 96.01 2.32 17.86
CA GLU F 1997 96.11 0.85 17.76
C GLU F 1997 96.44 0.24 19.11
N PHE F 1998 97.43 0.80 19.81
CA PHE F 1998 97.84 0.27 21.10
C PHE F 1998 96.88 0.63 22.23
N ARG F 1999 95.89 1.48 21.95
CA ARG F 1999 94.86 1.84 22.93
C ARG F 1999 93.53 1.20 22.58
N SER F 2000 93.57 0.06 21.89
CA SER F 2000 92.39 -0.66 21.45
C SER F 2000 92.53 -2.14 21.77
N PRO F 2001 91.42 -2.84 22.01
CA PRO F 2001 91.51 -4.26 22.36
C PRO F 2001 92.19 -5.04 21.26
N PRO F 2002 92.90 -6.12 21.61
CA PRO F 2002 93.68 -6.85 20.59
C PRO F 2002 92.84 -7.37 19.45
N GLN F 2003 91.59 -7.73 19.71
CA GLN F 2003 90.70 -8.13 18.63
C GLN F 2003 90.51 -6.99 17.64
N GLU F 2004 90.31 -5.77 18.14
CA GLU F 2004 90.18 -4.62 17.25
C GLU F 2004 91.49 -4.29 16.55
N GLN F 2005 92.62 -4.47 17.24
CA GLN F 2005 93.91 -4.27 16.60
C GLN F 2005 94.08 -5.18 15.40
N ILE F 2006 93.81 -6.47 15.58
CA ILE F 2006 93.95 -7.41 14.47
C ILE F 2006 92.89 -7.19 13.41
N ASN F 2007 91.68 -6.74 13.80
CA ASN F 2007 90.66 -6.40 12.81
C ASN F 2007 91.13 -5.27 11.91
N MET F 2008 91.74 -4.24 12.50
CA MET F 2008 92.24 -3.12 11.71
C MET F 2008 93.46 -3.54 10.88
N LEU F 2009 94.30 -4.42 11.43
CA LEU F 2009 95.45 -4.91 10.68
C LEU F 2009 95.02 -5.71 9.46
N LEU F 2010 93.91 -6.46 9.56
CA LEU F 2010 93.41 -7.22 8.41
C LEU F 2010 92.43 -6.43 7.56
N HIS F 2011 92.19 -5.16 7.89
CA HIS F 2011 91.21 -4.35 7.17
C HIS F 2011 91.89 -3.64 5.99
N PHE F 2012 92.34 -4.46 5.04
CA PHE F 2012 93.00 -3.92 3.85
C PHE F 2012 92.59 -4.69 2.59
N LYS F 2013 91.36 -5.20 2.53
CA LYS F 2013 90.96 -6.05 1.42
C LYS F 2013 90.41 -5.27 0.23
N ASP F 2014 89.55 -4.29 0.48
CA ASP F 2014 88.77 -3.66 -0.58
C ASP F 2014 89.51 -2.54 -1.31
N GLU F 2015 90.76 -2.26 -0.96
CA GLU F 2015 91.63 -1.24 -1.55
C GLU F 2015 91.20 0.17 -1.20
N ALA F 2016 90.04 0.36 -0.58
CA ALA F 2016 89.63 1.65 -0.05
C ALA F 2016 89.98 1.79 1.42
N ASP F 2017 90.64 0.80 2.00
CA ASP F 2017 91.00 0.78 3.42
C ASP F 2017 92.51 0.64 3.57
N GLU F 2018 93.26 1.19 2.62
CA GLU F 2018 94.72 1.10 2.63
C GLU F 2018 95.38 2.27 3.36
N GLU F 2019 94.59 3.14 3.98
CA GLU F 2019 95.12 4.28 4.73
C GLU F 2019 95.14 4.04 6.23
N ASP F 2020 94.09 3.42 6.78
CA ASP F 2020 94.07 3.12 8.20
C ASP F 2020 94.97 1.93 8.55
N CYS F 2021 95.13 1.00 7.62
CA CYS F 2021 95.97 -0.17 7.87
C CYS F 2021 97.43 0.22 7.80
N PRO F 2022 98.21 0.05 8.87
CA PRO F 2022 99.63 0.40 8.84
C PRO F 2022 100.57 -0.70 8.38
N LEU F 2023 100.03 -1.83 7.90
CA LEU F 2023 100.87 -2.97 7.58
C LEU F 2023 101.64 -2.74 6.28
N PRO F 2024 102.85 -3.25 6.17
CA PRO F 2024 103.59 -3.16 4.92
C PRO F 2024 102.99 -4.04 3.83
N GLU F 2025 103.22 -3.60 2.58
CA GLU F 2025 102.67 -4.31 1.44
C GLU F 2025 103.25 -5.71 1.30
N ASP F 2026 104.49 -5.92 1.73
CA ASP F 2026 105.08 -7.25 1.68
C ASP F 2026 104.31 -8.22 2.55
N ILE F 2027 103.90 -7.79 3.74
CA ILE F 2027 103.08 -8.62 4.61
C ILE F 2027 101.68 -8.78 4.03
N ARG F 2028 101.13 -7.70 3.47
CA ARG F 2028 99.80 -7.77 2.86
C ARG F 2028 99.75 -8.80 1.75
N GLN F 2029 100.85 -8.94 1.00
CA GLN F 2029 100.88 -9.83 -0.15
C GLN F 2029 100.71 -11.28 0.27
N ASP F 2030 101.27 -11.67 1.42
CA ASP F 2030 101.13 -13.05 1.87
C ASP F 2030 99.67 -13.40 2.14
N LEU F 2031 98.96 -12.51 2.84
CA LEU F 2031 97.54 -12.78 3.10
C LEU F 2031 96.73 -12.77 1.81
N GLN F 2032 97.03 -11.86 0.89
CA GLN F 2032 96.29 -11.86 -0.37
C GLN F 2032 96.53 -13.13 -1.16
N ASP F 2033 97.78 -13.61 -1.20
CA ASP F 2033 98.08 -14.85 -1.91
C ASP F 2033 97.39 -16.05 -1.26
N PHE F 2034 97.38 -16.09 0.07
CA PHE F 2034 96.69 -17.19 0.74
C PHE F 2034 95.18 -17.13 0.51
N HIS F 2035 94.60 -15.93 0.50
CA HIS F 2035 93.19 -15.84 0.18
C HIS F 2035 92.93 -16.34 -1.24
N GLN F 2036 93.78 -15.98 -2.19
CA GLN F 2036 93.60 -16.41 -3.56
C GLN F 2036 93.68 -17.92 -3.70
N ASP F 2037 94.70 -18.54 -3.10
CA ASP F 2037 94.79 -19.99 -3.30
C ASP F 2037 93.80 -20.75 -2.44
N LEU F 2038 93.29 -20.15 -1.35
CA LEU F 2038 92.17 -20.76 -0.64
C LEU F 2038 90.91 -20.74 -1.50
N LEU F 2039 90.63 -19.61 -2.15
CA LEU F 2039 89.48 -19.57 -3.06
C LEU F 2039 89.65 -20.57 -4.19
N ALA F 2040 90.87 -20.69 -4.72
CA ALA F 2040 91.12 -21.67 -5.79
C ALA F 2040 90.91 -23.09 -5.28
N HIS F 2041 91.37 -23.38 -4.07
CA HIS F 2041 91.17 -24.71 -3.48
C HIS F 2041 89.71 -25.01 -3.24
N CYS F 2042 88.90 -24.00 -2.91
CA CYS F 2042 87.46 -24.18 -2.77
C CYS F 2042 86.74 -24.19 -4.11
N GLY F 2043 87.48 -24.10 -5.22
CA GLY F 2043 86.88 -24.14 -6.55
C GLY F 2043 86.02 -22.94 -6.89
N ILE F 2044 86.43 -21.75 -6.47
CA ILE F 2044 85.66 -20.55 -6.80
C ILE F 2044 85.98 -20.08 -8.21
N GLN F 2045 87.23 -19.73 -8.45
CA GLN F 2045 87.66 -19.23 -9.76
C GLN F 2045 89.17 -19.34 -9.83
N LEU F 2046 89.70 -19.23 -11.05
CA LEU F 2046 91.14 -19.26 -11.27
C LEU F 2046 91.55 -18.24 -12.32
N GLU F 2088 87.26 -31.06 -21.39
CA GLU F 2088 87.27 -31.03 -19.94
C GLU F 2088 86.31 -32.07 -19.37
N LYS F 2089 86.10 -33.15 -20.12
CA LYS F 2089 85.21 -34.21 -19.67
C LYS F 2089 85.74 -34.93 -18.43
N LYS F 2090 87.05 -34.99 -18.27
CA LYS F 2090 87.62 -35.55 -17.05
C LYS F 2090 87.34 -34.61 -15.88
N PRO F 2091 86.72 -35.08 -14.80
CA PRO F 2091 86.41 -34.17 -13.69
C PRO F 2091 87.64 -33.49 -13.10
N GLN F 2092 88.77 -34.18 -13.06
CA GLN F 2092 90.06 -33.65 -12.61
C GLN F 2092 90.09 -33.30 -11.13
N SER F 2093 88.98 -33.44 -10.41
CA SER F 2093 88.95 -33.09 -8.99
C SER F 2093 87.76 -33.78 -8.34
N LEU F 2094 87.86 -33.92 -7.02
CA LEU F 2094 86.79 -34.57 -6.26
C LEU F 2094 85.48 -33.79 -6.40
N GLN F 2095 85.54 -32.47 -6.39
CA GLN F 2095 84.33 -31.66 -6.46
C GLN F 2095 83.58 -31.90 -7.76
N GLU F 2096 84.27 -31.79 -8.90
CA GLU F 2096 83.64 -32.03 -10.18
C GLU F 2096 83.19 -33.47 -10.33
N LEU F 2097 84.00 -34.42 -9.85
CA LEU F 2097 83.61 -35.82 -9.92
C LEU F 2097 82.30 -36.06 -9.18
N VAL F 2098 82.19 -35.57 -7.95
CA VAL F 2098 80.99 -35.80 -7.15
C VAL F 2098 79.79 -35.11 -7.78
N SER F 2099 79.95 -33.86 -8.22
CA SER F 2099 78.83 -33.15 -8.81
C SER F 2099 78.32 -33.86 -10.06
N HIS F 2100 79.24 -34.24 -10.95
CA HIS F 2100 78.83 -34.93 -12.17
CA HIS F 2100 78.83 -34.93 -12.17
C HIS F 2100 78.18 -36.27 -11.85
N MET F 2101 78.74 -37.01 -10.88
CA MET F 2101 78.17 -38.30 -10.53
C MET F 2101 76.76 -38.17 -9.98
N VAL F 2102 76.54 -37.18 -9.10
CA VAL F 2102 75.20 -36.99 -8.55
C VAL F 2102 74.21 -36.60 -9.63
N VAL F 2103 74.59 -35.65 -10.50
CA VAL F 2103 73.67 -35.22 -11.55
C VAL F 2103 73.36 -36.37 -12.49
N ARG F 2104 74.38 -37.15 -12.87
CA ARG F 2104 74.16 -38.28 -13.76
C ARG F 2104 73.28 -39.34 -13.13
N TRP F 2105 73.50 -39.64 -11.86
CA TRP F 2105 72.64 -40.58 -11.16
C TRP F 2105 71.20 -40.09 -11.13
N ALA F 2106 71.00 -38.81 -10.86
CA ALA F 2106 69.64 -38.28 -10.77
C ALA F 2106 68.94 -38.26 -12.11
N GLN F 2107 69.66 -37.99 -13.20
CA GLN F 2107 69.04 -37.92 -14.51
C GLN F 2107 69.04 -39.24 -15.25
N GLU F 2108 69.68 -40.28 -14.71
CA GLU F 2108 69.61 -41.60 -15.33
C GLU F 2108 68.37 -42.38 -14.90
N ASP F 2109 67.87 -42.14 -13.69
CA ASP F 2109 66.69 -42.85 -13.23
C ASP F 2109 66.00 -42.03 -12.14
N TYR F 2110 64.74 -42.37 -11.89
CA TYR F 2110 63.97 -41.78 -10.81
C TYR F 2110 64.35 -42.49 -9.52
N VAL F 2111 65.23 -41.87 -8.73
CA VAL F 2111 65.74 -42.51 -7.53
C VAL F 2111 64.60 -42.67 -6.52
N GLN F 2112 64.45 -43.89 -6.01
CA GLN F 2112 63.33 -44.24 -5.16
C GLN F 2112 63.67 -44.26 -3.67
N SER F 2113 64.94 -44.18 -3.31
CA SER F 2113 65.33 -44.23 -1.90
C SER F 2113 65.46 -42.79 -1.37
N PRO F 2114 64.61 -42.37 -0.45
CA PRO F 2114 64.76 -41.02 0.12
C PRO F 2114 66.10 -40.81 0.81
N GLU F 2115 66.63 -41.84 1.48
CA GLU F 2115 67.95 -41.71 2.10
C GLU F 2115 69.01 -41.46 1.05
N LEU F 2116 68.97 -42.21 -0.06
CA LEU F 2116 69.93 -41.99 -1.14
C LEU F 2116 69.78 -40.59 -1.73
N VAL F 2117 68.55 -40.13 -1.94
CA VAL F 2117 68.33 -38.82 -2.53
C VAL F 2117 68.90 -37.72 -1.63
N ARG F 2118 68.60 -37.80 -0.34
CA ARG F 2118 69.13 -36.83 0.59
C ARG F 2118 70.65 -36.87 0.61
N ALA F 2119 71.23 -38.08 0.55
CA ALA F 2119 72.68 -38.19 0.55
C ALA F 2119 73.29 -37.51 -0.67
N MET F 2120 72.76 -37.79 -1.86
CA MET F 2120 73.38 -37.22 -3.06
C MET F 2120 73.22 -35.72 -3.09
N PHE F 2121 72.07 -35.21 -2.65
CA PHE F 2121 71.88 -33.78 -2.73
C PHE F 2121 72.67 -33.02 -1.66
N SER F 2122 72.84 -33.60 -0.47
CA SER F 2122 73.76 -33.02 0.50
C SER F 2122 75.18 -32.99 -0.06
N LEU F 2123 75.59 -34.10 -0.68
CA LEU F 2123 76.93 -34.16 -1.26
C LEU F 2123 77.11 -33.11 -2.34
N LEU F 2124 76.11 -32.96 -3.22
CA LEU F 2124 76.19 -31.97 -4.28
C LEU F 2124 76.26 -30.55 -3.74
N HIS F 2125 75.45 -30.25 -2.71
CA HIS F 2125 75.49 -28.92 -2.12
C HIS F 2125 76.84 -28.63 -1.51
N ARG F 2126 77.47 -29.64 -0.90
CA ARG F 2126 78.80 -29.42 -0.34
C ARG F 2126 79.80 -29.09 -1.44
N GLN F 2127 79.70 -29.73 -2.60
CA GLN F 2127 80.62 -29.42 -3.69
C GLN F 2127 80.38 -28.01 -4.22
N TYR F 2128 79.12 -27.59 -4.29
CA TYR F 2128 78.86 -26.27 -4.87
C TYR F 2128 79.23 -25.13 -3.93
N ASP F 2129 79.16 -25.33 -2.62
CA ASP F 2129 79.48 -24.27 -1.67
C ASP F 2129 80.59 -24.73 -0.72
N GLY F 2130 81.82 -24.68 -1.21
CA GLY F 2130 82.97 -25.07 -0.40
C GLY F 2130 83.34 -23.97 0.57
N LEU F 2131 83.29 -22.73 0.08
CA LEU F 2131 83.54 -21.59 0.95
C LEU F 2131 82.50 -21.51 2.05
N GLY F 2132 81.23 -21.76 1.72
CA GLY F 2132 80.20 -21.79 2.75
C GLY F 2132 80.39 -22.91 3.73
N GLU F 2133 80.79 -24.09 3.26
CA GLU F 2133 81.08 -25.20 4.17
C GLU F 2133 82.22 -24.82 5.12
N LEU F 2134 83.28 -24.21 4.61
CA LEU F 2134 84.38 -23.79 5.47
C LEU F 2134 83.94 -22.74 6.47
N LEU F 2135 83.12 -21.77 6.03
CA LEU F 2135 82.63 -20.74 6.94
C LEU F 2135 81.80 -21.33 8.07
N ARG F 2136 80.95 -22.29 7.76
CA ARG F 2136 80.16 -22.93 8.80
C ARG F 2136 80.99 -23.89 9.65
N ALA F 2137 82.15 -24.35 9.16
CA ALA F 2137 83.02 -25.21 9.96
C ALA F 2137 83.96 -24.45 10.88
N LEU F 2138 84.34 -23.24 10.53
CA LEU F 2138 85.31 -22.49 11.34
C LEU F 2138 84.90 -22.29 12.80
N PRO F 2139 83.64 -22.00 13.15
CA PRO F 2139 83.32 -21.80 14.57
C PRO F 2139 83.70 -22.96 15.47
N ARG F 2140 83.86 -24.16 14.93
CA ARG F 2140 84.30 -25.31 15.72
C ARG F 2140 85.79 -25.58 15.59
N ALA F 2141 86.55 -24.63 15.04
CA ALA F 2141 88.00 -24.75 14.93
C ALA F 2141 88.67 -23.94 16.04
N TYR F 2142 89.73 -24.50 16.60
CA TYR F 2142 90.40 -23.87 17.74
C TYR F 2142 91.87 -24.27 17.70
N THR F 2143 92.75 -23.32 18.01
CA THR F 2143 94.18 -23.57 18.04
C THR F 2143 94.68 -23.53 19.48
N ILE F 2144 95.47 -24.53 19.85
CA ILE F 2144 95.98 -24.65 21.20
C ILE F 2144 97.50 -24.77 21.15
N SER F 2145 98.13 -24.41 22.26
CA SER F 2145 99.56 -24.57 22.40
C SER F 2145 99.91 -26.05 22.47
N PRO F 2146 101.08 -26.44 21.95
CA PRO F 2146 101.47 -27.85 22.03
C PRO F 2146 101.66 -28.36 23.45
N SER F 2147 101.81 -27.46 24.43
CA SER F 2147 101.97 -27.88 25.81
C SER F 2147 100.68 -28.34 26.46
N SER F 2148 99.52 -27.99 25.90
CA SER F 2148 98.24 -28.38 26.47
C SER F 2148 97.61 -29.56 25.74
N VAL F 2149 98.39 -30.24 24.89
CA VAL F 2149 97.83 -31.30 24.06
C VAL F 2149 97.33 -32.45 24.91
N GLU F 2150 98.11 -32.88 25.90
CA GLU F 2150 97.71 -34.05 26.70
C GLU F 2150 96.47 -33.75 27.53
N ASP F 2151 96.39 -32.55 28.12
CA ASP F 2151 95.20 -32.20 28.88
C ASP F 2151 93.98 -32.11 27.97
N THR F 2152 94.15 -31.54 26.77
CA THR F 2152 93.04 -31.49 25.82
C THR F 2152 92.63 -32.90 25.42
N MET F 2153 93.60 -33.81 25.29
CA MET F 2153 93.29 -35.19 24.93
C MET F 2153 92.46 -35.86 26.01
N SER F 2154 92.84 -35.65 27.28
CA SER F 2154 92.06 -36.21 28.38
C SER F 2154 90.66 -35.63 28.42
N LEU F 2155 90.55 -34.31 28.20
CA LEU F 2155 89.24 -33.68 28.17
C LEU F 2155 88.37 -34.24 27.05
N LEU F 2156 88.98 -34.47 25.88
CA LEU F 2156 88.24 -35.05 24.76
C LEU F 2156 87.79 -36.47 25.08
N GLU F 2157 88.63 -37.25 25.75
CA GLU F 2157 88.22 -38.58 26.16
C GLU F 2157 87.02 -38.53 27.10
N CYS F 2158 87.07 -37.64 28.09
CA CYS F 2158 85.94 -37.52 29.03
C CYS F 2158 84.68 -37.06 28.32
N LEU F 2159 84.81 -36.10 27.40
CA LEU F 2159 83.65 -35.62 26.65
C LEU F 2159 83.08 -36.72 25.76
N GLY F 2160 83.94 -37.57 25.20
CA GLY F 2160 83.45 -38.70 24.44
C GLY F 2160 82.70 -39.69 25.30
N GLN F 2161 83.20 -39.95 26.51
CA GLN F 2161 82.45 -40.79 27.44
C GLN F 2161 81.09 -40.20 27.76
N ILE F 2162 81.03 -38.88 27.96
CA ILE F 2162 79.75 -38.23 28.24
C ILE F 2162 78.81 -38.36 27.04
N ARG F 2163 79.32 -38.12 25.84
CA ARG F 2163 78.48 -38.14 24.65
C ARG F 2163 77.96 -39.54 24.35
N SER F 2164 78.77 -40.57 24.61
CA SER F 2164 78.33 -41.93 24.35
C SER F 2164 77.13 -42.33 25.19
N LEU F 2165 76.89 -41.63 26.30
CA LEU F 2165 75.81 -41.97 27.21
C LEU F 2165 74.53 -41.19 26.92
N LEU F 2166 74.48 -40.45 25.82
CA LEU F 2166 73.25 -39.82 25.35
C LEU F 2166 72.31 -40.80 24.66
N ILE F 2167 72.78 -42.01 24.34
CA ILE F 2167 71.99 -42.97 23.58
C ILE F 2167 71.71 -44.23 24.38
N VAL F 2168 71.79 -44.16 25.70
CA VAL F 2168 71.52 -45.30 26.57
C VAL F 2168 70.60 -44.82 27.70
N GLN F 2169 69.63 -45.66 28.06
CA GLN F 2169 68.79 -45.34 29.20
C GLN F 2169 69.61 -45.22 30.47
N MET F 2170 69.22 -44.28 31.32
CA MET F 2170 70.07 -43.83 32.40
C MET F 2170 70.02 -44.83 33.56
N GLY F 2171 71.20 -45.16 34.10
CA GLY F 2171 71.30 -46.18 35.12
C GLY F 2171 72.37 -45.89 36.15
N PRO F 2172 72.59 -46.82 37.07
CA PRO F 2172 73.60 -46.58 38.13
C PRO F 2172 75.03 -46.52 37.62
N GLN F 2173 75.44 -47.51 36.81
CA GLN F 2173 76.79 -47.51 36.27
C GLN F 2173 77.03 -46.28 35.41
N GLU F 2174 76.03 -45.92 34.59
CA GLU F 2174 76.10 -44.68 33.83
C GLU F 2174 76.17 -43.47 34.76
N GLU F 2175 75.57 -43.55 35.95
CA GLU F 2175 75.63 -42.44 36.89
C GLU F 2175 77.05 -42.25 37.42
N ASN F 2176 77.69 -43.34 37.82
CA ASN F 2176 79.08 -43.23 38.25
C ASN F 2176 79.96 -42.72 37.12
N LEU F 2177 79.70 -43.19 35.90
CA LEU F 2177 80.50 -42.71 34.76
C LEU F 2177 80.28 -41.23 34.51
N MET F 2178 79.03 -40.76 34.57
CA MET F 2178 78.76 -39.33 34.41
C MET F 2178 79.47 -38.52 35.47
N ILE F 2179 79.39 -38.96 36.73
CA ILE F 2179 79.96 -38.20 37.83
C ILE F 2179 81.48 -38.13 37.68
N GLN F 2180 82.12 -39.26 37.38
CA GLN F 2180 83.58 -39.24 37.27
C GLN F 2180 84.04 -38.49 36.03
N SER F 2181 83.29 -38.55 34.93
CA SER F 2181 83.64 -37.78 33.75
C SER F 2181 83.54 -36.29 34.02
N ILE F 2182 82.47 -35.85 34.69
CA ILE F 2182 82.32 -34.44 35.02
C ILE F 2182 83.42 -33.99 35.97
N GLY F 2183 83.75 -34.82 36.96
CA GLY F 2183 84.83 -34.49 37.86
C GLY F 2183 86.17 -34.35 37.15
N ASN F 2184 86.47 -35.30 36.26
CA ASN F 2184 87.73 -35.23 35.51
C ASN F 2184 87.78 -34.00 34.63
N ILE F 2185 86.64 -33.64 34.02
CA ILE F 2185 86.60 -32.41 33.22
C ILE F 2185 86.87 -31.20 34.09
N MET F 2186 86.23 -31.13 35.26
CA MET F 2186 86.36 -29.97 36.11
C MET F 2186 87.72 -29.89 36.81
N ASN F 2187 88.46 -30.99 36.89
CA ASN F 2187 89.82 -30.93 37.42
C ASN F 2187 90.85 -30.70 36.32
N ASN F 2188 90.42 -30.37 35.11
CA ASN F 2188 91.30 -30.16 33.98
C ASN F 2188 91.53 -28.66 33.79
N LYS F 2189 92.79 -28.26 33.63
CA LYS F 2189 93.10 -26.84 33.50
C LYS F 2189 92.59 -26.26 32.19
N VAL F 2190 92.47 -27.09 31.16
CA VAL F 2190 91.95 -26.63 29.88
C VAL F 2190 90.51 -26.16 30.04
N PHE F 2191 89.75 -26.79 30.94
CA PHE F 2191 88.35 -26.41 31.12
C PHE F 2191 88.21 -24.98 31.60
N TYR F 2192 89.20 -24.46 32.34
CA TYR F 2192 89.16 -23.06 32.76
C TYR F 2192 89.90 -22.14 31.82
N GLN F 2193 91.00 -22.60 31.24
CA GLN F 2193 91.84 -21.73 30.41
C GLN F 2193 91.26 -21.53 29.02
N HIS F 2194 90.34 -22.39 28.59
CA HIS F 2194 89.74 -22.29 27.26
C HIS F 2194 88.23 -22.43 27.35
N PRO F 2195 87.56 -21.47 27.99
CA PRO F 2195 86.09 -21.48 27.98
C PRO F 2195 85.51 -21.36 26.58
N ASN F 2196 86.20 -20.68 25.67
CA ASN F 2196 85.73 -20.59 24.30
C ASN F 2196 85.71 -21.96 23.63
N LEU F 2197 86.77 -22.76 23.84
CA LEU F 2197 86.78 -24.12 23.32
C LEU F 2197 85.70 -24.97 23.98
N MET F 2198 85.54 -24.82 25.30
CA MET F 2198 84.50 -25.58 26.00
C MET F 2198 83.12 -25.27 25.41
N ARG F 2199 82.87 -24.00 25.10
CA ARG F 2199 81.60 -23.59 24.51
C ARG F 2199 81.45 -24.13 23.10
N ALA F 2200 82.54 -24.13 22.32
CA ALA F 2200 82.49 -24.64 20.96
C ALA F 2200 82.25 -26.14 20.94
N LEU F 2201 82.63 -26.85 21.99
CA LEU F 2201 82.46 -28.30 21.99
C LEU F 2201 81.05 -28.73 22.39
N GLY F 2202 80.17 -27.81 22.77
CA GLY F 2202 78.82 -28.18 23.14
C GLY F 2202 78.69 -28.92 24.45
N MET F 2203 79.67 -28.76 25.35
CA MET F 2203 79.68 -29.53 26.58
C MET F 2203 78.47 -29.22 27.47
N HIS F 2204 78.14 -27.92 27.60
CA HIS F 2204 77.01 -27.56 28.44
C HIS F 2204 75.70 -28.06 27.83
N GLU F 2205 75.60 -28.07 26.50
CA GLU F 2205 74.43 -28.64 25.86
C GLU F 2205 74.31 -30.13 26.16
N THR F 2206 75.43 -30.86 26.10
CA THR F 2206 75.38 -32.29 26.40
C THR F 2206 74.99 -32.56 27.84
N VAL F 2207 75.55 -31.79 28.77
CA VAL F 2207 75.22 -31.95 30.18
C VAL F 2207 73.76 -31.62 30.42
N MET F 2208 73.27 -30.54 29.79
CA MET F 2208 71.86 -30.21 29.88
C MET F 2208 71.00 -31.36 29.36
N GLU F 2209 71.41 -31.98 28.25
CA GLU F 2209 70.60 -33.04 27.66
C GLU F 2209 70.51 -34.25 28.59
N VAL F 2210 71.64 -34.69 29.16
CA VAL F 2210 71.57 -35.84 30.07
C VAL F 2210 70.75 -35.49 31.31
N MET F 2211 70.96 -34.29 31.86
CA MET F 2211 70.22 -33.91 33.06
C MET F 2211 68.73 -33.85 32.79
N VAL F 2212 68.32 -33.30 31.65
CA VAL F 2212 66.90 -33.17 31.38
C VAL F 2212 66.29 -34.52 31.04
N ASN F 2213 67.07 -35.44 30.46
CA ASN F 2213 66.58 -36.80 30.30
C ASN F 2213 66.27 -37.42 31.65
N VAL F 2214 67.18 -37.26 32.60
CA VAL F 2214 66.95 -37.83 33.94
C VAL F 2214 65.73 -37.17 34.59
N LEU F 2215 65.61 -35.84 34.50
CA LEU F 2215 64.47 -35.17 35.09
C LEU F 2215 63.15 -35.56 34.43
N GLY F 2216 63.14 -35.70 33.10
CA GLY F 2216 61.93 -36.17 32.44
C GLY F 2216 61.55 -37.56 32.88
N GLY F 2217 62.55 -38.40 33.16
CA GLY F 2217 62.26 -39.68 33.78
C GLY F 2217 61.68 -39.48 35.18
N GLY F 2218 60.42 -39.85 35.35
CA GLY F 2218 59.77 -39.71 36.65
C GLY F 2218 59.59 -38.27 37.11
N GLU F 2219 59.09 -37.41 36.22
CA GLU F 2219 59.04 -35.98 36.48
C GLU F 2219 58.10 -35.59 37.64
N THR F 2220 57.23 -36.49 38.08
CA THR F 2220 56.25 -36.05 39.08
C THR F 2220 56.25 -36.89 40.35
N LYS F 2221 56.49 -38.20 40.25
CA LYS F 2221 56.35 -39.07 41.42
C LYS F 2221 57.64 -39.21 42.22
N GLU F 2222 58.79 -39.30 41.54
CA GLU F 2222 60.06 -39.49 42.22
C GLU F 2222 61.19 -39.25 41.23
N ILE F 2223 62.21 -38.54 41.68
CA ILE F 2223 63.39 -38.25 40.87
C ILE F 2223 64.53 -39.15 41.34
N ARG F 2224 65.11 -39.89 40.42
CA ARG F 2224 66.19 -40.81 40.72
C ARG F 2224 67.51 -40.36 40.09
N PHE F 2225 68.59 -40.98 40.54
CA PHE F 2225 69.95 -40.49 40.33
C PHE F 2225 70.13 -39.01 40.72
N PRO F 2226 69.73 -38.64 41.95
CA PRO F 2226 69.98 -37.26 42.39
C PRO F 2226 71.45 -36.91 42.41
N LYS F 2227 72.33 -37.86 42.70
CA LYS F 2227 73.76 -37.56 42.69
C LYS F 2227 74.20 -37.10 41.30
N MET F 2228 73.74 -37.78 40.25
CA MET F 2228 74.08 -37.34 38.91
C MET F 2228 73.44 -36.01 38.58
N VAL F 2229 72.19 -35.80 39.04
CA VAL F 2229 71.51 -34.54 38.76
C VAL F 2229 72.26 -33.38 39.38
N THR F 2230 72.70 -33.52 40.63
CA THR F 2230 73.42 -32.43 41.28
C THR F 2230 74.83 -32.29 40.75
N SER F 2231 75.45 -33.37 40.27
CA SER F 2231 76.74 -33.23 39.60
C SER F 2231 76.59 -32.38 38.34
N CYS F 2232 75.57 -32.65 37.54
CA CYS F 2232 75.33 -31.85 36.35
C CYS F 2232 75.01 -30.39 36.72
N CYS F 2233 74.19 -30.19 37.74
CA CYS F 2233 73.81 -28.82 38.12
C CYS F 2233 75.02 -28.02 38.61
N ARG F 2234 75.85 -28.63 39.45
CA ARG F 2234 77.03 -27.94 39.95
C ARG F 2234 78.05 -27.71 38.85
N PHE F 2235 78.15 -28.65 37.90
CA PHE F 2235 79.01 -28.41 36.74
C PHE F 2235 78.54 -27.20 35.94
N LEU F 2236 77.24 -27.13 35.67
CA LEU F 2236 76.72 -25.99 34.91
C LEU F 2236 76.87 -24.69 35.68
N CYS F 2237 76.70 -24.71 37.00
CA CYS F 2237 76.91 -23.51 37.79
C CYS F 2237 78.35 -23.02 37.69
N TYR F 2238 79.32 -23.93 37.79
CA TYR F 2238 80.71 -23.47 37.70
C TYR F 2238 81.01 -23.00 36.28
N PHE F 2239 80.42 -23.66 35.28
CA PHE F 2239 80.58 -23.25 33.90
C PHE F 2239 80.08 -21.82 33.70
N CYS F 2240 78.94 -21.48 34.32
CA CYS F 2240 78.48 -20.10 34.32
C CYS F 2240 79.50 -19.19 35.02
N ARG F 2241 80.03 -19.62 36.16
CA ARG F 2241 80.95 -18.80 36.92
C ARG F 2241 82.27 -18.55 36.22
N ILE F 2242 82.62 -19.35 35.21
CA ILE F 2242 83.92 -19.20 34.56
C ILE F 2242 83.99 -17.88 33.80
N SER F 2243 82.98 -17.58 32.99
CA SER F 2243 83.04 -16.38 32.17
C SER F 2243 81.63 -15.89 31.84
N ARG F 2244 81.56 -14.60 31.48
CA ARG F 2244 80.27 -14.00 31.16
C ARG F 2244 79.69 -14.56 29.87
N GLN F 2245 80.54 -14.93 28.91
CA GLN F 2245 80.03 -15.54 27.69
C GLN F 2245 79.40 -16.90 27.97
N ASN F 2246 80.05 -17.71 28.83
CA ASN F 2246 79.46 -18.96 29.26
C ASN F 2246 78.15 -18.72 30.00
N GLN F 2247 78.13 -17.69 30.86
CA GLN F 2247 76.91 -17.38 31.58
C GLN F 2247 75.78 -17.00 30.64
N ARG F 2248 76.08 -16.24 29.58
CA ARG F 2248 75.06 -15.89 28.60
C ARG F 2248 74.58 -17.11 27.83
N SER F 2249 75.51 -18.00 27.45
CA SER F 2249 75.12 -19.21 26.75
C SER F 2249 74.20 -20.07 27.60
N MET F 2250 74.48 -20.13 28.90
CA MET F 2250 73.56 -20.80 29.83
C MET F 2250 72.26 -20.02 30.01
N PHE F 2251 72.31 -18.69 29.89
CA PHE F 2251 71.10 -17.88 30.00
C PHE F 2251 70.17 -18.11 28.83
N ASP F 2252 70.72 -18.56 27.69
CA ASP F 2252 69.86 -18.88 26.55
C ASP F 2252 68.89 -20.02 26.85
N HIS F 2253 69.14 -20.78 27.92
CA HIS F 2253 68.24 -21.86 28.33
C HIS F 2253 67.54 -21.57 29.65
N LEU F 2254 67.26 -20.29 29.93
CA LEU F 2254 66.69 -19.92 31.22
C LEU F 2254 65.31 -20.53 31.42
N SER F 2255 64.42 -20.34 30.45
CA SER F 2255 63.08 -20.92 30.54
C SER F 2255 63.13 -22.44 30.48
N TYR F 2256 64.09 -22.98 29.73
CA TYR F 2256 64.24 -24.42 29.59
C TYR F 2256 64.64 -25.03 30.94
N LEU F 2257 65.46 -24.32 31.72
CA LEU F 2257 65.77 -24.78 33.07
C LEU F 2257 64.60 -24.58 34.01
N LEU F 2258 63.89 -23.45 33.88
CA LEU F 2258 62.78 -23.17 34.80
C LEU F 2258 61.66 -24.19 34.65
N GLU F 2259 61.33 -24.58 33.42
CA GLU F 2259 60.25 -25.53 33.22
C GLU F 2259 60.54 -26.89 33.82
N ASN F 2260 61.82 -27.24 33.98
CA ASN F 2260 62.22 -28.47 34.66
C ASN F 2260 62.48 -28.28 36.15
N SER F 2261 62.33 -27.05 36.66
CA SER F 2261 62.65 -26.74 38.04
C SER F 2261 61.45 -26.88 38.97
N GLY F 2262 60.28 -27.24 38.46
CA GLY F 2262 59.12 -27.37 39.32
C GLY F 2262 59.26 -28.49 40.34
N ILE F 2263 59.81 -29.62 39.91
CA ILE F 2263 59.95 -30.78 40.78
C ILE F 2263 61.31 -30.85 41.46
N GLY F 2264 62.20 -29.91 41.17
CA GLY F 2264 63.52 -29.91 41.79
C GLY F 2264 63.52 -29.57 43.27
N LEU F 2265 62.37 -29.13 43.81
CA LEU F 2265 62.31 -28.79 45.22
C LEU F 2265 62.51 -30.00 46.12
N GLY F 2266 62.01 -31.16 45.71
CA GLY F 2266 62.17 -32.35 46.54
C GLY F 2266 63.63 -32.73 46.73
N MET F 2267 64.44 -32.54 45.70
CA MET F 2267 65.86 -32.83 45.79
C MET F 2267 66.59 -31.64 46.39
N GLN F 2268 67.67 -31.92 47.12
CA GLN F 2268 68.42 -30.90 47.85
CA GLN F 2268 68.42 -30.90 47.85
C GLN F 2268 69.88 -30.88 47.42
N GLY F 2269 70.45 -29.68 47.32
CA GLY F 2269 71.81 -29.50 46.89
C GLY F 2269 71.90 -28.47 45.78
N SER F 2270 72.35 -28.89 44.60
CA SER F 2270 72.35 -28.05 43.41
C SER F 2270 71.23 -28.52 42.49
N THR F 2271 70.41 -27.59 42.03
CA THR F 2271 69.20 -27.87 41.28
C THR F 2271 69.18 -27.07 39.99
N PRO F 2272 68.32 -27.45 39.03
CA PRO F 2272 68.16 -26.60 37.84
C PRO F 2272 67.78 -25.17 38.18
N LEU F 2273 67.01 -24.96 39.26
CA LEU F 2273 66.74 -23.61 39.72
C LEU F 2273 68.03 -22.91 40.14
N ASP F 2274 68.93 -23.64 40.80
CA ASP F 2274 70.21 -23.06 41.19
C ASP F 2274 71.04 -22.71 39.96
N VAL F 2275 71.00 -23.56 38.93
CA VAL F 2275 71.71 -23.27 37.69
C VAL F 2275 71.16 -22.01 37.05
N ALA F 2276 69.83 -21.89 37.00
CA ALA F 2276 69.21 -20.70 36.42
C ALA F 2276 69.58 -19.45 37.21
N ALA F 2277 69.60 -19.55 38.53
CA ALA F 2277 69.99 -18.41 39.35
C ALA F 2277 71.45 -18.02 39.09
N ALA F 2278 72.34 -19.01 38.98
CA ALA F 2278 73.74 -18.72 38.68
C ALA F 2278 73.92 -18.22 37.26
N SER F 2279 72.94 -18.43 36.40
CA SER F 2279 73.02 -17.99 35.01
C SER F 2279 72.63 -16.53 34.81
N VAL F 2280 72.22 -15.84 35.87
CA VAL F 2280 71.81 -14.45 35.79
C VAL F 2280 72.46 -13.58 36.86
N ILE F 2281 73.03 -14.19 37.90
CA ILE F 2281 73.55 -13.47 39.05
C ILE F 2281 74.62 -12.48 38.60
N ASP F 2282 74.65 -11.31 39.24
CA ASP F 2282 75.66 -10.26 39.03
C ASP F 2282 75.90 -9.96 37.55
N ASN F 2283 74.86 -10.11 36.74
CA ASN F 2283 74.95 -9.80 35.30
C ASN F 2283 73.81 -8.84 34.98
N ASN F 2284 74.15 -7.56 34.83
CA ASN F 2284 73.13 -6.54 34.57
C ASN F 2284 72.46 -6.77 33.22
N GLU F 2285 73.23 -7.13 32.19
CA GLU F 2285 72.66 -7.33 30.87
C GLU F 2285 71.66 -8.47 30.86
N LEU F 2286 72.02 -9.59 31.48
CA LEU F 2286 71.08 -10.72 31.52
C LEU F 2286 69.91 -10.45 32.45
N ALA F 2287 70.13 -9.64 33.49
CA ALA F 2287 69.01 -9.24 34.34
C ALA F 2287 68.00 -8.40 33.56
N LEU F 2288 68.49 -7.49 32.73
CA LEU F 2288 67.60 -6.68 31.91
C LEU F 2288 66.99 -7.46 30.76
N ALA F 2289 67.66 -8.50 30.27
CA ALA F 2289 67.15 -9.32 29.18
C ALA F 2289 66.20 -10.40 29.65
N LEU F 2290 65.95 -10.49 30.97
CA LEU F 2290 65.06 -11.51 31.50
C LEU F 2290 63.63 -11.24 31.03
N GLN F 2291 62.95 -12.29 30.57
CA GLN F 2291 61.60 -12.13 30.05
C GLN F 2291 60.57 -12.18 31.17
N GLU F 2292 59.43 -11.52 30.94
CA GLU F 2292 58.36 -11.51 31.92
C GLU F 2292 57.73 -12.89 32.08
N GLN F 2293 57.76 -13.71 31.03
CA GLN F 2293 57.16 -15.03 31.11
C GLN F 2293 57.87 -15.90 32.14
N ASP F 2294 59.20 -15.82 32.20
CA ASP F 2294 59.95 -16.61 33.18
C ASP F 2294 59.61 -16.19 34.60
N LEU F 2295 59.53 -14.89 34.84
CA LEU F 2295 59.16 -14.40 36.17
C LEU F 2295 57.74 -14.82 36.52
N GLU F 2296 56.83 -14.79 35.55
CA GLU F 2296 55.47 -15.27 35.77
C GLU F 2296 55.46 -16.74 36.16
N LYS F 2297 56.29 -17.55 35.47
CA LYS F 2297 56.37 -18.97 35.79
C LYS F 2297 56.88 -19.18 37.21
N VAL F 2298 57.92 -18.44 37.59
CA VAL F 2298 58.47 -18.57 38.93
C VAL F 2298 57.45 -18.16 39.99
N VAL F 2299 56.74 -17.07 39.76
CA VAL F 2299 55.73 -16.62 40.71
C VAL F 2299 54.58 -17.60 40.78
N SER F 2300 54.22 -18.22 39.66
CA SER F 2300 53.18 -19.23 39.69
C SER F 2300 53.61 -20.44 40.51
N TYR F 2301 54.87 -20.86 40.36
CA TYR F 2301 55.39 -21.93 41.20
C TYR F 2301 55.34 -21.54 42.67
N LEU F 2302 55.70 -20.30 42.98
CA LEU F 2302 55.66 -19.82 44.35
C LEU F 2302 54.24 -19.84 44.90
N ALA F 2303 53.27 -19.41 44.10
CA ALA F 2303 51.88 -19.42 44.52
C ALA F 2303 51.40 -20.84 44.77
N GLY F 2304 51.78 -21.77 43.89
CA GLY F 2304 51.46 -23.17 44.13
C GLY F 2304 52.06 -23.68 45.42
N CYS F 2305 53.29 -23.26 45.72
CA CYS F 2305 53.90 -23.62 47.00
C CYS F 2305 53.13 -23.04 48.17
N GLY F 2306 52.53 -21.87 48.01
CA GLY F 2306 51.80 -21.25 49.09
C GLY F 2306 50.42 -21.78 49.37
N LEU F 2307 49.92 -22.71 48.56
CA LEU F 2307 48.58 -23.27 48.75
C LEU F 2307 48.54 -24.74 49.08
N GLN F 2308 49.54 -25.54 48.68
CA GLN F 2308 49.50 -26.97 48.86
C GLN F 2308 50.78 -27.41 49.56
N SER F 2309 50.62 -28.30 50.55
CA SER F 2309 51.76 -28.78 51.31
C SER F 2309 52.73 -29.55 50.41
N CYS F 2310 53.90 -29.82 50.95
CA CYS F 2310 54.90 -30.56 50.19
C CYS F 2310 54.55 -32.04 50.20
N PRO F 2311 54.34 -32.66 49.03
CA PRO F 2311 53.84 -34.04 49.02
C PRO F 2311 54.78 -35.05 49.66
N MET F 2312 56.09 -34.89 49.48
CA MET F 2312 57.00 -35.89 50.07
C MET F 2312 57.26 -35.60 51.55
N LEU F 2313 57.00 -34.36 51.99
CA LEU F 2313 56.82 -34.15 53.43
C LEU F 2313 55.61 -34.89 53.95
N LEU F 2314 54.50 -34.85 53.19
CA LEU F 2314 53.29 -35.54 53.62
C LEU F 2314 53.51 -37.04 53.70
N ALA F 2315 54.24 -37.61 52.74
CA ALA F 2315 54.53 -39.03 52.73
C ALA F 2315 55.43 -39.47 53.88
N LYS F 2316 56.10 -38.52 54.55
CA LYS F 2316 57.00 -38.83 55.66
C LYS F 2316 56.39 -38.54 57.02
N GLY F 2317 55.08 -38.31 57.08
CA GLY F 2317 54.40 -38.14 58.35
C GLY F 2317 54.44 -36.76 58.94
N TYR F 2318 54.95 -35.77 58.20
CA TYR F 2318 54.93 -34.40 58.70
C TYR F 2318 53.49 -33.89 58.79
N PRO F 2319 53.21 -33.00 59.74
CA PRO F 2319 51.87 -32.42 59.83
C PRO F 2319 51.53 -31.63 58.57
N ASP F 2320 50.26 -31.69 58.19
CA ASP F 2320 49.79 -31.11 56.92
C ASP F 2320 49.34 -29.68 57.15
N ILE F 2321 50.28 -28.74 57.05
CA ILE F 2321 49.94 -27.33 56.99
C ILE F 2321 49.77 -26.96 55.52
N GLY F 2322 48.93 -25.96 55.25
CA GLY F 2322 48.46 -25.72 53.92
C GLY F 2322 49.40 -25.00 52.97
N TRP F 2323 50.71 -25.18 53.12
CA TRP F 2323 51.66 -24.50 52.25
C TRP F 2323 53.03 -25.16 52.39
N ASN F 2324 53.97 -24.72 51.55
CA ASN F 2324 55.29 -25.33 51.42
C ASN F 2324 56.36 -24.26 51.57
N PRO F 2325 56.73 -23.93 52.81
CA PRO F 2325 57.74 -22.88 53.02
C PRO F 2325 59.09 -23.21 52.39
N CYS F 2326 59.46 -24.49 52.36
CA CYS F 2326 60.77 -24.85 51.83
C CYS F 2326 60.89 -24.51 50.35
N GLY F 2327 59.92 -24.93 49.55
CA GLY F 2327 59.92 -24.56 48.15
C GLY F 2327 59.70 -23.07 47.94
N GLY F 2328 58.87 -22.47 48.80
CA GLY F 2328 58.66 -21.04 48.71
C GLY F 2328 59.94 -20.25 48.83
N GLU F 2329 60.77 -20.61 49.81
CA GLU F 2329 62.06 -19.92 49.97
C GLU F 2329 62.96 -20.16 48.77
N ARG F 2330 62.91 -21.37 48.20
CA ARG F 2330 63.76 -21.69 47.06
C ARG F 2330 63.41 -20.82 45.86
N TYR F 2331 62.12 -20.57 45.64
CA TYR F 2331 61.76 -19.67 44.54
C TYR F 2331 62.03 -18.21 44.90
N LEU F 2332 61.86 -17.85 46.18
CA LEU F 2332 62.08 -16.48 46.60
C LEU F 2332 63.53 -16.06 46.42
N ASP F 2333 64.48 -16.98 46.66
CA ASP F 2333 65.88 -16.60 46.47
C ASP F 2333 66.21 -16.38 45.00
N PHE F 2334 65.61 -17.15 44.10
CA PHE F 2334 65.81 -16.89 42.68
C PHE F 2334 65.25 -15.52 42.29
N LEU F 2335 64.06 -15.20 42.79
CA LEU F 2335 63.53 -13.85 42.52
C LEU F 2335 64.44 -12.78 43.10
N ARG F 2336 65.01 -13.03 44.27
CA ARG F 2336 65.95 -12.10 44.88
C ARG F 2336 67.16 -11.87 43.99
N PHE F 2337 67.71 -12.95 43.42
CA PHE F 2337 68.83 -12.81 42.50
C PHE F 2337 68.41 -12.10 41.22
N ALA F 2338 67.14 -12.24 40.82
CA ALA F 2338 66.68 -11.60 39.60
C ALA F 2338 66.49 -10.10 39.76
N VAL F 2339 65.99 -9.64 40.91
CA VAL F 2339 65.63 -8.24 41.08
C VAL F 2339 66.74 -7.39 41.67
N PHE F 2340 67.86 -7.99 42.08
CA PHE F 2340 68.93 -7.25 42.76
C PHE F 2340 70.25 -7.63 42.12
N VAL F 2341 70.97 -6.64 41.60
CA VAL F 2341 72.25 -6.86 40.93
C VAL F 2341 73.25 -5.84 41.44
N ASN F 2342 74.39 -6.34 41.94
CA ASN F 2342 75.56 -5.50 42.25
C ASN F 2342 75.23 -4.40 43.24
N GLY F 2343 74.34 -4.68 44.19
CA GLY F 2343 74.01 -3.73 45.23
C GLY F 2343 72.99 -2.69 44.86
N GLU F 2344 72.38 -2.78 43.68
CA GLU F 2344 71.32 -1.87 43.27
C GLU F 2344 70.14 -2.67 42.74
N SER F 2345 68.95 -2.12 42.92
CA SER F 2345 67.72 -2.79 42.51
C SER F 2345 67.45 -2.52 41.03
N VAL F 2346 67.30 -3.59 40.26
CA VAL F 2346 66.90 -3.47 38.86
C VAL F 2346 65.41 -3.18 38.84
N GLU F 2347 65.05 -1.91 38.62
CA GLU F 2347 63.65 -1.50 38.75
C GLU F 2347 62.76 -2.20 37.74
N GLU F 2348 63.28 -2.50 36.55
CA GLU F 2348 62.46 -3.15 35.52
C GLU F 2348 61.98 -4.51 36.00
N ASN F 2349 62.86 -5.28 36.64
CA ASN F 2349 62.46 -6.57 37.18
C ASN F 2349 61.67 -6.40 38.47
N ALA F 2350 62.03 -5.41 39.28
CA ALA F 2350 61.40 -5.24 40.59
C ALA F 2350 59.92 -4.90 40.45
N ASN F 2351 59.58 -3.98 39.55
CA ASN F 2351 58.19 -3.61 39.37
C ASN F 2351 57.37 -4.79 38.88
N VAL F 2352 57.92 -5.57 37.93
CA VAL F 2352 57.21 -6.74 37.42
C VAL F 2352 56.99 -7.75 38.53
N VAL F 2353 58.01 -8.01 39.35
CA VAL F 2353 57.88 -8.99 40.42
C VAL F 2353 56.85 -8.54 41.44
N VAL F 2354 56.88 -7.27 41.82
CA VAL F 2354 55.92 -6.77 42.80
C VAL F 2354 54.50 -6.88 42.26
N ARG F 2355 54.29 -6.51 40.99
CA ARG F 2355 52.96 -6.59 40.41
C ARG F 2355 52.47 -8.03 40.34
N LEU F 2356 53.34 -8.96 39.94
CA LEU F 2356 52.95 -10.36 39.90
C LEU F 2356 52.60 -10.88 41.28
N LEU F 2357 53.40 -10.52 42.29
CA LEU F 2357 53.15 -10.98 43.65
C LEU F 2357 51.83 -10.46 44.18
N ILE F 2358 51.52 -9.19 43.93
CA ILE F 2358 50.23 -8.69 44.41
C ILE F 2358 49.08 -9.28 43.61
N ARG F 2359 49.30 -9.59 42.32
CA ARG F 2359 48.26 -10.22 41.54
C ARG F 2359 47.97 -11.65 41.99
N LYS F 2360 48.95 -12.33 42.57
CA LYS F 2360 48.74 -13.66 43.17
C LYS F 2360 49.14 -13.56 44.63
N PRO F 2361 48.23 -13.09 45.49
CA PRO F 2361 48.61 -12.74 46.86
C PRO F 2361 48.98 -13.94 47.72
N GLU F 2362 48.65 -15.17 47.30
CA GLU F 2362 48.97 -16.33 48.11
C GLU F 2362 50.47 -16.58 48.21
N CYS F 2363 51.28 -15.90 47.39
CA CYS F 2363 52.73 -16.03 47.50
C CYS F 2363 53.27 -15.50 48.81
N PHE F 2364 52.48 -14.70 49.54
CA PHE F 2364 52.91 -14.07 50.77
C PHE F 2364 52.80 -14.99 51.98
N GLY F 2365 52.26 -16.19 51.82
CA GLY F 2365 52.13 -17.12 52.91
C GLY F 2365 50.75 -17.05 53.55
N PRO F 2366 50.49 -17.95 54.51
CA PRO F 2366 49.21 -17.89 55.22
C PRO F 2366 49.01 -16.59 55.95
N ALA F 2367 50.07 -16.01 56.50
CA ALA F 2367 50.01 -14.66 57.02
C ALA F 2367 50.06 -13.66 55.89
N LEU F 2368 49.77 -12.40 56.22
CA LEU F 2368 49.61 -11.34 55.22
C LEU F 2368 48.54 -11.70 54.18
N ARG F 2369 47.57 -12.50 54.58
CA ARG F 2369 46.50 -12.88 53.67
CA ARG F 2369 46.48 -12.89 53.68
C ARG F 2369 45.38 -11.85 53.61
N GLY F 2370 45.33 -10.92 54.55
CA GLY F 2370 44.26 -9.94 54.58
C GLY F 2370 43.07 -10.44 55.35
N GLU F 2371 42.08 -10.98 54.63
CA GLU F 2371 40.92 -11.58 55.25
C GLU F 2371 41.30 -12.86 55.97
N GLY F 2372 41.20 -12.85 57.30
CA GLY F 2372 41.47 -14.05 58.08
C GLY F 2372 42.93 -14.39 58.22
N GLY F 2373 43.82 -13.47 57.89
CA GLY F 2373 45.26 -13.70 57.98
C GLY F 2373 45.85 -12.94 59.16
N SER F 2374 46.74 -13.61 59.88
CA SER F 2374 47.41 -13.00 61.00
C SER F 2374 48.58 -12.14 60.52
N GLY F 2375 49.15 -11.38 61.45
CA GLY F 2375 50.25 -10.52 61.13
C GLY F 2375 51.56 -11.28 60.99
N LEU F 2376 52.57 -10.56 60.50
CA LEU F 2376 53.88 -11.19 60.29
C LEU F 2376 54.56 -11.51 61.61
N LEU F 2377 54.49 -10.57 62.57
CA LEU F 2377 55.06 -10.84 63.90
C LEU F 2377 54.35 -11.99 64.58
N ALA F 2378 53.02 -12.03 64.46
CA ALA F 2378 52.26 -13.16 65.00
C ALA F 2378 52.68 -14.47 64.35
N ALA F 2379 52.92 -14.44 63.03
CA ALA F 2379 53.37 -15.64 62.33
C ALA F 2379 54.74 -16.09 62.84
N ILE F 2380 55.65 -15.15 63.07
CA ILE F 2380 56.97 -15.51 63.57
C ILE F 2380 56.87 -16.10 64.97
N GLU F 2381 56.06 -15.51 65.83
CA GLU F 2381 55.89 -16.06 67.18
C GLU F 2381 55.27 -17.45 67.12
N GLU F 2382 54.27 -17.65 66.26
CA GLU F 2382 53.67 -18.96 66.09
C GLU F 2382 54.70 -19.97 65.62
N ALA F 2383 55.55 -19.58 64.67
CA ALA F 2383 56.59 -20.48 64.18
C ALA F 2383 57.58 -20.83 65.28
N ILE F 2384 57.93 -19.87 66.12
CA ILE F 2384 58.80 -20.16 67.26
C ILE F 2384 58.14 -21.18 68.20
N ARG F 2385 56.85 -20.98 68.46
CA ARG F 2385 56.14 -21.92 69.33
C ARG F 2385 56.11 -23.33 68.73
N ILE F 2386 55.84 -23.44 67.43
CA ILE F 2386 55.78 -24.76 66.81
C ILE F 2386 57.17 -25.39 66.76
N SER F 2387 58.22 -24.56 66.69
CA SER F 2387 59.57 -25.09 66.79
C SER F 2387 59.83 -25.66 68.16
N GLU F 2388 59.37 -24.95 69.21
CA GLU F 2388 59.51 -25.46 70.56
C GLU F 2388 58.68 -26.71 70.80
N ASP F 2389 57.57 -26.88 70.08
CA ASP F 2389 56.66 -28.01 70.32
C ASP F 2389 56.86 -29.09 69.27
N PRO F 2390 57.43 -30.24 69.62
CA PRO F 2390 57.48 -31.36 68.67
C PRO F 2390 56.11 -31.96 68.43
N ALA F 2391 56.01 -32.90 67.49
CA ALA F 2391 54.77 -33.44 66.93
C ALA F 2391 54.02 -32.40 66.12
N ARG F 2392 54.49 -31.16 66.10
CA ARG F 2392 54.03 -30.13 65.19
C ARG F 2392 55.18 -29.49 64.42
N ASP F 2393 56.43 -29.79 64.80
CA ASP F 2393 57.61 -29.37 64.07
C ASP F 2393 58.20 -30.46 63.19
N GLY F 2394 58.09 -31.72 63.61
CA GLY F 2394 58.59 -32.84 62.83
C GLY F 2394 57.58 -33.97 62.79
N PRO F 2395 57.94 -35.06 62.14
CA PRO F 2395 57.00 -36.19 62.05
C PRO F 2395 56.63 -36.78 63.39
N GLY F 2396 57.52 -36.72 64.38
CA GLY F 2396 57.24 -37.27 65.69
C GLY F 2396 57.07 -38.78 65.67
N VAL F 2397 57.96 -39.47 64.96
CA VAL F 2397 57.91 -40.93 64.87
C VAL F 2397 58.19 -41.54 66.23
N PRO F 2410 71.04 -34.20 62.51
CA PRO F 2410 69.62 -34.48 62.33
C PRO F 2410 69.33 -35.97 62.17
N PRO F 2411 68.19 -36.44 62.68
CA PRO F 2411 67.84 -37.85 62.52
C PRO F 2411 67.77 -38.30 61.07
N GLU F 2412 67.33 -37.42 60.17
CA GLU F 2412 67.31 -37.69 58.74
C GLU F 2412 68.46 -37.02 58.00
N GLU F 2413 69.37 -36.39 58.74
CA GLU F 2413 70.58 -35.73 58.24
C GLU F 2413 70.27 -34.46 57.46
N ASN F 2414 69.00 -34.26 57.11
CA ASN F 2414 68.52 -33.00 56.55
C ASN F 2414 67.15 -32.68 57.10
N ARG F 2415 66.96 -32.88 58.40
CA ARG F 2415 65.65 -32.73 59.01
C ARG F 2415 65.12 -31.33 58.81
N VAL F 2416 63.95 -31.23 58.17
CA VAL F 2416 63.29 -29.95 57.99
C VAL F 2416 62.42 -29.68 59.20
N HIS F 2417 62.70 -28.58 59.89
CA HIS F 2417 61.93 -28.15 61.05
C HIS F 2417 60.95 -27.08 60.61
N LEU F 2418 59.66 -27.32 60.87
CA LEU F 2418 58.62 -26.48 60.28
C LEU F 2418 58.75 -25.03 60.74
N GLY F 2419 59.04 -24.82 62.03
CA GLY F 2419 59.18 -23.45 62.50
C GLY F 2419 60.30 -22.72 61.81
N HIS F 2420 61.49 -23.34 61.73
CA HIS F 2420 62.61 -22.70 61.06
C HIS F 2420 62.30 -22.45 59.59
N ALA F 2421 61.63 -23.40 58.95
CA ALA F 2421 61.23 -23.21 57.55
C ALA F 2421 60.30 -22.01 57.41
N ILE F 2422 59.37 -21.84 58.35
CA ILE F 2422 58.41 -20.75 58.27
C ILE F 2422 59.11 -19.41 58.44
N MET F 2423 59.95 -19.26 59.47
CA MET F 2423 60.63 -17.98 59.63
C MET F 2423 61.62 -17.75 58.50
N SER F 2424 62.24 -18.81 57.97
CA SER F 2424 63.14 -18.63 56.83
C SER F 2424 62.38 -18.15 55.60
N PHE F 2425 61.20 -18.71 55.35
CA PHE F 2425 60.39 -18.27 54.23
C PHE F 2425 59.99 -16.81 54.38
N TYR F 2426 59.56 -16.42 55.57
CA TYR F 2426 59.13 -15.05 55.74
C TYR F 2426 60.30 -14.09 55.66
N ALA F 2427 61.47 -14.49 56.19
CA ALA F 2427 62.66 -13.65 56.06
C ALA F 2427 63.07 -13.49 54.60
N ALA F 2428 63.01 -14.58 53.83
CA ALA F 2428 63.33 -14.50 52.41
C ALA F 2428 62.35 -13.59 51.67
N LEU F 2429 61.06 -13.70 51.99
CA LEU F 2429 60.06 -12.84 51.36
C LEU F 2429 60.32 -11.36 51.69
N ILE F 2430 60.61 -11.07 52.95
CA ILE F 2430 60.85 -9.69 53.36
C ILE F 2430 62.12 -9.16 52.71
N ASP F 2431 63.14 -10.00 52.60
CA ASP F 2431 64.37 -9.60 51.91
C ASP F 2431 64.10 -9.30 50.45
N LEU F 2432 63.31 -10.15 49.78
CA LEU F 2432 62.97 -9.90 48.39
C LEU F 2432 62.22 -8.58 48.23
N LEU F 2433 61.23 -8.33 49.09
CA LEU F 2433 60.48 -7.10 49.00
C LEU F 2433 61.37 -5.89 49.26
N GLY F 2434 62.27 -5.99 50.24
CA GLY F 2434 63.17 -4.88 50.50
C GLY F 2434 64.12 -4.62 49.35
N ARG F 2435 64.56 -5.68 48.66
CA ARG F 2435 65.39 -5.49 47.48
C ARG F 2435 64.60 -4.95 46.30
N CYS F 2436 63.28 -5.19 46.26
CA CYS F 2436 62.44 -4.59 45.24
C CYS F 2436 62.17 -3.12 45.50
N ALA F 2437 62.57 -2.59 46.65
CA ALA F 2437 62.28 -1.21 46.98
C ALA F 2437 63.03 -0.27 46.04
N PRO F 2438 62.42 0.86 45.66
CA PRO F 2438 63.08 1.78 44.75
C PRO F 2438 64.29 2.43 45.42
N GLU F 2439 65.21 2.90 44.58
CA GLU F 2439 66.41 3.55 45.07
C GLU F 2439 66.10 4.96 45.57
N MET F 2440 66.98 5.45 46.44
CA MET F 2440 66.78 6.76 47.07
C MET F 2440 66.79 7.88 46.04
N HIS F 2441 67.64 7.75 45.01
CA HIS F 2441 67.65 8.76 43.96
C HIS F 2441 66.36 8.76 43.15
N LEU F 2442 65.83 7.57 42.83
CA LEU F 2442 64.53 7.51 42.18
C LEU F 2442 63.44 8.09 43.07
N ILE F 2443 63.60 7.95 44.40
CA ILE F 2443 62.62 8.54 45.30
C ILE F 2443 62.70 10.06 45.28
N GLN F 2444 63.91 10.63 45.36
CA GLN F 2444 63.98 12.09 45.45
C GLN F 2444 63.62 12.74 44.12
N ALA F 2445 63.77 12.01 43.02
CA ALA F 2445 63.29 12.52 41.74
C ALA F 2445 61.77 12.60 41.67
N GLY F 2446 61.05 12.01 42.63
CA GLY F 2446 59.61 12.09 42.61
C GLY F 2446 58.96 11.23 41.55
N LYS F 2447 59.63 10.16 41.12
CA LYS F 2447 59.06 9.30 40.10
C LYS F 2447 57.81 8.60 40.64
N GLY F 2448 56.72 8.73 39.88
CA GLY F 2448 55.46 8.18 40.35
C GLY F 2448 55.50 6.68 40.52
N GLU F 2449 56.17 5.98 39.60
CA GLU F 2449 56.27 4.53 39.70
C GLU F 2449 57.03 4.12 40.96
N ALA F 2450 58.15 4.79 41.24
CA ALA F 2450 58.93 4.47 42.42
C ALA F 2450 58.14 4.75 43.70
N LEU F 2451 57.47 5.90 43.75
CA LEU F 2451 56.65 6.21 44.93
C LEU F 2451 55.53 5.20 45.11
N ARG F 2452 54.89 4.79 44.01
CA ARG F 2452 53.82 3.82 44.10
C ARG F 2452 54.33 2.47 44.60
N ILE F 2453 55.49 2.03 44.11
CA ILE F 2453 56.05 0.76 44.55
C ILE F 2453 56.41 0.81 46.03
N ARG F 2454 57.03 1.91 46.45
CA ARG F 2454 57.37 2.04 47.87
C ARG F 2454 56.13 2.06 48.74
N ALA F 2455 55.07 2.73 48.28
CA ALA F 2455 53.83 2.76 49.03
C ALA F 2455 53.20 1.38 49.13
N ILE F 2456 53.25 0.61 48.04
CA ILE F 2456 52.71 -0.75 48.08
C ILE F 2456 53.50 -1.60 49.07
N LEU F 2457 54.82 -1.48 49.06
CA LEU F 2457 55.63 -2.25 50.00
C LEU F 2457 55.34 -1.87 51.44
N ARG F 2458 55.19 -0.57 51.71
CA ARG F 2458 54.86 -0.13 53.06
C ARG F 2458 53.49 -0.66 53.47
N SER F 2459 52.53 -0.67 52.56
CA SER F 2459 51.21 -1.21 52.87
C SER F 2459 51.30 -2.70 53.19
N LEU F 2460 52.16 -3.43 52.47
CA LEU F 2460 52.31 -4.85 52.74
C LEU F 2460 52.91 -5.10 54.12
N VAL F 2461 54.03 -4.44 54.43
CA VAL F 2461 54.75 -4.75 55.66
C VAL F 2461 54.73 -3.59 56.63
N PRO F 2462 54.13 -3.74 57.81
CA PRO F 2462 54.08 -2.63 58.77
C PRO F 2462 55.37 -2.49 59.58
N LEU F 2463 55.69 -1.22 59.86
CA LEU F 2463 56.91 -0.90 60.60
C LEU F 2463 56.86 -1.45 62.02
N ASP F 2464 55.68 -1.46 62.63
CA ASP F 2464 55.56 -2.03 63.96
C ASP F 2464 55.93 -3.51 63.96
N ASP F 2465 55.46 -4.26 62.96
CA ASP F 2465 55.82 -5.67 62.87
C ASP F 2465 57.30 -5.84 62.61
N LEU F 2466 57.89 -5.00 61.76
CA LEU F 2466 59.32 -5.07 61.54
C LEU F 2466 60.11 -4.88 62.83
N VAL F 2467 59.78 -3.83 63.59
CA VAL F 2467 60.50 -3.56 64.83
C VAL F 2467 60.26 -4.68 65.84
N GLY F 2468 59.04 -5.21 65.89
CA GLY F 2468 58.76 -6.30 66.81
C GLY F 2468 59.56 -7.56 66.49
N ILE F 2469 59.72 -7.86 65.20
CA ILE F 2469 60.52 -9.02 64.83
C ILE F 2469 61.99 -8.77 65.15
N ILE F 2470 62.47 -7.55 64.91
CA ILE F 2470 63.85 -7.22 65.26
C ILE F 2470 64.07 -7.33 66.76
N SER F 2471 63.05 -7.03 67.56
CA SER F 2471 63.17 -7.01 69.01
C SER F 2471 62.97 -8.37 69.66
N LEU F 2472 62.71 -9.41 68.87
CA LEU F 2472 62.48 -10.73 69.46
C LEU F 2472 63.77 -11.26 70.08
N PRO F 2473 63.70 -11.87 71.25
CA PRO F 2473 64.91 -12.39 71.90
C PRO F 2473 65.53 -13.52 71.08
N LEU F 2474 66.86 -13.57 71.12
CA LEU F 2474 67.62 -14.64 70.50
C LEU F 2474 68.14 -15.56 71.60
N GLN F 2475 68.00 -16.86 71.41
CA GLN F 2475 68.47 -17.80 72.42
C GLN F 2475 69.98 -17.87 72.38
N ILE F 2476 70.60 -17.56 73.50
CA ILE F 2476 72.05 -17.31 73.59
C ILE F 2476 72.71 -18.52 74.23
N PRO F 2477 73.87 -18.96 73.75
CA PRO F 2477 74.54 -20.11 74.36
C PRO F 2477 74.89 -19.83 75.82
N THR F 2478 74.32 -20.62 76.71
CA THR F 2478 74.56 -20.50 78.14
C THR F 2478 75.40 -21.69 78.61
N LEU F 2479 75.62 -21.74 79.92
CA LEU F 2479 76.39 -22.81 80.54
C LEU F 2479 75.63 -23.33 81.75
N GLY F 2480 75.81 -24.61 82.05
CA GLY F 2480 75.16 -25.20 83.20
C GLY F 2480 75.16 -26.71 83.09
N LYS F 2481 74.68 -27.34 84.16
CA LYS F 2481 74.60 -28.80 84.26
C LYS F 2481 75.96 -29.44 83.97
N ASP F 2482 76.90 -29.18 84.87
CA ASP F 2482 78.32 -29.53 84.87
C ASP F 2482 79.15 -28.61 83.97
N GLY F 2483 78.54 -27.60 83.36
CA GLY F 2483 79.26 -26.69 82.50
C GLY F 2483 79.21 -26.99 81.02
N ALA F 2484 78.35 -27.91 80.59
CA ALA F 2484 78.20 -28.19 79.17
C ALA F 2484 77.55 -26.99 78.48
N LEU F 2485 77.88 -26.79 77.20
CA LEU F 2485 77.37 -25.67 76.45
C LEU F 2485 75.98 -26.00 75.92
N VAL F 2486 74.99 -25.21 76.32
CA VAL F 2486 73.61 -25.38 75.83
C VAL F 2486 73.48 -24.46 74.61
N GLN F 2487 73.83 -24.99 73.45
CA GLN F 2487 73.77 -24.21 72.24
C GLN F 2487 72.48 -24.49 71.47
N PRO F 2488 71.93 -23.50 70.78
CA PRO F 2488 70.74 -23.74 69.96
C PRO F 2488 71.08 -24.56 68.73
N LYS F 2489 70.09 -25.32 68.27
CA LYS F 2489 70.18 -25.99 66.97
C LYS F 2489 69.70 -25.01 65.91
N MET F 2490 70.59 -24.68 64.98
CA MET F 2490 70.32 -23.59 64.04
C MET F 2490 69.42 -24.01 62.89
N SER F 2491 69.21 -25.30 62.69
CA SER F 2491 68.24 -25.75 61.72
C SER F 2491 66.82 -25.72 62.29
N ALA F 2492 66.67 -25.38 63.56
CA ALA F 2492 65.37 -25.42 64.23
C ALA F 2492 65.18 -24.25 65.18
N SER F 2493 65.80 -23.11 64.91
CA SER F 2493 65.72 -22.01 65.84
C SER F 2493 65.67 -20.69 65.08
N PHE F 2494 65.20 -19.65 65.78
CA PHE F 2494 65.19 -18.30 65.26
C PHE F 2494 66.62 -17.77 65.22
N VAL F 2495 67.06 -17.33 64.04
CA VAL F 2495 68.48 -17.05 63.81
C VAL F 2495 68.60 -15.60 63.36
N PRO F 2496 69.81 -15.02 63.49
CA PRO F 2496 69.99 -13.60 63.16
C PRO F 2496 69.74 -13.23 61.70
N ASP F 2497 69.79 -14.19 60.77
CA ASP F 2497 69.50 -13.85 59.38
C ASP F 2497 68.06 -13.38 59.22
N HIS F 2498 67.15 -13.95 60.01
CA HIS F 2498 65.76 -13.51 59.99
C HIS F 2498 65.66 -12.05 60.39
N LYS F 2499 66.41 -11.63 61.40
CA LYS F 2499 66.45 -10.23 61.78
C LYS F 2499 67.11 -9.38 60.71
N ALA F 2500 68.14 -9.90 60.06
CA ALA F 2500 68.86 -9.12 59.05
C ALA F 2500 67.96 -8.79 57.87
N SER F 2501 67.09 -9.73 57.48
CA SER F 2501 66.15 -9.46 56.41
C SER F 2501 65.22 -8.29 56.75
N MET F 2502 64.68 -8.29 57.96
CA MET F 2502 63.82 -7.19 58.38
C MET F 2502 64.60 -5.89 58.49
N VAL F 2503 65.86 -5.94 58.89
CA VAL F 2503 66.67 -4.73 58.93
C VAL F 2503 66.87 -4.16 57.53
N LEU F 2504 67.13 -5.02 56.56
CA LEU F 2504 67.26 -4.56 55.18
C LEU F 2504 65.97 -3.95 54.68
N PHE F 2505 64.84 -4.58 54.97
CA PHE F 2505 63.56 -4.02 54.57
C PHE F 2505 63.31 -2.66 55.22
N LEU F 2506 63.60 -2.55 56.51
CA LEU F 2506 63.41 -1.29 57.23
C LEU F 2506 64.27 -0.19 56.63
N ASP F 2507 65.52 -0.50 56.31
CA ASP F 2507 66.41 0.49 55.74
C ASP F 2507 65.92 0.94 54.36
N ARG F 2508 65.65 -0.02 53.47
CA ARG F 2508 65.39 0.35 52.08
C ARG F 2508 63.98 0.90 51.88
N VAL F 2509 63.00 0.39 52.60
CA VAL F 2509 61.61 0.81 52.39
C VAL F 2509 61.24 1.99 53.29
N TYR F 2510 61.30 1.80 54.60
CA TYR F 2510 60.91 2.86 55.53
C TYR F 2510 62.05 3.83 55.79
N GLY F 2511 63.23 3.30 56.10
CA GLY F 2511 64.37 4.14 56.45
C GLY F 2511 64.26 4.69 57.85
N ILE F 2512 65.36 5.26 58.32
CA ILE F 2512 65.43 5.90 59.63
C ILE F 2512 65.65 7.38 59.39
N GLU F 2513 64.68 8.20 59.79
CA GLU F 2513 64.71 9.62 59.51
C GLU F 2513 64.63 10.50 60.75
N ASN F 2514 64.18 9.97 61.89
CA ASN F 2514 63.99 10.77 63.08
C ASN F 2514 64.73 10.16 64.26
N GLN F 2515 65.23 11.06 65.11
CA GLN F 2515 66.07 10.68 66.24
C GLN F 2515 65.31 9.78 67.21
N ASP F 2516 64.05 10.11 67.50
CA ASP F 2516 63.27 9.32 68.44
C ASP F 2516 63.09 7.90 67.94
N PHE F 2517 62.80 7.73 66.65
CA PHE F 2517 62.66 6.39 66.11
C PHE F 2517 63.99 5.64 66.10
N LEU F 2518 65.09 6.33 65.79
CA LEU F 2518 66.38 5.68 65.84
C LEU F 2518 66.69 5.17 67.25
N LEU F 2519 66.47 6.00 68.26
CA LEU F 2519 66.71 5.57 69.63
C LEU F 2519 65.76 4.45 70.05
N HIS F 2520 64.51 4.51 69.58
CA HIS F 2520 63.54 3.47 69.93
C HIS F 2520 63.92 2.13 69.31
N VAL F 2521 64.46 2.15 68.09
CA VAL F 2521 64.89 0.89 67.50
C VAL F 2521 66.16 0.39 68.18
N LEU F 2522 67.04 1.32 68.59
CA LEU F 2522 68.26 0.91 69.27
C LEU F 2522 67.97 0.24 70.60
N ASP F 2523 67.17 0.87 71.45
CA ASP F 2523 67.06 0.41 72.82
C ASP F 2523 66.19 -0.83 72.98
N VAL F 2524 65.48 -1.26 71.94
CA VAL F 2524 64.65 -2.46 72.01
C VAL F 2524 65.17 -3.57 71.10
N GLY F 2525 65.68 -3.22 69.91
CA GLY F 2525 66.02 -4.25 68.95
C GLY F 2525 67.50 -4.48 68.74
N PHE F 2526 68.29 -3.42 68.73
CA PHE F 2526 69.70 -3.51 68.38
C PHE F 2526 70.60 -3.63 69.60
N LEU F 2527 70.42 -2.75 70.58
CA LEU F 2527 71.31 -2.74 71.73
C LEU F 2527 71.35 -4.06 72.47
N PRO F 2528 70.22 -4.74 72.75
CA PRO F 2528 70.34 -6.07 73.35
C PRO F 2528 71.14 -7.04 72.51
N ASP F 2529 71.04 -6.94 71.18
CA ASP F 2529 71.79 -7.85 70.32
C ASP F 2529 73.28 -7.57 70.36
N MET F 2530 73.68 -6.30 70.33
CA MET F 2530 75.10 -6.01 70.47
C MET F 2530 75.63 -6.40 71.84
N ARG F 2531 74.82 -6.20 72.89
CA ARG F 2531 75.26 -6.63 74.22
C ARG F 2531 75.42 -8.15 74.28
N ALA F 2532 74.48 -8.89 73.68
CA ALA F 2532 74.59 -10.35 73.67
C ALA F 2532 75.82 -10.79 72.89
N ALA F 2533 76.08 -10.17 71.75
CA ALA F 2533 77.26 -10.52 70.95
C ALA F 2533 78.54 -10.20 71.71
N ALA F 2534 78.58 -9.07 72.41
CA ALA F 2534 79.75 -8.73 73.22
C ALA F 2534 79.95 -9.73 74.34
N SER F 2535 78.85 -10.15 74.98
CA SER F 2535 78.95 -11.13 76.05
C SER F 2535 79.47 -12.47 75.54
N LEU F 2536 79.02 -12.90 74.35
CA LEU F 2536 79.46 -14.17 73.80
C LEU F 2536 80.93 -14.19 73.40
N ASP F 2537 81.59 -13.03 73.37
CA ASP F 2537 83.00 -12.98 73.00
C ASP F 2537 83.87 -13.27 74.22
N THR F 2538 83.81 -14.52 74.66
CA THR F 2538 84.63 -15.03 75.75
C THR F 2538 85.52 -16.15 75.21
N ALA F 2539 86.24 -16.80 76.12
CA ALA F 2539 87.13 -17.89 75.71
C ALA F 2539 86.33 -19.05 75.14
N THR F 2540 85.19 -19.37 75.74
CA THR F 2540 84.41 -20.54 75.34
C THR F 2540 83.44 -20.25 74.20
N PHE F 2541 82.68 -19.17 74.31
CA PHE F 2541 81.55 -18.90 73.42
C PHE F 2541 81.95 -18.13 72.17
N SER F 2542 83.22 -17.79 72.00
CA SER F 2542 83.61 -16.93 70.88
C SER F 2542 83.36 -17.59 69.54
N THR F 2543 83.69 -18.88 69.42
CA THR F 2543 83.58 -19.58 68.15
C THR F 2543 82.24 -20.26 67.98
N THR F 2544 81.30 -20.06 68.90
CA THR F 2544 79.99 -20.67 68.76
C THR F 2544 79.27 -20.10 67.55
N GLU F 2545 78.39 -20.93 67.00
CA GLU F 2545 77.66 -20.55 65.79
C GLU F 2545 76.77 -19.34 66.05
N MET F 2546 76.20 -19.24 67.25
CA MET F 2546 75.45 -18.03 67.61
C MET F 2546 76.35 -16.80 67.59
N ALA F 2547 77.56 -16.91 68.13
CA ALA F 2547 78.47 -15.77 68.11
C ALA F 2547 78.81 -15.37 66.68
N LEU F 2548 79.10 -16.34 65.82
CA LEU F 2548 79.45 -16.02 64.45
C LEU F 2548 78.26 -15.41 63.69
N ALA F 2549 77.07 -15.98 63.89
CA ALA F 2549 75.89 -15.45 63.24
C ALA F 2549 75.56 -14.04 63.72
N LEU F 2550 75.72 -13.79 65.02
CA LEU F 2550 75.51 -12.45 65.55
C LEU F 2550 76.53 -11.47 64.99
N ASN F 2551 77.79 -11.91 64.83
CA ASN F 2551 78.79 -11.04 64.23
C ASN F 2551 78.41 -10.68 62.80
N ARG F 2552 77.97 -11.67 62.02
CA ARG F 2552 77.54 -11.38 60.65
C ARG F 2552 76.34 -10.44 60.64
N TYR F 2553 75.37 -10.68 61.51
CA TYR F 2553 74.18 -9.84 61.57
C TYR F 2553 74.53 -8.40 61.92
N LEU F 2554 75.46 -8.22 62.85
CA LEU F 2554 75.85 -6.87 63.25
C LEU F 2554 76.66 -6.18 62.15
N CYS F 2555 77.59 -6.90 61.53
CA CYS F 2555 78.49 -6.27 60.59
C CYS F 2555 77.93 -6.19 59.17
N LEU F 2556 76.76 -6.76 58.93
CA LEU F 2556 76.12 -6.65 57.63
C LEU F 2556 74.81 -5.88 57.64
N ALA F 2557 74.14 -5.80 58.79
CA ALA F 2557 72.82 -5.16 58.86
C ALA F 2557 72.77 -4.02 59.86
N VAL F 2558 73.28 -4.21 61.08
CA VAL F 2558 73.03 -3.25 62.15
C VAL F 2558 74.04 -2.12 62.12
N LEU F 2559 75.33 -2.45 62.14
CA LEU F 2559 76.36 -1.43 62.22
C LEU F 2559 76.41 -0.51 61.00
N PRO F 2560 76.31 -0.98 59.75
CA PRO F 2560 76.22 -0.04 58.64
C PRO F 2560 75.03 0.90 58.73
N LEU F 2561 73.88 0.39 59.19
CA LEU F 2561 72.71 1.26 59.36
C LEU F 2561 72.97 2.32 60.41
N ILE F 2562 73.60 1.94 61.52
CA ILE F 2562 73.94 2.92 62.56
C ILE F 2562 74.92 3.95 62.01
N THR F 2563 75.89 3.49 61.21
CA THR F 2563 76.86 4.42 60.62
C THR F 2563 76.17 5.41 59.69
N LYS F 2564 75.19 4.95 58.92
CA LYS F 2564 74.40 5.88 58.11
C LYS F 2564 73.64 6.86 58.98
N CYS F 2565 73.06 6.37 60.08
CA CYS F 2565 72.30 7.22 60.99
C CYS F 2565 73.18 7.90 62.03
N ALA F 2566 74.49 7.96 61.80
CA ALA F 2566 75.38 8.63 62.74
C ALA F 2566 75.07 10.11 62.94
N PRO F 2567 74.79 10.91 61.91
CA PRO F 2567 74.52 12.33 62.16
C PRO F 2567 73.30 12.59 63.03
N LEU F 2568 72.40 11.61 63.16
CA LEU F 2568 71.23 11.78 64.01
C LEU F 2568 71.55 11.71 65.49
N PHE F 2569 72.83 11.62 65.86
CA PHE F 2569 73.22 11.53 67.26
C PHE F 2569 73.71 12.86 67.83
N ALA F 2570 73.43 13.98 67.17
CA ALA F 2570 73.93 15.26 67.64
C ALA F 2570 73.28 15.67 68.96
N GLY F 2571 71.96 15.50 69.08
CA GLY F 2571 71.24 16.01 70.23
C GLY F 2571 70.59 14.96 71.10
N THR F 2572 71.34 13.94 71.49
CA THR F 2572 70.82 12.85 72.33
C THR F 2572 71.09 13.09 73.81
N GLU F 2573 71.14 14.35 74.25
CA GLU F 2573 71.44 14.64 75.65
C GLU F 2573 70.41 14.03 76.58
N HIS F 2574 69.19 13.81 76.09
CA HIS F 2574 68.16 13.22 76.92
C HIS F 2574 68.34 11.71 77.10
N ARG F 2575 69.13 11.07 76.24
CA ARG F 2575 69.38 9.63 76.30
C ARG F 2575 70.88 9.36 76.44
N ALA F 2576 71.53 10.13 77.31
CA ALA F 2576 72.97 10.03 77.46
C ALA F 2576 73.40 8.65 77.96
N ILE F 2577 72.67 8.09 78.92
CA ILE F 2577 73.03 6.77 79.44
C ILE F 2577 72.97 5.72 78.33
N MET F 2578 71.90 5.78 77.53
CA MET F 2578 71.72 4.80 76.45
C MET F 2578 72.82 4.95 75.40
N VAL F 2579 73.12 6.18 74.99
CA VAL F 2579 74.13 6.36 73.95
C VAL F 2579 75.52 5.98 74.48
N ASP F 2580 75.79 6.25 75.76
CA ASP F 2580 77.06 5.85 76.34
C ASP F 2580 77.19 4.34 76.40
N SER F 2581 76.12 3.64 76.80
CA SER F 2581 76.14 2.19 76.81
C SER F 2581 76.36 1.64 75.40
N MET F 2582 75.73 2.27 74.41
CA MET F 2582 75.92 1.82 73.03
C MET F 2582 77.37 2.00 72.59
N LEU F 2583 77.99 3.13 72.95
CA LEU F 2583 79.39 3.35 72.63
C LEU F 2583 80.28 2.30 73.28
N HIS F 2584 80.03 2.02 74.56
CA HIS F 2584 80.83 1.00 75.24
CA HIS F 2584 80.83 1.00 75.24
C HIS F 2584 80.67 -0.37 74.58
N THR F 2585 79.44 -0.73 74.22
CA THR F 2585 79.21 -2.03 73.61
C THR F 2585 79.90 -2.15 72.26
N VAL F 2586 79.83 -1.09 71.43
CA VAL F 2586 80.45 -1.18 70.12
C VAL F 2586 81.98 -1.20 70.25
N TYR F 2587 82.52 -0.45 71.21
CA TYR F 2587 83.96 -0.50 71.43
C TYR F 2587 84.40 -1.87 71.91
N ARG F 2588 83.64 -2.47 72.83
CA ARG F 2588 83.95 -3.82 73.30
C ARG F 2588 83.90 -4.81 72.15
N LEU F 2589 82.88 -4.70 71.29
CA LEU F 2589 82.81 -5.56 70.11
C LEU F 2589 84.03 -5.38 69.23
N SER F 2590 84.50 -4.14 69.07
CA SER F 2590 85.69 -3.89 68.27
C SER F 2590 86.89 -4.61 68.85
N ARG F 2591 87.06 -4.57 70.17
CA ARG F 2591 88.11 -5.38 70.79
C ARG F 2591 87.67 -6.82 70.94
N GLY F 2592 87.41 -7.50 69.83
CA GLY F 2592 86.89 -8.85 69.90
C GLY F 2592 87.68 -9.88 69.14
N ARG F 2593 87.83 -11.06 69.73
CA ARG F 2593 88.48 -12.18 69.06
C ARG F 2593 87.49 -12.88 68.14
N SER F 2594 88.01 -13.77 67.29
CA SER F 2594 87.23 -14.54 66.34
C SER F 2594 86.42 -13.63 65.41
N LEU F 2595 86.99 -12.48 65.04
CA LEU F 2595 86.37 -11.55 64.12
C LEU F 2595 87.25 -11.40 62.89
N THR F 2596 86.63 -11.46 61.71
CA THR F 2596 87.38 -11.23 60.48
C THR F 2596 87.75 -9.75 60.37
N LYS F 2597 88.76 -9.48 59.53
CA LYS F 2597 89.18 -8.11 59.34
C LYS F 2597 88.08 -7.26 58.73
N ALA F 2598 87.28 -7.86 57.84
CA ALA F 2598 86.16 -7.13 57.25
C ALA F 2598 85.17 -6.70 58.31
N GLN F 2599 84.85 -7.60 59.24
CA GLN F 2599 83.96 -7.23 60.34
C GLN F 2599 84.60 -6.17 61.23
N ARG F 2600 85.90 -6.31 61.50
CA ARG F 2600 86.58 -5.40 62.41
C ARG F 2600 86.59 -3.97 61.85
N ASP F 2601 86.85 -3.82 60.55
CA ASP F 2601 86.87 -2.47 59.99
C ASP F 2601 85.48 -1.85 59.96
N VAL F 2602 84.44 -2.66 59.77
CA VAL F 2602 83.07 -2.14 59.86
C VAL F 2602 82.80 -1.63 61.26
N ILE F 2603 83.20 -2.38 62.29
CA ILE F 2603 82.98 -1.94 63.66
C ILE F 2603 83.75 -0.65 63.92
N GLU F 2604 85.00 -0.57 63.46
CA GLU F 2604 85.80 0.63 63.66
C GLU F 2604 85.18 1.83 62.98
N ASP F 2605 84.68 1.65 61.75
CA ASP F 2605 84.04 2.75 61.04
C ASP F 2605 82.79 3.21 61.77
N CYS F 2606 82.00 2.26 62.29
CA CYS F 2606 80.82 2.64 63.05
C CYS F 2606 81.19 3.46 64.28
N LEU F 2607 82.21 3.02 65.01
CA LEU F 2607 82.62 3.75 66.22
C LEU F 2607 83.12 5.14 65.87
N MET F 2608 83.93 5.26 64.81
CA MET F 2608 84.44 6.57 64.41
C MET F 2608 83.31 7.49 63.97
N ALA F 2609 82.35 6.97 63.21
CA ALA F 2609 81.23 7.79 62.77
C ALA F 2609 80.39 8.26 63.96
N LEU F 2610 80.18 7.38 64.94
CA LEU F 2610 79.44 7.77 66.14
C LEU F 2610 80.18 8.88 66.88
N CYS F 2611 81.48 8.69 67.12
CA CYS F 2611 82.26 9.67 67.87
C CYS F 2611 82.39 10.98 67.14
N ARG F 2612 82.26 10.98 65.81
CA ARG F 2612 82.36 12.23 65.06
CA ARG F 2612 82.36 12.22 65.05
C ARG F 2612 81.19 13.16 65.34
N TYR F 2613 80.01 12.62 65.62
CA TYR F 2613 78.83 13.45 65.81
C TYR F 2613 78.34 13.55 67.25
N ILE F 2614 78.67 12.59 68.11
CA ILE F 2614 78.20 12.69 69.49
C ILE F 2614 78.92 13.85 70.17
N ARG F 2615 78.21 14.54 71.07
CA ARG F 2615 78.77 15.70 71.74
C ARG F 2615 79.97 15.31 72.60
N PRO F 2616 80.96 16.20 72.73
CA PRO F 2616 82.15 15.85 73.52
C PRO F 2616 81.87 15.54 74.97
N SER F 2617 80.84 16.15 75.56
CA SER F 2617 80.55 15.91 76.97
C SER F 2617 80.10 14.48 77.22
N MET F 2618 79.56 13.80 76.21
CA MET F 2618 79.10 12.44 76.35
C MET F 2618 80.20 11.40 76.10
N LEU F 2619 81.35 11.82 75.59
CA LEU F 2619 82.49 10.94 75.38
C LEU F 2619 83.38 10.80 76.60
N GLN F 2620 82.93 11.32 77.75
CA GLN F 2620 83.75 11.26 78.95
C GLN F 2620 84.05 9.82 79.35
N HIS F 2621 83.03 8.96 79.35
CA HIS F 2621 83.23 7.58 79.79
C HIS F 2621 84.09 6.80 78.80
N LEU F 2622 83.87 7.01 77.50
CA LEU F 2622 84.69 6.33 76.51
C LEU F 2622 86.14 6.77 76.60
N LEU F 2623 86.38 8.07 76.81
CA LEU F 2623 87.74 8.54 77.01
C LEU F 2623 88.35 7.96 78.27
N ARG F 2624 87.54 7.81 79.32
CA ARG F 2624 88.02 7.20 80.55
C ARG F 2624 88.46 5.77 80.32
N ARG F 2625 87.68 5.01 79.55
CA ARG F 2625 88.06 3.63 79.24
C ARG F 2625 89.31 3.60 78.35
N LEU F 2626 89.41 4.54 77.41
CA LEU F 2626 90.57 4.58 76.54
C LEU F 2626 91.85 4.89 77.31
N VAL F 2627 91.78 5.81 78.28
CA VAL F 2627 92.96 6.12 79.08
C VAL F 2627 93.51 4.87 79.75
N PHE F 2628 92.64 3.92 80.10
CA PHE F 2628 93.10 2.63 80.57
C PHE F 2628 93.64 1.78 79.43
N ASP F 2629 92.94 1.74 78.29
CA ASP F 2629 93.19 0.73 77.27
C ASP F 2629 94.34 1.06 76.32
N VAL F 2630 94.32 2.22 75.67
CA VAL F 2630 95.27 2.48 74.58
C VAL F 2630 96.72 2.60 75.05
N PRO F 2631 97.05 3.13 76.25
CA PRO F 2631 98.47 3.36 76.56
C PRO F 2631 99.35 2.11 76.54
N ILE F 2632 98.79 0.90 76.61
CA ILE F 2632 99.65 -0.29 76.53
C ILE F 2632 100.29 -0.34 75.15
N LEU F 2633 99.60 0.18 74.14
CA LEU F 2633 100.10 0.27 72.77
C LEU F 2633 100.31 -1.12 72.17
N ASN F 2634 99.33 -1.99 72.37
CA ASN F 2634 99.31 -3.30 71.75
C ASN F 2634 98.76 -3.17 70.33
N GLU F 2635 98.44 -4.30 69.70
CA GLU F 2635 97.87 -4.26 68.36
C GLU F 2635 96.46 -3.71 68.33
N PHE F 2636 95.79 -3.61 69.48
CA PHE F 2636 94.43 -3.11 69.54
C PHE F 2636 94.35 -1.60 69.77
N ALA F 2637 95.48 -0.91 69.81
CA ALA F 2637 95.50 0.52 70.10
C ALA F 2637 95.41 1.39 68.85
N LYS F 2638 95.29 0.77 67.68
CA LYS F 2638 95.37 1.53 66.43
C LYS F 2638 94.12 2.38 66.22
N MET F 2639 92.95 1.75 66.22
CA MET F 2639 91.71 2.50 66.13
C MET F 2639 91.54 3.47 67.29
N PRO F 2640 91.82 3.10 68.55
CA PRO F 2640 91.75 4.11 69.61
C PRO F 2640 92.65 5.31 69.37
N LEU F 2641 93.85 5.09 68.85
CA LEU F 2641 94.73 6.22 68.57
C LEU F 2641 94.13 7.12 67.49
N LYS F 2642 93.63 6.53 66.41
CA LYS F 2642 93.05 7.35 65.35
C LYS F 2642 91.80 8.08 65.83
N LEU F 2643 90.97 7.40 66.63
CA LEU F 2643 89.75 8.01 67.15
C LEU F 2643 90.08 9.17 68.07
N LEU F 2644 91.08 9.00 68.94
CA LEU F 2644 91.48 10.08 69.81
C LEU F 2644 92.04 11.25 69.03
N THR F 2645 92.82 10.97 67.99
CA THR F 2645 93.33 12.03 67.11
C THR F 2645 92.18 12.84 66.53
N ASN F 2646 91.19 12.15 65.95
CA ASN F 2646 90.07 12.85 65.35
C ASN F 2646 89.27 13.62 66.40
N HIS F 2647 89.05 13.01 67.57
CA HIS F 2647 88.26 13.65 68.61
C HIS F 2647 88.93 14.94 69.09
N TYR F 2648 90.23 14.89 69.31
CA TYR F 2648 90.92 16.06 69.84
C TYR F 2648 91.20 17.11 68.77
N GLU F 2649 91.26 16.71 67.49
CA GLU F 2649 91.34 17.71 66.44
C GLU F 2649 89.99 18.40 66.24
N ARG F 2650 88.90 17.65 66.34
CA ARG F 2650 87.58 18.24 66.14
C ARG F 2650 87.15 19.10 67.31
N CYS F 2651 87.40 18.64 68.53
CA CYS F 2651 86.87 19.25 69.74
C CYS F 2651 87.97 19.92 70.58
N TRP F 2652 88.95 20.54 69.92
CA TRP F 2652 90.07 21.10 70.66
C TRP F 2652 89.66 22.35 71.44
N LYS F 2653 88.73 23.14 70.91
CA LYS F 2653 88.26 24.32 71.63
C LYS F 2653 87.59 23.95 72.94
N TYR F 2654 86.79 22.88 72.94
CA TYR F 2654 86.07 22.44 74.13
C TYR F 2654 87.02 22.18 75.28
N TYR F 2655 88.25 21.74 75.00
CA TYR F 2655 89.22 21.47 76.05
C TYR F 2655 90.18 22.63 76.29
N CYS F 2656 90.41 23.49 75.29
CA CYS F 2656 91.43 24.51 75.44
C CYS F 2656 90.86 25.86 75.86
N LEU F 2657 89.84 26.34 75.17
CA LEU F 2657 89.35 27.69 75.41
C LEU F 2657 88.63 27.77 76.76
N PRO F 2658 88.92 28.80 77.56
CA PRO F 2658 88.22 28.94 78.84
C PRO F 2658 86.72 29.10 78.69
N THR F 2659 86.27 29.78 77.65
CA THR F 2659 84.83 29.92 77.39
C THR F 2659 84.24 28.68 76.74
N GLY F 2660 85.07 27.77 76.26
CA GLY F 2660 84.59 26.54 75.67
C GLY F 2660 84.16 26.73 74.23
N TRP F 2661 83.55 25.67 73.70
CA TRP F 2661 83.08 25.68 72.33
C TRP F 2661 81.70 26.33 72.22
N ALA F 2662 81.39 26.81 71.03
CA ALA F 2662 80.06 27.37 70.79
C ALA F 2662 79.00 26.32 71.03
N ASN F 2663 78.00 26.67 71.83
CA ASN F 2663 76.81 25.87 72.16
C ASN F 2663 77.14 24.39 72.40
N PHE F 2664 78.35 24.11 72.90
CA PHE F 2664 78.75 22.76 73.24
C PHE F 2664 79.27 22.61 74.65
N GLY F 2665 79.38 23.70 75.41
CA GLY F 2665 79.86 23.63 76.77
C GLY F 2665 81.36 23.74 76.88
N VAL F 2666 81.86 23.44 78.07
CA VAL F 2666 83.28 23.47 78.38
C VAL F 2666 83.62 22.20 79.16
N THR F 2667 84.92 21.89 79.21
CA THR F 2667 85.38 20.71 79.90
C THR F 2667 85.09 20.83 81.40
N SER F 2668 84.92 19.67 82.04
CA SER F 2668 84.44 19.62 83.42
C SER F 2668 85.55 19.33 84.42
N GLU F 2669 86.79 19.69 84.09
CA GLU F 2669 87.93 19.65 85.01
C GLU F 2669 88.35 18.20 85.30
N GLU F 2670 87.54 17.24 84.87
CA GLU F 2670 87.88 15.83 84.94
C GLU F 2670 88.30 15.29 83.58
N GLU F 2671 87.66 15.76 82.51
CA GLU F 2671 88.08 15.40 81.16
C GLU F 2671 89.49 15.88 80.89
N LEU F 2672 89.86 17.05 81.43
CA LEU F 2672 91.23 17.53 81.30
C LEU F 2672 92.20 16.59 82.00
N HIS F 2673 91.82 16.11 83.20
CA HIS F 2673 92.69 15.17 83.91
C HIS F 2673 92.84 13.87 83.13
N LEU F 2674 91.75 13.36 82.57
CA LEU F 2674 91.83 12.15 81.75
C LEU F 2674 92.71 12.38 80.53
N THR F 2675 92.58 13.55 79.90
CA THR F 2675 93.37 13.88 78.73
C THR F 2675 94.86 13.96 79.07
N ARG F 2676 95.20 14.57 80.20
CA ARG F 2676 96.59 14.64 80.62
C ARG F 2676 97.15 13.26 80.91
N LYS F 2677 96.38 12.42 81.62
CA LYS F 2677 96.83 11.06 81.88
C LYS F 2677 97.03 10.29 80.59
N LEU F 2678 96.12 10.46 79.63
CA LEU F 2678 96.25 9.79 78.34
C LEU F 2678 97.51 10.23 77.62
N PHE F 2679 97.75 11.54 77.56
CA PHE F 2679 98.94 12.05 76.88
C PHE F 2679 100.20 11.50 77.51
N TRP F 2680 100.29 11.57 78.84
CA TRP F 2680 101.53 11.15 79.50
C TRP F 2680 101.72 9.65 79.40
N GLY F 2681 100.64 8.87 79.48
CA GLY F 2681 100.77 7.44 79.32
C GLY F 2681 101.24 7.05 77.93
N ILE F 2682 100.65 7.66 76.90
CA ILE F 2682 101.09 7.37 75.54
C ILE F 2682 102.55 7.78 75.34
N PHE F 2683 102.92 8.95 75.85
CA PHE F 2683 104.28 9.43 75.68
C PHE F 2683 105.27 8.49 76.37
N ASP F 2684 105.00 8.11 77.61
CA ASP F 2684 105.91 7.23 78.35
C ASP F 2684 106.00 5.86 77.71
N SER F 2685 104.87 5.30 77.27
CA SER F 2685 104.90 4.00 76.63
C SER F 2685 105.67 4.04 75.32
N LEU F 2686 105.49 5.10 74.53
CA LEU F 2686 106.17 5.19 73.25
C LEU F 2686 107.66 5.44 73.43
N ALA F 2687 108.05 6.17 74.49
CA ALA F 2687 109.46 6.39 74.74
C ALA F 2687 110.21 5.12 75.06
N HIS F 2688 109.51 4.08 75.54
CA HIS F 2688 110.14 2.82 75.86
C HIS F 2688 109.92 1.73 74.81
N LYS F 2689 108.85 1.82 74.03
CA LYS F 2689 108.57 0.80 73.03
C LYS F 2689 109.65 0.78 71.97
N LYS F 2690 109.98 -0.43 71.50
CA LYS F 2690 110.90 -0.57 70.39
C LYS F 2690 110.29 0.08 69.16
N TYR F 2691 111.15 0.65 68.32
CA TYR F 2691 110.68 1.48 67.21
C TYR F 2691 109.86 0.66 66.22
N ASP F 2692 108.61 1.04 66.04
CA ASP F 2692 107.73 0.48 65.03
C ASP F 2692 107.18 1.64 64.21
N GLN F 2693 107.39 1.60 62.89
CA GLN F 2693 107.00 2.71 62.04
C GLN F 2693 105.49 2.92 62.04
N GLU F 2694 104.72 1.82 61.99
CA GLU F 2694 103.28 1.93 62.00
C GLU F 2694 102.79 2.55 63.30
N LEU F 2695 103.38 2.14 64.43
CA LEU F 2695 102.99 2.71 65.72
C LEU F 2695 103.33 4.19 65.78
N TYR F 2696 104.53 4.56 65.31
CA TYR F 2696 104.96 5.95 65.40
C TYR F 2696 104.13 6.88 64.52
N ARG F 2697 103.89 6.47 63.27
CA ARG F 2697 103.27 7.34 62.28
C ARG F 2697 101.93 7.86 62.77
N MET F 2698 101.21 7.07 63.54
CA MET F 2698 99.91 7.46 64.04
C MET F 2698 99.80 7.47 65.56
N ALA F 2699 100.92 7.38 66.28
CA ALA F 2699 100.93 7.82 67.67
C ALA F 2699 101.38 9.27 67.78
N MET F 2700 102.20 9.73 66.83
CA MET F 2700 102.58 11.14 66.83
C MET F 2700 101.40 12.08 66.68
N PRO F 2701 100.50 11.92 65.70
CA PRO F 2701 99.37 12.86 65.59
C PRO F 2701 98.47 12.85 66.80
N CYS F 2702 98.30 11.70 67.46
CA CYS F 2702 97.50 11.67 68.68
C CYS F 2702 98.12 12.54 69.76
N LEU F 2703 99.44 12.43 69.94
CA LEU F 2703 100.12 13.27 70.92
C LEU F 2703 100.01 14.74 70.56
N CYS F 2704 100.17 15.07 69.27
CA CYS F 2704 100.06 16.47 68.86
C CYS F 2704 98.66 17.01 69.13
N ALA F 2705 97.63 16.25 68.80
CA ALA F 2705 96.25 16.69 69.03
C ALA F 2705 95.96 16.85 70.52
N ILE F 2706 96.42 15.90 71.34
CA ILE F 2706 96.18 16.01 72.77
C ILE F 2706 96.88 17.23 73.35
N ALA F 2707 98.13 17.45 72.96
CA ALA F 2707 98.87 18.61 73.45
C ALA F 2707 98.21 19.91 73.01
N GLY F 2708 97.72 19.97 71.77
CA GLY F 2708 96.97 21.13 71.34
C GLY F 2708 95.67 21.34 72.07
N ALA F 2709 95.00 20.26 72.47
CA ALA F 2709 93.75 20.35 73.21
C ALA F 2709 93.93 20.79 74.65
N LEU F 2710 94.95 20.28 75.33
CA LEU F 2710 95.15 20.64 76.74
C LEU F 2710 95.60 22.09 76.87
N PRO F 2711 95.00 22.87 77.77
CA PRO F 2711 95.50 24.22 78.04
C PRO F 2711 96.91 24.16 78.58
N PRO F 2712 97.77 25.09 78.17
CA PRO F 2712 99.15 25.06 78.66
C PRO F 2712 99.28 25.23 80.16
N ASP F 2713 98.39 25.99 80.78
CA ASP F 2713 98.49 26.32 82.19
C ASP F 2713 97.56 25.50 83.06
N TYR F 2714 97.02 24.40 82.54
CA TYR F 2714 96.08 23.61 83.31
C TYR F 2714 96.79 22.89 84.46
N VAL F 2715 96.18 22.89 85.62
CA VAL F 2715 96.70 22.21 86.81
C VAL F 2715 95.61 21.29 87.34
N ASP F 2716 95.96 20.03 87.57
CA ASP F 2716 94.99 19.05 88.05
C ASP F 2716 94.80 19.20 89.56
N ALA F 2717 93.54 19.19 90.00
CA ALA F 2717 93.26 19.29 91.43
C ALA F 2717 93.80 18.08 92.18
N SER F 2718 93.61 16.88 91.62
CA SER F 2718 94.10 15.65 92.24
C SER F 2718 95.47 15.34 91.64
N TYR F 2719 96.49 16.04 92.15
CA TYR F 2719 97.86 15.88 91.66
C TYR F 2719 98.52 14.70 92.38
N SER F 2720 97.94 13.53 92.18
CA SER F 2720 98.46 12.30 92.75
C SER F 2720 98.05 11.14 91.85
N SER F 2721 98.81 10.05 91.95
CA SER F 2721 98.54 8.86 91.15
C SER F 2721 99.08 7.64 91.88
N LYS F 2722 98.50 6.49 91.55
CA LYS F 2722 98.96 5.23 92.14
C LYS F 2722 100.29 4.78 91.53
N ALA F 2723 100.55 5.17 90.28
CA ALA F 2723 101.76 4.78 89.55
C ALA F 2723 101.88 3.26 89.46
N GLU F 2724 100.76 2.59 89.26
CA GLU F 2724 100.72 1.14 89.11
C GLU F 2724 100.69 0.76 87.64
N LYS F 2725 100.93 -0.53 87.38
CA LYS F 2725 100.91 -1.09 86.03
C LYS F 2725 101.86 -0.35 85.08
N ASN F 2734 88.98 -10.64 81.64
CA ASN F 2734 88.10 -9.56 82.07
C ASN F 2734 88.68 -8.85 83.29
N PHE F 2735 87.80 -8.21 84.07
CA PHE F 2735 88.20 -7.44 85.24
C PHE F 2735 88.00 -8.29 86.48
N ASP F 2736 89.07 -8.47 87.25
CA ASP F 2736 89.04 -9.29 88.46
C ASP F 2736 89.50 -8.45 89.65
N PRO F 2737 88.59 -7.82 90.39
CA PRO F 2737 88.99 -7.03 91.56
C PRO F 2737 89.44 -7.90 92.72
N ARG F 2738 90.72 -7.80 93.07
CA ARG F 2738 91.27 -8.62 94.15
C ARG F 2738 90.85 -8.06 95.51
N PRO F 2739 90.23 -8.87 96.36
CA PRO F 2739 89.96 -8.40 97.74
C PRO F 2739 91.22 -8.43 98.59
N VAL F 2740 91.11 -7.96 99.84
CA VAL F 2740 92.24 -7.93 100.75
C VAL F 2740 92.09 -9.07 101.76
N GLU F 2741 93.12 -9.90 101.87
CA GLU F 2741 93.09 -11.06 102.76
C GLU F 2741 93.46 -10.59 104.16
N THR F 2742 92.51 -10.65 105.08
CA THR F 2742 92.73 -10.27 106.47
C THR F 2742 92.29 -11.32 107.47
N LEU F 2743 91.41 -12.26 107.08
CA LEU F 2743 91.02 -13.33 107.99
C LEU F 2743 92.20 -14.19 108.39
N ASN F 2744 93.21 -14.30 107.52
CA ASN F 2744 94.41 -15.08 107.84
C ASN F 2744 95.17 -14.47 109.01
N VAL F 2745 95.32 -13.14 109.02
CA VAL F 2745 96.06 -12.47 110.08
C VAL F 2745 95.13 -12.21 111.25
N ILE F 2746 95.69 -12.24 112.46
CA ILE F 2746 94.90 -12.05 113.66
C ILE F 2746 94.50 -10.58 113.81
N ILE F 2747 93.22 -10.35 114.06
CA ILE F 2747 92.69 -9.01 114.26
C ILE F 2747 93.03 -8.57 115.69
N PRO F 2748 93.65 -7.41 115.88
CA PRO F 2748 93.83 -6.90 117.25
C PRO F 2748 92.49 -6.49 117.85
N GLU F 2749 92.29 -6.83 119.11
CA GLU F 2749 91.05 -6.53 119.82
C GLU F 2749 91.27 -5.55 120.97
N LYS F 2750 92.37 -4.81 120.94
CA LYS F 2750 92.64 -3.84 122.01
C LYS F 2750 91.69 -2.66 121.97
N LEU F 2751 90.94 -2.48 120.88
CA LEU F 2751 89.96 -1.41 120.75
C LEU F 2751 88.54 -1.95 120.62
N ASP F 2752 88.26 -3.08 121.28
CA ASP F 2752 86.94 -3.69 121.21
C ASP F 2752 85.85 -2.76 121.73
N SER F 2753 86.17 -1.87 122.68
CA SER F 2753 85.20 -0.89 123.16
C SER F 2753 84.72 0.00 122.03
N PHE F 2754 85.55 0.22 121.01
CA PHE F 2754 85.11 0.87 119.79
C PHE F 2754 84.49 -0.11 118.80
N ILE F 2755 85.07 -1.30 118.65
CA ILE F 2755 84.60 -2.26 117.65
C ILE F 2755 83.13 -2.57 117.86
N ASN F 2756 82.80 -3.14 119.03
CA ASN F 2756 81.42 -3.54 119.31
C ASN F 2756 80.48 -2.34 119.36
N LYS F 2757 80.92 -1.25 119.97
CA LYS F 2757 80.07 -0.07 120.11
C LYS F 2757 79.66 0.47 118.74
N PHE F 2758 80.62 0.61 117.83
CA PHE F 2758 80.29 1.09 116.49
C PHE F 2758 79.54 0.03 115.68
N ALA F 2759 79.81 -1.25 115.92
CA ALA F 2759 79.08 -2.31 115.21
C ALA F 2759 77.59 -2.24 115.51
N GLU F 2760 77.23 -2.05 116.78
CA GLU F 2760 75.83 -1.82 117.12
C GLU F 2760 75.38 -0.41 116.81
N TYR F 2761 76.30 0.55 116.72
CA TYR F 2761 75.94 1.93 116.46
C TYR F 2761 75.49 2.13 115.02
N THR F 2762 75.99 1.31 114.09
CA THR F 2762 75.48 1.37 112.73
C THR F 2762 73.99 1.05 112.67
N HIS F 2763 73.57 -0.02 113.36
CA HIS F 2763 72.15 -0.34 113.40
C HIS F 2763 71.37 0.67 114.22
N GLU F 2764 71.99 1.24 115.25
CA GLU F 2764 71.34 2.32 116.00
C GLU F 2764 71.10 3.53 115.10
N LYS F 2765 72.04 3.84 114.21
CA LYS F 2765 71.86 4.91 113.24
C LYS F 2765 70.78 4.56 112.22
N TRP F 2766 70.69 3.28 111.84
CA TRP F 2766 69.56 2.86 111.02
C TRP F 2766 68.23 3.10 111.73
N ALA F 2767 68.22 2.95 113.05
CA ALA F 2767 67.01 3.24 113.83
C ALA F 2767 66.62 4.71 113.69
N PHE F 2768 67.61 5.62 113.70
CA PHE F 2768 67.31 7.03 113.48
C PHE F 2768 66.90 7.30 112.04
N ASP F 2769 67.49 6.58 111.09
CA ASP F 2769 67.02 6.67 109.71
C ASP F 2769 65.56 6.27 109.59
N LYS F 2770 65.12 5.32 110.42
CA LYS F 2770 63.71 4.94 110.44
C LYS F 2770 62.81 6.10 110.86
N ILE F 2771 63.20 6.86 111.88
CA ILE F 2771 62.39 8.00 112.28
C ILE F 2771 62.49 9.11 111.25
N GLN F 2772 63.60 9.18 110.51
CA GLN F 2772 63.69 10.11 109.39
C GLN F 2772 62.85 9.65 108.20
N ASN F 2773 62.47 8.36 108.17
CA ASN F 2773 61.62 7.84 107.12
C ASN F 2773 60.14 8.13 107.38
N ASN F 2774 59.81 8.73 108.51
CA ASN F 2774 58.46 9.10 108.96
C ASN F 2774 57.61 7.89 109.34
N TRP F 2775 58.13 6.67 109.21
CA TRP F 2775 57.46 5.46 109.67
C TRP F 2775 58.27 4.87 110.82
N SER F 2776 57.62 4.70 111.97
CA SER F 2776 58.31 4.27 113.18
C SER F 2776 58.65 2.79 113.10
N TYR F 2777 59.46 2.33 114.05
CA TYR F 2777 59.88 0.95 114.13
C TYR F 2777 58.76 0.07 114.68
N GLY F 2778 58.74 -1.18 114.23
CA GLY F 2778 57.74 -2.13 114.69
C GLY F 2778 58.39 -3.42 115.15
N GLU F 2779 57.67 -4.13 116.01
CA GLU F 2779 58.14 -5.39 116.57
C GLU F 2779 57.80 -6.58 115.67
N ASN F 2780 56.55 -6.65 115.21
CA ASN F 2780 56.11 -7.77 114.41
C ASN F 2780 56.75 -7.74 113.02
N VAL F 2781 56.98 -8.93 112.48
CA VAL F 2781 57.52 -9.06 111.12
C VAL F 2781 56.39 -8.83 110.13
N ASP F 2782 56.60 -7.89 109.21
CA ASP F 2782 55.58 -7.55 108.23
C ASP F 2782 56.25 -6.93 107.00
N GLU F 2783 55.53 -6.97 105.89
CA GLU F 2783 56.00 -6.38 104.64
C GLU F 2783 55.25 -5.11 104.26
N GLU F 2784 54.28 -4.69 105.08
CA GLU F 2784 53.50 -3.50 104.77
C GLU F 2784 54.12 -2.21 105.31
N LEU F 2785 55.06 -2.32 106.26
CA LEU F 2785 55.69 -1.15 106.86
C LEU F 2785 56.87 -0.63 106.04
N LYS F 2786 57.26 -1.35 104.98
CA LYS F 2786 58.36 -1.00 104.08
C LYS F 2786 59.61 -0.54 104.84
N THR F 2787 59.80 -1.05 106.05
CA THR F 2787 60.95 -0.72 106.87
C THR F 2787 61.50 -1.99 107.52
N HIS F 2788 62.41 -1.85 108.47
CA HIS F 2788 62.93 -3.01 109.17
C HIS F 2788 61.85 -3.56 110.09
N PRO F 2789 61.41 -4.81 109.90
CA PRO F 2789 60.31 -5.33 110.72
C PRO F 2789 60.73 -5.81 112.09
N MET F 2790 62.02 -6.01 112.33
CA MET F 2790 62.51 -6.53 113.60
C MET F 2790 63.21 -5.46 114.44
N LEU F 2791 63.00 -4.18 114.12
CA LEU F 2791 63.62 -3.10 114.89
C LEU F 2791 62.80 -2.88 116.16
N ARG F 2792 63.42 -3.13 117.31
CA ARG F 2792 62.73 -3.10 118.60
C ARG F 2792 63.51 -2.25 119.59
N PRO F 2793 62.83 -1.67 120.57
CA PRO F 2793 63.54 -0.90 121.60
C PRO F 2793 64.47 -1.78 122.42
N TYR F 2794 65.55 -1.17 122.91
CA TYR F 2794 66.61 -1.93 123.58
C TYR F 2794 66.09 -2.70 124.79
N LYS F 2795 65.00 -2.24 125.41
CA LYS F 2795 64.40 -3.00 126.50
C LYS F 2795 63.91 -4.36 126.03
N THR F 2796 63.33 -4.42 124.82
CA THR F 2796 62.81 -5.65 124.25
C THR F 2796 63.50 -6.01 122.94
N PHE F 2797 64.71 -5.52 122.72
CA PHE F 2797 65.46 -5.83 121.51
C PHE F 2797 66.28 -7.09 121.72
N SER F 2798 65.96 -8.14 120.96
CA SER F 2798 66.72 -9.37 121.05
C SER F 2798 68.14 -9.16 120.53
N GLU F 2799 69.10 -9.81 121.19
CA GLU F 2799 70.50 -9.66 120.81
C GLU F 2799 70.92 -10.60 119.68
N LYS F 2800 70.01 -11.45 119.19
CA LYS F 2800 70.37 -12.31 118.07
C LYS F 2800 70.69 -11.50 116.82
N ASP F 2801 69.91 -10.43 116.57
CA ASP F 2801 70.23 -9.55 115.45
C ASP F 2801 71.41 -8.64 115.77
N LYS F 2802 71.59 -8.28 117.04
CA LYS F 2802 72.73 -7.45 117.43
C LYS F 2802 74.05 -8.21 117.25
N GLU F 2803 74.02 -9.54 117.36
CA GLU F 2803 75.21 -10.36 117.23
C GLU F 2803 75.43 -10.86 115.81
N ILE F 2804 74.61 -10.45 114.86
CA ILE F 2804 74.84 -10.76 113.45
C ILE F 2804 75.08 -9.52 112.61
N TYR F 2805 74.69 -8.32 113.07
CA TYR F 2805 74.94 -7.09 112.34
C TYR F 2805 76.36 -6.58 112.54
N ARG F 2806 77.13 -7.17 113.46
CA ARG F 2806 78.47 -6.68 113.76
C ARG F 2806 79.51 -7.19 112.77
N TRP F 2807 79.17 -8.22 111.98
CA TRP F 2807 80.15 -8.79 111.05
C TRP F 2807 80.63 -7.81 109.99
N PRO F 2808 79.77 -7.02 109.33
CA PRO F 2808 80.30 -6.03 108.38
C PRO F 2808 81.26 -5.04 109.02
N ILE F 2809 80.99 -4.60 110.25
CA ILE F 2809 81.89 -3.67 110.93
C ILE F 2809 83.19 -4.36 111.30
N LYS F 2810 83.12 -5.62 111.73
CA LYS F 2810 84.33 -6.39 111.99
C LYS F 2810 85.21 -6.46 110.76
N GLU F 2811 84.62 -6.81 109.62
CA GLU F 2811 85.39 -6.92 108.39
C GLU F 2811 85.88 -5.55 107.90
N SER F 2812 85.10 -4.49 108.13
CA SER F 2812 85.56 -3.15 107.78
C SER F 2812 86.79 -2.75 108.58
N LEU F 2813 86.78 -2.99 109.89
CA LEU F 2813 87.94 -2.71 110.71
C LEU F 2813 89.12 -3.58 110.31
N LYS F 2814 88.89 -4.85 110.00
CA LYS F 2814 89.95 -5.73 109.53
C LYS F 2814 90.57 -5.18 108.24
N ALA F 2815 89.73 -4.77 107.29
CA ALA F 2815 90.21 -4.25 106.01
C ALA F 2815 91.02 -2.97 106.21
N MET F 2816 90.52 -2.06 107.05
CA MET F 2816 91.24 -0.82 107.30
C MET F 2816 92.58 -1.06 107.99
N ILE F 2817 92.64 -1.96 108.97
CA ILE F 2817 93.89 -2.21 109.67
C ILE F 2817 94.86 -3.07 108.86
N ALA F 2818 94.37 -3.81 107.85
CA ALA F 2818 95.26 -4.65 107.06
C ALA F 2818 96.18 -3.83 106.17
N TRP F 2819 95.73 -2.66 105.71
CA TRP F 2819 96.53 -1.85 104.81
C TRP F 2819 97.60 -1.05 105.56
N GLU F 2820 98.42 -1.75 106.33
CA GLU F 2820 99.54 -1.20 107.11
C GLU F 2820 99.18 0.12 107.80
N TRP F 2821 97.95 0.22 108.30
CA TRP F 2821 97.45 1.43 108.96
C TRP F 2821 97.21 1.11 110.43
N THR F 2822 98.25 1.33 111.25
CA THR F 2822 98.10 1.16 112.69
C THR F 2822 97.24 2.28 113.26
N ILE F 2823 96.32 1.91 114.15
CA ILE F 2823 95.39 2.84 114.77
C ILE F 2823 95.72 2.94 116.25
N GLU F 2824 95.85 4.18 116.75
CA GLU F 2824 96.22 4.44 118.13
C GLU F 2824 95.12 5.26 118.80
N LYS F 2825 94.82 4.89 120.06
CA LYS F 2825 93.79 5.58 120.84
C LYS F 2825 94.45 6.78 121.51
N ALA F 2826 94.32 7.95 120.88
CA ALA F 2826 94.86 9.17 121.48
C ALA F 2826 94.13 9.51 122.78
N ARG F 2827 92.81 9.31 122.80
CA ARG F 2827 92.02 9.60 123.98
C ARG F 2827 91.93 8.38 124.89
N GLU F 2828 91.44 8.61 126.11
CA GLU F 2828 91.21 7.55 127.09
C GLU F 2828 90.02 7.95 127.94
N GLY F 2829 88.86 7.38 127.64
CA GLY F 2829 87.65 7.70 128.37
C GLY F 2829 86.59 6.64 128.20
N GLU F 2830 85.35 7.04 128.45
CA GLU F 2830 84.19 6.16 128.36
C GLU F 2830 84.35 4.92 129.24
N TYR F 2855 65.95 3.75 123.80
CA TYR F 2855 66.50 3.23 122.55
C TYR F 2855 66.57 4.34 121.50
N ASN F 2856 67.62 5.16 121.58
CA ASN F 2856 67.77 6.28 120.66
C ASN F 2856 69.23 6.68 120.55
N PRO F 2857 69.77 6.77 119.34
CA PRO F 2857 71.16 7.25 119.17
C PRO F 2857 71.27 8.76 119.36
N GLN F 2858 71.40 9.20 120.62
CA GLN F 2858 71.47 10.64 120.89
C GLN F 2858 72.67 11.30 120.21
N PRO F 2859 73.89 10.78 120.31
CA PRO F 2859 74.99 11.35 119.52
C PRO F 2859 74.84 10.99 118.05
N PRO F 2860 74.75 11.96 117.16
CA PRO F 2860 74.49 11.66 115.75
C PRO F 2860 75.76 11.45 114.94
N ASP F 2861 75.76 10.42 114.09
CA ASP F 2861 76.86 10.15 113.17
C ASP F 2861 76.52 10.77 111.83
N LEU F 2862 77.24 11.83 111.46
CA LEU F 2862 77.00 12.59 110.24
C LEU F 2862 78.28 12.62 109.41
N SER F 2863 78.12 12.50 108.09
CA SER F 2863 79.24 12.38 107.18
C SER F 2863 79.45 13.60 106.28
N GLY F 2864 78.64 14.66 106.45
CA GLY F 2864 78.77 15.83 105.61
C GLY F 2864 79.84 16.81 106.00
N VAL F 2865 80.53 16.59 107.11
CA VAL F 2865 81.58 17.49 107.56
C VAL F 2865 82.89 17.11 106.88
N THR F 2866 83.80 18.09 106.80
CA THR F 2866 85.07 17.92 106.11
C THR F 2866 86.08 17.18 106.98
N LEU F 2867 87.22 16.85 106.38
CA LEU F 2867 88.27 16.12 107.06
C LEU F 2867 89.59 16.39 106.37
N SER F 2868 90.68 16.06 107.05
CA SER F 2868 92.01 16.24 106.52
C SER F 2868 92.25 15.36 105.30
N ARG F 2869 93.04 15.88 104.35
CA ARG F 2869 93.28 15.17 103.10
C ARG F 2869 94.05 13.87 103.32
N GLU F 2870 95.04 13.89 104.22
CA GLU F 2870 95.86 12.70 104.44
CA GLU F 2870 95.86 12.70 104.43
C GLU F 2870 95.02 11.53 104.93
N LEU F 2871 94.13 11.77 105.88
CA LEU F 2871 93.28 10.69 106.40
C LEU F 2871 92.14 10.38 105.44
N GLN F 2872 91.63 11.38 104.72
CA GLN F 2872 90.58 11.11 103.75
C GLN F 2872 91.09 10.26 102.59
N ALA F 2873 92.38 10.35 102.27
CA ALA F 2873 92.95 9.46 101.27
C ALA F 2873 92.89 8.01 101.73
N MET F 2874 93.20 7.76 103.00
CA MET F 2874 93.05 6.41 103.55
C MET F 2874 91.60 5.98 103.54
N ALA F 2875 90.68 6.91 103.83
CA ALA F 2875 89.25 6.58 103.77
C ALA F 2875 88.83 6.19 102.36
N GLU F 2876 89.31 6.91 101.34
CA GLU F 2876 88.97 6.57 99.97
C GLU F 2876 89.61 5.25 99.55
N GLN F 2877 90.79 4.94 100.08
CA GLN F 2877 91.39 3.64 99.81
C GLN F 2877 90.57 2.52 100.46
N LEU F 2878 90.02 2.77 101.65
CA LEU F 2878 89.14 1.81 102.28
C LEU F 2878 87.86 1.62 101.46
N ALA F 2879 87.33 2.71 100.90
CA ALA F 2879 86.19 2.60 100.00
C ALA F 2879 86.55 1.83 98.74
N GLU F 2880 87.78 2.02 98.23
CA GLU F 2880 88.24 1.22 97.10
C GLU F 2880 88.27 -0.26 97.44
N ASN F 2881 88.73 -0.60 98.64
CA ASN F 2881 88.71 -1.99 99.08
C ASN F 2881 87.29 -2.51 99.19
N TYR F 2882 86.37 -1.69 99.73
CA TYR F 2882 84.95 -2.05 99.73
C TYR F 2882 84.48 -2.41 98.33
N HIS F 2883 84.78 -1.54 97.37
CA HIS F 2883 84.28 -1.75 96.01
C HIS F 2883 84.91 -2.97 95.36
N ASN F 2884 86.21 -3.21 95.58
CA ASN F 2884 86.83 -4.35 94.93
C ASN F 2884 86.35 -5.66 95.56
N THR F 2885 86.11 -5.67 96.87
CA THR F 2885 85.51 -6.85 97.49
C THR F 2885 84.11 -7.11 96.94
N TRP F 2886 83.31 -6.05 96.79
CA TRP F 2886 81.97 -6.21 96.24
C TRP F 2886 82.02 -6.72 94.81
N GLY F 2887 82.92 -6.16 94.00
CA GLY F 2887 83.09 -6.64 92.65
C GLY F 2887 83.57 -8.07 92.57
N ARG F 2888 84.45 -8.47 93.49
CA ARG F 2888 84.90 -9.87 93.54
C ARG F 2888 83.73 -10.80 93.84
N LYS F 2889 82.94 -10.48 94.86
CA LYS F 2889 81.85 -11.38 95.21
C LYS F 2889 80.76 -11.38 94.15
N LYS F 2890 80.60 -10.30 93.40
CA LYS F 2890 79.65 -10.31 92.29
C LYS F 2890 80.19 -11.09 91.10
N LYS F 2891 81.47 -10.92 90.78
CA LYS F 2891 82.06 -11.61 89.64
C LYS F 2891 82.24 -13.10 89.89
N GLN F 2892 82.28 -13.53 91.15
CA GLN F 2892 82.29 -14.96 91.43
C GLN F 2892 81.00 -15.62 90.95
N GLU F 2893 79.86 -14.95 91.14
CA GLU F 2893 78.61 -15.48 90.61
C GLU F 2893 78.51 -15.24 89.10
N LEU F 2894 79.01 -14.10 88.62
CA LEU F 2894 78.87 -13.75 87.21
C LEU F 2894 79.75 -14.60 86.30
N GLU F 2895 80.87 -15.12 86.82
CA GLU F 2895 81.82 -15.84 85.99
C GLU F 2895 81.38 -17.26 85.68
N ALA F 2896 80.29 -17.74 86.31
CA ALA F 2896 79.76 -19.06 85.98
C ALA F 2896 79.34 -19.15 84.51
N LYS F 2897 78.88 -18.05 83.92
CA LYS F 2897 78.58 -18.01 82.50
C LYS F 2897 79.80 -17.70 81.65
N GLY F 2898 80.65 -16.79 82.14
CA GLY F 2898 81.81 -16.35 81.39
C GLY F 2898 81.54 -15.28 80.36
N GLY F 2899 80.28 -14.89 80.18
CA GLY F 2899 79.94 -13.89 79.19
C GLY F 2899 79.34 -12.63 79.77
N GLY F 2900 79.81 -11.48 79.31
CA GLY F 2900 79.34 -10.21 79.82
C GLY F 2900 80.01 -9.83 81.12
N THR F 2901 79.69 -8.63 81.59
CA THR F 2901 80.24 -8.13 82.84
C THR F 2901 79.25 -7.16 83.46
N HIS F 2902 79.31 -7.07 84.79
CA HIS F 2902 78.49 -6.10 85.48
C HIS F 2902 78.97 -4.69 85.15
N PRO F 2903 78.05 -3.74 84.93
CA PRO F 2903 78.48 -2.38 84.57
C PRO F 2903 79.34 -1.70 85.62
N LEU F 2904 79.21 -2.09 86.90
CA LEU F 2904 80.00 -1.52 87.97
C LEU F 2904 81.29 -2.30 88.23
N LEU F 2905 81.59 -3.30 87.39
CA LEU F 2905 82.85 -4.03 87.49
C LEU F 2905 83.98 -3.21 86.85
N VAL F 2906 84.28 -2.10 87.51
CA VAL F 2906 85.30 -1.16 87.03
C VAL F 2906 86.21 -0.80 88.20
N PRO F 2907 87.43 -0.37 87.92
CA PRO F 2907 88.32 0.07 89.00
C PRO F 2907 87.73 1.25 89.75
N TYR F 2908 88.07 1.33 91.05
CA TYR F 2908 87.47 2.34 91.92
C TYR F 2908 87.80 3.76 91.45
N ASP F 2909 88.98 3.99 90.88
CA ASP F 2909 89.28 5.31 90.38
C ASP F 2909 88.50 5.62 89.11
N THR F 2910 87.98 4.60 88.44
CA THR F 2910 87.30 4.82 87.16
C THR F 2910 85.86 5.29 87.36
N LEU F 2911 85.13 4.67 88.28
CA LEU F 2911 83.72 5.02 88.43
C LEU F 2911 83.56 6.45 88.94
N THR F 2912 82.50 7.10 88.50
CA THR F 2912 82.27 8.50 88.85
C THR F 2912 81.79 8.62 90.29
N ALA F 2913 81.53 9.86 90.71
CA ALA F 2913 81.21 10.11 92.11
C ALA F 2913 79.80 9.64 92.48
N LYS F 2914 78.88 9.66 91.51
CA LYS F 2914 77.50 9.28 91.82
C LYS F 2914 77.39 7.82 92.24
N GLU F 2915 78.13 6.94 91.56
CA GLU F 2915 78.18 5.52 91.93
C GLU F 2915 79.22 5.22 92.99
N LYS F 2916 80.08 6.17 93.32
CA LYS F 2916 81.03 6.03 94.42
C LYS F 2916 80.40 6.37 95.76
N ALA F 2917 79.14 6.83 95.75
CA ALA F 2917 78.51 7.37 96.95
C ALA F 2917 78.39 6.36 98.09
N ARG F 2918 78.02 5.12 97.79
CA ARG F 2918 77.78 4.15 98.86
C ARG F 2918 79.05 3.87 99.66
N ASP F 2919 80.10 3.39 98.98
CA ASP F 2919 81.36 3.11 99.65
C ASP F 2919 81.99 4.37 100.23
N ARG F 2920 81.92 5.48 99.51
CA ARG F 2920 82.46 6.74 100.01
C ARG F 2920 81.81 7.12 101.34
N GLU F 2921 80.47 7.06 101.40
CA GLU F 2921 79.76 7.43 102.61
C GLU F 2921 80.03 6.45 103.74
N LYS F 2922 80.12 5.15 103.43
CA LYS F 2922 80.42 4.18 104.48
C LYS F 2922 81.78 4.44 105.09
N ALA F 2923 82.81 4.61 104.24
CA ALA F 2923 84.15 4.88 104.75
C ALA F 2923 84.20 6.20 105.51
N GLN F 2924 83.53 7.23 104.99
CA GLN F 2924 83.55 8.54 105.65
C GLN F 2924 82.83 8.49 106.99
N GLU F 2925 81.73 7.74 107.09
CA GLU F 2925 81.03 7.62 108.36
C GLU F 2925 81.86 6.88 109.39
N LEU F 2926 82.53 5.80 108.96
CA LEU F 2926 83.44 5.12 109.88
C LEU F 2926 84.56 6.06 110.34
N LEU F 2927 85.09 6.86 109.41
CA LEU F 2927 86.16 7.77 109.77
C LEU F 2927 85.67 8.88 110.68
N LYS F 2928 84.43 9.33 110.52
CA LYS F 2928 83.87 10.33 111.42
C LYS F 2928 83.66 9.74 112.82
N PHE F 2929 83.23 8.48 112.89
CA PHE F 2929 83.11 7.84 114.20
C PHE F 2929 84.46 7.71 114.87
N LEU F 2930 85.50 7.42 114.09
CA LEU F 2930 86.86 7.50 114.62
C LEU F 2930 87.24 8.91 115.05
N GLN F 2931 86.86 9.92 114.28
CA GLN F 2931 87.31 11.29 114.49
C GLN F 2931 86.74 11.90 115.76
N MET F 2932 85.42 11.78 115.96
CA MET F 2932 84.82 12.48 117.08
C MET F 2932 85.26 11.89 118.41
N ASN F 2933 85.84 10.69 118.40
CA ASN F 2933 86.44 10.11 119.60
C ASN F 2933 87.93 10.37 119.69
N GLY F 2934 88.61 10.49 118.55
CA GLY F 2934 90.03 10.79 118.54
C GLY F 2934 90.93 9.59 118.31
N TYR F 2935 90.61 8.78 117.31
CA TYR F 2935 91.41 7.61 116.95
C TYR F 2935 92.42 8.03 115.88
N ALA F 2936 93.71 7.95 116.21
CA ALA F 2936 94.78 8.36 115.32
C ALA F 2936 95.30 7.14 114.58
N VAL F 2937 95.11 7.14 113.25
CA VAL F 2937 95.60 6.08 112.38
C VAL F 2937 96.45 6.71 111.29
N THR F 2938 97.67 6.23 111.13
CA THR F 2938 98.61 6.80 110.17
C THR F 2938 99.43 5.68 109.53
N ARG F 2939 99.83 5.90 108.29
CA ARG F 2939 100.63 4.91 107.56
C ARG F 2939 101.99 4.70 108.21
N LEU F 2946 104.84 16.80 96.11
CA LEU F 2946 104.66 17.21 97.49
C LEU F 2946 105.11 18.66 97.68
N ASP F 2947 104.21 19.49 98.21
CA ASP F 2947 104.46 20.92 98.42
C ASP F 2947 104.89 21.60 97.12
N THR F 2948 104.23 21.25 96.03
CA THR F 2948 104.56 21.78 94.71
C THR F 2948 103.68 22.99 94.42
N SER F 2949 104.30 24.06 93.92
CA SER F 2949 103.56 25.26 93.55
C SER F 2949 102.72 25.00 92.31
N SER F 2950 101.68 25.83 92.14
CA SER F 2950 100.78 25.66 91.00
C SER F 2950 101.50 25.91 89.69
N ILE F 2951 102.59 26.68 89.71
CA ILE F 2951 103.33 26.96 88.48
C ILE F 2951 104.03 25.71 87.99
N GLU F 2952 104.66 24.97 88.90
CA GLU F 2952 105.39 23.76 88.50
C GLU F 2952 104.45 22.62 88.12
N LYS F 2953 103.17 22.72 88.47
CA LYS F 2953 102.19 21.70 88.11
C LYS F 2953 101.59 21.93 86.73
N ARG F 2954 101.97 22.99 86.04
CA ARG F 2954 101.38 23.31 84.76
C ARG F 2954 101.78 22.29 83.69
N PHE F 2955 100.85 22.04 82.77
CA PHE F 2955 101.11 21.09 81.70
C PHE F 2955 102.30 21.54 80.87
N ALA F 2956 102.34 22.82 80.50
CA ALA F 2956 103.45 23.33 79.71
C ALA F 2956 104.77 23.21 80.47
N PHE F 2957 104.74 23.48 81.78
CA PHE F 2957 105.94 23.32 82.59
C PHE F 2957 106.46 21.90 82.54
N GLY F 2958 105.59 20.92 82.80
CA GLY F 2958 106.02 19.54 82.78
C GLY F 2958 106.49 19.09 81.42
N PHE F 2959 105.79 19.54 80.37
CA PHE F 2959 106.15 19.17 79.01
C PHE F 2959 107.52 19.71 78.64
N LEU F 2960 107.78 20.98 78.99
CA LEU F 2960 109.09 21.55 78.71
C LEU F 2960 110.18 20.89 79.54
N GLN F 2961 109.88 20.53 80.78
CA GLN F 2961 110.85 19.82 81.61
C GLN F 2961 111.22 18.48 80.99
N GLN F 2962 110.23 17.74 80.50
CA GLN F 2962 110.51 16.48 79.84
C GLN F 2962 111.25 16.70 78.53
N LEU F 2963 110.94 17.79 77.84
CA LEU F 2963 111.65 18.11 76.60
C LEU F 2963 113.12 18.36 76.86
N LEU F 2964 113.44 19.09 77.93
CA LEU F 2964 114.85 19.31 78.28
C LEU F 2964 115.52 18.03 78.74
N ARG F 2965 114.79 17.20 79.50
CA ARG F 2965 115.34 15.92 79.91
C ARG F 2965 115.69 15.06 78.70
N TRP F 2966 114.86 15.11 77.67
CA TRP F 2966 115.19 14.41 76.44
C TRP F 2966 116.25 15.13 75.62
N MET F 2967 116.39 16.44 75.79
CA MET F 2967 117.43 17.17 75.08
C MET F 2967 118.81 16.80 75.58
N ASP F 2968 118.97 16.59 76.88
CA ASP F 2968 120.28 16.13 77.36
C ASP F 2968 120.57 14.71 76.87
N ILE F 2969 119.54 13.86 76.76
CA ILE F 2969 119.73 12.55 76.16
C ILE F 2969 120.13 12.70 74.69
N SER F 2970 119.56 13.69 74.01
CA SER F 2970 119.95 13.94 72.62
C SER F 2970 121.40 14.36 72.53
N GLN F 2971 121.85 15.20 73.47
CA GLN F 2971 123.26 15.55 73.55
C GLN F 2971 124.14 14.32 73.75
N GLU F 2972 123.71 13.41 74.63
CA GLU F 2972 124.45 12.17 74.84
C GLU F 2972 124.57 11.35 73.55
N PHE F 2973 123.44 11.10 72.89
CA PHE F 2973 123.48 10.21 71.74
C PHE F 2973 124.11 10.84 70.50
N ILE F 2974 123.95 12.15 70.29
CA ILE F 2974 124.66 12.76 69.16
C ILE F 2974 126.16 12.74 69.42
N ALA F 2975 126.57 12.91 70.68
CA ALA F 2975 127.99 12.80 71.00
C ALA F 2975 128.49 11.40 70.72
N HIS F 2976 127.72 10.38 71.09
CA HIS F 2976 128.11 9.00 70.77
C HIS F 2976 128.19 8.79 69.27
N LEU F 2977 127.22 9.33 68.52
CA LEU F 2977 127.22 9.16 67.07
C LEU F 2977 128.41 9.86 66.44
N GLU F 2978 128.76 11.05 66.92
CA GLU F 2978 129.96 11.73 66.43
C GLU F 2978 131.20 10.92 66.74
N ALA F 2979 131.28 10.35 67.94
CA ALA F 2979 132.43 9.54 68.30
C ALA F 2979 132.57 8.33 67.38
N VAL F 2980 131.46 7.65 67.10
CA VAL F 2980 131.53 6.43 66.30
C VAL F 2980 131.74 6.76 64.82
N VAL F 2981 131.29 7.94 64.38
CA VAL F 2981 131.52 8.34 62.99
C VAL F 2981 132.92 8.89 62.79
N SER F 2982 133.59 9.32 63.88
CA SER F 2982 134.97 9.73 63.82
C SER F 2982 135.94 8.56 63.93
N SER F 2983 135.69 7.65 64.87
CA SER F 2983 136.55 6.49 65.05
C SER F 2983 135.74 5.36 65.67
N GLY F 2984 136.14 4.13 65.36
CA GLY F 2984 135.45 2.96 65.88
C GLY F 2984 134.04 2.82 65.35
N ARG F 2985 133.90 2.54 64.07
CA ARG F 2985 132.59 2.41 63.44
C ARG F 2985 131.83 1.23 64.05
N VAL F 2986 130.57 1.46 64.38
CA VAL F 2986 129.70 0.42 64.91
C VAL F 2986 128.27 0.74 64.50
N GLU F 2987 127.57 -0.28 63.98
CA GLU F 2987 126.20 -0.12 63.53
C GLU F 2987 125.19 -0.67 64.52
N LYS F 2988 125.63 -1.00 65.73
CA LYS F 2988 124.69 -1.46 66.76
C LYS F 2988 123.70 -0.36 67.11
N SER F 2989 124.17 0.89 67.21
CA SER F 2989 123.36 2.04 67.57
C SER F 2989 122.60 1.76 68.87
N PRO F 2990 123.29 1.76 70.01
CA PRO F 2990 122.61 1.46 71.28
C PRO F 2990 121.49 2.43 71.59
N HIS F 2991 121.53 3.64 71.03
CA HIS F 2991 120.49 4.63 71.22
C HIS F 2991 119.59 4.75 69.99
N GLU F 2992 119.34 3.64 69.30
CA GLU F 2992 118.50 3.70 68.11
C GLU F 2992 117.08 4.13 68.45
N GLN F 2993 116.51 3.57 69.53
CA GLN F 2993 115.18 3.97 69.96
C GLN F 2993 115.16 5.44 70.35
N GLU F 2994 116.21 5.90 71.03
CA GLU F 2994 116.27 7.31 71.41
C GLU F 2994 116.33 8.21 70.19
N ILE F 2995 117.14 7.84 69.20
CA ILE F 2995 117.24 8.63 67.97
C ILE F 2995 115.89 8.70 67.29
N LYS F 2996 115.22 7.56 67.15
CA LYS F 2996 113.94 7.53 66.45
C LYS F 2996 112.86 8.30 67.21
N PHE F 2997 112.85 8.20 68.54
CA PHE F 2997 111.88 8.95 69.32
C PHE F 2997 112.13 10.44 69.23
N PHE F 2998 113.40 10.85 69.19
CA PHE F 2998 113.72 12.26 69.15
C PHE F 2998 113.43 12.86 67.78
N ALA F 2999 113.62 12.06 66.72
CA ALA F 2999 113.48 12.60 65.37
C ALA F 2999 112.08 12.48 64.82
N LYS F 3000 111.38 11.40 65.17
CA LYS F 3000 110.06 11.12 64.61
C LYS F 3000 108.90 11.57 65.49
N ILE F 3001 109.15 11.84 66.77
CA ILE F 3001 108.11 12.24 67.71
C ILE F 3001 108.37 13.64 68.27
N LEU F 3002 109.55 13.83 68.87
CA LEU F 3002 109.82 15.07 69.58
C LEU F 3002 109.82 16.27 68.65
N LEU F 3003 110.44 16.14 67.49
CA LEU F 3003 110.49 17.28 66.56
C LEU F 3003 109.12 17.70 66.07
N PRO F 3004 108.27 16.80 65.53
CA PRO F 3004 106.91 17.25 65.16
C PRO F 3004 106.10 17.72 66.35
N LEU F 3005 106.30 17.10 67.52
CA LEU F 3005 105.57 17.54 68.71
C LEU F 3005 105.91 18.98 69.06
N ILE F 3006 107.20 19.32 69.04
CA ILE F 3006 107.62 20.69 69.26
C ILE F 3006 107.04 21.61 68.19
N ASN F 3007 107.15 21.18 66.92
CA ASN F 3007 106.71 22.00 65.81
C ASN F 3007 105.24 22.40 65.94
N GLN F 3008 104.38 21.43 66.28
CA GLN F 3008 102.97 21.75 66.47
C GLN F 3008 102.69 22.49 67.77
N TYR F 3009 103.29 22.06 68.89
CA TYR F 3009 102.95 22.64 70.18
C TYR F 3009 103.32 24.10 70.26
N PHE F 3010 104.50 24.47 69.76
CA PHE F 3010 104.90 25.86 69.88
C PHE F 3010 104.40 26.72 68.72
N THR F 3011 103.83 26.10 67.69
CA THR F 3011 103.05 26.86 66.72
C THR F 3011 101.68 27.22 67.29
N ASN F 3012 101.02 26.25 67.95
CA ASN F 3012 99.69 26.50 68.49
C ASN F 3012 99.73 27.46 69.68
N HIS F 3013 100.75 27.33 70.53
CA HIS F 3013 100.79 28.06 71.80
C HIS F 3013 101.87 29.14 71.82
N CYS F 3014 102.09 29.81 70.69
CA CYS F 3014 103.09 30.88 70.66
C CYS F 3014 102.65 32.07 71.50
N LEU F 3015 101.36 32.42 71.44
CA LEU F 3015 100.86 33.57 72.18
C LEU F 3015 100.92 33.35 73.68
N TYR F 3016 100.77 32.11 74.13
CA TYR F 3016 100.87 31.83 75.56
C TYR F 3016 102.26 32.15 76.08
N PHE F 3017 103.30 31.77 75.33
CA PHE F 3017 104.66 32.03 75.79
C PHE F 3017 105.08 33.46 75.54
N LEU F 3018 104.49 34.13 74.56
CA LEU F 3018 104.79 35.55 74.35
C LEU F 3018 103.98 36.48 75.24
N SER F 3019 102.95 35.96 75.92
CA SER F 3019 102.10 36.81 76.74
C SER F 3019 102.80 37.19 78.04
N THR F 3020 102.37 38.31 78.61
CA THR F 3020 102.87 38.83 79.87
C THR F 3020 101.68 39.35 80.66
N PRO F 3021 101.76 39.36 82.00
CA PRO F 3021 100.65 39.92 82.78
C PRO F 3021 100.34 41.37 82.45
N ALA F 3022 101.35 42.14 82.04
CA ALA F 3022 101.10 43.52 81.63
C ALA F 3022 100.25 43.57 80.37
N LYS F 3023 100.50 42.68 79.41
CA LYS F 3023 99.82 42.69 78.13
C LYS F 3023 99.58 41.25 77.70
N VAL F 3024 98.32 40.82 77.74
CA VAL F 3024 97.94 39.47 77.37
C VAL F 3024 97.59 39.43 75.89
N LEU F 3025 98.14 38.45 75.17
CA LEU F 3025 97.95 38.34 73.73
C LEU F 3025 96.94 37.28 73.33
N GLY F 3026 96.94 36.13 73.99
CA GLY F 3026 96.07 35.03 73.61
C GLY F 3026 94.67 35.19 74.19
N SER F 3027 93.89 34.12 74.02
CA SER F 3027 92.53 34.11 74.56
C SER F 3027 92.55 34.19 76.09
N GLY F 3028 93.46 33.47 76.72
CA GLY F 3028 93.60 33.53 78.17
C GLY F 3028 94.86 32.83 78.61
N GLY F 3029 95.33 33.23 79.78
CA GLY F 3029 96.52 32.64 80.34
C GLY F 3029 97.81 33.20 79.78
N HIS F 3030 98.87 33.19 80.57
CA HIS F 3030 100.16 33.70 80.16
C HIS F 3030 101.26 32.85 80.78
N ALA F 3031 102.34 32.66 80.04
CA ALA F 3031 103.42 31.81 80.51
C ALA F 3031 104.13 32.44 81.69
N SER F 3032 104.67 31.60 82.56
CA SER F 3032 105.43 32.09 83.70
C SER F 3032 106.87 32.34 83.30
N ASN F 3033 107.59 33.04 84.18
CA ASN F 3033 108.99 33.34 83.92
C ASN F 3033 109.81 32.07 83.80
N LYS F 3034 109.52 31.08 84.66
CA LYS F 3034 110.24 29.82 84.59
C LYS F 3034 110.00 29.11 83.26
N GLU F 3035 108.76 29.14 82.77
CA GLU F 3035 108.47 28.53 81.48
C GLU F 3035 109.18 29.25 80.35
N LYS F 3036 109.23 30.59 80.40
CA LYS F 3036 109.96 31.34 79.39
C LYS F 3036 111.44 31.00 79.40
N GLU F 3037 112.03 30.90 80.59
CA GLU F 3037 113.43 30.51 80.69
C GLU F 3037 113.64 29.10 80.14
N MET F 3038 112.71 28.19 80.42
CA MET F 3038 112.84 26.83 79.94
C MET F 3038 112.78 26.76 78.41
N ILE F 3039 111.87 27.53 77.80
CA ILE F 3039 111.78 27.49 76.34
C ILE F 3039 113.03 28.13 75.72
N THR F 3040 113.55 29.20 76.33
CA THR F 3040 114.80 29.78 75.84
C THR F 3040 115.95 28.78 75.92
N SER F 3041 116.06 28.08 77.05
CA SER F 3041 117.10 27.07 77.18
C SER F 3041 116.93 25.95 76.18
N LEU F 3042 115.69 25.54 75.92
CA LEU F 3042 115.44 24.50 74.93
C LEU F 3042 115.90 24.94 73.54
N PHE F 3043 115.57 26.16 73.16
CA PHE F 3043 116.00 26.66 71.85
C PHE F 3043 117.52 26.72 71.76
N CYS F 3044 118.17 27.21 72.81
CA CYS F 3044 119.63 27.30 72.80
C CYS F 3044 120.27 25.93 72.72
N LYS F 3045 119.76 24.97 73.50
CA LYS F 3045 120.31 23.62 73.49
C LYS F 3045 120.11 22.96 72.14
N LEU F 3046 118.95 23.14 71.52
CA LEU F 3046 118.71 22.55 70.20
C LEU F 3046 119.64 23.17 69.15
N ALA F 3047 119.84 24.49 69.21
CA ALA F 3047 120.75 25.14 68.27
C ALA F 3047 122.18 24.63 68.45
N ALA F 3048 122.62 24.50 69.69
CA ALA F 3048 123.96 23.94 69.94
C ALA F 3048 124.05 22.50 69.49
N LEU F 3049 122.97 21.73 69.64
CA LEU F 3049 122.94 20.35 69.18
C LEU F 3049 123.13 20.27 67.67
N VAL F 3050 122.43 21.12 66.93
CA VAL F 3050 122.49 21.08 65.47
C VAL F 3050 123.73 21.78 64.92
N ARG F 3051 124.44 22.55 65.74
CA ARG F 3051 125.61 23.27 65.28
C ARG F 3051 126.66 22.30 64.75
N HIS F 3052 127.06 22.48 63.49
CA HIS F 3052 128.10 21.69 62.83
C HIS F 3052 127.78 20.21 62.78
N ARG F 3053 126.52 19.84 62.94
CA ARG F 3053 126.10 18.45 62.86
C ARG F 3053 124.87 18.30 61.96
N VAL F 3054 124.74 19.19 60.97
CA VAL F 3054 123.57 19.17 60.12
C VAL F 3054 123.51 17.89 59.29
N SER F 3055 124.67 17.40 58.84
CA SER F 3055 124.69 16.19 58.05
C SER F 3055 124.30 14.97 58.87
N LEU F 3056 124.66 14.94 60.16
CA LEU F 3056 124.39 13.77 60.98
C LEU F 3056 122.91 13.48 61.14
N PHE F 3057 122.06 14.50 61.07
CA PHE F 3057 120.62 14.27 61.18
C PHE F 3057 120.01 13.78 59.87
N GLY F 3058 120.76 13.81 58.77
CA GLY F 3058 120.23 13.29 57.52
C GLY F 3058 119.03 14.09 57.05
N THR F 3059 117.90 13.39 56.90
CA THR F 3059 116.67 14.02 56.45
C THR F 3059 115.95 14.76 57.57
N ASP F 3060 116.39 14.62 58.82
CA ASP F 3060 115.75 15.30 59.94
C ASP F 3060 116.21 16.75 60.10
N ALA F 3061 117.21 17.17 59.34
CA ALA F 3061 117.69 18.54 59.45
C ALA F 3061 116.62 19.58 59.12
N PRO F 3062 115.80 19.43 58.07
CA PRO F 3062 114.68 20.38 57.89
C PRO F 3062 113.74 20.43 59.08
N ALA F 3063 113.45 19.28 59.71
CA ALA F 3063 112.62 19.29 60.91
C ALA F 3063 113.29 20.07 62.03
N VAL F 3064 114.60 19.88 62.20
CA VAL F 3064 115.32 20.58 63.26
C VAL F 3064 115.29 22.09 63.03
N VAL F 3065 115.53 22.51 61.78
CA VAL F 3065 115.56 23.95 61.52
C VAL F 3065 114.16 24.55 61.64
N ASN F 3066 113.12 23.81 61.27
CA ASN F 3066 111.76 24.32 61.48
C ASN F 3066 111.46 24.46 62.96
N CYS F 3067 111.88 23.48 63.77
CA CYS F 3067 111.71 23.59 65.21
C CYS F 3067 112.44 24.81 65.75
N LEU F 3068 113.65 25.05 65.25
CA LEU F 3068 114.41 26.24 65.67
C LEU F 3068 113.68 27.52 65.31
N HIS F 3069 113.11 27.57 64.10
CA HIS F 3069 112.33 28.74 63.68
C HIS F 3069 111.18 29.00 64.65
N ILE F 3070 110.41 27.95 64.96
CA ILE F 3070 109.24 28.13 65.81
C ILE F 3070 109.66 28.53 67.22
N LEU F 3071 110.69 27.88 67.76
CA LEU F 3071 111.15 28.22 69.10
C LEU F 3071 111.64 29.65 69.16
N ALA F 3072 112.32 30.11 68.10
CA ALA F 3072 112.74 31.50 68.03
C ALA F 3072 111.54 32.44 68.01
N ARG F 3073 110.50 32.07 67.26
CA ARG F 3073 109.30 32.90 67.25
C ARG F 3073 108.52 32.84 68.55
N SER F 3074 108.85 31.93 69.46
CA SER F 3074 108.14 31.82 70.73
C SER F 3074 109.03 32.14 71.93
N LEU F 3075 109.86 33.18 71.83
CA LEU F 3075 110.78 33.56 72.90
C LEU F 3075 110.41 34.92 73.48
N ASP F 3076 110.27 34.99 74.80
CA ASP F 3076 110.08 36.26 75.50
C ASP F 3076 111.43 36.72 76.07
N ALA F 3077 112.34 37.01 75.16
CA ALA F 3077 113.71 37.37 75.53
C ALA F 3077 113.76 38.63 76.38
N ARG F 3078 112.82 39.55 76.20
CA ARG F 3078 112.73 40.70 77.10
C ARG F 3078 112.74 40.26 78.56
N THR F 3079 111.74 39.47 78.94
CA THR F 3079 111.64 39.03 80.34
C THR F 3079 112.78 38.10 80.70
N VAL F 3080 113.24 37.28 79.76
CA VAL F 3080 114.33 36.35 80.07
C VAL F 3080 115.59 37.11 80.48
N MET F 3081 115.93 38.17 79.75
CA MET F 3081 117.09 38.97 80.12
C MET F 3081 116.84 39.89 81.30
N LYS F 3082 115.62 40.41 81.44
CA LYS F 3082 115.35 41.32 82.55
C LYS F 3082 115.37 40.58 83.89
N SER F 3083 114.50 39.59 84.04
CA SER F 3083 114.41 38.80 85.26
C SER F 3083 114.59 37.34 84.87
N GLY F 3084 115.83 36.89 84.80
CA GLY F 3084 116.13 35.53 84.41
C GLY F 3084 117.43 35.02 84.99
N PRO F 3085 117.55 33.70 85.11
CA PRO F 3085 118.76 33.13 85.69
C PRO F 3085 119.99 33.32 84.80
N GLU F 3086 121.14 33.40 85.49
CA GLU F 3086 122.39 33.66 84.79
C GLU F 3086 122.72 32.56 83.81
N ILE F 3087 122.34 31.32 84.11
CA ILE F 3087 122.66 30.21 83.22
C ILE F 3087 121.92 30.36 81.89
N VAL F 3088 120.64 30.73 81.92
CA VAL F 3088 119.88 30.90 80.69
C VAL F 3088 120.36 32.13 79.93
N LYS F 3089 120.62 33.23 80.64
CA LYS F 3089 121.12 34.42 79.97
C LYS F 3089 122.45 34.14 79.29
N ALA F 3090 123.35 33.44 79.98
CA ALA F 3090 124.63 33.09 79.39
C ALA F 3090 124.48 32.12 78.24
N GLY F 3091 123.49 31.22 78.30
CA GLY F 3091 123.24 30.35 77.18
C GLY F 3091 122.84 31.10 75.93
N LEU F 3092 121.95 32.09 76.07
CA LEU F 3092 121.56 32.86 74.90
C LEU F 3092 122.71 33.72 74.38
N ARG F 3093 123.47 34.33 75.30
CA ARG F 3093 124.65 35.08 74.87
C ARG F 3093 125.64 34.19 74.13
N SER F 3094 125.83 32.97 74.62
CA SER F 3094 126.74 32.03 73.96
C SER F 3094 126.23 31.63 72.59
N PHE F 3095 124.92 31.46 72.44
CA PHE F 3095 124.37 31.18 71.12
C PHE F 3095 124.67 32.32 70.15
N PHE F 3096 124.47 33.55 70.60
CA PHE F 3096 124.74 34.70 69.73
C PHE F 3096 126.23 34.79 69.39
N GLU F 3097 127.09 34.53 70.36
CA GLU F 3097 128.53 34.56 70.14
C GLU F 3097 128.95 33.49 69.14
N SER F 3098 128.40 32.28 69.28
CA SER F 3098 128.74 31.20 68.35
C SER F 3098 128.24 31.52 66.95
N ALA F 3099 127.06 32.12 66.84
CA ALA F 3099 126.57 32.55 65.54
C ALA F 3099 127.51 33.56 64.90
N SER F 3100 127.97 34.53 65.70
CA SER F 3100 128.90 35.52 65.17
C SER F 3100 130.20 34.88 64.71
N GLU F 3101 130.74 33.95 65.50
CA GLU F 3101 131.98 33.28 65.12
C GLU F 3101 131.81 32.47 63.85
N ASP F 3102 130.70 31.73 63.74
CA ASP F 3102 130.45 30.94 62.54
C ASP F 3102 130.29 31.84 61.32
N ILE F 3103 129.63 32.98 61.48
CA ILE F 3103 129.47 33.91 60.37
C ILE F 3103 130.82 34.48 59.96
N GLU F 3104 131.67 34.81 60.93
CA GLU F 3104 133.01 35.31 60.60
C GLU F 3104 133.82 34.26 59.85
N LYS F 3105 133.76 33.01 60.30
CA LYS F 3105 134.46 31.96 59.59
C LYS F 3105 133.92 31.77 58.17
N MET F 3106 132.59 31.83 58.02
CA MET F 3106 132.02 31.67 56.68
C MET F 3106 132.43 32.81 55.76
N VAL F 3107 132.44 34.05 56.26
CA VAL F 3107 132.80 35.17 55.41
C VAL F 3107 134.30 35.12 55.06
N GLU F 3108 135.15 34.70 56.02
CA GLU F 3108 136.57 34.63 55.70
C GLU F 3108 136.89 33.47 54.78
N ASN F 3109 136.07 32.41 54.81
CA ASN F 3109 136.22 31.34 53.83
C ASN F 3109 135.73 31.78 52.45
N LEU F 3110 134.61 32.50 52.41
CA LEU F 3110 134.11 33.07 51.16
C LEU F 3110 135.06 34.12 50.59
N ARG F 3111 135.93 34.68 51.42
CA ARG F 3111 137.01 35.58 50.99
C ARG F 3111 138.07 34.84 50.18
N LEU F 3112 137.78 33.57 49.93
CA LEU F 3112 138.64 32.66 49.17
C LEU F 3112 139.93 32.35 49.90
N GLY F 3113 139.93 32.54 51.22
CA GLY F 3113 141.00 31.98 52.04
C GLY F 3113 141.05 30.47 51.96
N LYS F 3114 139.88 29.83 51.87
CA LYS F 3114 139.77 28.41 51.59
C LYS F 3114 138.82 28.23 50.41
N VAL F 3115 139.04 27.15 49.66
CA VAL F 3115 138.29 26.93 48.42
C VAL F 3115 136.80 26.75 48.72
N SER F 3116 136.47 25.99 49.75
CA SER F 3116 135.08 25.70 50.13
C SER F 3116 134.31 25.07 48.98
N LYS F 3123 136.61 18.83 55.14
CA LYS F 3123 137.01 19.27 56.48
C LYS F 3123 135.87 20.00 57.17
N GLY F 3124 136.23 20.84 58.15
CA GLY F 3124 135.23 21.63 58.85
C GLY F 3124 134.72 22.81 58.06
N VAL F 3125 135.38 23.17 56.96
CA VAL F 3125 134.94 24.34 56.19
C VAL F 3125 133.63 24.06 55.49
N GLY F 3126 133.50 22.89 54.85
CA GLY F 3126 132.25 22.54 54.21
C GLY F 3126 131.11 22.37 55.21
N GLN F 3127 131.41 21.74 56.35
CA GLN F 3127 130.41 21.60 57.40
C GLN F 3127 129.96 22.98 57.88
N ASN F 3128 130.90 23.89 58.11
CA ASN F 3128 130.53 25.24 58.52
C ASN F 3128 129.69 25.93 57.47
N LEU F 3129 130.10 25.83 56.20
CA LEU F 3129 129.38 26.53 55.14
C LEU F 3129 127.95 26.03 55.01
N THR F 3130 127.76 24.71 55.01
CA THR F 3130 126.41 24.17 54.92
C THR F 3130 125.60 24.47 56.18
N TYR F 3131 126.25 24.53 57.34
CA TYR F 3131 125.54 24.85 58.57
C TYR F 3131 125.03 26.28 58.56
N THR F 3132 125.83 27.22 58.05
CA THR F 3132 125.37 28.59 57.98
C THR F 3132 124.33 28.78 56.87
N THR F 3133 124.55 28.17 55.71
CA THR F 3133 123.62 28.41 54.60
C THR F 3133 122.31 27.65 54.75
N VAL F 3134 122.26 26.61 55.58
CA VAL F 3134 121.07 25.81 55.75
C VAL F 3134 120.34 26.13 57.05
N ALA F 3135 121.07 26.28 58.15
CA ALA F 3135 120.46 26.46 59.47
C ALA F 3135 120.71 27.82 60.07
N LEU F 3136 121.98 28.23 60.18
CA LEU F 3136 122.32 29.39 60.99
C LEU F 3136 121.70 30.67 60.44
N LEU F 3137 121.85 30.92 59.13
CA LEU F 3137 121.28 32.13 58.56
C LEU F 3137 119.76 32.19 58.67
N PRO F 3138 119.00 31.16 58.29
CA PRO F 3138 117.54 31.26 58.48
C PRO F 3138 117.13 31.41 59.94
N VAL F 3139 117.79 30.70 60.86
CA VAL F 3139 117.41 30.79 62.26
C VAL F 3139 117.71 32.19 62.80
N LEU F 3140 118.88 32.73 62.45
CA LEU F 3140 119.23 34.07 62.90
C LEU F 3140 118.29 35.12 62.32
N THR F 3141 117.93 34.96 61.04
CA THR F 3141 116.98 35.88 60.42
C THR F 3141 115.63 35.84 61.12
N THR F 3142 115.14 34.64 61.43
CA THR F 3142 113.87 34.52 62.14
C THR F 3142 113.95 35.14 63.53
N LEU F 3143 115.06 34.91 64.24
CA LEU F 3143 115.21 35.47 65.58
C LEU F 3143 115.24 36.99 65.53
N PHE F 3144 115.94 37.55 64.55
CA PHE F 3144 116.00 39.01 64.43
C PHE F 3144 114.66 39.60 64.03
N GLN F 3145 113.91 38.91 63.17
CA GLN F 3145 112.55 39.35 62.86
C GLN F 3145 111.68 39.35 64.10
N HIS F 3146 111.77 38.30 64.91
CA HIS F 3146 111.01 38.24 66.15
C HIS F 3146 111.36 39.41 67.07
N ILE F 3147 112.66 39.66 67.25
CA ILE F 3147 113.11 40.73 68.13
C ILE F 3147 112.64 42.08 67.62
N ALA F 3148 112.74 42.31 66.31
CA ALA F 3148 112.31 43.59 65.74
C ALA F 3148 110.80 43.77 65.88
N GLN F 3149 110.03 42.72 65.62
CA GLN F 3149 108.57 42.84 65.69
C GLN F 3149 108.11 43.13 67.10
N HIS F 3150 108.66 42.44 68.10
CA HIS F 3150 108.23 42.64 69.47
C HIS F 3150 109.06 43.67 70.21
N GLN F 3151 109.83 44.49 69.49
CA GLN F 3151 110.58 45.61 70.08
C GLN F 3151 111.53 45.15 71.18
N PHE F 3152 112.07 43.94 71.02
CA PHE F 3152 112.94 43.35 72.03
C PHE F 3152 114.37 43.84 71.94
N GLY F 3153 114.74 44.58 70.90
CA GLY F 3153 116.14 44.90 70.69
C GLY F 3153 116.76 45.70 71.82
N ASP F 3154 116.08 46.76 72.25
CA ASP F 3154 116.60 47.65 73.28
C ASP F 3154 116.78 46.97 74.63
N ASP F 3155 116.14 45.82 74.84
CA ASP F 3155 116.26 45.09 76.10
C ASP F 3155 117.02 43.79 75.98
N VAL F 3156 117.31 43.32 74.76
CA VAL F 3156 117.98 42.06 74.55
C VAL F 3156 119.41 42.27 74.05
N ILE F 3157 119.58 43.06 73.01
CA ILE F 3157 120.92 43.28 72.43
C ILE F 3157 121.50 44.48 73.18
N LEU F 3158 122.10 44.20 74.33
CA LEU F 3158 122.51 45.27 75.24
C LEU F 3158 124.02 45.34 75.46
N ASP F 3159 124.65 44.29 75.99
CA ASP F 3159 126.02 44.41 76.48
C ASP F 3159 127.02 43.58 75.69
N ASP F 3160 126.83 42.26 75.62
CA ASP F 3160 127.69 41.41 74.82
C ASP F 3160 127.00 40.85 73.59
N VAL F 3161 125.67 40.76 73.64
CA VAL F 3161 124.91 40.52 72.41
C VAL F 3161 125.16 41.64 71.41
N GLN F 3162 125.33 42.87 71.90
CA GLN F 3162 125.68 43.97 71.01
C GLN F 3162 127.01 43.72 70.33
N VAL F 3163 128.01 43.25 71.07
CA VAL F 3163 129.30 42.96 70.47
C VAL F 3163 129.18 41.84 69.45
N SER F 3164 128.42 40.80 69.78
CA SER F 3164 128.28 39.68 68.86
C SER F 3164 127.60 40.09 67.56
N CYS F 3165 126.45 40.78 67.65
CA CYS F 3165 125.79 41.25 66.44
C CYS F 3165 126.57 42.34 65.73
N TYR F 3166 127.42 43.07 66.46
CA TYR F 3166 128.25 44.09 65.82
C TYR F 3166 129.32 43.43 64.96
N ARG F 3167 129.94 42.38 65.48
CA ARG F 3167 130.86 41.58 64.69
C ARG F 3167 130.15 40.96 63.49
N THR F 3168 128.94 40.43 63.70
CA THR F 3168 128.19 39.85 62.60
C THR F 3168 127.90 40.88 61.52
N LEU F 3169 127.50 42.09 61.92
CA LEU F 3169 127.17 43.14 60.96
C LEU F 3169 128.42 43.61 60.21
N CYS F 3170 129.55 43.74 60.91
CA CYS F 3170 130.81 44.04 60.22
C CYS F 3170 131.12 42.98 59.18
N SER F 3171 131.10 41.71 59.59
CA SER F 3171 131.52 40.62 58.71
C SER F 3171 130.59 40.45 57.52
N ILE F 3172 129.28 40.58 57.72
CA ILE F 3172 128.34 40.41 56.62
C ILE F 3172 128.54 41.49 55.58
N TYR F 3173 128.69 42.74 56.02
CA TYR F 3173 128.92 43.83 55.09
C TYR F 3173 130.30 43.75 54.45
N SER F 3174 131.25 43.06 55.08
CA SER F 3174 132.59 42.95 54.53
C SER F 3174 132.65 42.16 53.22
N LEU F 3175 131.52 41.70 52.70
CA LEU F 3175 131.48 41.00 51.43
C LEU F 3175 131.45 41.92 50.23
N GLY F 3176 131.42 43.23 50.43
CA GLY F 3176 131.39 44.15 49.31
C GLY F 3176 132.60 44.04 48.42
N THR F 3177 133.78 43.84 49.03
CA THR F 3177 135.04 43.71 48.29
C THR F 3177 135.30 42.26 47.86
N THR F 3178 134.28 41.42 47.84
CA THR F 3178 134.42 40.01 47.49
C THR F 3178 133.57 39.72 46.25
N LYS F 3179 134.17 39.05 45.27
CA LYS F 3179 133.50 38.69 44.03
C LYS F 3179 133.77 37.23 43.73
N ASN F 3180 132.75 36.39 43.91
CA ASN F 3180 132.86 34.97 43.65
C ASN F 3180 131.50 34.47 43.15
N THR F 3181 131.32 33.15 43.18
CA THR F 3181 130.04 32.57 42.78
C THR F 3181 129.19 32.23 44.00
N TYR F 3182 129.81 31.65 45.03
CA TYR F 3182 129.08 31.37 46.26
C TYR F 3182 128.57 32.65 46.89
N VAL F 3183 129.37 33.72 46.80
CA VAL F 3183 128.92 35.03 47.26
C VAL F 3183 127.69 35.47 46.48
N GLU F 3184 127.68 35.24 45.17
CA GLU F 3184 126.54 35.61 44.36
C GLU F 3184 125.29 34.87 44.80
N LYS F 3185 125.41 33.57 45.06
CA LYS F 3185 124.21 32.84 45.49
C LYS F 3185 123.83 33.12 46.94
N LEU F 3186 124.75 33.59 47.77
CA LEU F 3186 124.45 33.86 49.17
C LEU F 3186 124.01 35.30 49.44
N ARG F 3187 124.19 36.21 48.48
CA ARG F 3187 123.80 37.59 48.70
C ARG F 3187 122.36 37.77 49.15
N PRO F 3188 121.36 37.08 48.59
CA PRO F 3188 119.99 37.28 49.10
C PRO F 3188 119.84 36.97 50.58
N ALA F 3189 120.31 35.81 51.02
CA ALA F 3189 120.18 35.44 52.43
C ALA F 3189 120.98 36.37 53.32
N LEU F 3190 122.19 36.74 52.89
CA LEU F 3190 123.00 37.66 53.69
C LEU F 3190 122.32 39.00 53.83
N GLY F 3191 121.73 39.50 52.73
CA GLY F 3191 121.04 40.78 52.79
C GLY F 3191 119.81 40.74 53.66
N GLU F 3192 119.04 39.65 53.58
CA GLU F 3192 117.86 39.52 54.44
C GLU F 3192 118.26 39.47 55.91
N CYS F 3193 119.30 38.70 56.23
CA CYS F 3193 119.77 38.63 57.61
C CYS F 3193 120.26 39.99 58.09
N LEU F 3194 120.99 40.72 57.24
CA LEU F 3194 121.47 42.03 57.63
C LEU F 3194 120.33 43.02 57.81
N ALA F 3195 119.30 42.93 56.97
CA ALA F 3195 118.14 43.81 57.12
C ALA F 3195 117.43 43.54 58.44
N ARG F 3196 117.23 42.27 58.78
CA ARG F 3196 116.59 41.96 60.06
C ARG F 3196 117.47 42.39 61.23
N LEU F 3197 118.79 42.23 61.10
CA LEU F 3197 119.69 42.68 62.16
C LEU F 3197 119.65 44.18 62.32
N ALA F 3198 119.54 44.92 61.23
CA ALA F 3198 119.45 46.37 61.32
C ALA F 3198 118.12 46.80 61.92
N ALA F 3199 117.05 46.05 61.64
CA ALA F 3199 115.77 46.33 62.28
C ALA F 3199 115.84 46.09 63.78
N ALA F 3200 116.49 45.02 64.21
CA ALA F 3200 116.52 44.65 65.63
C ALA F 3200 117.66 45.29 66.40
N MET F 3201 118.58 45.95 65.73
CA MET F 3201 119.78 46.46 66.40
C MET F 3201 119.47 47.78 67.10
N PRO F 3202 119.78 47.92 68.38
CA PRO F 3202 119.30 49.08 69.14
C PRO F 3202 120.18 50.31 69.08
N VAL F 3203 121.37 50.24 68.50
CA VAL F 3203 122.27 51.38 68.43
C VAL F 3203 122.35 51.86 66.99
N ALA F 3204 122.49 53.18 66.83
CA ALA F 3204 122.60 53.80 65.51
C ALA F 3204 124.02 53.57 65.00
N PHE F 3205 124.25 52.36 64.50
CA PHE F 3205 125.59 51.98 64.04
C PHE F 3205 126.00 52.72 62.77
N LEU F 3206 125.07 53.36 62.08
CA LEU F 3206 125.41 54.16 60.91
C LEU F 3206 125.65 55.62 61.25
N GLU F 3207 125.41 56.03 62.49
CA GLU F 3207 125.58 57.41 62.93
C GLU F 3207 126.38 57.43 64.22
N PRO F 3208 127.69 57.15 64.15
CA PRO F 3208 128.48 57.02 65.38
C PRO F 3208 128.71 58.33 66.10
N GLN F 3209 128.61 59.47 65.42
CA GLN F 3209 128.88 60.75 66.08
C GLN F 3209 127.85 61.10 67.14
N LEU F 3210 126.65 60.50 67.07
CA LEU F 3210 125.58 60.79 68.01
C LEU F 3210 125.37 59.65 69.00
N ASN F 3211 126.39 58.84 69.24
CA ASN F 3211 126.22 57.64 70.06
C ASN F 3211 126.09 57.95 71.54
N GLU F 3212 126.53 59.13 71.98
CA GLU F 3212 126.48 59.41 73.42
C GLU F 3212 125.09 59.78 73.90
N TYR F 3213 124.10 59.88 73.01
CA TYR F 3213 122.74 60.25 73.39
C TYR F 3213 121.77 59.08 73.51
N ASN F 3214 122.25 57.84 73.46
CA ASN F 3214 121.37 56.69 73.69
C ASN F 3214 121.86 55.88 74.89
N ALA F 3215 120.93 55.54 75.79
CA ALA F 3215 121.29 54.77 76.97
C ALA F 3215 121.48 53.29 76.64
N CYS F 3216 120.89 52.83 75.53
CA CYS F 3216 120.91 51.43 75.16
C CYS F 3216 122.12 51.07 74.28
N SER F 3217 123.29 51.56 74.70
CA SER F 3217 124.54 51.28 74.02
C SER F 3217 125.58 50.84 75.05
N VAL F 3218 126.60 50.13 74.57
CA VAL F 3218 127.63 49.63 75.48
C VAL F 3218 128.43 50.78 76.08
N TYR F 3219 128.68 51.83 75.31
CA TYR F 3219 129.47 52.95 75.80
C TYR F 3219 128.74 53.82 76.82
N THR F 3220 127.45 53.59 77.03
CA THR F 3220 126.73 54.25 78.12
C THR F 3220 126.34 53.29 79.23
N THR F 3221 126.11 52.02 78.91
CA THR F 3221 125.78 51.04 79.94
C THR F 3221 127.01 50.64 80.75
N LYS F 3222 128.15 50.50 80.08
CA LYS F 3222 129.37 50.03 80.74
C LYS F 3222 130.33 51.18 80.99
N SER F 3223 130.86 51.22 82.20
CA SER F 3223 131.82 52.24 82.59
C SER F 3223 133.13 52.04 81.84
N PRO F 3224 133.91 53.10 81.64
CA PRO F 3224 135.23 52.94 81.01
C PRO F 3224 136.16 52.04 81.80
N ARG F 3225 135.93 51.85 83.10
CA ARG F 3225 136.70 50.88 83.86
C ARG F 3225 136.51 49.49 83.28
N GLU F 3226 135.26 49.09 83.05
CA GLU F 3226 134.97 47.90 82.26
C GLU F 3226 135.07 48.29 80.78
N ARG F 3227 134.58 47.42 79.90
CA ARG F 3227 134.65 47.61 78.45
C ARG F 3227 136.10 47.49 77.99
N ALA F 3228 137.02 47.41 78.94
CA ALA F 3228 138.42 47.09 78.68
C ALA F 3228 138.80 45.69 79.13
N ILE F 3229 138.13 45.15 80.16
CA ILE F 3229 138.36 43.76 80.56
C ILE F 3229 137.97 42.82 79.42
N LEU F 3230 136.88 43.13 78.73
CA LEU F 3230 136.55 42.47 77.46
C LEU F 3230 136.90 43.41 76.32
N GLY F 3231 137.59 42.88 75.32
CA GLY F 3231 138.21 43.68 74.28
C GLY F 3231 137.28 44.55 73.46
N LEU F 3232 137.40 45.86 73.61
CA LEU F 3232 136.71 46.84 72.79
C LEU F 3232 137.69 47.94 72.38
N PRO F 3233 137.52 48.50 71.18
CA PRO F 3233 138.49 49.48 70.67
C PRO F 3233 138.39 50.88 71.26
N ASN F 3234 137.65 51.06 72.34
CA ASN F 3234 137.56 52.29 73.13
C ASN F 3234 136.80 53.41 72.43
N SER F 3235 136.30 53.19 71.22
CA SER F 3235 135.52 54.21 70.53
C SER F 3235 134.42 53.53 69.72
N VAL F 3236 133.20 54.08 69.81
CA VAL F 3236 132.09 53.54 69.04
C VAL F 3236 132.35 53.70 67.55
N GLU F 3237 133.11 54.73 67.16
CA GLU F 3237 133.42 54.96 65.76
C GLU F 3237 134.27 53.83 65.18
N GLU F 3238 134.94 53.05 66.02
CA GLU F 3238 135.80 51.96 65.56
C GLU F 3238 135.15 50.59 65.66
N MET F 3239 133.87 50.52 66.04
CA MET F 3239 133.22 49.21 66.15
C MET F 3239 133.12 48.54 64.78
N CYS F 3240 132.57 49.26 63.81
CA CYS F 3240 132.46 48.80 62.43
C CYS F 3240 133.05 49.88 61.54
N PRO F 3241 134.38 49.95 61.44
CA PRO F 3241 135.01 51.05 60.70
C PRO F 3241 134.78 50.99 59.19
N ASP F 3242 134.47 49.84 58.63
CA ASP F 3242 134.32 49.71 57.19
C ASP F 3242 132.91 49.98 56.70
N ILE F 3243 132.00 50.36 57.58
CA ILE F 3243 130.65 50.76 57.19
C ILE F 3243 130.64 52.28 57.08
N PRO F 3244 130.34 52.84 55.91
CA PRO F 3244 130.28 54.30 55.78
C PRO F 3244 129.14 54.87 56.61
N VAL F 3245 129.27 56.14 56.97
CA VAL F 3245 128.24 56.83 57.74
C VAL F 3245 126.99 56.96 56.87
N LEU F 3246 125.86 57.28 57.50
CA LEU F 3246 124.59 57.30 56.80
C LEU F 3246 124.60 58.30 55.64
N ASP F 3247 125.12 59.49 55.88
CA ASP F 3247 125.13 60.51 54.84
C ASP F 3247 125.98 60.09 53.65
N ARG F 3248 127.16 59.53 53.92
CA ARG F 3248 128.03 59.07 52.84
C ARG F 3248 127.38 57.94 52.06
N LEU F 3249 126.76 57.00 52.77
CA LEU F 3249 126.11 55.88 52.11
C LEU F 3249 124.95 56.34 51.22
N MET F 3250 124.14 57.26 51.73
CA MET F 3250 123.04 57.80 50.93
C MET F 3250 123.57 58.55 49.72
N ALA F 3251 124.66 59.30 49.89
CA ALA F 3251 125.25 60.01 48.76
C ALA F 3251 125.73 59.03 47.70
N ASP F 3252 126.37 57.94 48.11
CA ASP F 3252 126.85 56.95 47.15
C ASP F 3252 125.69 56.30 46.40
N ILE F 3253 124.63 55.93 47.12
CA ILE F 3253 123.48 55.30 46.46
C ILE F 3253 122.83 56.27 45.50
N GLY F 3254 122.67 57.53 45.89
CA GLY F 3254 122.10 58.52 44.99
C GLY F 3254 122.97 58.75 43.77
N GLY F 3255 124.29 58.77 43.96
CA GLY F 3255 125.18 58.93 42.83
C GLY F 3255 125.09 57.79 41.85
N LEU F 3256 125.03 56.56 42.35
CA LEU F 3256 124.85 55.41 41.47
C LEU F 3256 123.51 55.50 40.73
N ALA F 3257 122.44 55.87 41.45
CA ALA F 3257 121.13 55.95 40.83
C ALA F 3257 121.10 57.01 39.72
N GLU F 3258 121.70 58.17 39.97
CA GLU F 3258 121.69 59.22 38.95
C GLU F 3258 122.66 58.92 37.82
N SER F 3259 123.72 58.15 38.08
CA SER F 3259 124.63 57.76 37.01
C SER F 3259 124.05 56.62 36.16
N GLY F 3260 123.04 55.92 36.67
CA GLY F 3260 122.39 54.91 35.85
C GLY F 3260 123.13 53.61 35.73
N ALA F 3261 123.90 53.24 36.74
CA ALA F 3261 124.62 51.97 36.73
C ALA F 3261 123.66 50.81 36.74
N ARG F 3262 124.05 49.70 36.12
CA ARG F 3262 123.23 48.51 36.08
C ARG F 3262 123.46 47.67 37.34
N TYR F 3263 122.73 46.55 37.42
CA TYR F 3263 122.86 45.67 38.58
C TYR F 3263 124.24 45.02 38.65
N THR F 3264 124.86 44.75 37.51
CA THR F 3264 126.12 44.03 37.50
C THR F 3264 127.23 44.81 38.19
N GLU F 3265 127.24 46.13 38.07
CA GLU F 3265 128.28 46.95 38.67
C GLU F 3265 127.93 47.44 40.07
N MET F 3266 126.79 47.04 40.62
CA MET F 3266 126.48 47.36 42.01
C MET F 3266 125.63 46.29 42.67
N PRO F 3267 126.07 45.02 42.66
CA PRO F 3267 125.23 43.98 43.28
C PRO F 3267 125.20 44.07 44.80
N HIS F 3268 126.30 44.49 45.42
CA HIS F 3268 126.32 44.62 46.88
C HIS F 3268 125.35 45.68 47.36
N VAL F 3269 125.28 46.81 46.66
CA VAL F 3269 124.38 47.89 47.07
C VAL F 3269 122.93 47.44 46.99
N ILE F 3270 122.57 46.77 45.89
CA ILE F 3270 121.19 46.37 45.68
C ILE F 3270 120.80 45.23 46.63
N GLU F 3271 121.71 44.27 46.83
CA GLU F 3271 121.35 43.06 47.56
C GLU F 3271 121.54 43.19 49.07
N ILE F 3272 122.41 44.08 49.51
CA ILE F 3272 122.74 44.14 50.93
C ILE F 3272 122.53 45.55 51.48
N THR F 3273 123.20 46.54 50.88
CA THR F 3273 123.17 47.89 51.40
C THR F 3273 121.76 48.48 51.34
N LEU F 3274 121.07 48.32 50.22
CA LEU F 3274 119.71 48.84 50.11
C LEU F 3274 118.76 48.18 51.10
N PRO F 3275 118.72 46.85 51.26
CA PRO F 3275 117.88 46.27 52.31
C PRO F 3275 118.25 46.75 53.70
N MET F 3276 119.55 46.88 53.99
CA MET F 3276 119.94 47.32 55.33
C MET F 3276 119.48 48.74 55.60
N LEU F 3277 119.58 49.62 54.60
CA LEU F 3277 119.06 50.98 54.76
C LEU F 3277 117.54 51.00 54.87
N CYS F 3278 116.85 50.20 54.05
CA CYS F 3278 115.39 50.17 54.08
C CYS F 3278 114.87 49.62 55.41
N SER F 3279 115.70 48.86 56.12
CA SER F 3279 115.35 48.39 57.45
C SER F 3279 115.85 49.30 58.57
N TYR F 3280 116.88 50.10 58.29
CA TYR F 3280 117.47 50.97 59.31
C TYR F 3280 116.73 52.29 59.42
N LEU F 3281 116.44 52.92 58.29
CA LEU F 3281 115.82 54.25 58.33
C LEU F 3281 114.45 54.26 58.99
N PRO F 3282 113.53 53.33 58.72
CA PRO F 3282 112.26 53.34 59.46
C PRO F 3282 112.42 53.20 60.96
N ARG F 3283 113.41 52.43 61.41
CA ARG F 3283 113.61 52.24 62.84
C ARG F 3283 114.00 53.54 63.52
N TRP F 3284 114.85 54.34 62.89
CA TRP F 3284 115.34 55.56 63.51
C TRP F 3284 114.57 56.80 63.11
N TRP F 3285 113.60 56.69 62.19
CA TRP F 3285 112.66 57.79 62.04
C TRP F 3285 111.83 57.98 63.31
N GLU F 3286 111.39 56.88 63.91
CA GLU F 3286 110.55 56.94 65.10
C GLU F 3286 111.33 57.30 66.36
N ARG F 3287 112.66 57.18 66.35
CA ARG F 3287 113.47 57.49 67.51
C ARG F 3287 114.35 58.71 67.31
N GLY F 3288 114.02 59.56 66.33
CA GLY F 3288 114.75 60.78 66.11
C GLY F 3288 113.83 61.98 66.04
N PRO F 3289 114.30 63.06 65.42
CA PRO F 3289 113.42 64.21 65.19
C PRO F 3289 112.31 63.84 64.23
N GLU F 3290 111.29 64.70 64.20
CA GLU F 3290 110.07 64.53 63.42
C GLU F 3290 109.20 63.37 63.93
N ALA F 3291 109.64 62.67 64.97
CA ALA F 3291 108.79 61.68 65.61
C ALA F 3291 107.69 62.39 66.40
N PRO F 3292 106.53 61.76 66.55
CA PRO F 3292 105.44 62.35 67.34
C PRO F 3292 105.65 62.14 68.82
N PRO F 3293 106.34 63.06 69.50
CA PRO F 3293 106.87 62.76 70.82
C PRO F 3293 105.83 62.97 71.91
N PRO F 3294 105.49 61.93 72.66
CA PRO F 3294 104.78 62.14 73.93
C PRO F 3294 105.78 62.42 75.03
N ALA F 3295 106.73 63.32 74.75
CA ALA F 3295 107.93 63.50 75.55
C ALA F 3295 107.86 64.78 76.40
N LEU F 3296 106.69 65.11 76.92
CA LEU F 3296 106.60 66.21 77.87
C LEU F 3296 107.45 65.96 79.11
N PRO F 3297 107.39 64.77 79.77
CA PRO F 3297 108.31 64.52 80.88
C PRO F 3297 109.69 64.08 80.42
N ALA F 3298 109.74 63.33 79.31
CA ALA F 3298 110.97 62.68 78.87
C ALA F 3298 111.58 63.33 77.63
N GLY F 3299 111.34 64.64 77.44
CA GLY F 3299 111.95 65.34 76.32
C GLY F 3299 113.34 65.85 76.56
N ALA F 3300 113.88 65.68 77.77
CA ALA F 3300 115.22 66.15 78.06
C ALA F 3300 116.30 65.51 77.21
N PRO F 3301 116.35 64.19 77.02
CA PRO F 3301 117.45 63.59 76.24
C PRO F 3301 117.35 63.97 74.77
N PRO F 3302 118.47 64.42 74.18
CA PRO F 3302 118.45 64.70 72.75
C PRO F 3302 118.33 63.42 71.95
N PRO F 3303 117.83 63.51 70.72
CA PRO F 3303 117.68 62.29 69.91
C PRO F 3303 119.04 61.70 69.57
N CYS F 3304 119.07 60.37 69.48
CA CYS F 3304 120.28 59.62 69.18
C CYS F 3304 120.60 59.58 67.69
N THR F 3305 119.64 59.91 66.83
CA THR F 3305 119.82 59.80 65.39
C THR F 3305 119.38 61.10 64.73
N ALA F 3306 119.74 61.22 63.45
CA ALA F 3306 119.40 62.40 62.65
C ALA F 3306 118.62 62.01 61.40
N VAL F 3307 117.77 61.00 61.50
CA VAL F 3307 116.99 60.53 60.37
C VAL F 3307 115.66 61.26 60.35
N THR F 3308 115.33 61.88 59.22
CA THR F 3308 114.05 62.53 59.00
C THR F 3308 113.37 61.90 57.80
N SER F 3309 112.20 62.43 57.45
CA SER F 3309 111.48 61.95 56.28
C SER F 3309 112.23 62.23 54.99
N ASP F 3310 113.14 63.20 55.01
CA ASP F 3310 113.92 63.52 53.81
C ASP F 3310 114.77 62.34 53.38
N HIS F 3311 115.41 61.67 54.35
CA HIS F 3311 116.25 60.51 54.01
C HIS F 3311 115.42 59.40 53.40
N LEU F 3312 114.25 59.12 53.97
CA LEU F 3312 113.40 58.07 53.44
C LEU F 3312 112.91 58.42 52.03
N ASN F 3313 112.52 59.67 51.82
CA ASN F 3313 112.08 60.09 50.50
C ASN F 3313 113.20 59.98 49.48
N SER F 3314 114.41 60.40 49.84
CA SER F 3314 115.54 60.30 48.93
C SER F 3314 115.87 58.84 48.61
N LEU F 3315 115.85 57.98 49.63
CA LEU F 3315 116.14 56.57 49.39
C LEU F 3315 115.10 55.94 48.48
N LEU F 3316 113.83 56.26 48.68
CA LEU F 3316 112.79 55.72 47.82
C LEU F 3316 112.94 56.21 46.38
N GLY F 3317 113.26 57.50 46.22
CA GLY F 3317 113.51 58.02 44.88
C GLY F 3317 114.67 57.32 44.21
N ASN F 3318 115.75 57.07 44.96
CA ASN F 3318 116.90 56.39 44.38
C ASN F 3318 116.57 54.95 44.03
N ILE F 3319 115.76 54.28 44.84
CA ILE F 3319 115.33 52.91 44.52
C ILE F 3319 114.53 52.90 43.23
N LEU F 3320 113.59 53.84 43.09
CA LEU F 3320 112.80 53.91 41.86
C LEU F 3320 113.70 54.20 40.66
N ARG F 3321 114.67 55.09 40.81
CA ARG F 3321 115.59 55.39 39.72
C ARG F 3321 116.43 54.19 39.35
N ILE F 3322 116.87 53.41 40.33
CA ILE F 3322 117.62 52.19 40.04
C ILE F 3322 116.76 51.21 39.26
N ILE F 3323 115.51 51.03 39.69
CA ILE F 3323 114.63 50.07 39.03
C ILE F 3323 114.35 50.50 37.58
N VAL F 3324 114.13 51.80 37.36
CA VAL F 3324 113.89 52.24 35.99
C VAL F 3324 115.16 52.17 35.16
N ASN F 3325 116.33 52.33 35.79
CA ASN F 3325 117.59 52.13 35.09
C ASN F 3325 117.72 50.69 34.60
N ASN F 3326 117.34 49.73 35.42
CA ASN F 3326 117.42 48.32 35.05
C ASN F 3326 116.11 47.80 34.46
N LEU F 3327 115.33 48.68 33.82
CA LEU F 3327 113.96 48.35 33.48
C LEU F 3327 113.86 47.24 32.45
N GLY F 3328 114.58 47.36 31.34
CA GLY F 3328 114.42 46.46 30.21
C GLY F 3328 115.37 45.29 30.14
N ILE F 3329 116.16 45.03 31.19
CA ILE F 3329 117.13 43.95 31.11
C ILE F 3329 116.44 42.60 31.10
N ASP F 3330 117.17 41.58 30.64
CA ASP F 3330 116.57 40.28 30.42
C ASP F 3330 116.28 39.55 31.72
N GLU F 3331 117.21 39.58 32.67
CA GLU F 3331 117.05 38.85 33.92
C GLU F 3331 117.35 39.78 35.11
N ALA F 3332 116.37 39.93 35.99
CA ALA F 3332 116.58 40.61 37.26
C ALA F 3332 115.63 39.99 38.28
N THR F 3333 116.12 39.00 39.01
CA THR F 3333 115.33 38.38 40.07
C THR F 3333 115.37 39.17 41.37
N TRP F 3334 116.18 40.24 41.42
CA TRP F 3334 116.30 41.05 42.62
C TRP F 3334 115.24 42.12 42.74
N MET F 3335 114.44 42.35 41.71
CA MET F 3335 113.44 43.41 41.77
C MET F 3335 112.37 43.12 42.82
N LYS F 3336 111.91 41.87 42.88
CA LYS F 3336 110.89 41.53 43.88
C LYS F 3336 111.42 41.70 45.29
N ARG F 3337 112.67 41.27 45.53
CA ARG F 3337 113.27 41.43 46.85
C ARG F 3337 113.44 42.90 47.19
N LEU F 3338 113.90 43.71 46.24
CA LEU F 3338 114.07 45.13 46.49
C LEU F 3338 112.74 45.81 46.76
N ALA F 3339 111.68 45.40 46.07
CA ALA F 3339 110.36 45.97 46.31
C ALA F 3339 109.86 45.63 47.71
N VAL F 3340 109.92 44.34 48.07
CA VAL F 3340 109.42 43.94 49.38
C VAL F 3340 110.28 44.51 50.50
N PHE F 3341 111.52 44.91 50.19
CA PHE F 3341 112.32 45.61 51.18
C PHE F 3341 112.00 47.10 51.21
N ALA F 3342 111.55 47.66 50.09
CA ALA F 3342 111.27 49.09 50.01
C ALA F 3342 109.85 49.45 50.43
N GLN F 3343 108.97 48.47 50.65
CA GLN F 3343 107.63 48.81 51.13
C GLN F 3343 107.63 49.60 52.44
N PRO F 3344 108.40 49.24 53.48
CA PRO F 3344 108.28 49.98 54.75
C PRO F 3344 108.58 51.47 54.63
N ILE F 3345 109.48 51.87 53.73
CA ILE F 3345 109.90 53.27 53.68
C ILE F 3345 108.98 54.14 52.83
N VAL F 3346 108.03 53.54 52.11
CA VAL F 3346 107.14 54.33 51.27
C VAL F 3346 106.07 55.03 52.08
N SER F 3347 105.90 54.65 53.36
CA SER F 3347 104.89 55.28 54.20
C SER F 3347 105.18 56.73 54.47
N ARG F 3348 106.41 57.19 54.28
CA ARG F 3348 106.79 58.58 54.48
C ARG F 3348 107.17 59.27 53.18
N ALA F 3349 106.69 58.78 52.04
CA ALA F 3349 106.97 59.43 50.77
C ALA F 3349 106.23 60.76 50.67
N ARG F 3350 106.89 61.73 50.07
CA ARG F 3350 106.31 63.06 49.89
C ARG F 3350 105.46 63.10 48.62
N PRO F 3351 104.51 64.03 48.55
CA PRO F 3351 103.64 64.09 47.36
C PRO F 3351 104.38 64.42 46.08
N GLU F 3352 105.57 64.99 46.14
CA GLU F 3352 106.31 65.34 44.94
C GLU F 3352 106.78 64.12 44.16
N LEU F 3353 106.88 62.95 44.82
CA LEU F 3353 107.27 61.74 44.13
C LEU F 3353 106.25 61.30 43.10
N LEU F 3354 104.99 61.71 43.25
CA LEU F 3354 103.99 61.39 42.23
C LEU F 3354 104.36 62.01 40.89
N HIS F 3355 104.87 63.23 40.91
CA HIS F 3355 105.22 63.93 39.68
C HIS F 3355 106.65 63.64 39.23
N SER F 3356 107.58 63.51 40.18
CA SER F 3356 108.98 63.39 39.80
C SER F 3356 109.32 62.02 39.24
N HIS F 3357 108.83 60.96 39.89
CA HIS F 3357 109.24 59.60 39.54
C HIS F 3357 108.09 58.74 39.03
N PHE F 3358 106.99 58.64 39.78
CA PHE F 3358 105.99 57.63 39.51
C PHE F 3358 105.34 57.84 38.15
N ILE F 3359 105.01 59.08 37.81
CA ILE F 3359 104.39 59.36 36.51
C ILE F 3359 105.29 58.95 35.35
N PRO F 3360 106.56 59.39 35.30
CA PRO F 3360 107.42 58.92 34.20
C PRO F 3360 107.62 57.41 34.18
N THR F 3361 107.79 56.77 35.33
CA THR F 3361 108.02 55.32 35.34
C THR F 3361 106.80 54.57 34.81
N ILE F 3362 105.61 54.92 35.31
CA ILE F 3362 104.40 54.24 34.85
C ILE F 3362 104.12 54.59 33.39
N GLY F 3363 104.48 55.79 32.95
CA GLY F 3363 104.31 56.11 31.53
C GLY F 3363 105.20 55.26 30.64
N ARG F 3364 106.45 55.05 31.06
CA ARG F 3364 107.34 54.18 30.29
C ARG F 3364 106.81 52.74 30.27
N LEU F 3365 106.32 52.25 31.40
CA LEU F 3365 105.72 50.92 31.42
C LEU F 3365 104.51 50.85 30.51
N ARG F 3366 103.69 51.89 30.50
CA ARG F 3366 102.51 51.93 29.66
C ARG F 3366 102.88 51.90 28.18
N LYS F 3367 103.87 52.69 27.78
CA LYS F 3367 104.24 52.70 26.36
C LYS F 3367 104.89 51.38 25.95
N ARG F 3368 105.66 50.75 26.83
CA ARG F 3368 106.20 49.43 26.51
C ARG F 3368 105.06 48.42 26.35
N ALA F 3369 104.07 48.47 27.23
CA ALA F 3369 102.93 47.56 27.11
C ALA F 3369 102.18 47.81 25.80
N GLY F 3370 102.01 49.07 25.42
CA GLY F 3370 101.36 49.37 24.16
C GLY F 3370 102.12 48.82 22.97
N LYS F 3371 103.45 48.97 22.98
CA LYS F 3371 104.25 48.41 21.89
C LYS F 3371 104.13 46.90 21.83
N VAL F 3372 104.18 46.23 22.99
CA VAL F 3372 104.10 44.78 23.00
C VAL F 3372 102.74 44.30 22.50
N VAL F 3373 101.66 44.94 22.93
CA VAL F 3373 100.34 44.51 22.48
C VAL F 3373 100.15 44.85 21.00
N ALA F 3374 100.78 45.92 20.51
CA ALA F 3374 100.76 46.19 19.08
C ALA F 3374 101.44 45.07 18.30
N GLU F 3375 102.58 44.60 18.79
CA GLU F 3375 103.23 43.45 18.17
C GLU F 3375 102.34 42.22 18.21
N GLU F 3376 101.66 42.01 19.34
CA GLU F 3376 100.78 40.85 19.48
C GLU F 3376 99.64 40.88 18.47
N GLU F 3377 99.00 42.04 18.32
CA GLU F 3377 97.89 42.12 17.37
C GLU F 3377 98.38 42.05 15.93
N GLN F 3378 99.58 42.59 15.66
CA GLN F 3378 100.17 42.44 14.33
C GLN F 3378 100.41 40.97 14.01
N LEU F 3379 100.90 40.21 14.99
CA LEU F 3379 101.06 38.77 14.80
C LEU F 3379 99.71 38.09 14.57
N ARG F 3380 98.70 38.44 15.37
CA ARG F 3380 97.45 37.71 15.32
C ARG F 3380 96.61 38.04 14.09
N LEU F 3381 96.80 39.22 13.49
CA LEU F 3381 95.98 39.56 12.32
C LEU F 3381 96.33 38.69 11.12
N GLU F 3382 97.59 38.30 10.97
CA GLU F 3382 98.04 37.45 9.87
C GLU F 3382 98.35 36.06 10.45
N ALA F 3383 97.35 35.19 10.45
CA ALA F 3383 97.54 33.83 10.95
C ALA F 3383 98.48 33.06 10.04
N LYS F 3384 99.43 32.35 10.64
CA LYS F 3384 100.42 31.61 9.89
C LYS F 3384 101.05 30.56 10.79
N ALA F 3385 101.70 29.57 10.17
CA ALA F 3385 102.53 28.65 10.94
C ALA F 3385 103.74 29.32 11.53
N GLU F 3386 104.13 30.49 11.00
CA GLU F 3386 105.22 31.27 11.56
C GLU F 3386 104.80 32.07 12.78
N ALA F 3387 103.50 32.21 13.04
CA ALA F 3387 103.04 32.97 14.20
C ALA F 3387 103.54 32.36 15.50
N GLU F 3388 103.71 31.03 15.54
CA GLU F 3388 104.22 30.40 16.74
C GLU F 3388 105.64 30.88 17.07
N GLU F 3389 106.50 30.99 16.06
CA GLU F 3389 107.81 31.61 16.23
C GLU F 3389 107.62 33.12 16.16
N GLY F 3390 107.48 33.74 17.32
CA GLY F 3390 107.07 35.12 17.46
C GLY F 3390 106.06 35.21 18.59
N GLU F 3391 105.26 34.16 18.72
CA GLU F 3391 104.43 34.02 19.92
C GLU F 3391 105.30 33.90 21.16
N LEU F 3392 106.38 33.13 21.09
CA LEU F 3392 107.28 33.06 22.24
C LEU F 3392 108.04 34.35 22.44
N LEU F 3393 108.31 35.11 21.37
CA LEU F 3393 108.93 36.42 21.53
C LEU F 3393 108.01 37.36 22.31
N VAL F 3394 106.74 37.44 21.91
CA VAL F 3394 105.82 38.32 22.63
C VAL F 3394 105.57 37.77 24.03
N ARG F 3395 105.64 36.45 24.22
CA ARG F 3395 105.53 35.90 25.57
C ARG F 3395 106.68 36.34 26.45
N ASP F 3396 107.91 36.33 25.92
CA ASP F 3396 109.05 36.78 26.71
C ASP F 3396 108.95 38.27 27.01
N GLU F 3397 108.51 39.06 26.04
CA GLU F 3397 108.31 40.49 26.28
C GLU F 3397 107.26 40.73 27.35
N PHE F 3398 106.17 39.95 27.32
CA PHE F 3398 105.15 40.09 28.35
C PHE F 3398 105.68 39.63 29.71
N SER F 3399 106.57 38.64 29.72
CA SER F 3399 107.13 38.17 30.98
C SER F 3399 108.01 39.24 31.62
N VAL F 3400 108.89 39.86 30.83
CA VAL F 3400 109.72 40.92 31.40
C VAL F 3400 108.87 42.12 31.79
N LEU F 3401 107.82 42.41 31.02
CA LEU F 3401 106.92 43.50 31.37
C LEU F 3401 106.20 43.22 32.69
N CYS F 3402 105.74 41.99 32.89
CA CYS F 3402 105.10 41.62 34.14
C CYS F 3402 106.08 41.67 35.31
N ARG F 3403 107.33 41.28 35.07
CA ARG F 3403 108.34 41.39 36.11
C ARG F 3403 108.53 42.85 36.53
N ASP F 3404 108.62 43.75 35.56
CA ASP F 3404 108.73 45.17 35.91
C ASP F 3404 107.47 45.68 36.61
N LEU F 3405 106.30 45.21 36.17
CA LEU F 3405 105.05 45.63 36.78
C LEU F 3405 105.00 45.22 38.24
N TYR F 3406 105.40 43.99 38.55
CA TYR F 3406 105.44 43.56 39.94
C TYR F 3406 106.62 44.10 40.71
N ALA F 3407 107.62 44.65 40.02
CA ALA F 3407 108.67 45.41 40.68
C ALA F 3407 108.23 46.79 41.12
N LEU F 3408 107.38 47.45 40.33
CA LEU F 3408 107.00 48.83 40.63
C LEU F 3408 105.63 48.98 41.27
N TYR F 3409 104.70 48.06 41.02
CA TYR F 3409 103.33 48.26 41.48
C TYR F 3409 103.14 48.25 42.99
N PRO F 3410 103.74 47.36 43.79
CA PRO F 3410 103.47 47.41 45.23
C PRO F 3410 103.81 48.76 45.88
N LEU F 3411 104.92 49.36 45.45
CA LEU F 3411 105.27 50.69 45.95
C LEU F 3411 104.21 51.71 45.56
N LEU F 3412 103.75 51.67 44.32
CA LEU F 3412 102.70 52.56 43.86
C LEU F 3412 101.40 52.34 44.62
N ILE F 3413 101.10 51.08 44.94
CA ILE F 3413 99.87 50.75 45.65
C ILE F 3413 99.90 51.34 47.05
N ARG F 3414 101.02 51.20 47.75
CA ARG F 3414 101.09 51.76 49.09
C ARG F 3414 101.10 53.28 49.05
N TYR F 3415 101.76 53.87 48.04
CA TYR F 3415 101.75 55.32 47.88
C TYR F 3415 100.33 55.82 47.63
N VAL F 3416 99.57 55.10 46.81
CA VAL F 3416 98.18 55.46 46.55
C VAL F 3416 97.35 55.32 47.81
N ASP F 3417 97.58 54.25 48.57
CA ASP F 3417 96.86 54.08 49.83
C ASP F 3417 97.12 55.24 50.78
N ASN F 3418 98.32 55.80 50.73
CA ASN F 3418 98.64 56.92 51.61
C ASN F 3418 98.20 58.27 51.07
N ASN F 3419 98.02 58.43 49.75
CA ASN F 3419 97.70 59.74 49.20
C ASN F 3419 96.33 59.85 48.53
N ARG F 3420 95.55 58.78 48.50
CA ARG F 3420 94.25 58.83 47.83
C ARG F 3420 93.28 59.74 48.55
N ALA F 3421 93.34 59.78 49.88
CA ALA F 3421 92.47 60.69 50.62
C ALA F 3421 92.73 62.13 50.20
N HIS F 3422 94.01 62.51 50.11
CA HIS F 3422 94.33 63.87 49.68
CA HIS F 3422 94.34 63.87 49.68
C HIS F 3422 93.90 64.12 48.24
N TRP F 3423 94.14 63.15 47.36
CA TRP F 3423 93.78 63.33 45.96
C TRP F 3423 92.27 63.50 45.78
N LEU F 3424 91.49 62.78 46.57
CA LEU F 3424 90.03 62.91 46.47
C LEU F 3424 89.54 64.18 47.14
N THR F 3425 90.15 64.57 48.27
CA THR F 3425 89.75 65.81 48.93
C THR F 3425 90.03 67.02 48.05
N GLU F 3426 91.21 67.06 47.44
CA GLU F 3426 91.58 68.13 46.53
C GLU F 3426 92.00 67.47 45.21
N PRO F 3427 91.23 67.66 44.13
CA PRO F 3427 91.53 66.94 42.89
C PRO F 3427 92.92 67.29 42.36
N ASN F 3428 93.59 66.28 41.81
CA ASN F 3428 94.98 66.41 41.38
C ASN F 3428 95.12 65.96 39.93
N ALA F 3429 95.63 66.86 39.09
CA ALA F 3429 95.83 66.53 37.67
C ALA F 3429 96.83 65.39 37.50
N ASN F 3430 97.88 65.38 38.33
CA ASN F 3430 98.86 64.31 38.26
C ASN F 3430 98.24 62.97 38.65
N ALA F 3431 97.38 62.98 39.67
CA ALA F 3431 96.68 61.76 40.05
C ALA F 3431 95.77 61.28 38.92
N GLU F 3432 95.09 62.21 38.25
CA GLU F 3432 94.26 61.82 37.12
C GLU F 3432 95.09 61.24 35.98
N GLU F 3433 96.25 61.84 35.71
CA GLU F 3433 97.13 61.32 34.65
C GLU F 3433 97.62 59.91 35.00
N LEU F 3434 97.97 59.70 36.27
CA LEU F 3434 98.38 58.36 36.69
C LEU F 3434 97.23 57.38 36.59
N PHE F 3435 96.00 57.82 36.86
CA PHE F 3435 94.86 56.96 36.65
C PHE F 3435 94.71 56.58 35.19
N ARG F 3436 94.94 57.55 34.29
CA ARG F 3436 94.90 57.23 32.87
C ARG F 3436 95.95 56.18 32.51
N MET F 3437 97.16 56.33 33.05
CA MET F 3437 98.23 55.37 32.76
C MET F 3437 97.87 53.97 33.23
N VAL F 3438 97.46 53.86 34.50
CA VAL F 3438 97.13 52.55 35.06
C VAL F 3438 95.92 51.95 34.36
N GLY F 3439 94.95 52.78 33.97
CA GLY F 3439 93.80 52.28 33.24
C GLY F 3439 94.18 51.74 31.88
N GLU F 3440 95.07 52.44 31.16
CA GLU F 3440 95.50 51.93 29.87
C GLU F 3440 96.27 50.62 30.02
N ILE F 3441 97.12 50.52 31.05
CA ILE F 3441 97.82 49.27 31.29
C ILE F 3441 96.84 48.14 31.58
N PHE F 3442 95.83 48.42 32.39
CA PHE F 3442 94.85 47.38 32.71
C PHE F 3442 94.01 47.01 31.49
N ILE F 3443 93.71 47.98 30.64
CA ILE F 3443 92.97 47.70 29.41
C ILE F 3443 93.80 46.78 28.51
N TYR F 3444 95.09 47.06 28.39
CA TYR F 3444 95.97 46.15 27.66
C TYR F 3444 95.95 44.75 28.27
N TRP F 3445 96.00 44.68 29.59
CA TRP F 3445 95.99 43.38 30.27
C TRP F 3445 94.69 42.63 30.00
N SER F 3446 93.58 43.35 29.93
CA SER F 3446 92.28 42.71 29.69
C SER F 3446 92.15 42.25 28.24
N LYS F 3447 92.52 43.11 27.29
CA LYS F 3447 92.44 42.72 25.88
C LYS F 3447 93.47 41.64 25.54
N SER F 3448 94.73 41.85 25.94
CA SER F 3448 95.77 40.88 25.64
C SER F 3448 95.65 39.68 26.55
N HIS F 3449 95.87 38.49 25.98
CA HIS F 3449 95.67 37.26 26.74
C HIS F 3449 97.00 36.62 27.09
N ASN F 3450 98.01 36.78 26.23
CA ASN F 3450 99.37 36.44 26.61
C ASN F 3450 99.80 37.23 27.83
N PHE F 3451 99.30 38.46 27.98
CA PHE F 3451 99.55 39.23 29.20
C PHE F 3451 99.02 38.50 30.42
N LYS F 3452 97.81 37.95 30.33
CA LYS F 3452 97.23 37.26 31.47
C LYS F 3452 98.01 36.01 31.83
N ARG F 3453 98.30 35.15 30.85
CA ARG F 3453 99.11 33.97 31.18
C ARG F 3453 100.51 34.33 31.67
N GLU F 3454 101.15 35.33 31.08
CA GLU F 3454 102.47 35.71 31.57
C GLU F 3454 102.40 36.22 32.99
N GLU F 3455 101.37 36.99 33.34
CA GLU F 3455 101.23 37.48 34.70
C GLU F 3455 101.05 36.33 35.68
N GLN F 3456 100.13 35.41 35.41
CA GLN F 3456 99.89 34.33 36.36
C GLN F 3456 101.10 33.40 36.43
N ASN F 3457 101.78 33.18 35.30
CA ASN F 3457 102.99 32.37 35.29
C ASN F 3457 104.06 33.00 36.16
N PHE F 3458 104.26 34.32 36.03
CA PHE F 3458 105.25 35.00 36.85
C PHE F 3458 104.90 34.85 38.32
N VAL F 3459 103.63 35.05 38.67
CA VAL F 3459 103.23 34.96 40.07
C VAL F 3459 103.50 33.57 40.63
N VAL F 3460 103.08 32.53 39.89
CA VAL F 3460 103.20 31.18 40.43
C VAL F 3460 104.66 30.76 40.50
N GLN F 3461 105.49 31.16 39.52
CA GLN F 3461 106.88 30.72 39.55
C GLN F 3461 107.72 31.49 40.55
N ASN F 3462 107.39 32.75 40.82
CA ASN F 3462 108.15 33.54 41.77
C ASN F 3462 107.53 33.57 43.16
N GLU F 3463 106.41 32.87 43.37
CA GLU F 3463 105.78 32.74 44.68
C GLU F 3463 105.48 34.10 45.30
N ILE F 3464 105.01 35.04 44.47
CA ILE F 3464 104.56 36.33 44.98
C ILE F 3464 103.35 36.11 45.87
N ASN F 3465 103.42 36.64 47.09
CA ASN F 3465 102.34 36.43 48.05
C ASN F 3465 101.03 37.03 47.56
N ASN F 3466 101.10 38.24 47.00
CA ASN F 3466 99.94 38.94 46.44
C ASN F 3466 98.91 39.28 47.52
N MET F 3467 99.20 38.90 48.75
CA MET F 3467 98.36 39.22 49.90
C MET F 3467 99.05 40.17 50.87
N SER F 3468 100.36 40.04 51.03
CA SER F 3468 101.11 41.02 51.81
C SER F 3468 101.05 42.39 51.19
N PHE F 3469 101.13 42.48 49.86
CA PHE F 3469 101.08 43.76 49.17
C PHE F 3469 99.78 44.52 49.46
N LEU F 3470 98.72 43.80 49.83
CA LEU F 3470 97.43 44.42 50.10
C LEU F 3470 97.10 44.51 51.59
N THR F 3471 97.75 43.69 52.43
CA THR F 3471 97.49 43.70 53.86
C THR F 3471 98.61 44.32 54.68
N ALA F 3472 99.64 44.87 54.03
CA ALA F 3472 100.74 45.49 54.76
C ALA F 3472 100.25 46.68 55.58
N ASP F 3473 99.36 47.50 55.01
CA ASP F 3473 98.82 48.63 55.75
C ASP F 3473 98.04 48.16 56.97
N SER F 3474 97.21 47.13 56.81
CA SER F 3474 96.43 46.62 57.93
C SER F 3474 97.34 46.06 59.03
N LYS F 3475 98.40 45.35 58.64
CA LYS F 3475 99.34 44.84 59.64
C LYS F 3475 100.10 45.96 60.33
N SER F 3476 100.50 47.00 59.58
CA SER F 3476 101.21 48.12 60.18
C SER F 3476 100.33 48.88 61.16
N LYS F 3477 99.05 49.03 60.83
CA LYS F 3477 98.10 49.69 61.72
C LYS F 3477 97.78 48.88 62.98
N MET F 3478 98.44 47.73 63.16
CA MET F 3478 98.26 46.89 64.35
C MET F 3478 96.81 46.46 64.52
N ALA F 3479 96.33 45.71 63.54
CA ALA F 3479 94.96 45.19 63.56
C ALA F 3479 94.82 44.07 64.57
N ARG F 3498 93.37 30.90 51.73
CA ARG F 3498 92.70 29.61 51.74
C ARG F 3498 92.14 29.27 50.37
N ARG F 3499 91.22 30.12 49.89
CA ARG F 3499 90.61 29.88 48.58
C ARG F 3499 91.61 30.14 47.45
N GLY F 3500 92.10 31.37 47.37
CA GLY F 3500 93.05 31.74 46.33
C GLY F 3500 94.39 32.17 46.89
N ASP F 3501 94.89 31.44 47.89
CA ASP F 3501 96.14 31.83 48.54
C ASP F 3501 97.31 31.82 47.58
N ARG F 3502 97.41 30.79 46.73
CA ARG F 3502 98.51 30.72 45.78
C ARG F 3502 98.41 31.83 44.73
N TYR F 3503 97.24 31.97 44.10
CA TYR F 3503 97.02 33.01 43.11
C TYR F 3503 95.53 33.15 42.87
N SER F 3504 95.08 34.37 42.61
CA SER F 3504 93.70 34.65 42.27
C SER F 3504 93.63 35.96 41.49
N VAL F 3505 92.67 36.03 40.57
CA VAL F 3505 92.48 37.26 39.80
C VAL F 3505 92.08 38.41 40.71
N GLN F 3506 91.27 38.12 41.74
CA GLN F 3506 90.84 39.16 42.67
C GLN F 3506 92.03 39.81 43.37
N THR F 3507 93.10 39.04 43.59
CA THR F 3507 94.30 39.54 44.26
C THR F 3507 95.42 39.91 43.30
N SER F 3508 95.15 39.95 42.01
CA SER F 3508 96.16 40.38 41.04
C SER F 3508 96.48 41.86 41.23
N LEU F 3509 97.76 42.21 41.12
CA LEU F 3509 98.16 43.60 41.33
C LEU F 3509 97.70 44.50 40.20
N ILE F 3510 97.65 43.98 38.96
CA ILE F 3510 97.24 44.81 37.84
C ILE F 3510 95.81 45.30 38.02
N VAL F 3511 94.92 44.43 38.46
CA VAL F 3511 93.55 44.85 38.73
C VAL F 3511 93.43 45.54 40.08
N ALA F 3512 94.29 45.20 41.05
CA ALA F 3512 94.20 45.81 42.36
C ALA F 3512 94.55 47.30 42.32
N THR F 3513 95.59 47.65 41.57
CA THR F 3513 95.95 49.05 41.44
C THR F 3513 94.84 49.85 40.78
N LEU F 3514 94.22 49.29 39.74
CA LEU F 3514 93.14 50.00 39.08
C LEU F 3514 91.91 50.12 39.97
N LYS F 3515 91.59 49.07 40.73
CA LYS F 3515 90.47 49.17 41.65
C LYS F 3515 90.74 50.19 42.75
N LYS F 3516 91.99 50.32 43.19
CA LYS F 3516 92.34 51.34 44.17
C LYS F 3516 92.32 52.75 43.59
N MET F 3517 92.67 52.91 42.31
CA MET F 3517 92.69 54.23 41.71
C MET F 3517 91.42 54.56 40.94
N LEU F 3518 90.41 53.67 40.98
CA LEU F 3518 89.09 54.00 40.45
C LEU F 3518 88.52 55.30 41.01
N PRO F 3519 88.54 55.57 42.32
CA PRO F 3519 87.93 56.82 42.81
C PRO F 3519 88.50 58.06 42.15
N ILE F 3520 89.79 58.06 41.83
CA ILE F 3520 90.39 59.23 41.17
C ILE F 3520 89.77 59.44 39.79
N GLY F 3521 89.59 58.37 39.04
CA GLY F 3521 88.95 58.48 37.74
C GLY F 3521 87.50 58.89 37.83
N LEU F 3522 86.75 58.28 38.76
CA LEU F 3522 85.34 58.61 38.91
C LEU F 3522 85.15 60.04 39.42
N ASN F 3523 86.17 60.58 40.10
CA ASN F 3523 86.06 61.95 40.62
C ASN F 3523 86.14 62.98 39.50
N MET F 3524 86.76 62.62 38.37
CA MET F 3524 86.81 63.53 37.24
C MET F 3524 85.42 63.83 36.70
N CYS F 3525 84.59 62.79 36.58
CA CYS F 3525 83.29 62.94 35.94
C CYS F 3525 82.28 63.53 36.91
N ALA F 3526 81.51 64.50 36.44
CA ALA F 3526 80.44 65.07 37.23
C ALA F 3526 79.25 64.11 37.28
N PRO F 3527 78.45 64.19 38.34
CA PRO F 3527 77.28 63.30 38.43
C PRO F 3527 76.25 63.48 37.32
N THR F 3528 76.48 64.38 36.36
CA THR F 3528 75.62 64.44 35.20
C THR F 3528 75.95 63.38 34.16
N ASP F 3529 77.01 62.62 34.34
CA ASP F 3529 77.55 61.79 33.27
C ASP F 3529 77.32 60.30 33.45
N GLN F 3530 76.50 59.87 34.39
CA GLN F 3530 76.25 58.43 34.55
C GLN F 3530 75.54 57.86 33.33
N ASP F 3531 74.59 58.59 32.74
CA ASP F 3531 73.96 58.09 31.53
C ASP F 3531 74.96 57.96 30.39
N LEU F 3532 75.85 58.95 30.25
CA LEU F 3532 76.87 58.88 29.22
C LEU F 3532 77.81 57.70 29.45
N ILE F 3533 78.17 57.46 30.71
CA ILE F 3533 79.05 56.34 31.02
C ILE F 3533 78.37 55.02 30.73
N MET F 3534 77.08 54.89 31.08
CA MET F 3534 76.33 53.68 30.73
C MET F 3534 76.26 53.46 29.23
N LEU F 3535 75.98 54.52 28.46
CA LEU F 3535 75.89 54.34 27.01
C LEU F 3535 77.25 54.00 26.39
N ALA F 3536 78.32 54.61 26.88
CA ALA F 3536 79.64 54.26 26.35
C ALA F 3536 80.03 52.85 26.75
N LYS F 3537 79.62 52.41 27.95
CA LYS F 3537 79.82 51.03 28.34
C LYS F 3537 79.08 50.08 27.41
N THR F 3538 77.86 50.45 27.01
CA THR F 3538 77.13 49.61 26.05
C THR F 3538 77.84 49.55 24.71
N ARG F 3539 78.37 50.69 24.24
CA ARG F 3539 79.11 50.68 22.99
C ARG F 3539 80.34 49.79 23.08
N TYR F 3540 81.08 49.87 24.20
CA TYR F 3540 82.20 48.95 24.39
C TYR F 3540 81.75 47.50 24.45
N ALA F 3541 80.60 47.24 25.07
CA ALA F 3541 80.04 45.89 25.07
C ALA F 3541 79.69 45.43 23.66
N LEU F 3542 79.44 46.35 22.74
CA LEU F 3542 79.27 46.03 21.34
C LEU F 3542 80.59 46.01 20.57
N LYS F 3543 81.71 45.86 21.29
CA LYS F 3543 83.04 45.74 20.69
C LYS F 3543 83.33 46.90 19.74
N ASP F 3544 83.37 48.10 20.31
CA ASP F 3544 83.63 49.32 19.57
C ASP F 3544 84.90 49.97 20.09
N THR F 3545 85.61 50.67 19.20
CA THR F 3545 86.90 51.23 19.55
C THR F 3545 86.76 52.59 20.21
N ASP F 3546 87.90 53.13 20.64
CA ASP F 3546 87.90 54.42 21.33
C ASP F 3546 87.40 55.55 20.45
N GLU F 3547 87.80 55.57 19.18
CA GLU F 3547 87.29 56.60 18.28
C GLU F 3547 85.79 56.45 18.09
N GLU F 3548 85.29 55.22 17.98
CA GLU F 3548 83.87 55.01 17.81
C GLU F 3548 83.09 55.51 19.03
N VAL F 3549 83.55 55.20 20.23
CA VAL F 3549 82.81 55.68 21.40
C VAL F 3549 82.92 57.19 21.52
N ARG F 3550 84.06 57.77 21.17
CA ARG F 3550 84.19 59.22 21.21
C ARG F 3550 83.21 59.89 20.26
N GLU F 3551 83.12 59.40 19.02
CA GLU F 3551 82.22 60.04 18.06
C GLU F 3551 80.77 59.80 18.44
N PHE F 3552 80.44 58.63 18.98
CA PHE F 3552 79.05 58.37 19.34
C PHE F 3552 78.64 59.23 20.53
N LEU F 3553 79.57 59.46 21.47
CA LEU F 3553 79.34 60.39 22.55
C LEU F 3553 79.19 61.82 22.05
N GLN F 3554 80.01 62.24 21.09
CA GLN F 3554 79.87 63.58 20.53
C GLN F 3554 78.52 63.76 19.86
N ASN F 3555 78.07 62.76 19.11
CA ASN F 3555 76.76 62.82 18.48
C ASN F 3555 75.61 62.78 19.48
N ASN F 3556 75.77 62.07 20.59
CA ASN F 3556 74.69 61.88 21.56
C ASN F 3556 75.02 62.55 22.90
N LEU F 3557 75.53 63.79 22.84
CA LEU F 3557 75.86 64.51 24.07
C LEU F 3557 74.63 65.07 24.77
N HIS F 3558 73.50 65.19 24.08
CA HIS F 3558 72.34 65.87 24.62
C HIS F 3558 71.51 65.00 25.56
N LEU F 3559 71.89 63.74 25.77
CA LEU F 3559 71.17 62.87 26.68
C LEU F 3559 71.73 62.85 28.09
N GLN F 3560 72.67 63.74 28.41
CA GLN F 3560 73.23 63.78 29.75
C GLN F 3560 72.15 64.14 30.77
N GLY F 3561 72.36 63.69 32.00
CA GLY F 3561 71.30 63.77 33.00
C GLY F 3561 70.90 65.20 33.31
N LYS F 3562 69.62 65.36 33.66
CA LYS F 3562 69.07 66.65 34.08
C LYS F 3562 68.90 66.66 35.59
N VAL F 3563 69.37 67.75 36.22
CA VAL F 3563 69.36 67.82 37.68
C VAL F 3563 67.93 67.88 38.21
N GLU F 3564 67.04 68.58 37.50
CA GLU F 3564 65.67 68.73 37.97
C GLU F 3564 64.93 67.40 38.00
N GLY F 3565 65.19 66.52 37.04
CA GLY F 3565 64.46 65.28 36.94
C GLY F 3565 64.92 64.17 37.85
N SER F 3566 65.98 64.39 38.64
CA SER F 3566 66.51 63.35 39.51
C SER F 3566 66.76 63.95 40.90
N PRO F 3567 66.28 63.31 41.97
CA PRO F 3567 66.50 63.85 43.31
C PRO F 3567 67.92 63.61 43.83
N SER F 3568 68.47 62.44 43.54
CA SER F 3568 69.84 62.14 43.95
C SER F 3568 70.84 63.07 43.26
N LEU F 3569 70.61 63.32 41.97
CA LEU F 3569 71.48 64.21 41.20
C LEU F 3569 71.58 65.59 41.83
N ARG F 3570 70.54 66.05 42.53
CA ARG F 3570 70.58 67.38 43.12
C ARG F 3570 71.72 67.48 44.14
N TRP F 3571 71.75 66.58 45.12
CA TRP F 3571 72.80 66.64 46.12
C TRP F 3571 74.14 66.17 45.59
N GLN F 3572 74.13 65.24 44.63
CA GLN F 3572 75.40 64.85 44.01
C GLN F 3572 76.04 66.04 43.30
N MET F 3573 75.24 66.79 42.55
CA MET F 3573 75.72 68.00 41.90
C MET F 3573 76.18 69.03 42.91
N ALA F 3574 75.44 69.20 44.00
CA ALA F 3574 75.86 70.15 45.02
C ALA F 3574 77.23 69.79 45.58
N LEU F 3575 77.41 68.52 45.96
CA LEU F 3575 78.66 68.09 46.55
C LEU F 3575 79.81 68.19 45.54
N TYR F 3576 79.57 67.82 44.28
CA TYR F 3576 80.61 67.93 43.28
C TYR F 3576 81.00 69.38 43.02
N ARG F 3577 80.00 70.24 42.81
CA ARG F 3577 80.23 71.66 42.60
C ARG F 3577 80.95 72.32 43.76
N GLY F 3578 80.77 71.81 44.98
CA GLY F 3578 81.46 72.38 46.13
C GLY F 3578 82.96 72.11 46.18
N LEU F 3579 83.48 71.30 45.26
CA LEU F 3579 84.89 70.98 45.28
C LEU F 3579 85.72 72.20 44.89
N PRO F 3580 86.94 72.32 45.42
CA PRO F 3580 87.73 73.54 45.16
C PRO F 3580 88.16 73.71 43.71
N GLY F 3581 88.75 72.69 43.11
CA GLY F 3581 89.37 72.84 41.80
C GLY F 3581 88.45 72.64 40.62
N ARG F 3582 87.14 72.67 40.86
CA ARG F 3582 86.16 72.44 39.81
C ARG F 3582 85.80 73.78 39.16
N GLU F 3583 85.79 73.80 37.84
CA GLU F 3583 85.40 74.98 37.07
C GLU F 3583 84.38 74.61 36.00
N GLU F 3584 83.49 75.55 35.68
CA GLU F 3584 82.49 75.32 34.65
C GLU F 3584 83.12 75.23 33.26
N ASP F 3585 84.22 75.95 33.02
CA ASP F 3585 84.90 75.86 31.73
C ASP F 3585 85.45 74.46 31.47
N ALA F 3586 85.64 73.65 32.52
CA ALA F 3586 86.02 72.27 32.34
C ALA F 3586 84.91 71.44 31.70
N ASP F 3587 83.70 71.97 31.60
CA ASP F 3587 82.60 71.27 30.96
C ASP F 3587 82.56 71.54 29.45
N ASP F 3588 83.71 71.32 28.80
CA ASP F 3588 83.78 71.39 27.35
C ASP F 3588 83.46 70.03 26.76
N PRO F 3589 82.77 69.99 25.62
CA PRO F 3589 82.35 68.69 25.06
C PRO F 3589 83.50 67.72 24.86
N GLU F 3590 84.67 68.22 24.43
CA GLU F 3590 85.84 67.36 24.29
C GLU F 3590 86.26 66.76 25.63
N LYS F 3591 86.26 67.59 26.68
CA LYS F 3591 86.61 67.07 28.00
C LYS F 3591 85.62 66.03 28.48
N ILE F 3592 84.32 66.28 28.31
CA ILE F 3592 83.33 65.30 28.73
C ILE F 3592 83.53 64.00 27.96
N VAL F 3593 83.68 64.08 26.64
CA VAL F 3593 83.77 62.84 25.88
C VAL F 3593 85.03 62.08 26.22
N ARG F 3594 86.17 62.77 26.41
CA ARG F 3594 87.40 62.06 26.74
C ARG F 3594 87.28 61.38 28.10
N ARG F 3595 86.83 62.12 29.12
CA ARG F 3595 86.81 61.53 30.46
C ARG F 3595 85.79 60.40 30.53
N VAL F 3596 84.63 60.56 29.88
CA VAL F 3596 83.62 59.51 29.91
C VAL F 3596 84.12 58.29 29.14
N GLN F 3597 84.82 58.49 28.03
CA GLN F 3597 85.36 57.36 27.28
C GLN F 3597 86.36 56.58 28.13
N GLU F 3598 87.28 57.30 28.78
CA GLU F 3598 88.28 56.62 29.60
C GLU F 3598 87.64 55.85 30.73
N VAL F 3599 86.77 56.51 31.51
CA VAL F 3599 86.16 55.84 32.65
C VAL F 3599 85.27 54.69 32.19
N SER F 3600 84.57 54.86 31.07
CA SER F 3600 83.69 53.82 30.57
C SER F 3600 84.48 52.58 30.17
N ALA F 3601 85.60 52.77 29.46
CA ALA F 3601 86.43 51.63 29.11
C ALA F 3601 86.92 50.92 30.37
N VAL F 3602 87.37 51.70 31.35
CA VAL F 3602 87.90 51.11 32.58
C VAL F 3602 86.83 50.27 33.26
N LEU F 3603 85.63 50.82 33.45
CA LEU F 3603 84.61 50.07 34.18
C LEU F 3603 84.05 48.91 33.37
N TYR F 3604 84.01 49.03 32.04
CA TYR F 3604 83.55 47.92 31.23
C TYR F 3604 84.49 46.72 31.39
N HIS F 3605 85.78 46.96 31.22
CA HIS F 3605 86.71 45.85 31.43
C HIS F 3605 86.73 45.38 32.88
N LEU F 3606 86.49 46.29 33.83
CA LEU F 3606 86.41 45.89 35.23
C LEU F 3606 85.26 44.93 35.49
N GLU F 3607 84.08 45.22 34.95
CA GLU F 3607 82.96 44.31 35.15
C GLU F 3607 83.16 43.00 34.39
N GLN F 3608 83.76 43.05 33.21
CA GLN F 3608 84.12 41.80 32.53
C GLN F 3608 85.05 40.95 33.37
N THR F 3609 86.03 41.55 34.05
CA THR F 3609 86.92 40.80 34.91
C THR F 3609 86.24 40.29 36.18
N GLU F 3610 85.50 41.16 36.87
CA GLU F 3610 84.92 40.78 38.15
C GLU F 3610 83.85 39.71 37.98
N HIS F 3611 82.96 39.87 37.01
CA HIS F 3611 81.96 38.85 36.70
C HIS F 3611 82.38 38.16 35.41
N PRO F 3612 83.09 37.03 35.49
CA PRO F 3612 83.58 36.37 34.28
C PRO F 3612 82.48 35.91 33.35
N TYR F 3613 81.27 35.70 33.86
CA TYR F 3613 80.10 35.22 33.11
C TYR F 3613 80.44 34.01 32.22
N LYS F 3614 81.46 33.25 32.61
CA LYS F 3614 81.80 32.02 31.91
C LYS F 3614 80.98 30.82 32.39
N SER F 3615 80.13 31.02 33.39
CA SER F 3615 79.23 29.97 33.83
C SER F 3615 78.15 29.73 32.77
N LYS F 3616 77.47 28.60 32.89
CA LYS F 3616 76.45 28.16 31.95
C LYS F 3616 77.03 27.89 30.56
N LYS F 3617 78.36 28.02 30.44
CA LYS F 3617 79.07 27.66 29.21
C LYS F 3617 79.70 26.28 29.36
N ALA F 3618 80.48 26.09 30.42
CA ALA F 3618 81.04 24.79 30.80
C ALA F 3618 80.70 24.58 32.27
N VAL F 3619 79.50 24.05 32.52
CA VAL F 3619 79.04 23.70 33.86
C VAL F 3619 79.38 22.24 34.07
N TRP F 3620 79.53 21.80 35.33
CA TRP F 3620 79.75 20.39 35.64
C TRP F 3620 78.74 19.56 34.87
N HIS F 3621 79.24 18.74 33.94
CA HIS F 3621 78.40 18.10 32.93
C HIS F 3621 78.36 16.59 33.01
N LYS F 3622 79.40 15.95 33.56
CA LYS F 3622 79.54 14.49 33.63
C LYS F 3622 79.02 13.83 32.34
N LEU F 3623 79.63 14.23 31.23
CA LEU F 3623 79.25 13.71 29.92
C LEU F 3623 79.19 12.19 29.92
N LEU F 3624 80.34 11.55 30.15
CA LEU F 3624 80.35 10.11 30.38
C LEU F 3624 81.30 9.70 31.50
N SER F 3625 81.83 10.65 32.28
CA SER F 3625 82.92 10.36 33.20
C SER F 3625 82.48 9.40 34.32
N LYS F 3626 81.35 9.72 34.98
CA LYS F 3626 80.96 9.00 36.19
C LYS F 3626 80.76 7.52 35.95
N GLN F 3627 80.52 7.09 34.71
CA GLN F 3627 80.32 5.69 34.40
C GLN F 3627 81.34 5.12 33.43
N ARG F 3628 82.19 5.95 32.84
CA ARG F 3628 83.18 5.49 31.87
C ARG F 3628 84.61 5.82 32.28
N ARG F 3629 84.81 6.26 33.53
CA ARG F 3629 86.17 6.50 34.00
C ARG F 3629 86.99 5.21 34.02
N ARG F 3630 86.35 4.10 34.42
CA ARG F 3630 87.05 2.82 34.37
C ARG F 3630 87.51 2.48 32.95
N ALA F 3631 86.64 2.68 31.96
CA ALA F 3631 87.02 2.37 30.58
C ALA F 3631 88.14 3.27 30.09
N VAL F 3632 88.03 4.58 30.34
CA VAL F 3632 89.05 5.49 29.82
C VAL F 3632 90.38 5.27 30.53
N VAL F 3633 90.36 4.85 31.80
CA VAL F 3633 91.61 4.52 32.49
C VAL F 3633 92.19 3.22 31.94
N ALA F 3634 91.35 2.21 31.71
CA ALA F 3634 91.83 0.93 31.20
C ALA F 3634 92.37 1.05 29.78
N CYS F 3635 91.94 2.08 29.05
CA CYS F 3635 92.44 2.27 27.69
C CYS F 3635 93.94 2.51 27.69
N PHE F 3636 94.45 3.30 28.65
CA PHE F 3636 95.85 3.72 28.64
C PHE F 3636 96.81 2.66 29.16
N ARG F 3637 96.32 1.58 29.76
CA ARG F 3637 97.17 0.62 30.45
C ARG F 3637 97.08 -0.77 29.83
N MET F 3638 96.36 -0.91 28.72
CA MET F 3638 96.04 -2.23 28.21
C MET F 3638 97.13 -2.76 27.27
N THR F 3639 97.11 -4.07 27.06
CA THR F 3639 98.25 -4.78 26.48
C THR F 3639 98.21 -4.80 24.95
N PRO F 3640 99.35 -4.72 24.28
CA PRO F 3640 99.36 -4.78 22.82
C PRO F 3640 99.21 -6.20 22.30
N LEU F 3641 99.18 -6.32 20.97
CA LEU F 3641 98.97 -7.62 20.34
C LEU F 3641 100.22 -8.47 20.36
N TYR F 3642 101.40 -7.86 20.20
CA TYR F 3642 102.63 -8.64 20.09
C TYR F 3642 103.02 -9.32 21.40
N ASN F 3643 102.39 -8.96 22.52
CA ASN F 3643 102.63 -9.64 23.79
C ASN F 3643 101.70 -10.81 24.01
N LEU F 3644 100.72 -11.02 23.15
CA LEU F 3644 99.71 -12.04 23.33
C LEU F 3644 100.29 -13.42 23.01
N PRO F 3645 99.78 -14.47 23.64
CA PRO F 3645 100.21 -15.83 23.29
C PRO F 3645 99.81 -16.19 21.86
N THR F 3646 100.61 -17.08 21.26
CA THR F 3646 100.46 -17.40 19.85
C THR F 3646 99.10 -18.00 19.55
N HIS F 3647 98.63 -18.93 20.40
CA HIS F 3647 97.36 -19.58 20.13
C HIS F 3647 96.19 -18.60 20.25
N ARG F 3648 96.23 -17.73 21.25
CA ARG F 3648 95.19 -16.71 21.37
C ARG F 3648 95.18 -15.79 20.15
N ALA F 3649 96.37 -15.36 19.73
CA ALA F 3649 96.46 -14.49 18.56
C ALA F 3649 95.94 -15.20 17.31
N CYS F 3650 96.24 -16.49 17.17
CA CYS F 3650 95.74 -17.24 16.02
C CYS F 3650 94.23 -17.34 16.04
N ASN F 3651 93.63 -17.54 17.22
CA ASN F 3651 92.18 -17.61 17.30
C ASN F 3651 91.54 -16.28 16.91
N MET F 3652 92.08 -15.17 17.42
CA MET F 3652 91.54 -13.88 17.01
C MET F 3652 91.77 -13.62 15.52
N PHE F 3653 92.89 -14.10 14.98
CA PHE F 3653 93.14 -13.96 13.56
C PHE F 3653 92.10 -14.73 12.75
N LEU F 3654 91.77 -15.94 13.18
CA LEU F 3654 90.75 -16.71 12.48
C LEU F 3654 89.41 -15.99 12.50
N GLU F 3655 89.03 -15.46 13.67
CA GLU F 3655 87.79 -14.71 13.76
C GLU F 3655 87.80 -13.51 12.82
N SER F 3656 88.87 -12.70 12.85
CA SER F 3656 88.94 -11.52 12.00
C SER F 3656 88.94 -11.88 10.52
N TYR F 3657 89.68 -12.93 10.16
CA TYR F 3657 89.77 -13.34 8.76
C TYR F 3657 88.43 -13.82 8.23
N LYS F 3658 87.72 -14.65 9.00
CA LYS F 3658 86.41 -15.09 8.52
C LYS F 3658 85.41 -13.94 8.51
N ALA F 3659 85.56 -12.97 9.42
CA ALA F 3659 84.63 -11.85 9.44
C ALA F 3659 84.85 -10.89 8.28
N ALA F 3660 86.10 -10.64 7.90
CA ALA F 3660 86.40 -9.57 6.97
C ALA F 3660 86.85 -10.04 5.59
N TRP F 3661 87.10 -11.33 5.39
CA TRP F 3661 87.63 -11.80 4.12
C TRP F 3661 86.82 -12.93 3.51
N ILE F 3662 86.24 -13.81 4.31
CA ILE F 3662 85.46 -14.92 3.77
C ILE F 3662 83.98 -14.56 3.70
N LEU F 3663 83.46 -13.93 4.75
CA LEU F 3663 82.08 -13.46 4.72
C LEU F 3663 81.87 -12.41 3.65
N THR F 3664 82.82 -11.49 3.50
CA THR F 3664 82.71 -10.44 2.49
C THR F 3664 82.83 -10.99 1.07
N GLU F 3665 83.37 -12.20 0.91
CA GLU F 3665 83.53 -12.77 -0.41
C GLU F 3665 82.17 -13.12 -1.01
N ASP F 3666 82.02 -12.85 -2.30
CA ASP F 3666 80.79 -13.11 -3.03
C ASP F 3666 81.03 -14.26 -3.99
N HIS F 3667 80.05 -15.16 -4.09
CA HIS F 3667 80.14 -16.32 -4.97
C HIS F 3667 78.72 -16.68 -5.40
N SER F 3668 78.37 -16.31 -6.63
CA SER F 3668 77.04 -16.59 -7.16
C SER F 3668 77.05 -17.96 -7.82
N PHE F 3669 76.44 -18.94 -7.16
CA PHE F 3669 76.35 -20.29 -7.69
C PHE F 3669 74.92 -20.79 -7.79
N GLU F 3670 73.95 -20.02 -7.28
CA GLU F 3670 72.56 -20.50 -7.27
C GLU F 3670 72.03 -20.70 -8.68
N ASP F 3671 72.23 -19.70 -9.55
CA ASP F 3671 71.74 -19.81 -10.92
C ASP F 3671 72.42 -20.96 -11.65
N ARG F 3672 73.72 -21.11 -11.45
CA ARG F 3672 74.45 -22.17 -12.14
C ARG F 3672 73.99 -23.54 -11.68
N MET F 3673 73.78 -23.73 -10.38
CA MET F 3673 73.31 -25.03 -9.90
C MET F 3673 71.89 -25.31 -10.37
N ILE F 3674 71.01 -24.31 -10.36
CA ILE F 3674 69.65 -24.52 -10.84
C ILE F 3674 69.66 -24.90 -12.31
N ASP F 3675 70.49 -24.22 -13.11
CA ASP F 3675 70.59 -24.56 -14.53
C ASP F 3675 71.12 -25.98 -14.71
N ASP F 3676 72.13 -26.37 -13.92
CA ASP F 3676 72.68 -27.71 -14.03
C ASP F 3676 71.65 -28.77 -13.65
N LEU F 3677 70.85 -28.51 -12.62
CA LEU F 3677 69.85 -29.46 -12.17
C LEU F 3677 68.59 -29.45 -13.03
N SER F 3678 68.41 -28.44 -13.87
CA SER F 3678 67.23 -28.35 -14.72
C SER F 3678 67.38 -29.07 -16.04
N LYS F 3679 68.48 -29.78 -16.25
CA LYS F 3679 68.76 -30.42 -17.52
C LYS F 3679 68.54 -31.93 -17.41
N ALA F 3680 67.79 -32.48 -18.36
CA ALA F 3680 67.69 -33.93 -18.50
C ALA F 3680 68.88 -34.44 -19.30
N GLY F 3681 69.51 -35.50 -18.82
CA GLY F 3681 70.77 -35.92 -19.38
C GLY F 3681 70.71 -37.04 -20.41
N GLU F 3682 70.79 -36.66 -21.69
CA GLU F 3682 70.97 -37.56 -22.83
C GLU F 3682 70.18 -38.87 -22.67
N GLN F 3683 68.91 -38.74 -22.29
CA GLN F 3683 68.00 -39.87 -22.24
C GLN F 3683 66.96 -39.82 -23.35
N GLU F 3684 67.22 -39.06 -24.41
CA GLU F 3684 66.26 -38.83 -25.49
C GLU F 3684 66.64 -39.57 -26.76
N GLU F 3685 67.35 -40.70 -26.65
CA GLU F 3685 67.70 -41.52 -27.81
C GLU F 3685 66.77 -42.70 -27.99
N GLU F 3686 65.69 -42.77 -27.20
CA GLU F 3686 64.70 -43.83 -27.32
C GLU F 3686 63.31 -43.33 -27.67
N GLU F 3687 62.91 -42.18 -27.12
CA GLU F 3687 61.62 -41.52 -27.38
C GLU F 3687 60.47 -42.51 -27.52
N GLU F 3688 60.39 -43.42 -26.55
CA GLU F 3688 59.33 -44.42 -26.50
C GLU F 3688 58.17 -43.86 -25.66
N GLU F 3689 57.24 -44.73 -25.25
CA GLU F 3689 56.08 -44.33 -24.46
C GLU F 3689 56.46 -44.00 -23.02
N VAL F 3690 57.75 -43.76 -22.79
CA VAL F 3690 58.28 -43.35 -21.50
C VAL F 3690 57.88 -41.89 -21.22
N GLU F 3691 57.06 -41.32 -22.10
CA GLU F 3691 56.67 -39.91 -22.06
C GLU F 3691 56.09 -39.49 -20.72
N GLU F 3692 55.88 -40.46 -19.81
CA GLU F 3692 55.73 -40.12 -18.40
C GLU F 3692 56.79 -39.14 -17.94
N LYS F 3693 57.99 -39.21 -18.54
CA LYS F 3693 59.03 -38.20 -18.40
C LYS F 3693 59.46 -38.06 -16.92
N LYS F 3694 60.10 -39.14 -16.44
CA LYS F 3694 60.66 -39.22 -15.10
C LYS F 3694 61.33 -37.90 -14.72
N PRO F 3695 61.17 -37.47 -13.48
CA PRO F 3695 61.60 -36.11 -13.11
C PRO F 3695 63.09 -35.89 -13.31
N ASP F 3696 63.43 -34.67 -13.74
CA ASP F 3696 64.82 -34.23 -13.78
C ASP F 3696 65.30 -33.98 -12.35
N PRO F 3697 66.61 -33.85 -12.15
CA PRO F 3697 67.12 -33.75 -10.77
C PRO F 3697 66.47 -32.66 -9.92
N LEU F 3698 66.22 -31.48 -10.48
CA LEU F 3698 65.55 -30.45 -9.70
C LEU F 3698 64.14 -30.88 -9.31
N HIS F 3699 63.42 -31.51 -10.24
CA HIS F 3699 62.08 -32.00 -9.93
C HIS F 3699 62.13 -33.07 -8.85
N GLN F 3700 63.12 -33.95 -8.91
CA GLN F 3700 63.26 -34.97 -7.87
C GLN F 3700 63.56 -34.36 -6.51
N LEU F 3701 64.40 -33.32 -6.48
CA LEU F 3701 64.67 -32.63 -5.21
C LEU F 3701 63.40 -31.99 -4.65
N VAL F 3702 62.63 -31.33 -5.51
CA VAL F 3702 61.37 -30.74 -5.06
C VAL F 3702 60.43 -31.82 -4.54
N LEU F 3703 60.34 -32.95 -5.24
CA LEU F 3703 59.47 -34.03 -4.80
C LEU F 3703 59.93 -34.62 -3.48
N HIS F 3704 61.25 -34.70 -3.28
CA HIS F 3704 61.77 -35.20 -2.00
C HIS F 3704 61.40 -34.26 -0.86
N PHE F 3705 61.53 -32.96 -1.07
CA PHE F 3705 61.13 -32.02 -0.02
C PHE F 3705 59.62 -32.05 0.21
N SER F 3706 58.84 -32.21 -0.83
CA SER F 3706 57.40 -32.37 -0.66
C SER F 3706 57.08 -33.63 0.14
N ARG F 3707 57.79 -34.72 -0.14
CA ARG F 3707 57.59 -35.98 0.58
C ARG F 3707 57.90 -35.81 2.07
N THR F 3708 59.04 -35.18 2.38
CA THR F 3708 59.35 -34.98 3.79
C THR F 3708 58.44 -33.93 4.43
N ALA F 3709 57.77 -33.11 3.63
CA ALA F 3709 56.76 -32.21 4.17
C ALA F 3709 55.46 -32.93 4.50
N LEU F 3710 55.07 -33.91 3.70
CA LEU F 3710 53.77 -34.54 3.85
C LEU F 3710 53.78 -35.68 4.87
N THR F 3711 54.92 -36.02 5.45
CA THR F 3711 54.96 -37.03 6.49
C THR F 3711 54.23 -36.54 7.73
N GLU F 3712 53.46 -37.42 8.36
CA GLU F 3712 52.68 -37.05 9.54
C GLU F 3712 53.61 -37.00 10.75
N LYS F 3713 53.78 -35.79 11.30
CA LYS F 3713 54.62 -35.60 12.47
C LYS F 3713 53.98 -34.56 13.38
N SER F 3714 54.34 -34.62 14.67
CA SER F 3714 53.83 -33.65 15.63
C SER F 3714 54.35 -32.25 15.33
N LYS F 3715 55.62 -32.13 14.97
CA LYS F 3715 56.23 -30.84 14.69
C LYS F 3715 57.13 -30.96 13.47
N LEU F 3716 57.40 -29.82 12.84
CA LEU F 3716 58.26 -29.76 11.66
C LEU F 3716 59.69 -29.52 12.13
N ASP F 3717 60.54 -30.53 11.97
CA ASP F 3717 61.90 -30.46 12.48
C ASP F 3717 62.78 -29.56 11.62
N GLU F 3718 63.84 -29.05 12.22
CA GLU F 3718 64.77 -28.16 11.55
C GLU F 3718 65.58 -28.94 10.51
N ASP F 3719 65.71 -28.38 9.30
CA ASP F 3719 66.39 -29.06 8.20
C ASP F 3719 67.27 -28.07 7.46
N TYR F 3720 68.58 -28.12 7.74
CA TYR F 3720 69.53 -27.21 7.11
C TYR F 3720 69.61 -27.46 5.61
N LEU F 3721 69.49 -28.72 5.17
CA LEU F 3721 69.51 -29.00 3.74
C LEU F 3721 68.34 -28.34 3.03
N TYR F 3722 67.14 -28.47 3.60
CA TYR F 3722 65.98 -27.83 3.00
C TYR F 3722 66.14 -26.31 2.98
N MET F 3723 66.65 -25.74 4.08
CA MET F 3723 66.84 -24.29 4.09
C MET F 3723 67.83 -23.86 3.01
N ALA F 3724 68.93 -24.59 2.87
CA ALA F 3724 69.93 -24.23 1.86
C ALA F 3724 69.34 -24.28 0.46
N TYR F 3725 68.66 -25.38 0.14
CA TYR F 3725 68.13 -25.49 -1.22
C TYR F 3725 66.98 -24.54 -1.47
N ALA F 3726 66.16 -24.25 -0.44
CA ALA F 3726 65.09 -23.28 -0.61
C ALA F 3726 65.65 -21.88 -0.85
N ASP F 3727 66.71 -21.52 -0.12
CA ASP F 3727 67.31 -20.21 -0.36
C ASP F 3727 67.97 -20.15 -1.73
N ILE F 3728 68.54 -21.26 -2.19
CA ILE F 3728 69.14 -21.30 -3.52
C ILE F 3728 68.05 -21.10 -4.59
N MET F 3729 66.94 -21.81 -4.45
CA MET F 3729 65.84 -21.65 -5.41
C MET F 3729 65.28 -20.23 -5.37
N ALA F 3730 65.16 -19.65 -4.18
CA ALA F 3730 64.65 -18.29 -4.07
C ALA F 3730 65.60 -17.30 -4.72
N LYS F 3731 66.91 -17.45 -4.52
CA LYS F 3731 67.87 -16.55 -5.13
C LYS F 3731 67.98 -16.75 -6.63
N SER F 3732 67.60 -17.92 -7.13
CA SER F 3732 67.62 -18.18 -8.55
C SER F 3732 66.55 -17.42 -9.32
N CYS F 3733 65.54 -16.89 -8.65
CA CYS F 3733 64.37 -16.37 -9.35
C CYS F 3733 64.35 -14.85 -9.52
N HIS F 3734 64.96 -14.08 -8.62
CA HIS F 3734 64.86 -12.64 -8.77
C HIS F 3734 65.96 -12.09 -9.67
N LEU F 3735 67.22 -12.25 -9.26
CA LEU F 3735 68.37 -11.74 -9.99
C LEU F 3735 68.22 -10.26 -10.33
N GLU F 3736 67.66 -9.51 -9.40
CA GLU F 3736 67.49 -8.06 -9.57
C GLU F 3736 67.41 -7.36 -8.21
N VAL F 3749 68.58 5.55 -15.55
CA VAL F 3749 67.50 5.33 -14.59
C VAL F 3749 66.15 5.38 -15.29
N GLU F 3750 66.17 5.33 -16.62
CA GLU F 3750 64.97 5.33 -17.44
C GLU F 3750 64.95 4.01 -18.22
N VAL F 3751 64.34 3.00 -17.62
CA VAL F 3751 64.26 1.69 -18.27
C VAL F 3751 63.17 1.72 -19.33
N SER F 3752 63.56 1.42 -20.57
CA SER F 3752 62.60 1.44 -21.67
C SER F 3752 61.69 0.22 -21.60
N PHE F 3753 60.61 0.27 -22.37
CA PHE F 3753 59.61 -0.79 -22.33
C PHE F 3753 60.19 -2.12 -22.79
N GLU F 3754 61.11 -2.10 -23.76
CA GLU F 3754 61.65 -3.35 -24.29
C GLU F 3754 62.37 -4.14 -23.20
N GLU F 3755 63.29 -3.49 -22.49
CA GLU F 3755 64.00 -4.20 -21.43
C GLU F 3755 63.15 -4.37 -20.17
N LYS F 3756 62.14 -3.51 -19.95
CA LYS F 3756 61.17 -3.79 -18.90
C LYS F 3756 60.46 -5.12 -19.14
N GLU F 3757 59.93 -5.33 -20.34
CA GLU F 3757 59.29 -6.59 -20.65
C GLU F 3757 60.29 -7.73 -20.71
N MET F 3758 61.53 -7.45 -21.11
CA MET F 3758 62.56 -8.49 -21.07
C MET F 3758 62.80 -8.96 -19.64
N GLU F 3759 62.89 -8.03 -18.70
CA GLU F 3759 63.05 -8.40 -17.30
C GLU F 3759 61.83 -9.16 -16.79
N LYS F 3760 60.63 -8.72 -17.16
CA LYS F 3760 59.42 -9.43 -16.74
C LYS F 3760 59.42 -10.86 -17.25
N GLN F 3761 59.77 -11.05 -18.52
CA GLN F 3761 59.73 -12.39 -19.11
C GLN F 3761 60.85 -13.26 -18.56
N ARG F 3762 62.01 -12.67 -18.28
CA ARG F 3762 63.09 -13.44 -17.66
C ARG F 3762 62.69 -13.90 -16.26
N LEU F 3763 62.07 -13.01 -15.47
CA LEU F 3763 61.57 -13.41 -14.17
C LEU F 3763 60.50 -14.48 -14.29
N LEU F 3764 59.62 -14.36 -15.30
CA LEU F 3764 58.60 -15.38 -15.52
C LEU F 3764 59.22 -16.72 -15.84
N TYR F 3765 60.25 -16.75 -16.68
CA TYR F 3765 60.90 -18.02 -17.00
C TYR F 3765 61.58 -18.62 -15.77
N GLN F 3766 62.27 -17.78 -14.98
CA GLN F 3766 62.95 -18.30 -13.80
C GLN F 3766 61.96 -18.84 -12.79
N GLN F 3767 60.80 -18.19 -12.66
CA GLN F 3767 59.76 -18.72 -11.80
C GLN F 3767 59.13 -19.99 -12.37
N SER F 3768 59.04 -20.09 -13.70
CA SER F 3768 58.51 -21.28 -14.34
C SER F 3768 59.39 -22.48 -14.09
N ARG F 3769 60.71 -22.29 -14.10
CA ARG F 3769 61.61 -23.40 -13.81
C ARG F 3769 61.30 -24.07 -12.48
N LEU F 3770 60.76 -23.33 -11.53
CA LEU F 3770 60.42 -23.87 -10.22
C LEU F 3770 58.97 -24.33 -10.14
N HIS F 3771 58.03 -23.54 -10.64
CA HIS F 3771 56.63 -23.91 -10.45
C HIS F 3771 56.16 -24.95 -11.46
N THR F 3772 56.98 -25.28 -12.46
CA THR F 3772 56.67 -26.44 -13.30
C THR F 3772 57.18 -27.73 -12.71
N ARG F 3773 57.81 -27.70 -11.55
CA ARG F 3773 58.38 -28.87 -10.91
C ARG F 3773 57.86 -29.06 -9.48
N GLY F 3774 56.81 -28.33 -9.11
CA GLY F 3774 56.15 -28.56 -7.84
C GLY F 3774 56.55 -27.64 -6.72
N ALA F 3775 57.27 -26.56 -6.99
CA ALA F 3775 57.69 -25.65 -5.93
C ALA F 3775 56.50 -24.98 -5.27
N ALA F 3776 55.47 -24.61 -6.05
CA ALA F 3776 54.30 -23.95 -5.49
C ALA F 3776 53.59 -24.85 -4.48
N GLU F 3777 53.45 -26.14 -4.81
CA GLU F 3777 52.87 -27.08 -3.86
C GLU F 3777 53.80 -27.32 -2.68
N MET F 3778 55.11 -27.36 -2.91
CA MET F 3778 56.05 -27.55 -1.80
C MET F 3778 55.92 -26.43 -0.77
N VAL F 3779 55.77 -25.19 -1.24
CA VAL F 3779 55.66 -24.06 -0.33
C VAL F 3779 54.43 -24.20 0.56
N LEU F 3780 53.29 -24.52 -0.04
CA LEU F 3780 52.06 -24.67 0.74
C LEU F 3780 52.18 -25.84 1.72
N GLN F 3781 52.79 -26.94 1.29
CA GLN F 3781 52.93 -28.09 2.16
C GLN F 3781 53.82 -27.78 3.36
N MET F 3782 54.92 -27.06 3.13
CA MET F 3782 55.79 -26.68 4.24
C MET F 3782 55.08 -25.71 5.19
N ILE F 3783 54.34 -24.75 4.65
CA ILE F 3783 53.61 -23.81 5.51
C ILE F 3783 52.59 -24.55 6.36
N SER F 3784 51.87 -25.49 5.77
CA SER F 3784 50.93 -26.30 6.54
C SER F 3784 51.64 -27.17 7.57
N ALA F 3785 52.81 -27.71 7.23
CA ALA F 3785 53.51 -28.62 8.13
C ALA F 3785 54.12 -27.89 9.32
N CYS F 3786 54.53 -26.64 9.15
CA CYS F 3786 55.10 -25.90 10.26
C CYS F 3786 54.10 -25.69 11.39
N LYS F 3787 52.81 -25.77 11.09
CA LYS F 3787 51.73 -25.70 12.09
C LYS F 3787 51.78 -24.41 12.90
N GLY F 3788 52.16 -23.32 12.26
CA GLY F 3788 52.16 -22.03 12.94
C GLY F 3788 53.29 -21.81 13.92
N GLU F 3789 54.41 -22.53 13.77
CA GLU F 3789 55.58 -22.34 14.60
C GLU F 3789 56.59 -21.48 13.84
N THR F 3790 56.92 -20.32 14.40
CA THR F 3790 57.91 -19.45 13.77
C THR F 3790 59.28 -20.09 13.81
N GLY F 3791 60.06 -19.84 12.76
CA GLY F 3791 61.41 -20.38 12.71
C GLY F 3791 62.02 -20.20 11.34
N ALA F 3792 63.28 -20.63 11.24
CA ALA F 3792 64.02 -20.50 10.00
C ALA F 3792 63.37 -21.29 8.87
N MET F 3793 62.76 -22.43 9.18
CA MET F 3793 62.19 -23.27 8.14
C MET F 3793 61.03 -22.55 7.45
N VAL F 3794 60.10 -22.02 8.24
CA VAL F 3794 58.97 -21.31 7.66
C VAL F 3794 59.42 -20.00 7.03
N SER F 3795 60.46 -19.37 7.59
CA SER F 3795 60.97 -18.15 6.96
C SER F 3795 61.51 -18.45 5.57
N SER F 3796 62.27 -19.53 5.42
CA SER F 3796 62.78 -19.92 4.11
C SER F 3796 61.65 -20.28 3.16
N THR F 3797 60.63 -20.98 3.67
CA THR F 3797 59.49 -21.32 2.82
C THR F 3797 58.77 -20.07 2.33
N LEU F 3798 58.56 -19.09 3.22
CA LEU F 3798 57.90 -17.85 2.82
C LEU F 3798 58.74 -17.07 1.82
N LYS F 3799 60.06 -17.05 2.02
CA LYS F 3799 60.92 -16.36 1.06
C LYS F 3799 60.86 -17.03 -0.31
N LEU F 3800 60.84 -18.36 -0.35
CA LEU F 3800 60.71 -19.06 -1.62
C LEU F 3800 59.36 -18.75 -2.28
N GLY F 3801 58.29 -18.72 -1.48
CA GLY F 3801 56.98 -18.39 -2.03
C GLY F 3801 56.95 -17.00 -2.63
N ILE F 3802 57.52 -16.02 -1.92
CA ILE F 3802 57.61 -14.67 -2.46
C ILE F 3802 58.45 -14.67 -3.74
N SER F 3803 59.54 -15.42 -3.75
CA SER F 3803 60.43 -15.43 -4.91
C SER F 3803 59.72 -15.95 -6.14
N ILE F 3804 58.89 -16.98 -5.99
CA ILE F 3804 58.16 -17.51 -7.14
C ILE F 3804 56.85 -16.79 -7.41
N LEU F 3805 56.40 -15.93 -6.50
CA LEU F 3805 55.18 -15.17 -6.70
C LEU F 3805 55.40 -13.71 -7.06
N ASN F 3806 56.65 -13.25 -7.10
CA ASN F 3806 56.93 -11.84 -7.36
C ASN F 3806 56.35 -11.40 -8.69
N GLY F 3807 55.76 -10.20 -8.70
CA GLY F 3807 55.11 -9.67 -9.87
C GLY F 3807 53.70 -10.17 -10.08
N GLY F 3808 53.19 -11.01 -9.19
CA GLY F 3808 51.85 -11.56 -9.35
C GLY F 3808 51.79 -12.62 -10.42
N ASN F 3809 52.51 -13.72 -10.22
CA ASN F 3809 52.52 -14.80 -11.20
C ASN F 3809 51.18 -15.52 -11.18
N ALA F 3810 50.37 -15.26 -12.21
CA ALA F 3810 49.02 -15.82 -12.26
C ALA F 3810 49.04 -17.34 -12.31
N GLU F 3811 50.03 -17.91 -12.99
CA GLU F 3811 50.11 -19.37 -13.08
C GLU F 3811 50.39 -19.98 -11.72
N VAL F 3812 51.33 -19.40 -10.96
CA VAL F 3812 51.62 -19.90 -9.62
C VAL F 3812 50.41 -19.72 -8.71
N GLN F 3813 49.74 -18.58 -8.82
CA GLN F 3813 48.53 -18.36 -8.02
C GLN F 3813 47.48 -19.41 -8.33
N GLN F 3814 47.27 -19.70 -9.61
CA GLN F 3814 46.29 -20.71 -9.99
C GLN F 3814 46.67 -22.08 -9.46
N LYS F 3815 47.95 -22.45 -9.56
CA LYS F 3815 48.39 -23.74 -9.04
C LYS F 3815 48.17 -23.84 -7.54
N MET F 3816 48.54 -22.78 -6.80
CA MET F 3816 48.37 -22.79 -5.36
C MET F 3816 46.89 -22.91 -4.99
N LEU F 3817 46.03 -22.13 -5.64
CA LEU F 3817 44.61 -22.17 -5.32
C LEU F 3817 44.00 -23.52 -5.66
N ASP F 3818 44.38 -24.09 -6.80
CA ASP F 3818 43.87 -25.41 -7.16
C ASP F 3818 44.31 -26.47 -6.17
N TYR F 3819 45.58 -26.43 -5.75
CA TYR F 3819 46.05 -27.40 -4.78
C TYR F 3819 45.29 -27.27 -3.47
N LEU F 3820 45.11 -26.04 -2.99
CA LEU F 3820 44.39 -25.84 -1.73
C LEU F 3820 42.95 -26.32 -1.84
N LYS F 3821 42.29 -26.02 -2.96
CA LYS F 3821 40.89 -26.40 -3.11
C LYS F 3821 40.72 -27.91 -3.26
N ASP F 3822 41.66 -28.59 -3.92
CA ASP F 3822 41.51 -30.04 -4.05
C ASP F 3822 41.88 -30.76 -2.76
N LYS F 3823 42.83 -30.22 -1.99
CA LYS F 3823 43.19 -30.87 -0.74
C LYS F 3823 42.15 -30.62 0.35
N LYS F 3824 41.53 -29.44 0.37
CA LYS F 3824 40.51 -29.09 1.36
C LYS F 3824 41.04 -29.27 2.79
N GLU F 3825 42.28 -28.85 3.01
CA GLU F 3825 42.89 -28.98 4.32
C GLU F 3825 42.85 -27.64 5.05
N VAL F 3826 42.59 -27.70 6.36
CA VAL F 3826 42.54 -26.49 7.18
C VAL F 3826 43.88 -26.14 7.80
N GLY F 3827 44.86 -27.04 7.70
CA GLY F 3827 46.15 -26.79 8.32
C GLY F 3827 46.86 -25.57 7.77
N PHE F 3828 46.71 -25.30 6.48
CA PHE F 3828 47.39 -24.17 5.88
C PHE F 3828 46.95 -22.86 6.51
N PHE F 3829 45.64 -22.61 6.56
CA PHE F 3829 45.16 -21.36 7.14
C PHE F 3829 45.26 -21.35 8.65
N GLN F 3830 45.20 -22.50 9.31
CA GLN F 3830 45.47 -22.53 10.75
C GLN F 3830 46.90 -22.08 11.03
N SER F 3831 47.85 -22.59 10.25
CA SER F 3831 49.24 -22.17 10.40
C SER F 3831 49.42 -20.70 10.10
N ILE F 3832 48.76 -20.20 9.05
CA ILE F 3832 48.86 -18.79 8.70
C ILE F 3832 48.33 -17.92 9.82
N GLN F 3833 47.18 -18.29 10.39
CA GLN F 3833 46.60 -17.53 11.49
C GLN F 3833 47.50 -17.55 12.72
N ALA F 3834 48.07 -18.72 13.04
CA ALA F 3834 48.97 -18.80 14.18
C ALA F 3834 50.21 -17.93 13.96
N LEU F 3835 50.77 -17.95 12.74
CA LEU F 3835 51.93 -17.13 12.44
C LEU F 3835 51.60 -15.64 12.56
N MET F 3836 50.41 -15.24 12.08
CA MET F 3836 50.00 -13.85 12.25
C MET F 3836 49.86 -13.49 13.72
N GLN F 3837 49.30 -14.38 14.53
CA GLN F 3837 49.13 -14.09 15.95
C GLN F 3837 50.46 -14.07 16.70
N THR F 3838 51.49 -14.71 16.17
CA THR F 3838 52.80 -14.69 16.81
C THR F 3838 53.66 -13.51 16.36
N CYS F 3839 53.23 -12.74 15.37
CA CYS F 3839 53.99 -11.56 14.95
C CYS F 3839 53.96 -10.51 16.04
N SER F 3840 55.10 -9.87 16.27
CA SER F 3840 55.25 -8.94 17.38
C SER F 3840 55.06 -7.50 16.92
N VAL F 3841 54.79 -6.62 17.89
CA VAL F 3841 54.65 -5.20 17.65
C VAL F 3841 55.61 -4.47 18.58
N LEU F 3842 55.61 -3.14 18.52
CA LEU F 3842 56.51 -2.34 19.35
C LEU F 3842 56.25 -2.61 20.82
N ASP F 3843 57.32 -2.78 21.59
CA ASP F 3843 57.22 -3.08 23.02
C ASP F 3843 58.02 -2.04 23.80
N LEU F 3844 57.31 -1.19 24.53
CA LEU F 3844 57.95 -0.11 25.27
C LEU F 3844 58.81 -0.65 26.41
N ASN F 3845 58.38 -1.71 27.08
CA ASN F 3845 59.17 -2.28 28.16
C ASN F 3845 60.50 -2.81 27.64
N ALA F 3846 60.47 -3.54 26.52
CA ALA F 3846 61.70 -4.02 25.92
C ALA F 3846 62.57 -2.87 25.44
N PHE F 3847 61.94 -1.81 24.93
CA PHE F 3847 62.71 -0.64 24.51
C PHE F 3847 63.44 -0.01 25.68
N GLU F 3848 62.77 0.13 26.82
CA GLU F 3848 63.41 0.71 28.00
C GLU F 3848 64.51 -0.19 28.53
N ARG F 3849 64.28 -1.51 28.54
CA ARG F 3849 65.32 -2.43 28.96
C ARG F 3849 66.54 -2.33 28.04
N GLN F 3850 66.32 -2.22 26.73
CA GLN F 3850 67.43 -2.06 25.80
C GLN F 3850 68.16 -0.75 26.04
N ASN F 3851 67.43 0.32 26.34
CA ASN F 3851 68.09 1.59 26.65
C ASN F 3851 69.00 1.46 27.86
N LYS F 3852 68.51 0.82 28.92
CA LYS F 3852 69.36 0.63 30.09
C LYS F 3852 70.56 -0.26 29.79
N ALA F 3853 70.35 -1.32 28.99
CA ALA F 3853 71.44 -2.21 28.65
C ALA F 3853 72.52 -1.49 27.83
N GLU F 3854 72.11 -0.67 26.87
CA GLU F 3854 73.09 0.05 26.06
C GLU F 3854 73.76 1.17 26.83
N GLY F 3855 73.08 1.74 27.83
CA GLY F 3855 73.76 2.66 28.72
C GLY F 3855 74.72 2.01 29.69
N LEU F 3856 74.53 0.73 29.98
CA LEU F 3856 75.39 0.03 30.93
C LEU F 3856 76.84 -0.05 30.42
N GLY F 3857 77.03 -0.42 29.16
CA GLY F 3857 78.37 -0.57 28.62
C GLY F 3857 79.09 -1.85 29.00
N MET F 3858 78.59 -2.99 28.50
CA MET F 3858 79.12 -4.30 28.80
C MET F 3858 80.37 -4.61 27.98
N VAL F 3859 81.39 -5.13 28.66
CA VAL F 3859 82.66 -5.55 28.03
C VAL F 3859 83.01 -6.94 28.56
N ASN F 3860 83.67 -7.73 27.69
CA ASN F 3860 83.87 -9.15 27.94
C ASN F 3860 85.24 -9.41 28.55
N GLU F 3861 85.51 -10.70 28.81
CA GLU F 3861 86.77 -11.11 29.42
C GLU F 3861 87.92 -11.07 28.42
N ASP F 3862 87.83 -11.91 27.39
CA ASP F 3862 88.90 -12.01 26.40
C ASP F 3862 88.93 -10.77 25.52
N GLY F 3863 89.66 -9.76 25.96
CA GLY F 3863 89.69 -8.49 25.25
C GLY F 3863 88.68 -7.52 25.81
N THR F 3864 87.99 -6.78 24.92
CA THR F 3864 86.96 -5.84 25.34
C THR F 3864 86.05 -5.59 24.16
N VAL F 3865 84.76 -5.87 24.32
CA VAL F 3865 83.78 -5.67 23.27
C VAL F 3865 83.20 -4.26 23.43
N ILE F 3866 83.15 -3.53 22.32
CA ILE F 3866 82.71 -2.13 22.34
C ILE F 3866 81.21 -2.15 22.06
N ASN F 3867 80.42 -2.24 23.13
CA ASN F 3867 78.96 -2.15 23.05
C ASN F 3867 78.39 -3.21 22.11
N ARG F 3868 78.52 -4.46 22.55
CA ARG F 3868 78.07 -5.61 21.77
C ARG F 3868 76.65 -5.41 21.27
N GLN F 3869 76.42 -5.81 20.01
CA GLN F 3869 75.18 -5.51 19.29
C GLN F 3869 74.27 -6.73 19.22
N ASN F 3870 74.15 -7.48 20.32
CA ASN F 3870 73.29 -8.66 20.38
C ASN F 3870 71.87 -8.34 19.91
N GLY F 3871 71.14 -9.38 19.51
CA GLY F 3871 69.86 -9.26 18.83
C GLY F 3871 68.89 -8.22 19.38
N GLU F 3872 68.35 -7.40 18.47
CA GLU F 3872 67.35 -6.42 18.85
C GLU F 3872 66.10 -7.11 19.38
N LYS F 3873 65.63 -6.66 20.53
CA LYS F 3873 64.45 -7.25 21.16
C LYS F 3873 63.19 -6.42 20.96
N VAL F 3874 63.27 -5.34 20.18
CA VAL F 3874 62.11 -4.53 19.83
C VAL F 3874 61.72 -4.91 18.41
N MET F 3875 60.65 -5.69 18.27
CA MET F 3875 60.21 -6.22 16.98
C MET F 3875 61.33 -6.96 16.27
N ALA F 3876 61.77 -8.06 16.89
CA ALA F 3876 62.87 -8.83 16.33
C ALA F 3876 62.49 -9.48 15.01
N ASP F 3877 61.22 -9.82 14.85
CA ASP F 3877 60.75 -10.54 13.67
C ASP F 3877 60.08 -9.63 12.65
N ASP F 3878 60.58 -8.40 12.50
CA ASP F 3878 59.99 -7.46 11.55
C ASP F 3878 60.11 -7.98 10.12
N GLU F 3879 61.26 -8.55 9.77
CA GLU F 3879 61.43 -9.10 8.43
C GLU F 3879 60.49 -10.28 8.19
N PHE F 3880 60.27 -11.10 9.23
CA PHE F 3880 59.34 -12.21 9.08
C PHE F 3880 57.91 -11.72 8.90
N THR F 3881 57.51 -10.70 9.66
CA THR F 3881 56.18 -10.14 9.47
C THR F 3881 56.03 -9.57 8.07
N GLN F 3882 57.05 -8.85 7.60
CA GLN F 3882 56.99 -8.28 6.26
C GLN F 3882 56.87 -9.36 5.20
N ASP F 3883 57.63 -10.45 5.33
CA ASP F 3883 57.56 -11.48 4.28
C ASP F 3883 56.27 -12.26 4.36
N LEU F 3884 55.73 -12.48 5.56
CA LEU F 3884 54.41 -13.12 5.66
C LEU F 3884 53.34 -12.30 4.97
N PHE F 3885 53.29 -10.99 5.26
CA PHE F 3885 52.26 -10.19 4.62
C PHE F 3885 52.54 -9.93 3.15
N ARG F 3886 53.81 -9.95 2.74
CA ARG F 3886 54.12 -9.89 1.31
C ARG F 3886 53.63 -11.13 0.58
N PHE F 3887 53.79 -12.30 1.19
CA PHE F 3887 53.26 -13.52 0.62
C PHE F 3887 51.75 -13.46 0.49
N LEU F 3888 51.07 -13.00 1.53
CA LEU F 3888 49.62 -12.89 1.45
C LEU F 3888 49.19 -11.89 0.38
N GLN F 3889 49.90 -10.77 0.26
CA GLN F 3889 49.61 -9.81 -0.78
C GLN F 3889 49.81 -10.41 -2.18
N LEU F 3890 50.91 -11.15 -2.36
CA LEU F 3890 51.19 -11.74 -3.66
C LEU F 3890 50.20 -12.82 -4.03
N LEU F 3891 49.56 -13.45 -3.05
CA LEU F 3891 48.49 -14.37 -3.39
C LEU F 3891 47.34 -13.67 -4.11
N CYS F 3892 47.08 -12.40 -3.78
CA CYS F 3892 46.00 -11.64 -4.40
C CYS F 3892 46.48 -10.65 -5.45
N GLU F 3893 47.78 -10.56 -5.69
CA GLU F 3893 48.31 -9.58 -6.63
C GLU F 3893 47.72 -9.79 -8.02
N GLY F 3894 47.46 -8.69 -8.72
CA GLY F 3894 46.81 -8.76 -10.00
C GLY F 3894 45.30 -8.81 -9.93
N HIS F 3895 44.73 -8.56 -8.74
CA HIS F 3895 43.29 -8.63 -8.53
C HIS F 3895 42.76 -10.03 -8.83
N ASN F 3896 43.40 -11.04 -8.24
CA ASN F 3896 42.92 -12.41 -8.36
C ASN F 3896 41.67 -12.59 -7.51
N ASN F 3897 40.50 -12.48 -8.13
CA ASN F 3897 39.25 -12.46 -7.38
C ASN F 3897 39.02 -13.78 -6.66
N ASP F 3898 39.37 -14.90 -7.30
CA ASP F 3898 39.17 -16.20 -6.67
C ASP F 3898 39.99 -16.34 -5.39
N PHE F 3899 41.25 -15.91 -5.43
CA PHE F 3899 42.08 -16.03 -4.23
C PHE F 3899 41.72 -14.98 -3.19
N GLN F 3900 41.26 -13.80 -3.63
CA GLN F 3900 40.76 -12.81 -2.68
C GLN F 3900 39.55 -13.33 -1.92
N ASN F 3901 38.66 -14.04 -2.62
CA ASN F 3901 37.51 -14.63 -1.95
C ASN F 3901 37.92 -15.82 -1.09
N TYR F 3902 38.92 -16.59 -1.55
CA TYR F 3902 39.33 -17.77 -0.79
C TYR F 3902 40.03 -17.39 0.50
N LEU F 3903 40.73 -16.26 0.53
CA LEU F 3903 41.32 -15.79 1.78
C LEU F 3903 40.24 -15.43 2.79
N ARG F 3904 39.14 -14.82 2.32
CA ARG F 3904 38.05 -14.46 3.22
C ARG F 3904 37.32 -15.71 3.72
N THR F 3905 36.98 -16.62 2.81
CA THR F 3905 36.25 -17.82 3.21
C THR F 3905 36.71 -19.01 2.38
N GLN F 3906 36.74 -20.17 3.01
CA GLN F 3906 37.09 -21.43 2.36
C GLN F 3906 35.83 -22.29 2.32
N THR F 3907 35.18 -22.34 1.17
CA THR F 3907 33.87 -22.98 1.07
C THR F 3907 33.96 -24.49 1.31
N GLY F 3908 34.91 -25.15 0.67
CA GLY F 3908 34.97 -26.60 0.74
C GLY F 3908 35.47 -27.14 2.06
N ASN F 3909 36.20 -26.35 2.82
CA ASN F 3909 36.79 -26.85 4.06
C ASN F 3909 35.74 -27.02 5.15
N THR F 3910 36.08 -27.83 6.15
CA THR F 3910 35.17 -28.03 7.27
C THR F 3910 35.09 -26.79 8.15
N THR F 3911 36.16 -26.00 8.22
CA THR F 3911 36.19 -24.77 8.99
C THR F 3911 36.78 -23.66 8.13
N THR F 3912 36.48 -22.42 8.52
CA THR F 3912 36.87 -21.24 7.75
C THR F 3912 37.63 -20.28 8.65
N ILE F 3913 38.69 -19.69 8.12
CA ILE F 3913 39.47 -18.66 8.80
C ILE F 3913 39.49 -17.41 7.92
N ASN F 3914 39.18 -16.26 8.51
CA ASN F 3914 39.12 -15.00 7.77
C ASN F 3914 40.48 -14.31 7.88
N ILE F 3915 41.32 -14.51 6.87
CA ILE F 3915 42.65 -13.92 6.86
C ILE F 3915 42.56 -12.40 6.78
N ILE F 3916 41.51 -11.87 6.14
CA ILE F 3916 41.32 -10.42 6.10
C ILE F 3916 41.16 -9.86 7.51
N ILE F 3917 40.31 -10.50 8.32
CA ILE F 3917 40.09 -10.03 9.68
C ILE F 3917 41.34 -10.27 10.53
N CYS F 3918 42.07 -11.34 10.26
CA CYS F 3918 43.34 -11.54 10.97
C CYS F 3918 44.32 -10.40 10.69
N THR F 3919 44.40 -9.98 9.43
CA THR F 3919 45.25 -8.85 9.08
C THR F 3919 44.78 -7.58 9.76
N VAL F 3920 43.47 -7.36 9.84
CA VAL F 3920 42.94 -6.19 10.53
C VAL F 3920 43.31 -6.23 12.01
N ASP F 3921 43.24 -7.41 12.63
CA ASP F 3921 43.60 -7.53 14.04
C ASP F 3921 45.07 -7.21 14.27
N TYR F 3922 45.95 -7.73 13.41
CA TYR F 3922 47.36 -7.40 13.56
C TYR F 3922 47.59 -5.91 13.33
N LEU F 3923 46.87 -5.31 12.39
CA LEU F 3923 47.00 -3.87 12.17
C LEU F 3923 46.58 -3.09 13.39
N LEU F 3924 45.53 -3.53 14.07
CA LEU F 3924 45.11 -2.88 15.31
C LEU F 3924 46.19 -2.97 16.36
N ARG F 3925 46.79 -4.15 16.54
CA ARG F 3925 47.84 -4.28 17.54
C ARG F 3925 49.04 -3.39 17.21
N LEU F 3926 49.41 -3.35 15.93
CA LEU F 3926 50.52 -2.50 15.51
C LEU F 3926 50.21 -1.03 15.74
N GLN F 3927 48.98 -0.60 15.44
CA GLN F 3927 48.60 0.79 15.64
C GLN F 3927 48.63 1.16 17.12
N GLU F 3928 48.15 0.26 17.98
CA GLU F 3928 48.21 0.53 19.41
C GLU F 3928 49.64 0.64 19.90
N SER F 3929 50.53 -0.22 19.40
CA SER F 3929 51.93 -0.12 19.77
C SER F 3929 52.54 1.21 19.32
N ILE F 3930 52.20 1.65 18.10
CA ILE F 3930 52.72 2.91 17.59
C ILE F 3930 52.20 4.08 18.41
N SER F 3931 50.92 4.02 18.81
CA SER F 3931 50.36 5.07 19.65
C SER F 3931 51.07 5.12 21.01
N ASP F 3932 51.36 3.95 21.58
CA ASP F 3932 52.09 3.93 22.84
C ASP F 3932 53.48 4.52 22.69
N PHE F 3933 54.16 4.22 21.59
CA PHE F 3933 55.48 4.79 21.35
C PHE F 3933 55.40 6.30 21.20
N TYR F 3934 54.39 6.79 20.50
CA TYR F 3934 54.21 8.23 20.37
C TYR F 3934 53.96 8.88 21.72
N TRP F 3935 53.13 8.26 22.55
CA TRP F 3935 52.88 8.83 23.88
C TRP F 3935 54.15 8.83 24.71
N TYR F 3936 54.98 7.80 24.57
CA TYR F 3936 56.26 7.78 25.26
C TYR F 3936 57.13 8.96 24.84
N TYR F 3937 57.21 9.23 23.54
CA TYR F 3937 58.10 10.27 23.05
C TYR F 3937 57.48 11.66 22.98
N SER F 3938 56.19 11.80 23.32
CA SER F 3938 55.54 13.10 23.20
C SER F 3938 56.17 14.13 24.12
N GLY F 3939 56.46 13.74 25.36
CA GLY F 3939 57.05 14.70 26.30
C GLY F 3939 58.42 15.17 25.87
N LYS F 3940 59.23 14.27 25.33
CA LYS F 3940 60.57 14.65 24.89
C LYS F 3940 60.50 15.52 23.65
N ASP F 3941 61.42 16.48 23.56
CA ASP F 3941 61.40 17.43 22.45
C ASP F 3941 61.89 16.79 21.16
N VAL F 3942 62.96 15.98 21.23
CA VAL F 3942 63.57 15.38 20.06
C VAL F 3942 63.66 13.88 20.25
N ILE F 3943 63.26 13.13 19.22
CA ILE F 3943 63.35 11.68 19.26
C ILE F 3943 64.78 11.26 19.01
N GLU F 3944 65.28 10.33 19.82
CA GLU F 3944 66.65 9.87 19.69
C GLU F 3944 66.74 8.79 18.60
N GLU F 3945 67.96 8.31 18.38
CA GLU F 3945 68.24 7.49 17.20
C GLU F 3945 67.57 6.12 17.29
N GLN F 3946 67.62 5.48 18.47
CA GLN F 3946 66.96 4.18 18.62
C GLN F 3946 65.46 4.30 18.44
N GLY F 3947 64.87 5.36 18.98
CA GLY F 3947 63.45 5.59 18.77
C GLY F 3947 63.13 5.79 17.30
N LYS F 3948 63.96 6.53 16.59
CA LYS F 3948 63.74 6.72 15.16
C LYS F 3948 63.83 5.39 14.41
N ARG F 3949 64.81 4.56 14.75
CA ARG F 3949 64.96 3.28 14.08
C ARG F 3949 63.75 2.38 14.32
N ASN F 3950 63.29 2.30 15.57
CA ASN F 3950 62.12 1.49 15.88
C ASN F 3950 60.87 2.02 15.19
N PHE F 3951 60.70 3.35 15.16
CA PHE F 3951 59.58 3.93 14.43
C PHE F 3951 59.65 3.56 12.96
N SER F 3952 60.84 3.62 12.37
CA SER F 3952 60.99 3.32 10.95
C SER F 3952 60.62 1.87 10.65
N LYS F 3953 61.08 0.92 11.47
CA LYS F 3953 60.75 -0.46 11.18
C LYS F 3953 59.27 -0.75 11.40
N ALA F 3954 58.67 -0.16 12.44
CA ALA F 3954 57.23 -0.33 12.64
C ALA F 3954 56.45 0.25 11.48
N MET F 3955 56.89 1.38 10.95
CA MET F 3955 56.17 2.02 9.85
C MET F 3955 56.37 1.25 8.55
N SER F 3956 57.51 0.59 8.38
CA SER F 3956 57.67 -0.31 7.24
C SER F 3956 56.72 -1.50 7.33
N VAL F 3957 56.61 -2.09 8.52
CA VAL F 3957 55.65 -3.18 8.70
C VAL F 3957 54.23 -2.68 8.42
N ALA F 3958 53.90 -1.47 8.87
CA ALA F 3958 52.58 -0.92 8.62
C ALA F 3958 52.35 -0.69 7.13
N LYS F 3959 53.38 -0.24 6.40
CA LYS F 3959 53.26 -0.10 4.96
C LYS F 3959 52.92 -1.44 4.32
N GLN F 3960 53.61 -2.50 4.74
CA GLN F 3960 53.33 -3.82 4.17
C GLN F 3960 51.91 -4.26 4.48
N VAL F 3961 51.45 -4.03 5.71
CA VAL F 3961 50.09 -4.44 6.07
C VAL F 3961 49.05 -3.68 5.27
N PHE F 3962 49.26 -2.37 5.09
CA PHE F 3962 48.35 -1.57 4.28
C PHE F 3962 48.33 -2.06 2.84
N ASN F 3963 49.50 -2.39 2.30
CA ASN F 3963 49.56 -2.91 0.93
C ASN F 3963 48.82 -4.24 0.82
N SER F 3964 48.96 -5.10 1.83
CA SER F 3964 48.24 -6.37 1.83
C SER F 3964 46.73 -6.16 1.84
N LEU F 3965 46.25 -5.25 2.69
CA LEU F 3965 44.80 -4.98 2.73
C LEU F 3965 44.33 -4.40 1.40
N THR F 3966 45.09 -3.48 0.83
CA THR F 3966 44.74 -2.90 -0.46
C THR F 3966 44.65 -3.98 -1.54
N GLU F 3967 45.59 -4.93 -1.53
CA GLU F 3967 45.54 -6.01 -2.50
C GLU F 3967 44.36 -6.94 -2.24
N TYR F 3968 43.99 -7.13 -0.97
CA TYR F 3968 42.80 -7.91 -0.66
C TYR F 3968 41.56 -7.29 -1.31
N ILE F 3969 41.41 -5.96 -1.21
CA ILE F 3969 40.15 -5.35 -1.60
C ILE F 3969 40.11 -4.81 -3.02
N GLN F 3970 41.25 -4.63 -3.67
CA GLN F 3970 41.22 -4.03 -5.01
C GLN F 3970 40.67 -5.00 -6.04
N GLY F 3971 40.13 -4.43 -7.12
CA GLY F 3971 39.59 -5.20 -8.21
C GLY F 3971 38.23 -4.77 -8.73
N PRO F 3972 37.27 -4.45 -7.84
CA PRO F 3972 37.21 -4.64 -6.38
C PRO F 3972 36.71 -6.02 -6.00
N CYS F 3973 36.99 -6.45 -4.77
CA CYS F 3973 36.39 -7.66 -4.20
C CYS F 3973 35.33 -7.18 -3.22
N THR F 3974 34.06 -7.29 -3.62
CA THR F 3974 32.98 -6.73 -2.82
C THR F 3974 32.85 -7.43 -1.47
N GLY F 3975 33.05 -8.74 -1.44
CA GLY F 3975 33.03 -9.44 -0.17
C GLY F 3975 34.08 -8.95 0.80
N ASN F 3976 35.31 -8.76 0.31
CA ASN F 3976 36.37 -8.24 1.15
C ASN F 3976 36.09 -6.80 1.57
N GLN F 3977 35.52 -6.00 0.67
CA GLN F 3977 35.16 -4.63 1.04
C GLN F 3977 34.15 -4.60 2.16
N GLN F 3978 33.11 -5.44 2.07
CA GLN F 3978 32.11 -5.49 3.14
C GLN F 3978 32.72 -5.99 4.44
N SER F 3979 33.56 -7.03 4.35
CA SER F 3979 34.19 -7.56 5.55
C SER F 3979 35.05 -6.51 6.23
N LEU F 3980 35.80 -5.72 5.45
CA LEU F 3980 36.58 -4.64 6.04
C LEU F 3980 35.69 -3.56 6.62
N ALA F 3981 34.60 -3.22 5.92
CA ALA F 3981 33.72 -2.16 6.39
C ALA F 3981 33.05 -2.55 7.71
N HIS F 3982 32.91 -3.85 7.97
CA HIS F 3982 32.33 -4.29 9.22
C HIS F 3982 33.37 -4.70 10.26
N SER F 3983 34.64 -4.42 10.03
CA SER F 3983 35.71 -4.78 10.95
C SER F 3983 36.10 -3.57 11.80
N ARG F 3984 37.19 -3.70 12.56
CA ARG F 3984 37.75 -2.63 13.35
C ARG F 3984 38.78 -1.81 12.58
N LEU F 3985 38.78 -1.95 11.25
CA LEU F 3985 39.67 -1.15 10.42
C LEU F 3985 39.44 0.33 10.64
N TRP F 3986 38.19 0.74 10.90
CA TRP F 3986 37.92 2.15 11.14
C TRP F 3986 38.59 2.63 12.42
N ASP F 3987 38.55 1.82 13.48
CA ASP F 3987 39.24 2.19 14.71
C ASP F 3987 40.75 2.28 14.49
N ALA F 3988 41.30 1.34 13.73
CA ALA F 3988 42.73 1.39 13.43
C ALA F 3988 43.07 2.66 12.66
N VAL F 3989 42.22 3.05 11.70
CA VAL F 3989 42.48 4.24 10.91
C VAL F 3989 42.35 5.49 11.76
N VAL F 3990 41.41 5.51 12.71
CA VAL F 3990 41.29 6.65 13.61
C VAL F 3990 42.56 6.82 14.44
N GLY F 3991 43.04 5.73 15.02
CA GLY F 3991 44.28 5.79 15.78
C GLY F 3991 45.45 6.23 14.92
N PHE F 3992 45.54 5.69 13.70
CA PHE F 3992 46.63 6.08 12.81
C PHE F 3992 46.55 7.55 12.44
N LEU F 3993 45.34 8.08 12.25
CA LEU F 3993 45.21 9.50 11.94
C LEU F 3993 45.68 10.36 13.10
N HIS F 3994 45.33 9.97 14.33
CA HIS F 3994 45.81 10.70 15.49
C HIS F 3994 47.34 10.71 15.54
N VAL F 3995 47.95 9.52 15.40
CA VAL F 3995 49.40 9.43 15.44
C VAL F 3995 50.02 10.23 14.29
N PHE F 3996 49.44 10.14 13.10
CA PHE F 3996 49.98 10.85 11.94
C PHE F 3996 49.98 12.35 12.17
N ALA F 3997 48.86 12.90 12.61
CA ALA F 3997 48.79 14.35 12.83
C ALA F 3997 49.81 14.80 13.86
N HIS F 3998 49.80 14.15 15.03
CA HIS F 3998 50.69 14.63 16.09
C HIS F 3998 52.16 14.40 15.76
N MET F 3999 52.49 13.27 15.12
CA MET F 3999 53.87 13.01 14.75
C MET F 3999 54.34 13.95 13.65
N MET F 4000 53.47 14.29 12.70
CA MET F 4000 53.84 15.28 11.70
C MET F 4000 54.16 16.61 12.35
N MET F 4001 53.28 17.09 13.23
CA MET F 4001 53.53 18.37 13.89
C MET F 4001 54.80 18.32 14.74
N LYS F 4002 55.08 17.19 15.39
CA LYS F 4002 56.25 17.09 16.23
C LYS F 4002 57.54 17.02 15.42
N LEU F 4003 57.56 16.20 14.37
CA LEU F 4003 58.78 15.99 13.59
C LEU F 4003 59.10 17.19 12.72
N ALA F 4004 58.08 17.98 12.35
CA ALA F 4004 58.36 19.14 11.51
C ALA F 4004 59.19 20.21 12.20
N GLN F 4005 59.29 20.16 13.53
CA GLN F 4005 59.97 21.22 14.28
C GLN F 4005 61.47 21.04 14.37
N ASP F 4006 62.03 19.96 13.82
CA ASP F 4006 63.47 19.77 13.80
C ASP F 4006 63.86 19.02 12.54
N SER F 4007 64.90 19.50 11.87
CA SER F 4007 65.30 18.96 10.57
C SER F 4007 66.10 17.68 10.68
N SER F 4008 66.53 17.29 11.88
CA SER F 4008 67.25 16.03 12.03
C SER F 4008 66.36 14.82 11.82
N GLN F 4009 65.05 15.01 11.84
CA GLN F 4009 64.08 13.93 11.70
C GLN F 4009 63.32 13.99 10.38
N ILE F 4010 63.90 14.64 9.37
CA ILE F 4010 63.20 14.85 8.11
C ILE F 4010 62.98 13.52 7.38
N GLU F 4011 63.94 12.60 7.50
CA GLU F 4011 63.76 11.29 6.88
C GLU F 4011 62.61 10.54 7.51
N LEU F 4012 62.52 10.57 8.83
CA LEU F 4012 61.41 9.93 9.52
C LEU F 4012 60.09 10.57 9.15
N LEU F 4013 60.08 11.90 8.98
CA LEU F 4013 58.86 12.57 8.55
C LEU F 4013 58.46 12.14 7.13
N LYS F 4014 59.43 12.01 6.23
CA LYS F 4014 59.13 11.53 4.88
C LYS F 4014 58.53 10.14 4.92
N GLU F 4015 59.11 9.25 5.73
CA GLU F 4015 58.59 7.89 5.83
C GLU F 4015 57.18 7.89 6.39
N LEU F 4016 56.93 8.73 7.38
CA LEU F 4016 55.58 8.86 7.94
C LEU F 4016 54.59 9.34 6.88
N LEU F 4017 55.00 10.32 6.07
CA LEU F 4017 54.11 10.85 5.04
C LEU F 4017 53.77 9.79 4.00
N ASP F 4018 54.75 8.99 3.58
CA ASP F 4018 54.42 7.95 2.61
C ASP F 4018 53.57 6.84 3.23
N LEU F 4019 53.75 6.58 4.54
CA LEU F 4019 52.83 5.66 5.21
C LEU F 4019 51.41 6.20 5.19
N GLN F 4020 51.23 7.50 5.42
CA GLN F 4020 49.91 8.10 5.31
C GLN F 4020 49.36 7.93 3.90
N LYS F 4021 50.21 8.10 2.89
CA LYS F 4021 49.77 7.91 1.52
C LYS F 4021 49.28 6.49 1.29
N ASP F 4022 49.99 5.50 1.85
CA ASP F 4022 49.55 4.12 1.73
C ASP F 4022 48.19 3.90 2.40
N MET F 4023 47.98 4.50 3.57
CA MET F 4023 46.68 4.39 4.22
C MET F 4023 45.58 5.00 3.37
N VAL F 4024 45.84 6.16 2.77
CA VAL F 4024 44.83 6.81 1.94
C VAL F 4024 44.56 5.98 0.69
N VAL F 4025 45.59 5.32 0.15
CA VAL F 4025 45.39 4.43 -0.99
C VAL F 4025 44.48 3.27 -0.60
N MET F 4026 44.67 2.73 0.61
CA MET F 4026 43.77 1.68 1.08
C MET F 4026 42.33 2.19 1.19
N LEU F 4027 42.15 3.40 1.71
CA LEU F 4027 40.80 3.96 1.81
C LEU F 4027 40.17 4.12 0.43
N LEU F 4028 40.93 4.65 -0.53
CA LEU F 4028 40.43 4.81 -1.89
C LEU F 4028 40.08 3.46 -2.50
N SER F 4029 40.86 2.42 -2.21
CA SER F 4029 40.51 1.08 -2.65
C SER F 4029 39.20 0.62 -2.04
N LEU F 4030 38.97 0.95 -0.76
CA LEU F 4030 37.67 0.69 -0.16
C LEU F 4030 36.55 1.41 -0.90
N LEU F 4031 36.82 2.57 -1.48
CA LEU F 4031 35.80 3.31 -2.22
C LEU F 4031 35.66 2.88 -3.67
N GLU F 4032 36.26 1.76 -4.08
CA GLU F 4032 36.13 1.33 -5.47
C GLU F 4032 34.75 0.76 -5.74
N GLY F 4033 34.17 1.12 -6.87
CA GLY F 4033 32.84 0.65 -7.22
C GLY F 4033 31.76 1.12 -6.28
N ASN F 4034 31.90 2.34 -5.75
CA ASN F 4034 30.99 2.87 -4.76
C ASN F 4034 29.93 3.73 -5.44
N VAL F 4035 28.66 3.44 -5.14
CA VAL F 4035 27.54 4.21 -5.66
C VAL F 4035 27.34 5.45 -4.81
N VAL F 4036 26.53 6.39 -5.30
CA VAL F 4036 26.23 7.59 -4.52
C VAL F 4036 25.46 7.20 -3.26
N ASN F 4037 25.84 7.80 -2.14
CA ASN F 4037 25.26 7.49 -0.83
C ASN F 4037 25.47 6.03 -0.46
N GLY F 4038 26.66 5.52 -0.76
CA GLY F 4038 26.96 4.14 -0.42
C GLY F 4038 27.27 3.96 1.05
N MET F 4039 27.07 2.72 1.50
CA MET F 4039 27.36 2.37 2.89
C MET F 4039 28.80 2.65 3.24
N ILE F 4040 29.75 2.23 2.40
CA ILE F 4040 31.16 2.39 2.72
C ILE F 4040 31.56 3.86 2.69
N ALA F 4041 31.01 4.61 1.74
CA ALA F 4041 31.31 6.05 1.67
C ALA F 4041 30.82 6.76 2.92
N ARG F 4042 29.59 6.46 3.36
CA ARG F 4042 29.06 7.12 4.55
C ARG F 4042 29.80 6.67 5.80
N GLN F 4043 30.23 5.41 5.84
CA GLN F 4043 31.05 4.96 6.96
C GLN F 4043 32.39 5.69 6.99
N MET F 4044 33.00 5.92 5.82
CA MET F 4044 34.23 6.69 5.75
C MET F 4044 34.01 8.11 6.25
N VAL F 4045 32.89 8.71 5.87
CA VAL F 4045 32.59 10.07 6.33
C VAL F 4045 32.43 10.08 7.85
N ASP F 4046 31.74 9.08 8.40
CA ASP F 4046 31.58 9.00 9.85
C ASP F 4046 32.93 8.82 10.54
N MET F 4047 33.80 8.00 9.96
CA MET F 4047 35.13 7.80 10.55
C MET F 4047 35.93 9.09 10.53
N LEU F 4048 35.85 9.85 9.43
CA LEU F 4048 36.56 11.13 9.36
C LEU F 4048 36.01 12.12 10.39
N VAL F 4049 34.69 12.13 10.58
CA VAL F 4049 34.09 13.00 11.59
C VAL F 4049 34.55 12.58 12.98
N GLU F 4050 34.70 11.26 13.20
CA GLU F 4050 35.15 10.78 14.50
C GLU F 4050 36.55 11.25 14.84
N SER F 4051 37.39 11.48 13.84
CA SER F 4051 38.75 11.98 14.03
C SER F 4051 38.91 13.36 13.42
N SER F 4052 37.90 14.20 13.63
CA SER F 4052 37.86 15.51 12.98
C SER F 4052 39.03 16.39 13.41
N SER F 4053 39.39 16.35 14.69
CA SER F 4053 40.50 17.18 15.16
C SER F 4053 41.80 16.82 14.47
N ASN F 4054 42.08 15.51 14.35
CA ASN F 4054 43.31 15.08 13.70
C ASN F 4054 43.29 15.37 12.22
N VAL F 4055 42.14 15.20 11.56
CA VAL F 4055 42.05 15.51 10.14
C VAL F 4055 42.29 17.01 9.92
N GLU F 4056 41.70 17.85 10.77
CA GLU F 4056 41.93 19.29 10.67
C GLU F 4056 43.38 19.64 10.90
N MET F 4057 44.03 18.97 11.86
CA MET F 4057 45.45 19.22 12.09
C MET F 4057 46.28 18.86 10.86
N ILE F 4058 45.96 17.75 10.21
CA ILE F 4058 46.68 17.36 8.99
C ILE F 4058 46.47 18.39 7.90
N LEU F 4059 45.22 18.80 7.69
CA LEU F 4059 44.92 19.77 6.64
C LEU F 4059 45.60 21.10 6.91
N LYS F 4060 45.64 21.52 8.18
CA LYS F 4060 46.34 22.75 8.56
C LYS F 4060 47.85 22.61 8.42
N PHE F 4061 48.39 21.41 8.60
CA PHE F 4061 49.81 21.20 8.31
C PHE F 4061 50.08 21.41 6.83
N PHE F 4062 49.22 20.89 5.97
CA PHE F 4062 49.44 21.03 4.53
C PHE F 4062 49.26 22.47 4.07
N ASP F 4063 48.19 23.12 4.50
CA ASP F 4063 47.87 24.45 3.98
C ASP F 4063 48.86 25.49 4.48
N MET F 4064 49.38 25.31 5.70
CA MET F 4064 50.35 26.26 6.23
C MET F 4064 51.59 26.33 5.34
N PHE F 4065 52.12 25.17 4.95
CA PHE F 4065 53.32 25.19 4.12
C PHE F 4065 53.01 25.52 2.66
N LEU F 4066 51.82 25.15 2.17
CA LEU F 4066 51.42 25.62 0.85
C LEU F 4066 51.35 27.13 0.79
N LYS F 4067 50.81 27.75 1.84
CA LYS F 4067 50.74 29.21 1.90
C LYS F 4067 52.13 29.81 2.06
N LEU F 4068 52.98 29.19 2.87
CA LEU F 4068 54.33 29.69 3.06
C LEU F 4068 55.12 29.71 1.76
N LYS F 4069 54.96 28.67 0.94
CA LYS F 4069 55.71 28.59 -0.31
C LYS F 4069 55.40 29.77 -1.22
N ASP F 4070 54.15 30.20 -1.27
CA ASP F 4070 53.80 31.35 -2.10
C ASP F 4070 54.06 32.68 -1.39
N ILE F 4071 54.03 32.70 -0.06
CA ILE F 4071 54.28 33.95 0.66
C ILE F 4071 55.75 34.36 0.54
N VAL F 4072 56.66 33.39 0.62
CA VAL F 4072 58.08 33.73 0.58
C VAL F 4072 58.44 34.35 -0.76
N GLY F 4073 57.69 34.04 -1.82
CA GLY F 4073 57.92 34.63 -3.11
C GLY F 4073 57.25 35.96 -3.35
N SER F 4074 56.57 36.51 -2.34
CA SER F 4074 55.83 37.74 -2.52
C SER F 4074 56.73 38.97 -2.38
N GLU F 4075 56.37 40.02 -3.13
CA GLU F 4075 57.12 41.28 -3.04
C GLU F 4075 57.02 41.89 -1.65
N ALA F 4076 55.88 41.71 -0.98
CA ALA F 4076 55.75 42.22 0.37
C ALA F 4076 56.74 41.53 1.31
N PHE F 4077 56.92 40.22 1.16
CA PHE F 4077 57.92 39.51 1.95
C PHE F 4077 59.33 39.96 1.59
N GLN F 4078 59.59 40.15 0.29
CA GLN F 4078 60.91 40.64 -0.13
C GLN F 4078 61.20 42.03 0.41
N ASP F 4079 60.17 42.83 0.66
CA ASP F 4079 60.37 44.12 1.32
C ASP F 4079 60.95 43.94 2.71
N TYR F 4080 60.43 42.98 3.48
CA TYR F 4080 60.99 42.72 4.80
C TYR F 4080 62.36 42.08 4.73
N VAL F 4081 62.61 41.26 3.71
CA VAL F 4081 63.94 40.67 3.54
C VAL F 4081 64.94 41.79 3.29
N THR F 4082 65.88 41.99 4.21
CA THR F 4082 66.87 43.05 4.10
C THR F 4082 68.31 42.56 4.12
N ASP F 4083 68.57 41.38 4.66
CA ASP F 4083 69.94 40.88 4.75
C ASP F 4083 70.49 40.62 3.35
N PRO F 4084 71.67 41.13 3.02
CA PRO F 4084 72.23 40.88 1.68
C PRO F 4084 72.49 39.40 1.42
N ARG F 4085 72.76 38.61 2.45
CA ARG F 4085 73.03 37.19 2.26
C ARG F 4085 71.80 36.41 1.81
N GLY F 4086 70.61 37.00 1.90
CA GLY F 4086 69.39 36.29 1.55
C GLY F 4086 68.70 35.60 2.70
N LEU F 4087 68.91 36.06 3.92
CA LEU F 4087 68.31 35.49 5.12
C LEU F 4087 67.40 36.52 5.79
N ILE F 4088 66.61 36.05 6.76
CA ILE F 4088 65.67 36.92 7.46
C ILE F 4088 65.65 36.51 8.92
N SER F 4089 65.60 37.50 9.80
CA SER F 4089 65.64 37.23 11.23
C SER F 4089 64.26 36.81 11.74
N LYS F 4090 64.25 36.23 12.94
CA LYS F 4090 63.02 35.64 13.44
C LYS F 4090 61.95 36.69 13.72
N LYS F 4091 62.35 37.84 14.29
CA LYS F 4091 61.34 38.88 14.54
C LYS F 4091 60.94 39.57 13.24
N ASP F 4092 61.87 39.67 12.29
CA ASP F 4092 61.51 40.16 10.97
C ASP F 4092 60.54 39.19 10.29
N PHE F 4093 60.78 37.89 10.44
CA PHE F 4093 59.84 36.89 9.94
C PHE F 4093 58.48 37.05 10.62
N GLN F 4094 58.48 37.29 11.92
CA GLN F 4094 57.23 37.45 12.66
C GLN F 4094 56.45 38.65 12.16
N LYS F 4095 57.12 39.78 11.95
CA LYS F 4095 56.42 40.98 11.51
C LYS F 4095 56.08 40.94 10.01
N ALA F 4096 56.76 40.09 9.24
CA ALA F 4096 56.35 39.90 7.85
C ALA F 4096 55.14 38.99 7.75
N MET F 4097 55.08 37.94 8.57
CA MET F 4097 54.00 36.97 8.46
C MET F 4097 52.66 37.57 8.85
N ASP F 4098 52.61 38.28 9.97
CA ASP F 4098 51.34 38.89 10.38
C ASP F 4098 50.95 40.06 9.51
N SER F 4099 51.89 40.59 8.72
CA SER F 4099 51.55 41.60 7.73
C SER F 4099 50.75 41.02 6.57
N GLN F 4100 50.89 39.71 6.32
CA GLN F 4100 50.11 39.06 5.29
C GLN F 4100 48.68 38.75 5.75
N LYS F 4101 48.44 38.77 7.06
CA LYS F 4101 47.11 38.51 7.62
C LYS F 4101 46.56 37.14 7.17
N GLN F 4102 47.46 36.17 7.02
CA GLN F 4102 47.06 34.84 6.59
C GLN F 4102 47.31 33.76 7.63
N PHE F 4103 48.10 34.02 8.66
CA PHE F 4103 48.31 33.09 9.75
C PHE F 4103 47.86 33.72 11.07
N THR F 4104 47.63 32.86 12.05
CA THR F 4104 47.35 33.29 13.41
C THR F 4104 48.65 33.29 14.21
N GLY F 4105 48.57 33.74 15.46
CA GLY F 4105 49.72 33.80 16.33
C GLY F 4105 50.37 32.45 16.57
N PRO F 4106 49.59 31.46 17.01
CA PRO F 4106 50.15 30.11 17.17
C PRO F 4106 50.72 29.55 15.89
N GLU F 4107 50.09 29.81 14.74
CA GLU F 4107 50.62 29.30 13.48
C GLU F 4107 51.96 29.93 13.14
N ILE F 4108 52.09 31.24 13.37
CA ILE F 4108 53.37 31.91 13.13
C ILE F 4108 54.43 31.37 14.08
N GLN F 4109 54.06 31.12 15.34
CA GLN F 4109 55.02 30.55 16.28
C GLN F 4109 55.45 29.16 15.85
N PHE F 4110 54.52 28.35 15.36
CA PHE F 4110 54.86 27.02 14.86
C PHE F 4110 55.79 27.12 13.66
N LEU F 4111 55.53 28.05 12.75
CA LEU F 4111 56.41 28.24 11.61
C LEU F 4111 57.81 28.66 12.05
N LEU F 4112 57.89 29.55 13.05
CA LEU F 4112 59.19 29.94 13.58
C LEU F 4112 59.92 28.77 14.19
N SER F 4113 59.21 27.91 14.92
CA SER F 4113 59.82 26.72 15.50
C SER F 4113 60.33 25.79 14.41
N CYS F 4114 59.55 25.60 13.35
CA CYS F 4114 59.96 24.71 12.26
C CYS F 4114 61.12 25.30 11.47
N SER F 4115 61.24 26.62 11.43
CA SER F 4115 62.37 27.25 10.76
C SER F 4115 63.66 26.89 11.48
N GLU F 4116 64.67 26.46 10.72
CA GLU F 4116 65.94 26.04 11.29
C GLU F 4116 66.83 27.28 11.48
N ALA F 4117 66.36 28.17 12.34
CA ALA F 4117 67.13 29.36 12.66
C ALA F 4117 68.42 28.99 13.39
N ASP F 4118 69.51 29.66 13.02
CA ASP F 4118 70.81 29.38 13.60
C ASP F 4118 70.93 30.11 14.95
N GLU F 4119 72.15 30.18 15.47
CA GLU F 4119 72.40 30.88 16.73
C GLU F 4119 72.10 32.37 16.62
N ASN F 4120 72.13 32.95 15.42
CA ASN F 4120 71.89 34.36 15.21
C ASN F 4120 70.45 34.67 14.84
N GLU F 4121 69.54 33.71 15.04
CA GLU F 4121 68.13 33.86 14.68
C GLU F 4121 67.96 34.17 13.20
N MET F 4122 68.85 33.63 12.37
CA MET F 4122 68.85 33.86 10.94
C MET F 4122 68.13 32.69 10.27
N ILE F 4123 67.17 33.01 9.41
CA ILE F 4123 66.32 32.00 8.79
C ILE F 4123 66.59 31.98 7.29
N ASN F 4124 66.83 30.79 6.76
CA ASN F 4124 66.99 30.58 5.31
C ASN F 4124 65.63 30.22 4.74
N PHE F 4125 64.86 31.26 4.39
CA PHE F 4125 63.49 31.03 3.94
C PHE F 4125 63.43 30.31 2.60
N GLU F 4126 64.45 30.43 1.77
CA GLU F 4126 64.44 29.74 0.48
C GLU F 4126 64.35 28.23 0.67
N GLU F 4127 65.12 27.68 1.61
CA GLU F 4127 65.04 26.24 1.87
C GLU F 4127 63.92 25.91 2.85
N PHE F 4128 63.55 26.85 3.72
CA PHE F 4128 62.42 26.61 4.61
C PHE F 4128 61.14 26.39 3.83
N ALA F 4129 60.91 27.20 2.80
CA ALA F 4129 59.71 27.03 1.99
C ALA F 4129 59.77 25.78 1.13
N ASN F 4130 60.98 25.38 0.72
CA ASN F 4130 61.16 24.22 -0.13
C ASN F 4130 61.60 22.98 0.64
N ARG F 4131 61.32 22.90 1.93
CA ARG F 4131 61.68 21.71 2.69
C ARG F 4131 60.60 20.63 2.57
N PHE F 4132 59.34 21.01 2.74
CA PHE F 4132 58.23 20.06 2.84
C PHE F 4132 57.39 19.95 1.57
N GLN F 4133 57.70 20.72 0.52
CA GLN F 4133 56.79 20.74 -0.62
C GLN F 4133 56.83 19.43 -1.41
N GLU F 4134 57.99 18.79 -1.47
CA GLU F 4134 58.13 17.52 -2.18
C GLU F 4134 57.71 16.33 -1.32
N PRO F 4135 58.16 16.21 -0.06
CA PRO F 4135 57.72 15.06 0.74
C PRO F 4135 56.22 14.99 0.95
N ALA F 4136 55.54 16.12 1.02
CA ALA F 4136 54.12 16.17 1.33
C ALA F 4136 53.25 16.16 0.08
N ARG F 4137 53.84 16.14 -1.11
CA ARG F 4137 53.05 16.30 -2.32
C ARG F 4137 52.15 15.09 -2.57
N ASP F 4138 52.69 13.88 -2.46
CA ASP F 4138 51.90 12.70 -2.76
C ASP F 4138 50.75 12.52 -1.77
N ILE F 4139 51.04 12.71 -0.47
CA ILE F 4139 49.98 12.57 0.53
C ILE F 4139 48.95 13.68 0.38
N GLY F 4140 49.40 14.90 0.07
CA GLY F 4140 48.45 15.97 -0.18
C GLY F 4140 47.54 15.68 -1.35
N PHE F 4141 48.10 15.17 -2.44
CA PHE F 4141 47.29 14.84 -3.61
C PHE F 4141 46.31 13.72 -3.29
N ASN F 4142 46.75 12.71 -2.54
CA ASN F 4142 45.84 11.61 -2.21
C ASN F 4142 44.74 12.06 -1.27
N VAL F 4143 45.04 12.98 -0.34
CA VAL F 4143 44.00 13.53 0.51
C VAL F 4143 43.01 14.33 -0.31
N ALA F 4144 43.49 15.10 -1.28
CA ALA F 4144 42.60 15.85 -2.16
C ALA F 4144 41.71 14.91 -2.96
N VAL F 4145 42.28 13.81 -3.48
CA VAL F 4145 41.49 12.84 -4.23
C VAL F 4145 40.44 12.19 -3.34
N LEU F 4146 40.81 11.83 -2.11
CA LEU F 4146 39.86 11.22 -1.19
C LEU F 4146 38.71 12.18 -0.87
N LEU F 4147 39.03 13.44 -0.59
CA LEU F 4147 37.99 14.40 -0.27
C LEU F 4147 37.09 14.68 -1.47
N THR F 4148 37.67 14.76 -2.68
CA THR F 4148 36.86 14.96 -3.87
C THR F 4148 35.93 13.77 -4.09
N ASN F 4149 36.44 12.55 -3.95
CA ASN F 4149 35.63 11.36 -4.13
C ASN F 4149 34.49 11.32 -3.13
N LEU F 4150 34.78 11.58 -1.85
CA LEU F 4150 33.73 11.57 -0.84
C LEU F 4150 32.71 12.68 -1.07
N SER F 4151 33.17 13.86 -1.49
CA SER F 4151 32.25 14.97 -1.71
C SER F 4151 31.33 14.69 -2.89
N GLU F 4152 31.85 14.03 -3.92
CA GLU F 4152 31.03 13.74 -5.09
C GLU F 4152 30.16 12.51 -4.93
N HIS F 4153 30.46 11.61 -3.99
CA HIS F 4153 29.62 10.44 -3.78
C HIS F 4153 28.74 10.52 -2.54
N VAL F 4154 28.95 11.50 -1.69
CA VAL F 4154 28.04 11.80 -0.57
C VAL F 4154 27.74 13.28 -0.64
N PRO F 4155 26.98 13.74 -1.64
CA PRO F 4155 26.87 15.19 -1.88
C PRO F 4155 26.01 15.93 -0.88
N HIS F 4156 25.28 15.22 -0.01
CA HIS F 4156 24.32 15.86 0.89
C HIS F 4156 24.66 15.60 2.36
N ASP F 4157 25.95 15.57 2.68
CA ASP F 4157 26.38 15.41 4.06
C ASP F 4157 26.98 16.72 4.55
N PRO F 4158 26.31 17.45 5.46
CA PRO F 4158 26.84 18.74 5.89
C PRO F 4158 28.19 18.66 6.58
N ARG F 4159 28.49 17.54 7.24
CA ARG F 4159 29.75 17.41 7.97
C ARG F 4159 30.96 17.41 7.06
N LEU F 4160 30.79 17.07 5.79
CA LEU F 4160 31.90 16.95 4.86
C LEU F 4160 32.34 18.29 4.28
N ARG F 4161 31.41 19.25 4.09
CA ARG F 4161 31.81 20.54 3.54
C ARG F 4161 32.75 21.28 4.48
N ASN F 4162 32.70 21.01 5.78
CA ASN F 4162 33.66 21.62 6.68
C ASN F 4162 35.08 21.18 6.34
N PHE F 4163 35.27 19.87 6.11
CA PHE F 4163 36.58 19.37 5.69
C PHE F 4163 36.96 19.92 4.32
N LEU F 4164 35.99 20.00 3.40
CA LEU F 4164 36.28 20.52 2.07
C LEU F 4164 36.72 21.98 2.13
N GLU F 4165 36.06 22.79 2.97
CA GLU F 4165 36.44 24.18 3.12
C GLU F 4165 37.80 24.31 3.80
N LEU F 4166 38.08 23.46 4.78
CA LEU F 4166 39.39 23.49 5.42
C LEU F 4166 40.50 23.03 4.50
N ALA F 4167 40.17 22.24 3.47
CA ALA F 4167 41.15 21.79 2.49
C ALA F 4167 41.07 22.60 1.20
N GLU F 4168 40.55 23.82 1.29
CA GLU F 4168 40.36 24.64 0.09
C GLU F 4168 41.67 24.91 -0.62
N SER F 4169 42.71 25.25 0.14
CA SER F 4169 44.00 25.54 -0.47
C SER F 4169 44.60 24.30 -1.12
N ILE F 4170 44.50 23.14 -0.46
CA ILE F 4170 45.01 21.90 -1.03
C ILE F 4170 44.29 21.59 -2.33
N LEU F 4171 42.97 21.71 -2.33
CA LEU F 4171 42.19 21.42 -3.53
C LEU F 4171 42.52 22.39 -4.64
N GLU F 4172 42.69 23.68 -4.32
CA GLU F 4172 43.04 24.66 -5.33
C GLU F 4172 44.42 24.40 -5.90
N TYR F 4173 45.37 24.00 -5.05
CA TYR F 4173 46.71 23.71 -5.53
C TYR F 4173 46.73 22.50 -6.44
N PHE F 4174 45.98 21.46 -6.08
CA PHE F 4174 46.01 20.22 -6.85
C PHE F 4174 44.93 20.15 -7.93
N ARG F 4175 44.17 21.23 -8.12
CA ARG F 4175 43.14 21.21 -9.16
C ARG F 4175 43.69 20.96 -10.55
N PRO F 4176 44.78 21.59 -11.00
CA PRO F 4176 45.29 21.30 -12.34
C PRO F 4176 45.81 19.87 -12.50
N TYR F 4177 46.12 19.18 -11.41
CA TYR F 4177 46.69 17.84 -11.50
C TYR F 4177 45.69 16.74 -11.16
N LEU F 4178 44.49 17.10 -10.74
CA LEU F 4178 43.48 16.10 -10.36
C LEU F 4178 42.63 15.83 -11.59
N GLY F 4179 43.01 14.81 -12.34
CA GLY F 4179 42.28 14.43 -13.53
C GLY F 4179 41.17 13.44 -13.19
N ARG F 4180 40.00 13.66 -13.78
CA ARG F 4180 38.86 12.79 -13.57
C ARG F 4180 38.22 12.45 -14.91
N ILE F 4181 37.88 11.17 -15.08
CA ILE F 4181 37.14 10.69 -16.23
C ILE F 4181 36.03 9.79 -15.74
N GLU F 4182 35.13 9.44 -16.65
CA GLU F 4182 34.06 8.50 -16.38
C GLU F 4182 34.18 7.33 -17.33
N ILE F 4183 34.00 6.12 -16.82
CA ILE F 4183 34.06 4.91 -17.62
C ILE F 4183 32.83 4.06 -17.31
N MET F 4184 32.50 3.18 -18.24
CA MET F 4184 31.50 2.14 -18.00
C MET F 4184 32.25 0.97 -17.37
N GLY F 4185 32.09 0.81 -16.07
CA GLY F 4185 32.93 -0.09 -15.30
C GLY F 4185 32.53 -1.54 -15.43
N ALA F 4186 33.24 -2.38 -14.66
CA ALA F 4186 32.97 -3.79 -14.66
C ALA F 4186 31.57 -4.13 -14.16
N SER F 4187 30.95 -3.24 -13.38
CA SER F 4187 29.65 -3.50 -12.78
C SER F 4187 28.49 -3.02 -13.65
N ARG F 4188 28.71 -2.77 -14.95
CA ARG F 4188 27.67 -2.22 -15.82
C ARG F 4188 27.11 -0.91 -15.27
N ARG F 4189 27.96 -0.11 -14.65
CA ARG F 4189 27.58 1.20 -14.15
C ARG F 4189 28.67 2.20 -14.50
N ILE F 4190 28.27 3.46 -14.65
CA ILE F 4190 29.22 4.53 -14.92
C ILE F 4190 29.99 4.83 -13.64
N GLU F 4191 31.31 4.80 -13.71
CA GLU F 4191 32.18 5.06 -12.57
C GLU F 4191 33.07 6.26 -12.87
N ARG F 4192 33.38 7.01 -11.84
CA ARG F 4192 34.25 8.17 -11.94
C ARG F 4192 35.62 7.80 -11.41
N ILE F 4193 36.65 8.08 -12.20
CA ILE F 4193 38.03 7.68 -11.89
C ILE F 4193 38.86 8.93 -11.66
N TYR F 4194 39.61 8.95 -10.57
CA TYR F 4194 40.49 10.06 -10.22
C TYR F 4194 41.94 9.60 -10.34
N PHE F 4195 42.74 10.36 -11.07
CA PHE F 4195 44.14 10.03 -11.29
C PHE F 4195 44.94 11.33 -11.28
N GLU F 4196 46.25 11.20 -11.45
CA GLU F 4196 47.17 12.32 -11.37
C GLU F 4196 47.67 12.70 -12.76
N ILE F 4197 47.61 14.00 -13.06
CA ILE F 4197 48.15 14.55 -14.30
C ILE F 4197 49.45 15.24 -13.95
N SER F 4198 50.53 14.90 -14.66
CA SER F 4198 51.82 15.48 -14.35
C SER F 4198 52.00 16.81 -15.06
N GLU F 4199 52.86 17.65 -14.46
CA GLU F 4199 53.12 18.98 -15.01
C GLU F 4199 53.67 18.90 -16.42
N THR F 4200 54.61 17.98 -16.65
CA THR F 4200 55.19 17.83 -17.98
C THR F 4200 54.13 17.42 -18.99
N ASN F 4201 53.25 16.49 -18.62
CA ASN F 4201 52.22 16.05 -19.54
C ASN F 4201 51.27 17.19 -19.90
N ARG F 4202 50.84 17.96 -18.89
CA ARG F 4202 49.95 19.08 -19.20
C ARG F 4202 50.65 20.14 -20.05
N ALA F 4203 51.91 20.46 -19.73
CA ALA F 4203 52.63 21.46 -20.49
C ALA F 4203 52.81 21.02 -21.94
N GLN F 4204 53.15 19.75 -22.16
CA GLN F 4204 53.27 19.25 -23.52
C GLN F 4204 51.94 19.26 -24.24
N TRP F 4205 50.85 18.93 -23.55
CA TRP F 4205 49.53 18.97 -24.18
C TRP F 4205 49.14 20.40 -24.55
N GLU F 4206 49.65 21.39 -23.84
CA GLU F 4206 49.30 22.78 -24.11
C GLU F 4206 50.15 23.43 -25.19
N MET F 4207 51.05 22.68 -25.83
CA MET F 4207 51.87 23.27 -26.88
C MET F 4207 51.00 23.61 -28.10
N PRO F 4208 51.32 24.70 -28.81
CA PRO F 4208 50.49 25.10 -29.95
C PRO F 4208 50.42 24.08 -31.07
N GLN F 4209 51.52 23.36 -31.33
CA GLN F 4209 51.48 22.33 -32.36
C GLN F 4209 50.56 21.20 -31.97
N VAL F 4210 50.59 20.79 -30.70
CA VAL F 4210 49.68 19.75 -30.23
C VAL F 4210 48.24 20.23 -30.31
N LYS F 4211 47.99 21.50 -29.97
CA LYS F 4211 46.64 22.04 -30.07
C LYS F 4211 46.15 22.05 -31.52
N GLU F 4212 47.02 22.42 -32.45
CA GLU F 4212 46.65 22.41 -33.86
C GLU F 4212 46.36 21.00 -34.35
N SER F 4213 47.18 20.03 -33.92
CA SER F 4213 46.90 18.64 -34.26
C SER F 4213 45.56 18.19 -33.71
N LYS F 4214 45.24 18.60 -32.48
CA LYS F 4214 43.96 18.27 -31.89
C LYS F 4214 42.81 18.87 -32.69
N ARG F 4215 42.95 20.14 -33.10
CA ARG F 4215 41.90 20.77 -33.90
C ARG F 4215 41.71 20.04 -35.22
N GLN F 4216 42.82 19.67 -35.88
CA GLN F 4216 42.71 18.94 -37.14
C GLN F 4216 42.03 17.60 -36.95
N PHE F 4217 42.39 16.87 -35.89
CA PHE F 4217 41.76 15.58 -35.61
C PHE F 4217 40.27 15.74 -35.35
N ILE F 4218 39.90 16.73 -34.54
CA ILE F 4218 38.49 16.95 -34.22
C ILE F 4218 37.72 17.27 -35.49
N PHE F 4219 38.26 18.15 -36.32
CA PHE F 4219 37.59 18.49 -37.56
C PHE F 4219 37.42 17.27 -38.45
N ASP F 4220 38.47 16.46 -38.58
CA ASP F 4220 38.39 15.28 -39.43
C ASP F 4220 37.32 14.33 -38.95
N VAL F 4221 37.32 13.99 -37.67
CA VAL F 4221 36.36 13.00 -37.19
C VAL F 4221 34.94 13.55 -37.30
N VAL F 4222 34.71 14.78 -36.85
CA VAL F 4222 33.35 15.31 -36.85
C VAL F 4222 32.84 15.46 -38.28
N ASN F 4223 33.71 15.79 -39.22
CA ASN F 4223 33.27 16.04 -40.58
C ASN F 4223 33.06 14.72 -41.35
N GLU F 4224 34.12 13.91 -41.47
CA GLU F 4224 34.07 12.71 -42.29
C GLU F 4224 34.36 11.46 -41.47
N GLY F 4225 33.73 11.34 -40.30
CA GLY F 4225 33.90 10.17 -39.48
C GLY F 4225 32.57 9.59 -39.07
N GLY F 4226 32.62 8.29 -38.71
CA GLY F 4226 31.45 7.58 -38.26
C GLY F 4226 31.47 7.37 -36.75
N GLU F 4227 30.30 7.01 -36.22
CA GLU F 4227 30.18 6.79 -34.79
C GLU F 4227 30.82 5.48 -34.34
N ALA F 4228 30.92 4.50 -35.25
CA ALA F 4228 31.50 3.20 -34.87
C ALA F 4228 33.01 3.28 -34.74
N GLU F 4229 33.66 4.12 -35.54
CA GLU F 4229 35.11 4.24 -35.54
C GLU F 4229 35.63 5.37 -34.67
N LYS F 4230 34.73 6.13 -34.04
CA LYS F 4230 35.13 7.37 -33.39
C LYS F 4230 36.12 7.14 -32.26
N MET F 4231 35.83 6.17 -31.38
CA MET F 4231 36.70 5.97 -30.22
C MET F 4231 38.03 5.35 -30.62
N GLU F 4232 38.02 4.46 -31.62
CA GLU F 4232 39.27 3.90 -32.11
C GLU F 4232 40.15 4.99 -32.73
N LEU F 4233 39.54 5.89 -33.51
CA LEU F 4233 40.28 7.01 -34.07
C LEU F 4233 40.82 7.92 -32.97
N PHE F 4234 40.02 8.14 -31.92
CA PHE F 4234 40.48 8.98 -30.82
C PHE F 4234 41.67 8.36 -30.10
N VAL F 4235 41.63 7.05 -29.86
CA VAL F 4235 42.75 6.38 -29.19
C VAL F 4235 43.98 6.41 -30.07
N SER F 4236 43.82 6.21 -31.38
CA SER F 4236 44.95 6.32 -32.28
C SER F 4236 45.55 7.71 -32.29
N PHE F 4237 44.72 8.75 -32.27
CA PHE F 4237 45.20 10.12 -32.14
C PHE F 4237 45.94 10.31 -30.83
N CYS F 4238 45.44 9.72 -29.75
CA CYS F 4238 46.14 9.83 -28.47
C CYS F 4238 47.52 9.19 -28.53
N GLU F 4239 47.64 8.02 -29.16
CA GLU F 4239 48.94 7.38 -29.29
C GLU F 4239 49.89 8.22 -30.16
N ASP F 4240 49.38 8.77 -31.26
CA ASP F 4240 50.22 9.62 -32.10
C ASP F 4240 50.68 10.86 -31.35
N THR F 4241 49.80 11.47 -30.55
CA THR F 4241 50.17 12.62 -29.75
C THR F 4241 51.21 12.25 -28.69
N ILE F 4242 51.06 11.07 -28.09
CA ILE F 4242 52.06 10.59 -27.14
C ILE F 4242 53.42 10.47 -27.78
N PHE F 4243 53.47 9.93 -29.00
CA PHE F 4243 54.74 9.81 -29.72
C PHE F 4243 55.32 11.18 -30.09
N GLU F 4244 54.46 12.11 -30.52
CA GLU F 4244 54.92 13.45 -30.82
C GLU F 4244 55.47 14.16 -29.58
N MET F 4245 54.89 13.89 -28.42
CA MET F 4245 55.41 14.45 -27.18
C MET F 4245 56.82 13.95 -26.92
N GLN F 4246 57.07 12.66 -27.17
CA GLN F 4246 58.42 12.13 -27.02
C GLN F 4246 59.39 12.79 -28.00
N ILE F 4247 58.95 13.00 -29.24
CA ILE F 4247 59.81 13.65 -30.22
C ILE F 4247 60.14 15.07 -29.77
N ALA F 4248 59.14 15.80 -29.29
CA ALA F 4248 59.37 17.17 -28.84
C ALA F 4248 60.32 17.21 -27.64
N ALA F 4249 60.15 16.28 -26.71
CA ALA F 4249 61.07 16.21 -25.58
C ALA F 4249 62.48 15.89 -26.03
N GLN F 4250 62.64 14.98 -26.99
CA GLN F 4250 63.95 14.65 -27.50
C GLN F 4250 64.62 15.86 -28.14
N ILE F 4251 63.90 16.58 -29.00
CA ILE F 4251 64.52 17.71 -29.69
C ILE F 4251 64.63 18.94 -28.82
N SER F 4252 63.95 18.97 -27.68
CA SER F 4252 64.06 20.12 -26.77
C SER F 4252 65.46 20.21 -26.19
N GLU F 4253 65.95 21.43 -26.07
CA GLU F 4253 67.27 21.68 -25.51
C GLU F 4253 67.14 22.37 -24.16
N PRO F 4254 68.04 22.07 -23.20
CA PRO F 4254 67.98 22.67 -21.86
C PRO F 4254 68.36 24.15 -21.86
N PHE F 4540 87.41 11.65 -30.79
CA PHE F 4540 86.73 12.83 -31.33
C PHE F 4540 85.32 12.47 -31.78
N TRP F 4541 85.01 11.17 -31.77
CA TRP F 4541 83.69 10.71 -32.19
C TRP F 4541 82.60 11.24 -31.26
N GLY F 4542 82.88 11.33 -29.97
CA GLY F 4542 81.89 11.83 -29.03
C GLY F 4542 81.53 13.28 -29.29
N GLU F 4543 82.53 14.12 -29.51
CA GLU F 4543 82.27 15.54 -29.78
C GLU F 4543 81.50 15.72 -31.08
N LEU F 4544 81.90 15.00 -32.13
CA LEU F 4544 81.19 15.09 -33.40
C LEU F 4544 79.75 14.62 -33.26
N GLU F 4545 79.54 13.54 -32.49
CA GLU F 4545 78.18 13.03 -32.33
C GLU F 4545 77.31 14.01 -31.54
N VAL F 4546 77.84 14.58 -30.47
CA VAL F 4546 77.02 15.51 -29.69
C VAL F 4546 76.74 16.77 -30.49
N GLN F 4547 77.71 17.28 -31.25
CA GLN F 4547 77.44 18.42 -32.10
C GLN F 4547 76.45 18.10 -33.20
N ARG F 4548 76.52 16.90 -33.78
CA ARG F 4548 75.58 16.52 -34.82
C ARG F 4548 74.15 16.44 -34.28
N VAL F 4549 73.98 15.82 -33.11
CA VAL F 4549 72.64 15.71 -32.56
C VAL F 4549 72.13 17.09 -32.14
N LYS F 4550 73.01 17.94 -31.61
CA LYS F 4550 72.60 19.29 -31.27
C LYS F 4550 72.15 20.06 -32.51
N PHE F 4551 72.90 19.93 -33.61
CA PHE F 4551 72.54 20.62 -34.84
C PHE F 4551 71.23 20.11 -35.41
N LEU F 4552 71.02 18.79 -35.38
CA LEU F 4552 69.77 18.23 -35.87
C LEU F 4552 68.59 18.67 -35.02
N ASN F 4553 68.77 18.70 -33.70
CA ASN F 4553 67.70 19.17 -32.82
C ASN F 4553 67.41 20.65 -33.06
N TYR F 4554 68.45 21.44 -33.31
CA TYR F 4554 68.26 22.84 -33.62
C TYR F 4554 67.46 23.02 -34.90
N LEU F 4555 67.78 22.22 -35.92
CA LEU F 4555 67.01 22.27 -37.17
C LEU F 4555 65.57 21.84 -36.94
N SER F 4556 65.36 20.81 -36.13
CA SER F 4556 64.01 20.35 -35.86
C SER F 4556 63.18 21.41 -35.13
N ARG F 4557 63.79 22.08 -34.14
CA ARG F 4557 63.05 23.04 -33.33
C ARG F 4557 62.66 24.26 -34.15
N ASN F 4558 63.48 24.65 -35.12
CA ASN F 4558 63.27 25.87 -35.90
C ASN F 4558 62.84 25.58 -37.34
N PHE F 4559 62.11 24.49 -37.55
CA PHE F 4559 61.75 24.08 -38.91
C PHE F 4559 60.85 25.12 -39.57
N TYR F 4560 59.86 25.63 -38.85
CA TYR F 4560 58.94 26.60 -39.45
C TYR F 4560 59.60 27.95 -39.65
N THR F 4561 60.52 28.34 -38.76
CA THR F 4561 61.29 29.55 -38.98
C THR F 4561 62.17 29.41 -40.22
N LEU F 4562 62.75 28.23 -40.43
CA LEU F 4562 63.52 28.00 -41.65
C LEU F 4562 62.63 28.08 -42.89
N ARG F 4563 61.42 27.54 -42.80
CA ARG F 4563 60.48 27.64 -43.92
C ARG F 4563 60.16 29.10 -44.24
N PHE F 4564 59.90 29.90 -43.21
CA PHE F 4564 59.64 31.31 -43.41
C PHE F 4564 60.84 32.02 -44.00
N LEU F 4565 62.05 31.65 -43.55
CA LEU F 4565 63.26 32.24 -44.09
C LEU F 4565 63.42 31.92 -45.57
N ALA F 4566 63.12 30.67 -45.95
CA ALA F 4566 63.18 30.30 -47.36
C ALA F 4566 62.18 31.11 -48.18
N LEU F 4567 60.98 31.30 -47.66
CA LEU F 4567 59.98 32.11 -48.37
C LEU F 4567 60.46 33.56 -48.53
N PHE F 4568 61.02 34.13 -47.46
CA PHE F 4568 61.51 35.50 -47.52
C PHE F 4568 62.66 35.63 -48.51
N LEU F 4569 63.56 34.66 -48.51
CA LEU F 4569 64.67 34.67 -49.47
C LEU F 4569 64.18 34.56 -50.90
N ALA F 4570 63.16 33.73 -51.14
CA ALA F 4570 62.59 33.64 -52.48
C ALA F 4570 62.00 34.97 -52.92
N PHE F 4571 61.28 35.64 -52.02
CA PHE F 4571 60.71 36.95 -52.36
C PHE F 4571 61.81 37.97 -52.65
N ALA F 4572 62.88 37.97 -51.85
CA ALA F 4572 63.98 38.90 -52.11
C ALA F 4572 64.64 38.63 -53.45
N ILE F 4573 64.87 37.34 -53.76
CA ILE F 4573 65.49 36.98 -55.03
C ILE F 4573 64.63 37.44 -56.19
N ASN F 4574 63.31 37.24 -56.10
CA ASN F 4574 62.43 37.65 -57.18
C ASN F 4574 62.38 39.18 -57.31
N PHE F 4575 62.37 39.90 -56.19
CA PHE F 4575 62.40 41.35 -56.25
C PHE F 4575 63.66 41.83 -56.97
N ILE F 4576 64.79 41.20 -56.68
CA ILE F 4576 66.01 41.53 -57.42
C ILE F 4576 65.84 41.16 -58.89
N LEU F 4577 65.17 40.04 -59.16
CA LEU F 4577 64.96 39.59 -60.54
C LEU F 4577 64.10 40.56 -61.33
N LEU F 4578 63.31 41.40 -60.66
CA LEU F 4578 62.48 42.36 -61.39
C LEU F 4578 63.29 43.43 -62.11
N PHE F 4579 64.60 43.49 -61.88
CA PHE F 4579 65.45 44.48 -62.52
C PHE F 4579 66.21 43.93 -63.71
N TYR F 4580 65.90 42.73 -64.16
CA TYR F 4580 66.61 42.14 -65.30
C TYR F 4580 66.23 42.86 -66.60
N LYS F 4581 67.14 42.81 -67.56
CA LYS F 4581 66.97 43.50 -68.83
C LYS F 4581 67.70 42.72 -69.91
N VAL F 4582 67.18 42.80 -71.13
CA VAL F 4582 67.78 42.12 -72.28
C VAL F 4582 68.24 43.18 -73.28
N SER F 4583 69.47 43.03 -73.77
CA SER F 4583 70.03 43.99 -74.70
C SER F 4583 70.93 43.27 -75.70
N ASP F 4584 70.99 43.80 -76.91
CA ASP F 4584 71.85 43.20 -77.93
C ASP F 4584 73.32 43.54 -77.68
N SER F 4585 73.59 44.56 -76.87
CA SER F 4585 74.97 44.90 -76.54
C SER F 4585 75.42 44.13 -75.30
N PRO F 4586 76.69 43.73 -75.24
CA PRO F 4586 77.17 43.06 -74.04
C PRO F 4586 77.19 44.01 -72.87
N PRO F 4587 77.04 43.50 -71.63
CA PRO F 4587 77.04 44.34 -70.44
C PRO F 4587 78.41 44.91 -70.10
N ASN F 4626 74.48 36.90 -83.18
CA ASN F 4626 73.20 37.59 -83.07
C ASN F 4626 72.44 37.16 -81.82
N MET F 4627 73.17 36.79 -80.79
CA MET F 4627 72.57 36.33 -79.54
C MET F 4627 72.54 37.44 -78.51
N VAL F 4628 71.63 37.31 -77.55
CA VAL F 4628 71.29 38.39 -76.65
C VAL F 4628 71.80 38.09 -75.25
N TYR F 4629 72.11 39.15 -74.51
CA TYR F 4629 72.63 39.04 -73.14
C TYR F 4629 71.57 39.50 -72.15
N TYR F 4630 71.42 38.74 -71.07
CA TYR F 4630 70.54 39.08 -69.96
C TYR F 4630 71.41 39.61 -68.83
N PHE F 4631 71.03 40.76 -68.27
CA PHE F 4631 71.82 41.34 -67.19
C PHE F 4631 70.93 42.23 -66.33
N LEU F 4632 71.29 42.34 -65.06
CA LEU F 4632 70.61 43.25 -64.16
C LEU F 4632 70.93 44.69 -64.55
N GLU F 4633 69.94 45.57 -64.38
CA GLU F 4633 70.07 46.99 -64.73
C GLU F 4633 69.84 47.79 -63.46
N GLU F 4634 70.92 48.11 -62.75
CA GLU F 4634 70.85 48.92 -61.54
C GLU F 4634 72.10 49.75 -61.42
N SER F 4635 71.98 50.88 -60.72
CA SER F 4635 73.10 51.79 -60.53
C SER F 4635 73.87 51.56 -59.24
N THR F 4636 73.26 50.89 -58.25
CA THR F 4636 73.92 50.68 -56.97
C THR F 4636 75.15 49.79 -57.13
N GLY F 4637 75.04 48.73 -57.93
CA GLY F 4637 76.14 47.82 -58.15
C GLY F 4637 76.23 46.66 -57.19
N TYR F 4638 75.45 46.66 -56.11
CA TYR F 4638 75.46 45.57 -55.15
C TYR F 4638 74.43 44.48 -55.43
N MET F 4639 73.48 44.73 -56.33
CA MET F 4639 72.41 43.77 -56.55
C MET F 4639 72.95 42.49 -57.20
N GLU F 4640 73.93 42.61 -58.09
CA GLU F 4640 74.50 41.41 -58.70
C GLU F 4640 75.16 40.48 -57.69
N PRO F 4641 76.03 40.94 -56.79
CA PRO F 4641 76.54 40.03 -55.75
C PRO F 4641 75.46 39.62 -54.76
N ALA F 4642 74.51 40.50 -54.47
CA ALA F 4642 73.45 40.18 -53.52
C ALA F 4642 72.61 39.01 -54.03
N LEU F 4643 72.34 38.98 -55.33
CA LEU F 4643 71.57 37.89 -55.91
C LEU F 4643 72.30 36.56 -55.76
N TRP F 4644 73.61 36.55 -55.99
CA TRP F 4644 74.39 35.33 -55.81
C TRP F 4644 74.37 34.87 -54.36
N CYS F 4645 74.59 35.79 -53.43
CA CYS F 4645 74.56 35.43 -52.02
C CYS F 4645 73.20 34.90 -51.61
N LEU F 4646 72.13 35.55 -52.06
CA LEU F 4646 70.78 35.11 -51.71
C LEU F 4646 70.46 33.76 -52.31
N SER F 4647 70.93 33.49 -53.54
CA SER F 4647 70.70 32.20 -54.15
C SER F 4647 71.39 31.09 -53.37
N LEU F 4648 72.66 31.30 -53.00
CA LEU F 4648 73.35 30.30 -52.20
C LEU F 4648 72.66 30.08 -50.86
N LEU F 4649 72.29 31.18 -50.20
CA LEU F 4649 71.62 31.06 -48.91
C LEU F 4649 70.28 30.34 -49.03
N HIS F 4650 69.53 30.60 -50.09
CA HIS F 4650 68.24 29.95 -50.28
C HIS F 4650 68.41 28.46 -50.51
N THR F 4651 69.41 28.07 -51.30
CA THR F 4651 69.69 26.65 -51.48
C THR F 4651 70.04 25.98 -50.15
N LEU F 4652 70.88 26.65 -49.34
CA LEU F 4652 71.24 26.11 -48.04
C LEU F 4652 70.00 25.96 -47.16
N VAL F 4653 69.12 26.96 -47.16
CA VAL F 4653 67.95 26.93 -46.29
C VAL F 4653 66.99 25.82 -46.74
N ALA F 4654 66.85 25.61 -48.05
CA ALA F 4654 66.01 24.51 -48.52
C ALA F 4654 66.55 23.17 -48.08
N PHE F 4655 67.87 22.98 -48.20
CA PHE F 4655 68.46 21.73 -47.72
C PHE F 4655 68.24 21.53 -46.22
N LEU F 4656 68.42 22.60 -45.45
CA LEU F 4656 68.18 22.51 -44.01
C LEU F 4656 66.71 22.23 -43.70
N CYS F 4657 65.79 22.76 -44.50
CA CYS F 4657 64.38 22.45 -44.31
C CYS F 4657 64.11 20.97 -44.54
N ILE F 4658 64.73 20.39 -45.56
CA ILE F 4658 64.56 18.96 -45.80
C ILE F 4658 65.08 18.16 -44.61
N ILE F 4659 66.26 18.52 -44.11
CA ILE F 4659 66.82 17.80 -42.96
C ILE F 4659 65.93 17.95 -41.73
N GLY F 4660 65.46 19.17 -41.46
CA GLY F 4660 64.60 19.37 -40.31
C GLY F 4660 63.30 18.60 -40.43
N TYR F 4661 62.75 18.50 -41.64
CA TYR F 4661 61.54 17.72 -41.83
C TYR F 4661 61.79 16.24 -41.56
N ASN F 4662 62.86 15.69 -42.14
CA ASN F 4662 63.08 14.26 -41.92
C ASN F 4662 63.49 13.96 -40.48
N CYS F 4663 63.90 14.98 -39.72
CA CYS F 4663 64.15 14.79 -38.29
C CYS F 4663 62.95 15.12 -37.41
N LEU F 4664 61.90 15.73 -37.96
CA LEU F 4664 60.77 16.17 -37.15
C LEU F 4664 59.48 15.44 -37.45
N LYS F 4665 59.17 15.18 -38.73
CA LYS F 4665 57.89 14.61 -39.12
C LYS F 4665 57.99 13.17 -39.62
N VAL F 4666 59.10 12.83 -40.27
CA VAL F 4666 59.28 11.46 -40.74
C VAL F 4666 59.16 10.44 -39.61
N PRO F 4667 59.70 10.66 -38.40
CA PRO F 4667 59.45 9.69 -37.33
C PRO F 4667 57.98 9.46 -37.06
N LEU F 4668 57.17 10.51 -37.11
CA LEU F 4668 55.73 10.37 -36.90
C LEU F 4668 55.10 9.55 -38.02
N VAL F 4669 55.49 9.82 -39.27
CA VAL F 4669 54.93 9.07 -40.39
C VAL F 4669 55.28 7.58 -40.26
N ILE F 4670 56.54 7.28 -39.97
CA ILE F 4670 56.96 5.88 -39.85
C ILE F 4670 56.28 5.22 -38.65
N PHE F 4671 56.10 5.97 -37.56
CA PHE F 4671 55.42 5.41 -36.40
C PHE F 4671 54.00 5.02 -36.75
N LYS F 4672 53.26 5.91 -37.43
CA LYS F 4672 51.88 5.58 -37.78
C LYS F 4672 51.82 4.38 -38.70
N ARG F 4673 52.71 4.32 -39.70
CA ARG F 4673 52.67 3.19 -40.63
C ARG F 4673 53.00 1.89 -39.93
N GLU F 4674 54.02 1.89 -39.07
CA GLU F 4674 54.36 0.68 -38.34
C GLU F 4674 53.24 0.25 -37.40
N LYS F 4675 52.60 1.21 -36.74
CA LYS F 4675 51.53 0.87 -35.81
C LYS F 4675 50.35 0.24 -36.54
N GLU F 4676 49.93 0.85 -37.64
CA GLU F 4676 48.80 0.28 -38.37
C GLU F 4676 49.15 -1.08 -38.96
N LEU F 4677 50.37 -1.25 -39.46
CA LEU F 4677 50.76 -2.56 -39.98
C LEU F 4677 50.77 -3.61 -38.87
N ALA F 4678 51.29 -3.26 -37.69
CA ALA F 4678 51.32 -4.22 -36.59
C ALA F 4678 49.92 -4.62 -36.16
N ARG F 4679 49.01 -3.64 -36.07
CA ARG F 4679 47.65 -3.98 -35.64
C ARG F 4679 46.92 -4.79 -36.70
N LYS F 4680 47.16 -4.51 -37.98
CA LYS F 4680 46.53 -5.33 -39.02
C LYS F 4680 47.16 -6.71 -39.10
N LEU F 4681 48.42 -6.86 -38.68
CA LEU F 4681 49.00 -8.19 -38.56
C LEU F 4681 48.36 -8.97 -37.43
N GLU F 4682 48.24 -8.37 -36.25
CA GLU F 4682 47.81 -9.10 -35.07
C GLU F 4682 46.30 -9.33 -35.05
N PHE F 4683 45.50 -8.30 -35.31
CA PHE F 4683 44.05 -8.42 -35.17
C PHE F 4683 43.33 -8.75 -36.47
N ASP F 4684 44.05 -8.88 -37.59
CA ASP F 4684 43.42 -9.20 -38.86
C ASP F 4684 44.12 -10.29 -39.65
N GLY F 4685 45.40 -10.55 -39.41
CA GLY F 4685 46.13 -11.52 -40.20
C GLY F 4685 46.22 -11.10 -41.66
N LEU F 4686 46.62 -9.85 -41.90
CA LEU F 4686 46.67 -9.31 -43.25
C LEU F 4686 47.47 -10.21 -44.19
N TYR F 4687 48.68 -10.56 -43.79
CA TYR F 4687 49.56 -11.39 -44.60
C TYR F 4687 49.53 -12.84 -44.17
N ILE F 4688 48.64 -13.19 -43.24
CA ILE F 4688 48.47 -14.56 -42.80
C ILE F 4688 47.25 -15.20 -43.44
N THR F 4689 46.16 -14.45 -43.59
CA THR F 4689 44.91 -14.99 -44.11
C THR F 4689 44.51 -14.37 -45.44
N GLU F 4690 44.41 -13.04 -45.53
CA GLU F 4690 43.81 -12.44 -46.72
C GLU F 4690 44.80 -12.24 -47.86
N GLN F 4691 46.01 -11.73 -47.56
CA GLN F 4691 47.03 -11.55 -48.59
C GLN F 4691 46.54 -10.65 -49.73
N PRO F 4692 46.45 -9.32 -49.49
CA PRO F 4692 45.92 -8.41 -50.53
C PRO F 4692 46.47 -8.68 -51.93
N GLY F 4693 45.60 -8.57 -52.94
CA GLY F 4693 45.93 -9.04 -54.27
C GLY F 4693 46.53 -8.04 -55.24
N ASP F 4694 47.71 -7.51 -54.92
CA ASP F 4694 48.54 -6.70 -55.80
C ASP F 4694 47.88 -5.40 -56.24
N ASP F 4695 46.69 -5.08 -55.74
CA ASP F 4695 46.00 -3.85 -56.10
C ASP F 4695 46.16 -2.76 -55.05
N ASP F 4696 46.71 -3.08 -53.88
CA ASP F 4696 46.94 -2.11 -52.81
C ASP F 4696 48.44 -1.88 -52.73
N VAL F 4697 48.87 -0.71 -53.21
CA VAL F 4697 50.30 -0.40 -53.22
C VAL F 4697 50.85 -0.36 -51.80
N LYS F 4698 50.09 0.19 -50.86
CA LYS F 4698 50.56 0.27 -49.47
C LYS F 4698 50.76 -1.11 -48.88
N GLY F 4699 49.76 -1.98 -49.01
CA GLY F 4699 49.88 -3.33 -48.47
C GLY F 4699 50.97 -4.13 -49.14
N GLN F 4700 51.13 -3.97 -50.46
CA GLN F 4700 52.20 -4.68 -51.15
C GLN F 4700 53.58 -4.17 -50.75
N TRP F 4701 53.71 -2.87 -50.48
CA TRP F 4701 55.00 -2.34 -50.07
C TRP F 4701 55.32 -2.72 -48.63
N ASP F 4702 54.30 -2.91 -47.80
CA ASP F 4702 54.55 -3.29 -46.41
C ASP F 4702 55.08 -4.71 -46.26
N ARG F 4703 55.08 -5.50 -47.33
CA ARG F 4703 55.65 -6.85 -47.25
C ARG F 4703 57.15 -6.83 -47.05
N LEU F 4704 57.84 -5.78 -47.51
CA LEU F 4704 59.29 -5.74 -47.41
C LEU F 4704 59.78 -5.62 -45.97
N VAL F 4705 58.95 -5.11 -45.07
CA VAL F 4705 59.40 -4.85 -43.70
C VAL F 4705 59.04 -5.98 -42.74
N LEU F 4706 58.26 -6.97 -43.18
CA LEU F 4706 57.79 -7.99 -42.25
C LEU F 4706 58.94 -8.81 -41.69
N ASN F 4707 59.88 -9.22 -42.54
CA ASN F 4707 60.97 -10.08 -42.11
C ASN F 4707 62.21 -9.30 -41.68
N THR F 4708 62.16 -7.98 -41.70
CA THR F 4708 63.30 -7.19 -41.28
C THR F 4708 63.50 -7.31 -39.78
N PRO F 4709 64.75 -7.40 -39.31
CA PRO F 4709 64.98 -7.51 -37.85
C PRO F 4709 64.55 -6.28 -37.08
N SER F 4710 64.41 -5.13 -37.73
CA SER F 4710 64.09 -3.89 -37.02
C SER F 4710 62.76 -3.33 -37.49
N PHE F 4711 61.75 -4.17 -37.67
CA PHE F 4711 60.48 -3.70 -38.20
C PHE F 4711 59.80 -2.70 -37.27
N PRO F 4712 59.59 -2.98 -35.98
CA PRO F 4712 59.00 -1.92 -35.12
C PRO F 4712 60.07 -1.00 -34.55
N SER F 4713 60.71 -0.24 -35.43
CA SER F 4713 61.77 0.66 -34.99
C SER F 4713 61.22 1.86 -34.23
N ASN F 4714 60.16 2.48 -34.74
CA ASN F 4714 59.54 3.62 -34.07
C ASN F 4714 58.34 3.23 -33.23
N TYR F 4715 57.51 2.33 -33.72
CA TYR F 4715 56.40 1.82 -32.91
C TYR F 4715 56.95 1.05 -31.71
N TRP F 4716 56.37 1.33 -30.54
CA TRP F 4716 56.98 0.91 -29.29
C TRP F 4716 56.80 -0.58 -28.99
N ASP F 4717 55.82 -1.24 -29.63
CA ASP F 4717 55.57 -2.65 -29.34
C ASP F 4717 56.60 -3.49 -30.08
N LYS F 4718 57.64 -3.89 -29.35
CA LYS F 4718 58.72 -4.69 -29.91
C LYS F 4718 58.44 -6.18 -29.87
N PHE F 4719 57.26 -6.59 -29.42
CA PHE F 4719 56.91 -8.00 -29.28
C PHE F 4719 55.73 -8.36 -30.18
N VAL F 4720 55.46 -7.53 -31.19
CA VAL F 4720 54.33 -7.78 -32.07
C VAL F 4720 54.52 -9.07 -32.85
N LYS F 4721 55.76 -9.37 -33.24
CA LYS F 4721 56.04 -10.63 -33.91
C LYS F 4721 55.75 -11.81 -33.00
N ARG F 4722 56.14 -11.70 -31.72
CA ARG F 4722 55.85 -12.75 -30.76
C ARG F 4722 54.34 -12.95 -30.61
N LYS F 4723 53.59 -11.85 -30.52
CA LYS F 4723 52.14 -11.95 -30.38
C LYS F 4723 51.51 -12.59 -31.60
N VAL F 4724 51.92 -12.18 -32.80
CA VAL F 4724 51.36 -12.75 -34.02
C VAL F 4724 51.68 -14.23 -34.10
N LEU F 4725 52.90 -14.62 -33.74
CA LEU F 4725 53.23 -16.03 -33.72
C LEU F 4725 52.35 -16.80 -32.74
N ASP F 4726 52.27 -16.32 -31.48
CA ASP F 4726 51.47 -17.03 -30.49
C ASP F 4726 50.00 -17.06 -30.86
N LYS F 4727 49.56 -16.16 -31.73
CA LYS F 4727 48.14 -16.12 -32.10
C LYS F 4727 47.83 -16.96 -33.33
N HIS F 4728 48.74 -17.08 -34.29
CA HIS F 4728 48.42 -17.73 -35.56
C HIS F 4728 49.30 -18.93 -35.90
N GLY F 4729 50.29 -19.26 -35.09
CA GLY F 4729 51.17 -20.36 -35.44
C GLY F 4729 50.48 -21.71 -35.38
N ASP F 4730 49.57 -21.88 -34.43
CA ASP F 4730 48.86 -23.15 -34.32
C ASP F 4730 48.05 -23.46 -35.59
N ILE F 4731 47.37 -22.46 -36.14
CA ILE F 4731 46.54 -22.69 -37.32
C ILE F 4731 47.34 -22.67 -38.62
N PHE F 4732 48.26 -21.71 -38.79
CA PHE F 4732 48.95 -21.56 -40.06
C PHE F 4732 50.41 -22.01 -40.03
N GLY F 4733 50.86 -22.66 -38.97
CA GLY F 4733 52.22 -23.15 -38.94
C GLY F 4733 53.19 -22.20 -38.27
N ARG F 4734 53.74 -22.62 -37.14
CA ARG F 4734 54.70 -21.77 -36.43
C ARG F 4734 55.93 -21.49 -37.28
N GLU F 4735 56.44 -22.51 -37.96
CA GLU F 4735 57.61 -22.30 -38.81
C GLU F 4735 57.30 -21.40 -39.99
N ARG F 4736 56.12 -21.52 -40.60
CA ARG F 4736 55.75 -20.64 -41.69
C ARG F 4736 55.62 -19.20 -41.21
N ILE F 4737 55.00 -18.98 -40.05
CA ILE F 4737 54.87 -17.63 -39.52
C ILE F 4737 56.25 -17.06 -39.19
N ALA F 4738 57.13 -17.89 -38.62
CA ALA F 4738 58.49 -17.43 -38.31
C ALA F 4738 59.25 -17.06 -39.57
N GLU F 4739 59.08 -17.85 -40.65
CA GLU F 4739 59.71 -17.50 -41.91
C GLU F 4739 59.17 -16.19 -42.46
N LEU F 4740 57.85 -15.99 -42.35
CA LEU F 4740 57.24 -14.76 -42.84
C LEU F 4740 57.76 -13.55 -42.07
N LEU F 4741 57.92 -13.67 -40.76
CA LEU F 4741 58.28 -12.54 -39.91
C LEU F 4741 59.77 -12.48 -39.61
N GLY F 4742 60.59 -13.35 -40.20
CA GLY F 4742 62.02 -13.29 -39.98
C GLY F 4742 62.44 -13.57 -38.55
N MET F 4743 61.87 -14.60 -37.94
CA MET F 4743 62.13 -14.92 -36.54
C MET F 4743 62.91 -16.22 -36.43
N ASP F 4744 63.83 -16.27 -35.48
CA ASP F 4744 64.55 -17.49 -35.13
C ASP F 4744 63.82 -18.13 -33.95
N LEU F 4745 63.30 -19.34 -34.16
CA LEU F 4745 62.52 -20.00 -33.12
C LEU F 4745 63.40 -20.44 -31.96
N ALA F 4746 64.67 -20.74 -32.23
CA ALA F 4746 65.55 -21.25 -31.17
C ALA F 4746 65.98 -20.15 -30.20
N SER F 4747 66.03 -18.90 -30.65
CA SER F 4747 66.53 -17.81 -29.81
C SER F 4747 65.53 -17.33 -28.78
N LEU F 4748 64.23 -17.59 -28.97
CA LEU F 4748 63.23 -17.13 -28.02
C LEU F 4748 63.47 -17.72 -26.64
N GLU F 4749 63.77 -19.02 -26.59
CA GLU F 4749 63.98 -19.68 -25.30
C GLU F 4749 65.16 -19.08 -24.57
N ILE F 4750 66.30 -18.90 -25.24
CA ILE F 4750 67.49 -18.39 -24.56
C ILE F 4750 67.30 -16.93 -24.14
N THR F 4751 66.59 -16.14 -24.96
CA THR F 4751 66.30 -14.77 -24.56
C THR F 4751 65.43 -14.74 -23.31
N ALA F 4752 64.44 -15.64 -23.21
CA ALA F 4752 63.71 -15.78 -21.97
C ALA F 4752 64.58 -16.32 -20.84
N HIS F 4753 65.60 -17.11 -21.17
CA HIS F 4753 66.46 -17.71 -20.15
C HIS F 4753 67.29 -16.66 -19.44
N ASN F 4754 68.07 -15.90 -20.19
CA ASN F 4754 68.98 -14.93 -19.58
C ASN F 4754 69.28 -13.82 -20.57
N GLU F 4755 70.00 -12.81 -20.10
CA GLU F 4755 70.37 -11.65 -20.90
C GLU F 4755 71.88 -11.62 -21.09
N ARG F 4756 72.30 -11.41 -22.33
CA ARG F 4756 73.72 -11.32 -22.67
C ARG F 4756 74.15 -9.86 -22.75
N LYS F 4757 75.36 -9.57 -22.29
CA LYS F 4757 75.93 -8.23 -22.31
C LYS F 4757 77.20 -8.27 -23.16
N PRO F 4758 77.11 -8.08 -24.47
CA PRO F 4758 78.28 -8.12 -25.33
C PRO F 4758 79.03 -6.78 -25.29
N ASP F 4759 80.06 -6.69 -26.11
CA ASP F 4759 80.84 -5.46 -26.23
C ASP F 4759 80.27 -4.61 -27.35
N PRO F 4760 79.76 -3.42 -27.07
CA PRO F 4760 79.29 -2.51 -28.14
C PRO F 4760 80.41 -1.58 -28.61
N PRO F 4761 81.26 -2.03 -29.53
CA PRO F 4761 82.43 -1.22 -29.90
C PRO F 4761 82.00 0.05 -30.63
N PRO F 4762 82.40 1.22 -30.15
CA PRO F 4762 82.03 2.49 -30.77
C PRO F 4762 82.85 2.81 -32.02
N GLY F 4763 82.79 1.93 -33.01
CA GLY F 4763 83.54 2.08 -34.24
C GLY F 4763 82.62 2.20 -35.45
N LEU F 4764 82.97 3.10 -36.36
CA LEU F 4764 82.22 3.24 -37.60
C LEU F 4764 82.32 1.99 -38.46
N LEU F 4765 83.47 1.33 -38.46
CA LEU F 4765 83.60 0.08 -39.20
C LEU F 4765 82.64 -0.96 -38.67
N THR F 4766 82.51 -1.06 -37.35
CA THR F 4766 81.55 -1.99 -36.76
C THR F 4766 80.11 -1.56 -37.03
N TRP F 4767 79.85 -0.25 -37.06
CA TRP F 4767 78.52 0.26 -37.38
C TRP F 4767 78.15 0.04 -38.84
N LEU F 4768 79.14 -0.17 -39.71
CA LEU F 4768 78.87 -0.27 -41.14
C LEU F 4768 77.87 -1.39 -41.46
N MET F 4769 78.13 -2.60 -40.98
CA MET F 4769 77.27 -3.73 -41.29
C MET F 4769 76.04 -3.81 -40.39
N SER F 4770 75.89 -2.88 -39.45
CA SER F 4770 74.76 -2.90 -38.53
C SER F 4770 73.49 -2.29 -39.14
N ILE F 4771 73.53 -1.86 -40.39
CA ILE F 4771 72.40 -1.23 -41.03
C ILE F 4771 71.52 -2.31 -41.65
N ASP F 4772 70.21 -2.10 -41.60
CA ASP F 4772 69.23 -3.02 -42.17
C ASP F 4772 68.80 -2.47 -43.53
N VAL F 4773 69.40 -3.00 -44.59
CA VAL F 4773 69.24 -2.42 -45.93
C VAL F 4773 67.79 -2.52 -46.39
N LYS F 4774 67.16 -3.68 -46.17
CA LYS F 4774 65.78 -3.85 -46.62
C LYS F 4774 64.84 -2.91 -45.87
N TYR F 4775 65.04 -2.77 -44.55
CA TYR F 4775 64.23 -1.84 -43.78
C TYR F 4775 64.43 -0.41 -44.25
N GLN F 4776 65.68 -0.04 -44.55
CA GLN F 4776 65.93 1.32 -45.03
C GLN F 4776 65.30 1.54 -46.40
N ILE F 4777 65.27 0.52 -47.25
CA ILE F 4777 64.62 0.64 -48.54
C ILE F 4777 63.12 0.86 -48.37
N TRP F 4778 62.50 0.07 -47.49
CA TRP F 4778 61.08 0.26 -47.20
C TRP F 4778 60.81 1.66 -46.65
N LYS F 4779 61.64 2.10 -45.69
CA LYS F 4779 61.42 3.39 -45.07
C LYS F 4779 61.60 4.52 -46.06
N PHE F 4780 62.59 4.40 -46.95
CA PHE F 4780 62.80 5.43 -47.95
C PHE F 4780 61.66 5.46 -48.97
N GLY F 4781 61.10 4.31 -49.31
CA GLY F 4781 59.92 4.32 -50.14
C GLY F 4781 58.75 5.02 -49.48
N VAL F 4782 58.55 4.75 -48.19
CA VAL F 4782 57.48 5.42 -47.45
C VAL F 4782 57.71 6.92 -47.40
N ILE F 4783 58.96 7.35 -47.17
CA ILE F 4783 59.26 8.78 -47.13
C ILE F 4783 59.04 9.42 -48.49
N PHE F 4784 59.51 8.75 -49.55
CA PHE F 4784 59.39 9.31 -50.89
C PHE F 4784 57.96 9.28 -51.41
N THR F 4785 57.07 8.55 -50.75
CA THR F 4785 55.65 8.62 -51.08
C THR F 4785 54.90 9.63 -50.21
N ASP F 4786 55.61 10.39 -49.38
CA ASP F 4786 55.00 11.39 -48.53
C ASP F 4786 54.87 12.71 -49.28
N ASN F 4787 53.69 13.32 -49.22
CA ASN F 4787 53.43 14.52 -50.00
C ASN F 4787 54.29 15.69 -49.54
N SER F 4788 54.42 15.90 -48.23
CA SER F 4788 55.21 17.02 -47.74
C SER F 4788 56.68 16.85 -48.08
N PHE F 4789 57.20 15.63 -47.93
CA PHE F 4789 58.59 15.38 -48.30
C PHE F 4789 58.81 15.58 -49.79
N LEU F 4790 57.86 15.14 -50.62
CA LEU F 4790 57.98 15.36 -52.06
C LEU F 4790 57.95 16.83 -52.40
N TYR F 4791 57.12 17.60 -51.70
CA TYR F 4791 57.09 19.04 -51.93
C TYR F 4791 58.41 19.69 -51.55
N LEU F 4792 58.97 19.30 -50.42
CA LEU F 4792 60.27 19.86 -50.01
C LEU F 4792 61.37 19.46 -50.98
N GLY F 4793 61.32 18.23 -51.49
CA GLY F 4793 62.30 17.82 -52.48
C GLY F 4793 62.16 18.59 -53.78
N TRP F 4794 60.93 18.86 -54.21
CA TRP F 4794 60.72 19.70 -55.38
C TRP F 4794 61.25 21.11 -55.15
N TYR F 4795 61.01 21.64 -53.94
CA TYR F 4795 61.57 22.93 -53.58
C TYR F 4795 63.08 22.94 -53.71
N MET F 4796 63.74 21.90 -53.19
CA MET F 4796 65.19 21.83 -53.26
C MET F 4796 65.67 21.70 -54.70
N VAL F 4797 64.98 20.90 -55.51
CA VAL F 4797 65.38 20.73 -56.90
C VAL F 4797 65.25 22.05 -57.66
N MET F 4798 64.16 22.77 -57.43
CA MET F 4798 63.99 24.07 -58.07
C MET F 4798 65.05 25.06 -57.61
N SER F 4799 65.41 25.00 -56.31
CA SER F 4799 66.47 25.87 -55.82
C SER F 4799 67.79 25.56 -56.48
N LEU F 4800 68.10 24.27 -56.68
CA LEU F 4800 69.32 23.88 -57.37
C LEU F 4800 69.31 24.38 -58.81
N LEU F 4801 68.18 24.23 -59.50
CA LEU F 4801 68.07 24.71 -60.87
C LEU F 4801 68.17 26.23 -60.95
N GLY F 4802 67.83 26.92 -59.85
CA GLY F 4802 67.95 28.37 -59.84
C GLY F 4802 69.37 28.84 -60.03
N HIS F 4803 70.35 28.02 -59.68
CA HIS F 4803 71.74 28.37 -59.95
C HIS F 4803 72.07 28.21 -61.43
N TYR F 4804 71.48 27.21 -62.08
CA TYR F 4804 71.63 27.06 -63.52
C TYR F 4804 71.02 28.25 -64.25
N ASN F 4805 69.83 28.68 -63.80
CA ASN F 4805 69.16 29.86 -64.34
C ASN F 4805 68.38 30.52 -63.22
N ASN F 4806 68.69 31.79 -62.95
CA ASN F 4806 68.11 32.46 -61.79
C ASN F 4806 66.60 32.62 -61.87
N PHE F 4807 66.03 32.54 -63.08
CA PHE F 4807 64.59 32.70 -63.20
C PHE F 4807 63.83 31.48 -62.69
N PHE F 4808 64.52 30.37 -62.44
CA PHE F 4808 63.86 29.22 -61.83
C PHE F 4808 63.49 29.49 -60.38
N PHE F 4809 64.06 30.53 -59.77
CA PHE F 4809 63.68 30.89 -58.40
C PHE F 4809 62.27 31.48 -58.34
N ALA F 4810 61.66 31.79 -59.48
CA ALA F 4810 60.30 32.29 -59.49
C ALA F 4810 59.32 31.22 -59.03
N ALA F 4811 59.65 29.95 -59.27
CA ALA F 4811 58.77 28.86 -58.86
C ALA F 4811 58.60 28.79 -57.35
N HIS F 4812 59.59 29.27 -56.60
CA HIS F 4812 59.48 29.24 -55.15
C HIS F 4812 58.48 30.26 -54.63
N LEU F 4813 58.06 31.22 -55.45
CA LEU F 4813 56.99 32.12 -55.06
C LEU F 4813 55.67 31.39 -54.89
N LEU F 4814 55.51 30.21 -55.50
CA LEU F 4814 54.29 29.43 -55.32
C LEU F 4814 54.20 28.87 -53.91
N ASP F 4815 55.27 28.96 -53.13
CA ASP F 4815 55.26 28.46 -51.77
C ASP F 4815 54.31 29.27 -50.89
N ILE F 4816 53.87 30.43 -51.38
CA ILE F 4816 52.90 31.23 -50.67
C ILE F 4816 51.57 30.49 -50.49
N ALA F 4817 51.31 29.50 -51.34
CA ALA F 4817 50.08 28.74 -51.19
C ALA F 4817 50.09 27.89 -49.92
N MET F 4818 51.17 27.16 -49.68
CA MET F 4818 51.32 26.36 -48.46
C MET F 4818 51.69 27.20 -47.24
N GLY F 4819 52.47 28.26 -47.40
CA GLY F 4819 52.89 29.04 -46.24
C GLY F 4819 51.74 29.79 -45.60
N VAL F 4820 50.85 30.35 -46.41
CA VAL F 4820 49.74 31.16 -45.94
C VAL F 4820 48.51 30.29 -45.85
N LYS F 4821 47.98 30.14 -44.64
CA LYS F 4821 46.82 29.28 -44.44
C LYS F 4821 45.59 29.80 -45.17
N THR F 4822 45.42 31.12 -45.26
CA THR F 4822 44.28 31.65 -46.00
C THR F 4822 44.42 31.38 -47.48
N LEU F 4823 45.63 31.48 -48.03
CA LEU F 4823 45.86 31.05 -49.41
C LEU F 4823 45.53 29.58 -49.59
N ARG F 4824 45.93 28.74 -48.62
CA ARG F 4824 45.62 27.32 -48.72
C ARG F 4824 44.12 27.08 -48.73
N THR F 4825 43.38 27.82 -47.90
CA THR F 4825 41.92 27.68 -47.90
C THR F 4825 41.31 28.15 -49.21
N ILE F 4826 41.79 29.28 -49.74
CA ILE F 4826 41.24 29.79 -50.99
C ILE F 4826 41.47 28.80 -52.13
N LEU F 4827 42.67 28.22 -52.19
CA LEU F 4827 42.95 27.24 -53.24
C LEU F 4827 42.28 25.91 -52.96
N SER F 4828 41.96 25.60 -51.71
CA SER F 4828 41.12 24.44 -51.44
C SER F 4828 39.72 24.68 -51.97
N SER F 4829 39.26 25.93 -51.95
CA SER F 4829 37.98 26.26 -52.55
C SER F 4829 37.98 26.12 -54.06
N VAL F 4830 39.15 25.95 -54.68
CA VAL F 4830 39.23 25.67 -56.11
C VAL F 4830 39.45 24.18 -56.37
N THR F 4831 40.33 23.55 -55.59
CA THR F 4831 40.62 22.13 -55.76
C THR F 4831 39.55 21.22 -55.16
N HIS F 4832 38.56 21.78 -54.47
CA HIS F 4832 37.50 20.97 -53.89
C HIS F 4832 36.70 20.27 -54.99
N ASN F 4833 36.39 20.98 -56.07
CA ASN F 4833 35.68 20.44 -57.21
C ASN F 4833 36.58 20.36 -58.43
N GLY F 4834 37.85 19.98 -58.22
CA GLY F 4834 38.80 19.94 -59.31
C GLY F 4834 38.43 18.94 -60.39
N LYS F 4835 37.94 17.77 -59.98
CA LYS F 4835 37.51 16.79 -60.97
C LYS F 4835 36.36 17.32 -61.80
N GLN F 4836 35.39 17.98 -61.16
CA GLN F 4836 34.29 18.58 -61.89
C GLN F 4836 34.78 19.65 -62.87
N LEU F 4837 35.76 20.45 -62.45
CA LEU F 4837 36.30 21.47 -63.34
C LEU F 4837 36.98 20.83 -64.54
N VAL F 4838 37.74 19.76 -64.32
CA VAL F 4838 38.42 19.10 -65.43
C VAL F 4838 37.40 18.52 -66.40
N MET F 4839 36.35 17.87 -65.89
CA MET F 4839 35.37 17.27 -66.79
C MET F 4839 34.54 18.32 -67.50
N THR F 4840 34.26 19.46 -66.86
CA THR F 4840 33.53 20.49 -67.59
C THR F 4840 34.40 21.15 -68.65
N VAL F 4841 35.71 21.23 -68.41
CA VAL F 4841 36.61 21.68 -69.48
C VAL F 4841 36.60 20.68 -70.63
N GLY F 4842 36.59 19.39 -70.32
CA GLY F 4842 36.48 18.38 -71.37
C GLY F 4842 35.18 18.49 -72.15
N LEU F 4843 34.08 18.76 -71.46
CA LEU F 4843 32.80 18.96 -72.13
C LEU F 4843 32.84 20.19 -73.02
N LEU F 4844 33.51 21.25 -72.57
CA LEU F 4844 33.70 22.42 -73.42
C LEU F 4844 34.50 22.06 -74.67
N ALA F 4845 35.53 21.24 -74.52
CA ALA F 4845 36.29 20.80 -75.67
C ALA F 4845 35.42 20.02 -76.65
N VAL F 4846 34.54 19.17 -76.13
CA VAL F 4846 33.68 18.36 -76.99
C VAL F 4846 32.70 19.25 -77.76
N VAL F 4847 32.07 20.20 -77.07
CA VAL F 4847 31.09 21.05 -77.75
C VAL F 4847 31.77 21.95 -78.78
N VAL F 4848 32.98 22.44 -78.45
CA VAL F 4848 33.72 23.22 -79.43
C VAL F 4848 34.09 22.36 -80.62
N TYR F 4849 34.39 21.09 -80.39
CA TYR F 4849 34.66 20.17 -81.50
C TYR F 4849 33.45 20.01 -82.40
N LEU F 4850 32.25 19.90 -81.80
CA LEU F 4850 31.04 19.77 -82.60
C LEU F 4850 30.81 21.03 -83.45
N TYR F 4851 31.01 22.20 -82.84
CA TYR F 4851 30.88 23.44 -83.59
C TYR F 4851 31.92 23.51 -84.71
N THR F 4852 33.13 23.00 -84.45
CA THR F 4852 34.16 22.95 -85.47
C THR F 4852 33.74 22.04 -86.62
N VAL F 4853 33.11 20.91 -86.31
CA VAL F 4853 32.61 20.02 -87.36
C VAL F 4853 31.61 20.76 -88.24
N VAL F 4854 30.66 21.46 -87.60
CA VAL F 4854 29.65 22.18 -88.38
C VAL F 4854 30.30 23.26 -89.23
N ALA F 4855 31.25 23.99 -88.67
CA ALA F 4855 31.92 25.05 -89.41
C ALA F 4855 32.71 24.49 -90.59
N PHE F 4856 33.44 23.39 -90.37
CA PHE F 4856 34.21 22.78 -91.44
C PHE F 4856 33.30 22.28 -92.55
N ASN F 4857 32.08 21.88 -92.21
CA ASN F 4857 31.20 21.35 -93.24
C ASN F 4857 30.44 22.45 -93.98
N PHE F 4858 30.15 23.57 -93.33
CA PHE F 4858 29.24 24.53 -93.96
C PHE F 4858 29.75 25.96 -94.05
N PHE F 4859 30.61 26.42 -93.15
CA PHE F 4859 30.90 27.84 -93.02
C PHE F 4859 32.38 28.16 -93.27
N ARG F 4860 33.02 27.44 -94.19
CA ARG F 4860 34.45 27.66 -94.40
C ARG F 4860 34.75 29.02 -95.01
N LYS F 4861 33.80 29.60 -95.75
CA LYS F 4861 34.09 30.84 -96.46
C LYS F 4861 34.21 32.03 -95.51
N PHE F 4862 33.74 31.89 -94.28
CA PHE F 4862 33.73 32.99 -93.33
C PHE F 4862 35.00 33.07 -92.48
N TYR F 4863 35.96 32.17 -92.70
CA TYR F 4863 37.14 32.07 -91.85
C TYR F 4863 38.38 32.64 -92.53
N ASN F 4864 38.23 33.73 -93.27
CA ASN F 4864 39.35 34.45 -93.86
C ASN F 4864 39.84 35.48 -92.86
N LYS F 4865 41.00 35.23 -92.25
CA LYS F 4865 41.58 36.15 -91.27
C LYS F 4865 42.72 36.95 -91.87
N SER F 4866 42.67 37.23 -93.17
CA SER F 4866 43.71 37.97 -93.86
C SER F 4866 43.10 39.21 -94.49
N GLU F 4867 43.68 40.37 -94.20
CA GLU F 4867 43.29 41.60 -94.89
C GLU F 4867 43.80 41.62 -96.32
N ASP F 4868 44.85 40.86 -96.62
CA ASP F 4868 45.39 40.79 -97.97
C ASP F 4868 44.39 40.10 -98.89
N GLU F 4869 44.45 40.44 -100.17
CA GLU F 4869 43.50 39.95 -101.15
C GLU F 4869 44.02 38.83 -102.03
N ASP F 4870 45.33 38.73 -102.23
CA ASP F 4870 45.87 37.72 -103.13
C ASP F 4870 46.35 36.45 -102.41
N GLU F 4871 46.61 36.52 -101.11
CA GLU F 4871 47.00 35.34 -100.33
C GLU F 4871 46.10 35.23 -99.10
N PRO F 4872 44.92 34.61 -99.22
CA PRO F 4872 44.02 34.51 -98.07
C PRO F 4872 44.56 33.55 -97.03
N ASP F 4873 44.24 33.84 -95.76
CA ASP F 4873 44.62 33.01 -94.63
C ASP F 4873 43.40 32.24 -94.16
N MET F 4874 43.13 31.12 -94.83
CA MET F 4874 42.03 30.26 -94.45
C MET F 4874 42.32 29.66 -93.08
N LYS F 4875 41.34 29.74 -92.17
CA LYS F 4875 41.50 29.14 -90.86
C LYS F 4875 40.70 27.86 -90.67
N CYS F 4876 39.91 27.47 -91.67
CA CYS F 4876 39.08 26.28 -91.56
C CYS F 4876 39.18 25.40 -92.80
N ASP F 4877 40.29 25.51 -93.54
CA ASP F 4877 40.54 24.57 -94.63
C ASP F 4877 41.13 23.24 -94.12
N ASP F 4878 41.63 23.21 -92.90
CA ASP F 4878 42.06 21.99 -92.26
C ASP F 4878 41.28 21.84 -90.97
N MET F 4879 40.87 20.60 -90.67
CA MET F 4879 40.04 20.38 -89.49
C MET F 4879 40.80 20.69 -88.21
N MET F 4880 42.07 20.28 -88.14
CA MET F 4880 42.87 20.59 -86.96
C MET F 4880 43.05 22.09 -86.79
N THR F 4881 43.31 22.81 -87.89
CA THR F 4881 43.46 24.25 -87.81
C THR F 4881 42.16 24.91 -87.36
N CYS F 4882 41.02 24.44 -87.88
CA CYS F 4882 39.74 25.01 -87.49
C CYS F 4882 39.45 24.77 -86.01
N TYR F 4883 39.76 23.56 -85.52
CA TYR F 4883 39.52 23.26 -84.12
C TYR F 4883 40.41 24.09 -83.21
N LEU F 4884 41.69 24.24 -83.60
CA LEU F 4884 42.58 25.10 -82.83
C LEU F 4884 42.09 26.54 -82.84
N PHE F 4885 41.65 27.03 -83.99
CA PHE F 4885 41.12 28.39 -84.09
C PHE F 4885 39.93 28.58 -83.16
N HIS F 4886 39.00 27.63 -83.18
CA HIS F 4886 37.85 27.73 -82.28
C HIS F 4886 38.29 27.75 -80.83
N MET F 4887 38.99 26.71 -80.38
CA MET F 4887 39.42 26.65 -78.98
C MET F 4887 40.24 27.86 -78.56
N TYR F 4888 40.95 28.49 -79.48
CA TYR F 4888 41.88 29.55 -79.12
C TYR F 4888 41.22 30.93 -79.12
N VAL F 4889 40.34 31.20 -80.08
CA VAL F 4889 39.79 32.55 -80.19
C VAL F 4889 38.32 32.61 -79.80
N GLY F 4890 37.54 31.58 -80.15
CA GLY F 4890 36.11 31.65 -79.88
C GLY F 4890 35.80 31.60 -78.40
N VAL F 4891 36.53 30.77 -77.66
CA VAL F 4891 36.31 30.67 -76.22
C VAL F 4891 36.68 31.97 -75.53
N ARG F 4892 37.80 32.57 -75.92
CA ARG F 4892 38.26 33.79 -75.27
C ARG F 4892 37.51 35.04 -75.74
N ALA F 4893 36.81 34.96 -76.86
CA ALA F 4893 36.06 36.11 -77.34
C ALA F 4893 34.82 36.34 -76.47
N GLY F 4894 34.45 37.61 -76.32
CA GLY F 4894 33.32 37.94 -75.49
C GLY F 4894 32.00 37.43 -76.05
N GLY F 4895 31.82 37.52 -77.36
CA GLY F 4895 30.59 37.10 -77.99
C GLY F 4895 30.68 35.78 -78.72
N GLY F 4896 31.77 35.05 -78.52
CA GLY F 4896 31.94 33.78 -79.18
C GLY F 4896 32.66 33.90 -80.51
N ILE F 4897 32.49 32.86 -81.34
CA ILE F 4897 33.22 32.78 -82.60
C ILE F 4897 32.70 33.81 -83.59
N GLY F 4898 31.44 34.24 -83.44
CA GLY F 4898 30.88 35.21 -84.37
C GLY F 4898 31.55 36.56 -84.29
N ASP F 4899 32.25 36.82 -83.18
CA ASP F 4899 33.03 38.04 -83.06
C ASP F 4899 34.23 38.00 -83.99
N GLU F 4900 34.80 36.81 -84.21
CA GLU F 4900 36.03 36.71 -84.99
C GLU F 4900 35.74 36.45 -86.46
N ILE F 4901 34.78 35.59 -86.77
CA ILE F 4901 34.56 35.22 -88.16
C ILE F 4901 33.77 36.31 -88.89
N GLU F 4902 33.73 36.18 -90.21
CA GLU F 4902 33.26 37.26 -91.08
C GLU F 4902 31.75 37.49 -90.94
N ASP F 4903 31.34 38.70 -91.26
CA ASP F 4903 29.93 39.08 -91.16
C ASP F 4903 29.09 38.28 -92.15
N PRO F 4904 28.00 37.66 -91.71
CA PRO F 4904 27.17 36.87 -92.62
C PRO F 4904 26.05 37.66 -93.27
N ALA F 4905 26.08 38.98 -93.16
CA ALA F 4905 25.01 39.81 -93.69
C ALA F 4905 24.88 39.62 -95.20
N GLY F 4906 23.63 39.44 -95.64
CA GLY F 4906 23.38 39.27 -97.06
C GLY F 4906 23.97 38.00 -97.64
N ASP F 4907 23.80 36.87 -96.97
CA ASP F 4907 24.31 35.59 -97.43
C ASP F 4907 23.19 34.57 -97.42
N GLU F 4908 23.36 33.50 -98.20
CA GLU F 4908 22.34 32.47 -98.30
C GLU F 4908 22.23 31.69 -97.00
N TYR F 4909 23.31 31.61 -96.23
CA TYR F 4909 23.32 30.91 -94.96
C TYR F 4909 23.28 31.86 -93.77
N GLU F 4910 22.66 33.02 -93.93
CA GLU F 4910 22.70 34.05 -92.90
C GLU F 4910 22.03 33.57 -91.61
N LEU F 4911 20.81 33.05 -91.72
CA LEU F 4911 20.09 32.64 -90.52
C LEU F 4911 20.74 31.43 -89.87
N TYR F 4912 21.21 30.48 -90.67
CA TYR F 4912 21.94 29.34 -90.12
C TYR F 4912 23.15 29.81 -89.34
N ARG F 4913 23.88 30.78 -89.90
CA ARG F 4913 25.09 31.25 -89.25
C ARG F 4913 24.77 32.06 -87.98
N VAL F 4914 23.70 32.83 -87.98
CA VAL F 4914 23.36 33.57 -86.76
C VAL F 4914 22.92 32.62 -85.66
N VAL F 4915 22.19 31.55 -86.02
CA VAL F 4915 21.86 30.53 -85.04
C VAL F 4915 23.12 29.86 -84.52
N PHE F 4916 24.05 29.55 -85.42
CA PHE F 4916 25.35 28.99 -85.04
C PHE F 4916 26.06 29.87 -84.02
N ASP F 4917 26.19 31.15 -84.32
CA ASP F 4917 26.91 32.07 -83.45
C ASP F 4917 26.20 32.25 -82.11
N ILE F 4918 24.88 32.43 -82.12
CA ILE F 4918 24.17 32.68 -80.87
C ILE F 4918 24.17 31.45 -79.98
N THR F 4919 24.04 30.25 -80.57
CA THR F 4919 24.10 29.04 -79.76
C THR F 4919 25.50 28.81 -79.22
N PHE F 4920 26.54 29.09 -80.01
CA PHE F 4920 27.89 29.03 -79.48
C PHE F 4920 28.06 29.97 -78.30
N PHE F 4921 27.58 31.21 -78.42
CA PHE F 4921 27.71 32.18 -77.34
C PHE F 4921 26.96 31.72 -76.10
N PHE F 4922 25.75 31.19 -76.26
CA PHE F 4922 24.96 30.82 -75.09
C PHE F 4922 25.50 29.56 -74.41
N PHE F 4923 25.83 28.54 -75.20
CA PHE F 4923 26.28 27.28 -74.61
C PHE F 4923 27.69 27.39 -74.06
N VAL F 4924 28.60 28.01 -74.81
CA VAL F 4924 30.02 28.00 -74.44
C VAL F 4924 30.34 29.16 -73.51
N ILE F 4925 30.08 30.39 -73.98
CA ILE F 4925 30.52 31.56 -73.24
C ILE F 4925 29.71 31.73 -71.95
N VAL F 4926 28.41 31.52 -72.01
CA VAL F 4926 27.54 31.79 -70.87
C VAL F 4926 27.45 30.58 -69.97
N ILE F 4927 26.91 29.48 -70.48
CA ILE F 4927 26.51 28.36 -69.63
C ILE F 4927 27.73 27.66 -69.04
N LEU F 4928 28.74 27.36 -69.86
CA LEU F 4928 29.86 26.56 -69.35
C LEU F 4928 30.75 27.35 -68.41
N LEU F 4929 31.07 28.60 -68.74
CA LEU F 4929 31.83 29.43 -67.82
C LEU F 4929 31.05 29.69 -66.55
N ALA F 4930 29.72 29.84 -66.66
CA ALA F 4930 28.89 29.94 -65.47
C ALA F 4930 28.96 28.68 -64.63
N ILE F 4931 29.03 27.52 -65.28
CA ILE F 4931 29.20 26.26 -64.55
C ILE F 4931 30.49 26.26 -63.77
N ILE F 4932 31.58 26.70 -64.40
CA ILE F 4932 32.88 26.72 -63.71
C ILE F 4932 32.83 27.64 -62.50
N GLN F 4933 32.33 28.86 -62.70
CA GLN F 4933 32.27 29.81 -61.60
C GLN F 4933 31.32 29.34 -60.50
N GLY F 4934 30.21 28.71 -60.87
CA GLY F 4934 29.31 28.17 -59.87
C GLY F 4934 29.93 27.03 -59.09
N LEU F 4935 30.74 26.21 -59.75
CA LEU F 4935 31.48 25.17 -59.02
C LEU F 4935 32.40 25.78 -57.98
N ILE F 4936 33.10 26.86 -58.35
CA ILE F 4936 33.98 27.51 -57.38
C ILE F 4936 33.17 28.07 -56.21
N ILE F 4937 32.06 28.74 -56.51
CA ILE F 4937 31.23 29.34 -55.45
C ILE F 4937 30.66 28.24 -54.54
N ASP F 4938 30.20 27.14 -55.14
CA ASP F 4938 29.66 26.04 -54.35
C ASP F 4938 30.72 25.40 -53.48
N ALA F 4939 31.95 25.31 -53.96
CA ALA F 4939 33.03 24.82 -53.10
C ALA F 4939 33.25 25.75 -51.91
N PHE F 4940 33.23 27.06 -52.16
CA PHE F 4940 33.30 28.02 -51.05
C PHE F 4940 32.22 27.74 -50.02
N GLY F 4941 30.97 27.66 -50.47
CA GLY F 4941 29.87 27.43 -49.56
C GLY F 4941 29.98 26.12 -48.81
N GLU F 4942 30.41 25.06 -49.51
CA GLU F 4942 30.53 23.75 -48.89
C GLU F 4942 31.58 23.75 -47.80
N LEU F 4943 32.73 24.39 -48.05
CA LEU F 4943 33.76 24.45 -47.02
C LEU F 4943 33.29 25.25 -45.80
N ARG F 4944 32.61 26.38 -46.04
CA ARG F 4944 32.10 27.15 -44.92
C ARG F 4944 31.08 26.35 -44.13
N ASP F 4945 30.19 25.63 -44.81
CA ASP F 4945 29.21 24.81 -44.12
C ASP F 4945 29.86 23.69 -43.33
N GLN F 4946 30.94 23.10 -43.85
CA GLN F 4946 31.64 22.07 -43.10
C GLN F 4946 32.22 22.63 -41.81
N GLN F 4947 32.87 23.80 -41.89
CA GLN F 4947 33.40 24.42 -40.68
C GLN F 4947 32.30 24.70 -39.67
N GLU F 4948 31.19 25.28 -40.13
CA GLU F 4948 30.09 25.61 -39.22
C GLU F 4948 29.47 24.35 -38.61
N GLN F 4949 29.34 23.29 -39.40
CA GLN F 4949 28.78 22.05 -38.87
C GLN F 4949 29.69 21.44 -37.80
N VAL F 4950 31.00 21.45 -38.04
CA VAL F 4950 31.91 20.93 -37.03
C VAL F 4950 31.80 21.73 -35.74
N LYS F 4951 31.79 23.07 -35.86
CA LYS F 4951 31.67 23.91 -34.67
C LYS F 4951 30.37 23.65 -33.93
N GLU F 4952 29.26 23.56 -34.66
CA GLU F 4952 27.96 23.35 -34.03
C GLU F 4952 27.90 21.99 -33.34
N ASP F 4953 28.42 20.96 -33.98
CA ASP F 4953 28.42 19.64 -33.36
C ASP F 4953 29.25 19.65 -32.08
N MET F 4954 30.43 20.28 -32.11
CA MET F 4954 31.26 20.32 -30.91
C MET F 4954 30.58 21.09 -29.78
N GLU F 4955 29.91 22.20 -30.10
CA GLU F 4955 29.28 23.01 -29.08
C GLU F 4955 27.93 22.48 -28.62
N THR F 4956 27.34 21.53 -29.35
CA THR F 4956 26.02 21.02 -28.98
C THR F 4956 26.01 19.59 -28.47
N LYS F 4957 27.07 18.81 -28.69
CA LYS F 4957 27.10 17.45 -28.18
C LYS F 4957 28.43 17.18 -27.49
N CYS F 4958 28.43 16.22 -26.58
CA CYS F 4958 29.66 15.79 -25.96
C CYS F 4958 30.41 14.85 -26.88
N PHE F 4959 31.71 15.11 -27.05
CA PHE F 4959 32.53 14.30 -27.94
C PHE F 4959 32.63 12.86 -27.48
N ILE F 4960 32.49 12.60 -26.18
CA ILE F 4960 32.70 11.26 -25.65
C ILE F 4960 31.38 10.51 -25.59
N CYS F 4961 30.43 11.00 -24.80
CA CYS F 4961 29.20 10.25 -24.56
C CYS F 4961 28.12 10.54 -25.59
N GLY F 4962 28.19 11.66 -26.29
CA GLY F 4962 27.22 11.97 -27.31
C GLY F 4962 25.92 12.55 -26.82
N ILE F 4963 25.76 12.75 -25.51
CA ILE F 4963 24.53 13.35 -24.99
C ILE F 4963 24.54 14.85 -25.29
N GLY F 4964 23.41 15.36 -25.77
CA GLY F 4964 23.34 16.73 -26.21
C GLY F 4964 23.42 17.72 -25.06
N SER F 4965 23.75 18.96 -25.41
CA SER F 4965 23.86 20.02 -24.44
C SER F 4965 22.54 20.34 -23.75
N ASP F 4966 21.43 20.05 -24.41
CA ASP F 4966 20.13 20.37 -23.83
C ASP F 4966 19.89 19.61 -22.52
N TYR F 4967 20.31 18.34 -22.48
CA TYR F 4967 20.16 17.57 -21.25
C TYR F 4967 21.01 18.15 -20.12
N PHE F 4968 22.25 18.54 -20.42
CA PHE F 4968 23.14 19.01 -19.36
C PHE F 4968 22.78 20.41 -18.90
N ASP F 4969 22.17 21.21 -19.78
CA ASP F 4969 21.87 22.59 -19.42
C ASP F 4969 20.74 22.72 -18.41
N THR F 4970 20.05 21.63 -18.07
CA THR F 4970 19.08 21.68 -16.99
C THR F 4970 19.73 22.16 -15.70
N THR F 4971 20.91 21.67 -15.41
CA THR F 4971 21.76 22.26 -14.39
C THR F 4971 22.50 23.47 -14.98
N PRO F 4972 22.56 24.60 -14.29
CA PRO F 4972 23.23 25.77 -14.86
C PRO F 4972 24.68 25.47 -15.21
N HIS F 4973 25.07 25.90 -16.41
CA HIS F 4973 26.41 25.63 -16.96
C HIS F 4973 26.73 24.14 -16.95
N GLY F 4974 25.69 23.31 -17.07
CA GLY F 4974 25.88 21.87 -16.97
C GLY F 4974 26.74 21.32 -18.09
N PHE F 4975 26.51 21.77 -19.32
CA PHE F 4975 27.31 21.27 -20.44
C PHE F 4975 28.76 21.72 -20.32
N GLU F 4976 28.99 22.96 -19.89
CA GLU F 4976 30.35 23.43 -19.71
C GLU F 4976 31.08 22.61 -18.66
N THR F 4977 30.43 22.36 -17.52
CA THR F 4977 31.04 21.53 -16.50
C THR F 4977 31.27 20.11 -16.98
N HIS F 4978 30.31 19.54 -17.71
CA HIS F 4978 30.45 18.17 -18.19
C HIS F 4978 31.61 18.04 -19.16
N THR F 4979 31.78 19.01 -20.06
CA THR F 4979 32.87 18.95 -21.02
C THR F 4979 34.21 19.34 -20.44
N LEU F 4980 34.25 20.08 -19.33
CA LEU F 4980 35.52 20.49 -18.75
C LEU F 4980 36.02 19.55 -17.66
N GLU F 4981 35.14 18.87 -16.94
CA GLU F 4981 35.56 18.03 -15.82
C GLU F 4981 35.17 16.58 -15.99
N GLU F 4982 33.94 16.31 -16.40
CA GLU F 4982 33.43 14.94 -16.39
C GLU F 4982 33.93 14.14 -17.59
N HIS F 4983 33.71 14.64 -18.79
CA HIS F 4983 34.04 13.92 -20.02
C HIS F 4983 35.01 14.71 -20.89
N ASN F 4984 36.06 15.26 -20.27
CA ASN F 4984 37.07 15.98 -21.03
C ASN F 4984 37.98 14.99 -21.76
N LEU F 4985 38.11 15.17 -23.08
CA LEU F 4985 38.91 14.26 -23.88
C LEU F 4985 40.39 14.39 -23.56
N ALA F 4986 40.84 15.60 -23.20
CA ALA F 4986 42.21 15.76 -22.74
C ALA F 4986 42.47 14.90 -21.51
N ASN F 4987 41.48 14.76 -20.64
CA ASN F 4987 41.63 13.90 -19.47
C ASN F 4987 41.70 12.43 -19.84
N TYR F 4988 41.00 12.00 -20.90
CA TYR F 4988 41.16 10.64 -21.37
C TYR F 4988 42.55 10.39 -21.94
N MET F 4989 43.08 11.37 -22.69
CA MET F 4989 44.46 11.26 -23.15
C MET F 4989 45.43 11.18 -21.98
N PHE F 4990 45.22 12.02 -20.97
CA PHE F 4990 46.07 12.01 -19.79
C PHE F 4990 45.96 10.69 -19.04
N PHE F 4991 44.76 10.12 -18.96
CA PHE F 4991 44.59 8.82 -18.31
C PHE F 4991 45.33 7.74 -19.06
N LEU F 4992 45.29 7.77 -20.40
CA LEU F 4992 46.05 6.79 -21.16
C LEU F 4992 47.54 6.92 -20.90
N MET F 4993 48.05 8.15 -20.86
CA MET F 4993 49.46 8.34 -20.57
C MET F 4993 49.81 7.87 -19.16
N TYR F 4994 48.93 8.15 -18.20
CA TYR F 4994 49.12 7.73 -16.81
C TYR F 4994 49.14 6.21 -16.70
N LEU F 4995 48.23 5.53 -17.41
CA LEU F 4995 48.22 4.08 -17.41
C LEU F 4995 49.49 3.52 -18.03
N ILE F 4996 49.94 4.11 -19.14
CA ILE F 4996 51.15 3.64 -19.79
C ILE F 4996 52.38 3.79 -18.91
N ASN F 4997 52.50 4.91 -18.20
CA ASN F 4997 53.65 5.14 -17.33
C ASN F 4997 53.57 4.34 -16.03
N LYS F 4998 52.37 4.09 -15.50
CA LYS F 4998 52.23 3.47 -14.20
C LYS F 4998 52.60 1.99 -14.25
N ASP F 4999 52.96 1.44 -13.10
CA ASP F 4999 53.27 0.03 -12.99
C ASP F 4999 52.01 -0.81 -12.89
N GLU F 5000 52.02 -1.96 -13.56
CA GLU F 5000 50.86 -2.83 -13.56
C GLU F 5000 50.56 -3.37 -12.17
N THR F 5001 51.60 -3.66 -11.39
CA THR F 5001 51.39 -4.13 -10.02
C THR F 5001 50.84 -3.03 -9.13
N GLU F 5002 50.92 -1.77 -9.55
CA GLU F 5002 50.35 -0.66 -8.83
C GLU F 5002 49.00 -0.22 -9.39
N HIS F 5003 48.61 -0.75 -10.56
CA HIS F 5003 47.29 -0.44 -11.10
C HIS F 5003 46.19 -0.81 -10.11
N THR F 5004 45.21 0.08 -9.98
CA THR F 5004 44.03 -0.24 -9.19
C THR F 5004 43.13 -1.18 -9.98
N GLY F 5005 41.97 -1.50 -9.42
CA GLY F 5005 41.04 -2.36 -10.14
C GLY F 5005 40.50 -1.72 -11.40
N GLN F 5006 40.07 -0.46 -11.30
CA GLN F 5006 39.55 0.25 -12.46
C GLN F 5006 40.64 0.50 -13.49
N GLU F 5007 41.83 0.86 -13.03
CA GLU F 5007 42.95 1.06 -13.95
C GLU F 5007 43.31 -0.24 -14.66
N SER F 5008 43.32 -1.36 -13.93
CA SER F 5008 43.59 -2.65 -14.56
C SER F 5008 42.52 -3.01 -15.58
N TYR F 5009 41.25 -2.75 -15.26
CA TYR F 5009 40.17 -3.01 -16.19
C TYR F 5009 40.34 -2.21 -17.48
N VAL F 5010 40.57 -0.91 -17.36
CA VAL F 5010 40.73 -0.07 -18.54
C VAL F 5010 41.98 -0.46 -19.32
N TRP F 5011 43.07 -0.80 -18.61
CA TRP F 5011 44.31 -1.20 -19.27
C TRP F 5011 44.13 -2.49 -20.06
N LYS F 5012 43.41 -3.46 -19.48
CA LYS F 5012 43.16 -4.70 -20.19
C LYS F 5012 42.31 -4.47 -21.42
N MET F 5013 41.26 -3.66 -21.30
CA MET F 5013 40.44 -3.37 -22.47
C MET F 5013 41.24 -2.63 -23.53
N TYR F 5014 42.11 -1.72 -23.12
CA TYR F 5014 42.96 -1.00 -24.07
C TYR F 5014 43.89 -1.95 -24.80
N GLN F 5015 44.49 -2.89 -24.06
CA GLN F 5015 45.39 -3.86 -24.69
C GLN F 5015 44.64 -4.80 -25.62
N GLU F 5016 43.36 -5.04 -25.35
CA GLU F 5016 42.53 -5.84 -26.23
C GLU F 5016 41.85 -5.01 -27.31
N ARG F 5017 42.11 -3.71 -27.35
CA ARG F 5017 41.49 -2.80 -28.33
C ARG F 5017 39.97 -2.85 -28.26
N CYS F 5018 39.44 -2.97 -27.05
CA CYS F 5018 38.00 -2.92 -26.80
C CYS F 5018 37.68 -1.59 -26.14
N TRP F 5019 36.81 -0.80 -26.77
CA TRP F 5019 36.49 0.55 -26.29
C TRP F 5019 35.13 0.61 -25.62
N ASP F 5020 34.72 -0.45 -24.93
CA ASP F 5020 33.46 -0.43 -24.22
C ASP F 5020 33.53 0.36 -22.92
N PHE F 5021 34.74 0.68 -22.44
CA PHE F 5021 34.84 1.46 -21.22
C PHE F 5021 34.49 2.92 -21.44
N PHE F 5022 34.57 3.41 -22.67
CA PHE F 5022 34.13 4.77 -22.95
C PHE F 5022 32.64 4.89 -22.73
N PRO F 5023 32.16 5.87 -21.97
CA PRO F 5023 30.73 6.03 -21.79
C PRO F 5023 30.07 6.50 -23.09
N ALA F 5024 29.07 5.75 -23.53
CA ALA F 5024 28.36 6.04 -24.77
C ALA F 5024 26.88 6.16 -24.45
N GLY F 5025 26.34 7.36 -24.58
CA GLY F 5025 24.94 7.58 -24.28
C GLY F 5025 24.60 7.55 -22.81
N ASP F 5026 25.59 7.54 -21.93
CA ASP F 5026 25.35 7.49 -20.50
C ASP F 5026 26.43 8.31 -19.80
N CYS F 5027 26.13 8.73 -18.58
CA CYS F 5027 27.06 9.53 -17.80
C CYS F 5027 26.74 9.39 -16.31
N PHE F 5028 27.67 9.85 -15.48
CA PHE F 5028 27.50 9.78 -14.04
C PHE F 5028 26.29 10.58 -13.59
N ARG F 5029 26.09 11.76 -14.16
CA ARG F 5029 24.94 12.58 -13.78
C ARG F 5029 23.64 11.88 -14.13
N LYS F 5030 23.56 11.28 -15.31
CA LYS F 5030 22.33 10.59 -15.71
C LYS F 5030 22.08 9.34 -14.88
N GLN F 5031 23.13 8.58 -14.58
CA GLN F 5031 22.93 7.31 -13.86
C GLN F 5031 22.37 7.52 -12.48
N TYR F 5032 22.80 8.57 -11.77
CA TYR F 5032 22.34 8.88 -10.43
C TYR F 5032 21.45 10.11 -10.44
N GLU F 5033 20.56 10.20 -11.43
CA GLU F 5033 19.66 11.34 -11.55
C GLU F 5033 18.89 11.58 -10.26
N ASP F 5034 18.23 10.54 -9.73
CA ASP F 5034 17.39 10.72 -8.56
C ASP F 5034 18.20 10.92 -7.29
N GLN F 5035 19.32 10.19 -7.13
CA GLN F 5035 20.15 10.37 -5.95
C GLN F 5035 20.74 11.77 -5.89
N LEU F 5036 21.22 12.28 -7.03
CA LEU F 5036 21.86 13.60 -7.03
C LEU F 5036 20.82 14.71 -6.98
N SER F 5037 19.66 14.50 -7.59
CA SER F 5037 18.61 15.51 -7.60
C SER F 5037 17.52 15.19 -6.59
N GLU G 10 -7.74 21.29 16.43
CA GLU G 10 -8.06 22.70 16.51
C GLU G 10 -9.15 22.95 17.53
N VAL G 11 -8.87 23.85 18.48
CA VAL G 11 -9.86 24.17 19.51
C VAL G 11 -10.98 24.97 18.89
N GLN G 12 -12.21 24.50 19.04
CA GLN G 12 -13.36 25.15 18.42
C GLN G 12 -13.68 26.46 19.11
N PHE G 13 -14.03 27.47 18.32
CA PHE G 13 -14.36 28.79 18.82
C PHE G 13 -15.84 29.07 18.59
N LEU G 14 -16.47 29.72 19.55
CA LEU G 14 -17.87 30.11 19.41
C LEU G 14 -17.98 31.29 18.46
N ARG G 15 -18.92 31.21 17.54
CA ARG G 15 -19.14 32.25 16.55
C ARG G 15 -20.60 32.67 16.58
N THR G 16 -20.89 33.79 15.90
CA THR G 16 -22.27 34.24 15.79
C THR G 16 -23.08 33.26 14.95
N ASP G 17 -24.40 33.30 15.15
CA ASP G 17 -25.37 32.42 14.52
C ASP G 17 -25.19 30.96 14.90
N ASP G 18 -24.49 30.68 16.00
CA ASP G 18 -24.35 29.33 16.51
C ASP G 18 -25.34 29.12 17.66
N GLU G 19 -25.90 27.92 17.73
CA GLU G 19 -26.85 27.58 18.78
C GLU G 19 -26.12 27.04 19.99
N VAL G 20 -26.38 27.64 21.16
CA VAL G 20 -25.69 27.29 22.39
C VAL G 20 -26.72 27.12 23.50
N VAL G 21 -26.27 26.53 24.61
CA VAL G 21 -27.06 26.40 25.82
C VAL G 21 -26.24 26.95 26.98
N LEU G 22 -26.87 27.78 27.81
CA LEU G 22 -26.22 28.33 28.99
C LEU G 22 -26.33 27.32 30.12
N GLN G 23 -25.21 26.75 30.53
CA GLN G 23 -25.19 25.65 31.49
C GLN G 23 -24.40 26.04 32.73
N CYS G 24 -24.97 25.76 33.90
CA CYS G 24 -24.33 25.98 35.18
C CYS G 24 -24.35 24.68 35.98
N SER G 25 -23.59 24.67 37.07
CA SER G 25 -23.49 23.49 37.92
C SER G 25 -23.80 23.87 39.36
N ALA G 26 -24.60 23.02 40.02
CA ALA G 26 -24.94 23.22 41.41
C ALA G 26 -24.82 21.89 42.14
N THR G 27 -24.55 21.97 43.44
CA THR G 27 -24.37 20.80 44.29
C THR G 27 -25.66 20.53 45.06
N VAL G 28 -26.23 19.36 44.86
CA VAL G 28 -27.46 18.94 45.52
C VAL G 28 -27.19 17.60 46.17
N LEU G 29 -27.06 17.60 47.51
CA LEU G 29 -26.78 16.39 48.27
C LEU G 29 -25.51 15.70 47.77
N LYS G 30 -24.42 16.45 47.75
CA LYS G 30 -23.10 15.99 47.33
C LYS G 30 -23.08 15.48 45.89
N GLU G 31 -24.08 15.84 45.10
CA GLU G 31 -24.16 15.42 43.70
C GLU G 31 -24.07 16.65 42.80
N GLN G 32 -23.17 16.60 41.82
CA GLN G 32 -23.01 17.71 40.89
C GLN G 32 -24.13 17.66 39.86
N LEU G 33 -25.05 18.61 39.94
CA LEU G 33 -26.19 18.69 39.05
C LEU G 33 -25.96 19.81 38.05
N LYS G 34 -26.02 19.47 36.76
CA LYS G 34 -25.84 20.45 35.70
C LYS G 34 -27.20 20.93 35.22
N LEU G 35 -27.37 22.25 35.18
CA LEU G 35 -28.63 22.88 34.83
C LEU G 35 -28.44 23.78 33.62
N CYS G 36 -29.47 23.85 32.78
CA CYS G 36 -29.46 24.68 31.59
C CYS G 36 -30.53 25.76 31.71
N LEU G 37 -30.18 26.97 31.34
CA LEU G 37 -31.14 28.07 31.34
C LEU G 37 -32.23 27.81 30.32
N ALA G 38 -33.48 28.01 30.72
CA ALA G 38 -34.62 27.73 29.86
C ALA G 38 -35.69 28.78 30.07
N ALA G 39 -36.55 28.93 29.07
CA ALA G 39 -37.68 29.84 29.14
C ALA G 39 -38.70 29.42 28.09
N GLU G 40 -39.98 29.47 28.45
CA GLU G 40 -41.02 29.10 27.51
C GLU G 40 -41.27 30.20 26.49
N GLY G 41 -41.19 31.46 26.92
CA GLY G 41 -41.42 32.57 26.02
C GLY G 41 -42.87 33.02 25.97
N PHE G 42 -43.73 32.18 25.40
CA PHE G 42 -45.15 32.50 25.30
C PHE G 42 -45.85 32.09 26.59
N GLY G 43 -46.47 33.05 27.26
CA GLY G 43 -47.18 32.81 28.48
C GLY G 43 -46.36 32.91 29.75
N ASN G 44 -45.04 32.85 29.63
CA ASN G 44 -44.17 32.95 30.80
C ASN G 44 -42.81 33.47 30.33
N ARG G 45 -42.55 34.76 30.55
CA ARG G 45 -41.30 35.35 30.12
C ARG G 45 -40.13 34.92 31.00
N LEU G 46 -40.38 34.65 32.28
CA LEU G 46 -39.31 34.38 33.22
C LEU G 46 -38.57 33.10 32.88
N CYS G 47 -37.27 33.09 33.17
CA CYS G 47 -36.40 31.98 32.88
C CYS G 47 -36.28 31.07 34.09
N PHE G 48 -36.25 29.76 33.84
CA PHE G 48 -36.00 28.78 34.89
C PHE G 48 -34.87 27.87 34.48
N LEU G 49 -34.62 26.82 35.25
CA LEU G 49 -33.49 25.93 35.02
C LEU G 49 -33.99 24.52 34.74
N GLU G 50 -33.47 23.93 33.66
CA GLU G 50 -33.85 22.58 33.27
C GLU G 50 -32.69 21.64 33.55
N PRO G 51 -32.77 20.78 34.57
CA PRO G 51 -31.66 19.88 34.86
C PRO G 51 -31.40 18.91 33.71
N THR G 52 -30.13 18.57 33.53
CA THR G 52 -29.71 17.70 32.44
C THR G 52 -28.84 16.53 32.90
N SER G 53 -28.49 16.45 34.18
CA SER G 53 -27.63 15.37 34.65
C SER G 53 -28.35 14.03 34.64
N ASN G 54 -29.68 14.01 34.74
CA ASN G 54 -30.46 12.79 34.74
C ASN G 54 -31.07 12.49 33.37
N ALA G 55 -30.34 12.81 32.30
CA ALA G 55 -30.85 12.59 30.95
C ALA G 55 -30.97 11.11 30.61
N GLN G 56 -30.21 10.24 31.27
CA GLN G 56 -30.26 8.82 30.94
C GLN G 56 -31.53 8.17 31.50
N ASN G 57 -32.19 8.80 32.47
CA ASN G 57 -33.47 8.30 32.95
C ASN G 57 -34.63 9.23 32.63
N VAL G 58 -34.42 10.54 32.65
CA VAL G 58 -35.47 11.50 32.31
C VAL G 58 -34.91 12.46 31.27
N PRO G 59 -35.38 12.41 30.02
CA PRO G 59 -34.86 13.30 28.99
C PRO G 59 -35.21 14.75 29.29
N PRO G 60 -34.25 15.66 29.17
CA PRO G 60 -34.54 17.07 29.39
C PRO G 60 -35.29 17.68 28.21
N ASP G 61 -35.91 18.83 28.48
CA ASP G 61 -36.65 19.56 27.45
C ASP G 61 -35.75 20.62 26.85
N LEU G 62 -34.89 20.18 25.93
CA LEU G 62 -33.90 21.05 25.30
C LEU G 62 -34.50 21.98 24.26
N ALA G 63 -35.75 21.75 23.85
CA ALA G 63 -36.36 22.58 22.81
C ALA G 63 -36.48 24.04 23.23
N ILE G 64 -36.45 24.32 24.54
CA ILE G 64 -36.61 25.67 25.05
C ILE G 64 -35.34 26.18 25.73
N CYS G 65 -34.28 25.39 25.72
CA CYS G 65 -33.00 25.79 26.31
C CYS G 65 -32.01 26.32 25.29
N CYS G 66 -32.39 26.38 24.01
CA CYS G 66 -31.45 26.70 22.94
C CYS G 66 -31.53 28.18 22.58
N PHE G 67 -30.37 28.83 22.53
CA PHE G 67 -30.25 30.24 22.20
C PHE G 67 -29.28 30.42 21.04
N THR G 68 -29.59 31.37 20.17
CA THR G 68 -28.74 31.69 19.03
C THR G 68 -27.98 32.99 19.30
N LEU G 69 -26.68 32.97 19.03
CA LEU G 69 -25.83 34.15 19.18
C LEU G 69 -26.01 35.03 17.97
N GLU G 70 -26.94 35.99 18.04
CA GLU G 70 -27.22 36.83 16.88
C GLU G 70 -26.09 37.81 16.60
N GLN G 71 -25.60 38.50 17.63
CA GLN G 71 -24.60 39.54 17.44
C GLN G 71 -23.57 39.49 18.56
N SER G 72 -22.39 40.03 18.27
CA SER G 72 -21.32 40.14 19.26
C SER G 72 -20.50 41.37 18.91
N LEU G 73 -20.66 42.43 19.71
CA LEU G 73 -19.99 43.69 19.44
C LEU G 73 -19.23 44.15 20.67
N SER G 74 -18.23 45.00 20.44
CA SER G 74 -17.53 45.63 21.54
C SER G 74 -18.45 46.64 22.23
N VAL G 75 -18.04 47.08 23.42
CA VAL G 75 -18.85 48.03 24.17
C VAL G 75 -19.00 49.34 23.41
N ARG G 76 -17.92 49.83 22.82
CA ARG G 76 -18.00 51.06 22.03
C ARG G 76 -18.88 50.88 20.80
N ALA G 77 -18.77 49.72 20.13
CA ALA G 77 -19.68 49.43 19.04
C ALA G 77 -21.11 49.30 19.54
N LEU G 78 -21.28 48.76 20.74
CA LEU G 78 -22.62 48.62 21.32
C LEU G 78 -23.27 49.97 21.54
N GLN G 79 -22.50 50.95 22.04
CA GLN G 79 -23.07 52.25 22.37
C GLN G 79 -23.51 53.00 21.12
N GLU G 80 -22.82 52.78 19.99
CA GLU G 80 -23.11 53.55 18.79
C GLU G 80 -24.43 53.13 18.17
N MET G 81 -24.67 51.82 18.02
CA MET G 81 -25.90 51.41 17.36
C MET G 81 -27.10 51.59 18.27
N LEU G 82 -26.88 51.65 19.59
CA LEU G 82 -27.93 52.08 20.50
C LEU G 82 -28.29 53.54 20.24
N ALA G 83 -27.29 54.40 20.03
CA ALA G 83 -27.56 55.79 19.72
C ALA G 83 -28.28 55.93 18.38
N ASN G 84 -27.87 55.16 17.38
CA ASN G 84 -28.52 55.20 16.08
C ASN G 84 -29.84 54.43 16.10
N HIS G 98 -20.03 35.32 9.90
CA HIS G 98 -20.04 34.63 11.18
C HIS G 98 -18.90 35.10 12.06
N ARG G 99 -19.13 36.20 12.77
CA ARG G 99 -18.10 36.79 13.61
C ARG G 99 -17.79 35.88 14.80
N THR G 100 -16.53 35.89 15.24
CA THR G 100 -16.11 35.05 16.34
C THR G 100 -16.21 35.81 17.66
N LEU G 101 -16.69 35.12 18.69
CA LEU G 101 -16.87 35.74 20.00
C LEU G 101 -15.53 36.03 20.65
N LEU G 102 -15.40 37.21 21.24
CA LEU G 102 -14.21 37.61 21.97
C LEU G 102 -14.61 38.04 23.37
N TYR G 103 -13.72 37.79 24.33
CA TYR G 103 -13.99 38.20 25.71
C TYR G 103 -14.09 39.71 25.80
N GLY G 104 -15.03 40.18 26.61
CA GLY G 104 -15.30 41.58 26.76
C GLY G 104 -16.33 42.14 25.81
N HIS G 105 -16.73 41.38 24.80
CA HIS G 105 -17.75 41.82 23.87
C HIS G 105 -19.14 41.63 24.47
N ALA G 106 -20.11 42.30 23.86
CA ALA G 106 -21.51 42.19 24.28
C ALA G 106 -22.26 41.34 23.27
N ILE G 107 -22.94 40.31 23.77
CA ILE G 107 -23.63 39.36 22.91
C ILE G 107 -25.13 39.52 23.08
N LEU G 108 -25.85 39.16 22.01
CA LEU G 108 -27.31 39.20 21.98
C LEU G 108 -27.80 37.78 21.78
N LEU G 109 -28.54 37.26 22.76
CA LEU G 109 -29.01 35.89 22.75
C LEU G 109 -30.49 35.86 22.39
N ARG G 110 -30.82 35.18 21.30
CA ARG G 110 -32.20 35.05 20.84
C ARG G 110 -32.71 33.65 21.13
N HIS G 111 -33.83 33.57 21.83
CA HIS G 111 -34.44 32.28 22.14
C HIS G 111 -34.90 31.61 20.85
N ALA G 112 -34.49 30.36 20.66
CA ALA G 112 -34.77 29.67 19.41
C ALA G 112 -36.26 29.45 19.20
N HIS G 113 -36.97 29.04 20.25
CA HIS G 113 -38.39 28.71 20.09
C HIS G 113 -39.25 29.97 19.96
N SER G 114 -39.18 30.85 20.96
CA SER G 114 -40.06 32.00 21.01
C SER G 114 -39.58 33.17 20.16
N ARG G 115 -38.37 33.09 19.60
CA ARG G 115 -37.76 34.18 18.83
C ARG G 115 -37.58 35.44 19.67
N MET G 116 -37.63 35.29 20.99
CA MET G 116 -37.46 36.40 21.90
C MET G 116 -36.01 36.47 22.37
N TYR G 117 -35.65 37.56 23.04
CA TYR G 117 -34.27 37.83 23.40
C TYR G 117 -34.10 37.76 24.91
N LEU G 118 -33.04 37.10 25.36
CA LEU G 118 -32.74 37.05 26.79
C LEU G 118 -32.45 38.45 27.30
N SER G 119 -33.05 38.79 28.45
CA SER G 119 -32.98 40.15 28.93
C SER G 119 -32.94 40.14 30.45
N CYS G 120 -32.48 41.24 31.02
CA CYS G 120 -32.47 41.47 32.46
C CYS G 120 -33.70 42.32 32.78
N LEU G 121 -34.74 41.68 33.29
CA LEU G 121 -36.00 42.38 33.55
C LEU G 121 -35.86 43.31 34.74
N THR G 122 -36.57 44.43 34.68
CA THR G 122 -36.55 45.41 35.76
C THR G 122 -37.34 44.97 36.98
N THR G 123 -38.11 43.89 36.88
CA THR G 123 -38.87 43.39 38.02
C THR G 123 -38.00 42.47 38.87
N SER G 124 -38.52 42.11 40.04
CA SER G 124 -37.80 41.23 40.95
C SER G 124 -38.83 40.45 41.77
N ARG G 125 -39.03 39.18 41.43
CA ARG G 125 -39.95 38.33 42.15
C ARG G 125 -39.32 37.64 43.35
N SER G 126 -37.99 37.68 43.47
CA SER G 126 -37.30 37.06 44.59
C SER G 126 -37.47 37.89 45.85
N MET G 127 -37.43 37.21 47.00
CA MET G 127 -37.55 37.88 48.28
C MET G 127 -36.29 37.79 49.13
N THR G 128 -35.40 36.84 48.85
CA THR G 128 -34.17 36.72 49.61
C THR G 128 -33.22 37.88 49.29
N ASP G 129 -33.04 38.18 48.01
CA ASP G 129 -32.17 39.26 47.57
C ASP G 129 -33.04 40.45 47.18
N LYS G 130 -32.76 41.60 47.79
CA LYS G 130 -33.47 42.83 47.43
C LYS G 130 -32.86 43.52 46.23
N LEU G 131 -31.59 43.27 45.93
CA LEU G 131 -30.89 43.92 44.84
C LEU G 131 -30.87 43.09 43.56
N ALA G 132 -31.55 41.95 43.55
CA ALA G 132 -31.55 41.07 42.39
C ALA G 132 -32.66 41.47 41.42
N PHE G 133 -32.48 41.07 40.16
CA PHE G 133 -33.45 41.32 39.11
C PHE G 133 -33.78 40.01 38.41
N ASP G 134 -35.03 39.88 37.99
CA ASP G 134 -35.46 38.68 37.28
C ASP G 134 -34.84 38.65 35.89
N VAL G 135 -34.50 37.46 35.43
CA VAL G 135 -33.97 37.24 34.09
C VAL G 135 -35.05 36.57 33.26
N GLY G 136 -35.45 37.20 32.17
CA GLY G 136 -36.50 36.67 31.34
C GLY G 136 -36.27 36.96 29.87
N LEU G 137 -37.34 36.95 29.09
CA LEU G 137 -37.26 37.19 27.66
C LEU G 137 -37.94 38.51 27.31
N GLN G 138 -37.46 39.14 26.24
CA GLN G 138 -38.01 40.39 25.74
C GLN G 138 -38.46 40.21 24.31
N GLU G 139 -39.61 40.80 23.97
CA GLU G 139 -40.19 40.59 22.64
C GLU G 139 -39.29 41.15 21.55
N ASP G 140 -38.70 42.32 21.78
CA ASP G 140 -37.89 43.00 20.78
C ASP G 140 -36.46 43.16 21.27
N ALA G 141 -35.56 43.39 20.32
CA ALA G 141 -34.14 43.51 20.60
C ALA G 141 -33.71 44.94 20.89
N THR G 142 -34.63 45.89 20.92
CA THR G 142 -34.26 47.27 21.18
C THR G 142 -33.88 47.46 22.64
N GLY G 143 -33.14 48.53 22.90
CA GLY G 143 -32.67 48.81 24.24
C GLY G 143 -31.41 48.05 24.57
N GLU G 144 -30.89 48.32 25.77
CA GLU G 144 -29.67 47.70 26.24
C GLU G 144 -29.90 46.64 27.32
N ALA G 145 -31.15 46.32 27.63
CA ALA G 145 -31.45 45.31 28.62
C ALA G 145 -31.21 43.88 28.11
N CYS G 146 -31.08 43.71 26.80
CA CYS G 146 -30.93 42.39 26.19
C CYS G 146 -29.49 42.07 25.82
N TRP G 147 -28.53 42.87 26.30
CA TRP G 147 -27.13 42.69 25.95
C TRP G 147 -26.34 42.27 27.19
N TRP G 148 -25.46 41.29 27.00
CA TRP G 148 -24.66 40.73 28.07
C TRP G 148 -23.20 40.72 27.67
N THR G 149 -22.32 41.06 28.60
CA THR G 149 -20.88 41.09 28.34
C THR G 149 -20.24 39.83 28.92
N MET G 150 -19.34 39.23 28.14
CA MET G 150 -18.67 38.00 28.54
C MET G 150 -17.33 38.33 29.16
N HIS G 151 -17.08 37.77 30.34
CA HIS G 151 -15.83 37.99 31.05
C HIS G 151 -15.21 36.65 31.41
N PRO G 152 -13.89 36.53 31.33
CA PRO G 152 -13.24 35.27 31.69
C PRO G 152 -13.47 34.92 33.14
N ALA G 153 -13.76 33.64 33.38
CA ALA G 153 -13.98 33.17 34.74
C ALA G 153 -12.70 33.07 35.53
N SER G 154 -11.59 32.77 34.87
CA SER G 154 -10.30 32.59 35.52
C SER G 154 -9.20 33.18 34.65
N LYS G 155 -7.96 33.00 35.10
CA LYS G 155 -6.83 33.76 34.56
C LYS G 155 -6.23 33.16 33.30
N GLN G 156 -6.60 31.95 32.90
CA GLN G 156 -6.09 31.41 31.65
C GLN G 156 -6.59 32.21 30.45
N ARG G 157 -7.76 32.81 30.57
CA ARG G 157 -8.34 33.64 29.52
C ARG G 157 -8.30 35.09 29.93
N SER G 158 -8.09 35.97 28.95
CA SER G 158 -8.02 37.40 29.17
C SER G 158 -8.89 38.11 28.14
N GLU G 159 -9.06 39.41 28.34
CA GLU G 159 -9.91 40.19 27.46
C GLU G 159 -9.32 40.23 26.05
N GLY G 160 -10.19 40.08 25.06
CA GLY G 160 -9.79 40.05 23.67
C GLY G 160 -9.47 38.66 23.14
N GLU G 161 -9.26 37.69 24.01
CA GLU G 161 -9.03 36.32 23.55
C GLU G 161 -10.32 35.73 23.00
N LYS G 162 -10.16 34.84 22.03
CA LYS G 162 -11.32 34.15 21.47
C LYS G 162 -11.95 33.24 22.51
N VAL G 163 -13.28 33.28 22.59
CA VAL G 163 -14.01 32.45 23.53
C VAL G 163 -14.10 31.04 22.96
N ARG G 164 -13.65 30.06 23.73
CA ARG G 164 -13.55 28.69 23.26
C ARG G 164 -14.63 27.82 23.87
N VAL G 165 -14.99 26.76 23.13
CA VAL G 165 -15.99 25.83 23.62
C VAL G 165 -15.52 25.18 24.90
N GLY G 166 -16.37 25.20 25.93
CA GLY G 166 -16.04 24.63 27.20
C GLY G 166 -15.46 25.60 28.20
N ASP G 167 -15.14 26.83 27.80
CA ASP G 167 -14.68 27.83 28.74
C ASP G 167 -15.81 28.26 29.66
N ASP G 168 -15.47 28.59 30.90
CA ASP G 168 -16.41 29.14 31.85
C ASP G 168 -16.43 30.66 31.71
N LEU G 169 -17.63 31.22 31.60
CA LEU G 169 -17.81 32.64 31.34
C LEU G 169 -18.43 33.33 32.54
N ILE G 170 -18.43 34.65 32.49
CA ILE G 170 -19.14 35.50 33.44
C ILE G 170 -19.96 36.50 32.63
N LEU G 171 -21.28 36.44 32.76
CA LEU G 171 -22.18 37.28 32.00
C LEU G 171 -22.67 38.42 32.89
N VAL G 172 -22.51 39.65 32.42
CA VAL G 172 -22.90 40.84 33.15
C VAL G 172 -23.91 41.61 32.31
N SER G 173 -25.03 41.99 32.92
CA SER G 173 -26.04 42.74 32.22
C SER G 173 -25.53 44.15 31.92
N VAL G 174 -25.66 44.57 30.65
CA VAL G 174 -25.22 45.90 30.27
C VAL G 174 -26.06 46.97 30.95
N SER G 175 -27.38 46.74 31.02
CA SER G 175 -28.28 47.77 31.54
C SER G 175 -28.22 47.85 33.05
N SER G 176 -28.02 46.72 33.73
CA SER G 176 -28.13 46.67 35.18
C SER G 176 -26.82 46.43 35.90
N GLU G 177 -25.74 46.11 35.18
CA GLU G 177 -24.43 45.86 35.79
C GLU G 177 -24.51 44.77 36.86
N ARG G 178 -25.24 43.70 36.58
CA ARG G 178 -25.41 42.59 37.49
C ARG G 178 -25.07 41.28 36.80
N TYR G 179 -24.58 40.33 37.57
CA TYR G 179 -24.18 39.04 37.03
C TYR G 179 -25.39 38.14 36.82
N LEU G 180 -25.29 37.27 35.81
CA LEU G 180 -26.26 36.19 35.64
C LEU G 180 -25.99 35.16 36.72
N HIS G 181 -26.84 35.15 37.75
CA HIS G 181 -26.57 34.43 38.98
C HIS G 181 -27.50 33.24 39.14
N LEU G 182 -26.95 32.14 39.67
CA LEU G 182 -27.75 30.99 40.09
C LEU G 182 -27.95 31.09 41.60
N SER G 183 -29.19 31.30 42.02
CA SER G 183 -29.51 31.56 43.41
C SER G 183 -30.08 30.31 44.07
N THR G 184 -29.44 29.88 45.15
CA THR G 184 -29.91 28.75 45.94
C THR G 184 -30.40 29.18 47.32
N ALA G 185 -30.69 30.48 47.49
CA ALA G 185 -31.11 30.97 48.80
C ALA G 185 -32.41 30.33 49.25
N SER G 186 -33.37 30.21 48.34
CA SER G 186 -34.61 29.52 48.66
C SER G 186 -34.39 28.00 48.59
N GLY G 187 -35.48 27.25 48.74
CA GLY G 187 -35.38 25.80 48.67
C GLY G 187 -35.10 25.28 47.28
N GLU G 188 -35.42 26.05 46.26
CA GLU G 188 -35.25 25.63 44.87
C GLU G 188 -34.05 26.33 44.25
N LEU G 189 -33.78 25.97 43.00
CA LEU G 189 -32.71 26.57 42.21
C LEU G 189 -33.33 27.57 41.26
N GLN G 190 -32.88 28.83 41.34
CA GLN G 190 -33.44 29.90 40.53
C GLN G 190 -32.32 30.72 39.91
N VAL G 191 -32.66 31.40 38.82
CA VAL G 191 -31.73 32.24 38.08
C VAL G 191 -32.21 33.68 38.17
N ASP G 192 -31.29 34.59 38.52
CA ASP G 192 -31.60 36.01 38.63
C ASP G 192 -30.34 36.81 38.35
N ALA G 193 -30.52 38.10 38.09
CA ALA G 193 -29.41 39.01 37.86
C ALA G 193 -29.11 39.71 39.17
N SER G 194 -27.98 39.36 39.78
CA SER G 194 -27.58 39.88 41.07
C SER G 194 -26.12 40.33 41.02
N PHE G 195 -25.60 40.74 42.17
CA PHE G 195 -24.24 41.22 42.28
C PHE G 195 -23.25 40.11 42.62
N MET G 196 -23.71 38.86 42.66
CA MET G 196 -22.84 37.72 42.90
C MET G 196 -22.64 36.97 41.58
N GLN G 197 -21.39 36.65 41.27
CA GLN G 197 -21.09 36.00 40.00
C GLN G 197 -21.41 34.52 40.06
N THR G 198 -21.52 33.91 38.88
CA THR G 198 -21.76 32.48 38.75
C THR G 198 -21.15 32.01 37.45
N LEU G 199 -20.49 30.86 37.49
CA LEU G 199 -19.82 30.33 36.31
C LEU G 199 -20.84 29.74 35.34
N TRP G 200 -20.71 30.08 34.06
CA TRP G 200 -21.60 29.57 33.03
C TRP G 200 -20.78 28.99 31.89
N ASN G 201 -21.36 27.98 31.23
CA ASN G 201 -20.76 27.36 30.05
C ASN G 201 -21.73 27.52 28.88
N MET G 202 -21.21 27.91 27.72
CA MET G 202 -22.03 27.98 26.52
C MET G 202 -21.68 26.77 25.66
N ASN G 203 -22.34 25.67 25.95
CA ASN G 203 -22.13 24.44 25.19
C ASN G 203 -22.80 24.54 23.83
N PRO G 204 -22.09 24.31 22.74
CA PRO G 204 -22.69 24.46 21.41
C PRO G 204 -23.71 23.38 21.12
N ILE G 205 -24.66 23.72 20.26
CA ILE G 205 -25.65 22.78 19.76
C ILE G 205 -25.43 22.49 18.28
N CYS G 206 -25.36 23.54 17.46
CA CYS G 206 -25.13 23.39 16.03
C CYS G 206 -24.51 24.68 15.52
N SER G 207 -23.64 24.56 14.51
CA SER G 207 -22.96 25.73 13.94
C SER G 207 -23.37 25.98 12.50
N CYS G 208 -23.17 24.99 11.62
CA CYS G 208 -23.45 25.16 10.19
C CYS G 208 -24.14 23.90 9.67
N CYS G 209 -25.19 24.10 8.88
CA CYS G 209 -25.98 23.01 8.33
C CYS G 209 -25.89 23.01 6.82
N GLU G 210 -25.63 21.85 6.24
CA GLU G 210 -25.69 21.71 4.80
C GLU G 210 -27.15 21.77 4.33
N GLU G 211 -27.34 22.01 3.04
CA GLU G 211 -28.68 22.03 2.48
C GLU G 211 -29.36 20.69 2.72
N GLY G 212 -30.58 20.74 3.24
CA GLY G 212 -31.22 19.52 3.68
C GLY G 212 -30.38 18.84 4.74
N TYR G 213 -30.15 17.55 4.56
CA TYR G 213 -29.17 16.78 5.32
C TYR G 213 -29.48 16.85 6.82
N VAL G 214 -30.55 16.15 7.17
CA VAL G 214 -31.19 16.16 8.49
C VAL G 214 -30.18 16.19 9.63
N THR G 215 -30.44 17.03 10.63
CA THR G 215 -29.63 17.14 11.83
C THR G 215 -30.51 16.95 13.06
N GLY G 216 -29.87 16.66 14.18
CA GLY G 216 -30.60 16.43 15.41
C GLY G 216 -31.27 17.69 15.94
N GLY G 217 -32.28 17.49 16.77
CA GLY G 217 -33.02 18.59 17.34
C GLY G 217 -34.07 19.20 16.45
N HIS G 218 -34.28 18.66 15.26
CA HIS G 218 -35.24 19.21 14.32
C HIS G 218 -36.61 18.59 14.53
N VAL G 219 -37.64 19.27 14.03
CA VAL G 219 -39.00 18.78 14.03
C VAL G 219 -39.36 18.39 12.61
N LEU G 220 -39.85 17.16 12.42
CA LEU G 220 -40.05 16.63 11.08
C LEU G 220 -41.17 15.61 11.11
N ARG G 221 -41.56 15.16 9.91
CA ARG G 221 -42.53 14.10 9.73
C ARG G 221 -41.85 12.90 9.10
N LEU G 222 -42.28 11.71 9.50
CA LEU G 222 -41.74 10.45 9.00
C LEU G 222 -42.76 9.84 8.04
N PHE G 223 -42.46 9.92 6.75
CA PHE G 223 -43.39 9.45 5.72
C PHE G 223 -43.06 8.02 5.31
N HIS G 224 -44.10 7.22 5.11
CA HIS G 224 -43.92 5.81 4.81
C HIS G 224 -43.60 5.59 3.34
N GLY G 225 -44.54 5.94 2.45
CA GLY G 225 -44.38 5.63 1.05
C GLY G 225 -44.20 6.83 0.15
N HIS G 226 -45.13 7.03 -0.77
CA HIS G 226 -45.04 8.11 -1.76
C HIS G 226 -45.79 9.34 -1.26
N MET G 227 -45.32 9.85 -0.12
CA MET G 227 -45.88 11.06 0.50
C MET G 227 -47.36 10.89 0.81
N ASP G 228 -47.77 9.66 1.08
CA ASP G 228 -49.17 9.34 1.37
C ASP G 228 -49.43 9.11 2.84
N GLU G 229 -48.64 8.26 3.50
CA GLU G 229 -48.83 7.92 4.89
C GLU G 229 -47.68 8.46 5.73
N CYS G 230 -47.99 8.91 6.94
CA CYS G 230 -47.00 9.47 7.84
C CYS G 230 -47.21 8.91 9.24
N LEU G 231 -46.14 8.86 10.02
CA LEU G 231 -46.22 8.39 11.39
C LEU G 231 -46.89 9.43 12.27
N THR G 232 -47.86 9.01 13.08
CA THR G 232 -48.60 9.92 13.93
C THR G 232 -49.24 9.13 15.05
N ILE G 233 -49.95 9.85 15.91
CA ILE G 233 -50.75 9.24 16.98
C ILE G 233 -52.21 9.59 16.74
N SER G 234 -53.09 9.09 17.60
CA SER G 234 -54.51 9.34 17.43
C SER G 234 -54.84 10.81 17.69
N ALA G 235 -56.00 11.23 17.20
CA ALA G 235 -56.43 12.60 17.37
C ALA G 235 -56.78 12.87 18.84
N ALA G 236 -57.20 14.11 19.11
CA ALA G 236 -57.53 14.49 20.47
C ALA G 236 -58.79 13.76 20.96
N ASP G 237 -58.93 13.69 22.27
CA ASP G 237 -60.03 13.04 22.97
C ASP G 237 -60.40 11.69 22.32
N SER G 238 -59.38 10.88 22.12
CA SER G 238 -59.54 9.53 21.57
C SER G 238 -59.58 8.51 22.69
N ASP G 239 -60.05 7.31 22.35
CA ASP G 239 -60.23 6.27 23.36
C ASP G 239 -58.90 5.68 23.80
N ASP G 240 -57.87 5.75 22.96
CA ASP G 240 -56.59 5.13 23.27
C ASP G 240 -55.68 6.02 24.11
N GLN G 241 -56.19 7.14 24.61
CA GLN G 241 -55.43 8.10 25.41
C GLN G 241 -54.23 8.67 24.65
N ARG G 242 -54.30 8.65 23.32
CA ARG G 242 -53.23 9.18 22.47
C ARG G 242 -51.88 8.54 22.80
N ARG G 243 -51.89 7.22 23.04
CA ARG G 243 -50.68 6.51 23.41
C ARG G 243 -50.36 5.38 22.42
N LEU G 244 -50.96 5.40 21.25
CA LEU G 244 -50.71 4.41 20.21
C LEU G 244 -50.28 5.10 18.94
N VAL G 245 -49.37 4.45 18.21
CA VAL G 245 -48.75 5.03 17.01
C VAL G 245 -49.33 4.35 15.79
N TYR G 246 -49.69 5.15 14.78
CA TYR G 246 -50.34 4.64 13.58
C TYR G 246 -49.68 5.23 12.34
N TYR G 247 -49.84 4.51 11.23
CA TYR G 247 -49.51 5.05 9.91
C TYR G 247 -50.81 5.54 9.28
N GLU G 248 -50.97 6.85 9.21
CA GLU G 248 -52.21 7.45 8.74
C GLU G 248 -51.90 8.40 7.60
N GLY G 249 -52.84 8.53 6.65
CA GLY G 249 -52.69 9.40 5.51
C GLY G 249 -53.83 10.39 5.42
N GLY G 250 -53.70 11.31 4.47
CA GLY G 250 -54.72 12.32 4.25
C GLY G 250 -54.41 13.65 4.89
N ALA G 251 -55.41 14.23 5.56
CA ALA G 251 -55.22 15.53 6.18
C ALA G 251 -54.24 15.48 7.34
N VAL G 252 -53.95 14.30 7.88
CA VAL G 252 -53.01 14.19 8.98
C VAL G 252 -51.61 14.60 8.57
N CYS G 253 -51.31 14.54 7.27
CA CYS G 253 -49.98 14.93 6.80
C CYS G 253 -49.70 16.40 6.98
N THR G 254 -50.73 17.22 7.21
CA THR G 254 -50.57 18.64 7.43
C THR G 254 -50.98 19.08 8.83
N HIS G 255 -51.25 18.12 9.72
CA HIS G 255 -51.65 18.44 11.08
C HIS G 255 -50.44 18.37 12.02
N ALA G 256 -50.64 18.87 13.24
CA ALA G 256 -49.57 18.97 14.21
C ALA G 256 -49.30 17.68 14.96
N ARG G 257 -50.22 16.71 14.91
CA ARG G 257 -50.01 15.46 15.64
C ARG G 257 -49.10 14.49 14.91
N SER G 258 -48.67 14.83 13.69
CA SER G 258 -47.73 14.03 12.94
C SER G 258 -46.31 14.58 13.01
N LEU G 259 -46.06 15.53 13.92
CA LEU G 259 -44.77 16.17 14.04
C LEU G 259 -43.97 15.52 15.16
N TRP G 260 -42.72 15.15 14.86
CA TRP G 260 -41.85 14.50 15.82
C TRP G 260 -40.53 15.26 15.90
N ARG G 261 -39.90 15.18 17.05
CA ARG G 261 -38.61 15.83 17.29
C ARG G 261 -37.56 14.77 17.58
N LEU G 262 -36.44 14.83 16.88
CA LEU G 262 -35.36 13.87 17.03
C LEU G 262 -34.35 14.40 18.05
N GLU G 263 -34.20 13.69 19.16
CA GLU G 263 -33.34 14.13 20.26
C GLU G 263 -32.22 13.14 20.49
N PRO G 264 -30.99 13.44 20.07
CA PRO G 264 -29.88 12.55 20.35
C PRO G 264 -29.59 12.45 21.83
N LEU G 265 -28.95 11.35 22.21
CA LEU G 265 -28.69 11.07 23.62
C LEU G 265 -27.49 11.86 24.13
N ARG G 266 -27.50 13.17 23.92
CA ARG G 266 -26.44 14.05 24.40
C ARG G 266 -26.94 15.48 24.31
N ILE G 267 -26.27 16.36 25.05
CA ILE G 267 -26.62 17.77 25.07
C ILE G 267 -25.71 18.58 24.17
N SER G 268 -24.40 18.49 24.39
CA SER G 268 -23.45 19.19 23.54
C SER G 268 -23.47 18.61 22.14
N TRP G 269 -23.55 19.49 21.14
CA TRP G 269 -23.61 19.09 19.73
C TRP G 269 -24.80 18.19 19.44
N SER G 270 -25.89 18.37 20.18
CA SER G 270 -27.12 17.63 19.89
C SER G 270 -27.74 18.04 18.57
N GLY G 271 -27.34 19.17 18.01
CA GLY G 271 -27.80 19.64 16.73
C GLY G 271 -26.92 19.23 15.57
N SER G 272 -25.95 18.36 15.80
CA SER G 272 -25.05 17.92 14.74
C SER G 272 -25.80 17.05 13.73
N HIS G 273 -25.12 16.75 12.63
CA HIS G 273 -25.73 15.96 11.57
C HIS G 273 -26.09 14.56 12.07
N LEU G 274 -27.29 14.12 11.71
CA LEU G 274 -27.69 12.76 12.03
C LEU G 274 -26.89 11.76 11.22
N ARG G 275 -26.48 10.69 11.89
CA ARG G 275 -25.66 9.65 11.28
C ARG G 275 -26.34 8.29 11.48
N TRP G 276 -26.09 7.39 10.53
CA TRP G 276 -26.69 6.06 10.60
C TRP G 276 -26.22 5.35 11.85
N GLY G 277 -27.17 4.71 12.55
CA GLY G 277 -26.86 3.98 13.76
C GLY G 277 -26.70 4.84 14.99
N GLN G 278 -26.88 6.15 14.89
CA GLN G 278 -26.74 7.01 16.04
C GLN G 278 -27.98 6.89 16.93
N PRO G 279 -27.82 6.56 18.21
CA PRO G 279 -28.99 6.44 19.08
C PRO G 279 -29.60 7.80 19.38
N LEU G 280 -30.93 7.84 19.37
CA LEU G 280 -31.64 9.08 19.63
C LEU G 280 -33.03 8.76 20.14
N ARG G 281 -33.64 9.72 20.83
CA ARG G 281 -35.02 9.64 21.24
C ARG G 281 -35.90 10.32 20.20
N ILE G 282 -37.15 9.89 20.14
CA ILE G 282 -38.15 10.50 19.26
C ILE G 282 -39.27 11.02 20.14
N ARG G 283 -39.55 12.32 20.04
CA ARG G 283 -40.48 13.00 20.93
C ARG G 283 -41.64 13.57 20.12
N HIS G 284 -42.86 13.30 20.58
CA HIS G 284 -44.04 13.89 19.98
C HIS G 284 -44.17 15.34 20.47
N VAL G 285 -44.24 16.28 19.53
CA VAL G 285 -44.10 17.69 19.90
C VAL G 285 -45.32 18.18 20.66
N THR G 286 -46.52 17.85 20.20
CA THR G 286 -47.72 18.40 20.81
C THR G 286 -48.02 17.76 22.16
N THR G 287 -47.83 16.45 22.27
CA THR G 287 -48.12 15.76 23.51
C THR G 287 -46.93 15.65 24.45
N GLY G 288 -45.73 15.88 23.96
CA GLY G 288 -44.55 15.81 24.79
C GLY G 288 -44.16 14.42 25.22
N ARG G 289 -44.69 13.39 24.58
CA ARG G 289 -44.39 12.02 24.94
C ARG G 289 -43.38 11.42 23.97
N TYR G 290 -42.59 10.47 24.47
CA TYR G 290 -41.49 9.88 23.73
C TYR G 290 -41.85 8.50 23.23
N LEU G 291 -41.49 8.22 21.98
CA LEU G 291 -41.69 6.89 21.42
C LEU G 291 -40.93 5.87 22.25
N ALA G 292 -41.59 4.76 22.57
CA ALA G 292 -41.00 3.79 23.48
C ALA G 292 -41.48 2.40 23.13
N LEU G 293 -40.72 1.41 23.59
CA LEU G 293 -41.08 0.00 23.50
C LEU G 293 -41.26 -0.51 24.93
N THR G 294 -42.48 -0.89 25.27
CA THR G 294 -42.80 -1.37 26.60
C THR G 294 -43.10 -2.86 26.57
N GLU G 295 -42.77 -3.55 27.66
CA GLU G 295 -43.00 -4.98 27.74
C GLU G 295 -44.47 -5.34 27.69
N ASP G 296 -45.37 -4.41 28.03
CA ASP G 296 -46.79 -4.73 28.12
C ASP G 296 -47.53 -4.42 26.82
N GLN G 297 -47.51 -3.16 26.39
CA GLN G 297 -48.27 -2.74 25.22
C GLN G 297 -47.43 -2.73 23.94
N GLY G 298 -46.13 -2.97 24.04
CA GLY G 298 -45.29 -2.94 22.86
C GLY G 298 -44.83 -1.53 22.51
N LEU G 299 -45.12 -1.10 21.29
CA LEU G 299 -44.71 0.22 20.82
C LEU G 299 -45.77 1.24 21.19
N VAL G 300 -45.45 2.14 22.12
CA VAL G 300 -46.33 3.20 22.56
C VAL G 300 -45.51 4.47 22.74
N VAL G 301 -46.18 5.54 23.12
CA VAL G 301 -45.53 6.79 23.52
C VAL G 301 -45.75 6.97 25.02
N VAL G 302 -44.66 7.17 25.76
CA VAL G 302 -44.71 7.24 27.20
C VAL G 302 -44.29 8.65 27.65
N ASP G 303 -44.62 8.96 28.89
CA ASP G 303 -44.27 10.26 29.44
C ASP G 303 -42.76 10.37 29.65
N ALA G 304 -42.30 11.60 29.90
CA ALA G 304 -40.88 11.85 30.06
C ALA G 304 -40.30 11.14 31.28
N CYS G 305 -41.11 10.86 32.30
CA CYS G 305 -40.63 10.18 33.49
C CYS G 305 -40.37 8.69 33.26
N LYS G 306 -40.81 8.14 32.12
CA LYS G 306 -40.64 6.73 31.83
C LYS G 306 -39.76 6.48 30.61
N ALA G 307 -38.93 7.45 30.23
CA ALA G 307 -38.05 7.33 29.07
C ALA G 307 -36.62 7.17 29.58
N HIS G 308 -36.23 5.93 29.86
CA HIS G 308 -34.98 5.65 30.56
C HIS G 308 -33.91 5.08 29.63
N THR G 309 -33.85 5.58 28.40
CA THR G 309 -32.79 5.35 27.42
C THR G 309 -32.72 3.91 26.93
N LYS G 310 -33.49 3.00 27.50
CA LYS G 310 -33.58 1.63 27.00
C LYS G 310 -34.84 1.38 26.21
N ALA G 311 -35.96 1.95 26.64
CA ALA G 311 -37.19 1.85 25.88
C ALA G 311 -37.29 2.90 24.78
N THR G 312 -36.59 4.02 24.91
CA THR G 312 -36.77 5.17 24.02
C THR G 312 -35.54 5.45 23.16
N SER G 313 -34.68 4.46 22.94
CA SER G 313 -33.51 4.63 22.10
C SER G 313 -33.76 3.99 20.75
N PHE G 314 -33.63 4.78 19.69
CA PHE G 314 -33.82 4.33 18.33
C PHE G 314 -32.67 4.82 17.46
N CYS G 315 -32.53 4.21 16.29
CA CYS G 315 -31.52 4.62 15.33
C CYS G 315 -32.06 4.42 13.92
N PHE G 316 -31.52 5.20 12.99
CA PHE G 316 -31.85 5.08 11.58
C PHE G 316 -30.78 4.23 10.89
N ARG G 317 -31.22 3.23 10.14
CA ARG G 317 -30.31 2.34 9.43
C ARG G 317 -30.66 2.34 7.95
N VAL G 318 -29.63 2.33 7.11
CA VAL G 318 -29.84 2.37 5.66
C VAL G 318 -30.38 1.04 5.13
N SER G 319 -30.10 -0.06 5.82
CA SER G 319 -30.58 -1.37 5.39
C SER G 319 -30.79 -2.25 6.60
N LYS G 320 -31.66 -3.24 6.45
CA LYS G 320 -32.00 -4.16 7.53
C LYS G 320 -30.95 -5.21 7.79
N GLU G 321 -29.86 -5.22 7.01
CA GLU G 321 -28.81 -6.21 7.22
C GLU G 321 -28.19 -6.04 8.60
N LYS G 322 -27.93 -7.17 9.27
CA LYS G 322 -27.39 -7.17 10.62
C LYS G 322 -25.89 -6.90 10.55
N LEU G 323 -25.55 -5.63 10.32
CA LEU G 323 -24.16 -5.23 10.27
C LEU G 323 -23.47 -5.47 11.61
N ASP G 324 -23.90 -4.74 12.65
CA ASP G 324 -23.36 -4.88 14.00
C ASP G 324 -21.84 -4.78 14.00
N THR G 325 -21.32 -3.81 13.24
CA THR G 325 -19.87 -3.70 13.04
C THR G 325 -19.18 -3.23 14.32
N ALA G 326 -19.49 -2.01 14.77
CA ALA G 326 -18.85 -1.44 15.94
C ALA G 326 -19.64 -0.22 16.43
N PRO G 327 -19.58 0.10 17.72
CA PRO G 327 -20.22 1.33 18.21
C PRO G 327 -19.50 2.57 17.74
N LYS G 328 -20.13 3.34 16.86
CA LYS G 328 -19.55 4.56 16.35
C LYS G 328 -19.39 5.59 17.46
N ARG G 329 -18.28 6.32 17.43
CA ARG G 329 -17.96 7.32 18.45
C ARG G 329 -18.30 8.71 17.93
N ASP G 330 -18.97 9.50 18.77
CA ASP G 330 -19.41 10.82 18.37
C ASP G 330 -18.24 11.79 18.27
N VAL G 331 -18.33 12.71 17.31
CA VAL G 331 -17.32 13.73 17.11
C VAL G 331 -17.80 15.03 17.74
N GLU G 332 -16.86 15.96 17.94
CA GLU G 332 -17.16 17.25 18.55
C GLU G 332 -17.33 18.28 17.44
N GLY G 333 -18.50 18.24 16.82
CA GLY G 333 -18.80 19.17 15.75
C GLY G 333 -20.00 18.70 14.96
N MET G 334 -20.22 19.38 13.83
CA MET G 334 -21.33 19.03 12.97
C MET G 334 -21.18 17.62 12.41
N GLY G 335 -19.95 17.13 12.28
CA GLY G 335 -19.71 15.78 11.85
C GLY G 335 -19.96 15.59 10.37
N PRO G 336 -19.85 14.36 9.89
CA PRO G 336 -20.07 14.08 8.48
C PRO G 336 -21.55 14.09 8.15
N PRO G 337 -21.96 14.84 7.13
CA PRO G 337 -23.38 14.88 6.75
C PRO G 337 -23.78 13.60 6.03
N GLU G 338 -24.79 12.91 6.55
CA GLU G 338 -25.18 11.60 6.03
C GLU G 338 -26.61 11.54 5.52
N ILE G 339 -27.59 11.89 6.34
CA ILE G 339 -29.00 11.60 6.06
C ILE G 339 -29.67 12.84 5.50
N LYS G 340 -30.27 12.71 4.33
CA LYS G 340 -30.89 13.83 3.62
C LYS G 340 -32.38 13.91 3.89
N TYR G 341 -32.95 15.08 3.58
CA TYR G 341 -34.38 15.30 3.68
C TYR G 341 -35.05 14.92 2.38
N GLY G 342 -35.94 13.94 2.42
CA GLY G 342 -36.73 13.60 1.25
C GLY G 342 -36.04 12.75 0.21
N GLU G 343 -34.81 12.30 0.46
CA GLU G 343 -34.11 11.41 -0.45
C GLU G 343 -33.62 10.14 0.22
N SER G 344 -33.30 10.21 1.51
CA SER G 344 -32.76 9.05 2.20
C SER G 344 -33.90 8.15 2.70
N LEU G 345 -33.82 6.87 2.39
CA LEU G 345 -34.72 5.87 2.95
C LEU G 345 -34.10 5.34 4.24
N CYS G 346 -34.78 5.55 5.35
CA CYS G 346 -34.26 5.20 6.66
C CYS G 346 -35.13 4.13 7.30
N PHE G 347 -34.48 3.17 7.94
CA PHE G 347 -35.17 2.13 8.71
C PHE G 347 -34.99 2.42 10.19
N VAL G 348 -36.10 2.56 10.91
CA VAL G 348 -36.06 2.85 12.34
C VAL G 348 -35.95 1.53 13.09
N GLN G 349 -34.91 1.41 13.90
CA GLN G 349 -34.67 0.21 14.68
C GLN G 349 -34.52 0.57 16.16
N HIS G 350 -35.22 -0.17 17.01
CA HIS G 350 -35.05 -0.02 18.45
C HIS G 350 -33.67 -0.54 18.84
N VAL G 351 -32.91 0.28 19.57
CA VAL G 351 -31.51 -0.05 19.84
C VAL G 351 -31.41 -1.26 20.77
N ALA G 352 -32.17 -1.24 21.87
CA ALA G 352 -32.00 -2.28 22.89
C ALA G 352 -32.49 -3.63 22.40
N SER G 353 -33.60 -3.66 21.67
CA SER G 353 -34.20 -4.92 21.24
C SER G 353 -33.83 -5.32 19.83
N GLY G 354 -33.42 -4.39 18.98
CA GLY G 354 -33.15 -4.69 17.60
C GLY G 354 -34.37 -4.83 16.72
N LEU G 355 -35.57 -4.58 17.26
CA LEU G 355 -36.78 -4.72 16.48
C LEU G 355 -36.90 -3.60 15.46
N TRP G 356 -37.71 -3.84 14.43
CA TRP G 356 -37.88 -2.92 13.32
C TRP G 356 -39.27 -2.31 13.35
N LEU G 357 -39.34 -1.02 13.02
CA LEU G 357 -40.60 -0.30 12.99
C LEU G 357 -41.36 -0.65 11.73
N THR G 358 -42.59 -1.15 11.88
CA THR G 358 -43.39 -1.58 10.75
C THR G 358 -44.86 -1.54 11.15
N TYR G 359 -45.73 -1.84 10.19
CA TYR G 359 -47.16 -1.83 10.43
C TYR G 359 -47.63 -3.20 10.92
N ALA G 360 -48.88 -3.25 11.37
CA ALA G 360 -49.42 -4.41 12.05
C ALA G 360 -50.24 -5.33 11.15
N ALA G 361 -50.34 -5.03 9.85
CA ALA G 361 -51.09 -5.86 8.91
C ALA G 361 -52.54 -5.99 9.37
N PRO G 362 -53.36 -4.94 9.20
CA PRO G 362 -54.68 -4.93 9.82
C PRO G 362 -55.54 -6.11 9.40
N ASP G 363 -56.32 -6.62 10.36
CA ASP G 363 -57.18 -7.76 10.10
C ASP G 363 -58.30 -7.36 9.15
N PRO G 364 -58.74 -8.26 8.27
CA PRO G 364 -59.88 -7.95 7.38
C PRO G 364 -61.17 -7.70 8.15
N LYS G 365 -62.23 -7.34 7.41
CA LYS G 365 -63.54 -7.00 7.94
C LYS G 365 -63.51 -5.65 8.65
N ALA G 366 -62.32 -5.08 8.79
CA ALA G 366 -62.15 -3.73 9.33
C ALA G 366 -62.09 -2.66 8.25
N LEU G 367 -61.98 -3.07 6.98
CA LEU G 367 -61.95 -2.08 5.90
C LEU G 367 -63.33 -1.49 5.65
N ARG G 368 -64.39 -2.24 5.93
CA ARG G 368 -65.74 -1.69 5.80
C ARG G 368 -65.97 -0.55 6.78
N LEU G 369 -65.29 -0.58 7.93
CA LEU G 369 -65.38 0.50 8.90
C LEU G 369 -64.72 1.78 8.43
N GLY G 370 -63.95 1.74 7.35
CA GLY G 370 -63.24 2.91 6.87
C GLY G 370 -61.94 3.20 7.57
N VAL G 371 -61.41 2.25 8.34
CA VAL G 371 -60.19 2.45 9.10
C VAL G 371 -58.98 2.26 8.19
N LEU G 372 -58.48 3.35 7.61
CA LEU G 372 -57.27 3.30 6.80
C LEU G 372 -56.00 3.34 7.64
N LYS G 373 -56.11 3.62 8.93
CA LYS G 373 -54.94 3.65 9.80
C LYS G 373 -54.36 2.26 9.96
N LYS G 374 -53.03 2.17 9.98
CA LYS G 374 -52.31 0.93 10.26
C LYS G 374 -51.51 1.13 11.53
N LYS G 375 -51.71 0.24 12.49
CA LYS G 375 -50.99 0.35 13.76
C LYS G 375 -49.50 0.11 13.55
N ALA G 376 -48.68 0.99 14.11
CA ALA G 376 -47.24 0.82 14.05
C ALA G 376 -46.78 -0.10 15.17
N ILE G 377 -45.96 -1.09 14.82
CA ILE G 377 -45.47 -2.07 15.77
C ILE G 377 -43.97 -2.26 15.55
N LEU G 378 -43.32 -2.82 16.56
CA LEU G 378 -41.93 -3.24 16.46
C LEU G 378 -41.90 -4.75 16.25
N HIS G 379 -41.29 -5.19 15.17
CA HIS G 379 -41.28 -6.60 14.80
C HIS G 379 -39.86 -7.05 14.49
N GLN G 380 -39.61 -8.34 14.73
CA GLN G 380 -38.26 -8.88 14.54
C GLN G 380 -37.83 -8.82 13.09
N GLU G 381 -38.74 -9.06 12.15
CA GLU G 381 -38.41 -9.07 10.73
C GLU G 381 -38.92 -7.84 9.98
N GLY G 382 -40.20 -7.51 10.15
CA GLY G 382 -40.75 -6.39 9.42
C GLY G 382 -41.03 -6.72 7.97
N HIS G 383 -41.34 -5.69 7.19
CA HIS G 383 -41.66 -5.84 5.79
C HIS G 383 -40.59 -5.17 4.94
N MET G 384 -40.78 -5.22 3.62
CA MET G 384 -39.81 -4.63 2.70
C MET G 384 -40.01 -3.13 2.55
N ASP G 385 -41.22 -2.63 2.81
CA ASP G 385 -41.54 -1.21 2.67
C ASP G 385 -41.50 -0.48 3.99
N ASP G 386 -40.63 -0.89 4.90
CA ASP G 386 -40.51 -0.25 6.21
C ASP G 386 -39.68 1.02 6.18
N ALA G 387 -39.08 1.36 5.04
CA ALA G 387 -38.27 2.56 4.94
C ALA G 387 -39.15 3.80 5.11
N LEU G 388 -38.59 4.80 5.79
CA LEU G 388 -39.30 6.04 6.07
C LEU G 388 -38.57 7.23 5.47
N PHE G 389 -39.34 8.18 4.97
CA PHE G 389 -38.82 9.42 4.42
C PHE G 389 -38.90 10.51 5.48
N LEU G 390 -37.80 11.22 5.70
CA LEU G 390 -37.76 12.33 6.64
C LEU G 390 -38.02 13.62 5.88
N THR G 391 -39.09 14.32 6.23
CA THR G 391 -39.52 15.53 5.54
C THR G 391 -39.48 16.72 6.49
N ARG G 392 -38.97 17.84 5.99
CA ARG G 392 -38.83 19.03 6.80
C ARG G 392 -40.19 19.61 7.18
N CYS G 393 -40.23 20.26 8.33
CA CYS G 393 -41.41 20.96 8.82
C CYS G 393 -41.14 22.46 8.84
N GLN G 394 -42.17 23.23 8.48
CA GLN G 394 -42.02 24.68 8.45
C GLN G 394 -41.78 25.21 9.86
N GLN G 395 -41.05 26.33 9.95
CA GLN G 395 -40.83 26.96 11.25
C GLN G 395 -42.14 27.43 11.87
N GLU G 396 -43.10 27.83 11.03
CA GLU G 396 -44.41 28.22 11.53
C GLU G 396 -45.12 27.05 12.19
N GLU G 397 -45.06 25.87 11.56
CA GLU G 397 -45.72 24.69 12.12
C GLU G 397 -44.98 24.18 13.35
N SER G 398 -43.64 24.18 13.31
CA SER G 398 -42.87 23.68 14.43
C SER G 398 -43.11 24.53 15.68
N GLN G 399 -43.14 25.85 15.52
CA GLN G 399 -43.40 26.73 16.65
C GLN G 399 -44.83 26.56 17.16
N ALA G 400 -45.79 26.43 16.26
CA ALA G 400 -47.18 26.28 16.66
C ALA G 400 -47.38 24.98 17.44
N ALA G 401 -46.73 23.90 17.02
CA ALA G 401 -46.88 22.62 17.71
C ALA G 401 -46.37 22.70 19.14
N ARG G 402 -45.23 23.35 19.35
CA ARG G 402 -44.73 23.53 20.71
C ARG G 402 -45.65 24.45 21.50
N MET G 403 -46.18 25.50 20.86
CA MET G 403 -47.09 26.41 21.53
C MET G 403 -48.35 25.68 21.98
N ILE G 404 -48.84 24.74 21.18
CA ILE G 404 -50.00 23.94 21.56
C ILE G 404 -49.70 23.12 22.80
N HIS G 405 -48.51 22.53 22.86
CA HIS G 405 -48.14 21.71 24.00
C HIS G 405 -48.12 22.52 25.29
N SER G 406 -47.48 23.69 25.27
CA SER G 406 -47.42 24.52 26.46
C SER G 406 -48.79 25.07 26.84
N THR G 407 -49.56 25.50 25.84
CA THR G 407 -50.89 26.06 26.11
C THR G 407 -51.83 25.01 26.70
N ALA G 408 -51.81 23.79 26.15
CA ALA G 408 -52.70 22.75 26.64
C ALA G 408 -52.38 22.39 28.09
N GLY G 409 -51.11 22.31 28.42
CA GLY G 409 -50.74 21.98 29.80
C GLY G 409 -51.16 23.06 30.79
N LEU G 410 -51.07 24.33 30.37
CA LEU G 410 -51.42 25.43 31.26
C LEU G 410 -52.92 25.47 31.50
N TYR G 411 -53.72 25.36 30.44
CA TYR G 411 -55.16 25.48 30.58
C TYR G 411 -55.77 24.27 31.27
N ASN G 412 -55.19 23.08 31.04
CA ASN G 412 -55.64 21.90 31.78
C ASN G 412 -55.38 22.06 33.27
N GLN G 413 -54.23 22.64 33.62
CA GLN G 413 -53.97 22.95 35.02
C GLN G 413 -54.96 23.98 35.55
N PHE G 414 -55.28 24.98 34.73
CA PHE G 414 -56.26 25.98 35.13
C PHE G 414 -57.64 25.37 35.29
N ILE G 415 -58.00 24.44 34.40
CA ILE G 415 -59.31 23.82 34.47
C ILE G 415 -59.44 22.97 35.73
N LYS G 416 -58.44 22.12 36.01
CA LYS G 416 -58.53 21.26 37.18
C LYS G 416 -58.42 22.06 38.48
N GLY G 417 -57.80 23.24 38.42
CA GLY G 417 -57.85 24.13 39.57
C GLY G 417 -59.24 24.65 39.84
N LEU G 418 -59.98 25.00 38.78
CA LEU G 418 -61.36 25.44 38.95
C LEU G 418 -62.23 24.31 39.50
N ASP G 419 -62.04 23.09 39.00
CA ASP G 419 -62.80 21.95 39.47
C ASP G 419 -62.46 21.55 40.90
N SER G 420 -61.36 22.06 41.45
CA SER G 420 -61.02 21.76 42.83
C SER G 420 -62.06 22.30 43.80
N PHE G 421 -62.58 23.50 43.52
CA PHE G 421 -63.60 24.13 44.34
C PHE G 421 -64.91 24.29 43.57
N SER G 422 -65.26 23.29 42.77
CA SER G 422 -66.46 23.38 41.94
C SER G 422 -67.71 23.55 42.78
N GLY G 423 -67.80 22.83 43.90
CA GLY G 423 -68.94 22.97 44.78
C GLY G 423 -68.54 23.04 46.25
N LYS G 424 -67.37 23.62 46.51
CA LYS G 424 -66.80 23.70 47.86
C LYS G 424 -66.60 25.16 48.23
N PRO G 425 -67.59 25.81 48.82
CA PRO G 425 -67.41 27.18 49.27
C PRO G 425 -66.31 27.28 50.32
N ARG G 426 -65.52 28.33 50.22
CA ARG G 426 -64.40 28.52 51.14
C ARG G 426 -64.84 29.07 52.49
N GLY G 427 -66.05 29.60 52.59
CA GLY G 427 -66.47 30.22 53.83
C GLY G 427 -65.60 31.43 54.16
N SER G 428 -65.31 31.59 55.44
CA SER G 428 -64.38 32.63 55.89
C SER G 428 -62.96 32.08 56.01
N GLY G 429 -62.47 31.46 54.94
CA GLY G 429 -61.16 30.86 54.95
C GLY G 429 -60.57 30.75 53.55
N PRO G 430 -59.37 30.19 53.47
CA PRO G 430 -58.70 30.05 52.17
C PRO G 430 -59.43 29.06 51.29
N PRO G 431 -59.23 29.12 49.97
CA PRO G 431 -59.88 28.16 49.07
C PRO G 431 -59.44 26.72 49.30
N ALA G 432 -58.38 26.48 50.07
CA ALA G 432 -57.90 25.14 50.43
C ALA G 432 -57.54 24.34 49.17
N GLY G 433 -56.54 24.84 48.45
CA GLY G 433 -56.03 24.18 47.28
C GLY G 433 -54.86 24.93 46.67
N PRO G 434 -54.25 24.36 45.63
CA PRO G 434 -53.18 25.07 44.94
C PRO G 434 -53.69 26.33 44.26
N ALA G 435 -52.85 27.35 44.22
CA ALA G 435 -53.25 28.62 43.63
C ALA G 435 -53.47 28.47 42.13
N LEU G 436 -54.47 29.17 41.62
CA LEU G 436 -54.72 29.17 40.19
C LEU G 436 -53.60 29.89 39.45
N PRO G 437 -53.20 29.41 38.28
CA PRO G 437 -52.19 30.13 37.50
C PRO G 437 -52.78 31.37 36.82
N ILE G 438 -53.17 32.35 37.63
CA ILE G 438 -53.88 33.52 37.09
C ILE G 438 -52.98 34.32 36.17
N GLU G 439 -51.76 34.62 36.63
CA GLU G 439 -50.86 35.47 35.85
C GLU G 439 -50.45 34.81 34.55
N ALA G 440 -50.18 33.50 34.59
CA ALA G 440 -49.75 32.81 33.37
C ALA G 440 -50.88 32.70 32.37
N VAL G 441 -52.10 32.45 32.84
CA VAL G 441 -53.23 32.32 31.93
C VAL G 441 -53.51 33.65 31.23
N ILE G 442 -53.46 34.75 31.98
CA ILE G 442 -53.72 36.07 31.38
C ILE G 442 -52.67 36.38 30.33
N LEU G 443 -51.39 36.15 30.65
CA LEU G 443 -50.33 36.42 29.69
C LEU G 443 -50.42 35.49 28.49
N SER G 444 -50.73 34.22 28.72
CA SER G 444 -50.86 33.27 27.62
C SER G 444 -52.01 33.66 26.69
N LEU G 445 -53.13 34.09 27.27
CA LEU G 445 -54.27 34.51 26.44
C LEU G 445 -53.91 35.74 25.62
N GLN G 446 -53.20 36.70 26.22
CA GLN G 446 -52.79 37.89 25.49
C GLN G 446 -51.79 37.55 24.39
N ASP G 447 -50.87 36.63 24.66
CA ASP G 447 -49.93 36.21 23.63
C ASP G 447 -50.64 35.55 22.45
N LEU G 448 -51.62 34.68 22.74
CA LEU G 448 -52.34 34.01 21.67
C LEU G 448 -53.18 34.98 20.86
N ILE G 449 -53.80 35.95 21.53
CA ILE G 449 -54.63 36.93 20.82
C ILE G 449 -53.80 37.72 19.83
N GLY G 450 -52.62 38.17 20.25
CA GLY G 450 -51.70 38.80 19.31
C GLY G 450 -51.08 37.84 18.32
N TYR G 451 -51.08 36.55 18.64
CA TYR G 451 -50.59 35.55 17.72
C TYR G 451 -51.57 35.29 16.58
N PHE G 452 -52.86 35.46 16.84
CA PHE G 452 -53.91 35.21 15.85
C PHE G 452 -54.50 36.50 15.29
N GLU G 453 -53.84 37.63 15.48
CA GLU G 453 -54.39 38.89 15.02
C GLU G 453 -54.45 38.89 13.50
N PRO G 454 -55.56 39.31 12.89
CA PRO G 454 -55.63 39.35 11.44
C PRO G 454 -54.68 40.39 10.88
N PRO G 455 -54.18 40.19 9.67
CA PRO G 455 -53.26 41.17 9.08
C PRO G 455 -53.95 42.50 8.84
N SER G 456 -53.18 43.58 8.93
CA SER G 456 -53.72 44.91 8.76
C SER G 456 -54.22 45.13 7.34
N GLU G 457 -55.31 45.87 7.21
CA GLU G 457 -55.90 46.14 5.90
C GLU G 457 -55.05 47.10 5.08
N GLU G 458 -54.11 47.80 5.68
CA GLU G 458 -53.26 48.72 4.94
C GLU G 458 -52.10 48.02 4.25
N LEU G 459 -51.92 46.72 4.46
CA LEU G 459 -50.84 45.99 3.83
C LEU G 459 -51.15 45.79 2.34
N GLN G 460 -50.09 45.58 1.56
CA GLN G 460 -50.30 45.32 0.14
C GLN G 460 -50.91 43.94 -0.07
N HIS G 461 -51.46 43.73 -1.27
CA HIS G 461 -52.29 42.56 -1.52
C HIS G 461 -51.50 41.26 -1.38
N GLU G 462 -50.30 41.21 -1.94
CA GLU G 462 -49.56 39.95 -1.99
C GLU G 462 -49.18 39.46 -0.59
N GLU G 463 -48.68 40.36 0.26
CA GLU G 463 -48.28 39.92 1.60
C GLU G 463 -49.49 39.77 2.53
N LYS G 464 -50.57 40.51 2.27
CA LYS G 464 -51.78 40.32 3.07
C LYS G 464 -52.37 38.93 2.85
N GLN G 465 -52.38 38.48 1.60
CA GLN G 465 -52.85 37.14 1.31
C GLN G 465 -51.91 36.08 1.88
N SER G 466 -50.61 36.37 1.86
CA SER G 466 -49.64 35.46 2.47
C SER G 466 -49.85 35.35 3.97
N LYS G 467 -50.11 36.48 4.63
CA LYS G 467 -50.38 36.45 6.06
C LYS G 467 -51.72 35.80 6.36
N LEU G 468 -52.71 36.02 5.50
CA LEU G 468 -54.00 35.35 5.68
C LEU G 468 -53.86 33.84 5.59
N ARG G 469 -53.06 33.36 4.64
CA ARG G 469 -52.89 31.93 4.45
C ARG G 469 -52.22 31.30 5.67
N SER G 470 -51.22 31.97 6.23
CA SER G 470 -50.58 31.46 7.45
C SER G 470 -51.55 31.49 8.63
N LEU G 471 -52.41 32.50 8.70
CA LEU G 471 -53.33 32.60 9.82
C LEU G 471 -54.31 31.44 9.84
N ARG G 472 -54.87 31.09 8.68
CA ARG G 472 -55.81 29.97 8.63
C ARG G 472 -55.13 28.66 9.00
N ASN G 473 -53.89 28.48 8.57
CA ASN G 473 -53.15 27.26 8.90
C ASN G 473 -52.94 27.16 10.41
N ARG G 474 -52.61 28.26 11.07
CA ARG G 474 -52.42 28.23 12.51
C ARG G 474 -53.74 28.06 13.25
N GLN G 475 -54.82 28.66 12.72
CA GLN G 475 -56.13 28.44 13.32
C GLN G 475 -56.55 26.98 13.19
N SER G 476 -56.30 26.37 12.04
CA SER G 476 -56.65 24.96 11.85
C SER G 476 -55.78 24.06 12.72
N LEU G 477 -54.50 24.41 12.87
CA LEU G 477 -53.60 23.59 13.70
C LEU G 477 -54.05 23.57 15.15
N PHE G 478 -54.48 24.71 15.68
CA PHE G 478 -54.96 24.75 17.05
C PHE G 478 -56.31 24.05 17.19
N GLN G 479 -57.19 24.21 16.21
CA GLN G 479 -58.50 23.58 16.28
C GLN G 479 -58.38 22.06 16.22
N GLU G 480 -57.49 21.55 15.36
CA GLU G 480 -57.37 20.10 15.21
C GLU G 480 -56.75 19.45 16.44
N GLU G 481 -56.14 20.22 17.33
CA GLU G 481 -55.56 19.68 18.55
C GLU G 481 -56.44 19.90 19.76
N GLY G 482 -57.68 20.35 19.57
CA GLY G 482 -58.61 20.52 20.66
C GLY G 482 -58.45 21.79 21.46
N MET G 483 -57.67 22.77 20.98
CA MET G 483 -57.56 24.03 21.69
C MET G 483 -58.87 24.80 21.68
N LEU G 484 -59.61 24.71 20.57
CA LEU G 484 -60.90 25.39 20.52
C LEU G 484 -61.85 24.83 21.57
N SER G 485 -61.90 23.50 21.71
CA SER G 485 -62.72 22.90 22.74
C SER G 485 -62.16 23.19 24.13
N LEU G 486 -60.84 23.33 24.24
CA LEU G 486 -60.23 23.64 25.53
C LEU G 486 -60.63 25.04 26.00
N VAL G 487 -60.71 25.99 25.08
CA VAL G 487 -61.14 27.34 25.45
C VAL G 487 -62.59 27.33 25.92
N LEU G 488 -63.44 26.54 25.27
CA LEU G 488 -64.83 26.45 25.70
C LEU G 488 -64.94 25.87 27.10
N ASN G 489 -64.11 24.88 27.42
CA ASN G 489 -64.15 24.28 28.75
C ASN G 489 -63.78 25.30 29.82
N CYS G 490 -62.77 26.14 29.55
CA CYS G 490 -62.42 27.20 30.49
C CYS G 490 -63.56 28.18 30.65
N ILE G 491 -64.23 28.53 29.55
CA ILE G 491 -65.37 29.45 29.62
C ILE G 491 -66.52 28.81 30.38
N ASP G 492 -66.80 27.54 30.12
CA ASP G 492 -67.92 26.87 30.77
C ASP G 492 -67.74 26.83 32.28
N ARG G 493 -66.52 26.56 32.75
CA ARG G 493 -66.29 26.46 34.18
C ARG G 493 -66.28 27.84 34.85
N LEU G 494 -65.82 28.87 34.15
CA LEU G 494 -65.92 30.23 34.67
C LEU G 494 -67.32 30.79 34.57
N ASN G 495 -68.13 30.30 33.63
CA ASN G 495 -69.47 30.84 33.41
C ASN G 495 -70.49 30.37 34.44
N VAL G 496 -70.15 29.39 35.26
CA VAL G 496 -71.07 28.96 36.32
C VAL G 496 -71.14 29.95 37.46
N TYR G 497 -70.31 30.98 37.45
CA TYR G 497 -70.32 32.03 38.45
C TYR G 497 -70.91 33.29 37.82
N THR G 498 -71.93 33.85 38.48
CA THR G 498 -72.67 34.96 37.87
C THR G 498 -71.87 36.25 37.88
N THR G 499 -70.94 36.41 38.81
CA THR G 499 -70.18 37.64 38.93
C THR G 499 -68.87 37.34 39.65
N ALA G 500 -68.00 38.36 39.73
CA ALA G 500 -66.72 38.19 40.39
C ALA G 500 -66.88 37.92 41.87
N ALA G 501 -67.81 38.62 42.52
CA ALA G 501 -68.06 38.39 43.94
C ALA G 501 -68.53 36.97 44.20
N HIS G 502 -69.38 36.45 43.31
CA HIS G 502 -69.78 35.04 43.40
C HIS G 502 -68.57 34.12 43.23
N PHE G 503 -67.65 34.50 42.34
CA PHE G 503 -66.44 33.71 42.14
C PHE G 503 -65.52 33.77 43.34
N ALA G 504 -65.56 34.89 44.09
CA ALA G 504 -64.69 35.02 45.26
C ALA G 504 -65.09 34.07 46.38
N GLU G 505 -66.38 33.73 46.47
CA GLU G 505 -66.85 32.83 47.51
C GLU G 505 -66.26 31.44 47.40
N TYR G 506 -65.66 31.09 46.26
CA TYR G 506 -65.08 29.78 46.05
C TYR G 506 -63.59 29.81 45.77
N ALA G 507 -63.06 30.92 45.22
CA ALA G 507 -61.65 31.01 44.87
C ALA G 507 -60.92 32.13 45.60
N GLY G 508 -61.61 32.94 46.39
CA GLY G 508 -60.98 34.02 47.11
C GLY G 508 -61.04 35.33 46.35
N GLU G 509 -60.71 36.41 47.08
CA GLU G 509 -60.76 37.74 46.48
C GLU G 509 -59.58 37.98 45.56
N GLU G 510 -58.42 37.41 45.87
CA GLU G 510 -57.24 37.63 45.05
C GLU G 510 -57.41 37.03 43.66
N ALA G 511 -58.16 35.94 43.53
CA ALA G 511 -58.42 35.35 42.23
C ALA G 511 -59.62 35.95 41.54
N ALA G 512 -60.58 36.48 42.31
CA ALA G 512 -61.80 37.00 41.70
C ALA G 512 -61.57 38.34 41.03
N GLU G 513 -60.52 39.06 41.42
CA GLU G 513 -60.26 40.36 40.82
C GLU G 513 -59.72 40.24 39.40
N SER G 514 -59.37 39.04 38.95
CA SER G 514 -59.01 38.80 37.56
C SER G 514 -60.05 37.97 36.82
N TRP G 515 -61.19 37.70 37.45
CA TRP G 515 -62.21 36.87 36.82
C TRP G 515 -62.79 37.55 35.59
N LYS G 516 -63.09 38.85 35.69
CA LYS G 516 -63.68 39.56 34.56
C LYS G 516 -62.68 39.70 33.41
N GLU G 517 -61.40 39.87 33.73
CA GLU G 517 -60.40 40.01 32.68
C GLU G 517 -60.20 38.71 31.92
N ILE G 518 -60.20 37.58 32.63
CA ILE G 518 -59.91 36.30 31.98
C ILE G 518 -61.04 35.91 31.04
N VAL G 519 -62.29 36.07 31.47
CA VAL G 519 -63.41 35.68 30.62
C VAL G 519 -63.45 36.52 29.36
N ASN G 520 -63.12 37.81 29.46
CA ASN G 520 -63.08 38.65 28.27
C ASN G 520 -62.00 38.21 27.31
N LEU G 521 -60.83 37.85 27.83
CA LEU G 521 -59.75 37.36 26.98
C LEU G 521 -60.11 36.02 26.35
N LEU G 522 -60.80 35.16 27.08
CA LEU G 522 -61.22 33.88 26.52
C LEU G 522 -62.18 34.07 25.35
N TYR G 523 -63.13 35.00 25.47
CA TYR G 523 -64.01 35.29 24.35
C TYR G 523 -63.26 35.97 23.23
N GLU G 524 -62.28 36.81 23.57
CA GLU G 524 -61.47 37.46 22.55
C GLU G 524 -60.60 36.46 21.81
N LEU G 525 -60.03 35.49 22.53
CA LEU G 525 -59.26 34.44 21.89
C LEU G 525 -60.15 33.55 21.03
N LEU G 526 -61.36 33.24 21.50
CA LEU G 526 -62.25 32.36 20.76
C LEU G 526 -62.63 32.96 19.43
N ALA G 527 -62.88 34.28 19.39
CA ALA G 527 -63.19 34.93 18.13
C ALA G 527 -62.01 34.87 17.18
N SER G 528 -60.79 35.04 17.70
CA SER G 528 -59.60 34.99 16.85
C SER G 528 -59.40 33.61 16.24
N LEU G 529 -59.72 32.55 16.99
CA LEU G 529 -59.52 31.20 16.48
C LEU G 529 -60.48 30.86 15.35
N ILE G 530 -61.60 31.58 15.23
CA ILE G 530 -62.61 31.26 14.23
C ILE G 530 -62.83 32.38 13.22
N ARG G 531 -62.29 33.57 13.44
CA ARG G 531 -62.55 34.69 12.54
C ARG G 531 -62.00 34.39 11.16
N GLY G 532 -62.89 34.36 10.16
CA GLY G 532 -62.50 34.13 8.79
C GLY G 532 -62.25 32.68 8.44
N ASN G 533 -62.46 31.76 9.37
CA ASN G 533 -62.22 30.34 9.14
C ASN G 533 -63.56 29.63 9.12
N ARG G 534 -63.99 29.21 7.93
CA ARG G 534 -65.30 28.56 7.80
C ARG G 534 -65.32 27.21 8.51
N ALA G 535 -64.21 26.47 8.46
CA ALA G 535 -64.17 25.16 9.10
C ALA G 535 -64.38 25.28 10.61
N ASN G 536 -63.73 26.26 11.24
CA ASN G 536 -63.89 26.43 12.68
C ASN G 536 -65.26 27.00 13.02
N CYS G 537 -65.78 27.91 12.19
CA CYS G 537 -67.10 28.46 12.44
C CYS G 537 -68.20 27.42 12.26
N ALA G 538 -67.98 26.44 11.38
CA ALA G 538 -68.98 25.40 11.15
C ALA G 538 -69.16 24.50 12.36
N LEU G 539 -68.21 24.50 13.29
CA LEU G 539 -68.32 23.66 14.47
C LEU G 539 -69.47 24.07 15.38
N PHE G 540 -69.93 25.32 15.27
CA PHE G 540 -71.01 25.80 16.11
C PHE G 540 -72.38 25.47 15.55
N SER G 541 -72.44 24.79 14.40
CA SER G 541 -73.71 24.34 13.87
C SER G 541 -74.36 23.26 14.71
N THR G 542 -73.64 22.70 15.68
CA THR G 542 -74.21 21.74 16.61
C THR G 542 -74.48 22.35 17.98
N ASN G 543 -73.66 23.29 18.42
CA ASN G 543 -73.83 23.97 19.71
C ASN G 543 -73.94 25.48 19.43
N LEU G 544 -75.14 25.92 19.10
CA LEU G 544 -75.40 27.34 18.93
C LEU G 544 -76.08 27.97 20.12
N ASP G 545 -76.87 27.20 20.86
CA ASP G 545 -77.41 27.68 22.14
C ASP G 545 -76.30 27.96 23.14
N TRP G 546 -75.11 27.40 22.93
CA TRP G 546 -73.99 27.70 23.80
C TRP G 546 -73.60 29.17 23.69
N VAL G 547 -73.62 29.71 22.48
CA VAL G 547 -73.25 31.11 22.27
C VAL G 547 -74.43 32.03 22.55
N VAL G 548 -75.61 31.67 22.07
CA VAL G 548 -76.77 32.57 22.16
C VAL G 548 -77.18 32.76 23.61
N SER G 549 -77.19 31.69 24.40
CA SER G 549 -77.62 31.79 25.79
C SER G 549 -76.69 32.66 26.63
N LYS G 550 -75.48 32.93 26.14
CA LYS G 550 -74.53 33.76 26.86
C LYS G 550 -74.60 35.22 26.44
N LEU G 551 -75.50 35.59 25.53
CA LEU G 551 -75.56 36.97 25.06
C LEU G 551 -75.96 37.93 26.18
N ASP G 552 -76.82 37.48 27.09
CA ASP G 552 -77.29 38.34 28.17
C ASP G 552 -76.29 38.51 29.30
N ARG G 553 -75.19 37.75 29.28
CA ARG G 553 -74.16 37.92 30.31
C ARG G 553 -73.56 39.32 30.22
N LEU G 554 -73.43 39.97 31.37
CA LEU G 554 -73.05 41.37 31.41
C LEU G 554 -71.55 41.60 31.47
N GLU G 555 -70.75 40.59 31.86
CA GLU G 555 -69.33 40.81 32.03
C GLU G 555 -68.60 40.88 30.71
N ALA G 556 -69.06 40.14 29.69
CA ALA G 556 -68.38 40.09 28.40
C ALA G 556 -69.39 40.23 27.27
N SER G 557 -70.28 41.23 27.40
CA SER G 557 -71.35 41.39 26.43
C SER G 557 -70.81 41.65 25.03
N SER G 558 -69.81 42.54 24.92
CA SER G 558 -69.26 42.85 23.61
C SER G 558 -68.51 41.66 23.02
N GLY G 559 -67.74 40.95 23.84
CA GLY G 559 -66.95 39.85 23.33
C GLY G 559 -67.79 38.70 22.82
N ILE G 560 -68.87 38.37 23.52
CA ILE G 560 -69.71 37.26 23.11
C ILE G 560 -70.45 37.60 21.82
N LEU G 561 -70.87 38.86 21.67
CA LEU G 561 -71.52 39.28 20.43
C LEU G 561 -70.56 39.17 19.25
N GLU G 562 -69.28 39.48 19.47
CA GLU G 562 -68.30 39.34 18.40
C GLU G 562 -68.13 37.89 17.99
N VAL G 563 -68.17 36.96 18.95
CA VAL G 563 -68.09 35.54 18.63
C VAL G 563 -69.29 35.13 17.78
N LEU G 564 -70.48 35.60 18.15
CA LEU G 564 -71.67 35.31 17.35
C LEU G 564 -71.55 35.93 15.96
N TYR G 565 -71.01 37.14 15.87
CA TYR G 565 -70.87 37.79 14.58
C TYR G 565 -69.95 37.00 13.65
N CYS G 566 -68.82 36.54 14.18
CA CYS G 566 -67.85 35.83 13.34
C CYS G 566 -68.44 34.52 12.80
N VAL G 567 -69.21 33.82 13.63
CA VAL G 567 -69.78 32.54 13.21
C VAL G 567 -70.77 32.73 12.08
N LEU G 568 -71.63 33.74 12.18
CA LEU G 568 -72.70 33.91 11.20
C LEU G 568 -72.18 34.32 9.84
N ILE G 569 -71.16 35.19 9.80
CA ILE G 569 -70.60 35.63 8.52
C ILE G 569 -69.97 34.50 7.73
N GLU G 570 -69.38 33.52 8.39
CA GLU G 570 -68.58 32.51 7.70
C GLU G 570 -69.32 31.22 7.43
N SER G 571 -70.23 30.79 8.30
CA SER G 571 -70.82 29.47 8.17
C SER G 571 -72.28 29.56 7.75
N PRO G 572 -72.61 29.24 6.49
CA PRO G 572 -74.02 29.10 6.11
C PRO G 572 -74.71 27.95 6.80
N GLU G 573 -73.96 26.98 7.34
CA GLU G 573 -74.57 25.88 8.07
C GLU G 573 -75.29 26.39 9.31
N VAL G 574 -74.70 27.36 10.00
CA VAL G 574 -75.32 27.91 11.20
C VAL G 574 -76.61 28.63 10.86
N LEU G 575 -76.67 29.28 9.70
CA LEU G 575 -77.88 29.99 9.31
C LEU G 575 -79.04 29.04 9.08
N ASN G 576 -78.77 27.78 8.76
CA ASN G 576 -79.83 26.82 8.52
C ASN G 576 -80.39 26.22 9.81
N ILE G 577 -79.68 26.39 10.93
CA ILE G 577 -80.17 25.89 12.21
C ILE G 577 -80.76 26.99 13.07
N ILE G 578 -80.78 28.23 12.59
CA ILE G 578 -81.33 29.33 13.37
C ILE G 578 -82.82 29.12 13.56
N GLN G 579 -83.26 29.17 14.82
CA GLN G 579 -84.65 29.00 15.18
C GLN G 579 -85.23 30.34 15.62
N GLU G 580 -86.53 30.32 15.92
CA GLU G 580 -87.20 31.55 16.32
C GLU G 580 -86.68 32.06 17.65
N ASN G 581 -86.44 31.15 18.60
CA ASN G 581 -85.96 31.57 19.91
C ASN G 581 -84.57 32.19 19.84
N HIS G 582 -83.73 31.74 18.91
CA HIS G 582 -82.43 32.35 18.71
C HIS G 582 -82.58 33.81 18.28
N ILE G 583 -83.48 34.08 17.33
CA ILE G 583 -83.68 35.43 16.85
C ILE G 583 -84.28 36.31 17.93
N LYS G 584 -85.24 35.77 18.69
CA LYS G 584 -85.86 36.57 19.75
C LYS G 584 -84.84 36.92 20.83
N SER G 585 -83.85 36.06 21.05
CA SER G 585 -82.78 36.39 21.98
C SER G 585 -81.90 37.52 21.44
N ILE G 586 -81.61 37.48 20.14
CA ILE G 586 -80.82 38.55 19.53
C ILE G 586 -81.60 39.86 19.53
N ILE G 587 -82.90 39.79 19.27
CA ILE G 587 -83.73 40.99 19.33
C ILE G 587 -83.79 41.52 20.75
N SER G 588 -83.93 40.62 21.73
CA SER G 588 -83.92 41.04 23.13
C SER G 588 -82.63 41.73 23.52
N LEU G 589 -81.55 41.47 22.80
CA LEU G 589 -80.29 42.17 23.07
C LEU G 589 -80.43 43.67 22.78
N LEU G 590 -81.20 44.01 21.74
CA LEU G 590 -81.48 45.42 21.47
C LEU G 590 -82.29 46.04 22.59
N ASP G 591 -83.27 45.31 23.13
CA ASP G 591 -84.17 45.87 24.12
C ASP G 591 -83.46 46.09 25.45
N LYS G 592 -82.47 45.26 25.78
CA LYS G 592 -81.85 45.30 27.09
C LYS G 592 -80.49 45.97 27.11
N HIS G 593 -79.78 46.00 25.97
CA HIS G 593 -78.46 46.61 25.91
C HIS G 593 -78.45 47.93 25.15
N GLY G 594 -79.54 48.32 24.53
CA GLY G 594 -79.61 49.59 23.84
C GLY G 594 -79.41 49.46 22.35
N ARG G 595 -79.46 50.62 21.69
CA ARG G 595 -79.37 50.68 20.23
C ARG G 595 -77.91 50.55 19.81
N ASN G 596 -77.46 49.30 19.71
CA ASN G 596 -76.11 48.98 19.25
C ASN G 596 -76.21 48.50 17.81
N HIS G 597 -75.52 49.20 16.90
CA HIS G 597 -75.63 48.89 15.48
C HIS G 597 -75.04 47.53 15.14
N LYS G 598 -74.16 46.99 15.98
CA LYS G 598 -73.59 45.67 15.69
C LYS G 598 -74.64 44.58 15.78
N VAL G 599 -75.65 44.74 16.63
CA VAL G 599 -76.74 43.78 16.69
C VAL G 599 -77.50 43.76 15.36
N LEU G 600 -77.66 44.93 14.75
CA LEU G 600 -78.31 45.00 13.45
C LEU G 600 -77.50 44.25 12.39
N ASP G 601 -76.17 44.39 12.44
CA ASP G 601 -75.32 43.66 11.50
C ASP G 601 -75.45 42.16 11.71
N VAL G 602 -75.55 41.72 12.97
CA VAL G 602 -75.78 40.31 13.25
C VAL G 602 -77.10 39.85 12.63
N LEU G 603 -78.14 40.68 12.75
CA LEU G 603 -79.42 40.34 12.13
C LEU G 603 -79.32 40.36 10.60
N CYS G 604 -78.56 41.31 10.05
CA CYS G 604 -78.38 41.35 8.60
C CYS G 604 -77.70 40.08 8.09
N SER G 605 -76.68 39.61 8.81
CA SER G 605 -75.98 38.40 8.40
C SER G 605 -76.85 37.17 8.44
N LEU G 606 -77.94 37.19 9.23
CA LEU G 606 -78.83 36.04 9.29
C LEU G 606 -79.68 35.89 8.05
N CYS G 607 -79.83 36.94 7.25
CA CYS G 607 -80.73 36.92 6.11
C CYS G 607 -80.06 36.33 4.86
N VAL G 608 -78.90 36.84 4.48
CA VAL G 608 -78.23 36.45 3.26
C VAL G 608 -76.79 36.07 3.57
N CYS G 609 -76.35 34.93 3.04
CA CYS G 609 -74.96 34.50 3.15
C CYS G 609 -74.51 33.95 1.80
N ASN G 610 -73.42 34.51 1.27
CA ASN G 610 -72.85 34.08 -0.01
C ASN G 610 -73.87 34.17 -1.13
N GLY G 611 -74.68 35.23 -1.11
CA GLY G 611 -75.63 35.46 -2.18
C GLY G 611 -76.86 34.58 -2.16
N VAL G 612 -77.08 33.83 -1.09
CA VAL G 612 -78.26 32.98 -0.95
C VAL G 612 -79.06 33.48 0.25
N ALA G 613 -80.35 33.70 0.05
CA ALA G 613 -81.22 34.24 1.08
C ALA G 613 -81.93 33.11 1.82
N VAL G 614 -82.11 33.30 3.12
CA VAL G 614 -82.82 32.36 3.97
C VAL G 614 -84.16 32.98 4.31
N ARG G 615 -85.23 32.45 3.71
CA ARG G 615 -86.56 33.03 3.89
C ARG G 615 -87.01 32.95 5.34
N SER G 616 -86.71 31.84 6.02
CA SER G 616 -87.15 31.66 7.39
C SER G 616 -86.58 32.74 8.30
N ASN G 617 -85.29 33.05 8.14
CA ASN G 617 -84.69 34.10 8.95
C ASN G 617 -85.25 35.46 8.61
N GLN G 618 -85.48 35.73 7.33
CA GLN G 618 -86.03 37.02 6.92
C GLN G 618 -87.44 37.23 7.49
N ASP G 619 -88.26 36.18 7.47
CA ASP G 619 -89.62 36.31 7.99
C ASP G 619 -89.63 36.43 9.50
N LEU G 620 -88.80 35.66 10.20
CA LEU G 620 -88.78 35.72 11.66
C LEU G 620 -88.31 37.08 12.16
N ILE G 621 -87.29 37.65 11.51
CA ILE G 621 -86.84 38.99 11.90
C ILE G 621 -87.93 40.01 11.64
N THR G 622 -88.59 39.93 10.47
CA THR G 622 -89.67 40.85 10.16
C THR G 622 -90.83 40.71 11.13
N GLU G 623 -91.19 39.49 11.49
CA GLU G 623 -92.32 39.26 12.39
C GLU G 623 -92.05 39.67 13.83
N ASN G 624 -90.82 39.53 14.31
CA ASN G 624 -90.53 39.75 15.72
C ASN G 624 -89.86 41.10 16.00
N LEU G 625 -89.60 41.89 14.98
CA LEU G 625 -88.91 43.15 15.22
C LEU G 625 -89.65 44.36 14.69
N LEU G 626 -90.31 44.25 13.54
CA LEU G 626 -90.92 45.40 12.89
C LEU G 626 -92.27 45.81 13.46
N PRO G 627 -93.24 44.89 13.62
CA PRO G 627 -94.59 45.34 13.98
C PRO G 627 -94.67 46.02 15.34
N GLY G 628 -93.71 45.78 16.22
CA GLY G 628 -93.72 46.42 17.52
C GLY G 628 -93.59 47.93 17.44
N ARG G 629 -92.70 48.39 16.57
CA ARG G 629 -92.43 49.81 16.37
C ARG G 629 -92.01 50.47 17.68
N GLU G 630 -91.09 49.80 18.38
CA GLU G 630 -90.61 50.28 19.67
C GLU G 630 -89.10 50.41 19.70
N LEU G 631 -88.40 49.50 19.02
CA LEU G 631 -86.94 49.52 19.06
C LEU G 631 -86.37 50.40 17.96
N LEU G 632 -86.68 50.09 16.70
CA LEU G 632 -86.15 50.87 15.60
C LEU G 632 -86.76 52.27 15.58
N LEU G 633 -85.96 53.23 15.13
CA LEU G 633 -86.45 54.60 14.99
C LEU G 633 -87.48 54.66 13.87
N GLN G 634 -88.52 55.46 14.09
CA GLN G 634 -89.62 55.55 13.15
C GLN G 634 -89.58 56.87 12.39
N THR G 635 -90.04 56.83 11.15
CA THR G 635 -90.01 57.99 10.27
C THR G 635 -91.37 58.18 9.63
N ASN G 636 -91.68 59.45 9.34
CA ASN G 636 -92.94 59.82 8.71
C ASN G 636 -92.83 61.29 8.31
N LEU G 637 -93.69 61.69 7.38
CA LEU G 637 -93.77 63.08 6.96
C LEU G 637 -94.88 63.77 7.74
N ILE G 638 -94.56 64.92 8.32
CA ILE G 638 -95.51 65.67 9.13
C ILE G 638 -95.55 67.11 8.64
N ASN G 639 -96.66 67.78 8.92
CA ASN G 639 -96.85 69.16 8.55
C ASN G 639 -96.33 70.10 9.64
N TYR G 640 -95.75 71.21 9.21
CA TYR G 640 -95.37 72.25 10.15
C TYR G 640 -96.62 72.95 10.70
N VAL G 641 -96.59 73.27 11.98
CA VAL G 641 -97.70 73.92 12.66
C VAL G 641 -97.18 75.18 13.33
N THR G 642 -97.93 76.27 13.21
CA THR G 642 -97.57 77.55 13.79
C THR G 642 -98.72 78.09 14.64
N SER G 643 -98.38 78.86 15.66
CA SER G 643 -99.35 79.49 16.53
C SER G 643 -99.31 81.00 16.35
N ILE G 644 -100.47 81.64 16.46
CA ILE G 644 -100.60 83.09 16.37
C ILE G 644 -101.46 83.56 17.53
N ARG G 645 -101.03 84.63 18.19
CA ARG G 645 -101.74 85.17 19.33
C ARG G 645 -101.89 86.68 19.20
N PRO G 646 -102.92 87.26 19.79
CA PRO G 646 -102.92 88.70 20.03
C PRO G 646 -102.04 89.04 21.23
N ASN G 647 -101.65 90.30 21.30
CA ASN G 647 -100.91 90.76 22.47
C ASN G 647 -101.88 91.09 23.58
N ILE G 648 -102.67 90.11 23.99
CA ILE G 648 -103.64 90.25 25.07
C ILE G 648 -103.29 89.22 26.15
N PHE G 649 -102.90 89.71 27.32
CA PHE G 649 -102.43 88.86 28.41
C PHE G 649 -103.26 89.14 29.65
N VAL G 650 -103.87 88.10 30.20
CA VAL G 650 -104.69 88.22 31.40
C VAL G 650 -104.23 87.17 32.39
N GLY G 651 -104.45 87.46 33.67
CA GLY G 651 -104.01 86.55 34.71
C GLY G 651 -104.67 86.86 36.03
N ARG G 652 -104.41 86.01 37.01
CA ARG G 652 -104.97 86.15 38.34
C ARG G 652 -103.85 86.14 39.37
N ALA G 653 -103.92 87.09 40.30
CA ALA G 653 -102.97 87.15 41.41
C ALA G 653 -103.64 87.84 42.57
N GLU G 654 -103.09 87.63 43.77
CA GLU G 654 -103.63 88.25 44.96
C GLU G 654 -103.35 89.74 44.93
N GLY G 655 -104.42 90.53 44.84
CA GLY G 655 -104.28 91.97 44.74
C GLY G 655 -103.99 92.49 43.35
N SER G 656 -104.11 91.64 42.33
CA SER G 656 -103.84 92.08 40.96
C SER G 656 -104.95 93.01 40.48
N THR G 657 -104.61 93.83 39.49
CA THR G 657 -105.52 94.82 38.94
C THR G 657 -106.30 94.30 37.73
N GLN G 658 -106.13 93.04 37.35
CA GLN G 658 -106.75 92.50 36.15
C GLN G 658 -108.11 91.89 36.46
N TYR G 659 -109.01 91.98 35.49
CA TYR G 659 -110.31 91.35 35.59
C TYR G 659 -110.17 89.83 35.44
N GLY G 660 -111.20 89.11 35.86
CA GLY G 660 -111.10 87.67 35.96
C GLY G 660 -111.71 86.86 34.84
N LYS G 661 -112.69 87.42 34.13
CA LYS G 661 -113.42 86.68 33.11
C LYS G 661 -113.27 87.37 31.77
N TRP G 662 -112.93 86.58 30.75
CA TRP G 662 -112.61 87.12 29.42
C TRP G 662 -113.25 86.26 28.36
N TYR G 663 -113.41 86.84 27.17
CA TYR G 663 -114.16 86.21 26.10
C TYR G 663 -113.62 86.68 24.75
N PHE G 664 -113.51 85.74 23.81
CA PHE G 664 -113.15 86.08 22.43
C PHE G 664 -113.70 85.01 21.51
N GLU G 665 -113.76 85.35 20.22
CA GLU G 665 -114.29 84.45 19.21
C GLU G 665 -113.33 84.36 18.03
N VAL G 666 -113.34 83.19 17.39
CA VAL G 666 -112.56 82.94 16.18
C VAL G 666 -113.49 82.41 15.11
N MET G 667 -113.54 83.07 13.97
CA MET G 667 -114.39 82.66 12.86
C MET G 667 -113.54 82.04 11.77
N VAL G 668 -113.95 80.86 11.31
CA VAL G 668 -113.21 80.11 10.30
C VAL G 668 -113.76 80.50 8.93
N ASP G 669 -112.88 81.00 8.06
CA ASP G 669 -113.26 81.44 6.73
C ASP G 669 -112.94 80.44 5.63
N GLU G 670 -111.80 79.74 5.73
CA GLU G 670 -111.40 78.82 4.67
C GLU G 670 -110.50 77.76 5.28
N VAL G 671 -110.87 76.49 5.09
CA VAL G 671 -110.06 75.36 5.54
C VAL G 671 -109.99 74.34 4.41
N VAL G 672 -108.77 73.97 4.01
CA VAL G 672 -108.56 72.87 3.08
C VAL G 672 -108.33 71.61 3.92
N PRO G 673 -109.25 70.65 3.91
CA PRO G 673 -109.12 69.50 4.82
C PRO G 673 -107.83 68.72 4.64
N PHE G 674 -107.37 68.53 3.40
CA PHE G 674 -106.14 67.80 3.12
C PHE G 674 -105.36 68.57 2.06
N LEU G 675 -104.54 69.51 2.51
CA LEU G 675 -103.60 70.15 1.60
C LEU G 675 -102.43 69.23 1.30
N THR G 676 -102.06 68.39 2.26
CA THR G 676 -101.05 67.37 2.09
C THR G 676 -101.62 66.02 2.49
N ALA G 677 -100.79 64.99 2.58
CA ALA G 677 -101.23 63.68 3.00
C ALA G 677 -101.67 63.63 4.46
N GLN G 678 -101.36 64.65 5.24
CA GLN G 678 -101.75 64.73 6.64
C GLN G 678 -102.87 65.74 6.80
N ALA G 679 -103.81 65.45 7.69
CA ALA G 679 -104.97 66.30 7.89
C ALA G 679 -104.55 67.68 8.37
N THR G 680 -105.28 68.69 7.90
CA THR G 680 -104.95 70.07 8.24
C THR G 680 -105.19 70.33 9.72
N HIS G 681 -104.21 70.95 10.36
CA HIS G 681 -104.29 71.26 11.78
C HIS G 681 -104.98 72.60 11.99
N LEU G 682 -105.90 72.65 12.95
CA LEU G 682 -106.55 73.91 13.32
C LEU G 682 -107.17 73.75 14.69
N ARG G 683 -106.65 74.49 15.67
CA ARG G 683 -107.15 74.45 17.03
C ARG G 683 -107.23 75.87 17.58
N VAL G 684 -108.15 76.07 18.52
CA VAL G 684 -108.39 77.36 19.15
C VAL G 684 -108.47 77.16 20.65
N GLY G 685 -107.86 78.07 21.41
CA GLY G 685 -107.94 77.98 22.85
C GLY G 685 -107.09 79.03 23.53
N TRP G 686 -106.70 78.73 24.76
CA TRP G 686 -105.88 79.60 25.58
C TRP G 686 -104.54 78.93 25.89
N ALA G 687 -103.52 79.75 26.14
CA ALA G 687 -102.20 79.24 26.45
C ALA G 687 -101.56 80.13 27.51
N LEU G 688 -100.60 79.56 28.22
CA LEU G 688 -99.91 80.25 29.31
C LEU G 688 -98.56 80.77 28.84
N THR G 689 -98.21 81.98 29.27
CA THR G 689 -96.98 82.61 28.80
C THR G 689 -95.75 81.82 29.22
N GLU G 690 -95.72 81.35 30.47
CA GLU G 690 -94.55 80.66 30.99
C GLU G 690 -94.71 79.16 30.73
N GLY G 691 -94.28 78.74 29.54
CA GLY G 691 -94.27 77.32 29.24
C GLY G 691 -94.70 76.93 27.84
N TYR G 692 -95.60 77.71 27.24
CA TYR G 692 -96.08 77.40 25.89
C TYR G 692 -95.08 77.97 24.90
N SER G 693 -94.12 77.15 24.48
CA SER G 693 -93.09 77.54 23.52
C SER G 693 -92.97 76.45 22.45
N PRO G 694 -93.94 76.37 21.54
CA PRO G 694 -93.88 75.36 20.49
C PRO G 694 -92.91 75.76 19.39
N TYR G 695 -91.86 75.00 19.25
CA TYR G 695 -90.92 75.37 18.20
C TYR G 695 -91.27 74.65 16.90
N PRO G 696 -90.95 75.26 15.75
CA PRO G 696 -91.23 74.59 14.48
C PRO G 696 -90.46 73.28 14.35
N GLY G 697 -91.11 72.29 13.77
CA GLY G 697 -90.46 71.01 13.50
C GLY G 697 -90.80 69.98 14.55
N GLY G 698 -89.78 69.39 15.15
CA GLY G 698 -89.97 68.31 16.09
C GLY G 698 -90.52 68.77 17.42
N GLY G 699 -90.83 67.79 18.26
CA GLY G 699 -91.39 68.07 19.57
C GLY G 699 -92.01 66.82 20.16
N GLU G 700 -93.03 67.04 20.99
CA GLU G 700 -93.70 65.93 21.65
C GLU G 700 -94.47 65.10 20.63
N GLY G 701 -94.55 63.80 20.89
CA GLY G 701 -95.30 62.92 20.01
C GLY G 701 -94.66 62.85 18.64
N TRP G 702 -95.45 63.19 17.62
CA TRP G 702 -95.03 63.15 16.23
C TRP G 702 -94.90 64.56 15.66
N GLY G 703 -94.52 65.52 16.49
CA GLY G 703 -94.35 66.87 16.02
C GLY G 703 -95.67 67.54 15.71
N GLY G 704 -95.56 68.68 15.04
CA GLY G 704 -96.73 69.48 14.73
C GLY G 704 -97.44 69.96 15.98
N ASN G 705 -96.69 70.37 16.99
CA ASN G 705 -97.28 70.73 18.26
C ASN G 705 -97.99 72.08 18.17
N GLY G 706 -99.21 72.13 18.68
CA GLY G 706 -100.01 73.33 18.71
C GLY G 706 -100.65 73.53 20.06
N VAL G 707 -101.89 74.02 20.04
CA VAL G 707 -102.62 74.22 21.28
C VAL G 707 -103.09 72.88 21.81
N GLY G 708 -102.84 72.63 23.09
CA GLY G 708 -103.20 71.39 23.71
C GLY G 708 -102.18 70.29 23.59
N ASP G 709 -101.04 70.55 22.95
CA ASP G 709 -99.98 69.57 22.83
C ASP G 709 -99.04 69.58 24.01
N ASP G 710 -99.30 70.42 25.01
CA ASP G 710 -98.57 70.41 26.27
C ASP G 710 -99.57 70.71 27.38
N LEU G 711 -99.07 70.83 28.60
CA LEU G 711 -99.92 71.15 29.74
C LEU G 711 -100.00 72.64 30.02
N TYR G 712 -99.50 73.47 29.11
CA TYR G 712 -99.61 74.92 29.21
C TYR G 712 -100.66 75.48 28.27
N SER G 713 -101.31 74.65 27.47
CA SER G 713 -102.27 75.11 26.47
C SER G 713 -103.50 74.23 26.52
N TYR G 714 -104.62 74.80 26.08
CA TYR G 714 -105.93 74.13 26.15
C TYR G 714 -106.70 74.50 24.90
N GLY G 715 -106.89 73.52 24.00
CA GLY G 715 -107.44 73.78 22.69
C GLY G 715 -108.74 73.04 22.42
N PHE G 716 -109.28 73.31 21.23
CA PHE G 716 -110.53 72.72 20.79
C PHE G 716 -110.56 72.76 19.27
N ASP G 717 -110.62 71.60 18.63
CA ASP G 717 -110.54 71.49 17.18
C ASP G 717 -111.88 71.22 16.52
N GLY G 718 -112.97 71.29 17.27
CA GLY G 718 -114.31 71.02 16.76
C GLY G 718 -114.87 69.68 17.19
N LEU G 719 -114.00 68.74 17.51
CA LEU G 719 -114.43 67.42 17.97
C LEU G 719 -113.78 66.98 19.27
N HIS G 720 -112.64 67.55 19.66
CA HIS G 720 -111.92 67.09 20.83
C HIS G 720 -111.46 68.28 21.65
N LEU G 721 -111.23 68.02 22.93
CA LEU G 721 -110.55 68.96 23.82
C LEU G 721 -109.11 68.50 23.96
N TRP G 722 -108.17 69.37 23.60
CA TRP G 722 -106.77 69.03 23.56
C TRP G 722 -106.05 69.63 24.76
N THR G 723 -105.33 68.78 25.50
CA THR G 723 -104.44 69.23 26.55
C THR G 723 -103.47 68.10 26.86
N GLY G 724 -102.20 68.47 27.06
CA GLY G 724 -101.19 67.45 27.33
C GLY G 724 -101.00 66.46 26.21
N HIS G 725 -101.17 66.90 24.96
CA HIS G 725 -100.99 66.05 23.78
C HIS G 725 -101.94 64.86 23.79
N VAL G 726 -103.11 65.01 24.39
CA VAL G 726 -104.12 63.96 24.43
C VAL G 726 -105.44 64.54 23.96
N ALA G 727 -106.08 63.86 23.00
CA ALA G 727 -107.36 64.29 22.45
C ALA G 727 -108.48 63.54 23.15
N ARG G 728 -109.38 64.29 23.79
CA ARG G 728 -110.52 63.70 24.47
C ARG G 728 -111.80 64.12 23.76
N PRO G 729 -112.56 63.17 23.21
CA PRO G 729 -113.75 63.55 22.44
C PRO G 729 -114.76 64.29 23.31
N VAL G 730 -115.39 65.30 22.71
CA VAL G 730 -116.37 66.14 23.38
C VAL G 730 -117.61 66.23 22.52
N THR G 731 -118.77 66.31 23.17
CA THR G 731 -120.05 66.26 22.49
C THR G 731 -120.61 67.67 22.30
N SER G 732 -120.98 67.98 21.07
CA SER G 732 -121.65 69.23 20.73
C SER G 732 -122.73 68.93 19.70
N PRO G 733 -123.80 69.72 19.66
CA PRO G 733 -124.82 69.53 18.63
C PRO G 733 -124.26 69.72 17.23
N GLY G 734 -124.26 68.65 16.44
CA GLY G 734 -123.69 68.70 15.11
C GLY G 734 -122.18 68.68 15.13
N GLN G 735 -121.60 67.64 15.73
CA GLN G 735 -120.16 67.53 15.84
C GLN G 735 -119.52 67.46 14.46
N HIS G 736 -118.44 68.22 14.28
CA HIS G 736 -117.65 68.17 13.07
C HIS G 736 -116.36 68.93 13.29
N LEU G 737 -115.31 68.54 12.58
CA LEU G 737 -114.08 69.29 12.58
C LEU G 737 -114.34 70.70 12.07
N LEU G 738 -113.58 71.66 12.58
CA LEU G 738 -113.79 73.06 12.23
C LEU G 738 -113.81 73.25 10.73
N ALA G 739 -114.85 73.91 10.25
CA ALA G 739 -115.15 74.05 8.83
C ALA G 739 -115.41 75.53 8.56
N PRO G 740 -115.36 75.94 7.29
CA PRO G 740 -115.64 77.35 6.98
C PRO G 740 -117.02 77.76 7.47
N GLU G 741 -117.10 79.03 7.88
CA GLU G 741 -118.28 79.68 8.45
C GLU G 741 -118.61 79.20 9.85
N ASP G 742 -117.68 78.55 10.53
CA ASP G 742 -117.85 78.18 11.93
C ASP G 742 -117.31 79.28 12.83
N VAL G 743 -118.00 79.52 13.93
CA VAL G 743 -117.59 80.52 14.92
C VAL G 743 -117.35 79.80 16.24
N VAL G 744 -116.14 79.95 16.78
CA VAL G 744 -115.76 79.31 18.03
C VAL G 744 -115.64 80.39 19.09
N SER G 745 -116.34 80.21 20.20
CA SER G 745 -116.34 81.16 21.31
C SER G 745 -115.61 80.52 22.49
N CYS G 746 -114.56 81.19 22.96
CA CYS G 746 -113.76 80.68 24.08
C CYS G 746 -113.97 81.57 25.29
N CYS G 747 -114.32 80.97 26.41
CA CYS G 747 -114.56 81.68 27.66
C CYS G 747 -113.52 81.27 28.68
N LEU G 748 -112.90 82.26 29.32
CA LEU G 748 -111.92 82.03 30.38
C LEU G 748 -112.45 82.65 31.65
N ASP G 749 -112.52 81.86 32.71
CA ASP G 749 -112.98 82.31 34.02
C ASP G 749 -111.89 81.97 35.02
N LEU G 750 -111.02 82.93 35.32
CA LEU G 750 -109.89 82.69 36.20
C LEU G 750 -110.30 82.46 37.65
N SER G 751 -111.55 82.75 38.01
CA SER G 751 -111.98 82.58 39.39
C SER G 751 -112.02 81.11 39.80
N VAL G 752 -112.44 80.23 38.88
CA VAL G 752 -112.66 78.83 39.21
C VAL G 752 -111.33 78.09 39.39
N PRO G 753 -110.40 78.07 38.41
CA PRO G 753 -110.43 78.59 37.04
C PRO G 753 -111.09 77.62 36.07
N SER G 754 -111.62 78.08 34.93
CA SER G 754 -112.27 77.20 33.99
C SER G 754 -112.21 77.78 32.59
N ILE G 755 -112.12 76.90 31.60
CA ILE G 755 -112.13 77.27 30.19
C ILE G 755 -113.28 76.51 29.53
N SER G 756 -114.15 77.23 28.84
CA SER G 756 -115.30 76.64 28.18
C SER G 756 -115.41 77.16 26.75
N PHE G 757 -116.05 76.37 25.90
CA PHE G 757 -116.15 76.69 24.49
C PHE G 757 -117.60 76.64 24.04
N ARG G 758 -117.90 77.39 22.98
CA ARG G 758 -119.16 77.29 22.26
C ARG G 758 -118.85 77.37 20.77
N ILE G 759 -119.46 76.49 19.99
CA ILE G 759 -119.28 76.47 18.54
C ILE G 759 -120.62 76.79 17.90
N ASN G 760 -120.67 77.86 17.10
CA ASN G 760 -121.89 78.30 16.44
C ASN G 760 -123.01 78.57 17.43
N GLY G 761 -122.66 78.98 18.64
CA GLY G 761 -123.62 79.30 19.67
C GLY G 761 -124.04 78.14 20.55
N CYS G 762 -123.87 76.91 20.10
CA CYS G 762 -124.29 75.85 21.01
C CYS G 762 -123.15 75.46 21.93
N PRO G 763 -123.46 75.20 23.20
CA PRO G 763 -122.40 74.89 24.18
C PRO G 763 -121.66 73.62 23.83
N VAL G 764 -120.37 73.59 24.15
CA VAL G 764 -119.54 72.42 24.02
C VAL G 764 -119.51 71.74 25.38
N GLN G 765 -119.98 70.49 25.44
CA GLN G 765 -120.18 69.80 26.70
C GLN G 765 -118.85 69.27 27.24
N GLY G 766 -118.00 70.22 27.64
CA GLY G 766 -116.70 69.89 28.20
C GLY G 766 -115.95 71.14 28.60
N VAL G 767 -115.25 71.10 29.74
CA VAL G 767 -114.53 72.25 30.25
C VAL G 767 -113.19 71.82 30.83
N PHE G 768 -112.17 72.64 30.64
CA PHE G 768 -110.95 72.53 31.41
C PHE G 768 -111.11 73.28 32.72
N GLU G 769 -110.56 72.72 33.79
CA GLU G 769 -110.69 73.36 35.09
C GLU G 769 -109.56 72.91 35.99
N ALA G 770 -109.37 73.67 37.07
CA ALA G 770 -108.38 73.34 38.11
C ALA G 770 -106.98 73.20 37.53
N PHE G 771 -106.59 74.14 36.69
CA PHE G 771 -105.25 74.17 36.13
C PHE G 771 -104.39 75.20 36.85
N ASN G 772 -103.12 75.25 36.47
CA ASN G 772 -102.18 76.17 37.10
C ASN G 772 -102.49 77.60 36.70
N LEU G 773 -102.09 78.54 37.58
CA LEU G 773 -102.36 79.95 37.39
C LEU G 773 -101.08 80.78 37.54
N ASP G 774 -99.92 80.18 37.33
CA ASP G 774 -98.64 80.87 37.54
C ASP G 774 -98.14 81.49 36.24
N GLY G 775 -98.97 82.35 35.66
CA GLY G 775 -98.60 83.01 34.43
C GLY G 775 -99.78 83.77 33.85
N LEU G 776 -99.56 84.31 32.66
CA LEU G 776 -100.57 85.07 31.95
C LEU G 776 -101.13 84.22 30.81
N PHE G 777 -102.44 84.37 30.57
CA PHE G 777 -103.13 83.63 29.54
C PHE G 777 -103.37 84.53 28.33
N PHE G 778 -103.22 83.98 27.14
CA PHE G 778 -103.49 84.71 25.92
C PHE G 778 -104.29 83.85 24.95
N PRO G 779 -105.14 84.46 24.14
CA PRO G 779 -105.79 83.72 23.07
C PRO G 779 -104.77 83.22 22.06
N VAL G 780 -105.02 82.04 21.52
CA VAL G 780 -104.07 81.42 20.60
C VAL G 780 -104.83 80.54 19.63
N VAL G 781 -104.37 80.52 18.39
CA VAL G 781 -104.82 79.56 17.38
C VAL G 781 -103.60 78.87 16.81
N SER G 782 -103.65 77.55 16.71
CA SER G 782 -102.61 76.76 16.08
C SER G 782 -103.15 76.20 14.77
N PHE G 783 -102.31 76.18 13.75
CA PHE G 783 -102.79 75.80 12.43
C PHE G 783 -101.63 75.28 11.60
N SER G 784 -101.98 74.42 10.65
CA SER G 784 -101.10 74.03 9.58
C SER G 784 -101.40 74.89 8.36
N ALA G 785 -100.66 74.67 7.28
CA ALA G 785 -100.92 75.41 6.06
C ALA G 785 -102.27 75.02 5.47
N GLY G 786 -102.96 76.00 4.90
CA GLY G 786 -104.26 75.78 4.32
C GLY G 786 -105.44 76.20 5.15
N VAL G 787 -105.30 77.28 5.93
CA VAL G 787 -106.39 77.78 6.78
C VAL G 787 -106.53 79.28 6.55
N LYS G 788 -107.67 79.81 6.99
CA LYS G 788 -107.92 81.25 6.94
C LYS G 788 -108.96 81.56 8.02
N VAL G 789 -108.50 82.14 9.12
CA VAL G 789 -109.36 82.43 10.26
C VAL G 789 -109.28 83.92 10.57
N ARG G 790 -110.23 84.39 11.37
CA ARG G 790 -110.26 85.77 11.82
C ARG G 790 -110.51 85.81 13.32
N PHE G 791 -109.73 86.62 14.02
CA PHE G 791 -109.93 86.85 15.45
C PHE G 791 -111.02 87.89 15.64
N LEU G 792 -111.96 87.61 16.55
CA LEU G 792 -113.00 88.55 16.92
C LEU G 792 -112.81 88.88 18.39
N LEU G 793 -112.29 90.07 18.66
CA LEU G 793 -111.94 90.48 20.02
C LEU G 793 -112.88 91.54 20.58
N GLY G 794 -113.95 91.89 19.87
CA GLY G 794 -114.89 92.87 20.35
C GLY G 794 -114.47 94.29 20.03
N GLY G 795 -115.38 95.21 20.32
CA GLY G 795 -115.11 96.62 20.07
C GLY G 795 -114.87 96.89 18.59
N ARG G 796 -113.77 97.56 18.30
CA ARG G 796 -113.37 97.86 16.93
C ARG G 796 -112.49 96.79 16.33
N HIS G 797 -112.29 95.67 17.03
CA HIS G 797 -111.42 94.59 16.57
C HIS G 797 -112.22 93.32 16.31
N GLY G 798 -113.42 93.45 15.75
CA GLY G 798 -114.21 92.30 15.40
C GLY G 798 -115.51 92.20 16.17
N GLU G 799 -116.63 92.43 15.49
CA GLU G 799 -117.93 92.36 16.14
C GLU G 799 -118.27 90.90 16.43
N PHE G 800 -118.69 90.63 17.66
CA PHE G 800 -119.01 89.28 18.08
C PHE G 800 -120.23 88.76 17.32
N LYS G 801 -120.13 87.52 16.83
CA LYS G 801 -121.29 86.89 16.22
C LYS G 801 -122.31 86.47 17.27
N PHE G 802 -121.87 86.28 18.51
CA PHE G 802 -122.74 85.86 19.60
C PHE G 802 -122.46 86.69 20.84
N LEU G 803 -123.47 86.82 21.67
CA LEU G 803 -123.34 87.64 22.88
C LEU G 803 -122.46 86.92 23.89
N PRO G 804 -121.43 87.57 24.44
CA PRO G 804 -120.62 86.94 25.46
C PRO G 804 -121.44 86.64 26.70
N PRO G 805 -121.14 85.55 27.40
CA PRO G 805 -121.92 85.21 28.59
C PRO G 805 -121.77 86.28 29.64
N PRO G 806 -122.78 86.47 30.49
CA PRO G 806 -122.78 87.60 31.42
C PRO G 806 -121.57 87.57 32.34
N GLY G 807 -121.02 88.75 32.60
CA GLY G 807 -119.86 88.91 33.44
C GLY G 807 -118.53 88.77 32.73
N TYR G 808 -118.53 88.26 31.49
CA TYR G 808 -117.30 88.06 30.75
C TYR G 808 -116.96 89.31 29.94
N ALA G 809 -115.69 89.66 29.93
CA ALA G 809 -115.25 90.87 29.27
C ALA G 809 -114.63 90.57 27.92
N PRO G 810 -114.90 91.37 26.89
CA PRO G 810 -114.23 91.19 25.61
C PRO G 810 -112.72 91.36 25.75
N CYS G 811 -111.98 90.58 24.96
CA CYS G 811 -110.53 90.56 25.09
C CYS G 811 -109.87 91.86 24.66
N HIS G 812 -110.52 92.65 23.82
CA HIS G 812 -109.92 93.91 23.39
C HIS G 812 -109.76 94.89 24.54
N GLU G 813 -110.49 94.70 25.64
CA GLU G 813 -110.35 95.56 26.81
C GLU G 813 -109.07 95.31 27.59
N ALA G 814 -108.36 94.22 27.29
CA ALA G 814 -107.17 93.84 28.04
C ALA G 814 -105.88 94.35 27.43
N VAL G 815 -105.95 95.12 26.34
CA VAL G 815 -104.73 95.66 25.75
C VAL G 815 -104.17 96.73 26.65
N LEU G 816 -102.86 96.66 26.90
CA LEU G 816 -102.24 97.55 27.86
C LEU G 816 -102.11 98.97 27.30
N PRO G 817 -102.02 99.98 28.17
CA PRO G 817 -101.94 101.37 27.68
C PRO G 817 -100.74 101.65 26.82
N ARG G 818 -99.63 100.95 27.01
CA ARG G 818 -98.41 101.21 26.28
C ARG G 818 -98.28 100.40 25.00
N GLU G 819 -99.29 99.60 24.65
CA GLU G 819 -99.22 98.76 23.46
C GLU G 819 -100.49 98.91 22.64
N ARG G 820 -100.34 98.82 21.32
CA ARG G 820 -101.45 98.68 20.40
C ARG G 820 -101.75 97.20 20.19
N LEU G 821 -102.99 96.90 19.82
CA LEU G 821 -103.38 95.52 19.57
C LEU G 821 -102.78 95.04 18.25
N ARG G 822 -102.29 93.80 18.24
CA ARG G 822 -101.69 93.23 17.03
C ARG G 822 -101.67 91.72 17.18
N LEU G 823 -101.32 91.07 16.08
CA LEU G 823 -101.17 89.61 16.03
C LEU G 823 -99.70 89.29 15.80
N GLU G 824 -99.16 88.39 16.61
CA GLU G 824 -97.73 88.10 16.61
C GLU G 824 -97.51 86.61 16.78
N PRO G 825 -96.37 86.10 16.35
CA PRO G 825 -96.00 84.72 16.69
C PRO G 825 -95.67 84.57 18.16
N ILE G 826 -95.29 83.38 18.59
CA ILE G 826 -95.03 83.09 19.99
C ILE G 826 -93.58 82.60 20.10
N LYS G 827 -92.74 83.40 20.77
CA LYS G 827 -91.35 83.04 21.03
C LYS G 827 -90.62 82.64 19.76
N GLU G 828 -90.56 83.57 18.82
CA GLU G 828 -89.86 83.32 17.56
C GLU G 828 -88.38 83.61 17.71
N TYR G 829 -87.55 82.75 17.12
CA TYR G 829 -86.11 82.96 17.06
C TYR G 829 -85.67 83.46 15.69
N ARG G 830 -86.62 83.81 14.83
CA ARG G 830 -86.32 84.13 13.44
C ARG G 830 -87.49 84.88 12.86
N ARG G 831 -87.21 85.86 11.99
CA ARG G 831 -88.26 86.57 11.29
C ARG G 831 -87.69 87.11 9.99
N GLU G 832 -88.58 87.41 9.05
CA GLU G 832 -88.17 87.96 7.77
C GLU G 832 -87.77 89.42 7.92
N GLY G 833 -86.85 89.86 7.08
CA GLY G 833 -86.37 91.23 7.10
C GLY G 833 -86.20 91.79 5.71
N PRO G 834 -85.70 93.03 5.62
CA PRO G 834 -85.51 93.64 4.29
C PRO G 834 -84.47 92.91 3.44
N ARG G 835 -83.27 92.71 3.98
CA ARG G 835 -82.20 92.08 3.22
C ARG G 835 -82.09 90.58 3.47
N GLY G 836 -82.93 90.02 4.34
CA GLY G 836 -82.86 88.62 4.65
C GLY G 836 -83.43 88.31 6.01
N PRO G 837 -83.33 87.05 6.45
CA PRO G 837 -83.88 86.68 7.76
C PRO G 837 -83.14 87.39 8.88
N HIS G 838 -83.89 87.68 9.94
CA HIS G 838 -83.35 88.31 11.14
C HIS G 838 -83.37 87.31 12.29
N LEU G 839 -82.24 87.14 12.94
CA LEU G 839 -82.18 86.32 14.14
C LEU G 839 -82.71 87.12 15.32
N VAL G 840 -83.52 86.47 16.15
CA VAL G 840 -84.22 87.11 17.26
C VAL G 840 -83.85 86.40 18.55
N GLY G 841 -83.51 87.19 19.57
CA GLY G 841 -83.24 86.65 20.87
C GLY G 841 -84.52 86.40 21.64
N PRO G 842 -84.39 85.96 22.89
CA PRO G 842 -85.58 85.72 23.70
C PRO G 842 -86.40 87.00 23.89
N SER G 843 -87.69 86.83 24.05
CA SER G 843 -88.62 87.95 24.19
C SER G 843 -88.89 88.22 25.66
N ARG G 844 -88.82 89.49 26.04
CA ARG G 844 -89.19 89.88 27.39
C ARG G 844 -90.69 89.70 27.59
N CYS G 845 -91.07 89.01 28.66
CA CYS G 845 -92.46 88.70 28.91
C CYS G 845 -92.85 89.16 30.31
N LEU G 846 -94.05 89.71 30.42
CA LEU G 846 -94.58 90.13 31.71
C LEU G 846 -94.98 88.91 32.54
N SER G 847 -95.15 89.14 33.84
CA SER G 847 -95.62 88.12 34.76
C SER G 847 -96.96 88.55 35.34
N HIS G 848 -97.71 87.57 35.85
CA HIS G 848 -98.98 87.90 36.48
C HIS G 848 -98.79 88.74 37.73
N THR G 849 -97.60 88.75 38.30
CA THR G 849 -97.32 89.58 39.46
C THR G 849 -96.96 91.01 39.09
N ASP G 850 -96.69 91.28 37.81
CA ASP G 850 -96.41 92.65 37.38
C ASP G 850 -97.64 93.53 37.44
N PHE G 851 -98.84 92.96 37.54
CA PHE G 851 -100.08 93.71 37.65
C PHE G 851 -100.50 93.92 39.09
N VAL G 852 -99.69 93.48 40.05
CA VAL G 852 -99.96 93.65 41.47
C VAL G 852 -99.22 94.90 41.93
N PRO G 853 -99.91 95.99 42.28
CA PRO G 853 -99.21 97.17 42.78
C PRO G 853 -98.56 96.89 44.13
N CYS G 854 -97.32 97.33 44.26
CA CYS G 854 -96.52 97.08 45.47
C CYS G 854 -95.95 98.40 45.98
N PRO G 855 -96.78 99.21 46.63
CA PRO G 855 -96.27 100.46 47.19
C PRO G 855 -95.34 100.21 48.37
N VAL G 856 -94.50 101.20 48.65
CA VAL G 856 -93.57 101.07 49.77
C VAL G 856 -94.36 101.03 51.08
N ASP G 857 -93.78 100.39 52.08
CA ASP G 857 -94.46 100.21 53.36
C ASP G 857 -94.55 101.55 54.09
N THR G 858 -95.74 101.86 54.59
CA THR G 858 -95.99 103.08 55.35
C THR G 858 -96.59 102.77 56.72
N VAL G 859 -96.32 101.57 57.24
CA VAL G 859 -96.82 101.19 58.56
C VAL G 859 -96.20 102.08 59.63
N GLN G 860 -94.93 102.44 59.46
CA GLN G 860 -94.24 103.30 60.41
C GLN G 860 -94.80 104.72 60.28
N ILE G 861 -95.94 104.93 60.92
CA ILE G 861 -96.61 106.25 60.89
C ILE G 861 -96.01 107.05 62.03
N VAL G 862 -94.85 107.64 61.76
CA VAL G 862 -94.14 108.48 62.72
C VAL G 862 -93.58 109.68 61.94
N LEU G 863 -94.29 110.77 61.97
CA LEU G 863 -93.77 111.92 61.27
C LEU G 863 -93.29 112.97 62.26
N PRO G 864 -92.27 113.74 61.90
CA PRO G 864 -91.84 114.83 62.76
C PRO G 864 -92.98 115.81 62.97
N PRO G 865 -93.12 116.35 64.19
CA PRO G 865 -94.25 117.26 64.45
C PRO G 865 -94.23 118.49 63.55
N HIS G 866 -93.05 118.96 63.17
CA HIS G 866 -92.96 120.08 62.24
C HIS G 866 -93.39 119.66 60.84
N LEU G 867 -93.14 118.40 60.46
CA LEU G 867 -93.63 117.90 59.18
C LEU G 867 -95.12 117.60 59.24
N GLU G 868 -95.64 117.25 60.42
CA GLU G 868 -97.05 116.93 60.56
C GLU G 868 -97.93 118.15 60.28
N ARG G 869 -97.53 119.32 60.79
CA ARG G 869 -98.34 120.51 60.61
C ARG G 869 -98.35 120.95 59.15
N ILE G 870 -97.22 120.81 58.45
CA ILE G 870 -97.16 121.16 57.03
C ILE G 870 -97.79 120.10 56.15
N ARG G 871 -98.07 118.91 56.69
CA ARG G 871 -98.72 117.87 55.90
C ARG G 871 -100.11 118.31 55.47
N GLU G 872 -100.87 118.91 56.39
CA GLU G 872 -102.17 119.46 56.02
C GLU G 872 -102.03 120.63 55.07
N LYS G 873 -101.01 121.48 55.29
CA LYS G 873 -100.77 122.61 54.40
C LYS G 873 -100.39 122.15 53.00
N LEU G 874 -99.58 121.10 52.89
CA LEU G 874 -99.22 120.59 51.57
C LEU G 874 -100.46 120.16 50.80
N ALA G 875 -101.46 119.60 51.49
CA ALA G 875 -102.72 119.25 50.85
C ALA G 875 -103.42 120.48 50.31
N GLU G 876 -103.41 121.59 51.06
CA GLU G 876 -104.07 122.81 50.60
C GLU G 876 -103.45 123.33 49.31
N ASN G 877 -102.11 123.34 49.25
CA ASN G 877 -101.46 123.85 48.04
C ASN G 877 -101.72 122.94 46.85
N ILE G 878 -101.47 121.64 46.99
CA ILE G 878 -101.63 120.73 45.86
C ILE G 878 -103.07 120.70 45.38
N HIS G 879 -104.03 120.98 46.27
CA HIS G 879 -105.41 121.15 45.85
C HIS G 879 -105.54 122.29 44.85
N GLU G 880 -104.70 123.32 45.00
CA GLU G 880 -104.81 124.48 44.12
C GLU G 880 -104.23 124.21 42.75
N LEU G 881 -103.06 123.57 42.68
CA LEU G 881 -102.45 123.32 41.37
C LEU G 881 -103.31 122.42 40.50
N TRP G 882 -103.84 121.32 41.06
CA TRP G 882 -104.61 120.42 40.23
C TRP G 882 -106.01 120.98 39.99
N ALA G 883 -106.42 121.96 40.81
CA ALA G 883 -107.55 122.79 40.44
C ALA G 883 -107.15 123.82 39.39
N LEU G 884 -105.94 124.36 39.51
CA LEU G 884 -105.45 125.30 38.50
C LEU G 884 -105.38 124.65 37.13
N THR G 885 -104.94 123.39 37.07
CA THR G 885 -104.93 122.67 35.81
C THR G 885 -106.34 122.48 35.26
N ARG G 886 -107.33 122.36 36.15
CA ARG G 886 -108.71 122.27 35.70
C ARG G 886 -109.17 123.58 35.05
N ILE G 887 -108.63 124.71 35.49
CA ILE G 887 -108.87 125.97 34.79
C ILE G 887 -108.34 125.91 33.37
N GLU G 888 -107.13 125.37 33.20
CA GLU G 888 -106.57 125.22 31.86
C GLU G 888 -107.43 124.29 31.02
N GLN G 889 -108.12 123.34 31.66
CA GLN G 889 -109.05 122.47 30.96
C GLN G 889 -110.44 123.09 30.79
N GLY G 890 -110.72 124.18 31.49
CA GLY G 890 -111.97 124.89 31.33
C GLY G 890 -112.97 124.74 32.47
N TRP G 891 -112.55 124.26 33.64
CA TRP G 891 -113.47 124.08 34.75
C TRP G 891 -113.86 125.41 35.36
N THR G 892 -115.08 125.47 35.91
CA THR G 892 -115.58 126.61 36.65
C THR G 892 -116.13 126.12 37.99
N TYR G 893 -116.65 127.03 38.80
CA TYR G 893 -117.22 126.60 40.07
C TYR G 893 -118.57 125.94 39.85
N GLY G 894 -118.94 125.06 40.77
CA GLY G 894 -120.27 124.49 40.77
C GLY G 894 -120.54 123.67 42.02
N PRO G 895 -121.79 123.71 42.49
CA PRO G 895 -122.17 122.83 43.60
C PRO G 895 -122.00 121.36 43.26
N VAL G 896 -122.08 121.01 41.99
CA VAL G 896 -121.81 119.66 41.51
C VAL G 896 -120.37 119.61 41.01
N ARG G 897 -119.71 118.48 41.27
CA ARG G 897 -118.34 118.24 40.84
C ARG G 897 -118.37 117.23 39.69
N ASP G 898 -118.28 117.72 38.47
CA ASP G 898 -118.32 116.88 37.28
C ASP G 898 -117.20 117.27 36.33
N ASP G 899 -116.60 116.27 35.70
CA ASP G 899 -115.56 116.53 34.71
C ASP G 899 -116.16 117.10 33.42
N ASN G 900 -117.26 116.51 32.94
CA ASN G 900 -117.88 116.99 31.72
C ASN G 900 -118.55 118.34 31.92
N LYS G 901 -119.23 118.54 33.04
CA LYS G 901 -119.93 119.79 33.29
C LYS G 901 -118.97 120.91 33.64
N ARG G 902 -117.73 120.59 34.01
CA ARG G 902 -116.70 121.58 34.34
C ARG G 902 -117.16 122.51 35.45
N LEU G 903 -117.82 121.94 36.46
CA LEU G 903 -118.24 122.68 37.65
C LEU G 903 -117.53 122.07 38.85
N HIS G 904 -117.05 122.91 39.77
CA HIS G 904 -116.20 122.41 40.83
C HIS G 904 -116.30 123.27 42.09
N PRO G 905 -116.81 122.72 43.20
CA PRO G 905 -116.90 123.53 44.43
C PRO G 905 -115.54 123.95 44.97
N CYS G 906 -114.52 123.11 44.80
CA CYS G 906 -113.18 123.38 45.27
C CYS G 906 -112.50 124.54 44.52
N LEU G 907 -112.99 124.88 43.33
CA LEU G 907 -112.28 125.81 42.47
C LEU G 907 -112.63 127.26 42.81
N VAL G 908 -112.39 127.66 44.06
CA VAL G 908 -112.52 129.06 44.45
C VAL G 908 -111.23 129.51 45.12
N ASN G 909 -110.84 128.80 46.18
CA ASN G 909 -109.61 129.11 46.92
C ASN G 909 -109.30 127.91 47.81
N PHE G 910 -108.05 127.86 48.29
CA PHE G 910 -107.66 126.81 49.21
C PHE G 910 -108.43 126.91 50.53
N HIS G 911 -108.61 128.13 51.04
CA HIS G 911 -109.40 128.30 52.27
C HIS G 911 -110.89 128.22 51.98
N SER G 912 -111.32 128.71 50.80
CA SER G 912 -112.74 128.68 50.46
C SER G 912 -113.23 127.27 50.17
N LEU G 913 -112.35 126.38 49.72
CA LEU G 913 -112.75 125.01 49.44
C LEU G 913 -113.13 124.33 50.75
N PRO G 914 -114.22 123.56 50.79
CA PRO G 914 -114.68 122.97 52.05
C PRO G 914 -113.63 122.06 52.68
N GLU G 915 -113.50 122.15 54.00
CA GLU G 915 -112.53 121.32 54.71
C GLU G 915 -112.78 119.83 54.56
N PRO G 916 -114.01 119.31 54.66
CA PRO G 916 -114.21 117.87 54.38
C PRO G 916 -113.75 117.47 52.99
N GLU G 917 -113.94 118.34 51.99
CA GLU G 917 -113.38 118.07 50.67
C GLU G 917 -111.85 118.13 50.72
N ARG G 918 -111.30 119.01 51.54
CA ARG G 918 -109.85 119.08 51.70
C ARG G 918 -109.33 117.79 52.33
N ASN G 919 -110.00 117.29 53.35
CA ASN G 919 -109.56 116.08 54.05
C ASN G 919 -109.70 114.82 53.20
N TYR G 920 -110.34 114.91 52.04
CA TYR G 920 -110.37 113.78 51.13
C TYR G 920 -108.97 113.36 50.72
N ASN G 921 -108.10 114.34 50.44
CA ASN G 921 -106.73 114.07 50.03
C ASN G 921 -105.72 114.16 51.17
N LEU G 922 -106.15 114.47 52.40
CA LEU G 922 -105.22 114.50 53.52
C LEU G 922 -104.59 113.13 53.76
N GLN G 923 -105.38 112.06 53.61
CA GLN G 923 -104.82 110.72 53.77
C GLN G 923 -103.68 110.48 52.78
N MET G 924 -103.93 110.76 51.49
CA MET G 924 -102.86 110.65 50.51
C MET G 924 -101.77 111.69 50.75
N SER G 925 -102.16 112.93 51.09
CA SER G 925 -101.16 113.98 51.32
C SER G 925 -100.23 113.61 52.47
N GLY G 926 -100.78 113.01 53.53
CA GLY G 926 -99.94 112.52 54.60
C GLY G 926 -98.98 111.44 54.13
N GLU G 927 -99.43 110.60 53.20
CA GLU G 927 -98.55 109.57 52.66
C GLU G 927 -97.39 110.16 51.88
N THR G 928 -97.59 111.28 51.19
CA THR G 928 -96.51 111.89 50.43
C THR G 928 -95.33 112.22 51.34
N LEU G 929 -95.59 112.90 52.45
CA LEU G 929 -94.51 113.21 53.39
C LEU G 929 -93.98 111.96 54.06
N LYS G 930 -94.86 110.99 54.33
CA LYS G 930 -94.43 109.75 54.96
C LYS G 930 -93.52 108.94 54.03
N THR G 931 -93.67 109.13 52.71
CA THR G 931 -92.93 108.33 51.75
C THR G 931 -91.43 108.62 51.78
N LEU G 932 -91.04 109.90 51.87
CA LEU G 932 -89.62 110.22 51.90
C LEU G 932 -88.94 109.55 53.09
N LEU G 933 -89.62 109.55 54.24
CA LEU G 933 -89.13 108.78 55.37
C LEU G 933 -89.08 107.29 55.05
N ALA G 934 -90.13 106.77 54.42
CA ALA G 934 -90.14 105.37 54.01
C ALA G 934 -89.11 105.11 52.91
N LEU G 935 -89.00 106.02 51.94
CA LEU G 935 -88.05 105.84 50.85
C LEU G 935 -86.60 106.02 51.29
N GLY G 936 -86.37 106.50 52.51
CA GLY G 936 -85.03 106.73 53.00
C GLY G 936 -84.54 108.16 52.90
N CYS G 937 -85.33 109.06 52.33
CA CYS G 937 -84.92 110.45 52.22
C CYS G 937 -84.89 111.11 53.60
N HIS G 938 -83.89 111.97 53.81
CA HIS G 938 -83.77 112.71 55.05
C HIS G 938 -84.37 114.10 54.86
N VAL G 939 -85.42 114.40 55.61
CA VAL G 939 -86.14 115.66 55.51
C VAL G 939 -86.31 116.24 56.90
N GLY G 940 -86.02 117.54 57.04
CA GLY G 940 -86.11 118.21 58.32
C GLY G 940 -86.38 119.69 58.15
N MET G 941 -86.42 120.38 59.29
CA MET G 941 -86.69 121.82 59.32
C MET G 941 -85.40 122.58 59.06
N ALA G 942 -84.98 122.58 57.80
CA ALA G 942 -83.80 123.36 57.42
C ALA G 942 -84.07 124.86 57.53
N ASP G 943 -85.24 125.30 57.06
CA ASP G 943 -85.59 126.72 57.06
C ASP G 943 -87.00 126.89 57.58
N GLU G 944 -87.18 127.86 58.48
CA GLU G 944 -88.49 128.27 58.96
C GLU G 944 -88.90 129.66 58.48
N LYS G 945 -87.95 130.58 58.36
CA LYS G 945 -88.26 131.91 57.83
C LYS G 945 -88.67 131.84 56.37
N ALA G 946 -88.19 130.86 55.62
CA ALA G 946 -88.60 130.71 54.23
C ALA G 946 -90.09 130.36 54.15
N GLU G 947 -90.57 129.53 55.06
CA GLU G 947 -91.99 129.21 55.11
C GLU G 947 -92.82 130.46 55.41
N ASP G 948 -92.32 131.31 56.30
CA ASP G 948 -93.07 132.50 56.70
C ASP G 948 -93.24 133.48 55.54
N ASN G 949 -92.19 133.67 54.74
CA ASN G 949 -92.20 134.64 53.65
C ASN G 949 -92.04 133.92 52.32
N LEU G 950 -93.10 133.91 51.53
CA LEU G 950 -93.07 133.32 50.20
C LEU G 950 -94.10 134.02 49.32
N LYS G 951 -93.77 134.17 48.04
CA LYS G 951 -94.70 134.75 47.09
C LYS G 951 -95.83 133.78 46.78
N LYS G 952 -96.97 134.33 46.36
CA LYS G 952 -98.15 133.53 46.05
C LYS G 952 -98.58 133.82 44.61
N THR G 953 -98.52 132.79 43.76
CA THR G 953 -99.03 132.91 42.41
C THR G 953 -100.55 132.83 42.41
N LYS G 954 -101.19 133.78 41.73
CA LYS G 954 -102.64 133.83 41.67
C LYS G 954 -103.11 133.65 40.23
N LEU G 955 -104.29 133.06 40.08
CA LEU G 955 -104.84 132.82 38.75
C LEU G 955 -105.11 134.16 38.06
N PRO G 956 -104.84 134.25 36.76
CA PRO G 956 -105.11 135.50 36.04
C PRO G 956 -106.60 135.85 36.06
N LYS G 957 -106.86 137.15 36.14
CA LYS G 957 -108.25 137.63 36.16
C LYS G 957 -108.93 137.38 34.81
N THR G 958 -108.15 137.24 33.74
CA THR G 958 -108.74 136.96 32.43
C THR G 958 -109.20 135.51 32.34
N TYR G 959 -108.35 134.57 32.75
CA TYR G 959 -108.70 133.15 32.79
C TYR G 959 -109.52 132.90 34.06
N MET G 960 -110.77 133.35 34.01
CA MET G 960 -111.56 133.55 35.21
C MET G 960 -112.60 132.46 35.39
N MET G 961 -112.83 132.09 36.65
CA MET G 961 -113.88 131.17 37.05
C MET G 961 -115.08 132.01 37.48
N SER G 962 -116.20 131.36 37.84
CA SER G 962 -117.47 132.06 37.93
C SER G 962 -117.56 132.98 39.16
N ASN G 963 -117.11 132.51 40.32
CA ASN G 963 -117.37 133.26 41.54
C ASN G 963 -116.66 134.62 41.51
N GLY G 964 -115.37 134.63 41.20
CA GLY G 964 -114.63 135.87 41.18
C GLY G 964 -113.48 135.95 42.14
N TYR G 965 -113.11 134.85 42.80
CA TYR G 965 -111.92 134.88 43.64
C TYR G 965 -110.76 134.17 42.93
N LYS G 966 -109.55 134.51 43.34
CA LYS G 966 -108.33 134.05 42.69
C LYS G 966 -107.61 133.07 43.61
N PRO G 967 -107.59 131.77 43.28
CA PRO G 967 -106.79 130.83 44.07
C PRO G 967 -105.32 131.23 44.05
N ALA G 968 -104.65 131.02 45.18
CA ALA G 968 -103.27 131.47 45.37
C ALA G 968 -102.38 130.31 45.81
N PRO G 969 -102.01 129.43 44.89
CA PRO G 969 -100.93 128.48 45.18
C PRO G 969 -99.60 129.20 45.31
N LEU G 970 -98.68 128.56 46.03
CA LEU G 970 -97.39 129.17 46.31
C LEU G 970 -96.63 129.44 45.01
N ASP G 971 -96.07 130.64 44.89
CA ASP G 971 -95.23 131.00 43.76
C ASP G 971 -93.87 130.33 43.94
N LEU G 972 -93.49 129.50 42.97
CA LEU G 972 -92.34 128.61 43.14
C LEU G 972 -91.43 128.63 41.92
N SER G 973 -91.33 129.79 41.25
CA SER G 973 -90.43 129.90 40.11
C SER G 973 -88.97 129.88 40.56
N HIS G 974 -88.69 130.40 41.75
CA HIS G 974 -87.32 130.49 42.23
C HIS G 974 -86.74 129.13 42.62
N VAL G 975 -87.58 128.10 42.73
CA VAL G 975 -87.12 126.81 43.23
C VAL G 975 -86.53 125.99 42.08
N ARG G 976 -85.36 125.40 42.32
CA ARG G 976 -84.72 124.51 41.37
C ARG G 976 -84.46 123.16 42.04
N LEU G 977 -84.49 122.10 41.23
CA LEU G 977 -84.31 120.74 41.71
C LEU G 977 -83.08 120.11 41.08
N THR G 978 -82.30 119.42 41.90
CA THR G 978 -81.12 118.73 41.41
C THR G 978 -81.52 117.52 40.57
N PRO G 979 -80.63 117.05 39.69
CA PRO G 979 -80.92 115.82 38.95
C PRO G 979 -81.21 114.63 39.85
N ALA G 980 -80.54 114.53 41.00
CA ALA G 980 -80.88 113.49 41.97
C ALA G 980 -82.30 113.67 42.48
N GLN G 981 -82.71 114.92 42.73
CA GLN G 981 -84.08 115.18 43.16
C GLN G 981 -85.09 114.81 42.09
N THR G 982 -84.75 115.04 40.81
CA THR G 982 -85.68 114.70 39.73
C THR G 982 -85.89 113.20 39.65
N THR G 983 -84.99 112.41 40.24
CA THR G 983 -85.23 110.98 40.35
C THR G 983 -86.24 110.67 41.45
N LEU G 984 -86.19 111.44 42.54
CA LEU G 984 -87.06 111.17 43.68
C LEU G 984 -88.52 111.37 43.33
N VAL G 985 -88.83 112.41 42.55
CA VAL G 985 -90.22 112.66 42.17
C VAL G 985 -90.75 111.51 41.32
N ASP G 986 -89.91 110.92 40.49
CA ASP G 986 -90.33 109.77 39.70
C ASP G 986 -90.72 108.60 40.59
N ARG G 987 -89.92 108.32 41.61
CA ARG G 987 -90.28 107.27 42.56
C ARG G 987 -91.44 107.71 43.44
N LEU G 988 -91.54 109.01 43.72
CA LEU G 988 -92.69 109.51 44.48
C LEU G 988 -93.98 109.36 43.70
N ALA G 989 -93.96 109.70 42.41
CA ALA G 989 -95.14 109.51 41.57
C ALA G 989 -95.46 108.02 41.42
N GLU G 990 -94.42 107.18 41.37
CA GLU G 990 -94.63 105.75 41.30
C GLU G 990 -95.38 105.23 42.52
N ASN G 991 -94.93 105.61 43.72
CA ASN G 991 -95.55 105.08 44.93
C ASN G 991 -96.95 105.66 45.13
N GLY G 992 -97.15 106.93 44.76
CA GLY G 992 -98.47 107.51 44.88
C GLY G 992 -99.50 106.83 44.00
N HIS G 993 -99.12 106.49 42.77
CA HIS G 993 -100.02 105.76 41.89
C HIS G 993 -100.31 104.37 42.42
N ASN G 994 -99.29 103.68 42.95
CA ASN G 994 -99.47 102.33 43.44
C ASN G 994 -100.41 102.29 44.65
N VAL G 995 -100.28 103.28 45.55
CA VAL G 995 -101.18 103.35 46.69
C VAL G 995 -102.62 103.51 46.24
N TRP G 996 -102.85 104.41 45.28
CA TRP G 996 -104.19 104.59 44.74
C TRP G 996 -104.68 103.32 44.04
N ALA G 997 -103.80 102.67 43.29
CA ALA G 997 -104.20 101.47 42.55
C ALA G 997 -104.59 100.34 43.50
N ARG G 998 -103.78 100.10 44.54
CA ARG G 998 -104.09 99.01 45.45
C ARG G 998 -105.34 99.30 46.27
N ASP G 999 -105.62 100.58 46.53
CA ASP G 999 -106.85 100.92 47.24
C ASP G 999 -108.06 100.64 46.37
N ARG G 1000 -107.98 100.94 45.07
CA ARG G 1000 -109.10 100.68 44.17
C ARG G 1000 -109.34 99.18 44.01
N VAL G 1001 -108.28 98.39 44.00
CA VAL G 1001 -108.43 96.94 43.89
C VAL G 1001 -109.20 96.41 45.09
N ALA G 1002 -108.88 96.90 46.30
CA ALA G 1002 -109.63 96.49 47.48
C ALA G 1002 -111.08 96.94 47.39
N GLN G 1003 -111.37 97.94 46.56
CA GLN G 1003 -112.73 98.40 46.36
C GLN G 1003 -113.42 97.70 45.20
N GLY G 1004 -112.73 96.80 44.49
CA GLY G 1004 -113.33 96.04 43.42
C GLY G 1004 -113.07 96.55 42.02
N TRP G 1005 -112.16 97.51 41.85
CA TRP G 1005 -111.88 98.05 40.53
C TRP G 1005 -110.89 97.17 39.79
N SER G 1006 -110.99 97.20 38.46
CA SER G 1006 -110.13 96.39 37.59
C SER G 1006 -109.80 97.20 36.34
N TYR G 1007 -108.70 96.83 35.70
CA TYR G 1007 -108.26 97.54 34.51
C TYR G 1007 -109.13 97.20 33.31
N SER G 1008 -109.36 98.19 32.45
CA SER G 1008 -110.06 97.99 31.20
C SER G 1008 -109.66 99.11 30.24
N ALA G 1009 -109.46 98.75 28.98
CA ALA G 1009 -109.11 99.76 27.98
C ALA G 1009 -110.23 100.77 27.81
N VAL G 1010 -111.48 100.31 27.92
CA VAL G 1010 -112.65 101.17 27.84
C VAL G 1010 -113.15 101.44 29.25
N GLN G 1011 -113.23 102.71 29.61
CA GLN G 1011 -113.68 103.08 30.96
C GLN G 1011 -115.15 102.71 31.14
N ASP G 1012 -115.47 102.12 32.29
CA ASP G 1012 -116.85 101.76 32.64
C ASP G 1012 -117.01 102.03 34.13
N ILE G 1013 -117.50 103.23 34.46
CA ILE G 1013 -117.64 103.61 35.87
C ILE G 1013 -118.62 102.71 36.62
N PRO G 1014 -119.82 102.41 36.12
CA PRO G 1014 -120.71 101.49 36.85
C PRO G 1014 -120.11 100.11 37.04
N ALA G 1015 -119.28 99.65 36.11
CA ALA G 1015 -118.64 98.35 36.21
C ALA G 1015 -117.32 98.40 36.96
N ARG G 1016 -116.94 99.57 37.47
CA ARG G 1016 -115.71 99.75 38.24
C ARG G 1016 -114.48 99.34 37.42
N ARG G 1017 -114.48 99.73 36.15
CA ARG G 1017 -113.37 99.48 35.25
C ARG G 1017 -112.72 100.80 34.90
N ASN G 1018 -111.40 100.88 35.05
CA ASN G 1018 -110.68 102.14 34.89
C ASN G 1018 -109.48 101.94 33.98
N PRO G 1019 -109.28 102.81 32.98
CA PRO G 1019 -108.11 102.68 32.11
C PRO G 1019 -106.78 102.91 32.82
N ARG G 1020 -106.77 103.59 33.96
CA ARG G 1020 -105.55 103.85 34.69
C ARG G 1020 -105.33 102.87 35.83
N LEU G 1021 -106.19 101.86 35.96
CA LEU G 1021 -106.09 100.89 37.05
C LEU G 1021 -105.00 99.86 36.72
N VAL G 1022 -103.79 100.37 36.54
CA VAL G 1022 -102.63 99.53 36.22
C VAL G 1022 -101.44 100.03 37.01
N PRO G 1023 -100.53 99.13 37.37
CA PRO G 1023 -99.30 99.55 38.05
C PRO G 1023 -98.53 100.59 37.25
N TYR G 1024 -97.64 101.31 37.97
CA TYR G 1024 -97.05 102.52 37.41
C TYR G 1024 -96.19 102.24 36.19
N ARG G 1025 -95.33 101.21 36.23
CA ARG G 1025 -94.47 100.98 35.08
C ARG G 1025 -95.28 100.63 33.83
N LEU G 1026 -96.47 100.07 33.99
CA LEU G 1026 -97.27 99.71 32.82
C LEU G 1026 -98.11 100.87 32.31
N LEU G 1027 -98.12 102.00 32.99
CA LEU G 1027 -98.92 103.14 32.56
C LEU G 1027 -98.26 103.86 31.38
N ASP G 1028 -99.09 104.47 30.54
CA ASP G 1028 -98.57 105.18 29.38
C ASP G 1028 -97.87 106.48 29.81
N GLU G 1029 -96.98 106.95 28.94
CA GLU G 1029 -96.19 108.13 29.26
C GLU G 1029 -97.04 109.38 29.40
N ALA G 1030 -98.17 109.45 28.67
CA ALA G 1030 -99.03 110.62 28.75
C ALA G 1030 -99.56 110.83 30.17
N THR G 1031 -100.04 109.76 30.79
CA THR G 1031 -100.48 109.85 32.18
C THR G 1031 -99.30 109.80 33.15
N LYS G 1032 -98.22 109.10 32.78
CA LYS G 1032 -97.06 109.02 33.66
C LYS G 1032 -96.42 110.39 33.87
N ARG G 1033 -96.32 111.19 32.81
CA ARG G 1033 -95.77 112.53 32.95
C ARG G 1033 -96.70 113.42 33.78
N SER G 1034 -98.02 113.26 33.61
CA SER G 1034 -98.97 114.09 34.35
C SER G 1034 -98.84 113.86 35.85
N ASN G 1035 -98.74 112.59 36.28
CA ASN G 1035 -98.56 112.31 37.70
C ASN G 1035 -97.22 112.83 38.19
N ARG G 1036 -96.19 112.81 37.33
CA ARG G 1036 -94.89 113.31 37.72
C ARG G 1036 -94.92 114.81 37.98
N ASP G 1037 -95.64 115.55 37.14
CA ASP G 1037 -95.71 117.01 37.30
C ASP G 1037 -96.37 117.39 38.62
N SER G 1038 -97.46 116.71 38.97
CA SER G 1038 -98.16 117.04 40.21
C SER G 1038 -97.28 116.77 41.42
N LEU G 1039 -96.56 115.66 41.42
CA LEU G 1039 -95.63 115.39 42.52
C LEU G 1039 -94.46 116.37 42.52
N CYS G 1040 -94.04 116.83 41.34
CA CYS G 1040 -92.95 117.80 41.29
C CYS G 1040 -93.32 119.09 42.03
N GLN G 1041 -94.54 119.57 41.83
CA GLN G 1041 -95.00 120.76 42.56
C GLN G 1041 -95.02 120.50 44.06
N ALA G 1042 -95.44 119.30 44.46
CA ALA G 1042 -95.41 118.94 45.88
C ALA G 1042 -93.98 118.95 46.41
N VAL G 1043 -93.04 118.43 45.63
CA VAL G 1043 -91.63 118.51 46.00
C VAL G 1043 -91.18 119.96 46.00
N ARG G 1044 -91.62 120.74 45.02
CA ARG G 1044 -91.30 122.17 44.97
C ARG G 1044 -91.84 122.88 46.20
N THR G 1045 -93.03 122.51 46.66
CA THR G 1045 -93.62 123.15 47.84
C THR G 1045 -92.77 122.94 49.07
N LEU G 1046 -92.27 121.71 49.26
CA LEU G 1046 -91.34 121.46 50.37
C LEU G 1046 -90.06 122.26 50.19
N LEU G 1047 -89.55 122.33 48.97
CA LEU G 1047 -88.38 123.16 48.68
C LEU G 1047 -88.70 124.64 48.84
N GLY G 1048 -89.92 125.05 48.47
CA GLY G 1048 -90.29 126.45 48.60
C GLY G 1048 -90.25 126.93 50.04
N TYR G 1049 -90.73 126.10 50.97
CA TYR G 1049 -90.61 126.41 52.38
C TYR G 1049 -89.18 126.33 52.90
N GLY G 1050 -88.25 125.81 52.08
CA GLY G 1050 -86.87 125.73 52.47
C GLY G 1050 -86.46 124.46 53.18
N TYR G 1051 -87.33 123.45 53.20
CA TYR G 1051 -86.99 122.20 53.87
C TYR G 1051 -85.88 121.49 53.13
N ASN G 1052 -84.97 120.88 53.89
CA ASN G 1052 -83.90 120.08 53.29
C ASN G 1052 -84.46 118.74 52.83
N ILE G 1053 -84.16 118.38 51.58
CA ILE G 1053 -84.56 117.10 51.01
C ILE G 1053 -83.30 116.37 50.58
N GLU G 1054 -82.99 115.27 51.26
CA GLU G 1054 -81.76 114.52 50.99
C GLU G 1054 -82.10 113.33 50.11
N PRO G 1055 -81.62 113.28 48.86
CA PRO G 1055 -81.86 112.12 48.02
C PRO G 1055 -81.14 110.90 48.55
N PRO G 1056 -81.85 109.80 48.78
CA PRO G 1056 -81.21 108.59 49.30
C PRO G 1056 -80.24 108.00 48.30
N ASP G 1057 -79.23 107.32 48.82
CA ASP G 1057 -78.28 106.58 47.99
C ASP G 1057 -79.03 105.41 47.34
N GLN G 1058 -79.17 105.47 46.02
CA GLN G 1058 -79.95 104.48 45.30
C GLN G 1058 -79.32 103.10 45.43
N GLU G 1059 -80.15 102.09 45.67
CA GLU G 1059 -79.68 100.71 45.80
C GLU G 1059 -80.09 99.92 44.57
N PRO G 1060 -79.14 99.55 43.70
CA PRO G 1060 -79.51 98.79 42.50
C PRO G 1060 -80.02 97.40 42.83
N SER G 1061 -80.87 96.88 41.96
CA SER G 1061 -81.41 95.54 42.11
C SER G 1061 -81.62 94.93 40.74
N GLN G 1062 -81.54 93.60 40.69
CA GLN G 1062 -81.71 92.85 39.44
C GLN G 1062 -82.96 91.99 39.56
N VAL G 1063 -83.97 92.29 38.73
CA VAL G 1063 -85.27 91.65 38.87
C VAL G 1063 -85.20 90.18 38.47
N GLU G 1064 -84.49 89.87 37.39
CA GLU G 1064 -84.44 88.52 36.81
C GLU G 1064 -85.85 88.01 36.51
N ASN G 1065 -86.50 88.71 35.57
CA ASN G 1065 -87.87 88.34 35.18
C ASN G 1065 -87.89 86.96 34.54
N GLN G 1066 -86.91 86.65 33.70
CA GLN G 1066 -86.81 85.35 33.06
C GLN G 1066 -85.82 84.47 33.81
N SER G 1067 -85.86 83.18 33.50
CA SER G 1067 -84.94 82.22 34.11
C SER G 1067 -83.51 82.50 33.63
N ARG G 1068 -82.57 81.73 34.18
CA ARG G 1068 -81.17 81.93 33.81
C ARG G 1068 -80.90 81.54 32.37
N TRP G 1069 -81.59 80.53 31.85
CA TRP G 1069 -81.28 79.99 30.54
C TRP G 1069 -82.00 80.68 29.40
N ASP G 1070 -83.26 81.10 29.60
CA ASP G 1070 -83.97 81.81 28.55
C ASP G 1070 -83.57 83.28 28.54
N ARG G 1071 -82.27 83.53 28.47
CA ARG G 1071 -81.70 84.87 28.37
C ARG G 1071 -80.82 85.05 27.16
N VAL G 1072 -80.03 84.05 26.81
CA VAL G 1072 -79.11 84.11 25.68
C VAL G 1072 -79.43 82.97 24.73
N ARG G 1073 -79.62 83.30 23.45
CA ARG G 1073 -79.89 82.33 22.40
C ARG G 1073 -78.71 82.35 21.44
N ILE G 1074 -78.08 81.20 21.24
CA ILE G 1074 -76.85 81.10 20.46
C ILE G 1074 -77.17 80.47 19.10
N PHE G 1075 -76.70 81.11 18.04
CA PHE G 1075 -76.87 80.60 16.69
C PHE G 1075 -75.49 80.29 16.10
N ARG G 1076 -75.32 79.06 15.61
CA ARG G 1076 -74.06 78.67 14.99
C ARG G 1076 -74.36 77.87 13.73
N ALA G 1077 -73.38 77.87 12.84
CA ALA G 1077 -73.48 77.04 11.64
C ALA G 1077 -73.35 75.57 11.98
N GLU G 1078 -73.77 74.73 11.05
CA GLU G 1078 -73.66 73.29 11.24
C GLU G 1078 -72.19 72.86 11.28
N LYS G 1079 -71.91 71.81 12.06
CA LYS G 1079 -70.55 71.36 12.23
C LYS G 1079 -69.89 70.92 10.93
N SER G 1080 -70.68 70.54 9.93
CA SER G 1080 -70.12 70.14 8.65
C SER G 1080 -69.48 71.31 7.90
N TYR G 1081 -69.73 72.54 8.31
CA TYR G 1081 -69.14 73.71 7.71
C TYR G 1081 -67.87 74.16 8.41
N THR G 1082 -67.35 73.34 9.32
CA THR G 1082 -66.14 73.69 10.06
C THR G 1082 -64.97 73.91 9.12
N VAL G 1083 -64.23 75.00 9.33
CA VAL G 1083 -63.11 75.38 8.48
C VAL G 1083 -61.82 75.22 9.28
N GLN G 1084 -60.85 74.55 8.67
CA GLN G 1084 -59.55 74.34 9.28
C GLN G 1084 -58.40 74.99 8.52
N SER G 1085 -58.69 75.70 7.44
CA SER G 1085 -57.66 76.40 6.69
C SER G 1085 -58.30 77.52 5.89
N GLY G 1086 -57.48 78.42 5.38
CA GLY G 1086 -57.96 79.52 4.57
C GLY G 1086 -58.32 80.75 5.38
N ARG G 1087 -58.73 81.77 4.65
CA ARG G 1087 -59.13 83.04 5.23
C ARG G 1087 -60.59 83.31 4.91
N TRP G 1088 -61.41 83.51 5.95
CA TRP G 1088 -62.85 83.57 5.80
C TRP G 1088 -63.39 84.84 6.42
N TYR G 1089 -64.58 85.24 5.97
CA TYR G 1089 -65.17 86.51 6.31
C TYR G 1089 -66.69 86.39 6.33
N PHE G 1090 -67.32 87.08 7.27
CA PHE G 1090 -68.77 87.22 7.28
C PHE G 1090 -69.13 88.47 8.07
N GLU G 1091 -70.38 88.89 7.92
CA GLU G 1091 -70.87 90.13 8.52
C GLU G 1091 -72.02 89.84 9.47
N PHE G 1092 -72.17 90.72 10.46
CA PHE G 1092 -73.26 90.63 11.43
C PHE G 1092 -73.77 92.03 11.71
N GLU G 1093 -74.94 92.35 11.18
CA GLU G 1093 -75.55 93.66 11.37
C GLU G 1093 -76.31 93.69 12.68
N ALA G 1094 -76.04 94.71 13.49
CA ALA G 1094 -76.71 94.87 14.79
C ALA G 1094 -77.95 95.73 14.58
N VAL G 1095 -79.09 95.06 14.41
CA VAL G 1095 -80.36 95.80 14.31
C VAL G 1095 -80.64 96.54 15.60
N THR G 1096 -80.45 95.86 16.74
CA THR G 1096 -80.53 96.49 18.04
C THR G 1096 -79.12 96.85 18.51
N THR G 1097 -79.04 97.38 19.73
CA THR G 1097 -77.76 97.84 20.28
C THR G 1097 -77.43 97.19 21.62
N GLY G 1098 -78.12 96.12 21.99
CA GLY G 1098 -77.97 95.52 23.29
C GLY G 1098 -76.88 94.46 23.35
N GLU G 1099 -77.08 93.50 24.25
CA GLU G 1099 -76.07 92.48 24.52
C GLU G 1099 -76.14 91.39 23.45
N MET G 1100 -75.28 91.50 22.45
CA MET G 1100 -75.09 90.43 21.47
C MET G 1100 -73.60 90.25 21.22
N ARG G 1101 -73.21 89.01 21.00
CA ARG G 1101 -71.81 88.66 20.75
C ARG G 1101 -71.73 87.91 19.43
N VAL G 1102 -70.66 88.18 18.67
CA VAL G 1102 -70.47 87.55 17.37
C VAL G 1102 -69.01 87.20 17.22
N GLY G 1103 -68.74 86.06 16.59
CA GLY G 1103 -67.37 85.63 16.36
C GLY G 1103 -67.25 84.23 15.81
N TRP G 1104 -66.21 83.53 16.25
CA TRP G 1104 -65.93 82.17 15.79
C TRP G 1104 -65.94 81.22 16.98
N ALA G 1105 -66.45 80.03 16.78
CA ALA G 1105 -66.58 79.04 17.83
C ALA G 1105 -66.12 77.68 17.33
N ARG G 1106 -65.72 76.84 18.27
CA ARG G 1106 -65.34 75.47 17.95
C ARG G 1106 -66.56 74.57 17.88
N PRO G 1107 -66.48 73.47 17.14
CA PRO G 1107 -67.66 72.62 16.95
C PRO G 1107 -68.27 72.08 18.23
N GLU G 1108 -67.46 71.83 19.25
CA GLU G 1108 -67.94 71.26 20.50
C GLU G 1108 -68.45 72.33 21.47
N LEU G 1109 -68.87 73.48 20.94
CA LEU G 1109 -69.38 74.56 21.78
C LEU G 1109 -70.60 74.09 22.57
N ARG G 1110 -70.59 74.39 23.86
CA ARG G 1110 -71.73 74.01 24.70
C ARG G 1110 -72.86 75.00 24.54
N PRO G 1111 -74.12 74.56 24.60
CA PRO G 1111 -75.23 75.49 24.38
C PRO G 1111 -75.59 76.31 25.60
N ASP G 1112 -75.20 75.89 26.80
CA ASP G 1112 -75.62 76.54 28.04
C ASP G 1112 -74.51 77.38 28.68
N VAL G 1113 -73.51 77.79 27.90
CA VAL G 1113 -72.42 78.62 28.40
C VAL G 1113 -72.35 79.88 27.55
N GLU G 1114 -72.17 81.01 28.22
CA GLU G 1114 -72.03 82.28 27.51
C GLU G 1114 -70.84 82.23 26.57
N LEU G 1115 -71.01 82.82 25.39
CA LEU G 1115 -69.94 82.84 24.40
C LEU G 1115 -68.71 83.53 24.96
N GLY G 1116 -67.56 82.89 24.82
CA GLY G 1116 -66.31 83.44 25.27
C GLY G 1116 -66.00 83.25 26.75
N ALA G 1117 -66.98 82.80 27.54
CA ALA G 1117 -66.71 82.49 28.93
C ALA G 1117 -65.78 81.30 29.08
N ASP G 1118 -65.64 80.49 28.03
CA ASP G 1118 -64.72 79.36 28.03
C ASP G 1118 -63.82 79.42 26.81
N GLU G 1119 -63.07 78.36 26.55
CA GLU G 1119 -62.10 78.34 25.47
C GLU G 1119 -62.69 77.91 24.14
N LEU G 1120 -64.02 77.83 24.03
CA LEU G 1120 -64.65 77.29 22.84
C LEU G 1120 -65.17 78.36 21.89
N ALA G 1121 -64.91 79.64 22.15
CA ALA G 1121 -65.38 80.69 21.26
C ALA G 1121 -64.48 81.91 21.37
N TYR G 1122 -64.37 82.65 20.27
CA TYR G 1122 -63.66 83.92 20.20
C TYR G 1122 -64.64 84.93 19.63
N VAL G 1123 -65.36 85.63 20.50
CA VAL G 1123 -66.44 86.51 20.08
C VAL G 1123 -66.10 87.96 20.46
N PHE G 1124 -66.84 88.88 19.86
CA PHE G 1124 -66.73 90.29 20.14
C PHE G 1124 -68.07 90.82 20.63
N ASN G 1125 -68.08 91.37 21.83
CA ASN G 1125 -69.29 91.91 22.44
C ASN G 1125 -69.35 93.40 22.13
N GLY G 1126 -70.22 93.77 21.20
CA GLY G 1126 -70.34 95.14 20.77
C GLY G 1126 -71.22 96.03 21.63
N HIS G 1127 -71.80 95.51 22.70
CA HIS G 1127 -72.61 96.35 23.55
C HIS G 1127 -71.76 97.34 24.33
N ARG G 1128 -70.62 96.88 24.86
CA ARG G 1128 -69.72 97.75 25.60
C ARG G 1128 -68.29 97.64 25.10
N GLY G 1129 -68.08 97.01 23.95
CA GLY G 1129 -66.76 96.90 23.37
C GLY G 1129 -65.84 95.96 24.14
N GLN G 1130 -66.13 94.66 24.09
CA GLN G 1130 -65.29 93.67 24.74
C GLN G 1130 -65.07 92.49 23.80
N ARG G 1131 -63.94 91.82 23.98
CA ARG G 1131 -63.66 90.55 23.31
C ARG G 1131 -63.62 89.46 24.35
N TRP G 1132 -64.24 88.31 24.04
CA TRP G 1132 -64.43 87.25 25.01
C TRP G 1132 -63.75 85.98 24.55
N HIS G 1133 -62.78 85.52 25.35
CA HIS G 1133 -62.23 84.17 25.21
C HIS G 1133 -61.58 83.82 26.54
N LEU G 1134 -62.17 82.88 27.26
CA LEU G 1134 -61.73 82.55 28.62
C LEU G 1134 -61.75 83.79 29.51
N GLY G 1135 -62.77 84.61 29.33
CA GLY G 1135 -62.92 85.85 30.06
C GLY G 1135 -63.06 87.04 29.13
N SER G 1136 -63.21 88.21 29.74
CA SER G 1136 -63.46 89.44 29.02
C SER G 1136 -62.27 90.38 29.16
N GLU G 1137 -62.01 91.15 28.11
CA GLU G 1137 -61.03 92.23 28.13
C GLU G 1137 -61.46 93.27 27.12
N PRO G 1138 -61.26 94.56 27.41
CA PRO G 1138 -61.77 95.62 26.55
C PRO G 1138 -61.19 95.54 25.14
N PHE G 1139 -62.03 95.86 24.16
CA PHE G 1139 -61.62 95.79 22.76
C PHE G 1139 -62.65 96.54 21.92
N GLY G 1140 -62.19 97.48 21.11
CA GLY G 1140 -63.09 98.15 20.20
C GLY G 1140 -64.03 99.12 20.90
N ARG G 1141 -65.09 99.47 20.19
CA ARG G 1141 -66.08 100.45 20.63
C ARG G 1141 -67.48 99.85 20.57
N PRO G 1142 -68.42 100.36 21.36
CA PRO G 1142 -69.80 99.91 21.25
C PRO G 1142 -70.39 100.27 19.89
N TRP G 1143 -71.28 99.41 19.40
CA TRP G 1143 -71.91 99.62 18.11
C TRP G 1143 -73.18 100.44 18.26
N GLN G 1144 -73.76 100.82 17.12
CA GLN G 1144 -75.02 101.52 17.04
C GLN G 1144 -75.98 100.73 16.17
N SER G 1145 -77.22 101.20 16.09
CA SER G 1145 -78.21 100.53 15.27
C SER G 1145 -77.78 100.54 13.81
N GLY G 1146 -77.80 99.37 13.18
CA GLY G 1146 -77.39 99.24 11.80
C GLY G 1146 -75.90 99.04 11.60
N ASP G 1147 -75.09 99.09 12.65
CA ASP G 1147 -73.66 98.86 12.51
C ASP G 1147 -73.41 97.41 12.11
N VAL G 1148 -72.49 97.23 11.17
CA VAL G 1148 -72.15 95.91 10.63
C VAL G 1148 -70.78 95.53 11.14
N VAL G 1149 -70.69 94.38 11.78
CA VAL G 1149 -69.44 93.85 12.29
C VAL G 1149 -68.90 92.85 11.29
N GLY G 1150 -67.66 93.06 10.85
CA GLY G 1150 -67.03 92.15 9.92
C GLY G 1150 -66.07 91.21 10.62
N CYS G 1151 -66.43 89.94 10.73
CA CYS G 1151 -65.61 88.95 11.40
C CYS G 1151 -64.75 88.24 10.38
N MET G 1152 -63.44 88.32 10.56
CA MET G 1152 -62.47 87.68 9.68
C MET G 1152 -61.60 86.74 10.49
N ILE G 1153 -61.36 85.54 9.97
CA ILE G 1153 -60.45 84.58 10.58
C ILE G 1153 -59.39 84.22 9.56
N ASP G 1154 -58.14 84.20 9.99
CA ASP G 1154 -57.00 83.91 9.14
C ASP G 1154 -56.31 82.68 9.71
N LEU G 1155 -56.67 81.51 9.20
CA LEU G 1155 -56.09 80.27 9.69
C LEU G 1155 -54.69 80.02 9.17
N THR G 1156 -54.22 80.81 8.21
CA THR G 1156 -52.82 80.77 7.81
C THR G 1156 -51.93 81.52 8.79
N GLU G 1157 -52.40 82.66 9.32
CA GLU G 1157 -51.66 83.42 10.32
C GLU G 1157 -52.15 83.19 11.74
N ASN G 1158 -53.20 82.39 11.94
CA ASN G 1158 -53.77 82.12 13.25
C ASN G 1158 -54.15 83.42 13.97
N THR G 1159 -54.93 84.25 13.27
CA THR G 1159 -55.37 85.54 13.81
C THR G 1159 -56.85 85.74 13.54
N ILE G 1160 -57.48 86.56 14.36
CA ILE G 1160 -58.89 86.91 14.23
C ILE G 1160 -59.01 88.42 14.24
N ILE G 1161 -59.68 88.97 13.23
CA ILE G 1161 -59.82 90.41 13.05
C ILE G 1161 -61.30 90.76 13.04
N PHE G 1162 -61.67 91.79 13.77
CA PHE G 1162 -63.02 92.34 13.75
C PHE G 1162 -63.00 93.75 13.19
N THR G 1163 -63.91 94.03 12.27
CA THR G 1163 -64.07 95.35 11.69
C THR G 1163 -65.48 95.84 11.92
N LEU G 1164 -65.60 97.13 12.25
CA LEU G 1164 -66.89 97.77 12.47
C LEU G 1164 -67.11 98.81 11.39
N ASN G 1165 -68.09 98.57 10.52
CA ASN G 1165 -68.41 99.44 9.39
C ASN G 1165 -67.20 99.62 8.49
N GLY G 1166 -66.43 98.55 8.31
CA GLY G 1166 -65.28 98.56 7.44
C GLY G 1166 -64.00 99.07 8.08
N GLU G 1167 -64.05 99.54 9.32
CA GLU G 1167 -62.88 100.03 10.02
C GLU G 1167 -62.43 98.98 11.03
N VAL G 1168 -61.15 98.62 10.96
CA VAL G 1168 -60.63 97.55 11.80
C VAL G 1168 -60.63 97.98 13.26
N LEU G 1169 -61.26 97.19 14.11
CA LEU G 1169 -61.26 97.46 15.53
C LEU G 1169 -59.92 97.04 16.15
N MET G 1170 -59.44 97.85 17.09
CA MET G 1170 -58.16 97.63 17.72
C MET G 1170 -58.33 97.65 19.24
N SER G 1171 -57.41 97.00 19.93
CA SER G 1171 -57.45 96.90 21.39
C SER G 1171 -56.88 98.18 21.99
N ASP G 1172 -56.62 98.17 23.29
CA ASP G 1172 -56.05 99.34 23.96
C ASP G 1172 -54.55 99.38 23.69
N SER G 1173 -54.18 99.19 22.44
CA SER G 1173 -52.80 99.15 21.96
C SER G 1173 -52.87 99.13 20.44
N GLY G 1174 -51.72 98.99 19.79
CA GLY G 1174 -51.70 98.96 18.36
C GLY G 1174 -52.09 97.64 17.74
N SER G 1175 -52.62 96.71 18.54
CA SER G 1175 -52.97 95.38 18.06
C SER G 1175 -54.13 95.49 17.07
N GLU G 1176 -53.85 95.20 15.80
CA GLU G 1176 -54.87 95.16 14.77
C GLU G 1176 -55.68 93.87 14.78
N THR G 1177 -55.26 92.88 15.57
CA THR G 1177 -55.92 91.59 15.64
C THR G 1177 -56.52 91.39 17.02
N ALA G 1178 -57.73 90.84 17.07
CA ALA G 1178 -58.37 90.60 18.35
C ALA G 1178 -57.75 89.41 19.07
N PHE G 1179 -57.42 88.35 18.34
CA PHE G 1179 -56.88 87.15 18.93
C PHE G 1179 -55.71 86.67 18.09
N ARG G 1180 -54.72 86.08 18.76
CA ARG G 1180 -53.49 85.65 18.10
C ARG G 1180 -53.08 84.28 18.63
N GLU G 1181 -52.27 83.59 17.84
CA GLU G 1181 -51.73 82.28 18.20
C GLU G 1181 -52.83 81.29 18.54
N ILE G 1182 -53.90 81.32 17.76
CA ILE G 1182 -55.00 80.39 17.96
C ILE G 1182 -54.68 79.08 17.24
N GLU G 1183 -54.77 77.98 17.98
CA GLU G 1183 -54.58 76.67 17.38
C GLU G 1183 -55.79 76.31 16.53
N ILE G 1184 -55.52 75.74 15.36
CA ILE G 1184 -56.61 75.34 14.46
C ILE G 1184 -57.42 74.21 15.08
N GLY G 1185 -56.74 73.13 15.44
CA GLY G 1185 -57.41 72.02 16.09
C GLY G 1185 -58.49 71.44 15.20
N ASP G 1186 -59.70 71.33 15.76
CA ASP G 1186 -60.81 70.74 15.02
C ASP G 1186 -61.45 71.74 14.06
N GLY G 1187 -61.20 73.04 14.23
CA GLY G 1187 -61.66 74.04 13.30
C GLY G 1187 -62.48 75.10 13.99
N PHE G 1188 -63.19 75.90 13.18
CA PHE G 1188 -63.97 77.02 13.68
C PHE G 1188 -65.27 77.15 12.90
N LEU G 1189 -66.28 77.73 13.55
CA LEU G 1189 -67.58 77.98 12.98
C LEU G 1189 -68.04 79.39 13.32
N PRO G 1190 -68.69 80.09 12.39
CA PRO G 1190 -69.31 81.36 12.73
C PRO G 1190 -70.39 81.17 13.78
N VAL G 1191 -70.48 82.14 14.70
CA VAL G 1191 -71.37 82.00 15.85
C VAL G 1191 -71.83 83.40 16.27
N CYS G 1192 -73.03 83.46 16.81
CA CYS G 1192 -73.57 84.70 17.37
C CYS G 1192 -74.55 84.36 18.47
N SER G 1193 -74.61 85.21 19.48
CA SER G 1193 -75.55 85.07 20.57
C SER G 1193 -76.34 86.36 20.71
N LEU G 1194 -77.63 86.22 21.03
CA LEU G 1194 -78.53 87.35 21.15
C LEU G 1194 -79.20 87.31 22.52
N GLY G 1195 -79.18 88.44 23.22
CA GLY G 1195 -79.82 88.54 24.50
C GLY G 1195 -81.29 88.81 24.36
N PRO G 1196 -81.97 89.07 25.48
CA PRO G 1196 -83.42 89.29 25.43
C PRO G 1196 -83.75 90.57 24.66
N GLY G 1197 -84.71 90.46 23.75
CA GLY G 1197 -85.15 91.60 22.98
C GLY G 1197 -84.18 92.06 21.91
N GLN G 1198 -83.17 91.26 21.61
CA GLN G 1198 -82.13 91.64 20.66
C GLN G 1198 -82.38 91.01 19.31
N VAL G 1199 -82.17 91.79 18.25
CA VAL G 1199 -82.37 91.35 16.89
C VAL G 1199 -81.09 91.62 16.11
N GLY G 1200 -80.62 90.62 15.37
CA GLY G 1200 -79.42 90.76 14.58
C GLY G 1200 -79.57 90.03 13.25
N HIS G 1201 -78.81 90.49 12.27
CA HIS G 1201 -78.81 89.90 10.93
C HIS G 1201 -77.45 89.26 10.68
N LEU G 1202 -77.46 87.99 10.30
CA LEU G 1202 -76.24 87.24 10.03
C LEU G 1202 -76.12 87.02 8.54
N ASN G 1203 -75.03 87.50 7.96
CA ASN G 1203 -74.77 87.38 6.52
C ASN G 1203 -73.49 86.60 6.33
N LEU G 1204 -73.60 85.35 5.91
CA LEU G 1204 -72.44 84.52 5.65
C LEU G 1204 -71.90 84.68 4.25
N GLY G 1205 -72.44 85.61 3.46
CA GLY G 1205 -71.86 85.94 2.18
C GLY G 1205 -72.10 84.94 1.07
N GLN G 1206 -73.25 84.25 1.07
CA GLN G 1206 -73.59 83.42 -0.08
C GLN G 1206 -73.76 84.29 -1.32
N ASP G 1207 -74.40 85.45 -1.17
CA ASP G 1207 -74.49 86.45 -2.22
C ASP G 1207 -73.42 87.49 -1.93
N VAL G 1208 -72.32 87.44 -2.69
CA VAL G 1208 -71.18 88.30 -2.41
C VAL G 1208 -71.56 89.77 -2.59
N SER G 1209 -72.51 90.05 -3.47
CA SER G 1209 -72.95 91.43 -3.66
C SER G 1209 -73.79 91.94 -2.48
N SER G 1210 -74.31 91.04 -1.64
CA SER G 1210 -75.09 91.46 -0.49
C SER G 1210 -74.22 92.00 0.63
N LEU G 1211 -72.96 91.58 0.72
CA LEU G 1211 -72.06 92.09 1.74
C LEU G 1211 -71.84 93.58 1.55
N ARG G 1212 -71.84 94.31 2.67
CA ARG G 1212 -71.83 95.76 2.63
C ARG G 1212 -70.47 96.38 2.86
N PHE G 1213 -69.55 95.68 3.52
CA PHE G 1213 -68.22 96.21 3.79
C PHE G 1213 -67.12 95.23 3.41
N PHE G 1214 -67.44 94.18 2.66
CA PHE G 1214 -66.42 93.21 2.26
C PHE G 1214 -65.43 93.83 1.30
N ALA G 1215 -65.90 94.64 0.36
CA ALA G 1215 -64.99 95.29 -0.58
C ALA G 1215 -64.11 96.32 0.11
N ILE G 1216 -64.66 97.04 1.08
CA ILE G 1216 -63.91 98.07 1.77
C ILE G 1216 -62.76 97.46 2.57
N CYS G 1217 -63.03 96.35 3.27
CA CYS G 1217 -62.01 95.70 4.09
C CYS G 1217 -62.26 94.21 4.06
N GLY G 1218 -61.31 93.46 3.49
CA GLY G 1218 -61.42 92.01 3.44
C GLY G 1218 -61.22 91.43 2.06
N LEU G 1219 -61.70 92.14 1.03
CA LEU G 1219 -61.58 91.63 -0.32
C LEU G 1219 -60.13 91.67 -0.80
N GLN G 1220 -59.45 92.79 -0.60
CA GLN G 1220 -58.07 92.93 -1.04
C GLN G 1220 -57.09 92.16 -0.17
N GLU G 1221 -57.45 91.85 1.07
CA GLU G 1221 -56.57 91.10 1.96
C GLU G 1221 -56.58 89.60 1.69
N GLY G 1222 -57.43 89.14 0.78
CA GLY G 1222 -57.48 87.73 0.44
C GLY G 1222 -58.53 86.92 1.16
N PHE G 1223 -59.36 87.55 1.98
CA PHE G 1223 -60.41 86.83 2.68
C PHE G 1223 -61.57 86.53 1.74
N GLU G 1224 -62.23 85.40 1.99
CA GLU G 1224 -63.38 85.00 1.21
C GLU G 1224 -64.62 84.98 2.09
N PRO G 1225 -65.79 85.24 1.52
CA PRO G 1225 -67.04 85.02 2.27
C PRO G 1225 -67.16 83.57 2.68
N PHE G 1226 -67.75 83.36 3.87
CA PHE G 1226 -67.76 82.02 4.45
C PHE G 1226 -68.52 81.03 3.59
N ALA G 1227 -69.49 81.48 2.81
CA ALA G 1227 -70.33 80.62 1.99
C ALA G 1227 -70.34 81.09 0.55
N ILE G 1228 -69.16 81.37 0.02
CA ILE G 1228 -69.07 82.04 -1.28
C ILE G 1228 -69.64 81.15 -2.39
N ASN G 1229 -69.26 79.88 -2.41
CA ASN G 1229 -69.72 78.95 -3.44
C ASN G 1229 -70.52 77.84 -2.78
N MET G 1230 -71.81 78.12 -2.52
CA MET G 1230 -72.70 77.13 -1.95
C MET G 1230 -74.08 77.35 -2.55
N GLN G 1231 -74.68 76.27 -3.04
CA GLN G 1231 -76.01 76.36 -3.66
CA GLN G 1231 -76.01 76.36 -3.66
C GLN G 1231 -77.07 76.71 -2.63
N ARG G 1232 -77.07 76.02 -1.50
CA ARG G 1232 -78.09 76.28 -0.50
C ARG G 1232 -77.52 77.14 0.63
N PRO G 1233 -78.38 77.89 1.31
CA PRO G 1233 -77.91 78.67 2.47
C PRO G 1233 -77.37 77.74 3.55
N VAL G 1234 -76.40 78.25 4.30
CA VAL G 1234 -75.76 77.45 5.33
C VAL G 1234 -76.78 77.09 6.40
N THR G 1235 -76.84 75.81 6.75
CA THR G 1235 -77.72 75.36 7.82
C THR G 1235 -77.19 75.86 9.15
N THR G 1236 -78.10 76.38 9.99
CA THR G 1236 -77.74 76.92 11.28
C THR G 1236 -78.44 76.13 12.38
N TRP G 1237 -77.73 75.95 13.49
CA TRP G 1237 -78.28 75.34 14.69
C TRP G 1237 -78.35 76.39 15.79
N PHE G 1238 -79.45 76.39 16.53
CA PHE G 1238 -79.65 77.33 17.61
C PHE G 1238 -79.81 76.58 18.93
N SER G 1239 -79.54 77.27 20.02
CA SER G 1239 -79.64 76.70 21.36
C SER G 1239 -81.09 76.79 21.83
N LYS G 1240 -81.77 75.66 21.85
CA LYS G 1240 -83.17 75.61 22.26
C LYS G 1240 -83.24 75.41 23.76
N SER G 1241 -83.88 76.36 24.45
CA SER G 1241 -84.00 76.31 25.91
C SER G 1241 -85.24 75.53 26.34
N LEU G 1242 -85.38 74.32 25.83
CA LEU G 1242 -86.41 73.39 26.27
C LEU G 1242 -85.75 72.25 27.02
N PRO G 1243 -85.92 72.16 28.35
CA PRO G 1243 -85.18 71.15 29.11
C PRO G 1243 -85.51 69.73 28.64
N GLN G 1244 -84.47 68.91 28.56
CA GLN G 1244 -84.59 67.53 28.12
C GLN G 1244 -83.76 66.65 29.04
N PHE G 1245 -84.16 65.39 29.15
CA PHE G 1245 -83.42 64.44 29.96
C PHE G 1245 -82.33 63.79 29.12
N GLU G 1246 -81.10 63.84 29.62
CA GLU G 1246 -79.95 63.26 28.95
C GLU G 1246 -79.17 62.41 29.95
N PRO G 1247 -78.45 61.41 29.48
CA PRO G 1247 -77.65 60.58 30.40
C PRO G 1247 -76.63 61.42 31.15
N VAL G 1248 -76.42 61.07 32.40
CA VAL G 1248 -75.42 61.76 33.23
C VAL G 1248 -74.05 61.45 32.63
N PRO G 1249 -73.27 62.47 32.26
CA PRO G 1249 -71.98 62.21 31.61
C PRO G 1249 -71.06 61.43 32.52
N PRO G 1250 -70.27 60.51 31.98
CA PRO G 1250 -69.33 59.75 32.81
C PRO G 1250 -68.26 60.62 33.47
N GLU G 1251 -68.01 61.81 32.93
CA GLU G 1251 -66.96 62.69 33.42
C GLU G 1251 -67.53 63.94 34.09
N HIS G 1252 -68.79 63.89 34.51
CA HIS G 1252 -69.42 65.06 35.10
C HIS G 1252 -68.69 65.49 36.35
N PRO G 1253 -68.34 66.77 36.49
CA PRO G 1253 -67.50 67.18 37.63
C PRO G 1253 -68.14 66.97 38.99
N HIS G 1254 -69.47 67.05 39.10
CA HIS G 1254 -70.12 67.07 40.40
C HIS G 1254 -70.95 65.83 40.70
N TYR G 1255 -71.48 65.15 39.70
CA TYR G 1255 -72.42 64.05 39.92
C TYR G 1255 -71.83 62.76 39.39
N GLU G 1256 -71.90 61.71 40.21
CA GLU G 1256 -71.40 60.40 39.86
C GLU G 1256 -72.49 59.38 40.09
N VAL G 1257 -72.72 58.50 39.11
CA VAL G 1257 -73.70 57.44 39.21
C VAL G 1257 -72.97 56.12 39.08
N ALA G 1258 -73.12 55.26 40.09
CA ALA G 1258 -72.44 53.96 40.14
C ALA G 1258 -73.47 52.85 40.17
N ARG G 1259 -73.22 51.80 39.40
CA ARG G 1259 -74.15 50.68 39.26
C ARG G 1259 -73.76 49.58 40.24
N MET G 1260 -74.55 49.40 41.29
CA MET G 1260 -74.35 48.32 42.24
C MET G 1260 -74.96 47.03 41.71
N ASP G 1261 -74.23 45.94 41.85
CA ASP G 1261 -74.75 44.63 41.51
C ASP G 1261 -75.65 44.12 42.64
N GLY G 1262 -76.51 43.15 42.30
CA GLY G 1262 -77.40 42.59 43.28
C GLY G 1262 -76.77 41.54 44.16
N THR G 1263 -76.75 41.76 45.46
CA THR G 1263 -76.20 40.80 46.40
C THR G 1263 -77.32 39.87 46.87
N VAL G 1264 -77.03 39.06 47.89
CA VAL G 1264 -78.04 38.14 48.42
C VAL G 1264 -79.14 38.90 49.14
N ASP G 1265 -78.79 39.99 49.82
CA ASP G 1265 -79.75 40.74 50.62
C ASP G 1265 -80.14 42.07 50.01
N THR G 1266 -79.53 42.48 48.91
CA THR G 1266 -79.85 43.74 48.28
C THR G 1266 -80.12 43.54 46.79
N PRO G 1267 -80.99 44.36 46.21
CA PRO G 1267 -81.25 44.28 44.78
C PRO G 1267 -80.25 45.13 44.02
N PRO G 1268 -80.22 45.03 42.68
CA PRO G 1268 -79.38 45.95 41.91
C PRO G 1268 -79.82 47.39 42.12
N CYS G 1269 -78.84 48.29 42.16
CA CYS G 1269 -79.11 49.68 42.52
C CYS G 1269 -78.34 50.61 41.60
N LEU G 1270 -78.82 51.85 41.52
CA LEU G 1270 -78.17 52.93 40.80
C LEU G 1270 -77.98 54.07 41.81
N ARG G 1271 -76.77 54.20 42.33
CA ARG G 1271 -76.49 55.13 43.42
C ARG G 1271 -75.90 56.42 42.88
N LEU G 1272 -76.37 57.54 43.42
CA LEU G 1272 -75.90 58.86 43.05
C LEU G 1272 -75.04 59.43 44.17
N ALA G 1273 -73.89 60.00 43.81
CA ALA G 1273 -72.98 60.60 44.77
C ALA G 1273 -72.53 61.97 44.28
N HIS G 1274 -72.34 62.89 45.21
CA HIS G 1274 -71.86 64.23 44.90
C HIS G 1274 -70.34 64.21 44.94
N ARG G 1275 -69.70 64.40 43.78
CA ARG G 1275 -68.26 64.25 43.69
C ARG G 1275 -67.53 65.29 44.54
N THR G 1276 -67.99 66.54 44.51
CA THR G 1276 -67.27 67.65 45.12
C THR G 1276 -68.01 68.25 46.30
N TRP G 1277 -68.80 67.45 47.02
CA TRP G 1277 -69.57 67.98 48.13
C TRP G 1277 -68.65 68.47 49.24
N GLY G 1278 -69.02 69.59 49.85
CA GLY G 1278 -68.25 70.20 50.92
C GLY G 1278 -67.07 71.03 50.45
N SER G 1279 -66.50 70.70 49.31
CA SER G 1279 -65.33 71.42 48.80
C SER G 1279 -65.73 72.76 48.21
N GLN G 1280 -64.72 73.60 47.99
CA GLN G 1280 -64.93 74.87 47.31
C GLN G 1280 -65.39 74.60 45.87
N ASN G 1281 -66.25 75.50 45.37
CA ASN G 1281 -66.83 75.48 44.02
C ASN G 1281 -67.87 74.39 43.85
N SER G 1282 -68.24 73.68 44.92
CA SER G 1282 -69.27 72.65 44.82
C SER G 1282 -70.57 73.23 44.28
N LEU G 1283 -71.19 72.50 43.37
CA LEU G 1283 -72.45 72.92 42.76
C LEU G 1283 -73.60 72.27 43.52
N VAL G 1284 -74.40 73.09 44.19
CA VAL G 1284 -75.55 72.62 44.96
C VAL G 1284 -76.79 73.28 44.38
N GLU G 1285 -77.57 72.51 43.65
CA GLU G 1285 -78.79 73.01 43.03
C GLU G 1285 -79.74 71.84 42.82
N MET G 1286 -81.00 72.17 42.55
CA MET G 1286 -82.02 71.14 42.35
C MET G 1286 -81.61 70.21 41.22
N LEU G 1287 -81.76 68.91 41.45
CA LEU G 1287 -81.36 67.89 40.51
C LEU G 1287 -82.58 67.08 40.09
N PHE G 1288 -82.80 66.95 38.79
CA PHE G 1288 -83.94 66.23 38.25
C PHE G 1288 -83.43 64.98 37.56
N LEU G 1289 -83.73 63.83 38.15
CA LEU G 1289 -83.25 62.55 37.65
C LEU G 1289 -84.44 61.69 37.23
N ARG G 1290 -84.20 60.84 36.23
CA ARG G 1290 -85.18 59.85 35.83
C ARG G 1290 -84.44 58.66 35.23
N LEU G 1291 -85.11 57.51 35.23
CA LEU G 1291 -84.57 56.33 34.57
C LEU G 1291 -84.85 56.40 33.08
N SER G 1292 -83.94 55.82 32.30
CA SER G 1292 -83.97 56.00 30.85
C SER G 1292 -85.10 55.23 30.18
N LEU G 1293 -85.80 54.36 30.90
CA LEU G 1293 -86.84 53.57 30.27
C LEU G 1293 -88.16 53.71 31.01
N PRO G 1294 -89.28 53.73 30.30
CA PRO G 1294 -90.58 53.91 30.94
C PRO G 1294 -91.27 52.58 31.21
N VAL G 1295 -92.39 52.67 31.91
CA VAL G 1295 -93.33 51.57 32.07
C VAL G 1295 -94.66 52.00 31.47
N GLN G 1296 -95.21 51.17 30.60
CA GLN G 1296 -96.41 51.52 29.85
C GLN G 1296 -97.61 50.78 30.44
N PHE G 1297 -98.64 51.53 30.79
CA PHE G 1297 -99.85 50.92 31.31
C PHE G 1297 -100.60 50.21 30.19
N HIS G 1298 -101.33 49.17 30.57
CA HIS G 1298 -102.00 48.32 29.58
C HIS G 1298 -103.03 49.11 28.79
N GLN G 1299 -103.27 48.66 27.56
CA GLN G 1299 -104.18 49.35 26.67
C GLN G 1299 -105.61 49.33 27.21
N HIS G 1300 -106.03 48.22 27.80
CA HIS G 1300 -107.36 48.10 28.38
C HIS G 1300 -107.23 47.75 29.86
N PHE G 1301 -108.01 48.41 30.70
CA PHE G 1301 -107.99 48.14 32.13
C PHE G 1301 -109.00 47.07 32.50
N ARG G 1302 -108.71 46.36 33.58
CA ARG G 1302 -109.63 45.35 34.08
C ARG G 1302 -110.93 46.00 34.55
N CYS G 1303 -112.04 45.30 34.33
CA CYS G 1303 -113.34 45.79 34.74
C CYS G 1303 -113.43 45.85 36.26
N THR G 1304 -114.06 46.92 36.76
CA THR G 1304 -114.23 47.16 38.19
C THR G 1304 -112.89 47.12 38.94
N ASP G 1419 -89.55 32.25 55.51
CA ASP G 1419 -90.74 33.05 55.27
C ASP G 1419 -90.54 34.00 54.09
N ASN G 1420 -91.59 34.75 53.76
CA ASN G 1420 -91.54 35.75 52.69
C ASN G 1420 -91.18 35.10 51.35
N ARG G 1421 -91.97 34.12 50.94
CA ARG G 1421 -91.80 33.48 49.64
C ARG G 1421 -92.91 33.93 48.71
N ASP G 1422 -92.58 34.10 47.44
CA ASP G 1422 -93.59 34.48 46.47
C ASP G 1422 -94.42 33.26 46.07
N ASP G 1423 -95.73 33.42 46.09
CA ASP G 1423 -96.64 32.39 45.61
C ASP G 1423 -96.50 32.29 44.10
N PRO G 1424 -96.09 31.15 43.54
CA PRO G 1424 -95.82 31.09 42.10
C PRO G 1424 -97.01 31.45 41.22
N GLU G 1425 -98.23 31.10 41.62
CA GLU G 1425 -99.38 31.42 40.80
C GLU G 1425 -99.72 32.90 40.86
N ILE G 1426 -99.56 33.53 42.02
CA ILE G 1426 -99.87 34.95 42.15
C ILE G 1426 -98.83 35.80 41.41
N ILE G 1427 -97.54 35.48 41.60
CA ILE G 1427 -96.49 36.31 41.02
C ILE G 1427 -96.48 36.22 39.51
N LEU G 1428 -96.94 35.11 38.93
CA LEU G 1428 -96.97 34.96 37.49
C LEU G 1428 -98.20 35.59 36.84
N ASN G 1429 -99.19 36.02 37.63
CA ASN G 1429 -100.38 36.64 37.09
C ASN G 1429 -100.56 38.10 37.53
N THR G 1430 -99.69 38.60 38.40
CA THR G 1430 -99.82 39.96 38.89
C THR G 1430 -99.46 40.97 37.81
N THR G 1431 -100.02 42.17 37.94
CA THR G 1431 -99.66 43.29 37.08
C THR G 1431 -99.13 44.47 37.87
N THR G 1432 -98.77 44.26 39.13
CA THR G 1432 -98.24 45.30 39.99
C THR G 1432 -96.71 45.24 39.96
N TYR G 1433 -96.07 46.39 39.80
CA TYR G 1433 -94.63 46.48 39.70
C TYR G 1433 -94.11 47.48 40.73
N TYR G 1434 -92.90 47.25 41.20
CA TYR G 1434 -92.37 47.95 42.37
C TYR G 1434 -90.96 48.44 42.11
N TYR G 1435 -90.65 49.60 42.67
CA TYR G 1435 -89.28 50.08 42.78
C TYR G 1435 -89.23 51.07 43.93
N SER G 1436 -88.08 51.13 44.59
CA SER G 1436 -87.93 51.94 45.79
C SER G 1436 -86.70 52.83 45.64
N VAL G 1437 -86.72 53.93 46.39
CA VAL G 1437 -85.62 54.90 46.42
C VAL G 1437 -85.16 55.03 47.86
N ARG G 1438 -83.87 54.85 48.09
CA ARG G 1438 -83.29 54.94 49.42
C ARG G 1438 -82.63 56.32 49.57
N VAL G 1439 -83.14 57.12 50.48
CA VAL G 1439 -82.55 58.42 50.79
C VAL G 1439 -81.56 58.21 51.91
N PHE G 1440 -80.27 58.30 51.60
CA PHE G 1440 -79.23 57.99 52.57
C PHE G 1440 -79.27 58.97 53.74
N ALA G 1441 -78.89 58.46 54.92
CA ALA G 1441 -78.81 59.31 56.10
C ALA G 1441 -77.83 60.44 55.87
N GLY G 1442 -78.24 61.66 56.22
CA GLY G 1442 -77.51 62.87 55.91
C GLY G 1442 -78.14 63.69 54.81
N GLN G 1443 -78.80 63.02 53.86
CA GLN G 1443 -79.58 63.72 52.84
C GLN G 1443 -80.96 64.04 53.41
N GLU G 1444 -81.29 65.31 53.45
CA GLU G 1444 -82.54 65.73 54.07
C GLU G 1444 -83.73 65.22 53.27
N PRO G 1445 -84.64 64.48 53.88
CA PRO G 1445 -85.84 64.04 53.15
C PRO G 1445 -86.70 65.19 52.67
N SER G 1446 -86.62 66.35 53.31
CA SER G 1446 -87.38 67.51 52.87
C SER G 1446 -86.95 68.01 51.49
N CYS G 1447 -85.78 67.58 51.00
CA CYS G 1447 -85.28 68.01 49.71
C CYS G 1447 -85.34 66.89 48.67
N VAL G 1448 -86.19 65.89 48.88
CA VAL G 1448 -86.28 64.74 48.00
C VAL G 1448 -87.74 64.53 47.60
N TRP G 1449 -87.98 64.38 46.30
CA TRP G 1449 -89.28 64.01 45.77
C TRP G 1449 -89.12 62.74 44.95
N VAL G 1450 -89.99 61.77 45.19
CA VAL G 1450 -89.90 60.45 44.57
C VAL G 1450 -91.21 60.14 43.87
N GLY G 1451 -91.14 59.65 42.64
CA GLY G 1451 -92.32 59.28 41.91
C GLY G 1451 -92.08 58.94 40.46
N TRP G 1452 -92.97 59.40 39.58
CA TRP G 1452 -92.89 59.11 38.16
C TRP G 1452 -93.13 60.41 37.38
N VAL G 1453 -92.59 60.44 36.16
CA VAL G 1453 -92.83 61.56 35.24
C VAL G 1453 -93.24 61.01 33.89
N THR G 1454 -94.16 61.69 33.24
CA THR G 1454 -94.54 61.37 31.88
C THR G 1454 -93.50 61.91 30.90
N PRO G 1455 -93.46 61.39 29.68
CA PRO G 1455 -92.40 61.81 28.74
C PRO G 1455 -92.47 63.26 28.30
N ASP G 1456 -93.41 64.04 28.82
CA ASP G 1456 -93.53 65.45 28.47
C ASP G 1456 -93.25 66.36 29.67
N TYR G 1457 -92.28 66.00 30.49
CA TYR G 1457 -91.85 66.82 31.61
C TYR G 1457 -90.64 67.63 31.19
N HIS G 1458 -90.78 68.95 31.17
CA HIS G 1458 -89.70 69.86 30.78
C HIS G 1458 -89.63 71.04 31.74
N GLN G 1459 -89.77 70.79 33.02
CA GLN G 1459 -89.88 71.84 34.03
C GLN G 1459 -88.60 71.83 34.87
N HIS G 1460 -87.65 72.68 34.50
CA HIS G 1460 -86.36 72.77 35.19
C HIS G 1460 -86.41 73.92 36.20
N ASP G 1461 -87.22 73.71 37.23
CA ASP G 1461 -87.47 74.74 38.23
C ASP G 1461 -86.50 74.58 39.39
N MET G 1462 -85.75 75.63 39.70
CA MET G 1462 -84.79 75.59 40.78
C MET G 1462 -85.43 75.79 42.15
N ASN G 1463 -86.71 76.16 42.21
CA ASN G 1463 -87.42 76.26 43.47
C ASN G 1463 -88.59 75.29 43.47
N PHE G 1464 -88.33 74.06 43.04
CA PHE G 1464 -89.40 73.11 42.80
C PHE G 1464 -90.08 72.67 44.08
N ASP G 1465 -91.40 72.55 44.01
CA ASP G 1465 -92.19 71.85 45.02
C ASP G 1465 -93.44 71.34 44.33
N LEU G 1466 -94.23 70.55 45.06
CA LEU G 1466 -95.37 69.87 44.45
C LEU G 1466 -96.44 70.85 43.96
N SER G 1467 -96.38 72.11 44.39
CA SER G 1467 -97.31 73.11 43.86
C SER G 1467 -96.96 73.55 42.45
N LYS G 1468 -95.73 73.33 42.01
CA LYS G 1468 -95.31 73.71 40.66
C LYS G 1468 -95.69 72.67 39.62
N VAL G 1469 -96.18 71.49 40.03
CA VAL G 1469 -96.50 70.43 39.09
C VAL G 1469 -97.67 70.84 38.21
N ARG G 1470 -97.53 70.65 36.91
CA ARG G 1470 -98.62 70.93 35.99
C ARG G 1470 -99.79 70.01 36.28
N ALA G 1471 -101.00 70.59 36.26
CA ALA G 1471 -102.21 69.82 36.50
C ALA G 1471 -103.36 70.47 35.73
N VAL G 1472 -104.35 69.66 35.38
CA VAL G 1472 -105.55 70.14 34.70
C VAL G 1472 -106.60 69.06 34.81
N THR G 1473 -107.85 69.47 34.94
CA THR G 1473 -108.98 68.55 35.01
C THR G 1473 -109.89 68.78 33.81
N VAL G 1474 -110.12 67.72 33.05
CA VAL G 1474 -111.02 67.76 31.90
C VAL G 1474 -112.34 67.12 32.31
N THR G 1475 -113.40 67.89 32.26
CA THR G 1475 -114.71 67.47 32.74
C THR G 1475 -115.70 67.45 31.58
N MET G 1476 -116.40 66.33 31.42
CA MET G 1476 -117.41 66.18 30.38
C MET G 1476 -118.78 66.00 31.03
N GLY G 1477 -119.81 66.48 30.35
CA GLY G 1477 -121.17 66.40 30.85
C GLY G 1477 -122.15 66.22 29.71
N ASP G 1478 -123.42 66.08 30.08
CA ASP G 1478 -124.49 65.93 29.11
C ASP G 1478 -125.05 67.30 28.75
N GLU G 1479 -126.23 67.31 28.11
CA GLU G 1479 -126.81 68.56 27.65
C GLU G 1479 -127.05 69.56 28.78
N GLN G 1480 -127.29 69.07 29.99
CA GLN G 1480 -127.56 69.94 31.15
C GLN G 1480 -126.66 69.50 32.31
N GLY G 1481 -125.44 70.01 32.33
CA GLY G 1481 -124.53 69.69 33.43
C GLY G 1481 -124.29 68.20 33.52
N ASN G 1482 -124.57 67.64 34.69
CA ASN G 1482 -124.53 66.20 34.93
C ASN G 1482 -123.20 65.60 34.50
N VAL G 1483 -122.15 66.02 35.21
CA VAL G 1483 -120.79 65.55 34.98
C VAL G 1483 -120.76 64.03 35.00
N HIS G 1484 -120.35 63.43 33.88
CA HIS G 1484 -120.22 61.99 33.77
C HIS G 1484 -118.78 61.53 33.57
N SER G 1485 -117.84 62.46 33.49
CA SER G 1485 -116.43 62.11 33.33
C SER G 1485 -115.59 63.29 33.76
N SER G 1486 -114.64 63.06 34.67
CA SER G 1486 -113.77 64.12 35.17
C SER G 1486 -112.36 63.52 35.32
N LEU G 1487 -111.55 63.66 34.30
CA LEU G 1487 -110.20 63.14 34.29
C LEU G 1487 -109.21 64.18 34.79
N LYS G 1488 -108.21 63.73 35.53
CA LYS G 1488 -107.14 64.58 36.04
C LYS G 1488 -105.85 64.25 35.31
N CYS G 1489 -105.19 65.28 34.78
CA CYS G 1489 -104.01 65.11 33.96
C CYS G 1489 -102.83 65.81 34.61
N SER G 1490 -101.64 65.23 34.44
CA SER G 1490 -100.41 65.81 34.96
C SER G 1490 -99.23 65.17 34.26
N ASN G 1491 -98.04 65.65 34.57
CA ASN G 1491 -96.80 65.08 34.06
C ASN G 1491 -95.84 64.66 35.16
N CYS G 1492 -96.18 64.88 36.42
CA CYS G 1492 -95.28 64.58 37.53
C CYS G 1492 -96.12 64.01 38.67
N TYR G 1493 -96.06 62.70 38.87
CA TYR G 1493 -96.77 62.02 39.93
C TYR G 1493 -95.75 61.63 40.99
N MET G 1494 -95.55 62.50 41.97
CA MET G 1494 -94.48 62.34 42.94
C MET G 1494 -95.03 62.52 44.34
N VAL G 1495 -94.25 62.05 45.32
CA VAL G 1495 -94.55 62.27 46.73
C VAL G 1495 -93.35 62.97 47.34
N TRP G 1496 -93.64 63.86 48.29
CA TRP G 1496 -92.61 64.63 48.95
C TRP G 1496 -92.01 63.82 50.09
N GLY G 1497 -90.68 63.81 50.17
CA GLY G 1497 -90.00 63.11 51.24
C GLY G 1497 -90.25 63.70 52.61
N GLY G 1498 -90.64 64.97 52.67
CA GLY G 1498 -90.95 65.60 53.93
C GLY G 1498 -92.26 65.20 54.55
N ASP G 1499 -93.09 64.47 53.82
CA ASP G 1499 -94.33 63.92 54.37
C ASP G 1499 -94.11 62.65 55.16
N PHE G 1500 -92.89 62.13 55.18
CA PHE G 1500 -92.59 60.83 55.78
C PHE G 1500 -91.59 60.95 56.93
N VAL G 1501 -91.46 62.15 57.49
CA VAL G 1501 -90.57 62.39 58.63
C VAL G 1501 -91.43 62.85 59.80
N SER G 1502 -91.29 62.15 60.93
CA SER G 1502 -92.05 62.53 62.12
C SER G 1502 -91.56 63.88 62.64
N PRO G 1503 -92.47 64.70 63.18
CA PRO G 1503 -92.04 66.01 63.69
C PRO G 1503 -91.27 65.91 65.00
N GLY G 1504 -90.09 65.30 64.95
CA GLY G 1504 -89.27 65.19 66.14
C GLY G 1504 -88.68 66.51 66.56
N GLN G 1505 -88.18 66.54 67.79
CA GLN G 1505 -87.55 67.76 68.32
C GLN G 1505 -86.35 68.16 67.47
N GLN G 1506 -85.48 67.20 67.20
CA GLN G 1506 -84.33 67.40 66.32
C GLN G 1506 -83.90 65.99 65.90
N GLY G 1507 -82.73 65.88 65.25
CA GLY G 1507 -82.32 64.61 64.70
C GLY G 1507 -82.96 64.31 63.37
N ARG G 1508 -83.31 65.34 62.60
CA ARG G 1508 -83.88 65.13 61.28
C ARG G 1508 -82.94 64.36 60.37
N ILE G 1509 -81.63 64.47 60.62
CA ILE G 1509 -80.67 63.58 59.99
C ILE G 1509 -80.70 62.28 60.78
N SER G 1510 -81.58 61.37 60.37
CA SER G 1510 -81.83 60.17 61.16
C SER G 1510 -80.72 59.15 60.96
N HIS G 1511 -80.66 58.20 61.90
CA HIS G 1511 -79.76 57.06 61.74
C HIS G 1511 -80.22 56.15 60.61
N THR G 1512 -81.52 56.14 60.32
CA THR G 1512 -82.10 55.22 59.36
C THR G 1512 -82.36 55.95 58.04
N ASP G 1513 -81.95 55.33 56.94
CA ASP G 1513 -82.24 55.86 55.63
C ASP G 1513 -83.73 55.74 55.33
N LEU G 1514 -84.28 56.76 54.66
CA LEU G 1514 -85.67 56.72 54.23
C LEU G 1514 -85.77 55.94 52.93
N VAL G 1515 -86.64 54.94 52.90
CA VAL G 1515 -86.78 54.06 51.74
C VAL G 1515 -88.23 54.20 51.26
N ILE G 1516 -88.45 55.07 50.28
CA ILE G 1516 -89.77 55.30 49.71
C ILE G 1516 -89.98 54.32 48.57
N GLY G 1517 -91.06 53.56 48.64
CA GLY G 1517 -91.39 52.59 47.62
C GLY G 1517 -92.56 53.05 46.76
N CYS G 1518 -92.52 52.66 45.49
CA CYS G 1518 -93.52 53.06 44.51
C CYS G 1518 -94.14 51.82 43.88
N LEU G 1519 -95.48 51.78 43.83
CA LEU G 1519 -96.21 50.67 43.26
C LEU G 1519 -97.08 51.17 42.12
N VAL G 1520 -97.04 50.47 40.99
CA VAL G 1520 -97.88 50.78 39.84
C VAL G 1520 -98.58 49.52 39.40
N ASP G 1521 -99.88 49.61 39.16
CA ASP G 1521 -100.67 48.50 38.64
C ASP G 1521 -101.02 48.82 37.20
N LEU G 1522 -100.31 48.17 36.27
CA LEU G 1522 -100.46 48.50 34.86
C LEU G 1522 -101.82 48.10 34.30
N ALA G 1523 -102.57 47.26 35.01
CA ALA G 1523 -103.88 46.81 34.56
C ALA G 1523 -105.02 47.64 35.13
N THR G 1524 -104.75 48.55 36.07
CA THR G 1524 -105.80 49.39 36.64
C THR G 1524 -105.44 50.87 36.66
N GLY G 1525 -104.19 51.24 36.41
CA GLY G 1525 -103.82 52.65 36.40
C GLY G 1525 -103.73 53.28 37.78
N LEU G 1526 -103.58 52.48 38.82
CA LEU G 1526 -103.52 52.98 40.19
C LEU G 1526 -102.09 52.91 40.70
N MET G 1527 -101.65 53.99 41.33
CA MET G 1527 -100.29 54.11 41.84
C MET G 1527 -100.32 54.44 43.32
N THR G 1528 -99.54 53.70 44.10
CA THR G 1528 -99.50 53.88 45.55
C THR G 1528 -98.05 53.95 46.01
N PHE G 1529 -97.86 54.45 47.23
CA PHE G 1529 -96.52 54.67 47.76
C PHE G 1529 -96.43 54.15 49.18
N THR G 1530 -95.21 53.82 49.59
CA THR G 1530 -94.93 53.37 50.94
C THR G 1530 -93.80 54.20 51.54
N ALA G 1531 -93.95 54.57 52.81
CA ALA G 1531 -92.96 55.41 53.46
C ALA G 1531 -91.76 54.60 53.95
N ASN G 1532 -92.01 53.63 54.82
CA ASN G 1532 -90.98 52.72 55.30
C ASN G 1532 -91.58 51.33 55.49
N GLY G 1533 -92.39 50.90 54.54
CA GLY G 1533 -93.23 49.74 54.70
C GLY G 1533 -94.67 50.06 55.06
N LYS G 1534 -94.96 51.30 55.42
CA LYS G 1534 -96.31 51.73 55.74
C LYS G 1534 -96.91 52.43 54.54
N GLU G 1535 -98.12 52.02 54.15
CA GLU G 1535 -98.79 52.61 53.00
C GLU G 1535 -99.09 54.08 53.26
N SER G 1536 -98.77 54.92 52.27
CA SER G 1536 -99.04 56.34 52.35
C SER G 1536 -100.47 56.64 51.90
N ASN G 1537 -100.94 57.83 52.25
CA ASN G 1537 -102.29 58.23 51.89
C ASN G 1537 -102.40 58.63 50.42
N THR G 1538 -101.34 59.19 49.85
CA THR G 1538 -101.38 59.69 48.49
C THR G 1538 -101.49 58.55 47.49
N PHE G 1539 -102.26 58.79 46.42
CA PHE G 1539 -102.40 57.84 45.35
C PHE G 1539 -102.78 58.59 44.08
N PHE G 1540 -102.55 57.96 42.93
CA PHE G 1540 -102.82 58.57 41.65
C PHE G 1540 -103.53 57.59 40.74
N GLN G 1541 -104.29 58.12 39.79
CA GLN G 1541 -104.99 57.33 38.78
C GLN G 1541 -104.61 57.86 37.42
N VAL G 1542 -104.23 56.97 36.51
CA VAL G 1542 -103.80 57.36 35.17
C VAL G 1542 -104.57 56.57 34.13
N GLU G 1543 -104.65 57.15 32.94
CA GLU G 1543 -105.34 56.56 31.81
C GLU G 1543 -104.50 55.46 31.17
N PRO G 1544 -105.14 54.57 30.40
CA PRO G 1544 -104.37 53.52 29.72
C PRO G 1544 -103.41 54.08 28.70
N ASN G 1545 -102.40 53.27 28.38
CA ASN G 1545 -101.32 53.61 27.45
C ASN G 1545 -100.44 54.75 27.95
N THR G 1546 -100.40 54.97 29.26
CA THR G 1546 -99.57 56.02 29.83
C THR G 1546 -98.15 55.52 30.06
N LYS G 1547 -97.18 56.34 29.68
CA LYS G 1547 -95.77 56.05 29.90
C LYS G 1547 -95.28 56.82 31.12
N LEU G 1548 -94.68 56.12 32.07
CA LEU G 1548 -94.16 56.72 33.28
C LEU G 1548 -92.69 56.34 33.45
N PHE G 1549 -91.85 57.33 33.68
CA PHE G 1549 -90.44 57.11 33.94
C PHE G 1549 -90.18 57.23 35.44
N PRO G 1550 -89.51 56.25 36.05
CA PRO G 1550 -89.13 56.41 37.47
C PRO G 1550 -88.19 57.59 37.65
N ALA G 1551 -88.62 58.57 38.43
CA ALA G 1551 -87.90 59.81 38.55
C ALA G 1551 -87.76 60.22 40.01
N VAL G 1552 -86.66 60.87 40.32
CA VAL G 1552 -86.40 61.43 41.64
C VAL G 1552 -85.86 62.84 41.48
N PHE G 1553 -86.52 63.81 42.13
CA PHE G 1553 -86.06 65.19 42.14
C PHE G 1553 -85.48 65.48 43.51
N VAL G 1554 -84.22 65.90 43.56
CA VAL G 1554 -83.51 66.04 44.82
C VAL G 1554 -82.63 67.28 44.79
N LEU G 1555 -82.53 67.95 45.94
CA LEU G 1555 -81.53 68.99 46.16
C LEU G 1555 -80.48 68.41 47.09
N PRO G 1556 -79.27 68.13 46.60
CA PRO G 1556 -78.29 67.39 47.43
C PRO G 1556 -77.92 68.14 48.70
N THR G 1557 -77.82 67.38 49.79
CA THR G 1557 -77.32 67.92 51.06
C THR G 1557 -76.29 67.00 51.69
N HIS G 1558 -75.71 66.08 50.92
CA HIS G 1558 -74.78 65.09 51.45
C HIS G 1558 -74.00 64.50 50.29
N GLN G 1559 -72.88 63.85 50.61
CA GLN G 1559 -72.10 63.19 49.56
C GLN G 1559 -72.88 62.04 48.94
N ASN G 1560 -73.55 61.25 49.76
CA ASN G 1560 -74.46 60.21 49.28
C ASN G 1560 -75.87 60.78 49.25
N VAL G 1561 -76.49 60.78 48.08
CA VAL G 1561 -77.74 61.50 47.90
C VAL G 1561 -78.92 60.55 47.89
N ILE G 1562 -79.02 59.71 46.85
CA ILE G 1562 -80.15 58.80 46.70
C ILE G 1562 -79.66 57.48 46.12
N GLN G 1563 -80.58 56.54 45.95
CA GLN G 1563 -80.23 55.24 45.38
C GLN G 1563 -81.49 54.62 44.80
N PHE G 1564 -81.56 54.51 43.48
CA PHE G 1564 -82.63 53.76 42.85
C PHE G 1564 -82.46 52.29 43.18
N GLU G 1565 -83.47 51.69 43.81
CA GLU G 1565 -83.43 50.28 44.18
C GLU G 1565 -84.41 49.54 43.28
N LEU G 1566 -83.88 48.77 42.34
CA LEU G 1566 -84.69 48.09 41.34
C LEU G 1566 -85.03 46.67 41.81
N GLY G 1567 -85.62 46.60 43.00
CA GLY G 1567 -85.97 45.34 43.62
C GLY G 1567 -87.43 44.98 43.45
N LYS G 1568 -87.92 44.16 44.38
CA LYS G 1568 -89.29 43.69 44.33
C LYS G 1568 -89.81 43.50 45.74
N GLN G 1569 -91.10 43.22 45.84
CA GLN G 1569 -91.76 42.88 47.09
C GLN G 1569 -92.39 41.50 46.95
N LYS G 1570 -93.06 41.08 48.03
CA LYS G 1570 -93.74 39.79 48.01
C LYS G 1570 -94.89 39.82 47.01
N ASN G 1571 -94.86 38.91 46.04
CA ASN G 1571 -95.90 38.77 45.02
C ASN G 1571 -96.05 40.04 44.18
N ILE G 1572 -94.96 40.79 44.01
CA ILE G 1572 -94.96 41.98 43.17
C ILE G 1572 -93.71 41.94 42.30
N MET G 1573 -93.88 42.07 41.00
CA MET G 1573 -92.79 41.97 40.05
C MET G 1573 -91.91 43.22 40.09
N PRO G 1574 -90.63 43.09 39.75
CA PRO G 1574 -89.74 44.25 39.70
C PRO G 1574 -89.95 45.04 38.41
N LEU G 1575 -89.26 46.17 38.31
CA LEU G 1575 -89.43 47.04 37.15
C LEU G 1575 -88.91 46.40 35.86
N SER G 1576 -87.86 45.57 35.96
CA SER G 1576 -87.31 44.95 34.77
C SER G 1576 -88.34 44.04 34.09
N ALA G 1577 -89.31 43.53 34.83
CA ALA G 1577 -90.36 42.73 34.22
C ALA G 1577 -91.29 43.57 33.35
N ALA G 1578 -91.52 44.82 33.74
CA ALA G 1578 -92.39 45.72 32.98
C ALA G 1578 -91.67 46.45 31.86
N MET G 1579 -90.38 46.76 32.03
CA MET G 1579 -89.65 47.50 31.02
C MET G 1579 -89.28 46.67 29.81
N PHE G 1580 -89.05 45.36 29.98
CA PHE G 1580 -88.54 44.52 28.92
C PHE G 1580 -89.50 43.37 28.65
N LEU G 1581 -89.82 43.16 27.37
CA LEU G 1581 -90.78 42.12 27.00
C LEU G 1581 -90.25 40.74 27.33
N SER G 1582 -88.95 40.51 27.13
CA SER G 1582 -88.37 39.19 27.35
C SER G 1582 -88.34 38.81 28.82
N GLU G 1583 -88.61 39.75 29.74
CA GLU G 1583 -88.59 39.48 31.17
C GLU G 1583 -89.96 39.63 31.81
N ARG G 1584 -91.03 39.52 31.02
CA ARG G 1584 -92.38 39.70 31.56
C ARG G 1584 -92.70 38.68 32.64
N LYS G 1585 -92.14 37.48 32.53
CA LYS G 1585 -92.38 36.41 33.49
C LYS G 1585 -91.14 36.09 34.33
N ASN G 1586 -90.21 37.03 34.44
CA ASN G 1586 -88.99 36.82 35.18
C ASN G 1586 -89.06 37.60 36.48
N PRO G 1587 -89.28 36.96 37.63
CA PRO G 1587 -89.37 37.70 38.89
C PRO G 1587 -88.03 38.14 39.45
N ALA G 1588 -86.93 37.67 38.89
CA ALA G 1588 -85.62 38.07 39.40
C ALA G 1588 -85.31 39.50 38.99
N PRO G 1589 -85.02 40.39 39.93
CA PRO G 1589 -84.71 41.78 39.56
C PRO G 1589 -83.47 41.86 38.67
N GLN G 1590 -83.52 42.78 37.71
CA GLN G 1590 -82.42 42.99 36.79
C GLN G 1590 -82.22 44.48 36.54
N CYS G 1591 -80.99 44.86 36.21
CA CYS G 1591 -80.65 46.22 35.79
C CYS G 1591 -79.82 46.13 34.53
N PRO G 1592 -80.45 45.95 33.37
CA PRO G 1592 -79.71 45.81 32.12
C PRO G 1592 -79.00 47.09 31.76
N PRO G 1593 -77.97 47.02 30.92
CA PRO G 1593 -77.16 48.22 30.61
C PRO G 1593 -77.96 49.34 29.98
N ARG G 1594 -79.07 49.05 29.31
CA ARG G 1594 -79.86 50.12 28.72
C ARG G 1594 -80.52 50.99 29.78
N LEU G 1595 -80.80 50.42 30.95
CA LEU G 1595 -81.40 51.18 32.04
C LEU G 1595 -80.31 51.99 32.72
N GLU G 1596 -80.48 53.31 32.73
CA GLU G 1596 -79.47 54.20 33.29
C GLU G 1596 -80.14 55.48 33.77
N VAL G 1597 -79.41 56.21 34.61
CA VAL G 1597 -79.95 57.43 35.21
C VAL G 1597 -79.73 58.60 34.24
N GLN G 1598 -80.78 59.38 34.03
CA GLN G 1598 -80.72 60.56 33.18
C GLN G 1598 -80.98 61.80 34.01
N MET G 1599 -80.39 62.91 33.59
CA MET G 1599 -80.53 64.18 34.27
C MET G 1599 -81.09 65.22 33.31
N LEU G 1600 -81.72 66.25 33.86
CA LEU G 1600 -82.42 67.25 33.06
C LEU G 1600 -81.45 68.36 32.67
N MET G 1601 -81.15 68.46 31.37
CA MET G 1601 -80.32 69.52 30.84
C MET G 1601 -81.21 70.67 30.38
N PRO G 1602 -80.95 71.90 30.80
CA PRO G 1602 -81.85 73.01 30.44
C PRO G 1602 -81.79 73.40 28.98
N VAL G 1603 -80.61 73.36 28.35
CA VAL G 1603 -80.43 73.87 27.00
C VAL G 1603 -79.82 72.76 26.14
N SER G 1604 -80.28 72.67 24.89
CA SER G 1604 -79.77 71.71 23.93
C SER G 1604 -79.67 72.35 22.57
N TRP G 1605 -78.89 71.74 21.68
CA TRP G 1605 -78.78 72.22 20.31
C TRP G 1605 -79.93 71.71 19.47
N SER G 1606 -80.49 72.60 18.65
CA SER G 1606 -81.58 72.24 17.76
C SER G 1606 -81.30 72.82 16.38
N ARG G 1607 -81.79 72.14 15.35
CA ARG G 1607 -81.52 72.52 13.97
C ARG G 1607 -82.61 73.44 13.46
N MET G 1608 -82.21 74.58 12.93
CA MET G 1608 -83.17 75.53 12.39
C MET G 1608 -83.72 74.99 11.08
N PRO G 1609 -85.04 74.98 10.89
CA PRO G 1609 -85.60 74.56 9.61
C PRO G 1609 -85.13 75.47 8.48
N ASN G 1610 -84.96 74.87 7.30
CA ASN G 1610 -84.51 75.64 6.15
C ASN G 1610 -85.59 76.59 5.65
N HIS G 1611 -86.86 76.21 5.77
CA HIS G 1611 -87.96 77.05 5.35
C HIS G 1611 -89.02 77.09 6.45
N PHE G 1612 -89.71 78.22 6.53
CA PHE G 1612 -90.71 78.46 7.56
C PHE G 1612 -92.03 78.82 6.92
N LEU G 1613 -93.12 78.57 7.65
CA LEU G 1613 -94.44 78.85 7.13
C LEU G 1613 -94.63 80.35 6.92
N GLN G 1614 -95.25 80.70 5.79
CA GLN G 1614 -95.54 82.09 5.46
C GLN G 1614 -96.93 82.43 5.99
N VAL G 1615 -96.98 83.18 7.08
CA VAL G 1615 -98.23 83.55 7.72
C VAL G 1615 -98.48 85.03 7.50
N GLU G 1616 -99.67 85.36 6.98
CA GLU G 1616 -100.06 86.73 6.72
C GLU G 1616 -101.08 87.15 7.77
N THR G 1617 -100.76 88.20 8.51
CA THR G 1617 -101.65 88.73 9.54
C THR G 1617 -101.98 90.18 9.19
N ARG G 1618 -103.26 90.52 9.24
CA ARG G 1618 -103.70 91.87 8.94
C ARG G 1618 -105.03 92.12 9.62
N ARG G 1619 -105.36 93.40 9.79
CA ARG G 1619 -106.64 93.82 10.33
C ARG G 1619 -107.63 93.91 9.19
N ALA G 1620 -108.59 92.98 9.15
CA ALA G 1620 -109.54 92.94 8.03
C ALA G 1620 -110.54 94.09 8.09
N GLY G 1621 -110.74 94.69 9.24
CA GLY G 1621 -111.67 95.79 9.35
C GLY G 1621 -112.18 95.93 10.77
N GLU G 1622 -113.09 96.89 10.93
CA GLU G 1622 -113.66 97.15 12.26
C GLU G 1622 -114.58 96.02 12.69
N ARG G 1623 -115.32 95.43 11.76
CA ARG G 1623 -116.24 94.36 12.09
C ARG G 1623 -115.68 92.98 11.81
N LEU G 1624 -114.82 92.84 10.80
CA LEU G 1624 -114.28 91.54 10.44
C LEU G 1624 -113.19 91.07 11.41
N GLY G 1625 -112.47 91.99 12.05
CA GLY G 1625 -111.46 91.59 13.01
C GLY G 1625 -110.09 91.48 12.39
N TRP G 1626 -109.27 90.61 12.99
CA TRP G 1626 -107.90 90.40 12.56
C TRP G 1626 -107.79 89.03 11.88
N ALA G 1627 -107.22 89.01 10.68
CA ALA G 1627 -107.20 87.82 9.84
C ALA G 1627 -105.85 87.13 9.89
N VAL G 1628 -105.88 85.80 9.95
CA VAL G 1628 -104.70 84.96 9.89
C VAL G 1628 -104.82 84.03 8.69
N GLN G 1629 -103.76 83.95 7.90
CA GLN G 1629 -103.81 83.22 6.65
C GLN G 1629 -102.49 82.50 6.42
N CYS G 1630 -102.58 81.24 5.97
CA CYS G 1630 -101.41 80.46 5.62
C CYS G 1630 -101.80 79.46 4.54
N GLN G 1631 -101.16 79.54 3.38
CA GLN G 1631 -101.58 78.76 2.22
C GLN G 1631 -100.53 77.78 1.73
N ASP G 1632 -99.26 78.14 1.74
CA ASP G 1632 -98.23 77.29 1.16
C ASP G 1632 -97.87 76.17 2.11
N PRO G 1633 -97.98 74.90 1.70
CA PRO G 1633 -97.66 73.80 2.61
C PRO G 1633 -96.17 73.66 2.84
N LEU G 1634 -95.83 73.07 3.99
CA LEU G 1634 -94.46 72.73 4.33
C LEU G 1634 -94.45 71.42 5.09
N THR G 1635 -93.54 70.53 4.71
CA THR G 1635 -93.46 69.20 5.29
C THR G 1635 -92.02 68.88 5.65
N MET G 1636 -91.83 68.19 6.76
CA MET G 1636 -90.52 67.70 7.15
C MET G 1636 -90.63 66.26 7.58
N MET G 1637 -89.59 65.48 7.31
CA MET G 1637 -89.56 64.07 7.65
C MET G 1637 -89.06 63.94 9.08
N ALA G 1638 -89.90 63.42 9.96
CA ALA G 1638 -89.62 63.34 11.38
C ALA G 1638 -88.99 62.00 11.73
N LEU G 1639 -88.06 62.03 12.68
CA LEU G 1639 -87.51 60.82 13.27
C LEU G 1639 -88.06 60.68 14.67
N HIS G 1640 -88.75 59.58 14.93
CA HIS G 1640 -89.48 59.38 16.18
C HIS G 1640 -88.72 58.42 17.07
N ILE G 1641 -88.48 58.83 18.32
CA ILE G 1641 -87.92 57.96 19.34
C ILE G 1641 -89.10 57.36 20.11
N PRO G 1642 -89.34 56.05 20.02
CA PRO G 1642 -90.57 55.49 20.57
C PRO G 1642 -90.68 55.62 22.09
N GLU G 1643 -89.66 55.17 22.83
CA GLU G 1643 -89.78 55.13 24.28
C GLU G 1643 -89.87 56.52 24.89
N GLU G 1644 -89.30 57.52 24.24
CA GLU G 1644 -89.39 58.89 24.73
C GLU G 1644 -90.59 59.65 24.20
N ASN G 1645 -91.32 59.08 23.23
CA ASN G 1645 -92.52 59.67 22.67
C ASN G 1645 -92.27 61.11 22.20
N ARG G 1646 -91.12 61.31 21.56
CA ARG G 1646 -90.77 62.59 20.98
C ARG G 1646 -90.16 62.36 19.61
N CYS G 1647 -90.20 63.39 18.77
CA CYS G 1647 -89.68 63.31 17.43
C CYS G 1647 -88.73 64.47 17.17
N MET G 1648 -87.84 64.27 16.21
CA MET G 1648 -86.91 65.30 15.77
C MET G 1648 -86.83 65.27 14.26
N ASP G 1649 -86.33 66.36 13.69
CA ASP G 1649 -86.08 66.39 12.26
C ASP G 1649 -85.02 65.36 11.91
N ILE G 1650 -85.26 64.61 10.83
CA ILE G 1650 -84.28 63.60 10.43
C ILE G 1650 -83.01 64.26 9.95
N LEU G 1651 -83.06 65.54 9.58
CA LEU G 1651 -81.85 66.26 9.18
C LEU G 1651 -80.96 66.59 10.36
N GLU G 1652 -81.45 66.43 11.60
CA GLU G 1652 -80.60 66.57 12.76
C GLU G 1652 -79.59 65.44 12.88
N LEU G 1653 -79.76 64.37 12.12
CA LEU G 1653 -78.81 63.26 12.15
C LEU G 1653 -77.49 63.60 11.46
N SER G 1654 -77.37 64.81 10.90
CA SER G 1654 -76.09 65.24 10.36
C SER G 1654 -75.09 65.56 11.48
N GLU G 1655 -75.59 65.78 12.69
CA GLU G 1655 -74.73 66.01 13.85
C GLU G 1655 -74.85 64.95 14.92
N ARG G 1656 -76.00 64.29 15.03
CA ARG G 1656 -76.18 63.18 15.98
C ARG G 1656 -75.71 61.91 15.30
N LEU G 1657 -74.38 61.70 15.32
CA LEU G 1657 -73.78 60.63 14.55
C LEU G 1657 -74.12 59.25 15.09
N ASP G 1658 -74.34 59.14 16.40
CA ASP G 1658 -74.68 57.83 16.98
C ASP G 1658 -76.02 57.34 16.47
N LEU G 1659 -77.00 58.23 16.33
CA LEU G 1659 -78.28 57.85 15.76
C LEU G 1659 -78.17 57.64 14.26
N GLN G 1660 -77.31 58.40 13.58
CA GLN G 1660 -77.16 58.26 12.14
C GLN G 1660 -76.64 56.87 11.77
N ARG G 1661 -75.65 56.37 12.50
CA ARG G 1661 -75.15 55.03 12.24
C ARG G 1661 -76.22 53.98 12.48
N PHE G 1662 -76.95 54.10 13.59
CA PHE G 1662 -77.99 53.12 13.89
C PHE G 1662 -79.09 53.14 12.84
N HIS G 1663 -79.50 54.33 12.40
CA HIS G 1663 -80.57 54.40 11.41
C HIS G 1663 -80.09 53.96 10.04
N SER G 1664 -78.83 54.26 9.70
CA SER G 1664 -78.29 53.79 8.43
C SER G 1664 -78.19 52.28 8.41
N HIS G 1665 -77.84 51.66 9.54
CA HIS G 1665 -77.83 50.21 9.63
C HIS G 1665 -79.24 49.65 9.69
N THR G 1666 -80.20 50.43 10.21
CA THR G 1666 -81.59 50.01 10.16
C THR G 1666 -82.07 49.87 8.72
N LEU G 1667 -81.72 50.83 7.88
CA LEU G 1667 -82.05 50.72 6.46
C LEU G 1667 -81.34 49.52 5.83
N ARG G 1668 -80.14 49.21 6.30
CA ARG G 1668 -79.45 48.03 5.82
C ARG G 1668 -80.20 46.76 6.18
N LEU G 1669 -80.79 46.73 7.38
CA LEU G 1669 -81.59 45.57 7.79
C LEU G 1669 -82.88 45.49 6.98
N TYR G 1670 -83.46 46.64 6.64
CA TYR G 1670 -84.65 46.64 5.80
C TYR G 1670 -84.37 46.00 4.45
N ARG G 1671 -83.22 46.31 3.86
CA ARG G 1671 -82.87 45.72 2.58
C ARG G 1671 -82.52 44.25 2.71
N ALA G 1672 -82.05 43.84 3.89
CA ALA G 1672 -81.65 42.44 4.07
C ALA G 1672 -82.87 41.53 4.19
N VAL G 1673 -83.91 41.96 4.90
CA VAL G 1673 -85.05 41.10 5.11
C VAL G 1673 -85.84 40.89 3.83
N CYS G 1674 -85.85 41.88 2.94
CA CYS G 1674 -86.54 41.76 1.66
C CYS G 1674 -85.60 41.43 0.51
N ALA G 1675 -84.37 41.04 0.81
CA ALA G 1675 -83.39 40.79 -0.23
C ALA G 1675 -83.72 39.51 -1.00
N LEU G 1676 -83.36 39.52 -2.29
CA LEU G 1676 -83.42 38.34 -3.15
C LEU G 1676 -84.84 37.80 -3.27
N GLY G 1677 -85.77 38.71 -3.61
CA GLY G 1677 -87.09 38.31 -4.02
C GLY G 1677 -88.08 38.01 -2.92
N ASN G 1678 -87.88 38.54 -1.71
CA ASN G 1678 -88.82 38.34 -0.62
C ASN G 1678 -89.90 39.42 -0.73
N ASN G 1679 -90.78 39.24 -1.71
CA ASN G 1679 -91.82 40.24 -1.98
C ASN G 1679 -92.83 40.35 -0.86
N ARG G 1680 -93.05 39.27 -0.09
CA ARG G 1680 -93.96 39.35 1.04
C ARG G 1680 -93.44 40.31 2.10
N VAL G 1681 -92.15 40.25 2.40
CA VAL G 1681 -91.56 41.18 3.36
C VAL G 1681 -91.51 42.59 2.79
N ALA G 1682 -91.23 42.72 1.49
CA ALA G 1682 -91.17 44.03 0.86
C ALA G 1682 -92.50 44.76 0.94
N HIS G 1683 -93.62 44.02 0.86
CA HIS G 1683 -94.91 44.65 1.06
C HIS G 1683 -95.07 45.15 2.49
N ALA G 1684 -94.55 44.40 3.47
CA ALA G 1684 -94.61 44.84 4.85
C ALA G 1684 -93.80 46.11 5.07
N LEU G 1685 -92.65 46.22 4.42
CA LEU G 1685 -91.81 47.41 4.55
C LEU G 1685 -92.47 48.66 4.00
N CYS G 1686 -93.43 48.53 3.09
CA CYS G 1686 -94.17 49.67 2.60
C CYS G 1686 -95.03 50.31 3.68
N SER G 1687 -95.31 49.60 4.76
CA SER G 1687 -96.03 50.15 5.90
C SER G 1687 -95.13 50.93 6.84
N HIS G 1688 -93.82 50.72 6.77
CA HIS G 1688 -92.87 51.40 7.63
C HIS G 1688 -92.19 52.57 6.96
N VAL G 1689 -91.73 52.39 5.72
CA VAL G 1689 -91.20 53.47 4.90
C VAL G 1689 -92.11 53.56 3.69
N ASP G 1690 -93.11 54.43 3.76
CA ASP G 1690 -94.11 54.52 2.71
C ASP G 1690 -93.53 55.17 1.46
N GLN G 1691 -94.33 55.18 0.39
CA GLN G 1691 -93.87 55.71 -0.88
C GLN G 1691 -93.61 57.21 -0.80
N ALA G 1692 -94.43 57.93 -0.04
CA ALA G 1692 -94.23 59.36 0.11
C ALA G 1692 -92.90 59.69 0.76
N GLN G 1693 -92.50 58.92 1.77
CA GLN G 1693 -91.20 59.14 2.41
C GLN G 1693 -90.06 58.87 1.45
N LEU G 1694 -90.14 57.76 0.70
CA LEU G 1694 -89.06 57.43 -0.22
C LEU G 1694 -88.89 58.48 -1.29
N LEU G 1695 -90.00 58.93 -1.89
CA LEU G 1695 -89.91 59.96 -2.91
C LEU G 1695 -89.40 61.28 -2.33
N HIS G 1696 -89.77 61.58 -1.08
CA HIS G 1696 -89.26 62.78 -0.43
C HIS G 1696 -87.75 62.69 -0.22
N ALA G 1697 -87.25 61.52 0.17
CA ALA G 1697 -85.83 61.38 0.49
C ALA G 1697 -84.95 61.49 -0.74
N LEU G 1698 -85.48 61.15 -1.92
CA LEU G 1698 -84.68 61.23 -3.13
C LEU G 1698 -84.30 62.68 -3.45
N GLU G 1699 -85.23 63.61 -3.27
CA GLU G 1699 -85.02 65.01 -3.60
C GLU G 1699 -84.47 65.82 -2.43
N ASP G 1700 -84.34 65.23 -1.25
CA ASP G 1700 -83.88 65.97 -0.08
C ASP G 1700 -82.40 66.27 -0.23
N ALA G 1701 -82.07 67.57 -0.30
CA ALA G 1701 -80.69 67.98 -0.51
C ALA G 1701 -79.88 68.07 0.77
N HIS G 1702 -80.52 68.00 1.93
CA HIS G 1702 -79.82 68.12 3.20
C HIS G 1702 -79.67 66.80 3.93
N LEU G 1703 -80.06 65.69 3.33
CA LEU G 1703 -79.89 64.41 3.99
C LEU G 1703 -78.41 64.07 4.09
N PRO G 1704 -77.97 63.48 5.20
CA PRO G 1704 -76.60 62.99 5.29
C PRO G 1704 -76.37 61.88 4.26
N GLY G 1705 -75.12 61.76 3.84
CA GLY G 1705 -74.74 60.82 2.81
C GLY G 1705 -75.18 59.39 3.06
N PRO G 1706 -74.86 58.84 4.23
CA PRO G 1706 -75.30 57.47 4.52
C PRO G 1706 -76.81 57.29 4.46
N LEU G 1707 -77.58 58.28 4.88
CA LEU G 1707 -79.03 58.16 4.81
C LEU G 1707 -79.53 58.34 3.38
N ARG G 1708 -78.93 59.27 2.64
CA ARG G 1708 -79.33 59.46 1.25
C ARG G 1708 -79.07 58.19 0.43
N ALA G 1709 -77.90 57.59 0.61
CA ALA G 1709 -77.59 56.36 -0.10
C ALA G 1709 -78.49 55.22 0.34
N GLY G 1710 -78.80 55.15 1.64
CA GLY G 1710 -79.62 54.05 2.13
C GLY G 1710 -81.05 54.10 1.64
N TYR G 1711 -81.63 55.30 1.55
CA TYR G 1711 -83.01 55.41 1.08
C TYR G 1711 -83.11 55.16 -0.41
N TYR G 1712 -82.09 55.53 -1.18
CA TYR G 1712 -82.09 55.20 -2.60
C TYR G 1712 -82.04 53.69 -2.80
N ASP G 1713 -81.20 53.01 -2.02
CA ASP G 1713 -81.12 51.56 -2.11
C ASP G 1713 -82.36 50.90 -1.54
N LEU G 1714 -82.99 51.51 -0.54
CA LEU G 1714 -84.22 50.96 0.01
C LEU G 1714 -85.35 51.00 -1.01
N LEU G 1715 -85.43 52.08 -1.79
CA LEU G 1715 -86.44 52.16 -2.84
C LEU G 1715 -86.22 51.08 -3.89
N ILE G 1716 -84.96 50.85 -4.26
CA ILE G 1716 -84.65 49.83 -5.25
C ILE G 1716 -84.98 48.45 -4.71
N SER G 1717 -84.61 48.18 -3.45
CA SER G 1717 -84.84 46.86 -2.88
C SER G 1717 -86.32 46.54 -2.78
N ILE G 1718 -87.13 47.50 -2.32
CA ILE G 1718 -88.55 47.23 -2.11
C ILE G 1718 -89.27 47.09 -3.44
N HIS G 1719 -88.98 47.96 -4.41
CA HIS G 1719 -89.80 48.09 -5.59
C HIS G 1719 -89.16 47.64 -6.89
N LEU G 1720 -87.82 47.68 -7.00
CA LEU G 1720 -87.18 47.46 -8.28
C LEU G 1720 -86.22 46.28 -8.31
N GLU G 1721 -85.74 45.82 -7.16
CA GLU G 1721 -84.68 44.82 -7.15
C GLU G 1721 -85.12 43.51 -7.78
N SER G 1722 -86.33 43.06 -7.46
CA SER G 1722 -86.80 41.78 -8.00
C SER G 1722 -87.08 41.87 -9.49
N ALA G 1723 -87.75 42.93 -9.93
CA ALA G 1723 -88.09 43.07 -11.34
C ALA G 1723 -86.82 43.22 -12.20
N CYS G 1724 -85.85 43.99 -11.72
CA CYS G 1724 -84.62 44.18 -12.49
C CYS G 1724 -83.86 42.89 -12.64
N ARG G 1725 -83.77 42.10 -11.57
CA ARG G 1725 -83.00 40.85 -11.62
C ARG G 1725 -83.64 39.85 -12.59
N SER G 1726 -84.96 39.72 -12.57
CA SER G 1726 -85.63 38.81 -13.49
C SER G 1726 -85.47 39.28 -14.93
N ARG G 1727 -85.58 40.58 -15.16
CA ARG G 1727 -85.39 41.12 -16.51
C ARG G 1727 -83.95 40.94 -16.97
N ARG G 1728 -82.97 41.17 -16.08
CA ARG G 1728 -81.57 41.07 -16.45
C ARG G 1728 -81.21 39.64 -16.87
N SER G 1729 -81.78 38.64 -16.18
CA SER G 1729 -81.51 37.26 -16.56
C SER G 1729 -82.03 36.95 -17.95
N MET G 1730 -83.12 37.61 -18.36
CA MET G 1730 -83.71 37.38 -19.67
C MET G 1730 -83.07 38.22 -20.76
N LEU G 1731 -82.10 39.07 -20.44
CA LEU G 1731 -81.50 39.94 -21.44
C LEU G 1731 -80.37 39.28 -22.20
N SER G 1732 -79.94 38.09 -21.78
CA SER G 1732 -78.84 37.41 -22.47
C SER G 1732 -79.32 36.50 -23.58
N GLU G 1733 -80.62 36.37 -23.78
CA GLU G 1733 -81.18 35.56 -24.86
C GLU G 1733 -82.00 36.43 -25.79
N TYR G 1734 -82.03 36.07 -27.07
CA TYR G 1734 -82.68 36.86 -28.11
C TYR G 1734 -83.63 35.95 -28.88
N ILE G 1735 -84.87 35.87 -28.41
CA ILE G 1735 -85.93 35.15 -29.10
C ILE G 1735 -86.70 36.17 -29.93
N VAL G 1736 -86.45 36.20 -31.23
CA VAL G 1736 -86.96 37.23 -32.11
C VAL G 1736 -88.14 36.66 -32.89
N PRO G 1737 -89.36 37.13 -32.66
CA PRO G 1737 -90.48 36.72 -33.50
C PRO G 1737 -90.35 37.28 -34.90
N LEU G 1738 -90.88 36.55 -35.87
CA LEU G 1738 -90.82 36.97 -37.27
C LEU G 1738 -92.09 37.76 -37.60
N THR G 1739 -92.25 38.87 -36.89
CA THR G 1739 -93.36 39.79 -37.04
C THR G 1739 -93.02 40.89 -38.04
N PRO G 1740 -94.02 41.59 -38.56
CA PRO G 1740 -93.72 42.70 -39.48
C PRO G 1740 -92.85 43.78 -38.87
N GLU G 1741 -92.94 44.01 -37.56
CA GLU G 1741 -92.06 44.97 -36.92
C GLU G 1741 -90.61 44.53 -37.01
N THR G 1742 -90.35 43.23 -36.85
CA THR G 1742 -89.00 42.71 -36.97
C THR G 1742 -88.45 42.93 -38.37
N ARG G 1743 -89.28 42.71 -39.40
CA ARG G 1743 -88.81 42.81 -40.77
CA ARG G 1743 -88.81 42.81 -40.77
C ARG G 1743 -88.27 44.20 -41.08
N ALA G 1744 -88.86 45.23 -40.48
CA ALA G 1744 -88.45 46.60 -40.74
C ALA G 1744 -87.12 46.97 -40.07
N ILE G 1745 -86.59 46.12 -39.20
CA ILE G 1745 -85.37 46.46 -38.47
C ILE G 1745 -84.18 46.42 -39.42
N THR G 1746 -83.35 47.47 -39.38
CA THR G 1746 -82.14 47.55 -40.17
C THR G 1746 -80.98 47.95 -39.28
N LEU G 1747 -79.77 47.60 -39.73
CA LEU G 1747 -78.58 47.91 -38.95
C LEU G 1747 -78.37 49.41 -38.79
N PHE G 1748 -78.59 50.16 -39.86
CA PHE G 1748 -78.44 51.60 -39.82
C PHE G 1748 -79.78 52.27 -40.11
N PRO G 1749 -80.01 53.47 -39.59
CA PRO G 1749 -81.24 54.18 -39.92
C PRO G 1749 -81.29 54.50 -41.40
N PRO G 1750 -82.48 54.57 -41.98
CA PRO G 1750 -82.58 54.90 -43.40
C PRO G 1750 -82.05 56.29 -43.70
N GLY G 1751 -80.93 56.37 -44.43
CA GLY G 1751 -80.28 57.63 -44.68
C GLY G 1751 -79.54 57.60 -46.01
N ARG G 1752 -78.78 58.66 -46.25
CA ARG G 1752 -78.07 58.85 -47.51
C ARG G 1752 -76.58 59.07 -47.31
N LYS G 1753 -76.06 58.74 -46.13
CA LYS G 1753 -74.63 58.95 -45.87
C LYS G 1753 -73.77 58.09 -46.79
N GLY G 1754 -74.03 56.79 -46.84
CA GLY G 1754 -73.26 55.89 -47.67
C GLY G 1754 -73.93 54.54 -47.77
N GLY G 1755 -73.78 53.90 -48.92
CA GLY G 1755 -74.36 52.58 -49.11
C GLY G 1755 -73.74 51.53 -48.21
N ASN G 1756 -72.41 51.57 -48.04
CA ASN G 1756 -71.74 50.61 -47.19
C ASN G 1756 -72.13 50.80 -45.73
N ALA G 1757 -72.25 52.05 -45.28
CA ALA G 1757 -72.59 52.32 -43.89
C ALA G 1757 -73.10 53.74 -43.77
N ARG G 1758 -74.31 53.89 -43.24
CA ARG G 1758 -74.82 55.19 -42.85
C ARG G 1758 -74.23 55.54 -41.48
N ARG G 1759 -74.75 56.58 -40.85
CA ARG G 1759 -74.34 56.94 -39.50
C ARG G 1759 -75.08 56.07 -38.50
N HIS G 1760 -74.37 55.62 -37.46
CA HIS G 1760 -74.99 54.81 -36.42
C HIS G 1760 -76.12 55.59 -35.75
N GLY G 1761 -77.18 54.87 -35.41
CA GLY G 1761 -78.22 55.45 -34.60
C GLY G 1761 -77.81 55.54 -33.15
N LEU G 1762 -78.63 56.23 -32.37
CA LEU G 1762 -78.37 56.34 -30.95
C LEU G 1762 -78.59 54.98 -30.29
N PRO G 1763 -77.63 54.49 -29.51
CA PRO G 1763 -77.80 53.20 -28.85
C PRO G 1763 -78.97 53.22 -27.88
N GLY G 1764 -79.71 52.12 -27.85
CA GLY G 1764 -80.90 52.03 -27.03
C GLY G 1764 -82.12 52.71 -27.59
N VAL G 1765 -82.02 53.28 -28.79
CA VAL G 1765 -83.12 54.00 -29.42
C VAL G 1765 -83.51 53.27 -30.69
N GLY G 1766 -84.78 52.92 -30.81
CA GLY G 1766 -85.29 52.25 -31.98
C GLY G 1766 -86.28 51.18 -31.59
N VAL G 1767 -86.50 50.25 -32.52
CA VAL G 1767 -87.47 49.17 -32.34
C VAL G 1767 -86.71 47.90 -31.98
N THR G 1768 -87.09 47.29 -30.87
CA THR G 1768 -86.57 46.01 -30.44
C THR G 1768 -87.73 45.05 -30.27
N THR G 1769 -87.61 43.86 -30.85
CA THR G 1769 -88.70 42.89 -30.86
C THR G 1769 -88.40 41.62 -30.08
N SER G 1770 -87.20 41.50 -29.50
CA SER G 1770 -86.88 40.31 -28.72
C SER G 1770 -87.83 40.17 -27.54
N LEU G 1771 -88.19 38.92 -27.23
CA LEU G 1771 -89.21 38.67 -26.22
C LEU G 1771 -88.63 38.81 -24.83
N ARG G 1772 -89.25 39.67 -24.03
CA ARG G 1772 -88.97 39.81 -22.61
C ARG G 1772 -90.29 39.83 -21.85
N PRO G 1773 -90.46 38.96 -20.86
CA PRO G 1773 -91.72 38.93 -20.11
C PRO G 1773 -91.94 40.23 -19.38
N PRO G 1774 -93.19 40.68 -19.26
CA PRO G 1774 -93.48 41.97 -18.62
C PRO G 1774 -93.29 41.91 -17.12
N HIS G 1775 -93.14 43.08 -16.52
CA HIS G 1775 -93.08 43.17 -15.07
C HIS G 1775 -94.46 43.03 -14.46
N HIS G 1776 -94.50 42.50 -13.24
CA HIS G 1776 -95.74 42.32 -12.50
C HIS G 1776 -95.60 42.91 -11.11
N PHE G 1777 -96.55 43.75 -10.73
CA PHE G 1777 -96.54 44.41 -9.43
C PHE G 1777 -97.92 44.33 -8.80
N SER G 1778 -97.95 44.38 -7.48
CA SER G 1778 -99.19 44.40 -6.72
C SER G 1778 -99.27 45.65 -5.87
N PRO G 1779 -100.43 46.30 -5.84
CA PRO G 1779 -100.57 47.53 -5.04
C PRO G 1779 -100.41 47.23 -3.57
N PRO G 1780 -99.62 48.04 -2.85
CA PRO G 1780 -99.47 47.84 -1.40
C PRO G 1780 -100.70 48.36 -0.66
N CYS G 1781 -101.48 47.42 -0.12
CA CYS G 1781 -102.71 47.77 0.59
C CYS G 1781 -102.84 46.85 1.79
N PHE G 1782 -103.11 47.43 2.95
CA PHE G 1782 -103.18 46.70 4.20
C PHE G 1782 -104.56 46.79 4.84
N VAL G 1783 -105.60 46.80 4.00
CA VAL G 1783 -106.98 46.69 4.49
C VAL G 1783 -107.65 45.57 3.74
N ALA G 1784 -106.89 44.87 2.90
CA ALA G 1784 -107.40 43.75 2.13
C ALA G 1784 -107.66 42.56 3.03
N ALA G 1785 -108.68 41.77 2.67
CA ALA G 1785 -109.07 40.63 3.48
C ALA G 1785 -107.97 39.56 3.46
N LEU G 1786 -107.81 38.90 4.60
CA LEU G 1786 -106.80 37.85 4.71
C LEU G 1786 -107.20 36.67 3.82
N PRO G 1787 -106.29 36.16 3.00
CA PRO G 1787 -106.64 35.04 2.11
C PRO G 1787 -107.04 33.81 2.89
N ALA G 1788 -108.12 33.17 2.45
CA ALA G 1788 -108.53 31.90 3.04
C ALA G 1788 -107.55 30.77 2.73
N ALA G 1789 -106.72 30.93 1.71
CA ALA G 1789 -105.71 29.94 1.37
C ALA G 1789 -104.63 29.91 2.45
N GLY G 1790 -104.16 28.71 2.76
CA GLY G 1790 -103.14 28.55 3.76
C GLY G 1790 -101.76 28.92 3.25
N VAL G 1791 -100.78 28.86 4.16
CA VAL G 1791 -99.41 29.17 3.80
C VAL G 1791 -98.89 28.09 2.84
N ALA G 1792 -97.98 28.50 1.95
CA ALA G 1792 -97.37 27.69 0.90
C ALA G 1792 -98.36 27.23 -0.15
N GLU G 1793 -99.64 27.59 -0.04
CA GLU G 1793 -100.64 27.25 -1.04
C GLU G 1793 -101.19 28.48 -1.75
N ALA G 1794 -101.09 29.65 -1.14
CA ALA G 1794 -101.47 30.88 -1.81
C ALA G 1794 -100.45 31.22 -2.90
N PRO G 1795 -100.86 31.95 -3.94
CA PRO G 1795 -99.92 32.33 -5.00
C PRO G 1795 -98.85 33.26 -4.47
N ALA G 1796 -97.67 33.19 -5.10
CA ALA G 1796 -96.53 33.98 -4.66
C ALA G 1796 -96.81 35.47 -4.80
N ARG G 1797 -96.28 36.25 -3.86
CA ARG G 1797 -96.52 37.68 -3.84
C ARG G 1797 -95.69 38.37 -4.91
N LEU G 1798 -96.23 39.46 -5.45
CA LEU G 1798 -95.51 40.29 -6.40
C LEU G 1798 -94.89 41.48 -5.69
N SER G 1799 -93.99 42.16 -6.40
CA SER G 1799 -93.33 43.32 -5.82
C SER G 1799 -94.33 44.46 -5.65
N PRO G 1800 -94.18 45.27 -4.61
CA PRO G 1800 -95.06 46.42 -4.42
C PRO G 1800 -94.94 47.39 -5.59
N ALA G 1801 -96.06 48.00 -5.95
CA ALA G 1801 -96.11 48.90 -7.09
C ALA G 1801 -95.78 50.33 -6.67
N ILE G 1802 -94.94 50.97 -7.47
CA ILE G 1802 -94.66 52.40 -7.32
C ILE G 1802 -94.79 53.00 -8.72
N PRO G 1803 -95.38 54.19 -8.87
CA PRO G 1803 -95.53 54.76 -10.21
C PRO G 1803 -94.22 54.92 -10.94
N LEU G 1804 -94.03 54.13 -12.00
CA LEU G 1804 -92.76 54.13 -12.72
C LEU G 1804 -92.63 55.34 -13.64
N GLU G 1805 -93.73 55.80 -14.22
CA GLU G 1805 -93.70 56.95 -15.11
C GLU G 1805 -93.27 58.21 -14.36
N ALA G 1806 -93.79 58.40 -13.15
CA ALA G 1806 -93.37 59.55 -12.35
C ALA G 1806 -91.95 59.36 -11.82
N LEU G 1807 -91.59 58.12 -11.48
CA LEU G 1807 -90.26 57.86 -10.93
C LEU G 1807 -89.17 58.12 -11.96
N ARG G 1808 -89.39 57.72 -13.22
CA ARG G 1808 -88.37 57.95 -14.23
C ARG G 1808 -88.21 59.43 -14.56
N ASP G 1809 -89.31 60.19 -14.52
CA ASP G 1809 -89.20 61.63 -14.74
C ASP G 1809 -88.42 62.30 -13.60
N LYS G 1810 -88.67 61.86 -12.36
CA LYS G 1810 -87.93 62.42 -11.24
C LYS G 1810 -86.46 62.05 -11.30
N ALA G 1811 -86.16 60.81 -11.68
CA ALA G 1811 -84.76 60.39 -11.79
C ALA G 1811 -84.04 61.16 -12.88
N LEU G 1812 -84.69 61.36 -14.03
CA LEU G 1812 -84.07 62.13 -15.11
C LEU G 1812 -83.82 63.57 -14.68
N ARG G 1813 -84.80 64.19 -14.03
CA ARG G 1813 -84.63 65.57 -13.57
C ARG G 1813 -83.54 65.65 -12.53
N MET G 1814 -83.50 64.70 -11.60
CA MET G 1814 -82.47 64.69 -10.57
C MET G 1814 -81.08 64.54 -11.17
N LEU G 1815 -80.92 63.64 -12.14
CA LEU G 1815 -79.62 63.46 -12.78
C LEU G 1815 -79.18 64.71 -13.52
N GLY G 1816 -80.11 65.33 -14.25
CA GLY G 1816 -79.77 66.55 -14.97
C GLY G 1816 -79.35 67.68 -14.05
N GLU G 1817 -80.03 67.81 -12.92
CA GLU G 1817 -79.64 68.81 -11.93
C GLU G 1817 -78.26 68.51 -11.37
N ALA G 1818 -77.97 67.23 -11.11
CA ALA G 1818 -76.67 66.85 -10.58
C ALA G 1818 -75.55 67.17 -11.57
N VAL G 1819 -75.77 66.91 -12.85
CA VAL G 1819 -74.78 67.25 -13.87
C VAL G 1819 -74.56 68.75 -13.93
N ARG G 1820 -75.65 69.53 -13.87
CA ARG G 1820 -75.53 70.97 -13.81
C ARG G 1820 -74.83 71.40 -12.52
N ASP G 1821 -75.20 70.78 -11.40
CA ASP G 1821 -74.60 71.14 -10.12
C ASP G 1821 -73.13 70.79 -10.06
N GLY G 1822 -72.75 69.63 -10.61
CA GLY G 1822 -71.35 69.26 -10.63
C GLY G 1822 -70.49 70.21 -11.42
N GLY G 1823 -71.01 70.70 -12.55
CA GLY G 1823 -70.28 71.68 -13.33
C GLY G 1823 -70.07 72.99 -12.59
N GLN G 1824 -71.02 73.37 -11.75
CA GLN G 1824 -70.89 74.60 -10.96
C GLN G 1824 -69.76 74.52 -9.94
N HIS G 1825 -69.33 73.32 -9.56
CA HIS G 1825 -68.26 73.13 -8.59
C HIS G 1825 -68.57 73.80 -7.26
N ALA G 1826 -69.75 73.52 -6.72
CA ALA G 1826 -70.14 74.07 -5.42
C ALA G 1826 -69.37 73.40 -4.30
N ARG G 1827 -69.28 74.08 -3.17
CA ARG G 1827 -68.52 73.57 -2.03
C ARG G 1827 -69.38 72.76 -1.08
N ASP G 1828 -70.68 72.63 -1.33
CA ASP G 1828 -71.58 71.81 -0.51
C ASP G 1828 -72.38 70.90 -1.43
N PRO G 1829 -71.75 69.86 -1.97
CA PRO G 1829 -72.49 68.92 -2.82
C PRO G 1829 -73.54 68.16 -2.03
N VAL G 1830 -74.59 67.76 -2.72
CA VAL G 1830 -75.67 67.02 -2.07
C VAL G 1830 -75.12 65.71 -1.52
N GLY G 1831 -75.46 65.42 -0.27
CA GLY G 1831 -74.96 64.25 0.40
C GLY G 1831 -73.62 64.42 1.07
N GLY G 1832 -73.00 65.59 0.96
CA GLY G 1832 -71.72 65.85 1.57
C GLY G 1832 -70.51 65.58 0.70
N SER G 1833 -70.70 64.93 -0.45
CA SER G 1833 -69.59 64.64 -1.33
C SER G 1833 -70.13 64.39 -2.73
N VAL G 1834 -69.22 64.43 -3.71
CA VAL G 1834 -69.61 64.15 -5.09
C VAL G 1834 -70.07 62.71 -5.23
N GLU G 1835 -69.43 61.80 -4.49
CA GLU G 1835 -69.82 60.39 -4.53
C GLU G 1835 -71.26 60.21 -4.06
N PHE G 1836 -71.62 60.85 -2.95
CA PHE G 1836 -72.96 60.71 -2.41
C PHE G 1836 -74.01 61.44 -3.24
N GLN G 1837 -73.59 62.31 -4.15
CA GLN G 1837 -74.54 63.02 -5.01
C GLN G 1837 -74.86 62.26 -6.28
N PHE G 1838 -73.88 61.57 -6.85
CA PHE G 1838 -74.04 60.92 -8.15
C PHE G 1838 -74.32 59.43 -8.06
N VAL G 1839 -73.66 58.72 -7.15
CA VAL G 1839 -73.81 57.27 -7.09
C VAL G 1839 -75.24 56.84 -6.84
N PRO G 1840 -75.96 57.38 -5.85
CA PRO G 1840 -77.36 56.96 -5.67
C PRO G 1840 -78.23 57.22 -6.88
N VAL G 1841 -78.04 58.35 -7.56
CA VAL G 1841 -78.88 58.68 -8.71
C VAL G 1841 -78.55 57.78 -9.88
N LEU G 1842 -77.27 57.53 -10.13
CA LEU G 1842 -76.88 56.67 -11.24
C LEU G 1842 -77.33 55.23 -11.01
N LYS G 1843 -77.36 54.77 -9.76
CA LYS G 1843 -77.92 53.45 -9.48
C LYS G 1843 -79.39 53.39 -9.85
N LEU G 1844 -80.14 54.45 -9.53
CA LEU G 1844 -81.56 54.48 -9.87
C LEU G 1844 -81.78 54.51 -11.38
N VAL G 1845 -81.00 55.32 -12.09
CA VAL G 1845 -81.15 55.41 -13.54
C VAL G 1845 -80.75 54.11 -14.20
N SER G 1846 -79.64 53.52 -13.76
CA SER G 1846 -79.21 52.25 -14.34
C SER G 1846 -80.24 51.16 -14.12
N THR G 1847 -80.84 51.12 -12.94
CA THR G 1847 -81.87 50.12 -12.66
C THR G 1847 -83.07 50.30 -13.58
N LEU G 1848 -83.52 51.53 -13.77
CA LEU G 1848 -84.68 51.78 -14.63
C LEU G 1848 -84.34 51.54 -16.10
N LEU G 1849 -83.09 51.75 -16.50
CA LEU G 1849 -82.70 51.45 -17.87
C LEU G 1849 -82.82 49.96 -18.16
N VAL G 1850 -82.38 49.12 -17.22
CA VAL G 1850 -82.41 47.68 -17.44
C VAL G 1850 -83.84 47.19 -17.55
N MET G 1851 -84.73 47.68 -16.68
CA MET G 1851 -86.13 47.27 -16.73
C MET G 1851 -86.86 47.80 -17.96
N GLY G 1852 -86.26 48.71 -18.71
CA GLY G 1852 -86.90 49.25 -19.90
C GLY G 1852 -87.95 50.29 -19.63
N ILE G 1853 -87.85 51.00 -18.51
CA ILE G 1853 -88.85 52.02 -18.19
C ILE G 1853 -88.71 53.22 -19.12
N PHE G 1854 -87.49 53.61 -19.44
CA PHE G 1854 -87.25 54.80 -20.25
C PHE G 1854 -87.66 54.57 -21.69
N GLY G 1855 -88.28 55.58 -22.29
CA GLY G 1855 -88.60 55.57 -23.70
C GLY G 1855 -87.48 56.14 -24.54
N ASP G 1856 -87.75 56.26 -25.84
CA ASP G 1856 -86.72 56.75 -26.76
C ASP G 1856 -86.32 58.18 -26.42
N GLU G 1857 -87.29 59.04 -26.12
CA GLU G 1857 -86.96 60.42 -25.76
C GLU G 1857 -86.19 60.49 -24.45
N ASP G 1858 -86.56 59.65 -23.49
CA ASP G 1858 -85.83 59.62 -22.22
C ASP G 1858 -84.39 59.13 -22.43
N VAL G 1859 -84.21 58.13 -23.28
CA VAL G 1859 -82.87 57.59 -23.54
C VAL G 1859 -81.99 58.65 -24.20
N LYS G 1860 -82.56 59.43 -25.11
CA LYS G 1860 -81.78 60.48 -25.77
C LYS G 1860 -81.26 61.49 -24.76
N GLN G 1861 -82.08 61.86 -23.78
CA GLN G 1861 -81.63 62.79 -22.76
C GLN G 1861 -80.48 62.22 -21.94
N ILE G 1862 -80.58 60.95 -21.55
CA ILE G 1862 -79.51 60.33 -20.78
C ILE G 1862 -78.21 60.35 -21.57
N LEU G 1863 -78.31 60.12 -22.88
CA LEU G 1863 -77.12 60.20 -23.73
C LEU G 1863 -76.56 61.61 -23.77
N LYS G 1864 -77.44 62.62 -23.71
CA LYS G 1864 -76.98 64.00 -23.67
C LYS G 1864 -76.20 64.29 -22.39
N MET G 1865 -76.69 63.80 -21.25
CA MET G 1865 -75.96 64.00 -20.00
C MET G 1865 -74.64 63.24 -20.02
N ILE G 1866 -74.60 62.06 -20.63
CA ILE G 1866 -73.35 61.32 -20.71
C ILE G 1866 -72.35 62.03 -21.61
N GLU G 1867 -72.79 62.42 -22.79
CA GLU G 1867 -71.91 63.08 -23.75
C GLU G 1867 -72.72 63.93 -24.72
N PRO G 1868 -72.81 65.24 -24.49
CA PRO G 1868 -73.65 66.08 -25.35
C PRO G 1868 -73.16 66.20 -26.78
N GLU G 1869 -71.89 65.91 -27.06
CA GLU G 1869 -71.37 66.11 -28.40
C GLU G 1869 -71.49 64.85 -29.25
N VAL G 1870 -71.14 63.69 -28.71
CA VAL G 1870 -71.17 62.45 -29.47
C VAL G 1870 -72.61 62.05 -29.81
N PHE G 1871 -73.54 62.33 -28.91
CA PHE G 1871 -74.89 61.77 -28.98
C PHE G 1871 -75.95 62.80 -29.37
N THR G 1872 -75.64 63.68 -30.32
CA THR G 1872 -76.63 64.57 -30.90
C THR G 1872 -77.09 64.00 -32.23
N GLU G 1873 -78.40 63.81 -32.37
CA GLU G 1873 -78.96 63.23 -33.58
C GLU G 1873 -79.27 64.31 -34.61
N GLU G 1874 -79.37 63.89 -35.87
CA GLU G 1874 -79.69 64.80 -36.96
C GLU G 1874 -80.23 64.05 -38.17
N LEU G 1922 -73.43 75.43 -18.27
CA LEU G 1922 -72.42 74.42 -18.54
C LEU G 1922 -73.08 73.07 -18.82
N GLU G 1923 -73.04 72.67 -20.08
CA GLU G 1923 -73.72 71.45 -20.54
C GLU G 1923 -72.75 70.27 -20.65
N GLU G 1924 -71.57 70.42 -20.06
CA GLU G 1924 -70.54 69.39 -20.12
C GLU G 1924 -71.05 68.08 -19.56
N GLY G 1925 -70.71 66.99 -20.23
CA GLY G 1925 -71.26 65.70 -19.89
C GLY G 1925 -70.61 65.07 -18.67
N LEU G 1926 -71.17 63.92 -18.28
CA LEU G 1926 -70.66 63.19 -17.12
C LEU G 1926 -69.25 62.66 -17.37
N LEU G 1927 -68.94 62.25 -18.60
CA LEU G 1927 -67.64 61.66 -18.89
C LEU G 1927 -66.51 62.68 -18.85
N GLN G 1928 -66.83 63.97 -18.76
CA GLN G 1928 -65.81 65.02 -18.73
C GLN G 1928 -65.85 65.82 -17.43
N MET G 1929 -66.28 65.19 -16.34
CA MET G 1929 -66.48 65.91 -15.08
C MET G 1929 -65.47 65.53 -14.01
N LYS G 1930 -64.57 64.59 -14.28
CA LYS G 1930 -63.53 64.18 -13.34
C LYS G 1930 -64.16 63.65 -12.04
N LEU G 1931 -64.88 62.55 -12.19
CA LEU G 1931 -65.59 61.85 -11.13
C LEU G 1931 -64.64 60.99 -10.31
N PRO G 1932 -65.00 60.70 -9.06
CA PRO G 1932 -64.24 59.69 -8.31
C PRO G 1932 -64.47 58.29 -8.85
N GLU G 1933 -63.79 57.29 -8.28
CA GLU G 1933 -63.88 55.94 -8.82
C GLU G 1933 -65.26 55.33 -8.64
N SER G 1934 -65.92 55.61 -7.52
CA SER G 1934 -67.24 55.04 -7.28
C SER G 1934 -68.25 55.50 -8.33
N VAL G 1935 -68.17 56.77 -8.73
CA VAL G 1935 -69.04 57.25 -9.79
C VAL G 1935 -68.64 56.65 -11.12
N LYS G 1936 -67.34 56.48 -11.36
CA LYS G 1936 -66.89 55.84 -12.59
C LYS G 1936 -67.43 54.43 -12.73
N LEU G 1937 -67.47 53.68 -11.63
CA LEU G 1937 -68.02 52.33 -11.68
C LEU G 1937 -69.48 52.34 -12.10
N GLN G 1938 -70.22 53.38 -11.70
CA GLN G 1938 -71.62 53.47 -12.11
C GLN G 1938 -71.75 53.88 -13.56
N MET G 1939 -70.80 54.65 -14.08
CA MET G 1939 -70.85 55.03 -15.49
C MET G 1939 -70.58 53.83 -16.39
N CYS G 1940 -69.75 52.90 -15.94
CA CYS G 1940 -69.54 51.68 -16.69
C CYS G 1940 -70.81 50.85 -16.78
N ASN G 1941 -71.64 50.88 -15.74
CA ASN G 1941 -72.92 50.17 -15.79
C ASN G 1941 -73.86 50.80 -16.80
N LEU G 1942 -73.84 52.13 -16.93
CA LEU G 1942 -74.63 52.77 -17.96
C LEU G 1942 -74.14 52.39 -19.35
N LEU G 1943 -72.82 52.44 -19.55
CA LEU G 1943 -72.27 52.15 -20.87
C LEU G 1943 -72.40 50.68 -21.22
N GLU G 1944 -72.29 49.79 -20.23
CA GLU G 1944 -72.48 48.37 -20.52
C GLU G 1944 -73.90 48.08 -20.95
N TYR G 1945 -74.85 48.91 -20.50
CA TYR G 1945 -76.23 48.77 -20.99
C TYR G 1945 -76.33 49.14 -22.46
N PHE G 1946 -75.77 50.30 -22.84
CA PHE G 1946 -75.86 50.73 -24.23
C PHE G 1946 -75.03 49.83 -25.13
N CYS G 1947 -73.95 49.25 -24.61
CA CYS G 1947 -73.20 48.26 -25.38
C CYS G 1947 -74.02 47.01 -25.60
N ASP G 1948 -74.80 46.60 -24.60
CA ASP G 1948 -75.68 45.46 -24.77
C ASP G 1948 -76.77 45.74 -25.80
N GLN G 1949 -77.28 46.98 -25.83
CA GLN G 1949 -78.32 47.33 -26.79
C GLN G 1949 -77.78 47.27 -28.22
N GLU G 1950 -76.54 47.72 -28.42
CA GLU G 1950 -75.93 47.60 -29.75
C GLU G 1950 -75.78 46.14 -30.15
N LEU G 1951 -75.39 45.28 -29.21
CA LEU G 1951 -75.32 43.85 -29.49
C LEU G 1951 -76.70 43.29 -29.80
N GLN G 1952 -77.71 43.71 -29.03
CA GLN G 1952 -79.06 43.24 -29.28
C GLN G 1952 -79.57 43.73 -30.63
N HIS G 1953 -79.21 44.96 -31.01
CA HIS G 1953 -79.63 45.49 -32.30
C HIS G 1953 -79.03 44.68 -33.45
N ARG G 1954 -77.76 44.30 -33.33
CA ARG G 1954 -77.13 43.50 -34.39
C ARG G 1954 -77.79 42.14 -34.52
N VAL G 1955 -78.13 41.51 -33.40
CA VAL G 1955 -78.78 40.21 -33.44
C VAL G 1955 -80.15 40.33 -34.10
N GLU G 1956 -80.91 41.34 -33.73
CA GLU G 1956 -82.24 41.54 -34.31
C GLU G 1956 -82.13 41.93 -35.78
N SER G 1957 -81.15 42.76 -36.12
CA SER G 1957 -80.95 43.13 -37.53
C SER G 1957 -80.56 41.91 -38.35
N LEU G 1958 -79.68 41.06 -37.80
CA LEU G 1958 -79.31 39.84 -38.49
C LEU G 1958 -80.51 38.90 -38.63
N ALA G 1959 -81.33 38.79 -37.58
CA ALA G 1959 -82.54 37.98 -37.67
C ALA G 1959 -83.52 38.56 -38.67
N ALA G 1960 -83.63 39.90 -38.71
CA ALA G 1960 -84.53 40.53 -39.67
C ALA G 1960 -84.09 40.24 -41.10
N PHE G 1961 -82.78 40.32 -41.37
CA PHE G 1961 -82.30 40.03 -42.71
C PHE G 1961 -82.52 38.57 -43.08
N ALA G 1962 -82.41 37.66 -42.10
CA ALA G 1962 -82.63 36.25 -42.38
C ALA G 1962 -84.05 36.00 -42.86
N GLU G 1963 -85.03 36.69 -42.27
CA GLU G 1963 -86.41 36.56 -42.72
C GLU G 1963 -86.58 37.03 -44.15
N ARG G 1964 -85.99 38.18 -44.49
CA ARG G 1964 -86.09 38.68 -45.85
C ARG G 1964 -85.32 37.82 -46.83
N TYR G 1965 -84.14 37.33 -46.43
CA TYR G 1965 -83.30 36.57 -47.35
C TYR G 1965 -83.81 35.16 -47.58
N VAL G 1966 -84.37 34.52 -46.53
CA VAL G 1966 -84.87 33.16 -46.69
C VAL G 1966 -86.02 33.13 -47.68
N ASP G 1967 -86.87 34.17 -47.67
CA ASP G 1967 -87.97 34.24 -48.62
C ASP G 1967 -87.45 34.27 -50.05
N LYS G 1968 -86.41 35.05 -50.31
CA LYS G 1968 -85.79 35.05 -51.64
C LYS G 1968 -85.13 33.71 -51.94
N LEU G 1969 -84.46 33.11 -50.96
CA LEU G 1969 -83.85 31.81 -51.17
C LEU G 1969 -84.90 30.75 -51.48
N GLN G 1970 -85.99 30.72 -50.70
CA GLN G 1970 -87.05 29.74 -50.94
C GLN G 1970 -87.73 29.98 -52.27
N ALA G 1971 -88.00 31.24 -52.61
CA ALA G 1971 -88.66 31.54 -53.88
C ALA G 1971 -87.79 31.12 -55.05
N ASN G 1972 -86.49 31.39 -54.99
CA ASN G 1972 -85.60 31.05 -56.09
C ASN G 1972 -85.44 29.54 -56.22
N GLN G 1973 -85.31 28.84 -55.10
CA GLN G 1973 -85.14 27.39 -55.14
C GLN G 1973 -86.38 26.71 -55.72
N ARG G 1974 -87.56 27.24 -55.40
CA ARG G 1974 -88.79 26.67 -55.96
C ARG G 1974 -88.83 26.83 -57.47
N SER G 1975 -88.38 27.98 -57.97
CA SER G 1975 -88.34 28.19 -59.42
C SER G 1975 -87.29 27.30 -60.08
N ARG G 1976 -86.13 27.16 -59.44
CA ARG G 1976 -85.07 26.32 -60.02
C ARG G 1976 -85.51 24.86 -60.11
N TYR G 1977 -86.19 24.37 -59.08
CA TYR G 1977 -86.74 23.02 -59.14
C TYR G 1977 -87.82 22.90 -60.21
N ALA G 1978 -88.58 23.98 -60.44
CA ALA G 1978 -89.63 23.94 -61.45
C ALA G 1978 -89.06 23.69 -62.84
N LEU G 1979 -87.95 24.36 -63.17
CA LEU G 1979 -87.34 24.17 -64.48
C LEU G 1979 -86.46 22.93 -64.53
N LEU G 1980 -86.11 22.36 -63.37
CA LEU G 1980 -85.22 21.20 -63.36
C LEU G 1980 -85.93 19.93 -63.81
N MET G 1981 -87.25 19.82 -63.59
CA MET G 1981 -87.98 18.66 -64.07
C MET G 1981 -88.15 18.64 -65.58
N ARG G 1982 -87.82 19.73 -66.27
CA ARG G 1982 -87.79 19.75 -67.73
C ARG G 1982 -86.39 19.55 -68.29
N ALA G 1983 -85.42 19.24 -67.44
CA ALA G 1983 -84.04 19.13 -67.90
C ALA G 1983 -83.78 17.86 -68.69
N PHE G 1984 -84.64 16.84 -68.57
CA PHE G 1984 -84.43 15.59 -69.31
C PHE G 1984 -84.47 15.81 -70.82
N THR G 1985 -85.13 16.88 -71.27
CA THR G 1985 -85.21 17.16 -72.70
C THR G 1985 -83.91 17.72 -73.26
N MET G 1986 -83.00 18.21 -72.41
CA MET G 1986 -81.75 18.79 -72.90
C MET G 1986 -80.54 18.41 -72.07
N SER G 1987 -80.59 17.29 -71.34
CA SER G 1987 -79.48 16.91 -70.48
C SER G 1987 -79.42 15.38 -70.42
N ALA G 1988 -78.68 14.87 -69.43
CA ALA G 1988 -78.38 13.45 -69.33
C ALA G 1988 -78.32 13.08 -67.86
N ALA G 1989 -77.70 11.93 -67.55
CA ALA G 1989 -77.66 11.41 -66.19
C ALA G 1989 -76.95 12.35 -65.23
N GLU G 1990 -76.35 13.43 -65.74
CA GLU G 1990 -75.76 14.48 -64.90
C GLU G 1990 -76.82 15.23 -64.08
N THR G 1991 -78.10 15.05 -64.44
CA THR G 1991 -79.19 15.66 -63.70
C THR G 1991 -79.16 15.31 -62.22
N ALA G 1992 -78.60 14.14 -61.88
CA ALA G 1992 -78.48 13.77 -60.48
C ALA G 1992 -77.66 14.80 -59.72
N ARG G 1993 -76.61 15.33 -60.34
CA ARG G 1993 -75.82 16.39 -59.70
C ARG G 1993 -76.65 17.64 -59.48
N ARG G 1994 -77.44 18.05 -60.48
CA ARG G 1994 -78.25 19.25 -60.33
C ARG G 1994 -79.32 19.07 -59.28
N THR G 1995 -79.77 17.83 -59.07
CA THR G 1995 -80.75 17.54 -58.03
C THR G 1995 -80.12 16.96 -56.77
N ARG G 1996 -78.78 16.96 -56.67
CA ARG G 1996 -78.14 16.61 -55.41
C ARG G 1996 -78.56 17.55 -54.30
N GLU G 1997 -78.84 18.81 -54.63
CA GLU G 1997 -79.37 19.75 -53.65
C GLU G 1997 -80.71 19.26 -53.10
N PHE G 1998 -81.57 18.75 -53.97
CA PHE G 1998 -82.90 18.31 -53.57
C PHE G 1998 -82.92 16.91 -52.98
N ARG G 1999 -81.76 16.25 -52.87
CA ARG G 1999 -81.64 15.01 -52.12
C ARG G 1999 -80.63 15.14 -50.97
N SER G 2000 -80.39 16.37 -50.52
CA SER G 2000 -79.47 16.64 -49.42
C SER G 2000 -80.23 17.36 -48.31
N PRO G 2001 -79.85 17.10 -47.05
CA PRO G 2001 -80.66 17.61 -45.94
C PRO G 2001 -80.74 19.13 -45.98
N PRO G 2002 -81.86 19.70 -45.51
CA PRO G 2002 -82.06 21.15 -45.66
C PRO G 2002 -80.96 22.00 -45.05
N GLN G 2003 -80.33 21.54 -43.97
CA GLN G 2003 -79.19 22.26 -43.43
C GLN G 2003 -78.06 22.32 -44.44
N GLU G 2004 -77.82 21.23 -45.15
CA GLU G 2004 -76.75 21.20 -46.15
C GLU G 2004 -77.13 21.98 -47.40
N GLN G 2005 -78.42 22.07 -47.71
CA GLN G 2005 -78.84 22.87 -48.86
C GLN G 2005 -78.53 24.34 -48.64
N ILE G 2006 -78.79 24.85 -47.44
CA ILE G 2006 -78.51 26.25 -47.15
C ILE G 2006 -77.03 26.50 -46.91
N ASN G 2007 -76.27 25.48 -46.48
CA ASN G 2007 -74.83 25.61 -46.40
C ASN G 2007 -74.21 25.80 -47.78
N MET G 2008 -74.68 25.04 -48.76
CA MET G 2008 -74.16 25.16 -50.12
C MET G 2008 -74.65 26.44 -50.78
N LEU G 2009 -75.88 26.87 -50.45
CA LEU G 2009 -76.41 28.09 -51.03
C LEU G 2009 -75.61 29.32 -50.62
N LEU G 2010 -75.16 29.37 -49.36
CA LEU G 2010 -74.38 30.49 -48.86
C LEU G 2010 -72.88 30.31 -49.10
N HIS G 2011 -72.47 29.21 -49.72
CA HIS G 2011 -71.05 28.92 -49.93
C HIS G 2011 -70.57 29.60 -51.21
N PHE G 2012 -70.60 30.93 -51.18
CA PHE G 2012 -70.17 31.73 -52.32
C PHE G 2012 -69.37 32.97 -51.88
N LYS G 2013 -68.65 32.88 -50.76
CA LYS G 2013 -67.98 34.05 -50.22
C LYS G 2013 -66.60 34.26 -50.81
N ASP G 2014 -65.81 33.19 -50.97
CA ASP G 2014 -64.41 33.31 -51.32
C ASP G 2014 -64.15 33.46 -52.82
N GLU G 2015 -65.19 33.46 -53.64
CA GLU G 2015 -65.15 33.66 -55.10
C GLU G 2015 -64.57 32.46 -55.83
N ALA G 2016 -64.02 31.47 -55.13
CA ALA G 2016 -63.61 30.21 -55.73
C ALA G 2016 -64.69 29.15 -55.62
N ASP G 2017 -65.85 29.51 -55.07
CA ASP G 2017 -66.97 28.60 -54.84
C ASP G 2017 -68.21 29.07 -55.57
N GLU G 2018 -68.02 29.68 -56.74
CA GLU G 2018 -69.11 30.22 -57.53
C GLU G 2018 -69.66 29.23 -58.56
N GLU G 2019 -69.17 27.99 -58.56
CA GLU G 2019 -69.64 26.97 -59.48
C GLU G 2019 -70.64 26.02 -58.83
N ASP G 2020 -70.41 25.63 -57.57
CA ASP G 2020 -71.37 24.77 -56.88
C ASP G 2020 -72.59 25.54 -56.40
N CYS G 2021 -72.44 26.84 -56.14
CA CYS G 2021 -73.57 27.65 -55.70
C CYS G 2021 -74.45 27.99 -56.90
N PRO G 2022 -75.71 27.59 -56.92
CA PRO G 2022 -76.58 27.86 -58.08
C PRO G 2022 -77.37 29.15 -58.00
N LEU G 2023 -77.19 29.97 -56.98
CA LEU G 2023 -78.00 31.15 -56.82
C LEU G 2023 -77.67 32.20 -57.88
N PRO G 2024 -78.67 32.97 -58.32
CA PRO G 2024 -78.39 34.09 -59.23
C PRO G 2024 -77.57 35.17 -58.54
N GLU G 2025 -76.84 35.93 -59.36
CA GLU G 2025 -75.95 36.95 -58.84
C GLU G 2025 -76.71 38.06 -58.12
N ASP G 2026 -77.95 38.33 -58.53
CA ASP G 2026 -78.73 39.37 -57.87
C ASP G 2026 -79.00 39.01 -56.41
N ILE G 2027 -79.31 37.75 -56.14
CA ILE G 2027 -79.52 37.32 -54.76
C ILE G 2027 -78.20 37.29 -54.01
N ARG G 2028 -77.12 36.88 -54.67
CA ARG G 2028 -75.81 36.85 -54.04
C ARG G 2028 -75.39 38.24 -53.58
N GLN G 2029 -75.83 39.28 -54.31
CA GLN G 2029 -75.44 40.64 -53.96
C GLN G 2029 -76.02 41.05 -52.62
N ASP G 2030 -77.27 40.66 -52.33
CA ASP G 2030 -77.93 41.10 -51.11
C ASP G 2030 -77.18 40.66 -49.86
N LEU G 2031 -76.72 39.40 -49.85
CA LEU G 2031 -75.97 38.92 -48.69
C LEU G 2031 -74.63 39.64 -48.58
N GLN G 2032 -73.92 39.81 -49.69
CA GLN G 2032 -72.66 40.54 -49.66
C GLN G 2032 -72.89 42.01 -49.30
N ASP G 2033 -73.99 42.59 -49.77
CA ASP G 2033 -74.33 43.95 -49.38
C ASP G 2033 -74.57 44.04 -47.87
N PHE G 2034 -75.32 43.08 -47.33
CA PHE G 2034 -75.58 43.08 -45.90
C PHE G 2034 -74.33 42.78 -45.08
N HIS G 2035 -73.49 41.89 -45.57
CA HIS G 2035 -72.29 41.51 -44.82
C HIS G 2035 -71.35 42.71 -44.65
N GLN G 2036 -71.39 43.67 -45.57
CA GLN G 2036 -70.49 44.80 -45.49
C GLN G 2036 -70.88 45.76 -44.37
N ASP G 2037 -72.16 46.10 -44.27
CA ASP G 2037 -72.58 47.00 -43.20
C ASP G 2037 -72.62 46.32 -41.84
N LEU G 2038 -72.71 45.00 -41.81
CA LEU G 2038 -72.58 44.29 -40.54
C LEU G 2038 -71.16 44.44 -39.99
N LEU G 2039 -70.17 44.37 -40.87
CA LEU G 2039 -68.79 44.64 -40.46
C LEU G 2039 -68.61 46.11 -40.10
N ALA G 2040 -69.18 47.00 -40.92
CA ALA G 2040 -69.06 48.43 -40.65
C ALA G 2040 -69.75 48.81 -39.35
N HIS G 2041 -70.91 48.22 -39.08
CA HIS G 2041 -71.60 48.47 -37.83
C HIS G 2041 -70.82 47.97 -36.63
N CYS G 2042 -70.02 46.92 -36.80
CA CYS G 2042 -69.13 46.44 -35.76
C CYS G 2042 -67.80 47.17 -35.74
N GLY G 2043 -67.63 48.19 -36.57
CA GLY G 2043 -66.40 48.95 -36.63
C GLY G 2043 -65.20 48.18 -37.15
N ILE G 2044 -65.42 47.29 -38.12
CA ILE G 2044 -64.31 46.53 -38.69
C ILE G 2044 -63.52 47.40 -39.67
N GLN G 2045 -64.18 47.85 -40.74
CA GLN G 2045 -63.54 48.66 -41.76
C GLN G 2045 -64.64 49.29 -42.62
N LEU G 2046 -64.25 50.30 -43.38
CA LEU G 2046 -65.18 50.98 -44.28
C LEU G 2046 -64.51 51.29 -45.61
N GLU G 2088 -60.28 63.92 -36.26
CA GLU G 2088 -61.18 62.84 -35.87
C GLU G 2088 -61.21 62.67 -34.35
N LYS G 2089 -60.96 63.76 -33.63
CA LYS G 2089 -60.95 63.72 -32.18
C LYS G 2089 -62.34 63.43 -31.61
N LYS G 2090 -63.39 63.80 -32.31
CA LYS G 2090 -64.73 63.43 -31.89
C LYS G 2090 -64.91 61.93 -32.07
N PRO G 2091 -65.29 61.18 -31.03
CA PRO G 2091 -65.44 59.72 -31.20
C PRO G 2091 -66.45 59.34 -32.26
N GLN G 2092 -67.51 60.12 -32.44
CA GLN G 2092 -68.54 59.94 -33.46
C GLN G 2092 -69.35 58.66 -33.27
N SER G 2093 -69.05 57.84 -32.26
CA SER G 2093 -69.78 56.62 -32.03
C SER G 2093 -69.55 56.16 -30.60
N LEU G 2094 -70.43 55.28 -30.13
CA LEU G 2094 -70.27 54.72 -28.80
C LEU G 2094 -68.99 53.91 -28.68
N GLN G 2095 -68.64 53.18 -29.75
CA GLN G 2095 -67.46 52.32 -29.71
C GLN G 2095 -66.18 53.12 -29.51
N GLU G 2096 -66.04 54.24 -30.23
CA GLU G 2096 -64.83 55.03 -30.07
C GLU G 2096 -64.85 55.85 -28.78
N LEU G 2097 -66.03 56.21 -28.30
CA LEU G 2097 -66.11 56.96 -27.06
C LEU G 2097 -65.69 56.12 -25.86
N VAL G 2098 -66.20 54.88 -25.79
CA VAL G 2098 -65.89 54.02 -24.65
C VAL G 2098 -64.40 53.69 -24.61
N SER G 2099 -63.82 53.34 -25.76
CA SER G 2099 -62.42 52.95 -25.78
C SER G 2099 -61.52 54.10 -25.34
N HIS G 2100 -61.78 55.30 -25.84
CA HIS G 2100 -60.99 56.46 -25.44
CA HIS G 2100 -60.99 56.46 -25.44
C HIS G 2100 -61.20 56.78 -23.97
N MET G 2101 -62.43 56.66 -23.49
CA MET G 2101 -62.73 56.96 -22.09
C MET G 2101 -61.98 56.01 -21.14
N VAL G 2102 -61.97 54.72 -21.47
CA VAL G 2102 -61.31 53.75 -20.59
C VAL G 2102 -59.80 53.98 -20.58
N VAL G 2103 -59.19 54.16 -21.76
CA VAL G 2103 -57.75 54.37 -21.83
C VAL G 2103 -57.37 55.65 -21.11
N ARG G 2104 -58.14 56.72 -21.31
CA ARG G 2104 -57.84 57.97 -20.64
C ARG G 2104 -57.95 57.83 -19.13
N TRP G 2105 -58.96 57.12 -18.64
CA TRP G 2105 -59.10 56.91 -17.21
C TRP G 2105 -57.89 56.16 -16.65
N ALA G 2106 -57.43 55.13 -17.36
CA ALA G 2106 -56.33 54.31 -16.85
C ALA G 2106 -55.01 55.05 -16.87
N GLN G 2107 -54.79 55.92 -17.84
CA GLN G 2107 -53.54 56.67 -17.93
C GLN G 2107 -53.59 57.99 -17.19
N GLU G 2108 -54.71 58.33 -16.57
CA GLU G 2108 -54.78 59.52 -15.73
C GLU G 2108 -54.46 59.22 -14.27
N ASP G 2109 -54.73 58.00 -13.81
CA ASP G 2109 -54.42 57.64 -12.43
C ASP G 2109 -54.30 56.13 -12.33
N TYR G 2110 -53.67 55.70 -11.24
CA TYR G 2110 -53.60 54.28 -10.90
C TYR G 2110 -54.92 53.88 -10.25
N VAL G 2111 -55.79 53.25 -11.01
CA VAL G 2111 -57.12 52.88 -10.51
C VAL G 2111 -56.97 51.85 -9.40
N GLN G 2112 -57.58 52.12 -8.25
CA GLN G 2112 -57.40 51.32 -7.06
C GLN G 2112 -58.54 50.32 -6.83
N SER G 2113 -59.68 50.50 -7.48
CA SER G 2113 -60.81 49.61 -7.26
C SER G 2113 -60.73 48.44 -8.23
N PRO G 2114 -60.54 47.21 -7.75
CA PRO G 2114 -60.54 46.07 -8.68
C PRO G 2114 -61.85 45.89 -9.42
N GLU G 2115 -62.97 46.24 -8.79
CA GLU G 2115 -64.25 46.15 -9.48
C GLU G 2115 -64.31 47.13 -10.65
N LEU G 2116 -63.77 48.33 -10.47
CA LEU G 2116 -63.72 49.28 -11.57
C LEU G 2116 -62.77 48.82 -12.67
N VAL G 2117 -61.61 48.29 -12.29
CA VAL G 2117 -60.62 47.88 -13.28
C VAL G 2117 -61.17 46.77 -14.16
N ARG G 2118 -61.83 45.78 -13.55
CA ARG G 2118 -62.47 44.74 -14.33
C ARG G 2118 -63.60 45.30 -15.18
N ALA G 2119 -64.32 46.29 -14.66
CA ALA G 2119 -65.44 46.87 -15.39
C ALA G 2119 -64.97 47.60 -16.64
N MET G 2120 -63.89 48.36 -16.55
CA MET G 2120 -63.46 49.16 -17.70
C MET G 2120 -62.83 48.27 -18.76
N PHE G 2121 -62.05 47.28 -18.35
CA PHE G 2121 -61.38 46.42 -19.33
C PHE G 2121 -62.32 45.41 -19.95
N SER G 2122 -63.37 45.00 -19.23
CA SER G 2122 -64.44 44.25 -19.87
C SER G 2122 -65.15 45.10 -20.90
N LEU G 2123 -65.38 46.37 -20.58
CA LEU G 2123 -66.00 47.29 -21.53
C LEU G 2123 -65.09 47.56 -22.72
N LEU G 2124 -63.79 47.71 -22.47
CA LEU G 2124 -62.85 48.02 -23.53
C LEU G 2124 -62.76 46.88 -24.54
N HIS G 2125 -62.78 45.64 -24.05
CA HIS G 2125 -62.62 44.50 -24.95
C HIS G 2125 -63.78 44.38 -25.93
N ARG G 2126 -64.98 44.77 -25.49
CA ARG G 2126 -66.15 44.66 -26.36
C ARG G 2126 -66.05 45.62 -27.54
N GLN G 2127 -65.50 46.82 -27.31
CA GLN G 2127 -65.38 47.79 -28.39
C GLN G 2127 -64.41 47.32 -29.45
N TYR G 2128 -63.27 46.76 -29.05
CA TYR G 2128 -62.28 46.31 -30.01
C TYR G 2128 -62.73 45.05 -30.74
N ASP G 2129 -63.43 44.16 -30.05
CA ASP G 2129 -63.93 42.92 -30.63
C ASP G 2129 -65.46 42.99 -30.63
N GLY G 2130 -66.01 43.59 -31.68
CA GLY G 2130 -67.45 43.67 -31.82
C GLY G 2130 -68.01 42.47 -32.56
N LEU G 2131 -67.28 42.03 -33.59
CA LEU G 2131 -67.70 40.85 -34.34
C LEU G 2131 -67.65 39.60 -33.46
N GLY G 2132 -66.61 39.48 -32.65
CA GLY G 2132 -66.52 38.33 -31.76
C GLY G 2132 -67.62 38.31 -30.72
N GLU G 2133 -68.01 39.49 -30.23
CA GLU G 2133 -69.11 39.57 -29.28
C GLU G 2133 -70.40 39.10 -29.90
N LEU G 2134 -70.66 39.49 -31.16
CA LEU G 2134 -71.83 39.00 -31.87
C LEU G 2134 -71.76 37.50 -32.09
N LEU G 2135 -70.57 37.00 -32.42
CA LEU G 2135 -70.41 35.58 -32.71
C LEU G 2135 -70.72 34.71 -31.49
N ARG G 2136 -70.42 35.22 -30.30
CA ARG G 2136 -70.69 34.47 -29.08
C ARG G 2136 -72.10 34.69 -28.55
N ALA G 2137 -72.88 35.56 -29.18
CA ALA G 2137 -74.26 35.78 -28.78
C ALA G 2137 -75.27 35.06 -29.66
N LEU G 2138 -74.90 34.76 -30.90
CA LEU G 2138 -75.80 34.05 -31.81
C LEU G 2138 -76.27 32.69 -31.27
N PRO G 2139 -75.45 31.89 -30.59
CA PRO G 2139 -75.98 30.62 -30.06
C PRO G 2139 -77.18 30.79 -29.16
N ARG G 2140 -77.36 31.95 -28.54
CA ARG G 2140 -78.54 32.23 -27.73
C ARG G 2140 -79.60 33.01 -28.48
N ALA G 2141 -79.48 33.11 -29.80
CA ALA G 2141 -80.48 33.77 -30.62
C ALA G 2141 -81.36 32.71 -31.30
N TYR G 2142 -82.65 32.99 -31.37
CA TYR G 2142 -83.61 32.04 -31.91
C TYR G 2142 -84.76 32.81 -32.52
N THR G 2143 -85.28 32.31 -33.64
CA THR G 2143 -86.40 32.92 -34.33
C THR G 2143 -87.62 32.02 -34.25
N ILE G 2144 -88.76 32.61 -33.90
CA ILE G 2144 -90.00 31.87 -33.72
C ILE G 2144 -91.08 32.51 -34.56
N SER G 2145 -92.08 31.71 -34.90
CA SER G 2145 -93.24 32.20 -35.62
C SER G 2145 -94.04 33.14 -34.72
N PRO G 2146 -94.65 34.18 -35.29
CA PRO G 2146 -95.47 35.08 -34.46
C PRO G 2146 -96.65 34.39 -33.81
N SER G 2147 -97.11 33.27 -34.35
CA SER G 2147 -98.22 32.53 -33.76
C SER G 2147 -97.83 31.82 -32.46
N SER G 2148 -96.53 31.69 -32.16
CA SER G 2148 -96.07 31.02 -30.96
C SER G 2148 -95.49 31.99 -29.93
N VAL G 2149 -95.81 33.27 -30.05
CA VAL G 2149 -95.25 34.26 -29.12
C VAL G 2149 -95.87 34.10 -27.74
N GLU G 2150 -97.19 33.94 -27.66
CA GLU G 2150 -97.86 33.93 -26.37
C GLU G 2150 -97.48 32.70 -25.56
N ASP G 2151 -97.25 31.57 -26.23
CA ASP G 2151 -96.83 30.37 -25.50
C ASP G 2151 -95.38 30.49 -25.05
N THR G 2152 -94.52 31.10 -25.89
CA THR G 2152 -93.14 31.32 -25.50
C THR G 2152 -93.06 32.29 -24.32
N MET G 2153 -93.90 33.32 -24.31
CA MET G 2153 -93.92 34.27 -23.20
C MET G 2153 -94.28 33.58 -21.90
N SER G 2154 -95.26 32.67 -21.94
CA SER G 2154 -95.61 31.91 -20.74
C SER G 2154 -94.45 31.05 -20.28
N LEU G 2155 -93.73 30.43 -21.23
CA LEU G 2155 -92.58 29.62 -20.88
C LEU G 2155 -91.48 30.46 -20.26
N LEU G 2156 -91.27 31.67 -20.76
CA LEU G 2156 -90.25 32.55 -20.19
C LEU G 2156 -90.61 32.96 -18.77
N GLU G 2157 -91.89 33.19 -18.50
CA GLU G 2157 -92.31 33.53 -17.15
C GLU G 2157 -92.02 32.38 -16.19
N CYS G 2158 -92.35 31.15 -16.59
CA CYS G 2158 -92.08 30.00 -15.73
C CYS G 2158 -90.58 29.80 -15.51
N LEU G 2159 -89.79 29.96 -16.56
CA LEU G 2159 -88.35 29.84 -16.42
C LEU G 2159 -87.78 30.93 -15.51
N GLY G 2160 -88.33 32.14 -15.62
CA GLY G 2160 -87.91 33.20 -14.72
C GLY G 2160 -88.17 32.88 -13.26
N GLN G 2161 -89.29 32.21 -12.99
CA GLN G 2161 -89.56 31.75 -11.62
C GLN G 2161 -88.51 30.75 -11.17
N ILE G 2162 -88.14 29.81 -12.03
CA ILE G 2162 -87.15 28.80 -11.67
C ILE G 2162 -85.79 29.46 -11.39
N ARG G 2163 -85.39 30.40 -12.26
CA ARG G 2163 -84.09 31.04 -12.09
C ARG G 2163 -84.03 31.86 -10.81
N SER G 2164 -85.12 32.53 -10.45
CA SER G 2164 -85.14 33.35 -9.24
C SER G 2164 -84.95 32.51 -7.98
N LEU G 2165 -85.25 31.22 -8.04
CA LEU G 2165 -85.16 30.35 -6.88
C LEU G 2165 -83.81 29.66 -6.76
N LEU G 2166 -82.85 30.02 -7.62
CA LEU G 2166 -81.47 29.59 -7.47
C LEU G 2166 -80.72 30.34 -6.37
N ILE G 2167 -81.29 31.44 -5.87
CA ILE G 2167 -80.61 32.29 -4.89
C ILE G 2167 -81.35 32.31 -3.56
N VAL G 2168 -82.17 31.30 -3.29
CA VAL G 2168 -82.91 31.20 -2.04
C VAL G 2168 -82.85 29.77 -1.55
N GLN G 2169 -82.67 29.60 -0.23
CA GLN G 2169 -82.68 28.27 0.35
C GLN G 2169 -84.02 27.59 0.11
N MET G 2170 -83.96 26.28 -0.13
CA MET G 2170 -85.16 25.54 -0.48
C MET G 2170 -86.08 25.44 0.73
N GLY G 2171 -87.38 25.56 0.47
CA GLY G 2171 -88.37 25.46 1.52
C GLY G 2171 -89.67 24.87 1.02
N PRO G 2172 -90.62 24.65 1.93
CA PRO G 2172 -91.91 24.10 1.51
C PRO G 2172 -92.64 24.98 0.51
N GLN G 2173 -92.53 26.31 0.66
CA GLN G 2173 -93.23 27.22 -0.22
C GLN G 2173 -92.60 27.19 -1.62
N GLU G 2174 -91.28 27.27 -1.70
CA GLU G 2174 -90.60 27.22 -2.98
C GLU G 2174 -90.81 25.90 -3.70
N GLU G 2175 -91.01 24.81 -2.95
CA GLU G 2175 -91.20 23.51 -3.56
C GLU G 2175 -92.43 23.50 -4.46
N ASN G 2176 -93.51 24.15 -4.02
CA ASN G 2176 -94.71 24.21 -4.84
C ASN G 2176 -94.49 25.03 -6.10
N LEU G 2177 -93.70 26.11 -6.02
CA LEU G 2177 -93.42 26.89 -7.22
C LEU G 2177 -92.59 26.09 -8.22
N MET G 2178 -91.59 25.34 -7.75
CA MET G 2178 -90.80 24.52 -8.66
C MET G 2178 -91.68 23.52 -9.38
N ILE G 2179 -92.56 22.84 -8.65
CA ILE G 2179 -93.38 21.79 -9.24
C ILE G 2179 -94.33 22.38 -10.28
N GLN G 2180 -94.97 23.50 -9.95
CA GLN G 2180 -95.91 24.09 -10.90
C GLN G 2180 -95.19 24.79 -12.04
N SER G 2181 -94.01 25.37 -11.78
CA SER G 2181 -93.24 25.96 -12.87
C SER G 2181 -92.74 24.89 -13.83
N ILE G 2182 -92.26 23.77 -13.30
CA ILE G 2182 -91.85 22.66 -14.15
C ILE G 2182 -93.06 22.06 -14.85
N GLY G 2183 -94.17 21.90 -14.11
CA GLY G 2183 -95.37 21.33 -14.71
C GLY G 2183 -95.94 22.19 -15.82
N ASN G 2184 -95.90 23.51 -15.67
CA ASN G 2184 -96.44 24.39 -16.70
C ASN G 2184 -95.61 24.30 -17.98
N ILE G 2185 -94.32 24.01 -17.86
CA ILE G 2185 -93.46 23.94 -19.05
C ILE G 2185 -93.88 22.78 -19.94
N MET G 2186 -94.17 21.63 -19.34
CA MET G 2186 -94.55 20.46 -20.12
C MET G 2186 -95.90 20.62 -20.80
N ASN G 2187 -96.82 21.38 -20.23
CA ASN G 2187 -98.09 21.66 -20.89
C ASN G 2187 -97.95 22.75 -21.95
N ASN G 2188 -96.73 23.19 -22.23
CA ASN G 2188 -96.48 24.21 -23.23
C ASN G 2188 -95.99 23.52 -24.50
N LYS G 2189 -96.68 23.78 -25.62
CA LYS G 2189 -96.31 23.14 -26.88
C LYS G 2189 -94.95 23.61 -27.37
N VAL G 2190 -94.51 24.79 -26.94
CA VAL G 2190 -93.20 25.29 -27.35
C VAL G 2190 -92.09 24.40 -26.83
N PHE G 2191 -92.23 23.89 -25.60
CA PHE G 2191 -91.23 22.99 -25.04
C PHE G 2191 -91.10 21.72 -25.88
N TYR G 2192 -92.16 21.29 -26.55
CA TYR G 2192 -92.10 20.15 -27.45
C TYR G 2192 -91.51 20.50 -28.80
N GLN G 2193 -91.96 21.60 -29.40
CA GLN G 2193 -91.75 21.82 -30.82
C GLN G 2193 -90.40 22.44 -31.12
N HIS G 2194 -89.73 23.02 -30.13
CA HIS G 2194 -88.47 23.73 -30.33
C HIS G 2194 -87.40 23.24 -29.37
N PRO G 2195 -87.07 21.95 -29.40
CA PRO G 2195 -86.11 21.42 -28.42
C PRO G 2195 -84.76 22.15 -28.42
N ASN G 2196 -84.41 22.81 -29.52
CA ASN G 2196 -83.18 23.57 -29.55
C ASN G 2196 -83.25 24.79 -28.64
N LEU G 2197 -84.43 25.40 -28.53
CA LEU G 2197 -84.56 26.65 -27.80
C LEU G 2197 -84.32 26.46 -26.31
N MET G 2198 -85.02 25.52 -25.68
CA MET G 2198 -84.76 25.25 -24.27
C MET G 2198 -83.32 24.76 -24.05
N ARG G 2199 -82.70 24.18 -25.07
CA ARG G 2199 -81.27 23.88 -24.95
C ARG G 2199 -80.45 25.17 -24.93
N ALA G 2200 -80.82 26.13 -25.78
CA ALA G 2200 -80.12 27.43 -25.78
C ALA G 2200 -80.38 28.19 -24.50
N LEU G 2201 -81.61 28.12 -23.98
CA LEU G 2201 -81.96 28.82 -22.75
C LEU G 2201 -81.30 28.21 -21.52
N GLY G 2202 -80.65 27.06 -21.65
CA GLY G 2202 -80.05 26.41 -20.50
C GLY G 2202 -81.06 25.92 -19.48
N MET G 2203 -82.21 25.43 -19.94
CA MET G 2203 -83.27 25.06 -19.01
C MET G 2203 -82.90 23.81 -18.21
N HIS G 2204 -82.23 22.85 -18.83
CA HIS G 2204 -81.86 21.63 -18.11
C HIS G 2204 -80.80 21.90 -17.06
N GLU G 2205 -79.86 22.82 -17.35
CA GLU G 2205 -78.86 23.17 -16.36
C GLU G 2205 -79.50 23.81 -15.12
N THR G 2206 -80.46 24.71 -15.33
CA THR G 2206 -81.11 25.37 -14.22
C THR G 2206 -81.88 24.37 -13.36
N VAL G 2207 -82.60 23.45 -13.99
CA VAL G 2207 -83.33 22.42 -13.24
C VAL G 2207 -82.34 21.51 -12.55
N MET G 2208 -81.18 21.26 -13.16
CA MET G 2208 -80.15 20.45 -12.52
C MET G 2208 -79.67 21.10 -11.22
N GLU G 2209 -79.42 22.42 -11.25
CA GLU G 2209 -78.81 23.08 -10.10
C GLU G 2209 -79.76 23.14 -8.92
N VAL G 2210 -81.05 23.32 -9.16
CA VAL G 2210 -82.01 23.36 -8.06
C VAL G 2210 -82.13 21.99 -7.41
N MET G 2211 -82.01 20.92 -8.20
CA MET G 2211 -82.28 19.59 -7.67
C MET G 2211 -81.07 19.04 -6.93
N VAL G 2212 -79.87 19.50 -7.30
CA VAL G 2212 -78.69 19.11 -6.52
C VAL G 2212 -78.63 19.87 -5.21
N ASN G 2213 -79.08 21.13 -5.20
CA ASN G 2213 -79.06 21.91 -3.96
C ASN G 2213 -79.96 21.28 -2.90
N VAL G 2214 -81.09 20.71 -3.32
CA VAL G 2214 -81.96 20.02 -2.38
C VAL G 2214 -81.27 18.78 -1.82
N LEU G 2215 -80.67 17.97 -2.69
CA LEU G 2215 -80.00 16.77 -2.20
C LEU G 2215 -78.61 17.07 -1.66
N GLY G 2216 -78.07 18.26 -1.95
CA GLY G 2216 -76.79 18.64 -1.38
C GLY G 2216 -76.83 18.72 0.13
N GLY G 2217 -77.90 19.30 0.66
CA GLY G 2217 -78.09 19.31 2.10
C GLY G 2217 -78.80 18.05 2.56
N GLY G 2218 -78.35 17.50 3.69
CA GLY G 2218 -78.92 16.24 4.16
C GLY G 2218 -78.68 15.09 3.21
N GLU G 2219 -77.48 15.02 2.63
CA GLU G 2219 -77.18 14.00 1.63
C GLU G 2219 -76.98 12.62 2.22
N THR G 2220 -76.97 12.48 3.54
CA THR G 2220 -76.77 11.16 4.12
C THR G 2220 -77.87 10.75 5.10
N LYS G 2221 -78.43 11.69 5.86
CA LYS G 2221 -79.38 11.31 6.91
C LYS G 2221 -80.82 11.32 6.43
N GLU G 2222 -81.21 12.30 5.62
CA GLU G 2222 -82.59 12.40 5.15
C GLU G 2222 -82.67 13.41 4.03
N ILE G 2223 -83.39 13.06 2.97
CA ILE G 2223 -83.62 13.95 1.83
C ILE G 2223 -85.02 14.52 1.98
N ARG G 2224 -85.11 15.85 2.01
CA ARG G 2224 -86.37 16.55 2.19
C ARG G 2224 -86.80 17.24 0.90
N PHE G 2225 -88.06 17.64 0.88
CA PHE G 2225 -88.79 17.91 -0.35
C PHE G 2225 -88.56 16.83 -1.42
N PRO G 2226 -88.93 15.58 -1.14
CA PRO G 2226 -88.83 14.56 -2.20
C PRO G 2226 -89.69 14.88 -3.41
N LYS G 2227 -90.86 15.48 -3.21
CA LYS G 2227 -91.77 15.69 -4.33
C LYS G 2227 -91.19 16.64 -5.37
N MET G 2228 -90.28 17.51 -4.95
CA MET G 2228 -89.60 18.37 -5.92
C MET G 2228 -88.53 17.61 -6.67
N VAL G 2229 -87.88 16.64 -6.01
CA VAL G 2229 -86.80 15.89 -6.66
C VAL G 2229 -87.36 14.99 -7.75
N THR G 2230 -88.50 14.34 -7.47
CA THR G 2230 -89.15 13.57 -8.52
C THR G 2230 -89.71 14.48 -9.60
N SER G 2231 -89.98 15.75 -9.30
CA SER G 2231 -90.44 16.67 -10.33
C SER G 2231 -89.28 17.07 -11.24
N CYS G 2232 -88.11 17.34 -10.66
CA CYS G 2232 -86.95 17.68 -11.47
C CYS G 2232 -86.43 16.47 -12.23
N CYS G 2233 -86.34 15.32 -11.58
CA CYS G 2233 -85.82 14.13 -12.24
C CYS G 2233 -86.75 13.66 -13.36
N ARG G 2234 -88.06 13.66 -13.11
CA ARG G 2234 -88.99 13.24 -14.14
C ARG G 2234 -89.08 14.29 -15.24
N PHE G 2235 -88.70 15.54 -14.92
CA PHE G 2235 -88.48 16.54 -15.96
C PHE G 2235 -87.27 16.17 -16.81
N LEU G 2236 -86.14 15.90 -16.17
CA LEU G 2236 -84.92 15.60 -16.92
C LEU G 2236 -85.00 14.26 -17.62
N CYS G 2237 -85.68 13.29 -17.03
CA CYS G 2237 -85.86 12.00 -17.69
C CYS G 2237 -86.62 12.17 -19.00
N TYR G 2238 -87.67 13.00 -18.99
CA TYR G 2238 -88.48 13.15 -20.19
C TYR G 2238 -87.89 14.21 -21.11
N PHE G 2239 -87.05 15.10 -20.58
CA PHE G 2239 -86.34 16.06 -21.41
C PHE G 2239 -85.46 15.34 -22.43
N CYS G 2240 -84.84 14.24 -22.04
CA CYS G 2240 -84.01 13.46 -22.95
C CYS G 2240 -84.84 12.88 -24.09
N ARG G 2241 -86.06 12.43 -23.80
CA ARG G 2241 -86.88 11.75 -24.78
C ARG G 2241 -87.34 12.64 -25.93
N ILE G 2242 -87.23 13.96 -25.80
CA ILE G 2242 -87.69 14.86 -26.84
C ILE G 2242 -86.81 14.73 -28.09
N SER G 2243 -85.50 14.76 -27.91
CA SER G 2243 -84.59 14.67 -29.03
C SER G 2243 -83.26 14.09 -28.55
N ARG G 2244 -82.50 13.55 -29.50
CA ARG G 2244 -81.21 12.96 -29.16
C ARG G 2244 -80.17 14.02 -28.83
N GLN G 2245 -80.33 15.22 -29.39
CA GLN G 2245 -79.44 16.32 -29.03
C GLN G 2245 -79.66 16.74 -27.58
N ASN G 2246 -80.90 16.71 -27.11
CA ASN G 2246 -81.16 16.93 -25.69
C ASN G 2246 -80.56 15.83 -24.84
N GLN G 2247 -80.66 14.58 -25.30
CA GLN G 2247 -80.09 13.47 -24.56
C GLN G 2247 -78.58 13.57 -24.45
N ARG G 2248 -77.93 14.00 -25.53
CA ARG G 2248 -76.48 14.17 -25.50
C ARG G 2248 -76.07 15.25 -24.51
N SER G 2249 -76.80 16.37 -24.47
CA SER G 2249 -76.50 17.41 -23.50
C SER G 2249 -76.69 16.89 -22.08
N MET G 2250 -77.75 16.12 -21.85
CA MET G 2250 -77.92 15.44 -20.57
C MET G 2250 -76.83 14.41 -20.31
N PHE G 2251 -76.20 13.89 -21.36
CA PHE G 2251 -75.16 12.88 -21.16
C PHE G 2251 -73.87 13.50 -20.65
N ASP G 2252 -73.67 14.79 -20.88
CA ASP G 2252 -72.45 15.44 -20.43
C ASP G 2252 -72.36 15.55 -18.92
N HIS G 2253 -73.49 15.39 -18.21
CA HIS G 2253 -73.51 15.41 -16.76
C HIS G 2253 -73.70 14.01 -16.18
N LEU G 2254 -73.34 12.97 -16.93
CA LEU G 2254 -73.59 11.61 -16.47
C LEU G 2254 -72.82 11.30 -15.20
N SER G 2255 -71.54 11.69 -15.14
CA SER G 2255 -70.78 11.53 -13.92
C SER G 2255 -71.32 12.43 -12.82
N TYR G 2256 -71.82 13.61 -13.20
CA TYR G 2256 -72.33 14.55 -12.22
C TYR G 2256 -73.62 14.03 -11.59
N LEU G 2257 -74.40 13.26 -12.36
CA LEU G 2257 -75.60 12.63 -11.82
C LEU G 2257 -75.24 11.42 -10.95
N LEU G 2258 -74.27 10.61 -11.38
CA LEU G 2258 -73.99 9.36 -10.70
C LEU G 2258 -73.49 9.60 -9.28
N GLU G 2259 -72.63 10.61 -9.08
CA GLU G 2259 -72.12 10.90 -7.75
C GLU G 2259 -73.22 11.34 -6.79
N ASN G 2260 -74.32 11.89 -7.30
CA ASN G 2260 -75.46 12.24 -6.47
C ASN G 2260 -76.49 11.12 -6.38
N SER G 2261 -76.26 10.00 -7.05
CA SER G 2261 -77.21 8.90 -7.10
C SER G 2261 -77.06 7.90 -5.95
N GLY G 2262 -76.08 8.11 -5.06
CA GLY G 2262 -75.87 7.15 -3.99
C GLY G 2262 -77.01 7.12 -2.99
N ILE G 2263 -77.57 8.29 -2.69
CA ILE G 2263 -78.61 8.41 -1.65
C ILE G 2263 -80.01 8.42 -2.22
N GLY G 2264 -80.16 8.39 -3.54
CA GLY G 2264 -81.49 8.40 -4.14
C GLY G 2264 -82.27 7.12 -3.93
N LEU G 2265 -81.66 6.08 -3.36
CA LEU G 2265 -82.34 4.79 -3.20
C LEU G 2265 -83.51 4.89 -2.22
N GLY G 2266 -83.34 5.61 -1.12
CA GLY G 2266 -84.42 5.72 -0.15
C GLY G 2266 -85.66 6.37 -0.73
N MET G 2267 -85.45 7.41 -1.53
CA MET G 2267 -86.54 8.06 -2.25
C MET G 2267 -87.02 7.16 -3.38
N GLN G 2268 -88.34 7.15 -3.60
CA GLN G 2268 -88.96 6.29 -4.61
CA GLN G 2268 -88.96 6.29 -4.61
C GLN G 2268 -89.66 7.14 -5.67
N GLY G 2269 -89.69 6.64 -6.89
CA GLY G 2269 -90.29 7.34 -8.00
C GLY G 2269 -89.29 7.57 -9.12
N SER G 2270 -89.11 8.84 -9.50
CA SER G 2270 -88.06 9.22 -10.43
C SER G 2270 -86.89 9.80 -9.65
N THR G 2271 -85.69 9.29 -9.92
CA THR G 2271 -84.51 9.57 -9.13
C THR G 2271 -83.36 10.00 -10.03
N PRO G 2272 -82.33 10.63 -9.47
CA PRO G 2272 -81.18 11.04 -10.31
C PRO G 2272 -80.54 9.88 -11.06
N LEU G 2273 -80.56 8.67 -10.49
CA LEU G 2273 -80.09 7.51 -11.22
C LEU G 2273 -80.94 7.24 -12.45
N ASP G 2274 -82.25 7.49 -12.35
CA ASP G 2274 -83.12 7.30 -13.50
C ASP G 2274 -82.81 8.31 -14.60
N VAL G 2275 -82.44 9.53 -14.23
CA VAL G 2275 -82.05 10.53 -15.21
C VAL G 2275 -80.81 10.06 -15.97
N ALA G 2276 -79.82 9.55 -15.24
CA ALA G 2276 -78.62 9.02 -15.87
C ALA G 2276 -78.95 7.87 -16.80
N ALA G 2277 -79.83 6.96 -16.35
CA ALA G 2277 -80.25 5.86 -17.21
C ALA G 2277 -80.98 6.36 -18.44
N ALA G 2278 -81.86 7.34 -18.27
CA ALA G 2278 -82.63 7.86 -19.40
C ALA G 2278 -81.75 8.60 -20.41
N SER G 2279 -80.50 8.91 -20.05
CA SER G 2279 -79.60 9.62 -20.93
C SER G 2279 -78.76 8.71 -21.81
N VAL G 2280 -78.91 7.39 -21.67
CA VAL G 2280 -78.16 6.43 -22.48
C VAL G 2280 -79.04 5.37 -23.12
N ILE G 2281 -80.35 5.37 -22.84
CA ILE G 2281 -81.24 4.35 -23.39
C ILE G 2281 -81.29 4.48 -24.90
N ASP G 2282 -81.30 3.33 -25.58
CA ASP G 2282 -81.46 3.20 -27.04
C ASP G 2282 -80.63 4.22 -27.83
N ASN G 2283 -79.44 4.54 -27.31
CA ASN G 2283 -78.52 5.45 -27.99
C ASN G 2283 -77.17 4.75 -28.08
N ASN G 2284 -76.86 4.20 -29.26
CA ASN G 2284 -75.59 3.50 -29.43
C ASN G 2284 -74.42 4.44 -29.29
N GLU G 2285 -74.52 5.65 -29.84
CA GLU G 2285 -73.39 6.58 -29.83
C GLU G 2285 -73.00 6.96 -28.41
N LEU G 2286 -74.00 7.25 -27.57
CA LEU G 2286 -73.69 7.59 -26.19
C LEU G 2286 -73.28 6.36 -25.38
N ALA G 2287 -73.81 5.19 -25.71
CA ALA G 2287 -73.40 3.97 -25.02
C ALA G 2287 -71.93 3.68 -25.26
N LEU G 2288 -71.46 3.87 -26.50
CA LEU G 2288 -70.05 3.64 -26.80
C LEU G 2288 -69.14 4.67 -26.14
N ALA G 2289 -69.60 5.91 -25.98
CA ALA G 2289 -68.81 6.97 -25.39
C ALA G 2289 -68.85 6.97 -23.86
N LEU G 2290 -69.52 5.99 -23.26
CA LEU G 2290 -69.64 5.94 -21.81
C LEU G 2290 -68.29 5.57 -21.21
N GLN G 2291 -67.83 6.35 -20.23
CA GLN G 2291 -66.50 6.15 -19.67
C GLN G 2291 -66.48 4.99 -18.67
N GLU G 2292 -65.32 4.35 -18.56
CA GLU G 2292 -65.18 3.22 -17.65
C GLU G 2292 -65.24 3.66 -16.20
N GLN G 2293 -64.76 4.87 -15.89
CA GLN G 2293 -64.80 5.35 -14.51
C GLN G 2293 -66.24 5.44 -14.02
N ASP G 2294 -67.16 5.83 -14.90
CA ASP G 2294 -68.56 5.88 -14.52
C ASP G 2294 -69.08 4.49 -14.17
N LEU G 2295 -68.73 3.48 -14.96
CA LEU G 2295 -69.16 2.12 -14.68
C LEU G 2295 -68.58 1.64 -13.35
N GLU G 2296 -67.32 1.97 -13.08
CA GLU G 2296 -66.73 1.63 -11.79
C GLU G 2296 -67.49 2.30 -10.66
N LYS G 2297 -67.92 3.54 -10.87
CA LYS G 2297 -68.67 4.26 -9.84
C LYS G 2297 -69.99 3.55 -9.53
N VAL G 2298 -70.66 3.03 -10.58
CA VAL G 2298 -71.89 2.28 -10.37
C VAL G 2298 -71.61 0.97 -9.66
N VAL G 2299 -70.60 0.23 -10.10
CA VAL G 2299 -70.28 -1.05 -9.48
C VAL G 2299 -69.82 -0.85 -8.05
N SER G 2300 -69.07 0.23 -7.79
CA SER G 2300 -68.65 0.51 -6.42
C SER G 2300 -69.85 0.73 -5.52
N TYR G 2301 -70.87 1.43 -6.01
CA TYR G 2301 -72.13 1.51 -5.27
C TYR G 2301 -72.76 0.14 -5.11
N LEU G 2302 -72.72 -0.67 -6.17
CA LEU G 2302 -73.36 -1.97 -6.14
C LEU G 2302 -72.69 -2.89 -5.12
N ALA G 2303 -71.37 -2.84 -5.02
CA ALA G 2303 -70.66 -3.68 -4.07
C ALA G 2303 -71.07 -3.36 -2.64
N GLY G 2304 -71.25 -2.09 -2.33
CA GLY G 2304 -71.68 -1.71 -0.98
C GLY G 2304 -73.05 -2.26 -0.66
N CYS G 2305 -73.93 -2.34 -1.65
CA CYS G 2305 -75.28 -2.85 -1.42
C CYS G 2305 -75.26 -4.31 -0.99
N GLY G 2306 -74.26 -5.07 -1.44
CA GLY G 2306 -74.15 -6.46 -1.06
C GLY G 2306 -73.43 -6.73 0.24
N LEU G 2307 -73.08 -5.69 0.98
CA LEU G 2307 -72.36 -5.85 2.24
C LEU G 2307 -73.01 -5.15 3.43
N GLN G 2308 -73.80 -4.11 3.22
CA GLN G 2308 -74.39 -3.36 4.31
C GLN G 2308 -75.88 -3.19 4.04
N SER G 2309 -76.68 -3.42 5.06
CA SER G 2309 -78.13 -3.29 4.92
C SER G 2309 -78.50 -1.83 4.68
N CYS G 2310 -79.67 -1.63 4.10
CA CYS G 2310 -80.14 -0.29 3.79
C CYS G 2310 -80.53 0.41 5.09
N PRO G 2311 -79.99 1.60 5.39
CA PRO G 2311 -80.16 2.17 6.73
C PRO G 2311 -81.59 2.54 7.09
N MET G 2312 -82.36 3.15 6.18
CA MET G 2312 -83.70 3.58 6.57
C MET G 2312 -84.66 2.39 6.61
N LEU G 2313 -84.27 1.27 5.99
CA LEU G 2313 -84.99 0.02 6.21
C LEU G 2313 -84.84 -0.44 7.65
N LEU G 2314 -83.63 -0.33 8.20
CA LEU G 2314 -83.39 -0.75 9.58
C LEU G 2314 -84.15 0.12 10.56
N ALA G 2315 -84.20 1.42 10.32
CA ALA G 2315 -84.91 2.34 11.22
C ALA G 2315 -86.39 2.08 11.28
N LYS G 2316 -86.95 1.30 10.34
CA LYS G 2316 -88.37 0.99 10.31
C LYS G 2316 -88.66 -0.38 10.90
N GLY G 2317 -87.68 -1.00 11.55
CA GLY G 2317 -87.90 -2.27 12.21
C GLY G 2317 -87.72 -3.50 11.35
N TYR G 2318 -87.27 -3.34 10.10
CA TYR G 2318 -87.05 -4.49 9.25
C TYR G 2318 -85.91 -5.36 9.80
N PRO G 2319 -85.98 -6.67 9.64
CA PRO G 2319 -84.88 -7.53 10.07
C PRO G 2319 -83.61 -7.22 9.29
N ASP G 2320 -82.48 -7.36 9.97
CA ASP G 2320 -81.18 -6.92 9.44
C ASP G 2320 -80.48 -8.10 8.78
N ILE G 2321 -80.68 -8.24 7.48
CA ILE G 2321 -79.88 -9.16 6.68
C ILE G 2321 -78.64 -8.41 6.21
N GLY G 2322 -77.60 -9.15 5.84
CA GLY G 2322 -76.31 -8.54 5.62
C GLY G 2322 -76.10 -7.81 4.31
N TRP G 2323 -77.17 -7.36 3.67
CA TRP G 2323 -77.04 -6.69 2.38
C TRP G 2323 -78.32 -5.92 2.09
N ASN G 2324 -78.33 -5.24 0.94
CA ASN G 2324 -79.42 -4.36 0.53
C ASN G 2324 -79.91 -4.78 -0.84
N PRO G 2325 -80.83 -5.74 -0.90
CA PRO G 2325 -81.33 -6.17 -2.22
C PRO G 2325 -82.03 -5.07 -2.99
N CYS G 2326 -82.75 -4.18 -2.30
CA CYS G 2326 -83.53 -3.16 -2.99
C CYS G 2326 -82.63 -2.16 -3.72
N GLY G 2327 -81.64 -1.62 -3.02
CA GLY G 2327 -80.73 -0.68 -3.66
C GLY G 2327 -79.89 -1.32 -4.73
N GLY G 2328 -79.43 -2.55 -4.50
CA GLY G 2328 -78.62 -3.23 -5.49
C GLY G 2328 -79.33 -3.43 -6.80
N GLU G 2329 -80.63 -3.72 -6.74
CA GLU G 2329 -81.40 -3.91 -7.96
C GLU G 2329 -81.44 -2.64 -8.80
N ARG G 2330 -81.54 -1.48 -8.14
CA ARG G 2330 -81.62 -0.22 -8.88
C ARG G 2330 -80.34 0.07 -9.64
N TYR G 2331 -79.19 -0.28 -9.05
CA TYR G 2331 -77.93 -0.11 -9.77
C TYR G 2331 -77.80 -1.11 -10.90
N LEU G 2332 -78.31 -2.33 -10.72
CA LEU G 2332 -78.20 -3.34 -11.75
C LEU G 2332 -78.94 -2.95 -13.02
N ASP G 2333 -80.14 -2.39 -12.89
CA ASP G 2333 -80.92 -2.05 -14.07
C ASP G 2333 -80.28 -0.91 -14.86
N PHE G 2334 -79.52 -0.04 -14.19
CA PHE G 2334 -78.78 0.98 -14.93
C PHE G 2334 -77.74 0.34 -15.84
N LEU G 2335 -76.99 -0.62 -15.32
CA LEU G 2335 -76.03 -1.35 -16.14
C LEU G 2335 -76.72 -2.11 -17.26
N ARG G 2336 -77.98 -2.51 -17.04
CA ARG G 2336 -78.73 -3.20 -18.08
C ARG G 2336 -78.93 -2.30 -19.29
N PHE G 2337 -79.10 -1.00 -19.07
CA PHE G 2337 -79.26 -0.07 -20.19
C PHE G 2337 -77.91 0.34 -20.78
N ALA G 2338 -76.81 0.05 -20.08
CA ALA G 2338 -75.50 0.46 -20.56
C ALA G 2338 -74.86 -0.60 -21.46
N VAL G 2339 -75.22 -1.86 -21.28
CA VAL G 2339 -74.60 -2.95 -22.04
C VAL G 2339 -75.52 -3.51 -23.11
N PHE G 2340 -76.78 -3.08 -23.17
CA PHE G 2340 -77.75 -3.63 -24.12
C PHE G 2340 -78.48 -2.47 -24.77
N VAL G 2341 -78.34 -2.34 -26.08
CA VAL G 2341 -78.97 -1.27 -26.84
C VAL G 2341 -79.66 -1.86 -28.06
N ASN G 2342 -80.96 -1.56 -28.21
CA ASN G 2342 -81.71 -1.89 -29.42
C ASN G 2342 -81.69 -3.38 -29.74
N GLY G 2343 -81.69 -4.21 -28.70
CA GLY G 2343 -81.74 -5.64 -28.88
C GLY G 2343 -80.41 -6.31 -29.14
N GLU G 2344 -79.30 -5.58 -29.05
CA GLU G 2344 -77.97 -6.15 -29.22
C GLU G 2344 -77.08 -5.71 -28.07
N SER G 2345 -76.11 -6.56 -27.75
CA SER G 2345 -75.21 -6.31 -26.63
C SER G 2345 -74.05 -5.44 -27.08
N VAL G 2346 -73.83 -4.34 -26.35
CA VAL G 2346 -72.69 -3.48 -26.59
C VAL G 2346 -71.47 -4.14 -25.96
N GLU G 2347 -70.68 -4.84 -26.78
CA GLU G 2347 -69.59 -5.66 -26.24
C GLU G 2347 -68.53 -4.83 -25.54
N GLU G 2348 -68.32 -3.58 -25.97
CA GLU G 2348 -67.32 -2.74 -25.33
C GLU G 2348 -67.69 -2.47 -23.88
N ASN G 2349 -68.95 -2.17 -23.62
CA ASN G 2349 -69.40 -1.95 -22.25
C ASN G 2349 -69.57 -3.27 -21.50
N ALA G 2350 -70.03 -4.32 -22.19
CA ALA G 2350 -70.28 -5.59 -21.52
C ALA G 2350 -69.00 -6.19 -20.96
N ASN G 2351 -67.91 -6.14 -21.73
CA ASN G 2351 -66.66 -6.71 -21.27
C ASN G 2351 -66.12 -5.97 -20.05
N VAL G 2352 -66.37 -4.67 -19.98
CA VAL G 2352 -65.94 -3.90 -18.82
C VAL G 2352 -66.76 -4.28 -17.59
N VAL G 2353 -68.08 -4.37 -17.75
CA VAL G 2353 -68.96 -4.64 -16.61
C VAL G 2353 -68.67 -6.02 -16.03
N VAL G 2354 -68.52 -7.03 -16.89
CA VAL G 2354 -68.24 -8.38 -16.41
C VAL G 2354 -66.93 -8.41 -15.66
N ARG G 2355 -65.89 -7.77 -16.21
CA ARG G 2355 -64.59 -7.74 -15.55
C ARG G 2355 -64.67 -6.98 -14.23
N LEU G 2356 -65.41 -5.87 -14.19
CA LEU G 2356 -65.56 -5.13 -12.94
C LEU G 2356 -66.30 -5.94 -11.90
N LEU G 2357 -67.34 -6.67 -12.32
CA LEU G 2357 -68.16 -7.42 -11.38
C LEU G 2357 -67.37 -8.52 -10.68
N ILE G 2358 -66.58 -9.28 -11.44
CA ILE G 2358 -65.84 -10.38 -10.86
C ILE G 2358 -64.75 -9.88 -9.92
N ARG G 2359 -64.20 -8.69 -10.19
CA ARG G 2359 -63.20 -8.11 -9.30
C ARG G 2359 -63.77 -7.75 -7.93
N LYS G 2360 -65.09 -7.55 -7.84
CA LYS G 2360 -65.76 -7.28 -6.58
C LYS G 2360 -66.91 -8.28 -6.47
N PRO G 2361 -66.61 -9.51 -6.07
CA PRO G 2361 -67.61 -10.58 -6.13
C PRO G 2361 -68.81 -10.37 -5.23
N GLU G 2362 -68.74 -9.46 -4.26
CA GLU G 2362 -69.87 -9.22 -3.39
C GLU G 2362 -71.06 -8.61 -4.12
N CYS G 2363 -70.87 -8.13 -5.35
CA CYS G 2363 -71.98 -7.62 -6.15
C CYS G 2363 -72.97 -8.72 -6.52
N PHE G 2364 -72.57 -9.98 -6.41
CA PHE G 2364 -73.41 -11.10 -6.78
C PHE G 2364 -74.38 -11.51 -5.67
N GLY G 2365 -74.31 -10.88 -4.51
CA GLY G 2365 -75.19 -11.20 -3.41
C GLY G 2365 -74.59 -12.21 -2.46
N PRO G 2366 -75.28 -12.49 -1.36
CA PRO G 2366 -74.81 -13.53 -0.45
C PRO G 2366 -74.72 -14.90 -1.09
N ALA G 2367 -75.65 -15.22 -1.99
CA ALA G 2367 -75.49 -16.38 -2.83
C ALA G 2367 -74.50 -16.06 -3.94
N LEU G 2368 -74.02 -17.12 -4.61
CA LEU G 2368 -72.95 -17.01 -5.59
C LEU G 2368 -71.69 -16.42 -4.97
N ARG G 2369 -71.51 -16.61 -3.66
CA ARG G 2369 -70.33 -16.09 -2.98
CA ARG G 2369 -70.33 -16.09 -2.97
C ARG G 2369 -69.12 -17.00 -3.10
N GLY G 2370 -69.30 -18.23 -3.58
CA GLY G 2370 -68.19 -19.16 -3.66
C GLY G 2370 -68.08 -20.00 -2.41
N GLU G 2371 -67.21 -19.59 -1.50
CA GLU G 2371 -67.02 -20.33 -0.25
C GLU G 2371 -68.22 -20.10 0.66
N GLY G 2372 -68.75 -21.18 1.23
CA GLY G 2372 -69.82 -21.07 2.19
C GLY G 2372 -71.05 -20.36 1.70
N GLY G 2373 -71.24 -20.29 0.38
CA GLY G 2373 -72.37 -19.59 -0.21
C GLY G 2373 -73.28 -20.57 -0.94
N SER G 2374 -74.58 -20.43 -0.68
CA SER G 2374 -75.56 -21.27 -1.34
C SER G 2374 -75.68 -20.89 -2.81
N GLY G 2375 -76.24 -21.81 -3.59
CA GLY G 2375 -76.42 -21.59 -5.01
C GLY G 2375 -77.55 -20.63 -5.29
N LEU G 2376 -77.71 -20.31 -6.57
CA LEU G 2376 -78.77 -19.40 -6.99
C LEU G 2376 -80.14 -20.01 -6.71
N LEU G 2377 -80.32 -21.30 -7.00
CA LEU G 2377 -81.62 -21.93 -6.77
C LEU G 2377 -81.96 -21.99 -5.29
N ALA G 2378 -80.97 -22.26 -4.44
CA ALA G 2378 -81.22 -22.29 -3.01
C ALA G 2378 -81.64 -20.92 -2.50
N ALA G 2379 -81.05 -19.85 -3.04
CA ALA G 2379 -81.40 -18.51 -2.61
C ALA G 2379 -82.85 -18.19 -2.93
N ILE G 2380 -83.31 -18.57 -4.13
CA ILE G 2380 -84.68 -18.27 -4.53
C ILE G 2380 -85.67 -19.00 -3.62
N GLU G 2381 -85.42 -20.28 -3.33
CA GLU G 2381 -86.30 -21.02 -2.44
C GLU G 2381 -86.27 -20.43 -1.03
N GLU G 2382 -85.10 -19.99 -0.57
CA GLU G 2382 -85.02 -19.34 0.73
C GLU G 2382 -85.85 -18.07 0.76
N ALA G 2383 -85.82 -17.29 -0.33
CA ALA G 2383 -86.61 -16.06 -0.40
C ALA G 2383 -88.09 -16.37 -0.33
N ILE G 2384 -88.54 -17.43 -1.00
CA ILE G 2384 -89.95 -17.79 -0.96
C ILE G 2384 -90.38 -18.13 0.46
N ARG G 2385 -89.54 -18.86 1.20
CA ARG G 2385 -89.85 -19.15 2.59
C ARG G 2385 -89.87 -17.87 3.42
N ILE G 2386 -89.01 -16.91 3.11
CA ILE G 2386 -89.03 -15.63 3.81
C ILE G 2386 -90.34 -14.91 3.55
N SER G 2387 -90.80 -14.92 2.30
CA SER G 2387 -92.03 -14.21 1.95
C SER G 2387 -93.23 -14.78 2.68
N GLU G 2388 -93.31 -16.10 2.79
CA GLU G 2388 -94.45 -16.71 3.46
C GLU G 2388 -94.44 -16.49 4.96
N ASP G 2389 -93.28 -16.16 5.53
CA ASP G 2389 -93.16 -16.01 6.98
C ASP G 2389 -93.02 -14.54 7.35
N PRO G 2390 -94.02 -13.92 7.97
CA PRO G 2390 -93.84 -12.56 8.49
C PRO G 2390 -92.86 -12.55 9.66
N ALA G 2391 -92.50 -11.35 10.13
CA ALA G 2391 -91.45 -11.09 11.10
C ALA G 2391 -90.08 -11.40 10.53
N ARG G 2392 -90.00 -11.95 9.32
CA ARG G 2392 -88.77 -12.08 8.58
C ARG G 2392 -88.86 -11.46 7.20
N ASP G 2393 -90.06 -11.10 6.74
CA ASP G 2393 -90.27 -10.41 5.48
C ASP G 2393 -90.50 -8.92 5.67
N GLY G 2394 -91.02 -8.50 6.82
CA GLY G 2394 -91.27 -7.10 7.08
C GLY G 2394 -91.07 -6.76 8.55
N PRO G 2395 -91.37 -5.51 8.92
CA PRO G 2395 -91.15 -5.08 10.31
C PRO G 2395 -91.94 -5.89 11.33
N GLY G 2396 -93.14 -6.35 10.98
CA GLY G 2396 -93.95 -7.12 11.90
C GLY G 2396 -94.37 -6.33 13.13
N VAL G 2397 -94.84 -5.10 12.92
CA VAL G 2397 -95.27 -4.25 14.02
C VAL G 2397 -96.47 -4.85 14.73
N PRO G 2410 -100.86 -1.92 0.35
CA PRO G 2410 -99.84 -2.16 1.37
C PRO G 2410 -100.07 -1.34 2.63
N PRO G 2411 -99.65 -1.85 3.79
CA PRO G 2411 -99.82 -1.08 5.04
C PRO G 2411 -99.15 0.28 4.99
N GLU G 2412 -97.98 0.38 4.36
CA GLU G 2412 -97.28 1.64 4.18
C GLU G 2412 -97.48 2.21 2.78
N GLU G 2413 -98.27 1.53 1.95
CA GLU G 2413 -98.62 1.92 0.59
C GLU G 2413 -97.43 1.72 -0.36
N ASN G 2414 -96.25 1.50 0.21
CA ASN G 2414 -95.09 1.05 -0.56
C ASN G 2414 -94.35 0.02 0.31
N ARG G 2415 -95.10 -0.89 0.91
CA ARG G 2415 -94.51 -1.81 1.87
C ARG G 2415 -93.52 -2.72 1.15
N VAL G 2416 -92.26 -2.66 1.58
CA VAL G 2416 -91.18 -3.42 0.95
C VAL G 2416 -91.13 -4.80 1.60
N HIS G 2417 -91.14 -5.83 0.76
CA HIS G 2417 -91.08 -7.21 1.22
C HIS G 2417 -89.70 -7.77 0.90
N LEU G 2418 -89.00 -8.21 1.94
CA LEU G 2418 -87.62 -8.66 1.76
C LEU G 2418 -87.54 -9.86 0.83
N GLY G 2419 -88.50 -10.78 0.94
CA GLY G 2419 -88.50 -11.92 0.04
C GLY G 2419 -88.53 -11.51 -1.42
N HIS G 2420 -89.54 -10.72 -1.79
CA HIS G 2420 -89.67 -10.29 -3.18
C HIS G 2420 -88.46 -9.48 -3.63
N ALA G 2421 -87.88 -8.70 -2.72
CA ALA G 2421 -86.69 -7.93 -3.06
C ALA G 2421 -85.52 -8.85 -3.40
N ILE G 2422 -85.48 -10.04 -2.81
CA ILE G 2422 -84.34 -10.91 -3.00
C ILE G 2422 -84.35 -11.54 -4.38
N MET G 2423 -85.48 -12.13 -4.81
CA MET G 2423 -85.47 -12.71 -6.15
C MET G 2423 -85.54 -11.63 -7.22
N SER G 2424 -86.06 -10.46 -6.87
CA SER G 2424 -86.00 -9.34 -7.80
C SER G 2424 -84.55 -8.95 -8.07
N PHE G 2425 -83.72 -8.95 -7.02
CA PHE G 2425 -82.31 -8.63 -7.20
C PHE G 2425 -81.62 -9.66 -8.07
N TYR G 2426 -81.78 -10.95 -7.75
CA TYR G 2426 -81.10 -11.99 -8.52
C TYR G 2426 -81.62 -12.06 -9.94
N ALA G 2427 -82.93 -11.87 -10.14
CA ALA G 2427 -83.46 -11.80 -11.49
C ALA G 2427 -82.84 -10.65 -12.26
N ALA G 2428 -82.70 -9.49 -11.62
CA ALA G 2428 -82.03 -8.37 -12.25
C ALA G 2428 -80.57 -8.69 -12.55
N LEU G 2429 -79.90 -9.35 -11.62
CA LEU G 2429 -78.50 -9.72 -11.83
C LEU G 2429 -78.36 -10.71 -12.98
N ILE G 2430 -79.19 -11.75 -12.99
CA ILE G 2430 -79.11 -12.75 -14.06
C ILE G 2430 -79.48 -12.13 -15.40
N ASP G 2431 -80.44 -11.20 -15.39
CA ASP G 2431 -80.79 -10.50 -16.62
C ASP G 2431 -79.61 -9.69 -17.15
N LEU G 2432 -78.89 -9.00 -16.26
CA LEU G 2432 -77.74 -8.21 -16.68
C LEU G 2432 -76.65 -9.09 -17.27
N LEU G 2433 -76.35 -10.21 -16.61
CA LEU G 2433 -75.32 -11.11 -17.12
C LEU G 2433 -75.71 -11.69 -18.47
N GLY G 2434 -76.97 -12.07 -18.64
CA GLY G 2434 -77.42 -12.56 -19.92
C GLY G 2434 -77.28 -11.53 -21.03
N ARG G 2435 -77.53 -10.27 -20.71
CA ARG G 2435 -77.34 -9.21 -21.69
C ARG G 2435 -75.87 -8.90 -21.94
N CYS G 2436 -74.99 -9.25 -21.00
CA CYS G 2436 -73.56 -9.14 -21.22
C CYS G 2436 -72.99 -10.27 -22.06
N ALA G 2437 -73.79 -11.30 -22.34
CA ALA G 2437 -73.30 -12.42 -23.13
C ALA G 2437 -73.02 -11.97 -24.56
N PRO G 2438 -71.98 -12.50 -25.19
CA PRO G 2438 -71.67 -12.10 -26.57
C PRO G 2438 -72.74 -12.54 -27.54
N GLU G 2439 -72.86 -11.78 -28.62
CA GLU G 2439 -73.82 -12.13 -29.67
C GLU G 2439 -73.36 -13.39 -30.39
N MET G 2440 -74.33 -14.07 -31.01
CA MET G 2440 -74.04 -15.37 -31.62
C MET G 2440 -73.05 -15.22 -32.78
N HIS G 2441 -73.11 -14.10 -33.50
CA HIS G 2441 -72.21 -13.91 -34.63
C HIS G 2441 -70.76 -13.82 -34.20
N LEU G 2442 -70.51 -13.35 -32.98
CA LEU G 2442 -69.14 -13.33 -32.47
C LEU G 2442 -68.67 -14.72 -32.07
N ILE G 2443 -69.58 -15.51 -31.50
CA ILE G 2443 -69.19 -16.83 -31.02
C ILE G 2443 -68.81 -17.75 -32.19
N GLN G 2444 -69.59 -17.73 -33.27
CA GLN G 2444 -69.29 -18.61 -34.39
C GLN G 2444 -68.03 -18.16 -35.12
N ALA G 2445 -67.64 -16.90 -34.95
CA ALA G 2445 -66.39 -16.41 -35.51
C ALA G 2445 -65.18 -16.83 -34.70
N GLY G 2446 -65.38 -17.43 -33.53
CA GLY G 2446 -64.27 -17.91 -32.73
C GLY G 2446 -63.44 -16.83 -32.07
N LYS G 2447 -64.02 -15.65 -31.85
CA LYS G 2447 -63.29 -14.58 -31.19
C LYS G 2447 -62.95 -14.97 -29.75
N GLY G 2448 -61.69 -14.80 -29.39
CA GLY G 2448 -61.25 -15.25 -28.07
C GLY G 2448 -61.91 -14.51 -26.93
N GLU G 2449 -62.07 -13.19 -27.06
CA GLU G 2449 -62.70 -12.42 -26.00
C GLU G 2449 -64.15 -12.82 -25.80
N ALA G 2450 -64.89 -13.03 -26.90
CA ALA G 2450 -66.28 -13.45 -26.78
C ALA G 2450 -66.38 -14.83 -26.13
N LEU G 2451 -65.52 -15.76 -26.53
CA LEU G 2451 -65.54 -17.09 -25.93
C LEU G 2451 -65.17 -17.03 -24.46
N ARG G 2452 -64.19 -16.19 -24.10
CA ARG G 2452 -63.78 -16.10 -22.71
C ARG G 2452 -64.90 -15.54 -21.84
N ILE G 2453 -65.60 -14.51 -22.32
CA ILE G 2453 -66.68 -13.92 -21.54
C ILE G 2453 -67.81 -14.91 -21.36
N ARG G 2454 -68.19 -15.60 -22.43
CA ARG G 2454 -69.24 -16.61 -22.32
C ARG G 2454 -68.84 -17.72 -21.36
N ALA G 2455 -67.56 -18.11 -21.37
CA ALA G 2455 -67.09 -19.12 -20.45
C ALA G 2455 -67.18 -18.66 -19.00
N ILE G 2456 -66.88 -17.38 -18.75
CA ILE G 2456 -66.97 -16.85 -17.39
C ILE G 2456 -68.42 -16.85 -16.92
N LEU G 2457 -69.35 -16.44 -17.79
CA LEU G 2457 -70.75 -16.39 -17.40
C LEU G 2457 -71.29 -17.77 -17.09
N ARG G 2458 -70.89 -18.78 -17.87
CA ARG G 2458 -71.34 -20.14 -17.60
C ARG G 2458 -70.84 -20.62 -16.24
N SER G 2459 -69.63 -20.21 -15.87
CA SER G 2459 -69.09 -20.62 -14.58
C SER G 2459 -69.90 -20.04 -13.42
N LEU G 2460 -70.35 -18.80 -13.55
CA LEU G 2460 -71.10 -18.16 -12.47
C LEU G 2460 -72.45 -18.83 -12.26
N VAL G 2461 -73.20 -19.06 -13.32
CA VAL G 2461 -74.56 -19.58 -13.21
C VAL G 2461 -74.64 -20.97 -13.83
N PRO G 2462 -74.69 -22.03 -13.03
CA PRO G 2462 -74.84 -23.37 -13.61
C PRO G 2462 -76.18 -23.55 -14.27
N LEU G 2463 -76.21 -24.43 -15.28
CA LEU G 2463 -77.41 -24.63 -16.08
C LEU G 2463 -78.52 -25.27 -15.26
N ASP G 2464 -78.18 -26.14 -14.31
CA ASP G 2464 -79.20 -26.83 -13.53
C ASP G 2464 -79.99 -25.84 -12.67
N ASP G 2465 -79.32 -24.81 -12.15
CA ASP G 2465 -80.01 -23.82 -11.33
C ASP G 2465 -81.03 -23.03 -12.15
N LEU G 2466 -80.69 -22.69 -13.39
CA LEU G 2466 -81.62 -21.97 -14.24
C LEU G 2466 -82.89 -22.79 -14.48
N VAL G 2467 -82.74 -24.08 -14.81
CA VAL G 2467 -83.90 -24.92 -15.03
C VAL G 2467 -84.68 -25.09 -13.73
N GLY G 2468 -83.98 -25.16 -12.61
CA GLY G 2468 -84.64 -25.29 -11.33
C GLY G 2468 -85.52 -24.10 -11.01
N ILE G 2469 -85.06 -22.90 -11.33
CA ILE G 2469 -85.86 -21.70 -11.07
C ILE G 2469 -87.07 -21.65 -11.99
N ILE G 2470 -86.88 -22.00 -13.26
CA ILE G 2470 -88.00 -22.04 -14.20
C ILE G 2470 -89.01 -23.09 -13.78
N SER G 2471 -88.55 -24.21 -13.21
CA SER G 2471 -89.43 -25.27 -12.79
C SER G 2471 -90.17 -24.97 -11.50
N LEU G 2472 -89.87 -23.86 -10.84
CA LEU G 2472 -90.53 -23.54 -9.59
C LEU G 2472 -92.00 -23.21 -9.83
N PRO G 2473 -92.91 -23.73 -8.99
CA PRO G 2473 -94.34 -23.46 -9.20
C PRO G 2473 -94.68 -22.01 -8.91
N LEU G 2474 -95.75 -21.54 -9.55
CA LEU G 2474 -96.28 -20.20 -9.36
C LEU G 2474 -97.67 -20.30 -8.74
N GLN G 2475 -97.98 -19.37 -7.84
CA GLN G 2475 -99.29 -19.38 -7.21
C GLN G 2475 -100.34 -18.88 -8.19
N ILE G 2476 -101.38 -19.68 -8.39
CA ILE G 2476 -102.40 -19.44 -9.40
C ILE G 2476 -103.67 -18.95 -8.71
N PRO G 2477 -104.33 -17.91 -9.21
CA PRO G 2477 -105.55 -17.43 -8.56
C PRO G 2477 -106.63 -18.52 -8.55
N THR G 2478 -107.05 -18.91 -7.36
CA THR G 2478 -108.06 -19.93 -7.16
C THR G 2478 -109.34 -19.31 -6.66
N LEU G 2479 -110.32 -20.17 -6.37
CA LEU G 2479 -111.63 -19.73 -5.89
C LEU G 2479 -112.03 -20.58 -4.69
N GLY G 2480 -112.80 -19.99 -3.80
CA GLY G 2480 -113.29 -20.72 -2.64
C GLY G 2480 -113.74 -19.77 -1.56
N LYS G 2481 -114.33 -20.37 -0.53
CA LYS G 2481 -114.82 -19.64 0.65
C LYS G 2481 -115.78 -18.52 0.24
N ASP G 2482 -116.93 -18.94 -0.28
CA ASP G 2482 -118.07 -18.23 -0.88
C ASP G 2482 -117.78 -17.82 -2.32
N GLY G 2483 -116.62 -18.15 -2.86
CA GLY G 2483 -116.29 -17.82 -4.23
C GLY G 2483 -115.42 -16.60 -4.42
N ALA G 2484 -114.87 -16.03 -3.35
CA ALA G 2484 -113.97 -14.91 -3.49
C ALA G 2484 -112.67 -15.37 -4.15
N LEU G 2485 -112.03 -14.47 -4.89
CA LEU G 2485 -110.81 -14.79 -5.60
C LEU G 2485 -109.62 -14.68 -4.66
N VAL G 2486 -108.83 -15.75 -4.61
CA VAL G 2486 -107.62 -15.78 -3.77
C VAL G 2486 -106.45 -15.50 -4.70
N GLN G 2487 -106.08 -14.22 -4.82
CA GLN G 2487 -105.00 -13.83 -5.71
C GLN G 2487 -103.73 -13.56 -4.91
N PRO G 2488 -102.57 -13.89 -5.47
CA PRO G 2488 -101.31 -13.58 -4.79
C PRO G 2488 -100.99 -12.10 -4.85
N LYS G 2489 -100.28 -11.63 -3.83
CA LYS G 2489 -99.74 -10.27 -3.81
C LYS G 2489 -98.40 -10.28 -4.54
N MET G 2490 -98.28 -9.49 -5.60
CA MET G 2490 -97.10 -9.57 -6.45
C MET G 2490 -95.96 -8.70 -5.95
N SER G 2491 -96.22 -7.81 -5.00
CA SER G 2491 -95.13 -7.11 -4.34
C SER G 2491 -94.45 -7.99 -3.29
N ALA G 2492 -94.96 -9.19 -3.05
CA ALA G 2492 -94.46 -10.03 -1.98
C ALA G 2492 -94.40 -11.50 -2.37
N SER G 2493 -94.28 -11.82 -3.66
CA SER G 2493 -94.32 -13.20 -4.09
C SER G 2493 -93.47 -13.41 -5.33
N PHE G 2494 -93.16 -14.68 -5.57
CA PHE G 2494 -92.50 -15.09 -6.80
C PHE G 2494 -93.39 -14.77 -8.00
N VAL G 2495 -92.83 -14.11 -9.00
CA VAL G 2495 -93.61 -13.61 -10.12
C VAL G 2495 -92.99 -14.14 -11.40
N PRO G 2496 -93.77 -14.22 -12.49
CA PRO G 2496 -93.21 -14.70 -13.76
C PRO G 2496 -92.08 -13.84 -14.30
N ASP G 2497 -91.99 -12.56 -13.91
CA ASP G 2497 -90.90 -11.73 -14.37
C ASP G 2497 -89.54 -12.26 -13.89
N HIS G 2498 -89.51 -12.90 -12.72
CA HIS G 2498 -88.27 -13.52 -12.26
C HIS G 2498 -87.86 -14.67 -13.16
N LYS G 2499 -88.84 -15.42 -13.67
CA LYS G 2499 -88.52 -16.52 -14.57
C LYS G 2499 -88.05 -16.01 -15.92
N ALA G 2500 -88.52 -14.84 -16.35
CA ALA G 2500 -88.14 -14.33 -17.66
C ALA G 2500 -86.65 -14.04 -17.73
N SER G 2501 -86.07 -13.55 -16.63
CA SER G 2501 -84.64 -13.26 -16.60
C SER G 2501 -83.82 -14.54 -16.78
N MET G 2502 -84.25 -15.63 -16.13
CA MET G 2502 -83.53 -16.89 -16.27
C MET G 2502 -83.57 -17.40 -17.70
N VAL G 2503 -84.70 -17.22 -18.38
CA VAL G 2503 -84.81 -17.67 -19.77
C VAL G 2503 -83.86 -16.89 -20.66
N LEU G 2504 -83.76 -15.58 -20.44
CA LEU G 2504 -82.85 -14.76 -21.25
C LEU G 2504 -81.41 -15.20 -21.07
N PHE G 2505 -81.00 -15.47 -19.83
CA PHE G 2505 -79.66 -15.98 -19.58
C PHE G 2505 -79.47 -17.34 -20.26
N LEU G 2506 -80.45 -18.22 -20.13
CA LEU G 2506 -80.34 -19.56 -20.70
C LEU G 2506 -80.23 -19.49 -22.22
N ASP G 2507 -81.01 -18.63 -22.86
CA ASP G 2507 -80.97 -18.51 -24.31
C ASP G 2507 -79.63 -17.94 -24.77
N ARG G 2508 -79.20 -16.82 -24.19
CA ARG G 2508 -78.04 -16.11 -24.72
C ARG G 2508 -76.74 -16.78 -24.32
N VAL G 2509 -76.65 -17.33 -23.11
CA VAL G 2509 -75.40 -17.92 -22.64
C VAL G 2509 -75.29 -19.38 -23.03
N TYR G 2510 -76.27 -20.19 -22.68
CA TYR G 2510 -76.24 -21.62 -22.98
C TYR G 2510 -76.93 -21.93 -24.31
N GLY G 2511 -78.21 -21.60 -24.42
CA GLY G 2511 -78.98 -21.89 -25.62
C GLY G 2511 -79.46 -23.33 -25.64
N ILE G 2512 -80.33 -23.61 -26.59
CA ILE G 2512 -80.84 -24.96 -26.82
C ILE G 2512 -80.18 -25.48 -28.09
N GLU G 2513 -79.56 -26.65 -28.00
CA GLU G 2513 -78.83 -27.23 -29.12
C GLU G 2513 -79.20 -28.68 -29.40
N ASN G 2514 -79.73 -29.40 -28.42
CA ASN G 2514 -80.11 -30.79 -28.60
C ASN G 2514 -81.57 -30.97 -28.22
N GLN G 2515 -82.23 -31.90 -28.92
CA GLN G 2515 -83.67 -32.08 -28.75
C GLN G 2515 -84.02 -32.56 -27.35
N ASP G 2516 -83.21 -33.47 -26.79
CA ASP G 2516 -83.54 -34.04 -25.48
C ASP G 2516 -83.55 -32.98 -24.39
N PHE G 2517 -82.65 -32.00 -24.49
CA PHE G 2517 -82.67 -30.92 -23.51
C PHE G 2517 -83.89 -30.02 -23.69
N LEU G 2518 -84.27 -29.76 -24.95
CA LEU G 2518 -85.44 -28.93 -25.21
C LEU G 2518 -86.69 -29.55 -24.63
N LEU G 2519 -86.85 -30.87 -24.80
CA LEU G 2519 -88.00 -31.56 -24.22
C LEU G 2519 -87.93 -31.56 -22.70
N HIS G 2520 -86.73 -31.61 -22.14
CA HIS G 2520 -86.60 -31.61 -20.69
C HIS G 2520 -87.01 -30.27 -20.10
N VAL G 2521 -86.71 -29.17 -20.79
CA VAL G 2521 -87.13 -27.86 -20.31
C VAL G 2521 -88.64 -27.70 -20.43
N LEU G 2522 -89.22 -28.24 -21.50
CA LEU G 2522 -90.64 -28.04 -21.76
C LEU G 2522 -91.50 -28.69 -20.68
N ASP G 2523 -91.23 -29.96 -20.36
CA ASP G 2523 -92.16 -30.70 -19.52
C ASP G 2523 -92.03 -30.38 -18.04
N VAL G 2524 -90.97 -29.68 -17.62
CA VAL G 2524 -90.80 -29.30 -16.24
C VAL G 2524 -90.95 -27.80 -16.03
N GLY G 2525 -90.53 -26.99 -17.02
CA GLY G 2525 -90.51 -25.56 -16.82
C GLY G 2525 -91.55 -24.76 -17.58
N PHE G 2526 -91.79 -25.11 -18.85
CA PHE G 2526 -92.61 -24.30 -19.72
C PHE G 2526 -94.05 -24.78 -19.82
N LEU G 2527 -94.27 -26.06 -20.07
CA LEU G 2527 -95.62 -26.57 -20.17
C LEU G 2527 -96.47 -26.34 -18.92
N PRO G 2528 -95.98 -26.59 -17.70
CA PRO G 2528 -96.79 -26.25 -16.52
C PRO G 2528 -97.18 -24.78 -16.46
N ASP G 2529 -96.30 -23.89 -16.90
CA ASP G 2529 -96.66 -22.47 -16.94
C ASP G 2529 -97.58 -22.17 -18.12
N MET G 2530 -97.40 -22.88 -19.23
CA MET G 2530 -98.30 -22.72 -20.37
C MET G 2530 -99.71 -23.14 -20.00
N ARG G 2531 -99.86 -24.28 -19.33
CA ARG G 2531 -101.18 -24.76 -18.95
C ARG G 2531 -101.81 -23.85 -17.91
N ALA G 2532 -101.00 -23.30 -17.00
CA ALA G 2532 -101.54 -22.39 -16.00
C ALA G 2532 -102.14 -21.14 -16.65
N ALA G 2533 -101.45 -20.58 -17.65
CA ALA G 2533 -101.99 -19.44 -18.36
C ALA G 2533 -103.23 -19.83 -19.16
N ALA G 2534 -103.22 -21.02 -19.75
CA ALA G 2534 -104.40 -21.49 -20.47
C ALA G 2534 -105.58 -21.69 -19.54
N SER G 2535 -105.33 -22.20 -18.33
CA SER G 2535 -106.41 -22.41 -17.38
C SER G 2535 -106.97 -21.10 -16.86
N LEU G 2536 -106.14 -20.05 -16.81
CA LEU G 2536 -106.59 -18.76 -16.29
C LEU G 2536 -107.41 -17.96 -17.29
N ASP G 2537 -107.52 -18.42 -18.53
CA ASP G 2537 -108.29 -17.70 -19.56
C ASP G 2537 -109.76 -18.10 -19.44
N THR G 2538 -110.37 -17.66 -18.34
CA THR G 2538 -111.79 -17.87 -18.08
C THR G 2538 -112.46 -16.51 -17.94
N ALA G 2539 -113.75 -16.52 -17.60
CA ALA G 2539 -114.48 -15.27 -17.44
C ALA G 2539 -113.92 -14.45 -16.28
N THR G 2540 -113.57 -15.11 -15.17
CA THR G 2540 -113.15 -14.40 -13.97
C THR G 2540 -111.65 -14.12 -13.93
N PHE G 2541 -110.83 -15.14 -14.20
CA PHE G 2541 -109.39 -15.06 -13.97
C PHE G 2541 -108.61 -14.45 -15.13
N SER G 2542 -109.27 -14.14 -16.25
CA SER G 2542 -108.54 -13.68 -17.42
C SER G 2542 -107.86 -12.35 -17.18
N THR G 2543 -108.54 -11.42 -16.51
CA THR G 2543 -108.00 -10.09 -16.29
C THR G 2543 -107.21 -9.97 -15.00
N THR G 2544 -107.06 -11.07 -14.26
CA THR G 2544 -106.27 -11.04 -13.05
C THR G 2544 -104.81 -10.74 -13.36
N GLU G 2545 -104.10 -10.23 -12.35
CA GLU G 2545 -102.73 -9.78 -12.57
C GLU G 2545 -101.82 -10.93 -12.99
N MET G 2546 -102.03 -12.12 -12.43
CA MET G 2546 -101.15 -13.24 -12.74
C MET G 2546 -101.37 -13.74 -14.16
N ALA G 2547 -102.63 -13.75 -14.60
CA ALA G 2547 -102.90 -14.12 -15.99
C ALA G 2547 -102.23 -13.14 -16.94
N LEU G 2548 -102.30 -11.84 -16.64
CA LEU G 2548 -101.62 -10.85 -17.46
C LEU G 2548 -100.11 -11.00 -17.37
N ALA G 2549 -99.59 -11.25 -16.17
CA ALA G 2549 -98.15 -11.40 -16.00
C ALA G 2549 -97.64 -12.64 -16.72
N LEU G 2550 -98.40 -13.74 -16.65
CA LEU G 2550 -98.00 -14.95 -17.35
C LEU G 2550 -97.96 -14.75 -18.85
N ASN G 2551 -98.91 -13.99 -19.39
CA ASN G 2551 -98.93 -13.74 -20.83
C ASN G 2551 -97.67 -13.01 -21.28
N ARG G 2552 -97.24 -12.00 -20.51
CA ARG G 2552 -96.00 -11.32 -20.84
C ARG G 2552 -94.81 -12.27 -20.76
N TYR G 2553 -94.78 -13.12 -19.72
CA TYR G 2553 -93.69 -14.07 -19.58
C TYR G 2553 -93.66 -15.04 -20.75
N LEU G 2554 -94.83 -15.50 -21.21
CA LEU G 2554 -94.88 -16.44 -22.32
C LEU G 2554 -94.55 -15.75 -23.64
N CYS G 2555 -95.13 -14.58 -23.88
CA CYS G 2555 -95.01 -13.93 -25.19
C CYS G 2555 -93.70 -13.17 -25.37
N LEU G 2556 -92.89 -13.07 -24.33
CA LEU G 2556 -91.60 -12.37 -24.44
C LEU G 2556 -90.41 -13.28 -24.17
N ALA G 2557 -90.57 -14.34 -23.40
CA ALA G 2557 -89.46 -15.23 -23.06
C ALA G 2557 -89.64 -16.64 -23.56
N VAL G 2558 -90.80 -17.27 -23.29
CA VAL G 2558 -90.95 -18.69 -23.57
C VAL G 2558 -91.24 -18.93 -25.05
N LEU G 2559 -92.33 -18.35 -25.55
CA LEU G 2559 -92.75 -18.65 -26.93
C LEU G 2559 -91.71 -18.26 -27.97
N PRO G 2560 -91.08 -17.09 -27.94
CA PRO G 2560 -90.02 -16.82 -28.93
C PRO G 2560 -88.88 -17.83 -28.86
N LEU G 2561 -88.54 -18.32 -27.67
CA LEU G 2561 -87.50 -19.33 -27.55
C LEU G 2561 -87.94 -20.63 -28.20
N ILE G 2562 -89.20 -21.02 -28.00
CA ILE G 2562 -89.71 -22.24 -28.61
C ILE G 2562 -89.73 -22.11 -30.13
N THR G 2563 -90.07 -20.92 -30.63
CA THR G 2563 -90.11 -20.70 -32.07
C THR G 2563 -88.74 -20.89 -32.70
N LYS G 2564 -87.68 -20.41 -32.03
CA LYS G 2564 -86.33 -20.64 -32.53
C LYS G 2564 -86.00 -22.12 -32.57
N CYS G 2565 -86.40 -22.86 -31.54
CA CYS G 2565 -86.12 -24.28 -31.42
C CYS G 2565 -87.14 -25.15 -32.15
N ALA G 2566 -87.92 -24.56 -33.05
CA ALA G 2566 -88.89 -25.34 -33.81
C ALA G 2566 -88.25 -26.46 -34.64
N PRO G 2567 -87.12 -26.26 -35.34
CA PRO G 2567 -86.55 -27.37 -36.12
C PRO G 2567 -86.16 -28.57 -35.28
N LEU G 2568 -85.96 -28.41 -33.98
CA LEU G 2568 -85.58 -29.53 -33.12
C LEU G 2568 -86.71 -30.52 -32.90
N PHE G 2569 -87.93 -30.20 -33.31
CA PHE G 2569 -89.09 -31.06 -33.09
C PHE G 2569 -89.31 -32.07 -34.22
N ALA G 2570 -88.33 -32.23 -35.11
CA ALA G 2570 -88.52 -33.12 -36.26
C ALA G 2570 -88.69 -34.57 -35.83
N GLY G 2571 -87.88 -35.03 -34.88
CA GLY G 2571 -87.88 -36.43 -34.51
C GLY G 2571 -88.40 -36.70 -33.10
N THR G 2572 -89.55 -36.13 -32.76
CA THR G 2572 -90.13 -36.25 -31.43
C THR G 2572 -91.21 -37.32 -31.36
N GLU G 2573 -91.10 -38.39 -32.16
CA GLU G 2573 -92.12 -39.43 -32.15
C GLU G 2573 -92.17 -40.15 -30.81
N HIS G 2574 -91.03 -40.28 -30.13
CA HIS G 2574 -91.00 -40.96 -28.84
C HIS G 2574 -91.68 -40.16 -27.75
N ARG G 2575 -91.82 -38.85 -27.92
CA ARG G 2575 -92.49 -37.97 -26.95
C ARG G 2575 -93.71 -37.32 -27.57
N ALA G 2576 -94.50 -38.11 -28.33
CA ALA G 2576 -95.65 -37.56 -29.02
C ALA G 2576 -96.72 -37.08 -28.05
N ILE G 2577 -96.88 -37.76 -26.92
CA ILE G 2577 -97.91 -37.37 -25.96
C ILE G 2577 -97.64 -35.98 -25.41
N MET G 2578 -96.38 -35.70 -25.06
CA MET G 2578 -96.05 -34.39 -24.53
C MET G 2578 -96.14 -33.32 -25.60
N VAL G 2579 -95.72 -33.63 -26.82
CA VAL G 2579 -95.82 -32.67 -27.92
C VAL G 2579 -97.27 -32.38 -28.24
N ASP G 2580 -98.11 -33.41 -28.27
CA ASP G 2580 -99.52 -33.20 -28.57
C ASP G 2580 -100.19 -32.32 -27.54
N SER G 2581 -99.88 -32.52 -26.26
CA SER G 2581 -100.42 -31.66 -25.22
C SER G 2581 -99.89 -30.23 -25.38
N MET G 2582 -98.64 -30.09 -25.81
CA MET G 2582 -98.09 -28.75 -26.00
C MET G 2582 -98.77 -28.03 -27.16
N LEU G 2583 -99.05 -28.75 -28.25
CA LEU G 2583 -99.75 -28.15 -29.37
C LEU G 2583 -101.13 -27.65 -28.96
N HIS G 2584 -101.83 -28.42 -28.14
CA HIS G 2584 -103.16 -28.02 -27.68
CA HIS G 2584 -103.16 -28.02 -27.68
C HIS G 2584 -103.08 -26.76 -26.83
N THR G 2585 -102.10 -26.68 -25.93
CA THR G 2585 -102.01 -25.54 -25.03
C THR G 2585 -101.69 -24.26 -25.79
N VAL G 2586 -100.75 -24.32 -26.74
CA VAL G 2586 -100.42 -23.12 -27.50
C VAL G 2586 -101.57 -22.73 -28.41
N TYR G 2587 -102.28 -23.71 -28.97
CA TYR G 2587 -103.48 -23.39 -29.73
C TYR G 2587 -104.57 -22.81 -28.84
N ARG G 2588 -104.72 -23.37 -27.63
CA ARG G 2588 -105.69 -22.83 -26.69
C ARG G 2588 -105.37 -21.38 -26.34
N LEU G 2589 -104.08 -21.08 -26.11
CA LEU G 2589 -103.69 -19.72 -25.75
C LEU G 2589 -104.05 -18.72 -26.85
N SER G 2590 -103.97 -19.15 -28.11
CA SER G 2590 -104.31 -18.24 -29.21
C SER G 2590 -105.75 -17.78 -29.12
N ARG G 2591 -106.67 -18.70 -28.80
CA ARG G 2591 -108.07 -18.35 -28.62
C ARG G 2591 -108.31 -17.80 -27.22
N GLY G 2592 -107.54 -16.79 -26.83
CA GLY G 2592 -107.61 -16.29 -25.47
C GLY G 2592 -108.08 -14.86 -25.37
N ARG G 2593 -109.04 -14.61 -24.48
CA ARG G 2593 -109.49 -13.26 -24.20
C ARG G 2593 -108.44 -12.53 -23.35
N SER G 2594 -108.59 -11.20 -23.28
CA SER G 2594 -107.68 -10.34 -22.52
C SER G 2594 -106.23 -10.51 -22.98
N LEU G 2595 -106.02 -10.67 -24.28
CA LEU G 2595 -104.69 -10.74 -24.86
C LEU G 2595 -104.52 -9.61 -25.87
N THR G 2596 -103.39 -8.92 -25.80
CA THR G 2596 -103.13 -7.85 -26.75
C THR G 2596 -102.86 -8.43 -28.14
N LYS G 2597 -103.02 -7.57 -29.15
CA LYS G 2597 -102.77 -8.00 -30.51
C LYS G 2597 -101.31 -8.41 -30.71
N ALA G 2598 -100.39 -7.67 -30.12
CA ALA G 2598 -98.98 -8.02 -30.22
C ALA G 2598 -98.70 -9.38 -29.58
N GLN G 2599 -99.31 -9.64 -28.43
CA GLN G 2599 -99.17 -10.95 -27.79
C GLN G 2599 -99.78 -12.05 -28.65
N ARG G 2600 -100.92 -11.77 -29.29
CA ARG G 2600 -101.63 -12.80 -30.03
C ARG G 2600 -100.81 -13.30 -31.22
N ASP G 2601 -100.15 -12.39 -31.95
CA ASP G 2601 -99.41 -12.81 -33.13
C ASP G 2601 -98.17 -13.62 -32.76
N VAL G 2602 -97.60 -13.38 -31.58
CA VAL G 2602 -96.46 -14.18 -31.13
C VAL G 2602 -96.88 -15.63 -30.93
N ILE G 2603 -98.04 -15.84 -30.31
CA ILE G 2603 -98.55 -17.20 -30.13
C ILE G 2603 -98.84 -17.83 -31.48
N GLU G 2604 -99.43 -17.07 -32.40
CA GLU G 2604 -99.78 -17.61 -33.70
C GLU G 2604 -98.53 -17.99 -34.49
N ASP G 2605 -97.48 -17.16 -34.42
CA ASP G 2605 -96.24 -17.49 -35.10
C ASP G 2605 -95.60 -18.73 -34.53
N CYS G 2606 -95.66 -18.89 -33.21
CA CYS G 2606 -95.11 -20.09 -32.58
C CYS G 2606 -95.85 -21.34 -33.05
N LEU G 2607 -97.17 -21.29 -33.08
CA LEU G 2607 -97.95 -22.45 -33.50
C LEU G 2607 -97.68 -22.80 -34.96
N MET G 2608 -97.57 -21.78 -35.82
CA MET G 2608 -97.25 -22.04 -37.22
C MET G 2608 -95.88 -22.67 -37.37
N ALA G 2609 -94.90 -22.19 -36.61
CA ALA G 2609 -93.55 -22.72 -36.70
C ALA G 2609 -93.47 -24.17 -36.22
N LEU G 2610 -94.20 -24.49 -35.13
CA LEU G 2610 -94.17 -25.84 -34.60
C LEU G 2610 -94.74 -26.83 -35.61
N CYS G 2611 -95.87 -26.48 -36.23
CA CYS G 2611 -96.52 -27.38 -37.17
C CYS G 2611 -95.72 -27.55 -38.46
N ARG G 2612 -94.75 -26.68 -38.70
CA ARG G 2612 -93.93 -26.77 -39.91
CA ARG G 2612 -93.94 -26.78 -39.91
C ARG G 2612 -92.93 -27.92 -39.84
N TYR G 2613 -92.47 -28.27 -38.63
CA TYR G 2613 -91.47 -29.31 -38.48
C TYR G 2613 -91.99 -30.59 -37.83
N ILE G 2614 -93.11 -30.52 -37.11
CA ILE G 2614 -93.70 -31.72 -36.53
C ILE G 2614 -94.18 -32.64 -37.64
N ARG G 2615 -93.95 -33.93 -37.48
CA ARG G 2615 -94.37 -34.90 -38.48
C ARG G 2615 -95.89 -34.90 -38.60
N PRO G 2616 -96.41 -35.14 -39.81
CA PRO G 2616 -97.86 -35.10 -40.00
C PRO G 2616 -98.62 -36.08 -39.15
N SER G 2617 -98.02 -37.23 -38.81
CA SER G 2617 -98.73 -38.23 -38.01
C SER G 2617 -99.00 -37.72 -36.59
N MET G 2618 -98.22 -36.76 -36.11
CA MET G 2618 -98.39 -36.22 -34.77
C MET G 2618 -99.34 -35.03 -34.72
N LEU G 2619 -99.80 -34.55 -35.87
CA LEU G 2619 -100.74 -33.43 -35.94
C LEU G 2619 -102.19 -33.89 -36.02
N GLN G 2620 -102.44 -35.19 -35.89
CA GLN G 2620 -103.79 -35.71 -36.06
C GLN G 2620 -104.74 -35.18 -35.00
N HIS G 2621 -104.31 -35.15 -33.74
CA HIS G 2621 -105.19 -34.69 -32.67
C HIS G 2621 -105.51 -33.21 -32.81
N LEU G 2622 -104.54 -32.41 -33.25
CA LEU G 2622 -104.80 -30.99 -33.45
C LEU G 2622 -105.83 -30.79 -34.56
N LEU G 2623 -105.75 -31.58 -35.62
CA LEU G 2623 -106.74 -31.48 -36.70
C LEU G 2623 -108.13 -31.83 -36.20
N ARG G 2624 -108.22 -32.75 -35.22
CA ARG G 2624 -109.52 -33.09 -34.65
C ARG G 2624 -110.17 -31.88 -34.01
N ARG G 2625 -109.36 -31.00 -33.40
CA ARG G 2625 -109.91 -29.79 -32.79
C ARG G 2625 -110.26 -28.75 -33.84
N LEU G 2626 -109.48 -28.69 -34.92
CA LEU G 2626 -109.73 -27.67 -35.93
C LEU G 2626 -110.99 -27.97 -36.73
N VAL G 2627 -111.38 -29.24 -36.83
CA VAL G 2627 -112.61 -29.59 -37.54
C VAL G 2627 -113.82 -29.01 -36.81
N PHE G 2628 -113.77 -28.95 -35.49
CA PHE G 2628 -114.87 -28.39 -34.72
C PHE G 2628 -114.85 -26.86 -34.77
N ASP G 2629 -113.66 -26.27 -34.83
CA ASP G 2629 -113.48 -24.82 -34.68
C ASP G 2629 -113.49 -24.06 -35.99
N VAL G 2630 -112.76 -24.52 -37.00
CA VAL G 2630 -112.59 -23.73 -38.23
C VAL G 2630 -113.90 -23.50 -38.96
N PRO G 2631 -114.77 -24.49 -39.19
CA PRO G 2631 -115.96 -24.25 -40.03
C PRO G 2631 -116.89 -23.17 -39.50
N ILE G 2632 -116.87 -22.88 -38.20
CA ILE G 2632 -117.76 -21.83 -37.68
C ILE G 2632 -117.35 -20.48 -38.22
N LEU G 2633 -116.09 -20.35 -38.67
CA LEU G 2633 -115.61 -19.21 -39.46
C LEU G 2633 -115.88 -17.87 -38.78
N ASN G 2634 -115.61 -17.81 -37.49
CA ASN G 2634 -115.72 -16.55 -36.75
C ASN G 2634 -114.43 -15.75 -36.95
N GLU G 2635 -114.24 -14.70 -36.14
CA GLU G 2635 -113.01 -13.94 -36.18
C GLU G 2635 -111.81 -14.75 -35.71
N PHE G 2636 -112.02 -15.79 -34.91
CA PHE G 2636 -110.94 -16.60 -34.39
C PHE G 2636 -110.48 -17.67 -35.37
N ALA G 2637 -111.22 -17.90 -36.44
CA ALA G 2637 -110.90 -18.95 -37.40
C ALA G 2637 -109.90 -18.50 -38.45
N LYS G 2638 -109.43 -17.26 -38.39
CA LYS G 2638 -108.49 -16.78 -39.40
C LYS G 2638 -107.16 -17.51 -39.33
N MET G 2639 -106.53 -17.53 -38.16
CA MET G 2639 -105.23 -18.18 -38.04
C MET G 2639 -105.26 -19.66 -38.38
N PRO G 2640 -106.21 -20.46 -37.90
CA PRO G 2640 -106.21 -21.88 -38.30
C PRO G 2640 -106.32 -22.10 -39.79
N LEU G 2641 -107.01 -21.21 -40.51
CA LEU G 2641 -107.09 -21.35 -41.96
C LEU G 2641 -105.73 -21.27 -42.61
N LYS G 2642 -104.90 -20.32 -42.18
CA LYS G 2642 -103.55 -20.22 -42.72
C LYS G 2642 -102.68 -21.38 -42.25
N LEU G 2643 -102.90 -21.85 -41.01
CA LEU G 2643 -102.17 -23.00 -40.52
C LEU G 2643 -102.49 -24.24 -41.32
N LEU G 2644 -103.78 -24.44 -41.64
CA LEU G 2644 -104.17 -25.60 -42.43
C LEU G 2644 -103.67 -25.51 -43.86
N THR G 2645 -103.63 -24.30 -44.42
CA THR G 2645 -103.16 -24.13 -45.79
C THR G 2645 -101.71 -24.57 -45.92
N ASN G 2646 -100.86 -24.15 -44.99
CA ASN G 2646 -99.44 -24.51 -45.06
C ASN G 2646 -99.25 -26.00 -44.81
N HIS G 2647 -100.01 -26.56 -43.85
CA HIS G 2647 -99.84 -27.96 -43.50
C HIS G 2647 -100.16 -28.88 -44.67
N TYR G 2648 -101.27 -28.62 -45.36
CA TYR G 2648 -101.67 -29.49 -46.46
C TYR G 2648 -100.85 -29.26 -47.71
N GLU G 2649 -100.40 -28.03 -47.96
CA GLU G 2649 -99.51 -27.80 -49.09
C GLU G 2649 -98.16 -28.45 -48.88
N ARG G 2650 -97.65 -28.42 -47.64
CA ARG G 2650 -96.35 -29.02 -47.35
C ARG G 2650 -96.44 -30.54 -47.33
N CYS G 2651 -97.49 -31.09 -46.73
CA CYS G 2651 -97.61 -32.52 -46.50
C CYS G 2651 -98.66 -33.16 -47.41
N TRP G 2652 -98.76 -32.69 -48.66
CA TRP G 2652 -99.80 -33.20 -49.53
C TRP G 2652 -99.54 -34.64 -49.96
N LYS G 2653 -98.27 -35.04 -50.07
CA LYS G 2653 -97.97 -36.41 -50.44
C LYS G 2653 -98.36 -37.39 -49.34
N TYR G 2654 -98.31 -36.95 -48.08
CA TYR G 2654 -98.67 -37.83 -46.98
C TYR G 2654 -100.14 -38.24 -47.04
N TYR G 2655 -100.98 -37.42 -47.65
CA TYR G 2655 -102.41 -37.70 -47.72
C TYR G 2655 -102.86 -38.21 -49.09
N CYS G 2656 -102.12 -37.89 -50.15
CA CYS G 2656 -102.60 -38.18 -51.50
C CYS G 2656 -102.02 -39.48 -52.06
N LEU G 2657 -100.70 -39.60 -52.10
CA LEU G 2657 -100.07 -40.73 -52.75
C LEU G 2657 -100.37 -42.03 -51.99
N PRO G 2658 -100.66 -43.12 -52.70
CA PRO G 2658 -100.92 -44.39 -52.01
C PRO G 2658 -99.75 -44.87 -51.19
N THR G 2659 -98.52 -44.66 -51.65
CA THR G 2659 -97.34 -45.00 -50.87
C THR G 2659 -97.00 -43.94 -49.83
N GLY G 2660 -97.60 -42.76 -49.92
CA GLY G 2660 -97.39 -41.72 -48.94
C GLY G 2660 -96.08 -41.00 -49.12
N TRP G 2661 -95.81 -40.11 -48.16
CA TRP G 2661 -94.58 -39.32 -48.20
C TRP G 2661 -93.38 -40.18 -47.83
N ALA G 2662 -92.22 -39.77 -48.33
CA ALA G 2662 -90.99 -40.51 -48.04
C ALA G 2662 -90.68 -40.44 -46.56
N ASN G 2663 -90.38 -41.60 -45.97
CA ASN G 2663 -89.97 -41.73 -44.57
C ASN G 2663 -90.89 -40.99 -43.59
N PHE G 2664 -92.14 -40.75 -43.97
CA PHE G 2664 -93.11 -40.16 -43.07
C PHE G 2664 -94.36 -41.01 -42.88
N GLY G 2665 -94.57 -42.03 -43.70
CA GLY G 2665 -95.72 -42.89 -43.55
C GLY G 2665 -96.87 -42.50 -44.46
N VAL G 2666 -98.06 -42.92 -44.05
CA VAL G 2666 -99.28 -42.68 -44.81
C VAL G 2666 -100.37 -42.21 -43.85
N THR G 2667 -101.44 -41.69 -44.43
CA THR G 2667 -102.62 -41.34 -43.64
C THR G 2667 -103.26 -42.60 -43.08
N SER G 2668 -103.99 -42.44 -41.97
CA SER G 2668 -104.50 -43.56 -41.20
C SER G 2668 -105.98 -43.84 -41.46
N GLU G 2669 -106.53 -43.33 -42.55
CA GLU G 2669 -107.93 -43.54 -42.94
C GLU G 2669 -108.86 -42.79 -42.01
N GLU G 2670 -108.31 -42.24 -40.93
CA GLU G 2670 -109.03 -41.36 -40.02
C GLU G 2670 -108.67 -39.90 -40.22
N GLU G 2671 -107.42 -39.64 -40.62
CA GLU G 2671 -107.02 -38.29 -40.97
C GLU G 2671 -107.71 -37.83 -42.24
N LEU G 2672 -107.86 -38.72 -43.21
CA LEU G 2672 -108.60 -38.38 -44.42
C LEU G 2672 -110.06 -38.05 -44.10
N HIS G 2673 -110.66 -38.81 -43.19
CA HIS G 2673 -112.01 -38.50 -42.73
C HIS G 2673 -112.06 -37.13 -42.08
N LEU G 2674 -111.05 -36.79 -41.28
CA LEU G 2674 -110.95 -35.44 -40.74
C LEU G 2674 -110.76 -34.43 -41.85
N THR G 2675 -109.91 -34.74 -42.83
CA THR G 2675 -109.66 -33.82 -43.94
C THR G 2675 -110.91 -33.63 -44.78
N ARG G 2676 -111.64 -34.70 -45.06
CA ARG G 2676 -112.87 -34.59 -45.82
C ARG G 2676 -113.92 -33.79 -45.06
N LYS G 2677 -114.05 -34.03 -43.76
CA LYS G 2677 -114.98 -33.25 -42.95
C LYS G 2677 -114.55 -31.80 -42.88
N LEU G 2678 -113.25 -31.54 -42.91
CA LEU G 2678 -112.76 -30.16 -42.87
C LEU G 2678 -113.08 -29.42 -44.15
N PHE G 2679 -112.95 -30.10 -45.29
CA PHE G 2679 -113.26 -29.47 -46.58
C PHE G 2679 -114.71 -29.07 -46.66
N TRP G 2680 -115.63 -30.01 -46.40
CA TRP G 2680 -117.05 -29.72 -46.54
C TRP G 2680 -117.54 -28.76 -45.48
N GLY G 2681 -116.96 -28.79 -44.27
CA GLY G 2681 -117.34 -27.84 -43.26
C GLY G 2681 -117.05 -26.41 -43.67
N ILE G 2682 -115.89 -26.17 -44.27
CA ILE G 2682 -115.56 -24.84 -44.77
C ILE G 2682 -116.41 -24.51 -45.99
N PHE G 2683 -116.57 -25.46 -46.91
CA PHE G 2683 -117.35 -25.23 -48.12
C PHE G 2683 -118.79 -24.87 -47.77
N ASP G 2684 -119.44 -25.69 -46.93
CA ASP G 2684 -120.85 -25.44 -46.60
C ASP G 2684 -121.02 -24.14 -45.85
N SER G 2685 -120.12 -23.84 -44.91
CA SER G 2685 -120.23 -22.60 -44.14
C SER G 2685 -119.96 -21.39 -45.01
N LEU G 2686 -118.96 -21.47 -45.90
CA LEU G 2686 -118.62 -20.33 -46.74
C LEU G 2686 -119.71 -20.07 -47.77
N ALA G 2687 -120.39 -21.12 -48.24
CA ALA G 2687 -121.46 -20.93 -49.21
C ALA G 2687 -122.64 -20.18 -48.61
N HIS G 2688 -122.82 -20.23 -47.28
CA HIS G 2688 -123.90 -19.51 -46.62
C HIS G 2688 -123.45 -18.20 -46.01
N LYS G 2689 -122.18 -18.04 -45.69
CA LYS G 2689 -121.70 -16.81 -45.08
C LYS G 2689 -121.87 -15.63 -46.04
N LYS G 2690 -122.32 -14.51 -45.50
CA LYS G 2690 -122.42 -13.29 -46.29
C LYS G 2690 -121.03 -12.88 -46.75
N TYR G 2691 -120.95 -12.35 -47.97
CA TYR G 2691 -119.67 -12.11 -48.62
C TYR G 2691 -118.78 -11.18 -47.79
N ASP G 2692 -117.62 -11.68 -47.39
CA ASP G 2692 -116.59 -10.90 -46.73
C ASP G 2692 -115.27 -11.13 -47.45
N GLN G 2693 -114.64 -10.05 -47.90
CA GLN G 2693 -113.45 -10.20 -48.72
C GLN G 2693 -112.32 -10.84 -47.93
N GLU G 2694 -112.16 -10.44 -46.66
CA GLU G 2694 -111.10 -10.98 -45.82
C GLU G 2694 -111.27 -12.49 -45.63
N LEU G 2695 -112.49 -12.94 -45.35
CA LEU G 2695 -112.75 -14.37 -45.20
C LEU G 2695 -112.54 -15.11 -46.52
N TYR G 2696 -113.04 -14.54 -47.62
CA TYR G 2696 -112.96 -15.20 -48.91
C TYR G 2696 -111.54 -15.29 -49.42
N ARG G 2697 -110.72 -14.26 -49.18
CA ARG G 2697 -109.37 -14.24 -49.75
C ARG G 2697 -108.53 -15.40 -49.25
N MET G 2698 -108.70 -15.77 -47.98
CA MET G 2698 -107.84 -16.76 -47.34
C MET G 2698 -108.52 -18.10 -47.08
N ALA G 2699 -109.84 -18.18 -47.18
CA ALA G 2699 -110.49 -19.49 -47.09
C ALA G 2699 -110.28 -20.29 -48.38
N MET G 2700 -110.17 -19.60 -49.51
CA MET G 2700 -109.97 -20.30 -50.79
C MET G 2700 -108.67 -21.09 -50.83
N PRO G 2701 -107.50 -20.55 -50.47
CA PRO G 2701 -106.28 -21.38 -50.49
C PRO G 2701 -106.37 -22.58 -49.58
N CYS G 2702 -107.07 -22.47 -48.45
CA CYS G 2702 -107.24 -23.64 -47.59
C CYS G 2702 -108.06 -24.72 -48.29
N LEU G 2703 -109.11 -24.31 -49.00
CA LEU G 2703 -109.91 -25.27 -49.75
C LEU G 2703 -109.10 -25.92 -50.86
N CYS G 2704 -108.31 -25.11 -51.58
CA CYS G 2704 -107.49 -25.66 -52.66
C CYS G 2704 -106.45 -26.64 -52.12
N ALA G 2705 -105.82 -26.30 -50.99
CA ALA G 2705 -104.83 -27.20 -50.41
C ALA G 2705 -105.46 -28.49 -49.91
N ILE G 2706 -106.62 -28.38 -49.25
CA ILE G 2706 -107.29 -29.57 -48.75
C ILE G 2706 -107.73 -30.47 -49.90
N ALA G 2707 -108.32 -29.88 -50.95
CA ALA G 2707 -108.76 -30.66 -52.09
C ALA G 2707 -107.60 -31.33 -52.80
N GLY G 2708 -106.47 -30.64 -52.90
CA GLY G 2708 -105.30 -31.22 -53.53
C GLY G 2708 -104.60 -32.28 -52.70
N ALA G 2709 -104.96 -32.43 -51.44
CA ALA G 2709 -104.39 -33.44 -50.57
C ALA G 2709 -105.24 -34.71 -50.51
N LEU G 2710 -106.55 -34.57 -50.50
CA LEU G 2710 -107.42 -35.75 -50.49
C LEU G 2710 -107.29 -36.50 -51.80
N PRO G 2711 -107.11 -37.82 -51.77
CA PRO G 2711 -107.16 -38.59 -53.00
C PRO G 2711 -108.54 -38.47 -53.64
N PRO G 2712 -108.61 -38.39 -54.97
CA PRO G 2712 -109.91 -38.20 -55.62
C PRO G 2712 -110.87 -39.34 -55.37
N ASP G 2713 -110.37 -40.54 -55.09
CA ASP G 2713 -111.21 -41.72 -54.93
C ASP G 2713 -111.28 -42.19 -53.48
N TYR G 2714 -111.02 -41.32 -52.52
CA TYR G 2714 -111.12 -41.71 -51.11
C TYR G 2714 -112.58 -41.98 -50.74
N VAL G 2715 -112.80 -43.04 -49.97
CA VAL G 2715 -114.13 -43.41 -49.49
C VAL G 2715 -114.07 -43.46 -47.97
N ASP G 2716 -115.02 -42.78 -47.32
CA ASP G 2716 -115.07 -42.77 -45.87
C ASP G 2716 -115.83 -44.00 -45.37
N ALA G 2717 -115.23 -44.70 -44.40
CA ALA G 2717 -115.85 -45.91 -43.88
C ALA G 2717 -117.18 -45.61 -43.20
N SER G 2718 -117.22 -44.57 -42.37
CA SER G 2718 -118.44 -44.19 -41.66
C SER G 2718 -119.16 -43.11 -42.47
N TYR G 2719 -119.99 -43.55 -43.40
CA TYR G 2719 -120.71 -42.64 -44.29
C TYR G 2719 -122.05 -42.27 -43.64
N SER G 2720 -121.94 -41.64 -42.47
CA SER G 2720 -123.11 -41.18 -41.73
C SER G 2720 -122.69 -40.01 -40.86
N SER G 2721 -123.67 -39.18 -40.50
CA SER G 2721 -123.41 -38.01 -39.68
C SER G 2721 -124.67 -37.64 -38.91
N LYS G 2722 -124.47 -36.93 -37.80
CA LYS G 2722 -125.60 -36.44 -37.01
C LYS G 2722 -126.29 -35.26 -37.69
N ALA G 2723 -125.55 -34.48 -38.47
CA ALA G 2723 -126.06 -33.28 -39.12
C ALA G 2723 -126.66 -32.30 -38.12
N GLU G 2724 -126.00 -32.18 -36.97
CA GLU G 2724 -126.42 -31.27 -35.91
C GLU G 2724 -125.66 -29.95 -36.02
N LYS G 2725 -126.15 -28.97 -35.26
CA LYS G 2725 -125.56 -27.63 -35.21
C LYS G 2725 -125.46 -27.00 -36.61
N ASN G 2734 -117.37 -23.12 -22.29
CA ASN G 2734 -116.66 -24.40 -22.40
C ASN G 2734 -117.59 -25.49 -22.92
N PHE G 2735 -117.25 -26.74 -22.62
CA PHE G 2735 -118.01 -27.90 -23.07
C PHE G 2735 -118.93 -28.35 -21.94
N ASP G 2736 -120.23 -28.40 -22.23
CA ASP G 2736 -121.24 -28.81 -21.25
C ASP G 2736 -122.02 -30.01 -21.78
N PRO G 2737 -121.64 -31.23 -21.44
CA PRO G 2737 -122.38 -32.40 -21.94
C PRO G 2737 -123.73 -32.57 -21.27
N ARG G 2738 -124.80 -32.46 -22.04
CA ARG G 2738 -126.15 -32.57 -21.50
C ARG G 2738 -126.51 -34.03 -21.28
N PRO G 2739 -126.92 -34.43 -20.07
CA PRO G 2739 -127.38 -35.81 -19.87
C PRO G 2739 -128.78 -36.02 -20.41
N VAL G 2740 -129.32 -37.23 -20.27
CA VAL G 2740 -130.67 -37.56 -20.71
C VAL G 2740 -131.56 -37.71 -19.49
N GLU G 2741 -132.67 -37.00 -19.49
CA GLU G 2741 -133.59 -36.98 -18.35
C GLU G 2741 -134.54 -38.18 -18.45
N THR G 2742 -134.41 -39.11 -17.52
CA THR G 2742 -135.28 -40.29 -17.49
C THR G 2742 -135.93 -40.54 -16.13
N LEU G 2743 -135.42 -39.93 -15.04
CA LEU G 2743 -136.07 -40.09 -13.75
C LEU G 2743 -137.46 -39.47 -13.74
N ASN G 2744 -137.67 -38.43 -14.53
CA ASN G 2744 -138.99 -37.80 -14.59
C ASN G 2744 -140.03 -38.75 -15.15
N VAL G 2745 -139.69 -39.49 -16.21
CA VAL G 2745 -140.62 -40.42 -16.83
C VAL G 2745 -140.58 -41.75 -16.11
N ILE G 2746 -141.74 -42.41 -16.02
CA ILE G 2746 -141.82 -43.68 -15.32
C ILE G 2746 -141.16 -44.77 -16.15
N ILE G 2747 -140.28 -45.55 -15.52
CA ILE G 2747 -139.59 -46.64 -16.18
C ILE G 2747 -140.55 -47.83 -16.27
N PRO G 2748 -140.74 -48.41 -17.46
CA PRO G 2748 -141.54 -49.64 -17.54
C PRO G 2748 -140.89 -50.77 -16.78
N GLU G 2749 -141.73 -51.61 -16.16
CA GLU G 2749 -141.26 -52.76 -15.39
C GLU G 2749 -141.79 -54.07 -15.96
N LYS G 2750 -142.33 -54.05 -17.18
CA LYS G 2750 -142.86 -55.26 -17.80
C LYS G 2750 -141.78 -56.29 -18.09
N LEU G 2751 -140.52 -55.85 -18.23
CA LEU G 2751 -139.39 -56.74 -18.47
C LEU G 2751 -138.51 -56.89 -17.24
N ASP G 2752 -139.13 -56.89 -16.06
CA ASP G 2752 -138.37 -56.97 -14.81
C ASP G 2752 -137.61 -58.29 -14.68
N SER G 2753 -137.97 -59.31 -15.46
CA SER G 2753 -137.22 -60.55 -15.44
C SER G 2753 -135.79 -60.34 -15.93
N PHE G 2754 -135.57 -59.30 -16.74
CA PHE G 2754 -134.23 -58.94 -17.21
C PHE G 2754 -133.58 -57.84 -16.39
N ILE G 2755 -134.37 -56.90 -15.86
CA ILE G 2755 -133.81 -55.76 -15.15
C ILE G 2755 -133.08 -56.22 -13.89
N ASN G 2756 -133.75 -57.04 -13.07
CA ASN G 2756 -133.13 -57.50 -11.83
C ASN G 2756 -132.06 -58.55 -12.08
N LYS G 2757 -132.32 -59.48 -13.00
CA LYS G 2757 -131.38 -60.57 -13.26
C LYS G 2757 -130.06 -60.05 -13.81
N PHE G 2758 -130.12 -59.17 -14.80
CA PHE G 2758 -128.90 -58.63 -15.40
C PHE G 2758 -128.21 -57.63 -14.49
N ALA G 2759 -128.94 -56.99 -13.57
CA ALA G 2759 -128.33 -56.05 -12.65
C ALA G 2759 -127.30 -56.74 -11.77
N GLU G 2760 -127.65 -57.91 -11.23
CA GLU G 2760 -126.71 -58.71 -10.46
C GLU G 2760 -125.77 -59.53 -11.34
N TYR G 2761 -126.07 -59.67 -12.63
CA TYR G 2761 -125.21 -60.43 -13.52
C TYR G 2761 -123.92 -59.69 -13.83
N THR G 2762 -123.98 -58.36 -13.93
CA THR G 2762 -122.75 -57.59 -14.15
C THR G 2762 -121.80 -57.74 -12.97
N HIS G 2763 -122.33 -57.69 -11.74
CA HIS G 2763 -121.50 -57.97 -10.57
C HIS G 2763 -121.12 -59.44 -10.51
N GLU G 2764 -122.00 -60.33 -10.97
CA GLU G 2764 -121.66 -61.75 -11.03
C GLU G 2764 -120.49 -62.01 -11.97
N LYS G 2765 -120.42 -61.24 -13.07
CA LYS G 2765 -119.29 -61.35 -13.98
C LYS G 2765 -117.98 -60.92 -13.32
N TRP G 2766 -118.06 -60.02 -12.33
CA TRP G 2766 -116.86 -59.62 -11.61
C TRP G 2766 -116.25 -60.78 -10.85
N ALA G 2767 -117.07 -61.72 -10.38
CA ALA G 2767 -116.54 -62.94 -9.78
C ALA G 2767 -115.75 -63.75 -10.79
N PHE G 2768 -116.25 -63.82 -12.03
CA PHE G 2768 -115.50 -64.48 -13.10
C PHE G 2768 -114.20 -63.73 -13.40
N ASP G 2769 -114.19 -62.41 -13.19
CA ASP G 2769 -112.96 -61.65 -13.41
C ASP G 2769 -111.93 -61.94 -12.33
N LYS G 2770 -112.37 -62.33 -11.13
CA LYS G 2770 -111.43 -62.63 -10.05
C LYS G 2770 -110.59 -63.85 -10.39
N ILE G 2771 -111.21 -64.90 -10.93
CA ILE G 2771 -110.45 -66.09 -11.29
C ILE G 2771 -109.50 -65.80 -12.46
N GLN G 2772 -109.84 -64.82 -13.30
CA GLN G 2772 -108.92 -64.37 -14.33
C GLN G 2772 -107.79 -63.53 -13.74
N ASN G 2773 -108.03 -62.92 -12.58
CA ASN G 2773 -107.00 -62.14 -11.89
C ASN G 2773 -106.05 -63.03 -11.08
N ASN G 2774 -106.31 -64.33 -11.01
CA ASN G 2774 -105.55 -65.34 -10.29
C ASN G 2774 -105.69 -65.22 -8.78
N TRP G 2775 -106.43 -64.23 -8.28
CA TRP G 2775 -106.70 -64.09 -6.85
C TRP G 2775 -108.19 -64.29 -6.62
N SER G 2776 -108.53 -65.21 -5.72
CA SER G 2776 -109.92 -65.59 -5.52
C SER G 2776 -110.63 -64.57 -4.64
N TYR G 2777 -111.95 -64.72 -4.54
CA TYR G 2777 -112.78 -63.83 -3.73
C TYR G 2777 -112.62 -64.14 -2.25
N GLY G 2778 -112.83 -63.12 -1.42
CA GLY G 2778 -112.72 -63.27 0.01
C GLY G 2778 -113.90 -62.64 0.72
N GLU G 2779 -114.14 -63.12 1.94
CA GLU G 2779 -115.24 -62.63 2.77
C GLU G 2779 -114.82 -61.42 3.59
N ASN G 2780 -113.67 -61.49 4.24
CA ASN G 2780 -113.21 -60.41 5.10
C ASN G 2780 -112.79 -59.20 4.28
N VAL G 2781 -113.00 -58.02 4.85
CA VAL G 2781 -112.59 -56.77 4.20
C VAL G 2781 -111.08 -56.60 4.37
N ASP G 2782 -110.39 -56.38 3.26
CA ASP G 2782 -108.94 -56.25 3.30
C ASP G 2782 -108.47 -55.51 2.06
N GLU G 2783 -107.36 -54.78 2.21
CA GLU G 2783 -106.74 -54.06 1.11
C GLU G 2783 -105.53 -54.79 0.55
N GLU G 2784 -105.16 -55.94 1.12
CA GLU G 2784 -104.02 -56.71 0.64
C GLU G 2784 -104.35 -57.61 -0.53
N LEU G 2785 -105.62 -58.01 -0.68
CA LEU G 2785 -106.03 -58.87 -1.77
C LEU G 2785 -106.17 -58.13 -3.10
N LYS G 2786 -106.06 -56.80 -3.09
CA LYS G 2786 -106.16 -55.92 -4.25
C LYS G 2786 -107.33 -56.30 -5.15
N THR G 2787 -108.39 -56.86 -4.57
CA THR G 2787 -109.60 -57.21 -5.29
C THR G 2787 -110.82 -56.78 -4.47
N HIS G 2788 -112.01 -57.24 -4.86
CA HIS G 2788 -113.20 -56.91 -4.10
C HIS G 2788 -113.16 -57.65 -2.77
N PRO G 2789 -113.18 -56.95 -1.63
CA PRO G 2789 -113.04 -57.64 -0.34
C PRO G 2789 -114.34 -58.22 0.19
N MET G 2790 -115.49 -57.82 -0.36
CA MET G 2790 -116.79 -58.31 0.11
C MET G 2790 -117.44 -59.29 -0.87
N LEU G 2791 -116.67 -59.85 -1.79
CA LEU G 2791 -117.22 -60.79 -2.76
C LEU G 2791 -117.34 -62.17 -2.11
N ARG G 2792 -118.58 -62.63 -1.95
CA ARG G 2792 -118.88 -63.83 -1.18
C ARG G 2792 -119.73 -64.78 -2.00
N PRO G 2793 -119.67 -66.08 -1.73
CA PRO G 2793 -120.54 -67.03 -2.43
C PRO G 2793 -122.00 -66.77 -2.09
N TYR G 2794 -122.87 -67.10 -3.05
CA TYR G 2794 -124.29 -66.78 -2.93
C TYR G 2794 -124.93 -67.43 -1.70
N LYS G 2795 -124.34 -68.51 -1.18
CA LYS G 2795 -124.86 -69.11 0.05
C LYS G 2795 -124.74 -68.13 1.22
N THR G 2796 -123.63 -67.37 1.27
CA THR G 2796 -123.40 -66.41 2.34
C THR G 2796 -123.20 -64.99 1.80
N PHE G 2797 -123.71 -64.70 0.60
CA PHE G 2797 -123.60 -63.38 0.01
C PHE G 2797 -124.75 -62.52 0.49
N SER G 2798 -124.42 -61.46 1.24
CA SER G 2798 -125.45 -60.55 1.73
C SER G 2798 -126.09 -59.79 0.57
N GLU G 2799 -127.38 -59.52 0.69
CA GLU G 2799 -128.12 -58.82 -0.35
C GLU G 2799 -128.01 -57.31 -0.24
N LYS G 2800 -127.31 -56.79 0.78
CA LYS G 2800 -127.13 -55.35 0.88
C LYS G 2800 -126.33 -54.80 -0.30
N ASP G 2801 -125.26 -55.51 -0.70
CA ASP G 2801 -124.52 -55.11 -1.88
C ASP G 2801 -125.25 -55.46 -3.16
N LYS G 2802 -126.03 -56.55 -3.15
CA LYS G 2802 -126.80 -56.93 -4.34
C LYS G 2802 -127.88 -55.91 -4.64
N GLU G 2803 -128.41 -55.23 -3.62
CA GLU G 2803 -129.47 -54.24 -3.80
C GLU G 2803 -128.94 -52.83 -3.95
N ILE G 2804 -127.63 -52.64 -4.03
CA ILE G 2804 -127.05 -51.35 -4.35
C ILE G 2804 -126.24 -51.36 -5.65
N TYR G 2805 -125.80 -52.53 -6.12
CA TYR G 2805 -125.10 -52.62 -7.39
C TYR G 2805 -126.06 -52.55 -8.58
N ARG G 2806 -127.36 -52.67 -8.36
CA ARG G 2806 -128.33 -52.66 -9.45
C ARG G 2806 -128.59 -51.25 -9.97
N TRP G 2807 -128.24 -50.22 -9.22
CA TRP G 2807 -128.56 -48.85 -9.62
C TRP G 2807 -127.94 -48.45 -10.95
N PRO G 2808 -126.65 -48.71 -11.23
CA PRO G 2808 -126.13 -48.38 -12.56
C PRO G 2808 -126.88 -49.09 -13.68
N ILE G 2809 -127.28 -50.34 -13.47
CA ILE G 2809 -128.05 -51.06 -14.48
C ILE G 2809 -129.44 -50.47 -14.61
N LYS G 2810 -130.05 -50.04 -13.50
CA LYS G 2810 -131.38 -49.45 -13.55
C LYS G 2810 -131.39 -48.21 -14.44
N GLU G 2811 -130.42 -47.32 -14.25
CA GLU G 2811 -130.35 -46.14 -15.10
C GLU G 2811 -129.85 -46.48 -16.50
N SER G 2812 -129.07 -47.57 -16.64
CA SER G 2812 -128.60 -47.98 -17.95
C SER G 2812 -129.78 -48.37 -18.85
N LEU G 2813 -130.74 -49.11 -18.29
CA LEU G 2813 -131.96 -49.41 -19.05
C LEU G 2813 -132.82 -48.17 -19.21
N LYS G 2814 -132.81 -47.27 -18.22
CA LYS G 2814 -133.52 -46.01 -18.36
C LYS G 2814 -132.96 -45.18 -19.50
N ALA G 2815 -131.63 -45.11 -19.60
CA ALA G 2815 -131.00 -44.31 -20.65
C ALA G 2815 -131.31 -44.89 -22.04
N MET G 2816 -131.24 -46.21 -22.17
CA MET G 2816 -131.46 -46.86 -23.45
C MET G 2816 -132.90 -46.72 -23.93
N ILE G 2817 -133.88 -46.84 -23.05
CA ILE G 2817 -135.28 -46.75 -23.44
C ILE G 2817 -135.76 -45.30 -23.57
N ALA G 2818 -134.99 -44.33 -23.04
CA ALA G 2818 -135.41 -42.93 -23.12
C ALA G 2818 -135.26 -42.38 -24.52
N TRP G 2819 -134.31 -42.90 -25.31
CA TRP G 2819 -134.06 -42.42 -26.66
C TRP G 2819 -135.03 -43.06 -27.65
N GLU G 2820 -136.33 -42.94 -27.39
CA GLU G 2820 -137.42 -43.48 -28.22
C GLU G 2820 -137.12 -44.88 -28.75
N TRP G 2821 -136.49 -45.72 -27.93
CA TRP G 2821 -136.11 -47.07 -28.32
C TRP G 2821 -136.92 -48.06 -27.48
N THR G 2822 -138.10 -48.43 -27.99
CA THR G 2822 -138.91 -49.44 -27.33
C THR G 2822 -138.26 -50.81 -27.48
N ILE G 2823 -138.29 -51.59 -26.42
CA ILE G 2823 -137.68 -52.92 -26.39
C ILE G 2823 -138.78 -53.96 -26.20
N GLU G 2824 -138.77 -54.99 -27.04
CA GLU G 2824 -139.81 -56.01 -27.04
C GLU G 2824 -139.19 -57.38 -26.81
N LYS G 2825 -139.87 -58.19 -26.00
CA LYS G 2825 -139.42 -59.55 -25.69
C LYS G 2825 -139.94 -60.49 -26.77
N ALA G 2826 -139.10 -60.74 -27.78
CA ALA G 2826 -139.48 -61.68 -28.84
C ALA G 2826 -139.64 -63.09 -28.29
N ARG G 2827 -138.74 -63.50 -27.40
CA ARG G 2827 -138.81 -64.82 -26.79
C ARG G 2827 -139.71 -64.81 -25.57
N GLU G 2828 -140.02 -66.01 -25.07
CA GLU G 2828 -140.79 -66.18 -23.84
C GLU G 2828 -140.32 -67.45 -23.16
N GLY G 2829 -139.43 -67.31 -22.19
CA GLY G 2829 -138.89 -68.45 -21.49
C GLY G 2829 -138.41 -68.08 -20.11
N GLU G 2830 -137.55 -68.94 -19.56
CA GLU G 2830 -136.99 -68.77 -18.23
C GLU G 2830 -138.09 -68.62 -17.16
N TYR G 2855 -122.01 -70.45 -6.68
CA TYR G 2855 -121.78 -69.04 -6.99
C TYR G 2855 -120.80 -68.89 -8.15
N ASN G 2856 -121.31 -68.99 -9.36
CA ASN G 2856 -120.48 -68.89 -10.56
C ASN G 2856 -121.32 -68.51 -11.77
N PRO G 2857 -120.95 -67.47 -12.50
CA PRO G 2857 -121.69 -67.12 -13.72
C PRO G 2857 -121.40 -68.09 -14.86
N GLN G 2858 -122.09 -69.22 -14.88
CA GLN G 2858 -121.83 -70.24 -15.89
C GLN G 2858 -122.05 -69.72 -17.31
N PRO G 2859 -123.15 -69.04 -17.63
CA PRO G 2859 -123.26 -68.43 -18.96
C PRO G 2859 -122.37 -67.20 -19.06
N PRO G 2860 -121.35 -67.22 -19.93
CA PRO G 2860 -120.41 -66.10 -19.98
C PRO G 2860 -120.89 -64.95 -20.85
N ASP G 2861 -120.81 -63.73 -20.34
CA ASP G 2861 -121.15 -62.53 -21.09
C ASP G 2861 -119.87 -61.97 -21.70
N LEU G 2862 -119.78 -61.99 -23.03
CA LEU G 2862 -118.61 -61.51 -23.75
C LEU G 2862 -118.99 -60.36 -24.67
N SER G 2863 -117.97 -59.75 -25.28
CA SER G 2863 -118.19 -58.63 -26.18
C SER G 2863 -117.39 -58.73 -27.47
N GLY G 2864 -116.71 -59.86 -27.69
CA GLY G 2864 -115.90 -60.01 -28.90
C GLY G 2864 -116.66 -60.43 -30.14
N VAL G 2865 -117.95 -60.75 -30.02
CA VAL G 2865 -118.75 -61.15 -31.15
C VAL G 2865 -119.30 -59.92 -31.85
N THR G 2866 -119.53 -60.04 -33.15
CA THR G 2866 -120.07 -58.95 -33.95
C THR G 2866 -121.58 -58.88 -33.79
N LEU G 2867 -122.18 -57.84 -34.39
CA LEU G 2867 -123.61 -57.64 -34.32
C LEU G 2867 -124.02 -56.71 -35.45
N SER G 2868 -125.33 -56.68 -35.73
CA SER G 2868 -125.86 -55.91 -36.84
C SER G 2868 -125.59 -54.41 -36.67
N ARG G 2869 -125.39 -53.73 -37.80
CA ARG G 2869 -125.05 -52.32 -37.79
C ARG G 2869 -126.17 -51.46 -37.22
N GLU G 2870 -127.43 -51.76 -37.58
CA GLU G 2870 -128.55 -50.95 -37.10
CA GLU G 2870 -128.55 -50.95 -37.10
C GLU G 2870 -128.67 -51.02 -35.59
N LEU G 2871 -128.52 -52.21 -35.02
CA LEU G 2871 -128.62 -52.36 -33.57
C LEU G 2871 -127.38 -51.83 -32.86
N GLN G 2872 -126.21 -51.97 -33.47
CA GLN G 2872 -124.98 -51.51 -32.82
C GLN G 2872 -124.90 -49.99 -32.79
N ALA G 2873 -125.48 -49.31 -33.78
CA ALA G 2873 -125.46 -47.85 -33.79
C ALA G 2873 -126.20 -47.28 -32.60
N MET G 2874 -127.27 -47.95 -32.16
CA MET G 2874 -128.00 -47.52 -30.98
C MET G 2874 -127.13 -47.64 -29.73
N ALA G 2875 -126.34 -48.71 -29.63
CA ALA G 2875 -125.47 -48.90 -28.48
C ALA G 2875 -124.41 -47.80 -28.40
N GLU G 2876 -123.84 -47.42 -29.54
CA GLU G 2876 -122.85 -46.34 -29.54
C GLU G 2876 -123.48 -45.03 -29.10
N GLN G 2877 -124.72 -44.76 -29.52
CA GLN G 2877 -125.43 -43.59 -29.01
C GLN G 2877 -125.68 -43.72 -27.52
N LEU G 2878 -126.00 -44.93 -27.05
CA LEU G 2878 -126.09 -45.16 -25.62
C LEU G 2878 -124.73 -44.99 -24.96
N ALA G 2879 -123.66 -45.46 -25.61
CA ALA G 2879 -122.32 -45.18 -25.13
C ALA G 2879 -122.01 -43.69 -25.16
N GLU G 2880 -122.55 -42.98 -26.17
CA GLU G 2880 -122.47 -41.52 -26.15
C GLU G 2880 -123.18 -40.95 -24.94
N ASN G 2881 -124.36 -41.49 -24.62
CA ASN G 2881 -125.08 -41.06 -23.43
C ASN G 2881 -124.32 -41.44 -22.16
N TYR G 2882 -123.55 -42.53 -22.20
CA TYR G 2882 -122.69 -42.85 -21.06
C TYR G 2882 -121.64 -41.78 -20.86
N HIS G 2883 -121.05 -41.27 -21.95
CA HIS G 2883 -119.97 -40.30 -21.83
C HIS G 2883 -120.48 -38.94 -21.39
N ASN G 2884 -121.58 -38.45 -21.99
CA ASN G 2884 -122.06 -37.12 -21.63
C ASN G 2884 -122.57 -37.07 -20.20
N THR G 2885 -123.24 -38.13 -19.74
CA THR G 2885 -123.61 -38.22 -18.34
C THR G 2885 -122.37 -38.25 -17.45
N TRP G 2886 -121.35 -39.00 -17.86
CA TRP G 2886 -120.09 -39.01 -17.13
C TRP G 2886 -119.44 -37.64 -17.14
N GLY G 2887 -119.46 -36.96 -18.30
CA GLY G 2887 -118.89 -35.63 -18.37
C GLY G 2887 -119.64 -34.60 -17.56
N ARG G 2888 -120.97 -34.73 -17.48
CA ARG G 2888 -121.78 -33.75 -16.76
C ARG G 2888 -121.41 -33.73 -15.28
N LYS G 2889 -121.41 -34.88 -14.62
CA LYS G 2889 -121.04 -34.91 -13.21
C LYS G 2889 -119.57 -34.58 -13.00
N LYS G 2890 -118.73 -34.85 -14.00
CA LYS G 2890 -117.33 -34.47 -13.90
C LYS G 2890 -117.15 -32.96 -14.01
N LYS G 2891 -117.89 -32.31 -14.91
CA LYS G 2891 -117.76 -30.87 -15.08
C LYS G 2891 -118.39 -30.08 -13.95
N GLN G 2892 -119.38 -30.65 -13.25
CA GLN G 2892 -120.01 -29.94 -12.14
C GLN G 2892 -119.02 -29.65 -11.04
N GLU G 2893 -118.16 -30.63 -10.73
CA GLU G 2893 -117.09 -30.39 -9.75
C GLU G 2893 -116.03 -29.47 -10.32
N LEU G 2894 -115.74 -29.58 -11.62
CA LEU G 2894 -114.70 -28.78 -12.23
C LEU G 2894 -115.14 -27.34 -12.48
N GLU G 2895 -116.43 -27.12 -12.75
CA GLU G 2895 -116.92 -25.77 -13.03
C GLU G 2895 -116.91 -24.87 -11.80
N ALA G 2896 -116.70 -25.42 -10.60
CA ALA G 2896 -116.60 -24.59 -9.41
C ALA G 2896 -115.44 -23.61 -9.49
N LYS G 2897 -114.35 -24.00 -10.14
CA LYS G 2897 -113.23 -23.08 -10.35
C LYS G 2897 -113.43 -22.19 -11.56
N GLY G 2898 -113.97 -22.75 -12.65
CA GLY G 2898 -114.17 -22.02 -13.88
C GLY G 2898 -112.98 -22.00 -14.81
N GLY G 2899 -111.81 -22.47 -14.36
CA GLY G 2899 -110.63 -22.46 -15.19
C GLY G 2899 -110.11 -23.85 -15.51
N GLY G 2900 -109.73 -24.07 -16.76
CA GLY G 2900 -109.28 -25.37 -17.20
C GLY G 2900 -110.44 -26.30 -17.52
N THR G 2901 -110.10 -27.47 -18.06
CA THR G 2901 -111.11 -28.45 -18.42
C THR G 2901 -110.49 -29.84 -18.36
N HIS G 2902 -111.36 -30.83 -18.18
CA HIS G 2902 -110.90 -32.22 -18.20
C HIS G 2902 -110.50 -32.60 -19.62
N PRO G 2903 -109.41 -33.34 -19.79
CA PRO G 2903 -108.98 -33.72 -21.15
C PRO G 2903 -110.01 -34.56 -21.90
N LEU G 2904 -110.86 -35.30 -21.20
CA LEU G 2904 -111.86 -36.14 -21.83
C LEU G 2904 -113.20 -35.43 -22.00
N LEU G 2905 -113.29 -34.15 -21.65
CA LEU G 2905 -114.51 -33.36 -21.87
C LEU G 2905 -114.63 -32.99 -23.35
N VAL G 2906 -114.89 -34.01 -24.15
CA VAL G 2906 -114.99 -33.86 -25.61
C VAL G 2906 -116.22 -34.60 -26.09
N PRO G 2907 -116.78 -34.20 -27.23
CA PRO G 2907 -117.94 -34.92 -27.78
C PRO G 2907 -117.59 -36.36 -28.10
N TYR G 2908 -118.60 -37.23 -27.98
CA TYR G 2908 -118.36 -38.67 -28.07
C TYR G 2908 -117.84 -39.08 -29.45
N ASP G 2909 -118.17 -38.33 -30.50
CA ASP G 2909 -117.56 -38.64 -31.79
C ASP G 2909 -116.10 -38.21 -31.83
N THR G 2910 -115.71 -37.26 -30.98
CA THR G 2910 -114.36 -36.69 -31.07
C THR G 2910 -113.32 -37.60 -30.43
N LEU G 2911 -113.64 -38.22 -29.29
CA LEU G 2911 -112.63 -39.03 -28.62
C LEU G 2911 -112.36 -40.32 -29.41
N THR G 2912 -111.10 -40.73 -29.41
CA THR G 2912 -110.67 -41.84 -30.24
C THR G 2912 -111.15 -43.17 -29.66
N ALA G 2913 -110.74 -44.26 -30.31
CA ALA G 2913 -111.24 -45.58 -29.92
C ALA G 2913 -110.64 -46.06 -28.60
N LYS G 2914 -109.39 -45.70 -28.32
CA LYS G 2914 -108.73 -46.20 -27.11
C LYS G 2914 -109.44 -45.69 -25.86
N GLU G 2915 -109.87 -44.43 -25.85
CA GLU G 2915 -110.61 -43.87 -24.73
C GLU G 2915 -112.11 -44.09 -24.85
N LYS G 2916 -112.56 -44.72 -25.92
CA LYS G 2916 -113.99 -45.00 -26.11
C LYS G 2916 -114.39 -46.38 -25.59
N ALA G 2917 -113.42 -47.30 -25.44
CA ALA G 2917 -113.73 -48.66 -25.01
C ALA G 2917 -114.36 -48.70 -23.62
N ARG G 2918 -114.14 -47.68 -22.80
CA ARG G 2918 -114.75 -47.65 -21.47
C ARG G 2918 -116.28 -47.60 -21.59
N ASP G 2919 -116.78 -46.78 -22.51
CA ASP G 2919 -118.21 -46.71 -22.75
C ASP G 2919 -118.67 -47.66 -23.85
N ARG G 2920 -117.77 -47.99 -24.79
CA ARG G 2920 -118.14 -48.89 -25.87
C ARG G 2920 -118.44 -50.29 -25.35
N GLU G 2921 -117.55 -50.83 -24.51
CA GLU G 2921 -117.74 -52.18 -23.99
C GLU G 2921 -118.96 -52.24 -23.07
N LYS G 2922 -119.14 -51.24 -22.22
CA LYS G 2922 -120.27 -51.24 -21.29
C LYS G 2922 -121.60 -51.21 -22.05
N ALA G 2923 -121.70 -50.37 -23.08
CA ALA G 2923 -122.91 -50.34 -23.89
C ALA G 2923 -123.10 -51.64 -24.67
N GLN G 2924 -122.00 -52.19 -25.20
CA GLN G 2924 -122.10 -53.44 -25.95
C GLN G 2924 -122.44 -54.62 -25.05
N GLU G 2925 -121.87 -54.65 -23.84
CA GLU G 2925 -122.11 -55.78 -22.94
C GLU G 2925 -123.58 -55.92 -22.58
N LEU G 2926 -124.25 -54.79 -22.30
CA LEU G 2926 -125.68 -54.83 -22.08
C LEU G 2926 -126.42 -55.31 -23.32
N LEU G 2927 -125.99 -54.84 -24.50
CA LEU G 2927 -126.62 -55.26 -25.74
C LEU G 2927 -126.38 -56.74 -26.01
N LYS G 2928 -125.19 -57.24 -25.67
CA LYS G 2928 -124.89 -58.67 -25.86
C LYS G 2928 -125.82 -59.53 -25.01
N PHE G 2929 -126.08 -59.10 -23.77
CA PHE G 2929 -127.03 -59.83 -22.93
C PHE G 2929 -128.44 -59.79 -23.53
N LEU G 2930 -128.78 -58.69 -24.20
CA LEU G 2930 -130.05 -58.61 -24.91
C LEU G 2930 -130.05 -59.42 -26.20
N GLN G 2931 -128.89 -59.89 -26.65
CA GLN G 2931 -128.81 -60.58 -27.94
C GLN G 2931 -129.14 -62.06 -27.81
N MET G 2932 -128.42 -62.78 -26.93
CA MET G 2932 -128.62 -64.21 -26.82
C MET G 2932 -130.00 -64.57 -26.29
N ASN G 2933 -130.66 -63.65 -25.57
CA ASN G 2933 -132.02 -63.88 -25.13
C ASN G 2933 -133.05 -63.55 -26.20
N GLY G 2934 -132.80 -62.53 -27.02
CA GLY G 2934 -133.70 -62.17 -28.09
C GLY G 2934 -134.60 -60.98 -27.78
N TYR G 2935 -134.01 -59.91 -27.24
CA TYR G 2935 -134.73 -58.68 -26.95
C TYR G 2935 -134.68 -57.78 -28.18
N ALA G 2936 -135.85 -57.55 -28.78
CA ALA G 2936 -135.95 -56.76 -30.01
C ALA G 2936 -136.22 -55.30 -29.64
N VAL G 2937 -135.27 -54.43 -29.97
CA VAL G 2937 -135.40 -52.99 -29.77
C VAL G 2937 -135.14 -52.29 -31.10
N THR G 2938 -136.07 -51.43 -31.50
CA THR G 2938 -135.97 -50.72 -32.76
C THR G 2938 -136.48 -49.30 -32.59
N ARG G 2939 -135.93 -48.38 -33.38
CA ARG G 2939 -136.35 -46.98 -33.34
C ARG G 2939 -137.79 -46.82 -33.80
N LEU G 2946 -128.16 -44.04 -47.84
CA LEU G 2946 -128.83 -45.33 -47.71
C LEU G 2946 -128.68 -46.13 -49.00
N ASP G 2947 -128.06 -47.30 -48.89
CA ASP G 2947 -127.85 -48.21 -50.03
C ASP G 2947 -127.13 -47.51 -51.18
N THR G 2948 -126.04 -46.80 -50.85
CA THR G 2948 -125.26 -46.06 -51.82
C THR G 2948 -124.06 -46.89 -52.26
N SER G 2949 -123.77 -46.86 -53.56
CA SER G 2949 -122.64 -47.61 -54.10
C SER G 2949 -121.32 -46.93 -53.74
N SER G 2950 -120.23 -47.68 -53.90
CA SER G 2950 -118.92 -47.16 -53.53
C SER G 2950 -118.49 -46.01 -54.43
N ILE G 2951 -118.80 -46.08 -55.72
CA ILE G 2951 -118.34 -45.06 -56.65
C ILE G 2951 -118.96 -43.70 -56.30
N GLU G 2952 -120.24 -43.69 -55.95
CA GLU G 2952 -120.89 -42.44 -55.59
C GLU G 2952 -120.35 -41.87 -54.29
N LYS G 2953 -119.61 -42.65 -53.51
CA LYS G 2953 -119.04 -42.19 -52.25
C LYS G 2953 -117.63 -41.64 -52.41
N ARG G 2954 -117.09 -41.62 -53.62
CA ARG G 2954 -115.77 -41.05 -53.84
C ARG G 2954 -115.79 -39.55 -53.61
N PHE G 2955 -114.63 -39.00 -53.22
CA PHE G 2955 -114.55 -37.57 -52.97
C PHE G 2955 -114.75 -36.77 -54.25
N ALA G 2956 -114.10 -37.18 -55.35
CA ALA G 2956 -114.24 -36.45 -56.60
C ALA G 2956 -115.67 -36.50 -57.11
N PHE G 2957 -116.38 -37.59 -56.84
CA PHE G 2957 -117.78 -37.69 -57.25
C PHE G 2957 -118.62 -36.64 -56.54
N GLY G 2958 -118.53 -36.57 -55.21
CA GLY G 2958 -119.31 -35.60 -54.48
C GLY G 2958 -118.88 -34.17 -54.76
N PHE G 2959 -117.58 -33.97 -54.97
CA PHE G 2959 -117.08 -32.64 -55.29
C PHE G 2959 -117.62 -32.17 -56.64
N LEU G 2960 -117.66 -33.07 -57.62
CA LEU G 2960 -118.20 -32.70 -58.93
C LEU G 2960 -119.71 -32.49 -58.86
N GLN G 2961 -120.39 -33.23 -57.98
CA GLN G 2961 -121.83 -33.05 -57.82
C GLN G 2961 -122.17 -31.64 -57.35
N GLN G 2962 -121.39 -31.13 -56.39
CA GLN G 2962 -121.66 -29.80 -55.88
C GLN G 2962 -121.35 -28.73 -56.92
N LEU G 2963 -120.33 -28.96 -57.75
CA LEU G 2963 -120.03 -28.00 -58.81
C LEU G 2963 -121.17 -27.94 -59.82
N LEU G 2964 -121.70 -29.09 -60.23
CA LEU G 2964 -122.87 -29.10 -61.10
C LEU G 2964 -124.09 -28.53 -60.39
N ARG G 2965 -124.24 -28.86 -59.10
CA ARG G 2965 -125.34 -28.28 -58.33
C ARG G 2965 -125.20 -26.76 -58.24
N TRP G 2966 -123.97 -26.26 -58.34
CA TRP G 2966 -123.76 -24.83 -58.41
C TRP G 2966 -123.82 -24.30 -59.84
N MET G 2967 -123.72 -25.18 -60.83
CA MET G 2967 -123.87 -24.74 -62.22
C MET G 2967 -125.28 -24.27 -62.50
N ASP G 2968 -126.28 -25.02 -62.02
CA ASP G 2968 -127.66 -24.56 -62.14
C ASP G 2968 -127.89 -23.30 -61.34
N ILE G 2969 -127.20 -23.15 -60.21
CA ILE G 2969 -127.26 -21.89 -59.47
C ILE G 2969 -126.64 -20.77 -60.31
N SER G 2970 -125.54 -21.06 -61.00
CA SER G 2970 -124.93 -20.05 -61.86
C SER G 2970 -125.86 -19.67 -63.00
N GLN G 2971 -126.70 -20.60 -63.44
CA GLN G 2971 -127.62 -20.33 -64.54
C GLN G 2971 -128.74 -19.39 -64.14
N GLU G 2972 -129.27 -19.51 -62.92
CA GLU G 2972 -130.47 -18.75 -62.57
C GLU G 2972 -130.16 -17.27 -62.37
N PHE G 2973 -128.96 -16.93 -61.89
CA PHE G 2973 -128.68 -15.54 -61.61
C PHE G 2973 -128.12 -14.78 -62.81
N ILE G 2974 -127.46 -15.46 -63.75
CA ILE G 2974 -127.06 -14.76 -64.97
C ILE G 2974 -128.28 -14.36 -65.78
N ALA G 2975 -129.27 -15.26 -65.88
CA ALA G 2975 -130.52 -14.91 -66.55
C ALA G 2975 -131.21 -13.76 -65.83
N HIS G 2976 -131.18 -13.77 -64.50
CA HIS G 2976 -131.67 -12.63 -63.74
C HIS G 2976 -130.83 -11.39 -64.04
N LEU G 2977 -129.51 -11.55 -64.13
CA LEU G 2977 -128.65 -10.44 -64.52
C LEU G 2977 -128.91 -10.02 -65.96
N GLU G 2978 -129.15 -10.99 -66.85
CA GLU G 2978 -129.49 -10.65 -68.22
C GLU G 2978 -130.82 -9.90 -68.27
N ALA G 2979 -131.77 -10.30 -67.44
CA ALA G 2979 -133.07 -9.63 -67.42
C ALA G 2979 -132.94 -8.19 -66.95
N VAL G 2980 -132.25 -7.98 -65.82
CA VAL G 2980 -132.16 -6.64 -65.25
C VAL G 2980 -131.32 -5.73 -66.14
N VAL G 2981 -130.29 -6.27 -66.78
CA VAL G 2981 -129.49 -5.46 -67.70
C VAL G 2981 -130.24 -5.12 -68.98
N SER G 2982 -131.35 -5.81 -69.26
CA SER G 2982 -132.19 -5.53 -70.41
C SER G 2982 -133.37 -4.64 -70.07
N SER G 2983 -134.14 -4.99 -69.04
CA SER G 2983 -135.29 -4.20 -68.63
C SER G 2983 -135.46 -4.32 -67.12
N GLY G 2984 -136.06 -3.29 -66.54
CA GLY G 2984 -136.29 -3.26 -65.10
C GLY G 2984 -135.01 -3.21 -64.30
N ARG G 2985 -134.29 -2.09 -64.39
CA ARG G 2985 -133.03 -1.95 -63.68
C ARG G 2985 -133.26 -1.98 -62.16
N VAL G 2986 -132.46 -2.80 -61.47
CA VAL G 2986 -132.53 -2.90 -60.02
C VAL G 2986 -131.16 -3.34 -59.51
N GLU G 2987 -130.66 -2.66 -58.48
CA GLU G 2987 -129.33 -2.92 -57.94
C GLU G 2987 -129.38 -3.71 -56.63
N LYS G 2988 -130.53 -4.31 -56.32
CA LYS G 2988 -130.62 -5.13 -55.12
C LYS G 2988 -129.68 -6.32 -55.19
N SER G 2989 -129.61 -6.98 -56.36
CA SER G 2989 -128.79 -8.15 -56.59
C SER G 2989 -129.05 -9.21 -55.53
N PRO G 2990 -130.21 -9.88 -55.57
CA PRO G 2990 -130.51 -10.88 -54.54
C PRO G 2990 -129.54 -12.05 -54.53
N HIS G 2991 -128.83 -12.31 -55.63
CA HIS G 2991 -127.86 -13.37 -55.71
C HIS G 2991 -126.42 -12.85 -55.56
N GLU G 2992 -126.25 -11.77 -54.81
CA GLU G 2992 -124.92 -11.19 -54.65
C GLU G 2992 -123.97 -12.17 -53.97
N GLN G 2993 -124.44 -12.87 -52.94
CA GLN G 2993 -123.61 -13.87 -52.29
C GLN G 2993 -123.28 -15.01 -53.25
N GLU G 2994 -124.25 -15.43 -54.05
CA GLU G 2994 -124.02 -16.53 -54.98
C GLU G 2994 -123.02 -16.14 -56.07
N ILE G 2995 -123.10 -14.90 -56.56
CA ILE G 2995 -122.19 -14.46 -57.62
C ILE G 2995 -120.76 -14.44 -57.12
N LYS G 2996 -120.53 -13.86 -55.94
CA LYS G 2996 -119.19 -13.74 -55.41
C LYS G 2996 -118.58 -15.11 -55.10
N PHE G 2997 -119.37 -16.00 -54.52
CA PHE G 2997 -118.86 -17.33 -54.19
C PHE G 2997 -118.48 -18.09 -55.46
N PHE G 2998 -119.29 -17.96 -56.52
CA PHE G 2998 -118.98 -18.60 -57.78
C PHE G 2998 -117.69 -18.06 -58.38
N ALA G 2999 -117.50 -16.74 -58.33
CA ALA G 2999 -116.38 -16.13 -59.04
C ALA G 2999 -115.11 -16.14 -58.20
N LYS G 3000 -115.22 -16.04 -56.88
CA LYS G 3000 -114.05 -15.90 -56.02
C LYS G 3000 -113.61 -17.21 -55.39
N ILE G 3001 -114.46 -18.23 -55.36
CA ILE G 3001 -114.13 -19.50 -54.74
C ILE G 3001 -114.16 -20.64 -55.75
N LEU G 3002 -115.28 -20.82 -56.44
CA LEU G 3002 -115.45 -21.97 -57.33
C LEU G 3002 -114.43 -21.95 -58.47
N LEU G 3003 -114.28 -20.80 -59.12
CA LEU G 3003 -113.37 -20.74 -60.27
C LEU G 3003 -111.93 -21.05 -59.89
N PRO G 3004 -111.33 -20.44 -58.86
CA PRO G 3004 -109.99 -20.89 -58.45
C PRO G 3004 -109.95 -22.33 -57.99
N LEU G 3005 -111.02 -22.80 -57.34
CA LEU G 3005 -111.05 -24.20 -56.90
C LEU G 3005 -111.11 -25.15 -58.08
N ILE G 3006 -111.94 -24.83 -59.08
CA ILE G 3006 -111.98 -25.62 -60.30
C ILE G 3006 -110.65 -25.55 -61.03
N ASN G 3007 -110.03 -24.37 -61.05
CA ASN G 3007 -108.80 -24.18 -61.80
C ASN G 3007 -107.68 -25.06 -61.26
N GLN G 3008 -107.53 -25.13 -59.94
CA GLN G 3008 -106.42 -25.87 -59.35
C GLN G 3008 -106.70 -27.35 -59.19
N TYR G 3009 -107.93 -27.73 -58.85
CA TYR G 3009 -108.22 -29.13 -58.59
C TYR G 3009 -108.01 -29.99 -59.82
N PHE G 3010 -108.45 -29.52 -60.98
CA PHE G 3010 -108.30 -30.31 -62.20
C PHE G 3010 -106.94 -30.12 -62.84
N THR G 3011 -106.15 -29.15 -62.40
CA THR G 3011 -104.76 -29.10 -62.81
C THR G 3011 -103.95 -30.18 -62.12
N ASN G 3012 -104.16 -30.36 -60.82
CA ASN G 3012 -103.41 -31.37 -60.07
C ASN G 3012 -103.86 -32.78 -60.43
N HIS G 3013 -105.18 -33.00 -60.51
CA HIS G 3013 -105.75 -34.32 -60.72
C HIS G 3013 -106.16 -34.55 -62.16
N CYS G 3014 -105.40 -33.99 -63.11
CA CYS G 3014 -105.73 -34.19 -64.51
C CYS G 3014 -105.57 -35.65 -64.93
N LEU G 3015 -104.53 -36.32 -64.44
CA LEU G 3015 -104.27 -37.69 -64.85
C LEU G 3015 -105.28 -38.66 -64.28
N TYR G 3016 -105.93 -38.30 -63.17
CA TYR G 3016 -106.94 -39.18 -62.59
C TYR G 3016 -108.16 -39.30 -63.50
N PHE G 3017 -108.54 -38.20 -64.17
CA PHE G 3017 -109.71 -38.24 -65.04
C PHE G 3017 -109.36 -38.72 -66.45
N LEU G 3018 -108.08 -38.68 -66.83
CA LEU G 3018 -107.67 -39.20 -68.12
C LEU G 3018 -107.28 -40.67 -68.06
N SER G 3019 -107.27 -41.27 -66.88
CA SER G 3019 -106.89 -42.67 -66.76
C SER G 3019 -108.06 -43.59 -67.09
N THR G 3020 -107.74 -44.76 -67.60
CA THR G 3020 -108.70 -45.79 -67.96
C THR G 3020 -108.23 -47.10 -67.37
N PRO G 3021 -109.15 -48.04 -67.11
CA PRO G 3021 -108.71 -49.33 -66.55
C PRO G 3021 -107.66 -50.03 -67.40
N ALA G 3022 -107.76 -49.92 -68.73
CA ALA G 3022 -106.75 -50.52 -69.59
C ALA G 3022 -105.40 -49.84 -69.42
N LYS G 3023 -105.38 -48.52 -69.30
CA LYS G 3023 -104.14 -47.74 -69.28
C LYS G 3023 -104.23 -46.69 -68.18
N VAL G 3024 -103.46 -46.89 -67.12
CA VAL G 3024 -103.44 -45.95 -65.99
C VAL G 3024 -102.28 -45.00 -66.16
N LEU G 3025 -102.55 -43.70 -66.06
CA LEU G 3025 -101.56 -42.66 -66.28
C LEU G 3025 -100.98 -42.10 -64.98
N GLY G 3026 -101.81 -41.92 -63.95
CA GLY G 3026 -101.36 -41.30 -62.73
C GLY G 3026 -100.68 -42.28 -61.79
N SER G 3027 -100.45 -41.80 -60.56
CA SER G 3027 -99.85 -42.66 -59.54
C SER G 3027 -100.74 -43.84 -59.22
N GLY G 3028 -102.04 -43.61 -59.08
CA GLY G 3028 -102.97 -44.68 -58.82
C GLY G 3028 -104.39 -44.18 -58.91
N GLY G 3029 -105.30 -45.12 -59.18
CA GLY G 3029 -106.70 -44.79 -59.28
C GLY G 3029 -107.08 -44.25 -60.64
N HIS G 3030 -108.36 -44.32 -60.97
CA HIS G 3030 -108.86 -43.85 -62.25
C HIS G 3030 -110.28 -43.32 -62.08
N ALA G 3031 -110.66 -42.39 -62.94
CA ALA G 3031 -112.01 -41.84 -62.87
C ALA G 3031 -113.01 -42.85 -63.39
N SER G 3032 -114.09 -43.05 -62.62
CA SER G 3032 -115.17 -43.89 -63.09
C SER G 3032 -115.89 -43.20 -64.25
N ASN G 3033 -116.64 -44.00 -65.00
CA ASN G 3033 -117.36 -43.47 -66.15
C ASN G 3033 -118.29 -42.35 -65.74
N LYS G 3034 -118.96 -42.50 -64.60
CA LYS G 3034 -119.86 -41.46 -64.12
C LYS G 3034 -119.11 -40.17 -63.82
N GLU G 3035 -117.88 -40.28 -63.31
CA GLU G 3035 -117.09 -39.09 -63.05
C GLU G 3035 -116.63 -38.42 -64.34
N LYS G 3036 -116.24 -39.22 -65.34
CA LYS G 3036 -115.86 -38.66 -66.63
C LYS G 3036 -117.05 -37.98 -67.30
N GLU G 3037 -118.25 -38.55 -67.14
CA GLU G 3037 -119.44 -37.89 -67.67
C GLU G 3037 -119.71 -36.59 -66.95
N MET G 3038 -119.52 -36.56 -65.62
CA MET G 3038 -119.81 -35.35 -64.86
C MET G 3038 -118.88 -34.21 -65.24
N ILE G 3039 -117.59 -34.50 -65.43
CA ILE G 3039 -116.65 -33.45 -65.78
C ILE G 3039 -116.93 -32.92 -67.19
N THR G 3040 -117.37 -33.78 -68.10
CA THR G 3040 -117.75 -33.32 -69.43
C THR G 3040 -118.95 -32.41 -69.38
N SER G 3041 -119.95 -32.75 -68.56
CA SER G 3041 -121.11 -31.88 -68.41
C SER G 3041 -120.74 -30.54 -67.80
N LEU G 3042 -119.79 -30.54 -66.86
CA LEU G 3042 -119.34 -29.30 -66.26
C LEU G 3042 -118.69 -28.39 -67.29
N PHE G 3043 -117.86 -28.95 -68.17
CA PHE G 3043 -117.24 -28.17 -69.22
C PHE G 3043 -118.26 -27.62 -70.20
N CYS G 3044 -119.23 -28.45 -70.60
CA CYS G 3044 -120.25 -27.99 -71.53
C CYS G 3044 -121.16 -26.95 -70.88
N LYS G 3045 -121.54 -27.16 -69.62
CA LYS G 3045 -122.37 -26.19 -68.94
C LYS G 3045 -121.64 -24.87 -68.75
N LEU G 3046 -120.37 -24.92 -68.36
CA LEU G 3046 -119.60 -23.70 -68.15
C LEU G 3046 -119.40 -22.95 -69.46
N ALA G 3047 -119.13 -23.66 -70.55
CA ALA G 3047 -118.94 -23.00 -71.84
C ALA G 3047 -120.23 -22.32 -72.30
N ALA G 3048 -121.37 -22.97 -72.11
CA ALA G 3048 -122.64 -22.34 -72.46
C ALA G 3048 -122.95 -21.17 -71.53
N LEU G 3049 -122.49 -21.23 -70.28
CA LEU G 3049 -122.73 -20.14 -69.35
C LEU G 3049 -122.04 -18.86 -69.81
N VAL G 3050 -120.82 -18.98 -70.34
CA VAL G 3050 -120.05 -17.82 -70.77
C VAL G 3050 -120.31 -17.46 -72.23
N ARG G 3051 -121.05 -18.30 -72.96
CA ARG G 3051 -121.34 -18.03 -74.36
C ARG G 3051 -122.17 -16.76 -74.47
N HIS G 3052 -121.62 -15.74 -75.13
CA HIS G 3052 -122.27 -14.46 -75.35
C HIS G 3052 -122.59 -13.74 -74.05
N ARG G 3053 -121.91 -14.09 -72.95
CA ARG G 3053 -122.04 -13.40 -71.69
C ARG G 3053 -120.67 -13.03 -71.12
N VAL G 3054 -119.68 -12.87 -71.99
CA VAL G 3054 -118.33 -12.58 -71.54
C VAL G 3054 -118.26 -11.24 -70.83
N SER G 3055 -119.00 -10.25 -71.33
CA SER G 3055 -119.02 -8.95 -70.68
C SER G 3055 -119.66 -9.01 -69.30
N LEU G 3056 -120.68 -9.84 -69.12
CA LEU G 3056 -121.39 -9.91 -67.85
C LEU G 3056 -120.51 -10.36 -66.70
N PHE G 3057 -119.47 -11.16 -66.97
CA PHE G 3057 -118.57 -11.58 -65.92
C PHE G 3057 -117.54 -10.52 -65.56
N GLY G 3058 -117.38 -9.49 -66.39
CA GLY G 3058 -116.44 -8.42 -66.06
C GLY G 3058 -115.02 -8.94 -66.00
N THR G 3059 -114.35 -8.69 -64.87
CA THR G 3059 -112.98 -9.13 -64.68
C THR G 3059 -112.86 -10.61 -64.36
N ASP G 3060 -113.98 -11.30 -64.09
CA ASP G 3060 -113.94 -12.73 -63.83
C ASP G 3060 -113.84 -13.56 -65.10
N ALA G 3061 -114.02 -12.94 -66.27
CA ALA G 3061 -113.97 -13.70 -67.51
C ALA G 3061 -112.63 -14.40 -67.76
N PRO G 3062 -111.47 -13.76 -67.53
CA PRO G 3062 -110.22 -14.53 -67.68
C PRO G 3062 -110.13 -15.73 -66.76
N ALA G 3063 -110.73 -15.66 -65.57
CA ALA G 3063 -110.78 -16.83 -64.71
C ALA G 3063 -111.67 -17.92 -65.31
N VAL G 3064 -112.72 -17.53 -66.01
CA VAL G 3064 -113.64 -18.50 -66.58
C VAL G 3064 -112.97 -19.27 -67.72
N VAL G 3065 -112.30 -18.56 -68.62
CA VAL G 3065 -111.68 -19.21 -69.77
C VAL G 3065 -110.54 -20.12 -69.32
N ASN G 3066 -109.82 -19.72 -68.28
CA ASN G 3066 -108.77 -20.57 -67.75
C ASN G 3066 -109.33 -21.88 -67.21
N CYS G 3067 -110.49 -21.81 -66.54
CA CYS G 3067 -111.16 -23.03 -66.11
C CYS G 3067 -111.57 -23.88 -67.30
N LEU G 3068 -112.04 -23.23 -68.38
CA LEU G 3068 -112.41 -23.95 -69.58
C LEU G 3068 -111.21 -24.65 -70.20
N HIS G 3069 -110.05 -23.99 -70.17
CA HIS G 3069 -108.84 -24.62 -70.69
C HIS G 3069 -108.50 -25.89 -69.90
N ILE G 3070 -108.52 -25.79 -68.57
CA ILE G 3070 -108.09 -26.91 -67.74
C ILE G 3070 -109.11 -28.04 -67.78
N LEU G 3071 -110.40 -27.70 -67.78
CA LEU G 3071 -111.43 -28.73 -67.92
C LEU G 3071 -111.31 -29.43 -69.26
N ALA G 3072 -110.93 -28.71 -70.31
CA ALA G 3072 -110.77 -29.32 -71.62
C ALA G 3072 -109.64 -30.34 -71.61
N ARG G 3073 -108.53 -30.03 -70.95
CA ARG G 3073 -107.40 -30.94 -70.90
C ARG G 3073 -107.64 -32.16 -70.03
N SER G 3074 -108.71 -32.16 -69.24
CA SER G 3074 -109.03 -33.28 -68.36
C SER G 3074 -110.28 -34.02 -68.82
N LEU G 3075 -110.56 -34.00 -70.12
CA LEU G 3075 -111.73 -34.66 -70.68
C LEU G 3075 -111.30 -35.97 -71.32
N ASP G 3076 -111.86 -37.08 -70.84
CA ASP G 3076 -111.72 -38.37 -71.50
C ASP G 3076 -112.92 -38.57 -72.44
N ALA G 3077 -112.94 -37.74 -73.48
CA ALA G 3077 -114.10 -37.68 -74.37
C ALA G 3077 -114.31 -38.98 -75.12
N ARG G 3078 -113.29 -39.82 -75.25
CA ARG G 3078 -113.47 -41.10 -75.92
C ARG G 3078 -114.47 -41.98 -75.17
N THR G 3079 -114.29 -42.12 -73.86
CA THR G 3079 -115.20 -42.97 -73.08
C THR G 3079 -116.59 -42.35 -73.00
N VAL G 3080 -116.67 -41.02 -72.92
CA VAL G 3080 -117.96 -40.36 -72.80
C VAL G 3080 -118.80 -40.60 -74.04
N MET G 3081 -118.20 -40.46 -75.22
CA MET G 3081 -118.95 -40.64 -76.46
C MET G 3081 -119.23 -42.10 -76.75
N LYS G 3082 -118.37 -43.01 -76.29
CA LYS G 3082 -118.58 -44.43 -76.54
C LYS G 3082 -119.68 -44.98 -75.62
N SER G 3083 -119.44 -44.93 -74.31
CA SER G 3083 -120.37 -45.46 -73.31
C SER G 3083 -120.74 -44.32 -72.37
N GLY G 3084 -121.77 -43.57 -72.72
CA GLY G 3084 -122.24 -42.47 -71.91
C GLY G 3084 -123.72 -42.20 -72.12
N PRO G 3085 -124.34 -41.53 -71.16
CA PRO G 3085 -125.75 -41.16 -71.31
C PRO G 3085 -125.95 -40.25 -72.52
N GLU G 3086 -127.15 -40.38 -73.11
CA GLU G 3086 -127.47 -39.56 -74.28
C GLU G 3086 -127.52 -38.08 -73.91
N ILE G 3087 -127.87 -37.76 -72.66
CA ILE G 3087 -128.02 -36.37 -72.25
C ILE G 3087 -126.66 -35.67 -72.25
N VAL G 3088 -125.61 -36.35 -71.80
CA VAL G 3088 -124.30 -35.71 -71.70
C VAL G 3088 -123.60 -35.73 -73.05
N LYS G 3089 -123.77 -36.82 -73.83
CA LYS G 3089 -123.19 -36.86 -75.16
C LYS G 3089 -123.78 -35.77 -76.04
N ALA G 3090 -125.09 -35.56 -75.98
CA ALA G 3090 -125.70 -34.48 -76.75
C ALA G 3090 -125.23 -33.11 -76.29
N GLY G 3091 -124.84 -33.00 -75.02
CA GLY G 3091 -124.28 -31.75 -74.55
C GLY G 3091 -122.96 -31.41 -75.21
N LEU G 3092 -122.09 -32.41 -75.38
CA LEU G 3092 -120.82 -32.17 -76.05
C LEU G 3092 -121.02 -31.87 -77.53
N ARG G 3093 -121.96 -32.57 -78.17
CA ARG G 3093 -122.25 -32.28 -79.57
C ARG G 3093 -122.77 -30.86 -79.74
N SER G 3094 -123.63 -30.42 -78.82
CA SER G 3094 -124.21 -29.08 -78.94
C SER G 3094 -123.14 -28.00 -78.79
N PHE G 3095 -122.10 -28.26 -77.99
CA PHE G 3095 -121.02 -27.30 -77.87
C PHE G 3095 -120.29 -27.12 -79.19
N PHE G 3096 -119.98 -28.22 -79.87
CA PHE G 3096 -119.33 -28.14 -81.17
C PHE G 3096 -120.24 -27.49 -82.21
N GLU G 3097 -121.53 -27.80 -82.15
CA GLU G 3097 -122.49 -27.15 -83.03
C GLU G 3097 -122.57 -25.66 -82.76
N SER G 3098 -122.61 -25.26 -81.48
CA SER G 3098 -122.67 -23.86 -81.14
C SER G 3098 -121.40 -23.13 -81.56
N ALA G 3099 -120.24 -23.76 -81.39
CA ALA G 3099 -119.00 -23.14 -81.82
C ALA G 3099 -118.98 -22.92 -83.33
N SER G 3100 -119.46 -23.91 -84.09
CA SER G 3100 -119.53 -23.76 -85.53
C SER G 3100 -120.48 -22.62 -85.93
N GLU G 3101 -121.64 -22.55 -85.27
CA GLU G 3101 -122.56 -21.47 -85.57
C GLU G 3101 -121.97 -20.11 -85.21
N ASP G 3102 -121.33 -20.00 -84.06
CA ASP G 3102 -120.75 -18.73 -83.65
C ASP G 3102 -119.60 -18.32 -84.57
N ILE G 3103 -118.76 -19.28 -84.97
CA ILE G 3103 -117.64 -18.94 -85.83
C ILE G 3103 -118.11 -18.59 -87.22
N GLU G 3104 -119.22 -19.19 -87.68
CA GLU G 3104 -119.81 -18.80 -88.95
C GLU G 3104 -120.34 -17.38 -88.90
N LYS G 3105 -120.99 -17.01 -87.79
CA LYS G 3105 -121.49 -15.65 -87.67
C LYS G 3105 -120.36 -14.63 -87.59
N MET G 3106 -119.21 -15.04 -87.06
CA MET G 3106 -118.07 -14.12 -87.00
C MET G 3106 -117.48 -13.89 -88.38
N VAL G 3107 -117.26 -14.97 -89.14
CA VAL G 3107 -116.61 -14.83 -90.44
C VAL G 3107 -117.51 -14.07 -91.42
N GLU G 3108 -118.82 -14.28 -91.33
CA GLU G 3108 -119.73 -13.51 -92.19
C GLU G 3108 -119.78 -12.05 -91.76
N ASN G 3109 -119.66 -11.78 -90.45
CA ASN G 3109 -119.50 -10.41 -90.00
C ASN G 3109 -118.12 -9.87 -90.36
N LEU G 3110 -117.10 -10.72 -90.28
CA LEU G 3110 -115.76 -10.33 -90.71
C LEU G 3110 -115.71 -10.06 -92.21
N ARG G 3111 -116.64 -10.62 -92.97
CA ARG G 3111 -116.86 -10.35 -94.39
C ARG G 3111 -117.48 -8.98 -94.63
N LEU G 3112 -117.62 -8.22 -93.54
CA LEU G 3112 -118.26 -6.90 -93.55
C LEU G 3112 -119.71 -6.96 -94.03
N GLY G 3113 -120.42 -8.03 -93.66
CA GLY G 3113 -121.87 -7.97 -93.72
C GLY G 3113 -122.44 -7.02 -92.69
N LYS G 3114 -121.70 -6.80 -91.60
CA LYS G 3114 -122.03 -5.79 -90.60
C LYS G 3114 -120.76 -5.01 -90.30
N VAL G 3115 -120.94 -3.76 -89.87
CA VAL G 3115 -119.80 -2.87 -89.65
C VAL G 3115 -118.88 -3.42 -88.56
N SER G 3116 -119.46 -3.88 -87.46
CA SER G 3116 -118.72 -4.45 -86.33
C SER G 3116 -117.70 -3.47 -85.77
N LYS G 3123 -125.17 -4.18 -80.63
CA LYS G 3123 -126.03 -5.34 -80.80
C LYS G 3123 -125.29 -6.63 -80.46
N GLY G 3124 -125.79 -7.75 -80.98
CA GLY G 3124 -125.15 -9.02 -80.74
C GLY G 3124 -123.89 -9.28 -81.55
N VAL G 3125 -123.63 -8.48 -82.58
CA VAL G 3125 -122.44 -8.67 -83.40
C VAL G 3125 -121.18 -8.37 -82.59
N GLY G 3126 -121.17 -7.23 -81.90
CA GLY G 3126 -120.00 -6.88 -81.10
C GLY G 3126 -119.78 -7.84 -79.95
N GLN G 3127 -120.87 -8.33 -79.35
CA GLN G 3127 -120.75 -9.32 -78.29
C GLN G 3127 -120.21 -10.63 -78.86
N ASN G 3128 -120.78 -11.09 -79.98
CA ASN G 3128 -120.34 -12.35 -80.58
C ASN G 3128 -118.87 -12.30 -80.97
N LEU G 3129 -118.40 -11.17 -81.49
CA LEU G 3129 -117.01 -11.07 -81.92
C LEU G 3129 -116.05 -11.18 -80.75
N THR G 3130 -116.32 -10.45 -79.66
CA THR G 3130 -115.42 -10.51 -78.51
C THR G 3130 -115.51 -11.85 -77.79
N TYR G 3131 -116.64 -12.54 -77.88
CA TYR G 3131 -116.72 -13.89 -77.32
C TYR G 3131 -115.87 -14.87 -78.11
N THR G 3132 -115.87 -14.75 -79.43
CA THR G 3132 -115.13 -15.70 -80.26
C THR G 3132 -113.62 -15.47 -80.13
N THR G 3133 -113.18 -14.22 -80.15
CA THR G 3133 -111.75 -13.93 -80.18
C THR G 3133 -111.10 -14.04 -78.80
N VAL G 3134 -111.89 -14.09 -77.73
CA VAL G 3134 -111.36 -14.14 -76.38
C VAL G 3134 -111.65 -15.46 -75.69
N ALA G 3135 -112.85 -16.00 -75.88
CA ALA G 3135 -113.27 -17.21 -75.19
C ALA G 3135 -113.36 -18.43 -76.10
N LEU G 3136 -114.08 -18.33 -77.21
CA LEU G 3136 -114.35 -19.51 -78.02
C LEU G 3136 -113.07 -20.05 -78.67
N LEU G 3137 -112.32 -19.18 -79.34
CA LEU G 3137 -111.17 -19.64 -80.11
C LEU G 3137 -110.08 -20.27 -79.25
N PRO G 3138 -109.60 -19.63 -78.18
CA PRO G 3138 -108.58 -20.32 -77.36
C PRO G 3138 -109.06 -21.62 -76.74
N VAL G 3139 -110.32 -21.67 -76.31
CA VAL G 3139 -110.84 -22.90 -75.70
C VAL G 3139 -110.99 -23.99 -76.75
N LEU G 3140 -111.52 -23.64 -77.92
CA LEU G 3140 -111.68 -24.62 -78.99
C LEU G 3140 -110.33 -25.12 -79.49
N THR G 3141 -109.32 -24.23 -79.51
CA THR G 3141 -107.97 -24.65 -79.87
C THR G 3141 -107.42 -25.66 -78.87
N THR G 3142 -107.60 -25.38 -77.57
CA THR G 3142 -107.10 -26.29 -76.54
C THR G 3142 -107.81 -27.63 -76.59
N LEU G 3143 -109.12 -27.62 -76.84
CA LEU G 3143 -109.86 -28.88 -76.91
C LEU G 3143 -109.36 -29.74 -78.07
N PHE G 3144 -109.10 -29.12 -79.22
CA PHE G 3144 -108.64 -29.88 -80.38
C PHE G 3144 -107.25 -30.46 -80.14
N GLN G 3145 -106.36 -29.68 -79.55
CA GLN G 3145 -105.02 -30.19 -79.26
C GLN G 3145 -105.06 -31.33 -78.26
N HIS G 3146 -105.94 -31.21 -77.26
CA HIS G 3146 -106.13 -32.31 -76.30
C HIS G 3146 -106.63 -33.56 -77.01
N ILE G 3147 -107.56 -33.41 -77.95
CA ILE G 3147 -108.05 -34.54 -78.72
C ILE G 3147 -106.93 -35.13 -79.58
N ALA G 3148 -106.14 -34.26 -80.22
CA ALA G 3148 -105.10 -34.74 -81.11
C ALA G 3148 -104.02 -35.53 -80.36
N GLN G 3149 -103.63 -35.04 -79.18
CA GLN G 3149 -102.55 -35.70 -78.45
C GLN G 3149 -102.93 -37.10 -78.00
N HIS G 3150 -104.16 -37.27 -77.51
CA HIS G 3150 -104.60 -38.54 -76.97
C HIS G 3150 -105.30 -39.42 -78.00
N GLN G 3151 -105.19 -39.09 -79.29
CA GLN G 3151 -105.76 -39.87 -80.37
C GLN G 3151 -107.27 -40.07 -80.20
N PHE G 3152 -107.95 -39.03 -79.73
CA PHE G 3152 -109.40 -39.07 -79.55
C PHE G 3152 -110.15 -38.74 -80.83
N GLY G 3153 -109.46 -38.38 -81.91
CA GLY G 3153 -110.14 -37.93 -83.10
C GLY G 3153 -111.04 -38.99 -83.72
N ASP G 3154 -110.57 -40.23 -83.78
CA ASP G 3154 -111.35 -41.30 -84.38
C ASP G 3154 -112.54 -41.71 -83.53
N ASP G 3155 -112.62 -41.25 -82.28
CA ASP G 3155 -113.69 -41.65 -81.38
C ASP G 3155 -114.64 -40.52 -81.01
N VAL G 3156 -114.25 -39.27 -81.19
CA VAL G 3156 -115.07 -38.12 -80.81
C VAL G 3156 -115.74 -37.50 -82.02
N ILE G 3157 -114.97 -37.16 -83.05
CA ILE G 3157 -115.50 -36.44 -84.22
C ILE G 3157 -115.97 -37.51 -85.20
N LEU G 3158 -117.19 -38.00 -84.99
CA LEU G 3158 -117.69 -39.14 -85.75
C LEU G 3158 -118.87 -38.82 -86.64
N ASP G 3159 -120.01 -38.39 -86.09
CA ASP G 3159 -121.24 -38.32 -86.88
C ASP G 3159 -121.75 -36.90 -87.06
N ASP G 3160 -122.02 -36.17 -85.98
CA ASP G 3160 -122.45 -34.78 -86.09
C ASP G 3160 -121.42 -33.80 -85.59
N VAL G 3161 -120.39 -34.27 -84.89
CA VAL G 3161 -119.24 -33.42 -84.62
C VAL G 3161 -118.48 -33.14 -85.90
N GLN G 3162 -118.40 -34.13 -86.80
CA GLN G 3162 -117.73 -33.91 -88.08
C GLN G 3162 -118.41 -32.82 -88.89
N VAL G 3163 -119.73 -32.89 -89.03
CA VAL G 3163 -120.44 -31.86 -89.78
C VAL G 3163 -120.33 -30.52 -89.08
N SER G 3164 -120.18 -30.54 -87.75
CA SER G 3164 -119.91 -29.31 -87.01
C SER G 3164 -118.46 -28.88 -87.22
N CYS G 3165 -117.53 -29.83 -87.26
CA CYS G 3165 -116.13 -29.50 -87.49
C CYS G 3165 -115.86 -29.13 -88.93
N TYR G 3166 -116.60 -29.74 -89.88
CA TYR G 3166 -116.46 -29.36 -91.27
C TYR G 3166 -116.82 -27.89 -91.49
N ARG G 3167 -117.91 -27.45 -90.86
CA ARG G 3167 -118.32 -26.05 -90.99
C ARG G 3167 -117.27 -25.10 -90.42
N THR G 3168 -116.70 -25.45 -89.27
CA THR G 3168 -115.59 -24.68 -88.74
C THR G 3168 -114.39 -24.71 -89.69
N LEU G 3169 -114.08 -25.89 -90.22
CA LEU G 3169 -113.00 -26.02 -91.19
C LEU G 3169 -113.30 -25.24 -92.46
N CYS G 3170 -114.53 -25.35 -92.96
CA CYS G 3170 -114.91 -24.62 -94.17
C CYS G 3170 -114.84 -23.11 -93.95
N SER G 3171 -115.37 -22.63 -92.83
CA SER G 3171 -115.49 -21.19 -92.61
C SER G 3171 -114.15 -20.55 -92.29
N ILE G 3172 -113.32 -21.23 -91.49
CA ILE G 3172 -112.05 -20.65 -91.10
C ILE G 3172 -111.17 -20.40 -92.32
N TYR G 3173 -111.11 -21.38 -93.22
CA TYR G 3173 -110.30 -21.23 -94.42
C TYR G 3173 -110.88 -20.20 -95.39
N SER G 3174 -112.17 -19.91 -95.29
CA SER G 3174 -112.81 -18.98 -96.21
C SER G 3174 -112.38 -17.53 -95.98
N LEU G 3175 -111.44 -17.27 -95.09
CA LEU G 3175 -110.93 -15.93 -94.87
C LEU G 3175 -109.84 -15.54 -95.87
N GLY G 3176 -109.44 -16.46 -96.75
CA GLY G 3176 -108.43 -16.11 -97.73
C GLY G 3176 -108.91 -15.05 -98.71
N THR G 3177 -110.19 -15.10 -99.08
CA THR G 3177 -110.79 -14.13 -99.98
C THR G 3177 -111.25 -12.87 -99.25
N THR G 3178 -110.78 -12.66 -98.02
CA THR G 3178 -111.20 -11.52 -97.20
C THR G 3178 -109.96 -10.72 -96.83
N LYS G 3179 -110.02 -9.40 -97.04
CA LYS G 3179 -108.90 -8.51 -96.76
C LYS G 3179 -109.45 -7.31 -95.99
N ASN G 3180 -109.15 -7.25 -94.69
CA ASN G 3180 -109.65 -6.19 -93.82
C ASN G 3180 -108.62 -5.91 -92.74
N THR G 3181 -109.06 -5.20 -91.70
CA THR G 3181 -108.18 -4.93 -90.57
C THR G 3181 -108.36 -5.96 -89.46
N TYR G 3182 -109.61 -6.28 -89.12
CA TYR G 3182 -109.84 -7.28 -88.09
C TYR G 3182 -109.35 -8.65 -88.54
N VAL G 3183 -109.37 -8.92 -89.84
CA VAL G 3183 -108.90 -10.19 -90.36
C VAL G 3183 -107.42 -10.36 -90.07
N GLU G 3184 -106.63 -9.31 -90.28
CA GLU G 3184 -105.18 -9.41 -90.13
C GLU G 3184 -104.79 -9.78 -88.70
N LYS G 3185 -105.44 -9.17 -87.71
CA LYS G 3185 -105.11 -9.45 -86.33
C LYS G 3185 -105.55 -10.84 -85.87
N LEU G 3186 -106.57 -11.41 -86.50
CA LEU G 3186 -107.09 -12.71 -86.09
C LEU G 3186 -106.38 -13.89 -86.73
N ARG G 3187 -105.55 -13.66 -87.75
CA ARG G 3187 -104.94 -14.77 -88.48
C ARG G 3187 -104.12 -15.69 -87.58
N PRO G 3188 -103.27 -15.21 -86.67
CA PRO G 3188 -102.58 -16.14 -85.78
C PRO G 3188 -103.53 -16.99 -84.95
N ALA G 3189 -104.66 -16.43 -84.52
CA ALA G 3189 -105.63 -17.21 -83.78
C ALA G 3189 -106.34 -18.21 -84.67
N LEU G 3190 -106.77 -17.79 -85.86
CA LEU G 3190 -107.45 -18.70 -86.76
C LEU G 3190 -106.52 -19.79 -87.26
N GLY G 3191 -105.27 -19.45 -87.55
CA GLY G 3191 -104.33 -20.44 -88.04
C GLY G 3191 -104.02 -21.51 -87.01
N GLU G 3192 -103.79 -21.10 -85.76
CA GLU G 3192 -103.49 -22.08 -84.71
C GLU G 3192 -104.70 -22.96 -84.43
N CYS G 3193 -105.90 -22.38 -84.40
CA CYS G 3193 -107.10 -23.18 -84.19
C CYS G 3193 -107.30 -24.17 -85.32
N LEU G 3194 -107.07 -23.74 -86.56
CA LEU G 3194 -107.27 -24.64 -87.69
C LEU G 3194 -106.18 -25.70 -87.75
N ALA G 3195 -104.96 -25.35 -87.34
CA ALA G 3195 -103.88 -26.34 -87.31
C ALA G 3195 -104.19 -27.46 -86.33
N ARG G 3196 -104.71 -27.11 -85.15
CA ARG G 3196 -105.08 -28.13 -84.18
C ARG G 3196 -106.26 -28.96 -84.69
N LEU G 3197 -107.17 -28.33 -85.41
CA LEU G 3197 -108.31 -29.05 -85.99
C LEU G 3197 -107.84 -30.09 -87.01
N ALA G 3198 -106.83 -29.75 -87.81
CA ALA G 3198 -106.34 -30.67 -88.82
C ALA G 3198 -105.70 -31.90 -88.18
N ALA G 3199 -105.11 -31.74 -86.99
CA ALA G 3199 -104.50 -32.87 -86.30
C ALA G 3199 -105.55 -33.79 -85.70
N ALA G 3200 -106.72 -33.27 -85.36
CA ALA G 3200 -107.73 -34.04 -84.66
C ALA G 3200 -108.85 -34.56 -85.55
N MET G 3201 -109.00 -34.01 -86.75
CA MET G 3201 -110.08 -34.43 -87.62
C MET G 3201 -109.76 -35.79 -88.24
N PRO G 3202 -110.60 -36.81 -88.05
CA PRO G 3202 -110.27 -38.16 -88.52
C PRO G 3202 -110.50 -38.39 -90.00
N VAL G 3203 -110.98 -37.41 -90.75
CA VAL G 3203 -111.21 -37.57 -92.18
C VAL G 3203 -110.21 -36.70 -92.93
N ALA G 3204 -109.67 -37.26 -94.02
CA ALA G 3204 -108.71 -36.56 -94.87
C ALA G 3204 -109.51 -35.62 -95.77
N PHE G 3205 -109.73 -34.40 -95.27
CA PHE G 3205 -110.57 -33.44 -95.99
C PHE G 3205 -109.88 -32.87 -97.21
N LEU G 3206 -108.57 -33.04 -97.34
CA LEU G 3206 -107.86 -32.60 -98.54
C LEU G 3206 -107.74 -33.68 -99.59
N GLU G 3207 -108.24 -34.89 -99.32
CA GLU G 3207 -108.18 -36.01 -100.24
C GLU G 3207 -109.55 -36.67 -100.33
N PRO G 3208 -110.52 -35.98 -100.94
CA PRO G 3208 -111.90 -36.50 -100.92
C PRO G 3208 -112.08 -37.77 -101.74
N GLN G 3209 -111.24 -38.03 -102.74
CA GLN G 3209 -111.45 -39.19 -103.60
C GLN G 3209 -111.20 -40.50 -102.89
N LEU G 3210 -110.50 -40.48 -101.75
CA LEU G 3210 -110.18 -41.70 -101.01
C LEU G 3210 -111.00 -41.83 -99.74
N ASN G 3211 -112.15 -41.18 -99.66
CA ASN G 3211 -112.95 -41.21 -98.44
C ASN G 3211 -113.61 -42.55 -98.21
N GLU G 3212 -113.84 -43.34 -99.27
CA GLU G 3212 -114.55 -44.60 -99.10
C GLU G 3212 -113.73 -45.64 -98.36
N TYR G 3213 -112.42 -45.44 -98.24
CA TYR G 3213 -111.57 -46.33 -97.46
C TYR G 3213 -111.41 -45.87 -96.02
N ASN G 3214 -112.09 -44.80 -95.62
CA ASN G 3214 -111.98 -44.25 -94.28
C ASN G 3214 -113.16 -44.73 -93.45
N ALA G 3215 -112.88 -45.50 -92.40
CA ALA G 3215 -113.95 -46.05 -91.58
C ALA G 3215 -114.62 -45.00 -90.72
N CYS G 3216 -113.87 -44.00 -90.25
CA CYS G 3216 -114.40 -42.95 -89.40
C CYS G 3216 -114.84 -41.73 -90.19
N SER G 3217 -115.76 -41.93 -91.13
CA SER G 3217 -116.31 -40.86 -91.94
C SER G 3217 -117.83 -40.98 -91.98
N VAL G 3218 -118.50 -39.84 -92.19
CA VAL G 3218 -119.96 -39.83 -92.17
C VAL G 3218 -120.53 -40.54 -93.39
N TYR G 3219 -119.70 -40.77 -94.41
CA TYR G 3219 -120.17 -41.45 -95.61
C TYR G 3219 -120.02 -42.97 -95.53
N THR G 3220 -119.47 -43.48 -94.44
CA THR G 3220 -119.43 -44.91 -94.17
C THR G 3220 -120.21 -45.30 -92.93
N THR G 3221 -120.29 -44.40 -91.94
CA THR G 3221 -121.01 -44.71 -90.72
C THR G 3221 -122.52 -44.60 -90.91
N LYS G 3222 -122.97 -43.64 -91.72
CA LYS G 3222 -124.38 -43.37 -91.88
C LYS G 3222 -124.89 -43.83 -93.25
N SER G 3223 -126.04 -44.51 -93.23
CA SER G 3223 -126.63 -45.02 -94.45
C SER G 3223 -127.18 -43.88 -95.31
N PRO G 3224 -127.26 -44.07 -96.63
CA PRO G 3224 -127.88 -43.05 -97.48
C PRO G 3224 -129.34 -42.80 -97.18
N ARG G 3225 -130.04 -43.74 -96.53
CA ARG G 3225 -131.40 -43.47 -96.08
C ARG G 3225 -131.41 -42.34 -95.07
N GLU G 3226 -130.51 -42.40 -94.09
CA GLU G 3226 -130.22 -41.24 -93.25
C GLU G 3226 -129.25 -40.35 -94.03
N ARG G 3227 -128.65 -39.37 -93.36
CA ARG G 3227 -127.75 -38.41 -93.99
C ARG G 3227 -128.57 -37.49 -94.92
N ALA G 3228 -129.86 -37.81 -95.07
CA ALA G 3228 -130.80 -36.96 -95.78
C ALA G 3228 -131.85 -36.36 -94.87
N ILE G 3229 -132.23 -37.07 -93.80
CA ILE G 3229 -133.07 -36.47 -92.76
C ILE G 3229 -132.35 -35.27 -92.14
N LEU G 3230 -131.04 -35.40 -91.96
CA LEU G 3230 -130.18 -34.27 -91.63
C LEU G 3230 -129.52 -33.79 -92.92
N GLY G 3231 -129.56 -32.49 -93.17
CA GLY G 3231 -129.06 -31.94 -94.41
C GLY G 3231 -127.59 -32.24 -94.65
N LEU G 3232 -127.27 -32.87 -95.78
CA LEU G 3232 -125.90 -33.21 -96.09
C LEU G 3232 -125.73 -33.25 -97.61
N PRO G 3233 -124.61 -32.77 -98.13
CA PRO G 3233 -124.49 -32.54 -99.58
C PRO G 3233 -124.36 -33.79 -100.43
N ASN G 3234 -124.73 -34.97 -99.91
CA ASN G 3234 -124.83 -36.27 -100.58
C ASN G 3234 -123.55 -36.68 -101.29
N SER G 3235 -122.46 -35.95 -101.11
CA SER G 3235 -121.18 -36.33 -101.69
C SER G 3235 -120.08 -35.76 -100.81
N VAL G 3236 -119.04 -36.56 -100.59
CA VAL G 3236 -117.96 -36.13 -99.71
C VAL G 3236 -117.19 -34.96 -100.31
N GLU G 3237 -117.12 -34.89 -101.64
CA GLU G 3237 -116.38 -33.82 -102.29
C GLU G 3237 -117.02 -32.45 -102.09
N GLU G 3238 -118.28 -32.40 -101.67
CA GLU G 3238 -119.03 -31.16 -101.61
C GLU G 3238 -119.17 -30.58 -100.20
N MET G 3239 -118.64 -31.25 -99.17
CA MET G 3239 -118.75 -30.69 -97.82
C MET G 3239 -117.94 -29.40 -97.69
N CYS G 3240 -116.67 -29.43 -98.11
CA CYS G 3240 -115.81 -28.25 -98.13
C CYS G 3240 -115.28 -28.09 -99.55
N PRO G 3241 -116.11 -27.56 -100.46
CA PRO G 3241 -115.70 -27.48 -101.86
C PRO G 3241 -114.70 -26.38 -102.14
N ASP G 3242 -114.58 -25.39 -101.27
CA ASP G 3242 -113.69 -24.27 -101.50
C ASP G 3242 -112.27 -24.53 -101.01
N ILE G 3243 -112.01 -25.69 -100.42
CA ILE G 3243 -110.67 -26.06 -99.98
C ILE G 3243 -110.02 -26.84 -101.12
N PRO G 3244 -108.87 -26.40 -101.63
CA PRO G 3244 -108.20 -27.16 -102.70
C PRO G 3244 -107.73 -28.51 -102.21
N VAL G 3245 -107.65 -29.47 -103.14
CA VAL G 3245 -107.18 -30.81 -102.82
C VAL G 3245 -105.70 -30.74 -102.48
N LEU G 3246 -105.18 -31.82 -101.88
CA LEU G 3246 -103.80 -31.80 -101.40
C LEU G 3246 -102.81 -31.59 -102.54
N ASP G 3247 -103.00 -32.29 -103.66
CA ASP G 3247 -102.08 -32.16 -104.78
C ASP G 3247 -102.07 -30.73 -105.31
N ARG G 3248 -103.26 -30.13 -105.45
CA ARG G 3248 -103.36 -28.74 -105.88
C ARG G 3248 -102.73 -27.82 -104.85
N LEU G 3249 -103.05 -28.04 -103.57
CA LEU G 3249 -102.57 -27.13 -102.52
C LEU G 3249 -101.05 -27.18 -102.39
N MET G 3250 -100.46 -28.37 -102.56
CA MET G 3250 -99.01 -28.49 -102.48
C MET G 3250 -98.33 -27.72 -103.60
N ALA G 3251 -98.90 -27.77 -104.81
CA ALA G 3251 -98.31 -27.07 -105.94
C ALA G 3251 -98.41 -25.56 -105.79
N ASP G 3252 -99.53 -25.08 -105.26
CA ASP G 3252 -99.72 -23.64 -105.11
C ASP G 3252 -98.68 -23.04 -104.17
N ILE G 3253 -98.44 -23.70 -103.03
CA ILE G 3253 -97.43 -23.21 -102.10
C ILE G 3253 -96.05 -23.31 -102.74
N GLY G 3254 -95.77 -24.40 -103.45
CA GLY G 3254 -94.49 -24.53 -104.11
C GLY G 3254 -94.26 -23.45 -105.16
N GLY G 3255 -95.31 -23.13 -105.92
CA GLY G 3255 -95.18 -22.07 -106.92
C GLY G 3255 -94.89 -20.72 -106.30
N LEU G 3256 -95.55 -20.41 -105.19
CA LEU G 3256 -95.27 -19.15 -104.50
C LEU G 3256 -93.85 -19.13 -103.94
N ALA G 3257 -93.38 -20.25 -103.41
CA ALA G 3257 -92.05 -20.30 -102.83
C ALA G 3257 -90.97 -20.06 -103.86
N GLU G 3258 -91.10 -20.66 -105.05
CA GLU G 3258 -90.09 -20.48 -106.08
C GLU G 3258 -90.24 -19.14 -106.80
N SER G 3259 -91.39 -18.49 -106.68
CA SER G 3259 -91.59 -17.20 -107.34
C SER G 3259 -91.03 -16.03 -106.57
N GLY G 3260 -90.51 -16.26 -105.35
CA GLY G 3260 -89.96 -15.18 -104.57
C GLY G 3260 -90.98 -14.26 -103.94
N ALA G 3261 -92.21 -14.73 -103.77
CA ALA G 3261 -93.26 -13.89 -103.20
C ALA G 3261 -92.95 -13.55 -101.75
N ARG G 3262 -93.43 -12.39 -101.32
CA ARG G 3262 -93.22 -11.94 -99.95
C ARG G 3262 -94.44 -12.29 -99.09
N TYR G 3263 -94.35 -11.93 -97.81
CA TYR G 3263 -95.46 -12.21 -96.89
C TYR G 3263 -96.69 -11.40 -97.23
N THR G 3264 -96.50 -10.21 -97.83
CA THR G 3264 -97.64 -9.33 -98.11
C THR G 3264 -98.61 -9.96 -99.11
N GLU G 3265 -98.09 -10.61 -100.15
CA GLU G 3265 -98.93 -11.19 -101.18
C GLU G 3265 -99.43 -12.58 -100.85
N MET G 3266 -99.03 -13.13 -99.71
CA MET G 3266 -99.54 -14.45 -99.32
C MET G 3266 -99.66 -14.60 -97.79
N PRO G 3267 -100.33 -13.69 -97.10
CA PRO G 3267 -100.48 -13.86 -95.65
C PRO G 3267 -101.37 -15.02 -95.28
N HIS G 3268 -102.39 -15.30 -96.09
CA HIS G 3268 -103.27 -16.43 -95.81
C HIS G 3268 -102.52 -17.75 -95.90
N VAL G 3269 -101.63 -17.88 -96.88
CA VAL G 3269 -100.87 -19.12 -97.03
C VAL G 3269 -99.95 -19.34 -95.84
N ILE G 3270 -99.24 -18.30 -95.43
CA ILE G 3270 -98.27 -18.43 -94.35
C ILE G 3270 -98.98 -18.60 -93.00
N GLU G 3271 -100.01 -17.80 -92.75
CA GLU G 3271 -100.62 -17.78 -91.42
C GLU G 3271 -101.67 -18.86 -91.23
N ILE G 3272 -102.28 -19.36 -92.31
CA ILE G 3272 -103.40 -20.28 -92.17
C ILE G 3272 -103.13 -21.58 -92.91
N THR G 3273 -102.77 -21.49 -94.19
CA THR G 3273 -102.63 -22.70 -95.00
C THR G 3273 -101.44 -23.55 -94.55
N LEU G 3274 -100.29 -22.93 -94.37
CA LEU G 3274 -99.09 -23.68 -93.97
C LEU G 3274 -99.26 -24.38 -92.62
N PRO G 3275 -99.76 -23.72 -91.56
CA PRO G 3275 -99.95 -24.46 -90.30
C PRO G 3275 -100.88 -25.64 -90.42
N MET G 3276 -101.91 -25.55 -91.26
CA MET G 3276 -102.82 -26.69 -91.43
C MET G 3276 -102.11 -27.85 -92.11
N LEU G 3277 -101.31 -27.56 -93.14
CA LEU G 3277 -100.55 -28.62 -93.80
C LEU G 3277 -99.47 -29.20 -92.89
N CYS G 3278 -98.81 -28.36 -92.10
CA CYS G 3278 -97.80 -28.85 -91.18
C CYS G 3278 -98.38 -29.76 -90.12
N SER G 3279 -99.69 -29.74 -89.93
CA SER G 3279 -100.37 -30.62 -89.00
C SER G 3279 -101.17 -31.71 -89.68
N TYR G 3280 -101.60 -31.48 -90.93
CA TYR G 3280 -102.31 -32.51 -91.67
C TYR G 3280 -101.39 -33.63 -92.12
N LEU G 3281 -100.21 -33.27 -92.65
CA LEU G 3281 -99.32 -34.28 -93.20
C LEU G 3281 -98.81 -35.29 -92.17
N PRO G 3282 -98.30 -34.88 -91.00
CA PRO G 3282 -97.86 -35.90 -90.03
C PRO G 3282 -98.95 -36.85 -89.61
N ARG G 3283 -100.19 -36.37 -89.47
CA ARG G 3283 -101.28 -37.25 -89.05
C ARG G 3283 -101.55 -38.33 -90.10
N TRP G 3284 -101.53 -37.96 -91.37
CA TRP G 3284 -101.87 -38.90 -92.43
C TRP G 3284 -100.65 -39.61 -93.02
N TRP G 3285 -99.44 -39.20 -92.64
CA TRP G 3285 -98.28 -40.02 -92.96
C TRP G 3285 -98.32 -41.35 -92.23
N GLU G 3286 -98.70 -41.33 -90.95
CA GLU G 3286 -98.78 -42.55 -90.16
C GLU G 3286 -99.98 -43.42 -90.51
N ARG G 3287 -100.99 -42.87 -91.18
CA ARG G 3287 -102.19 -43.61 -91.52
C ARG G 3287 -102.32 -43.86 -93.01
N GLY G 3288 -101.25 -43.67 -93.78
CA GLY G 3288 -101.27 -43.95 -95.19
C GLY G 3288 -100.18 -44.92 -95.58
N PRO G 3289 -99.80 -44.91 -96.85
CA PRO G 3289 -98.65 -45.73 -97.28
C PRO G 3289 -97.38 -45.23 -96.63
N GLU G 3290 -96.36 -46.09 -96.65
CA GLU G 3290 -95.06 -45.87 -96.02
C GLU G 3290 -95.15 -45.90 -94.50
N ALA G 3291 -96.31 -46.20 -93.92
CA ALA G 3291 -96.43 -46.38 -92.50
C ALA G 3291 -95.94 -47.77 -92.11
N PRO G 3292 -95.50 -47.95 -90.87
CA PRO G 3292 -95.08 -49.28 -90.39
C PRO G 3292 -96.29 -50.10 -89.96
N PRO G 3293 -96.88 -50.86 -90.88
CA PRO G 3293 -98.22 -51.39 -90.64
C PRO G 3293 -98.18 -52.69 -89.85
N PRO G 3294 -98.78 -52.70 -88.66
CA PRO G 3294 -99.06 -53.98 -88.00
C PRO G 3294 -100.39 -54.53 -88.50
N ALA G 3295 -100.57 -54.53 -89.82
CA ALA G 3295 -101.86 -54.78 -90.46
C ALA G 3295 -101.93 -56.16 -91.09
N LEU G 3296 -101.33 -57.16 -90.45
CA LEU G 3296 -101.50 -58.53 -90.93
C LEU G 3296 -102.96 -58.98 -90.87
N PRO G 3297 -103.69 -58.81 -89.74
CA PRO G 3297 -105.12 -59.19 -89.75
C PRO G 3297 -106.00 -58.12 -90.37
N ALA G 3298 -105.67 -56.85 -90.18
CA ALA G 3298 -106.53 -55.74 -90.56
C ALA G 3298 -106.02 -54.99 -91.80
N GLY G 3299 -105.23 -55.65 -92.63
CA GLY G 3299 -104.73 -55.01 -93.84
C GLY G 3299 -105.66 -55.03 -95.02
N ALA G 3300 -106.84 -55.65 -94.88
CA ALA G 3300 -107.79 -55.68 -95.99
C ALA G 3300 -108.22 -54.30 -96.45
N PRO G 3301 -108.55 -53.34 -95.59
CA PRO G 3301 -108.89 -52.01 -96.07
C PRO G 3301 -107.66 -51.28 -96.60
N PRO G 3302 -107.72 -50.77 -97.83
CA PRO G 3302 -106.61 -49.98 -98.34
C PRO G 3302 -106.52 -48.66 -97.60
N PRO G 3303 -105.37 -47.98 -97.68
CA PRO G 3303 -105.24 -46.69 -96.99
C PRO G 3303 -106.22 -45.66 -97.52
N CYS G 3304 -106.69 -44.80 -96.63
CA CYS G 3304 -107.62 -43.74 -96.98
C CYS G 3304 -106.93 -42.45 -97.37
N THR G 3305 -105.60 -42.43 -97.42
CA THR G 3305 -104.85 -41.26 -97.81
C THR G 3305 -103.64 -41.70 -98.64
N ALA G 3306 -103.04 -40.74 -99.33
CA ALA G 3306 -101.89 -40.99 -100.19
C ALA G 3306 -100.71 -40.10 -99.84
N VAL G 3307 -100.60 -39.71 -98.57
CA VAL G 3307 -99.50 -38.88 -98.11
C VAL G 3307 -98.29 -39.78 -97.83
N THR G 3308 -97.17 -39.45 -98.46
CA THR G 3308 -95.92 -40.16 -98.25
C THR G 3308 -94.87 -39.18 -97.73
N SER G 3309 -93.67 -39.70 -97.48
CA SER G 3309 -92.58 -38.85 -96.99
C SER G 3309 -92.14 -37.82 -98.02
N ASP G 3310 -92.48 -38.03 -99.29
CA ASP G 3310 -92.13 -37.05 -100.31
C ASP G 3310 -92.84 -35.72 -100.07
N HIS G 3311 -94.12 -35.77 -99.70
CA HIS G 3311 -94.86 -34.55 -99.44
C HIS G 3311 -94.28 -33.80 -98.24
N LEU G 3312 -93.93 -34.53 -97.18
CA LEU G 3312 -93.39 -33.88 -95.99
C LEU G 3312 -92.05 -33.22 -96.29
N ASN G 3313 -91.24 -33.84 -97.15
CA ASN G 3313 -89.97 -33.24 -97.52
C ASN G 3313 -90.18 -32.07 -98.48
N SER G 3314 -91.15 -32.18 -99.38
CA SER G 3314 -91.43 -31.09 -100.30
C SER G 3314 -91.93 -29.85 -99.55
N LEU G 3315 -92.80 -30.04 -98.56
CA LEU G 3315 -93.31 -28.91 -97.80
C LEU G 3315 -92.20 -28.21 -97.03
N LEU G 3316 -91.28 -28.98 -96.44
CA LEU G 3316 -90.20 -28.38 -95.67
C LEU G 3316 -89.31 -27.51 -96.55
N GLY G 3317 -89.01 -27.97 -97.76
CA GLY G 3317 -88.20 -27.18 -98.66
C GLY G 3317 -88.87 -25.85 -99.01
N ASN G 3318 -90.16 -25.90 -99.33
CA ASN G 3318 -90.88 -24.67 -99.66
C ASN G 3318 -90.94 -23.74 -98.45
N ILE G 3319 -91.15 -24.28 -97.26
CA ILE G 3319 -91.11 -23.47 -96.05
C ILE G 3319 -89.75 -22.82 -95.89
N LEU G 3320 -88.68 -23.57 -96.16
CA LEU G 3320 -87.34 -23.03 -96.06
C LEU G 3320 -87.10 -21.94 -97.10
N ARG G 3321 -87.60 -22.14 -98.32
CA ARG G 3321 -87.50 -21.11 -99.35
C ARG G 3321 -88.33 -19.87 -98.99
N ILE G 3322 -89.49 -20.07 -98.38
CA ILE G 3322 -90.35 -18.94 -98.04
C ILE G 3322 -89.66 -18.01 -97.06
N ILE G 3323 -88.97 -18.59 -96.06
CA ILE G 3323 -88.33 -17.78 -95.03
C ILE G 3323 -87.20 -16.95 -95.63
N VAL G 3324 -86.41 -17.54 -96.52
CA VAL G 3324 -85.26 -16.81 -97.07
C VAL G 3324 -85.68 -15.80 -98.12
N ASN G 3325 -86.88 -15.93 -98.68
CA ASN G 3325 -87.39 -14.87 -99.53
C ASN G 3325 -87.69 -13.62 -98.73
N ASN G 3326 -88.11 -13.78 -97.48
CA ASN G 3326 -88.41 -12.67 -96.57
C ASN G 3326 -87.28 -12.44 -95.58
N LEU G 3327 -86.05 -12.82 -95.95
CA LEU G 3327 -84.97 -12.90 -94.96
C LEU G 3327 -84.59 -11.53 -94.41
N GLY G 3328 -84.42 -10.54 -95.28
CA GLY G 3328 -83.97 -9.23 -94.88
C GLY G 3328 -85.04 -8.21 -94.59
N ILE G 3329 -86.32 -8.59 -94.55
CA ILE G 3329 -87.37 -7.60 -94.38
C ILE G 3329 -87.35 -7.05 -92.97
N ASP G 3330 -87.98 -5.89 -92.80
CA ASP G 3330 -87.90 -5.16 -91.53
C ASP G 3330 -88.71 -5.84 -90.44
N GLU G 3331 -89.93 -6.25 -90.75
CA GLU G 3331 -90.82 -6.84 -89.74
C GLU G 3331 -91.39 -8.15 -90.25
N ALA G 3332 -91.16 -9.22 -89.50
CA ALA G 3332 -91.80 -10.50 -89.78
C ALA G 3332 -91.98 -11.22 -88.45
N THR G 3333 -93.15 -11.02 -87.82
CA THR G 3333 -93.48 -11.71 -86.58
C THR G 3333 -94.02 -13.11 -86.83
N TRP G 3334 -94.26 -13.48 -88.08
CA TRP G 3334 -94.79 -14.79 -88.43
C TRP G 3334 -93.72 -15.87 -88.48
N MET G 3335 -92.44 -15.50 -88.50
CA MET G 3335 -91.38 -16.51 -88.56
C MET G 3335 -91.35 -17.36 -87.29
N LYS G 3336 -91.57 -16.74 -86.13
CA LYS G 3336 -91.59 -17.52 -84.89
C LYS G 3336 -92.76 -18.48 -84.87
N ARG G 3337 -93.93 -18.07 -85.39
CA ARG G 3337 -95.04 -18.99 -85.50
C ARG G 3337 -94.78 -20.06 -86.55
N LEU G 3338 -94.23 -19.67 -87.70
CA LEU G 3338 -94.01 -20.63 -88.78
C LEU G 3338 -92.98 -21.68 -88.39
N ALA G 3339 -92.02 -21.32 -87.53
CA ALA G 3339 -91.00 -22.28 -87.13
C ALA G 3339 -91.58 -23.39 -86.26
N VAL G 3340 -92.44 -23.03 -85.30
CA VAL G 3340 -92.98 -24.03 -84.39
C VAL G 3340 -93.95 -24.96 -85.12
N PHE G 3341 -94.61 -24.47 -86.18
CA PHE G 3341 -95.48 -25.34 -86.95
C PHE G 3341 -94.70 -26.27 -87.85
N ALA G 3342 -93.54 -25.85 -88.35
CA ALA G 3342 -92.77 -26.66 -89.29
C ALA G 3342 -91.91 -27.71 -88.61
N GLN G 3343 -91.89 -27.76 -87.27
CA GLN G 3343 -91.07 -28.76 -86.60
C GLN G 3343 -91.64 -30.17 -86.66
N PRO G 3344 -92.94 -30.41 -86.50
CA PRO G 3344 -93.42 -31.80 -86.62
C PRO G 3344 -93.13 -32.44 -87.96
N ILE G 3345 -93.05 -31.66 -89.04
CA ILE G 3345 -92.82 -32.24 -90.36
C ILE G 3345 -91.36 -32.40 -90.71
N VAL G 3346 -90.44 -31.98 -89.83
CA VAL G 3346 -89.02 -32.08 -90.15
C VAL G 3346 -88.47 -33.44 -89.73
N SER G 3347 -89.20 -34.21 -88.93
CA SER G 3347 -88.73 -35.53 -88.52
C SER G 3347 -88.63 -36.49 -89.69
N ARG G 3348 -89.30 -36.23 -90.80
CA ARG G 3348 -89.24 -37.06 -91.98
C ARG G 3348 -88.44 -36.43 -93.11
N ALA G 3349 -87.63 -35.42 -92.80
CA ALA G 3349 -86.79 -34.79 -93.81
C ALA G 3349 -85.75 -35.78 -94.33
N ARG G 3350 -85.50 -35.72 -95.62
CA ARG G 3350 -84.58 -36.65 -96.25
C ARG G 3350 -83.19 -36.04 -96.33
N PRO G 3351 -82.14 -36.88 -96.38
CA PRO G 3351 -80.77 -36.35 -96.31
C PRO G 3351 -80.40 -35.40 -97.43
N GLU G 3352 -81.04 -35.48 -98.59
CA GLU G 3352 -80.71 -34.59 -99.69
C GLU G 3352 -81.04 -33.13 -99.38
N LEU G 3353 -81.87 -32.88 -98.36
CA LEU G 3353 -82.29 -31.52 -98.05
C LEU G 3353 -81.19 -30.69 -97.42
N LEU G 3354 -80.14 -31.33 -96.89
CA LEU G 3354 -79.04 -30.57 -96.29
C LEU G 3354 -78.29 -29.76 -97.33
N HIS G 3355 -77.91 -30.39 -98.44
CA HIS G 3355 -77.11 -29.73 -99.46
C HIS G 3355 -77.91 -28.73 -100.28
N SER G 3356 -79.16 -29.06 -100.61
CA SER G 3356 -79.94 -28.20 -101.48
C SER G 3356 -80.40 -26.94 -100.77
N HIS G 3357 -80.85 -27.06 -99.52
CA HIS G 3357 -81.47 -25.93 -98.84
C HIS G 3357 -80.66 -25.45 -97.65
N PHE G 3358 -80.34 -26.31 -96.69
CA PHE G 3358 -79.84 -25.83 -95.40
C PHE G 3358 -78.50 -25.12 -95.54
N ILE G 3359 -77.59 -25.67 -96.34
CA ILE G 3359 -76.26 -25.06 -96.49
C ILE G 3359 -76.34 -23.65 -97.10
N PRO G 3360 -77.02 -23.44 -98.24
CA PRO G 3360 -77.12 -22.07 -98.74
C PRO G 3360 -77.83 -21.11 -97.81
N THR G 3361 -78.87 -21.58 -97.09
CA THR G 3361 -79.62 -20.69 -96.22
C THR G 3361 -78.78 -20.24 -95.03
N ILE G 3362 -78.11 -21.18 -94.37
CA ILE G 3362 -77.23 -20.82 -93.26
C ILE G 3362 -76.05 -20.00 -93.76
N GLY G 3363 -75.56 -20.30 -94.96
CA GLY G 3363 -74.47 -19.52 -95.52
C GLY G 3363 -74.82 -18.06 -95.71
N ARG G 3364 -76.06 -17.79 -96.15
CA ARG G 3364 -76.50 -16.41 -96.28
C ARG G 3364 -76.58 -15.72 -94.93
N LEU G 3365 -77.01 -16.43 -93.90
CA LEU G 3365 -77.02 -15.86 -92.55
C LEU G 3365 -75.61 -15.56 -92.08
N ARG G 3366 -74.67 -16.44 -92.39
CA ARG G 3366 -73.29 -16.25 -91.93
C ARG G 3366 -72.67 -15.01 -92.55
N LYS G 3367 -72.86 -14.81 -93.86
CA LYS G 3367 -72.27 -13.64 -94.50
C LYS G 3367 -72.95 -12.36 -94.04
N ARG G 3368 -74.26 -12.40 -93.78
CA ARG G 3368 -74.91 -11.25 -93.17
C ARG G 3368 -74.37 -10.97 -91.78
N ALA G 3369 -74.14 -12.02 -91.00
CA ALA G 3369 -73.56 -11.85 -89.67
C ALA G 3369 -72.16 -11.25 -89.75
N GLY G 3370 -71.35 -11.73 -90.68
CA GLY G 3370 -70.01 -11.19 -90.83
C GLY G 3370 -70.02 -9.75 -91.31
N LYS G 3371 -70.94 -9.42 -92.22
CA LYS G 3371 -71.02 -8.05 -92.71
C LYS G 3371 -71.42 -7.08 -91.60
N VAL G 3372 -72.38 -7.46 -90.77
CA VAL G 3372 -72.86 -6.54 -89.74
C VAL G 3372 -71.81 -6.36 -88.65
N VAL G 3373 -71.17 -7.45 -88.22
CA VAL G 3373 -70.14 -7.32 -87.19
C VAL G 3373 -68.94 -6.55 -87.73
N ALA G 3374 -68.75 -6.56 -89.05
CA ALA G 3374 -67.73 -5.69 -89.64
C ALA G 3374 -68.08 -4.23 -89.44
N GLU G 3375 -69.37 -3.88 -89.61
CA GLU G 3375 -69.82 -2.52 -89.31
C GLU G 3375 -69.67 -2.20 -87.84
N GLU G 3376 -69.96 -3.17 -86.96
CA GLU G 3376 -69.90 -2.91 -85.53
C GLU G 3376 -68.49 -2.56 -85.08
N GLU G 3377 -67.50 -3.34 -85.51
CA GLU G 3377 -66.12 -3.02 -85.16
C GLU G 3377 -65.65 -1.76 -85.87
N GLN G 3378 -66.25 -1.43 -87.02
CA GLN G 3378 -65.95 -0.16 -87.68
C GLN G 3378 -66.40 1.01 -86.82
N LEU G 3379 -67.55 0.90 -86.18
CA LEU G 3379 -68.00 1.95 -85.28
C LEU G 3379 -67.07 2.08 -84.07
N ARG G 3380 -66.68 0.96 -83.47
CA ARG G 3380 -65.93 1.01 -82.23
C ARG G 3380 -64.47 1.41 -82.44
N LEU G 3381 -63.93 1.20 -83.64
CA LEU G 3381 -62.55 1.64 -83.88
C LEU G 3381 -62.46 3.15 -84.02
N GLU G 3382 -63.58 3.82 -84.26
CA GLU G 3382 -63.64 5.26 -84.38
C GLU G 3382 -64.70 5.76 -83.40
N ALA G 3383 -64.27 6.00 -82.15
CA ALA G 3383 -65.18 6.45 -81.12
C ALA G 3383 -65.61 7.89 -81.38
N LYS G 3384 -66.89 8.17 -81.18
CA LYS G 3384 -67.45 9.49 -81.44
C LYS G 3384 -68.79 9.60 -80.73
N ALA G 3385 -69.25 10.85 -80.57
CA ALA G 3385 -70.61 11.08 -80.12
C ALA G 3385 -71.63 10.63 -81.14
N GLU G 3386 -71.24 10.55 -82.42
CA GLU G 3386 -72.11 10.04 -83.47
C GLU G 3386 -72.21 8.52 -83.46
N ALA G 3387 -71.29 7.84 -82.76
CA ALA G 3387 -71.33 6.39 -82.71
C ALA G 3387 -72.65 5.88 -82.12
N GLU G 3388 -73.27 6.67 -81.24
CA GLU G 3388 -74.60 6.32 -80.76
C GLU G 3388 -75.61 6.33 -81.90
N GLU G 3389 -75.51 7.31 -82.80
CA GLU G 3389 -76.34 7.34 -84.00
C GLU G 3389 -75.68 6.42 -85.01
N GLY G 3390 -76.03 5.14 -84.95
CA GLY G 3390 -75.37 4.12 -85.73
C GLY G 3390 -75.20 2.87 -84.90
N GLU G 3391 -75.03 3.04 -83.59
CA GLU G 3391 -75.15 1.91 -82.67
C GLU G 3391 -76.58 1.37 -82.69
N LEU G 3392 -77.56 2.27 -82.75
CA LEU G 3392 -78.94 1.83 -82.93
C LEU G 3392 -79.15 1.16 -84.28
N LEU G 3393 -78.36 1.54 -85.28
CA LEU G 3393 -78.44 0.90 -86.59
C LEU G 3393 -77.99 -0.55 -86.51
N VAL G 3394 -76.82 -0.79 -85.94
CA VAL G 3394 -76.33 -2.16 -85.83
C VAL G 3394 -77.17 -2.96 -84.84
N ARG G 3395 -77.76 -2.31 -83.85
CA ARG G 3395 -78.72 -3.01 -83.00
C ARG G 3395 -79.93 -3.48 -83.79
N ASP G 3396 -80.42 -2.63 -84.70
CA ASP G 3396 -81.50 -3.06 -85.58
C ASP G 3396 -81.04 -4.17 -86.51
N GLU G 3397 -79.81 -4.06 -87.04
CA GLU G 3397 -79.30 -5.09 -87.94
C GLU G 3397 -79.10 -6.41 -87.21
N PHE G 3398 -78.77 -6.37 -85.92
CA PHE G 3398 -78.69 -7.60 -85.15
C PHE G 3398 -80.08 -8.10 -84.77
N SER G 3399 -81.02 -7.19 -84.55
CA SER G 3399 -82.38 -7.61 -84.20
C SER G 3399 -83.02 -8.40 -85.34
N VAL G 3400 -82.87 -7.92 -86.57
CA VAL G 3400 -83.38 -8.68 -87.71
C VAL G 3400 -82.58 -9.96 -87.90
N LEU G 3401 -81.26 -9.90 -87.69
CA LEU G 3401 -80.44 -11.09 -87.86
C LEU G 3401 -80.76 -12.15 -86.81
N CYS G 3402 -80.85 -11.74 -85.54
CA CYS G 3402 -81.24 -12.69 -84.50
C CYS G 3402 -82.63 -13.24 -84.74
N ARG G 3403 -83.52 -12.44 -85.33
CA ARG G 3403 -84.84 -12.93 -85.69
C ARG G 3403 -84.76 -14.02 -86.75
N ASP G 3404 -83.89 -13.84 -87.74
CA ASP G 3404 -83.76 -14.84 -88.80
C ASP G 3404 -83.12 -16.12 -88.26
N LEU G 3405 -82.17 -16.00 -87.34
CA LEU G 3405 -81.55 -17.19 -86.76
C LEU G 3405 -82.59 -18.04 -86.04
N TYR G 3406 -83.47 -17.42 -85.28
CA TYR G 3406 -84.53 -18.14 -84.58
C TYR G 3406 -85.62 -18.64 -85.52
N ALA G 3407 -85.59 -18.25 -86.79
CA ALA G 3407 -86.52 -18.78 -87.76
C ALA G 3407 -86.03 -20.04 -88.45
N LEU G 3408 -84.72 -20.32 -88.40
CA LEU G 3408 -84.16 -21.48 -89.07
C LEU G 3408 -83.41 -22.42 -88.15
N TYR G 3409 -82.81 -21.92 -87.07
CA TYR G 3409 -82.12 -22.81 -86.14
C TYR G 3409 -83.02 -23.87 -85.53
N PRO G 3410 -84.24 -23.56 -85.05
CA PRO G 3410 -85.10 -24.64 -84.53
C PRO G 3410 -85.39 -25.71 -85.55
N LEU G 3411 -85.51 -25.34 -86.83
CA LEU G 3411 -85.64 -26.34 -87.87
C LEU G 3411 -84.35 -27.11 -88.06
N LEU G 3412 -83.21 -26.42 -87.89
CA LEU G 3412 -81.91 -27.07 -88.07
C LEU G 3412 -81.59 -28.00 -86.91
N ILE G 3413 -82.04 -27.66 -85.69
CA ILE G 3413 -81.75 -28.48 -84.53
C ILE G 3413 -82.38 -29.86 -84.67
N ARG G 3414 -83.65 -29.90 -85.08
CA ARG G 3414 -84.32 -31.19 -85.24
C ARG G 3414 -83.73 -31.98 -86.40
N TYR G 3415 -83.34 -31.29 -87.47
CA TYR G 3415 -82.73 -31.96 -88.61
C TYR G 3415 -81.40 -32.58 -88.23
N VAL G 3416 -80.61 -31.87 -87.43
CA VAL G 3416 -79.32 -32.42 -87.00
C VAL G 3416 -79.52 -33.63 -86.11
N ASP G 3417 -80.45 -33.54 -85.15
CA ASP G 3417 -80.66 -34.65 -84.24
C ASP G 3417 -81.05 -35.93 -84.97
N ASN G 3418 -81.83 -35.79 -86.04
CA ASN G 3418 -82.24 -36.94 -86.82
C ASN G 3418 -81.20 -37.36 -87.86
N ASN G 3419 -80.09 -36.63 -87.99
CA ASN G 3419 -79.08 -36.95 -88.98
C ASN G 3419 -77.66 -36.89 -88.45
N ARG G 3420 -77.44 -36.49 -87.20
CA ARG G 3420 -76.07 -36.43 -86.68
C ARG G 3420 -75.43 -37.80 -86.61
N ALA G 3421 -76.21 -38.82 -86.25
CA ALA G 3421 -75.64 -40.17 -86.15
C ALA G 3421 -75.09 -40.64 -87.48
N HIS G 3422 -75.82 -40.37 -88.57
CA HIS G 3422 -75.33 -40.79 -89.88
CA HIS G 3422 -75.35 -40.79 -89.89
C HIS G 3422 -74.04 -40.08 -90.26
N TRP G 3423 -73.95 -38.79 -89.96
CA TRP G 3423 -72.76 -38.03 -90.33
C TRP G 3423 -71.54 -38.53 -89.57
N LEU G 3424 -71.70 -38.88 -88.29
CA LEU G 3424 -70.60 -39.44 -87.53
C LEU G 3424 -70.27 -40.85 -87.98
N THR G 3425 -71.30 -41.67 -88.24
CA THR G 3425 -71.07 -43.03 -88.70
C THR G 3425 -70.35 -43.04 -90.04
N GLU G 3426 -70.82 -42.23 -90.99
CA GLU G 3426 -70.19 -42.10 -92.30
C GLU G 3426 -69.89 -40.63 -92.52
N PRO G 3427 -68.62 -40.23 -92.58
CA PRO G 3427 -68.29 -38.80 -92.66
C PRO G 3427 -68.90 -38.16 -93.89
N ASN G 3428 -69.37 -36.93 -93.71
CA ASN G 3428 -70.03 -36.16 -94.77
C ASN G 3428 -69.34 -34.81 -94.90
N ALA G 3429 -68.90 -34.49 -96.12
CA ALA G 3429 -68.24 -33.21 -96.34
C ALA G 3429 -69.19 -32.05 -96.10
N ASN G 3430 -70.45 -32.18 -96.53
CA ASN G 3430 -71.42 -31.11 -96.33
C ASN G 3430 -71.70 -30.87 -94.86
N ALA G 3431 -71.78 -31.94 -94.07
CA ALA G 3431 -72.01 -31.79 -92.64
C ALA G 3431 -70.87 -31.03 -91.99
N GLU G 3432 -69.63 -31.33 -92.38
CA GLU G 3432 -68.48 -30.59 -91.87
C GLU G 3432 -68.52 -29.14 -92.33
N GLU G 3433 -68.96 -28.90 -93.57
CA GLU G 3433 -69.09 -27.53 -94.05
C GLU G 3433 -70.13 -26.76 -93.24
N LEU G 3434 -71.26 -27.41 -92.92
CA LEU G 3434 -72.27 -26.78 -92.09
C LEU G 3434 -71.72 -26.45 -90.71
N PHE G 3435 -70.77 -27.24 -90.22
CA PHE G 3435 -70.18 -26.96 -88.92
C PHE G 3435 -69.40 -25.65 -88.95
N ARG G 3436 -68.68 -25.38 -90.04
CA ARG G 3436 -67.96 -24.12 -90.16
C ARG G 3436 -68.91 -22.94 -90.15
N MET G 3437 -70.04 -23.06 -90.85
CA MET G 3437 -71.01 -21.97 -90.88
C MET G 3437 -71.59 -21.70 -89.50
N VAL G 3438 -72.05 -22.75 -88.81
CA VAL G 3438 -72.60 -22.56 -87.48
C VAL G 3438 -71.50 -22.20 -86.49
N GLY G 3439 -70.27 -22.63 -86.77
CA GLY G 3439 -69.16 -22.24 -85.90
C GLY G 3439 -68.84 -20.77 -85.99
N GLU G 3440 -68.75 -20.23 -87.20
CA GLU G 3440 -68.40 -18.82 -87.37
C GLU G 3440 -69.47 -17.90 -86.81
N ILE G 3441 -70.75 -18.26 -87.00
CA ILE G 3441 -71.83 -17.45 -86.47
C ILE G 3441 -71.74 -17.36 -84.95
N PHE G 3442 -71.43 -18.48 -84.30
CA PHE G 3442 -71.32 -18.49 -82.85
C PHE G 3442 -70.09 -17.72 -82.39
N ILE G 3443 -69.01 -17.75 -83.19
CA ILE G 3443 -67.83 -16.97 -82.87
C ILE G 3443 -68.16 -15.48 -82.85
N TYR G 3444 -68.91 -15.03 -83.86
CA TYR G 3444 -69.35 -13.63 -83.89
C TYR G 3444 -70.18 -13.30 -82.65
N TRP G 3445 -71.09 -14.19 -82.29
CA TRP G 3445 -71.93 -13.95 -81.11
C TRP G 3445 -71.08 -13.92 -79.84
N SER G 3446 -69.96 -14.65 -79.83
CA SER G 3446 -69.06 -14.59 -78.70
C SER G 3446 -68.27 -13.29 -78.69
N LYS G 3447 -67.81 -12.83 -79.86
CA LYS G 3447 -67.05 -11.59 -79.91
C LYS G 3447 -67.95 -10.37 -79.83
N SER G 3448 -68.90 -10.25 -80.75
CA SER G 3448 -69.80 -9.11 -80.79
C SER G 3448 -70.68 -9.08 -79.54
N HIS G 3449 -70.56 -8.01 -78.76
CA HIS G 3449 -71.42 -7.87 -77.59
C HIS G 3449 -72.83 -7.43 -77.99
N ASN G 3450 -72.95 -6.73 -79.12
CA ASN G 3450 -74.27 -6.35 -79.60
C ASN G 3450 -75.04 -7.54 -80.15
N PHE G 3451 -74.33 -8.59 -80.58
CA PHE G 3451 -74.99 -9.83 -80.95
C PHE G 3451 -75.66 -10.47 -79.74
N LYS G 3452 -75.15 -10.19 -78.54
CA LYS G 3452 -75.65 -10.87 -77.36
C LYS G 3452 -76.95 -10.25 -76.87
N ARG G 3453 -76.94 -8.97 -76.50
CA ARG G 3453 -78.12 -8.38 -75.87
C ARG G 3453 -79.30 -8.32 -76.85
N GLU G 3454 -79.00 -8.28 -78.16
CA GLU G 3454 -80.07 -8.35 -79.14
C GLU G 3454 -80.71 -9.74 -79.17
N GLU G 3455 -80.08 -10.72 -78.53
CA GLU G 3455 -80.62 -12.08 -78.58
C GLU G 3455 -81.74 -12.27 -77.57
N GLN G 3456 -81.46 -12.08 -76.28
CA GLN G 3456 -82.50 -12.36 -75.28
C GLN G 3456 -83.57 -11.28 -75.30
N ASN G 3457 -83.24 -10.09 -75.82
CA ASN G 3457 -84.28 -9.10 -76.06
C ASN G 3457 -85.33 -9.65 -77.01
N PHE G 3458 -84.90 -10.33 -78.07
CA PHE G 3458 -85.85 -11.00 -78.94
C PHE G 3458 -86.57 -12.12 -78.20
N VAL G 3459 -85.86 -12.83 -77.33
CA VAL G 3459 -86.46 -13.98 -76.64
C VAL G 3459 -87.54 -13.51 -75.67
N VAL G 3460 -87.23 -12.51 -74.83
CA VAL G 3460 -88.18 -12.09 -73.81
C VAL G 3460 -89.36 -11.37 -74.43
N GLN G 3461 -89.12 -10.54 -75.45
CA GLN G 3461 -90.21 -9.80 -76.08
C GLN G 3461 -91.13 -10.71 -76.87
N ASN G 3462 -90.59 -11.74 -77.50
CA ASN G 3462 -91.38 -12.67 -78.29
C ASN G 3462 -91.80 -13.90 -77.49
N GLU G 3463 -91.44 -13.97 -76.21
CA GLU G 3463 -91.80 -15.08 -75.33
C GLU G 3463 -91.37 -16.43 -75.93
N ILE G 3464 -90.16 -16.48 -76.46
CA ILE G 3464 -89.63 -17.72 -77.01
C ILE G 3464 -89.42 -18.72 -75.87
N ASN G 3465 -90.06 -19.88 -75.99
CA ASN G 3465 -90.00 -20.87 -74.91
C ASN G 3465 -88.59 -21.43 -74.75
N ASN G 3466 -87.94 -21.76 -75.86
CA ASN G 3466 -86.59 -22.34 -75.87
C ASN G 3466 -86.54 -23.70 -75.18
N MET G 3467 -87.69 -24.19 -74.72
CA MET G 3467 -87.83 -25.51 -74.13
C MET G 3467 -88.55 -26.49 -75.04
N SER G 3468 -89.64 -26.06 -75.68
CA SER G 3468 -90.30 -26.90 -76.67
C SER G 3468 -89.43 -27.12 -77.89
N PHE G 3469 -88.44 -26.27 -78.11
CA PHE G 3469 -87.55 -26.42 -79.26
C PHE G 3469 -86.52 -27.52 -79.04
N LEU G 3470 -86.36 -28.00 -77.80
CA LEU G 3470 -85.36 -29.00 -77.47
C LEU G 3470 -85.94 -30.23 -76.77
N THR G 3471 -87.15 -30.14 -76.21
CA THR G 3471 -87.73 -31.23 -75.44
C THR G 3471 -88.96 -31.85 -76.10
N ALA G 3472 -89.44 -31.28 -77.21
CA ALA G 3472 -90.61 -31.84 -77.86
C ALA G 3472 -90.30 -33.19 -78.50
N ASP G 3473 -89.02 -33.43 -78.82
CA ASP G 3473 -88.63 -34.74 -79.33
C ASP G 3473 -88.88 -35.82 -78.29
N SER G 3474 -88.58 -35.54 -77.03
CA SER G 3474 -88.93 -36.47 -75.96
C SER G 3474 -90.43 -36.64 -75.84
N LYS G 3475 -91.18 -35.54 -76.00
CA LYS G 3475 -92.64 -35.63 -76.00
C LYS G 3475 -93.16 -36.43 -77.18
N SER G 3476 -92.52 -36.29 -78.35
CA SER G 3476 -92.89 -37.11 -79.50
C SER G 3476 -92.64 -38.59 -79.22
N LYS G 3477 -91.59 -38.90 -78.47
CA LYS G 3477 -91.29 -40.26 -78.05
C LYS G 3477 -92.12 -40.72 -76.86
N MET G 3478 -93.22 -40.01 -76.57
CA MET G 3478 -94.20 -40.36 -75.51
C MET G 3478 -93.51 -40.77 -74.21
N ALA G 3479 -92.46 -40.04 -73.87
CA ALA G 3479 -91.73 -40.27 -72.63
C ALA G 3479 -92.61 -40.00 -71.41
N ARG G 3498 -88.20 -23.59 -64.44
CA ARG G 3498 -88.18 -23.09 -63.06
C ARG G 3498 -87.07 -22.07 -62.86
N ARG G 3499 -85.82 -22.51 -63.05
CA ARG G 3499 -84.69 -21.62 -62.88
C ARG G 3499 -84.61 -20.59 -64.02
N GLY G 3500 -84.46 -21.07 -65.25
CA GLY G 3500 -84.36 -20.19 -66.39
C GLY G 3500 -85.50 -20.39 -67.37
N ASP G 3501 -86.73 -20.52 -66.85
CA ASP G 3501 -87.88 -20.79 -67.71
C ASP G 3501 -88.10 -19.64 -68.69
N ARG G 3502 -87.99 -18.39 -68.22
CA ARG G 3502 -88.15 -17.25 -69.11
C ARG G 3502 -87.01 -17.19 -70.14
N TYR G 3503 -85.78 -17.27 -69.66
CA TYR G 3503 -84.61 -17.26 -70.54
C TYR G 3503 -83.40 -17.74 -69.76
N SER G 3504 -82.45 -18.36 -70.48
CA SER G 3504 -81.17 -18.73 -69.91
C SER G 3504 -80.16 -18.90 -71.04
N VAL G 3505 -78.90 -18.58 -70.75
CA VAL G 3505 -77.85 -18.71 -71.76
C VAL G 3505 -77.63 -20.17 -72.13
N GLN G 3506 -77.76 -21.09 -71.16
CA GLN G 3506 -77.58 -22.51 -71.44
C GLN G 3506 -78.60 -22.99 -72.47
N THR G 3507 -79.78 -22.38 -72.50
CA THR G 3507 -80.85 -22.78 -73.39
C THR G 3507 -80.92 -21.92 -74.65
N SER G 3508 -79.93 -21.06 -74.87
CA SER G 3508 -79.91 -20.24 -76.07
C SER G 3508 -79.70 -21.11 -77.31
N LEU G 3509 -80.42 -20.78 -78.39
CA LEU G 3509 -80.35 -21.61 -79.59
C LEU G 3509 -79.06 -21.41 -80.36
N ILE G 3510 -78.36 -20.29 -80.13
CA ILE G 3510 -77.12 -20.05 -80.87
C ILE G 3510 -76.01 -20.96 -80.37
N VAL G 3511 -76.00 -21.27 -79.07
CA VAL G 3511 -75.00 -22.19 -78.53
C VAL G 3511 -75.52 -23.62 -78.50
N ALA G 3512 -76.83 -23.82 -78.42
CA ALA G 3512 -77.37 -25.18 -78.51
C ALA G 3512 -77.15 -25.76 -79.89
N THR G 3513 -77.10 -24.92 -80.91
CA THR G 3513 -76.85 -25.40 -82.26
C THR G 3513 -75.42 -25.91 -82.41
N LEU G 3514 -74.45 -25.13 -81.93
CA LEU G 3514 -73.05 -25.50 -82.09
C LEU G 3514 -72.70 -26.72 -81.23
N LYS G 3515 -73.21 -26.76 -80.01
CA LYS G 3515 -72.96 -27.92 -79.16
C LYS G 3515 -73.54 -29.19 -79.77
N LYS G 3516 -74.73 -29.10 -80.39
CA LYS G 3516 -75.29 -30.26 -81.08
C LYS G 3516 -74.54 -30.54 -82.38
N MET G 3517 -73.72 -29.60 -82.84
CA MET G 3517 -72.94 -29.78 -84.05
C MET G 3517 -71.46 -30.01 -83.77
N LEU G 3518 -71.02 -29.74 -82.55
CA LEU G 3518 -69.60 -29.92 -82.21
C LEU G 3518 -69.04 -31.30 -82.52
N PRO G 3519 -69.73 -32.42 -82.24
CA PRO G 3519 -69.13 -33.72 -82.58
C PRO G 3519 -68.79 -33.87 -84.06
N ILE G 3520 -69.55 -33.24 -84.95
CA ILE G 3520 -69.20 -33.28 -86.36
C ILE G 3520 -67.88 -32.57 -86.61
N GLY G 3521 -67.66 -31.46 -85.91
CA GLY G 3521 -66.40 -30.74 -86.07
C GLY G 3521 -65.22 -31.49 -85.48
N LEU G 3522 -65.38 -32.06 -84.29
CA LEU G 3522 -64.29 -32.80 -83.67
C LEU G 3522 -63.97 -34.07 -84.44
N ASN G 3523 -64.98 -34.69 -85.06
CA ASN G 3523 -64.74 -35.88 -85.87
C ASN G 3523 -63.90 -35.57 -87.09
N MET G 3524 -63.83 -34.30 -87.48
CA MET G 3524 -63.03 -33.93 -88.65
C MET G 3524 -61.54 -34.08 -88.36
N CYS G 3525 -61.14 -33.88 -87.11
CA CYS G 3525 -59.72 -33.88 -86.76
C CYS G 3525 -59.28 -35.27 -86.30
N ALA G 3526 -58.13 -35.70 -86.81
CA ALA G 3526 -57.55 -36.95 -86.36
C ALA G 3526 -57.09 -36.83 -84.92
N PRO G 3527 -57.16 -37.91 -84.15
CA PRO G 3527 -56.81 -37.81 -82.72
C PRO G 3527 -55.32 -37.74 -82.43
N THR G 3528 -54.48 -37.43 -83.42
CA THR G 3528 -53.14 -36.96 -83.10
C THR G 3528 -53.13 -35.51 -82.62
N ASP G 3529 -54.22 -34.78 -82.80
CA ASP G 3529 -54.19 -33.32 -82.81
C ASP G 3529 -54.71 -32.66 -81.54
N GLN G 3530 -55.17 -33.41 -80.53
CA GLN G 3530 -55.61 -32.75 -79.30
C GLN G 3530 -54.53 -31.83 -78.75
N ASP G 3531 -53.26 -32.20 -78.90
CA ASP G 3531 -52.21 -31.28 -78.49
C ASP G 3531 -52.26 -29.99 -79.30
N LEU G 3532 -52.27 -30.11 -80.64
CA LEU G 3532 -52.35 -28.93 -81.48
C LEU G 3532 -53.61 -28.11 -81.18
N ILE G 3533 -54.70 -28.80 -80.84
CA ILE G 3533 -55.89 -28.08 -80.39
C ILE G 3533 -55.58 -27.32 -79.10
N MET G 3534 -54.87 -27.97 -78.17
CA MET G 3534 -54.51 -27.31 -76.92
C MET G 3534 -53.60 -26.11 -77.15
N LEU G 3535 -52.60 -26.25 -78.04
CA LEU G 3535 -51.76 -25.09 -78.35
C LEU G 3535 -52.58 -23.94 -78.92
N ALA G 3536 -53.44 -24.22 -79.89
CA ALA G 3536 -54.18 -23.14 -80.53
C ALA G 3536 -55.23 -22.54 -79.61
N LYS G 3537 -55.71 -23.32 -78.63
CA LYS G 3537 -56.62 -22.75 -77.64
C LYS G 3537 -55.93 -21.70 -76.79
N THR G 3538 -54.62 -21.84 -76.56
CA THR G 3538 -53.90 -20.89 -75.74
C THR G 3538 -53.80 -19.53 -76.42
N ARG G 3539 -53.49 -19.51 -77.72
CA ARG G 3539 -53.37 -18.24 -78.43
C ARG G 3539 -54.68 -17.47 -78.40
N TYR G 3540 -55.79 -18.17 -78.60
CA TYR G 3540 -57.11 -17.55 -78.56
C TYR G 3540 -57.42 -16.99 -77.17
N ALA G 3541 -56.99 -17.68 -76.12
CA ALA G 3541 -57.15 -17.13 -74.78
C ALA G 3541 -56.31 -15.89 -74.56
N LEU G 3542 -55.33 -15.65 -75.44
CA LEU G 3542 -54.49 -14.45 -75.40
C LEU G 3542 -54.88 -13.46 -76.50
N LYS G 3543 -56.07 -13.65 -77.10
CA LYS G 3543 -56.67 -12.68 -78.03
C LYS G 3543 -55.83 -12.50 -79.29
N ASP G 3544 -55.81 -13.55 -80.12
CA ASP G 3544 -55.20 -13.52 -81.43
C ASP G 3544 -56.25 -13.73 -82.51
N THR G 3545 -56.03 -13.14 -83.67
CA THR G 3545 -56.94 -13.32 -84.79
C THR G 3545 -56.77 -14.72 -85.37
N ASP G 3546 -57.68 -15.09 -86.26
CA ASP G 3546 -57.63 -16.44 -86.85
C ASP G 3546 -56.36 -16.64 -87.68
N GLU G 3547 -55.75 -15.57 -88.17
CA GLU G 3547 -54.56 -15.73 -88.99
C GLU G 3547 -53.32 -16.00 -88.16
N GLU G 3548 -53.28 -15.47 -86.93
CA GLU G 3548 -52.07 -15.61 -86.11
C GLU G 3548 -51.83 -17.08 -85.72
N VAL G 3549 -52.89 -17.81 -85.43
CA VAL G 3549 -52.73 -19.23 -85.12
C VAL G 3549 -52.36 -20.02 -86.36
N ARG G 3550 -52.87 -19.61 -87.53
CA ARG G 3550 -52.65 -20.36 -88.75
C ARG G 3550 -51.17 -20.45 -89.08
N GLU G 3551 -50.43 -19.37 -88.87
CA GLU G 3551 -48.98 -19.44 -89.06
C GLU G 3551 -48.29 -20.13 -87.89
N PHE G 3552 -48.88 -20.06 -86.69
CA PHE G 3552 -48.30 -20.76 -85.54
C PHE G 3552 -48.38 -22.27 -85.72
N LEU G 3553 -49.51 -22.77 -86.19
CA LEU G 3553 -49.65 -24.20 -86.42
C LEU G 3553 -48.75 -24.68 -87.55
N GLN G 3554 -48.51 -23.83 -88.54
CA GLN G 3554 -47.61 -24.21 -89.63
C GLN G 3554 -46.20 -24.44 -89.14
N ASN G 3555 -45.71 -23.60 -88.23
CA ASN G 3555 -44.37 -23.74 -87.70
C ASN G 3555 -44.26 -24.78 -86.60
N ASN G 3556 -45.38 -25.14 -85.96
CA ASN G 3556 -45.37 -26.05 -84.82
C ASN G 3556 -46.18 -27.31 -85.10
N LEU G 3557 -46.07 -27.86 -86.31
CA LEU G 3557 -46.83 -29.06 -86.64
C LEU G 3557 -46.12 -30.34 -86.20
N HIS G 3558 -44.92 -30.22 -85.65
CA HIS G 3558 -44.16 -31.39 -85.22
C HIS G 3558 -44.42 -31.77 -83.77
N LEU G 3559 -45.33 -31.08 -83.09
CA LEU G 3559 -45.75 -31.43 -81.75
C LEU G 3559 -47.02 -32.27 -81.72
N GLN G 3560 -47.53 -32.71 -82.87
CA GLN G 3560 -48.69 -33.59 -82.88
C GLN G 3560 -48.36 -34.92 -82.22
N GLY G 3561 -49.36 -35.49 -81.55
CA GLY G 3561 -49.12 -36.63 -80.69
C GLY G 3561 -48.61 -37.84 -81.45
N LYS G 3562 -47.86 -38.67 -80.74
CA LYS G 3562 -47.29 -39.90 -81.28
C LYS G 3562 -48.04 -41.09 -80.70
N VAL G 3563 -48.42 -42.02 -81.59
CA VAL G 3563 -49.27 -43.13 -81.18
C VAL G 3563 -48.55 -44.05 -80.19
N GLU G 3564 -47.24 -44.24 -80.39
CA GLU G 3564 -46.49 -45.13 -79.50
C GLU G 3564 -46.37 -44.56 -78.09
N GLY G 3565 -46.33 -43.23 -77.96
CA GLY G 3565 -46.11 -42.61 -76.67
C GLY G 3565 -47.33 -42.52 -75.77
N SER G 3566 -48.52 -42.88 -76.28
CA SER G 3566 -49.74 -42.78 -75.49
C SER G 3566 -50.52 -44.08 -75.61
N PRO G 3567 -51.00 -44.64 -74.49
CA PRO G 3567 -51.84 -45.84 -74.57
C PRO G 3567 -53.26 -45.51 -75.00
N SER G 3568 -53.75 -44.34 -74.60
CA SER G 3568 -55.08 -43.92 -75.00
C SER G 3568 -55.16 -43.66 -76.49
N LEU G 3569 -54.06 -43.19 -77.09
CA LEU G 3569 -54.08 -42.82 -78.49
C LEU G 3569 -54.00 -44.02 -79.43
N ARG G 3570 -53.52 -45.18 -78.96
CA ARG G 3570 -53.42 -46.34 -79.84
C ARG G 3570 -54.79 -46.76 -80.35
N TRP G 3571 -55.78 -46.81 -79.47
CA TRP G 3571 -57.11 -47.23 -79.91
C TRP G 3571 -57.89 -46.10 -80.57
N GLN G 3572 -57.50 -44.84 -80.31
CA GLN G 3572 -58.15 -43.73 -80.99
C GLN G 3572 -57.78 -43.71 -82.47
N MET G 3573 -56.51 -43.94 -82.79
CA MET G 3573 -56.12 -44.19 -84.18
C MET G 3573 -56.87 -45.37 -84.77
N ALA G 3574 -56.95 -46.48 -84.04
CA ALA G 3574 -57.56 -47.67 -84.60
C ALA G 3574 -59.03 -47.44 -84.94
N LEU G 3575 -59.76 -46.76 -84.05
CA LEU G 3575 -61.16 -46.49 -84.31
C LEU G 3575 -61.33 -45.43 -85.39
N TYR G 3576 -60.50 -44.40 -85.38
CA TYR G 3576 -60.62 -43.32 -86.35
C TYR G 3576 -60.35 -43.81 -87.77
N ARG G 3577 -59.27 -44.58 -87.96
CA ARG G 3577 -58.90 -44.97 -89.32
C ARG G 3577 -59.87 -45.96 -89.94
N GLY G 3578 -60.75 -46.57 -89.14
CA GLY G 3578 -61.71 -47.50 -89.68
C GLY G 3578 -62.92 -46.89 -90.34
N LEU G 3579 -63.07 -45.57 -90.27
CA LEU G 3579 -64.19 -44.90 -90.90
C LEU G 3579 -64.07 -44.99 -92.42
N PRO G 3580 -65.19 -45.20 -93.12
CA PRO G 3580 -65.12 -45.35 -94.58
C PRO G 3580 -64.54 -44.15 -95.31
N GLY G 3581 -64.80 -42.94 -94.82
CA GLY G 3581 -64.42 -41.75 -95.55
C GLY G 3581 -63.05 -41.20 -95.18
N ARG G 3582 -62.26 -41.98 -94.45
CA ARG G 3582 -60.94 -41.54 -94.00
C ARG G 3582 -59.91 -41.91 -95.05
N GLU G 3583 -59.30 -40.90 -95.67
CA GLU G 3583 -58.19 -41.09 -96.59
C GLU G 3583 -56.95 -40.43 -96.02
N GLU G 3584 -55.81 -41.12 -96.13
CA GLU G 3584 -54.56 -40.58 -95.62
C GLU G 3584 -54.14 -39.29 -96.33
N ASP G 3585 -54.63 -39.08 -97.56
CA ASP G 3585 -54.35 -37.83 -98.27
C ASP G 3585 -55.00 -36.63 -97.60
N ALA G 3586 -56.01 -36.85 -96.76
CA ALA G 3586 -56.66 -35.75 -96.04
C ALA G 3586 -55.76 -35.16 -94.96
N ASP G 3587 -54.64 -35.80 -94.64
CA ASP G 3587 -53.70 -35.27 -93.66
C ASP G 3587 -52.61 -34.41 -94.32
N ASP G 3588 -53.04 -33.44 -95.13
CA ASP G 3588 -52.08 -32.51 -95.71
C ASP G 3588 -51.73 -31.41 -94.72
N PRO G 3589 -50.55 -30.82 -94.83
CA PRO G 3589 -50.16 -29.75 -93.89
C PRO G 3589 -51.13 -28.58 -93.89
N GLU G 3590 -51.74 -28.27 -95.03
CA GLU G 3590 -52.76 -27.23 -95.06
C GLU G 3590 -54.08 -27.75 -94.50
N LYS G 3591 -54.34 -29.05 -94.67
CA LYS G 3591 -55.62 -29.58 -94.21
C LYS G 3591 -55.68 -29.70 -92.69
N ILE G 3592 -54.56 -30.02 -92.04
CA ILE G 3592 -54.56 -30.06 -90.59
C ILE G 3592 -54.75 -28.66 -90.01
N VAL G 3593 -53.98 -27.70 -90.50
CA VAL G 3593 -54.11 -26.34 -90.00
C VAL G 3593 -55.47 -25.76 -90.34
N ARG G 3594 -56.10 -26.25 -91.41
CA ARG G 3594 -57.47 -25.84 -91.70
C ARG G 3594 -58.38 -26.28 -90.56
N ARG G 3595 -58.32 -27.56 -90.20
CA ARG G 3595 -59.26 -28.13 -89.25
C ARG G 3595 -58.83 -27.86 -87.81
N VAL G 3596 -57.52 -27.75 -87.55
CA VAL G 3596 -57.08 -27.40 -86.21
C VAL G 3596 -57.52 -25.99 -85.85
N GLN G 3597 -57.37 -25.04 -86.78
CA GLN G 3597 -57.74 -23.66 -86.48
C GLN G 3597 -59.25 -23.50 -86.32
N GLU G 3598 -60.02 -24.17 -87.18
CA GLU G 3598 -61.47 -24.02 -87.14
C GLU G 3598 -62.05 -24.54 -85.84
N VAL G 3599 -61.63 -25.73 -85.40
CA VAL G 3599 -62.17 -26.25 -84.16
C VAL G 3599 -61.62 -25.46 -82.96
N SER G 3600 -60.34 -25.09 -83.01
CA SER G 3600 -59.75 -24.34 -81.89
C SER G 3600 -60.52 -23.05 -81.65
N ALA G 3601 -61.01 -22.42 -82.71
CA ALA G 3601 -61.87 -21.25 -82.55
C ALA G 3601 -63.16 -21.62 -81.85
N VAL G 3602 -63.62 -22.86 -82.04
CA VAL G 3602 -64.89 -23.27 -81.44
C VAL G 3602 -64.70 -23.56 -79.95
N LEU G 3603 -63.90 -24.59 -79.61
CA LEU G 3603 -63.87 -25.06 -78.23
C LEU G 3603 -63.35 -23.99 -77.27
N TYR G 3604 -62.68 -22.96 -77.79
CA TYR G 3604 -62.30 -21.86 -76.91
C TYR G 3604 -63.53 -21.17 -76.34
N HIS G 3605 -64.52 -20.90 -77.18
CA HIS G 3605 -65.57 -19.97 -76.78
C HIS G 3605 -66.72 -20.64 -76.02
N LEU G 3606 -66.85 -21.97 -76.05
CA LEU G 3606 -67.87 -22.59 -75.22
C LEU G 3606 -67.53 -22.47 -73.73
N GLU G 3607 -66.29 -22.78 -73.36
CA GLU G 3607 -65.92 -22.68 -71.95
C GLU G 3607 -65.99 -21.23 -71.46
N GLN G 3608 -65.89 -20.26 -72.36
CA GLN G 3608 -66.18 -18.88 -72.00
C GLN G 3608 -67.65 -18.70 -71.63
N THR G 3609 -68.55 -19.51 -72.19
CA THR G 3609 -69.97 -19.36 -71.98
C THR G 3609 -70.50 -20.30 -70.90
N GLU G 3610 -70.18 -21.60 -70.99
CA GLU G 3610 -70.64 -22.54 -69.97
C GLU G 3610 -70.06 -22.20 -68.61
N HIS G 3611 -68.78 -21.81 -68.57
CA HIS G 3611 -68.14 -21.31 -67.37
C HIS G 3611 -67.85 -19.84 -67.58
N PRO G 3612 -68.78 -18.94 -67.25
CA PRO G 3612 -68.58 -17.51 -67.55
C PRO G 3612 -67.38 -16.91 -66.83
N TYR G 3613 -66.90 -17.54 -65.76
CA TYR G 3613 -65.75 -17.09 -64.97
C TYR G 3613 -65.87 -15.61 -64.57
N LYS G 3614 -67.09 -15.09 -64.54
CA LYS G 3614 -67.34 -13.73 -64.06
C LYS G 3614 -67.44 -13.67 -62.54
N SER G 3615 -67.40 -14.81 -61.87
CA SER G 3615 -67.37 -14.82 -60.42
C SER G 3615 -66.02 -14.31 -59.92
N LYS G 3616 -65.97 -14.01 -58.62
CA LYS G 3616 -64.80 -13.42 -57.97
C LYS G 3616 -64.49 -12.04 -58.52
N LYS G 3617 -65.35 -11.53 -59.40
CA LYS G 3617 -65.27 -10.15 -59.87
C LYS G 3617 -66.27 -9.28 -59.13
N ALA G 3618 -67.55 -9.65 -59.17
CA ALA G 3618 -68.61 -9.00 -58.40
C ALA G 3618 -69.37 -10.10 -57.67
N VAL G 3619 -68.89 -10.46 -56.48
CA VAL G 3619 -69.55 -11.41 -55.61
C VAL G 3619 -70.50 -10.61 -54.73
N TRP G 3620 -71.48 -11.27 -54.10
CA TRP G 3620 -72.32 -10.59 -53.13
C TRP G 3620 -71.43 -9.88 -52.12
N HIS G 3621 -71.43 -8.55 -52.16
CA HIS G 3621 -70.44 -7.75 -51.46
C HIS G 3621 -70.98 -6.96 -50.29
N LYS G 3622 -72.27 -6.63 -50.28
CA LYS G 3622 -72.92 -5.80 -49.27
C LYS G 3622 -72.02 -4.64 -48.86
N LEU G 3623 -71.72 -3.79 -49.86
CA LEU G 3623 -70.83 -2.65 -49.65
C LEU G 3623 -71.24 -1.85 -48.42
N LEU G 3624 -72.39 -1.18 -48.49
CA LEU G 3624 -72.92 -0.50 -47.32
C LEU G 3624 -74.44 -0.67 -47.20
N SER G 3625 -75.07 -1.49 -48.04
CA SER G 3625 -76.52 -1.51 -48.12
C SER G 3625 -77.16 -2.06 -46.84
N LYS G 3626 -76.61 -3.16 -46.31
CA LYS G 3626 -77.28 -3.87 -45.21
C LYS G 3626 -77.53 -2.98 -43.99
N GLN G 3627 -76.72 -1.93 -43.80
CA GLN G 3627 -76.93 -1.00 -42.70
C GLN G 3627 -77.30 0.41 -43.15
N ARG G 3628 -77.14 0.73 -44.44
CA ARG G 3628 -77.42 2.06 -44.96
C ARG G 3628 -78.51 2.06 -46.03
N ARG G 3629 -79.27 0.98 -46.16
CA ARG G 3629 -80.37 0.98 -47.12
C ARG G 3629 -81.45 1.99 -46.73
N ARG G 3630 -81.57 2.31 -45.45
CA ARG G 3630 -82.52 3.33 -45.03
C ARG G 3630 -82.12 4.72 -45.50
N ALA G 3631 -80.81 5.00 -45.52
CA ALA G 3631 -80.35 6.34 -45.91
C ALA G 3631 -80.59 6.60 -47.38
N VAL G 3632 -80.25 5.63 -48.24
CA VAL G 3632 -80.43 5.83 -49.68
C VAL G 3632 -81.90 5.95 -50.04
N VAL G 3633 -82.77 5.21 -49.34
CA VAL G 3633 -84.21 5.36 -49.57
C VAL G 3633 -84.69 6.71 -49.07
N ALA G 3634 -84.17 7.16 -47.94
CA ALA G 3634 -84.59 8.45 -47.37
C ALA G 3634 -84.15 9.62 -48.25
N CYS G 3635 -83.06 9.47 -48.99
CA CYS G 3635 -82.58 10.55 -49.84
C CYS G 3635 -83.60 10.90 -50.92
N PHE G 3636 -84.20 9.88 -51.54
CA PHE G 3636 -85.16 10.11 -52.62
C PHE G 3636 -86.47 10.72 -52.13
N ARG G 3637 -86.71 10.74 -50.82
CA ARG G 3637 -87.97 11.23 -50.26
C ARG G 3637 -87.75 12.40 -49.29
N MET G 3638 -86.58 13.02 -49.35
CA MET G 3638 -86.22 14.02 -48.34
C MET G 3638 -86.76 15.39 -48.76
N THR G 3639 -87.02 16.24 -47.77
CA THR G 3639 -87.85 17.43 -47.99
C THR G 3639 -87.02 18.64 -48.41
N PRO G 3640 -87.33 19.27 -49.54
CA PRO G 3640 -86.54 20.42 -49.99
C PRO G 3640 -86.69 21.62 -49.08
N LEU G 3641 -85.80 22.59 -49.27
CA LEU G 3641 -85.72 23.74 -48.39
C LEU G 3641 -86.95 24.64 -48.50
N TYR G 3642 -87.47 24.82 -49.71
CA TYR G 3642 -88.55 25.79 -49.90
C TYR G 3642 -89.85 25.36 -49.23
N ASN G 3643 -89.98 24.11 -48.81
CA ASN G 3643 -91.17 23.64 -48.12
C ASN G 3643 -91.11 23.83 -46.62
N LEU G 3644 -89.98 24.26 -46.09
CA LEU G 3644 -89.81 24.38 -44.65
C LEU G 3644 -90.50 25.64 -44.13
N PRO G 3645 -90.90 25.65 -42.86
CA PRO G 3645 -91.46 26.86 -42.27
C PRO G 3645 -90.42 27.97 -42.22
N THR G 3646 -90.91 29.21 -42.26
CA THR G 3646 -90.02 30.36 -42.31
C THR G 3646 -89.12 30.43 -41.09
N HIS G 3647 -89.67 30.21 -39.90
CA HIS G 3647 -88.87 30.32 -38.69
C HIS G 3647 -87.80 29.24 -38.63
N ARG G 3648 -88.13 28.03 -39.07
CA ARG G 3648 -87.16 26.94 -39.08
C ARG G 3648 -85.99 27.27 -40.02
N ALA G 3649 -86.30 27.80 -41.20
CA ALA G 3649 -85.25 28.10 -42.17
C ALA G 3649 -84.31 29.18 -41.66
N CYS G 3650 -84.86 30.20 -40.99
CA CYS G 3650 -84.03 31.30 -40.52
C CYS G 3650 -82.98 30.82 -39.52
N ASN G 3651 -83.36 29.88 -38.65
CA ASN G 3651 -82.39 29.35 -37.68
C ASN G 3651 -81.25 28.63 -38.38
N MET G 3652 -81.55 27.84 -39.41
CA MET G 3652 -80.48 27.18 -40.15
C MET G 3652 -79.64 28.19 -40.92
N PHE G 3653 -80.26 29.27 -41.39
CA PHE G 3653 -79.49 30.33 -42.04
C PHE G 3653 -78.50 30.95 -41.08
N LEU G 3654 -78.92 31.22 -39.85
CA LEU G 3654 -78.03 31.83 -38.88
C LEU G 3654 -76.82 30.93 -38.60
N GLU G 3655 -77.06 29.63 -38.45
CA GLU G 3655 -75.96 28.70 -38.26
C GLU G 3655 -75.04 28.67 -39.47
N SER G 3656 -75.62 28.66 -40.67
CA SER G 3656 -74.82 28.64 -41.89
C SER G 3656 -74.07 29.95 -42.06
N TYR G 3657 -74.72 31.08 -41.75
CA TYR G 3657 -74.09 32.38 -41.97
C TYR G 3657 -72.91 32.59 -41.03
N LYS G 3658 -73.07 32.28 -39.75
CA LYS G 3658 -71.99 32.51 -38.80
C LYS G 3658 -70.80 31.60 -39.09
N ALA G 3659 -71.05 30.33 -39.45
CA ALA G 3659 -69.97 29.40 -39.69
C ALA G 3659 -69.21 29.69 -40.97
N ALA G 3660 -69.89 30.21 -41.98
CA ALA G 3660 -69.27 30.41 -43.29
C ALA G 3660 -68.90 31.85 -43.59
N TRP G 3661 -69.44 32.81 -42.86
CA TRP G 3661 -69.22 34.22 -43.18
C TRP G 3661 -68.68 35.03 -42.02
N ILE G 3662 -69.04 34.72 -40.78
CA ILE G 3662 -68.54 35.45 -39.63
C ILE G 3662 -67.32 34.77 -39.02
N LEU G 3663 -67.39 33.45 -38.87
CA LEU G 3663 -66.23 32.71 -38.38
C LEU G 3663 -65.07 32.82 -39.36
N THR G 3664 -65.35 32.71 -40.66
CA THR G 3664 -64.29 32.81 -41.66
C THR G 3664 -63.71 34.21 -41.76
N GLU G 3665 -64.37 35.21 -41.18
CA GLU G 3665 -63.89 36.58 -41.31
C GLU G 3665 -62.56 36.81 -40.57
N ASP G 3666 -61.68 37.61 -41.15
CA ASP G 3666 -60.38 37.89 -40.55
C ASP G 3666 -60.46 39.31 -39.98
N HIS G 3667 -60.30 39.43 -38.67
CA HIS G 3667 -60.18 40.69 -37.94
C HIS G 3667 -58.92 40.62 -37.08
N SER G 3668 -57.82 41.26 -37.50
CA SER G 3668 -56.65 41.36 -36.63
C SER G 3668 -56.75 42.66 -35.83
N PHE G 3669 -56.81 42.55 -34.50
CA PHE G 3669 -56.86 43.73 -33.63
C PHE G 3669 -55.95 43.61 -32.41
N GLU G 3670 -55.31 42.46 -32.21
CA GLU G 3670 -54.52 42.26 -31.00
C GLU G 3670 -53.34 43.23 -30.94
N ASP G 3671 -52.65 43.42 -32.08
CA ASP G 3671 -51.52 44.34 -32.09
C ASP G 3671 -51.96 45.77 -31.85
N ARG G 3672 -53.07 46.19 -32.46
CA ARG G 3672 -53.54 47.55 -32.30
C ARG G 3672 -53.98 47.83 -30.86
N MET G 3673 -54.64 46.86 -30.23
CA MET G 3673 -55.07 47.04 -28.85
C MET G 3673 -53.89 47.13 -27.90
N ILE G 3674 -52.91 46.23 -28.06
CA ILE G 3674 -51.75 46.24 -27.17
C ILE G 3674 -50.96 47.52 -27.32
N ASP G 3675 -50.83 48.01 -28.56
CA ASP G 3675 -50.14 49.27 -28.78
C ASP G 3675 -50.86 50.43 -28.10
N ASP G 3676 -52.19 50.46 -28.19
CA ASP G 3676 -52.95 51.54 -27.58
C ASP G 3676 -52.82 51.52 -26.06
N LEU G 3677 -52.82 50.34 -25.46
CA LEU G 3677 -52.71 50.22 -24.02
C LEU G 3677 -51.30 50.42 -23.50
N SER G 3678 -50.30 50.44 -24.38
CA SER G 3678 -48.92 50.58 -23.98
C SER G 3678 -48.45 52.02 -23.95
N LYS G 3679 -49.34 52.98 -24.17
CA LYS G 3679 -48.98 54.39 -24.23
C LYS G 3679 -49.41 55.09 -22.95
N ALA G 3680 -48.49 55.86 -22.37
CA ALA G 3680 -48.84 56.76 -21.28
C ALA G 3680 -49.36 58.06 -21.88
N GLY G 3681 -50.55 58.47 -21.44
CA GLY G 3681 -51.24 59.56 -22.11
C GLY G 3681 -51.05 60.93 -21.53
N GLU G 3682 -50.20 61.72 -22.19
CA GLU G 3682 -50.00 63.15 -21.92
C GLU G 3682 -50.00 63.48 -20.43
N GLN G 3683 -49.29 62.67 -19.66
CA GLN G 3683 -49.04 62.95 -18.25
C GLN G 3683 -47.58 63.32 -18.00
N GLU G 3684 -46.86 63.72 -19.04
CA GLU G 3684 -45.43 64.03 -18.95
C GLU G 3684 -45.16 65.53 -18.99
N GLU G 3685 -46.12 66.36 -18.56
CA GLU G 3685 -45.94 67.79 -18.50
C GLU G 3685 -45.58 68.28 -17.11
N GLU G 3686 -45.35 67.37 -16.17
CA GLU G 3686 -44.94 67.72 -14.81
C GLU G 3686 -43.56 67.20 -14.44
N GLU G 3687 -43.21 65.99 -14.88
CA GLU G 3687 -41.90 65.37 -14.67
C GLU G 3687 -41.33 65.65 -13.28
N GLU G 3688 -42.17 65.42 -12.27
CA GLU G 3688 -41.79 65.58 -10.88
C GLU G 3688 -41.27 64.24 -10.35
N GLU G 3689 -41.16 64.11 -9.03
CA GLU G 3689 -40.66 62.88 -8.40
C GLU G 3689 -41.70 61.77 -8.43
N VAL G 3690 -42.69 61.91 -9.31
CA VAL G 3690 -43.69 60.88 -9.57
C VAL G 3690 -43.05 59.74 -10.35
N GLU G 3691 -41.73 59.81 -10.54
CA GLU G 3691 -40.96 58.84 -11.32
C GLU G 3691 -41.20 57.40 -10.88
N GLU G 3692 -41.94 57.22 -9.78
CA GLU G 3692 -42.57 55.94 -9.51
C GLU G 3692 -43.28 55.40 -10.75
N LYS G 3693 -43.77 56.30 -11.63
CA LYS G 3693 -44.31 55.93 -12.93
C LYS G 3693 -45.49 54.95 -12.78
N LYS G 3694 -46.57 55.49 -12.21
CA LYS G 3694 -47.84 54.78 -12.09
C LYS G 3694 -48.10 53.96 -13.35
N PRO G 3695 -48.54 52.71 -13.20
CA PRO G 3695 -48.57 51.81 -14.35
C PRO G 3695 -49.45 52.34 -15.48
N ASP G 3696 -48.98 52.11 -16.71
CA ASP G 3696 -49.76 52.42 -17.89
C ASP G 3696 -50.91 51.42 -18.00
N PRO G 3697 -51.91 51.70 -18.85
CA PRO G 3697 -53.09 50.82 -18.89
C PRO G 3697 -52.78 49.36 -19.09
N LEU G 3698 -51.80 49.02 -19.95
CA LEU G 3698 -51.43 47.62 -20.10
C LEU G 3698 -50.83 47.06 -18.82
N HIS G 3699 -50.00 47.87 -18.14
CA HIS G 3699 -49.38 47.41 -16.90
C HIS G 3699 -50.43 47.19 -15.81
N GLN G 3700 -51.42 48.07 -15.73
CA GLN G 3700 -52.48 47.90 -14.74
C GLN G 3700 -53.30 46.65 -15.03
N LEU G 3701 -53.52 46.33 -16.30
CA LEU G 3701 -54.25 45.11 -16.65
C LEU G 3701 -53.49 43.88 -16.19
N VAL G 3702 -52.18 43.86 -16.36
CA VAL G 3702 -51.37 42.75 -15.88
C VAL G 3702 -51.45 42.63 -14.37
N LEU G 3703 -51.34 43.77 -13.67
CA LEU G 3703 -51.38 43.74 -12.21
C LEU G 3703 -52.73 43.26 -11.70
N HIS G 3704 -53.82 43.63 -12.40
CA HIS G 3704 -55.14 43.18 -11.97
C HIS G 3704 -55.26 41.66 -12.08
N PHE G 3705 -54.80 41.09 -13.19
CA PHE G 3705 -54.82 39.63 -13.33
C PHE G 3705 -53.85 38.97 -12.37
N SER G 3706 -52.71 39.62 -12.10
CA SER G 3706 -51.81 39.10 -11.09
C SER G 3706 -52.42 39.19 -9.70
N ARG G 3707 -53.33 40.15 -9.48
CA ARG G 3707 -53.97 40.28 -8.19
C ARG G 3707 -54.93 39.12 -7.92
N THR G 3708 -55.74 38.75 -8.92
CA THR G 3708 -56.70 37.68 -8.71
C THR G 3708 -56.04 36.31 -8.66
N ALA G 3709 -54.81 36.19 -9.17
CA ALA G 3709 -54.08 34.93 -9.05
C ALA G 3709 -53.54 34.72 -7.64
N LEU G 3710 -53.30 35.80 -6.90
CA LEU G 3710 -52.73 35.72 -5.57
C LEU G 3710 -53.78 35.56 -4.48
N THR G 3711 -55.06 35.69 -4.81
CA THR G 3711 -56.12 35.48 -3.83
C THR G 3711 -56.18 34.00 -3.44
N GLU G 3712 -56.37 33.75 -2.15
CA GLU G 3712 -56.42 32.37 -1.65
C GLU G 3712 -57.80 31.79 -1.95
N LYS G 3713 -57.84 30.76 -2.79
CA LYS G 3713 -59.08 30.07 -3.13
C LYS G 3713 -58.80 28.59 -3.27
N SER G 3714 -59.83 27.78 -3.00
CA SER G 3714 -59.69 26.33 -3.14
C SER G 3714 -59.43 25.94 -4.59
N LYS G 3715 -60.13 26.58 -5.53
CA LYS G 3715 -59.94 26.33 -6.95
C LYS G 3715 -59.84 27.66 -7.68
N LEU G 3716 -59.22 27.63 -8.85
CA LEU G 3716 -59.11 28.82 -9.69
C LEU G 3716 -60.26 28.77 -10.68
N ASP G 3717 -61.26 29.62 -10.47
CA ASP G 3717 -62.49 29.55 -11.25
C ASP G 3717 -62.27 30.03 -12.68
N GLU G 3718 -63.12 29.54 -13.58
CA GLU G 3718 -63.08 29.94 -14.98
C GLU G 3718 -63.34 31.43 -15.11
N ASP G 3719 -62.51 32.12 -15.89
CA ASP G 3719 -62.64 33.56 -16.11
C ASP G 3719 -62.48 33.83 -17.59
N TYR G 3720 -63.55 34.29 -18.25
CA TYR G 3720 -63.49 34.53 -19.68
C TYR G 3720 -62.71 35.79 -20.00
N LEU G 3721 -62.69 36.76 -19.09
CA LEU G 3721 -61.96 38.00 -19.35
C LEU G 3721 -60.46 37.76 -19.41
N TYR G 3722 -59.93 36.96 -18.48
CA TYR G 3722 -58.49 36.69 -18.48
C TYR G 3722 -58.07 35.97 -19.75
N MET G 3723 -58.85 34.97 -20.17
CA MET G 3723 -58.53 34.24 -21.39
C MET G 3723 -58.61 35.16 -22.61
N ALA G 3724 -59.57 36.08 -22.61
CA ALA G 3724 -59.69 37.01 -23.72
C ALA G 3724 -58.45 37.89 -23.83
N TYR G 3725 -57.93 38.36 -22.71
CA TYR G 3725 -56.76 39.23 -22.76
C TYR G 3725 -55.46 38.43 -22.81
N ALA G 3726 -55.46 37.21 -22.31
CA ALA G 3726 -54.26 36.38 -22.39
C ALA G 3726 -53.92 36.04 -23.84
N ASP G 3727 -54.95 35.74 -24.65
CA ASP G 3727 -54.68 35.39 -26.04
C ASP G 3727 -54.31 36.64 -26.84
N ILE G 3728 -54.86 37.80 -26.45
CA ILE G 3728 -54.50 39.04 -27.13
C ILE G 3728 -53.03 39.36 -26.90
N MET G 3729 -52.57 39.22 -25.66
CA MET G 3729 -51.14 39.41 -25.39
C MET G 3729 -50.31 38.34 -26.09
N ALA G 3730 -50.79 37.10 -26.09
CA ALA G 3730 -50.06 36.03 -26.74
C ALA G 3730 -49.98 36.24 -28.25
N LYS G 3731 -51.10 36.66 -28.86
CA LYS G 3731 -51.10 36.87 -30.31
C LYS G 3731 -50.33 38.12 -30.71
N SER G 3732 -50.00 38.99 -29.76
CA SER G 3732 -49.27 40.21 -30.04
C SER G 3732 -47.77 40.00 -30.16
N CYS G 3733 -47.27 38.82 -29.79
CA CYS G 3733 -45.82 38.64 -29.70
C CYS G 3733 -45.21 37.88 -30.87
N HIS G 3734 -45.94 36.97 -31.50
CA HIS G 3734 -45.32 36.20 -32.57
C HIS G 3734 -45.42 36.93 -33.92
N LEU G 3735 -46.64 37.19 -34.38
CA LEU G 3735 -46.88 37.87 -35.66
C LEU G 3735 -46.11 37.20 -36.80
N GLU G 3736 -46.09 35.88 -36.80
CA GLU G 3736 -45.42 35.12 -37.85
C GLU G 3736 -46.01 33.72 -37.98
N VAL G 3749 -38.03 31.84 -50.20
CA VAL G 3749 -37.94 30.93 -49.06
C VAL G 3749 -36.53 30.95 -48.49
N GLU G 3750 -35.78 32.00 -48.80
CA GLU G 3750 -34.40 32.18 -48.33
C GLU G 3750 -34.32 33.54 -47.64
N VAL G 3751 -34.58 33.54 -46.33
CA VAL G 3751 -34.49 34.77 -45.55
C VAL G 3751 -33.02 35.09 -45.30
N SER G 3752 -32.61 36.29 -45.68
CA SER G 3752 -31.22 36.68 -45.49
C SER G 3752 -30.95 37.03 -44.03
N PHE G 3753 -29.67 37.22 -43.72
CA PHE G 3753 -29.26 37.41 -42.34
C PHE G 3753 -29.83 38.71 -41.77
N GLU G 3754 -29.97 39.74 -42.61
CA GLU G 3754 -30.35 41.05 -42.09
C GLU G 3754 -31.76 41.05 -41.53
N GLU G 3755 -32.74 40.56 -42.30
CA GLU G 3755 -34.10 40.53 -41.79
C GLU G 3755 -34.33 39.39 -40.80
N LYS G 3756 -33.50 38.36 -40.85
CA LYS G 3756 -33.58 37.31 -39.84
C LYS G 3756 -33.32 37.88 -38.46
N GLU G 3757 -32.35 38.79 -38.35
CA GLU G 3757 -32.10 39.46 -37.08
C GLU G 3757 -33.18 40.49 -36.78
N MET G 3758 -33.74 41.13 -37.82
CA MET G 3758 -34.90 42.00 -37.63
C MET G 3758 -36.08 41.24 -37.05
N GLU G 3759 -36.33 40.02 -37.51
CA GLU G 3759 -37.41 39.24 -36.92
C GLU G 3759 -37.13 38.96 -35.45
N LYS G 3760 -35.86 38.74 -35.09
CA LYS G 3760 -35.52 38.49 -33.69
C LYS G 3760 -35.75 39.72 -32.83
N GLN G 3761 -35.23 40.87 -33.26
CA GLN G 3761 -35.38 42.09 -32.46
C GLN G 3761 -36.83 42.54 -32.42
N ARG G 3762 -37.56 42.38 -33.52
CA ARG G 3762 -38.98 42.68 -33.50
C ARG G 3762 -39.72 41.77 -32.53
N LEU G 3763 -39.38 40.47 -32.54
CA LEU G 3763 -39.95 39.56 -31.55
C LEU G 3763 -39.49 39.93 -30.14
N LEU G 3764 -38.22 40.31 -30.00
CA LEU G 3764 -37.72 40.70 -28.69
C LEU G 3764 -38.45 41.93 -28.16
N TYR G 3765 -38.69 42.91 -29.01
CA TYR G 3765 -39.38 44.12 -28.56
C TYR G 3765 -40.81 43.80 -28.14
N GLN G 3766 -41.53 43.01 -28.95
CA GLN G 3766 -42.91 42.68 -28.61
C GLN G 3766 -42.99 41.90 -27.31
N GLN G 3767 -42.05 41.00 -27.08
CA GLN G 3767 -41.98 40.31 -25.80
C GLN G 3767 -41.62 41.26 -24.68
N SER G 3768 -40.83 42.31 -24.98
CA SER G 3768 -40.43 43.26 -23.95
C SER G 3768 -41.61 44.09 -23.46
N ARG G 3769 -42.60 44.34 -24.32
CA ARG G 3769 -43.77 45.10 -23.89
C ARG G 3769 -44.54 44.38 -22.79
N LEU G 3770 -44.39 43.07 -22.67
CA LEU G 3770 -45.13 42.29 -21.70
C LEU G 3770 -44.32 42.00 -20.45
N HIS G 3771 -43.08 41.53 -20.60
CA HIS G 3771 -42.30 41.15 -19.43
C HIS G 3771 -41.73 42.35 -18.68
N THR G 3772 -41.78 43.54 -19.28
CA THR G 3772 -41.48 44.76 -18.53
C THR G 3772 -42.67 45.28 -17.74
N ARG G 3773 -43.83 44.65 -17.89
CA ARG G 3773 -45.04 45.06 -17.19
C ARG G 3773 -45.58 43.93 -16.31
N GLY G 3774 -44.75 42.92 -16.04
CA GLY G 3774 -45.12 41.87 -15.12
C GLY G 3774 -45.82 40.67 -15.71
N ALA G 3775 -45.76 40.49 -17.03
CA ALA G 3775 -46.41 39.33 -17.64
C ALA G 3775 -45.74 38.03 -17.22
N ALA G 3776 -44.41 38.02 -17.11
CA ALA G 3776 -43.70 36.80 -16.74
C ALA G 3776 -44.13 36.32 -15.36
N GLU G 3777 -44.27 37.24 -14.41
CA GLU G 3777 -44.76 36.87 -13.09
C GLU G 3777 -46.22 36.44 -13.12
N MET G 3778 -47.04 37.07 -13.98
CA MET G 3778 -48.43 36.67 -14.08
C MET G 3778 -48.56 35.22 -14.51
N VAL G 3779 -47.74 34.78 -15.47
CA VAL G 3779 -47.83 33.42 -15.98
C VAL G 3779 -47.55 32.41 -14.87
N LEU G 3780 -46.49 32.65 -14.09
CA LEU G 3780 -46.15 31.72 -13.02
C LEU G 3780 -47.23 31.67 -11.95
N GLN G 3781 -47.79 32.83 -11.60
CA GLN G 3781 -48.82 32.87 -10.57
C GLN G 3781 -50.07 32.11 -11.00
N MET G 3782 -50.47 32.26 -12.26
CA MET G 3782 -51.66 31.56 -12.75
C MET G 3782 -51.43 30.06 -12.81
N ILE G 3783 -50.22 29.64 -13.21
CA ILE G 3783 -49.90 28.21 -13.20
C ILE G 3783 -49.96 27.66 -11.78
N SER G 3784 -49.38 28.40 -10.82
CA SER G 3784 -49.47 27.99 -9.43
C SER G 3784 -50.90 28.03 -8.91
N ALA G 3785 -51.71 28.96 -9.42
CA ALA G 3785 -53.07 29.11 -8.91
C ALA G 3785 -53.98 27.97 -9.35
N CYS G 3786 -53.76 27.43 -10.55
CA CYS G 3786 -54.63 26.36 -11.05
C CYS G 3786 -54.49 25.08 -10.23
N LYS G 3787 -53.36 24.92 -9.52
CA LYS G 3787 -53.13 23.75 -8.66
C LYS G 3787 -53.24 22.44 -9.44
N GLY G 3788 -52.71 22.42 -10.66
CA GLY G 3788 -52.65 21.19 -11.42
C GLY G 3788 -53.96 20.71 -11.99
N GLU G 3789 -54.93 21.60 -12.19
CA GLU G 3789 -56.20 21.24 -12.80
C GLU G 3789 -56.14 21.60 -14.29
N THR G 3790 -56.67 20.72 -15.12
CA THR G 3790 -56.65 20.96 -16.56
C THR G 3790 -57.91 21.70 -16.98
N GLY G 3791 -57.72 22.75 -17.78
CA GLY G 3791 -58.84 23.53 -18.25
C GLY G 3791 -58.38 24.56 -19.25
N ALA G 3792 -59.36 25.30 -19.78
CA ALA G 3792 -59.03 26.33 -20.77
C ALA G 3792 -58.23 27.46 -20.16
N MET G 3793 -58.31 27.63 -18.83
CA MET G 3793 -57.65 28.75 -18.17
C MET G 3793 -56.13 28.54 -18.13
N VAL G 3794 -55.69 27.33 -17.77
CA VAL G 3794 -54.26 27.06 -17.72
C VAL G 3794 -53.68 27.01 -19.13
N SER G 3795 -54.47 26.55 -20.10
CA SER G 3795 -54.00 26.51 -21.48
C SER G 3795 -53.70 27.91 -22.00
N SER G 3796 -54.56 28.88 -21.67
CA SER G 3796 -54.30 30.26 -22.06
C SER G 3796 -53.03 30.79 -21.40
N THR G 3797 -52.82 30.43 -20.13
CA THR G 3797 -51.61 30.86 -19.43
C THR G 3797 -50.36 30.27 -20.07
N LEU G 3798 -50.40 28.98 -20.42
CA LEU G 3798 -49.24 28.34 -21.02
C LEU G 3798 -48.92 28.93 -22.39
N LYS G 3799 -49.96 29.22 -23.18
CA LYS G 3799 -49.72 29.83 -24.49
C LYS G 3799 -49.13 31.22 -24.35
N LEU G 3800 -49.56 31.97 -23.35
CA LEU G 3800 -48.94 33.26 -23.08
C LEU G 3800 -47.49 33.10 -22.65
N GLY G 3801 -47.21 32.10 -21.82
CA GLY G 3801 -45.84 31.86 -21.40
C GLY G 3801 -44.93 31.50 -22.55
N ILE G 3802 -45.43 30.66 -23.47
CA ILE G 3802 -44.66 30.32 -24.67
C ILE G 3802 -44.49 31.55 -25.55
N SER G 3803 -45.50 32.41 -25.59
CA SER G 3803 -45.47 33.56 -26.49
C SER G 3803 -44.34 34.52 -26.12
N ILE G 3804 -44.09 34.70 -24.82
CA ILE G 3804 -43.02 35.61 -24.39
C ILE G 3804 -41.70 34.89 -24.17
N LEU G 3805 -41.64 33.57 -24.33
CA LEU G 3805 -40.42 32.81 -24.18
C LEU G 3805 -39.88 32.28 -25.50
N ASN G 3806 -40.57 32.54 -26.61
CA ASN G 3806 -40.14 32.01 -27.89
C ASN G 3806 -38.75 32.52 -28.25
N GLY G 3807 -37.93 31.63 -28.80
CA GLY G 3807 -36.56 31.96 -29.11
C GLY G 3807 -35.62 31.95 -27.93
N GLY G 3808 -36.10 31.57 -26.74
CA GLY G 3808 -35.27 31.56 -25.56
C GLY G 3808 -34.94 32.94 -25.06
N ASN G 3809 -35.96 33.68 -24.64
CA ASN G 3809 -35.77 35.04 -24.14
C ASN G 3809 -35.06 34.97 -22.79
N ALA G 3810 -33.76 35.28 -22.78
CA ALA G 3810 -32.99 35.18 -21.56
C ALA G 3810 -33.47 36.16 -20.50
N GLU G 3811 -33.97 37.32 -20.92
CA GLU G 3811 -34.45 38.30 -19.96
C GLU G 3811 -35.71 37.82 -19.25
N VAL G 3812 -36.62 37.18 -19.98
CA VAL G 3812 -37.80 36.60 -19.34
C VAL G 3812 -37.41 35.43 -18.45
N GLN G 3813 -36.48 34.60 -18.91
CA GLN G 3813 -36.06 33.44 -18.12
C GLN G 3813 -35.47 33.88 -16.79
N GLN G 3814 -34.70 34.97 -16.80
CA GLN G 3814 -34.14 35.48 -15.55
C GLN G 3814 -35.25 35.96 -14.61
N LYS G 3815 -36.25 36.64 -15.15
CA LYS G 3815 -37.34 37.14 -14.31
C LYS G 3815 -38.15 36.01 -13.70
N MET G 3816 -38.47 34.98 -14.49
CA MET G 3816 -39.20 33.84 -13.95
C MET G 3816 -38.39 33.13 -12.88
N LEU G 3817 -37.10 32.91 -13.12
CA LEU G 3817 -36.28 32.21 -12.15
C LEU G 3817 -36.10 33.01 -10.87
N ASP G 3818 -35.90 34.32 -10.99
CA ASP G 3818 -35.77 35.15 -9.80
C ASP G 3818 -37.05 35.15 -8.99
N TYR G 3819 -38.20 35.28 -9.65
CA TYR G 3819 -39.47 35.28 -8.94
C TYR G 3819 -39.70 33.97 -8.20
N LEU G 3820 -39.38 32.84 -8.85
CA LEU G 3820 -39.56 31.55 -8.19
C LEU G 3820 -38.64 31.41 -7.00
N LYS G 3821 -37.41 31.91 -7.10
CA LYS G 3821 -36.45 31.72 -6.02
C LYS G 3821 -36.74 32.61 -4.82
N ASP G 3822 -37.26 33.82 -5.04
CA ASP G 3822 -37.55 34.67 -3.90
C ASP G 3822 -38.82 34.23 -3.18
N LYS G 3823 -39.83 33.79 -3.93
CA LYS G 3823 -41.07 33.34 -3.30
C LYS G 3823 -40.89 32.02 -2.56
N LYS G 3824 -40.07 31.11 -3.11
CA LYS G 3824 -39.83 29.79 -2.52
C LYS G 3824 -41.14 29.02 -2.33
N GLU G 3825 -42.07 29.20 -3.26
CA GLU G 3825 -43.35 28.52 -3.19
C GLU G 3825 -43.26 27.18 -3.90
N VAL G 3826 -43.84 26.15 -3.28
CA VAL G 3826 -43.85 24.81 -3.87
C VAL G 3826 -45.06 24.58 -4.76
N GLY G 3827 -45.98 25.53 -4.84
CA GLY G 3827 -47.19 25.32 -5.61
C GLY G 3827 -46.96 25.31 -7.12
N PHE G 3828 -45.88 25.95 -7.58
CA PHE G 3828 -45.64 26.03 -9.01
C PHE G 3828 -45.29 24.65 -9.58
N PHE G 3829 -44.35 23.95 -8.95
CA PHE G 3829 -43.95 22.65 -9.48
C PHE G 3829 -44.93 21.55 -9.10
N GLN G 3830 -45.66 21.72 -7.99
CA GLN G 3830 -46.75 20.79 -7.70
C GLN G 3830 -47.83 20.89 -8.76
N SER G 3831 -48.12 22.10 -9.23
CA SER G 3831 -49.06 22.26 -10.33
C SER G 3831 -48.51 21.65 -11.62
N ILE G 3832 -47.23 21.89 -11.91
CA ILE G 3832 -46.63 21.36 -13.13
C ILE G 3832 -46.62 19.83 -13.09
N GLN G 3833 -46.23 19.25 -11.95
CA GLN G 3833 -46.23 17.80 -11.83
C GLN G 3833 -47.62 17.22 -11.99
N ALA G 3834 -48.63 17.88 -11.39
CA ALA G 3834 -49.99 17.40 -11.50
C ALA G 3834 -50.51 17.51 -12.93
N LEU G 3835 -50.09 18.55 -13.65
CA LEU G 3835 -50.50 18.70 -15.04
C LEU G 3835 -49.90 17.59 -15.90
N MET G 3836 -48.65 17.21 -15.64
CA MET G 3836 -48.03 16.14 -16.41
C MET G 3836 -48.78 14.82 -16.24
N GLN G 3837 -49.18 14.49 -15.01
CA GLN G 3837 -49.83 13.22 -14.75
C GLN G 3837 -51.22 13.14 -15.36
N THR G 3838 -51.82 14.27 -15.70
CA THR G 3838 -53.11 14.29 -16.37
C THR G 3838 -53.00 14.28 -17.88
N CYS G 3839 -51.79 14.41 -18.44
CA CYS G 3839 -51.62 14.33 -19.87
C CYS G 3839 -51.87 12.90 -20.35
N SER G 3840 -52.67 12.77 -21.40
CA SER G 3840 -53.12 11.47 -21.85
C SER G 3840 -52.17 10.93 -22.91
N VAL G 3841 -52.22 9.60 -23.08
CA VAL G 3841 -51.45 8.91 -24.12
C VAL G 3841 -52.44 8.14 -24.99
N LEU G 3842 -51.92 7.43 -25.98
CA LEU G 3842 -52.78 6.65 -26.86
C LEU G 3842 -53.53 5.59 -26.06
N ASP G 3843 -54.84 5.48 -26.31
CA ASP G 3843 -55.70 4.50 -25.66
C ASP G 3843 -56.38 3.66 -26.72
N LEU G 3844 -56.15 2.35 -26.68
CA LEU G 3844 -56.77 1.45 -27.66
C LEU G 3844 -58.25 1.28 -27.40
N ASN G 3845 -58.67 1.25 -26.13
CA ASN G 3845 -60.08 1.09 -25.81
C ASN G 3845 -60.91 2.25 -26.36
N ALA G 3846 -60.40 3.48 -26.20
CA ALA G 3846 -61.08 4.63 -26.78
C ALA G 3846 -61.08 4.56 -28.30
N PHE G 3847 -59.98 4.08 -28.88
CA PHE G 3847 -59.91 3.93 -30.33
C PHE G 3847 -60.95 2.93 -30.84
N GLU G 3848 -61.06 1.79 -30.16
CA GLU G 3848 -62.01 0.77 -30.60
C GLU G 3848 -63.45 1.26 -30.48
N ARG G 3849 -63.76 1.99 -29.40
CA ARG G 3849 -65.10 2.55 -29.25
C ARG G 3849 -65.43 3.53 -30.37
N GLN G 3850 -64.44 4.35 -30.76
CA GLN G 3850 -64.66 5.31 -31.83
C GLN G 3850 -64.94 4.61 -33.15
N ASN G 3851 -64.23 3.52 -33.43
CA ASN G 3851 -64.42 2.81 -34.69
C ASN G 3851 -65.85 2.29 -34.83
N LYS G 3852 -66.41 1.76 -33.74
CA LYS G 3852 -67.81 1.34 -33.78
C LYS G 3852 -68.75 2.53 -33.86
N ALA G 3853 -68.37 3.65 -33.23
CA ALA G 3853 -69.22 4.83 -33.26
C ALA G 3853 -69.36 5.38 -34.68
N GLU G 3854 -68.27 5.44 -35.43
CA GLU G 3854 -68.33 5.98 -36.78
C GLU G 3854 -69.00 5.02 -37.75
N GLY G 3855 -69.06 3.74 -37.43
CA GLY G 3855 -69.73 2.78 -38.29
C GLY G 3855 -71.24 2.80 -38.23
N LEU G 3856 -71.81 3.36 -37.16
CA LEU G 3856 -73.27 3.37 -37.04
C LEU G 3856 -73.90 4.37 -38.00
N GLY G 3857 -73.35 5.57 -38.09
CA GLY G 3857 -73.91 6.60 -38.95
C GLY G 3857 -75.12 7.28 -38.35
N MET G 3858 -74.92 7.93 -37.21
CA MET G 3858 -76.01 8.57 -36.48
C MET G 3858 -76.46 9.85 -37.19
N VAL G 3859 -77.76 10.13 -37.10
CA VAL G 3859 -78.38 11.31 -37.68
C VAL G 3859 -79.28 11.96 -36.63
N ASN G 3860 -79.54 13.25 -36.81
CA ASN G 3860 -80.30 14.04 -35.85
C ASN G 3860 -81.77 14.12 -36.26
N GLU G 3861 -82.57 14.71 -35.38
CA GLU G 3861 -84.00 14.83 -35.62
C GLU G 3861 -84.32 15.93 -36.61
N ASP G 3862 -83.96 17.17 -36.28
CA ASP G 3862 -84.25 18.31 -37.15
C ASP G 3862 -83.31 18.30 -38.36
N GLY G 3863 -83.73 17.64 -39.43
CA GLY G 3863 -82.89 17.49 -40.60
C GLY G 3863 -82.18 16.16 -40.63
N THR G 3864 -80.92 16.16 -41.07
CA THR G 3864 -80.12 14.94 -41.11
C THR G 3864 -78.65 15.34 -41.13
N VAL G 3865 -77.90 14.93 -40.12
CA VAL G 3865 -76.47 15.23 -40.05
C VAL G 3865 -75.70 14.07 -40.68
N ILE G 3866 -74.65 14.41 -41.41
CA ILE G 3866 -73.85 13.41 -42.13
C ILE G 3866 -72.61 13.14 -41.29
N ASN G 3867 -72.70 12.14 -40.42
CA ASN G 3867 -71.57 11.63 -39.64
C ASN G 3867 -70.92 12.76 -38.82
N ARG G 3868 -71.70 13.26 -37.86
CA ARG G 3868 -71.25 14.33 -36.97
C ARG G 3868 -69.86 14.05 -36.41
N GLN G 3869 -69.06 15.10 -36.29
CA GLN G 3869 -67.63 15.00 -35.98
C GLN G 3869 -67.33 15.40 -34.53
N ASN G 3870 -68.18 14.98 -33.58
CA ASN G 3870 -68.00 15.30 -32.17
C ASN G 3870 -66.59 14.98 -31.68
N GLY G 3871 -66.18 15.63 -30.59
CA GLY G 3871 -64.81 15.61 -30.10
C GLY G 3871 -64.09 14.29 -30.10
N GLU G 3872 -62.83 14.31 -30.55
CA GLU G 3872 -62.02 13.10 -30.56
C GLU G 3872 -61.65 12.69 -29.13
N LYS G 3873 -61.87 11.42 -28.81
CA LYS G 3873 -61.62 10.89 -27.48
C LYS G 3873 -60.29 10.16 -27.37
N VAL G 3874 -59.48 10.15 -28.43
CA VAL G 3874 -58.17 9.52 -28.42
C VAL G 3874 -57.13 10.63 -28.41
N MET G 3875 -56.40 10.73 -27.30
CA MET G 3875 -55.40 11.79 -27.10
C MET G 3875 -56.01 13.16 -27.35
N ALA G 3876 -57.06 13.45 -26.57
CA ALA G 3876 -57.85 14.65 -26.80
C ALA G 3876 -57.07 15.92 -26.45
N ASP G 3877 -56.15 15.82 -25.49
CA ASP G 3877 -55.39 16.97 -25.01
C ASP G 3877 -53.97 16.99 -25.57
N ASP G 3878 -53.80 16.54 -26.82
CA ASP G 3878 -52.46 16.54 -27.41
C ASP G 3878 -51.93 17.95 -27.56
N GLU G 3879 -52.80 18.90 -27.91
CA GLU G 3879 -52.36 20.28 -28.03
C GLU G 3879 -51.88 20.82 -26.69
N PHE G 3880 -52.60 20.51 -25.61
CA PHE G 3880 -52.18 20.97 -24.30
C PHE G 3880 -50.88 20.30 -23.86
N THR G 3881 -50.71 19.02 -24.18
CA THR G 3881 -49.48 18.34 -23.81
C THR G 3881 -48.27 18.96 -24.50
N GLN G 3882 -48.41 19.33 -25.77
CA GLN G 3882 -47.30 19.93 -26.48
C GLN G 3882 -46.92 21.27 -25.87
N ASP G 3883 -47.90 22.09 -25.49
CA ASP G 3883 -47.57 23.40 -24.96
C ASP G 3883 -47.11 23.33 -23.50
N LEU G 3884 -47.42 22.22 -22.81
CA LEU G 3884 -46.87 22.03 -21.48
C LEU G 3884 -45.39 21.72 -21.55
N PHE G 3885 -44.96 20.94 -22.55
CA PHE G 3885 -43.55 20.61 -22.68
C PHE G 3885 -42.79 21.62 -23.51
N ARG G 3886 -43.48 22.36 -24.38
CA ARG G 3886 -42.84 23.49 -25.05
C ARG G 3886 -42.49 24.58 -24.06
N PHE G 3887 -43.37 24.82 -23.08
CA PHE G 3887 -43.10 25.82 -22.06
C PHE G 3887 -41.88 25.44 -21.23
N LEU G 3888 -41.76 24.16 -20.85
CA LEU G 3888 -40.61 23.74 -20.06
C LEU G 3888 -39.33 23.78 -20.87
N GLN G 3889 -39.40 23.44 -22.16
CA GLN G 3889 -38.23 23.53 -23.01
C GLN G 3889 -37.74 24.97 -23.10
N LEU G 3890 -38.66 25.93 -23.21
CA LEU G 3890 -38.28 27.33 -23.34
C LEU G 3890 -37.68 27.89 -22.07
N LEU G 3891 -37.98 27.31 -20.91
CA LEU G 3891 -37.32 27.73 -19.68
C LEU G 3891 -35.83 27.43 -19.73
N CYS G 3892 -35.45 26.33 -20.37
CA CYS G 3892 -34.06 25.93 -20.49
C CYS G 3892 -33.44 26.29 -21.83
N GLU G 3893 -34.19 26.93 -22.73
CA GLU G 3893 -33.68 27.23 -24.06
C GLU G 3893 -32.50 28.18 -23.97
N GLY G 3894 -31.52 27.97 -24.85
CA GLY G 3894 -30.28 28.71 -24.77
C GLY G 3894 -29.30 28.17 -23.76
N HIS G 3895 -29.51 26.96 -23.25
CA HIS G 3895 -28.66 26.34 -22.24
C HIS G 3895 -28.59 27.18 -20.98
N ASN G 3896 -29.77 27.52 -20.44
CA ASN G 3896 -29.84 28.25 -19.18
C ASN G 3896 -29.51 27.30 -18.04
N ASN G 3897 -28.24 27.28 -17.63
CA ASN G 3897 -27.79 26.30 -16.65
C ASN G 3897 -28.47 26.48 -15.31
N ASP G 3898 -28.82 27.73 -14.96
CA ASP G 3898 -29.48 27.97 -13.69
C ASP G 3898 -30.89 27.43 -13.68
N PHE G 3899 -31.59 27.52 -14.81
CA PHE G 3899 -32.95 26.99 -14.87
C PHE G 3899 -32.96 25.49 -15.14
N GLN G 3900 -31.93 24.97 -15.82
CA GLN G 3900 -31.82 23.53 -15.98
C GLN G 3900 -31.61 22.86 -14.64
N ASN G 3901 -30.79 23.45 -13.77
CA ASN G 3901 -30.59 22.89 -12.44
C ASN G 3901 -31.83 23.09 -11.57
N TYR G 3902 -32.53 24.21 -11.75
CA TYR G 3902 -33.68 24.49 -10.89
C TYR G 3902 -34.84 23.56 -11.19
N LEU G 3903 -34.93 23.06 -12.42
CA LEU G 3903 -35.98 22.08 -12.73
C LEU G 3903 -35.70 20.75 -12.04
N ARG G 3904 -34.43 20.37 -11.94
CA ARG G 3904 -34.09 19.12 -11.28
C ARG G 3904 -34.28 19.21 -9.77
N THR G 3905 -33.82 20.30 -9.17
CA THR G 3905 -33.95 20.47 -7.72
C THR G 3905 -34.19 21.93 -7.40
N GLN G 3906 -35.01 22.17 -6.38
CA GLN G 3906 -35.31 23.50 -5.87
C GLN G 3906 -34.70 23.59 -4.47
N THR G 3907 -33.53 24.21 -4.38
CA THR G 3907 -32.77 24.19 -3.12
C THR G 3907 -33.50 24.95 -2.02
N GLY G 3908 -34.02 26.14 -2.31
CA GLY G 3908 -34.60 26.95 -1.26
C GLY G 3908 -35.94 26.46 -0.76
N ASN G 3909 -36.65 25.67 -1.56
CA ASN G 3909 -38.00 25.24 -1.19
C ASN G 3909 -37.94 24.19 -0.09
N THR G 3910 -39.07 24.05 0.61
CA THR G 3910 -39.17 23.02 1.64
C THR G 3910 -39.19 21.63 1.03
N THR G 3911 -39.77 21.48 -0.15
CA THR G 3911 -39.83 20.19 -0.85
C THR G 3911 -39.35 20.40 -2.28
N THR G 3912 -38.87 19.31 -2.89
CA THR G 3912 -38.29 19.34 -4.21
C THR G 3912 -39.04 18.38 -5.13
N ILE G 3913 -39.34 18.83 -6.34
CA ILE G 3913 -39.94 18.00 -7.38
C ILE G 3913 -38.98 17.98 -8.56
N ASN G 3914 -38.60 16.78 -8.99
CA ASN G 3914 -37.68 16.60 -10.10
C ASN G 3914 -38.49 16.59 -11.40
N ILE G 3915 -38.53 17.74 -12.08
CA ILE G 3915 -39.28 17.84 -13.32
C ILE G 3915 -38.63 17.00 -14.42
N ILE G 3916 -37.31 16.84 -14.37
CA ILE G 3916 -36.63 16.04 -15.37
C ILE G 3916 -37.12 14.60 -15.34
N ILE G 3917 -37.26 14.03 -14.14
CA ILE G 3917 -37.76 12.66 -14.02
C ILE G 3917 -39.22 12.59 -14.40
N CYS G 3918 -40.00 13.62 -14.07
CA CYS G 3918 -41.41 13.63 -14.43
C CYS G 3918 -41.58 13.59 -15.94
N THR G 3919 -40.69 14.23 -16.69
CA THR G 3919 -40.74 14.14 -18.14
C THR G 3919 -40.44 12.73 -18.62
N VAL G 3920 -39.48 12.06 -17.98
CA VAL G 3920 -39.17 10.67 -18.34
C VAL G 3920 -40.36 9.77 -18.05
N ASP G 3921 -41.05 10.02 -16.93
CA ASP G 3921 -42.21 9.19 -16.58
C ASP G 3921 -43.30 9.30 -17.63
N TYR G 3922 -43.56 10.51 -18.14
CA TYR G 3922 -44.55 10.65 -19.20
C TYR G 3922 -44.06 9.99 -20.49
N LEU G 3923 -42.75 10.08 -20.77
CA LEU G 3923 -42.23 9.46 -21.97
C LEU G 3923 -42.42 7.94 -21.95
N LEU G 3924 -42.28 7.33 -20.78
CA LEU G 3924 -42.53 5.90 -20.67
C LEU G 3924 -43.98 5.57 -20.95
N ARG G 3925 -44.91 6.34 -20.38
CA ARG G 3925 -46.32 6.09 -20.64
C ARG G 3925 -46.65 6.31 -22.10
N LEU G 3926 -46.06 7.33 -22.71
CA LEU G 3926 -46.27 7.57 -24.13
C LEU G 3926 -45.68 6.46 -24.98
N GLN G 3927 -44.48 5.97 -24.60
CA GLN G 3927 -43.84 4.91 -25.36
C GLN G 3927 -44.64 3.61 -25.28
N GLU G 3928 -45.14 3.27 -24.08
CA GLU G 3928 -45.92 2.05 -23.93
C GLU G 3928 -47.21 2.12 -24.75
N SER G 3929 -47.84 3.29 -24.78
CA SER G 3929 -49.05 3.44 -25.60
C SER G 3929 -48.75 3.25 -27.07
N ILE G 3930 -47.61 3.76 -27.54
CA ILE G 3930 -47.24 3.60 -28.94
C ILE G 3930 -46.95 2.14 -29.25
N SER G 3931 -46.30 1.43 -28.32
CA SER G 3931 -46.05 0.01 -28.53
C SER G 3931 -47.36 -0.77 -28.62
N ASP G 3932 -48.33 -0.43 -27.77
CA ASP G 3932 -49.63 -1.09 -27.84
C ASP G 3932 -50.31 -0.82 -29.17
N PHE G 3933 -50.23 0.41 -29.67
CA PHE G 3933 -50.83 0.74 -30.95
C PHE G 3933 -50.19 -0.06 -32.08
N TYR G 3934 -48.87 -0.23 -32.02
CA TYR G 3934 -48.19 -1.01 -33.06
C TYR G 3934 -48.67 -2.46 -33.05
N TRP G 3935 -48.81 -3.06 -31.87
CA TRP G 3935 -49.27 -4.44 -31.80
C TRP G 3935 -50.68 -4.59 -32.35
N TYR G 3936 -51.55 -3.60 -32.10
CA TYR G 3936 -52.90 -3.64 -32.64
C TYR G 3936 -52.88 -3.71 -34.16
N TYR G 3937 -52.03 -2.90 -34.80
CA TYR G 3937 -51.94 -2.86 -36.25
C TYR G 3937 -50.90 -3.80 -36.82
N SER G 3938 -50.16 -4.52 -35.98
CA SER G 3938 -49.13 -5.42 -36.50
C SER G 3938 -49.73 -6.53 -37.35
N GLY G 3939 -50.85 -7.10 -36.91
CA GLY G 3939 -51.50 -8.13 -37.69
C GLY G 3939 -52.08 -7.60 -39.00
N LYS G 3940 -52.69 -6.43 -38.94
CA LYS G 3940 -53.31 -5.86 -40.13
C LYS G 3940 -52.27 -5.50 -41.18
N ASP G 3941 -52.62 -5.69 -42.45
CA ASP G 3941 -51.66 -5.48 -43.52
C ASP G 3941 -51.43 -4.01 -43.81
N VAL G 3942 -52.48 -3.18 -43.68
CA VAL G 3942 -52.38 -1.75 -43.96
C VAL G 3942 -53.07 -0.98 -42.85
N ILE G 3943 -52.44 0.10 -42.41
CA ILE G 3943 -53.02 0.97 -41.39
C ILE G 3943 -54.03 1.89 -42.04
N GLU G 3944 -55.26 1.89 -41.52
CA GLU G 3944 -56.31 2.72 -42.07
C GLU G 3944 -56.08 4.17 -41.69
N GLU G 3945 -56.94 5.05 -42.22
CA GLU G 3945 -56.71 6.48 -42.09
C GLU G 3945 -56.78 6.95 -40.63
N GLN G 3946 -57.75 6.44 -39.87
CA GLN G 3946 -57.90 6.88 -38.49
C GLN G 3946 -56.68 6.49 -37.66
N GLY G 3947 -56.14 5.30 -37.89
CA GLY G 3947 -54.96 4.88 -37.15
C GLY G 3947 -53.74 5.73 -37.45
N LYS G 3948 -53.57 6.12 -38.72
CA LYS G 3948 -52.45 6.99 -39.07
C LYS G 3948 -52.58 8.35 -38.40
N ARG G 3949 -53.80 8.88 -38.31
CA ARG G 3949 -53.99 10.18 -37.69
C ARG G 3949 -53.63 10.16 -36.22
N ASN G 3950 -53.97 9.08 -35.52
CA ASN G 3950 -53.61 8.96 -34.11
C ASN G 3950 -52.11 8.72 -33.93
N PHE G 3951 -51.50 7.96 -34.85
CA PHE G 3951 -50.05 7.76 -34.78
C PHE G 3951 -49.30 9.07 -34.91
N SER G 3952 -49.74 9.93 -35.83
CA SER G 3952 -49.03 11.18 -36.09
C SER G 3952 -49.06 12.10 -34.87
N LYS G 3953 -50.22 12.22 -34.22
CA LYS G 3953 -50.32 13.15 -33.10
C LYS G 3953 -49.54 12.65 -31.89
N ALA G 3954 -49.53 11.33 -31.66
CA ALA G 3954 -48.68 10.80 -30.59
C ALA G 3954 -47.21 11.01 -30.91
N MET G 3955 -46.83 10.85 -32.18
CA MET G 3955 -45.44 11.04 -32.57
C MET G 3955 -45.05 12.51 -32.55
N SER G 3956 -46.02 13.40 -32.76
CA SER G 3956 -45.76 14.83 -32.62
C SER G 3956 -45.55 15.20 -31.17
N VAL G 3957 -46.30 14.58 -30.26
CA VAL G 3957 -46.07 14.79 -28.83
C VAL G 3957 -44.71 14.25 -28.43
N ALA G 3958 -44.34 13.08 -28.97
CA ALA G 3958 -43.04 12.48 -28.63
C ALA G 3958 -41.90 13.37 -29.08
N LYS G 3959 -42.06 14.06 -30.21
CA LYS G 3959 -41.03 14.99 -30.66
C LYS G 3959 -40.80 16.10 -29.65
N GLN G 3960 -41.88 16.65 -29.10
CA GLN G 3960 -41.73 17.73 -28.12
C GLN G 3960 -41.08 17.21 -26.84
N VAL G 3961 -41.46 16.02 -26.39
CA VAL G 3961 -40.87 15.46 -25.17
C VAL G 3961 -39.38 15.22 -25.36
N PHE G 3962 -38.99 14.69 -26.53
CA PHE G 3962 -37.57 14.52 -26.82
C PHE G 3962 -36.86 15.87 -26.87
N ASN G 3963 -37.49 16.86 -27.50
CA ASN G 3963 -36.90 18.19 -27.56
C ASN G 3963 -36.79 18.82 -26.18
N SER G 3964 -37.78 18.59 -25.32
CA SER G 3964 -37.71 19.07 -23.95
C SER G 3964 -36.59 18.39 -23.18
N LEU G 3965 -36.48 17.07 -23.32
CA LEU G 3965 -35.41 16.35 -22.64
C LEU G 3965 -34.05 16.77 -23.15
N THR G 3966 -33.93 17.02 -24.46
CA THR G 3966 -32.68 17.49 -25.02
C THR G 3966 -32.30 18.84 -24.44
N GLU G 3967 -33.29 19.73 -24.25
CA GLU G 3967 -33.00 21.05 -23.72
C GLU G 3967 -32.58 21.00 -22.26
N TYR G 3968 -33.07 20.01 -21.51
CA TYR G 3968 -32.69 19.89 -20.11
C TYR G 3968 -31.19 19.65 -19.95
N ILE G 3969 -30.59 18.90 -20.88
CA ILE G 3969 -29.24 18.38 -20.68
C ILE G 3969 -28.19 19.06 -21.55
N GLN G 3970 -28.58 19.78 -22.59
CA GLN G 3970 -27.59 20.40 -23.44
C GLN G 3970 -26.90 21.56 -22.72
N GLY G 3971 -25.65 21.80 -23.10
CA GLY G 3971 -24.86 22.85 -22.50
C GLY G 3971 -23.44 22.49 -22.10
N PRO G 3972 -23.22 21.30 -21.50
CA PRO G 3972 -24.16 20.35 -20.91
C PRO G 3972 -24.53 20.68 -19.47
N CYS G 3973 -25.64 20.15 -18.98
CA CYS G 3973 -25.99 20.22 -17.57
C CYS G 3973 -25.65 18.86 -16.97
N THR G 3974 -24.50 18.78 -16.30
CA THR G 3974 -24.01 17.50 -15.80
C THR G 3974 -24.97 16.89 -14.78
N GLY G 3975 -25.63 17.73 -13.99
CA GLY G 3975 -26.61 17.22 -13.05
C GLY G 3975 -27.78 16.55 -13.73
N ASN G 3976 -28.29 17.14 -14.80
CA ASN G 3976 -29.39 16.54 -15.54
C ASN G 3976 -28.96 15.29 -16.28
N GLN G 3977 -27.73 15.28 -16.80
CA GLN G 3977 -27.22 14.09 -17.48
C GLN G 3977 -27.13 12.91 -16.52
N GLN G 3978 -26.65 13.16 -15.30
CA GLN G 3978 -26.57 12.08 -14.32
C GLN G 3978 -27.95 11.63 -13.87
N SER G 3979 -28.89 12.57 -13.76
CA SER G 3979 -30.25 12.20 -13.39
C SER G 3979 -30.91 11.36 -14.47
N LEU G 3980 -30.69 11.70 -15.74
CA LEU G 3980 -31.28 10.93 -16.82
C LEU G 3980 -30.65 9.55 -16.93
N ALA G 3981 -29.34 9.47 -16.70
CA ALA G 3981 -28.64 8.19 -16.85
C ALA G 3981 -29.13 7.18 -15.83
N HIS G 3982 -29.59 7.65 -14.68
CA HIS G 3982 -30.08 6.78 -13.61
C HIS G 3982 -31.59 6.64 -13.61
N SER G 3983 -32.28 7.20 -14.59
CA SER G 3983 -33.73 7.13 -14.67
C SER G 3983 -34.14 5.94 -15.51
N ARG G 3984 -35.43 5.86 -15.83
CA ARG G 3984 -35.93 4.85 -16.75
C ARG G 3984 -35.93 5.33 -18.19
N LEU G 3985 -35.06 6.29 -18.52
CA LEU G 3985 -34.96 6.77 -19.89
C LEU G 3985 -34.48 5.66 -20.83
N TRP G 3986 -33.56 4.83 -20.37
CA TRP G 3986 -33.04 3.75 -21.21
C TRP G 3986 -34.13 2.77 -21.58
N ASP G 3987 -35.02 2.46 -20.64
CA ASP G 3987 -36.13 1.56 -20.93
C ASP G 3987 -37.04 2.14 -22.00
N ALA G 3988 -37.30 3.45 -21.95
CA ALA G 3988 -38.11 4.09 -22.97
C ALA G 3988 -37.43 4.05 -24.32
N VAL G 3989 -36.11 4.27 -24.36
CA VAL G 3989 -35.38 4.24 -25.62
C VAL G 3989 -35.38 2.82 -26.21
N VAL G 3990 -35.26 1.81 -25.35
CA VAL G 3990 -35.32 0.43 -25.83
C VAL G 3990 -36.67 0.15 -26.48
N GLY G 3991 -37.75 0.61 -25.84
CA GLY G 3991 -39.06 0.41 -26.41
C GLY G 3991 -39.26 1.13 -27.72
N PHE G 3992 -38.76 2.37 -27.81
CA PHE G 3992 -38.90 3.13 -29.05
C PHE G 3992 -38.14 2.48 -30.19
N LEU G 3993 -36.96 1.93 -29.91
CA LEU G 3993 -36.20 1.26 -30.94
C LEU G 3993 -36.94 0.05 -31.48
N HIS G 3994 -37.64 -0.68 -30.60
CA HIS G 3994 -38.46 -1.79 -31.06
C HIS G 3994 -39.60 -1.31 -31.95
N VAL G 3995 -40.27 -0.24 -31.56
CA VAL G 3995 -41.34 0.30 -32.39
C VAL G 3995 -40.78 0.87 -33.69
N PHE G 3996 -39.66 1.60 -33.60
CA PHE G 3996 -39.07 2.18 -34.80
C PHE G 3996 -38.68 1.09 -35.80
N ALA G 3997 -37.97 0.06 -35.34
CA ALA G 3997 -37.46 -0.94 -36.26
C ALA G 3997 -38.59 -1.65 -37.01
N HIS G 3998 -39.67 -1.99 -36.31
CA HIS G 3998 -40.73 -2.76 -36.94
C HIS G 3998 -41.65 -1.90 -37.78
N MET G 3999 -41.86 -0.64 -37.39
CA MET G 3999 -42.76 0.22 -38.16
C MET G 3999 -42.12 0.68 -39.46
N MET G 4000 -40.81 0.89 -39.47
CA MET G 4000 -40.13 1.23 -40.72
C MET G 4000 -40.28 0.13 -41.74
N MET G 4001 -40.12 -1.13 -41.33
CA MET G 4001 -40.31 -2.23 -42.26
C MET G 4001 -41.77 -2.35 -42.69
N LYS G 4002 -42.70 -2.11 -41.77
CA LYS G 4002 -44.12 -2.23 -42.11
C LYS G 4002 -44.58 -1.09 -42.99
N LEU G 4003 -44.19 0.15 -42.67
CA LEU G 4003 -44.69 1.29 -43.43
C LEU G 4003 -44.07 1.36 -44.82
N ALA G 4004 -42.89 0.78 -45.01
CA ALA G 4004 -42.21 0.85 -46.29
C ALA G 4004 -42.81 -0.06 -47.34
N GLN G 4005 -43.65 -1.02 -46.95
CA GLN G 4005 -44.21 -1.98 -47.88
C GLN G 4005 -45.42 -1.46 -48.64
N ASP G 4006 -45.92 -0.27 -48.30
CA ASP G 4006 -47.03 0.34 -49.02
C ASP G 4006 -46.82 1.84 -49.09
N SER G 4007 -46.89 2.39 -50.30
CA SER G 4007 -46.65 3.81 -50.50
C SER G 4007 -47.80 4.68 -50.02
N SER G 4008 -48.94 4.10 -49.66
CA SER G 4008 -50.03 4.88 -49.10
C SER G 4008 -49.68 5.45 -47.73
N GLN G 4009 -48.63 4.93 -47.09
CA GLN G 4009 -48.21 5.36 -45.77
C GLN G 4009 -46.84 6.03 -45.79
N ILE G 4010 -46.45 6.61 -46.92
CA ILE G 4010 -45.12 7.19 -47.04
C ILE G 4010 -44.98 8.41 -46.13
N GLU G 4011 -46.05 9.20 -46.01
CA GLU G 4011 -45.98 10.40 -45.17
C GLU G 4011 -45.77 10.03 -43.71
N LEU G 4012 -46.44 8.98 -43.23
CA LEU G 4012 -46.26 8.57 -41.86
C LEU G 4012 -44.85 8.04 -41.62
N LEU G 4013 -44.28 7.36 -42.63
CA LEU G 4013 -42.91 6.88 -42.50
C LEU G 4013 -41.92 8.04 -42.41
N LYS G 4014 -42.13 9.09 -43.20
CA LYS G 4014 -41.28 10.28 -43.11
C LYS G 4014 -41.35 10.88 -41.71
N GLU G 4015 -42.55 10.99 -41.16
CA GLU G 4015 -42.71 11.52 -39.81
C GLU G 4015 -42.05 10.62 -38.78
N LEU G 4016 -42.14 9.29 -38.99
CA LEU G 4016 -41.50 8.36 -38.08
C LEU G 4016 -39.99 8.49 -38.11
N LEU G 4017 -39.42 8.71 -39.30
CA LEU G 4017 -37.96 8.76 -39.42
C LEU G 4017 -37.38 9.98 -38.72
N ASP G 4018 -38.07 11.13 -38.80
CA ASP G 4018 -37.54 12.31 -38.13
C ASP G 4018 -37.72 12.25 -36.63
N LEU G 4019 -38.71 11.48 -36.15
CA LEU G 4019 -38.84 11.25 -34.72
C LEU G 4019 -37.64 10.48 -34.18
N GLN G 4020 -37.13 9.53 -34.96
CA GLN G 4020 -35.93 8.81 -34.54
C GLN G 4020 -34.74 9.77 -34.43
N LYS G 4021 -34.62 10.71 -35.37
CA LYS G 4021 -33.55 11.68 -35.31
C LYS G 4021 -33.62 12.49 -34.03
N ASP G 4022 -34.84 12.89 -33.64
CA ASP G 4022 -35.00 13.60 -32.37
C ASP G 4022 -34.59 12.74 -31.18
N MET G 4023 -34.84 11.43 -31.28
CA MET G 4023 -34.38 10.53 -30.22
C MET G 4023 -32.86 10.41 -30.21
N VAL G 4024 -32.24 10.38 -31.39
CA VAL G 4024 -30.79 10.26 -31.46
C VAL G 4024 -30.13 11.56 -31.01
N VAL G 4025 -30.72 12.70 -31.36
CA VAL G 4025 -30.17 13.98 -30.91
C VAL G 4025 -30.15 14.05 -29.39
N MET G 4026 -31.19 13.54 -28.74
CA MET G 4026 -31.20 13.46 -27.29
C MET G 4026 -30.11 12.53 -26.78
N LEU G 4027 -29.90 11.39 -27.46
CA LEU G 4027 -28.82 10.49 -27.08
C LEU G 4027 -27.47 11.17 -27.23
N LEU G 4028 -27.27 11.91 -28.32
CA LEU G 4028 -26.00 12.62 -28.51
C LEU G 4028 -25.80 13.69 -27.45
N SER G 4029 -26.88 14.32 -26.99
CA SER G 4029 -26.76 15.32 -25.93
C SER G 4029 -26.29 14.69 -24.62
N LEU G 4030 -26.62 13.43 -24.38
CA LEU G 4030 -26.12 12.74 -23.20
C LEU G 4030 -24.62 12.52 -23.25
N LEU G 4031 -24.02 12.60 -24.43
CA LEU G 4031 -22.59 12.41 -24.62
C LEU G 4031 -21.81 13.71 -24.66
N GLU G 4032 -22.45 14.85 -24.40
CA GLU G 4032 -21.72 16.11 -24.38
C GLU G 4032 -20.80 16.16 -23.18
N GLY G 4033 -19.54 16.48 -23.42
CA GLY G 4033 -18.55 16.47 -22.34
C GLY G 4033 -18.29 15.09 -21.77
N ASN G 4034 -18.31 14.07 -22.62
CA ASN G 4034 -18.10 12.69 -22.20
C ASN G 4034 -16.64 12.31 -22.38
N VAL G 4035 -16.04 11.78 -21.33
CA VAL G 4035 -14.65 11.32 -21.37
C VAL G 4035 -14.59 9.91 -21.90
N VAL G 4036 -13.40 9.45 -22.28
CA VAL G 4036 -13.25 8.08 -22.74
C VAL G 4036 -13.58 7.11 -21.61
N ASN G 4037 -14.37 6.09 -21.94
CA ASN G 4037 -14.85 5.09 -20.97
C ASN G 4037 -15.68 5.75 -19.88
N GLY G 4038 -16.51 6.72 -20.27
CA GLY G 4038 -17.39 7.35 -19.31
C GLY G 4038 -18.57 6.46 -18.94
N MET G 4039 -19.20 6.81 -17.81
CA MET G 4039 -20.35 6.05 -17.34
C MET G 4039 -21.50 6.08 -18.35
N ILE G 4040 -21.81 7.28 -18.85
CA ILE G 4040 -22.96 7.42 -19.75
C ILE G 4040 -22.68 6.74 -21.08
N ALA G 4041 -21.46 6.86 -21.59
CA ALA G 4041 -21.12 6.20 -22.85
C ALA G 4041 -21.25 4.69 -22.72
N ARG G 4042 -20.77 4.12 -21.63
CA ARG G 4042 -20.85 2.67 -21.47
C ARG G 4042 -22.26 2.22 -21.14
N GLN G 4043 -23.07 3.10 -20.53
CA GLN G 4043 -24.48 2.77 -20.34
C GLN G 4043 -25.22 2.76 -21.66
N MET G 4044 -24.91 3.70 -22.56
CA MET G 4044 -25.58 3.75 -23.85
C MET G 4044 -25.20 2.55 -24.72
N VAL G 4045 -23.99 2.03 -24.56
CA VAL G 4045 -23.60 0.82 -25.27
C VAL G 4045 -24.41 -0.36 -24.76
N ASP G 4046 -24.67 -0.40 -23.45
CA ASP G 4046 -25.48 -1.48 -22.89
C ASP G 4046 -26.91 -1.44 -23.42
N MET G 4047 -27.47 -0.24 -23.56
CA MET G 4047 -28.84 -0.13 -24.08
C MET G 4047 -28.92 -0.64 -25.52
N LEU G 4048 -27.92 -0.32 -26.34
CA LEU G 4048 -27.90 -0.81 -27.71
C LEU G 4048 -27.79 -2.32 -27.76
N VAL G 4049 -26.96 -2.90 -26.90
CA VAL G 4049 -26.85 -4.36 -26.83
C VAL G 4049 -28.18 -4.97 -26.38
N GLU G 4050 -28.83 -4.33 -25.41
CA GLU G 4050 -30.11 -4.83 -24.93
C GLU G 4050 -31.16 -4.83 -26.03
N SER G 4051 -31.04 -3.93 -27.00
CA SER G 4051 -31.95 -3.87 -28.14
C SER G 4051 -31.19 -4.13 -29.44
N SER G 4052 -30.28 -5.11 -29.41
CA SER G 4052 -29.44 -5.37 -30.57
C SER G 4052 -30.26 -5.82 -31.78
N SER G 4053 -31.28 -6.64 -31.55
CA SER G 4053 -32.10 -7.12 -32.65
C SER G 4053 -32.79 -5.98 -33.38
N ASN G 4054 -33.30 -5.00 -32.62
CA ASN G 4054 -33.99 -3.87 -33.24
C ASN G 4054 -33.00 -2.93 -33.92
N VAL G 4055 -31.82 -2.74 -33.32
CA VAL G 4055 -30.81 -1.89 -33.93
C VAL G 4055 -30.34 -2.48 -35.25
N GLU G 4056 -30.11 -3.79 -35.28
CA GLU G 4056 -29.70 -4.43 -36.52
C GLU G 4056 -30.76 -4.27 -37.61
N MET G 4057 -32.03 -4.41 -37.24
CA MET G 4057 -33.10 -4.22 -38.21
C MET G 4057 -33.11 -2.79 -38.73
N ILE G 4058 -32.85 -1.81 -37.86
CA ILE G 4058 -32.74 -0.42 -38.30
C ILE G 4058 -31.56 -0.25 -39.24
N LEU G 4059 -30.40 -0.80 -38.87
CA LEU G 4059 -29.23 -0.69 -39.73
C LEU G 4059 -29.43 -1.43 -41.04
N LYS G 4060 -30.03 -2.61 -41.00
CA LYS G 4060 -30.32 -3.36 -42.22
C LYS G 4060 -31.33 -2.65 -43.09
N PHE G 4061 -32.09 -1.72 -42.54
CA PHE G 4061 -33.02 -0.94 -43.37
C PHE G 4061 -32.26 0.08 -44.20
N PHE G 4062 -31.24 0.72 -43.64
CA PHE G 4062 -30.53 1.77 -44.34
C PHE G 4062 -29.62 1.20 -45.42
N ASP G 4063 -28.91 0.12 -45.11
CA ASP G 4063 -27.97 -0.44 -46.08
C ASP G 4063 -28.69 -1.06 -47.27
N MET G 4064 -29.87 -1.63 -47.03
CA MET G 4064 -30.64 -2.23 -48.12
C MET G 4064 -31.04 -1.19 -49.15
N PHE G 4065 -31.40 0.01 -48.72
CA PHE G 4065 -31.79 1.04 -49.66
C PHE G 4065 -30.61 1.89 -50.12
N LEU G 4066 -29.50 1.87 -49.39
CA LEU G 4066 -28.28 2.46 -49.91
C LEU G 4066 -27.67 1.57 -50.99
N LYS G 4067 -27.67 0.26 -50.76
CA LYS G 4067 -27.21 -0.67 -51.80
C LYS G 4067 -28.13 -0.64 -53.01
N LEU G 4068 -29.45 -0.54 -52.78
CA LEU G 4068 -30.39 -0.50 -53.89
C LEU G 4068 -30.15 0.69 -54.78
N LYS G 4069 -29.79 1.84 -54.20
CA LYS G 4069 -29.59 3.05 -55.00
C LYS G 4069 -28.45 2.87 -56.00
N ASP G 4070 -27.34 2.28 -55.57
CA ASP G 4070 -26.22 2.08 -56.46
C ASP G 4070 -26.42 0.91 -57.42
N ILE G 4071 -27.14 -0.13 -56.99
CA ILE G 4071 -27.35 -1.29 -57.85
C ILE G 4071 -28.14 -0.91 -59.10
N VAL G 4072 -29.21 -0.12 -58.94
CA VAL G 4072 -30.03 0.24 -60.09
C VAL G 4072 -29.25 1.07 -61.09
N GLY G 4073 -28.22 1.79 -60.62
CA GLY G 4073 -27.36 2.52 -61.51
C GLY G 4073 -26.27 1.71 -62.16
N SER G 4074 -26.10 0.45 -61.76
CA SER G 4074 -25.05 -0.38 -62.30
C SER G 4074 -25.40 -0.85 -63.72
N GLU G 4075 -24.37 -1.12 -64.51
CA GLU G 4075 -24.57 -1.60 -65.87
C GLU G 4075 -25.16 -3.01 -65.88
N ALA G 4076 -24.74 -3.85 -64.93
CA ALA G 4076 -25.26 -5.21 -64.87
C ALA G 4076 -26.76 -5.23 -64.65
N PHE G 4077 -27.26 -4.29 -63.83
CA PHE G 4077 -28.70 -4.18 -63.64
C PHE G 4077 -29.39 -3.76 -64.93
N GLN G 4078 -28.75 -2.87 -65.70
CA GLN G 4078 -29.35 -2.38 -66.93
C GLN G 4078 -29.50 -3.48 -67.98
N ASP G 4079 -28.73 -4.57 -67.86
CA ASP G 4079 -28.88 -5.67 -68.80
C ASP G 4079 -30.25 -6.30 -68.71
N TYR G 4080 -30.78 -6.48 -67.50
CA TYR G 4080 -32.09 -7.09 -67.33
C TYR G 4080 -33.22 -6.14 -67.70
N VAL G 4081 -32.96 -4.83 -67.72
CA VAL G 4081 -33.99 -3.87 -68.12
C VAL G 4081 -34.24 -4.06 -69.61
N THR G 4082 -35.41 -4.61 -69.96
CA THR G 4082 -35.78 -4.85 -71.35
C THR G 4082 -37.00 -4.07 -71.80
N ASP G 4083 -37.88 -3.68 -70.88
CA ASP G 4083 -39.08 -2.95 -71.25
C ASP G 4083 -38.72 -1.58 -71.80
N PRO G 4084 -39.22 -1.21 -72.99
CA PRO G 4084 -38.90 0.12 -73.53
C PRO G 4084 -39.37 1.26 -72.64
N ARG G 4085 -40.41 1.06 -71.85
CA ARG G 4085 -40.92 2.11 -70.97
C ARG G 4085 -39.97 2.44 -69.84
N GLY G 4086 -38.94 1.63 -69.60
CA GLY G 4086 -38.03 1.87 -68.50
C GLY G 4086 -38.41 1.18 -67.22
N LEU G 4087 -39.10 0.05 -67.28
CA LEU G 4087 -39.54 -0.69 -66.11
C LEU G 4087 -38.92 -2.08 -66.11
N ILE G 4088 -39.23 -2.86 -65.08
CA ILE G 4088 -38.69 -4.20 -64.92
C ILE G 4088 -39.69 -5.01 -64.08
N SER G 4089 -39.87 -6.27 -64.44
CA SER G 4089 -40.90 -7.06 -63.77
C SER G 4089 -40.34 -7.68 -62.50
N LYS G 4090 -41.25 -8.12 -61.62
CA LYS G 4090 -40.85 -8.69 -60.34
C LYS G 4090 -39.99 -9.94 -60.54
N LYS G 4091 -40.42 -10.83 -61.43
CA LYS G 4091 -39.61 -12.01 -61.71
C LYS G 4091 -38.28 -11.64 -62.36
N ASP G 4092 -38.28 -10.57 -63.16
CA ASP G 4092 -37.02 -10.07 -63.71
C ASP G 4092 -36.21 -9.34 -62.65
N PHE G 4093 -36.88 -8.58 -61.79
CA PHE G 4093 -36.20 -7.96 -60.65
C PHE G 4093 -35.60 -9.01 -59.74
N GLN G 4094 -36.32 -10.11 -59.51
CA GLN G 4094 -35.82 -11.19 -58.67
C GLN G 4094 -34.53 -11.77 -59.23
N LYS G 4095 -34.52 -12.11 -60.51
CA LYS G 4095 -33.34 -12.73 -61.11
C LYS G 4095 -32.21 -11.72 -61.33
N ALA G 4096 -32.53 -10.43 -61.44
CA ALA G 4096 -31.48 -9.43 -61.54
C ALA G 4096 -30.80 -9.18 -60.20
N MET G 4097 -31.58 -9.19 -59.11
CA MET G 4097 -31.05 -8.83 -57.81
C MET G 4097 -30.15 -9.92 -57.24
N ASP G 4098 -30.58 -11.18 -57.35
CA ASP G 4098 -29.76 -12.26 -56.80
C ASP G 4098 -28.54 -12.53 -57.68
N SER G 4099 -28.54 -12.03 -58.91
CA SER G 4099 -27.35 -12.09 -59.75
C SER G 4099 -26.26 -11.14 -59.26
N GLN G 4100 -26.61 -10.19 -58.39
CA GLN G 4100 -25.64 -9.27 -57.84
C GLN G 4100 -24.96 -9.83 -56.60
N LYS G 4101 -25.51 -10.89 -56.01
CA LYS G 4101 -24.92 -11.56 -54.85
C LYS G 4101 -24.66 -10.60 -53.70
N GLN G 4102 -25.63 -9.73 -53.43
CA GLN G 4102 -25.52 -8.79 -52.32
C GLN G 4102 -26.68 -8.86 -51.35
N PHE G 4103 -27.79 -9.49 -51.70
CA PHE G 4103 -28.93 -9.67 -50.81
C PHE G 4103 -29.21 -11.15 -50.61
N THR G 4104 -29.88 -11.46 -49.51
CA THR G 4104 -30.32 -12.81 -49.23
C THR G 4104 -31.69 -13.04 -49.86
N GLY G 4105 -32.26 -14.21 -49.62
CA GLY G 4105 -33.57 -14.54 -50.12
C GLY G 4105 -34.66 -13.63 -49.58
N PRO G 4106 -34.81 -13.59 -48.25
CA PRO G 4106 -35.85 -12.70 -47.68
C PRO G 4106 -35.68 -11.24 -48.01
N GLU G 4107 -34.43 -10.76 -48.12
CA GLU G 4107 -34.22 -9.34 -48.39
C GLU G 4107 -34.72 -8.96 -49.78
N ILE G 4108 -34.49 -9.81 -50.77
CA ILE G 4108 -35.03 -9.54 -52.11
C ILE G 4108 -36.54 -9.59 -52.08
N GLN G 4109 -37.12 -10.53 -51.33
CA GLN G 4109 -38.57 -10.59 -51.20
C GLN G 4109 -39.11 -9.33 -50.54
N PHE G 4110 -38.43 -8.83 -49.51
CA PHE G 4110 -38.86 -7.61 -48.86
C PHE G 4110 -38.82 -6.43 -49.83
N LEU G 4111 -37.78 -6.36 -50.66
CA LEU G 4111 -37.70 -5.29 -51.65
C LEU G 4111 -38.83 -5.41 -52.67
N LEU G 4112 -39.23 -6.64 -53.00
CA LEU G 4112 -40.37 -6.83 -53.90
C LEU G 4112 -41.64 -6.25 -53.29
N SER G 4113 -41.85 -6.45 -51.98
CA SER G 4113 -43.01 -5.87 -51.31
C SER G 4113 -42.96 -4.36 -51.33
N CYS G 4114 -41.78 -3.78 -51.07
CA CYS G 4114 -41.66 -2.32 -51.08
C CYS G 4114 -41.82 -1.75 -52.46
N SER G 4115 -41.42 -2.49 -53.49
CA SER G 4115 -41.63 -2.04 -54.87
C SER G 4115 -43.12 -1.96 -55.16
N GLU G 4116 -43.54 -0.87 -55.79
CA GLU G 4116 -44.96 -0.64 -56.06
C GLU G 4116 -45.33 -1.27 -57.40
N ALA G 4117 -45.54 -2.58 -57.35
CA ALA G 4117 -45.97 -3.32 -58.53
C ALA G 4117 -47.39 -2.94 -58.93
N ASP G 4118 -47.61 -2.79 -60.23
CA ASP G 4118 -48.94 -2.54 -60.75
C ASP G 4118 -49.67 -3.88 -60.90
N GLU G 4119 -50.80 -3.87 -61.61
CA GLU G 4119 -51.49 -5.12 -61.91
C GLU G 4119 -50.70 -6.02 -62.84
N ASN G 4120 -49.73 -5.46 -63.58
CA ASN G 4120 -48.92 -6.21 -64.51
C ASN G 4120 -47.57 -6.62 -63.93
N GLU G 4121 -47.40 -6.49 -62.61
CA GLU G 4121 -46.12 -6.78 -61.95
C GLU G 4121 -44.98 -5.97 -62.55
N MET G 4122 -45.26 -4.72 -62.90
CA MET G 4122 -44.31 -3.84 -63.55
C MET G 4122 -43.74 -2.91 -62.50
N ILE G 4123 -42.40 -2.84 -62.40
CA ILE G 4123 -41.74 -2.10 -61.33
C ILE G 4123 -41.05 -0.89 -61.93
N ASN G 4124 -41.28 0.28 -61.34
CA ASN G 4124 -40.59 1.51 -61.69
C ASN G 4124 -39.39 1.64 -60.74
N PHE G 4125 -38.24 1.15 -61.19
CA PHE G 4125 -37.07 1.11 -60.33
C PHE G 4125 -36.42 2.48 -60.14
N GLU G 4126 -36.69 3.43 -61.04
CA GLU G 4126 -36.13 4.77 -60.88
C GLU G 4126 -36.69 5.47 -59.65
N GLU G 4127 -38.02 5.43 -59.47
CA GLU G 4127 -38.63 6.03 -58.29
C GLU G 4127 -38.45 5.16 -57.06
N PHE G 4128 -38.34 3.85 -57.23
CA PHE G 4128 -38.14 2.96 -56.10
C PHE G 4128 -36.81 3.24 -55.42
N ALA G 4129 -35.75 3.47 -56.21
CA ALA G 4129 -34.44 3.71 -55.63
C ALA G 4129 -34.38 5.01 -54.86
N ASN G 4130 -35.10 6.03 -55.32
CA ASN G 4130 -35.05 7.36 -54.71
C ASN G 4130 -36.18 7.60 -53.71
N ARG G 4131 -37.01 6.60 -53.43
CA ARG G 4131 -38.16 6.83 -52.55
C ARG G 4131 -37.73 7.12 -51.13
N PHE G 4132 -36.84 6.30 -50.57
CA PHE G 4132 -36.43 6.43 -49.18
C PHE G 4132 -35.08 7.12 -49.01
N GLN G 4133 -34.44 7.55 -50.10
CA GLN G 4133 -33.11 8.12 -49.97
C GLN G 4133 -33.13 9.44 -49.21
N GLU G 4134 -34.01 10.36 -49.61
CA GLU G 4134 -34.11 11.66 -48.96
C GLU G 4134 -34.69 11.56 -47.54
N PRO G 4135 -35.82 10.87 -47.33
CA PRO G 4135 -36.38 10.83 -45.97
C PRO G 4135 -35.45 10.21 -44.93
N ALA G 4136 -34.66 9.22 -45.31
CA ALA G 4136 -33.83 8.48 -44.36
C ALA G 4136 -32.43 9.07 -44.22
N ARG G 4137 -32.14 10.17 -44.89
CA ARG G 4137 -30.78 10.71 -44.84
C ARG G 4137 -30.48 11.34 -43.49
N ASP G 4138 -31.42 12.11 -42.94
CA ASP G 4138 -31.16 12.80 -41.68
C ASP G 4138 -30.96 11.82 -40.53
N ILE G 4139 -31.82 10.78 -40.46
CA ILE G 4139 -31.65 9.79 -39.41
C ILE G 4139 -30.40 8.95 -39.66
N GLY G 4140 -30.14 8.60 -40.92
CA GLY G 4140 -28.96 7.81 -41.23
C GLY G 4140 -27.68 8.49 -40.82
N PHE G 4141 -27.60 9.81 -41.03
CA PHE G 4141 -26.40 10.54 -40.64
C PHE G 4141 -26.22 10.57 -39.13
N ASN G 4142 -27.31 10.76 -38.39
CA ASN G 4142 -27.20 10.84 -36.94
C ASN G 4142 -26.88 9.49 -36.32
N VAL G 4143 -27.31 8.40 -36.97
CA VAL G 4143 -26.91 7.07 -36.51
C VAL G 4143 -25.42 6.86 -36.75
N ALA G 4144 -24.91 7.37 -37.87
CA ALA G 4144 -23.48 7.30 -38.14
C ALA G 4144 -22.69 8.14 -37.13
N VAL G 4145 -23.21 9.32 -36.78
CA VAL G 4145 -22.54 10.15 -35.78
C VAL G 4145 -22.56 9.47 -34.41
N LEU G 4146 -23.70 8.88 -34.06
CA LEU G 4146 -23.81 8.22 -32.75
C LEU G 4146 -22.83 7.05 -32.64
N LEU G 4147 -22.75 6.23 -33.68
CA LEU G 4147 -21.84 5.08 -33.64
C LEU G 4147 -20.39 5.53 -33.67
N THR G 4148 -20.08 6.56 -34.47
CA THR G 4148 -18.72 7.09 -34.48
C THR G 4148 -18.35 7.68 -33.13
N ASN G 4149 -19.28 8.41 -32.50
CA ASN G 4149 -19.02 9.00 -31.20
C ASN G 4149 -18.75 7.93 -30.15
N LEU G 4150 -19.56 6.88 -30.14
CA LEU G 4150 -19.38 5.82 -29.15
C LEU G 4150 -18.11 5.02 -29.41
N SER G 4151 -17.82 4.72 -30.68
CA SER G 4151 -16.67 3.88 -30.99
C SER G 4151 -15.37 4.56 -30.61
N GLU G 4152 -15.34 5.89 -30.65
CA GLU G 4152 -14.13 6.62 -30.31
C GLU G 4152 -14.02 6.93 -28.82
N HIS G 4153 -15.09 6.74 -28.05
CA HIS G 4153 -15.05 6.96 -26.61
C HIS G 4153 -15.18 5.69 -25.80
N VAL G 4154 -15.58 4.59 -26.43
CA VAL G 4154 -15.51 3.26 -25.81
C VAL G 4154 -14.75 2.37 -26.79
N PRO G 4155 -13.44 2.57 -26.95
CA PRO G 4155 -12.71 1.89 -28.02
C PRO G 4155 -12.42 0.42 -27.77
N HIS G 4156 -12.61 -0.07 -26.55
CA HIS G 4156 -12.28 -1.44 -26.20
C HIS G 4156 -13.51 -2.26 -25.82
N ASP G 4157 -14.65 -1.97 -26.45
CA ASP G 4157 -15.86 -2.73 -26.20
C ASP G 4157 -16.08 -3.72 -27.34
N PRO G 4158 -15.97 -5.02 -27.09
CA PRO G 4158 -16.21 -5.99 -28.17
C PRO G 4158 -17.63 -5.97 -28.69
N ARG G 4159 -18.60 -5.57 -27.88
CA ARG G 4159 -20.00 -5.62 -28.29
C ARG G 4159 -20.38 -4.48 -29.22
N LEU G 4160 -19.44 -3.59 -29.54
CA LEU G 4160 -19.74 -2.41 -30.34
C LEU G 4160 -19.29 -2.54 -31.79
N ARG G 4161 -18.30 -3.38 -32.09
CA ARG G 4161 -17.80 -3.43 -33.46
C ARG G 4161 -18.79 -4.11 -34.40
N ASN G 4162 -19.59 -5.05 -33.88
CA ASN G 4162 -20.58 -5.70 -34.73
C ASN G 4162 -21.57 -4.68 -35.29
N PHE G 4163 -22.01 -3.74 -34.45
CA PHE G 4163 -22.82 -2.64 -34.95
C PHE G 4163 -22.07 -1.82 -36.00
N LEU G 4164 -20.78 -1.56 -35.75
CA LEU G 4164 -19.97 -0.85 -36.73
C LEU G 4164 -19.83 -1.64 -38.02
N GLU G 4165 -19.61 -2.96 -37.90
CA GLU G 4165 -19.54 -3.79 -39.09
C GLU G 4165 -20.86 -3.81 -39.84
N LEU G 4166 -21.98 -3.88 -39.11
CA LEU G 4166 -23.28 -3.86 -39.75
C LEU G 4166 -23.62 -2.49 -40.32
N ALA G 4167 -23.01 -1.42 -39.80
CA ALA G 4167 -23.22 -0.08 -40.30
C ALA G 4167 -22.10 0.37 -41.22
N GLU G 4168 -21.37 -0.59 -41.80
CA GLU G 4168 -20.21 -0.25 -42.62
C GLU G 4168 -20.62 0.59 -43.83
N SER G 4169 -21.71 0.22 -44.50
CA SER G 4169 -22.16 0.98 -45.66
C SER G 4169 -22.68 2.35 -45.24
N ILE G 4170 -23.40 2.43 -44.11
CA ILE G 4170 -23.88 3.71 -43.63
C ILE G 4170 -22.71 4.62 -43.29
N LEU G 4171 -21.70 4.08 -42.60
CA LEU G 4171 -20.53 4.87 -42.26
C LEU G 4171 -19.74 5.24 -43.50
N GLU G 4172 -19.64 4.33 -44.46
CA GLU G 4172 -18.92 4.62 -45.69
C GLU G 4172 -19.63 5.69 -46.51
N TYR G 4173 -20.96 5.63 -46.57
CA TYR G 4173 -21.71 6.61 -47.36
C TYR G 4173 -21.58 8.00 -46.77
N PHE G 4174 -21.63 8.13 -45.46
CA PHE G 4174 -21.59 9.43 -44.79
C PHE G 4174 -20.19 9.88 -44.41
N ARG G 4175 -19.16 9.12 -44.79
CA ARG G 4175 -17.80 9.53 -44.45
C ARG G 4175 -17.42 10.90 -45.01
N PRO G 4176 -17.71 11.23 -46.27
CA PRO G 4176 -17.37 12.58 -46.74
C PRO G 4176 -18.13 13.70 -46.06
N TYR G 4177 -19.27 13.41 -45.44
CA TYR G 4177 -20.09 14.45 -44.81
C TYR G 4177 -19.97 14.49 -43.30
N LEU G 4178 -19.25 13.53 -42.70
CA LEU G 4178 -19.11 13.48 -41.25
C LEU G 4178 -17.86 14.26 -40.87
N GLY G 4179 -18.04 15.55 -40.59
CA GLY G 4179 -16.93 16.40 -40.19
C GLY G 4179 -16.70 16.32 -38.70
N ARG G 4180 -15.43 16.20 -38.32
CA ARG G 4180 -15.04 16.13 -36.92
C ARG G 4180 -13.87 17.08 -36.67
N ILE G 4181 -13.98 17.86 -35.59
CA ILE G 4181 -12.91 18.72 -35.13
C ILE G 4181 -12.73 18.50 -33.65
N GLU G 4182 -11.65 19.08 -33.11
CA GLU G 4182 -11.38 19.05 -31.68
C GLU G 4182 -11.27 20.47 -31.17
N ILE G 4183 -11.88 20.73 -30.02
CA ILE G 4183 -11.84 22.04 -29.39
C ILE G 4183 -11.45 21.86 -27.92
N MET G 4184 -10.94 22.94 -27.34
CA MET G 4184 -10.74 23.00 -25.89
C MET G 4184 -12.05 23.45 -25.28
N GLY G 4185 -12.76 22.52 -24.66
CA GLY G 4185 -14.16 22.71 -24.35
C GLY G 4185 -14.41 23.47 -23.07
N ALA G 4186 -15.69 23.52 -22.71
CA ALA G 4186 -16.14 24.18 -21.49
C ALA G 4186 -15.59 23.54 -20.23
N SER G 4187 -15.24 22.25 -20.29
CA SER G 4187 -14.76 21.53 -19.11
C SER G 4187 -13.25 21.55 -18.96
N ARG G 4188 -12.56 22.51 -19.60
CA ARG G 4188 -11.10 22.58 -19.61
C ARG G 4188 -10.48 21.30 -20.17
N ARG G 4189 -11.17 20.64 -21.10
CA ARG G 4189 -10.67 19.42 -21.70
C ARG G 4189 -10.89 19.46 -23.20
N ILE G 4190 -10.04 18.73 -23.92
CA ILE G 4190 -10.16 18.60 -25.36
C ILE G 4190 -11.37 17.73 -25.67
N GLU G 4191 -12.29 18.27 -26.47
CA GLU G 4191 -13.50 17.56 -26.86
C GLU G 4191 -13.53 17.40 -28.37
N ARG G 4192 -14.13 16.30 -28.82
CA ARG G 4192 -14.29 16.03 -30.23
C ARG G 4192 -15.72 16.32 -30.64
N ILE G 4193 -15.89 17.11 -31.68
CA ILE G 4193 -17.20 17.59 -32.14
C ILE G 4193 -17.49 16.97 -33.50
N TYR G 4194 -18.69 16.43 -33.65
CA TYR G 4194 -19.14 15.85 -34.91
C TYR G 4194 -20.26 16.71 -35.47
N PHE G 4195 -20.14 17.06 -36.74
CA PHE G 4195 -21.13 17.89 -37.42
C PHE G 4195 -21.25 17.43 -38.86
N GLU G 4196 -22.16 18.08 -39.60
CA GLU G 4196 -22.47 17.68 -40.96
C GLU G 4196 -21.87 18.67 -41.95
N ILE G 4197 -21.22 18.14 -42.98
CA ILE G 4197 -20.69 18.94 -44.07
C ILE G 4197 -21.61 18.74 -45.27
N SER G 4198 -22.20 19.83 -45.75
CA SER G 4198 -23.10 19.73 -46.89
C SER G 4198 -22.32 19.44 -48.17
N GLU G 4199 -23.02 18.89 -49.16
CA GLU G 4199 -22.39 18.57 -50.44
C GLU G 4199 -21.89 19.82 -51.13
N THR G 4200 -22.67 20.90 -51.09
CA THR G 4200 -22.28 22.13 -51.75
C THR G 4200 -21.04 22.73 -51.11
N ASN G 4201 -20.96 22.70 -49.77
CA ASN G 4201 -19.81 23.31 -49.09
C ASN G 4201 -18.52 22.59 -49.43
N ARG G 4202 -18.54 21.26 -49.46
CA ARG G 4202 -17.35 20.51 -49.84
C ARG G 4202 -17.00 20.74 -51.31
N ALA G 4203 -18.02 20.78 -52.17
CA ALA G 4203 -17.76 20.98 -53.59
C ALA G 4203 -17.12 22.33 -53.86
N GLN G 4204 -17.62 23.38 -53.19
CA GLN G 4204 -17.03 24.71 -53.36
C GLN G 4204 -15.63 24.79 -52.81
N TRP G 4205 -15.36 24.11 -51.69
CA TRP G 4205 -14.03 24.13 -51.10
C TRP G 4205 -13.00 23.48 -52.00
N GLU G 4206 -13.42 22.50 -52.81
CA GLU G 4206 -12.52 21.78 -53.70
C GLU G 4206 -12.29 22.50 -55.02
N MET G 4207 -12.91 23.66 -55.22
CA MET G 4207 -12.74 24.39 -56.46
C MET G 4207 -11.29 24.83 -56.62
N PRO G 4208 -10.76 24.84 -57.85
CA PRO G 4208 -9.34 25.14 -58.03
C PRO G 4208 -8.91 26.53 -57.56
N GLN G 4209 -9.76 27.56 -57.70
CA GLN G 4209 -9.34 28.88 -57.26
C GLN G 4209 -9.34 28.98 -55.75
N VAL G 4210 -10.28 28.30 -55.08
CA VAL G 4210 -10.28 28.28 -53.63
C VAL G 4210 -9.04 27.57 -53.09
N LYS G 4211 -8.65 26.46 -53.73
CA LYS G 4211 -7.45 25.76 -53.29
C LYS G 4211 -6.21 26.62 -53.46
N GLU G 4212 -6.13 27.37 -54.56
CA GLU G 4212 -5.01 28.28 -54.76
C GLU G 4212 -4.98 29.36 -53.69
N SER G 4213 -6.15 29.87 -53.30
CA SER G 4213 -6.21 30.84 -52.22
C SER G 4213 -5.74 30.22 -50.91
N LYS G 4214 -6.07 28.96 -50.66
CA LYS G 4214 -5.60 28.29 -49.46
C LYS G 4214 -4.09 28.17 -49.45
N ARG G 4215 -3.50 27.79 -50.59
CA ARG G 4215 -2.05 27.66 -50.65
C ARG G 4215 -1.35 28.98 -50.41
N GLN G 4216 -1.90 30.07 -50.97
CA GLN G 4216 -1.32 31.38 -50.73
C GLN G 4216 -1.42 31.77 -49.26
N PHE G 4217 -2.57 31.51 -48.64
CA PHE G 4217 -2.73 31.84 -47.22
C PHE G 4217 -1.78 31.02 -46.35
N ILE G 4218 -1.67 29.72 -46.63
CA ILE G 4218 -0.79 28.87 -45.84
C ILE G 4218 0.65 29.34 -45.95
N PHE G 4219 1.06 29.72 -47.16
CA PHE G 4219 2.43 30.19 -47.35
C PHE G 4219 2.69 31.47 -46.57
N ASP G 4220 1.74 32.41 -46.59
CA ASP G 4220 1.96 33.69 -45.91
C ASP G 4220 2.06 33.51 -44.40
N VAL G 4221 1.17 32.71 -43.82
CA VAL G 4221 1.14 32.56 -42.37
C VAL G 4221 2.37 31.83 -41.87
N VAL G 4222 2.75 30.74 -42.53
CA VAL G 4222 3.88 29.95 -42.08
C VAL G 4222 5.18 30.72 -42.26
N ASN G 4223 5.30 31.48 -43.35
CA ASN G 4223 6.56 32.14 -43.66
C ASN G 4223 6.74 33.42 -42.85
N GLU G 4224 5.85 34.38 -43.03
CA GLU G 4224 5.98 35.70 -42.43
C GLU G 4224 4.85 35.98 -41.44
N GLY G 4225 4.51 34.98 -40.62
CA GLY G 4225 3.48 35.15 -39.62
C GLY G 4225 3.94 34.67 -38.26
N GLY G 4226 3.22 35.14 -37.24
CA GLY G 4226 3.50 34.77 -35.87
C GLY G 4226 2.47 33.78 -35.33
N GLU G 4227 2.83 33.13 -34.24
CA GLU G 4227 1.94 32.15 -33.63
C GLU G 4227 0.79 32.81 -32.89
N ALA G 4228 0.98 34.02 -32.38
CA ALA G 4228 -0.08 34.69 -31.64
C ALA G 4228 -1.28 35.03 -32.53
N GLU G 4229 -1.03 35.50 -33.74
CA GLU G 4229 -2.09 35.88 -34.66
C GLU G 4229 -2.51 34.77 -35.61
N LYS G 4230 -1.94 33.57 -35.45
CA LYS G 4230 -2.18 32.51 -36.42
C LYS G 4230 -3.65 32.15 -36.53
N MET G 4231 -4.33 32.00 -35.38
CA MET G 4231 -5.72 31.61 -35.41
C MET G 4231 -6.62 32.76 -35.85
N GLU G 4232 -6.29 33.99 -35.46
CA GLU G 4232 -7.07 35.13 -35.91
C GLU G 4232 -6.94 35.32 -37.42
N LEU G 4233 -5.73 35.12 -37.95
CA LEU G 4233 -5.55 35.16 -39.40
C LEU G 4233 -6.30 34.03 -40.08
N PHE G 4234 -6.30 32.84 -39.48
CA PHE G 4234 -6.97 31.70 -40.08
C PHE G 4234 -8.48 31.90 -40.14
N VAL G 4235 -9.07 32.42 -39.06
CA VAL G 4235 -10.51 32.69 -39.07
C VAL G 4235 -10.85 33.75 -40.12
N SER G 4236 -10.04 34.80 -40.19
CA SER G 4236 -10.25 35.83 -41.21
C SER G 4236 -10.14 35.26 -42.62
N PHE G 4237 -9.23 34.31 -42.85
CA PHE G 4237 -9.18 33.63 -44.13
C PHE G 4237 -10.45 32.83 -44.37
N CYS G 4238 -10.99 32.19 -43.32
CA CYS G 4238 -12.23 31.45 -43.47
C CYS G 4238 -13.38 32.37 -43.85
N GLU G 4239 -13.47 33.53 -43.21
CA GLU G 4239 -14.54 34.47 -43.53
C GLU G 4239 -14.41 34.99 -44.95
N ASP G 4240 -13.19 35.30 -45.38
CA ASP G 4240 -12.99 35.72 -46.76
C ASP G 4240 -13.32 34.59 -47.74
N THR G 4241 -12.95 33.35 -47.40
CA THR G 4241 -13.28 32.22 -48.24
C THR G 4241 -14.79 32.00 -48.31
N ILE G 4242 -15.48 32.16 -47.18
CA ILE G 4242 -16.93 32.04 -47.17
C ILE G 4242 -17.59 33.04 -48.09
N PHE G 4243 -17.07 34.27 -48.13
CA PHE G 4243 -17.61 35.31 -48.99
C PHE G 4243 -17.34 35.02 -50.47
N GLU G 4244 -16.19 34.44 -50.78
CA GLU G 4244 -15.89 34.09 -52.16
C GLU G 4244 -16.81 32.99 -52.68
N MET G 4245 -17.19 32.05 -51.82
CA MET G 4245 -18.13 31.01 -52.23
C MET G 4245 -19.49 31.61 -52.60
N GLN G 4246 -19.88 32.68 -51.90
CA GLN G 4246 -21.12 33.37 -52.27
C GLN G 4246 -21.00 34.01 -53.65
N ILE G 4247 -19.86 34.63 -53.94
CA ILE G 4247 -19.66 35.24 -55.25
C ILE G 4247 -19.68 34.19 -56.34
N ALA G 4248 -18.99 33.07 -56.11
CA ALA G 4248 -18.94 32.01 -57.11
C ALA G 4248 -20.32 31.43 -57.36
N ALA G 4249 -21.14 31.32 -56.31
CA ALA G 4249 -22.49 30.81 -56.48
C ALA G 4249 -23.34 31.74 -57.33
N GLN G 4250 -23.22 33.05 -57.11
CA GLN G 4250 -24.04 33.99 -57.87
C GLN G 4250 -23.71 33.95 -59.36
N ILE G 4251 -22.43 34.03 -59.70
CA ILE G 4251 -22.05 34.07 -61.12
C ILE G 4251 -22.24 32.73 -61.81
N SER G 4252 -22.42 31.65 -61.08
CA SER G 4252 -22.65 30.35 -61.67
C SER G 4252 -23.98 30.33 -62.42
N GLU G 4253 -24.01 29.56 -63.51
CA GLU G 4253 -25.22 29.43 -64.31
C GLU G 4253 -25.74 28.00 -64.24
N PRO G 4254 -27.07 27.80 -64.25
CA PRO G 4254 -27.67 26.47 -64.19
C PRO G 4254 -27.49 25.68 -65.48
N PHE G 4540 -39.82 46.19 -70.66
CA PHE G 4540 -38.60 45.70 -71.27
C PHE G 4540 -37.44 45.75 -70.28
N TRP G 4541 -37.67 46.42 -69.15
CA TRP G 4541 -36.62 46.55 -68.14
C TRP G 4541 -36.23 45.18 -67.58
N GLY G 4542 -37.22 44.32 -67.33
CA GLY G 4542 -36.91 42.98 -66.89
C GLY G 4542 -36.17 42.17 -67.94
N GLU G 4543 -36.50 42.38 -69.21
CA GLU G 4543 -35.83 41.65 -70.28
C GLU G 4543 -34.37 42.03 -70.38
N LEU G 4544 -34.04 43.32 -70.20
CA LEU G 4544 -32.65 43.76 -70.27
C LEU G 4544 -31.89 43.39 -69.00
N GLU G 4545 -32.55 43.43 -67.84
CA GLU G 4545 -31.86 43.16 -66.59
C GLU G 4545 -31.40 41.71 -66.50
N VAL G 4546 -32.24 40.77 -66.93
CA VAL G 4546 -31.87 39.37 -66.86
C VAL G 4546 -30.69 39.08 -67.78
N GLN G 4547 -30.62 39.75 -68.94
CA GLN G 4547 -29.50 39.56 -69.84
C GLN G 4547 -28.26 40.29 -69.35
N ARG G 4548 -28.42 41.45 -68.70
CA ARG G 4548 -27.26 42.20 -68.22
C ARG G 4548 -26.52 41.43 -67.13
N VAL G 4549 -27.26 40.91 -66.14
CA VAL G 4549 -26.61 40.12 -65.10
C VAL G 4549 -26.05 38.83 -65.68
N LYS G 4550 -26.73 38.25 -66.67
CA LYS G 4550 -26.19 37.08 -67.34
C LYS G 4550 -24.89 37.41 -68.06
N PHE G 4551 -24.81 38.59 -68.66
CA PHE G 4551 -23.60 39.00 -69.35
C PHE G 4551 -22.46 39.26 -68.37
N LEU G 4552 -22.76 39.95 -67.27
CA LEU G 4552 -21.72 40.23 -66.28
C LEU G 4552 -21.22 38.96 -65.62
N ASN G 4553 -22.13 38.03 -65.32
CA ASN G 4553 -21.71 36.74 -64.76
C ASN G 4553 -20.88 35.96 -65.75
N TYR G 4554 -21.17 36.09 -67.04
CA TYR G 4554 -20.36 35.43 -68.06
C TYR G 4554 -18.94 35.96 -68.05
N LEU G 4555 -18.77 37.27 -67.93
CA LEU G 4555 -17.44 37.85 -67.84
C LEU G 4555 -16.72 37.41 -66.57
N SER G 4556 -17.45 37.36 -65.45
CA SER G 4556 -16.84 36.95 -64.20
C SER G 4556 -16.40 35.49 -64.25
N ARG G 4557 -17.23 34.62 -64.82
CA ARG G 4557 -16.88 33.20 -64.89
C ARG G 4557 -15.66 32.98 -65.78
N ASN G 4558 -15.57 33.71 -66.89
CA ASN G 4558 -14.50 33.52 -67.86
C ASN G 4558 -13.47 34.64 -67.79
N PHE G 4559 -13.18 35.15 -66.60
CA PHE G 4559 -12.26 36.27 -66.48
C PHE G 4559 -10.84 35.88 -66.88
N TYR G 4560 -10.40 34.69 -66.49
CA TYR G 4560 -9.04 34.27 -66.79
C TYR G 4560 -8.88 33.86 -68.25
N THR G 4561 -9.96 33.38 -68.88
CA THR G 4561 -9.88 33.11 -70.31
C THR G 4561 -9.76 34.39 -71.11
N LEU G 4562 -10.43 35.46 -70.66
CA LEU G 4562 -10.28 36.76 -71.30
C LEU G 4562 -8.87 37.29 -71.15
N ARG G 4563 -8.27 37.09 -69.97
CA ARG G 4563 -6.89 37.50 -69.76
C ARG G 4563 -5.94 36.74 -70.68
N PHE G 4564 -6.17 35.44 -70.85
CA PHE G 4564 -5.36 34.68 -71.79
C PHE G 4564 -5.58 35.15 -73.22
N LEU G 4565 -6.84 35.40 -73.59
CA LEU G 4565 -7.13 35.81 -74.96
C LEU G 4565 -6.58 37.20 -75.25
N ALA G 4566 -6.54 38.07 -74.23
CA ALA G 4566 -5.90 39.37 -74.41
C ALA G 4566 -4.40 39.22 -74.62
N LEU G 4567 -3.77 38.29 -73.91
CA LEU G 4567 -2.35 38.03 -74.11
C LEU G 4567 -2.07 37.47 -75.49
N PHE G 4568 -2.89 36.52 -75.95
CA PHE G 4568 -2.73 35.99 -77.28
C PHE G 4568 -2.97 37.06 -78.33
N LEU G 4569 -3.93 37.95 -78.08
CA LEU G 4569 -4.21 39.04 -79.01
C LEU G 4569 -3.03 39.99 -79.11
N ALA G 4570 -2.24 40.12 -78.03
CA ALA G 4570 -1.08 41.00 -78.07
C ALA G 4570 0.06 40.38 -78.87
N PHE G 4571 0.27 39.08 -78.71
CA PHE G 4571 1.32 38.41 -79.48
C PHE G 4571 1.00 38.42 -80.97
N ALA G 4572 -0.26 38.20 -81.33
CA ALA G 4572 -0.65 38.22 -82.73
C ALA G 4572 -0.42 39.59 -83.34
N ILE G 4573 -0.74 40.66 -82.61
CA ILE G 4573 -0.55 42.01 -83.12
C ILE G 4573 0.93 42.30 -83.34
N ASN G 4574 1.77 41.92 -82.38
CA ASN G 4574 3.20 42.23 -82.47
C ASN G 4574 3.89 41.42 -83.56
N PHE G 4575 3.41 40.20 -83.82
CA PHE G 4575 3.97 39.43 -84.94
C PHE G 4575 3.73 40.16 -86.25
N ILE G 4576 2.57 40.79 -86.40
CA ILE G 4576 2.31 41.62 -87.57
C ILE G 4576 3.22 42.84 -87.55
N LEU G 4577 3.45 43.42 -86.38
CA LEU G 4577 4.33 44.58 -86.27
C LEU G 4577 5.75 44.27 -86.69
N LEU G 4578 6.15 43.00 -86.66
CA LEU G 4578 7.47 42.62 -87.12
C LEU G 4578 7.69 42.90 -88.59
N PHE G 4579 6.61 43.01 -89.37
CA PHE G 4579 6.70 43.22 -90.80
C PHE G 4579 6.71 44.69 -91.19
N TYR G 4580 6.72 45.59 -90.21
CA TYR G 4580 6.71 47.01 -90.52
C TYR G 4580 8.01 47.43 -91.17
N LYS G 4581 7.91 48.44 -92.04
CA LYS G 4581 9.04 48.92 -92.82
C LYS G 4581 8.88 50.41 -93.04
N VAL G 4582 10.00 51.13 -93.04
CA VAL G 4582 10.01 52.58 -93.26
C VAL G 4582 10.68 52.85 -94.59
N SER G 4583 10.03 53.64 -95.43
CA SER G 4583 10.55 53.97 -96.75
C SER G 4583 10.19 55.40 -97.08
N ASP G 4584 10.97 56.01 -97.97
CA ASP G 4584 10.70 57.39 -98.38
C ASP G 4584 9.51 57.45 -99.34
N SER G 4585 9.30 56.41 -100.12
CA SER G 4585 8.21 56.42 -101.08
C SER G 4585 6.89 56.07 -100.39
N PRO G 4586 5.78 56.63 -100.85
CA PRO G 4586 4.48 56.24 -100.31
C PRO G 4586 4.17 54.82 -100.68
N PRO G 4587 3.36 54.12 -99.87
CA PRO G 4587 2.96 52.73 -100.16
C PRO G 4587 1.92 52.65 -101.27
N ASN G 4626 9.90 65.74 -96.81
CA ASN G 4626 11.00 64.81 -96.58
C ASN G 4626 10.69 63.87 -95.42
N MET G 4627 9.41 63.75 -95.08
CA MET G 4627 8.96 62.90 -94.00
C MET G 4627 8.68 61.49 -94.51
N VAL G 4628 8.75 60.53 -93.60
CA VAL G 4628 8.84 59.13 -93.98
C VAL G 4628 7.53 58.41 -93.66
N TYR G 4629 7.26 57.33 -94.38
CA TYR G 4629 6.04 56.56 -94.25
C TYR G 4629 6.34 55.21 -93.61
N TYR G 4630 5.45 54.79 -92.72
CA TYR G 4630 5.52 53.47 -92.09
C TYR G 4630 4.40 52.61 -92.67
N PHE G 4631 4.76 51.42 -93.13
CA PHE G 4631 3.77 50.55 -93.74
C PHE G 4631 4.20 49.10 -93.62
N LEU G 4632 3.21 48.21 -93.58
CA LEU G 4632 3.49 46.78 -93.57
C LEU G 4632 4.01 46.35 -94.93
N GLU G 4633 4.89 45.34 -94.92
CA GLU G 4633 5.49 44.81 -96.14
C GLU G 4633 5.11 43.33 -96.23
N GLU G 4634 4.14 43.02 -97.08
CA GLU G 4634 3.69 41.65 -97.26
C GLU G 4634 3.06 41.51 -98.64
N SER G 4635 2.97 40.25 -99.10
CA SER G 4635 2.37 39.96 -100.39
C SER G 4635 0.97 39.38 -100.27
N THR G 4636 0.59 38.88 -99.09
CA THR G 4636 -0.74 38.29 -98.93
C THR G 4636 -1.84 39.33 -99.11
N GLY G 4637 -1.66 40.52 -98.55
CA GLY G 4637 -2.66 41.56 -98.60
C GLY G 4637 -3.72 41.47 -97.53
N TYR G 4638 -3.77 40.37 -96.78
CA TYR G 4638 -4.77 40.19 -95.73
C TYR G 4638 -4.29 40.63 -94.36
N MET G 4639 -2.99 40.93 -94.21
CA MET G 4639 -2.45 41.20 -92.88
C MET G 4639 -2.74 42.64 -92.45
N GLU G 4640 -2.72 43.58 -93.40
CA GLU G 4640 -3.06 44.96 -93.05
C GLU G 4640 -4.48 45.10 -92.52
N PRO G 4641 -5.52 44.55 -93.15
CA PRO G 4641 -6.85 44.59 -92.51
C PRO G 4641 -6.91 43.77 -91.24
N ALA G 4642 -6.11 42.70 -91.14
CA ALA G 4642 -6.12 41.87 -89.94
C ALA G 4642 -5.64 42.65 -88.72
N LEU G 4643 -4.61 43.48 -88.89
CA LEU G 4643 -4.12 44.29 -87.77
C LEU G 4643 -5.19 45.23 -87.26
N TRP G 4644 -5.98 45.82 -88.16
CA TRP G 4644 -7.09 46.66 -87.74
C TRP G 4644 -8.11 45.87 -86.94
N CYS G 4645 -8.51 44.70 -87.44
CA CYS G 4645 -9.48 43.88 -86.72
C CYS G 4645 -8.90 43.37 -85.41
N LEU G 4646 -7.63 42.98 -85.41
CA LEU G 4646 -7.01 42.48 -84.20
C LEU G 4646 -6.83 43.58 -83.17
N SER G 4647 -6.53 44.81 -83.62
CA SER G 4647 -6.38 45.93 -82.70
C SER G 4647 -7.72 46.30 -82.06
N LEU G 4648 -8.78 46.36 -82.86
CA LEU G 4648 -10.10 46.66 -82.31
C LEU G 4648 -10.56 45.57 -81.34
N LEU G 4649 -10.33 44.31 -81.71
CA LEU G 4649 -10.74 43.21 -80.85
C LEU G 4649 -9.97 43.22 -79.54
N HIS G 4650 -8.68 43.55 -79.58
CA HIS G 4650 -7.86 43.55 -78.36
C HIS G 4650 -8.38 44.57 -77.36
N THR G 4651 -8.75 45.77 -77.83
CA THR G 4651 -9.27 46.78 -76.93
C THR G 4651 -10.59 46.34 -76.30
N LEU G 4652 -11.45 45.69 -77.09
CA LEU G 4652 -12.71 45.18 -76.55
C LEU G 4652 -12.47 44.13 -75.48
N VAL G 4653 -11.54 43.21 -75.71
CA VAL G 4653 -11.30 42.13 -74.76
C VAL G 4653 -10.72 42.67 -73.46
N ALA G 4654 -9.77 43.59 -73.57
CA ALA G 4654 -9.19 44.19 -72.37
C ALA G 4654 -10.24 44.96 -71.58
N PHE G 4655 -11.18 45.58 -72.26
CA PHE G 4655 -12.29 46.25 -71.57
C PHE G 4655 -13.12 45.27 -70.76
N LEU G 4656 -13.39 44.09 -71.33
CA LEU G 4656 -14.15 43.08 -70.60
C LEU G 4656 -13.36 42.56 -69.40
N CYS G 4657 -12.04 42.67 -69.44
CA CYS G 4657 -11.23 42.27 -68.28
C CYS G 4657 -11.47 43.20 -67.10
N ILE G 4658 -11.56 44.50 -67.35
CA ILE G 4658 -11.83 45.46 -66.28
C ILE G 4658 -13.22 45.22 -65.71
N ILE G 4659 -14.22 45.06 -66.58
CA ILE G 4659 -15.58 44.79 -66.10
C ILE G 4659 -15.62 43.45 -65.37
N GLY G 4660 -14.97 42.44 -65.93
CA GLY G 4660 -14.94 41.15 -65.27
C GLY G 4660 -14.23 41.20 -63.92
N TYR G 4661 -13.20 42.03 -63.81
CA TYR G 4661 -12.49 42.16 -62.54
C TYR G 4661 -13.37 42.85 -61.50
N ASN G 4662 -14.08 43.90 -61.90
CA ASN G 4662 -14.95 44.63 -60.99
C ASN G 4662 -16.09 43.77 -60.46
N CYS G 4663 -16.47 42.72 -61.18
CA CYS G 4663 -17.57 41.86 -60.77
C CYS G 4663 -17.11 40.58 -60.08
N LEU G 4664 -15.82 40.27 -60.13
CA LEU G 4664 -15.28 39.04 -59.56
C LEU G 4664 -14.37 39.29 -58.38
N LYS G 4665 -13.41 40.20 -58.50
CA LYS G 4665 -12.41 40.40 -57.46
C LYS G 4665 -12.68 41.63 -56.59
N VAL G 4666 -13.26 42.69 -57.15
CA VAL G 4666 -13.51 43.90 -56.36
C VAL G 4666 -14.39 43.64 -55.15
N PRO G 4667 -15.48 42.87 -55.24
CA PRO G 4667 -16.31 42.67 -54.02
C PRO G 4667 -15.54 42.09 -52.85
N LEU G 4668 -14.56 41.24 -53.10
CA LEU G 4668 -13.72 40.73 -52.02
C LEU G 4668 -12.88 41.84 -51.41
N VAL G 4669 -12.33 42.72 -52.24
CA VAL G 4669 -11.52 43.82 -51.74
C VAL G 4669 -12.35 44.73 -50.85
N ILE G 4670 -13.56 45.07 -51.27
CA ILE G 4670 -14.42 45.92 -50.46
C ILE G 4670 -14.87 45.17 -49.21
N PHE G 4671 -15.14 43.87 -49.33
CA PHE G 4671 -15.53 43.08 -48.16
C PHE G 4671 -14.43 43.08 -47.12
N LYS G 4672 -13.18 42.83 -47.54
CA LYS G 4672 -12.08 42.77 -46.59
C LYS G 4672 -11.87 44.11 -45.90
N ARG G 4673 -11.97 45.21 -46.65
CA ARG G 4673 -11.76 46.53 -46.06
C ARG G 4673 -12.90 46.89 -45.11
N GLU G 4674 -14.13 46.58 -45.48
CA GLU G 4674 -15.25 46.84 -44.57
C GLU G 4674 -15.15 45.99 -43.32
N LYS G 4675 -14.72 44.74 -43.46
CA LYS G 4675 -14.66 43.85 -42.31
C LYS G 4675 -13.62 44.33 -41.30
N GLU G 4676 -12.43 44.72 -41.77
CA GLU G 4676 -11.40 45.18 -40.85
C GLU G 4676 -11.77 46.51 -40.21
N LEU G 4677 -12.42 47.40 -40.97
CA LEU G 4677 -12.86 48.66 -40.39
C LEU G 4677 -13.92 48.44 -39.31
N ALA G 4678 -14.84 47.51 -39.55
CA ALA G 4678 -15.90 47.26 -38.58
C ALA G 4678 -15.34 46.73 -37.27
N ARG G 4679 -14.37 45.82 -37.35
CA ARG G 4679 -13.83 45.23 -36.12
C ARG G 4679 -12.93 46.20 -35.37
N LYS G 4680 -12.25 47.09 -36.10
CA LYS G 4680 -11.46 48.11 -35.42
C LYS G 4680 -12.34 49.20 -34.82
N LEU G 4681 -13.55 49.39 -35.36
CA LEU G 4681 -14.49 50.30 -34.73
C LEU G 4681 -15.01 49.74 -33.41
N GLU G 4682 -15.32 48.45 -33.39
CA GLU G 4682 -15.97 47.83 -32.23
C GLU G 4682 -14.97 47.38 -31.19
N PHE G 4683 -13.96 46.63 -31.60
CA PHE G 4683 -13.02 46.04 -30.66
C PHE G 4683 -11.82 46.92 -30.37
N ASP G 4684 -11.69 48.07 -31.03
CA ASP G 4684 -10.57 48.98 -30.77
C ASP G 4684 -10.98 50.44 -30.61
N GLY G 4685 -12.13 50.85 -31.13
CA GLY G 4685 -12.49 52.25 -31.08
C GLY G 4685 -11.55 53.12 -31.88
N LEU G 4686 -11.31 52.74 -33.13
CA LEU G 4686 -10.35 53.45 -33.98
C LEU G 4686 -10.63 54.95 -34.00
N TYR G 4687 -11.81 55.34 -34.47
CA TYR G 4687 -12.18 56.74 -34.60
C TYR G 4687 -12.90 57.25 -33.37
N ILE G 4688 -13.04 56.43 -32.34
CA ILE G 4688 -13.65 56.83 -31.09
C ILE G 4688 -12.60 57.13 -30.03
N THR G 4689 -11.52 56.36 -29.99
CA THR G 4689 -10.49 56.50 -28.96
C THR G 4689 -9.16 56.96 -29.54
N GLU G 4690 -8.59 56.24 -30.51
CA GLU G 4690 -7.21 56.51 -30.89
C GLU G 4690 -7.08 57.59 -31.97
N GLN G 4691 -7.99 57.59 -32.96
CA GLN G 4691 -7.99 58.66 -33.97
C GLN G 4691 -6.67 58.74 -34.74
N PRO G 4692 -6.39 57.81 -35.67
CA PRO G 4692 -5.11 57.80 -36.39
C PRO G 4692 -4.64 59.18 -36.86
N GLY G 4693 -3.34 59.44 -36.75
CA GLY G 4693 -2.81 60.78 -36.88
C GLY G 4693 -2.36 61.21 -38.27
N ASP G 4694 -3.19 60.98 -39.29
CA ASP G 4694 -3.05 61.50 -40.64
C ASP G 4694 -1.87 60.89 -41.40
N ASP G 4695 -1.07 60.03 -40.79
CA ASP G 4695 0.01 59.37 -41.51
C ASP G 4695 -0.43 58.06 -42.15
N ASP G 4696 -1.65 57.61 -41.88
CA ASP G 4696 -2.19 56.38 -42.43
C ASP G 4696 -3.25 56.75 -43.45
N VAL G 4697 -2.92 56.63 -44.74
CA VAL G 4697 -3.89 56.95 -45.78
C VAL G 4697 -5.07 55.99 -45.74
N LYS G 4698 -4.85 54.78 -45.22
CA LYS G 4698 -5.95 53.81 -45.14
C LYS G 4698 -6.94 54.21 -44.05
N GLY G 4699 -6.43 54.59 -42.88
CA GLY G 4699 -7.31 55.00 -41.80
C GLY G 4699 -8.00 56.32 -42.09
N GLN G 4700 -7.28 57.27 -42.70
CA GLN G 4700 -7.87 58.56 -43.00
C GLN G 4700 -8.93 58.47 -44.09
N TRP G 4701 -8.72 57.60 -45.08
CA TRP G 4701 -9.70 57.50 -46.15
C TRP G 4701 -10.97 56.79 -45.69
N ASP G 4702 -10.88 56.01 -44.61
CA ASP G 4702 -12.04 55.29 -44.11
C ASP G 4702 -12.98 56.17 -43.29
N ARG G 4703 -12.60 57.41 -43.00
CA ARG G 4703 -13.53 58.32 -42.34
C ARG G 4703 -14.70 58.70 -43.23
N LEU G 4704 -14.54 58.59 -44.55
CA LEU G 4704 -15.61 58.98 -45.46
C LEU G 4704 -16.80 58.02 -45.42
N VAL G 4705 -16.58 56.76 -45.06
CA VAL G 4705 -17.65 55.76 -45.14
C VAL G 4705 -18.37 55.58 -43.81
N LEU G 4706 -17.83 56.14 -42.72
CA LEU G 4706 -18.41 55.90 -41.40
C LEU G 4706 -19.85 56.37 -41.31
N ASN G 4707 -20.14 57.57 -41.82
CA ASN G 4707 -21.47 58.14 -41.71
C ASN G 4707 -22.36 57.80 -42.91
N THR G 4708 -21.85 57.04 -43.88
CA THR G 4708 -22.67 56.69 -45.03
C THR G 4708 -23.75 55.69 -44.61
N PRO G 4709 -24.96 55.81 -45.17
CA PRO G 4709 -26.02 54.86 -44.81
C PRO G 4709 -25.74 53.43 -45.23
N SER G 4710 -24.82 53.21 -46.17
CA SER G 4710 -24.57 51.87 -46.68
C SER G 4710 -23.13 51.44 -46.43
N PHE G 4711 -22.61 51.72 -45.24
CA PHE G 4711 -21.22 51.38 -44.97
C PHE G 4711 -20.95 49.88 -45.03
N PRO G 4712 -21.71 49.01 -44.34
CA PRO G 4712 -21.44 47.57 -44.52
C PRO G 4712 -22.23 47.00 -45.69
N SER G 4713 -21.88 47.42 -46.90
CA SER G 4713 -22.59 46.94 -48.09
C SER G 4713 -22.24 45.50 -48.41
N ASN G 4714 -20.96 45.14 -48.36
CA ASN G 4714 -20.54 43.78 -48.63
C ASN G 4714 -20.34 42.95 -47.37
N TYR G 4715 -19.76 43.54 -46.32
CA TYR G 4715 -19.63 42.85 -45.05
C TYR G 4715 -21.01 42.60 -44.46
N TRP G 4716 -21.22 41.37 -43.98
CA TRP G 4716 -22.57 40.92 -43.67
C TRP G 4716 -23.14 41.56 -42.41
N ASP G 4717 -22.29 42.00 -41.48
CA ASP G 4717 -22.77 42.52 -40.21
C ASP G 4717 -23.35 43.92 -40.44
N LYS G 4718 -24.64 43.95 -40.73
CA LYS G 4718 -25.34 45.21 -40.96
C LYS G 4718 -25.69 45.94 -39.67
N PHE G 4719 -25.24 45.44 -38.52
CA PHE G 4719 -25.61 46.03 -37.23
C PHE G 4719 -24.37 46.47 -36.45
N VAL G 4720 -23.26 46.70 -37.16
CA VAL G 4720 -22.04 47.10 -36.48
C VAL G 4720 -22.18 48.48 -35.87
N LYS G 4721 -22.93 49.38 -36.53
CA LYS G 4721 -23.16 50.70 -35.95
C LYS G 4721 -23.95 50.60 -34.65
N ARG G 4722 -24.95 49.71 -34.62
CA ARG G 4722 -25.70 49.51 -33.39
C ARG G 4722 -24.79 48.96 -32.29
N LYS G 4723 -23.92 48.01 -32.63
CA LYS G 4723 -23.05 47.41 -31.63
C LYS G 4723 -22.03 48.41 -31.11
N VAL G 4724 -21.47 49.24 -31.99
CA VAL G 4724 -20.51 50.24 -31.55
C VAL G 4724 -21.18 51.27 -30.65
N LEU G 4725 -22.41 51.66 -30.98
CA LEU G 4725 -23.14 52.62 -30.15
C LEU G 4725 -23.40 52.06 -28.77
N ASP G 4726 -23.77 50.79 -28.68
CA ASP G 4726 -24.06 50.19 -27.37
C ASP G 4726 -22.80 49.98 -26.55
N LYS G 4727 -21.64 49.91 -27.21
CA LYS G 4727 -20.39 49.62 -26.51
C LYS G 4727 -19.66 50.88 -26.06
N HIS G 4728 -19.59 51.89 -26.91
CA HIS G 4728 -18.87 53.12 -26.61
C HIS G 4728 -19.79 54.33 -26.43
N GLY G 4729 -21.10 54.14 -26.54
CA GLY G 4729 -22.01 55.27 -26.45
C GLY G 4729 -22.03 55.92 -25.08
N ASP G 4730 -22.06 55.11 -24.02
CA ASP G 4730 -22.21 55.66 -22.68
C ASP G 4730 -21.01 56.51 -22.27
N ILE G 4731 -19.80 56.09 -22.60
CA ILE G 4731 -18.62 56.79 -22.09
C ILE G 4731 -18.24 57.98 -22.97
N PHE G 4732 -18.55 57.94 -24.27
CA PHE G 4732 -18.22 59.05 -25.16
C PHE G 4732 -19.42 59.85 -25.63
N GLY G 4733 -20.64 59.40 -25.34
CA GLY G 4733 -21.80 60.15 -25.78
C GLY G 4733 -22.54 59.48 -26.92
N ARG G 4734 -23.78 59.06 -26.67
CA ARG G 4734 -24.56 58.40 -27.71
C ARG G 4734 -24.80 59.33 -28.89
N GLU G 4735 -25.12 60.60 -28.62
CA GLU G 4735 -25.38 61.54 -29.70
C GLU G 4735 -24.12 61.87 -30.50
N ARG G 4736 -22.95 61.78 -29.87
CA ARG G 4736 -21.71 61.99 -30.62
C ARG G 4736 -21.39 60.79 -31.51
N ILE G 4737 -21.57 59.58 -31.00
CA ILE G 4737 -21.35 58.39 -31.81
C ILE G 4737 -22.34 58.33 -32.96
N ALA G 4738 -23.60 58.65 -32.68
CA ALA G 4738 -24.62 58.64 -33.74
C ALA G 4738 -24.29 59.64 -34.83
N GLU G 4739 -23.74 60.80 -34.45
CA GLU G 4739 -23.32 61.77 -35.44
C GLU G 4739 -22.15 61.24 -36.26
N LEU G 4740 -21.19 60.59 -35.61
CA LEU G 4740 -20.03 60.06 -36.32
C LEU G 4740 -20.44 58.96 -37.29
N LEU G 4741 -21.36 58.09 -36.87
CA LEU G 4741 -21.79 56.97 -37.68
C LEU G 4741 -23.05 57.26 -38.49
N GLY G 4742 -23.58 58.47 -38.43
CA GLY G 4742 -24.75 58.82 -39.23
C GLY G 4742 -25.99 58.02 -38.89
N MET G 4743 -26.31 57.88 -37.61
CA MET G 4743 -27.45 57.11 -37.17
C MET G 4743 -28.54 58.02 -36.64
N ASP G 4744 -29.79 57.67 -36.96
CA ASP G 4744 -30.96 58.35 -36.40
C ASP G 4744 -31.40 57.57 -35.16
N LEU G 4745 -31.27 58.19 -34.00
CA LEU G 4745 -31.57 57.49 -32.75
C LEU G 4745 -33.07 57.26 -32.61
N ALA G 4746 -33.89 58.12 -33.21
CA ALA G 4746 -35.33 57.96 -33.09
C ALA G 4746 -35.87 56.80 -33.91
N SER G 4747 -35.14 56.36 -34.94
CA SER G 4747 -35.62 55.31 -35.83
C SER G 4747 -35.27 53.91 -35.35
N LEU G 4748 -34.47 53.78 -34.29
CA LEU G 4748 -34.09 52.44 -33.81
C LEU G 4748 -35.29 51.67 -33.27
N GLU G 4749 -36.15 52.33 -32.51
CA GLU G 4749 -37.24 51.63 -31.84
C GLU G 4749 -38.33 51.21 -32.82
N ILE G 4750 -38.68 52.08 -33.76
CA ILE G 4750 -39.82 51.81 -34.65
C ILE G 4750 -39.55 50.59 -35.52
N THR G 4751 -38.28 50.37 -35.89
CA THR G 4751 -37.93 49.17 -36.65
C THR G 4751 -38.21 47.92 -35.83
N ALA G 4752 -37.89 47.95 -34.54
CA ALA G 4752 -38.23 46.83 -33.66
C ALA G 4752 -39.71 46.81 -33.30
N HIS G 4753 -40.41 47.92 -33.48
CA HIS G 4753 -41.85 47.96 -33.20
C HIS G 4753 -42.61 47.07 -34.18
N ASN G 4754 -42.51 47.39 -35.47
CA ASN G 4754 -43.14 46.59 -36.52
C ASN G 4754 -42.34 46.79 -37.80
N GLU G 4755 -42.76 46.13 -38.87
CA GLU G 4755 -42.08 46.20 -40.15
C GLU G 4755 -42.97 46.92 -41.16
N ARG G 4756 -42.37 47.84 -41.92
CA ARG G 4756 -43.09 48.58 -42.95
C ARG G 4756 -42.83 47.95 -44.31
N LYS G 4757 -43.88 47.91 -45.13
CA LYS G 4757 -43.81 47.36 -46.49
C LYS G 4757 -44.18 48.46 -47.46
N PRO G 4758 -43.22 49.25 -47.93
CA PRO G 4758 -43.51 50.33 -48.86
C PRO G 4758 -43.63 49.80 -50.30
N ASP G 4759 -43.81 50.72 -51.23
CA ASP G 4759 -43.89 50.37 -52.64
C ASP G 4759 -42.52 50.53 -53.29
N PRO G 4760 -41.90 49.46 -53.76
CA PRO G 4760 -40.64 49.56 -54.50
C PRO G 4760 -40.87 49.76 -55.99
N PRO G 4761 -41.06 50.99 -56.46
CA PRO G 4761 -41.41 51.20 -57.86
C PRO G 4761 -40.28 50.80 -58.77
N PRO G 4762 -40.53 49.91 -59.74
CA PRO G 4762 -39.49 49.46 -60.67
C PRO G 4762 -39.20 50.45 -61.80
N GLY G 4763 -38.92 51.69 -61.42
CA GLY G 4763 -38.63 52.76 -62.38
C GLY G 4763 -37.19 53.20 -62.28
N LEU G 4764 -36.60 53.52 -63.43
CA LEU G 4764 -35.22 54.01 -63.46
C LEU G 4764 -35.09 55.38 -62.82
N LEU G 4765 -36.13 56.21 -62.95
CA LEU G 4765 -36.10 57.54 -62.33
C LEU G 4765 -36.00 57.45 -60.81
N THR G 4766 -36.79 56.55 -60.21
CA THR G 4766 -36.75 56.40 -58.75
C THR G 4766 -35.42 55.81 -58.30
N TRP G 4767 -34.67 55.18 -59.21
CA TRP G 4767 -33.36 54.62 -58.89
C TRP G 4767 -32.27 55.68 -58.82
N LEU G 4768 -32.51 56.87 -59.38
CA LEU G 4768 -31.42 57.84 -59.54
C LEU G 4768 -30.95 58.38 -58.19
N MET G 4769 -31.88 58.81 -57.34
CA MET G 4769 -31.50 59.37 -56.04
C MET G 4769 -31.29 58.29 -54.98
N SER G 4770 -31.44 57.02 -55.32
CA SER G 4770 -31.27 55.93 -54.37
C SER G 4770 -29.82 55.53 -54.18
N ILE G 4771 -28.89 56.17 -54.88
CA ILE G 4771 -27.48 55.81 -54.79
C ILE G 4771 -26.82 56.66 -53.71
N ASP G 4772 -25.83 56.09 -53.03
CA ASP G 4772 -25.12 56.75 -51.94
C ASP G 4772 -23.84 57.34 -52.50
N VAL G 4773 -23.85 58.65 -52.75
CA VAL G 4773 -22.75 59.29 -53.46
C VAL G 4773 -21.46 59.22 -52.65
N LYS G 4774 -21.55 59.49 -51.34
CA LYS G 4774 -20.33 59.53 -50.52
C LYS G 4774 -19.71 58.16 -50.39
N TYR G 4775 -20.53 57.11 -50.38
CA TYR G 4775 -20.00 55.75 -50.30
C TYR G 4775 -19.26 55.38 -51.59
N GLN G 4776 -19.82 55.77 -52.74
CA GLN G 4776 -19.21 55.43 -54.02
C GLN G 4776 -17.86 56.11 -54.17
N ILE G 4777 -17.75 57.35 -53.69
CA ILE G 4777 -16.47 58.05 -53.76
C ILE G 4777 -15.43 57.35 -52.90
N TRP G 4778 -15.84 56.89 -51.71
CA TRP G 4778 -14.95 56.08 -50.89
C TRP G 4778 -14.62 54.76 -51.58
N LYS G 4779 -15.62 54.10 -52.16
CA LYS G 4779 -15.40 52.79 -52.77
C LYS G 4779 -14.47 52.89 -53.96
N PHE G 4780 -14.64 53.92 -54.79
CA PHE G 4780 -13.80 54.07 -55.96
C PHE G 4780 -12.37 54.42 -55.59
N GLY G 4781 -12.18 55.13 -54.47
CA GLY G 4781 -10.82 55.37 -53.99
C GLY G 4781 -10.13 54.10 -53.55
N VAL G 4782 -10.89 53.17 -52.99
CA VAL G 4782 -10.32 51.87 -52.64
C VAL G 4782 -10.00 51.06 -53.88
N ILE G 4783 -10.89 51.08 -54.87
CA ILE G 4783 -10.66 50.34 -56.11
C ILE G 4783 -9.47 50.93 -56.86
N PHE G 4784 -9.40 52.26 -56.93
CA PHE G 4784 -8.34 52.90 -57.70
C PHE G 4784 -6.98 52.81 -57.03
N THR G 4785 -6.92 52.35 -55.79
CA THR G 4785 -5.66 52.08 -55.12
C THR G 4785 -5.31 50.60 -55.10
N ASP G 4786 -6.11 49.77 -55.77
CA ASP G 4786 -5.82 48.35 -55.88
C ASP G 4786 -4.83 48.12 -57.01
N ASN G 4787 -3.77 47.36 -56.73
CA ASN G 4787 -2.71 47.15 -57.72
C ASN G 4787 -3.23 46.44 -58.96
N SER G 4788 -4.01 45.37 -58.76
CA SER G 4788 -4.51 44.61 -59.90
C SER G 4788 -5.43 45.46 -60.77
N PHE G 4789 -6.30 46.26 -60.15
CA PHE G 4789 -7.14 47.16 -60.93
C PHE G 4789 -6.31 48.20 -61.66
N LEU G 4790 -5.29 48.74 -61.00
CA LEU G 4790 -4.44 49.73 -61.66
C LEU G 4790 -3.69 49.12 -62.82
N TYR G 4791 -3.22 47.88 -62.67
CA TYR G 4791 -2.57 47.20 -63.79
C TYR G 4791 -3.54 46.99 -64.94
N LEU G 4792 -4.76 46.55 -64.64
CA LEU G 4792 -5.76 46.39 -65.68
C LEU G 4792 -6.14 47.74 -66.28
N GLY G 4793 -6.20 48.78 -65.45
CA GLY G 4793 -6.44 50.11 -65.97
C GLY G 4793 -5.30 50.61 -66.85
N TRP G 4794 -4.07 50.28 -66.47
CA TRP G 4794 -2.93 50.58 -67.33
C TRP G 4794 -3.04 49.83 -68.65
N TYR G 4795 -3.49 48.58 -68.60
CA TYR G 4795 -3.67 47.80 -69.81
C TYR G 4795 -4.72 48.44 -70.72
N MET G 4796 -5.70 49.13 -70.12
CA MET G 4796 -6.65 49.92 -70.89
C MET G 4796 -5.98 51.06 -71.65
N VAL G 4797 -5.21 51.89 -70.95
CA VAL G 4797 -4.70 53.11 -71.56
C VAL G 4797 -3.78 52.77 -72.73
N MET G 4798 -2.93 51.77 -72.56
CA MET G 4798 -2.03 51.38 -73.64
C MET G 4798 -2.80 50.83 -74.83
N SER G 4799 -3.88 50.10 -74.57
CA SER G 4799 -4.67 49.53 -75.67
C SER G 4799 -5.34 50.63 -76.49
N LEU G 4800 -5.92 51.63 -75.84
CA LEU G 4800 -6.49 52.75 -76.58
C LEU G 4800 -5.41 53.53 -77.31
N LEU G 4801 -4.25 53.72 -76.67
CA LEU G 4801 -3.15 54.41 -77.32
C LEU G 4801 -2.61 53.61 -78.50
N GLY G 4802 -2.81 52.29 -78.50
CA GLY G 4802 -2.41 51.49 -79.63
C GLY G 4802 -3.13 51.87 -80.91
N HIS G 4803 -4.37 52.33 -80.79
CA HIS G 4803 -5.10 52.80 -81.97
C HIS G 4803 -4.52 54.12 -82.47
N TYR G 4804 -3.96 54.92 -81.56
CA TYR G 4804 -3.26 56.13 -81.98
C TYR G 4804 -1.98 55.79 -82.74
N ASN G 4805 -1.17 54.90 -82.17
CA ASN G 4805 0.02 54.39 -82.82
C ASN G 4805 0.15 52.91 -82.50
N ASN G 4806 0.18 52.08 -83.54
CA ASN G 4806 0.12 50.63 -83.33
C ASN G 4806 1.32 50.09 -82.56
N PHE G 4807 2.42 50.83 -82.50
CA PHE G 4807 3.59 50.33 -81.78
C PHE G 4807 3.40 50.38 -80.28
N PHE G 4808 2.37 51.07 -79.79
CA PHE G 4808 2.09 51.08 -78.36
C PHE G 4808 1.58 49.72 -77.89
N PHE G 4809 1.14 48.86 -78.80
CA PHE G 4809 0.72 47.51 -78.42
C PHE G 4809 1.89 46.65 -77.97
N ALA G 4810 3.12 47.09 -78.20
CA ALA G 4810 4.28 46.33 -77.72
C ALA G 4810 4.32 46.29 -76.20
N ALA G 4811 3.78 47.32 -75.54
CA ALA G 4811 3.78 47.34 -74.09
C ALA G 4811 2.96 46.21 -73.49
N HIS G 4812 1.94 45.74 -74.21
CA HIS G 4812 1.12 44.65 -73.70
C HIS G 4812 1.87 43.32 -73.70
N LEU G 4813 3.00 43.24 -74.40
CA LEU G 4813 3.83 42.05 -74.32
C LEU G 4813 4.46 41.85 -72.95
N LEU G 4814 4.44 42.89 -72.10
CA LEU G 4814 4.98 42.74 -70.75
C LEU G 4814 4.04 41.94 -69.85
N ASP G 4815 2.85 41.61 -70.35
CA ASP G 4815 1.85 40.91 -69.55
C ASP G 4815 2.31 39.49 -69.21
N ILE G 4816 3.30 38.96 -69.94
CA ILE G 4816 3.81 37.62 -69.63
C ILE G 4816 4.50 37.58 -68.29
N ALA G 4817 4.87 38.73 -67.73
CA ALA G 4817 5.36 38.76 -66.36
C ALA G 4817 4.29 38.29 -65.39
N MET G 4818 3.05 38.73 -65.60
CA MET G 4818 1.91 38.25 -64.84
C MET G 4818 1.16 37.13 -65.54
N GLY G 4819 1.32 36.98 -66.85
CA GLY G 4819 0.55 35.97 -67.57
C GLY G 4819 0.92 34.55 -67.18
N VAL G 4820 2.21 34.26 -67.08
CA VAL G 4820 2.69 32.93 -66.74
C VAL G 4820 3.31 32.99 -65.36
N LYS G 4821 2.87 32.08 -64.48
CA LYS G 4821 3.34 32.09 -63.10
C LYS G 4821 4.83 31.82 -63.00
N THR G 4822 5.40 31.09 -63.96
CA THR G 4822 6.82 30.81 -63.90
C THR G 4822 7.65 32.09 -64.02
N LEU G 4823 7.38 32.89 -65.06
CA LEU G 4823 8.15 34.11 -65.26
C LEU G 4823 8.01 35.07 -64.10
N ARG G 4824 6.85 35.06 -63.44
CA ARG G 4824 6.68 35.90 -62.26
C ARG G 4824 7.59 35.45 -61.13
N THR G 4825 7.93 34.15 -61.09
CA THR G 4825 8.84 33.66 -60.07
C THR G 4825 10.26 34.16 -60.31
N ILE G 4826 10.74 34.07 -61.55
CA ILE G 4826 12.07 34.61 -61.86
C ILE G 4826 12.10 36.11 -61.65
N LEU G 4827 11.06 36.81 -62.08
CA LEU G 4827 11.03 38.26 -61.88
C LEU G 4827 10.99 38.63 -60.41
N SER G 4828 10.40 37.77 -59.57
CA SER G 4828 10.41 38.03 -58.14
C SER G 4828 11.82 37.91 -57.57
N SER G 4829 12.68 37.12 -58.20
CA SER G 4829 14.07 36.99 -57.76
C SER G 4829 14.89 38.24 -58.06
N VAL G 4830 14.36 39.18 -58.83
CA VAL G 4830 15.03 40.46 -59.06
C VAL G 4830 14.49 41.54 -58.14
N THR G 4831 13.17 41.58 -57.96
CA THR G 4831 12.54 42.58 -57.11
C THR G 4831 12.63 42.25 -55.63
N HIS G 4832 13.09 41.06 -55.27
CA HIS G 4832 13.21 40.70 -53.86
C HIS G 4832 14.22 41.60 -53.15
N ASN G 4833 15.40 41.75 -53.74
CA ASN G 4833 16.43 42.65 -53.23
C ASN G 4833 16.44 43.95 -54.02
N GLY G 4834 15.26 44.41 -54.43
CA GLY G 4834 15.18 45.59 -55.28
C GLY G 4834 15.72 46.84 -54.62
N LYS G 4835 15.43 47.02 -53.33
CA LYS G 4835 15.93 48.20 -52.62
C LYS G 4835 17.45 48.18 -52.56
N GLN G 4836 18.05 46.99 -52.52
CA GLN G 4836 19.50 46.90 -52.58
C GLN G 4836 20.01 47.16 -53.99
N LEU G 4837 19.28 46.71 -55.01
CA LEU G 4837 19.71 46.90 -56.39
C LEU G 4837 19.81 48.37 -56.74
N VAL G 4838 18.83 49.18 -56.33
CA VAL G 4838 18.87 50.59 -56.63
C VAL G 4838 19.96 51.28 -55.82
N MET G 4839 20.12 50.89 -54.56
CA MET G 4839 21.12 51.52 -53.71
C MET G 4839 22.54 51.23 -54.21
N THR G 4840 22.81 49.98 -54.60
CA THR G 4840 24.14 49.66 -55.09
C THR G 4840 24.41 50.32 -56.44
N VAL G 4841 23.37 50.63 -57.21
CA VAL G 4841 23.54 51.44 -58.41
C VAL G 4841 23.87 52.87 -58.03
N GLY G 4842 23.19 53.41 -57.02
CA GLY G 4842 23.50 54.75 -56.55
C GLY G 4842 24.91 54.86 -56.01
N LEU G 4843 25.37 53.81 -55.32
CA LEU G 4843 26.77 53.76 -54.89
C LEU G 4843 27.71 53.76 -56.08
N LEU G 4844 27.33 53.05 -57.15
CA LEU G 4844 28.13 53.05 -58.37
C LEU G 4844 28.20 54.45 -58.97
N ALA G 4845 27.12 55.22 -58.83
CA ALA G 4845 27.12 56.59 -59.34
C ALA G 4845 28.06 57.48 -58.55
N VAL G 4846 28.12 57.28 -57.23
CA VAL G 4846 28.99 58.10 -56.38
C VAL G 4846 30.45 57.75 -56.64
N VAL G 4847 30.77 56.45 -56.71
CA VAL G 4847 32.15 56.03 -56.89
C VAL G 4847 32.70 56.52 -58.22
N VAL G 4848 31.91 56.40 -59.29
CA VAL G 4848 32.34 56.90 -60.58
C VAL G 4848 32.55 58.41 -60.54
N TYR G 4849 31.70 59.12 -59.79
CA TYR G 4849 31.85 60.56 -59.66
C TYR G 4849 33.21 60.93 -59.05
N LEU G 4850 33.65 60.17 -58.05
CA LEU G 4850 34.94 60.44 -57.44
C LEU G 4850 36.07 60.27 -58.46
N TYR G 4851 35.97 59.24 -59.31
CA TYR G 4851 36.95 59.07 -60.37
C TYR G 4851 36.88 60.23 -61.36
N THR G 4852 35.68 60.73 -61.62
CA THR G 4852 35.54 61.88 -62.51
C THR G 4852 36.25 63.10 -61.95
N VAL G 4853 36.14 63.32 -60.64
CA VAL G 4853 36.79 64.46 -60.01
C VAL G 4853 38.30 64.37 -60.17
N VAL G 4854 38.86 63.18 -59.94
CA VAL G 4854 40.30 62.98 -60.07
C VAL G 4854 40.74 63.21 -61.51
N ALA G 4855 40.00 62.65 -62.47
CA ALA G 4855 40.36 62.78 -63.88
C ALA G 4855 40.29 64.24 -64.32
N PHE G 4856 39.28 64.97 -63.86
CA PHE G 4856 39.11 66.35 -64.30
C PHE G 4856 40.19 67.26 -63.75
N ASN G 4857 40.93 66.78 -62.75
CA ASN G 4857 41.96 67.62 -62.14
C ASN G 4857 43.36 67.24 -62.63
N PHE G 4858 43.55 66.00 -63.08
CA PHE G 4858 44.89 65.53 -63.39
C PHE G 4858 45.04 64.89 -64.77
N PHE G 4859 43.98 64.31 -65.33
CA PHE G 4859 44.14 63.45 -66.50
C PHE G 4859 43.33 63.93 -67.70
N ARG G 4860 43.19 65.25 -67.87
CA ARG G 4860 42.37 65.76 -68.97
C ARG G 4860 43.02 65.53 -70.32
N LYS G 4861 44.35 65.38 -70.36
CA LYS G 4861 45.03 65.21 -71.64
C LYS G 4861 44.62 63.92 -72.33
N PHE G 4862 44.22 62.91 -71.56
CA PHE G 4862 43.97 61.58 -72.09
C PHE G 4862 42.54 61.39 -72.59
N TYR G 4863 41.73 62.45 -72.62
CA TYR G 4863 40.33 62.34 -72.99
C TYR G 4863 40.05 62.97 -74.35
N ASN G 4864 40.96 62.79 -75.30
CA ASN G 4864 40.76 63.21 -76.69
C ASN G 4864 40.16 62.03 -77.44
N LYS G 4865 38.87 62.10 -77.73
CA LYS G 4865 38.17 61.04 -78.46
C LYS G 4865 37.96 61.38 -79.92
N SER G 4866 38.89 62.12 -80.51
CA SER G 4866 38.81 62.51 -81.92
C SER G 4866 40.06 62.02 -82.64
N GLU G 4867 39.87 61.20 -83.67
CA GLU G 4867 40.99 60.80 -84.51
C GLU G 4867 41.47 61.97 -85.37
N ASP G 4868 40.64 62.98 -85.56
CA ASP G 4868 41.06 64.19 -86.25
C ASP G 4868 42.13 64.92 -85.45
N GLU G 4869 43.06 65.56 -86.17
CA GLU G 4869 44.19 66.22 -85.54
C GLU G 4869 44.01 67.72 -85.34
N ASP G 4870 43.05 68.34 -86.03
CA ASP G 4870 42.83 69.78 -85.91
C ASP G 4870 41.62 70.14 -85.07
N GLU G 4871 40.68 69.21 -84.87
CA GLU G 4871 39.48 69.47 -84.08
C GLU G 4871 39.41 68.46 -82.95
N PRO G 4872 40.02 68.73 -81.80
CA PRO G 4872 39.98 67.76 -80.70
C PRO G 4872 38.63 67.72 -80.02
N ASP G 4873 38.19 66.51 -79.68
CA ASP G 4873 36.92 66.29 -78.98
C ASP G 4873 37.23 66.00 -77.51
N MET G 4874 37.43 67.08 -76.76
CA MET G 4874 37.71 66.95 -75.33
C MET G 4874 36.48 66.41 -74.62
N LYS G 4875 36.63 65.27 -73.95
CA LYS G 4875 35.52 64.69 -73.19
C LYS G 4875 35.59 64.99 -71.71
N CYS G 4876 36.60 65.72 -71.25
CA CYS G 4876 36.74 66.02 -69.82
C CYS G 4876 37.19 67.46 -69.59
N ASP G 4877 36.77 68.39 -70.47
CA ASP G 4877 36.94 69.80 -70.19
C ASP G 4877 35.77 70.38 -69.40
N ASP G 4878 34.77 69.57 -69.08
CA ASP G 4878 33.66 69.97 -68.26
C ASP G 4878 33.30 68.81 -67.35
N MET G 4879 32.86 69.13 -66.13
CA MET G 4879 32.51 68.06 -65.19
C MET G 4879 31.32 67.26 -65.68
N MET G 4880 30.30 67.94 -66.23
CA MET G 4880 29.13 67.23 -66.71
C MET G 4880 29.49 66.31 -67.88
N THR G 4881 30.32 66.78 -68.80
CA THR G 4881 30.74 65.94 -69.92
C THR G 4881 31.61 64.78 -69.43
N CYS G 4882 32.54 65.06 -68.51
CA CYS G 4882 33.41 64.01 -67.99
C CYS G 4882 32.62 62.99 -67.18
N TYR G 4883 31.67 63.44 -66.37
CA TYR G 4883 30.84 62.52 -65.61
C TYR G 4883 29.98 61.66 -66.53
N LEU G 4884 29.39 62.26 -67.56
CA LEU G 4884 28.62 61.49 -68.52
C LEU G 4884 29.51 60.49 -69.24
N PHE G 4885 30.74 60.88 -69.57
CA PHE G 4885 31.67 59.99 -70.24
C PHE G 4885 31.97 58.76 -69.40
N HIS G 4886 32.27 58.96 -68.11
CA HIS G 4886 32.64 57.85 -67.25
C HIS G 4886 31.49 56.87 -67.06
N MET G 4887 30.26 57.39 -66.89
CA MET G 4887 29.13 56.48 -66.74
C MET G 4887 28.78 55.79 -68.04
N TYR G 4888 28.79 56.51 -69.16
CA TYR G 4888 28.31 55.96 -70.43
C TYR G 4888 29.29 54.98 -71.04
N VAL G 4889 30.59 55.29 -71.02
CA VAL G 4889 31.56 54.44 -71.72
C VAL G 4889 32.46 53.72 -70.72
N GLY G 4890 32.67 54.33 -69.55
CA GLY G 4890 33.56 53.71 -68.58
C GLY G 4890 32.96 52.46 -67.96
N VAL G 4891 31.69 52.53 -67.57
CA VAL G 4891 31.05 51.39 -66.92
C VAL G 4891 30.84 50.26 -67.90
N ARG G 4892 30.41 50.58 -69.13
CA ARG G 4892 30.12 49.55 -70.12
C ARG G 4892 31.37 48.91 -70.70
N ALA G 4893 32.53 49.55 -70.55
CA ALA G 4893 33.76 48.97 -71.08
C ALA G 4893 34.17 47.75 -70.25
N GLY G 4894 34.70 46.74 -70.94
CA GLY G 4894 35.09 45.52 -70.25
C GLY G 4894 36.25 45.73 -69.29
N GLY G 4895 37.21 46.57 -69.68
CA GLY G 4895 38.37 46.81 -68.83
C GLY G 4895 38.31 48.11 -68.08
N GLY G 4896 37.16 48.77 -68.08
CA GLY G 4896 37.01 50.00 -67.35
C GLY G 4896 37.33 51.23 -68.20
N ILE G 4897 37.55 52.34 -67.51
CA ILE G 4897 37.81 53.61 -68.19
C ILE G 4897 39.13 53.57 -68.93
N GLY G 4898 40.06 52.72 -68.53
CA GLY G 4898 41.36 52.68 -69.18
C GLY G 4898 41.29 52.17 -70.60
N ASP G 4899 40.18 51.53 -70.96
CA ASP G 4899 40.02 51.02 -72.32
C ASP G 4899 39.77 52.14 -73.31
N GLU G 4900 39.08 53.20 -72.88
CA GLU G 4900 38.64 54.22 -73.82
C GLU G 4900 39.64 55.36 -73.93
N ILE G 4901 40.18 55.83 -72.81
CA ILE G 4901 41.05 57.00 -72.83
C ILE G 4901 42.43 56.60 -73.35
N GLU G 4902 43.24 57.63 -73.61
CA GLU G 4902 44.47 57.45 -74.37
C GLU G 4902 45.51 56.67 -73.57
N ASP G 4903 46.41 56.02 -74.29
CA ASP G 4903 47.43 55.17 -73.68
C ASP G 4903 48.42 56.05 -72.90
N PRO G 4904 48.66 55.76 -71.62
CA PRO G 4904 49.56 56.60 -70.83
C PRO G 4904 51.02 56.20 -70.93
N ALA G 4905 51.36 55.38 -71.93
CA ALA G 4905 52.71 54.86 -72.05
C ALA G 4905 53.71 56.00 -72.23
N GLY G 4906 54.80 55.93 -71.47
CA GLY G 4906 55.85 56.93 -71.58
C GLY G 4906 55.42 58.32 -71.20
N ASP G 4907 54.73 58.46 -70.06
CA ASP G 4907 54.23 59.74 -69.60
C ASP G 4907 54.67 59.96 -68.16
N GLU G 4908 54.65 61.23 -67.75
CA GLU G 4908 55.08 61.58 -66.40
C GLU G 4908 54.11 61.07 -65.35
N TYR G 4909 52.85 60.86 -65.74
CA TYR G 4909 51.82 60.36 -64.84
C TYR G 4909 51.44 58.91 -65.15
N GLU G 4910 52.38 58.13 -65.69
CA GLU G 4910 52.07 56.76 -66.09
C GLU G 4910 51.64 55.93 -64.88
N LEU G 4911 52.45 55.92 -63.83
CA LEU G 4911 52.14 55.07 -62.68
C LEU G 4911 50.91 55.57 -61.94
N TYR G 4912 50.65 56.87 -61.97
CA TYR G 4912 49.42 57.38 -61.39
C TYR G 4912 48.20 56.94 -62.18
N ARG G 4913 48.32 56.91 -63.50
CA ARG G 4913 47.18 56.56 -64.34
C ARG G 4913 46.89 55.07 -64.31
N VAL G 4914 47.92 54.23 -64.18
CA VAL G 4914 47.67 52.80 -64.09
C VAL G 4914 46.94 52.46 -62.80
N VAL G 4915 47.24 53.18 -61.72
CA VAL G 4915 46.49 53.00 -60.48
C VAL G 4915 45.07 53.50 -60.65
N PHE G 4916 44.89 54.57 -61.43
CA PHE G 4916 43.55 55.04 -61.79
C PHE G 4916 42.74 53.93 -62.45
N ASP G 4917 43.38 53.15 -63.33
CA ASP G 4917 42.63 52.24 -64.17
C ASP G 4917 42.31 50.93 -63.46
N ILE G 4918 43.29 50.32 -62.81
CA ILE G 4918 43.04 49.02 -62.20
C ILE G 4918 42.18 49.15 -60.95
N THR G 4919 42.15 50.32 -60.32
CA THR G 4919 41.21 50.53 -59.22
C THR G 4919 39.80 50.77 -59.75
N PHE G 4920 39.67 51.52 -60.84
CA PHE G 4920 38.37 51.65 -61.48
C PHE G 4920 37.86 50.31 -61.98
N PHE G 4921 38.74 49.51 -62.58
CA PHE G 4921 38.34 48.21 -63.09
C PHE G 4921 37.94 47.26 -61.97
N PHE G 4922 38.69 47.28 -60.86
CA PHE G 4922 38.41 46.35 -59.77
C PHE G 4922 37.17 46.78 -58.99
N PHE G 4923 37.07 48.06 -58.66
CA PHE G 4923 35.94 48.52 -57.84
C PHE G 4923 34.64 48.53 -58.64
N VAL G 4924 34.67 49.04 -59.86
CA VAL G 4924 33.44 49.23 -60.63
C VAL G 4924 33.08 47.97 -61.39
N ILE G 4925 33.96 47.55 -62.30
CA ILE G 4925 33.65 46.43 -63.18
C ILE G 4925 33.63 45.12 -62.41
N VAL G 4926 34.58 44.92 -61.50
CA VAL G 4926 34.76 43.61 -60.88
C VAL G 4926 33.91 43.49 -59.62
N ILE G 4927 34.00 44.47 -58.72
CA ILE G 4927 33.35 44.34 -57.42
C ILE G 4927 31.90 44.79 -57.49
N LEU G 4928 31.65 46.02 -57.94
CA LEU G 4928 30.29 46.55 -57.90
C LEU G 4928 29.34 45.75 -58.78
N LEU G 4929 29.78 45.36 -59.98
CA LEU G 4929 28.92 44.51 -60.80
C LEU G 4929 28.73 43.13 -60.17
N ALA G 4930 29.72 42.65 -59.41
CA ALA G 4930 29.55 41.40 -58.68
C ALA G 4930 28.46 41.53 -57.62
N ILE G 4931 28.32 42.72 -57.02
CA ILE G 4931 27.26 42.93 -56.03
C ILE G 4931 25.89 42.77 -56.68
N ILE G 4932 25.72 43.32 -57.89
CA ILE G 4932 24.46 43.15 -58.59
C ILE G 4932 24.20 41.68 -58.86
N GLN G 4933 25.20 40.96 -59.37
CA GLN G 4933 25.06 39.54 -59.63
C GLN G 4933 24.79 38.76 -58.35
N GLY G 4934 25.46 39.10 -57.26
CA GLY G 4934 25.25 38.38 -56.01
C GLY G 4934 23.84 38.56 -55.47
N LEU G 4935 23.28 39.76 -55.61
CA LEU G 4935 21.95 40.02 -55.08
C LEU G 4935 20.89 39.20 -55.82
N ILE G 4936 21.02 39.08 -57.14
CA ILE G 4936 20.10 38.21 -57.88
C ILE G 4936 20.28 36.76 -57.48
N ILE G 4937 21.53 36.32 -57.35
CA ILE G 4937 21.80 34.93 -56.97
C ILE G 4937 21.28 34.66 -55.57
N ASP G 4938 21.48 35.59 -54.64
CA ASP G 4938 21.03 35.39 -53.27
C ASP G 4938 19.52 35.28 -53.18
N ALA G 4939 18.79 36.07 -53.98
CA ALA G 4939 17.34 36.01 -53.93
C ALA G 4939 16.81 34.66 -54.39
N PHE G 4940 17.49 34.03 -55.35
CA PHE G 4940 17.07 32.70 -55.79
C PHE G 4940 17.16 31.71 -54.65
N GLY G 4941 18.25 31.73 -53.90
CA GLY G 4941 18.36 30.87 -52.74
C GLY G 4941 17.38 31.24 -51.64
N GLU G 4942 17.21 32.54 -51.41
CA GLU G 4942 16.33 32.99 -50.34
C GLU G 4942 14.88 32.60 -50.60
N LEU G 4943 14.42 32.76 -51.84
CA LEU G 4943 13.04 32.39 -52.16
C LEU G 4943 12.87 30.88 -52.15
N ARG G 4944 13.90 30.14 -52.56
CA ARG G 4944 13.78 28.68 -52.59
C ARG G 4944 13.62 28.10 -51.20
N ASP G 4945 14.38 28.60 -50.22
CA ASP G 4945 14.27 28.05 -48.87
C ASP G 4945 12.95 28.44 -48.21
N GLN G 4946 12.37 29.56 -48.60
CA GLN G 4946 11.06 29.93 -48.08
C GLN G 4946 10.01 28.90 -48.49
N GLN G 4947 10.04 28.46 -49.75
CA GLN G 4947 9.15 27.37 -50.17
C GLN G 4947 9.43 26.10 -49.38
N GLU G 4948 10.71 25.78 -49.19
CA GLU G 4948 11.06 24.56 -48.47
C GLU G 4948 10.69 24.65 -46.99
N GLN G 4949 10.87 25.83 -46.40
CA GLN G 4949 10.53 26.00 -44.99
C GLN G 4949 9.03 25.83 -44.77
N VAL G 4950 8.21 26.38 -45.66
CA VAL G 4950 6.78 26.22 -45.54
C VAL G 4950 6.38 24.76 -45.71
N LYS G 4951 6.96 24.08 -46.71
CA LYS G 4951 6.59 22.69 -46.95
C LYS G 4951 7.13 21.78 -45.85
N GLU G 4952 8.19 22.21 -45.16
CA GLU G 4952 8.72 21.40 -44.07
C GLU G 4952 7.89 21.60 -42.80
N ASP G 4953 7.50 22.83 -42.52
CA ASP G 4953 6.67 23.09 -41.35
C ASP G 4953 5.31 22.42 -41.48
N MET G 4954 4.73 22.43 -42.68
CA MET G 4954 3.43 21.80 -42.88
C MET G 4954 3.50 20.30 -42.65
N GLU G 4955 4.56 19.64 -43.11
CA GLU G 4955 4.69 18.19 -43.01
C GLU G 4955 5.30 17.73 -41.69
N THR G 4956 5.71 18.64 -40.82
CA THR G 4956 6.32 18.26 -39.56
C THR G 4956 5.55 18.71 -38.32
N LYS G 4957 4.64 19.67 -38.45
CA LYS G 4957 3.84 20.11 -37.32
C LYS G 4957 2.39 20.24 -37.76
N CYS G 4958 1.48 20.13 -36.80
CA CYS G 4958 0.08 20.36 -37.08
C CYS G 4958 -0.19 21.85 -37.15
N PHE G 4959 -0.89 22.27 -38.20
CA PHE G 4959 -1.21 23.68 -38.38
C PHE G 4959 -2.07 24.23 -37.25
N ILE G 4960 -2.87 23.39 -36.60
CA ILE G 4960 -3.80 23.85 -35.58
C ILE G 4960 -3.15 23.78 -34.21
N CYS G 4961 -2.78 22.58 -33.76
CA CYS G 4961 -2.30 22.39 -32.40
C CYS G 4961 -0.80 22.64 -32.25
N GLY G 4962 -0.03 22.50 -33.33
CA GLY G 4962 1.40 22.75 -33.26
C GLY G 4962 2.23 21.60 -32.74
N ILE G 4963 1.63 20.45 -32.46
CA ILE G 4963 2.41 19.30 -32.01
C ILE G 4963 3.10 18.65 -33.20
N GLY G 4964 4.37 18.30 -33.02
CA GLY G 4964 5.16 17.79 -34.12
C GLY G 4964 4.74 16.40 -34.57
N SER G 4965 5.16 16.06 -35.79
CA SER G 4965 4.83 14.77 -36.36
C SER G 4965 5.46 13.61 -35.61
N ASP G 4966 6.55 13.85 -34.88
CA ASP G 4966 7.22 12.77 -34.16
C ASP G 4966 6.31 12.17 -33.10
N TYR G 4967 5.57 13.03 -32.39
CA TYR G 4967 4.65 12.52 -31.37
C TYR G 4967 3.55 11.67 -31.99
N PHE G 4968 2.98 12.10 -33.10
CA PHE G 4968 1.86 11.37 -33.69
C PHE G 4968 2.32 10.09 -34.38
N ASP G 4969 3.56 10.05 -34.85
CA ASP G 4969 4.04 8.88 -35.57
C ASP G 4969 4.28 7.68 -34.66
N THR G 4970 4.14 7.83 -33.35
CA THR G 4970 4.18 6.67 -32.46
C THR G 4970 3.14 5.64 -32.87
N THR G 4971 1.92 6.09 -33.11
CA THR G 4971 0.93 5.27 -33.79
C THR G 4971 1.24 5.25 -35.29
N PRO G 4972 1.17 4.10 -35.95
CA PRO G 4972 1.46 4.07 -37.39
C PRO G 4972 0.53 4.99 -38.16
N HIS G 4973 1.12 5.74 -39.10
CA HIS G 4973 0.40 6.74 -39.89
C HIS G 4973 -0.31 7.76 -39.00
N GLY G 4974 0.26 8.03 -37.83
CA GLY G 4974 -0.43 8.86 -36.85
C GLY G 4974 -0.59 10.30 -37.32
N PHE G 4975 0.46 10.87 -37.90
CA PHE G 4975 0.37 12.27 -38.33
C PHE G 4975 -0.55 12.41 -39.53
N GLU G 4976 -0.57 11.42 -40.42
CA GLU G 4976 -1.48 11.48 -41.56
C GLU G 4976 -2.93 11.46 -41.11
N THR G 4977 -3.25 10.63 -40.12
CA THR G 4977 -4.61 10.58 -39.60
C THR G 4977 -4.95 11.85 -38.82
N HIS G 4978 -4.00 12.36 -38.05
CA HIS G 4978 -4.27 13.54 -37.22
C HIS G 4978 -4.60 14.75 -38.08
N THR G 4979 -3.87 14.95 -39.17
CA THR G 4979 -4.10 16.11 -40.03
C THR G 4979 -5.28 15.94 -40.97
N LEU G 4980 -5.77 14.71 -41.15
CA LEU G 4980 -6.89 14.47 -42.05
C LEU G 4980 -8.23 14.32 -41.35
N GLU G 4981 -8.25 13.85 -40.11
CA GLU G 4981 -9.49 13.57 -39.41
C GLU G 4981 -9.63 14.34 -38.11
N GLU G 4982 -8.53 14.50 -37.35
CA GLU G 4982 -8.63 15.06 -36.02
C GLU G 4982 -8.53 16.59 -36.04
N HIS G 4983 -7.47 17.12 -36.65
CA HIS G 4983 -7.23 18.55 -36.68
C HIS G 4983 -7.13 19.07 -38.11
N ASN G 4984 -8.03 18.62 -38.98
CA ASN G 4984 -8.05 19.10 -40.35
C ASN G 4984 -8.51 20.55 -40.38
N LEU G 4985 -7.68 21.43 -40.98
CA LEU G 4985 -8.03 22.84 -41.01
C LEU G 4985 -9.22 23.10 -41.93
N ALA G 4986 -9.46 22.23 -42.91
CA ALA G 4986 -10.65 22.37 -43.73
C ALA G 4986 -11.92 22.16 -42.92
N ASN G 4987 -11.90 21.21 -41.99
CA ASN G 4987 -13.06 20.95 -41.16
C ASN G 4987 -13.36 22.11 -40.23
N TYR G 4988 -12.34 22.85 -39.80
CA TYR G 4988 -12.59 24.06 -39.01
C TYR G 4988 -13.26 25.14 -39.85
N MET G 4989 -12.90 25.22 -41.15
CA MET G 4989 -13.65 26.08 -42.06
C MET G 4989 -15.08 25.60 -42.21
N PHE G 4990 -15.27 24.29 -42.34
CA PHE G 4990 -16.61 23.74 -42.51
C PHE G 4990 -17.46 23.93 -41.26
N PHE G 4991 -16.85 23.84 -40.08
CA PHE G 4991 -17.60 24.03 -38.84
C PHE G 4991 -18.15 25.45 -38.75
N LEU G 4992 -17.35 26.44 -39.12
CA LEU G 4992 -17.80 27.82 -39.05
C LEU G 4992 -18.97 28.06 -39.99
N MET G 4993 -18.93 27.51 -41.19
CA MET G 4993 -20.06 27.62 -42.11
C MET G 4993 -21.27 26.88 -41.56
N TYR G 4994 -21.04 25.74 -40.92
CA TYR G 4994 -22.13 25.00 -40.27
C TYR G 4994 -22.75 25.81 -39.14
N LEU G 4995 -21.93 26.51 -38.34
CA LEU G 4995 -22.45 27.32 -37.26
C LEU G 4995 -23.27 28.50 -37.78
N ILE G 4996 -22.80 29.15 -38.85
CA ILE G 4996 -23.48 30.32 -39.38
C ILE G 4996 -24.86 30.00 -39.93
N ASN G 4997 -25.03 28.86 -40.59
CA ASN G 4997 -26.30 28.49 -41.19
C ASN G 4997 -27.25 27.87 -40.17
N LYS G 4998 -26.74 27.17 -39.16
CA LYS G 4998 -27.60 26.52 -38.18
C LYS G 4998 -28.34 27.55 -37.34
N ASP G 4999 -29.60 27.28 -37.06
CA ASP G 4999 -30.38 28.12 -36.17
C ASP G 4999 -29.79 28.10 -34.78
N GLU G 5000 -29.73 29.27 -34.15
CA GLU G 5000 -29.10 29.38 -32.83
C GLU G 5000 -29.87 28.59 -31.78
N THR G 5001 -31.18 28.48 -31.94
CA THR G 5001 -31.97 27.68 -31.00
C THR G 5001 -31.72 26.19 -31.16
N GLU G 5002 -31.08 25.79 -32.26
CA GLU G 5002 -30.73 24.40 -32.50
C GLU G 5002 -29.28 24.09 -32.18
N HIS G 5003 -28.50 25.08 -31.75
CA HIS G 5003 -27.10 24.85 -31.41
C HIS G 5003 -27.00 23.92 -30.20
N THR G 5004 -26.09 22.97 -30.27
CA THR G 5004 -25.80 22.14 -29.11
C THR G 5004 -24.99 22.94 -28.10
N GLY G 5005 -24.73 22.33 -26.95
CA GLY G 5005 -23.93 23.00 -25.94
C GLY G 5005 -22.52 23.31 -26.42
N GLN G 5006 -21.93 22.40 -27.19
CA GLN G 5006 -20.59 22.64 -27.72
C GLN G 5006 -20.63 23.64 -28.85
N GLU G 5007 -21.64 23.56 -29.70
CA GLU G 5007 -21.77 24.53 -30.79
C GLU G 5007 -22.04 25.93 -30.25
N SER G 5008 -22.88 26.05 -29.22
CA SER G 5008 -23.13 27.35 -28.62
C SER G 5008 -21.86 27.92 -27.99
N TYR G 5009 -21.06 27.05 -27.37
CA TYR G 5009 -19.83 27.51 -26.74
C TYR G 5009 -18.86 28.10 -27.76
N VAL G 5010 -18.68 27.43 -28.89
CA VAL G 5010 -17.78 27.94 -29.92
C VAL G 5010 -18.38 29.17 -30.59
N TRP G 5011 -19.69 29.16 -30.84
CA TRP G 5011 -20.33 30.29 -31.51
C TRP G 5011 -20.23 31.56 -30.67
N LYS G 5012 -20.42 31.44 -29.35
CA LYS G 5012 -20.28 32.60 -28.48
C LYS G 5012 -18.87 33.17 -28.53
N MET G 5013 -17.87 32.29 -28.49
CA MET G 5013 -16.49 32.74 -28.47
C MET G 5013 -16.09 33.31 -29.83
N TYR G 5014 -16.63 32.77 -30.91
CA TYR G 5014 -16.38 33.34 -32.24
C TYR G 5014 -16.93 34.74 -32.34
N GLN G 5015 -18.12 34.97 -31.80
CA GLN G 5015 -18.72 36.30 -31.84
C GLN G 5015 -17.94 37.29 -30.98
N GLU G 5016 -17.21 36.80 -30.00
CA GLU G 5016 -16.35 37.64 -29.16
C GLU G 5016 -14.92 37.69 -29.66
N ARG G 5017 -14.62 37.05 -30.78
CA ARG G 5017 -13.28 37.01 -31.35
C ARG G 5017 -12.26 36.46 -30.35
N CYS G 5018 -12.66 35.45 -29.60
CA CYS G 5018 -11.79 34.74 -28.67
C CYS G 5018 -11.51 33.36 -29.25
N TRP G 5019 -10.23 33.05 -29.44
CA TRP G 5019 -9.82 31.82 -30.12
C TRP G 5019 -9.21 30.81 -29.16
N ASP G 5020 -9.70 30.76 -27.91
CA ASP G 5020 -9.19 29.78 -26.97
C ASP G 5020 -9.77 28.40 -27.20
N PHE G 5021 -10.81 28.27 -28.02
CA PHE G 5021 -11.37 26.96 -28.30
C PHE G 5021 -10.50 26.16 -29.26
N PHE G 5022 -9.63 26.81 -30.01
CA PHE G 5022 -8.69 26.09 -30.85
C PHE G 5022 -7.70 25.33 -29.97
N PRO G 5023 -7.50 24.03 -30.19
CA PRO G 5023 -6.53 23.30 -29.38
C PRO G 5023 -5.11 23.76 -29.71
N ALA G 5024 -4.39 24.18 -28.67
CA ALA G 5024 -3.03 24.68 -28.83
C ALA G 5024 -2.12 23.88 -27.91
N GLY G 5025 -1.24 23.07 -28.50
CA GLY G 5025 -0.36 22.24 -27.72
C GLY G 5025 -1.02 21.05 -27.06
N ASP G 5026 -2.25 20.74 -27.42
CA ASP G 5026 -2.98 19.62 -26.84
C ASP G 5026 -3.89 19.02 -27.89
N CYS G 5027 -4.27 17.77 -27.67
CA CYS G 5027 -5.13 17.06 -28.61
C CYS G 5027 -5.84 15.92 -27.87
N PHE G 5028 -6.84 15.36 -28.54
CA PHE G 5028 -7.61 14.27 -27.96
C PHE G 5028 -6.73 13.05 -27.71
N ARG G 5029 -5.81 12.76 -28.62
CA ARG G 5029 -4.93 11.62 -28.45
C ARG G 5029 -4.02 11.80 -27.24
N LYS G 5030 -3.53 13.02 -27.02
CA LYS G 5030 -2.65 13.27 -25.89
C LYS G 5030 -3.40 13.26 -24.57
N GLN G 5031 -4.62 13.82 -24.54
CA GLN G 5031 -5.34 13.94 -23.27
C GLN G 5031 -5.72 12.59 -22.69
N TYR G 5032 -6.04 11.62 -23.54
CA TYR G 5032 -6.46 10.29 -23.10
C TYR G 5032 -5.44 9.23 -23.49
N GLU G 5033 -4.15 9.53 -23.29
CA GLU G 5033 -3.11 8.57 -23.65
C GLU G 5033 -3.25 7.28 -22.86
N ASP G 5034 -3.57 7.38 -21.57
CA ASP G 5034 -3.72 6.18 -20.75
C ASP G 5034 -4.93 5.36 -21.18
N GLN G 5035 -6.07 6.01 -21.39
CA GLN G 5035 -7.29 5.27 -21.71
C GLN G 5035 -7.24 4.70 -23.12
N LEU G 5036 -6.77 5.50 -24.09
CA LEU G 5036 -6.75 5.02 -25.47
C LEU G 5036 -5.74 3.91 -25.66
N SER G 5037 -4.60 3.97 -24.99
CA SER G 5037 -3.57 2.95 -25.12
C SER G 5037 -3.72 1.89 -24.02
N GLU H 10 22.62 -2.89 16.60
CA GLU H 10 23.98 -2.48 16.95
C GLU H 10 24.17 -2.51 18.46
N VAL H 11 25.23 -3.19 18.90
CA VAL H 11 25.51 -3.26 20.34
C VAL H 11 26.01 -1.91 20.81
N GLN H 12 25.35 -1.36 21.82
CA GLN H 12 25.68 -0.03 22.31
C GLN H 12 27.01 -0.04 23.05
N PHE H 13 27.80 1.00 22.83
CA PHE H 13 29.12 1.14 23.42
C PHE H 13 29.13 2.32 24.39
N LEU H 14 29.83 2.14 25.51
CA LEU H 14 30.00 3.23 26.45
C LEU H 14 30.96 4.26 25.87
N ARG H 15 30.62 5.54 26.02
CA ARG H 15 31.45 6.64 25.56
C ARG H 15 31.66 7.61 26.70
N THR H 16 32.61 8.52 26.51
CA THR H 16 32.84 9.56 27.50
C THR H 16 31.65 10.51 27.57
N ASP H 17 31.53 11.19 28.70
CA ASP H 17 30.44 12.13 29.01
C ASP H 17 29.09 11.43 29.13
N ASP H 18 29.07 10.11 29.27
CA ASP H 18 27.85 9.35 29.49
C ASP H 18 27.69 9.07 30.97
N GLU H 19 26.44 9.04 31.44
CA GLU H 19 26.15 8.81 32.84
C GLU H 19 25.90 7.33 33.08
N VAL H 20 26.62 6.76 34.04
CA VAL H 20 26.56 5.34 34.32
C VAL H 20 26.42 5.13 35.83
N VAL H 21 26.11 3.89 36.21
CA VAL H 21 26.08 3.48 37.60
C VAL H 21 26.92 2.22 37.74
N LEU H 22 27.77 2.18 38.76
CA LEU H 22 28.59 0.99 39.04
C LEU H 22 27.75 0.00 39.83
N GLN H 23 27.45 -1.14 39.22
CA GLN H 23 26.51 -2.09 39.80
C GLN H 23 27.20 -3.44 40.00
N CYS H 24 27.01 -4.02 41.19
CA CYS H 24 27.52 -5.35 41.53
C CYS H 24 26.37 -6.21 42.04
N SER H 25 26.64 -7.51 42.15
CA SER H 25 25.65 -8.46 42.61
C SER H 25 26.20 -9.26 43.78
N ALA H 26 25.36 -9.45 44.79
CA ALA H 26 25.73 -10.23 45.96
C ALA H 26 24.60 -11.20 46.28
N THR H 27 24.98 -12.34 46.87
CA THR H 27 24.04 -13.38 47.25
C THR H 27 23.72 -13.24 48.72
N VAL H 28 22.44 -12.98 49.03
CA VAL H 28 21.99 -12.73 50.38
C VAL H 28 20.81 -13.65 50.64
N LEU H 29 21.02 -14.70 51.45
CA LEU H 29 20.07 -15.79 51.64
C LEU H 29 19.57 -16.33 50.29
N LYS H 30 20.53 -16.82 49.49
CA LYS H 30 20.27 -17.45 48.20
C LYS H 30 19.52 -16.55 47.23
N GLU H 31 19.54 -15.25 47.45
CA GLU H 31 18.88 -14.28 46.59
C GLU H 31 19.92 -13.37 45.95
N GLN H 32 19.82 -13.18 44.65
CA GLN H 32 20.74 -12.30 43.93
C GLN H 32 20.31 -10.85 44.17
N LEU H 33 21.08 -10.14 44.98
CA LEU H 33 20.81 -8.74 45.31
C LEU H 33 21.75 -7.86 44.52
N LYS H 34 21.20 -6.91 43.77
CA LYS H 34 21.98 -5.99 42.96
C LYS H 34 22.17 -4.69 43.72
N LEU H 35 23.41 -4.22 43.80
CA LEU H 35 23.78 -3.05 44.56
C LEU H 35 24.50 -2.07 43.65
N CYS H 36 24.34 -0.78 43.94
CA CYS H 36 24.98 0.29 43.17
C CYS H 36 25.90 1.10 44.08
N LEU H 37 27.09 1.38 43.58
CA LEU H 37 28.04 2.19 44.33
C LEU H 37 27.52 3.61 44.47
N ALA H 38 27.51 4.13 45.70
CA ALA H 38 26.94 5.43 45.97
C ALA H 38 27.82 6.18 46.96
N ALA H 39 27.70 7.51 46.95
CA ALA H 39 28.43 8.36 47.88
C ALA H 39 27.70 9.69 47.97
N GLU H 40 27.62 10.23 49.19
CA GLU H 40 26.96 11.53 49.36
C GLU H 40 27.85 12.67 48.90
N GLY H 41 29.15 12.57 49.13
CA GLY H 41 30.07 13.62 48.74
C GLY H 41 30.28 14.67 49.81
N PHE H 42 29.26 15.48 50.07
CA PHE H 42 29.35 16.52 51.09
C PHE H 42 29.05 15.91 52.45
N GLY H 43 30.01 16.01 53.37
CA GLY H 43 29.87 15.50 54.70
C GLY H 43 30.28 14.06 54.89
N ASN H 44 30.40 13.30 53.80
CA ASN H 44 30.81 11.90 53.90
C ASN H 44 31.44 11.51 52.57
N ARG H 45 32.77 11.47 52.52
CA ARG H 45 33.46 11.12 51.29
C ARG H 45 33.35 9.64 50.96
N LEU H 46 33.25 8.79 51.97
CA LEU H 46 33.30 7.35 51.77
C LEU H 46 32.09 6.86 50.98
N CYS H 47 32.32 5.82 50.19
CA CYS H 47 31.30 5.24 49.33
C CYS H 47 30.64 4.06 50.02
N PHE H 48 29.33 3.93 49.80
CA PHE H 48 28.57 2.79 50.29
C PHE H 48 27.77 2.18 49.15
N LEU H 49 26.92 1.20 49.46
CA LEU H 49 26.17 0.48 48.44
C LEU H 49 24.68 0.72 48.63
N GLU H 50 24.01 1.09 47.55
CA GLU H 50 22.58 1.33 47.57
C GLU H 50 21.87 0.20 46.86
N PRO H 51 21.16 -0.68 47.57
CA PRO H 51 20.48 -1.79 46.90
C PRO H 51 19.40 -1.31 45.95
N THR H 52 19.26 -2.04 44.84
CA THR H 52 18.29 -1.67 43.82
C THR H 52 17.36 -2.81 43.42
N SER H 53 17.58 -4.03 43.91
CA SER H 53 16.73 -5.15 43.54
C SER H 53 15.32 -5.01 44.09
N ASN H 54 15.13 -4.19 45.13
CA ASN H 54 13.82 -3.99 45.74
C ASN H 54 13.17 -2.68 45.30
N ALA H 55 13.44 -2.25 44.07
CA ALA H 55 12.88 -0.99 43.58
C ALA H 55 11.36 -1.06 43.44
N GLN H 56 10.78 -2.26 43.39
CA GLN H 56 9.35 -2.38 43.27
C GLN H 56 8.66 -1.86 44.52
N ASN H 57 9.18 -2.21 45.70
CA ASN H 57 8.57 -1.82 46.96
C ASN H 57 9.21 -0.59 47.59
N VAL H 58 10.52 -0.44 47.47
CA VAL H 58 11.24 0.70 48.02
C VAL H 58 12.11 1.32 46.93
N PRO H 59 11.85 2.55 46.52
CA PRO H 59 12.65 3.17 45.47
C PRO H 59 14.05 3.46 45.96
N PRO H 60 15.07 3.15 45.16
CA PRO H 60 16.44 3.47 45.54
C PRO H 60 16.74 4.95 45.37
N ASP H 61 17.79 5.40 46.06
CA ASP H 61 18.24 6.79 45.99
C ASP H 61 19.31 6.89 44.90
N LEU H 62 18.85 6.93 43.65
CA LEU H 62 19.74 6.95 42.50
C LEU H 62 20.40 8.29 42.26
N ALA H 63 19.96 9.35 42.94
CA ALA H 63 20.52 10.66 42.72
C ALA H 63 22.00 10.74 43.08
N ILE H 64 22.49 9.83 43.92
CA ILE H 64 23.87 9.84 44.38
C ILE H 64 24.65 8.65 43.84
N CYS H 65 24.03 7.80 43.03
CA CYS H 65 24.69 6.65 42.43
C CYS H 65 25.19 6.91 41.01
N CYS H 66 24.99 8.11 40.49
CA CYS H 66 25.26 8.39 39.09
C CYS H 66 26.64 9.02 38.93
N PHE H 67 27.43 8.47 38.01
CA PHE H 67 28.78 8.96 37.73
C PHE H 67 28.90 9.24 36.23
N THR H 68 29.66 10.30 35.91
CA THR H 68 29.90 10.68 34.53
C THR H 68 31.32 10.27 34.13
N LEU H 69 31.44 9.65 32.96
CA LEU H 69 32.73 9.26 32.42
C LEU H 69 33.36 10.48 31.77
N GLU H 70 34.26 11.14 32.49
CA GLU H 70 34.85 12.37 31.97
C GLU H 70 35.93 12.08 30.94
N GLN H 71 36.88 11.20 31.27
CA GLN H 71 38.00 10.93 30.38
C GLN H 71 38.25 9.43 30.32
N SER H 72 38.88 9.01 29.22
CA SER H 72 39.29 7.61 29.05
C SER H 72 40.56 7.62 28.22
N LEU H 73 41.69 7.34 28.86
CA LEU H 73 42.98 7.40 28.21
C LEU H 73 43.73 6.09 28.44
N SER H 74 44.68 5.81 27.55
CA SER H 74 45.56 4.67 27.74
C SER H 74 46.53 4.97 28.87
N VAL H 75 47.21 3.92 29.34
CA VAL H 75 48.14 4.07 30.47
C VAL H 75 49.27 5.02 30.08
N ARG H 76 49.82 4.87 28.87
CA ARG H 76 50.87 5.76 28.42
C ARG H 76 50.37 7.19 28.28
N ALA H 77 49.14 7.36 27.78
CA ALA H 77 48.55 8.70 27.71
C ALA H 77 48.37 9.29 29.09
N LEU H 78 47.97 8.46 30.06
CA LEU H 78 47.76 8.96 31.42
C LEU H 78 49.06 9.44 32.04
N GLN H 79 50.15 8.70 31.82
CA GLN H 79 51.42 9.07 32.43
C GLN H 79 51.91 10.44 31.95
N GLU H 80 51.68 10.74 30.67
CA GLU H 80 52.13 12.02 30.14
C GLU H 80 51.33 13.17 30.72
N MET H 81 50.01 13.05 30.79
CA MET H 81 49.20 14.14 31.31
C MET H 81 49.43 14.32 32.81
N LEU H 82 49.83 13.27 33.51
CA LEU H 82 50.19 13.42 34.91
C LEU H 82 51.52 14.16 35.06
N ALA H 83 52.47 13.88 34.17
CA ALA H 83 53.73 14.60 34.22
C ALA H 83 53.55 16.08 33.91
N ASN H 84 52.71 16.39 32.93
CA ASN H 84 52.44 17.78 32.57
C ASN H 84 51.46 18.43 33.56
N HIS H 98 33.15 12.55 21.58
CA HIS H 98 32.90 11.63 22.68
C HIS H 98 33.68 10.34 22.47
N ARG H 99 34.84 10.23 23.11
CA ARG H 99 35.67 9.05 22.93
C ARG H 99 34.94 7.80 23.42
N THR H 100 35.18 6.69 22.73
CA THR H 100 34.58 5.41 23.12
C THR H 100 35.51 4.66 24.07
N LEU H 101 34.92 4.02 25.06
CA LEU H 101 35.70 3.33 26.08
C LEU H 101 36.27 2.03 25.53
N LEU H 102 37.54 1.78 25.81
CA LEU H 102 38.24 0.58 25.39
C LEU H 102 38.83 -0.11 26.60
N TYR H 103 38.87 -1.44 26.56
CA TYR H 103 39.45 -2.21 27.66
C TYR H 103 40.93 -1.89 27.79
N GLY H 104 41.38 -1.78 29.03
CA GLY H 104 42.75 -1.41 29.32
C GLY H 104 42.98 0.07 29.50
N HIS H 105 42.01 0.90 29.17
CA HIS H 105 42.14 2.34 29.33
C HIS H 105 41.85 2.73 30.78
N ALA H 106 42.30 3.93 31.13
CA ALA H 106 42.08 4.49 32.46
C ALA H 106 40.97 5.53 32.39
N ILE H 107 39.96 5.36 33.24
CA ILE H 107 38.78 6.22 33.21
C ILE H 107 38.76 7.09 34.45
N LEU H 108 38.10 8.24 34.32
CA LEU H 108 37.92 9.20 35.40
C LEU H 108 36.44 9.36 35.64
N LEU H 109 35.97 8.95 36.82
CA LEU H 109 34.56 8.95 37.16
C LEU H 109 34.26 10.14 38.06
N ARG H 110 33.39 11.02 37.60
CA ARG H 110 33.00 12.22 38.35
C ARG H 110 31.61 12.02 38.92
N HIS H 111 31.47 12.19 40.23
CA HIS H 111 30.18 12.06 40.89
C HIS H 111 29.26 13.17 40.40
N ALA H 112 28.05 12.78 39.96
CA ALA H 112 27.14 13.74 39.35
C ALA H 112 26.68 14.81 40.36
N HIS H 113 26.35 14.39 41.58
CA HIS H 113 25.82 15.33 42.56
C HIS H 113 26.90 16.23 43.12
N SER H 114 27.92 15.63 43.76
CA SER H 114 28.93 16.40 44.46
C SER H 114 30.00 16.97 43.54
N ARG H 115 30.02 16.58 42.27
CA ARG H 115 31.03 17.00 41.30
C ARG H 115 32.44 16.56 41.71
N MET H 116 32.53 15.58 42.61
CA MET H 116 33.81 15.03 43.02
C MET H 116 34.12 13.78 42.21
N TYR H 117 35.33 13.24 42.38
CA TYR H 117 35.82 12.15 41.57
C TYR H 117 36.01 10.91 42.43
N LEU H 118 35.59 9.76 41.91
CA LEU H 118 35.79 8.51 42.60
C LEU H 118 37.28 8.23 42.73
N SER H 119 37.71 7.86 43.93
CA SER H 119 39.14 7.74 44.22
C SER H 119 39.37 6.58 45.17
N CYS H 120 40.60 6.09 45.17
CA CYS H 120 41.05 5.07 46.11
C CYS H 120 41.77 5.80 47.24
N LEU H 121 41.09 5.93 48.38
CA LEU H 121 41.63 6.70 49.48
C LEU H 121 42.77 5.95 50.16
N THR H 122 43.77 6.72 50.61
CA THR H 122 44.92 6.14 51.28
C THR H 122 44.60 5.62 52.68
N THR H 123 43.44 5.95 53.22
CA THR H 123 43.04 5.46 54.54
C THR H 123 42.41 4.08 54.42
N SER H 124 42.19 3.44 55.57
CA SER H 124 41.60 2.11 55.60
C SER H 124 40.83 1.96 56.89
N ARG H 125 39.50 2.04 56.80
CA ARG H 125 38.63 1.88 57.95
C ARG H 125 38.36 0.42 58.26
N SER H 126 38.44 -0.46 57.28
CA SER H 126 38.16 -1.87 57.47
C SER H 126 39.21 -2.50 58.36
N MET H 127 38.75 -3.36 59.27
CA MET H 127 39.66 -4.15 60.08
C MET H 127 39.71 -5.61 59.65
N THR H 128 38.81 -6.03 58.75
CA THR H 128 38.86 -7.40 58.25
C THR H 128 40.08 -7.61 57.36
N ASP H 129 40.33 -6.70 56.43
CA ASP H 129 41.44 -6.79 55.49
C ASP H 129 42.45 -5.70 55.83
N LYS H 130 43.65 -6.10 56.23
CA LYS H 130 44.71 -5.14 56.52
C LYS H 130 45.28 -4.50 55.26
N LEU H 131 45.14 -5.15 54.11
CA LEU H 131 45.69 -4.66 52.86
C LEU H 131 44.67 -3.90 52.02
N ALA H 132 43.47 -3.68 52.54
CA ALA H 132 42.43 -3.00 51.79
C ALA H 132 42.49 -1.50 52.03
N PHE H 133 41.93 -0.75 51.08
CA PHE H 133 41.85 0.70 51.17
C PHE H 133 40.41 1.14 50.94
N ASP H 134 40.04 2.23 51.63
CA ASP H 134 38.69 2.77 51.47
C ASP H 134 38.53 3.40 50.09
N VAL H 135 37.32 3.29 49.55
CA VAL H 135 36.98 3.91 48.28
C VAL H 135 36.03 5.05 48.57
N GLY H 136 36.42 6.26 48.17
CA GLY H 136 35.63 7.44 48.43
C GLY H 136 35.69 8.44 47.31
N LEU H 137 35.46 9.71 47.63
CA LEU H 137 35.48 10.78 46.65
C LEU H 137 36.62 11.74 46.93
N GLN H 138 37.14 12.35 45.88
CA GLN H 138 38.21 13.34 45.98
C GLN H 138 37.73 14.65 45.37
N GLU H 139 38.10 15.76 46.01
CA GLU H 139 37.60 17.07 45.59
C GLU H 139 38.08 17.42 44.19
N ASP H 140 39.34 17.13 43.88
CA ASP H 140 39.94 17.50 42.60
C ASP H 140 40.38 16.25 41.85
N ALA H 141 40.58 16.42 40.55
CA ALA H 141 41.00 15.33 39.67
C ALA H 141 42.52 15.19 39.60
N THR H 142 43.26 15.99 40.35
CA THR H 142 44.71 15.90 40.33
C THR H 142 45.17 14.59 40.97
N GLY H 143 46.34 14.13 40.53
CA GLY H 143 46.89 12.89 41.03
C GLY H 143 46.38 11.69 40.28
N GLU H 144 46.94 10.53 40.63
CA GLU H 144 46.59 9.27 39.99
C GLU H 144 45.69 8.40 40.85
N ALA H 145 45.25 8.89 42.01
CA ALA H 145 44.36 8.12 42.87
C ALA H 145 42.94 8.04 42.35
N CYS H 146 42.57 8.90 41.40
CA CYS H 146 41.21 8.99 40.90
C CYS H 146 41.02 8.29 39.56
N TRP H 147 42.01 7.51 39.14
CA TRP H 147 41.98 6.84 37.85
C TRP H 147 41.87 5.34 38.03
N TRP H 148 41.02 4.71 37.22
CA TRP H 148 40.76 3.28 37.30
C TRP H 148 40.89 2.68 35.91
N THR H 149 41.48 1.49 35.84
CA THR H 149 41.68 0.79 34.58
C THR H 149 40.65 -0.32 34.43
N MET H 150 40.01 -0.38 33.27
CA MET H 150 39.04 -1.42 32.98
C MET H 150 39.74 -2.65 32.45
N HIS H 151 39.35 -3.81 32.96
CA HIS H 151 39.87 -5.09 32.50
C HIS H 151 38.72 -6.04 32.21
N PRO H 152 38.82 -6.84 31.16
CA PRO H 152 37.73 -7.78 30.85
C PRO H 152 37.54 -8.79 31.96
N ALA H 153 36.28 -9.06 32.30
CA ALA H 153 35.98 -10.02 33.35
C ALA H 153 36.19 -11.45 32.87
N SER H 154 36.11 -11.69 31.57
CA SER H 154 36.26 -13.02 31.01
C SER H 154 36.86 -12.94 29.62
N LYS H 155 36.96 -14.09 28.95
CA LYS H 155 37.79 -14.24 27.76
C LYS H 155 37.13 -13.74 26.47
N GLN H 156 35.81 -13.54 26.44
CA GLN H 156 35.19 -13.03 25.22
C GLN H 156 35.69 -11.62 24.89
N ARG H 157 36.07 -10.86 25.92
CA ARG H 157 36.62 -9.53 25.73
C ARG H 157 38.12 -9.54 25.98
N SER H 158 38.85 -8.79 25.16
CA SER H 158 40.29 -8.67 25.29
C SER H 158 40.66 -7.20 25.29
N GLU H 159 41.92 -6.92 25.61
CA GLU H 159 42.38 -5.55 25.69
C GLU H 159 42.29 -4.87 24.33
N GLY H 160 41.79 -3.64 24.33
CA GLY H 160 41.59 -2.88 23.12
C GLY H 160 40.20 -2.99 22.52
N GLU H 161 39.43 -4.00 22.91
CA GLU H 161 38.07 -4.12 22.43
C GLU H 161 37.18 -3.05 23.06
N LYS H 162 36.20 -2.59 22.30
CA LYS H 162 35.27 -1.60 22.81
C LYS H 162 34.45 -2.17 23.95
N VAL H 163 34.34 -1.41 25.03
CA VAL H 163 33.60 -1.84 26.20
C VAL H 163 32.11 -1.65 25.93
N ARG H 164 31.35 -2.75 26.00
CA ARG H 164 29.96 -2.75 25.58
C ARG H 164 29.03 -2.68 26.79
N VAL H 165 27.85 -2.12 26.57
CA VAL H 165 26.86 -1.99 27.63
C VAL H 165 26.45 -3.38 28.10
N GLY H 166 26.48 -3.59 29.41
CA GLY H 166 26.15 -4.87 29.99
C GLY H 166 27.32 -5.81 30.18
N ASP H 167 28.50 -5.44 29.69
CA ASP H 167 29.69 -6.23 29.95
C ASP H 167 30.10 -6.11 31.41
N ASP H 168 30.73 -7.17 31.92
CA ASP H 168 31.28 -7.17 33.26
C ASP H 168 32.73 -6.74 33.21
N LEU H 169 33.13 -5.87 34.13
CA LEU H 169 34.45 -5.27 34.12
C LEU H 169 35.18 -5.54 35.44
N ILE H 170 36.48 -5.35 35.40
CA ILE H 170 37.34 -5.43 36.58
C ILE H 170 38.10 -4.12 36.67
N LEU H 171 37.84 -3.36 37.73
CA LEU H 171 38.43 -2.04 37.90
C LEU H 171 39.61 -2.15 38.86
N VAL H 172 40.74 -1.56 38.48
CA VAL H 172 41.96 -1.59 39.27
C VAL H 172 42.41 -0.16 39.50
N SER H 173 42.71 0.17 40.75
CA SER H 173 43.20 1.51 41.06
C SER H 173 44.59 1.70 40.48
N VAL H 174 44.77 2.82 39.78
CA VAL H 174 46.08 3.10 39.18
C VAL H 174 47.11 3.37 40.27
N SER H 175 46.73 4.10 41.32
CA SER H 175 47.69 4.50 42.33
C SER H 175 48.03 3.35 43.28
N SER H 176 47.06 2.48 43.56
CA SER H 176 47.24 1.46 44.59
C SER H 176 47.30 0.04 44.04
N GLU H 177 47.03 -0.16 42.75
CA GLU H 177 47.07 -1.49 42.13
C GLU H 177 46.18 -2.48 42.87
N ARG H 178 44.99 -2.03 43.26
CA ARG H 178 44.04 -2.86 43.98
C ARG H 178 42.69 -2.86 43.26
N TYR H 179 41.96 -3.96 43.40
CA TYR H 179 40.68 -4.10 42.73
C TYR H 179 39.58 -3.37 43.50
N LEU H 180 38.59 -2.86 42.77
CA LEU H 180 37.37 -2.35 43.37
C LEU H 180 36.57 -3.55 43.87
N HIS H 181 36.58 -3.77 45.17
CA HIS H 181 36.10 -5.01 45.75
C HIS H 181 34.82 -4.79 46.55
N LEU H 182 33.90 -5.73 46.45
CA LEU H 182 32.72 -5.79 47.31
C LEU H 182 33.02 -6.75 48.46
N SER H 183 33.15 -6.19 49.66
CA SER H 183 33.61 -6.96 50.82
C SER H 183 32.42 -7.40 51.66
N THR H 184 32.29 -8.71 51.84
CA THR H 184 31.26 -9.29 52.69
C THR H 184 31.86 -9.93 53.94
N ALA H 185 33.11 -9.59 54.26
CA ALA H 185 33.77 -10.21 55.41
C ALA H 185 33.04 -9.89 56.71
N SER H 186 32.63 -8.64 56.88
CA SER H 186 31.83 -8.27 58.04
C SER H 186 30.38 -8.70 57.81
N GLY H 187 29.50 -8.31 58.74
CA GLY H 187 28.10 -8.64 58.61
C GLY H 187 27.40 -7.91 57.49
N GLU H 188 27.89 -6.75 57.10
CA GLU H 188 27.26 -5.92 56.08
C GLU H 188 28.01 -6.04 54.76
N LEU H 189 27.49 -5.33 53.76
CA LEU H 189 28.09 -5.27 52.44
C LEU H 189 28.81 -3.94 52.30
N GLN H 190 30.11 -4.00 51.99
CA GLN H 190 30.93 -2.80 51.90
C GLN H 190 31.80 -2.86 50.65
N VAL H 191 32.24 -1.68 50.21
CA VAL H 191 33.09 -1.54 49.03
C VAL H 191 34.43 -1.01 49.48
N ASP H 192 35.51 -1.65 49.02
CA ASP H 192 36.85 -1.23 49.36
C ASP H 192 37.78 -1.66 48.23
N ALA H 193 38.99 -1.09 48.22
CA ALA H 193 40.02 -1.42 47.24
C ALA H 193 40.91 -2.49 47.85
N SER H 194 40.76 -3.72 47.40
CA SER H 194 41.48 -4.86 47.94
C SER H 194 42.22 -5.58 46.82
N PHE H 195 42.88 -6.67 47.18
CA PHE H 195 43.62 -7.49 46.22
C PHE H 195 42.79 -8.63 45.66
N MET H 196 41.52 -8.72 46.01
CA MET H 196 40.61 -9.71 45.46
C MET H 196 39.58 -9.01 44.59
N GLN H 197 39.37 -9.54 43.39
CA GLN H 197 38.60 -8.86 42.37
C GLN H 197 37.09 -9.04 42.61
N THR H 198 36.31 -8.23 41.90
CA THR H 198 34.86 -8.29 41.95
C THR H 198 34.32 -7.75 40.64
N LEU H 199 33.33 -8.42 40.08
CA LEU H 199 32.77 -8.01 38.79
C LEU H 199 31.81 -6.83 38.98
N TRP H 200 31.87 -5.88 38.06
CA TRP H 200 31.03 -4.69 38.08
C TRP H 200 30.38 -4.49 36.73
N ASN H 201 29.28 -3.75 36.72
CA ASN H 201 28.57 -3.38 35.51
C ASN H 201 28.42 -1.87 35.45
N MET H 202 28.68 -1.29 34.28
CA MET H 202 28.41 0.13 34.05
C MET H 202 27.10 0.24 33.29
N ASN H 203 26.00 0.20 34.03
CA ASN H 203 24.69 0.36 33.44
C ASN H 203 24.47 1.81 33.07
N PRO H 204 24.18 2.13 31.83
CA PRO H 204 24.06 3.54 31.43
C PRO H 204 22.81 4.18 31.99
N ILE H 205 22.88 5.50 32.16
CA ILE H 205 21.74 6.31 32.56
C ILE H 205 21.27 7.20 31.42
N CYS H 206 22.19 7.98 30.84
CA CYS H 206 21.87 8.84 29.72
C CYS H 206 23.14 9.11 28.92
N SER H 207 23.00 9.16 27.60
CA SER H 207 24.14 9.41 26.71
C SER H 207 24.17 10.85 26.21
N CYS H 208 23.11 11.28 25.54
CA CYS H 208 23.06 12.62 24.97
C CYS H 208 21.61 13.07 24.87
N CYS H 209 21.33 14.27 25.37
CA CYS H 209 19.97 14.80 25.44
C CYS H 209 19.81 15.96 24.48
N GLU H 210 18.69 16.01 23.78
CA GLU H 210 18.39 17.11 22.89
C GLU H 210 18.17 18.39 23.69
N GLU H 211 18.23 19.53 22.99
CA GLU H 211 17.94 20.80 23.63
C GLU H 211 16.54 20.78 24.24
N GLY H 212 16.46 21.22 25.49
CA GLY H 212 15.21 21.06 26.22
C GLY H 212 14.86 19.59 26.31
N TYR H 213 13.59 19.29 26.03
CA TYR H 213 13.12 17.92 25.81
C TYR H 213 13.40 17.05 27.04
N VAL H 214 12.63 17.34 28.09
CA VAL H 214 12.77 16.79 29.43
C VAL H 214 13.12 15.30 29.42
N THR H 215 14.07 14.92 30.26
CA THR H 215 14.48 13.54 30.43
C THR H 215 14.35 13.15 31.90
N GLY H 216 14.32 11.83 32.14
CA GLY H 216 14.16 11.34 33.49
C GLY H 216 15.39 11.60 34.34
N GLY H 217 15.18 11.59 35.65
CA GLY H 217 16.25 11.84 36.60
C GLY H 217 16.56 13.29 36.84
N HIS H 218 15.83 14.21 36.20
CA HIS H 218 16.10 15.63 36.36
C HIS H 218 15.32 16.20 37.54
N VAL H 219 15.76 17.36 38.00
CA VAL H 219 15.08 18.12 39.04
C VAL H 219 14.42 19.33 38.38
N LEU H 220 13.14 19.51 38.63
CA LEU H 220 12.37 20.53 37.92
C LEU H 220 11.21 21.00 38.77
N ARG H 221 10.52 22.02 38.28
CA ARG H 221 9.32 22.55 38.90
C ARG H 221 8.13 22.31 37.98
N LEU H 222 6.97 22.08 38.56
CA LEU H 222 5.75 21.82 37.82
C LEU H 222 4.84 23.04 37.97
N PHE H 223 4.81 23.88 36.94
CA PHE H 223 4.03 25.11 36.96
C PHE H 223 2.63 24.88 36.43
N HIS H 224 1.66 25.52 37.06
CA HIS H 224 0.25 25.29 36.73
C HIS H 224 -0.17 26.07 35.50
N GLY H 225 -0.14 27.40 35.58
CA GLY H 225 -0.65 28.23 34.51
C GLY H 225 0.41 29.03 33.78
N HIS H 226 0.34 30.36 33.91
CA HIS H 226 1.26 31.24 33.21
C HIS H 226 2.40 31.66 34.13
N MET H 227 3.17 30.64 34.56
CA MET H 227 4.33 30.84 35.43
C MET H 227 3.96 31.60 36.70
N ASP H 228 2.78 31.30 37.24
CA ASP H 228 2.30 31.94 38.46
C ASP H 228 2.27 30.98 39.64
N GLU H 229 1.70 29.79 39.46
CA GLU H 229 1.59 28.80 40.53
C GLU H 229 2.44 27.58 40.19
N CYS H 230 3.03 26.98 41.22
CA CYS H 230 3.86 25.80 41.07
C CYS H 230 3.50 24.78 42.13
N LEU H 231 3.72 23.51 41.80
CA LEU H 231 3.45 22.44 42.76
C LEU H 231 4.51 22.42 43.84
N THR H 232 4.08 22.34 45.10
CA THR H 232 4.99 22.37 46.23
C THR H 232 4.31 21.77 47.44
N ILE H 233 5.06 21.68 48.53
CA ILE H 233 4.52 21.26 49.82
C ILE H 233 4.61 22.43 50.78
N SER H 234 4.12 22.25 52.00
CA SER H 234 4.12 23.33 52.97
C SER H 234 5.55 23.67 53.38
N ALA H 235 5.70 24.85 53.98
CA ALA H 235 7.01 25.31 54.42
C ALA H 235 7.48 24.49 55.62
N ALA H 236 8.66 24.83 56.13
CA ALA H 236 9.24 24.11 57.25
C ALA H 236 8.42 24.32 58.51
N ASP H 237 8.53 23.37 59.43
CA ASP H 237 7.82 23.34 60.72
C ASP H 237 6.37 23.78 60.56
N SER H 238 5.67 23.11 59.65
CA SER H 238 4.26 23.34 59.41
C SER H 238 3.43 22.30 60.15
N ASP H 239 2.14 22.62 60.33
CA ASP H 239 1.26 21.75 61.09
C ASP H 239 1.00 20.43 60.37
N ASP H 240 0.98 20.44 59.04
CA ASP H 240 0.65 19.24 58.26
C ASP H 240 1.83 18.29 58.11
N GLN H 241 2.89 18.47 58.88
CA GLN H 241 4.09 17.62 58.82
C GLN H 241 4.72 17.62 57.43
N ARG H 242 4.47 18.66 56.64
CA ARG H 242 4.98 18.76 55.27
C ARG H 242 4.59 17.54 54.43
N ARG H 243 3.36 17.07 54.62
CA ARG H 243 2.88 15.88 53.94
C ARG H 243 1.67 16.17 53.05
N LEU H 244 1.43 17.44 52.72
CA LEU H 244 0.33 17.82 51.85
C LEU H 244 0.87 18.66 50.70
N VAL H 245 0.25 18.50 49.54
CA VAL H 245 0.71 19.12 48.30
C VAL H 245 -0.23 20.27 47.95
N TYR H 246 0.34 21.41 47.60
CA TYR H 246 -0.44 22.61 47.31
C TYR H 246 0.02 23.24 46.00
N TYR H 247 -0.89 23.96 45.36
CA TYR H 247 -0.56 24.85 44.25
C TYR H 247 -0.36 26.25 44.82
N GLU H 248 0.90 26.66 44.95
CA GLU H 248 1.23 27.92 45.58
C GLU H 248 2.03 28.78 44.62
N GLY H 249 1.84 30.10 44.71
CA GLY H 249 2.55 31.04 43.86
C GLY H 249 3.33 32.05 44.70
N GLY H 250 4.12 32.86 44.00
CA GLY H 250 4.89 33.89 44.65
C GLY H 250 6.35 33.50 44.84
N ALA H 251 6.90 33.78 46.03
CA ALA H 251 8.30 33.48 46.29
C ALA H 251 8.59 32.00 46.30
N VAL H 252 7.57 31.15 46.42
CA VAL H 252 7.78 29.70 46.41
C VAL H 252 8.32 29.23 45.07
N CYS H 253 8.12 30.01 44.01
CA CYS H 253 8.61 29.61 42.69
C CYS H 253 10.13 29.63 42.61
N THR H 254 10.80 30.28 43.57
CA THR H 254 12.26 30.32 43.60
C THR H 254 12.82 29.64 44.83
N HIS H 255 12.01 28.91 45.59
CA HIS H 255 12.47 28.22 46.78
C HIS H 255 12.72 26.74 46.47
N ALA H 256 13.37 26.07 47.41
CA ALA H 256 13.77 24.68 47.21
C ALA H 256 12.66 23.69 47.51
N ARG H 257 11.58 24.10 48.14
CA ARG H 257 10.49 23.17 48.45
C ARG H 257 9.56 22.94 47.27
N SER H 258 9.77 23.65 46.16
CA SER H 258 9.00 23.46 44.94
C SER H 258 9.76 22.62 43.92
N LEU H 259 10.86 21.99 44.32
CA LEU H 259 11.69 21.21 43.41
C LEU H 259 11.34 19.74 43.53
N TRP H 260 11.11 19.10 42.39
CA TRP H 260 10.76 17.69 42.34
C TRP H 260 11.70 16.96 41.39
N ARG H 261 11.90 15.68 41.65
CA ARG H 261 12.74 14.83 40.83
C ARG H 261 11.89 13.72 40.22
N LEU H 262 12.02 13.53 38.90
CA LEU H 262 11.24 12.54 38.18
C LEU H 262 12.07 11.27 38.04
N GLU H 263 11.58 10.18 38.63
CA GLU H 263 12.31 8.92 38.69
C GLU H 263 11.54 7.82 37.98
N PRO H 264 11.96 7.43 36.77
CA PRO H 264 11.28 6.32 36.09
C PRO H 264 11.47 5.01 36.83
N LEU H 265 10.57 4.07 36.55
CA LEU H 265 10.55 2.79 37.25
C LEU H 265 11.58 1.82 36.68
N ARG H 266 12.83 2.27 36.58
CA ARG H 266 13.92 1.44 36.09
C ARG H 266 15.23 2.14 36.41
N ILE H 267 16.30 1.36 36.43
CA ILE H 267 17.63 1.87 36.70
C ILE H 267 18.40 2.13 35.42
N SER H 268 18.53 1.12 34.56
CA SER H 268 19.21 1.29 33.29
C SER H 268 18.40 2.23 32.40
N TRP H 269 19.09 3.23 31.83
CA TRP H 269 18.46 4.22 30.96
C TRP H 269 17.35 4.98 31.68
N SER H 270 17.51 5.18 32.99
CA SER H 270 16.55 5.99 33.73
C SER H 270 16.64 7.46 33.35
N GLY H 271 17.74 7.88 32.71
CA GLY H 271 17.91 9.23 32.23
C GLY H 271 17.44 9.46 30.82
N SER H 272 16.77 8.47 30.21
CA SER H 272 16.30 8.61 28.85
C SER H 272 15.19 9.65 28.76
N HIS H 273 14.83 10.01 27.53
CA HIS H 273 13.80 11.01 27.31
C HIS H 273 12.47 10.55 27.88
N LEU H 274 11.79 11.44 28.59
CA LEU H 274 10.46 11.14 29.10
C LEU H 274 9.47 11.06 27.94
N ARG H 275 8.55 10.10 28.05
CA ARG H 275 7.56 9.86 27.01
C ARG H 275 6.17 9.89 27.63
N TRP H 276 5.19 10.23 26.81
CA TRP H 276 3.82 10.28 27.29
C TRP H 276 3.38 8.89 27.76
N GLY H 277 2.76 8.84 28.93
CA GLY H 277 2.30 7.58 29.48
C GLY H 277 3.35 6.74 30.15
N GLN H 278 4.59 7.20 30.21
CA GLN H 278 5.65 6.44 30.85
C GLN H 278 5.49 6.53 32.37
N PRO H 279 5.38 5.40 33.07
CA PRO H 279 5.21 5.46 34.53
C PRO H 279 6.50 5.89 35.22
N LEU H 280 6.35 6.72 36.24
CA LEU H 280 7.50 7.23 36.97
C LEU H 280 7.06 7.67 38.36
N ARG H 281 8.02 7.73 39.27
CA ARG H 281 7.81 8.29 40.59
C ARG H 281 8.19 9.76 40.60
N ILE H 282 7.58 10.52 41.50
CA ILE H 282 7.89 11.93 41.71
C ILE H 282 8.39 12.09 43.13
N ARG H 283 9.59 12.62 43.29
CA ARG H 283 10.27 12.69 44.57
C ARG H 283 10.52 14.14 44.94
N HIS H 284 10.19 14.50 46.18
CA HIS H 284 10.51 15.83 46.69
C HIS H 284 11.96 15.85 47.12
N VAL H 285 12.73 16.79 46.58
CA VAL H 285 14.18 16.74 46.71
C VAL H 285 14.62 17.02 48.14
N THR H 286 14.04 18.07 48.76
CA THR H 286 14.52 18.47 50.07
C THR H 286 14.06 17.53 51.17
N THR H 287 12.82 17.03 51.06
CA THR H 287 12.29 16.14 52.10
C THR H 287 12.51 14.68 51.78
N GLY H 288 12.86 14.33 50.54
CA GLY H 288 13.07 12.95 50.19
C GLY H 288 11.83 12.10 50.17
N ARG H 289 10.64 12.71 50.13
CA ARG H 289 9.40 11.97 50.13
C ARG H 289 8.79 11.93 48.74
N TYR H 290 8.09 10.84 48.46
CA TYR H 290 7.56 10.56 47.13
C TYR H 290 6.08 10.88 47.07
N LEU H 291 5.66 11.53 45.99
CA LEU H 291 4.25 11.79 45.77
C LEU H 291 3.49 10.47 45.71
N ALA H 292 2.37 10.40 46.43
CA ALA H 292 1.66 9.14 46.56
C ALA H 292 0.16 9.40 46.66
N LEU H 293 -0.62 8.37 46.34
CA LEU H 293 -2.06 8.36 46.54
C LEU H 293 -2.36 7.29 47.58
N THR H 294 -2.72 7.73 48.78
CA THR H 294 -3.03 6.83 49.88
C THR H 294 -4.53 6.66 50.01
N GLU H 295 -4.95 5.46 50.38
CA GLU H 295 -6.38 5.17 50.52
C GLU H 295 -7.01 5.91 51.70
N ASP H 296 -6.21 6.49 52.58
CA ASP H 296 -6.75 7.21 53.74
C ASP H 296 -6.77 8.73 53.50
N GLN H 297 -5.62 9.33 53.24
CA GLN H 297 -5.53 10.78 53.11
C GLN H 297 -5.64 11.24 51.66
N GLY H 298 -5.58 10.34 50.70
CA GLY H 298 -5.60 10.73 49.31
C GLY H 298 -4.22 11.03 48.78
N LEU H 299 -4.03 12.22 48.21
CA LEU H 299 -2.76 12.61 47.62
C LEU H 299 -1.88 13.25 48.69
N VAL H 300 -0.83 12.55 49.10
CA VAL H 300 0.15 13.04 50.05
C VAL H 300 1.54 12.68 49.54
N VAL H 301 2.55 13.02 50.33
CA VAL H 301 3.92 12.56 50.09
C VAL H 301 4.31 11.62 51.21
N VAL H 302 4.81 10.46 50.85
CA VAL H 302 5.11 9.40 51.81
C VAL H 302 6.60 9.12 51.79
N ASP H 303 7.07 8.42 52.82
CA ASP H 303 8.47 8.08 52.92
C ASP H 303 8.83 7.01 51.89
N ALA H 304 10.14 6.80 51.72
CA ALA H 304 10.62 5.84 50.74
C ALA H 304 10.22 4.41 51.08
N CYS H 305 9.92 4.13 52.34
CA CYS H 305 9.52 2.78 52.74
C CYS H 305 8.08 2.46 52.38
N LYS H 306 7.31 3.44 51.91
CA LYS H 306 5.90 3.23 51.57
C LYS H 306 5.60 3.54 50.11
N ALA H 307 6.62 3.60 49.26
CA ALA H 307 6.44 3.89 47.84
C ALA H 307 6.58 2.59 47.07
N HIS H 308 5.49 1.84 46.96
CA HIS H 308 5.51 0.48 46.44
C HIS H 308 5.00 0.39 45.00
N THR H 309 5.25 1.43 44.21
CA THR H 309 5.02 1.47 42.77
C THR H 309 3.54 1.40 42.40
N LYS H 310 2.65 1.22 43.36
CA LYS H 310 1.22 1.26 43.14
C LYS H 310 0.59 2.55 43.63
N ALA H 311 1.14 3.14 44.69
CA ALA H 311 0.68 4.44 45.16
C ALA H 311 1.50 5.59 44.57
N THR H 312 2.71 5.32 44.08
CA THR H 312 3.62 6.37 43.66
C THR H 312 3.95 6.32 42.17
N SER H 313 3.09 5.70 41.36
CA SER H 313 3.29 5.63 39.92
C SER H 313 2.42 6.68 39.24
N PHE H 314 3.06 7.56 38.48
CA PHE H 314 2.37 8.61 37.74
C PHE H 314 2.88 8.65 36.32
N CYS H 315 2.11 9.29 35.44
CA CYS H 315 2.51 9.45 34.06
C CYS H 315 2.00 10.78 33.54
N PHE H 316 2.70 11.33 32.56
CA PHE H 316 2.29 12.55 31.88
C PHE H 316 1.54 12.19 30.61
N ARG H 317 0.36 12.78 30.44
CA ARG H 317 -0.47 12.53 29.27
C ARG H 317 -0.77 13.85 28.58
N VAL H 318 -0.68 13.86 27.25
CA VAL H 318 -0.91 15.08 26.49
C VAL H 318 -2.37 15.51 26.55
N SER H 319 -3.31 14.58 26.72
CA SER H 319 -4.72 14.90 26.78
C SER H 319 -5.42 13.89 27.66
N LYS H 320 -6.60 14.26 28.13
CA LYS H 320 -7.37 13.43 29.06
C LYS H 320 -8.17 12.35 28.36
N GLU H 321 -8.11 12.26 27.04
CA GLU H 321 -8.81 11.20 26.32
C GLU H 321 -8.29 9.83 26.75
N LYS H 322 -9.22 8.90 26.96
CA LYS H 322 -8.88 7.56 27.43
C LYS H 322 -8.46 6.72 26.23
N LEU H 323 -7.16 6.75 25.94
CA LEU H 323 -6.63 6.00 24.80
C LEU H 323 -6.54 4.51 25.12
N ASP H 324 -5.71 4.15 26.11
CA ASP H 324 -5.48 2.75 26.48
C ASP H 324 -5.12 1.91 25.26
N THR H 325 -4.22 2.43 24.42
CA THR H 325 -3.87 1.75 23.18
C THR H 325 -3.12 0.46 23.45
N ALA H 326 -1.94 0.56 24.09
CA ALA H 326 -1.11 -0.59 24.38
C ALA H 326 0.00 -0.18 25.35
N PRO H 327 0.51 -1.11 26.17
CA PRO H 327 1.67 -0.78 27.01
C PRO H 327 2.93 -0.58 26.19
N LYS H 328 3.43 0.66 26.16
CA LYS H 328 4.64 0.95 25.41
C LYS H 328 5.83 0.18 25.99
N ARG H 329 6.67 -0.36 25.10
CA ARG H 329 7.86 -1.07 25.52
C ARG H 329 9.06 -0.14 25.51
N ASP H 330 9.83 -0.16 26.59
CA ASP H 330 10.98 0.72 26.71
C ASP H 330 12.09 0.32 25.74
N VAL H 331 12.73 1.32 25.16
CA VAL H 331 13.86 1.11 24.27
C VAL H 331 15.15 1.24 25.07
N GLU H 332 16.20 0.58 24.57
CA GLU H 332 17.50 0.60 25.24
C GLU H 332 18.32 1.75 24.67
N GLY H 333 17.97 2.95 25.11
CA GLY H 333 18.68 4.13 24.65
C GLY H 333 17.97 5.39 25.08
N MET H 334 18.43 6.51 24.53
CA MET H 334 17.85 7.81 24.85
C MET H 334 16.38 7.88 24.44
N GLY H 335 15.99 7.13 23.43
CA GLY H 335 14.61 7.05 23.01
C GLY H 335 14.18 8.26 22.20
N PRO H 336 12.96 8.22 21.68
CA PRO H 336 12.45 9.37 20.93
C PRO H 336 12.13 10.53 21.85
N PRO H 337 12.60 11.74 21.52
CA PRO H 337 12.34 12.90 22.38
C PRO H 337 10.91 13.39 22.20
N GLU H 338 10.18 13.49 23.31
CA GLU H 338 8.76 13.85 23.25
C GLU H 338 8.40 15.11 24.01
N ILE H 339 8.74 15.19 25.30
CA ILE H 339 8.21 16.23 26.19
C ILE H 339 9.24 17.33 26.36
N LYS H 340 8.84 18.56 26.05
CA LYS H 340 9.73 19.71 26.06
C LYS H 340 9.63 20.48 27.37
N TYR H 341 10.64 21.32 27.61
CA TYR H 341 10.66 22.20 28.78
C TYR H 341 9.95 23.51 28.45
N GLY H 342 8.86 23.78 29.15
CA GLY H 342 8.19 25.06 29.04
C GLY H 342 7.28 25.22 27.84
N GLU H 343 7.15 24.20 27.00
CA GLU H 343 6.24 24.25 25.85
C GLU H 343 5.21 23.13 25.89
N SER H 344 5.58 21.97 26.42
CA SER H 344 4.64 20.86 26.48
C SER H 344 3.70 21.03 27.67
N LEU H 345 2.39 20.94 27.42
CA LEU H 345 1.39 20.95 28.47
C LEU H 345 1.10 19.51 28.86
N CYS H 346 1.40 19.16 30.11
CA CYS H 346 1.33 17.78 30.57
C CYS H 346 0.24 17.64 31.62
N PHE H 347 -0.51 16.54 31.54
CA PHE H 347 -1.51 16.18 32.54
C PHE H 347 -0.96 15.02 33.35
N VAL H 348 -0.88 15.21 34.67
CA VAL H 348 -0.37 14.18 35.57
C VAL H 348 -1.53 13.26 35.95
N GLN H 349 -1.36 11.97 35.72
CA GLN H 349 -2.36 10.97 36.04
C GLN H 349 -1.75 9.86 36.88
N HIS H 350 -2.44 9.51 37.96
CA HIS H 350 -2.03 8.35 38.75
C HIS H 350 -2.27 7.09 37.94
N VAL H 351 -1.23 6.27 37.77
CA VAL H 351 -1.31 5.14 36.85
C VAL H 351 -2.29 4.09 37.37
N ALA H 352 -2.18 3.72 38.64
CA ALA H 352 -2.97 2.61 39.15
C ALA H 352 -4.45 2.96 39.24
N SER H 353 -4.76 4.20 39.61
CA SER H 353 -6.16 4.59 39.81
C SER H 353 -6.76 5.33 38.63
N GLY H 354 -5.95 5.95 37.77
CA GLY H 354 -6.46 6.73 36.68
C GLY H 354 -6.90 8.13 37.03
N LEU H 355 -6.76 8.53 38.29
CA LEU H 355 -7.20 9.85 38.71
C LEU H 355 -6.26 10.92 38.16
N TRP H 356 -6.79 12.13 38.05
CA TRP H 356 -6.07 13.26 37.46
C TRP H 356 -5.65 14.23 38.55
N LEU H 357 -4.45 14.78 38.41
CA LEU H 357 -3.94 15.75 39.37
C LEU H 357 -4.59 17.10 39.11
N THR H 358 -5.26 17.63 40.13
CA THR H 358 -5.94 18.91 40.02
C THR H 358 -6.04 19.54 41.40
N TYR H 359 -6.52 20.78 41.44
CA TYR H 359 -6.68 21.49 42.71
C TYR H 359 -8.03 21.13 43.34
N ALA H 360 -8.17 21.50 44.61
CA ALA H 360 -9.29 21.06 45.42
C ALA H 360 -10.49 22.00 45.37
N ALA H 361 -10.43 23.07 44.57
CA ALA H 361 -11.50 24.05 44.49
C ALA H 361 -11.79 24.60 45.88
N PRO H 362 -10.92 25.47 46.39
CA PRO H 362 -10.99 25.83 47.81
C PRO H 362 -12.35 26.39 48.22
N ASP H 363 -12.79 25.99 49.40
CA ASP H 363 -14.08 26.43 49.92
C ASP H 363 -14.04 27.94 50.20
N PRO H 364 -15.14 28.66 49.95
CA PRO H 364 -15.17 30.09 50.26
C PRO H 364 -14.98 30.39 51.75
N LYS H 365 -14.89 31.67 52.08
CA LYS H 365 -14.63 32.17 53.43
C LYS H 365 -13.17 31.90 53.83
N ALA H 366 -12.44 31.17 52.98
CA ALA H 366 -11.02 30.95 53.17
C ALA H 366 -10.16 31.97 52.43
N LEU H 367 -10.76 32.77 51.55
CA LEU H 367 -10.00 33.80 50.85
C LEU H 367 -9.65 34.96 51.77
N ARG H 368 -10.49 35.23 52.77
CA ARG H 368 -10.19 36.29 53.73
C ARG H 368 -8.95 35.95 54.55
N LEU H 369 -8.67 34.67 54.76
CA LEU H 369 -7.49 34.25 55.48
C LEU H 369 -6.20 34.50 54.69
N GLY H 370 -6.29 34.87 53.42
CA GLY H 370 -5.12 35.08 52.61
C GLY H 370 -4.51 33.83 52.04
N VAL H 371 -5.20 32.69 52.12
CA VAL H 371 -4.67 31.42 51.66
C VAL H 371 -4.84 31.32 50.15
N LEU H 372 -3.83 31.76 49.39
CA LEU H 372 -3.81 31.54 47.96
C LEU H 372 -3.45 30.12 47.59
N LYS H 373 -2.98 29.32 48.55
CA LYS H 373 -2.66 27.93 48.28
C LYS H 373 -3.91 27.14 47.94
N LYS H 374 -3.81 26.30 46.92
CA LYS H 374 -4.88 25.39 46.54
C LYS H 374 -4.37 23.97 46.76
N LYS H 375 -5.09 23.20 47.57
CA LYS H 375 -4.67 21.84 47.85
C LYS H 375 -4.75 20.99 46.59
N ALA H 376 -3.68 20.25 46.30
CA ALA H 376 -3.67 19.35 45.16
C ALA H 376 -4.37 18.05 45.53
N ILE H 377 -5.27 17.60 44.65
CA ILE H 377 -6.02 16.36 44.87
C ILE H 377 -6.00 15.55 43.59
N LEU H 378 -6.37 14.28 43.72
CA LEU H 378 -6.56 13.39 42.59
C LEU H 378 -8.05 13.18 42.39
N HIS H 379 -8.54 13.46 41.18
CA HIS H 379 -9.96 13.41 40.88
C HIS H 379 -10.20 12.62 39.61
N GLN H 380 -11.39 12.02 39.52
CA GLN H 380 -11.71 11.20 38.36
C GLN H 380 -11.85 12.04 37.10
N GLU H 381 -12.38 13.25 37.22
CA GLU H 381 -12.61 14.11 36.06
C GLU H 381 -11.61 15.25 35.95
N GLY H 382 -11.33 15.95 37.03
CA GLY H 382 -10.41 17.07 36.97
C GLY H 382 -11.04 18.27 36.27
N HIS H 383 -10.19 19.26 36.00
CA HIS H 383 -10.61 20.47 35.32
C HIS H 383 -9.88 20.59 33.98
N MET H 384 -10.20 21.65 33.24
CA MET H 384 -9.58 21.84 31.93
C MET H 384 -8.22 22.48 32.03
N ASP H 385 -7.92 23.15 33.15
CA ASP H 385 -6.65 23.81 33.36
C ASP H 385 -5.71 22.98 34.24
N ASP H 386 -5.79 21.66 34.13
CA ASP H 386 -4.92 20.79 34.91
C ASP H 386 -3.55 20.59 34.27
N ALA H 387 -3.33 21.12 33.07
CA ALA H 387 -2.05 20.96 32.40
C ALA H 387 -0.94 21.65 33.18
N LEU H 388 0.24 21.04 33.16
CA LEU H 388 1.38 21.55 33.91
C LEU H 388 2.56 21.80 32.98
N PHE H 389 3.29 22.88 33.27
CA PHE H 389 4.52 23.21 32.56
C PHE H 389 5.70 22.69 33.37
N LEU H 390 6.59 21.95 32.70
CA LEU H 390 7.82 21.47 33.30
C LEU H 390 8.92 22.46 33.01
N THR H 391 9.47 23.07 34.06
CA THR H 391 10.48 24.11 33.93
C THR H 391 11.80 23.63 34.50
N ARG H 392 12.88 23.91 33.79
CA ARG H 392 14.20 23.48 34.22
C ARG H 392 14.62 24.17 35.50
N CYS H 393 15.43 23.46 36.29
CA CYS H 393 16.00 23.98 37.51
C CYS H 393 17.52 24.11 37.35
N GLN H 394 18.07 25.19 37.89
CA GLN H 394 19.50 25.43 37.78
C GLN H 394 20.28 24.34 38.50
N GLN H 395 21.49 24.06 38.02
CA GLN H 395 22.33 23.09 38.69
C GLN H 395 22.71 23.55 40.08
N GLU H 396 22.83 24.86 40.29
CA GLU H 396 23.10 25.40 41.62
C GLU H 396 21.96 25.11 42.57
N GLU H 397 20.72 25.29 42.12
CA GLU H 397 19.57 25.02 42.98
C GLU H 397 19.38 23.53 43.21
N SER H 398 19.56 22.72 42.17
CA SER H 398 19.37 21.28 42.31
C SER H 398 20.38 20.69 43.30
N GLN H 399 21.63 21.12 43.22
CA GLN H 399 22.64 20.63 44.17
C GLN H 399 22.34 21.13 45.58
N ALA H 400 21.92 22.38 45.72
CA ALA H 400 21.64 22.93 47.04
C ALA H 400 20.48 22.19 47.70
N ALA H 401 19.44 21.87 46.92
CA ALA H 401 18.28 21.18 47.48
C ALA H 401 18.66 19.81 48.02
N ARG H 402 19.49 19.06 47.29
CA ARG H 402 19.96 17.77 47.79
C ARG H 402 20.84 17.95 49.01
N MET H 403 21.70 18.97 49.00
CA MET H 403 22.56 19.24 50.15
C MET H 403 21.74 19.55 51.39
N ILE H 404 20.62 20.26 51.21
CA ILE H 404 19.73 20.55 52.34
C ILE H 404 19.16 19.25 52.91
N HIS H 405 18.76 18.33 52.03
CA HIS H 405 18.19 17.06 52.48
C HIS H 405 19.19 16.27 53.30
N SER H 406 20.42 16.14 52.81
CA SER H 406 21.43 15.38 53.53
C SER H 406 21.83 16.08 54.83
N THR H 407 21.98 17.41 54.79
CA THR H 407 22.36 18.15 55.98
C THR H 407 21.29 18.07 57.07
N ALA H 408 20.02 18.18 56.68
CA ALA H 408 18.95 18.13 57.65
C ALA H 408 18.90 16.80 58.37
N GLY H 409 19.05 15.70 57.63
CA GLY H 409 19.02 14.38 58.25
C GLY H 409 20.18 14.16 59.21
N LEU H 410 21.36 14.69 58.87
CA LEU H 410 22.52 14.50 59.73
C LEU H 410 22.39 15.29 61.03
N TYR H 411 21.99 16.56 60.93
CA TYR H 411 21.92 17.39 62.12
C TYR H 411 20.75 17.01 63.02
N ASN H 412 19.64 16.56 62.42
CA ASN H 412 18.54 16.04 63.22
C ASN H 412 18.97 14.78 63.97
N GLN H 413 19.76 13.93 63.32
CA GLN H 413 20.33 12.78 64.01
C GLN H 413 21.28 13.22 65.10
N PHE H 414 22.07 14.26 64.84
CA PHE H 414 22.97 14.79 65.86
C PHE H 414 22.20 15.39 67.02
N ILE H 415 21.10 16.08 66.74
CA ILE H 415 20.31 16.71 67.78
C ILE H 415 19.67 15.66 68.68
N LYS H 416 19.02 14.66 68.07
CA LYS H 416 18.35 13.64 68.87
C LYS H 416 19.35 12.79 69.64
N GLY H 417 20.58 12.69 69.16
CA GLY H 417 21.62 12.03 69.95
C GLY H 417 21.97 12.82 71.19
N LEU H 418 22.02 14.15 71.09
CA LEU H 418 22.29 14.98 72.25
C LEU H 418 21.16 14.87 73.27
N ASP H 419 19.91 14.86 72.80
CA ASP H 419 18.77 14.72 73.70
C ASP H 419 18.67 13.35 74.34
N SER H 420 19.40 12.35 73.82
CA SER H 420 19.37 11.04 74.42
C SER H 420 19.94 11.07 75.84
N PHE H 421 21.00 11.84 76.05
CA PHE H 421 21.61 12.00 77.36
C PHE H 421 21.44 13.43 77.88
N SER H 422 20.27 14.02 77.62
CA SER H 422 20.06 15.42 77.98
C SER H 422 20.17 15.63 79.49
N GLY H 423 19.63 14.71 80.28
CA GLY H 423 19.72 14.81 81.71
C GLY H 423 20.11 13.50 82.37
N LYS H 424 20.86 12.66 81.66
CA LYS H 424 21.24 11.34 82.13
C LYS H 424 22.76 11.27 82.20
N PRO H 425 23.35 11.60 83.35
CA PRO H 425 24.80 11.44 83.50
C PRO H 425 25.22 9.99 83.32
N ARG H 426 26.36 9.80 82.67
CA ARG H 426 26.85 8.45 82.40
C ARG H 426 27.52 7.82 83.62
N GLY H 427 27.88 8.61 84.61
CA GLY H 427 28.63 8.07 85.73
C GLY H 427 29.98 7.55 85.28
N SER H 428 30.40 6.44 85.87
CA SER H 428 31.62 5.75 85.44
C SER H 428 31.30 4.64 84.45
N GLY H 429 30.65 5.01 83.34
CA GLY H 429 30.25 4.04 82.34
C GLY H 429 29.98 4.68 81.00
N PRO H 430 29.59 3.88 80.02
CA PRO H 430 29.31 4.40 78.68
C PRO H 430 28.10 5.29 78.68
N PRO H 431 27.97 6.19 77.71
CA PRO H 431 26.77 7.04 77.63
C PRO H 431 25.48 6.26 77.40
N ALA H 432 25.56 4.97 77.06
CA ALA H 432 24.40 4.11 76.89
C ALA H 432 23.46 4.64 75.80
N GLY H 433 23.98 4.67 74.58
CA GLY H 433 23.23 5.07 73.42
C GLY H 433 24.04 4.99 72.15
N PRO H 434 23.41 5.25 71.01
CA PRO H 434 24.15 5.27 69.75
C PRO H 434 25.18 6.39 69.75
N ALA H 435 26.32 6.12 69.12
CA ALA H 435 27.39 7.10 69.06
C ALA H 435 26.96 8.32 68.26
N LEU H 436 27.39 9.49 68.71
CA LEU H 436 27.10 10.71 67.98
C LEU H 436 27.86 10.72 66.65
N PRO H 437 27.25 11.23 65.59
CA PRO H 437 27.98 11.34 64.31
C PRO H 437 28.99 12.48 64.34
N ILE H 438 30.03 12.34 65.17
CA ILE H 438 30.99 13.42 65.37
C ILE H 438 31.75 13.72 64.09
N GLU H 439 32.30 12.68 63.46
CA GLU H 439 33.13 12.88 62.29
C GLU H 439 32.32 13.44 61.12
N ALA H 440 31.09 12.96 60.94
CA ALA H 440 30.27 13.44 59.83
C ALA H 440 29.85 14.88 60.05
N VAL H 441 29.50 15.24 61.27
CA VAL H 441 29.08 16.61 61.56
C VAL H 441 30.22 17.59 61.33
N ILE H 442 31.43 17.24 61.78
CA ILE H 442 32.57 18.11 61.60
C ILE H 442 32.86 18.31 60.12
N LEU H 443 32.88 17.22 59.35
CA LEU H 443 33.13 17.31 57.92
C LEU H 443 32.03 18.08 57.21
N SER H 444 30.77 17.83 57.58
CA SER H 444 29.66 18.54 56.97
C SER H 444 29.73 20.04 57.25
N LEU H 445 30.08 20.40 58.48
CA LEU H 445 30.21 21.81 58.82
C LEU H 445 31.34 22.47 58.02
N GLN H 446 32.47 21.79 57.88
CA GLN H 446 33.57 22.33 57.11
C GLN H 446 33.21 22.45 55.64
N ASP H 447 32.48 21.48 55.09
CA ASP H 447 32.05 21.55 53.70
C ASP H 447 31.11 22.74 53.48
N LEU H 448 30.17 22.95 54.41
CA LEU H 448 29.24 24.06 54.26
C LEU H 448 29.95 25.41 54.39
N ILE H 449 30.91 25.51 55.31
CA ILE H 449 31.63 26.77 55.49
C ILE H 449 32.37 27.14 54.21
N GLY H 450 33.04 26.18 53.58
CA GLY H 450 33.65 26.42 52.29
C GLY H 450 32.64 26.58 51.17
N TYR H 451 31.43 26.06 51.37
CA TYR H 451 30.37 26.24 50.39
C TYR H 451 29.80 27.65 50.40
N PHE H 452 29.83 28.31 51.56
CA PHE H 452 29.29 29.65 51.72
C PHE H 452 30.38 30.71 51.82
N GLU H 453 31.61 30.39 51.44
CA GLU H 453 32.69 31.35 51.56
C GLU H 453 32.43 32.54 50.62
N PRO H 454 32.60 33.77 51.09
CA PRO H 454 32.38 34.92 50.22
C PRO H 454 33.43 34.96 49.13
N PRO H 455 33.10 35.49 47.96
CA PRO H 455 34.08 35.57 46.87
C PRO H 455 35.25 36.46 47.25
N SER H 456 36.43 36.10 46.72
CA SER H 456 37.64 36.86 47.01
C SER H 456 37.53 38.26 46.42
N GLU H 457 38.01 39.25 47.19
CA GLU H 457 37.96 40.64 46.75
C GLU H 457 38.92 40.93 45.60
N GLU H 458 39.84 40.02 45.30
CA GLU H 458 40.78 40.22 44.20
C GLU H 458 40.19 39.88 42.85
N LEU H 459 38.99 39.31 42.80
CA LEU H 459 38.34 38.99 41.55
C LEU H 459 37.91 40.26 40.83
N GLN H 460 37.71 40.15 39.53
CA GLN H 460 37.17 41.27 38.77
C GLN H 460 35.71 41.51 39.15
N HIS H 461 35.23 42.70 38.79
CA HIS H 461 33.93 43.15 39.28
C HIS H 461 32.79 42.28 38.78
N GLU H 462 32.83 41.88 37.50
CA GLU H 462 31.67 41.22 36.92
C GLU H 462 31.50 39.81 37.45
N GLU H 463 32.61 39.10 37.72
CA GLU H 463 32.47 37.76 38.29
C GLU H 463 32.27 37.80 39.80
N LYS H 464 32.78 38.84 40.47
CA LYS H 464 32.54 38.96 41.91
C LYS H 464 31.07 39.20 42.19
N GLN H 465 30.41 40.03 41.37
CA GLN H 465 28.99 40.25 41.54
C GLN H 465 28.19 38.99 41.17
N SER H 466 28.67 38.25 40.17
CA SER H 466 28.01 37.00 39.81
C SER H 466 28.11 35.98 40.95
N LYS H 467 29.28 35.91 41.59
CA LYS H 467 29.43 34.99 42.71
C LYS H 467 28.64 35.46 43.93
N LEU H 468 28.56 36.77 44.14
CA LEU H 468 27.74 37.30 45.22
C LEU H 468 26.27 36.96 44.99
N ARG H 469 25.81 37.04 43.75
CA ARG H 469 24.42 36.73 43.45
C ARG H 469 24.12 35.26 43.75
N SER H 470 25.03 34.36 43.39
CA SER H 470 24.83 32.95 43.71
C SER H 470 24.88 32.71 45.21
N LEU H 471 25.78 33.39 45.91
CA LEU H 471 25.92 33.19 47.35
C LEU H 471 24.65 33.61 48.09
N ARG H 472 24.07 34.76 47.70
CA ARG H 472 22.84 35.21 48.34
C ARG H 472 21.70 34.23 48.09
N ASN H 473 21.63 33.69 46.88
CA ASN H 473 20.58 32.72 46.57
C ASN H 473 20.72 31.45 47.40
N ARG H 474 21.95 30.98 47.58
CA ARG H 474 22.16 29.76 48.36
C ARG H 474 21.90 30.01 49.84
N GLN H 475 22.24 31.18 50.34
CA GLN H 475 21.94 31.51 51.73
C GLN H 475 20.43 31.56 51.94
N SER H 476 19.69 32.15 51.00
CA SER H 476 18.24 32.21 51.11
C SER H 476 17.63 30.81 51.01
N LEU H 477 18.17 29.97 50.13
CA LEU H 477 17.63 28.62 49.96
C LEU H 477 17.76 27.81 51.24
N PHE H 478 18.90 27.93 51.93
CA PHE H 478 19.09 27.20 53.18
C PHE H 478 18.22 27.80 54.29
N GLN H 479 18.12 29.12 54.35
CA GLN H 479 17.31 29.75 55.39
C GLN H 479 15.84 29.40 55.25
N GLU H 480 15.33 29.39 54.01
CA GLU H 480 13.93 29.11 53.78
C GLU H 480 13.55 27.67 54.13
N GLU H 481 14.53 26.76 54.20
CA GLU H 481 14.27 25.38 54.56
C GLU H 481 14.54 25.09 56.02
N GLY H 482 14.74 26.12 56.83
CA GLY H 482 14.97 25.92 58.25
C GLY H 482 16.37 25.48 58.63
N MET H 483 17.34 25.64 57.74
CA MET H 483 18.72 25.27 58.08
C MET H 483 19.29 26.22 59.12
N LEU H 484 18.95 27.51 59.03
CA LEU H 484 19.44 28.47 60.02
C LEU H 484 18.92 28.14 61.41
N SER H 485 17.64 27.81 61.52
CA SER H 485 17.10 27.41 62.82
C SER H 485 17.67 26.09 63.29
N LEU H 486 17.98 25.19 62.35
CA LEU H 486 18.59 23.91 62.73
C LEU H 486 19.98 24.12 63.33
N VAL H 487 20.75 25.06 62.79
CA VAL H 487 22.06 25.35 63.36
C VAL H 487 21.92 25.90 64.77
N LEU H 488 20.94 26.76 64.99
CA LEU H 488 20.72 27.32 66.32
C LEU H 488 20.35 26.23 67.32
N ASN H 489 19.55 25.25 66.89
CA ASN H 489 19.17 24.16 67.78
C ASN H 489 20.38 23.33 68.19
N CYS H 490 21.30 23.08 67.25
CA CYS H 490 22.54 22.38 67.59
C CYS H 490 23.36 23.18 68.58
N ILE H 491 23.43 24.50 68.38
CA ILE H 491 24.17 25.36 69.31
C ILE H 491 23.51 25.36 70.68
N ASP H 492 22.18 25.47 70.71
CA ASP H 492 21.47 25.54 71.99
C ASP H 492 21.70 24.29 72.83
N ARG H 493 21.68 23.12 72.19
CA ARG H 493 21.85 21.88 72.94
C ARG H 493 23.30 21.67 73.37
N LEU H 494 24.26 22.13 72.56
CA LEU H 494 25.65 22.08 72.98
C LEU H 494 26.00 23.16 73.99
N ASN H 495 25.23 24.25 74.02
CA ASN H 495 25.54 25.37 74.90
C ASN H 495 25.09 25.15 76.33
N VAL H 496 24.32 24.10 76.61
CA VAL H 496 23.93 23.82 77.99
C VAL H 496 25.07 23.23 78.79
N TYR H 497 26.19 22.91 78.15
CA TYR H 497 27.38 22.40 78.81
C TYR H 497 28.42 23.51 78.86
N THR H 498 28.94 23.79 80.06
CA THR H 498 29.81 24.95 80.22
C THR H 498 31.19 24.71 79.64
N THR H 499 31.63 23.46 79.54
CA THR H 499 32.96 23.15 79.04
C THR H 499 32.96 21.73 78.51
N ALA H 500 34.09 21.34 77.91
CA ALA H 500 34.22 20.00 77.35
C ALA H 500 34.18 18.94 78.44
N ALA H 501 34.83 19.20 79.58
CA ALA H 501 34.79 18.25 80.69
C ALA H 501 33.37 18.06 81.20
N HIS H 502 32.60 19.14 81.26
CA HIS H 502 31.19 19.02 81.61
C HIS H 502 30.44 18.20 80.58
N PHE H 503 30.78 18.37 79.31
CA PHE H 503 30.15 17.58 78.25
C PHE H 503 30.56 16.11 78.32
N ALA H 504 31.76 15.83 78.83
CA ALA H 504 32.21 14.44 78.92
C ALA H 504 31.41 13.65 79.94
N GLU H 505 30.86 14.31 80.95
CA GLU H 505 30.08 13.63 81.97
C GLU H 505 28.79 13.02 81.42
N TYR H 506 28.39 13.41 80.22
CA TYR H 506 27.16 12.92 79.61
C TYR H 506 27.38 12.18 78.30
N ALA H 507 28.41 12.55 77.53
CA ALA H 507 28.67 11.93 76.24
C ALA H 507 29.99 11.18 76.17
N GLY H 508 30.77 11.17 77.24
CA GLY H 508 32.05 10.47 77.25
C GLY H 508 33.20 11.36 76.82
N GLU H 509 34.40 10.85 77.02
CA GLU H 509 35.60 11.62 76.71
C GLU H 509 35.87 11.65 75.21
N GLU H 510 35.59 10.55 74.51
CA GLU H 510 35.86 10.49 73.07
C GLU H 510 34.98 11.47 72.30
N ALA H 511 33.81 11.81 72.83
CA ALA H 511 32.95 12.79 72.19
C ALA H 511 33.23 14.21 72.67
N ALA H 512 33.73 14.37 73.89
CA ALA H 512 33.97 15.70 74.43
C ALA H 512 35.22 16.33 73.84
N GLU H 513 36.13 15.52 73.29
CA GLU H 513 37.34 16.07 72.71
C GLU H 513 37.08 16.78 71.39
N SER H 514 35.89 16.64 70.82
CA SER H 514 35.48 17.40 69.64
C SER H 514 34.42 18.43 69.95
N TRP H 515 34.08 18.63 71.23
CA TRP H 515 33.02 19.56 71.60
C TRP H 515 33.41 20.99 71.26
N LYS H 516 34.65 21.39 71.55
CA LYS H 516 35.08 22.76 71.28
C LYS H 516 35.18 23.02 69.79
N GLU H 517 35.58 22.01 69.01
CA GLU H 517 35.69 22.18 67.57
C GLU H 517 34.33 22.36 66.92
N ILE H 518 33.33 21.58 67.36
CA ILE H 518 32.02 21.61 66.72
C ILE H 518 31.33 22.94 66.97
N VAL H 519 31.39 23.45 68.21
CA VAL H 519 30.71 24.70 68.50
C VAL H 519 31.33 25.85 67.72
N ASN H 520 32.64 25.85 67.56
CA ASN H 520 33.29 26.89 66.76
C ASN H 520 32.86 26.83 65.31
N LEU H 521 32.75 25.62 64.75
CA LEU H 521 32.30 25.48 63.37
C LEU H 521 30.85 25.90 63.22
N LEU H 522 30.01 25.61 64.23
CA LEU H 522 28.62 26.01 64.18
C LEU H 522 28.48 27.53 64.14
N TYR H 523 29.26 28.23 64.96
CA TYR H 523 29.24 29.69 64.90
C TYR H 523 29.85 30.19 63.61
N GLU H 524 30.87 29.51 63.10
CA GLU H 524 31.46 29.90 61.82
C GLU H 524 30.48 29.70 60.67
N LEU H 525 29.74 28.59 60.71
CA LEU H 525 28.71 28.36 59.69
C LEU H 525 27.59 29.38 59.81
N LEU H 526 27.19 29.71 61.04
CA LEU H 526 26.08 30.64 61.24
C LEU H 526 26.41 32.01 60.67
N ALA H 527 27.65 32.47 60.84
CA ALA H 527 28.04 33.74 60.26
C ALA H 527 28.00 33.69 58.74
N SER H 528 28.44 32.57 58.15
CA SER H 528 28.43 32.44 56.70
C SER H 528 27.01 32.47 56.14
N LEU H 529 26.05 31.90 56.86
CA LEU H 529 24.68 31.87 56.38
C LEU H 529 24.03 33.25 56.38
N ILE H 530 24.55 34.19 57.15
CA ILE H 530 23.93 35.50 57.27
C ILE H 530 24.83 36.64 56.81
N ARG H 531 26.11 36.39 56.54
CA ARG H 531 27.02 37.46 56.17
C ARG H 531 26.59 38.09 54.85
N GLY H 532 26.28 39.39 54.89
CA GLY H 532 25.88 40.11 53.70
C GLY H 532 24.45 39.91 53.27
N ASN H 533 23.67 39.15 54.02
CA ASN H 533 22.27 38.86 53.69
C ASN H 533 21.40 39.58 54.70
N ARG H 534 20.74 40.65 54.26
CA ARG H 534 19.91 41.43 55.17
C ARG H 534 18.70 40.63 55.64
N ALA H 535 18.11 39.83 54.75
CA ALA H 535 16.94 39.05 55.13
C ALA H 535 17.26 38.06 56.24
N ASN H 536 18.41 37.39 56.17
CA ASN H 536 18.78 36.45 57.22
C ASN H 536 19.19 37.18 58.49
N CYS H 537 19.88 38.32 58.35
CA CYS H 537 20.27 39.08 59.52
C CYS H 537 19.06 39.68 60.23
N ALA H 538 18.01 40.01 59.49
CA ALA H 538 16.81 40.59 60.09
C ALA H 538 16.09 39.60 61.01
N LEU H 539 16.35 38.31 60.86
CA LEU H 539 15.70 37.31 61.70
C LEU H 539 16.10 37.44 63.17
N PHE H 540 17.22 38.07 63.46
CA PHE H 540 17.68 38.21 64.83
C PHE H 540 17.07 39.40 65.54
N SER H 541 16.22 40.17 64.85
CA SER H 541 15.50 41.26 65.50
C SER H 541 14.49 40.77 66.53
N THR H 542 14.18 39.48 66.53
CA THR H 542 13.32 38.90 67.56
C THR H 542 14.10 38.19 68.66
N ASN H 543 15.22 37.56 68.33
CA ASN H 543 16.07 36.87 69.29
C ASN H 543 17.46 37.48 69.21
N LEU H 544 17.68 38.57 69.92
CA LEU H 544 18.98 39.19 70.01
C LEU H 544 19.69 38.87 71.31
N ASP H 545 18.95 38.65 72.39
CA ASP H 545 19.56 38.15 73.62
C ASP H 545 20.15 36.77 73.44
N TRP H 546 19.72 36.04 72.40
CA TRP H 546 20.33 34.76 72.10
C TRP H 546 21.80 34.91 71.74
N VAL H 547 22.13 35.95 70.98
CA VAL H 547 23.51 36.16 70.57
C VAL H 547 24.30 36.89 71.65
N VAL H 548 23.71 37.93 72.24
CA VAL H 548 24.42 38.77 73.19
C VAL H 548 24.79 37.99 74.44
N SER H 549 23.87 37.19 74.97
CA SER H 549 24.11 36.45 76.19
C SER H 549 25.22 35.41 76.03
N LYS H 550 25.58 35.06 74.80
CA LYS H 550 26.64 34.10 74.55
C LYS H 550 27.99 34.76 74.35
N LEU H 551 28.07 36.10 74.44
CA LEU H 551 29.34 36.78 74.21
C LEU H 551 30.38 36.41 75.26
N ASP H 552 29.96 36.15 76.49
CA ASP H 552 30.87 35.82 77.56
C ASP H 552 31.38 34.39 77.51
N ARG H 553 30.80 33.54 76.66
CA ARG H 553 31.28 32.17 76.53
C ARG H 553 32.71 32.16 76.03
N LEU H 554 33.54 31.34 76.66
CA LEU H 554 34.98 31.38 76.43
C LEU H 554 35.44 30.45 75.31
N GLU H 555 34.65 29.45 74.94
CA GLU H 555 35.12 28.47 73.96
C GLU H 555 35.08 29.02 72.55
N ALA H 556 34.14 29.91 72.24
CA ALA H 556 33.97 30.44 70.89
C ALA H 556 33.79 31.95 70.94
N SER H 557 34.65 32.62 71.70
CA SER H 557 34.50 34.06 71.90
C SER H 557 34.62 34.81 70.58
N SER H 558 35.60 34.47 69.75
CA SER H 558 35.78 35.16 68.48
C SER H 558 34.64 34.88 67.53
N GLY H 559 34.17 33.62 67.48
CA GLY H 559 33.12 33.28 66.53
C GLY H 559 31.80 33.95 66.83
N ILE H 560 31.44 34.03 68.12
CA ILE H 560 30.17 34.64 68.49
C ILE H 560 30.20 36.15 68.22
N LEU H 561 31.35 36.78 68.45
CA LEU H 561 31.47 38.20 68.14
C LEU H 561 31.32 38.46 66.65
N GLU H 562 31.83 37.55 65.82
CA GLU H 562 31.67 37.69 64.38
C GLU H 562 30.20 37.60 63.97
N VAL H 563 29.45 36.71 64.61
CA VAL H 563 28.02 36.60 64.33
C VAL H 563 27.32 37.91 64.67
N LEU H 564 27.64 38.49 65.82
CA LEU H 564 27.06 39.77 66.19
C LEU H 564 27.48 40.87 65.21
N TYR H 565 28.73 40.85 64.77
CA TYR H 565 29.22 41.87 63.85
C TYR H 565 28.47 41.81 62.52
N CYS H 566 28.20 40.60 62.01
CA CYS H 566 27.51 40.48 60.74
C CYS H 566 26.07 40.97 60.84
N VAL H 567 25.39 40.68 61.96
CA VAL H 567 24.00 41.07 62.11
C VAL H 567 23.86 42.59 62.15
N LEU H 568 24.73 43.26 62.90
CA LEU H 568 24.56 44.70 63.11
C LEU H 568 24.81 45.49 61.84
N ILE H 569 25.77 45.06 61.01
CA ILE H 569 26.04 45.77 59.76
C ILE H 569 24.89 45.72 58.79
N GLU H 570 24.23 44.58 58.63
CA GLU H 570 23.26 44.39 57.57
C GLU H 570 21.85 44.80 57.95
N SER H 571 21.45 44.64 59.20
CA SER H 571 20.05 44.83 59.57
C SER H 571 19.87 46.08 60.42
N PRO H 572 19.33 47.16 59.85
CA PRO H 572 18.94 48.31 60.69
C PRO H 572 17.82 47.99 61.66
N GLU H 573 17.05 46.92 61.41
CA GLU H 573 15.99 46.53 62.33
C GLU H 573 16.56 46.15 63.68
N VAL H 574 17.71 45.47 63.68
CA VAL H 574 18.33 45.06 64.93
C VAL H 574 18.79 46.28 65.72
N LEU H 575 19.25 47.32 65.04
CA LEU H 575 19.71 48.52 65.74
C LEU H 575 18.59 49.22 66.48
N ASN H 576 17.34 49.03 66.04
CA ASN H 576 16.22 49.69 66.69
C ASN H 576 15.76 48.95 67.95
N ILE H 577 16.19 47.69 68.14
CA ILE H 577 15.84 46.95 69.34
C ILE H 577 16.97 46.90 70.34
N ILE H 578 18.09 47.54 70.05
CA ILE H 578 19.22 47.53 70.97
C ILE H 578 18.84 48.27 72.24
N GLN H 579 18.98 47.60 73.38
CA GLN H 579 18.67 48.17 74.68
C GLN H 579 19.96 48.51 75.41
N GLU H 580 19.81 49.09 76.60
CA GLU H 580 20.98 49.49 77.37
C GLU H 580 21.76 48.28 77.86
N ASN H 581 21.06 47.22 78.27
CA ASN H 581 21.76 46.04 78.76
C ASN H 581 22.56 45.35 77.66
N HIS H 582 22.09 45.42 76.42
CA HIS H 582 22.87 44.87 75.31
C HIS H 582 24.20 45.60 75.15
N ILE H 583 24.17 46.93 75.23
CA ILE H 583 25.40 47.70 75.07
C ILE H 583 26.35 47.47 76.24
N LYS H 584 25.81 47.39 77.46
CA LYS H 584 26.67 47.15 78.62
C LYS H 584 27.32 45.78 78.54
N SER H 585 26.66 44.81 77.92
CA SER H 585 27.27 43.51 77.71
C SER H 585 28.41 43.60 76.71
N ILE H 586 28.23 44.38 75.63
CA ILE H 586 29.29 44.55 74.65
C ILE H 586 30.45 45.32 75.25
N ILE H 587 30.16 46.33 76.08
CA ILE H 587 31.22 47.07 76.75
C ILE H 587 31.95 46.16 77.73
N SER H 588 31.22 45.32 78.46
CA SER H 588 31.84 44.37 79.36
C SER H 588 32.76 43.41 78.64
N LEU H 589 32.55 43.20 77.34
CA LEU H 589 33.47 42.36 76.57
C LEU H 589 34.85 42.99 76.49
N LEU H 590 34.92 44.32 76.41
CA LEU H 590 36.22 44.99 76.46
C LEU H 590 36.88 44.79 77.81
N ASP H 591 36.11 44.86 78.89
CA ASP H 591 36.68 44.80 80.23
C ASP H 591 37.22 43.42 80.55
N LYS H 592 36.59 42.38 80.00
CA LYS H 592 36.92 41.00 80.38
C LYS H 592 37.77 40.28 79.36
N HIS H 593 37.73 40.68 78.09
CA HIS H 593 38.50 40.02 77.05
C HIS H 593 39.67 40.85 76.55
N GLY H 594 39.81 42.09 77.00
CA GLY H 594 40.93 42.91 76.60
C GLY H 594 40.60 43.88 75.49
N ARG H 595 41.62 44.63 75.08
CA ARG H 595 41.46 45.68 74.08
C ARG H 595 41.47 45.05 72.70
N ASN H 596 40.30 44.58 72.28
CA ASN H 596 40.09 44.02 70.96
C ASN H 596 39.40 45.06 70.09
N HIS H 597 40.03 45.45 68.98
CA HIS H 597 39.49 46.51 68.15
C HIS H 597 38.19 46.10 67.46
N LYS H 598 37.92 44.80 67.34
CA LYS H 598 36.67 44.38 66.71
C LYS H 598 35.46 44.76 67.55
N VAL H 599 35.62 44.80 68.88
CA VAL H 599 34.53 45.24 69.74
C VAL H 599 34.20 46.70 69.46
N LEU H 600 35.23 47.51 69.20
CA LEU H 600 35.00 48.90 68.86
C LEU H 600 34.23 49.03 67.55
N ASP H 601 34.55 48.19 66.57
CA ASP H 601 33.81 48.18 65.31
C ASP H 601 32.36 47.79 65.53
N VAL H 602 32.11 46.84 66.42
CA VAL H 602 30.75 46.47 66.78
C VAL H 602 30.02 47.66 67.38
N LEU H 603 30.68 48.40 68.25
CA LEU H 603 30.09 49.60 68.82
C LEU H 603 29.87 50.67 67.77
N CYS H 604 30.82 50.81 66.84
CA CYS H 604 30.65 51.79 65.76
C CYS H 604 29.44 51.47 64.90
N SER H 605 29.23 50.19 64.59
CA SER H 605 28.09 49.80 63.78
C SER H 605 26.76 50.05 64.47
N LEU H 606 26.75 50.17 65.79
CA LEU H 606 25.51 50.43 66.50
C LEU H 606 25.04 51.87 66.35
N CYS H 607 25.92 52.78 65.94
CA CYS H 607 25.59 54.19 65.88
C CYS H 607 24.92 54.58 64.57
N VAL H 608 25.52 54.23 63.44
CA VAL H 608 25.04 54.64 62.13
C VAL H 608 24.92 53.41 61.25
N CYS H 609 23.79 53.28 60.56
CA CYS H 609 23.58 52.23 59.57
C CYS H 609 22.89 52.82 58.36
N ASN H 610 23.47 52.62 57.18
CA ASN H 610 22.91 53.12 55.92
C ASN H 610 22.72 54.63 55.97
N GLY H 611 23.65 55.33 56.60
CA GLY H 611 23.61 56.78 56.63
C GLY H 611 22.60 57.38 57.59
N VAL H 612 21.97 56.59 58.44
CA VAL H 612 21.02 57.08 59.42
C VAL H 612 21.57 56.78 60.81
N ALA H 613 21.59 57.79 61.66
CA ALA H 613 22.15 57.68 63.00
C ALA H 613 21.05 57.34 64.01
N VAL H 614 21.42 56.51 64.99
CA VAL H 614 20.52 56.14 66.07
C VAL H 614 20.98 56.88 67.31
N ARG H 615 20.20 57.87 67.75
CA ARG H 615 20.60 58.70 68.88
C ARG H 615 20.69 57.88 70.16
N SER H 616 19.76 56.95 70.36
CA SER H 616 19.73 56.17 71.60
C SER H 616 21.01 55.36 71.76
N ASN H 617 21.48 54.73 70.67
CA ASN H 617 22.72 53.97 70.74
C ASN H 617 23.92 54.87 70.98
N GLN H 618 23.94 56.04 70.32
CA GLN H 618 25.06 56.96 70.49
C GLN H 618 25.15 57.46 71.93
N ASP H 619 24.01 57.77 72.54
CA ASP H 619 24.00 58.26 73.91
C ASP H 619 24.39 57.16 74.90
N LEU H 620 23.87 55.95 74.70
CA LEU H 620 24.15 54.86 75.63
C LEU H 620 25.63 54.49 75.60
N ILE H 621 26.24 54.44 74.42
CA ILE H 621 27.66 54.15 74.32
C ILE H 621 28.47 55.26 75.00
N THR H 622 28.11 56.52 74.74
CA THR H 622 28.80 57.63 75.37
C THR H 622 28.66 57.61 76.88
N GLU H 623 27.46 57.30 77.39
CA GLU H 623 27.21 57.30 78.81
C GLU H 623 27.88 56.16 79.55
N ASN H 624 27.98 54.98 78.93
CA ASN H 624 28.47 53.79 79.63
C ASN H 624 29.92 53.46 79.31
N LEU H 625 30.58 54.21 78.46
CA LEU H 625 31.95 53.86 78.11
C LEU H 625 32.95 54.99 78.32
N LEU H 626 32.55 56.23 78.08
CA LEU H 626 33.49 57.34 78.13
C LEU H 626 33.79 57.85 79.53
N PRO H 627 32.78 58.16 80.36
CA PRO H 627 33.09 58.84 81.63
C PRO H 627 33.96 58.02 82.58
N GLY H 628 34.00 56.71 82.42
CA GLY H 628 34.83 55.89 83.27
C GLY H 628 36.30 56.16 83.11
N ARG H 629 36.75 56.37 81.87
CA ARG H 629 38.15 56.64 81.55
C ARG H 629 39.05 55.52 82.08
N GLU H 630 38.61 54.28 81.85
CA GLU H 630 39.34 53.11 82.31
C GLU H 630 39.71 52.19 81.15
N LEU H 631 38.79 52.02 80.19
CA LEU H 631 39.03 51.09 79.10
C LEU H 631 39.82 51.74 77.98
N LEU H 632 39.28 52.81 77.40
CA LEU H 632 39.94 53.47 76.29
C LEU H 632 41.22 54.16 76.75
N LEU H 633 42.20 54.20 75.86
CA LEU H 633 43.44 54.90 76.14
C LEU H 633 43.20 56.40 76.21
N GLN H 634 43.86 57.06 77.14
CA GLN H 634 43.65 58.48 77.38
C GLN H 634 44.83 59.29 76.89
N THR H 635 44.53 60.50 76.42
CA THR H 635 45.54 61.38 75.84
C THR H 635 45.44 62.76 76.47
N ASN H 636 46.57 63.44 76.52
CA ASN H 636 46.66 64.78 77.08
C ASN H 636 48.03 65.33 76.75
N LEU H 637 48.16 66.65 76.80
CA LEU H 637 49.43 67.32 76.60
C LEU H 637 50.09 67.58 77.94
N ILE H 638 51.34 67.18 78.09
CA ILE H 638 52.07 67.33 79.34
C ILE H 638 53.39 68.05 79.06
N ASN H 639 53.93 68.67 80.11
CA ASN H 639 55.20 69.36 80.02
C ASN H 639 56.35 68.44 80.35
N TYR H 640 57.45 68.60 79.62
CA TYR H 640 58.67 67.88 79.94
C TYR H 640 59.25 68.40 81.25
N VAL H 641 59.77 67.49 82.06
CA VAL H 641 60.36 67.81 83.35
C VAL H 641 61.76 67.25 83.41
N THR H 642 62.70 68.06 83.90
CA THR H 642 64.10 67.67 84.00
C THR H 642 64.59 67.89 85.42
N SER H 643 65.56 67.08 85.82
CA SER H 643 66.17 67.17 87.15
C SER H 643 67.63 67.59 87.00
N ILE H 644 68.10 68.38 87.96
CA ILE H 644 69.49 68.83 88.01
C ILE H 644 70.00 68.62 89.43
N ARG H 645 71.22 68.09 89.54
CA ARG H 645 71.81 67.79 90.83
C ARG H 645 73.24 68.30 90.89
N PRO H 646 73.74 68.62 92.08
CA PRO H 646 75.18 68.75 92.26
C PRO H 646 75.82 67.38 92.34
N ASN H 647 77.13 67.35 92.12
CA ASN H 647 77.87 66.11 92.30
C ASN H 647 78.24 65.94 93.76
N ILE H 648 77.24 65.95 94.64
CA ILE H 648 77.42 65.78 96.07
C ILE H 648 76.66 64.53 96.48
N PHE H 649 77.39 63.51 96.91
CA PHE H 649 76.80 62.21 97.23
C PHE H 649 77.14 61.86 98.67
N VAL H 650 76.13 61.61 99.49
CA VAL H 650 76.30 61.26 100.89
C VAL H 650 75.49 60.01 101.17
N GLY H 651 75.92 59.26 102.17
CA GLY H 651 75.23 58.02 102.49
C GLY H 651 75.68 57.49 103.83
N ARG H 652 75.00 56.44 104.28
CA ARG H 652 75.27 55.83 105.56
C ARG H 652 75.60 54.35 105.37
N ALA H 653 76.68 53.92 105.99
CA ALA H 653 77.03 52.50 106.00
C ALA H 653 77.83 52.24 107.26
N GLU H 654 77.84 50.97 107.66
CA GLU H 654 78.56 50.56 108.86
C GLU H 654 80.06 50.68 108.62
N GLY H 655 80.72 51.56 109.35
CA GLY H 655 82.13 51.82 109.15
C GLY H 655 82.45 52.82 108.06
N SER H 656 81.45 53.48 107.50
CA SER H 656 81.68 54.45 106.44
C SER H 656 82.36 55.70 107.00
N THR H 657 83.02 56.44 106.10
CA THR H 657 83.76 57.64 106.47
C THR H 657 82.95 58.91 106.31
N GLN H 658 81.68 58.82 105.95
CA GLN H 658 80.87 59.99 105.66
C GLN H 658 80.13 60.49 106.89
N TYR H 659 79.98 61.81 106.97
CA TYR H 659 79.17 62.42 108.00
C TYR H 659 77.68 62.16 107.75
N GLY H 660 76.89 62.22 108.80
CA GLY H 660 75.51 61.77 108.72
C GLY H 660 74.46 62.84 108.48
N LYS H 661 74.79 64.10 108.71
CA LYS H 661 73.82 65.19 108.64
C LYS H 661 74.29 66.24 107.64
N TRP H 662 73.40 66.66 106.75
CA TRP H 662 73.74 67.55 105.66
C TRP H 662 72.64 68.58 105.46
N TYR H 663 73.01 69.68 104.81
CA TYR H 663 72.13 70.83 104.68
C TYR H 663 72.45 71.59 103.40
N PHE H 664 71.41 72.01 102.69
CA PHE H 664 71.56 72.87 101.53
C PHE H 664 70.29 73.67 101.34
N GLU H 665 70.40 74.76 100.58
CA GLU H 665 69.29 75.65 100.32
C GLU H 665 69.14 75.90 98.83
N VAL H 666 67.91 76.18 98.41
CA VAL H 666 67.60 76.55 97.03
C VAL H 666 66.79 77.83 97.06
N MET H 667 67.24 78.84 96.32
CA MET H 667 66.55 80.12 96.25
C MET H 667 65.88 80.25 94.88
N VAL H 668 64.60 80.59 94.89
CA VAL H 668 63.82 80.72 93.68
C VAL H 668 63.90 82.17 93.20
N ASP H 669 64.35 82.36 91.97
CA ASP H 669 64.50 83.68 91.39
C ASP H 669 63.38 84.07 90.45
N GLU H 670 62.90 83.15 89.61
CA GLU H 670 61.86 83.47 88.63
C GLU H 670 61.05 82.22 88.35
N VAL H 671 59.73 82.32 88.49
CA VAL H 671 58.82 81.23 88.15
C VAL H 671 57.65 81.82 87.39
N VAL H 672 57.37 81.28 86.21
CA VAL H 672 56.15 81.58 85.46
C VAL H 672 55.11 80.54 85.87
N PRO H 673 54.04 80.93 86.56
CA PRO H 673 53.07 79.93 87.04
C PRO H 673 52.48 79.07 85.94
N PHE H 674 52.18 79.66 84.78
CA PHE H 674 51.60 78.93 83.66
C PHE H 674 52.29 79.41 82.38
N LEU H 675 53.41 78.77 82.04
CA LEU H 675 54.01 79.01 80.73
C LEU H 675 53.23 78.29 79.64
N THR H 676 52.62 77.17 79.99
CA THR H 676 51.75 76.43 79.09
C THR H 676 50.40 76.21 79.77
N ALA H 677 49.54 75.38 79.18
CA ALA H 677 48.27 75.07 79.79
C ALA H 677 48.41 74.23 81.06
N GLN H 678 49.59 73.70 81.34
CA GLN H 678 49.85 72.91 82.54
C GLN H 678 50.72 73.72 83.50
N ALA H 679 50.43 73.59 84.79
CA ALA H 679 51.14 74.37 85.79
C ALA H 679 52.62 74.03 85.80
N THR H 680 53.44 75.04 86.05
CA THR H 680 54.89 74.87 86.01
C THR H 680 55.34 73.97 87.16
N HIS H 681 56.17 73.00 86.82
CA HIS H 681 56.70 72.05 87.80
C HIS H 681 57.94 72.63 88.47
N LEU H 682 58.00 72.52 89.80
CA LEU H 682 59.20 72.93 90.53
C LEU H 682 59.18 72.24 91.90
N ARG H 683 60.11 71.32 92.12
CA ARG H 683 60.22 70.62 93.38
C ARG H 683 61.68 70.56 93.81
N VAL H 684 61.89 70.51 95.12
CA VAL H 684 63.22 70.47 95.71
C VAL H 684 63.26 69.37 96.76
N GLY H 685 64.34 68.62 96.79
CA GLY H 685 64.47 67.57 97.79
C GLY H 685 65.73 66.76 97.58
N TRP H 686 65.69 65.52 98.07
CA TRP H 686 66.79 64.57 97.99
C TRP H 686 66.36 63.37 97.16
N ALA H 687 67.35 62.68 96.60
CA ALA H 687 67.09 61.50 95.78
C ALA H 687 68.21 60.50 95.98
N LEU H 688 67.91 59.23 95.70
CA LEU H 688 68.84 58.13 95.88
C LEU H 688 69.46 57.76 94.53
N THR H 689 70.76 57.44 94.55
CA THR H 689 71.46 57.16 93.31
C THR H 689 70.91 55.93 92.61
N GLU H 690 70.67 54.86 93.36
CA GLU H 690 70.21 53.60 92.77
C GLU H 690 68.69 53.61 92.74
N GLY H 691 68.13 54.13 91.65
CA GLY H 691 66.70 54.08 91.47
C GLY H 691 66.07 55.32 90.88
N TYR H 692 66.63 56.49 91.18
CA TYR H 692 66.09 57.75 90.65
C TYR H 692 66.63 57.95 89.25
N SER H 693 65.89 57.47 88.25
CA SER H 693 66.26 57.60 86.85
C SER H 693 65.05 58.10 86.07
N PRO H 694 64.69 59.37 86.23
CA PRO H 694 63.53 59.91 85.50
C PRO H 694 63.90 60.19 84.05
N TYR H 695 63.30 59.48 83.16
CA TYR H 695 63.62 59.76 81.76
C TYR H 695 62.67 60.79 81.19
N PRO H 696 63.11 61.57 80.21
CA PRO H 696 62.23 62.56 79.60
C PRO H 696 61.04 61.88 78.92
N GLY H 697 59.88 62.51 79.05
CA GLY H 697 58.69 62.04 78.38
C GLY H 697 57.80 61.23 79.31
N GLY H 698 57.49 60.00 78.91
CA GLY H 698 56.56 59.16 79.64
C GLY H 698 57.14 58.63 80.93
N GLY H 699 56.27 58.01 81.71
CA GLY H 699 56.66 57.45 82.99
C GLY H 699 55.44 57.15 83.83
N GLU H 700 55.64 57.19 85.15
CA GLU H 700 54.56 56.90 86.08
C GLU H 700 53.48 57.99 86.00
N GLY H 701 52.24 57.57 86.21
CA GLY H 701 51.12 58.49 86.16
C GLY H 701 50.93 59.13 84.80
N TRP H 702 50.97 60.45 84.76
CA TRP H 702 50.78 61.21 83.53
C TRP H 702 52.08 61.85 83.06
N GLY H 703 53.20 61.20 83.35
CA GLY H 703 54.48 61.72 82.92
C GLY H 703 54.91 62.93 83.72
N GLY H 704 55.93 63.59 83.20
CA GLY H 704 56.50 64.73 83.91
C GLY H 704 57.06 64.35 85.26
N ASN H 705 57.72 63.21 85.35
CA ASN H 705 58.18 62.71 86.64
C ASN H 705 59.39 63.51 87.12
N GLY H 706 59.36 63.90 88.39
CA GLY H 706 60.43 64.63 89.01
C GLY H 706 60.74 64.07 90.38
N VAL H 707 61.03 64.98 91.31
CA VAL H 707 61.32 64.57 92.68
C VAL H 707 60.03 64.19 93.37
N GLY H 708 60.02 63.02 94.00
CA GLY H 708 58.85 62.52 94.67
C GLY H 708 57.91 61.72 93.81
N ASP H 709 58.22 61.55 92.52
CA ASP H 709 57.39 60.76 91.63
C ASP H 709 57.74 59.27 91.67
N ASP H 710 58.67 58.88 92.53
CA ASP H 710 58.98 57.49 92.78
C ASP H 710 59.27 57.34 94.27
N LEU H 711 59.71 56.17 94.67
CA LEU H 711 60.07 55.91 96.06
C LEU H 711 61.56 56.05 96.32
N TYR H 712 62.31 56.60 95.37
CA TYR H 712 63.72 56.91 95.55
C TYR H 712 63.97 58.40 95.74
N SER H 713 62.93 59.22 95.70
CA SER H 713 63.08 60.67 95.78
C SER H 713 62.05 61.22 96.75
N TYR H 714 62.37 62.37 97.34
CA TYR H 714 61.54 63.00 98.36
C TYR H 714 61.58 64.51 98.14
N GLY H 715 60.46 65.08 97.73
CA GLY H 715 60.41 66.46 97.29
C GLY H 715 59.49 67.35 98.11
N PHE H 716 59.47 68.62 97.71
CA PHE H 716 58.66 69.64 98.37
C PHE H 716 58.46 70.78 97.40
N ASP H 717 57.19 71.07 97.08
CA ASP H 717 56.87 72.09 96.08
C ASP H 717 56.29 73.35 96.70
N GLY H 718 56.34 73.50 98.02
CA GLY H 718 55.81 74.65 98.71
C GLY H 718 54.48 74.39 99.39
N LEU H 719 53.75 73.36 98.95
CA LEU H 719 52.46 73.01 99.54
C LEU H 719 52.33 71.53 99.89
N HIS H 720 53.09 70.65 99.25
CA HIS H 720 52.94 69.22 99.47
C HIS H 720 54.31 68.57 99.64
N LEU H 721 54.31 67.41 100.30
CA LEU H 721 55.46 66.54 100.35
C LEU H 721 55.24 65.43 99.33
N TRP H 722 56.16 65.31 98.39
CA TRP H 722 56.01 64.37 97.28
C TRP H 722 56.89 63.14 97.52
N THR H 723 56.28 61.97 97.44
CA THR H 723 57.01 60.71 97.45
C THR H 723 56.10 59.63 96.89
N GLY H 724 56.66 58.75 96.05
CA GLY H 724 55.88 57.70 95.45
C GLY H 724 54.75 58.21 94.57
N HIS H 725 54.95 59.34 93.89
CA HIS H 725 53.96 59.92 92.99
C HIS H 725 52.66 60.26 93.71
N VAL H 726 52.74 60.59 94.99
CA VAL H 726 51.58 60.97 95.78
C VAL H 726 51.88 62.30 96.47
N ALA H 727 50.96 63.25 96.34
CA ALA H 727 51.12 64.57 96.94
C ALA H 727 50.35 64.60 98.26
N ARG H 728 51.06 64.83 99.35
CA ARG H 728 50.45 64.93 100.66
C ARG H 728 50.56 66.36 101.17
N PRO H 729 49.45 67.07 101.31
CA PRO H 729 49.53 68.48 101.73
C PRO H 729 50.18 68.63 103.08
N VAL H 730 50.98 69.68 103.23
CA VAL H 730 51.72 69.95 104.45
C VAL H 730 51.45 71.39 104.86
N THR H 731 51.56 71.65 106.16
CA THR H 731 51.21 72.94 106.73
C THR H 731 52.48 73.73 107.04
N SER H 732 52.52 74.97 106.54
CA SER H 732 53.60 75.90 106.83
C SER H 732 53.00 77.29 106.98
N PRO H 733 53.65 78.17 107.74
CA PRO H 733 53.16 79.55 107.85
C PRO H 733 53.16 80.25 106.51
N GLY H 734 51.97 80.62 106.03
CA GLY H 734 51.85 81.25 104.73
C GLY H 734 52.06 80.27 103.60
N GLN H 735 51.25 79.21 103.56
CA GLN H 735 51.38 78.20 102.53
C GLN H 735 51.18 78.79 101.15
N HIS H 736 52.07 78.45 100.23
CA HIS H 736 51.95 78.86 98.84
C HIS H 736 52.93 78.06 98.01
N LEU H 737 52.58 77.84 96.74
CA LEU H 737 53.50 77.22 95.80
C LEU H 737 54.77 78.06 95.68
N LEU H 738 55.90 77.40 95.44
CA LEU H 738 57.18 78.09 95.38
C LEU H 738 57.12 79.26 94.41
N ALA H 739 57.52 80.42 94.90
CA ALA H 739 57.40 81.69 94.21
C ALA H 739 58.75 82.37 94.24
N PRO H 740 58.96 83.37 93.38
CA PRO H 740 60.24 84.08 93.39
C PRO H 740 60.54 84.68 94.76
N GLU H 741 61.83 84.71 95.10
CA GLU H 741 62.39 85.19 96.36
C GLU H 741 62.14 84.23 97.51
N ASP H 742 61.64 83.03 97.26
CA ASP H 742 61.48 82.01 98.29
C ASP H 742 62.77 81.22 98.45
N VAL H 743 63.11 80.90 99.69
CA VAL H 743 64.29 80.10 100.01
C VAL H 743 63.83 78.86 100.76
N VAL H 744 64.14 77.70 100.20
CA VAL H 744 63.77 76.41 100.78
C VAL H 744 65.04 75.75 101.30
N SER H 745 65.00 75.32 102.55
CA SER H 745 66.13 74.67 103.21
C SER H 745 65.79 73.21 103.43
N CYS H 746 66.63 72.31 102.91
CA CYS H 746 66.43 70.89 103.03
C CYS H 746 67.49 70.29 103.94
N CYS H 747 67.05 69.55 104.96
CA CYS H 747 67.93 68.93 105.93
C CYS H 747 67.83 67.42 105.80
N LEU H 748 68.98 66.75 105.74
CA LEU H 748 69.05 65.29 105.69
C LEU H 748 69.78 64.82 106.93
N ASP H 749 69.17 63.91 107.67
CA ASP H 749 69.76 63.31 108.86
C ASP H 749 69.72 61.79 108.67
N LEU H 750 70.85 61.22 108.27
CA LEU H 750 70.91 59.79 107.97
C LEU H 750 70.84 58.93 109.23
N SER H 751 70.98 59.52 110.42
CA SER H 751 70.97 58.72 111.63
C SER H 751 69.59 58.14 111.91
N VAL H 752 68.54 58.90 111.62
CA VAL H 752 67.18 58.49 111.99
C VAL H 752 66.68 57.36 111.08
N PRO H 753 66.66 57.50 109.73
CA PRO H 753 66.96 58.65 108.87
C PRO H 753 65.76 59.58 108.72
N SER H 754 65.96 60.86 108.42
CA SER H 754 64.85 61.78 108.29
C SER H 754 65.22 62.91 107.34
N ILE H 755 64.21 63.42 106.64
CA ILE H 755 64.35 64.56 105.74
C ILE H 755 63.35 65.62 106.19
N SER H 756 63.83 66.84 106.39
CA SER H 756 63.00 67.94 106.85
C SER H 756 63.25 69.17 106.01
N PHE H 757 62.25 70.03 105.93
CA PHE H 757 62.32 71.23 105.10
C PHE H 757 61.98 72.46 105.93
N ARG H 758 62.46 73.61 105.45
CA ARG H 758 62.07 74.90 105.98
C ARG H 758 61.90 75.86 104.82
N ILE H 759 60.79 76.59 104.80
CA ILE H 759 60.50 77.56 103.75
C ILE H 759 60.59 78.96 104.37
N ASN H 760 61.48 79.78 103.81
CA ASN H 760 61.72 81.14 104.30
C ASN H 760 62.01 81.18 105.79
N GLY H 761 62.69 80.14 106.29
CA GLY H 761 63.05 80.06 107.69
C GLY H 761 62.02 79.40 108.58
N CYS H 762 60.75 79.35 108.15
CA CYS H 762 59.72 78.73 108.95
C CYS H 762 59.69 77.22 108.72
N PRO H 763 59.63 76.44 109.79
CA PRO H 763 59.64 74.98 109.64
C PRO H 763 58.43 74.48 108.86
N VAL H 764 58.64 73.45 108.07
CA VAL H 764 57.58 72.77 107.35
C VAL H 764 57.13 71.60 108.21
N GLN H 765 55.86 71.61 108.61
CA GLN H 765 55.34 70.65 109.59
C GLN H 765 55.09 69.30 108.91
N GLY H 766 56.19 68.64 108.57
CA GLY H 766 56.15 67.33 107.95
C GLY H 766 57.54 66.84 107.59
N VAL H 767 57.80 65.55 107.80
CA VAL H 767 59.13 64.99 107.56
C VAL H 767 58.97 63.61 106.93
N PHE H 768 59.89 63.28 106.02
CA PHE H 768 60.07 61.91 105.58
C PHE H 768 60.97 61.19 106.58
N GLU H 769 60.68 59.92 106.83
CA GLU H 769 61.48 59.16 107.78
C GLU H 769 61.36 57.69 107.49
N ALA H 770 62.31 56.92 108.04
CA ALA H 770 62.30 55.46 107.96
C ALA H 770 62.28 54.97 106.52
N PHE H 771 63.10 55.56 105.68
CA PHE H 771 63.23 55.14 104.30
C PHE H 771 64.48 54.27 104.11
N ASN H 772 64.65 53.77 102.90
CA ASN H 772 65.76 52.90 102.60
C ASN H 772 67.07 53.69 102.59
N LEU H 773 68.17 52.97 102.85
CA LEU H 773 69.50 53.58 102.92
C LEU H 773 70.51 52.83 102.06
N ASP H 774 70.05 52.13 101.03
CA ASP H 774 70.91 51.30 100.20
C ASP H 774 71.42 52.08 98.98
N GLY H 775 72.03 53.22 99.26
CA GLY H 775 72.58 54.04 98.20
C GLY H 775 73.03 55.39 98.73
N LEU H 776 73.43 56.24 97.81
CA LEU H 776 73.90 57.58 98.12
C LEU H 776 72.80 58.59 97.82
N PHE H 777 72.77 59.66 98.62
CA PHE H 777 71.78 60.71 98.48
C PHE H 777 72.42 61.95 97.89
N PHE H 778 71.71 62.61 97.00
CA PHE H 778 72.19 63.86 96.42
C PHE H 778 71.08 64.90 96.40
N PRO H 779 71.43 66.17 96.54
CA PRO H 779 70.43 67.23 96.33
C PRO H 779 69.94 67.21 94.90
N VAL H 780 68.67 67.55 94.72
CA VAL H 780 68.06 67.51 93.40
C VAL H 780 66.93 68.52 93.34
N VAL H 781 66.77 69.15 92.18
CA VAL H 781 65.62 69.99 91.87
C VAL H 781 65.02 69.49 90.56
N SER H 782 63.72 69.32 90.54
CA SER H 782 62.99 68.96 89.33
C SER H 782 62.15 70.16 88.90
N PHE H 783 62.09 70.39 87.60
CA PHE H 783 61.44 71.59 87.11
C PHE H 783 60.97 71.38 85.68
N SER H 784 59.93 72.12 85.32
CA SER H 784 59.52 72.28 83.94
C SER H 784 60.13 73.56 83.40
N ALA H 785 59.83 73.88 82.15
CA ALA H 785 60.33 75.12 81.57
C ALA H 785 59.67 76.32 82.23
N GLY H 786 60.42 77.40 82.38
CA GLY H 786 59.93 78.59 83.00
C GLY H 786 60.31 78.79 84.44
N VAL H 787 61.49 78.34 84.85
CA VAL H 787 61.96 78.50 86.22
C VAL H 787 63.37 79.08 86.19
N LYS H 788 63.80 79.58 87.35
CA LYS H 788 65.15 80.10 87.51
C LYS H 788 65.49 80.01 89.00
N VAL H 789 66.31 79.03 89.36
CA VAL H 789 66.66 78.79 90.75
C VAL H 789 68.18 78.80 90.90
N ARG H 790 68.62 78.94 92.15
CA ARG H 790 70.04 78.90 92.48
C ARG H 790 70.26 77.92 93.62
N PHE H 791 71.32 77.12 93.49
CA PHE H 791 71.73 76.22 94.56
C PHE H 791 72.63 76.96 95.54
N LEU H 792 72.31 76.87 96.83
CA LEU H 792 73.13 77.44 97.88
C LEU H 792 73.71 76.29 98.69
N LEU H 793 74.96 75.95 98.41
CA LEU H 793 75.61 74.80 99.02
C LEU H 793 76.59 75.18 100.12
N GLY H 794 76.65 76.45 100.49
CA GLY H 794 77.53 76.91 101.56
C GLY H 794 78.95 77.16 101.09
N GLY H 795 79.75 77.67 102.02
CA GLY H 795 81.14 77.95 101.70
C GLY H 795 81.25 79.01 100.62
N ARG H 796 81.98 78.67 99.56
CA ARG H 796 82.13 79.56 98.41
C ARG H 796 81.10 79.29 97.33
N HIS H 797 80.12 78.43 97.59
CA HIS H 797 79.12 78.05 96.62
C HIS H 797 77.72 78.50 97.04
N GLY H 798 77.63 79.68 97.64
CA GLY H 798 76.35 80.24 98.01
C GLY H 798 76.18 80.46 99.50
N GLU H 799 76.19 81.72 99.91
CA GLU H 799 75.93 82.06 101.30
C GLU H 799 74.52 81.65 101.69
N PHE H 800 74.39 80.97 102.83
CA PHE H 800 73.08 80.55 103.30
C PHE H 800 72.25 81.75 103.73
N LYS H 801 71.01 81.81 103.26
CA LYS H 801 70.11 82.86 103.71
C LYS H 801 69.75 82.69 105.18
N PHE H 802 69.66 81.45 105.66
CA PHE H 802 69.34 81.16 107.05
C PHE H 802 70.34 80.16 107.60
N LEU H 803 70.55 80.23 108.91
CA LEU H 803 71.56 79.41 109.55
C LEU H 803 71.17 77.94 109.52
N PRO H 804 72.08 77.04 109.17
CA PRO H 804 71.75 75.61 109.21
C PRO H 804 71.49 75.15 110.63
N PRO H 805 70.64 74.16 110.81
CA PRO H 805 70.36 73.68 112.17
C PRO H 805 71.60 73.07 112.77
N PRO H 806 71.72 73.10 114.10
CA PRO H 806 72.96 72.64 114.73
C PRO H 806 73.28 71.19 114.41
N GLY H 807 74.57 70.92 114.17
CA GLY H 807 75.04 69.59 113.87
C GLY H 807 75.02 69.22 112.41
N TYR H 808 74.31 69.98 111.58
CA TYR H 808 74.21 69.68 110.16
C TYR H 808 75.37 70.33 109.41
N ALA H 809 75.88 69.62 108.41
CA ALA H 809 77.03 70.09 107.66
C ALA H 809 76.61 70.64 106.30
N PRO H 810 77.22 71.75 105.86
CA PRO H 810 76.93 72.24 104.51
C PRO H 810 77.31 71.21 103.46
N CYS H 811 76.52 71.16 102.39
CA CYS H 811 76.70 70.15 101.37
C CYS H 811 78.01 70.31 100.60
N HIS H 812 78.55 71.53 100.53
CA HIS H 812 79.79 71.72 99.79
C HIS H 812 80.97 70.98 100.42
N GLU H 813 80.87 70.63 101.70
CA GLU H 813 81.93 69.87 102.36
C GLU H 813 81.99 68.42 101.90
N ALA H 814 80.97 67.95 101.18
CA ALA H 814 80.91 66.56 100.77
C ALA H 814 81.48 66.31 99.38
N VAL H 815 82.04 67.33 98.73
CA VAL H 815 82.61 67.14 97.41
C VAL H 815 83.89 66.32 97.53
N LEU H 816 84.03 65.32 96.67
CA LEU H 816 85.15 64.40 96.78
C LEU H 816 86.44 65.06 96.32
N PRO H 817 87.60 64.56 96.79
CA PRO H 817 88.87 65.20 96.42
C PRO H 817 89.16 65.19 94.92
N ARG H 818 88.68 64.20 94.19
CA ARG H 818 88.99 64.06 92.78
C ARG H 818 87.98 64.75 91.86
N GLU H 819 87.00 65.45 92.41
CA GLU H 819 85.98 66.12 91.62
C GLU H 819 85.80 67.57 92.09
N ARG H 820 85.67 68.47 91.12
CA ARG H 820 85.16 69.81 91.34
C ARG H 820 83.64 69.76 91.53
N LEU H 821 83.11 70.72 92.28
CA LEU H 821 81.67 70.84 92.41
C LEU H 821 81.07 71.37 91.12
N ARG H 822 79.96 70.78 90.69
CA ARG H 822 79.31 71.20 89.46
C ARG H 822 77.86 70.74 89.47
N LEU H 823 77.10 71.22 88.49
CA LEU H 823 75.71 70.85 88.30
C LEU H 823 75.58 70.02 87.04
N GLU H 824 74.92 68.88 87.14
CA GLU H 824 74.85 67.92 86.06
C GLU H 824 73.45 67.33 85.98
N PRO H 825 73.05 66.81 84.82
CA PRO H 825 71.81 66.04 84.74
C PRO H 825 71.95 64.70 85.44
N ILE H 826 70.91 63.88 85.41
CA ILE H 826 70.88 62.61 86.11
C ILE H 826 70.62 61.51 85.08
N LYS H 827 71.61 60.65 84.86
CA LYS H 827 71.49 59.50 83.96
C LYS H 827 70.99 59.92 82.58
N GLU H 828 71.77 60.76 81.92
CA GLU H 828 71.41 61.21 80.58
C GLU H 828 71.95 60.25 79.53
N TYR H 829 71.14 59.98 78.52
CA TYR H 829 71.56 59.19 77.38
C TYR H 829 71.91 60.05 76.17
N ARG H 830 71.95 61.37 76.34
CA ARG H 830 72.10 62.28 75.23
C ARG H 830 72.59 63.62 75.78
N ARG H 831 73.44 64.30 75.01
CA ARG H 831 73.86 65.64 75.38
C ARG H 831 74.22 66.40 74.12
N GLU H 832 74.17 67.72 74.21
CA GLU H 832 74.52 68.56 73.09
C GLU H 832 76.02 68.51 72.84
N GLY H 833 76.42 68.61 71.58
CA GLY H 833 77.81 68.57 71.21
C GLY H 833 78.18 69.64 70.21
N PRO H 834 79.45 69.67 69.80
CA PRO H 834 79.87 70.68 68.82
C PRO H 834 79.17 70.55 67.47
N ARG H 835 79.21 69.37 66.87
CA ARG H 835 78.62 69.16 65.56
C ARG H 835 77.26 68.47 65.62
N GLY H 836 76.77 68.14 66.81
CA GLY H 836 75.49 67.48 66.94
C GLY H 836 75.36 66.77 68.27
N PRO H 837 74.22 66.14 68.50
CA PRO H 837 74.00 65.43 69.77
C PRO H 837 74.99 64.30 69.94
N HIS H 838 75.39 64.08 71.19
CA HIS H 838 76.27 62.98 71.57
C HIS H 838 75.46 61.92 72.29
N LEU H 839 75.57 60.68 71.84
CA LEU H 839 74.96 59.57 72.56
C LEU H 839 75.84 59.20 73.74
N VAL H 840 75.21 58.95 74.89
CA VAL H 840 75.92 58.70 76.13
C VAL H 840 75.48 57.35 76.67
N GLY H 841 76.46 56.55 77.08
CA GLY H 841 76.19 55.28 77.71
C GLY H 841 75.85 55.46 79.17
N PRO H 842 75.65 54.35 79.88
CA PRO H 842 75.35 54.44 81.31
C PRO H 842 76.49 55.10 82.07
N SER H 843 76.15 55.79 83.15
CA SER H 843 77.11 56.51 83.95
C SER H 843 77.56 55.65 85.12
N ARG H 844 78.87 55.58 85.34
CA ARG H 844 79.40 54.90 86.50
C ARG H 844 79.01 55.65 87.76
N CYS H 845 78.54 54.93 88.76
CA CYS H 845 78.07 55.54 90.00
C CYS H 845 78.71 54.84 91.20
N LEU H 846 79.06 55.63 92.21
CA LEU H 846 79.59 55.10 93.44
C LEU H 846 78.50 54.43 94.26
N SER H 847 78.92 53.64 95.24
CA SER H 847 78.01 53.01 96.18
C SER H 847 78.32 53.51 97.58
N HIS H 848 77.34 53.39 98.48
CA HIS H 848 77.57 53.78 99.86
C HIS H 848 78.62 52.92 100.52
N THR H 849 78.88 51.72 99.99
CA THR H 849 79.93 50.86 100.51
C THR H 849 81.30 51.25 99.99
N ASP H 850 81.38 52.06 98.93
CA ASP H 850 82.67 52.51 98.44
C ASP H 850 83.38 53.43 99.41
N PHE H 851 82.65 54.04 100.36
CA PHE H 851 83.25 54.91 101.35
C PHE H 851 83.63 54.16 102.62
N VAL H 852 83.45 52.84 102.64
CA VAL H 852 83.79 52.02 103.80
C VAL H 852 85.20 51.47 103.57
N PRO H 853 86.19 51.87 104.38
CA PRO H 853 87.54 51.32 104.20
C PRO H 853 87.57 49.85 104.58
N CYS H 854 88.21 49.05 103.72
CA CYS H 854 88.27 47.60 103.89
C CYS H 854 89.71 47.13 103.77
N PRO H 855 90.51 47.32 104.82
CA PRO H 855 91.87 46.79 104.81
C PRO H 855 91.88 45.27 104.87
N VAL H 856 92.93 44.67 104.33
CA VAL H 856 93.05 43.22 104.36
C VAL H 856 93.19 42.76 105.80
N ASP H 857 92.61 41.60 106.10
CA ASP H 857 92.57 41.09 107.47
C ASP H 857 93.96 40.98 108.06
N THR H 858 94.13 41.50 109.28
CA THR H 858 95.39 41.46 110.00
C THR H 858 95.26 40.68 111.31
N VAL H 859 94.22 39.86 111.42
CA VAL H 859 94.03 39.06 112.63
C VAL H 859 95.19 38.09 112.80
N GLN H 860 95.75 37.60 111.69
CA GLN H 860 96.89 36.68 111.75
C GLN H 860 98.12 37.46 112.17
N ILE H 861 98.21 37.72 113.46
CA ILE H 861 99.36 38.46 114.03
C ILE H 861 100.42 37.41 114.35
N VAL H 862 101.18 37.06 113.32
CA VAL H 862 102.29 36.11 113.44
C VAL H 862 103.39 36.61 112.50
N LEU H 863 104.43 37.12 113.07
CA LEU H 863 105.46 37.67 112.21
C LEU H 863 106.76 36.91 112.41
N PRO H 864 107.62 36.85 111.38
CA PRO H 864 108.92 36.23 111.56
C PRO H 864 109.71 36.96 112.62
N PRO H 865 110.45 36.23 113.46
CA PRO H 865 111.22 36.91 114.52
C PRO H 865 112.21 37.91 113.98
N HIS H 866 112.80 37.61 112.82
CA HIS H 866 113.71 38.56 112.19
C HIS H 866 112.98 39.76 111.63
N LEU H 867 111.72 39.58 111.18
CA LEU H 867 110.92 40.71 110.77
C LEU H 867 110.43 41.52 111.96
N GLU H 868 110.18 40.86 113.10
CA GLU H 868 109.71 41.56 114.29
C GLU H 868 110.74 42.55 114.79
N ARG H 869 112.01 42.15 114.81
CA ARG H 869 113.06 43.05 115.29
C ARG H 869 113.27 44.22 114.35
N ILE H 870 113.13 43.99 113.04
CA ILE H 870 113.24 45.08 112.07
C ILE H 870 111.97 45.90 111.96
N ARG H 871 110.86 45.41 112.51
CA ARG H 871 109.63 46.20 112.53
C ARG H 871 109.82 47.48 113.34
N GLU H 872 110.48 47.38 114.50
CA GLU H 872 110.77 48.57 115.29
C GLU H 872 111.75 49.49 114.57
N LYS H 873 112.73 48.90 113.89
CA LYS H 873 113.68 49.70 113.11
C LYS H 873 112.99 50.43 111.96
N LEU H 874 112.00 49.78 111.34
CA LEU H 874 111.28 50.42 110.23
C LEU H 874 110.60 51.70 110.69
N ALA H 875 110.02 51.70 111.89
CA ALA H 875 109.36 52.89 112.40
C ALA H 875 110.35 54.03 112.61
N GLU H 876 111.58 53.72 113.04
CA GLU H 876 112.58 54.76 113.24
C GLU H 876 112.91 55.47 111.93
N ASN H 877 113.08 54.70 110.85
CA ASN H 877 113.44 55.32 109.58
C ASN H 877 112.29 56.10 108.97
N ILE H 878 111.08 55.51 108.94
CA ILE H 878 109.96 56.19 108.31
C ILE H 878 109.64 57.49 109.03
N HIS H 879 110.00 57.59 110.32
CA HIS H 879 109.93 58.87 111.00
C HIS H 879 110.87 59.89 110.37
N GLU H 880 112.08 59.46 110.02
CA GLU H 880 113.10 60.40 109.55
C GLU H 880 112.75 60.96 108.17
N LEU H 881 112.36 60.10 107.22
CA LEU H 881 111.94 60.60 105.92
C LEU H 881 110.70 61.48 106.04
N TRP H 882 109.75 61.08 106.88
CA TRP H 882 108.60 61.94 107.14
C TRP H 882 109.05 63.22 107.83
N ALA H 883 110.01 63.12 108.75
CA ALA H 883 110.65 64.32 109.29
C ALA H 883 111.44 65.05 108.21
N LEU H 884 112.10 64.30 107.31
CA LEU H 884 112.82 64.92 106.20
C LEU H 884 111.87 65.68 105.29
N THR H 885 110.67 65.17 105.08
CA THR H 885 109.68 65.93 104.33
C THR H 885 109.29 67.20 105.07
N ARG H 886 109.40 67.19 106.41
CA ARG H 886 109.09 68.38 107.19
C ARG H 886 110.20 69.42 107.12
N ILE H 887 111.46 68.98 107.04
CA ILE H 887 112.56 69.94 106.92
C ILE H 887 112.48 70.66 105.58
N GLU H 888 112.03 69.98 104.53
CA GLU H 888 111.80 70.66 103.25
C GLU H 888 110.65 71.65 103.37
N GLN H 889 109.64 71.33 104.19
CA GLN H 889 108.53 72.24 104.40
C GLN H 889 108.86 73.37 105.37
N GLY H 890 109.96 73.28 106.11
CA GLY H 890 110.39 74.34 106.99
C GLY H 890 110.25 74.09 108.47
N TRP H 891 110.03 72.85 108.89
CA TRP H 891 109.86 72.56 110.31
C TRP H 891 111.20 72.62 111.05
N THR H 892 111.12 72.89 112.35
CA THR H 892 112.28 72.94 113.24
C THR H 892 111.92 72.29 114.57
N TYR H 893 112.75 72.52 115.58
CA TYR H 893 112.55 71.87 116.86
C TYR H 893 111.69 72.71 117.79
N GLY H 894 110.94 72.05 118.65
CA GLY H 894 110.15 72.71 119.66
C GLY H 894 109.41 71.71 120.52
N PRO H 895 109.22 72.04 121.80
CA PRO H 895 108.45 71.14 122.68
C PRO H 895 107.02 70.95 122.21
N VAL H 896 106.49 71.90 121.44
CA VAL H 896 105.14 71.80 120.90
C VAL H 896 105.21 71.22 119.49
N ARG H 897 104.25 70.37 119.15
CA ARG H 897 104.17 69.73 117.84
C ARG H 897 103.04 70.40 117.07
N ASP H 898 103.38 71.42 116.29
CA ASP H 898 102.41 72.19 115.53
C ASP H 898 102.87 72.31 114.09
N ASP H 899 101.93 72.16 113.16
CA ASP H 899 102.25 72.28 111.75
C ASP H 899 102.51 73.74 111.36
N ASN H 900 101.66 74.66 111.82
CA ASN H 900 101.85 76.07 111.48
C ASN H 900 103.08 76.64 112.17
N LYS H 901 103.33 76.25 113.42
CA LYS H 901 104.49 76.75 114.14
C LYS H 901 105.78 76.10 113.65
N ARG H 902 105.68 74.98 112.92
CA ARG H 902 106.83 74.29 112.33
C ARG H 902 107.87 73.92 113.41
N LEU H 903 107.39 73.41 114.53
CA LEU H 903 108.25 72.95 115.62
C LEU H 903 107.95 71.48 115.88
N HIS H 904 108.99 70.68 116.02
CA HIS H 904 108.79 69.24 116.20
C HIS H 904 110.01 68.60 116.86
N PRO H 905 109.83 67.94 118.01
CA PRO H 905 110.99 67.30 118.67
C PRO H 905 111.59 66.16 117.86
N CYS H 906 110.80 65.52 117.01
CA CYS H 906 111.26 64.35 116.26
C CYS H 906 112.36 64.68 115.25
N LEU H 907 112.47 65.94 114.81
CA LEU H 907 113.39 66.29 113.74
C LEU H 907 114.81 66.49 114.26
N VAL H 908 115.30 65.57 115.10
CA VAL H 908 116.66 65.66 115.62
C VAL H 908 117.43 64.46 115.10
N ASN H 909 116.98 63.27 115.46
CA ASN H 909 117.59 62.00 115.09
C ASN H 909 116.61 60.90 115.45
N PHE H 910 116.76 59.75 114.82
CA PHE H 910 115.86 58.64 115.11
C PHE H 910 116.18 57.99 116.44
N HIS H 911 117.31 58.35 117.05
CA HIS H 911 117.55 57.99 118.44
C HIS H 911 117.03 59.05 119.39
N SER H 912 117.39 60.31 119.15
CA SER H 912 117.06 61.39 120.10
C SER H 912 115.56 61.68 120.14
N LEU H 913 114.81 61.25 119.15
CA LEU H 913 113.36 61.39 119.21
C LEU H 913 112.82 60.53 120.35
N PRO H 914 111.83 61.01 121.11
CA PRO H 914 111.34 60.24 122.25
C PRO H 914 110.78 58.89 121.83
N GLU H 915 111.10 57.86 122.62
CA GLU H 915 110.61 56.51 122.33
C GLU H 915 109.09 56.40 122.38
N PRO H 916 108.39 56.94 123.39
CA PRO H 916 106.92 56.90 123.32
C PRO H 916 106.37 57.59 122.09
N GLU H 917 107.00 58.67 121.64
CA GLU H 917 106.61 59.28 120.37
C GLU H 917 106.87 58.33 119.21
N ARG H 918 107.97 57.58 119.27
CA ARG H 918 108.22 56.55 118.26
C ARG H 918 107.14 55.48 118.32
N ASN H 919 106.76 55.04 119.52
CA ASN H 919 105.79 53.98 119.68
C ASN H 919 104.39 54.39 119.24
N TYR H 920 104.17 55.68 118.97
CA TYR H 920 102.91 56.10 118.37
C TYR H 920 102.70 55.43 117.01
N ASN H 921 103.76 55.33 116.21
CA ASN H 921 103.67 54.80 114.85
C ASN H 921 104.14 53.36 114.75
N LEU H 922 104.59 52.74 115.84
CA LEU H 922 104.94 51.32 115.80
C LEU H 922 103.73 50.46 115.46
N GLN H 923 102.53 50.91 115.85
CA GLN H 923 101.33 50.12 115.58
C GLN H 923 101.10 49.96 114.09
N MET H 924 101.13 51.08 113.35
CA MET H 924 100.95 50.99 111.90
C MET H 924 102.21 50.48 111.21
N SER H 925 103.38 50.79 111.80
CA SER H 925 104.62 50.25 111.24
C SER H 925 104.65 48.73 111.33
N GLY H 926 104.15 48.17 112.43
CA GLY H 926 104.02 46.73 112.53
C GLY H 926 103.08 46.16 111.48
N GLU H 927 102.02 46.91 111.17
CA GLU H 927 101.07 46.46 110.15
C GLU H 927 101.69 46.49 108.76
N THR H 928 102.70 47.34 108.53
CA THR H 928 103.29 47.45 107.21
C THR H 928 103.86 46.11 106.74
N LEU H 929 104.69 45.49 107.58
CA LEU H 929 105.21 44.17 107.24
C LEU H 929 104.14 43.10 107.42
N LYS H 930 103.32 43.22 108.47
CA LYS H 930 102.29 42.21 108.72
C LYS H 930 101.35 42.09 107.53
N THR H 931 100.89 43.23 106.99
CA THR H 931 100.07 43.18 105.79
C THR H 931 100.86 42.65 104.59
N LEU H 932 102.19 42.82 104.61
CA LEU H 932 102.99 42.40 103.48
C LEU H 932 102.88 40.89 103.27
N LEU H 933 102.85 40.12 104.36
CA LEU H 933 102.52 38.71 104.24
C LEU H 933 101.03 38.53 103.95
N ALA H 934 100.17 39.35 104.58
CA ALA H 934 98.74 39.22 104.36
C ALA H 934 98.36 39.48 102.92
N LEU H 935 99.12 40.34 102.24
CA LEU H 935 98.90 40.60 100.83
C LEU H 935 99.24 39.40 99.95
N GLY H 936 99.90 38.38 100.51
CA GLY H 936 100.29 37.20 99.77
C GLY H 936 101.75 37.16 99.35
N CYS H 937 102.53 38.17 99.72
CA CYS H 937 103.94 38.20 99.34
C CYS H 937 104.76 37.24 100.20
N HIS H 938 105.87 36.77 99.64
CA HIS H 938 106.79 35.91 100.36
C HIS H 938 108.00 36.72 100.80
N VAL H 939 108.31 36.69 102.09
CA VAL H 939 109.37 37.49 102.68
C VAL H 939 110.25 36.58 103.54
N GLY H 940 111.56 36.81 103.50
CA GLY H 940 112.50 36.00 104.25
C GLY H 940 113.80 36.74 104.47
N MET H 941 114.69 36.12 105.26
CA MET H 941 115.98 36.71 105.60
C MET H 941 116.97 36.39 104.48
N ALA H 942 116.80 37.06 103.34
CA ALA H 942 117.69 36.81 102.21
C ALA H 942 119.12 37.24 102.52
N ASP H 943 119.29 38.45 103.07
CA ASP H 943 120.62 39.00 103.33
C ASP H 943 120.64 39.61 104.73
N GLU H 944 121.67 39.26 105.50
CA GLU H 944 121.93 39.90 106.79
C GLU H 944 123.10 40.86 106.76
N LYS H 945 124.10 40.59 105.92
CA LYS H 945 125.23 41.51 105.78
C LYS H 945 124.79 42.85 105.21
N ALA H 946 123.76 42.86 104.37
CA ALA H 946 123.24 44.12 103.84
C ALA H 946 122.66 44.99 104.94
N GLU H 947 122.01 44.36 105.93
CA GLU H 947 121.51 45.12 107.07
C GLU H 947 122.66 45.68 107.91
N ASP H 948 123.75 44.92 108.04
CA ASP H 948 124.86 45.36 108.87
C ASP H 948 125.59 46.54 108.24
N ASN H 949 125.88 46.48 106.95
CA ASN H 949 126.62 47.51 106.25
C ASN H 949 125.67 48.26 105.32
N LEU H 950 125.52 49.56 105.55
CA LEU H 950 124.60 50.38 104.76
C LEU H 950 124.97 51.84 104.93
N LYS H 951 124.86 52.58 103.83
CA LYS H 951 125.17 54.01 103.85
C LYS H 951 124.05 54.79 104.53
N LYS H 952 124.41 55.93 105.12
CA LYS H 952 123.48 56.75 105.87
C LYS H 952 123.40 58.13 105.23
N THR H 953 122.23 58.45 104.68
CA THR H 953 121.97 59.80 104.21
C THR H 953 121.69 60.71 105.41
N LYS H 954 122.35 61.86 105.45
CA LYS H 954 122.19 62.80 106.54
C LYS H 954 121.74 64.16 106.00
N LEU H 955 120.96 64.87 106.80
CA LEU H 955 120.43 66.16 106.37
C LEU H 955 121.57 67.15 106.18
N PRO H 956 121.50 67.99 105.15
CA PRO H 956 122.61 68.93 104.88
C PRO H 956 122.80 69.92 106.01
N LYS H 957 124.06 70.34 106.20
CA LYS H 957 124.36 71.36 107.20
C LYS H 957 123.79 72.71 106.81
N THR H 958 123.53 72.92 105.51
CA THR H 958 122.97 74.20 105.06
C THR H 958 121.47 74.26 105.33
N TYR H 959 120.72 73.26 104.87
CA TYR H 959 119.30 73.15 105.18
C TYR H 959 119.17 72.63 106.61
N MET H 960 119.46 73.52 107.55
CA MET H 960 119.78 73.11 108.91
C MET H 960 118.57 73.28 109.83
N MET H 961 118.54 72.44 110.86
CA MET H 961 117.48 72.43 111.85
C MET H 961 117.97 73.16 113.12
N SER H 962 117.03 73.57 113.97
CA SER H 962 117.36 74.52 115.03
C SER H 962 118.30 73.93 116.08
N ASN H 963 118.03 72.70 116.52
CA ASN H 963 118.87 72.10 117.55
C ASN H 963 120.31 71.90 117.07
N GLY H 964 120.47 71.53 115.80
CA GLY H 964 121.79 71.43 115.21
C GLY H 964 122.28 70.03 114.93
N TYR H 965 121.45 69.00 115.12
CA TYR H 965 121.89 67.66 114.79
C TYR H 965 121.38 67.23 113.41
N LYS H 966 122.01 66.20 112.87
CA LYS H 966 121.72 65.70 111.53
C LYS H 966 120.98 64.37 111.61
N PRO H 967 119.69 64.32 111.29
CA PRO H 967 119.00 63.03 111.20
C PRO H 967 119.63 62.17 110.10
N ALA H 968 119.66 60.86 110.35
CA ALA H 968 120.37 59.92 109.50
C ALA H 968 119.46 58.76 109.09
N PRO H 969 118.56 58.97 108.12
CA PRO H 969 117.86 57.85 107.52
C PRO H 969 118.78 57.06 106.61
N LEU H 970 118.34 55.84 106.26
CA LEU H 970 119.13 54.98 105.39
C LEU H 970 119.31 55.61 104.02
N ASP H 971 120.55 55.58 103.53
CA ASP H 971 120.85 55.99 102.16
C ASP H 971 120.47 54.85 101.23
N LEU H 972 119.54 55.11 100.31
CA LEU H 972 118.87 54.05 99.58
C LEU H 972 118.78 54.36 98.09
N SER H 973 119.81 55.01 97.54
CA SER H 973 119.81 55.34 96.12
C SER H 973 120.17 54.11 95.28
N HIS H 974 120.91 53.16 95.87
CA HIS H 974 121.44 52.04 95.10
C HIS H 974 120.39 50.96 94.82
N VAL H 975 119.23 51.03 95.46
CA VAL H 975 118.23 49.98 95.31
C VAL H 975 117.16 50.41 94.32
N ARG H 976 116.79 49.51 93.42
CA ARG H 976 115.76 49.75 92.42
C ARG H 976 114.58 48.81 92.63
N LEU H 977 113.42 49.22 92.14
CA LEU H 977 112.18 48.45 92.19
C LEU H 977 111.87 47.84 90.84
N THR H 978 111.28 46.64 90.86
CA THR H 978 110.71 46.07 89.65
C THR H 978 109.31 46.64 89.44
N PRO H 979 108.82 46.63 88.19
CA PRO H 979 107.45 47.13 87.96
C PRO H 979 106.39 46.40 88.76
N ALA H 980 106.54 45.09 88.96
CA ALA H 980 105.61 44.36 89.82
C ALA H 980 105.72 44.82 91.26
N GLN H 981 106.95 45.05 91.74
CA GLN H 981 107.13 45.57 93.09
C GLN H 981 106.55 46.97 93.23
N THR H 982 106.67 47.81 92.20
CA THR H 982 106.04 49.12 92.26
C THR H 982 104.53 48.99 92.41
N THR H 983 103.94 48.00 91.76
CA THR H 983 102.52 47.72 91.95
C THR H 983 102.23 47.33 93.39
N LEU H 984 103.12 46.55 94.01
CA LEU H 984 102.92 46.14 95.40
C LEU H 984 102.97 47.33 96.34
N VAL H 985 103.74 48.36 95.99
CA VAL H 985 103.79 49.56 96.83
C VAL H 985 102.42 50.24 96.86
N ASP H 986 101.71 50.23 95.74
CA ASP H 986 100.36 50.77 95.73
C ASP H 986 99.42 50.00 96.65
N ARG H 987 99.49 48.66 96.63
CA ARG H 987 98.60 47.89 97.47
C ARG H 987 99.00 47.99 98.93
N LEU H 988 100.29 48.23 99.20
CA LEU H 988 100.71 48.49 100.57
C LEU H 988 100.23 49.87 101.03
N ALA H 989 100.41 50.89 100.19
CA ALA H 989 99.92 52.22 100.53
C ALA H 989 98.40 52.25 100.58
N GLU H 990 97.75 51.39 99.79
CA GLU H 990 96.30 51.27 99.87
C GLU H 990 95.86 50.78 101.24
N ASN H 991 96.57 49.78 101.78
CA ASN H 991 96.23 49.29 103.11
C ASN H 991 96.65 50.27 104.20
N GLY H 992 97.78 50.94 104.03
CA GLY H 992 98.21 51.91 105.02
C GLY H 992 97.19 53.02 105.21
N HIS H 993 96.61 53.49 104.11
CA HIS H 993 95.57 54.52 104.21
C HIS H 993 94.29 53.94 104.78
N ASN H 994 93.91 52.73 104.36
CA ASN H 994 92.67 52.13 104.83
C ASN H 994 92.70 51.85 106.33
N VAL H 995 93.83 51.35 106.84
CA VAL H 995 93.95 51.10 108.27
C VAL H 995 93.83 52.39 109.05
N TRP H 996 94.50 53.44 108.58
CA TRP H 996 94.36 54.75 109.21
C TRP H 996 92.93 55.26 109.11
N ALA H 997 92.30 55.03 107.96
CA ALA H 997 90.93 55.53 107.75
C ALA H 997 89.95 54.85 108.71
N ARG H 998 90.03 53.52 108.81
CA ARG H 998 89.06 52.81 109.63
C ARG H 998 89.30 53.04 111.12
N ASP H 999 90.55 53.27 111.52
CA ASP H 999 90.83 53.60 112.91
C ASP H 999 90.24 54.95 113.27
N ARG H 1000 90.35 55.92 112.36
CA ARG H 1000 89.77 57.24 112.60
C ARG H 1000 88.25 57.17 112.69
N VAL H 1001 87.64 56.30 111.87
CA VAL H 1001 86.18 56.14 111.92
C VAL H 1001 85.75 55.64 113.29
N ALA H 1002 86.49 54.69 113.86
CA ALA H 1002 86.18 54.20 115.19
C ALA H 1002 86.37 55.30 116.23
N GLN H 1003 87.14 56.33 115.92
CA GLN H 1003 87.33 57.46 116.81
C GLN H 1003 86.34 58.59 116.57
N GLY H 1004 85.46 58.46 115.58
CA GLY H 1004 84.47 59.47 115.29
C GLY H 1004 84.81 60.42 114.17
N TRP H 1005 85.91 60.20 113.46
CA TRP H 1005 86.29 61.09 112.38
C TRP H 1005 85.45 60.83 111.13
N SER H 1006 85.21 61.91 110.38
CA SER H 1006 84.42 61.85 109.16
C SER H 1006 85.04 62.74 108.10
N TYR H 1007 84.72 62.45 106.84
CA TYR H 1007 85.23 63.25 105.74
C TYR H 1007 84.61 64.65 105.71
N SER H 1008 85.41 65.61 105.27
CA SER H 1008 84.96 66.96 104.99
C SER H 1008 86.00 67.62 104.10
N ALA H 1009 85.52 68.34 103.08
CA ALA H 1009 86.45 69.05 102.21
C ALA H 1009 87.21 70.13 102.97
N VAL H 1010 86.54 70.77 103.92
CA VAL H 1010 87.16 71.78 104.77
C VAL H 1010 87.51 71.13 106.10
N GLN H 1011 88.80 71.19 106.46
CA GLN H 1011 89.27 70.55 107.68
C GLN H 1011 88.72 71.26 108.90
N ASP H 1012 88.28 70.48 109.89
CA ASP H 1012 87.79 71.00 111.17
C ASP H 1012 88.24 70.03 112.26
N ILE H 1013 89.39 70.33 112.87
CA ILE H 1013 89.95 69.42 113.87
C ILE H 1013 89.04 69.28 115.09
N PRO H 1014 88.51 70.34 115.70
CA PRO H 1014 87.58 70.13 116.82
C PRO H 1014 86.34 69.33 116.43
N ALA H 1015 85.88 69.48 115.18
CA ALA H 1015 84.74 68.72 114.70
C ALA H 1015 85.12 67.34 114.20
N ARG H 1016 86.40 66.98 114.28
CA ARG H 1016 86.87 65.65 113.91
C ARG H 1016 86.60 65.36 112.43
N ARG H 1017 86.78 66.38 111.60
CA ARG H 1017 86.58 66.27 110.17
C ARG H 1017 87.92 66.42 109.47
N ASN H 1018 88.23 65.50 108.56
CA ASN H 1018 89.54 65.44 107.95
C ASN H 1018 89.42 65.37 106.43
N PRO H 1019 90.19 66.17 105.70
CA PRO H 1019 90.14 66.11 104.23
C PRO H 1019 90.63 64.79 103.65
N ARG H 1020 91.36 63.99 104.41
CA ARG H 1020 91.87 62.72 103.92
C ARG H 1020 91.11 61.52 104.47
N LEU H 1021 90.04 61.75 105.24
CA LEU H 1021 89.27 60.67 105.84
C LEU H 1021 88.39 59.98 104.81
N VAL H 1022 89.04 59.41 103.81
CA VAL H 1022 88.37 58.81 102.66
C VAL H 1022 89.16 57.61 102.18
N PRO H 1023 88.46 56.56 101.74
CA PRO H 1023 89.16 55.36 101.24
C PRO H 1023 90.09 55.70 100.09
N TYR H 1024 91.00 54.76 99.82
CA TYR H 1024 92.17 55.09 99.00
C TYR H 1024 91.79 55.50 97.59
N ARG H 1025 90.89 54.74 96.94
CA ARG H 1025 90.65 54.98 95.52
C ARG H 1025 89.94 56.30 95.27
N LEU H 1026 89.27 56.85 96.28
CA LEU H 1026 88.64 58.16 96.14
C LEU H 1026 89.55 59.31 96.55
N LEU H 1027 90.80 59.03 96.89
CA LEU H 1027 91.72 60.08 97.29
C LEU H 1027 92.35 60.74 96.07
N ASP H 1028 92.69 62.02 96.20
CA ASP H 1028 93.25 62.74 95.08
C ASP H 1028 94.69 62.28 94.82
N GLU H 1029 95.13 62.50 93.59
CA GLU H 1029 96.45 62.01 93.17
C GLU H 1029 97.58 62.67 93.94
N ALA H 1030 97.42 63.94 94.33
CA ALA H 1030 98.47 64.63 95.06
C ALA H 1030 98.77 63.93 96.39
N THR H 1031 97.73 63.63 97.17
CA THR H 1031 97.94 62.89 98.41
C THR H 1031 98.18 61.41 98.14
N LYS H 1032 97.61 60.89 97.06
CA LYS H 1032 97.86 59.49 96.70
C LYS H 1032 99.33 59.26 96.40
N ARG H 1033 99.96 60.21 95.70
CA ARG H 1033 101.39 60.10 95.41
C ARG H 1033 102.23 60.40 96.65
N SER H 1034 101.75 61.30 97.52
CA SER H 1034 102.49 61.60 98.74
C SER H 1034 102.58 60.39 99.64
N ASN H 1035 101.45 59.73 99.90
CA ASN H 1035 101.47 58.47 100.64
C ASN H 1035 102.18 57.38 99.82
N ARG H 1036 102.21 57.55 98.50
CA ARG H 1036 102.86 56.56 97.65
C ARG H 1036 104.36 56.53 97.93
N ASP H 1037 104.97 57.71 98.00
CA ASP H 1037 106.41 57.81 98.18
C ASP H 1037 106.84 57.31 99.55
N SER H 1038 106.08 57.68 100.59
CA SER H 1038 106.44 57.28 101.95
C SER H 1038 106.45 55.77 102.09
N LEU H 1039 105.43 55.10 101.53
CA LEU H 1039 105.42 53.64 101.54
C LEU H 1039 106.53 53.07 100.67
N CYS H 1040 106.89 53.77 99.59
CA CYS H 1040 108.00 53.32 98.77
C CYS H 1040 109.30 53.31 99.55
N GLN H 1041 109.57 54.37 100.31
CA GLN H 1041 110.76 54.41 101.14
C GLN H 1041 110.73 53.30 102.19
N ALA H 1042 109.55 53.02 102.73
CA ALA H 1042 109.40 51.88 103.64
C ALA H 1042 109.76 50.58 102.94
N VAL H 1043 109.34 50.44 101.68
CA VAL H 1043 109.74 49.26 100.89
C VAL H 1043 111.23 49.33 100.58
N ARG H 1044 111.76 50.52 100.32
CA ARG H 1044 113.20 50.68 100.16
C ARG H 1044 113.96 50.26 101.42
N THR H 1045 113.39 50.52 102.59
CA THR H 1045 114.06 50.14 103.83
C THR H 1045 114.24 48.62 103.90
N LEU H 1046 113.20 47.86 103.56
CA LEU H 1046 113.31 46.40 103.57
C LEU H 1046 114.32 45.92 102.54
N LEU H 1047 114.30 46.50 101.34
CA LEU H 1047 115.25 46.11 100.30
C LEU H 1047 116.67 46.54 100.65
N GLY H 1048 116.81 47.68 101.34
CA GLY H 1048 118.14 48.13 101.74
C GLY H 1048 118.84 47.14 102.65
N TYR H 1049 118.07 46.44 103.48
CA TYR H 1049 118.63 45.39 104.32
C TYR H 1049 118.85 44.09 103.56
N GLY H 1050 118.46 44.03 102.29
CA GLY H 1050 118.63 42.84 101.49
C GLY H 1050 117.51 41.83 101.57
N TYR H 1051 116.38 42.19 102.18
CA TYR H 1051 115.28 41.24 102.33
C TYR H 1051 114.65 40.92 100.99
N ASN H 1052 114.34 39.64 100.78
CA ASN H 1052 113.68 39.24 99.54
C ASN H 1052 112.19 39.52 99.62
N ILE H 1053 111.68 40.20 98.59
CA ILE H 1053 110.25 40.52 98.48
C ILE H 1053 109.74 39.87 97.21
N GLU H 1054 108.78 38.95 97.35
CA GLU H 1054 108.22 38.23 96.22
C GLU H 1054 106.88 38.83 95.86
N PRO H 1055 106.74 39.45 94.69
CA PRO H 1055 105.44 40.03 94.30
C PRO H 1055 104.40 38.94 94.13
N PRO H 1056 103.28 39.05 94.84
CA PRO H 1056 102.23 38.04 94.71
C PRO H 1056 101.61 38.04 93.33
N ASP H 1057 101.13 36.86 92.91
CA ASP H 1057 100.39 36.72 91.66
C ASP H 1057 99.04 37.42 91.83
N GLN H 1058 98.84 38.49 91.07
CA GLN H 1058 97.63 39.29 91.19
C GLN H 1058 96.41 38.48 90.77
N GLU H 1059 95.33 38.61 91.53
CA GLU H 1059 94.08 37.92 91.23
C GLU H 1059 93.04 38.93 90.74
N PRO H 1060 92.69 38.92 89.46
CA PRO H 1060 91.72 39.90 88.96
C PRO H 1060 90.32 39.66 89.52
N SER H 1061 89.56 40.74 89.62
CA SER H 1061 88.19 40.67 90.12
C SER H 1061 87.34 41.68 89.36
N GLN H 1062 86.06 41.36 89.24
CA GLN H 1062 85.09 42.23 88.57
C GLN H 1062 84.09 42.72 89.61
N VAL H 1063 84.09 44.04 89.84
CA VAL H 1063 83.29 44.60 90.93
C VAL H 1063 81.80 44.51 90.62
N GLU H 1064 81.41 44.83 89.38
CA GLU H 1064 80.00 44.92 89.00
C GLU H 1064 79.25 45.89 89.91
N ASN H 1065 79.66 47.16 89.85
CA ASN H 1065 79.08 48.18 90.73
C ASN H 1065 77.59 48.35 90.46
N GLN H 1066 77.19 48.34 89.20
CA GLN H 1066 75.79 48.46 88.82
C GLN H 1066 75.24 47.09 88.43
N SER H 1067 73.95 47.06 88.11
CA SER H 1067 73.27 45.82 87.78
C SER H 1067 73.80 45.26 86.45
N ARG H 1068 73.30 44.08 86.08
CA ARG H 1068 73.74 43.46 84.84
C ARG H 1068 73.25 44.24 83.61
N TRP H 1069 72.08 44.86 83.69
CA TRP H 1069 71.44 45.45 82.52
C TRP H 1069 71.88 46.88 82.25
N ASP H 1070 72.15 47.66 83.29
CA ASP H 1070 72.60 49.04 83.06
C ASP H 1070 74.10 49.06 82.75
N ARG H 1071 74.49 48.32 81.72
CA ARG H 1071 75.84 48.34 81.19
C ARG H 1071 75.90 48.77 79.73
N VAL H 1072 74.98 48.31 78.90
CA VAL H 1072 74.97 48.61 77.47
C VAL H 1072 73.65 49.29 77.14
N ARG H 1073 73.74 50.46 76.51
CA ARG H 1073 72.57 51.21 76.06
C ARG H 1073 72.59 51.20 74.53
N ILE H 1074 71.61 50.55 73.93
CA ILE H 1074 71.55 50.34 72.49
C ILE H 1074 70.70 51.42 71.87
N PHE H 1075 71.23 52.08 70.84
CA PHE H 1075 70.51 53.10 70.09
C PHE H 1075 70.31 52.62 68.66
N ARG H 1076 69.06 52.61 68.22
CA ARG H 1076 68.75 52.20 66.85
C ARG H 1076 67.73 53.16 66.25
N ALA H 1077 67.71 53.21 64.93
CA ALA H 1077 66.71 54.00 64.24
C ALA H 1077 65.34 53.34 64.35
N GLU H 1078 64.31 54.12 64.07
CA GLU H 1078 62.95 53.61 64.09
C GLU H 1078 62.75 52.58 62.99
N LYS H 1079 61.89 51.59 63.27
CA LYS H 1079 61.66 50.50 62.33
C LYS H 1079 61.12 50.98 60.99
N SER H 1080 60.47 52.15 60.95
CA SER H 1080 59.97 52.67 59.69
C SER H 1080 61.08 53.08 58.73
N TYR H 1081 62.31 53.20 59.21
CA TYR H 1081 63.45 53.54 58.38
C TYR H 1081 64.18 52.31 57.87
N THR H 1082 63.60 51.13 58.02
CA THR H 1082 64.24 49.89 57.59
C THR H 1082 64.47 49.90 56.09
N VAL H 1083 65.67 49.52 55.68
CA VAL H 1083 66.07 49.52 54.27
C VAL H 1083 66.19 48.08 53.80
N GLN H 1084 65.57 47.79 52.65
CA GLN H 1084 65.60 46.46 52.07
C GLN H 1084 66.32 46.41 50.73
N SER H 1085 66.83 47.53 50.24
CA SER H 1085 67.56 47.57 48.99
C SER H 1085 68.43 48.82 48.97
N GLY H 1086 69.38 48.84 48.03
CA GLY H 1086 70.24 49.99 47.86
C GLY H 1086 71.52 49.88 48.66
N ARG H 1087 72.36 50.90 48.49
CA ARG H 1087 73.63 51.01 49.19
C ARG H 1087 73.61 52.23 50.09
N TRP H 1088 73.88 52.01 51.37
CA TRP H 1088 73.70 53.05 52.39
C TRP H 1088 74.97 53.21 53.20
N TYR H 1089 75.09 54.37 53.84
CA TYR H 1089 76.32 54.77 54.52
C TYR H 1089 75.98 55.67 55.70
N PHE H 1090 76.71 55.51 56.80
CA PHE H 1090 76.65 56.44 57.91
C PHE H 1090 77.94 56.35 58.71
N GLU H 1091 78.16 57.34 59.56
CA GLU H 1091 79.39 57.47 60.32
C GLU H 1091 79.10 57.41 61.81
N PHE H 1092 80.08 56.93 62.57
CA PHE H 1092 80.00 56.86 64.03
C PHE H 1092 81.33 57.31 64.61
N GLU H 1093 81.37 58.54 65.12
CA GLU H 1093 82.58 59.09 65.72
C GLU H 1093 82.71 58.59 67.15
N ALA H 1094 83.89 58.06 67.48
CA ALA H 1094 84.14 57.53 68.82
C ALA H 1094 84.77 58.63 69.66
N VAL H 1095 83.93 59.33 70.42
CA VAL H 1095 84.44 60.36 71.33
C VAL H 1095 85.32 59.72 72.39
N THR H 1096 84.89 58.61 72.96
CA THR H 1096 85.70 57.83 73.87
C THR H 1096 86.33 56.66 73.09
N THR H 1097 87.08 55.82 73.82
CA THR H 1097 87.80 54.72 73.22
C THR H 1097 87.44 53.36 73.83
N GLY H 1098 86.36 53.29 74.60
CA GLY H 1098 86.01 52.09 75.33
C GLY H 1098 85.13 51.15 74.53
N GLU H 1099 84.32 50.38 75.26
CA GLU H 1099 83.50 49.33 74.67
C GLU H 1099 82.26 49.96 74.05
N MET H 1100 82.29 50.17 72.75
CA MET H 1100 81.09 50.52 71.98
C MET H 1100 81.12 49.76 70.67
N ARG H 1101 79.93 49.43 70.17
CA ARG H 1101 79.77 48.67 68.94
C ARG H 1101 78.86 49.45 68.01
N VAL H 1102 79.08 49.30 66.71
CA VAL H 1102 78.30 50.02 65.71
C VAL H 1102 78.14 49.14 64.48
N GLY H 1103 76.97 49.21 63.86
CA GLY H 1103 76.73 48.41 62.68
C GLY H 1103 75.29 48.45 62.21
N TRP H 1104 74.81 47.32 61.69
CA TRP H 1104 73.45 47.21 61.18
C TRP H 1104 72.71 46.13 61.94
N ALA H 1105 71.43 46.36 62.19
CA ALA H 1105 70.61 45.44 62.96
C ALA H 1105 69.27 45.25 62.29
N ARG H 1106 68.65 44.11 62.59
CA ARG H 1106 67.33 43.81 62.05
C ARG H 1106 66.26 44.45 62.94
N PRO H 1107 65.08 44.70 62.38
CA PRO H 1107 64.04 45.42 63.14
C PRO H 1107 63.63 44.74 64.43
N GLU H 1108 63.67 43.41 64.49
CA GLU H 1108 63.26 42.67 65.67
C GLU H 1108 64.37 42.51 66.69
N LEU H 1109 65.37 43.39 66.67
CA LEU H 1109 66.48 43.31 67.60
C LEU H 1109 65.98 43.41 69.04
N ARG H 1110 66.48 42.51 69.88
CA ARG H 1110 66.05 42.50 71.28
C ARG H 1110 66.84 43.54 72.06
N PRO H 1111 66.23 44.19 73.07
CA PRO H 1111 66.95 45.25 73.79
C PRO H 1111 67.90 44.73 74.85
N ASP H 1112 67.72 43.50 75.34
CA ASP H 1112 68.50 42.99 76.46
C ASP H 1112 69.57 41.99 76.04
N VAL H 1113 69.99 42.03 74.78
CA VAL H 1113 71.03 41.14 74.27
C VAL H 1113 72.14 42.00 73.68
N GLU H 1114 73.38 41.63 73.98
CA GLU H 1114 74.52 42.35 73.43
C GLU H 1114 74.50 42.29 71.90
N LEU H 1115 74.88 43.40 71.28
CA LEU H 1115 74.88 43.47 69.82
C LEU H 1115 75.83 42.43 69.25
N GLY H 1116 75.33 41.67 68.27
CA GLY H 1116 76.13 40.67 67.60
C GLY H 1116 76.23 39.34 68.30
N ALA H 1117 75.78 39.26 69.56
CA ALA H 1117 75.75 37.98 70.24
C ALA H 1117 74.74 37.03 69.63
N ASP H 1118 73.80 37.54 68.84
CA ASP H 1118 72.83 36.72 68.14
C ASP H 1118 72.83 37.08 66.66
N GLU H 1119 71.84 36.59 65.92
CA GLU H 1119 71.79 36.78 64.47
C GLU H 1119 71.07 38.06 64.06
N LEU H 1120 70.77 38.93 65.01
CA LEU H 1120 69.96 40.12 64.73
C LEU H 1120 70.78 41.38 64.51
N ALA H 1121 72.12 41.28 64.50
CA ALA H 1121 72.94 42.47 64.30
C ALA H 1121 74.27 42.09 63.72
N TYR H 1122 74.82 42.98 62.90
CA TYR H 1122 76.16 42.85 62.33
C TYR H 1122 76.92 44.12 62.71
N VAL H 1123 77.66 44.06 63.82
CA VAL H 1123 78.30 45.24 64.38
C VAL H 1123 79.81 45.05 64.39
N PHE H 1124 80.52 46.16 64.58
CA PHE H 1124 81.97 46.17 64.68
C PHE H 1124 82.36 46.78 66.02
N ASN H 1125 83.05 45.99 66.84
CA ASN H 1125 83.50 46.42 68.15
C ASN H 1125 84.90 47.01 68.00
N GLY H 1126 84.98 48.33 68.04
CA GLY H 1126 86.24 49.01 67.85
C GLY H 1126 87.12 49.14 69.07
N HIS H 1127 86.70 48.61 70.22
CA HIS H 1127 87.55 48.68 71.40
C HIS H 1127 88.76 47.77 71.25
N ARG H 1128 88.55 46.54 70.80
CA ARG H 1128 89.64 45.58 70.60
C ARG H 1128 89.67 45.06 69.17
N GLY H 1129 88.92 45.67 68.26
CA GLY H 1129 88.93 45.25 66.88
C GLY H 1129 88.28 43.90 66.63
N GLN H 1130 86.95 43.84 66.80
CA GLN H 1130 86.21 42.61 66.55
C GLN H 1130 84.93 42.93 65.78
N ARG H 1131 84.47 41.94 65.03
CA ARG H 1131 83.16 41.99 64.39
C ARG H 1131 82.27 40.94 65.02
N TRP H 1132 81.01 41.31 65.26
CA TRP H 1132 80.10 40.47 66.04
C TRP H 1132 78.88 40.11 65.20
N HIS H 1133 78.69 38.81 64.98
CA HIS H 1133 77.44 38.27 64.46
C HIS H 1133 77.40 36.79 64.83
N LEU H 1134 76.51 36.42 65.74
CA LEU H 1134 76.45 35.07 66.28
C LEU H 1134 77.80 34.68 66.88
N GLY H 1135 78.45 35.63 67.54
CA GLY H 1135 79.75 35.44 68.13
C GLY H 1135 80.72 36.50 67.69
N SER H 1136 81.97 36.34 68.13
CA SER H 1136 83.02 37.31 67.89
C SER H 1136 84.15 36.69 67.08
N GLU H 1137 84.75 37.49 66.21
CA GLU H 1137 85.94 37.12 65.46
C GLU H 1137 86.72 38.38 65.13
N PRO H 1138 88.05 38.31 65.14
CA PRO H 1138 88.86 39.53 65.00
C PRO H 1138 88.62 40.21 63.67
N PHE H 1139 88.70 41.55 63.69
CA PHE H 1139 88.46 42.37 62.51
C PHE H 1139 88.96 43.78 62.77
N GLY H 1140 89.85 44.26 61.91
CA GLY H 1140 90.28 45.64 62.02
C GLY H 1140 91.16 45.90 63.22
N ARG H 1141 91.28 47.18 63.56
CA ARG H 1141 92.13 47.65 64.63
C ARG H 1141 91.32 48.49 65.60
N PRO H 1142 91.77 48.60 66.86
CA PRO H 1142 91.08 49.47 67.81
C PRO H 1142 91.14 50.93 67.39
N TRP H 1143 90.08 51.66 67.71
CA TRP H 1143 89.99 53.07 67.37
C TRP H 1143 90.65 53.94 68.43
N GLN H 1144 90.65 55.24 68.18
CA GLN H 1144 91.14 56.23 69.12
C GLN H 1144 90.07 57.32 69.28
N SER H 1145 90.36 58.29 70.14
CA SER H 1145 89.42 59.39 70.34
C SER H 1145 89.29 60.20 69.07
N GLY H 1146 88.06 60.42 68.63
CA GLY H 1146 87.80 61.15 67.41
C GLY H 1146 87.82 60.31 66.15
N ASP H 1147 88.17 59.03 66.25
CA ASP H 1147 88.12 58.16 65.08
C ASP H 1147 86.69 57.97 64.60
N VAL H 1148 86.49 58.05 63.30
CA VAL H 1148 85.18 57.96 62.69
C VAL H 1148 85.08 56.62 61.97
N VAL H 1149 84.06 55.84 62.32
CA VAL H 1149 83.81 54.55 61.71
C VAL H 1149 82.73 54.74 60.65
N GLY H 1150 83.05 54.37 59.41
CA GLY H 1150 82.08 54.44 58.34
C GLY H 1150 81.43 53.10 58.08
N CYS H 1151 80.14 52.99 58.37
CA CYS H 1151 79.41 51.74 58.19
C CYS H 1151 78.70 51.76 56.84
N MET H 1152 79.00 50.76 56.01
CA MET H 1152 78.47 50.67 54.66
C MET H 1152 77.77 49.34 54.49
N ILE H 1153 76.54 49.37 53.98
CA ILE H 1153 75.80 48.15 53.66
C ILE H 1153 75.44 48.19 52.18
N ASP H 1154 75.63 47.06 51.51
CA ASP H 1154 75.37 46.93 50.08
C ASP H 1154 74.35 45.81 49.91
N LEU H 1155 73.07 46.18 49.90
CA LEU H 1155 72.01 45.19 49.77
C LEU H 1155 71.89 44.64 48.36
N THR H 1156 72.55 45.27 47.38
CA THR H 1156 72.65 44.69 46.05
C THR H 1156 73.66 43.55 45.99
N GLU H 1157 74.80 43.69 46.67
CA GLU H 1157 75.81 42.64 46.73
C GLU H 1157 75.77 41.84 48.01
N ASN H 1158 74.88 42.17 48.94
CA ASN H 1158 74.75 41.48 50.23
C ASN H 1158 76.08 41.46 50.98
N THR H 1159 76.66 42.64 51.17
CA THR H 1159 77.93 42.79 51.86
C THR H 1159 77.87 43.95 52.84
N ILE H 1160 78.73 43.91 53.85
CA ILE H 1160 78.85 44.97 54.85
C ILE H 1160 80.32 45.35 54.96
N ILE H 1161 80.60 46.65 54.81
CA ILE H 1161 81.95 47.17 54.82
C ILE H 1161 82.08 48.19 55.94
N PHE H 1162 83.17 48.10 56.69
CA PHE H 1162 83.50 49.08 57.73
C PHE H 1162 84.78 49.80 57.36
N THR H 1163 84.76 51.13 57.48
CA THR H 1163 85.93 51.94 57.24
C THR H 1163 86.27 52.72 58.50
N LEU H 1164 87.57 52.87 58.76
CA LEU H 1164 88.06 53.62 59.91
C LEU H 1164 88.87 54.80 59.40
N ASN H 1165 88.38 56.01 59.65
CA ASN H 1165 89.02 57.25 59.19
C ASN H 1165 89.21 57.23 57.68
N GLY H 1166 88.22 56.70 56.96
CA GLY H 1166 88.25 56.66 55.51
C GLY H 1166 89.03 55.50 54.92
N GLU H 1167 89.68 54.68 55.75
CA GLU H 1167 90.42 53.53 55.28
C GLU H 1167 89.63 52.27 55.58
N VAL H 1168 89.46 51.43 54.57
CA VAL H 1168 88.60 50.26 54.71
C VAL H 1168 89.25 49.26 55.67
N LEU H 1169 88.51 48.88 56.70
CA LEU H 1169 88.99 47.87 57.62
C LEU H 1169 88.93 46.49 56.97
N MET H 1170 89.94 45.68 57.24
CA MET H 1170 90.08 44.37 56.63
C MET H 1170 90.26 43.32 57.72
N SER H 1171 89.83 42.10 57.42
CA SER H 1171 89.94 40.99 58.36
C SER H 1171 91.38 40.47 58.34
N ASP H 1172 91.61 39.33 58.99
CA ASP H 1172 92.94 38.72 58.98
C ASP H 1172 93.14 37.98 57.66
N SER H 1173 92.79 38.64 56.57
CA SER H 1173 92.83 38.11 55.21
C SER H 1173 92.62 39.29 54.27
N GLY H 1174 92.50 39.01 52.98
CA GLY H 1174 92.26 40.06 52.02
C GLY H 1174 90.83 40.51 51.92
N SER H 1175 89.97 40.06 52.84
CA SER H 1175 88.55 40.36 52.78
C SER H 1175 88.32 41.85 53.03
N GLU H 1176 87.87 42.55 51.99
CA GLU H 1176 87.48 43.94 52.10
C GLU H 1176 86.13 44.13 52.77
N THR H 1177 85.37 43.05 52.95
CA THR H 1177 84.02 43.10 53.51
C THR H 1177 83.99 42.39 54.85
N ALA H 1178 83.26 42.98 55.81
CA ALA H 1178 83.14 42.36 57.11
C ALA H 1178 82.20 41.16 57.08
N PHE H 1179 81.10 41.28 56.34
CA PHE H 1179 80.11 40.21 56.27
C PHE H 1179 79.67 40.02 54.83
N ARG H 1180 79.37 38.77 54.47
CA ARG H 1180 78.96 38.43 53.12
C ARG H 1180 77.76 37.50 53.18
N GLU H 1181 77.06 37.41 52.05
CA GLU H 1181 75.90 36.52 51.91
C GLU H 1181 74.84 36.79 52.98
N ILE H 1182 74.62 38.06 53.27
CA ILE H 1182 73.59 38.44 54.24
C ILE H 1182 72.24 38.48 53.52
N GLU H 1183 71.27 37.74 54.05
CA GLU H 1183 69.93 37.77 53.51
C GLU H 1183 69.26 39.08 53.87
N ILE H 1184 68.56 39.68 52.90
CA ILE H 1184 67.89 40.95 53.14
C ILE H 1184 66.80 40.77 54.19
N GLY H 1185 66.00 39.73 54.05
CA GLY H 1185 64.98 39.45 55.05
C GLY H 1185 64.00 40.61 55.18
N ASP H 1186 63.81 41.06 56.42
CA ASP H 1186 62.90 42.18 56.66
C ASP H 1186 63.61 43.53 56.54
N GLY H 1187 64.94 43.53 56.49
CA GLY H 1187 65.71 44.74 56.25
C GLY H 1187 66.74 44.95 57.33
N PHE H 1188 67.30 46.16 57.35
CA PHE H 1188 68.36 46.50 58.28
C PHE H 1188 68.19 47.93 58.77
N LEU H 1189 68.72 48.19 59.97
CA LEU H 1189 68.68 49.49 60.61
C LEU H 1189 70.05 49.83 61.18
N PRO H 1190 70.49 51.08 61.08
CA PRO H 1190 71.71 51.48 61.79
C PRO H 1190 71.54 51.33 63.30
N VAL H 1191 72.60 50.90 63.96
CA VAL H 1191 72.54 50.56 65.37
C VAL H 1191 73.89 50.84 66.01
N CYS H 1192 73.87 51.19 67.29
CA CYS H 1192 75.09 51.37 68.06
C CYS H 1192 74.78 51.11 69.52
N SER H 1193 75.76 50.57 70.23
CA SER H 1193 75.65 50.32 71.66
C SER H 1193 76.82 50.98 72.36
N LEU H 1194 76.55 51.58 73.52
CA LEU H 1194 77.56 52.28 74.30
C LEU H 1194 77.64 51.68 75.68
N GLY H 1195 78.85 51.38 76.12
CA GLY H 1195 79.07 50.86 77.45
C GLY H 1195 79.11 51.95 78.48
N PRO H 1196 79.44 51.61 79.72
CA PRO H 1196 79.48 52.61 80.78
C PRO H 1196 80.56 53.65 80.52
N GLY H 1197 80.20 54.93 80.72
CA GLY H 1197 81.14 56.01 80.53
C GLY H 1197 81.55 56.25 79.10
N GLN H 1198 80.81 55.73 78.13
CA GLN H 1198 81.16 55.84 76.73
C GLN H 1198 80.29 56.89 76.05
N VAL H 1199 80.92 57.70 75.21
CA VAL H 1199 80.23 58.76 74.47
C VAL H 1199 80.52 58.56 72.99
N GLY H 1200 79.48 58.61 72.16
CA GLY H 1200 79.63 58.45 70.74
C GLY H 1200 78.76 59.42 69.99
N HIS H 1201 79.19 59.74 68.77
CA HIS H 1201 78.46 60.63 67.88
C HIS H 1201 77.97 59.82 66.69
N LEU H 1202 76.66 59.83 66.45
CA LEU H 1202 76.06 59.10 65.35
C LEU H 1202 75.60 60.09 64.29
N ASN H 1203 76.15 59.95 63.08
CA ASN H 1203 75.84 60.84 61.97
C ASN H 1203 75.24 60.01 60.86
N LEU H 1204 73.93 60.12 60.68
CA LEU H 1204 73.24 59.41 59.61
C LEU H 1204 73.24 60.17 58.30
N GLY H 1205 73.90 61.33 58.25
CA GLY H 1205 74.09 62.02 56.99
C GLY H 1205 72.89 62.77 56.46
N GLN H 1206 72.06 63.35 57.33
CA GLN H 1206 71.01 64.24 56.85
C GLN H 1206 71.62 65.45 56.17
N ASP H 1207 72.69 66.00 56.74
CA ASP H 1207 73.48 67.04 56.10
C ASP H 1207 74.70 66.36 55.50
N VAL H 1208 74.69 66.18 54.17
CA VAL H 1208 75.76 65.43 53.51
C VAL H 1208 77.10 66.11 53.70
N SER H 1209 77.12 67.45 53.79
CA SER H 1209 78.36 68.16 54.03
C SER H 1209 78.92 67.93 55.43
N SER H 1210 78.09 67.45 56.36
CA SER H 1210 78.57 67.20 57.71
C SER H 1210 79.39 65.92 57.81
N LEU H 1211 79.23 65.00 56.87
CA LEU H 1211 80.03 63.78 56.88
C LEU H 1211 81.49 64.11 56.65
N ARG H 1212 82.38 63.33 57.26
CA ARG H 1212 83.79 63.66 57.28
C ARG H 1212 84.65 62.74 56.42
N PHE H 1213 84.19 61.53 56.11
CA PHE H 1213 84.94 60.61 55.28
C PHE H 1213 84.10 60.00 54.18
N PHE H 1214 82.89 60.52 53.95
CA PHE H 1214 82.04 59.98 52.90
C PHE H 1214 82.63 60.23 51.52
N ALA H 1215 83.18 61.42 51.30
CA ALA H 1215 83.78 61.73 50.00
C ALA H 1215 85.03 60.90 49.76
N ILE H 1216 85.80 60.62 50.82
CA ILE H 1216 87.03 59.85 50.66
C ILE H 1216 86.73 58.41 50.32
N CYS H 1217 85.73 57.82 50.97
CA CYS H 1217 85.39 56.42 50.71
C CYS H 1217 83.88 56.25 50.87
N GLY H 1218 83.21 55.96 49.76
CA GLY H 1218 81.77 55.75 49.79
C GLY H 1218 81.02 56.55 48.75
N LEU H 1219 81.48 57.78 48.50
CA LEU H 1219 80.80 58.63 47.52
C LEU H 1219 80.97 58.09 46.11
N GLN H 1220 82.20 57.69 45.75
CA GLN H 1220 82.45 57.21 44.40
C GLN H 1220 82.02 55.77 44.18
N GLU H 1221 81.70 55.05 45.25
CA GLU H 1221 81.28 53.66 45.14
C GLU H 1221 79.76 53.51 45.02
N GLY H 1222 79.02 54.61 44.98
CA GLY H 1222 77.59 54.55 44.81
C GLY H 1222 76.78 54.49 46.09
N PHE H 1223 77.43 54.57 47.25
CA PHE H 1223 76.71 54.55 48.52
C PHE H 1223 76.12 55.92 48.82
N GLU H 1224 74.94 55.92 49.45
CA GLU H 1224 74.27 57.14 49.84
C GLU H 1224 74.22 57.25 51.36
N PRO H 1225 74.21 58.46 51.89
CA PRO H 1225 73.96 58.62 53.33
C PRO H 1225 72.58 58.09 53.68
N PHE H 1226 72.48 57.53 54.88
CA PHE H 1226 71.26 56.82 55.26
C PHE H 1226 70.04 57.75 55.28
N ALA H 1227 70.25 59.03 55.52
CA ALA H 1227 69.16 60.00 55.62
C ALA H 1227 69.39 61.17 54.69
N ILE H 1228 69.71 60.86 53.43
CA ILE H 1228 70.16 61.90 52.51
C ILE H 1228 69.05 62.91 52.24
N ASN H 1229 67.83 62.44 51.98
CA ASN H 1229 66.70 63.32 51.68
C ASN H 1229 65.62 63.09 52.74
N MET H 1230 65.77 63.76 53.87
CA MET H 1230 64.76 63.72 54.93
C MET H 1230 64.65 65.10 55.55
N GLN H 1231 63.42 65.59 55.66
CA GLN H 1231 63.19 66.90 56.27
CA GLN H 1231 63.19 66.90 56.27
C GLN H 1231 63.55 66.89 57.75
N ARG H 1232 63.13 65.87 58.46
CA ARG H 1232 63.40 65.81 59.88
C ARG H 1232 64.49 64.80 60.19
N PRO H 1233 65.22 64.98 61.30
CA PRO H 1233 66.22 63.99 61.69
C PRO H 1233 65.57 62.65 61.98
N VAL H 1234 66.34 61.59 61.73
CA VAL H 1234 65.81 60.23 61.90
C VAL H 1234 65.49 60.00 63.37
N THR H 1235 64.28 59.52 63.62
CA THR H 1235 63.88 59.17 64.98
C THR H 1235 64.66 57.95 65.44
N THR H 1236 65.15 57.99 66.68
CA THR H 1236 65.93 56.91 67.24
C THR H 1236 65.23 56.36 68.48
N TRP H 1237 65.35 55.06 68.67
CA TRP H 1237 64.86 54.38 69.86
C TRP H 1237 66.04 53.83 70.64
N PHE H 1238 65.99 53.96 71.96
CA PHE H 1238 67.06 53.48 72.82
C PHE H 1238 66.51 52.44 73.78
N SER H 1239 67.40 51.60 74.30
CA SER H 1239 67.02 50.54 75.22
C SER H 1239 66.98 51.12 76.63
N LYS H 1240 65.77 51.34 77.15
CA LYS H 1240 65.58 51.89 78.48
C LYS H 1240 65.64 50.75 79.50
N SER H 1241 66.55 50.88 80.46
CA SER H 1241 66.73 49.84 81.47
C SER H 1241 65.85 50.11 82.70
N LEU H 1242 64.57 50.32 82.47
CA LEU H 1242 63.59 50.45 83.54
C LEU H 1242 62.69 49.22 83.52
N PRO H 1243 62.80 48.31 84.50
CA PRO H 1243 62.03 47.07 84.42
C PRO H 1243 60.53 47.32 84.36
N GLN H 1244 59.87 46.57 83.50
CA GLN H 1244 58.43 46.68 83.30
C GLN H 1244 57.84 45.28 83.25
N PHE H 1245 56.57 45.17 83.63
CA PHE H 1245 55.86 43.90 83.58
C PHE H 1245 55.26 43.71 82.19
N GLU H 1246 55.57 42.58 81.57
CA GLU H 1246 55.05 42.22 80.26
C GLU H 1246 54.49 40.81 80.31
N PRO H 1247 53.54 40.49 79.44
CA PRO H 1247 52.99 39.13 79.42
C PRO H 1247 54.07 38.11 79.13
N VAL H 1248 53.96 36.95 79.79
CA VAL H 1248 54.89 35.85 79.56
C VAL H 1248 54.70 35.37 78.12
N PRO H 1249 55.73 35.37 77.30
CA PRO H 1249 55.57 35.00 75.89
C PRO H 1249 55.08 33.56 75.77
N PRO H 1250 54.20 33.29 74.80
CA PRO H 1250 53.71 31.92 74.61
C PRO H 1250 54.81 30.93 74.22
N GLU H 1251 55.93 31.43 73.70
CA GLU H 1251 57.02 30.58 73.23
C GLU H 1251 58.27 30.71 74.10
N HIS H 1252 58.11 31.18 75.33
CA HIS H 1252 59.26 31.39 76.20
C HIS H 1252 59.98 30.07 76.45
N PRO H 1253 61.30 30.02 76.28
CA PRO H 1253 62.00 28.73 76.38
C PRO H 1253 61.93 28.07 77.74
N HIS H 1254 61.82 28.84 78.82
CA HIS H 1254 61.96 28.28 80.17
C HIS H 1254 60.69 28.31 80.99
N TYR H 1255 59.78 29.26 80.75
CA TYR H 1255 58.61 29.45 81.59
C TYR H 1255 57.35 29.18 80.80
N GLU H 1256 56.45 28.39 81.37
CA GLU H 1256 55.17 28.07 80.76
C GLU H 1256 54.06 28.37 81.75
N VAL H 1257 53.03 29.07 81.28
CA VAL H 1257 51.86 29.39 82.09
C VAL H 1257 50.66 28.73 81.43
N ALA H 1258 49.96 27.91 82.20
CA ALA H 1258 48.80 27.17 81.70
C ALA H 1258 47.56 27.55 82.50
N ARG H 1259 46.45 27.75 81.80
CA ARG H 1259 45.21 28.20 82.41
C ARG H 1259 44.34 26.98 82.74
N MET H 1260 44.21 26.66 84.01
CA MET H 1260 43.33 25.60 84.48
C MET H 1260 41.90 26.11 84.58
N ASP H 1261 40.97 25.32 84.06
CA ASP H 1261 39.55 25.62 84.24
C ASP H 1261 39.11 25.25 85.65
N GLY H 1262 37.98 25.80 86.06
CA GLY H 1262 37.45 25.53 87.38
C GLY H 1262 36.65 24.24 87.44
N THR H 1263 37.09 23.31 88.28
CA THR H 1263 36.37 22.05 88.47
C THR H 1263 35.38 22.21 89.62
N VAL H 1264 34.79 21.09 90.05
CA VAL H 1264 33.83 21.13 91.14
C VAL H 1264 34.53 21.46 92.46
N ASP H 1265 35.74 20.96 92.65
CA ASP H 1265 36.46 21.12 93.90
C ASP H 1265 37.61 22.11 93.82
N THR H 1266 37.92 22.64 92.64
CA THR H 1266 39.01 23.59 92.49
C THR H 1266 38.55 24.83 91.76
N PRO H 1267 39.13 25.98 92.07
CA PRO H 1267 38.80 27.20 91.34
C PRO H 1267 39.65 27.32 90.09
N PRO H 1268 39.35 28.28 89.20
CA PRO H 1268 40.25 28.53 88.08
C PRO H 1268 41.63 28.94 88.55
N CYS H 1269 42.66 28.49 87.84
CA CYS H 1269 44.02 28.68 88.28
C CYS H 1269 44.90 29.09 87.11
N LEU H 1270 46.03 29.71 87.43
CA LEU H 1270 47.07 30.06 86.48
C LEU H 1270 48.36 29.43 86.99
N ARG H 1271 48.75 28.30 86.41
CA ARG H 1271 49.86 27.51 86.90
C ARG H 1271 51.13 27.81 86.11
N LEU H 1272 52.23 27.94 86.83
CA LEU H 1272 53.54 28.19 86.23
C LEU H 1272 54.39 26.94 86.30
N ALA H 1273 55.05 26.62 85.19
CA ALA H 1273 55.92 25.44 85.13
C ALA H 1273 57.24 25.83 84.47
N HIS H 1274 58.31 25.19 84.94
CA HIS H 1274 59.64 25.40 84.38
C HIS H 1274 59.84 24.42 83.23
N ARG H 1275 59.94 24.94 82.01
CA ARG H 1275 59.98 24.06 80.83
C ARG H 1275 61.23 23.20 80.82
N THR H 1276 62.38 23.78 81.16
CA THR H 1276 63.66 23.10 81.00
C THR H 1276 64.33 22.81 82.34
N TRP H 1277 63.56 22.60 83.40
CA TRP H 1277 64.15 22.35 84.71
C TRP H 1277 64.93 21.05 84.72
N GLY H 1278 66.08 21.06 85.38
CA GLY H 1278 66.95 19.91 85.49
C GLY H 1278 67.88 19.71 84.31
N SER H 1279 67.48 20.15 83.12
CA SER H 1279 68.28 19.94 81.93
C SER H 1279 69.42 20.96 81.84
N GLN H 1280 70.36 20.67 80.94
CA GLN H 1280 71.46 21.59 80.68
C GLN H 1280 70.91 22.84 80.00
N ASN H 1281 71.41 24.00 80.46
CA ASN H 1281 71.10 25.37 80.04
C ASN H 1281 69.85 25.92 80.71
N SER H 1282 69.30 25.21 81.69
CA SER H 1282 68.14 25.70 82.42
C SER H 1282 68.45 27.05 83.06
N LEU H 1283 67.51 27.98 82.94
CA LEU H 1283 67.67 29.32 83.48
C LEU H 1283 67.00 29.36 84.85
N VAL H 1284 67.81 29.45 85.90
CA VAL H 1284 67.32 29.51 87.27
C VAL H 1284 67.69 30.86 87.84
N GLU H 1285 66.69 31.73 88.00
CA GLU H 1285 66.91 33.07 88.51
C GLU H 1285 65.61 33.56 89.12
N MET H 1286 65.72 34.64 89.90
CA MET H 1286 64.54 35.22 90.53
C MET H 1286 63.51 35.60 89.47
N LEU H 1287 62.26 35.23 89.71
CA LEU H 1287 61.18 35.47 88.79
C LEU H 1287 60.14 36.37 89.45
N PHE H 1288 59.78 37.45 88.79
CA PHE H 1288 58.82 38.42 89.32
C PHE H 1288 57.56 38.35 88.48
N LEU H 1289 56.48 37.86 89.09
CA LEU H 1289 55.22 37.66 88.40
C LEU H 1289 54.14 38.53 89.01
N ARG H 1290 53.20 38.95 88.18
CA ARG H 1290 52.02 39.67 88.65
C ARG H 1290 50.87 39.39 87.70
N LEU H 1291 49.66 39.56 88.19
CA LEU H 1291 48.48 39.45 87.35
C LEU H 1291 48.26 40.76 86.60
N SER H 1292 47.70 40.63 85.39
CA SER H 1292 47.63 41.76 84.47
C SER H 1292 46.63 42.83 84.90
N LEU H 1293 45.79 42.55 85.90
CA LEU H 1293 44.79 43.53 86.28
C LEU H 1293 44.86 43.82 87.77
N PRO H 1294 44.63 45.06 88.17
CA PRO H 1294 44.71 45.44 89.57
C PRO H 1294 43.35 45.40 90.27
N VAL H 1295 43.40 45.57 91.59
CA VAL H 1295 42.21 45.81 92.40
C VAL H 1295 42.35 47.19 93.03
N GLN H 1296 41.33 48.02 92.88
CA GLN H 1296 41.37 49.40 93.32
C GLN H 1296 40.57 49.55 94.60
N PHE H 1297 41.20 50.08 95.64
CA PHE H 1297 40.51 50.32 96.89
C PHE H 1297 39.49 51.43 96.74
N HIS H 1298 38.44 51.36 97.55
CA HIS H 1298 37.33 52.31 97.43
C HIS H 1298 37.82 53.73 97.68
N GLN H 1299 37.13 54.68 97.05
CA GLN H 1299 37.54 56.06 97.11
C GLN H 1299 37.41 56.62 98.53
N HIS H 1300 36.36 56.24 99.26
CA HIS H 1300 36.18 56.63 100.65
C HIS H 1300 36.09 55.39 101.51
N PHE H 1301 36.76 55.41 102.66
CA PHE H 1301 36.74 54.28 103.57
C PHE H 1301 35.59 54.41 104.56
N ARG H 1302 35.11 53.25 105.02
CA ARG H 1302 34.03 53.23 106.00
C ARG H 1302 34.48 53.84 107.32
N CYS H 1303 33.55 54.53 107.99
CA CYS H 1303 33.85 55.14 109.27
C CYS H 1303 34.09 54.06 110.32
N THR H 1304 35.08 54.31 111.17
CA THR H 1304 35.46 53.39 112.25
C THR H 1304 35.75 51.99 111.72
N ASP H 1419 26.97 22.22 104.35
CA ASP H 1419 27.69 23.18 105.16
C ASP H 1419 28.62 24.02 104.29
N ASN H 1420 29.30 24.99 104.90
CA ASN H 1420 30.21 25.90 104.21
C ASN H 1420 29.49 26.62 103.05
N ARG H 1421 28.27 27.05 103.31
CA ARG H 1421 27.47 27.77 102.32
C ARG H 1421 27.49 29.26 102.65
N ASP H 1422 27.63 30.08 101.61
CA ASP H 1422 27.70 31.52 101.80
C ASP H 1422 26.33 32.09 102.15
N ASP H 1423 26.30 32.97 103.13
CA ASP H 1423 25.08 33.67 103.48
C ASP H 1423 24.77 34.69 102.37
N PRO H 1424 23.61 34.59 101.70
CA PRO H 1424 23.37 35.47 100.54
C PRO H 1424 23.44 36.95 100.86
N GLU H 1425 22.98 37.36 102.05
CA GLU H 1425 22.98 38.79 102.38
C GLU H 1425 24.38 39.29 102.67
N ILE H 1426 25.23 38.47 103.30
CA ILE H 1426 26.60 38.90 103.58
C ILE H 1426 27.42 38.95 102.30
N ILE H 1427 27.27 37.95 101.43
CA ILE H 1427 28.06 37.88 100.20
C ILE H 1427 27.72 39.01 99.24
N LEU H 1428 26.51 39.56 99.29
CA LEU H 1428 26.18 40.69 98.43
C LEU H 1428 26.51 42.05 99.04
N ASN H 1429 26.97 42.10 100.29
CA ASN H 1429 27.32 43.37 100.91
C ASN H 1429 28.78 43.44 101.34
N THR H 1430 29.54 42.36 101.22
CA THR H 1430 30.93 42.36 101.65
C THR H 1430 31.80 43.17 100.70
N THR H 1431 32.92 43.66 101.21
CA THR H 1431 33.93 44.33 100.41
C THR H 1431 35.29 43.67 100.53
N THR H 1432 35.35 42.45 101.06
CA THR H 1432 36.59 41.71 101.21
C THR H 1432 36.75 40.75 100.04
N TYR H 1433 37.93 40.73 99.44
CA TYR H 1433 38.22 39.90 98.29
C TYR H 1433 39.43 39.04 98.57
N TYR H 1434 39.47 37.86 97.94
CA TYR H 1434 40.41 36.82 98.30
C TYR H 1434 41.05 36.21 97.06
N TYR H 1435 42.32 35.84 97.19
CA TYR H 1435 43.00 35.01 96.23
C TYR H 1435 44.16 34.32 96.94
N SER H 1436 44.47 33.12 96.48
CA SER H 1436 45.47 32.29 97.13
C SER H 1436 46.50 31.81 96.12
N VAL H 1437 47.68 31.50 96.62
CA VAL H 1437 48.78 30.98 95.81
C VAL H 1437 49.22 29.65 96.40
N ARG H 1438 49.26 28.63 95.55
CA ARG H 1438 49.65 27.28 95.97
C ARG H 1438 51.10 27.04 95.56
N VAL H 1439 51.96 26.86 96.55
CA VAL H 1439 53.37 26.54 96.31
C VAL H 1439 53.47 25.02 96.28
N PHE H 1440 53.67 24.47 95.09
CA PHE H 1440 53.66 23.02 94.91
C PHE H 1440 54.81 22.38 95.69
N ALA H 1441 54.56 21.15 96.15
CA ALA H 1441 55.58 20.39 96.86
C ALA H 1441 56.78 20.19 95.96
N GLY H 1442 57.97 20.45 96.52
CA GLY H 1442 59.21 20.47 95.77
C GLY H 1442 59.75 21.87 95.57
N GLN H 1443 58.87 22.86 95.45
CA GLN H 1443 59.29 24.25 95.40
C GLN H 1443 59.49 24.76 96.82
N GLU H 1444 60.70 25.21 97.12
CA GLU H 1444 61.04 25.62 98.47
C GLU H 1444 60.24 26.86 98.87
N PRO H 1445 59.47 26.82 99.95
CA PRO H 1445 58.77 28.03 100.39
C PRO H 1445 59.71 29.17 100.75
N SER H 1446 60.96 28.87 101.12
CA SER H 1446 61.92 29.93 101.41
C SER H 1446 62.25 30.79 100.20
N CYS H 1447 61.94 30.32 99.00
CA CYS H 1447 62.21 31.07 97.77
C CYS H 1447 60.94 31.62 97.14
N VAL H 1448 59.87 31.75 97.92
CA VAL H 1448 58.58 32.21 97.41
C VAL H 1448 58.11 33.38 98.27
N TRP H 1449 57.72 34.47 97.61
CA TRP H 1449 57.10 35.61 98.26
C TRP H 1449 55.76 35.88 97.60
N VAL H 1450 54.72 36.08 98.41
CA VAL H 1450 53.35 36.20 97.92
C VAL H 1450 52.75 37.48 98.47
N GLY H 1451 52.07 38.24 97.61
CA GLY H 1451 51.38 39.44 98.04
C GLY H 1451 50.89 40.31 96.90
N TRP H 1452 51.08 41.62 97.02
CA TRP H 1452 50.60 42.58 96.04
C TRP H 1452 51.70 43.59 95.74
N VAL H 1453 51.63 44.19 94.56
CA VAL H 1453 52.53 45.26 94.17
C VAL H 1453 51.73 46.41 93.58
N THR H 1454 52.17 47.63 93.87
CA THR H 1454 51.57 48.82 93.29
C THR H 1454 52.09 49.01 91.86
N PRO H 1455 51.38 49.78 91.04
CA PRO H 1455 51.78 49.92 89.62
C PRO H 1455 53.12 50.59 89.39
N ASP H 1456 53.82 50.99 90.45
CA ASP H 1456 55.14 51.63 90.32
C ASP H 1456 56.24 50.76 90.90
N TYR H 1457 56.18 49.45 90.67
CA TYR H 1457 57.22 48.53 91.09
C TYR H 1457 58.12 48.24 89.90
N HIS H 1458 59.39 48.63 89.99
CA HIS H 1458 60.36 48.41 88.92
C HIS H 1458 61.68 47.92 89.49
N GLN H 1459 61.62 46.99 90.44
CA GLN H 1459 62.79 46.53 91.17
C GLN H 1459 63.10 45.10 90.76
N HIS H 1460 63.99 44.94 89.78
CA HIS H 1460 64.38 43.64 89.25
C HIS H 1460 65.63 43.15 89.97
N ASP H 1461 65.50 43.01 91.29
CA ASP H 1461 66.62 42.61 92.14
C ASP H 1461 66.78 41.10 92.10
N MET H 1462 68.00 40.63 91.84
CA MET H 1462 68.24 39.20 91.74
C MET H 1462 68.57 38.56 93.08
N ASN H 1463 68.74 39.36 94.14
CA ASN H 1463 68.95 38.83 95.48
C ASN H 1463 67.82 39.32 96.37
N PHE H 1464 66.59 39.25 95.87
CA PHE H 1464 65.46 39.91 96.51
C PHE H 1464 65.14 39.28 97.87
N ASP H 1465 64.83 40.15 98.83
CA ASP H 1465 64.19 39.75 100.08
C ASP H 1465 63.40 40.95 100.58
N LEU H 1466 62.64 40.74 101.66
CA LEU H 1466 61.74 41.78 102.12
C LEU H 1466 62.46 43.01 102.64
N SER H 1467 63.77 42.93 102.85
CA SER H 1467 64.54 44.11 103.23
C SER H 1467 64.80 45.04 102.06
N LYS H 1468 64.66 44.56 100.82
CA LYS H 1468 64.86 45.38 99.65
C LYS H 1468 63.64 46.19 99.26
N VAL H 1469 62.49 45.93 99.88
CA VAL H 1469 61.26 46.61 99.51
C VAL H 1469 61.36 48.09 99.85
N ARG H 1470 60.97 48.93 98.90
CA ARG H 1470 60.95 50.37 99.15
C ARG H 1470 59.94 50.69 100.24
N ALA H 1471 60.33 51.60 101.13
CA ALA H 1471 59.47 52.03 102.22
C ALA H 1471 59.82 53.46 102.60
N VAL H 1472 58.82 54.17 103.11
CA VAL H 1472 59.01 55.54 103.59
C VAL H 1472 57.80 55.89 104.45
N THR H 1473 58.05 56.68 105.50
CA THR H 1473 57.01 57.14 106.39
C THR H 1473 56.91 58.66 106.29
N VAL H 1474 55.72 59.16 106.00
CA VAL H 1474 55.46 60.59 105.95
C VAL H 1474 54.71 60.97 107.22
N THR H 1475 55.33 61.80 108.04
CA THR H 1475 54.81 62.16 109.34
C THR H 1475 54.45 63.64 109.35
N MET H 1476 53.22 63.95 109.73
CA MET H 1476 52.72 65.31 109.80
C MET H 1476 52.45 65.69 111.25
N GLY H 1477 52.71 66.95 111.59
CA GLY H 1477 52.52 67.43 112.94
C GLY H 1477 51.97 68.83 112.94
N ASP H 1478 51.59 69.30 114.12
CA ASP H 1478 51.08 70.66 114.28
C ASP H 1478 52.23 71.61 114.56
N GLU H 1479 51.91 72.83 115.01
CA GLU H 1479 52.93 73.86 115.19
C GLU H 1479 54.07 73.41 116.10
N GLN H 1480 53.79 72.55 117.08
CA GLN H 1480 54.80 72.05 118.00
C GLN H 1480 54.64 70.54 118.14
N GLY H 1481 55.33 69.79 117.28
CA GLY H 1481 55.28 68.33 117.37
C GLY H 1481 53.87 67.81 117.19
N ASN H 1482 53.43 67.00 118.15
CA ASN H 1482 52.06 66.46 118.19
C ASN H 1482 51.66 65.85 116.84
N VAL H 1483 52.37 64.77 116.50
CA VAL H 1483 52.10 64.01 115.29
C VAL H 1483 50.64 63.61 115.24
N HIS H 1484 49.94 64.07 114.21
CA HIS H 1484 48.53 63.71 114.02
C HIS H 1484 48.30 62.85 112.79
N SER H 1485 49.35 62.56 112.02
CA SER H 1485 49.22 61.70 110.85
C SER H 1485 50.60 61.15 110.51
N SER H 1486 50.72 59.83 110.46
CA SER H 1486 51.99 59.17 110.14
C SER H 1486 51.66 58.03 109.17
N LEU H 1487 51.72 58.33 107.88
CA LEU H 1487 51.38 57.37 106.83
C LEU H 1487 52.63 56.62 106.38
N LYS H 1488 52.44 55.34 106.05
CA LYS H 1488 53.50 54.48 105.57
C LYS H 1488 53.25 54.15 104.11
N CYS H 1489 54.30 54.23 103.30
CA CYS H 1489 54.19 54.05 101.87
C CYS H 1489 55.14 52.95 101.41
N SER H 1490 54.73 52.22 100.37
CA SER H 1490 55.56 51.17 99.79
C SER H 1490 54.99 50.82 98.42
N ASN H 1491 55.69 49.94 97.73
CA ASN H 1491 55.22 49.43 96.44
C ASN H 1491 55.13 47.91 96.42
N CYS H 1492 55.45 47.23 97.51
CA CYS H 1492 55.46 45.78 97.54
C CYS H 1492 54.96 45.32 98.90
N TYR H 1493 53.68 44.98 98.99
CA TYR H 1493 53.06 44.50 100.22
C TYR H 1493 52.95 42.98 100.10
N MET H 1494 53.97 42.29 100.59
CA MET H 1494 54.14 40.87 100.32
C MET H 1494 54.64 40.18 101.58
N VAL H 1495 54.41 38.86 101.65
CA VAL H 1495 54.85 38.06 102.78
C VAL H 1495 55.80 36.97 102.27
N TRP H 1496 56.70 36.56 103.15
CA TRP H 1496 57.70 35.57 102.81
C TRP H 1496 57.17 34.17 103.09
N GLY H 1497 57.37 33.27 102.14
CA GLY H 1497 56.94 31.89 102.32
C GLY H 1497 57.70 31.16 103.41
N GLY H 1498 58.89 31.62 103.76
CA GLY H 1498 59.67 31.01 104.81
C GLY H 1498 59.18 31.28 106.22
N ASP H 1499 58.24 32.20 106.37
CA ASP H 1499 57.62 32.45 107.67
C ASP H 1499 56.51 31.46 107.99
N PHE H 1500 56.15 30.59 107.05
CA PHE H 1500 55.01 29.70 107.20
C PHE H 1500 55.43 28.23 107.18
N VAL H 1501 56.71 27.97 107.43
CA VAL H 1501 57.24 26.62 107.50
C VAL H 1501 57.75 26.36 108.91
N SER H 1502 57.25 25.30 109.54
CA SER H 1502 57.68 24.96 110.89
C SER H 1502 59.15 24.57 110.88
N PRO H 1503 59.92 24.92 111.91
CA PRO H 1503 61.34 24.57 111.93
C PRO H 1503 61.57 23.09 112.17
N GLY H 1504 61.14 22.24 111.23
CA GLY H 1504 61.35 20.81 111.36
C GLY H 1504 62.80 20.42 111.17
N GLN H 1505 63.11 19.19 111.56
CA GLN H 1505 64.47 18.68 111.39
C GLN H 1505 64.87 18.63 109.93
N GLN H 1506 64.00 18.09 109.10
CA GLN H 1506 64.20 18.03 107.65
C GLN H 1506 62.79 17.82 107.08
N GLY H 1507 62.68 17.60 105.77
CA GLY H 1507 61.38 17.52 105.15
C GLY H 1507 60.83 18.87 104.76
N ARG H 1508 61.71 19.85 104.51
CA ARG H 1508 61.26 21.16 104.08
C ARG H 1508 60.51 21.07 102.76
N ILE H 1509 60.84 20.09 101.93
CA ILE H 1509 60.02 19.73 100.79
C ILE H 1509 58.91 18.84 101.33
N SER H 1510 57.80 19.47 101.71
CA SER H 1510 56.74 18.76 102.40
C SER H 1510 55.89 17.95 101.43
N HIS H 1511 55.13 17.02 101.98
CA HIS H 1511 54.13 16.31 101.19
C HIS H 1511 52.99 17.23 100.79
N THR H 1512 52.73 18.26 101.59
CA THR H 1512 51.60 19.16 101.40
C THR H 1512 52.07 20.47 100.78
N ASP H 1513 51.37 20.90 99.74
CA ASP H 1513 51.66 22.19 99.13
C ASP H 1513 51.30 23.32 100.09
N LEU H 1514 52.10 24.37 100.09
CA LEU H 1514 51.80 25.55 100.89
C LEU H 1514 50.82 26.44 100.12
N VAL H 1515 49.71 26.77 100.76
CA VAL H 1515 48.65 27.55 100.13
C VAL H 1515 48.51 28.84 100.92
N ILE H 1516 49.17 29.89 100.46
CA ILE H 1516 49.13 31.20 101.10
C ILE H 1516 47.94 31.97 100.53
N GLY H 1517 47.08 32.47 101.39
CA GLY H 1517 45.92 33.23 100.98
C GLY H 1517 46.07 34.71 101.32
N CYS H 1518 45.50 35.55 100.47
CA CYS H 1518 45.59 37.00 100.61
C CYS H 1518 44.19 37.60 100.66
N LEU H 1519 43.97 38.47 101.64
CA LEU H 1519 42.68 39.12 101.83
C LEU H 1519 42.86 40.62 101.75
N VAL H 1520 41.99 41.29 100.98
CA VAL H 1520 41.99 42.75 100.87
C VAL H 1520 40.59 43.25 101.12
N ASP H 1521 40.46 44.25 101.98
CA ASP H 1521 39.18 44.91 102.23
C ASP H 1521 39.22 46.27 101.56
N LEU H 1522 38.56 46.39 100.41
CA LEU H 1522 38.64 47.61 99.63
C LEU H 1522 37.97 48.78 100.31
N ALA H 1523 37.11 48.54 101.30
CA ALA H 1523 36.42 49.62 101.99
C ALA H 1523 37.15 50.09 103.25
N THR H 1524 38.21 49.40 103.67
CA THR H 1524 38.97 49.82 104.85
C THR H 1524 40.47 49.90 104.61
N GLY H 1525 40.98 49.39 103.49
CA GLY H 1525 42.40 49.46 103.22
C GLY H 1525 43.25 48.52 104.06
N LEU H 1526 42.66 47.46 104.59
CA LEU H 1526 43.37 46.51 105.44
C LEU H 1526 43.61 45.21 104.68
N MET H 1527 44.82 44.70 104.76
CA MET H 1527 45.21 43.49 104.05
C MET H 1527 45.77 42.47 105.03
N THR H 1528 45.29 41.24 104.94
CA THR H 1528 45.70 40.17 105.84
C THR H 1528 46.07 38.93 105.03
N PHE H 1529 46.75 38.00 105.67
CA PHE H 1529 47.26 36.81 105.01
C PHE H 1529 46.99 35.58 105.85
N THR H 1530 46.90 34.44 105.18
CA THR H 1530 46.70 33.15 105.84
C THR H 1530 47.77 32.17 105.36
N ALA H 1531 48.29 31.38 106.30
CA ALA H 1531 49.37 30.45 105.98
C ALA H 1531 48.82 29.18 105.35
N ASN H 1532 47.98 28.46 106.09
CA ASN H 1532 47.30 27.27 105.58
C ASN H 1532 45.90 27.21 106.15
N GLY H 1533 45.21 28.35 106.18
CA GLY H 1533 43.96 28.49 106.89
C GLY H 1533 44.06 29.19 108.21
N LYS H 1534 45.27 29.33 108.76
CA LYS H 1534 45.49 30.04 110.01
C LYS H 1534 45.94 31.46 109.70
N GLU H 1535 45.31 32.44 110.35
CA GLU H 1535 45.62 33.83 110.11
C GLU H 1535 47.06 34.15 110.50
N SER H 1536 47.76 34.85 109.63
CA SER H 1536 49.13 35.28 109.90
C SER H 1536 49.15 36.57 110.68
N ASN H 1537 50.31 36.87 111.27
CA ASN H 1537 50.45 38.08 112.07
C ASN H 1537 50.61 39.32 111.20
N THR H 1538 51.24 39.19 110.04
CA THR H 1538 51.54 40.34 109.21
C THR H 1538 50.27 40.94 108.62
N PHE H 1539 50.25 42.27 108.51
CA PHE H 1539 49.13 42.98 107.91
C PHE H 1539 49.63 44.33 107.41
N PHE H 1540 48.85 44.91 106.50
CA PHE H 1540 49.21 46.19 105.89
C PHE H 1540 47.99 47.09 105.84
N GLN H 1541 48.24 48.40 105.81
CA GLN H 1541 47.21 49.41 105.68
C GLN H 1541 47.57 50.32 104.51
N VAL H 1542 46.60 50.58 103.64
CA VAL H 1542 46.84 51.38 102.44
C VAL H 1542 45.78 52.47 102.35
N GLU H 1543 46.15 53.53 101.63
CA GLU H 1543 45.28 54.68 101.42
C GLU H 1543 44.22 54.38 100.37
N PRO H 1544 43.14 55.16 100.33
CA PRO H 1544 42.12 54.96 99.30
C PRO H 1544 42.66 55.25 97.91
N ASN H 1545 41.98 54.69 96.90
CA ASN H 1545 42.34 54.78 95.49
C ASN H 1545 43.67 54.11 95.19
N THR H 1546 44.06 53.12 95.97
CA THR H 1546 45.30 52.39 95.74
C THR H 1546 45.06 51.21 94.81
N LYS H 1547 45.94 51.05 93.83
CA LYS H 1547 45.89 49.94 92.89
C LYS H 1547 46.91 48.90 93.32
N LEU H 1548 46.46 47.65 93.47
CA LEU H 1548 47.33 46.55 93.86
C LEU H 1548 47.19 45.43 92.85
N PHE H 1549 48.32 44.93 92.36
CA PHE H 1549 48.36 43.79 91.45
C PHE H 1549 48.75 42.54 92.22
N PRO H 1550 48.00 41.45 92.11
CA PRO H 1550 48.42 40.20 92.74
C PRO H 1550 49.74 39.73 92.17
N ALA H 1551 50.76 39.63 93.02
CA ALA H 1551 52.11 39.35 92.59
C ALA H 1551 52.70 38.22 93.40
N VAL H 1552 53.55 37.42 92.74
CA VAL H 1552 54.34 36.39 93.39
C VAL H 1552 55.77 36.48 92.87
N PHE H 1553 56.73 36.62 93.77
CA PHE H 1553 58.14 36.62 93.43
C PHE H 1553 58.74 35.30 93.89
N VAL H 1554 59.33 34.56 92.97
CA VAL H 1554 59.77 33.19 93.25
C VAL H 1554 61.09 32.92 92.54
N LEU H 1555 61.96 32.16 93.22
CA LEU H 1555 63.13 31.59 92.60
C LEU H 1555 62.86 30.10 92.39
N PRO H 1556 62.68 29.65 91.16
CA PRO H 1556 62.22 28.26 90.94
C PRO H 1556 63.21 27.24 91.48
N THR H 1557 62.66 26.20 92.10
CA THR H 1557 63.45 25.06 92.55
C THR H 1557 62.80 23.74 92.16
N HIS H 1558 61.88 23.74 91.20
CA HIS H 1558 61.11 22.55 90.85
C HIS H 1558 60.46 22.80 89.50
N GLN H 1559 60.03 21.72 88.85
CA GLN H 1559 59.32 21.88 87.58
C GLN H 1559 58.00 22.60 87.78
N ASN H 1560 57.24 22.21 88.81
CA ASN H 1560 56.03 22.93 89.19
C ASN H 1560 56.39 23.96 90.25
N VAL H 1561 56.13 25.23 89.97
CA VAL H 1561 56.62 26.31 90.83
C VAL H 1561 55.51 26.86 91.71
N ILE H 1562 54.52 27.51 91.10
CA ILE H 1562 53.45 28.16 91.85
C ILE H 1562 52.14 27.98 91.09
N GLN H 1563 51.05 28.50 91.67
CA GLN H 1563 49.74 28.43 91.03
C GLN H 1563 48.87 29.52 91.62
N PHE H 1564 48.55 30.52 90.81
CA PHE H 1564 47.56 31.52 91.22
C PHE H 1564 46.20 30.85 91.29
N GLU H 1565 45.58 30.89 92.46
CA GLU H 1565 44.25 30.29 92.66
C GLU H 1565 43.25 31.42 92.83
N LEU H 1566 42.44 31.63 91.80
CA LEU H 1566 41.48 32.74 91.78
C LEU H 1566 40.12 32.30 92.33
N GLY H 1567 40.16 31.78 93.55
CA GLY H 1567 38.99 31.26 94.22
C GLY H 1567 38.41 32.23 95.22
N LYS H 1568 37.66 31.68 96.17
CA LYS H 1568 37.00 32.47 97.19
C LYS H 1568 36.97 31.70 98.50
N GLN H 1569 36.50 32.36 99.54
CA GLN H 1569 36.29 31.78 100.84
C GLN H 1569 34.84 31.98 101.26
N LYS H 1570 34.50 31.50 102.45
CA LYS H 1570 33.15 31.68 102.96
C LYS H 1570 32.89 33.15 103.22
N ASN H 1571 31.83 33.69 102.61
CA ASN H 1571 31.42 35.08 102.78
C ASN H 1571 32.51 36.06 102.34
N ILE H 1572 33.34 35.66 101.38
CA ILE H 1572 34.35 36.54 100.78
C ILE H 1572 34.32 36.32 99.28
N MET H 1573 34.25 37.42 98.53
CA MET H 1573 34.13 37.33 97.08
C MET H 1573 35.49 37.15 96.42
N PRO H 1574 35.53 36.56 95.24
CA PRO H 1574 36.81 36.32 94.55
C PRO H 1574 37.32 37.61 93.89
N LEU H 1575 38.50 37.49 93.28
CA LEU H 1575 39.13 38.65 92.67
C LEU H 1575 38.36 39.15 91.46
N SER H 1576 37.74 38.24 90.69
CA SER H 1576 37.00 38.66 89.52
C SER H 1576 35.87 39.62 89.84
N ALA H 1577 35.33 39.56 91.07
CA ALA H 1577 34.31 40.51 91.48
C ALA H 1577 34.86 41.91 91.63
N ALA H 1578 36.13 42.03 92.05
CA ALA H 1578 36.76 43.32 92.24
C ALA H 1578 37.38 43.88 90.97
N MET H 1579 37.89 43.02 90.08
CA MET H 1579 38.55 43.48 88.88
C MET H 1579 37.58 43.98 87.81
N PHE H 1580 36.39 43.41 87.73
CA PHE H 1580 35.47 43.69 86.64
C PHE H 1580 34.17 44.25 87.18
N LEU H 1581 33.70 45.35 86.59
CA LEU H 1581 32.48 46.00 87.04
C LEU H 1581 31.26 45.11 86.83
N SER H 1582 31.21 44.40 85.70
CA SER H 1582 30.06 43.55 85.40
C SER H 1582 29.92 42.36 86.35
N GLU H 1583 30.95 42.06 87.15
CA GLU H 1583 30.92 40.95 88.07
C GLU H 1583 30.96 41.40 89.53
N ARG H 1584 30.56 42.64 89.81
CA ARG H 1584 30.64 43.16 91.17
C ARG H 1584 29.77 42.35 92.12
N LYS H 1585 28.69 41.76 91.62
CA LYS H 1585 27.77 40.98 92.44
C LYS H 1585 27.78 39.50 92.07
N ASN H 1586 28.84 39.03 91.41
CA ASN H 1586 28.91 37.65 90.98
C ASN H 1586 29.87 36.89 91.88
N PRO H 1587 29.38 36.05 92.80
CA PRO H 1587 30.30 35.32 93.68
C PRO H 1587 31.00 34.15 93.04
N ALA H 1588 30.62 33.76 91.83
CA ALA H 1588 31.27 32.64 91.16
C ALA H 1588 32.64 33.06 90.66
N PRO H 1589 33.71 32.37 91.05
CA PRO H 1589 35.05 32.75 90.59
C PRO H 1589 35.17 32.65 89.08
N GLN H 1590 35.91 33.59 88.49
CA GLN H 1590 36.13 33.62 87.05
C GLN H 1590 37.57 34.00 86.77
N CYS H 1591 38.07 33.55 85.62
CA CYS H 1591 39.37 33.94 85.10
C CYS H 1591 39.20 34.34 83.64
N PRO H 1592 38.77 35.56 83.38
CA PRO H 1592 38.53 36.00 82.01
C PRO H 1592 39.82 36.09 81.23
N PRO H 1593 39.76 36.05 79.90
CA PRO H 1593 41.00 36.03 79.10
C PRO H 1593 41.89 37.23 79.30
N ARG H 1594 41.34 38.38 79.71
CA ARG H 1594 42.19 39.55 79.93
C ARG H 1594 43.10 39.35 81.12
N LEU H 1595 42.69 38.56 82.10
CA LEU H 1595 43.51 38.27 83.26
C LEU H 1595 44.57 37.25 82.89
N GLU H 1596 45.84 37.62 83.02
CA GLU H 1596 46.94 36.76 82.62
C GLU H 1596 48.17 37.09 83.45
N VAL H 1597 49.12 36.17 83.43
CA VAL H 1597 50.34 36.32 84.23
C VAL H 1597 51.35 37.14 83.46
N GLN H 1598 51.92 38.14 84.11
CA GLN H 1598 52.95 38.99 83.54
C GLN H 1598 54.24 38.81 84.31
N MET H 1599 55.36 38.94 83.61
CA MET H 1599 56.68 38.80 84.21
C MET H 1599 57.50 40.05 83.96
N LEU H 1600 58.46 40.30 84.85
CA LEU H 1600 59.20 41.55 84.84
C LEU H 1600 60.35 41.46 83.84
N MET H 1601 60.30 42.30 82.82
CA MET H 1601 61.35 42.38 81.81
C MET H 1601 62.31 43.51 82.17
N PRO H 1602 63.61 43.27 82.25
CA PRO H 1602 64.51 44.34 82.72
C PRO H 1602 64.70 45.48 81.74
N VAL H 1603 64.72 45.21 80.43
CA VAL H 1603 65.02 46.22 79.42
C VAL H 1603 63.90 46.26 78.40
N SER H 1604 63.56 47.46 77.95
CA SER H 1604 62.55 47.65 76.93
C SER H 1604 62.98 48.76 75.99
N TRP H 1605 62.36 48.80 74.81
CA TRP H 1605 62.61 49.85 73.84
C TRP H 1605 61.81 51.10 74.18
N SER H 1606 62.46 52.24 74.08
CA SER H 1606 61.82 53.52 74.34
C SER H 1606 62.22 54.51 73.25
N ARG H 1607 61.30 55.41 72.93
CA ARG H 1607 61.50 56.35 71.83
C ARG H 1607 62.16 57.61 72.34
N MET H 1608 63.26 58.00 71.69
CA MET H 1608 63.96 59.22 72.07
C MET H 1608 63.15 60.43 71.65
N PRO H 1609 62.93 61.40 72.55
CA PRO H 1609 62.24 62.63 72.15
C PRO H 1609 63.01 63.37 71.07
N ASN H 1610 62.27 64.02 70.17
CA ASN H 1610 62.91 64.76 69.09
C ASN H 1610 63.62 66.01 69.60
N HIS H 1611 63.09 66.64 70.64
CA HIS H 1611 63.69 67.83 71.23
C HIS H 1611 63.75 67.67 72.74
N PHE H 1612 64.76 68.30 73.33
CA PHE H 1612 65.01 68.20 74.76
C PHE H 1612 65.07 69.59 75.36
N LEU H 1613 64.79 69.67 76.66
CA LEU H 1613 64.79 70.96 77.34
C LEU H 1613 66.19 71.55 77.37
N GLN H 1614 66.27 72.85 77.10
CA GLN H 1614 67.54 73.58 77.13
C GLN H 1614 67.74 74.12 78.55
N VAL H 1615 68.66 73.50 79.29
CA VAL H 1615 68.94 73.88 80.67
C VAL H 1615 70.30 74.54 80.71
N GLU H 1616 70.36 75.76 81.22
CA GLU H 1616 71.59 76.51 81.35
C GLU H 1616 72.02 76.49 82.82
N THR H 1617 73.17 75.90 83.10
CA THR H 1617 73.72 75.82 84.44
C THR H 1617 75.04 76.56 84.48
N ARG H 1618 75.20 77.42 85.49
CA ARG H 1618 76.43 78.19 85.64
C ARG H 1618 76.59 78.57 87.10
N ARG H 1619 77.81 78.94 87.45
CA ARG H 1619 78.11 79.43 88.80
C ARG H 1619 77.86 80.94 88.81
N ALA H 1620 76.83 81.36 89.53
CA ALA H 1620 76.45 82.77 89.52
C ALA H 1620 77.41 83.63 90.33
N GLY H 1621 78.21 83.05 91.20
CA GLY H 1621 79.13 83.81 91.99
C GLY H 1621 79.41 83.12 93.31
N GLU H 1622 80.16 83.83 94.16
CA GLU H 1622 80.53 83.28 95.46
C GLU H 1622 79.33 83.21 96.40
N ARG H 1623 78.54 84.28 96.47
CA ARG H 1623 77.39 84.30 97.36
C ARG H 1623 76.10 83.85 96.68
N LEU H 1624 76.01 84.03 95.37
CA LEU H 1624 74.80 83.65 94.66
C LEU H 1624 74.67 82.15 94.46
N GLY H 1625 75.79 81.44 94.33
CA GLY H 1625 75.74 79.99 94.19
C GLY H 1625 75.73 79.55 92.74
N TRP H 1626 75.07 78.43 92.49
CA TRP H 1626 74.98 77.82 91.17
C TRP H 1626 73.56 77.97 90.65
N ALA H 1627 73.43 78.52 89.45
CA ALA H 1627 72.13 78.89 88.89
C ALA H 1627 71.66 77.85 87.88
N VAL H 1628 70.37 77.55 87.91
CA VAL H 1628 69.72 76.68 86.94
C VAL H 1628 68.61 77.47 86.27
N GLN H 1629 68.56 77.40 84.93
CA GLN H 1629 67.61 78.17 84.16
C GLN H 1629 67.06 77.33 83.03
N CYS H 1630 65.75 77.47 82.79
CA CYS H 1630 65.09 76.79 81.67
C CYS H 1630 63.88 77.62 81.27
N GLN H 1631 63.88 78.12 80.05
CA GLN H 1631 62.87 79.08 79.62
C GLN H 1631 61.97 78.58 78.50
N ASP H 1632 62.52 77.91 77.50
CA ASP H 1632 61.74 77.51 76.33
C ASP H 1632 60.86 76.31 76.67
N PRO H 1633 59.54 76.41 76.50
CA PRO H 1633 58.66 75.28 76.84
C PRO H 1633 58.79 74.14 75.85
N LEU H 1634 58.46 72.94 76.33
CA LEU H 1634 58.38 71.76 75.50
C LEU H 1634 57.21 70.91 75.99
N THR H 1635 56.38 70.46 75.04
CA THR H 1635 55.18 69.72 75.36
C THR H 1635 55.13 68.47 74.51
N MET H 1636 54.59 67.39 75.07
CA MET H 1636 54.37 66.16 74.35
C MET H 1636 52.95 65.67 74.61
N MET H 1637 52.40 64.95 73.64
CA MET H 1637 51.09 64.31 73.79
C MET H 1637 51.31 62.92 74.35
N ALA H 1638 50.83 62.69 75.56
CA ALA H 1638 51.06 61.44 76.27
C ALA H 1638 49.86 60.50 76.11
N LEU H 1639 50.14 59.22 75.91
CA LEU H 1639 49.12 58.19 75.87
C LEU H 1639 49.14 57.46 77.21
N HIS H 1640 48.02 57.48 77.91
CA HIS H 1640 47.92 56.96 79.27
C HIS H 1640 47.22 55.62 79.26
N ILE H 1641 47.85 54.62 79.87
CA ILE H 1641 47.23 53.32 80.09
C ILE H 1641 46.58 53.35 81.47
N PRO H 1642 45.26 53.29 81.58
CA PRO H 1642 44.62 53.52 82.88
C PRO H 1642 44.96 52.49 83.94
N GLU H 1643 44.80 51.20 83.63
CA GLU H 1643 44.97 50.18 84.66
C GLU H 1643 46.41 50.08 85.14
N GLU H 1644 47.38 50.42 84.30
CA GLU H 1644 48.77 50.39 84.70
C GLU H 1644 49.26 51.71 85.27
N ASN H 1645 48.45 52.76 85.21
CA ASN H 1645 48.78 54.06 85.77
C ASN H 1645 50.14 54.56 85.28
N ARG H 1646 50.39 54.37 83.98
CA ARG H 1646 51.61 54.85 83.36
C ARG H 1646 51.25 55.44 82.00
N CYS H 1647 52.14 56.28 81.49
CA CYS H 1647 51.93 56.94 80.21
C CYS H 1647 53.16 56.79 79.34
N MET H 1648 52.94 56.87 78.03
CA MET H 1648 54.01 56.87 77.04
C MET H 1648 53.75 57.97 76.04
N ASP H 1649 54.77 58.26 75.24
CA ASP H 1649 54.59 59.21 74.15
C ASP H 1649 53.64 58.64 73.12
N ILE H 1650 52.75 59.50 72.60
CA ILE H 1650 51.84 59.07 71.54
C ILE H 1650 52.62 58.66 70.30
N LEU H 1651 53.83 59.17 70.12
CA LEU H 1651 54.62 58.85 68.96
C LEU H 1651 55.25 57.46 69.05
N GLU H 1652 55.19 56.82 70.22
CA GLU H 1652 55.63 55.44 70.33
C GLU H 1652 54.69 54.47 69.64
N LEU H 1653 53.49 54.92 69.25
CA LEU H 1653 52.57 54.06 68.54
C LEU H 1653 52.98 53.81 67.09
N SER H 1654 54.09 54.39 66.65
CA SER H 1654 54.60 54.09 65.33
C SER H 1654 55.24 52.70 65.29
N GLU H 1655 55.57 52.14 66.46
CA GLU H 1655 56.10 50.79 66.54
C GLU H 1655 55.20 49.84 67.33
N ARG H 1656 54.41 50.34 68.27
CA ARG H 1656 53.46 49.52 69.00
C ARG H 1656 52.18 49.46 68.19
N LEU H 1657 52.15 48.55 67.21
CA LEU H 1657 51.07 48.54 66.23
C LEU H 1657 49.76 48.05 66.83
N ASP H 1658 49.82 47.18 67.84
CA ASP H 1658 48.59 46.69 68.45
C ASP H 1658 47.84 47.82 69.15
N LEU H 1659 48.56 48.72 69.82
CA LEU H 1659 47.92 49.88 70.42
C LEU H 1659 47.49 50.89 69.36
N GLN H 1660 48.24 51.01 68.28
CA GLN H 1660 47.89 51.95 67.23
C GLN H 1660 46.56 51.62 66.58
N ARG H 1661 46.32 50.32 66.30
CA ARG H 1661 45.04 49.93 65.75
C ARG H 1661 43.91 50.21 66.72
N PHE H 1662 44.09 49.87 68.00
CA PHE H 1662 43.04 50.10 68.98
C PHE H 1662 42.74 51.58 69.14
N HIS H 1663 43.78 52.42 69.17
CA HIS H 1663 43.54 53.84 69.34
C HIS H 1663 42.96 54.47 68.08
N SER H 1664 43.37 53.99 66.91
CA SER H 1664 42.79 54.49 65.67
C SER H 1664 41.32 54.13 65.56
N HIS H 1665 40.96 52.92 66.01
CA HIS H 1665 39.55 52.53 66.03
C HIS H 1665 38.80 53.25 67.14
N THR H 1666 39.49 53.65 68.20
CA THR H 1666 38.86 54.48 69.23
C THR H 1666 38.42 55.81 68.65
N LEU H 1667 39.27 56.41 67.80
CA LEU H 1667 38.89 57.67 67.16
C LEU H 1667 37.68 57.47 66.24
N ARG H 1668 37.59 56.31 65.60
CA ARG H 1668 36.40 56.01 64.80
C ARG H 1668 35.16 55.96 65.68
N LEU H 1669 35.28 55.37 66.87
CA LEU H 1669 34.14 55.32 67.78
C LEU H 1669 33.77 56.71 68.27
N TYR H 1670 34.76 57.58 68.46
CA TYR H 1670 34.48 58.97 68.81
C TYR H 1670 33.67 59.65 67.71
N ARG H 1671 34.05 59.43 66.46
CA ARG H 1671 33.32 60.05 65.36
C ARG H 1671 31.97 59.41 65.15
N ALA H 1672 31.81 58.14 65.54
CA ALA H 1672 30.54 57.46 65.36
C ALA H 1672 29.48 57.95 66.35
N VAL H 1673 29.88 58.16 67.61
CA VAL H 1673 28.90 58.55 68.61
C VAL H 1673 28.39 59.96 68.37
N CYS H 1674 29.21 60.84 67.81
CA CYS H 1674 28.81 62.20 67.50
C CYS H 1674 28.44 62.40 66.03
N ALA H 1675 28.28 61.32 65.29
CA ALA H 1675 28.00 61.43 63.87
C ALA H 1675 26.59 61.95 63.62
N LEU H 1676 26.45 62.67 62.50
CA LEU H 1676 25.15 63.12 61.99
C LEU H 1676 24.41 63.99 63.00
N GLY H 1677 25.11 65.01 63.49
CA GLY H 1677 24.49 66.08 64.23
C GLY H 1677 24.21 65.81 65.69
N ASN H 1678 24.95 64.89 66.33
CA ASN H 1678 24.78 64.64 67.75
C ASN H 1678 25.67 65.62 68.51
N ASN H 1679 25.23 66.88 68.55
CA ASN H 1679 26.01 67.93 69.17
C ASN H 1679 26.14 67.76 70.68
N ARG H 1680 25.18 67.10 71.31
CA ARG H 1680 25.29 66.85 72.75
C ARG H 1680 26.48 65.94 73.05
N VAL H 1681 26.65 64.88 72.25
CA VAL H 1681 27.78 63.99 72.43
C VAL H 1681 29.08 64.68 72.03
N ALA H 1682 29.05 65.49 70.98
CA ALA H 1682 30.24 66.19 70.54
C ALA H 1682 30.77 67.13 71.62
N HIS H 1683 29.88 67.75 72.40
CA HIS H 1683 30.32 68.55 73.52
C HIS H 1683 31.02 67.70 74.57
N ALA H 1684 30.52 66.49 74.81
CA ALA H 1684 31.16 65.58 75.77
C ALA H 1684 32.54 65.16 75.30
N LEU H 1685 32.71 64.96 74.00
CA LEU H 1685 34.01 64.57 73.45
C LEU H 1685 35.05 65.67 73.61
N CYS H 1686 34.65 66.92 73.74
CA CYS H 1686 35.59 68.00 73.99
C CYS H 1686 36.27 67.87 75.35
N SER H 1687 35.71 67.07 76.25
CA SER H 1687 36.34 66.81 77.54
C SER H 1687 37.37 65.69 77.47
N HIS H 1688 37.32 64.85 76.45
CA HIS H 1688 38.26 63.75 76.28
C HIS H 1688 39.40 64.09 75.33
N VAL H 1689 39.09 64.68 74.18
CA VAL H 1689 40.09 65.18 73.25
C VAL H 1689 39.86 66.69 73.18
N ASP H 1690 40.59 67.44 73.98
CA ASP H 1690 40.38 68.88 74.08
C ASP H 1690 40.89 69.58 72.83
N GLN H 1691 40.62 70.89 72.75
CA GLN H 1691 40.99 71.66 71.58
C GLN H 1691 42.50 71.77 71.44
N ALA H 1692 43.22 71.86 72.57
CA ALA H 1692 44.68 71.94 72.50
C ALA H 1692 45.29 70.68 71.91
N GLN H 1693 44.74 69.51 72.26
CA GLN H 1693 45.25 68.27 71.68
C GLN H 1693 45.00 68.21 70.19
N LEU H 1694 43.79 68.57 69.76
CA LEU H 1694 43.46 68.50 68.34
C LEU H 1694 44.35 69.43 67.52
N LEU H 1695 44.53 70.66 67.99
CA LEU H 1695 45.39 71.59 67.27
C LEU H 1695 46.83 71.12 67.26
N HIS H 1696 47.30 70.51 68.34
CA HIS H 1696 48.64 69.96 68.39
C HIS H 1696 48.80 68.83 67.38
N ALA H 1697 47.80 67.96 67.26
CA ALA H 1697 47.91 66.80 66.38
C ALA H 1697 47.95 67.19 64.91
N LEU H 1698 47.33 68.32 64.54
CA LEU H 1698 47.33 68.72 63.14
C LEU H 1698 48.73 69.04 62.65
N GLU H 1699 49.52 69.71 63.48
CA GLU H 1699 50.87 70.13 63.11
C GLU H 1699 51.94 69.10 63.47
N ASP H 1700 51.57 68.00 64.11
CA ASP H 1700 52.55 67.00 64.53
C ASP H 1700 53.03 66.25 63.31
N ALA H 1701 54.34 66.33 63.03
CA ALA H 1701 54.91 65.72 61.84
C ALA H 1701 55.34 64.27 62.05
N HIS H 1702 55.32 63.77 63.28
CA HIS H 1702 55.74 62.40 63.56
C HIS H 1702 54.59 61.48 63.91
N LEU H 1703 53.35 61.94 63.83
CA LEU H 1703 52.23 61.07 64.09
C LEU H 1703 52.13 60.00 63.02
N PRO H 1704 51.80 58.76 63.40
CA PRO H 1704 51.52 57.74 62.39
C PRO H 1704 50.32 58.13 61.55
N GLY H 1705 50.30 57.62 60.32
CA GLY H 1705 49.27 57.97 59.36
C GLY H 1705 47.85 57.75 59.85
N PRO H 1706 47.55 56.55 60.37
CA PRO H 1706 46.20 56.31 60.90
C PRO H 1706 45.80 57.27 62.01
N LEU H 1707 46.73 57.64 62.88
CA LEU H 1707 46.40 58.59 63.95
C LEU H 1707 46.27 60.01 63.39
N ARG H 1708 47.16 60.39 62.47
CA ARG H 1708 47.06 61.72 61.87
C ARG H 1708 45.74 61.89 61.13
N ALA H 1709 45.34 60.90 60.34
CA ALA H 1709 44.07 60.97 59.65
C ALA H 1709 42.90 60.97 60.62
N GLY H 1710 42.99 60.18 61.68
CA GLY H 1710 41.89 60.09 62.63
C GLY H 1710 41.65 61.38 63.40
N TYR H 1711 42.72 62.05 63.79
CA TYR H 1711 42.56 63.30 64.53
C TYR H 1711 42.06 64.43 63.65
N TYR H 1712 42.46 64.44 62.37
CA TYR H 1712 41.91 65.43 61.45
C TYR H 1712 40.41 65.22 61.27
N ASP H 1713 39.99 63.96 61.12
CA ASP H 1713 38.56 63.68 61.00
C ASP H 1713 37.83 63.89 62.32
N LEU H 1714 38.51 63.67 63.45
CA LEU H 1714 37.87 63.92 64.74
C LEU H 1714 37.59 65.41 64.95
N LEU H 1715 38.51 66.27 64.50
CA LEU H 1715 38.27 67.70 64.60
C LEU H 1715 37.10 68.12 63.74
N ILE H 1716 37.00 67.57 62.53
CA ILE H 1716 35.87 67.89 61.65
C ILE H 1716 34.56 67.40 62.24
N SER H 1717 34.55 66.18 62.78
CA SER H 1717 33.33 65.61 63.31
C SER H 1717 32.81 66.39 64.51
N ILE H 1718 33.71 66.77 65.42
CA ILE H 1718 33.29 67.44 66.64
C ILE H 1718 32.82 68.86 66.34
N HIS H 1719 33.56 69.58 65.49
CA HIS H 1719 33.39 71.02 65.37
C HIS H 1719 32.83 71.48 64.03
N LEU H 1720 33.04 70.73 62.95
CA LEU H 1720 32.72 71.23 61.62
C LEU H 1720 31.70 70.40 60.86
N GLU H 1721 31.49 69.13 61.23
CA GLU H 1721 30.67 68.24 60.41
C GLU H 1721 29.22 68.73 60.33
N SER H 1722 28.66 69.16 61.46
CA SER H 1722 27.27 69.59 61.47
C SER H 1722 27.08 70.90 60.71
N ALA H 1723 27.96 71.87 60.94
CA ALA H 1723 27.84 73.16 60.28
C ALA H 1723 28.03 73.04 58.77
N CYS H 1724 28.99 72.23 58.34
CA CYS H 1724 29.23 72.07 56.91
C CYS H 1724 28.04 71.43 56.21
N ARG H 1725 27.46 70.41 56.83
CA ARG H 1725 26.33 69.71 56.21
C ARG H 1725 25.12 70.62 56.06
N SER H 1726 24.82 71.41 57.09
CA SER H 1726 23.69 72.33 57.01
C SER H 1726 23.93 73.41 55.97
N ARG H 1727 25.16 73.92 55.90
CA ARG H 1727 25.49 74.92 54.89
C ARG H 1727 25.43 74.33 53.49
N ARG H 1728 25.92 73.11 53.32
CA ARG H 1728 25.94 72.49 52.00
C ARG H 1728 24.53 72.28 51.45
N SER H 1729 23.58 71.95 52.34
CA SER H 1729 22.20 71.78 51.89
C SER H 1729 21.63 73.07 51.33
N MET H 1730 22.06 74.20 51.87
CA MET H 1730 21.57 75.51 51.44
C MET H 1730 22.33 76.07 50.25
N LEU H 1731 23.37 75.39 49.77
CA LEU H 1731 24.15 75.90 48.65
C LEU H 1731 23.53 75.60 47.30
N SER H 1732 22.49 74.77 47.25
CA SER H 1732 21.85 74.45 45.99
C SER H 1732 20.73 75.40 45.61
N GLU H 1733 20.37 76.33 46.50
CA GLU H 1733 19.34 77.32 46.22
C GLU H 1733 19.94 78.71 46.27
N TYR H 1734 19.39 79.61 45.46
CA TYR H 1734 19.90 80.97 45.31
C TYR H 1734 18.76 81.95 45.53
N ILE H 1735 18.58 82.38 46.78
CA ILE H 1735 17.61 83.39 47.13
C ILE H 1735 18.35 84.72 47.20
N VAL H 1736 18.23 85.52 46.14
CA VAL H 1736 19.02 86.74 45.98
C VAL H 1736 18.16 87.93 46.37
N PRO H 1737 18.48 88.64 47.45
CA PRO H 1737 17.76 89.87 47.76
C PRO H 1737 18.09 90.97 46.77
N LEU H 1738 17.11 91.83 46.52
CA LEU H 1738 17.28 92.95 45.59
C LEU H 1738 17.81 94.16 46.36
N THR H 1739 19.00 93.99 46.89
CA THR H 1739 19.72 94.99 47.66
C THR H 1739 20.70 95.75 46.77
N PRO H 1740 21.13 96.95 47.16
CA PRO H 1740 22.08 97.69 46.33
C PRO H 1740 23.40 96.98 46.13
N GLU H 1741 23.80 96.10 47.06
CA GLU H 1741 24.99 95.29 46.83
C GLU H 1741 24.78 94.32 45.67
N THR H 1742 23.59 93.75 45.55
CA THR H 1742 23.28 92.88 44.44
C THR H 1742 23.31 93.63 43.12
N ARG H 1743 22.78 94.86 43.10
CA ARG H 1743 22.71 95.62 41.86
CA ARG H 1743 22.71 95.62 41.86
C ARG H 1743 24.09 95.84 41.25
N ALA H 1744 25.13 95.90 42.08
CA ALA H 1744 26.47 96.15 41.58
C ALA H 1744 27.15 94.89 41.06
N ILE H 1745 26.55 93.71 41.21
CA ILE H 1745 27.19 92.48 40.76
C ILE H 1745 27.13 92.40 39.24
N THR H 1746 28.26 92.09 38.62
CA THR H 1746 28.35 91.93 37.18
C THR H 1746 29.03 90.60 36.87
N LEU H 1747 28.76 90.09 35.67
CA LEU H 1747 29.36 88.83 35.24
C LEU H 1747 30.87 88.92 35.19
N PHE H 1748 31.39 90.03 34.66
CA PHE H 1748 32.82 90.22 34.54
C PHE H 1748 33.25 91.41 35.38
N PRO H 1749 34.46 91.39 35.92
CA PRO H 1749 34.93 92.53 36.69
C PRO H 1749 35.02 93.76 35.82
N PRO H 1750 34.81 94.95 36.39
CA PRO H 1750 34.81 96.17 35.57
C PRO H 1750 36.15 96.42 34.91
N GLY H 1751 36.17 96.44 33.59
CA GLY H 1751 37.41 96.56 32.86
C GLY H 1751 37.19 97.03 31.43
N ARG H 1752 38.21 96.84 30.61
CA ARG H 1752 38.27 97.39 29.26
C ARG H 1752 38.76 96.37 28.23
N LYS H 1753 38.80 95.09 28.60
CA LYS H 1753 39.29 94.07 27.67
C LYS H 1753 38.38 93.95 26.45
N GLY H 1754 37.08 93.85 26.67
CA GLY H 1754 36.13 93.72 25.57
C GLY H 1754 34.71 93.96 26.04
N GLY H 1755 33.94 94.63 25.20
CA GLY H 1755 32.53 94.84 25.51
C GLY H 1755 31.75 93.55 25.54
N ASN H 1756 32.05 92.64 24.61
CA ASN H 1756 31.39 91.34 24.62
C ASN H 1756 31.74 90.54 25.85
N ALA H 1757 33.01 90.60 26.28
CA ALA H 1757 33.46 89.88 27.47
C ALA H 1757 34.82 90.40 27.89
N ARG H 1758 34.98 90.68 29.17
CA ARG H 1758 36.29 90.95 29.75
C ARG H 1758 36.92 89.61 30.14
N ARG H 1759 37.99 89.64 30.90
CA ARG H 1759 38.58 88.41 31.42
C ARG H 1759 37.86 87.97 32.69
N HIS H 1760 37.82 86.65 32.90
CA HIS H 1760 37.18 86.11 34.08
C HIS H 1760 37.93 86.52 35.34
N GLY H 1761 37.18 86.76 36.41
CA GLY H 1761 37.79 86.95 37.71
C GLY H 1761 38.11 85.63 38.36
N LEU H 1762 38.73 85.71 39.53
CA LEU H 1762 39.06 84.50 40.27
C LEU H 1762 37.80 83.88 40.85
N PRO H 1763 37.59 82.59 40.68
CA PRO H 1763 36.39 81.96 41.26
C PRO H 1763 36.42 82.02 42.78
N GLY H 1764 35.24 82.20 43.36
CA GLY H 1764 35.11 82.33 44.80
C GLY H 1764 35.54 83.67 45.35
N VAL H 1765 35.86 84.64 44.50
CA VAL H 1765 36.30 85.96 44.92
C VAL H 1765 35.31 86.98 44.39
N GLY H 1766 34.79 87.81 45.29
CA GLY H 1766 33.86 88.84 44.92
C GLY H 1766 32.72 88.92 45.92
N VAL H 1767 31.63 89.55 45.49
CA VAL H 1767 30.47 89.77 46.33
C VAL H 1767 29.43 88.72 46.00
N THR H 1768 28.98 87.99 47.03
CA THR H 1768 27.88 87.06 46.91
C THR H 1768 26.79 87.48 47.88
N THR H 1769 25.55 87.59 47.38
CA THR H 1769 24.45 88.07 48.18
C THR H 1769 23.39 87.00 48.44
N SER H 1770 23.53 85.81 47.87
CA SER H 1770 22.55 84.75 48.10
C SER H 1770 22.47 84.42 49.59
N LEU H 1771 21.24 84.24 50.07
CA LEU H 1771 21.03 84.07 51.50
C LEU H 1771 21.47 82.70 51.97
N ARG H 1772 22.34 82.69 52.97
CA ARG H 1772 22.75 81.47 53.66
C ARG H 1772 22.68 81.74 55.16
N PRO H 1773 21.98 80.92 55.93
CA PRO H 1773 21.88 81.14 57.37
C PRO H 1773 23.25 81.02 58.03
N PRO H 1774 23.51 81.82 59.06
CA PRO H 1774 24.82 81.79 59.70
C PRO H 1774 25.03 80.53 60.53
N HIS H 1775 26.29 80.27 60.83
CA HIS H 1775 26.64 79.16 61.71
C HIS H 1775 26.39 79.53 63.16
N HIS H 1776 26.05 78.53 63.97
CA HIS H 1776 25.81 78.71 65.39
C HIS H 1776 26.64 77.70 66.18
N PHE H 1777 27.38 78.19 67.17
CA PHE H 1777 28.23 77.37 67.99
C PHE H 1777 28.06 77.74 69.45
N SER H 1778 28.31 76.77 70.32
CA SER H 1778 28.26 77.00 71.76
C SER H 1778 29.61 76.69 72.39
N PRO H 1779 30.09 77.52 73.29
CA PRO H 1779 31.39 77.29 73.93
C PRO H 1779 31.36 76.02 74.75
N PRO H 1780 32.37 75.16 74.62
CA PRO H 1780 32.43 73.93 75.43
C PRO H 1780 32.87 74.26 76.86
N CYS H 1781 31.92 74.18 77.79
CA CYS H 1781 32.19 74.49 79.19
C CYS H 1781 31.47 73.48 80.06
N PHE H 1782 32.18 72.93 81.04
CA PHE H 1782 31.64 71.88 81.90
C PHE H 1782 31.63 72.31 83.36
N VAL H 1783 31.27 73.57 83.62
CA VAL H 1783 31.04 74.04 84.98
C VAL H 1783 29.68 74.75 85.03
N ALA H 1784 28.91 74.62 83.96
CA ALA H 1784 27.60 75.24 83.88
C ALA H 1784 26.56 74.42 84.63
N ALA H 1785 25.53 75.10 85.12
CA ALA H 1785 24.51 74.44 85.93
C ALA H 1785 23.60 73.57 85.05
N LEU H 1786 22.97 72.59 85.70
CA LEU H 1786 22.03 71.72 84.99
C LEU H 1786 20.80 72.51 84.59
N PRO H 1787 20.38 72.44 83.32
CA PRO H 1787 19.12 73.07 82.92
C PRO H 1787 17.94 72.42 83.65
N ALA H 1788 17.02 73.26 84.12
CA ALA H 1788 15.84 72.76 84.82
C ALA H 1788 14.85 72.10 83.88
N ALA H 1789 14.97 72.32 82.57
CA ALA H 1789 14.07 71.72 81.61
C ALA H 1789 14.31 70.21 81.52
N GLY H 1790 13.22 69.47 81.36
CA GLY H 1790 13.33 68.03 81.25
C GLY H 1790 13.80 67.56 79.89
N VAL H 1791 13.98 66.25 79.78
CA VAL H 1791 14.41 65.66 78.51
C VAL H 1791 13.31 65.84 77.47
N ALA H 1792 13.72 65.98 76.21
CA ALA H 1792 12.86 66.19 75.04
C ALA H 1792 12.12 67.52 75.10
N GLU H 1793 12.42 68.38 76.07
CA GLU H 1793 11.81 69.70 76.17
C GLU H 1793 12.83 70.83 76.19
N ALA H 1794 14.08 70.53 76.51
CA ALA H 1794 15.14 71.54 76.46
C ALA H 1794 15.47 71.88 75.01
N PRO H 1795 15.99 73.08 74.76
CA PRO H 1795 16.34 73.46 73.38
C PRO H 1795 17.48 72.59 72.85
N ALA H 1796 17.52 72.47 71.52
CA ALA H 1796 18.55 71.66 70.88
C ALA H 1796 19.93 72.23 71.12
N ARG H 1797 20.93 71.35 71.15
CA ARG H 1797 22.29 71.75 71.48
C ARG H 1797 23.06 72.11 70.20
N LEU H 1798 23.89 73.14 70.30
CA LEU H 1798 24.70 73.59 69.18
C LEU H 1798 26.07 72.91 69.20
N SER H 1799 26.76 73.00 68.06
CA SER H 1799 28.08 72.39 67.94
C SER H 1799 29.09 73.12 68.82
N PRO H 1800 30.09 72.41 69.33
CA PRO H 1800 31.13 73.07 70.11
C PRO H 1800 31.90 74.07 69.27
N ALA H 1801 32.37 75.12 69.91
CA ALA H 1801 33.03 76.22 69.22
C ALA H 1801 34.54 76.03 69.25
N ILE H 1802 35.17 76.24 68.10
CA ILE H 1802 36.63 76.26 67.99
C ILE H 1802 36.97 77.51 67.18
N PRO H 1803 38.01 78.26 67.54
CA PRO H 1803 38.33 79.49 66.80
C PRO H 1803 38.56 79.23 65.32
N LEU H 1804 37.65 79.73 64.48
CA LEU H 1804 37.72 79.48 63.05
C LEU H 1804 38.77 80.34 62.37
N GLU H 1805 38.95 81.58 62.85
CA GLU H 1805 39.94 82.46 62.26
C GLU H 1805 41.35 81.92 62.42
N ALA H 1806 41.66 81.39 63.60
CA ALA H 1806 42.97 80.78 63.81
C ALA H 1806 43.08 79.46 63.08
N LEU H 1807 41.99 78.70 63.00
CA LEU H 1807 42.02 77.39 62.35
C LEU H 1807 42.27 77.53 60.85
N ARG H 1808 41.65 78.52 60.20
CA ARG H 1808 41.84 78.69 58.77
C ARG H 1808 43.24 79.15 58.44
N ASP H 1809 43.87 79.93 59.31
CA ASP H 1809 45.25 80.34 59.08
C ASP H 1809 46.20 79.17 59.23
N LYS H 1810 45.96 78.30 60.21
CA LYS H 1810 46.79 77.12 60.37
C LYS H 1810 46.63 76.16 59.21
N ALA H 1811 45.39 75.97 58.74
CA ALA H 1811 45.16 75.08 57.60
C ALA H 1811 45.82 75.60 56.34
N LEU H 1812 45.74 76.92 56.10
CA LEU H 1812 46.41 77.51 54.95
C LEU H 1812 47.92 77.35 55.04
N ARG H 1813 48.49 77.62 56.21
CA ARG H 1813 49.92 77.45 56.39
C ARG H 1813 50.33 75.98 56.24
N MET H 1814 49.55 75.08 56.82
CA MET H 1814 49.85 73.66 56.74
C MET H 1814 49.79 73.17 55.30
N LEU H 1815 48.76 73.58 54.55
CA LEU H 1815 48.69 73.22 53.14
C LEU H 1815 49.84 73.86 52.37
N GLY H 1816 50.15 75.12 52.67
CA GLY H 1816 51.25 75.80 52.00
C GLY H 1816 52.58 75.13 52.24
N GLU H 1817 52.78 74.61 53.45
CA GLU H 1817 53.98 73.83 53.71
C GLU H 1817 53.95 72.52 52.95
N ALA H 1818 52.78 71.87 52.88
CA ALA H 1818 52.68 70.58 52.22
C ALA H 1818 52.99 70.68 50.73
N VAL H 1819 52.47 71.72 50.06
CA VAL H 1819 52.79 71.90 48.65
C VAL H 1819 54.28 72.21 48.48
N ARG H 1820 54.83 73.02 49.37
CA ARG H 1820 56.27 73.26 49.35
C ARG H 1820 57.04 71.98 49.72
N ASP H 1821 56.55 71.24 50.72
CA ASP H 1821 57.21 69.98 51.09
C ASP H 1821 57.10 68.95 49.98
N GLY H 1822 55.92 68.84 49.36
CA GLY H 1822 55.72 67.83 48.34
C GLY H 1822 56.64 68.00 47.14
N GLY H 1823 56.88 69.24 46.73
CA GLY H 1823 57.77 69.48 45.62
C GLY H 1823 59.22 69.18 45.95
N GLN H 1824 59.57 69.18 47.24
CA GLN H 1824 60.92 68.84 47.65
C GLN H 1824 61.23 67.35 47.45
N HIS H 1825 60.20 66.51 47.37
CA HIS H 1825 60.36 65.07 47.15
C HIS H 1825 61.22 64.42 48.22
N ALA H 1826 60.86 64.66 49.48
CA ALA H 1826 61.58 64.06 50.60
C ALA H 1826 61.20 62.59 50.75
N ARG H 1827 62.06 61.84 51.42
CA ARG H 1827 61.85 60.41 51.57
C ARG H 1827 61.09 60.05 52.83
N ASP H 1828 60.73 61.02 53.66
CA ASP H 1828 59.93 60.79 54.87
C ASP H 1828 58.79 61.79 54.88
N PRO H 1829 57.76 61.58 54.07
CA PRO H 1829 56.61 62.48 54.08
C PRO H 1829 55.85 62.37 55.39
N VAL H 1830 55.21 63.48 55.76
CA VAL H 1830 54.45 63.51 57.00
C VAL H 1830 53.33 62.48 56.93
N GLY H 1831 53.21 61.68 57.99
CA GLY H 1831 52.25 60.61 58.02
C GLY H 1831 52.73 59.29 57.44
N GLY H 1832 53.94 59.26 56.87
CA GLY H 1832 54.47 58.06 56.29
C GLY H 1832 54.22 57.88 54.82
N SER H 1833 53.37 58.70 54.21
CA SER H 1833 53.07 58.59 52.79
C SER H 1833 52.55 59.93 52.31
N VAL H 1834 52.57 60.10 50.98
CA VAL H 1834 52.02 61.32 50.38
C VAL H 1834 50.53 61.40 50.63
N GLU H 1835 49.83 60.26 50.61
CA GLU H 1835 48.41 60.24 50.89
C GLU H 1835 48.10 60.75 52.29
N PHE H 1836 48.87 60.29 53.28
CA PHE H 1836 48.61 60.69 54.66
C PHE H 1836 49.06 62.13 54.93
N GLN H 1837 49.83 62.73 54.03
CA GLN H 1837 50.25 64.12 54.20
C GLN H 1837 49.24 65.10 53.63
N PHE H 1838 48.63 64.78 52.50
CA PHE H 1838 47.77 65.72 51.77
C PHE H 1838 46.30 65.51 52.04
N VAL H 1839 45.83 64.26 52.11
CA VAL H 1839 44.40 64.00 52.24
C VAL H 1839 43.81 64.62 53.51
N PRO H 1840 44.40 64.45 54.70
CA PRO H 1840 43.81 65.12 55.88
C PRO H 1840 43.76 66.63 55.76
N VAL H 1841 44.79 67.24 55.19
CA VAL H 1841 44.81 68.70 55.09
C VAL H 1841 43.78 69.18 54.07
N LEU H 1842 43.69 68.50 52.93
CA LEU H 1842 42.72 68.90 51.91
C LEU H 1842 41.30 68.69 52.38
N LYS H 1843 41.05 67.69 53.23
CA LYS H 1843 39.73 67.54 53.82
C LYS H 1843 39.38 68.72 54.71
N LEU H 1844 40.36 69.22 55.47
CA LEU H 1844 40.13 70.36 56.33
C LEU H 1844 39.89 71.64 55.52
N VAL H 1845 40.72 71.87 54.50
CA VAL H 1845 40.55 73.06 53.67
C VAL H 1845 39.23 73.03 52.92
N SER H 1846 38.89 71.87 52.35
CA SER H 1846 37.63 71.75 51.63
C SER H 1846 36.45 71.99 52.54
N THR H 1847 36.51 71.48 53.77
CA THR H 1847 35.42 71.71 54.72
C THR H 1847 35.27 73.18 55.05
N LEU H 1848 36.38 73.88 55.28
CA LEU H 1848 36.31 75.30 55.63
C LEU H 1848 35.89 76.14 54.43
N LEU H 1849 36.19 75.70 53.21
CA LEU H 1849 35.74 76.43 52.04
C LEU H 1849 34.23 76.40 51.92
N VAL H 1850 33.61 75.25 52.20
CA VAL H 1850 32.17 75.12 52.06
C VAL H 1850 31.46 76.01 53.08
N MET H 1851 31.95 76.03 54.32
CA MET H 1851 31.33 76.87 55.34
C MET H 1851 31.58 78.35 55.13
N GLY H 1852 32.43 78.72 54.18
CA GLY H 1852 32.68 80.12 53.91
C GLY H 1852 33.60 80.80 54.90
N ILE H 1853 34.48 80.04 55.56
CA ILE H 1853 35.38 80.63 56.54
C ILE H 1853 36.42 81.49 55.86
N PHE H 1854 36.94 81.04 54.72
CA PHE H 1854 38.00 81.77 54.03
C PHE H 1854 37.47 83.05 53.40
N GLY H 1855 38.25 84.12 53.53
CA GLY H 1855 37.95 85.38 52.89
C GLY H 1855 38.49 85.43 51.47
N ASP H 1856 38.31 86.59 50.84
CA ASP H 1856 38.76 86.76 49.47
C ASP H 1856 40.27 86.61 49.35
N GLU H 1857 41.02 87.18 50.30
CA GLU H 1857 42.47 87.06 50.26
C GLU H 1857 42.91 85.63 50.51
N ASP H 1858 42.23 84.91 51.41
CA ASP H 1858 42.56 83.51 51.65
C ASP H 1858 42.28 82.65 50.43
N VAL H 1859 41.16 82.91 49.75
CA VAL H 1859 40.81 82.12 48.57
C VAL H 1859 41.85 82.29 47.47
N LYS H 1860 42.39 83.50 47.33
CA LYS H 1860 43.41 83.73 46.31
C LYS H 1860 44.65 82.86 46.55
N GLN H 1861 45.04 82.72 47.82
CA GLN H 1861 46.19 81.88 48.13
C GLN H 1861 45.93 80.42 47.77
N ILE H 1862 44.75 79.91 48.10
CA ILE H 1862 44.42 78.52 47.79
C ILE H 1862 44.51 78.30 46.29
N LEU H 1863 44.05 79.27 45.51
CA LEU H 1863 44.15 79.17 44.05
C LEU H 1863 45.60 79.15 43.61
N LYS H 1864 46.47 79.92 44.29
CA LYS H 1864 47.90 79.86 43.97
C LYS H 1864 48.48 78.49 44.25
N MET H 1865 48.11 77.87 45.38
CA MET H 1865 48.60 76.52 45.66
C MET H 1865 48.04 75.52 44.65
N ILE H 1866 46.83 75.75 44.16
CA ILE H 1866 46.25 74.84 43.17
C ILE H 1866 46.93 75.03 41.82
N GLU H 1867 47.07 76.28 41.38
CA GLU H 1867 47.66 76.57 40.08
C GLU H 1867 48.23 77.98 40.07
N PRO H 1868 49.55 78.13 40.26
CA PRO H 1868 50.12 79.48 40.34
C PRO H 1868 50.06 80.28 39.05
N GLU H 1869 49.87 79.64 37.90
CA GLU H 1869 49.89 80.38 36.64
C GLU H 1869 48.49 80.82 36.20
N VAL H 1870 47.49 79.95 36.34
CA VAL H 1870 46.15 80.29 35.85
C VAL H 1870 45.51 81.37 36.72
N PHE H 1871 45.72 81.29 38.03
CA PHE H 1871 44.97 82.11 38.98
C PHE H 1871 45.77 83.29 39.52
N THR H 1872 46.59 83.94 38.70
CA THR H 1872 47.22 85.20 39.05
C THR H 1872 46.36 86.35 38.54
N GLU H 1873 45.90 87.20 39.45
CA GLU H 1873 45.02 88.28 39.09
C GLU H 1873 45.82 89.50 38.66
N GLU H 1874 45.15 90.41 37.94
CA GLU H 1874 45.78 91.63 37.46
C GLU H 1874 44.72 92.66 37.08
N LEU H 1922 60.18 76.21 44.89
CA LEU H 1922 59.29 75.53 43.95
C LEU H 1922 57.83 75.87 44.24
N GLU H 1923 57.25 76.70 43.40
CA GLU H 1923 55.88 77.18 43.59
C GLU H 1923 54.87 76.37 42.79
N GLU H 1924 55.32 75.24 42.24
CA GLU H 1924 54.48 74.39 41.41
C GLU H 1924 53.22 73.98 42.16
N GLY H 1925 52.09 74.06 41.48
CA GLY H 1925 50.81 73.86 42.11
C GLY H 1925 50.50 72.42 42.43
N LEU H 1926 49.36 72.23 43.08
CA LEU H 1926 48.90 70.87 43.41
C LEU H 1926 48.62 70.07 42.16
N LEU H 1927 48.00 70.67 41.14
CA LEU H 1927 47.57 69.92 39.96
C LEU H 1927 48.73 69.39 39.13
N GLN H 1928 49.96 69.83 39.40
CA GLN H 1928 51.12 69.40 38.64
C GLN H 1928 52.11 68.60 39.50
N MET H 1929 51.61 67.84 40.47
CA MET H 1929 52.48 67.14 41.42
C MET H 1929 52.46 65.63 41.29
N LYS H 1930 51.57 65.07 40.48
CA LYS H 1930 51.48 63.62 40.28
C LYS H 1930 51.17 62.91 41.59
N LEU H 1931 50.01 63.25 42.15
CA LEU H 1931 49.52 62.72 43.41
C LEU H 1931 48.88 61.35 43.21
N PRO H 1932 48.74 60.57 44.28
CA PRO H 1932 47.95 59.34 44.18
C PRO H 1932 46.47 59.62 43.99
N GLU H 1933 45.67 58.57 43.87
CA GLU H 1933 44.25 58.75 43.56
C GLU H 1933 43.48 59.35 44.73
N SER H 1934 43.86 59.01 45.96
CA SER H 1934 43.15 59.54 47.12
C SER H 1934 43.28 61.06 47.21
N VAL H 1935 44.45 61.59 46.88
CA VAL H 1935 44.62 63.04 46.86
C VAL H 1935 43.85 63.65 45.69
N LYS H 1936 43.84 62.97 44.54
CA LYS H 1936 43.08 63.46 43.39
C LYS H 1936 41.60 63.59 43.71
N LEU H 1937 41.06 62.65 44.48
CA LEU H 1937 39.65 62.73 44.86
C LEU H 1937 39.39 63.98 45.71
N GLN H 1938 40.36 64.36 46.54
CA GLN H 1938 40.20 65.58 47.32
C GLN H 1938 40.37 66.83 46.47
N MET H 1939 41.19 66.76 45.43
CA MET H 1939 41.35 67.92 44.54
C MET H 1939 40.07 68.19 43.77
N CYS H 1940 39.34 67.13 43.41
CA CYS H 1940 38.05 67.31 42.75
C CYS H 1940 37.06 68.00 43.66
N ASN H 1941 37.12 67.72 44.96
CA ASN H 1941 36.24 68.41 45.90
C ASN H 1941 36.56 69.89 45.97
N LEU H 1942 37.84 70.25 45.89
CA LEU H 1942 38.21 71.66 45.83
C LEU H 1942 37.70 72.30 44.54
N LEU H 1943 37.90 71.63 43.41
CA LEU H 1943 37.48 72.20 42.13
C LEU H 1943 35.97 72.26 42.00
N GLU H 1944 35.25 71.28 42.56
CA GLU H 1944 33.80 71.34 42.50
C GLU H 1944 33.26 72.52 43.29
N TYR H 1945 33.97 72.92 44.34
CA TYR H 1945 33.58 74.12 45.07
C TYR H 1945 33.69 75.35 44.20
N PHE H 1946 34.82 75.53 43.53
CA PHE H 1946 35.01 76.71 42.69
C PHE H 1946 34.10 76.67 41.48
N CYS H 1947 33.69 75.48 41.05
CA CYS H 1947 32.73 75.38 39.96
C CYS H 1947 31.34 75.81 40.40
N ASP H 1948 30.97 75.50 41.65
CA ASP H 1948 29.70 75.99 42.18
C ASP H 1948 29.73 77.50 42.35
N GLN H 1949 30.88 78.05 42.72
CA GLN H 1949 30.97 79.50 42.89
C GLN H 1949 30.77 80.22 41.55
N GLU H 1950 31.34 79.67 40.48
CA GLU H 1950 31.10 80.23 39.15
C GLU H 1950 29.63 80.13 38.77
N LEU H 1951 29.00 79.00 39.08
CA LEU H 1951 27.56 78.86 38.84
C LEU H 1951 26.77 79.84 39.69
N GLN H 1952 27.15 79.99 40.96
CA GLN H 1952 26.46 80.94 41.83
C GLN H 1952 26.66 82.37 41.35
N HIS H 1953 27.85 82.68 40.83
CA HIS H 1953 28.10 84.02 40.32
C HIS H 1953 27.22 84.34 39.12
N ARG H 1954 27.04 83.37 38.22
CA ARG H 1954 26.19 83.59 37.06
C ARG H 1954 24.74 83.81 37.46
N VAL H 1955 24.25 83.04 38.44
CA VAL H 1955 22.88 83.20 38.91
C VAL H 1955 22.70 84.58 39.52
N GLU H 1956 23.64 85.00 40.36
CA GLU H 1956 23.54 86.32 40.99
C GLU H 1956 23.71 87.44 39.97
N SER H 1957 24.62 87.25 39.01
CA SER H 1957 24.78 88.25 37.96
C SER H 1957 23.53 88.35 37.11
N LEU H 1958 22.91 87.22 36.79
CA LEU H 1958 21.65 87.24 36.04
C LEU H 1958 20.55 87.90 36.86
N ALA H 1959 20.49 87.61 38.16
CA ALA H 1959 19.51 88.26 39.02
C ALA H 1959 19.80 89.76 39.12
N ALA H 1960 21.06 90.14 39.20
CA ALA H 1960 21.41 91.55 39.26
C ALA H 1960 20.99 92.28 37.99
N PHE H 1961 21.25 91.68 36.82
CA PHE H 1961 20.80 92.29 35.58
C PHE H 1961 19.28 92.35 35.50
N ALA H 1962 18.59 91.37 36.07
CA ALA H 1962 17.13 91.38 36.04
C ALA H 1962 16.59 92.60 36.76
N GLU H 1963 17.18 92.95 37.91
CA GLU H 1963 16.73 94.12 38.66
C GLU H 1963 16.91 95.41 37.86
N ARG H 1964 18.04 95.52 37.16
CA ARG H 1964 18.27 96.72 36.35
C ARG H 1964 17.35 96.76 35.14
N TYR H 1965 17.03 95.59 34.57
CA TYR H 1965 16.20 95.56 33.37
C TYR H 1965 14.72 95.80 33.66
N VAL H 1966 14.20 95.28 34.77
CA VAL H 1966 12.77 95.44 35.02
C VAL H 1966 12.42 96.91 35.19
N ASP H 1967 13.32 97.66 35.82
CA ASP H 1967 13.08 99.10 36.00
C ASP H 1967 12.94 99.80 34.66
N LYS H 1968 13.83 99.50 33.71
CA LYS H 1968 13.71 100.07 32.38
C LYS H 1968 12.45 99.58 31.68
N LEU H 1969 12.15 98.29 31.81
CA LEU H 1969 10.92 97.76 31.21
C LEU H 1969 9.70 98.39 31.85
N GLN H 1970 9.68 98.51 33.18
CA GLN H 1970 8.54 99.10 33.85
C GLN H 1970 8.43 100.59 33.55
N ALA H 1971 9.57 101.29 33.50
CA ALA H 1971 9.55 102.72 33.18
C ALA H 1971 9.05 102.95 31.76
N ASN H 1972 9.49 102.12 30.81
CA ASN H 1972 9.09 102.32 29.42
C ASN H 1972 7.62 101.98 29.21
N GLN H 1973 7.14 100.91 29.84
CA GLN H 1973 5.74 100.51 29.65
C GLN H 1973 4.80 101.57 30.20
N ARG H 1974 5.17 102.21 31.30
CA ARG H 1974 4.33 103.26 31.87
C ARG H 1974 4.21 104.44 30.92
N SER H 1975 5.31 104.81 30.27
CA SER H 1975 5.25 105.90 29.30
C SER H 1975 4.45 105.51 28.06
N ARG H 1976 4.56 104.25 27.62
CA ARG H 1976 3.80 103.81 26.45
C ARG H 1976 2.31 103.84 26.73
N TYR H 1977 1.90 103.41 27.92
CA TYR H 1977 0.48 103.49 28.28
C TYR H 1977 0.01 104.93 28.41
N ALA H 1978 0.93 105.85 28.74
CA ALA H 1978 0.54 107.24 28.91
C ALA H 1978 0.00 107.82 27.61
N LEU H 1979 0.67 107.54 26.49
CA LEU H 1979 0.23 108.09 25.21
C LEU H 1979 -0.87 107.27 24.56
N LEU H 1980 -1.02 106.00 24.95
CA LEU H 1980 -2.02 105.15 24.31
C LEU H 1980 -3.45 105.64 24.53
N MET H 1981 -3.72 106.30 25.66
CA MET H 1981 -5.04 106.89 25.87
C MET H 1981 -5.33 108.06 24.95
N ARG H 1982 -4.33 108.57 24.24
CA ARG H 1982 -4.51 109.64 23.26
C ARG H 1982 -4.61 109.11 21.84
N ALA H 1983 -4.71 107.79 21.66
CA ALA H 1983 -4.74 107.21 20.33
C ALA H 1983 -6.07 107.43 19.61
N PHE H 1984 -7.16 107.61 20.36
CA PHE H 1984 -8.47 107.77 19.72
C PHE H 1984 -8.52 108.98 18.80
N THR H 1985 -7.65 109.97 19.04
CA THR H 1985 -7.65 111.16 18.19
C THR H 1985 -6.93 110.94 16.87
N MET H 1986 -6.14 109.86 16.74
CA MET H 1986 -5.52 109.56 15.45
C MET H 1986 -5.55 108.06 15.12
N SER H 1987 -6.57 107.33 15.57
CA SER H 1987 -6.65 105.90 15.26
C SER H 1987 -8.12 105.49 15.24
N ALA H 1988 -8.35 104.19 15.31
CA ALA H 1988 -9.68 103.60 15.15
C ALA H 1988 -9.77 102.38 16.05
N ALA H 1989 -10.75 101.51 15.79
CA ALA H 1989 -10.99 100.35 16.64
C ALA H 1989 -9.79 99.40 16.69
N GLU H 1990 -8.75 99.68 15.92
CA GLU H 1990 -7.49 98.94 15.99
C GLU H 1990 -6.78 99.15 17.34
N THR H 1991 -7.21 100.15 18.11
CA THR H 1991 -6.64 100.38 19.44
C THR H 1991 -6.73 99.15 20.32
N ALA H 1992 -7.74 98.30 20.11
CA ALA H 1992 -7.83 97.06 20.86
C ALA H 1992 -6.59 96.19 20.63
N ARG H 1993 -6.00 96.26 19.44
CA ARG H 1993 -4.76 95.54 19.18
C ARG H 1993 -3.60 96.14 19.97
N ARG H 1994 -3.55 97.48 20.05
CA ARG H 1994 -2.45 98.12 20.78
C ARG H 1994 -2.57 97.91 22.28
N THR H 1995 -3.80 97.86 22.80
CA THR H 1995 -4.02 97.65 24.21
C THR H 1995 -4.18 96.18 24.57
N ARG H 1996 -3.87 95.27 23.64
CA ARG H 1996 -3.96 93.84 23.95
C ARG H 1996 -2.96 93.45 25.05
N GLU H 1997 -1.86 94.21 25.17
CA GLU H 1997 -0.91 93.96 26.25
C GLU H 1997 -1.53 94.30 27.60
N PHE H 1998 -2.18 95.46 27.69
CA PHE H 1998 -2.87 95.86 28.91
C PHE H 1998 -4.19 95.14 29.11
N ARG H 1999 -4.46 94.11 28.31
CA ARG H 1999 -5.58 93.19 28.55
C ARG H 1999 -5.08 91.74 28.62
N SER H 2000 -3.80 91.55 28.88
CA SER H 2000 -3.18 90.24 28.94
C SER H 2000 -2.43 90.07 30.25
N PRO H 2001 -2.34 88.84 30.76
CA PRO H 2001 -1.77 88.65 32.09
C PRO H 2001 -0.34 89.12 32.14
N PRO H 2002 0.14 89.58 33.29
CA PRO H 2002 1.48 90.19 33.37
C PRO H 2002 2.60 89.25 32.93
N GLN H 2003 2.47 87.95 33.17
CA GLN H 2003 3.46 87.01 32.66
C GLN H 2003 3.50 87.02 31.14
N GLU H 2004 2.34 87.09 30.50
CA GLU H 2004 2.30 87.16 29.04
C GLU H 2004 2.84 88.49 28.54
N GLN H 2005 2.68 89.57 29.30
CA GLN H 2005 3.21 90.86 28.88
C GLN H 2005 4.72 90.82 28.76
N ILE H 2006 5.40 90.25 29.76
CA ILE H 2006 6.86 90.22 29.76
C ILE H 2006 7.40 89.22 28.76
N ASN H 2007 6.64 88.16 28.45
CA ASN H 2007 7.05 87.25 27.39
C ASN H 2007 7.09 87.96 26.05
N MET H 2008 6.10 88.80 25.76
CA MET H 2008 6.05 89.49 24.48
C MET H 2008 7.05 90.65 24.44
N LEU H 2009 7.24 91.33 25.57
CA LEU H 2009 8.24 92.39 25.62
C LEU H 2009 9.64 91.83 25.45
N LEU H 2010 9.85 90.56 25.75
CA LEU H 2010 11.14 89.91 25.63
C LEU H 2010 11.25 89.09 24.34
N HIS H 2011 10.21 89.06 23.51
CA HIS H 2011 10.16 88.22 22.33
C HIS H 2011 10.69 88.99 21.12
N PHE H 2012 12.00 89.27 21.16
CA PHE H 2012 12.65 90.02 20.09
C PHE H 2012 14.03 89.47 19.77
N LYS H 2013 14.24 88.17 19.93
CA LYS H 2013 15.57 87.60 19.72
C LYS H 2013 15.81 87.14 18.28
N ASP H 2014 14.82 86.50 17.66
CA ASP H 2014 15.02 85.84 16.38
C ASP H 2014 14.96 86.80 15.19
N GLU H 2015 14.67 88.08 15.43
CA GLU H 2015 14.59 89.15 14.42
C GLU H 2015 13.36 89.03 13.54
N ALA H 2016 12.61 87.93 13.62
CA ALA H 2016 11.33 87.81 12.96
C ALA H 2016 10.17 88.23 13.85
N ASP H 2017 10.46 88.74 15.04
CA ASP H 2017 9.47 89.11 16.04
C ASP H 2017 9.61 90.57 16.43
N GLU H 2018 9.96 91.41 15.47
CA GLU H 2018 10.22 92.83 15.72
C GLU H 2018 8.99 93.70 15.50
N GLU H 2019 7.84 93.10 15.20
CA GLU H 2019 6.61 93.87 14.97
C GLU H 2019 5.67 93.82 16.17
N ASP H 2020 5.52 92.67 16.81
CA ASP H 2020 4.68 92.58 17.99
C ASP H 2020 5.36 93.18 19.23
N CYS H 2021 6.69 93.24 19.22
CA CYS H 2021 7.42 93.77 20.36
C CYS H 2021 7.46 95.29 20.28
N PRO H 2022 6.90 96.00 21.26
CA PRO H 2022 6.93 97.47 21.24
C PRO H 2022 8.15 98.09 21.91
N LEU H 2023 9.08 97.28 22.39
CA LEU H 2023 10.20 97.80 23.15
C LEU H 2023 11.11 98.65 22.26
N PRO H 2024 11.51 99.83 22.71
CA PRO H 2024 12.45 100.65 21.94
C PRO H 2024 13.78 99.94 21.78
N GLU H 2025 14.45 100.25 20.66
CA GLU H 2025 15.67 99.55 20.30
C GLU H 2025 16.80 99.81 21.29
N ASP H 2026 16.80 100.97 21.94
CA ASP H 2026 17.84 101.25 22.91
C ASP H 2026 17.77 100.28 24.09
N ILE H 2027 16.57 99.98 24.57
CA ILE H 2027 16.41 98.98 25.62
C ILE H 2027 16.71 97.59 25.09
N ARG H 2028 16.30 97.32 23.83
CA ARG H 2028 16.55 96.01 23.24
C ARG H 2028 18.04 95.70 23.19
N GLN H 2029 18.88 96.73 23.05
CA GLN H 2029 20.31 96.52 22.97
C GLN H 2029 20.87 96.00 24.28
N ASP H 2030 20.36 96.49 25.41
CA ASP H 2030 20.94 96.14 26.70
C ASP H 2030 20.86 94.64 26.96
N LEU H 2031 19.73 94.01 26.64
CA LEU H 2031 19.61 92.57 26.85
C LEU H 2031 20.54 91.79 25.94
N GLN H 2032 20.63 92.19 24.67
CA GLN H 2032 21.53 91.49 23.75
C GLN H 2032 22.98 91.69 24.14
N ASP H 2033 23.31 92.86 24.70
CA ASP H 2033 24.66 93.07 25.21
C ASP H 2033 24.97 92.13 26.37
N PHE H 2034 24.02 91.95 27.28
CA PHE H 2034 24.23 91.05 28.41
C PHE H 2034 24.19 89.59 27.99
N HIS H 2035 23.31 89.24 27.05
CA HIS H 2035 23.20 87.84 26.63
C HIS H 2035 24.49 87.35 26.00
N GLN H 2036 25.13 88.18 25.17
CA GLN H 2036 26.42 87.81 24.60
C GLN H 2036 27.47 87.67 25.70
N ASP H 2037 27.39 88.52 26.72
CA ASP H 2037 28.27 88.42 27.88
C ASP H 2037 28.07 87.13 28.66
N LEU H 2038 26.82 86.69 28.83
CA LEU H 2038 26.57 85.45 29.56
C LEU H 2038 27.11 84.25 28.82
N LEU H 2039 26.95 84.22 27.49
CA LEU H 2039 27.46 83.10 26.71
C LEU H 2039 28.98 83.02 26.78
N ALA H 2040 29.65 84.17 26.67
CA ALA H 2040 31.10 84.19 26.75
C ALA H 2040 31.59 83.78 28.12
N HIS H 2041 30.90 84.20 29.17
CA HIS H 2041 31.28 83.80 30.52
C HIS H 2041 31.10 82.31 30.73
N CYS H 2042 30.11 81.69 30.09
CA CYS H 2042 29.94 80.25 30.10
C CYS H 2042 30.86 79.55 29.11
N GLY H 2043 31.74 80.29 28.46
CA GLY H 2043 32.65 79.72 27.47
C GLY H 2043 31.97 79.17 26.24
N ILE H 2044 30.89 79.81 25.79
CA ILE H 2044 30.15 79.33 24.63
C ILE H 2044 30.87 79.74 23.35
N GLN H 2045 30.98 81.05 23.12
CA GLN H 2045 31.62 81.58 21.94
C GLN H 2045 31.93 83.06 22.18
N LEU H 2046 32.80 83.61 21.33
CA LEU H 2046 33.16 85.02 21.44
C LEU H 2046 33.43 85.60 20.06
N GLU H 2088 47.82 78.89 23.04
CA GLU H 2088 46.70 78.91 23.97
C GLU H 2088 46.79 77.77 24.97
N LYS H 2089 48.02 77.31 25.23
CA LYS H 2089 48.22 76.22 26.17
C LYS H 2089 47.86 76.60 27.60
N LYS H 2090 48.02 77.86 27.97
CA LYS H 2090 47.56 78.31 29.28
C LYS H 2090 46.04 78.20 29.33
N PRO H 2091 45.47 77.51 30.32
CA PRO H 2091 44.01 77.39 30.37
C PRO H 2091 43.29 78.72 30.47
N GLN H 2092 43.88 79.71 31.13
CA GLN H 2092 43.37 81.07 31.26
C GLN H 2092 42.05 81.13 32.02
N SER H 2093 41.52 80.00 32.48
CA SER H 2093 40.25 79.99 33.18
C SER H 2093 40.08 78.66 33.89
N LEU H 2094 39.19 78.63 34.87
CA LEU H 2094 38.87 77.39 35.56
C LEU H 2094 38.21 76.40 34.60
N GLN H 2095 37.49 76.91 33.60
CA GLN H 2095 36.74 76.06 32.70
C GLN H 2095 37.69 75.25 31.81
N GLU H 2096 38.84 75.81 31.46
CA GLU H 2096 39.78 75.08 30.61
C GLU H 2096 40.80 74.31 31.43
N LEU H 2097 41.10 74.77 32.64
CA LEU H 2097 42.05 74.05 33.49
C LEU H 2097 41.46 72.72 33.94
N VAL H 2098 40.21 72.73 34.40
CA VAL H 2098 39.59 71.49 34.87
C VAL H 2098 39.44 70.50 33.73
N SER H 2099 38.99 70.96 32.56
CA SER H 2099 38.77 70.04 31.45
C SER H 2099 40.07 69.36 31.03
N HIS H 2100 41.16 70.13 30.94
CA HIS H 2100 42.44 69.53 30.56
CA HIS H 2100 42.44 69.53 30.56
C HIS H 2100 42.98 68.65 31.67
N MET H 2101 42.77 69.05 32.93
CA MET H 2101 43.24 68.25 34.05
C MET H 2101 42.53 66.90 34.14
N VAL H 2102 41.23 66.87 33.83
CA VAL H 2102 40.50 65.61 33.90
C VAL H 2102 40.99 64.64 32.83
N VAL H 2103 41.09 65.11 31.58
CA VAL H 2103 41.43 64.21 30.48
C VAL H 2103 42.88 63.73 30.63
N ARG H 2104 43.76 64.62 31.10
CA ARG H 2104 45.16 64.22 31.28
C ARG H 2104 45.28 63.12 32.33
N TRP H 2105 44.53 63.24 33.43
CA TRP H 2105 44.58 62.19 34.45
C TRP H 2105 44.11 60.85 33.90
N ALA H 2106 43.05 60.86 33.10
CA ALA H 2106 42.48 59.62 32.59
C ALA H 2106 43.38 58.96 31.56
N GLN H 2107 44.09 59.75 30.77
CA GLN H 2107 44.99 59.19 29.76
C GLN H 2107 46.40 58.97 30.28
N GLU H 2108 46.65 59.25 31.55
CA GLU H 2108 47.93 58.92 32.15
C GLU H 2108 47.92 57.58 32.86
N ASP H 2109 46.76 57.14 33.34
CA ASP H 2109 46.66 55.84 34.00
C ASP H 2109 45.22 55.37 33.97
N TYR H 2110 45.04 54.07 34.19
CA TYR H 2110 43.73 53.48 34.34
C TYR H 2110 43.25 53.73 35.77
N VAL H 2111 42.39 54.73 35.95
CA VAL H 2111 41.93 55.10 37.28
C VAL H 2111 41.12 53.97 37.88
N GLN H 2112 41.47 53.55 39.09
CA GLN H 2112 40.89 52.38 39.72
C GLN H 2112 39.79 52.71 40.73
N SER H 2113 39.69 53.97 41.16
CA SER H 2113 38.70 54.33 42.17
C SER H 2113 37.41 54.76 41.47
N PRO H 2114 36.31 54.03 41.61
CA PRO H 2114 35.05 54.47 41.00
C PRO H 2114 34.58 55.81 41.54
N GLU H 2115 34.86 56.11 42.81
CA GLU H 2115 34.50 57.42 43.35
C GLU H 2115 35.26 58.53 42.66
N LEU H 2116 36.54 58.31 42.36
CA LEU H 2116 37.31 59.30 41.62
C LEU H 2116 36.82 59.42 40.19
N VAL H 2117 36.53 58.29 39.54
CA VAL H 2117 36.11 58.31 38.14
C VAL H 2117 34.81 59.09 37.99
N ARG H 2118 33.85 58.84 38.88
CA ARG H 2118 32.61 59.61 38.85
C ARG H 2118 32.89 61.07 39.17
N ALA H 2119 33.85 61.35 40.05
CA ALA H 2119 34.14 62.72 40.44
C ALA H 2119 34.70 63.52 39.28
N MET H 2120 35.62 62.93 38.50
CA MET H 2120 36.24 63.69 37.43
C MET H 2120 35.30 63.90 36.27
N PHE H 2121 34.51 62.87 35.93
CA PHE H 2121 33.61 62.98 34.79
C PHE H 2121 32.38 63.82 35.11
N SER H 2122 31.94 63.84 36.36
CA SER H 2122 30.92 64.80 36.76
C SER H 2122 31.48 66.22 36.66
N LEU H 2123 32.76 66.39 37.00
CA LEU H 2123 33.38 67.70 36.95
C LEU H 2123 33.71 68.11 35.52
N LEU H 2124 34.06 67.13 34.68
CA LEU H 2124 34.34 67.42 33.27
C LEU H 2124 33.09 67.87 32.53
N HIS H 2125 31.94 67.26 32.83
CA HIS H 2125 30.72 67.56 32.11
C HIS H 2125 30.26 69.00 32.38
N ARG H 2126 30.56 69.52 33.57
CA ARG H 2126 30.15 70.88 33.90
C ARG H 2126 30.91 71.91 33.07
N GLN H 2127 32.18 71.63 32.76
CA GLN H 2127 32.97 72.58 31.98
C GLN H 2127 32.45 72.68 30.56
N TYR H 2128 32.11 71.55 29.94
CA TYR H 2128 31.66 71.57 28.56
C TYR H 2128 30.26 72.15 28.45
N ASP H 2129 29.38 71.86 29.40
CA ASP H 2129 28.01 72.36 29.40
C ASP H 2129 27.88 73.33 30.57
N GLY H 2130 28.22 74.58 30.32
CA GLY H 2130 28.07 75.61 31.32
C GLY H 2130 26.70 76.26 31.25
N LEU H 2131 26.22 76.48 30.03
CA LEU H 2131 24.89 77.05 29.86
C LEU H 2131 23.81 76.10 30.36
N GLY H 2132 23.96 74.81 30.08
CA GLY H 2132 22.98 73.85 30.56
C GLY H 2132 22.98 73.74 32.07
N GLU H 2133 24.15 73.88 32.70
CA GLU H 2133 24.22 73.88 34.16
C GLU H 2133 23.46 75.07 34.73
N LEU H 2134 23.55 76.22 34.08
CA LEU H 2134 22.80 77.39 34.52
C LEU H 2134 21.30 77.19 34.37
N LEU H 2135 20.88 76.51 33.30
CA LEU H 2135 19.47 76.24 33.10
C LEU H 2135 18.88 75.39 34.21
N ARG H 2136 19.61 74.39 34.66
CA ARG H 2136 19.12 73.50 35.71
C ARG H 2136 19.24 74.10 37.10
N ALA H 2137 19.85 75.28 37.23
CA ALA H 2137 19.94 75.96 38.51
C ALA H 2137 18.93 77.09 38.68
N LEU H 2138 18.49 77.70 37.57
CA LEU H 2138 17.51 78.78 37.66
C LEU H 2138 16.21 78.40 38.37
N PRO H 2139 15.64 77.21 38.18
CA PRO H 2139 14.41 76.88 38.93
C PRO H 2139 14.56 77.01 40.44
N ARG H 2140 15.76 76.91 40.97
CA ARG H 2140 16.01 77.09 42.39
C ARG H 2140 16.51 78.49 42.71
N ALA H 2141 16.40 79.43 41.77
CA ALA H 2141 16.79 80.81 41.98
C ALA H 2141 15.54 81.67 42.18
N TYR H 2142 15.59 82.56 43.17
CA TYR H 2142 14.44 83.37 43.53
C TYR H 2142 14.92 84.72 44.02
N THR H 2143 14.21 85.77 43.64
CA THR H 2143 14.54 87.13 44.06
C THR H 2143 13.50 87.65 45.04
N ILE H 2144 13.96 88.19 46.15
CA ILE H 2144 13.09 88.68 47.20
C ILE H 2144 13.43 90.13 47.51
N SER H 2145 12.43 90.84 48.04
CA SER H 2145 12.64 92.21 48.46
C SER H 2145 13.56 92.25 49.68
N PRO H 2146 14.40 93.28 49.80
CA PRO H 2146 15.27 93.38 50.98
C PRO H 2146 14.50 93.48 52.28
N SER H 2147 13.26 93.95 52.26
CA SER H 2147 12.43 94.03 53.45
C SER H 2147 12.04 92.66 54.00
N SER H 2148 12.13 91.61 53.20
CA SER H 2148 11.73 90.27 53.61
C SER H 2148 12.93 89.36 53.85
N VAL H 2149 14.12 89.92 54.04
CA VAL H 2149 15.31 89.09 54.25
C VAL H 2149 15.25 88.43 55.63
N GLU H 2150 14.88 89.19 56.66
CA GLU H 2150 14.95 88.67 58.02
C GLU H 2150 13.97 87.50 58.23
N ASP H 2151 12.79 87.57 57.61
CA ASP H 2151 11.86 86.46 57.72
C ASP H 2151 12.31 85.26 56.91
N THR H 2152 12.91 85.50 55.74
CA THR H 2152 13.42 84.41 54.93
C THR H 2152 14.56 83.69 55.64
N MET H 2153 15.44 84.44 56.30
CA MET H 2153 16.54 83.82 57.03
C MET H 2153 16.01 82.94 58.15
N SER H 2154 14.99 83.41 58.86
CA SER H 2154 14.38 82.59 59.91
C SER H 2154 13.76 81.33 59.32
N LEU H 2155 13.13 81.45 58.15
CA LEU H 2155 12.51 80.30 57.52
C LEU H 2155 13.56 79.29 57.04
N LEU H 2156 14.72 79.78 56.61
CA LEU H 2156 15.79 78.88 56.19
C LEU H 2156 16.38 78.13 57.38
N GLU H 2157 16.47 78.80 58.54
CA GLU H 2157 16.95 78.11 59.73
C GLU H 2157 16.03 76.97 60.12
N CYS H 2158 14.71 77.21 60.08
CA CYS H 2158 13.76 76.16 60.42
C CYS H 2158 13.83 75.01 59.41
N LEU H 2159 13.97 75.33 58.13
CA LEU H 2159 14.11 74.30 57.11
C LEU H 2159 15.39 73.51 57.30
N GLY H 2160 16.46 74.17 57.72
CA GLY H 2160 17.70 73.47 58.00
C GLY H 2160 17.54 72.45 59.12
N GLN H 2161 16.76 72.80 60.15
CA GLN H 2161 16.47 71.84 61.21
C GLN H 2161 15.70 70.65 60.66
N ILE H 2162 14.71 70.90 59.80
CA ILE H 2162 13.91 69.82 59.26
C ILE H 2162 14.76 68.90 58.39
N ARG H 2163 15.62 69.48 57.56
CA ARG H 2163 16.46 68.67 56.68
C ARG H 2163 17.49 67.86 57.46
N SER H 2164 18.01 68.43 58.56
CA SER H 2164 19.00 67.71 59.35
C SER H 2164 18.44 66.47 60.00
N LEU H 2165 17.13 66.42 60.23
CA LEU H 2165 16.50 65.27 60.88
C LEU H 2165 16.09 64.19 59.89
N LEU H 2166 16.43 64.34 58.62
CA LEU H 2166 16.23 63.28 57.64
C LEU H 2166 17.23 62.14 57.78
N ILE H 2167 18.30 62.33 58.56
CA ILE H 2167 19.36 61.35 58.68
C ILE H 2167 19.48 60.82 60.11
N VAL H 2168 18.41 60.86 60.88
CA VAL H 2168 18.40 60.38 62.25
C VAL H 2168 17.08 59.66 62.49
N GLN H 2169 17.13 58.54 63.21
CA GLN H 2169 15.91 57.82 63.54
C GLN H 2169 14.99 58.68 64.38
N MET H 2170 13.69 58.52 64.16
CA MET H 2170 12.71 59.39 64.77
C MET H 2170 12.64 59.12 66.26
N GLY H 2171 12.55 60.19 67.05
CA GLY H 2171 12.54 60.06 68.49
C GLY H 2171 11.74 61.14 69.18
N PRO H 2172 11.55 60.98 70.49
CA PRO H 2172 10.78 61.99 71.25
C PRO H 2172 11.41 63.37 71.21
N GLN H 2173 12.73 63.46 71.23
CA GLN H 2173 13.38 64.77 71.17
C GLN H 2173 13.17 65.43 69.82
N GLU H 2174 13.25 64.65 68.74
CA GLU H 2174 13.06 65.21 67.41
C GLU H 2174 11.61 65.56 67.14
N GLU H 2175 10.67 64.92 67.85
CA GLU H 2175 9.26 65.14 67.56
C GLU H 2175 8.84 66.57 67.87
N ASN H 2176 9.23 67.08 69.04
CA ASN H 2176 8.87 68.46 69.37
C ASN H 2176 9.72 69.45 68.57
N LEU H 2177 10.85 68.99 68.05
CA LEU H 2177 11.65 69.83 67.17
C LEU H 2177 11.03 69.90 65.78
N MET H 2178 10.49 68.79 65.28
CA MET H 2178 9.69 68.84 64.06
C MET H 2178 8.47 69.73 64.24
N ILE H 2179 7.77 69.59 65.36
CA ILE H 2179 6.51 70.30 65.55
C ILE H 2179 6.74 71.81 65.57
N GLN H 2180 7.78 72.26 66.28
CA GLN H 2180 8.02 73.70 66.34
C GLN H 2180 8.67 74.22 65.07
N SER H 2181 9.49 73.40 64.39
CA SER H 2181 10.04 73.82 63.11
C SER H 2181 8.95 73.98 62.06
N ILE H 2182 8.01 73.04 62.03
CA ILE H 2182 6.84 73.18 61.15
C ILE H 2182 5.98 74.34 61.61
N GLY H 2183 5.78 74.46 62.92
CA GLY H 2183 4.95 75.54 63.43
C GLY H 2183 5.51 76.91 63.14
N ASN H 2184 6.82 77.09 63.29
CA ASN H 2184 7.43 78.40 63.03
C ASN H 2184 7.27 78.80 61.57
N ILE H 2185 7.21 77.82 60.67
CA ILE H 2185 7.09 78.12 59.26
C ILE H 2185 5.71 78.70 58.94
N MET H 2186 4.66 78.08 59.49
CA MET H 2186 3.32 78.60 59.24
C MET H 2186 3.12 80.01 59.78
N ASN H 2187 3.77 80.37 60.88
CA ASN H 2187 3.64 81.71 61.44
C ASN H 2187 4.57 82.70 60.76
N ASN H 2188 5.29 82.26 59.74
CA ASN H 2188 6.15 83.12 58.93
C ASN H 2188 5.34 83.60 57.72
N LYS H 2189 5.38 84.90 57.46
CA LYS H 2189 4.61 85.45 56.34
C LYS H 2189 5.20 85.05 55.00
N VAL H 2190 6.49 84.74 54.95
CA VAL H 2190 7.12 84.31 53.70
C VAL H 2190 6.51 83.02 53.19
N PHE H 2191 6.02 82.17 54.11
CA PHE H 2191 5.43 80.90 53.70
C PHE H 2191 4.24 81.08 52.78
N TYR H 2192 3.35 82.02 53.09
CA TYR H 2192 2.15 82.21 52.28
C TYR H 2192 2.23 83.43 51.36
N GLN H 2193 3.29 84.22 51.45
CA GLN H 2193 3.47 85.31 50.49
C GLN H 2193 4.30 84.88 49.30
N HIS H 2194 5.12 83.84 49.46
CA HIS H 2194 5.93 83.30 48.38
C HIS H 2194 5.74 81.79 48.31
N PRO H 2195 4.57 81.35 47.85
CA PRO H 2195 4.35 79.90 47.68
C PRO H 2195 5.28 79.29 46.66
N ASN H 2196 5.70 80.06 45.66
CA ASN H 2196 6.61 79.53 44.64
C ASN H 2196 7.96 79.19 45.24
N LEU H 2197 8.47 80.03 46.14
CA LEU H 2197 9.77 79.78 46.75
C LEU H 2197 9.75 78.52 47.59
N MET H 2198 8.67 78.31 48.36
CA MET H 2198 8.55 77.08 49.13
C MET H 2198 8.58 75.86 48.24
N ARG H 2199 7.91 75.94 47.08
CA ARG H 2199 7.92 74.84 46.13
C ARG H 2199 9.32 74.60 45.57
N ALA H 2200 10.05 75.69 45.29
CA ALA H 2200 11.42 75.57 44.79
C ALA H 2200 12.33 74.94 45.83
N LEU H 2201 12.14 75.30 47.11
CA LEU H 2201 12.98 74.76 48.17
C LEU H 2201 12.71 73.29 48.46
N GLY H 2202 11.70 72.70 47.83
CA GLY H 2202 11.36 71.31 48.12
C GLY H 2202 10.84 71.11 49.51
N MET H 2203 10.08 72.07 50.04
CA MET H 2203 9.70 72.03 51.44
C MET H 2203 8.64 70.97 51.71
N HIS H 2204 7.71 70.78 50.78
CA HIS H 2204 6.68 69.76 50.97
C HIS H 2204 7.27 68.36 50.83
N GLU H 2205 8.25 68.18 49.94
CA GLU H 2205 8.89 66.87 49.81
C GLU H 2205 9.59 66.47 51.09
N THR H 2206 10.29 67.41 51.73
CA THR H 2206 11.00 67.10 52.97
C THR H 2206 10.03 66.74 54.08
N VAL H 2207 8.93 67.49 54.21
CA VAL H 2207 7.94 67.18 55.22
C VAL H 2207 7.26 65.85 54.93
N MET H 2208 7.11 65.53 53.64
CA MET H 2208 6.56 64.22 53.27
C MET H 2208 7.48 63.10 53.71
N GLU H 2209 8.80 63.27 53.53
CA GLU H 2209 9.73 62.17 53.73
C GLU H 2209 9.82 61.82 55.21
N VAL H 2210 9.88 62.84 56.08
CA VAL H 2210 9.92 62.58 57.52
C VAL H 2210 8.62 61.93 57.98
N MET H 2211 7.49 62.30 57.38
CA MET H 2211 6.21 61.82 57.86
C MET H 2211 5.92 60.40 57.36
N VAL H 2212 6.67 59.95 56.34
CA VAL H 2212 6.45 58.57 55.89
C VAL H 2212 7.38 57.61 56.62
N ASN H 2213 8.49 58.12 57.17
CA ASN H 2213 9.38 57.26 57.94
C ASN H 2213 8.70 56.74 59.20
N VAL H 2214 7.91 57.58 59.86
CA VAL H 2214 7.19 57.14 61.05
C VAL H 2214 6.15 56.09 60.69
N LEU H 2215 5.43 56.29 59.59
CA LEU H 2215 4.44 55.30 59.17
C LEU H 2215 5.11 54.05 58.63
N GLY H 2216 6.34 54.17 58.13
CA GLY H 2216 7.05 52.98 57.67
C GLY H 2216 7.29 51.98 58.79
N GLY H 2217 7.67 52.46 59.95
CA GLY H 2217 7.85 51.58 61.10
C GLY H 2217 6.53 51.38 61.83
N GLY H 2218 6.23 50.13 62.17
CA GLY H 2218 4.97 49.82 62.82
C GLY H 2218 3.76 50.12 61.96
N GLU H 2219 3.82 49.76 60.68
CA GLU H 2219 2.74 50.06 59.76
C GLU H 2219 1.49 49.23 60.01
N THR H 2220 1.56 48.23 60.89
CA THR H 2220 0.39 47.37 61.08
C THR H 2220 -0.06 47.25 62.54
N LYS H 2221 0.87 47.27 63.49
CA LYS H 2221 0.51 46.98 64.87
C LYS H 2221 0.21 48.23 65.70
N GLU H 2222 0.97 49.30 65.49
CA GLU H 2222 0.81 50.52 66.29
C GLU H 2222 1.67 51.61 65.66
N ILE H 2223 1.21 52.85 65.75
CA ILE H 2223 1.92 54.01 65.21
C ILE H 2223 2.36 54.87 66.38
N ARG H 2224 3.67 55.13 66.47
CA ARG H 2224 4.19 56.04 67.48
C ARG H 2224 4.35 57.43 66.91
N PHE H 2225 4.52 58.39 67.81
CA PHE H 2225 4.56 59.82 67.49
C PHE H 2225 3.36 60.26 66.64
N PRO H 2226 2.13 60.05 67.11
CA PRO H 2226 0.98 60.58 66.36
C PRO H 2226 1.00 62.10 66.24
N LYS H 2227 1.50 62.80 67.26
CA LYS H 2227 1.48 64.26 67.21
C LYS H 2227 2.42 64.78 66.14
N MET H 2228 3.44 63.99 65.76
CA MET H 2228 4.30 64.38 64.66
C MET H 2228 3.61 64.16 63.33
N VAL H 2229 2.85 63.07 63.20
CA VAL H 2229 2.15 62.77 61.95
C VAL H 2229 1.10 63.84 61.67
N THR H 2230 0.30 64.20 62.68
CA THR H 2230 -0.68 65.25 62.49
C THR H 2230 -0.03 66.61 62.29
N SER H 2231 1.22 66.78 62.75
CA SER H 2231 1.92 68.03 62.49
C SER H 2231 2.25 68.18 61.01
N CYS H 2232 2.78 67.11 60.40
CA CYS H 2232 3.04 67.15 58.96
C CYS H 2232 1.75 67.13 58.17
N CYS H 2233 0.77 66.35 58.61
CA CYS H 2233 -0.47 66.22 57.85
C CYS H 2233 -1.24 67.54 57.83
N ARG H 2234 -1.35 68.23 58.96
CA ARG H 2234 -2.01 69.53 58.94
C ARG H 2234 -1.16 70.54 58.19
N PHE H 2235 0.15 70.34 58.18
CA PHE H 2235 1.03 71.21 57.40
C PHE H 2235 0.75 71.09 55.91
N LEU H 2236 0.74 69.86 55.38
CA LEU H 2236 0.53 69.69 53.95
C LEU H 2236 -0.89 70.07 53.53
N CYS H 2237 -1.87 69.87 54.41
CA CYS H 2237 -3.22 70.33 54.11
C CYS H 2237 -3.26 71.84 53.98
N TYR H 2238 -2.59 72.55 54.88
CA TYR H 2238 -2.52 74.00 54.78
C TYR H 2238 -1.65 74.44 53.61
N PHE H 2239 -0.64 73.62 53.28
CA PHE H 2239 0.21 73.92 52.13
C PHE H 2239 -0.59 73.90 50.83
N CYS H 2240 -1.50 72.94 50.69
CA CYS H 2240 -2.30 72.84 49.46
C CYS H 2240 -3.21 74.05 49.28
N ARG H 2241 -3.86 74.50 50.34
CA ARG H 2241 -4.88 75.55 50.20
C ARG H 2241 -4.30 76.93 50.00
N ILE H 2242 -2.97 77.08 50.06
CA ILE H 2242 -2.37 78.38 49.77
C ILE H 2242 -2.53 78.73 48.29
N SER H 2243 -2.25 77.78 47.41
CA SER H 2243 -2.40 78.00 45.98
C SER H 2243 -2.62 76.67 45.28
N ARG H 2244 -3.26 76.74 44.12
CA ARG H 2244 -3.53 75.53 43.35
C ARG H 2244 -2.25 74.90 42.81
N GLN H 2245 -1.22 75.70 42.56
CA GLN H 2245 0.06 75.13 42.14
C GLN H 2245 0.69 74.31 43.26
N ASN H 2246 0.54 74.75 44.50
CA ASN H 2246 0.93 73.92 45.62
C ASN H 2246 0.07 72.67 45.70
N GLN H 2247 -1.23 72.81 45.45
CA GLN H 2247 -2.14 71.67 45.52
C GLN H 2247 -1.78 70.63 44.47
N ARG H 2248 -1.43 71.07 43.26
CA ARG H 2248 -1.13 70.12 42.20
C ARG H 2248 0.21 69.44 42.45
N SER H 2249 1.15 70.12 43.11
CA SER H 2249 2.39 69.47 43.50
C SER H 2249 2.14 68.36 44.51
N MET H 2250 1.26 68.62 45.48
CA MET H 2250 0.82 67.57 46.39
C MET H 2250 -0.03 66.52 45.70
N PHE H 2251 -0.65 66.85 44.58
CA PHE H 2251 -1.47 65.87 43.87
C PHE H 2251 -0.61 64.82 43.18
N ASP H 2252 0.66 65.14 42.91
CA ASP H 2252 1.55 64.18 42.28
C ASP H 2252 1.90 63.01 43.20
N HIS H 2253 1.63 63.14 44.50
CA HIS H 2253 1.86 62.07 45.46
C HIS H 2253 0.55 61.46 45.95
N LEU H 2254 -0.53 61.59 45.17
CA LEU H 2254 -1.82 61.09 45.59
C LEU H 2254 -1.78 59.58 45.82
N SER H 2255 -1.16 58.84 44.89
CA SER H 2255 -0.98 57.41 45.09
C SER H 2255 -0.02 57.15 46.24
N TYR H 2256 0.97 58.03 46.42
CA TYR H 2256 1.94 57.86 47.49
C TYR H 2256 1.28 58.00 48.85
N LEU H 2257 0.32 58.92 48.97
CA LEU H 2257 -0.36 59.14 50.24
C LEU H 2257 -1.38 58.03 50.52
N LEU H 2258 -2.10 57.57 49.48
CA LEU H 2258 -3.15 56.58 49.70
C LEU H 2258 -2.60 55.27 50.24
N GLU H 2259 -1.46 54.82 49.72
CA GLU H 2259 -0.89 53.55 50.16
C GLU H 2259 -0.46 53.59 51.62
N ASN H 2260 -0.16 54.78 52.16
CA ASN H 2260 0.15 54.94 53.57
C ASN H 2260 -1.07 55.27 54.41
N SER H 2261 -2.25 55.38 53.80
CA SER H 2261 -3.46 55.76 54.50
C SER H 2261 -4.25 54.56 55.01
N GLY H 2262 -3.77 53.34 54.80
CA GLY H 2262 -4.50 52.17 55.27
C GLY H 2262 -4.57 52.08 56.78
N ILE H 2263 -3.46 52.40 57.46
CA ILE H 2263 -3.39 52.30 58.91
C ILE H 2263 -3.66 53.63 59.61
N GLY H 2264 -3.87 54.71 58.85
CA GLY H 2264 -4.15 55.99 59.45
C GLY H 2264 -5.51 56.09 60.11
N LEU H 2265 -6.36 55.06 59.97
CA LEU H 2265 -7.69 55.11 60.57
C LEU H 2265 -7.63 55.13 62.09
N GLY H 2266 -6.73 54.35 62.69
CA GLY H 2266 -6.66 54.31 64.14
C GLY H 2266 -6.31 55.66 64.74
N MET H 2267 -5.38 56.36 64.12
CA MET H 2267 -5.01 57.69 64.59
C MET H 2267 -6.09 58.69 64.17
N GLN H 2268 -6.43 59.60 65.06
CA GLN H 2268 -7.52 60.54 64.85
CA GLN H 2268 -7.52 60.54 64.85
C GLN H 2268 -7.00 61.97 64.80
N GLY H 2269 -7.60 62.79 63.94
CA GLY H 2269 -7.18 64.16 63.75
C GLY H 2269 -6.95 64.48 62.29
N SER H 2270 -5.72 64.85 61.95
CA SER H 2270 -5.31 65.04 60.56
C SER H 2270 -4.45 63.86 60.15
N THR H 2271 -4.84 63.20 59.06
CA THR H 2271 -4.25 61.96 58.61
C THR H 2271 -3.73 62.09 57.18
N PRO H 2272 -2.84 61.20 56.75
CA PRO H 2272 -2.41 61.24 55.34
C PRO H 2272 -3.56 61.14 54.36
N LEU H 2273 -4.63 60.44 54.73
CA LEU H 2273 -5.83 60.43 53.90
C LEU H 2273 -6.43 61.82 53.78
N ASP H 2274 -6.38 62.59 54.87
CA ASP H 2274 -6.91 63.95 54.82
C ASP H 2274 -6.06 64.85 53.93
N VAL H 2275 -4.76 64.58 53.87
CA VAL H 2275 -3.88 65.34 52.97
C VAL H 2275 -4.27 65.09 51.53
N ALA H 2276 -4.51 63.82 51.17
CA ALA H 2276 -4.93 63.51 49.81
C ALA H 2276 -6.28 64.14 49.48
N ALA H 2277 -7.20 64.12 50.44
CA ALA H 2277 -8.50 64.77 50.22
C ALA H 2277 -8.33 66.28 50.03
N ALA H 2278 -7.45 66.90 50.80
CA ALA H 2278 -7.19 68.33 50.63
C ALA H 2278 -6.43 68.61 49.35
N SER H 2279 -5.89 67.59 48.69
CA SER H 2279 -5.12 67.76 47.47
C SER H 2279 -5.98 67.70 46.21
N VAL H 2280 -7.27 67.38 46.34
CA VAL H 2280 -8.19 67.32 45.21
C VAL H 2280 -9.47 68.10 45.45
N ILE H 2281 -9.63 68.72 46.60
CA ILE H 2281 -10.87 69.42 46.95
C ILE H 2281 -11.05 70.61 46.03
N ASP H 2282 -12.30 70.85 45.61
CA ASP H 2282 -12.74 72.01 44.82
C ASP H 2282 -11.80 72.33 43.66
N ASN H 2283 -11.13 71.30 43.15
CA ASN H 2283 -10.27 71.43 41.96
C ASN H 2283 -10.77 70.44 40.93
N ASN H 2284 -11.54 70.94 39.95
CA ASN H 2284 -12.10 70.06 38.93
C ASN H 2284 -11.01 69.49 38.03
N GLU H 2285 -9.96 70.27 37.76
CA GLU H 2285 -8.89 69.80 36.90
C GLU H 2285 -8.17 68.60 37.51
N LEU H 2286 -7.88 68.67 38.81
CA LEU H 2286 -7.27 67.51 39.47
C LEU H 2286 -8.29 66.40 39.69
N ALA H 2287 -9.57 66.74 39.87
CA ALA H 2287 -10.60 65.72 39.96
C ALA H 2287 -10.70 64.93 38.67
N LEU H 2288 -10.63 65.62 37.53
CA LEU H 2288 -10.66 64.93 36.24
C LEU H 2288 -9.38 64.16 35.97
N ALA H 2289 -8.27 64.55 36.58
CA ALA H 2289 -7.00 63.86 36.39
C ALA H 2289 -6.79 62.71 37.36
N LEU H 2290 -7.77 62.44 38.23
CA LEU H 2290 -7.66 61.34 39.17
C LEU H 2290 -7.62 60.01 38.41
N GLN H 2291 -6.77 59.10 38.87
CA GLN H 2291 -6.63 57.83 38.18
C GLN H 2291 -7.52 56.76 38.81
N GLU H 2292 -7.91 55.78 37.99
CA GLU H 2292 -8.86 54.78 38.44
C GLU H 2292 -8.27 53.85 39.49
N GLN H 2293 -7.01 53.44 39.33
CA GLN H 2293 -6.42 52.51 40.28
C GLN H 2293 -6.29 53.17 41.65
N ASP H 2294 -6.19 54.49 41.70
CA ASP H 2294 -6.26 55.18 42.98
C ASP H 2294 -7.62 55.00 43.63
N LEU H 2295 -8.69 55.15 42.85
CA LEU H 2295 -10.03 54.94 43.38
C LEU H 2295 -10.25 53.49 43.80
N GLU H 2296 -9.77 52.55 42.99
CA GLU H 2296 -9.83 51.14 43.36
C GLU H 2296 -9.09 50.90 44.67
N LYS H 2297 -7.98 51.59 44.88
CA LYS H 2297 -7.22 51.42 46.12
C LYS H 2297 -8.03 51.89 47.32
N VAL H 2298 -8.75 53.01 47.17
CA VAL H 2298 -9.60 53.48 48.26
C VAL H 2298 -10.75 52.51 48.50
N VAL H 2299 -11.41 52.07 47.42
CA VAL H 2299 -12.54 51.16 47.58
C VAL H 2299 -12.07 49.82 48.15
N SER H 2300 -10.89 49.36 47.75
CA SER H 2300 -10.35 48.14 48.33
C SER H 2300 -10.15 48.28 49.83
N TYR H 2301 -9.67 49.44 50.27
CA TYR H 2301 -9.62 49.71 51.70
C TYR H 2301 -11.01 49.75 52.31
N LEU H 2302 -11.96 50.36 51.59
CA LEU H 2302 -13.33 50.44 52.09
C LEU H 2302 -13.97 49.07 52.20
N ALA H 2303 -13.69 48.19 51.24
CA ALA H 2303 -14.27 46.86 51.28
C ALA H 2303 -13.80 46.08 52.49
N GLY H 2304 -12.53 46.22 52.86
CA GLY H 2304 -12.02 45.53 54.03
C GLY H 2304 -12.70 45.99 55.31
N CYS H 2305 -13.09 47.26 55.37
CA CYS H 2305 -13.74 47.78 56.56
C CYS H 2305 -15.08 47.09 56.83
N GLY H 2306 -15.77 46.65 55.78
CA GLY H 2306 -17.03 45.97 55.93
C GLY H 2306 -16.96 44.50 56.26
N LEU H 2307 -15.76 43.91 56.33
CA LEU H 2307 -15.61 42.51 56.68
C LEU H 2307 -14.94 42.28 58.03
N GLN H 2308 -13.97 43.09 58.42
CA GLN H 2308 -13.17 42.82 59.60
C GLN H 2308 -13.31 43.95 60.59
N SER H 2309 -13.55 43.59 61.85
CA SER H 2309 -13.69 44.60 62.89
C SER H 2309 -12.37 45.34 63.08
N CYS H 2310 -12.48 46.59 63.51
CA CYS H 2310 -11.29 47.40 63.69
C CYS H 2310 -10.44 46.80 64.80
N PRO H 2311 -9.18 46.47 64.54
CA PRO H 2311 -8.42 45.69 65.53
C PRO H 2311 -8.22 46.38 66.87
N MET H 2312 -8.01 47.69 66.89
CA MET H 2312 -7.70 48.33 68.17
C MET H 2312 -8.96 48.61 68.98
N LEU H 2313 -10.13 48.55 68.33
CA LEU H 2313 -11.37 48.46 69.09
C LEU H 2313 -11.44 47.15 69.87
N LEU H 2314 -11.04 46.05 69.22
CA LEU H 2314 -11.11 44.74 69.86
C LEU H 2314 -10.19 44.67 71.07
N ALA H 2315 -8.99 45.23 70.95
CA ALA H 2315 -8.05 45.24 72.07
C ALA H 2315 -8.52 46.08 73.24
N LYS H 2316 -9.52 46.95 73.04
CA LYS H 2316 -10.05 47.80 74.10
C LYS H 2316 -11.37 47.28 74.65
N GLY H 2317 -11.75 46.05 74.34
CA GLY H 2317 -12.94 45.45 74.91
C GLY H 2317 -14.23 45.78 74.20
N TYR H 2318 -14.18 46.43 73.04
CA TYR H 2318 -15.40 46.71 72.31
C TYR H 2318 -16.02 45.41 71.80
N PRO H 2319 -17.35 45.35 71.68
CA PRO H 2319 -17.98 44.16 71.10
C PRO H 2319 -17.54 43.96 69.65
N ASP H 2320 -17.41 42.69 69.27
CA ASP H 2320 -16.88 42.32 67.97
C ASP H 2320 -18.02 42.20 66.97
N ILE H 2321 -18.35 43.32 66.33
CA ILE H 2321 -19.27 43.30 65.20
C ILE H 2321 -18.44 43.13 63.94
N GLY H 2322 -19.04 42.51 62.92
CA GLY H 2322 -18.27 42.02 61.79
C GLY H 2322 -17.77 43.06 60.81
N TRP H 2323 -17.61 44.30 61.22
CA TRP H 2323 -17.13 45.33 60.31
C TRP H 2323 -16.59 46.51 61.10
N ASN H 2324 -16.01 47.46 60.37
CA ASN H 2324 -15.36 48.64 60.95
C ASN H 2324 -16.08 49.88 60.43
N PRO H 2325 -17.06 50.39 61.17
CA PRO H 2325 -17.81 51.55 60.69
C PRO H 2325 -16.99 52.83 60.66
N CYS H 2326 -16.14 53.04 61.67
CA CYS H 2326 -15.41 54.30 61.76
C CYS H 2326 -14.40 54.47 60.64
N GLY H 2327 -13.59 53.42 60.39
CA GLY H 2327 -12.63 53.50 59.31
C GLY H 2327 -13.30 53.61 57.95
N GLY H 2328 -14.41 52.90 57.76
CA GLY H 2328 -15.10 52.97 56.49
C GLY H 2328 -15.63 54.36 56.19
N GLU H 2329 -16.11 55.06 57.22
CA GLU H 2329 -16.59 56.43 57.02
C GLU H 2329 -15.47 57.34 56.57
N ARG H 2330 -14.24 57.09 57.04
CA ARG H 2330 -13.11 57.92 56.65
C ARG H 2330 -12.83 57.83 55.16
N TYR H 2331 -12.91 56.62 54.59
CA TYR H 2331 -12.70 56.47 53.16
C TYR H 2331 -13.87 57.03 52.36
N LEU H 2332 -15.09 56.93 52.89
CA LEU H 2332 -16.25 57.41 52.16
C LEU H 2332 -16.19 58.92 51.92
N ASP H 2333 -15.73 59.68 52.92
CA ASP H 2333 -15.69 61.12 52.76
C ASP H 2333 -14.62 61.54 51.76
N PHE H 2334 -13.55 60.74 51.60
CA PHE H 2334 -12.57 61.05 50.57
C PHE H 2334 -13.19 60.91 49.18
N LEU H 2335 -13.91 59.81 48.93
CA LEU H 2335 -14.61 59.66 47.67
C LEU H 2335 -15.66 60.75 47.48
N ARG H 2336 -16.21 61.27 48.57
CA ARG H 2336 -17.16 62.37 48.47
C ARG H 2336 -16.52 63.60 47.85
N PHE H 2337 -15.23 63.78 48.06
CA PHE H 2337 -14.52 64.92 47.47
C PHE H 2337 -14.05 64.62 46.05
N ALA H 2338 -13.90 63.34 45.68
CA ALA H 2338 -13.46 63.00 44.34
C ALA H 2338 -14.57 63.14 43.31
N VAL H 2339 -15.81 62.81 43.67
CA VAL H 2339 -16.91 62.77 42.73
C VAL H 2339 -17.72 64.06 42.70
N PHE H 2340 -17.56 64.95 43.68
CA PHE H 2340 -18.38 66.15 43.80
C PHE H 2340 -17.46 67.35 43.90
N VAL H 2341 -17.57 68.27 42.94
CA VAL H 2341 -16.74 69.47 42.90
C VAL H 2341 -17.64 70.68 42.63
N ASN H 2342 -17.60 71.66 43.54
CA ASN H 2342 -18.22 72.97 43.34
C ASN H 2342 -19.72 72.85 43.06
N GLY H 2343 -20.38 71.91 43.73
CA GLY H 2343 -21.81 71.76 43.61
C GLY H 2343 -22.30 70.97 42.42
N GLU H 2344 -21.39 70.38 41.64
CA GLU H 2344 -21.76 69.53 40.52
C GLU H 2344 -20.99 68.22 40.59
N SER H 2345 -21.66 67.15 40.18
CA SER H 2345 -21.07 65.82 40.20
C SER H 2345 -20.13 65.65 39.01
N VAL H 2346 -18.93 65.15 39.28
CA VAL H 2346 -17.98 64.82 38.22
C VAL H 2346 -18.34 63.43 37.70
N GLU H 2347 -19.03 63.38 36.57
CA GLU H 2347 -19.55 62.10 36.08
C GLU H 2347 -18.42 61.13 35.75
N GLU H 2348 -17.26 61.63 35.36
CA GLU H 2348 -16.13 60.73 35.08
C GLU H 2348 -15.72 59.96 36.32
N ASN H 2349 -15.61 60.65 37.45
CA ASN H 2349 -15.28 59.97 38.70
C ASN H 2349 -16.49 59.24 39.27
N ALA H 2350 -17.69 59.83 39.14
CA ALA H 2350 -18.87 59.22 39.73
C ALA H 2350 -19.17 57.86 39.11
N ASN H 2351 -19.09 57.77 37.78
CA ASN H 2351 -19.39 56.50 37.12
C ASN H 2351 -18.37 55.43 37.50
N VAL H 2352 -17.11 55.82 37.72
CA VAL H 2352 -16.11 54.86 38.13
C VAL H 2352 -16.39 54.36 39.54
N VAL H 2353 -16.68 55.28 40.47
CA VAL H 2353 -16.86 54.89 41.87
C VAL H 2353 -18.06 53.97 42.04
N VAL H 2354 -19.17 54.29 41.36
CA VAL H 2354 -20.38 53.48 41.50
C VAL H 2354 -20.12 52.07 41.00
N ARG H 2355 -19.47 51.93 39.84
CA ARG H 2355 -19.16 50.61 39.32
C ARG H 2355 -18.18 49.88 40.23
N LEU H 2356 -17.20 50.59 40.80
CA LEU H 2356 -16.29 49.96 41.74
C LEU H 2356 -17.02 49.48 42.97
N LEU H 2357 -17.96 50.27 43.47
CA LEU H 2357 -18.69 49.91 44.69
C LEU H 2357 -19.54 48.67 44.49
N ILE H 2358 -20.27 48.58 43.37
CA ILE H 2358 -21.15 47.44 43.16
C ILE H 2358 -20.36 46.16 42.94
N ARG H 2359 -19.16 46.27 42.34
CA ARG H 2359 -18.33 45.09 42.15
C ARG H 2359 -17.84 44.51 43.47
N LYS H 2360 -17.84 45.31 44.54
CA LYS H 2360 -17.49 44.86 45.87
C LYS H 2360 -18.63 45.30 46.77
N PRO H 2361 -19.75 44.58 46.75
CA PRO H 2361 -20.97 45.07 47.43
C PRO H 2361 -20.80 45.22 48.93
N GLU H 2362 -19.77 44.61 49.51
CA GLU H 2362 -19.54 44.68 50.94
C GLU H 2362 -19.20 46.07 51.44
N CYS H 2363 -18.87 47.01 50.53
CA CYS H 2363 -18.62 48.38 50.94
C CYS H 2363 -19.86 49.05 51.50
N PHE H 2364 -21.04 48.48 51.28
CA PHE H 2364 -22.31 49.05 51.69
C PHE H 2364 -22.66 48.72 53.15
N GLY H 2365 -21.85 47.92 53.82
CA GLY H 2365 -22.11 47.57 55.19
C GLY H 2365 -22.83 46.25 55.33
N PRO H 2366 -23.04 45.81 56.57
CA PRO H 2366 -23.83 44.58 56.78
C PRO H 2366 -25.24 44.70 56.26
N ALA H 2367 -25.85 45.87 56.37
CA ALA H 2367 -27.10 46.14 55.69
C ALA H 2367 -26.85 46.36 54.21
N LEU H 2368 -27.92 46.34 53.43
CA LEU H 2368 -27.84 46.37 51.97
C LEU H 2368 -26.97 45.24 51.44
N ARG H 2369 -26.94 44.11 52.15
CA ARG H 2369 -26.16 42.98 51.70
CA ARG H 2369 -26.17 42.95 51.72
C ARG H 2369 -26.90 42.12 50.67
N GLY H 2370 -28.21 42.31 50.51
CA GLY H 2370 -28.97 41.50 49.59
C GLY H 2370 -29.58 40.31 50.28
N GLU H 2371 -28.95 39.14 50.16
CA GLU H 2371 -29.45 37.94 50.80
C GLU H 2371 -29.16 38.01 52.30
N GLY H 2372 -30.17 37.71 53.11
CA GLY H 2372 -29.99 37.70 54.54
C GLY H 2372 -29.56 39.01 55.15
N GLY H 2373 -29.72 40.11 54.42
CA GLY H 2373 -29.31 41.42 54.88
C GLY H 2373 -30.51 42.31 55.12
N SER H 2374 -30.48 43.03 56.23
CA SER H 2374 -31.58 43.92 56.58
C SER H 2374 -31.52 45.19 55.74
N GLY H 2375 -32.61 45.94 55.77
CA GLY H 2375 -32.70 47.17 55.01
C GLY H 2375 -31.94 48.31 55.68
N LEU H 2376 -31.94 49.45 55.01
CA LEU H 2376 -31.26 50.63 55.54
C LEU H 2376 -31.99 51.18 56.76
N LEU H 2377 -33.33 51.27 56.69
CA LEU H 2377 -34.09 51.81 57.81
C LEU H 2377 -33.97 50.92 59.04
N ALA H 2378 -33.98 49.60 58.84
CA ALA H 2378 -33.81 48.70 59.97
C ALA H 2378 -32.44 48.87 60.62
N ALA H 2379 -31.42 49.17 59.82
CA ALA H 2379 -30.08 49.36 60.36
C ALA H 2379 -30.03 50.57 61.29
N ILE H 2380 -30.64 51.68 60.89
CA ILE H 2380 -30.63 52.88 61.72
C ILE H 2380 -31.40 52.64 63.01
N GLU H 2381 -32.58 52.01 62.90
CA GLU H 2381 -33.33 51.66 64.11
C GLU H 2381 -32.53 50.74 65.01
N GLU H 2382 -31.84 49.76 64.41
CA GLU H 2382 -30.99 48.87 65.20
C GLU H 2382 -29.89 49.67 65.89
N ALA H 2383 -29.27 50.61 65.17
CA ALA H 2383 -28.18 51.39 65.73
C ALA H 2383 -28.64 52.21 66.93
N ILE H 2384 -29.83 52.80 66.85
CA ILE H 2384 -30.37 53.55 67.99
C ILE H 2384 -30.54 52.65 69.19
N ARG H 2385 -30.98 51.40 68.97
CA ARG H 2385 -31.19 50.49 70.08
C ARG H 2385 -29.87 50.11 70.75
N ILE H 2386 -28.80 49.94 69.98
CA ILE H 2386 -27.52 49.61 70.60
C ILE H 2386 -26.91 50.83 71.26
N SER H 2387 -27.27 52.03 70.79
CA SER H 2387 -26.78 53.24 71.45
C SER H 2387 -27.39 53.39 72.84
N GLU H 2388 -28.66 53.05 72.99
CA GLU H 2388 -29.31 53.10 74.29
C GLU H 2388 -28.83 52.01 75.23
N ASP H 2389 -28.21 50.95 74.69
CA ASP H 2389 -27.81 49.79 75.49
C ASP H 2389 -26.30 49.73 75.59
N PRO H 2390 -25.71 50.08 76.73
CA PRO H 2390 -24.26 49.86 76.91
C PRO H 2390 -23.93 48.39 76.99
N ALA H 2391 -22.63 48.07 77.01
CA ALA H 2391 -22.08 46.73 76.83
C ALA H 2391 -22.29 46.22 75.41
N ARG H 2392 -23.01 46.96 74.58
CA ARG H 2392 -23.08 46.73 73.14
C ARG H 2392 -22.73 47.97 72.35
N ASP H 2393 -22.67 49.14 72.99
CA ASP H 2393 -22.23 50.37 72.37
C ASP H 2393 -20.78 50.72 72.68
N GLY H 2394 -20.29 50.37 73.86
CA GLY H 2394 -18.92 50.63 74.24
C GLY H 2394 -18.30 49.46 74.96
N PRO H 2395 -17.09 49.66 75.48
CA PRO H 2395 -16.39 48.56 76.16
C PRO H 2395 -17.14 48.02 77.37
N GLY H 2396 -17.85 48.87 78.10
CA GLY H 2396 -18.59 48.43 79.26
C GLY H 2396 -17.70 47.90 80.37
N VAL H 2397 -16.62 48.62 80.66
CA VAL H 2397 -15.68 48.21 81.70
C VAL H 2397 -16.35 48.28 83.07
N PRO H 2410 -16.65 62.30 77.13
CA PRO H 2410 -16.62 60.84 77.00
C PRO H 2410 -15.63 60.19 77.97
N PRO H 2411 -15.84 58.92 78.31
CA PRO H 2411 -14.89 58.23 79.20
C PRO H 2411 -13.47 58.23 78.67
N GLU H 2412 -13.30 58.08 77.36
CA GLU H 2412 -11.99 58.11 76.72
C GLU H 2412 -11.71 59.44 76.03
N GLU H 2413 -12.58 60.43 76.25
CA GLU H 2413 -12.55 61.75 75.64
C GLU H 2413 -12.76 61.71 74.13
N ASN H 2414 -12.68 60.52 73.54
CA ASN H 2414 -13.13 60.24 72.18
C ASN H 2414 -13.79 58.87 72.12
N ARG H 2415 -14.54 58.52 73.17
CA ARG H 2415 -15.18 57.22 73.23
C ARG H 2415 -16.01 56.99 71.99
N VAL H 2416 -15.66 55.96 71.24
CA VAL H 2416 -16.36 55.63 70.00
C VAL H 2416 -17.63 54.89 70.35
N HIS H 2417 -18.77 55.52 70.09
CA HIS H 2417 -20.07 54.92 70.32
C HIS H 2417 -20.51 54.23 69.04
N LEU H 2418 -20.64 52.91 69.10
CA LEU H 2418 -20.92 52.13 67.90
C LEU H 2418 -22.24 52.57 67.25
N GLY H 2419 -23.26 52.82 68.06
CA GLY H 2419 -24.53 53.24 67.50
C GLY H 2419 -24.41 54.49 66.64
N HIS H 2420 -23.64 55.48 67.13
CA HIS H 2420 -23.40 56.67 66.33
C HIS H 2420 -22.53 56.35 65.13
N ALA H 2421 -21.60 55.40 65.27
CA ALA H 2421 -20.74 55.04 64.16
C ALA H 2421 -21.51 54.34 63.05
N ILE H 2422 -22.50 53.54 63.41
CA ILE H 2422 -23.31 52.86 62.39
C ILE H 2422 -24.04 53.89 61.53
N MET H 2423 -24.71 54.84 62.17
CA MET H 2423 -25.47 55.83 61.43
C MET H 2423 -24.55 56.74 60.62
N SER H 2424 -23.43 57.15 61.21
CA SER H 2424 -22.50 58.03 60.50
C SER H 2424 -21.96 57.37 59.25
N PHE H 2425 -21.68 56.06 59.30
CA PHE H 2425 -21.25 55.34 58.12
C PHE H 2425 -22.33 55.36 57.04
N TYR H 2426 -23.55 54.98 57.39
CA TYR H 2426 -24.61 54.92 56.40
C TYR H 2426 -25.00 56.30 55.90
N ALA H 2427 -24.95 57.31 56.78
CA ALA H 2427 -25.18 58.67 56.33
C ALA H 2427 -24.12 59.12 55.34
N ALA H 2428 -22.85 58.78 55.63
CA ALA H 2428 -21.78 59.11 54.69
C ALA H 2428 -21.93 58.34 53.40
N LEU H 2429 -22.31 57.07 53.47
CA LEU H 2429 -22.50 56.27 52.27
C LEU H 2429 -23.63 56.82 51.42
N ILE H 2430 -24.77 57.14 52.04
CA ILE H 2430 -25.91 57.65 51.28
C ILE H 2430 -25.58 59.01 50.69
N ASP H 2431 -24.82 59.82 51.42
CA ASP H 2431 -24.37 61.11 50.89
C ASP H 2431 -23.50 60.93 49.67
N LEU H 2432 -22.57 59.97 49.70
CA LEU H 2432 -21.70 59.73 48.57
C LEU H 2432 -22.49 59.30 47.34
N LEU H 2433 -23.43 58.37 47.53
CA LEU H 2433 -24.24 57.90 46.41
C LEU H 2433 -25.09 59.03 45.84
N GLY H 2434 -25.63 59.88 46.70
CA GLY H 2434 -26.40 61.02 46.21
C GLY H 2434 -25.55 61.98 45.40
N ARG H 2435 -24.29 62.16 45.79
CA ARG H 2435 -23.38 63.01 45.02
C ARG H 2435 -22.91 62.33 43.75
N CYS H 2436 -22.98 61.00 43.68
CA CYS H 2436 -22.67 60.29 42.45
C CYS H 2436 -23.82 60.30 41.45
N ALA H 2437 -24.99 60.81 41.85
CA ALA H 2437 -26.13 60.83 40.97
C ALA H 2437 -25.89 61.79 39.80
N PRO H 2438 -26.34 61.45 38.60
CA PRO H 2438 -26.16 62.34 37.46
C PRO H 2438 -26.98 63.61 37.63
N GLU H 2439 -26.50 64.67 37.00
CA GLU H 2439 -27.22 65.95 37.03
C GLU H 2439 -28.50 65.85 36.23
N MET H 2440 -29.46 66.71 36.58
CA MET H 2440 -30.77 66.67 35.93
C MET H 2440 -30.67 66.99 34.44
N HIS H 2441 -29.69 67.80 34.05
CA HIS H 2441 -29.58 68.16 32.63
C HIS H 2441 -29.16 66.95 31.81
N LEU H 2442 -28.46 65.99 32.40
CA LEU H 2442 -28.14 64.76 31.70
C LEU H 2442 -29.36 63.85 31.60
N ILE H 2443 -30.19 63.83 32.64
CA ILE H 2443 -31.39 62.98 32.61
C ILE H 2443 -32.35 63.45 31.54
N GLN H 2444 -32.58 64.77 31.45
CA GLN H 2444 -33.48 65.29 30.42
C GLN H 2444 -32.89 65.10 29.03
N ALA H 2445 -31.56 65.07 28.92
CA ALA H 2445 -30.92 64.79 27.65
C ALA H 2445 -31.08 63.34 27.22
N GLY H 2446 -31.55 62.47 28.10
CA GLY H 2446 -31.76 61.08 27.74
C GLY H 2446 -30.49 60.27 27.57
N LYS H 2447 -29.39 60.73 28.17
CA LYS H 2447 -28.14 59.99 28.06
C LYS H 2447 -28.26 58.64 28.75
N GLY H 2448 -27.96 57.58 28.01
CA GLY H 2448 -28.17 56.23 28.52
C GLY H 2448 -27.34 55.93 29.76
N GLU H 2449 -26.12 56.46 29.81
CA GLU H 2449 -25.27 56.22 30.97
C GLU H 2449 -25.84 56.87 32.22
N ALA H 2450 -26.37 58.09 32.08
CA ALA H 2450 -26.94 58.79 33.24
C ALA H 2450 -28.14 58.06 33.79
N LEU H 2451 -29.05 57.60 32.92
CA LEU H 2451 -30.21 56.86 33.41
C LEU H 2451 -29.80 55.54 34.03
N ARG H 2452 -28.76 54.89 33.48
CA ARG H 2452 -28.29 53.65 34.06
C ARG H 2452 -27.78 53.85 35.47
N ILE H 2453 -27.06 54.94 35.71
CA ILE H 2453 -26.54 55.22 37.04
C ILE H 2453 -27.68 55.50 38.02
N ARG H 2454 -28.67 56.30 37.60
CA ARG H 2454 -29.82 56.53 38.45
C ARG H 2454 -30.57 55.24 38.73
N ALA H 2455 -30.69 54.37 37.73
CA ALA H 2455 -31.44 53.14 37.90
C ALA H 2455 -30.83 52.26 38.98
N ILE H 2456 -29.50 52.17 39.02
CA ILE H 2456 -28.87 51.30 40.00
C ILE H 2456 -28.79 51.98 41.37
N LEU H 2457 -28.72 53.32 41.39
CA LEU H 2457 -28.79 54.02 42.66
C LEU H 2457 -30.15 53.86 43.32
N ARG H 2458 -31.23 53.95 42.52
CA ARG H 2458 -32.56 53.76 43.08
C ARG H 2458 -32.76 52.34 43.57
N SER H 2459 -32.12 51.37 42.92
CA SER H 2459 -32.25 49.98 43.34
C SER H 2459 -31.58 49.74 44.69
N LEU H 2460 -30.48 50.46 44.96
CA LEU H 2460 -29.78 50.28 46.23
C LEU H 2460 -30.59 50.84 47.39
N VAL H 2461 -31.11 52.05 47.24
CA VAL H 2461 -31.79 52.73 48.33
C VAL H 2461 -33.26 52.94 47.99
N PRO H 2462 -34.18 52.16 48.55
CA PRO H 2462 -35.59 52.39 48.29
C PRO H 2462 -36.06 53.71 48.88
N LEU H 2463 -37.07 54.29 48.23
CA LEU H 2463 -37.57 55.60 48.66
C LEU H 2463 -38.26 55.52 50.01
N ASP H 2464 -38.91 54.40 50.30
CA ASP H 2464 -39.61 54.27 51.58
C ASP H 2464 -38.63 54.33 52.74
N ASP H 2465 -37.42 53.81 52.56
CA ASP H 2465 -36.43 53.84 53.63
C ASP H 2465 -35.92 55.25 53.89
N LEU H 2466 -35.76 56.05 52.82
CA LEU H 2466 -35.30 57.42 52.99
C LEU H 2466 -36.29 58.24 53.80
N VAL H 2467 -37.58 58.13 53.47
CA VAL H 2467 -38.60 58.88 54.21
C VAL H 2467 -38.68 58.39 55.64
N GLY H 2468 -38.57 57.08 55.85
CA GLY H 2468 -38.63 56.55 57.20
C GLY H 2468 -37.50 57.06 58.08
N ILE H 2469 -36.30 57.22 57.51
CA ILE H 2469 -35.18 57.74 58.28
C ILE H 2469 -35.39 59.21 58.60
N ILE H 2470 -35.91 59.97 57.64
CA ILE H 2470 -36.24 61.38 57.90
C ILE H 2470 -37.35 61.48 58.93
N SER H 2471 -38.31 60.56 58.90
CA SER H 2471 -39.41 60.55 59.83
C SER H 2471 -39.02 60.11 61.24
N LEU H 2472 -37.79 59.63 61.42
CA LEU H 2472 -37.37 59.17 62.74
C LEU H 2472 -37.33 60.34 63.71
N PRO H 2473 -37.89 60.17 64.91
CA PRO H 2473 -37.89 61.28 65.87
C PRO H 2473 -36.50 61.58 66.39
N LEU H 2474 -36.22 62.87 66.58
CA LEU H 2474 -34.98 63.34 67.17
C LEU H 2474 -35.24 63.70 68.62
N GLN H 2475 -34.40 63.18 69.52
CA GLN H 2475 -34.56 63.51 70.92
C GLN H 2475 -34.18 64.96 71.16
N ILE H 2476 -35.02 65.68 71.87
CA ILE H 2476 -35.01 67.14 71.95
C ILE H 2476 -34.64 67.54 73.37
N PRO H 2477 -33.83 68.58 73.56
CA PRO H 2477 -33.50 69.03 74.93
C PRO H 2477 -34.76 69.41 75.71
N THR H 2478 -35.03 68.65 76.76
CA THR H 2478 -36.17 68.88 77.62
C THR H 2478 -35.71 69.44 78.96
N LEU H 2479 -36.66 69.60 79.88
CA LEU H 2479 -36.38 70.12 81.21
C LEU H 2479 -37.10 69.28 82.24
N GLY H 2480 -36.52 69.19 83.43
CA GLY H 2480 -37.13 68.42 84.50
C GLY H 2480 -36.12 68.10 85.57
N LYS H 2481 -36.63 67.51 86.65
CA LYS H 2481 -35.82 67.11 87.80
C LYS H 2481 -34.99 68.28 88.31
N ASP H 2482 -35.69 69.29 88.84
CA ASP H 2482 -35.27 70.61 89.31
C ASP H 2482 -35.07 71.58 88.15
N GLY H 2483 -35.38 71.19 86.92
CA GLY H 2483 -35.22 72.07 85.78
C GLY H 2483 -33.89 71.98 85.08
N ALA H 2484 -33.12 70.93 85.29
CA ALA H 2484 -31.85 70.77 84.58
C ALA H 2484 -32.11 70.45 83.10
N LEU H 2485 -31.12 70.75 82.27
CA LEU H 2485 -31.24 70.52 80.84
C LEU H 2485 -30.82 69.11 80.50
N VAL H 2486 -31.76 68.29 80.03
CA VAL H 2486 -31.47 66.92 79.60
C VAL H 2486 -31.13 67.00 78.12
N GLN H 2487 -29.86 67.26 77.83
CA GLN H 2487 -29.44 67.41 76.44
C GLN H 2487 -28.85 66.11 75.92
N PRO H 2488 -29.04 65.81 74.64
CA PRO H 2488 -28.45 64.60 74.07
C PRO H 2488 -26.95 64.74 73.88
N LYS H 2489 -26.24 63.62 74.02
CA LYS H 2489 -24.82 63.56 73.68
C LYS H 2489 -24.71 63.27 72.18
N MET H 2490 -24.07 64.17 71.45
CA MET H 2490 -24.05 64.07 70.00
C MET H 2490 -23.08 63.01 69.49
N SER H 2491 -22.10 62.62 70.29
CA SER H 2491 -21.21 61.54 69.89
C SER H 2491 -21.86 60.18 70.04
N ALA H 2492 -23.08 60.12 70.58
CA ALA H 2492 -23.72 58.84 70.89
C ALA H 2492 -25.21 58.86 70.57
N SER H 2493 -25.64 59.69 69.63
CA SER H 2493 -27.07 59.80 69.36
C SER H 2493 -27.31 60.12 67.89
N PHE H 2494 -28.53 59.84 67.47
CA PHE H 2494 -29.01 60.24 66.15
C PHE H 2494 -29.01 61.76 66.04
N VAL H 2495 -28.40 62.28 64.98
CA VAL H 2495 -28.19 63.73 64.85
C VAL H 2495 -28.78 64.17 63.53
N PRO H 2496 -29.11 65.47 63.40
CA PRO H 2496 -29.69 65.96 62.14
C PRO H 2496 -28.79 65.78 60.93
N ASP H 2497 -27.47 65.66 61.11
CA ASP H 2497 -26.60 65.45 59.97
C ASP H 2497 -26.90 64.14 59.26
N HIS H 2498 -27.30 63.11 60.02
CA HIS H 2498 -27.70 61.86 59.39
C HIS H 2498 -28.93 62.07 58.52
N LYS H 2499 -29.84 62.94 58.94
CA LYS H 2499 -31.02 63.23 58.14
C LYS H 2499 -30.67 64.04 56.90
N ALA H 2500 -29.66 64.92 57.00
CA ALA H 2500 -29.32 65.78 55.87
C ALA H 2500 -28.84 64.95 54.68
N SER H 2501 -28.05 63.91 54.95
CA SER H 2501 -27.57 63.06 53.87
C SER H 2501 -28.72 62.37 53.15
N MET H 2502 -29.72 61.91 53.91
CA MET H 2502 -30.87 61.25 53.30
C MET H 2502 -31.64 62.22 52.40
N VAL H 2503 -31.70 63.49 52.78
CA VAL H 2503 -32.39 64.48 51.96
C VAL H 2503 -31.66 64.68 50.65
N LEU H 2504 -30.33 64.73 50.69
CA LEU H 2504 -29.56 64.94 49.46
C LEU H 2504 -29.76 63.80 48.48
N PHE H 2505 -29.78 62.56 48.96
CA PHE H 2505 -30.03 61.42 48.09
C PHE H 2505 -31.43 61.49 47.50
N LEU H 2506 -32.43 61.84 48.31
CA LEU H 2506 -33.80 61.90 47.82
C LEU H 2506 -33.95 62.98 46.76
N ASP H 2507 -33.32 64.13 46.96
CA ASP H 2507 -33.43 65.21 45.99
C ASP H 2507 -32.76 64.84 44.67
N ARG H 2508 -31.53 64.35 44.73
CA ARG H 2508 -30.76 64.16 43.52
C ARG H 2508 -31.10 62.85 42.79
N VAL H 2509 -31.38 61.79 43.53
CA VAL H 2509 -31.66 60.50 42.91
C VAL H 2509 -33.14 60.37 42.57
N TYR H 2510 -34.02 60.67 43.53
CA TYR H 2510 -35.46 60.51 43.31
C TYR H 2510 -36.13 61.82 42.94
N GLY H 2511 -35.93 62.85 43.75
CA GLY H 2511 -36.56 64.13 43.53
C GLY H 2511 -38.02 64.13 43.96
N ILE H 2512 -38.60 65.32 43.97
CA ILE H 2512 -40.00 65.52 44.30
C ILE H 2512 -40.69 66.07 43.06
N GLU H 2513 -41.71 65.35 42.58
CA GLU H 2513 -42.35 65.69 41.32
C GLU H 2513 -43.86 65.81 41.41
N ASN H 2514 -44.51 65.13 42.35
CA ASN H 2514 -45.96 65.14 42.44
C ASN H 2514 -46.39 65.82 43.74
N GLN H 2515 -47.64 66.26 43.75
CA GLN H 2515 -48.20 66.87 44.95
C GLN H 2515 -48.21 65.90 46.12
N ASP H 2516 -48.95 64.80 46.00
CA ASP H 2516 -49.31 63.99 47.16
C ASP H 2516 -48.07 63.50 47.90
N PHE H 2517 -46.94 63.34 47.21
CA PHE H 2517 -45.76 62.83 47.87
C PHE H 2517 -45.03 63.95 48.62
N LEU H 2518 -45.05 65.17 48.07
CA LEU H 2518 -44.43 66.30 48.76
C LEU H 2518 -45.14 66.60 50.07
N LEU H 2519 -46.47 66.53 50.08
CA LEU H 2519 -47.20 66.73 51.33
C LEU H 2519 -46.96 65.57 52.28
N HIS H 2520 -46.67 64.38 51.74
CA HIS H 2520 -46.52 63.20 52.59
C HIS H 2520 -45.19 63.22 53.34
N VAL H 2521 -44.17 63.84 52.75
CA VAL H 2521 -42.88 63.91 53.45
C VAL H 2521 -42.89 65.07 54.44
N LEU H 2522 -43.63 66.14 54.14
CA LEU H 2522 -43.73 67.25 55.07
C LEU H 2522 -44.39 66.84 56.37
N ASP H 2523 -45.57 66.23 56.29
CA ASP H 2523 -46.38 66.02 57.48
C ASP H 2523 -45.86 64.90 58.38
N VAL H 2524 -44.99 64.03 57.88
CA VAL H 2524 -44.43 62.94 58.69
C VAL H 2524 -42.94 63.14 58.95
N GLY H 2525 -42.20 63.69 57.98
CA GLY H 2525 -40.76 63.78 58.14
C GLY H 2525 -40.20 65.16 58.37
N PHE H 2526 -40.75 66.16 57.68
CA PHE H 2526 -40.17 67.49 57.66
C PHE H 2526 -40.78 68.43 58.68
N LEU H 2527 -42.11 68.58 58.66
CA LEU H 2527 -42.77 69.51 59.57
C LEU H 2527 -42.49 69.23 61.04
N PRO H 2528 -42.55 68.00 61.54
CA PRO H 2528 -42.20 67.79 62.96
C PRO H 2528 -40.79 68.23 63.29
N ASP H 2529 -39.88 68.18 62.32
CA ASP H 2529 -38.53 68.66 62.56
C ASP H 2529 -38.46 70.19 62.53
N MET H 2530 -39.28 70.82 61.70
CA MET H 2530 -39.35 72.28 61.73
C MET H 2530 -39.99 72.78 63.02
N ARG H 2531 -41.08 72.13 63.44
CA ARG H 2531 -41.73 72.54 64.70
C ARG H 2531 -40.80 72.34 65.88
N ALA H 2532 -40.05 71.24 65.89
CA ALA H 2532 -39.13 70.99 66.99
C ALA H 2532 -38.06 72.06 67.07
N ALA H 2533 -37.54 72.50 65.93
CA ALA H 2533 -36.56 73.58 65.91
C ALA H 2533 -37.21 74.90 66.30
N ALA H 2534 -38.47 75.09 65.94
CA ALA H 2534 -39.18 76.29 66.36
C ALA H 2534 -39.37 76.32 67.87
N SER H 2535 -39.69 75.17 68.47
CA SER H 2535 -39.91 75.13 69.91
C SER H 2535 -38.61 75.35 70.68
N LEU H 2536 -37.47 75.05 70.07
CA LEU H 2536 -36.19 75.23 70.76
C LEU H 2536 -35.65 76.64 70.67
N ASP H 2537 -36.34 77.55 69.98
CA ASP H 2537 -35.91 78.94 69.87
C ASP H 2537 -36.52 79.75 71.02
N THR H 2538 -36.05 79.45 72.22
CA THR H 2538 -36.46 80.14 73.43
C THR H 2538 -35.22 80.66 74.15
N ALA H 2539 -35.41 81.15 75.38
CA ALA H 2539 -34.30 81.72 76.11
C ALA H 2539 -33.25 80.66 76.46
N THR H 2540 -33.70 79.46 76.83
CA THR H 2540 -32.76 78.46 77.33
C THR H 2540 -32.19 77.57 76.22
N PHE H 2541 -33.02 76.85 75.49
CA PHE H 2541 -32.51 75.89 74.50
C PHE H 2541 -32.16 76.53 73.16
N SER H 2542 -31.92 77.84 73.10
CA SER H 2542 -31.58 78.46 71.82
C SER H 2542 -30.19 78.04 71.36
N THR H 2543 -29.21 78.06 72.26
CA THR H 2543 -27.83 77.78 71.90
C THR H 2543 -27.44 76.32 72.12
N THR H 2544 -28.38 75.47 72.51
CA THR H 2544 -28.08 74.06 72.67
C THR H 2544 -27.67 73.46 71.32
N GLU H 2545 -26.82 72.44 71.40
CA GLU H 2545 -26.24 71.88 70.18
C GLU H 2545 -27.31 71.29 69.26
N MET H 2546 -28.39 70.75 69.84
CA MET H 2546 -29.51 70.29 69.02
C MET H 2546 -30.11 71.43 68.23
N ALA H 2547 -30.30 72.59 68.87
CA ALA H 2547 -30.88 73.73 68.18
C ALA H 2547 -30.00 74.19 67.02
N LEU H 2548 -28.69 74.27 67.25
CA LEU H 2548 -27.78 74.67 66.19
C LEU H 2548 -27.68 73.62 65.10
N ALA H 2549 -27.65 72.34 65.49
CA ALA H 2549 -27.60 71.27 64.50
C ALA H 2549 -28.87 71.23 63.67
N LEU H 2550 -30.03 71.44 64.30
CA LEU H 2550 -31.28 71.48 63.57
C LEU H 2550 -31.30 72.65 62.58
N ASN H 2551 -30.70 73.77 62.96
CA ASN H 2551 -30.66 74.95 62.09
C ASN H 2551 -29.91 74.65 60.81
N ARG H 2552 -28.76 73.98 60.91
CA ARG H 2552 -28.01 73.61 59.71
C ARG H 2552 -28.79 72.61 58.86
N TYR H 2553 -29.46 71.65 59.50
CA TYR H 2553 -30.25 70.67 58.77
C TYR H 2553 -31.38 71.34 58.01
N LEU H 2554 -32.02 72.35 58.63
CA LEU H 2554 -33.11 73.05 57.96
C LEU H 2554 -32.60 73.98 56.87
N CYS H 2555 -31.52 74.70 57.15
CA CYS H 2555 -31.06 75.75 56.24
C CYS H 2555 -30.14 75.23 55.14
N LEU H 2556 -29.86 73.94 55.11
CA LEU H 2556 -29.03 73.36 54.06
C LEU H 2556 -29.69 72.21 53.32
N ALA H 2557 -30.63 71.50 53.94
CA ALA H 2557 -31.27 70.35 53.32
C ALA H 2557 -32.77 70.52 53.16
N VAL H 2558 -33.46 70.97 54.20
CA VAL H 2558 -34.92 70.99 54.17
C VAL H 2558 -35.44 72.20 53.41
N LEU H 2559 -35.12 73.40 53.90
CA LEU H 2559 -35.70 74.60 53.33
C LEU H 2559 -35.35 74.82 51.87
N PRO H 2560 -34.11 74.65 51.41
CA PRO H 2560 -33.86 74.76 49.96
C PRO H 2560 -34.67 73.79 49.13
N LEU H 2561 -34.91 72.58 49.65
CA LEU H 2561 -35.76 71.63 48.94
C LEU H 2561 -37.19 72.15 48.83
N ILE H 2562 -37.71 72.73 49.92
CA ILE H 2562 -39.06 73.27 49.87
C ILE H 2562 -39.14 74.44 48.92
N THR H 2563 -38.09 75.26 48.84
CA THR H 2563 -38.09 76.40 47.94
C THR H 2563 -38.18 75.95 46.49
N LYS H 2564 -37.48 74.88 46.13
CA LYS H 2564 -37.60 74.35 44.78
C LYS H 2564 -39.01 73.83 44.50
N CYS H 2565 -39.61 73.17 45.48
CA CYS H 2565 -40.95 72.62 45.34
C CYS H 2565 -42.04 73.64 45.64
N ALA H 2566 -41.71 74.93 45.66
CA ALA H 2566 -42.72 75.95 45.89
C ALA H 2566 -43.84 75.96 44.85
N PRO H 2567 -43.60 75.79 43.54
CA PRO H 2567 -44.72 75.77 42.60
C PRO H 2567 -45.69 74.63 42.85
N LEU H 2568 -45.30 73.61 43.60
CA LEU H 2568 -46.18 72.48 43.88
C LEU H 2568 -47.18 72.77 44.98
N PHE H 2569 -47.37 74.03 45.36
CA PHE H 2569 -48.34 74.40 46.39
C PHE H 2569 -49.54 75.15 45.84
N ALA H 2570 -49.82 75.03 44.55
CA ALA H 2570 -50.92 75.79 43.97
C ALA H 2570 -52.27 75.22 44.36
N GLY H 2571 -52.42 73.90 44.33
CA GLY H 2571 -53.71 73.28 44.55
C GLY H 2571 -53.81 72.47 45.82
N THR H 2572 -53.37 73.04 46.94
CA THR H 2572 -53.35 72.33 48.22
C THR H 2572 -54.54 72.68 49.10
N GLU H 2573 -55.69 72.97 48.49
CA GLU H 2573 -56.88 73.28 49.28
C GLU H 2573 -57.31 72.09 50.14
N HIS H 2574 -57.19 70.87 49.61
CA HIS H 2574 -57.56 69.69 50.37
C HIS H 2574 -56.72 69.50 51.63
N ARG H 2575 -55.51 70.05 51.65
CA ARG H 2575 -54.62 69.98 52.81
C ARG H 2575 -54.37 71.37 53.36
N ALA H 2576 -55.43 72.18 53.45
CA ALA H 2576 -55.28 73.57 53.85
C ALA H 2576 -54.82 73.72 55.29
N ILE H 2577 -55.24 72.81 56.17
CA ILE H 2577 -54.89 72.94 57.59
C ILE H 2577 -53.39 72.76 57.78
N MET H 2578 -52.81 71.76 57.13
CA MET H 2578 -51.41 71.43 57.38
C MET H 2578 -50.48 72.43 56.71
N VAL H 2579 -50.85 72.93 55.52
CA VAL H 2579 -50.00 73.92 54.86
C VAL H 2579 -50.01 75.22 55.64
N ASP H 2580 -51.14 75.56 56.25
CA ASP H 2580 -51.20 76.75 57.09
C ASP H 2580 -50.29 76.62 58.31
N SER H 2581 -50.30 75.45 58.94
CA SER H 2581 -49.40 75.20 60.07
C SER H 2581 -47.94 75.27 59.62
N MET H 2582 -47.66 74.74 58.43
CA MET H 2582 -46.31 74.82 57.89
C MET H 2582 -45.90 76.26 57.62
N LEU H 2583 -46.84 77.08 57.14
CA LEU H 2583 -46.54 78.47 56.86
C LEU H 2583 -46.18 79.23 58.14
N HIS H 2584 -46.90 78.97 59.23
CA HIS H 2584 -46.60 79.62 60.49
CA HIS H 2584 -46.60 79.62 60.49
C HIS H 2584 -45.23 79.21 61.02
N THR H 2585 -44.90 77.92 60.93
CA THR H 2585 -43.64 77.42 61.49
C THR H 2585 -42.44 78.06 60.80
N VAL H 2586 -42.47 78.13 59.47
CA VAL H 2586 -41.33 78.70 58.75
C VAL H 2586 -41.20 80.19 59.04
N TYR H 2587 -42.33 80.89 59.17
CA TYR H 2587 -42.28 82.30 59.57
C TYR H 2587 -41.75 82.44 61.00
N ARG H 2588 -42.15 81.54 61.90
CA ARG H 2588 -41.67 81.59 63.27
C ARG H 2588 -40.15 81.43 63.31
N LEU H 2589 -39.60 80.52 62.51
CA LEU H 2589 -38.16 80.30 62.49
C LEU H 2589 -37.41 81.56 62.08
N SER H 2590 -37.98 82.33 61.16
CA SER H 2590 -37.31 83.56 60.71
C SER H 2590 -37.09 84.53 61.86
N ARG H 2591 -38.10 84.69 62.71
CA ARG H 2591 -37.96 85.50 63.92
C ARG H 2591 -37.23 84.71 65.00
N GLY H 2592 -36.01 84.29 64.71
CA GLY H 2592 -35.30 83.42 65.63
C GLY H 2592 -33.96 83.95 66.07
N ARG H 2593 -33.73 83.92 67.39
CA ARG H 2593 -32.43 84.27 67.93
C ARG H 2593 -31.43 83.13 67.69
N SER H 2594 -30.15 83.44 67.86
CA SER H 2594 -29.06 82.49 67.65
C SER H 2594 -29.06 81.93 66.23
N LEU H 2595 -29.37 82.77 65.25
CA LEU H 2595 -29.35 82.39 63.85
C LEU H 2595 -28.32 83.25 63.12
N THR H 2596 -27.50 82.60 62.30
CA THR H 2596 -26.56 83.35 61.48
C THR H 2596 -27.32 84.04 60.33
N LYS H 2597 -26.68 85.05 59.76
CA LYS H 2597 -27.31 85.79 58.67
C LYS H 2597 -27.54 84.89 57.47
N ALA H 2598 -26.57 84.05 57.14
CA ALA H 2598 -26.74 83.13 56.02
C ALA H 2598 -27.89 82.18 56.26
N GLN H 2599 -28.04 81.69 57.50
CA GLN H 2599 -29.17 80.83 57.83
C GLN H 2599 -30.48 81.61 57.76
N ARG H 2600 -30.44 82.90 58.11
CA ARG H 2600 -31.67 83.69 58.17
C ARG H 2600 -32.26 83.89 56.77
N ASP H 2601 -31.42 84.22 55.79
CA ASP H 2601 -31.94 84.51 54.45
C ASP H 2601 -32.54 83.28 53.79
N VAL H 2602 -32.02 82.09 54.10
CA VAL H 2602 -32.58 80.87 53.54
C VAL H 2602 -34.02 80.69 54.00
N ILE H 2603 -34.28 80.91 55.29
CA ILE H 2603 -35.65 80.86 55.80
C ILE H 2603 -36.49 81.94 55.15
N GLU H 2604 -35.90 83.10 54.90
CA GLU H 2604 -36.63 84.19 54.27
C GLU H 2604 -36.99 83.88 52.83
N ASP H 2605 -36.04 83.31 52.08
CA ASP H 2605 -36.31 82.98 50.68
C ASP H 2605 -37.40 81.93 50.56
N CYS H 2606 -37.39 80.94 51.46
CA CYS H 2606 -38.43 79.91 51.43
C CYS H 2606 -39.80 80.52 51.69
N LEU H 2607 -39.84 81.55 52.56
CA LEU H 2607 -41.12 82.17 52.90
C LEU H 2607 -41.69 82.95 51.72
N MET H 2608 -40.83 83.64 50.96
CA MET H 2608 -41.31 84.27 49.72
C MET H 2608 -41.84 83.24 48.75
N ALA H 2609 -41.07 82.18 48.50
CA ALA H 2609 -41.46 81.21 47.49
C ALA H 2609 -42.77 80.53 47.85
N LEU H 2610 -42.97 80.23 49.13
CA LEU H 2610 -44.24 79.63 49.56
C LEU H 2610 -45.40 80.58 49.31
N CYS H 2611 -45.23 81.85 49.65
CA CYS H 2611 -46.33 82.80 49.54
C CYS H 2611 -46.63 83.17 48.09
N ARG H 2612 -45.72 82.89 47.16
CA ARG H 2612 -45.93 83.26 45.78
CA ARG H 2612 -45.93 83.26 45.78
C ARG H 2612 -46.91 82.32 45.08
N TYR H 2613 -46.99 81.06 45.51
CA TYR H 2613 -47.86 80.10 44.86
C TYR H 2613 -49.04 79.65 45.70
N ILE H 2614 -49.02 79.90 47.00
CA ILE H 2614 -50.16 79.57 47.84
C ILE H 2614 -51.31 80.52 47.54
N ARG H 2615 -52.51 79.97 47.41
CA ARG H 2615 -53.68 80.78 47.12
C ARG H 2615 -53.94 81.78 48.25
N PRO H 2616 -54.40 82.98 47.92
CA PRO H 2616 -54.68 83.97 48.96
C PRO H 2616 -55.73 83.52 49.97
N SER H 2617 -56.70 82.72 49.54
CA SER H 2617 -57.78 82.31 50.44
C SER H 2617 -57.25 81.52 51.62
N MET H 2618 -56.31 80.61 51.39
CA MET H 2618 -55.71 79.83 52.46
C MET H 2618 -54.51 80.53 53.10
N LEU H 2619 -54.18 81.74 52.65
CA LEU H 2619 -53.14 82.55 53.24
C LEU H 2619 -53.70 83.58 54.22
N GLN H 2620 -55.00 83.47 54.55
CA GLN H 2620 -55.63 84.39 55.49
C GLN H 2620 -54.98 84.32 56.86
N HIS H 2621 -54.71 83.11 57.35
CA HIS H 2621 -54.32 82.95 58.75
C HIS H 2621 -52.97 83.60 59.03
N LEU H 2622 -52.04 83.52 58.08
CA LEU H 2622 -50.75 84.17 58.28
C LEU H 2622 -50.91 85.68 58.37
N LEU H 2623 -51.81 86.25 57.55
CA LEU H 2623 -52.05 87.68 57.58
C LEU H 2623 -52.58 88.12 58.94
N ARG H 2624 -53.48 87.33 59.54
CA ARG H 2624 -53.95 87.60 60.89
C ARG H 2624 -52.78 87.75 61.86
N ARG H 2625 -51.80 86.85 61.74
CA ARG H 2625 -50.64 86.91 62.63
C ARG H 2625 -49.73 88.08 62.26
N LEU H 2626 -49.55 88.31 60.95
CA LEU H 2626 -48.62 89.35 60.51
C LEU H 2626 -49.12 90.75 60.86
N VAL H 2627 -50.43 90.97 60.82
CA VAL H 2627 -50.98 92.27 61.21
C VAL H 2627 -50.64 92.59 62.66
N PHE H 2628 -50.45 91.55 63.49
CA PHE H 2628 -50.13 91.76 64.89
C PHE H 2628 -48.67 92.14 65.09
N ASP H 2629 -47.80 91.91 64.10
CA ASP H 2629 -46.37 92.04 64.28
C ASP H 2629 -45.72 93.16 63.47
N VAL H 2630 -46.04 93.28 62.18
CA VAL H 2630 -45.32 94.24 61.34
C VAL H 2630 -45.61 95.70 61.66
N PRO H 2631 -46.80 96.08 62.16
CA PRO H 2631 -46.96 97.47 62.61
C PRO H 2631 -46.01 97.87 63.73
N ILE H 2632 -45.56 96.91 64.55
CA ILE H 2632 -44.57 97.22 65.59
C ILE H 2632 -43.31 97.81 64.96
N LEU H 2633 -42.96 97.32 63.76
CA LEU H 2633 -41.95 97.95 62.92
C LEU H 2633 -40.56 97.92 63.56
N ASN H 2634 -40.21 96.75 64.10
CA ASN H 2634 -38.90 96.54 64.70
C ASN H 2634 -37.92 96.10 63.61
N GLU H 2635 -36.74 95.63 64.02
CA GLU H 2635 -35.78 95.12 63.06
C GLU H 2635 -36.28 93.85 62.37
N PHE H 2636 -37.16 93.10 63.02
CA PHE H 2636 -37.72 91.88 62.44
C PHE H 2636 -38.80 92.17 61.42
N ALA H 2637 -39.23 93.43 61.28
CA ALA H 2637 -40.31 93.79 60.37
C ALA H 2637 -39.85 93.99 58.95
N LYS H 2638 -38.54 93.94 58.68
CA LYS H 2638 -38.06 94.06 57.31
C LYS H 2638 -38.52 92.88 56.46
N MET H 2639 -38.49 91.68 57.03
CA MET H 2639 -38.94 90.50 56.32
C MET H 2639 -40.42 90.55 55.97
N PRO H 2640 -41.34 90.78 56.91
CA PRO H 2640 -42.76 90.79 56.53
C PRO H 2640 -43.12 91.81 55.48
N LEU H 2641 -42.44 92.96 55.45
CA LEU H 2641 -42.83 94.04 54.56
C LEU H 2641 -42.77 93.62 53.09
N LYS H 2642 -41.73 92.90 52.70
CA LYS H 2642 -41.59 92.54 51.30
C LYS H 2642 -42.58 91.45 50.91
N LEU H 2643 -43.00 90.62 51.87
CA LEU H 2643 -44.10 89.69 51.59
C LEU H 2643 -45.38 90.43 51.25
N LEU H 2644 -45.78 91.39 52.08
CA LEU H 2644 -47.00 92.13 51.82
C LEU H 2644 -46.90 92.92 50.54
N THR H 2645 -45.71 93.46 50.23
CA THR H 2645 -45.52 94.17 48.97
C THR H 2645 -45.78 93.26 47.79
N ASN H 2646 -45.20 92.05 47.81
CA ASN H 2646 -45.40 91.13 46.70
C ASN H 2646 -46.79 90.52 46.72
N HIS H 2647 -47.28 90.14 47.90
CA HIS H 2647 -48.57 89.48 47.99
C HIS H 2647 -49.70 90.38 47.52
N TYR H 2648 -49.65 91.66 47.91
CA TYR H 2648 -50.70 92.58 47.50
C TYR H 2648 -50.53 93.03 46.06
N GLU H 2649 -49.31 93.06 45.54
CA GLU H 2649 -49.12 93.35 44.12
C GLU H 2649 -49.52 92.16 43.26
N ARG H 2650 -49.17 90.95 43.70
CA ARG H 2650 -49.54 89.76 42.93
C ARG H 2650 -51.05 89.52 42.97
N CYS H 2651 -51.66 89.65 44.15
CA CYS H 2651 -53.04 89.24 44.36
C CYS H 2651 -53.97 90.42 44.64
N TRP H 2652 -53.76 91.55 43.97
CA TRP H 2652 -54.61 92.71 44.24
C TRP H 2652 -56.04 92.49 43.78
N LYS H 2653 -56.23 91.79 42.66
CA LYS H 2653 -57.58 91.57 42.16
C LYS H 2653 -58.40 90.73 43.12
N TYR H 2654 -57.75 89.95 43.99
CA TYR H 2654 -58.50 89.10 44.91
C TYR H 2654 -59.24 89.94 45.94
N TYR H 2655 -58.77 91.15 46.23
CA TYR H 2655 -59.45 92.05 47.14
C TYR H 2655 -60.19 93.18 46.43
N CYS H 2656 -59.62 93.78 45.41
CA CYS H 2656 -60.17 94.99 44.81
C CYS H 2656 -61.43 94.71 43.99
N LEU H 2657 -61.33 93.84 42.99
CA LEU H 2657 -62.45 93.62 42.09
C LEU H 2657 -63.61 92.94 42.83
N PRO H 2658 -64.84 93.41 42.66
CA PRO H 2658 -65.99 92.74 43.28
C PRO H 2658 -66.14 91.29 42.84
N THR H 2659 -65.89 91.00 41.57
CA THR H 2659 -65.90 89.62 41.09
C THR H 2659 -64.63 88.87 41.45
N GLY H 2660 -63.58 89.58 41.86
CA GLY H 2660 -62.37 88.94 42.31
C GLY H 2660 -61.49 88.45 41.18
N TRP H 2661 -60.63 87.50 41.53
CA TRP H 2661 -59.65 86.98 40.59
C TRP H 2661 -60.16 85.74 39.89
N ALA H 2662 -59.55 85.43 38.76
CA ALA H 2662 -59.97 84.27 37.97
C ALA H 2662 -59.71 82.99 38.75
N ASN H 2663 -60.78 82.22 38.96
CA ASN H 2663 -60.74 80.92 39.64
C ASN H 2663 -59.97 80.96 40.96
N PHE H 2664 -59.88 82.13 41.58
CA PHE H 2664 -59.23 82.27 42.88
C PHE H 2664 -60.15 82.79 43.97
N GLY H 2665 -61.39 83.16 43.65
CA GLY H 2665 -62.34 83.55 44.66
C GLY H 2665 -62.29 85.02 45.02
N VAL H 2666 -63.03 85.34 46.08
CA VAL H 2666 -63.18 86.69 46.58
C VAL H 2666 -62.96 86.68 48.08
N THR H 2667 -62.35 87.75 48.59
CA THR H 2667 -62.10 87.85 50.02
C THR H 2667 -63.40 87.78 50.81
N SER H 2668 -63.32 87.17 51.99
CA SER H 2668 -64.49 86.86 52.79
C SER H 2668 -64.87 87.97 53.76
N GLU H 2669 -64.50 89.21 53.44
CA GLU H 2669 -64.92 90.42 54.12
C GLU H 2669 -64.14 90.46 55.44
N GLU H 2670 -63.45 89.36 55.75
CA GLU H 2670 -62.60 89.29 56.94
C GLU H 2670 -61.15 89.62 56.63
N GLU H 2671 -60.64 89.18 55.48
CA GLU H 2671 -59.29 89.51 55.07
C GLU H 2671 -59.17 90.99 54.74
N LEU H 2672 -60.23 91.56 54.16
CA LEU H 2672 -60.23 92.99 53.85
C LEU H 2672 -60.08 93.83 55.11
N HIS H 2673 -60.77 93.44 56.19
CA HIS H 2673 -60.59 94.12 57.46
C HIS H 2673 -59.18 93.94 57.99
N LEU H 2674 -58.60 92.75 57.81
CA LEU H 2674 -57.21 92.53 58.21
C LEU H 2674 -56.28 93.42 57.41
N THR H 2675 -56.53 93.55 56.10
CA THR H 2675 -55.77 94.48 55.28
C THR H 2675 -56.01 95.92 55.70
N ARG H 2676 -57.26 96.25 56.03
CA ARG H 2676 -57.59 97.60 56.48
C ARG H 2676 -56.82 97.96 57.74
N LYS H 2677 -56.81 97.05 58.73
CA LYS H 2677 -56.01 97.28 59.93
C LYS H 2677 -54.52 97.28 59.62
N LEU H 2678 -54.08 96.43 58.69
CA LEU H 2678 -52.67 96.35 58.38
C LEU H 2678 -52.16 97.67 57.82
N PHE H 2679 -52.90 98.26 56.89
CA PHE H 2679 -52.49 99.52 56.28
C PHE H 2679 -52.35 100.62 57.33
N TRP H 2680 -53.37 100.78 58.17
CA TRP H 2680 -53.38 101.89 59.12
C TRP H 2680 -52.25 101.75 60.13
N GLY H 2681 -51.99 100.53 60.62
CA GLY H 2681 -50.98 100.36 61.64
C GLY H 2681 -49.60 100.78 61.18
N ILE H 2682 -49.19 100.34 59.99
CA ILE H 2682 -47.89 100.74 59.47
C ILE H 2682 -47.89 102.22 59.12
N PHE H 2683 -49.02 102.72 58.60
CA PHE H 2683 -49.14 104.16 58.35
C PHE H 2683 -49.02 104.95 59.65
N ASP H 2684 -49.82 104.58 60.64
CA ASP H 2684 -49.78 105.29 61.92
C ASP H 2684 -48.41 105.16 62.58
N SER H 2685 -47.84 103.94 62.56
CA SER H 2685 -46.55 103.74 63.21
C SER H 2685 -45.45 104.53 62.53
N LEU H 2686 -45.39 104.47 61.19
CA LEU H 2686 -44.36 105.20 60.47
C LEU H 2686 -44.54 106.71 60.61
N ALA H 2687 -45.77 107.17 60.79
CA ALA H 2687 -46.01 108.59 61.01
C ALA H 2687 -45.32 109.10 62.28
N HIS H 2688 -45.40 108.34 63.38
CA HIS H 2688 -44.71 108.70 64.61
C HIS H 2688 -43.26 108.24 64.64
N LYS H 2689 -42.92 107.15 63.96
CA LYS H 2689 -41.58 106.58 64.02
C LYS H 2689 -40.56 107.53 63.43
N LYS H 2690 -39.40 107.62 64.08
CA LYS H 2690 -38.33 108.48 63.60
C LYS H 2690 -37.80 107.99 62.26
N TYR H 2691 -37.36 108.92 61.43
CA TYR H 2691 -37.03 108.62 60.05
C TYR H 2691 -35.80 107.72 59.97
N ASP H 2692 -35.96 106.56 59.33
CA ASP H 2692 -34.87 105.67 58.99
C ASP H 2692 -34.98 105.37 57.49
N GLN H 2693 -33.89 105.58 56.76
CA GLN H 2693 -33.95 105.50 55.30
C GLN H 2693 -34.33 104.10 54.83
N GLU H 2694 -33.73 103.06 55.43
CA GLU H 2694 -34.06 101.70 55.03
C GLU H 2694 -35.52 101.38 55.31
N LEU H 2695 -36.02 101.82 56.46
CA LEU H 2695 -37.44 101.64 56.76
C LEU H 2695 -38.31 102.40 55.78
N TYR H 2696 -37.92 103.63 55.43
CA TYR H 2696 -38.72 104.42 54.50
C TYR H 2696 -38.70 103.86 53.08
N ARG H 2697 -37.59 103.24 52.69
CA ARG H 2697 -37.47 102.80 51.31
C ARG H 2697 -38.40 101.63 50.99
N MET H 2698 -38.60 100.71 51.93
CA MET H 2698 -39.39 99.53 51.66
C MET H 2698 -40.73 99.49 52.39
N ALA H 2699 -40.99 100.41 53.32
CA ALA H 2699 -42.33 100.52 53.86
C ALA H 2699 -43.26 101.23 52.88
N MET H 2700 -42.73 102.15 52.09
CA MET H 2700 -43.55 102.87 51.11
C MET H 2700 -44.17 101.95 50.07
N PRO H 2701 -43.42 101.06 49.40
CA PRO H 2701 -44.08 100.14 48.44
C PRO H 2701 -45.11 99.25 49.10
N CYS H 2702 -44.90 98.87 50.36
CA CYS H 2702 -45.92 98.11 51.06
C CYS H 2702 -47.19 98.93 51.22
N LEU H 2703 -47.05 100.22 51.54
CA LEU H 2703 -48.22 101.08 51.64
C LEU H 2703 -48.92 101.22 50.28
N CYS H 2704 -48.13 101.39 49.22
CA CYS H 2704 -48.71 101.51 47.89
C CYS H 2704 -49.41 100.23 47.47
N ALA H 2705 -48.79 99.08 47.76
CA ALA H 2705 -49.40 97.81 47.40
C ALA H 2705 -50.70 97.58 48.15
N ILE H 2706 -50.72 97.92 49.45
CA ILE H 2706 -51.93 97.72 50.24
C ILE H 2706 -53.04 98.65 49.75
N ALA H 2707 -52.70 99.90 49.42
CA ALA H 2707 -53.70 100.86 48.98
C ALA H 2707 -54.36 100.42 47.68
N GLY H 2708 -53.58 99.87 46.74
CA GLY H 2708 -54.15 99.39 45.51
C GLY H 2708 -55.02 98.15 45.64
N ALA H 2709 -54.86 97.40 46.73
CA ALA H 2709 -55.65 96.20 46.96
C ALA H 2709 -56.98 96.49 47.62
N LEU H 2710 -57.04 97.46 48.51
CA LEU H 2710 -58.28 97.75 49.21
C LEU H 2710 -59.25 98.47 48.28
N PRO H 2711 -60.47 97.99 48.14
CA PRO H 2711 -61.49 98.75 47.41
C PRO H 2711 -61.74 100.07 48.10
N PRO H 2712 -61.79 101.17 47.34
CA PRO H 2712 -61.93 102.50 47.98
C PRO H 2712 -63.22 102.66 48.75
N ASP H 2713 -64.25 101.89 48.43
CA ASP H 2713 -65.54 101.99 49.10
C ASP H 2713 -65.75 100.92 50.16
N TYR H 2714 -64.68 100.44 50.79
CA TYR H 2714 -64.81 99.32 51.72
C TYR H 2714 -65.37 99.81 53.05
N VAL H 2715 -66.34 99.07 53.58
CA VAL H 2715 -66.92 99.31 54.90
C VAL H 2715 -66.84 98.00 55.68
N ASP H 2716 -66.31 98.08 56.90
CA ASP H 2716 -66.17 96.90 57.74
C ASP H 2716 -67.42 96.71 58.60
N ALA H 2717 -67.90 95.46 58.68
CA ALA H 2717 -69.10 95.18 59.45
C ALA H 2717 -68.90 95.48 60.94
N SER H 2718 -67.75 95.09 61.49
CA SER H 2718 -67.43 95.37 62.89
C SER H 2718 -66.57 96.63 62.93
N TYR H 2719 -67.25 97.78 62.90
CA TYR H 2719 -66.57 99.06 62.91
C TYR H 2719 -66.31 99.50 64.36
N SER H 2720 -65.46 98.72 65.02
CA SER H 2720 -65.07 99.01 66.40
C SER H 2720 -63.74 98.34 66.67
N SER H 2721 -63.01 98.89 67.63
CA SER H 2721 -61.69 98.37 67.99
C SER H 2721 -61.42 98.63 69.46
N LYS H 2722 -60.53 97.82 70.03
CA LYS H 2722 -60.14 98.01 71.42
C LYS H 2722 -59.22 99.21 71.59
N ALA H 2723 -58.49 99.57 70.54
CA ALA H 2723 -57.53 100.68 70.57
C ALA H 2723 -56.49 100.49 71.67
N GLU H 2724 -56.04 99.25 71.83
CA GLU H 2724 -55.01 98.90 72.80
C GLU H 2724 -53.65 98.80 72.12
N LYS H 2725 -52.60 98.80 72.94
CA LYS H 2725 -51.22 98.70 72.47
C LYS H 2725 -50.89 99.79 71.44
N ASN H 2734 -43.47 84.94 74.66
CA ASN H 2734 -44.61 84.24 74.11
C ASN H 2734 -45.92 84.97 74.42
N PHE H 2735 -47.01 84.23 74.45
CA PHE H 2735 -48.34 84.78 74.71
C PHE H 2735 -48.75 84.40 76.12
N ASP H 2736 -49.07 85.40 76.94
CA ASP H 2736 -49.47 85.20 78.33
C ASP H 2736 -50.85 85.81 78.56
N PRO H 2737 -51.93 85.02 78.46
CA PRO H 2737 -53.26 85.58 78.70
C PRO H 2737 -53.52 85.86 80.18
N ARG H 2738 -53.70 87.14 80.51
CA ARG H 2738 -53.91 87.53 81.90
C ARG H 2738 -55.35 87.25 82.32
N PRO H 2739 -55.58 86.51 83.40
CA PRO H 2739 -56.94 86.34 83.90
C PRO H 2739 -57.42 87.58 84.66
N VAL H 2740 -58.69 87.60 85.04
CA VAL H 2740 -59.26 88.72 85.77
C VAL H 2740 -59.31 88.36 87.25
N GLU H 2741 -58.75 89.22 88.10
CA GLU H 2741 -58.70 88.99 89.53
C GLU H 2741 -60.06 89.31 90.13
N THR H 2742 -60.76 88.28 90.60
CA THR H 2742 -62.09 88.44 91.16
C THR H 2742 -62.28 87.81 92.53
N LEU H 2743 -61.36 86.93 92.97
CA LEU H 2743 -61.50 86.35 94.30
C LEU H 2743 -61.16 87.34 95.39
N ASN H 2744 -60.28 88.31 95.09
CA ASN H 2744 -59.91 89.32 96.09
C ASN H 2744 -61.10 90.19 96.48
N VAL H 2745 -61.90 90.59 95.50
CA VAL H 2745 -63.06 91.44 95.77
C VAL H 2745 -64.22 90.57 96.24
N ILE H 2746 -65.05 91.14 97.12
CA ILE H 2746 -66.17 90.40 97.68
C ILE H 2746 -67.27 90.26 96.62
N ILE H 2747 -67.78 89.04 96.47
CA ILE H 2747 -68.84 88.76 95.50
C ILE H 2747 -70.17 89.23 96.09
N PRO H 2748 -70.90 90.10 95.42
CA PRO H 2748 -72.23 90.49 95.92
C PRO H 2748 -73.17 89.29 95.90
N GLU H 2749 -73.94 89.14 96.98
CA GLU H 2749 -74.89 88.04 97.12
C GLU H 2749 -76.33 88.54 97.17
N LYS H 2750 -76.57 89.80 96.77
CA LYS H 2750 -77.92 90.34 96.79
C LYS H 2750 -78.82 89.67 95.76
N LEU H 2751 -78.25 89.04 94.73
CA LEU H 2751 -79.00 88.33 93.70
C LEU H 2751 -78.81 86.83 93.81
N ASP H 2752 -78.75 86.30 95.03
CA ASP H 2752 -78.52 84.87 95.22
C ASP H 2752 -79.66 84.02 94.68
N SER H 2753 -80.83 84.61 94.43
CA SER H 2753 -81.92 83.85 93.83
C SER H 2753 -81.56 83.34 92.44
N PHE H 2754 -80.64 84.02 91.76
CA PHE H 2754 -80.16 83.60 90.45
C PHE H 2754 -78.84 82.85 90.51
N ILE H 2755 -77.98 83.17 91.49
CA ILE H 2755 -76.66 82.54 91.56
C ILE H 2755 -76.80 81.05 91.81
N ASN H 2756 -77.60 80.68 92.81
CA ASN H 2756 -77.75 79.26 93.15
C ASN H 2756 -78.67 78.54 92.17
N LYS H 2757 -79.72 79.22 91.69
CA LYS H 2757 -80.67 78.59 90.79
C LYS H 2757 -80.03 78.27 89.44
N PHE H 2758 -79.31 79.23 88.86
CA PHE H 2758 -78.68 79.02 87.57
C PHE H 2758 -77.46 78.12 87.65
N ALA H 2759 -76.80 78.06 88.81
CA ALA H 2759 -75.63 77.20 88.95
C ALA H 2759 -76.00 75.73 88.76
N GLU H 2760 -77.10 75.30 89.37
CA GLU H 2760 -77.61 73.95 89.16
C GLU H 2760 -78.44 73.83 87.90
N TYR H 2761 -78.80 74.95 87.27
CA TYR H 2761 -79.60 74.89 86.04
C TYR H 2761 -78.76 74.44 84.86
N THR H 2762 -77.48 74.84 84.80
CA THR H 2762 -76.62 74.40 83.72
C THR H 2762 -76.44 72.88 83.74
N HIS H 2763 -76.24 72.31 84.93
CA HIS H 2763 -76.19 70.86 85.05
C HIS H 2763 -77.58 70.25 84.83
N GLU H 2764 -78.63 70.97 85.21
CA GLU H 2764 -79.98 70.49 84.92
C GLU H 2764 -80.23 70.40 83.42
N LYS H 2765 -79.66 71.33 82.66
CA LYS H 2765 -79.76 71.27 81.20
C LYS H 2765 -79.03 70.05 80.65
N TRP H 2766 -78.00 69.56 81.34
CA TRP H 2766 -77.30 68.37 80.88
C TRP H 2766 -78.22 67.15 80.91
N ALA H 2767 -79.20 67.13 81.81
CA ALA H 2767 -80.21 66.07 81.78
C ALA H 2767 -81.01 66.12 80.49
N PHE H 2768 -81.37 67.32 80.03
CA PHE H 2768 -82.03 67.46 78.74
C PHE H 2768 -81.12 67.05 77.59
N ASP H 2769 -79.82 67.28 77.73
CA ASP H 2769 -78.88 66.85 76.70
C ASP H 2769 -78.78 65.33 76.62
N LYS H 2770 -79.18 64.63 77.69
CA LYS H 2770 -79.15 63.17 77.66
C LYS H 2770 -80.28 62.61 76.79
N ILE H 2771 -81.48 63.19 76.89
CA ILE H 2771 -82.59 62.69 76.09
C ILE H 2771 -82.36 62.97 74.61
N GLN H 2772 -81.61 64.03 74.29
CA GLN H 2772 -81.21 64.26 72.90
C GLN H 2772 -80.12 63.30 72.45
N ASN H 2773 -79.30 62.83 73.39
CA ASN H 2773 -78.28 61.83 73.10
C ASN H 2773 -78.87 60.44 72.89
N ASN H 2774 -80.17 60.26 73.17
CA ASN H 2774 -80.93 59.02 73.04
C ASN H 2774 -80.56 57.99 74.09
N TRP H 2775 -79.63 58.30 75.00
CA TRP H 2775 -79.31 57.43 76.12
C TRP H 2775 -79.70 58.11 77.42
N SER H 2776 -80.55 57.46 78.20
CA SER H 2776 -81.09 58.06 79.41
C SER H 2776 -80.05 58.05 80.53
N TYR H 2777 -80.33 58.81 81.58
CA TYR H 2777 -79.44 58.92 82.73
C TYR H 2777 -79.49 57.65 83.57
N GLY H 2778 -78.37 57.37 84.24
CA GLY H 2778 -78.27 56.20 85.08
C GLY H 2778 -77.73 56.55 86.45
N GLU H 2779 -78.02 55.69 87.42
CA GLU H 2779 -77.58 55.90 88.79
C GLU H 2779 -76.21 55.28 89.05
N ASN H 2780 -76.01 54.04 88.62
CA ASN H 2780 -74.75 53.35 88.85
C ASN H 2780 -73.62 53.97 88.03
N VAL H 2781 -72.42 53.94 88.60
CA VAL H 2781 -71.24 54.46 87.92
C VAL H 2781 -70.75 53.42 86.91
N ASP H 2782 -70.60 53.85 85.66
CA ASP H 2782 -70.19 52.94 84.59
C ASP H 2782 -69.59 53.76 83.45
N GLU H 2783 -68.81 53.08 82.61
CA GLU H 2783 -68.21 53.70 81.44
C GLU H 2783 -68.85 53.24 80.13
N GLU H 2784 -69.82 52.33 80.19
CA GLU H 2784 -70.46 51.82 78.99
C GLU H 2784 -71.59 52.72 78.50
N LEU H 2785 -72.10 53.61 79.34
CA LEU H 2785 -73.19 54.50 78.95
C LEU H 2785 -72.70 55.74 78.21
N LYS H 2786 -71.38 55.94 78.13
CA LYS H 2786 -70.74 57.08 77.46
C LYS H 2786 -71.42 58.40 77.78
N THR H 2787 -72.00 58.51 78.97
CA THR H 2787 -72.68 59.72 79.42
C THR H 2787 -72.38 60.00 80.89
N HIS H 2788 -73.14 60.90 81.50
CA HIS H 2788 -72.92 61.24 82.89
C HIS H 2788 -73.37 60.07 83.76
N PRO H 2789 -72.47 59.45 84.53
CA PRO H 2789 -72.86 58.20 85.21
C PRO H 2789 -73.57 58.39 86.54
N MET H 2790 -73.40 59.53 87.21
CA MET H 2790 -74.08 59.77 88.47
C MET H 2790 -75.26 60.73 88.32
N LEU H 2791 -75.77 60.90 87.11
CA LEU H 2791 -76.96 61.73 86.87
C LEU H 2791 -78.18 60.99 87.41
N ARG H 2792 -78.80 61.54 88.44
CA ARG H 2792 -79.89 60.90 89.14
C ARG H 2792 -81.08 61.83 89.24
N PRO H 2793 -82.30 61.30 89.34
CA PRO H 2793 -83.47 62.16 89.52
C PRO H 2793 -83.40 62.90 90.85
N TYR H 2794 -83.99 64.10 90.87
CA TYR H 2794 -83.88 64.99 92.03
C TYR H 2794 -84.42 64.34 93.30
N LYS H 2795 -85.34 63.37 93.18
CA LYS H 2795 -85.81 62.66 94.35
C LYS H 2795 -84.67 61.89 95.02
N THR H 2796 -83.78 61.30 94.21
CA THR H 2796 -82.64 60.54 94.73
C THR H 2796 -81.31 61.13 94.26
N PHE H 2797 -81.28 62.41 93.90
CA PHE H 2797 -80.05 63.06 93.44
C PHE H 2797 -79.31 63.61 94.64
N SER H 2798 -78.13 63.05 94.92
CA SER H 2798 -77.31 63.54 96.02
C SER H 2798 -76.81 64.94 95.73
N GLU H 2799 -76.77 65.78 96.76
CA GLU H 2799 -76.35 67.16 96.61
C GLU H 2799 -74.83 67.33 96.64
N LYS H 2800 -74.08 66.24 96.82
CA LYS H 2800 -72.63 66.34 96.76
C LYS H 2800 -72.17 66.82 95.38
N ASP H 2801 -72.77 66.30 94.32
CA ASP H 2801 -72.49 66.80 92.98
C ASP H 2801 -73.14 68.15 92.73
N LYS H 2802 -74.30 68.41 93.35
CA LYS H 2802 -74.95 69.71 93.18
C LYS H 2802 -74.16 70.82 93.88
N GLU H 2803 -73.42 70.48 94.93
CA GLU H 2803 -72.63 71.46 95.68
C GLU H 2803 -71.22 71.62 95.13
N ILE H 2804 -70.88 70.96 94.04
CA ILE H 2804 -69.59 71.13 93.39
C ILE H 2804 -69.70 71.63 91.96
N TYR H 2805 -70.83 71.44 91.29
CA TYR H 2805 -71.02 71.95 89.94
C TYR H 2805 -71.30 73.44 89.91
N ARG H 2806 -71.59 74.06 91.06
CA ARG H 2806 -71.90 75.49 91.11
C ARG H 2806 -70.66 76.36 91.00
N TRP H 2807 -69.47 75.80 91.22
CA TRP H 2807 -68.25 76.61 91.23
C TRP H 2807 -67.98 77.32 89.91
N PRO H 2808 -68.07 76.66 88.74
CA PRO H 2808 -67.86 77.42 87.49
C PRO H 2808 -68.84 78.57 87.31
N ILE H 2809 -70.10 78.38 87.73
CA ILE H 2809 -71.08 79.45 87.64
C ILE H 2809 -70.75 80.56 88.64
N LYS H 2810 -70.26 80.18 89.82
CA LYS H 2810 -69.91 81.18 90.84
C LYS H 2810 -68.86 82.14 90.31
N GLU H 2811 -67.80 81.62 89.69
CA GLU H 2811 -66.79 82.49 89.09
C GLU H 2811 -67.29 83.14 87.81
N SER H 2812 -68.26 82.52 87.13
CA SER H 2812 -68.81 83.10 85.92
C SER H 2812 -69.50 84.42 86.20
N LEU H 2813 -70.28 84.49 87.28
CA LEU H 2813 -70.90 85.75 87.67
C LEU H 2813 -69.86 86.72 88.24
N LYS H 2814 -68.85 86.20 88.93
CA LYS H 2814 -67.77 87.05 89.41
C LYS H 2814 -67.04 87.72 88.26
N ALA H 2815 -66.76 86.97 87.19
CA ALA H 2815 -66.04 87.53 86.06
C ALA H 2815 -66.85 88.61 85.36
N MET H 2816 -68.14 88.37 85.15
CA MET H 2816 -69.00 89.34 84.49
C MET H 2816 -69.19 90.61 85.31
N ILE H 2817 -69.30 90.48 86.63
CA ILE H 2817 -69.46 91.66 87.49
C ILE H 2817 -68.14 92.35 87.80
N ALA H 2818 -67.00 91.68 87.57
CA ALA H 2818 -65.72 92.30 87.83
C ALA H 2818 -65.38 93.37 86.81
N TRP H 2819 -65.85 93.22 85.57
CA TRP H 2819 -65.55 94.17 84.52
C TRP H 2819 -66.46 95.38 84.60
N GLU H 2820 -66.49 96.06 85.75
CA GLU H 2820 -67.27 97.26 86.02
C GLU H 2820 -68.68 97.19 85.44
N TRP H 2821 -69.30 96.01 85.49
CA TRP H 2821 -70.64 95.80 84.95
C TRP H 2821 -71.59 95.50 86.10
N THR H 2822 -72.23 96.55 86.61
CA THR H 2822 -73.25 96.37 87.64
C THR H 2822 -74.51 95.76 87.05
N ILE H 2823 -75.12 94.84 87.78
CA ILE H 2823 -76.31 94.13 87.33
C ILE H 2823 -77.46 94.46 88.28
N GLU H 2824 -78.59 94.86 87.70
CA GLU H 2824 -79.76 95.27 88.47
C GLU H 2824 -80.94 94.37 88.14
N LYS H 2825 -81.69 93.99 89.17
CA LYS H 2825 -82.87 93.14 89.01
C LYS H 2825 -84.06 94.02 88.71
N ALA H 2826 -84.36 94.18 87.41
CA ALA H 2826 -85.53 94.96 87.03
C ALA H 2826 -86.82 94.31 87.49
N ARG H 2827 -86.90 92.98 87.38
CA ARG H 2827 -88.09 92.25 87.78
C ARG H 2827 -88.04 91.91 89.27
N GLU H 2828 -89.17 91.45 89.79
CA GLU H 2828 -89.28 91.00 91.18
C GLU H 2828 -90.33 89.90 91.22
N GLY H 2829 -89.89 88.66 91.26
CA GLY H 2829 -90.80 87.54 91.28
C GLY H 2829 -90.13 86.28 91.77
N GLU H 2830 -90.77 85.15 91.50
CA GLU H 2830 -90.29 83.84 91.92
C GLU H 2830 -90.08 83.77 93.43
N TYR H 2855 -87.71 65.49 87.90
CA TYR H 2855 -86.36 65.90 87.55
C TYR H 2855 -86.25 66.19 86.06
N ASN H 2856 -86.63 67.41 85.67
CA ASN H 2856 -86.62 67.80 84.27
C ASN H 2856 -86.60 69.32 84.14
N PRO H 2857 -85.65 69.89 83.41
CA PRO H 2857 -85.66 71.34 83.21
C PRO H 2857 -86.72 71.77 82.21
N GLN H 2858 -87.95 71.93 82.68
CA GLN H 2858 -89.06 72.28 81.79
C GLN H 2858 -88.83 73.59 81.05
N PRO H 2859 -88.41 74.69 81.68
CA PRO H 2859 -88.05 75.88 80.91
C PRO H 2859 -86.74 75.68 80.18
N PRO H 2860 -86.74 75.73 78.86
CA PRO H 2860 -85.51 75.42 78.11
C PRO H 2860 -84.60 76.62 77.93
N ASP H 2861 -83.31 76.44 78.23
CA ASP H 2861 -82.30 77.47 78.01
C ASP H 2861 -81.69 77.25 76.63
N LEU H 2862 -82.01 78.13 75.70
CA LEU H 2862 -81.62 78.02 74.31
C LEU H 2862 -80.82 79.27 73.90
N SER H 2863 -79.78 79.05 73.10
CA SER H 2863 -78.84 80.12 72.78
C SER H 2863 -78.89 80.57 71.32
N GLY H 2864 -79.84 80.06 70.53
CA GLY H 2864 -79.94 80.46 69.14
C GLY H 2864 -80.70 81.74 68.89
N VAL H 2865 -81.29 82.34 69.92
CA VAL H 2865 -82.07 83.56 69.76
C VAL H 2865 -81.13 84.77 69.74
N THR H 2866 -81.60 85.83 69.11
CA THR H 2866 -80.81 87.05 68.96
C THR H 2866 -80.88 87.90 70.21
N LEU H 2867 -80.06 88.96 70.22
CA LEU H 2867 -79.98 89.85 71.38
C LEU H 2867 -79.42 91.19 70.91
N SER H 2868 -79.58 92.20 71.77
CA SER H 2868 -79.11 93.54 71.45
C SER H 2868 -77.59 93.59 71.34
N ARG H 2869 -77.09 94.48 70.49
CA ARG H 2869 -75.66 94.57 70.23
C ARG H 2869 -74.89 95.04 71.47
N GLU H 2870 -75.40 96.05 72.17
CA GLU H 2870 -74.70 96.59 73.33
CA GLU H 2870 -74.69 96.58 73.32
C GLU H 2870 -74.54 95.54 74.42
N LEU H 2871 -75.60 94.79 74.70
CA LEU H 2871 -75.53 93.77 75.74
C LEU H 2871 -74.76 92.54 75.29
N GLN H 2872 -74.83 92.19 74.00
CA GLN H 2872 -74.08 91.04 73.49
C GLN H 2872 -72.57 91.29 73.50
N ALA H 2873 -72.15 92.55 73.27
CA ALA H 2873 -70.73 92.86 73.30
C ALA H 2873 -70.14 92.59 74.67
N MET H 2874 -70.92 92.81 75.73
CA MET H 2874 -70.46 92.47 77.08
C MET H 2874 -70.27 90.96 77.22
N ALA H 2875 -71.18 90.17 76.64
CA ALA H 2875 -71.05 88.72 76.70
C ALA H 2875 -69.82 88.26 75.93
N GLU H 2876 -69.53 88.89 74.78
CA GLU H 2876 -68.34 88.53 74.02
C GLU H 2876 -67.08 88.81 74.82
N GLN H 2877 -67.04 89.94 75.52
CA GLN H 2877 -65.90 90.24 76.39
C GLN H 2877 -65.82 89.24 77.53
N LEU H 2878 -66.98 88.82 78.06
CA LEU H 2878 -66.99 87.76 79.06
C LEU H 2878 -66.46 86.46 78.46
N ALA H 2879 -66.85 86.15 77.22
CA ALA H 2879 -66.28 85.00 76.53
C ALA H 2879 -64.79 85.20 76.28
N GLU H 2880 -64.36 86.44 76.05
CA GLU H 2880 -62.94 86.73 75.98
C GLU H 2880 -62.24 86.41 77.29
N ASN H 2881 -62.86 86.75 78.42
CA ASN H 2881 -62.31 86.39 79.71
C ASN H 2881 -62.34 84.89 79.93
N TYR H 2882 -63.31 84.18 79.34
CA TYR H 2882 -63.32 82.74 79.41
C TYR H 2882 -62.08 82.14 78.74
N HIS H 2883 -61.69 82.70 77.60
CA HIS H 2883 -60.56 82.15 76.85
C HIS H 2883 -59.23 82.44 77.54
N ASN H 2884 -59.04 83.68 78.00
CA ASN H 2884 -57.75 84.04 78.59
C ASN H 2884 -57.53 83.33 79.93
N THR H 2885 -58.60 83.18 80.71
CA THR H 2885 -58.50 82.36 81.92
C THR H 2885 -58.20 80.91 81.58
N TRP H 2886 -58.83 80.38 80.53
CA TRP H 2886 -58.53 79.03 80.06
C TRP H 2886 -57.10 78.95 79.55
N GLY H 2887 -56.65 79.95 78.81
CA GLY H 2887 -55.28 79.96 78.31
C GLY H 2887 -54.25 80.10 79.41
N ARG H 2888 -54.57 80.86 80.46
CA ARG H 2888 -53.60 81.09 81.53
C ARG H 2888 -53.25 79.78 82.23
N LYS H 2889 -54.26 79.02 82.64
CA LYS H 2889 -53.98 77.74 83.30
C LYS H 2889 -53.35 76.74 82.33
N LYS H 2890 -53.70 76.81 81.05
CA LYS H 2890 -53.08 75.92 80.06
C LYS H 2890 -51.61 76.25 79.87
N LYS H 2891 -51.26 77.55 79.83
CA LYS H 2891 -49.88 77.93 79.62
C LYS H 2891 -49.00 77.70 80.85
N GLN H 2892 -49.58 77.69 82.05
CA GLN H 2892 -48.79 77.44 83.25
C GLN H 2892 -48.18 76.04 83.22
N GLU H 2893 -48.96 75.05 82.77
CA GLU H 2893 -48.40 73.71 82.59
C GLU H 2893 -47.43 73.68 81.41
N LEU H 2894 -47.70 74.46 80.37
CA LEU H 2894 -46.85 74.47 79.19
C LEU H 2894 -45.56 75.24 79.40
N GLU H 2895 -45.59 76.30 80.22
CA GLU H 2895 -44.40 77.12 80.42
C GLU H 2895 -43.33 76.40 81.23
N ALA H 2896 -43.65 75.26 81.85
CA ALA H 2896 -42.64 74.47 82.54
C ALA H 2896 -41.57 73.95 81.59
N LYS H 2897 -41.93 73.75 80.31
CA LYS H 2897 -40.95 73.35 79.30
C LYS H 2897 -40.29 74.56 78.64
N GLY H 2898 -41.06 75.60 78.35
CA GLY H 2898 -40.54 76.77 77.69
C GLY H 2898 -40.44 76.66 76.18
N GLY H 2899 -40.81 75.51 75.61
CA GLY H 2899 -40.72 75.32 74.17
C GLY H 2899 -42.07 75.05 73.53
N GLY H 2900 -42.36 75.75 72.45
CA GLY H 2900 -43.62 75.61 71.76
C GLY H 2900 -44.75 76.35 72.46
N THR H 2901 -45.93 76.26 71.86
CA THR H 2901 -47.12 76.89 72.42
C THR H 2901 -48.35 76.14 71.96
N HIS H 2902 -49.40 76.24 72.75
CA HIS H 2902 -50.68 75.64 72.39
C HIS H 2902 -51.26 76.38 71.18
N PRO H 2903 -51.84 75.65 70.22
CA PRO H 2903 -52.40 76.33 69.03
C PRO H 2903 -53.50 77.32 69.35
N LEU H 2904 -54.24 77.14 70.44
CA LEU H 2904 -55.31 78.04 70.83
C LEU H 2904 -54.82 79.16 71.75
N LEU H 2905 -53.52 79.23 72.02
CA LEU H 2905 -52.95 80.32 72.80
C LEU H 2905 -52.82 81.58 71.94
N VAL H 2906 -53.98 82.12 71.56
CA VAL H 2906 -54.05 83.31 70.72
C VAL H 2906 -55.05 84.28 71.35
N PRO H 2907 -54.93 85.57 71.03
CA PRO H 2907 -55.92 86.52 71.54
C PRO H 2907 -57.33 86.19 71.05
N TYR H 2908 -58.31 86.52 71.88
CA TYR H 2908 -59.70 86.12 71.62
C TYR H 2908 -60.22 86.67 70.29
N ASP H 2909 -59.78 87.87 69.90
CA ASP H 2909 -60.20 88.41 68.61
C ASP H 2909 -59.51 87.71 67.45
N THR H 2910 -58.27 87.26 67.66
CA THR H 2910 -57.52 86.63 66.57
C THR H 2910 -58.14 85.32 66.13
N LEU H 2911 -58.60 84.50 67.07
CA LEU H 2911 -59.15 83.20 66.73
C LEU H 2911 -60.46 83.34 65.97
N THR H 2912 -60.70 82.40 65.06
CA THR H 2912 -61.88 82.43 64.21
C THR H 2912 -63.13 82.03 65.00
N ALA H 2913 -64.27 82.05 64.31
CA ALA H 2913 -65.55 81.82 64.99
C ALA H 2913 -65.75 80.34 65.33
N LYS H 2914 -65.18 79.43 64.54
CA LYS H 2914 -65.42 78.00 64.77
C LYS H 2914 -64.85 77.56 66.11
N GLU H 2915 -63.67 78.08 66.49
CA GLU H 2915 -63.09 77.79 67.79
C GLU H 2915 -63.56 78.74 68.87
N LYS H 2916 -64.39 79.72 68.52
CA LYS H 2916 -64.93 80.67 69.49
C LYS H 2916 -66.24 80.21 70.11
N ALA H 2917 -66.97 79.31 69.44
CA ALA H 2917 -68.27 78.88 69.92
C ALA H 2917 -68.20 78.18 71.27
N ARG H 2918 -67.04 77.63 71.63
CA ARG H 2918 -66.89 77.00 72.95
C ARG H 2918 -67.08 78.02 74.06
N ASP H 2919 -66.51 79.22 73.88
CA ASP H 2919 -66.68 80.27 74.88
C ASP H 2919 -67.85 81.19 74.53
N ARG H 2920 -68.17 81.34 73.25
CA ARG H 2920 -69.28 82.20 72.84
C ARG H 2920 -70.61 81.68 73.36
N GLU H 2921 -70.85 80.38 73.20
CA GLU H 2921 -72.12 79.81 73.64
C GLU H 2921 -72.24 79.84 75.16
N LYS H 2922 -71.15 79.57 75.88
CA LYS H 2922 -71.19 79.58 77.33
C LYS H 2922 -71.53 80.97 77.86
N ALA H 2923 -70.92 82.01 77.28
CA ALA H 2923 -71.22 83.38 77.70
C ALA H 2923 -72.64 83.76 77.33
N GLN H 2924 -73.08 83.41 76.12
CA GLN H 2924 -74.43 83.77 75.68
C GLN H 2924 -75.50 83.06 76.51
N GLU H 2925 -75.28 81.78 76.84
CA GLU H 2925 -76.29 81.02 77.56
C GLU H 2925 -76.56 81.62 78.93
N LEU H 2926 -75.51 82.10 79.61
CA LEU H 2926 -75.72 82.83 80.86
C LEU H 2926 -76.49 84.11 80.63
N LEU H 2927 -76.19 84.83 79.54
CA LEU H 2927 -76.92 86.05 79.22
C LEU H 2927 -78.36 85.74 78.83
N LYS H 2928 -78.60 84.62 78.15
CA LYS H 2928 -79.95 84.24 77.78
C LYS H 2928 -80.80 83.98 79.01
N PHE H 2929 -80.22 83.34 80.04
CA PHE H 2929 -80.93 83.16 81.29
C PHE H 2929 -81.23 84.51 81.95
N LEU H 2930 -80.28 85.43 81.90
CA LEU H 2930 -80.51 86.78 82.39
C LEU H 2930 -81.49 87.56 81.53
N GLN H 2931 -81.72 87.12 80.29
CA GLN H 2931 -82.59 87.86 79.39
C GLN H 2931 -84.06 87.66 79.73
N MET H 2932 -84.53 86.40 79.72
CA MET H 2932 -85.93 86.12 79.96
C MET H 2932 -86.38 86.52 81.36
N ASN H 2933 -85.48 86.48 82.34
CA ASN H 2933 -85.81 86.94 83.69
C ASN H 2933 -85.84 88.46 83.79
N GLY H 2934 -84.96 89.15 83.07
CA GLY H 2934 -84.93 90.60 83.09
C GLY H 2934 -83.85 91.19 83.99
N TYR H 2935 -82.64 90.67 83.89
CA TYR H 2935 -81.49 91.20 84.63
C TYR H 2935 -80.80 92.24 83.77
N ALA H 2936 -80.82 93.49 84.23
CA ALA H 2936 -80.26 94.62 83.49
C ALA H 2936 -78.84 94.87 83.97
N VAL H 2937 -77.87 94.65 83.09
CA VAL H 2937 -76.46 94.92 83.36
C VAL H 2937 -75.96 95.89 82.30
N THR H 2938 -75.39 97.01 82.75
CA THR H 2938 -74.91 98.06 81.86
C THR H 2938 -73.63 98.64 82.44
N ARG H 2939 -72.76 99.09 81.54
CA ARG H 2939 -71.49 99.70 81.94
C ARG H 2939 -71.71 100.97 82.74
N LEU H 2946 -69.59 106.10 66.56
CA LEU H 2946 -70.94 106.02 67.10
C LEU H 2946 -71.92 106.74 66.18
N ASP H 2947 -72.98 106.03 65.79
CA ASP H 2947 -74.00 106.55 64.87
C ASP H 2947 -73.37 107.07 63.59
N THR H 2948 -72.41 106.33 63.05
CA THR H 2948 -71.68 106.75 61.86
C THR H 2948 -72.32 106.14 60.62
N SER H 2949 -72.58 107.01 59.64
CA SER H 2949 -73.16 106.58 58.38
C SER H 2949 -72.14 105.81 57.54
N SER H 2950 -72.65 104.94 56.67
CA SER H 2950 -71.78 104.08 55.88
C SER H 2950 -70.94 104.88 54.88
N ILE H 2951 -71.38 106.10 54.55
CA ILE H 2951 -70.65 106.92 53.60
C ILE H 2951 -69.33 107.40 54.21
N GLU H 2952 -69.34 107.69 55.50
CA GLU H 2952 -68.14 108.17 56.17
C GLU H 2952 -67.16 107.05 56.48
N LYS H 2953 -67.63 105.82 56.59
CA LYS H 2953 -66.80 104.66 56.92
C LYS H 2953 -65.97 104.16 55.74
N ARG H 2954 -66.11 104.77 54.56
CA ARG H 2954 -65.36 104.32 53.40
C ARG H 2954 -63.86 104.52 53.61
N PHE H 2955 -63.07 103.64 53.00
CA PHE H 2955 -61.62 103.72 53.14
C PHE H 2955 -61.06 104.96 52.46
N ALA H 2956 -61.49 105.24 51.22
CA ALA H 2956 -60.96 106.38 50.50
C ALA H 2956 -61.28 107.69 51.20
N PHE H 2957 -62.51 107.82 51.70
CA PHE H 2957 -62.87 108.97 52.51
C PHE H 2957 -61.94 109.09 53.71
N GLY H 2958 -61.73 107.98 54.43
CA GLY H 2958 -60.86 108.02 55.58
C GLY H 2958 -59.41 108.30 55.22
N PHE H 2959 -58.92 107.68 54.15
CA PHE H 2959 -57.56 107.93 53.71
C PHE H 2959 -57.39 109.37 53.22
N LEU H 2960 -58.36 109.86 52.45
CA LEU H 2960 -58.30 111.25 51.97
C LEU H 2960 -58.44 112.22 53.13
N GLN H 2961 -59.35 111.94 54.06
CA GLN H 2961 -59.47 112.73 55.29
C GLN H 2961 -58.14 112.75 56.03
N GLN H 2962 -57.48 111.58 56.12
CA GLN H 2962 -56.16 111.50 56.73
C GLN H 2962 -55.15 112.31 55.94
N LEU H 2963 -55.35 112.41 54.62
CA LEU H 2963 -54.40 113.13 53.77
C LEU H 2963 -54.55 114.64 53.93
N LEU H 2964 -55.80 115.14 53.97
CA LEU H 2964 -56.02 116.55 54.23
C LEU H 2964 -55.67 116.92 55.66
N ARG H 2965 -55.90 116.01 56.61
CA ARG H 2965 -55.50 116.29 57.98
C ARG H 2965 -53.99 116.52 58.03
N TRP H 2966 -53.23 115.71 57.31
CA TRP H 2966 -51.80 115.92 57.16
C TRP H 2966 -51.48 117.13 56.30
N MET H 2967 -52.41 117.58 55.46
CA MET H 2967 -52.16 118.72 54.59
C MET H 2967 -51.93 119.99 55.42
N ASP H 2968 -52.72 120.17 56.48
CA ASP H 2968 -52.52 121.33 57.34
C ASP H 2968 -51.18 121.28 58.08
N ILE H 2969 -50.74 120.08 58.49
CA ILE H 2969 -49.39 119.94 59.04
C ILE H 2969 -48.35 120.27 57.98
N SER H 2970 -48.58 119.86 56.74
CA SER H 2970 -47.63 120.18 55.67
C SER H 2970 -47.52 121.68 55.47
N GLN H 2971 -48.66 122.38 55.50
CA GLN H 2971 -48.67 123.84 55.46
C GLN H 2971 -47.94 124.40 56.68
N GLU H 2972 -48.17 123.80 57.85
CA GLU H 2972 -47.58 124.31 59.09
C GLU H 2972 -46.05 124.36 59.00
N PHE H 2973 -45.42 123.29 58.52
CA PHE H 2973 -43.97 123.25 58.46
C PHE H 2973 -43.36 124.04 57.31
N ILE H 2974 -44.01 124.10 56.14
CA ILE H 2974 -43.43 124.88 55.04
C ILE H 2974 -43.41 126.36 55.40
N ALA H 2975 -44.48 126.86 56.02
CA ALA H 2975 -44.48 128.23 56.51
C ALA H 2975 -43.37 128.44 57.53
N HIS H 2976 -43.21 127.49 58.44
CA HIS H 2976 -42.03 127.51 59.31
C HIS H 2976 -40.75 127.41 58.49
N LEU H 2977 -40.73 126.52 57.49
CA LEU H 2977 -39.58 126.44 56.59
C LEU H 2977 -39.42 127.74 55.82
N GLU H 2978 -40.52 128.33 55.37
CA GLU H 2978 -40.46 129.64 54.74
C GLU H 2978 -39.99 130.70 55.73
N ALA H 2979 -40.45 130.61 56.98
CA ALA H 2979 -40.01 131.56 57.99
C ALA H 2979 -38.52 131.45 58.24
N VAL H 2980 -38.03 130.24 58.48
CA VAL H 2980 -36.61 130.07 58.78
C VAL H 2980 -35.74 130.39 57.57
N VAL H 2981 -36.23 130.07 56.37
CA VAL H 2981 -35.47 130.40 55.17
C VAL H 2981 -35.49 131.90 54.91
N SER H 2982 -36.41 132.63 55.53
CA SER H 2982 -36.46 134.09 55.43
C SER H 2982 -35.75 134.78 56.57
N SER H 2983 -35.97 134.34 57.81
CA SER H 2983 -35.31 134.92 58.96
C SER H 2983 -35.19 133.87 60.06
N GLY H 2984 -34.13 133.99 60.85
CA GLY H 2984 -33.89 133.05 61.93
C GLY H 2984 -33.53 131.66 61.44
N ARG H 2985 -32.36 131.53 60.81
CA ARG H 2985 -31.94 130.24 60.29
C ARG H 2985 -31.73 129.23 61.41
N VAL H 2986 -32.28 128.04 61.23
CA VAL H 2986 -32.12 126.96 62.21
C VAL H 2986 -32.23 125.63 61.45
N GLU H 2987 -31.34 124.70 61.79
CA GLU H 2987 -31.30 123.39 61.15
C GLU H 2987 -31.86 122.29 62.04
N LYS H 2988 -32.52 122.66 63.15
CA LYS H 2988 -33.12 121.64 64.00
C LYS H 2988 -34.20 120.86 63.26
N SER H 2989 -35.02 121.57 62.48
CA SER H 2989 -36.13 120.98 61.74
C SER H 2989 -37.02 120.17 62.68
N PRO H 2990 -37.80 120.82 63.54
CA PRO H 2990 -38.68 120.07 64.45
C PRO H 2990 -39.67 119.20 63.73
N HIS H 2991 -39.96 119.47 62.46
CA HIS H 2991 -40.86 118.68 61.65
C HIS H 2991 -40.09 117.77 60.70
N GLU H 2992 -38.86 117.38 61.06
CA GLU H 2992 -38.04 116.58 60.18
C GLU H 2992 -38.69 115.23 59.87
N GLN H 2993 -39.24 114.58 60.89
CA GLN H 2993 -40.05 113.39 60.63
C GLN H 2993 -41.25 113.75 59.77
N GLU H 2994 -41.83 114.92 60.01
CA GLU H 2994 -42.98 115.36 59.23
C GLU H 2994 -42.57 115.72 57.80
N ILE H 2995 -41.37 116.28 57.64
CA ILE H 2995 -40.91 116.66 56.30
C ILE H 2995 -40.66 115.42 55.45
N LYS H 2996 -39.87 114.49 55.96
CA LYS H 2996 -39.51 113.31 55.19
C LYS H 2996 -40.73 112.42 54.94
N PHE H 2997 -41.58 112.24 55.94
CA PHE H 2997 -42.80 111.47 55.74
C PHE H 2997 -43.68 112.12 54.69
N PHE H 2998 -43.61 113.44 54.57
CA PHE H 2998 -44.32 114.13 53.50
C PHE H 2998 -43.65 113.87 52.16
N ALA H 2999 -42.32 114.01 52.10
CA ALA H 2999 -41.61 113.95 50.83
C ALA H 2999 -41.43 112.52 50.35
N LYS H 3000 -41.16 111.57 51.25
CA LYS H 3000 -40.77 110.23 50.86
C LYS H 3000 -41.88 109.21 50.89
N ILE H 3001 -42.98 109.47 51.61
CA ILE H 3001 -44.03 108.49 51.81
C ILE H 3001 -45.30 108.85 51.05
N LEU H 3002 -45.92 109.99 51.39
CA LEU H 3002 -47.26 110.23 50.88
C LEU H 3002 -47.24 110.71 49.44
N LEU H 3003 -46.20 111.44 49.04
CA LEU H 3003 -46.12 111.86 47.63
C LEU H 3003 -46.08 110.67 46.69
N PRO H 3004 -45.24 109.66 46.89
CA PRO H 3004 -45.42 108.42 46.10
C PRO H 3004 -46.76 107.75 46.37
N LEU H 3005 -47.26 107.83 47.61
CA LEU H 3005 -48.56 107.25 47.92
C LEU H 3005 -49.68 107.98 47.19
N ILE H 3006 -49.58 109.32 47.11
CA ILE H 3006 -50.52 110.08 46.30
C ILE H 3006 -50.41 109.69 44.84
N ASN H 3007 -49.18 109.53 44.35
CA ASN H 3007 -48.97 109.22 42.95
C ASN H 3007 -49.65 107.91 42.55
N GLN H 3008 -49.44 106.86 43.32
CA GLN H 3008 -50.01 105.55 42.98
C GLN H 3008 -51.51 105.45 43.27
N TYR H 3009 -51.97 105.98 44.40
CA TYR H 3009 -53.35 105.73 44.81
C TYR H 3009 -54.35 106.28 43.80
N PHE H 3010 -54.09 107.49 43.31
CA PHE H 3010 -55.04 108.14 42.40
C PHE H 3010 -54.89 107.66 40.97
N THR H 3011 -53.72 107.14 40.58
CA THR H 3011 -53.61 106.51 39.28
C THR H 3011 -54.42 105.22 39.22
N ASN H 3012 -54.32 104.38 40.24
CA ASN H 3012 -55.03 103.11 40.24
C ASN H 3012 -56.54 103.32 40.31
N HIS H 3013 -56.99 104.30 41.09
CA HIS H 3013 -58.41 104.55 41.30
C HIS H 3013 -58.84 105.91 40.75
N CYS H 3014 -58.32 106.28 39.57
CA CYS H 3014 -58.79 107.48 38.91
C CYS H 3014 -60.24 107.36 38.48
N LEU H 3015 -60.62 106.21 37.92
CA LEU H 3015 -61.98 106.02 37.46
C LEU H 3015 -62.98 106.03 38.60
N TYR H 3016 -62.54 105.69 39.81
CA TYR H 3016 -63.44 105.74 40.96
C TYR H 3016 -63.91 107.16 41.24
N PHE H 3017 -62.98 108.13 41.17
CA PHE H 3017 -63.32 109.50 41.50
C PHE H 3017 -64.08 110.21 40.38
N LEU H 3018 -64.04 109.68 39.16
CA LEU H 3018 -64.75 110.30 38.06
C LEU H 3018 -66.10 109.63 37.77
N SER H 3019 -66.45 108.58 38.50
CA SER H 3019 -67.71 107.89 38.25
C SER H 3019 -68.87 108.62 38.92
N THR H 3020 -70.07 108.37 38.43
CA THR H 3020 -71.31 108.94 38.93
C THR H 3020 -72.39 107.88 38.87
N PRO H 3021 -73.41 107.96 39.72
CA PRO H 3021 -74.49 106.96 39.65
C PRO H 3021 -75.17 106.92 38.30
N ALA H 3022 -75.23 108.06 37.60
CA ALA H 3022 -75.77 108.07 36.24
C ALA H 3022 -74.89 107.28 35.29
N LYS H 3023 -73.58 107.38 35.44
CA LYS H 3023 -72.63 106.77 34.50
C LYS H 3023 -71.45 106.21 35.29
N VAL H 3024 -71.43 104.90 35.49
CA VAL H 3024 -70.34 104.24 36.21
C VAL H 3024 -69.23 103.94 35.22
N LEU H 3025 -67.99 104.13 35.66
CA LEU H 3025 -66.82 103.98 34.78
C LEU H 3025 -65.96 102.77 35.11
N GLY H 3026 -65.79 102.43 36.38
CA GLY H 3026 -64.99 101.30 36.77
C GLY H 3026 -65.78 100.01 36.76
N SER H 3027 -65.14 98.96 37.29
CA SER H 3027 -65.82 97.68 37.42
C SER H 3027 -67.02 97.80 38.36
N GLY H 3028 -66.86 98.54 39.45
CA GLY H 3028 -67.95 98.77 40.36
C GLY H 3028 -67.58 99.85 41.35
N GLY H 3029 -68.61 100.48 41.91
CA GLY H 3029 -68.39 101.53 42.89
C GLY H 3029 -68.07 102.87 42.28
N HIS H 3030 -68.62 103.93 42.86
CA HIS H 3030 -68.42 105.29 42.39
C HIS H 3030 -68.14 106.18 43.59
N ALA H 3031 -67.29 107.19 43.38
CA ALA H 3031 -66.90 108.06 44.48
C ALA H 3031 -68.09 108.88 44.96
N SER H 3032 -68.26 108.92 46.27
CA SER H 3032 -69.34 109.69 46.84
C SER H 3032 -69.09 111.18 46.62
N ASN H 3033 -70.18 111.96 46.67
CA ASN H 3033 -70.06 113.39 46.45
C ASN H 3033 -69.10 114.02 47.45
N LYS H 3034 -69.12 113.53 48.69
CA LYS H 3034 -68.21 114.05 49.71
C LYS H 3034 -66.75 113.82 49.34
N GLU H 3035 -66.44 112.64 48.79
CA GLU H 3035 -65.06 112.32 48.45
C GLU H 3035 -64.56 113.16 47.28
N LYS H 3036 -65.42 113.38 46.27
CA LYS H 3036 -65.02 114.22 45.15
C LYS H 3036 -64.71 115.65 45.61
N GLU H 3037 -65.52 116.19 46.51
CA GLU H 3037 -65.23 117.49 47.08
C GLU H 3037 -63.91 117.47 47.85
N MET H 3038 -63.64 116.37 48.54
CA MET H 3038 -62.46 116.26 49.38
C MET H 3038 -61.17 116.28 48.55
N ILE H 3039 -61.14 115.51 47.47
CA ILE H 3039 -59.94 115.41 46.66
C ILE H 3039 -59.68 116.72 45.92
N THR H 3040 -60.74 117.42 45.51
CA THR H 3040 -60.57 118.71 44.86
C THR H 3040 -59.86 119.70 45.77
N SER H 3041 -60.23 119.70 47.06
CA SER H 3041 -59.53 120.56 48.02
C SER H 3041 -58.08 120.12 48.22
N LEU H 3042 -57.81 118.82 48.12
CA LEU H 3042 -56.44 118.33 48.26
C LEU H 3042 -55.55 118.88 47.17
N PHE H 3043 -56.02 118.86 45.93
CA PHE H 3043 -55.23 119.37 44.82
C PHE H 3043 -55.00 120.87 44.96
N CYS H 3044 -56.02 121.61 45.37
CA CYS H 3044 -55.90 123.06 45.49
C CYS H 3044 -54.92 123.44 46.60
N LYS H 3045 -55.03 122.79 47.76
CA LYS H 3045 -54.07 123.06 48.84
C LYS H 3045 -52.66 122.69 48.43
N LEU H 3046 -52.49 121.52 47.79
CA LEU H 3046 -51.17 121.10 47.36
C LEU H 3046 -50.61 122.02 46.28
N ALA H 3047 -51.45 122.44 45.33
CA ALA H 3047 -51.00 123.39 44.32
C ALA H 3047 -50.60 124.71 44.94
N ALA H 3048 -51.37 125.20 45.91
CA ALA H 3048 -50.97 126.39 46.64
C ALA H 3048 -49.79 126.11 47.55
N LEU H 3049 -49.66 124.87 48.02
CA LEU H 3049 -48.54 124.52 48.90
C LEU H 3049 -47.21 124.72 48.18
N VAL H 3050 -47.10 124.21 46.95
CA VAL H 3050 -45.89 124.39 46.15
C VAL H 3050 -45.88 125.74 45.43
N ARG H 3051 -46.99 126.48 45.46
CA ARG H 3051 -47.08 127.74 44.76
C ARG H 3051 -46.00 128.68 45.27
N HIS H 3052 -45.06 129.04 44.38
CA HIS H 3052 -43.96 129.95 44.64
C HIS H 3052 -42.86 129.32 45.50
N ARG H 3053 -43.08 128.11 45.99
CA ARG H 3053 -42.16 127.46 46.92
C ARG H 3053 -41.53 126.22 46.29
N VAL H 3054 -41.28 126.25 44.98
CA VAL H 3054 -40.83 125.05 44.28
C VAL H 3054 -39.42 124.68 44.69
N SER H 3055 -38.54 125.68 44.82
CA SER H 3055 -37.15 125.39 45.17
C SER H 3055 -37.03 124.79 46.57
N LEU H 3056 -37.81 125.28 47.53
CA LEU H 3056 -37.74 124.78 48.89
C LEU H 3056 -38.00 123.28 48.98
N PHE H 3057 -38.80 122.72 48.07
CA PHE H 3057 -39.03 121.29 48.08
C PHE H 3057 -37.83 120.51 47.54
N GLY H 3058 -36.88 121.19 46.90
CA GLY H 3058 -35.68 120.51 46.42
C GLY H 3058 -36.00 119.49 45.35
N THR H 3059 -35.39 118.30 45.47
CA THR H 3059 -35.63 117.23 44.52
C THR H 3059 -37.04 116.67 44.62
N ASP H 3060 -37.79 117.00 45.67
CA ASP H 3060 -39.17 116.57 45.78
C ASP H 3060 -40.10 117.31 44.82
N ALA H 3061 -39.64 118.41 44.22
CA ALA H 3061 -40.51 119.17 43.33
C ALA H 3061 -41.01 118.36 42.14
N PRO H 3062 -40.18 117.57 41.43
CA PRO H 3062 -40.75 116.68 40.42
C PRO H 3062 -41.76 115.70 40.99
N ALA H 3063 -41.57 115.24 42.24
CA ALA H 3063 -42.58 114.41 42.87
C ALA H 3063 -43.86 115.21 43.12
N VAL H 3064 -43.71 116.49 43.43
CA VAL H 3064 -44.89 117.33 43.69
C VAL H 3064 -45.69 117.53 42.41
N VAL H 3065 -45.02 117.89 41.32
CA VAL H 3065 -45.75 118.21 40.10
C VAL H 3065 -46.43 116.96 39.54
N ASN H 3066 -45.81 115.78 39.69
CA ASN H 3066 -46.46 114.56 39.27
C ASN H 3066 -47.72 114.30 40.08
N CYS H 3067 -47.70 114.66 41.37
CA CYS H 3067 -48.90 114.56 42.18
C CYS H 3067 -50.00 115.47 41.64
N LEU H 3068 -49.63 116.70 41.26
CA LEU H 3068 -50.61 117.62 40.70
C LEU H 3068 -51.19 117.11 39.39
N HIS H 3069 -50.35 116.51 38.55
CA HIS H 3069 -50.85 115.95 37.29
C HIS H 3069 -51.88 114.86 37.55
N ILE H 3070 -51.58 113.93 38.45
CA ILE H 3070 -52.50 112.84 38.72
C ILE H 3070 -53.73 113.35 39.45
N LEU H 3071 -53.56 114.30 40.36
CA LEU H 3071 -54.72 114.86 41.06
C LEU H 3071 -55.60 115.65 40.10
N ALA H 3072 -55.00 116.29 39.10
CA ALA H 3072 -55.79 117.05 38.13
C ALA H 3072 -56.66 116.13 37.28
N ARG H 3073 -56.16 114.93 36.98
CA ARG H 3073 -56.92 114.01 36.15
C ARG H 3073 -57.96 113.22 36.92
N SER H 3074 -58.05 113.42 38.24
CA SER H 3074 -59.02 112.74 39.07
C SER H 3074 -60.01 113.72 39.70
N LEU H 3075 -60.37 114.76 38.95
CA LEU H 3075 -61.26 115.81 39.44
C LEU H 3075 -62.60 115.72 38.71
N ASP H 3076 -63.63 115.26 39.42
CA ASP H 3076 -65.00 115.25 38.89
C ASP H 3076 -65.64 116.61 39.17
N ALA H 3077 -65.09 117.63 38.49
CA ALA H 3077 -65.47 119.00 38.78
C ALA H 3077 -66.88 119.35 38.33
N ARG H 3078 -67.54 118.51 37.52
CA ARG H 3078 -68.96 118.71 37.26
C ARG H 3078 -69.77 118.61 38.54
N THR H 3079 -69.56 117.55 39.31
CA THR H 3079 -70.32 117.34 40.54
C THR H 3079 -69.87 118.29 41.64
N VAL H 3080 -68.67 118.85 41.51
CA VAL H 3080 -68.17 119.74 42.55
C VAL H 3080 -68.93 121.05 42.54
N MET H 3081 -69.19 121.61 41.36
CA MET H 3081 -69.79 122.94 41.30
C MET H 3081 -71.31 122.88 41.27
N LYS H 3082 -71.89 121.80 40.73
CA LYS H 3082 -73.34 121.68 40.72
C LYS H 3082 -73.88 121.53 42.14
N SER H 3083 -73.39 120.53 42.87
CA SER H 3083 -73.77 120.29 44.26
C SER H 3083 -72.49 120.10 45.06
N GLY H 3084 -71.93 121.20 45.55
CA GLY H 3084 -70.73 121.16 46.34
C GLY H 3084 -70.69 122.25 47.39
N PRO H 3085 -69.90 122.05 48.44
CA PRO H 3085 -69.79 123.07 49.49
C PRO H 3085 -69.14 124.32 48.97
N GLU H 3086 -69.55 125.46 49.54
CA GLU H 3086 -69.05 126.75 49.10
C GLU H 3086 -67.55 126.87 49.35
N ILE H 3087 -67.08 126.35 50.48
CA ILE H 3087 -65.67 126.49 50.84
C ILE H 3087 -64.78 125.75 49.83
N VAL H 3088 -65.17 124.54 49.44
CA VAL H 3088 -64.37 123.78 48.48
C VAL H 3088 -64.47 124.40 47.09
N LYS H 3089 -65.68 124.79 46.68
CA LYS H 3089 -65.84 125.40 45.37
C LYS H 3089 -65.04 126.70 45.26
N ALA H 3090 -65.02 127.50 46.34
CA ALA H 3090 -64.25 128.73 46.32
C ALA H 3090 -62.75 128.46 46.29
N GLY H 3091 -62.32 127.28 46.74
CA GLY H 3091 -60.91 126.94 46.65
C GLY H 3091 -60.46 126.72 45.21
N LEU H 3092 -61.22 125.94 44.44
CA LEU H 3092 -60.90 125.73 43.04
C LEU H 3092 -61.07 127.02 42.26
N ARG H 3093 -62.12 127.79 42.57
CA ARG H 3093 -62.35 129.06 41.89
C ARG H 3093 -61.17 130.01 42.12
N SER H 3094 -60.45 129.83 43.23
CA SER H 3094 -59.33 130.71 43.55
C SER H 3094 -58.05 130.29 42.83
N PHE H 3095 -57.86 128.99 42.62
CA PHE H 3095 -56.64 128.52 41.96
C PHE H 3095 -56.52 129.09 40.55
N PHE H 3096 -57.58 128.92 39.75
CA PHE H 3096 -57.60 129.52 38.42
C PHE H 3096 -57.41 131.03 38.50
N GLU H 3097 -58.05 131.67 39.48
CA GLU H 3097 -57.82 133.08 39.72
C GLU H 3097 -56.37 133.35 40.10
N SER H 3098 -55.80 132.52 40.97
CA SER H 3098 -54.40 132.69 41.37
C SER H 3098 -53.46 132.37 40.22
N ALA H 3099 -53.75 131.28 39.48
CA ALA H 3099 -52.90 130.91 38.34
C ALA H 3099 -52.94 131.99 37.27
N SER H 3100 -54.11 132.59 37.04
CA SER H 3100 -54.22 133.68 36.07
C SER H 3100 -53.32 134.85 36.47
N GLU H 3101 -53.32 135.20 37.76
CA GLU H 3101 -52.44 136.27 38.23
C GLU H 3101 -50.98 135.91 38.04
N ASP H 3102 -50.62 134.64 38.28
CA ASP H 3102 -49.23 134.22 38.11
C ASP H 3102 -48.78 134.36 36.66
N ILE H 3103 -49.61 133.93 35.72
CA ILE H 3103 -49.24 134.03 34.30
C ILE H 3103 -49.23 135.48 33.86
N GLU H 3104 -50.22 136.26 34.29
CA GLU H 3104 -50.22 137.69 33.99
C GLU H 3104 -48.94 138.35 34.46
N LYS H 3105 -48.53 138.06 35.69
CA LYS H 3105 -47.21 138.49 36.16
C LYS H 3105 -46.10 137.86 35.34
N MET H 3106 -46.28 136.62 34.90
CA MET H 3106 -45.24 135.94 34.13
C MET H 3106 -45.09 136.56 32.75
N VAL H 3107 -46.20 136.78 32.04
CA VAL H 3107 -46.13 137.25 30.67
C VAL H 3107 -45.58 138.68 30.62
N GLU H 3108 -45.96 139.52 31.58
CA GLU H 3108 -45.42 140.88 31.62
C GLU H 3108 -43.94 140.87 31.98
N ASN H 3109 -43.49 139.88 32.74
CA ASN H 3109 -42.06 139.67 32.91
C ASN H 3109 -41.41 139.27 31.59
N LEU H 3110 -42.06 138.38 30.82
CA LEU H 3110 -41.61 138.04 29.48
C LEU H 3110 -41.80 139.20 28.50
N ARG H 3111 -42.71 140.13 28.81
CA ARG H 3111 -42.88 141.40 28.09
C ARG H 3111 -41.71 142.34 28.31
N LEU H 3112 -40.71 141.78 29.01
CA LEU H 3112 -39.55 142.51 29.50
C LEU H 3112 -40.00 143.63 30.44
N GLY H 3113 -40.96 143.32 31.32
CA GLY H 3113 -41.23 144.18 32.46
C GLY H 3113 -40.25 143.93 33.58
N LYS H 3114 -39.69 142.73 33.64
CA LYS H 3114 -38.59 142.40 34.53
C LYS H 3114 -37.56 141.59 33.74
N VAL H 3115 -36.30 141.68 34.17
CA VAL H 3115 -35.22 141.03 33.42
C VAL H 3115 -35.41 139.52 33.39
N SER H 3116 -35.74 138.92 34.54
CA SER H 3116 -35.92 137.48 34.67
C SER H 3116 -34.69 136.71 34.18
N LYS H 3123 -35.76 137.56 43.16
CA LYS H 3123 -36.96 138.00 43.86
C LYS H 3123 -38.11 137.03 43.61
N GLY H 3124 -39.35 137.54 43.73
CA GLY H 3124 -40.51 136.72 43.46
C GLY H 3124 -40.71 136.39 42.00
N VAL H 3125 -40.15 137.19 41.09
CA VAL H 3125 -40.23 136.88 39.67
C VAL H 3125 -39.48 135.58 39.36
N GLY H 3126 -38.27 135.45 39.89
CA GLY H 3126 -37.53 134.21 39.72
C GLY H 3126 -38.27 133.01 40.28
N GLN H 3127 -38.88 133.18 41.46
CA GLN H 3127 -39.77 132.16 41.97
C GLN H 3127 -40.99 131.98 41.06
N ASN H 3128 -41.56 133.08 40.59
CA ASN H 3128 -42.72 133.00 39.71
C ASN H 3128 -42.36 132.34 38.38
N LEU H 3129 -41.22 132.71 37.81
CA LEU H 3129 -40.82 132.14 36.53
C LEU H 3129 -40.65 130.63 36.61
N THR H 3130 -39.87 130.16 37.59
CA THR H 3130 -39.67 128.73 37.74
C THR H 3130 -40.93 128.03 38.25
N TYR H 3131 -41.80 128.75 38.95
CA TYR H 3131 -43.08 128.15 39.33
C TYR H 3131 -43.97 127.99 38.11
N THR H 3132 -43.83 128.86 37.11
CA THR H 3132 -44.66 128.78 35.92
C THR H 3132 -44.11 127.77 34.92
N THR H 3133 -42.84 127.90 34.56
CA THR H 3133 -42.27 127.06 33.52
C THR H 3133 -42.11 125.61 33.96
N VAL H 3134 -42.05 125.34 35.26
CA VAL H 3134 -41.88 123.99 35.78
C VAL H 3134 -43.16 123.45 36.40
N ALA H 3135 -43.86 124.26 37.20
CA ALA H 3135 -44.98 123.79 37.99
C ALA H 3135 -46.33 124.23 37.48
N LEU H 3136 -46.46 125.47 36.99
CA LEU H 3136 -47.79 126.00 36.72
C LEU H 3136 -48.30 125.58 35.35
N LEU H 3137 -47.52 125.85 34.30
CA LEU H 3137 -47.97 125.52 32.94
C LEU H 3137 -48.24 124.04 32.74
N PRO H 3138 -47.36 123.11 33.13
CA PRO H 3138 -47.72 121.69 32.97
C PRO H 3138 -48.99 121.30 33.72
N VAL H 3139 -49.22 121.88 34.90
CA VAL H 3139 -50.43 121.56 35.64
C VAL H 3139 -51.65 122.17 34.95
N LEU H 3140 -51.53 123.40 34.47
CA LEU H 3140 -52.64 124.03 33.76
C LEU H 3140 -52.96 123.29 32.48
N THR H 3141 -51.93 122.84 31.76
CA THR H 3141 -52.17 122.03 30.55
C THR H 3141 -52.88 120.73 30.90
N THR H 3142 -52.43 120.05 31.96
CA THR H 3142 -53.06 118.82 32.37
C THR H 3142 -54.49 119.06 32.84
N LEU H 3143 -54.71 120.14 33.59
CA LEU H 3143 -56.05 120.41 34.11
C LEU H 3143 -57.01 120.79 32.99
N PHE H 3144 -56.53 121.52 32.00
CA PHE H 3144 -57.37 121.86 30.85
C PHE H 3144 -57.71 120.63 30.01
N GLN H 3145 -56.76 119.70 29.87
CA GLN H 3145 -57.05 118.45 29.19
C GLN H 3145 -58.14 117.66 29.93
N HIS H 3146 -58.06 117.62 31.26
CA HIS H 3146 -58.99 116.82 32.03
C HIS H 3146 -60.43 117.31 31.84
N ILE H 3147 -60.62 118.63 31.77
CA ILE H 3147 -61.96 119.16 31.62
C ILE H 3147 -62.38 119.19 30.16
N ALA H 3148 -61.42 119.29 29.25
CA ALA H 3148 -61.74 119.27 27.82
C ALA H 3148 -62.15 117.87 27.38
N GLN H 3149 -61.44 116.84 27.83
CA GLN H 3149 -61.79 115.48 27.46
C GLN H 3149 -63.17 115.10 27.99
N HIS H 3150 -63.46 115.47 29.23
CA HIS H 3150 -64.67 115.03 29.91
C HIS H 3150 -65.82 116.02 29.75
N GLN H 3151 -65.67 117.03 28.88
CA GLN H 3151 -66.72 118.00 28.59
C GLN H 3151 -67.16 118.76 29.84
N PHE H 3152 -66.20 119.05 30.72
CA PHE H 3152 -66.49 119.86 31.91
C PHE H 3152 -66.53 121.36 31.63
N GLY H 3153 -66.27 121.78 30.39
CA GLY H 3153 -66.27 123.21 30.11
C GLY H 3153 -67.61 123.87 30.36
N ASP H 3154 -68.69 123.16 30.04
CA ASP H 3154 -70.04 123.73 30.17
C ASP H 3154 -70.53 123.82 31.61
N ASP H 3155 -69.89 123.11 32.54
CA ASP H 3155 -70.37 123.06 33.92
C ASP H 3155 -69.34 123.45 34.96
N VAL H 3156 -68.10 123.69 34.58
CA VAL H 3156 -67.05 124.11 35.50
C VAL H 3156 -66.69 125.57 35.28
N ILE H 3157 -66.34 125.92 34.06
CA ILE H 3157 -66.05 127.33 33.70
C ILE H 3157 -67.39 127.96 33.36
N LEU H 3158 -68.05 128.49 34.38
CA LEU H 3158 -69.39 129.06 34.20
C LEU H 3158 -69.45 130.56 34.45
N ASP H 3159 -69.10 131.02 35.66
CA ASP H 3159 -69.35 132.40 36.04
C ASP H 3159 -68.09 133.18 36.33
N ASP H 3160 -67.28 132.75 37.30
CA ASP H 3160 -66.10 133.49 37.69
C ASP H 3160 -64.81 132.78 37.39
N VAL H 3161 -64.84 131.46 37.19
CA VAL H 3161 -63.72 130.81 36.53
C VAL H 3161 -63.59 131.33 35.10
N GLN H 3162 -64.72 131.68 34.48
CA GLN H 3162 -64.72 132.12 33.09
C GLN H 3162 -63.84 133.35 32.90
N VAL H 3163 -64.01 134.37 33.74
CA VAL H 3163 -63.16 135.55 33.63
C VAL H 3163 -61.72 135.21 33.98
N SER H 3164 -61.52 134.25 34.89
CA SER H 3164 -60.17 133.91 35.33
C SER H 3164 -59.33 133.36 34.19
N CYS H 3165 -59.83 132.32 33.50
CA CYS H 3165 -59.08 131.77 32.38
C CYS H 3165 -59.08 132.73 31.20
N TYR H 3166 -60.16 133.51 31.05
CA TYR H 3166 -60.21 134.51 29.99
C TYR H 3166 -59.07 135.50 30.15
N ARG H 3167 -58.73 135.84 31.38
CA ARG H 3167 -57.51 136.59 31.67
C ARG H 3167 -56.26 135.78 31.35
N THR H 3168 -56.27 134.47 31.65
CA THR H 3168 -55.14 133.63 31.33
C THR H 3168 -54.95 133.49 29.82
N LEU H 3169 -56.02 133.14 29.11
CA LEU H 3169 -55.98 133.06 27.66
C LEU H 3169 -55.50 134.37 27.05
N CYS H 3170 -55.91 135.50 27.65
CA CYS H 3170 -55.75 136.78 26.99
C CYS H 3170 -54.30 137.24 27.10
N SER H 3171 -53.65 136.94 28.24
CA SER H 3171 -52.28 137.37 28.47
C SER H 3171 -51.29 136.51 27.70
N ILE H 3172 -51.56 135.20 27.59
CA ILE H 3172 -50.63 134.31 26.91
C ILE H 3172 -50.52 134.66 25.43
N TYR H 3173 -51.65 134.90 24.78
CA TYR H 3173 -51.62 135.34 23.39
C TYR H 3173 -51.10 136.77 23.23
N SER H 3174 -51.23 137.61 24.26
CA SER H 3174 -50.73 138.98 24.18
C SER H 3174 -49.23 139.02 23.99
N LEU H 3175 -48.57 137.87 23.96
CA LEU H 3175 -47.15 137.75 23.69
C LEU H 3175 -46.80 137.96 22.22
N GLY H 3176 -47.79 138.31 21.39
CA GLY H 3176 -47.55 138.41 19.96
C GLY H 3176 -46.58 139.51 19.59
N THR H 3177 -46.72 140.68 20.20
CA THR H 3177 -45.88 141.83 19.91
C THR H 3177 -44.55 141.76 20.65
N THR H 3178 -44.15 140.58 21.11
CA THR H 3178 -42.99 140.39 21.95
C THR H 3178 -42.00 139.47 21.25
N LYS H 3179 -40.71 139.78 21.33
CA LYS H 3179 -39.66 138.98 20.73
C LYS H 3179 -38.51 138.88 21.74
N ASN H 3180 -38.54 137.85 22.58
CA ASN H 3180 -37.52 137.64 23.60
C ASN H 3180 -37.11 136.18 23.60
N THR H 3181 -35.96 135.90 24.21
CA THR H 3181 -35.45 134.53 24.24
C THR H 3181 -36.29 133.63 25.15
N TYR H 3182 -36.67 134.11 26.33
CA TYR H 3182 -37.55 133.32 27.18
C TYR H 3182 -38.88 133.05 26.49
N VAL H 3183 -39.31 133.97 25.62
CA VAL H 3183 -40.47 133.71 24.80
C VAL H 3183 -40.20 132.55 23.85
N GLU H 3184 -39.00 132.51 23.27
CA GLU H 3184 -38.70 131.51 22.25
C GLU H 3184 -38.82 130.09 22.81
N LYS H 3185 -38.17 129.81 23.93
CA LYS H 3185 -38.22 128.47 24.50
C LYS H 3185 -39.56 128.13 25.13
N LEU H 3186 -40.32 129.13 25.57
CA LEU H 3186 -41.60 128.86 26.21
C LEU H 3186 -42.75 128.75 25.22
N ARG H 3187 -42.52 129.00 23.93
CA ARG H 3187 -43.60 128.86 22.95
C ARG H 3187 -44.16 127.44 22.91
N PRO H 3188 -43.35 126.36 22.87
CA PRO H 3188 -43.96 125.03 22.96
C PRO H 3188 -44.79 124.82 24.21
N ALA H 3189 -44.33 125.35 25.35
CA ALA H 3189 -45.11 125.25 26.57
C ALA H 3189 -46.36 126.12 26.50
N LEU H 3190 -46.23 127.31 25.92
CA LEU H 3190 -47.37 128.21 25.84
C LEU H 3190 -48.34 127.80 24.74
N GLY H 3191 -47.81 127.24 23.65
CA GLY H 3191 -48.68 126.75 22.59
C GLY H 3191 -49.57 125.61 23.04
N GLU H 3192 -49.00 124.67 23.81
CA GLU H 3192 -49.81 123.57 24.31
C GLU H 3192 -50.76 124.06 25.41
N CYS H 3193 -50.41 125.15 26.08
CA CYS H 3193 -51.24 125.62 27.18
C CYS H 3193 -52.57 126.17 26.70
N LEU H 3194 -52.56 127.03 25.68
CA LEU H 3194 -53.83 127.58 25.21
C LEU H 3194 -54.54 126.63 24.28
N ALA H 3195 -53.80 125.71 23.64
CA ALA H 3195 -54.46 124.70 22.83
C ALA H 3195 -55.39 123.84 23.68
N ARG H 3196 -54.94 123.47 24.88
CA ARG H 3196 -55.82 122.76 25.79
C ARG H 3196 -56.83 123.70 26.42
N LEU H 3197 -56.51 125.00 26.46
CA LEU H 3197 -57.46 125.98 26.97
C LEU H 3197 -58.62 126.18 26.01
N ALA H 3198 -58.33 126.28 24.71
CA ALA H 3198 -59.38 126.54 23.73
C ALA H 3198 -60.36 125.37 23.65
N ALA H 3199 -59.88 124.15 23.89
CA ALA H 3199 -60.77 123.00 23.91
C ALA H 3199 -61.69 123.04 25.13
N ALA H 3200 -61.35 123.80 26.15
CA ALA H 3200 -62.10 123.82 27.40
C ALA H 3200 -62.96 125.05 27.58
N MET H 3201 -62.66 126.15 26.89
CA MET H 3201 -63.40 127.38 27.11
C MET H 3201 -64.80 127.26 26.53
N PRO H 3202 -65.85 127.54 27.30
CA PRO H 3202 -67.22 127.32 26.82
C PRO H 3202 -67.80 128.49 26.03
N VAL H 3203 -67.07 129.59 25.88
CA VAL H 3203 -67.58 130.76 25.19
C VAL H 3203 -66.84 130.90 23.85
N ALA H 3204 -67.60 131.25 22.82
CA ALA H 3204 -67.05 131.43 21.48
C ALA H 3204 -66.25 132.73 21.47
N PHE H 3205 -65.04 132.65 22.00
CA PHE H 3205 -64.23 133.84 22.25
C PHE H 3205 -63.63 134.43 20.98
N LEU H 3206 -63.77 133.75 19.84
CA LEU H 3206 -63.44 134.36 18.56
C LEU H 3206 -64.66 134.81 17.78
N GLU H 3207 -65.86 134.54 18.28
CA GLU H 3207 -67.12 134.89 17.61
C GLU H 3207 -68.00 135.65 18.58
N PRO H 3208 -67.67 136.92 18.85
CA PRO H 3208 -68.45 137.69 19.83
C PRO H 3208 -69.86 138.03 19.40
N GLN H 3209 -70.20 137.89 18.11
CA GLN H 3209 -71.50 138.35 17.65
C GLN H 3209 -72.64 137.42 18.05
N LEU H 3210 -72.37 136.16 18.39
CA LEU H 3210 -73.43 135.21 18.67
C LEU H 3210 -73.46 134.78 20.14
N ASN H 3211 -72.90 135.58 21.05
CA ASN H 3211 -72.90 135.20 22.45
C ASN H 3211 -74.26 135.34 23.11
N GLU H 3212 -75.19 136.09 22.51
CA GLU H 3212 -76.53 136.16 23.07
C GLU H 3212 -77.23 134.81 23.01
N TYR H 3213 -76.76 133.90 22.16
CA TYR H 3213 -77.29 132.54 22.08
C TYR H 3213 -76.45 131.56 22.87
N ASN H 3214 -75.46 132.03 23.62
CA ASN H 3214 -74.56 131.17 24.38
C ASN H 3214 -74.99 131.17 25.85
N ALA H 3215 -75.75 130.15 26.24
CA ALA H 3215 -76.22 130.06 27.61
C ALA H 3215 -75.07 129.85 28.59
N CYS H 3216 -74.05 129.10 28.19
CA CYS H 3216 -72.91 128.81 29.06
C CYS H 3216 -71.91 129.95 29.07
N SER H 3217 -72.41 131.15 29.34
CA SER H 3217 -71.59 132.34 29.51
C SER H 3217 -72.17 133.19 30.62
N VAL H 3218 -71.38 134.16 31.08
CA VAL H 3218 -71.80 135.00 32.19
C VAL H 3218 -72.95 135.90 31.78
N TYR H 3219 -72.95 136.40 30.55
CA TYR H 3219 -73.89 137.41 30.10
C TYR H 3219 -75.32 136.91 30.01
N THR H 3220 -75.53 135.59 30.08
CA THR H 3220 -76.87 135.01 30.12
C THR H 3220 -77.23 134.45 31.49
N THR H 3221 -76.29 133.81 32.18
CA THR H 3221 -76.56 133.29 33.50
C THR H 3221 -76.67 134.41 34.53
N LYS H 3222 -75.88 135.47 34.39
CA LYS H 3222 -75.86 136.57 35.33
C LYS H 3222 -76.66 137.75 34.82
N SER H 3223 -77.33 138.43 35.75
CA SER H 3223 -78.12 139.61 35.42
C SER H 3223 -77.21 140.81 35.18
N PRO H 3224 -77.65 141.78 34.37
CA PRO H 3224 -76.90 143.03 34.23
C PRO H 3224 -76.77 143.80 35.54
N ARG H 3225 -77.69 143.58 36.49
CA ARG H 3225 -77.56 144.22 37.80
C ARG H 3225 -76.26 143.78 38.48
N GLU H 3226 -75.97 142.49 38.46
CA GLU H 3226 -74.68 141.98 38.87
C GLU H 3226 -73.72 142.14 37.68
N ARG H 3227 -72.54 141.52 37.78
CA ARG H 3227 -71.46 141.67 36.79
C ARG H 3227 -70.92 143.09 36.80
N ALA H 3228 -71.50 143.94 37.65
CA ALA H 3228 -70.99 145.30 37.88
C ALA H 3228 -70.30 145.45 39.21
N ILE H 3229 -70.75 144.74 40.25
CA ILE H 3229 -70.01 144.68 41.51
C ILE H 3229 -68.63 144.06 41.27
N LEU H 3230 -68.56 143.07 40.38
CA LEU H 3230 -67.30 142.50 39.94
C LEU H 3230 -66.88 143.21 38.66
N GLY H 3231 -65.60 143.58 38.58
CA GLY H 3231 -65.10 144.39 37.49
C GLY H 3231 -65.23 143.75 36.12
N LEU H 3232 -66.12 144.29 35.30
CA LEU H 3232 -66.33 143.85 33.92
C LEU H 3232 -66.59 145.05 33.02
N PRO H 3233 -66.15 144.98 31.76
CA PRO H 3233 -66.39 146.08 30.82
C PRO H 3233 -67.82 146.16 30.28
N ASN H 3234 -68.75 145.41 30.86
CA ASN H 3234 -70.18 145.41 30.55
C ASN H 3234 -70.50 144.86 29.16
N SER H 3235 -69.49 144.51 28.36
CA SER H 3235 -69.73 143.97 27.03
C SER H 3235 -68.83 142.76 26.80
N VAL H 3236 -69.41 141.70 26.24
CA VAL H 3236 -68.63 140.51 25.96
C VAL H 3236 -67.60 140.77 24.87
N GLU H 3237 -67.90 141.70 23.96
CA GLU H 3237 -66.96 142.02 22.87
C GLU H 3237 -65.71 142.71 23.37
N GLU H 3238 -65.76 143.36 24.53
CA GLU H 3238 -64.61 144.09 25.05
C GLU H 3238 -63.75 143.26 25.99
N MET H 3239 -64.15 142.02 26.29
CA MET H 3239 -63.45 141.23 27.30
C MET H 3239 -61.99 141.01 26.92
N CYS H 3240 -61.72 140.74 25.65
CA CYS H 3240 -60.36 140.61 25.14
C CYS H 3240 -60.29 141.21 23.75
N PRO H 3241 -60.08 142.53 23.66
CA PRO H 3241 -60.18 143.22 22.36
C PRO H 3241 -59.06 142.90 21.40
N ASP H 3242 -57.99 142.22 21.84
CA ASP H 3242 -56.81 142.06 21.00
C ASP H 3242 -56.73 140.70 20.31
N ILE H 3243 -57.81 139.91 20.34
CA ILE H 3243 -57.86 138.65 19.62
C ILE H 3243 -58.72 138.87 18.37
N PRO H 3244 -58.15 138.82 17.18
CA PRO H 3244 -58.95 138.99 15.96
C PRO H 3244 -60.01 137.91 15.84
N VAL H 3245 -61.15 138.27 15.26
CA VAL H 3245 -62.29 137.36 15.16
C VAL H 3245 -61.92 136.17 14.29
N LEU H 3246 -62.71 135.09 14.39
CA LEU H 3246 -62.39 133.85 13.69
C LEU H 3246 -62.32 134.07 12.19
N ASP H 3247 -63.26 134.83 11.63
CA ASP H 3247 -63.23 135.13 10.20
C ASP H 3247 -61.97 135.90 9.84
N ARG H 3248 -61.54 136.80 10.73
CA ARG H 3248 -60.31 137.54 10.51
C ARG H 3248 -59.09 136.65 10.72
N LEU H 3249 -59.07 135.88 11.80
CA LEU H 3249 -57.88 135.10 12.15
C LEU H 3249 -57.55 134.08 11.07
N MET H 3250 -58.56 133.40 10.54
CA MET H 3250 -58.33 132.46 9.44
C MET H 3250 -57.79 133.19 8.21
N ALA H 3251 -58.31 134.38 7.93
CA ALA H 3251 -57.83 135.15 6.79
C ALA H 3251 -56.40 135.63 7.00
N ASP H 3252 -56.02 135.91 8.24
CA ASP H 3252 -54.65 136.31 8.53
C ASP H 3252 -53.68 135.21 8.14
N ILE H 3253 -53.93 133.97 8.58
CA ILE H 3253 -53.09 132.84 8.20
C ILE H 3253 -53.25 132.55 6.72
N GLY H 3254 -54.43 132.81 6.16
CA GLY H 3254 -54.69 132.45 4.78
C GLY H 3254 -53.71 133.09 3.81
N GLY H 3255 -53.52 134.40 3.94
CA GLY H 3255 -52.55 135.07 3.09
C GLY H 3255 -51.12 134.80 3.51
N LEU H 3256 -50.94 134.39 4.76
CA LEU H 3256 -49.59 134.13 5.27
C LEU H 3256 -49.00 132.87 4.64
N ALA H 3257 -49.81 131.81 4.52
CA ALA H 3257 -49.33 130.56 3.93
C ALA H 3257 -49.09 130.69 2.44
N GLU H 3258 -50.03 131.31 1.72
CA GLU H 3258 -49.89 131.43 0.27
C GLU H 3258 -48.79 132.42 -0.13
N SER H 3259 -48.28 133.18 0.82
CA SER H 3259 -47.20 134.12 0.53
C SER H 3259 -45.82 133.46 0.53
N GLY H 3260 -45.73 132.19 0.93
CA GLY H 3260 -44.45 131.50 0.93
C GLY H 3260 -43.50 131.90 2.03
N ALA H 3261 -44.01 132.45 3.13
CA ALA H 3261 -43.14 132.89 4.21
C ALA H 3261 -42.55 131.71 4.95
N ARG H 3262 -41.38 131.93 5.56
CA ARG H 3262 -40.72 130.89 6.33
C ARG H 3262 -41.10 130.99 7.80
N TYR H 3263 -40.58 130.06 8.61
CA TYR H 3263 -40.99 129.98 10.01
C TYR H 3263 -40.49 131.17 10.82
N THR H 3264 -39.38 131.78 10.40
CA THR H 3264 -38.79 132.87 11.18
C THR H 3264 -39.73 134.06 11.31
N GLU H 3265 -40.48 134.38 10.26
CA GLU H 3265 -41.42 135.49 10.29
C GLU H 3265 -42.79 135.10 10.84
N MET H 3266 -43.02 133.82 11.16
CA MET H 3266 -44.28 133.42 11.76
C MET H 3266 -44.11 132.50 12.95
N PRO H 3267 -43.20 132.80 13.89
CA PRO H 3267 -43.05 131.90 15.04
C PRO H 3267 -44.26 131.89 15.95
N HIS H 3268 -44.92 133.04 16.13
CA HIS H 3268 -46.16 133.04 16.91
C HIS H 3268 -47.27 132.32 16.17
N VAL H 3269 -47.37 132.52 14.86
CA VAL H 3269 -48.44 131.89 14.10
C VAL H 3269 -48.30 130.38 14.15
N ILE H 3270 -47.07 129.88 14.03
CA ILE H 3270 -46.86 128.44 14.02
C ILE H 3270 -46.95 127.86 15.44
N GLU H 3271 -46.26 128.48 16.40
CA GLU H 3271 -46.17 127.88 17.73
C GLU H 3271 -47.43 128.10 18.57
N ILE H 3272 -48.13 129.22 18.38
CA ILE H 3272 -49.22 129.55 19.29
C ILE H 3272 -50.56 129.75 18.57
N THR H 3273 -50.56 130.54 17.49
CA THR H 3273 -51.82 130.85 16.83
C THR H 3273 -52.44 129.61 16.20
N LEU H 3274 -51.65 128.82 15.48
CA LEU H 3274 -52.17 127.61 14.87
C LEU H 3274 -52.68 126.59 15.89
N PRO H 3275 -51.94 126.27 16.96
CA PRO H 3275 -52.47 125.27 17.91
C PRO H 3275 -53.82 125.61 18.50
N MET H 3276 -54.12 126.88 18.78
CA MET H 3276 -55.44 127.18 19.32
C MET H 3276 -56.52 126.98 18.27
N LEU H 3277 -56.23 127.36 17.02
CA LEU H 3277 -57.19 127.13 15.95
C LEU H 3277 -57.39 125.65 15.68
N CYS H 3278 -56.33 124.85 15.83
CA CYS H 3278 -56.47 123.41 15.73
C CYS H 3278 -57.33 122.84 16.85
N SER H 3279 -57.52 123.60 17.93
CA SER H 3279 -58.36 123.19 19.04
C SER H 3279 -59.64 124.01 19.17
N TYR H 3280 -59.62 125.27 18.74
CA TYR H 3280 -60.83 126.08 18.78
C TYR H 3280 -61.87 125.54 17.81
N LEU H 3281 -61.47 125.32 16.56
CA LEU H 3281 -62.42 124.95 15.52
C LEU H 3281 -63.12 123.62 15.77
N PRO H 3282 -62.43 122.53 16.14
CA PRO H 3282 -63.15 121.29 16.44
C PRO H 3282 -64.16 121.43 17.56
N ARG H 3283 -63.90 122.30 18.55
CA ARG H 3283 -64.83 122.46 19.65
C ARG H 3283 -66.15 123.02 19.19
N TRP H 3284 -66.12 124.02 18.30
CA TRP H 3284 -67.34 124.67 17.85
C TRP H 3284 -67.92 124.06 16.57
N TRP H 3285 -67.33 123.00 16.03
CA TRP H 3285 -68.05 122.26 15.02
C TRP H 3285 -69.31 121.60 15.58
N GLU H 3286 -69.17 120.85 16.67
CA GLU H 3286 -70.26 120.02 17.14
C GLU H 3286 -71.39 120.81 17.77
N ARG H 3287 -71.15 122.08 18.11
CA ARG H 3287 -72.17 122.92 18.71
C ARG H 3287 -72.64 124.03 17.79
N GLY H 3288 -72.20 124.02 16.53
CA GLY H 3288 -72.62 125.01 15.56
C GLY H 3288 -73.46 124.41 14.46
N PRO H 3289 -73.52 125.09 13.33
CA PRO H 3289 -74.24 124.56 12.17
C PRO H 3289 -73.56 123.30 11.64
N GLU H 3290 -74.35 122.51 10.92
CA GLU H 3290 -73.97 121.23 10.32
C GLU H 3290 -73.84 120.11 11.34
N ALA H 3291 -74.07 120.38 12.63
CA ALA H 3291 -74.10 119.34 13.63
C ALA H 3291 -75.36 118.47 13.44
N PRO H 3292 -75.29 117.21 13.83
CA PRO H 3292 -76.47 116.32 13.74
C PRO H 3292 -77.39 116.50 14.94
N PRO H 3293 -78.34 117.44 14.87
CA PRO H 3293 -79.04 117.86 16.08
C PRO H 3293 -80.19 116.93 16.41
N PRO H 3294 -80.19 116.32 17.59
CA PRO H 3294 -81.40 115.66 18.08
C PRO H 3294 -82.31 116.66 18.78
N ALA H 3295 -82.59 117.77 18.10
CA ALA H 3295 -83.20 118.95 18.70
C ALA H 3295 -84.68 119.10 18.33
N LEU H 3296 -85.40 117.99 18.25
CA LEU H 3296 -86.84 118.08 18.02
C LEU H 3296 -87.55 118.83 19.14
N PRO H 3297 -87.32 118.55 20.44
CA PRO H 3297 -87.91 119.40 21.49
C PRO H 3297 -87.11 120.66 21.73
N ALA H 3298 -85.79 120.59 21.60
CA ALA H 3298 -84.89 121.67 21.99
C ALA H 3298 -84.29 122.40 20.79
N GLY H 3299 -85.01 122.49 19.68
CA GLY H 3299 -84.53 123.22 18.52
C GLY H 3299 -84.77 124.71 18.54
N ALA H 3300 -85.43 125.22 19.58
CA ALA H 3300 -85.71 126.65 19.66
C ALA H 3300 -84.46 127.53 19.70
N PRO H 3301 -83.45 127.25 20.54
CA PRO H 3301 -82.32 128.19 20.65
C PRO H 3301 -81.48 128.21 19.38
N PRO H 3302 -81.15 129.40 18.88
CA PRO H 3302 -80.32 129.47 17.68
C PRO H 3302 -78.89 129.09 18.01
N PRO H 3303 -78.12 128.66 17.00
CA PRO H 3303 -76.72 128.33 17.24
C PRO H 3303 -75.91 129.57 17.61
N CYS H 3304 -75.00 129.39 18.56
CA CYS H 3304 -74.21 130.50 19.10
C CYS H 3304 -72.82 130.60 18.49
N THR H 3305 -72.57 129.93 17.37
CA THR H 3305 -71.27 129.97 16.70
C THR H 3305 -71.45 129.74 15.22
N ALA H 3306 -70.42 130.09 14.44
CA ALA H 3306 -70.47 130.02 12.99
C ALA H 3306 -69.35 129.17 12.41
N VAL H 3307 -69.10 128.01 12.99
CA VAL H 3307 -68.06 127.11 12.49
C VAL H 3307 -68.69 126.01 11.65
N THR H 3308 -68.21 125.86 10.42
CA THR H 3308 -68.66 124.82 9.50
C THR H 3308 -67.45 124.01 9.03
N SER H 3309 -67.74 122.97 8.23
CA SER H 3309 -66.67 122.17 7.67
C SER H 3309 -65.75 122.97 6.76
N ASP H 3310 -66.24 124.06 6.17
CA ASP H 3310 -65.41 124.86 5.29
C ASP H 3310 -64.25 125.50 6.05
N HIS H 3311 -64.52 125.97 7.27
CA HIS H 3311 -63.47 126.59 8.09
C HIS H 3311 -62.40 125.57 8.44
N LEU H 3312 -62.82 124.38 8.87
CA LEU H 3312 -61.85 123.34 9.22
C LEU H 3312 -60.99 122.94 8.03
N ASN H 3313 -61.60 122.78 6.87
CA ASN H 3313 -60.85 122.35 5.69
C ASN H 3313 -59.90 123.43 5.20
N SER H 3314 -60.31 124.69 5.28
CA SER H 3314 -59.45 125.77 4.84
C SER H 3314 -58.17 125.84 5.67
N LEU H 3315 -58.30 125.68 6.99
CA LEU H 3315 -57.13 125.70 7.86
C LEU H 3315 -56.20 124.52 7.59
N LEU H 3316 -56.77 123.32 7.41
CA LEU H 3316 -55.95 122.13 7.23
C LEU H 3316 -55.07 122.22 5.99
N GLY H 3317 -55.66 122.61 4.86
CA GLY H 3317 -54.85 122.84 3.68
C GLY H 3317 -53.86 123.97 3.88
N ASN H 3318 -54.25 124.96 4.68
CA ASN H 3318 -53.35 126.07 4.97
C ASN H 3318 -52.15 125.60 5.78
N ILE H 3319 -52.39 124.78 6.80
CA ILE H 3319 -51.29 124.19 7.56
C ILE H 3319 -50.44 123.31 6.67
N LEU H 3320 -51.09 122.57 5.76
CA LEU H 3320 -50.34 121.79 4.79
C LEU H 3320 -49.48 122.68 3.92
N ARG H 3321 -49.98 123.86 3.56
CA ARG H 3321 -49.23 124.79 2.73
C ARG H 3321 -48.05 125.38 3.49
N ILE H 3322 -48.18 125.55 4.81
CA ILE H 3322 -47.10 126.15 5.59
C ILE H 3322 -45.93 125.19 5.74
N ILE H 3323 -46.21 123.88 5.78
CA ILE H 3323 -45.13 122.92 5.95
C ILE H 3323 -44.33 122.79 4.67
N VAL H 3324 -45.00 122.76 3.51
CA VAL H 3324 -44.30 122.60 2.25
C VAL H 3324 -43.46 123.84 1.90
N ASN H 3325 -43.88 125.03 2.34
CA ASN H 3325 -43.02 126.20 2.20
C ASN H 3325 -41.73 126.02 2.99
N ASN H 3326 -41.81 125.37 4.14
CA ASN H 3326 -40.64 125.09 4.98
C ASN H 3326 -40.12 123.67 4.79
N LEU H 3327 -40.42 123.07 3.63
CA LEU H 3327 -40.20 121.64 3.48
C LEU H 3327 -38.71 121.29 3.53
N GLY H 3328 -37.85 122.18 3.05
CA GLY H 3328 -36.45 121.85 2.85
C GLY H 3328 -35.43 122.48 3.79
N ILE H 3329 -35.85 123.26 4.78
CA ILE H 3329 -34.88 123.93 5.66
C ILE H 3329 -34.21 122.91 6.57
N ASP H 3330 -33.11 123.34 7.21
CA ASP H 3330 -32.32 122.41 8.01
C ASP H 3330 -33.05 121.99 9.28
N GLU H 3331 -33.37 122.95 10.15
CA GLU H 3331 -33.90 122.64 11.47
C GLU H 3331 -35.34 123.11 11.58
N ALA H 3332 -36.23 122.19 11.98
CA ALA H 3332 -37.60 122.56 12.36
C ALA H 3332 -38.09 121.51 13.34
N THR H 3333 -38.03 121.82 14.63
CA THR H 3333 -38.57 120.93 15.65
C THR H 3333 -40.07 121.09 15.83
N TRP H 3334 -40.69 122.04 15.14
CA TRP H 3334 -42.11 122.30 15.27
C TRP H 3334 -42.97 121.44 14.36
N MET H 3335 -42.39 120.82 13.33
CA MET H 3335 -43.20 120.00 12.43
C MET H 3335 -43.88 118.86 13.18
N LYS H 3336 -43.19 118.25 14.14
CA LYS H 3336 -43.84 117.20 14.92
C LYS H 3336 -44.93 117.77 15.81
N ARG H 3337 -44.88 119.08 16.08
CA ARG H 3337 -45.88 119.69 16.94
C ARG H 3337 -47.14 120.05 16.16
N LEU H 3338 -47.00 120.57 14.95
CA LEU H 3338 -48.17 120.71 14.09
C LEU H 3338 -48.66 119.35 13.59
N ALA H 3339 -47.79 118.34 13.59
CA ALA H 3339 -48.23 117.00 13.26
C ALA H 3339 -49.25 116.50 14.28
N VAL H 3340 -49.02 116.82 15.57
CA VAL H 3340 -49.92 116.32 16.60
C VAL H 3340 -51.07 117.29 16.83
N PHE H 3341 -50.97 118.53 16.34
CA PHE H 3341 -52.05 119.49 16.52
C PHE H 3341 -53.06 119.44 15.39
N ALA H 3342 -52.63 119.06 14.18
CA ALA H 3342 -53.53 119.08 13.04
C ALA H 3342 -54.38 117.82 12.92
N GLN H 3343 -54.16 116.81 13.76
CA GLN H 3343 -54.98 115.61 13.71
C GLN H 3343 -56.47 115.87 13.96
N PRO H 3344 -56.88 116.62 14.99
CA PRO H 3344 -58.33 116.79 15.22
C PRO H 3344 -59.05 117.45 14.06
N ILE H 3345 -58.36 118.26 13.26
CA ILE H 3345 -59.04 118.99 12.18
C ILE H 3345 -59.07 118.25 10.87
N VAL H 3346 -58.27 117.19 10.72
CA VAL H 3346 -58.28 116.43 9.47
C VAL H 3346 -59.51 115.54 9.37
N SER H 3347 -60.22 115.32 10.48
CA SER H 3347 -61.39 114.46 10.46
C SER H 3347 -62.50 115.00 9.57
N ARG H 3348 -62.50 116.30 9.28
CA ARG H 3348 -63.49 116.90 8.39
C ARG H 3348 -62.86 117.57 7.18
N ALA H 3349 -61.81 116.99 6.63
CA ALA H 3349 -61.32 117.44 5.34
C ALA H 3349 -62.26 116.96 4.24
N ARG H 3350 -62.27 117.68 3.14
CA ARG H 3350 -63.16 117.29 2.04
C ARG H 3350 -62.37 116.52 0.99
N PRO H 3351 -63.04 115.68 0.19
CA PRO H 3351 -62.31 114.89 -0.82
C PRO H 3351 -61.62 115.74 -1.86
N GLU H 3352 -62.02 116.99 -2.04
CA GLU H 3352 -61.31 117.87 -2.97
C GLU H 3352 -59.90 118.18 -2.50
N LEU H 3353 -59.60 117.99 -1.21
CA LEU H 3353 -58.29 118.28 -0.67
C LEU H 3353 -57.23 117.33 -1.19
N LEU H 3354 -57.60 116.09 -1.52
CA LEU H 3354 -56.62 115.08 -1.92
C LEU H 3354 -55.82 115.53 -3.13
N HIS H 3355 -56.50 116.01 -4.17
CA HIS H 3355 -55.85 116.36 -5.42
C HIS H 3355 -55.08 117.67 -5.34
N SER H 3356 -55.66 118.68 -4.68
CA SER H 3356 -55.07 120.02 -4.73
C SER H 3356 -53.77 120.10 -3.94
N HIS H 3357 -53.72 119.48 -2.77
CA HIS H 3357 -52.62 119.68 -1.85
C HIS H 3357 -51.78 118.42 -1.62
N PHE H 3358 -52.43 117.30 -1.32
CA PHE H 3358 -51.69 116.13 -0.83
C PHE H 3358 -50.86 115.49 -1.93
N ILE H 3359 -51.39 115.41 -3.15
CA ILE H 3359 -50.63 114.83 -4.26
C ILE H 3359 -49.38 115.66 -4.58
N PRO H 3360 -49.45 116.99 -4.73
CA PRO H 3360 -48.22 117.74 -5.02
C PRO H 3360 -47.20 117.67 -3.89
N THR H 3361 -47.64 117.74 -2.64
CA THR H 3361 -46.69 117.76 -1.52
C THR H 3361 -45.97 116.43 -1.38
N ILE H 3362 -46.72 115.33 -1.39
CA ILE H 3362 -46.10 114.02 -1.26
C ILE H 3362 -45.23 113.72 -2.48
N GLY H 3363 -45.67 114.16 -3.67
CA GLY H 3363 -44.87 113.94 -4.86
C GLY H 3363 -43.51 114.59 -4.78
N ARG H 3364 -43.44 115.80 -4.20
CA ARG H 3364 -42.15 116.45 -4.00
C ARG H 3364 -41.28 115.65 -3.03
N LEU H 3365 -41.89 115.08 -1.99
CA LEU H 3365 -41.15 114.22 -1.09
C LEU H 3365 -40.65 112.97 -1.81
N ARG H 3366 -41.46 112.43 -2.71
CA ARG H 3366 -41.05 111.25 -3.47
C ARG H 3366 -39.83 111.54 -4.33
N LYS H 3367 -39.85 112.67 -5.05
CA LYS H 3367 -38.71 113.00 -5.89
C LYS H 3367 -37.53 113.51 -5.06
N ARG H 3368 -37.80 114.01 -3.86
CA ARG H 3368 -36.72 114.31 -2.93
C ARG H 3368 -36.00 113.04 -2.49
N ALA H 3369 -36.76 112.03 -2.06
CA ALA H 3369 -36.14 110.78 -1.63
C ALA H 3369 -35.42 110.10 -2.79
N GLY H 3370 -36.04 110.12 -3.97
CA GLY H 3370 -35.41 109.48 -5.12
C GLY H 3370 -34.08 110.12 -5.48
N LYS H 3371 -34.00 111.45 -5.38
CA LYS H 3371 -32.74 112.13 -5.64
C LYS H 3371 -31.68 111.76 -4.61
N VAL H 3372 -32.07 111.69 -3.34
CA VAL H 3372 -31.10 111.39 -2.29
C VAL H 3372 -30.63 109.94 -2.39
N VAL H 3373 -31.56 109.00 -2.57
CA VAL H 3373 -31.15 107.60 -2.70
C VAL H 3373 -30.34 107.40 -3.96
N ALA H 3374 -30.54 108.24 -4.99
CA ALA H 3374 -29.67 108.20 -6.16
C ALA H 3374 -28.24 108.57 -5.78
N GLU H 3375 -28.09 109.57 -4.90
CA GLU H 3375 -26.76 109.91 -4.39
C GLU H 3375 -26.19 108.77 -3.56
N GLU H 3376 -27.04 108.12 -2.75
CA GLU H 3376 -26.56 107.03 -1.91
C GLU H 3376 -26.02 105.87 -2.74
N GLU H 3377 -26.80 105.39 -3.71
CA GLU H 3377 -26.31 104.32 -4.57
C GLU H 3377 -25.14 104.80 -5.42
N GLN H 3378 -25.07 106.11 -5.68
CA GLN H 3378 -23.89 106.67 -6.34
C GLN H 3378 -22.65 106.50 -5.48
N LEU H 3379 -22.79 106.69 -4.16
CA LEU H 3379 -21.66 106.48 -3.27
C LEU H 3379 -21.24 105.02 -3.22
N ARG H 3380 -22.20 104.11 -3.10
CA ARG H 3380 -21.87 102.71 -2.89
C ARG H 3380 -21.31 102.03 -4.14
N LEU H 3381 -21.65 102.53 -5.33
CA LEU H 3381 -21.10 101.93 -6.53
C LEU H 3381 -19.63 102.28 -6.72
N GLU H 3382 -19.16 103.33 -6.06
CA GLU H 3382 -17.76 103.76 -6.13
C GLU H 3382 -17.27 103.85 -4.69
N ALA H 3383 -16.74 102.73 -4.19
CA ALA H 3383 -16.29 102.67 -2.81
C ALA H 3383 -14.98 103.43 -2.63
N LYS H 3384 -14.88 104.16 -1.51
CA LYS H 3384 -13.69 104.93 -1.20
C LYS H 3384 -13.70 105.27 0.28
N ALA H 3385 -12.53 105.66 0.80
CA ALA H 3385 -12.47 106.21 2.15
C ALA H 3385 -13.19 107.54 2.26
N GLU H 3386 -13.39 108.23 1.13
CA GLU H 3386 -14.17 109.46 1.11
C GLU H 3386 -15.67 109.22 1.20
N ALA H 3387 -16.12 107.98 0.94
CA ALA H 3387 -17.55 107.70 0.99
C ALA H 3387 -18.15 108.00 2.35
N GLU H 3388 -17.36 107.88 3.42
CA GLU H 3388 -17.83 108.30 4.73
C GLU H 3388 -18.09 109.81 4.76
N GLU H 3389 -17.22 110.60 4.15
CA GLU H 3389 -17.46 112.03 3.97
C GLU H 3389 -18.43 112.17 2.80
N GLY H 3390 -19.71 112.04 3.10
CA GLY H 3390 -20.74 111.94 2.08
C GLY H 3390 -21.77 110.92 2.53
N GLU H 3391 -21.32 109.92 3.29
CA GLU H 3391 -22.26 109.08 4.02
C GLU H 3391 -22.98 109.91 5.08
N LEU H 3392 -22.26 110.80 5.75
CA LEU H 3392 -22.91 111.74 6.66
C LEU H 3392 -23.81 112.71 5.89
N LEU H 3393 -23.43 113.05 4.65
CA LEU H 3393 -24.26 113.92 3.83
C LEU H 3393 -25.62 113.29 3.58
N VAL H 3394 -25.63 112.03 3.13
CA VAL H 3394 -26.92 111.37 2.94
C VAL H 3394 -27.60 111.13 4.27
N ARG H 3395 -26.83 110.87 5.33
CA ARG H 3395 -27.44 110.74 6.66
C ARG H 3395 -28.14 112.03 7.07
N ASP H 3396 -27.52 113.18 6.81
CA ASP H 3396 -28.19 114.45 7.07
C ASP H 3396 -29.37 114.63 6.13
N GLU H 3397 -29.21 114.29 4.85
CA GLU H 3397 -30.32 114.38 3.91
C GLU H 3397 -31.41 113.37 4.24
N PHE H 3398 -31.03 112.19 4.74
CA PHE H 3398 -32.04 111.23 5.13
C PHE H 3398 -32.69 111.62 6.44
N SER H 3399 -32.01 112.44 7.24
CA SER H 3399 -32.60 112.92 8.49
C SER H 3399 -33.65 113.99 8.23
N VAL H 3400 -33.37 114.91 7.30
CA VAL H 3400 -34.35 115.94 6.99
C VAL H 3400 -35.57 115.34 6.30
N LEU H 3401 -35.35 114.34 5.43
CA LEU H 3401 -36.49 113.65 4.83
C LEU H 3401 -37.32 112.92 5.87
N CYS H 3402 -36.67 112.17 6.76
CA CYS H 3402 -37.40 111.50 7.83
C CYS H 3402 -38.10 112.50 8.73
N ARG H 3403 -37.56 113.72 8.84
CA ARG H 3403 -38.27 114.77 9.55
C ARG H 3403 -39.50 115.22 8.76
N ASP H 3404 -39.37 115.34 7.44
CA ASP H 3404 -40.50 115.76 6.62
C ASP H 3404 -41.54 114.66 6.48
N LEU H 3405 -41.10 113.40 6.38
CA LEU H 3405 -42.06 112.31 6.32
C LEU H 3405 -42.90 112.26 7.59
N TYR H 3406 -42.28 112.45 8.74
CA TYR H 3406 -43.02 112.49 9.99
C TYR H 3406 -43.75 113.81 10.22
N ALA H 3407 -43.58 114.77 9.32
CA ALA H 3407 -44.35 116.00 9.36
C ALA H 3407 -45.65 115.91 8.58
N LEU H 3408 -45.71 115.06 7.55
CA LEU H 3408 -46.89 114.96 6.71
C LEU H 3408 -47.62 113.63 6.84
N TYR H 3409 -46.90 112.53 7.00
CA TYR H 3409 -47.55 111.22 7.05
C TYR H 3409 -48.64 111.10 8.12
N PRO H 3410 -48.48 111.62 9.34
CA PRO H 3410 -49.60 111.55 10.29
C PRO H 3410 -50.86 112.22 9.77
N LEU H 3411 -50.73 113.24 8.92
CA LEU H 3411 -51.91 113.84 8.32
C LEU H 3411 -52.49 112.96 7.22
N LEU H 3412 -51.62 112.30 6.43
CA LEU H 3412 -52.13 111.36 5.42
C LEU H 3412 -52.85 110.19 6.06
N ILE H 3413 -52.27 109.63 7.12
CA ILE H 3413 -52.81 108.40 7.71
C ILE H 3413 -54.25 108.63 8.15
N ARG H 3414 -54.51 109.74 8.83
CA ARG H 3414 -55.86 110.02 9.27
C ARG H 3414 -56.74 110.49 8.11
N TYR H 3415 -56.12 111.09 7.09
CA TYR H 3415 -56.86 111.38 5.86
C TYR H 3415 -57.28 110.11 5.16
N VAL H 3416 -56.35 109.17 5.01
CA VAL H 3416 -56.62 107.94 4.26
C VAL H 3416 -57.71 107.12 4.94
N ASP H 3417 -57.66 107.04 6.27
CA ASP H 3417 -58.67 106.28 7.00
C ASP H 3417 -60.07 106.81 6.75
N ASN H 3418 -60.20 108.11 6.49
CA ASN H 3418 -61.49 108.71 6.25
C ASN H 3418 -61.90 108.69 4.78
N ASN H 3419 -61.08 108.12 3.90
CA ASN H 3419 -61.37 108.14 2.48
C ASN H 3419 -61.15 106.82 1.77
N ARG H 3420 -60.64 105.79 2.45
CA ARG H 3420 -60.53 104.48 1.82
C ARG H 3420 -61.90 103.92 1.45
N ALA H 3421 -62.89 104.06 2.34
CA ALA H 3421 -64.21 103.52 2.05
C ALA H 3421 -64.77 104.09 0.76
N HIS H 3422 -64.51 105.37 0.50
CA HIS H 3422 -65.02 105.98 -0.73
CA HIS H 3422 -65.02 105.98 -0.72
C HIS H 3422 -64.19 105.57 -1.93
N TRP H 3423 -62.89 105.37 -1.74
CA TRP H 3423 -62.00 105.07 -2.86
C TRP H 3423 -62.22 103.66 -3.39
N LEU H 3424 -62.60 102.73 -2.52
CA LEU H 3424 -62.73 101.34 -2.94
C LEU H 3424 -64.12 101.05 -3.49
N THR H 3425 -65.17 101.61 -2.87
CA THR H 3425 -66.52 101.41 -3.41
C THR H 3425 -66.65 102.06 -4.78
N GLU H 3426 -66.03 103.22 -4.97
CA GLU H 3426 -66.01 103.89 -6.27
C GLU H 3426 -64.56 104.21 -6.60
N PRO H 3427 -63.98 103.58 -7.62
CA PRO H 3427 -62.54 103.75 -7.86
C PRO H 3427 -62.19 105.19 -8.18
N ASN H 3428 -61.00 105.61 -7.74
CA ASN H 3428 -60.53 106.98 -7.88
C ASN H 3428 -59.18 106.98 -8.56
N ALA H 3429 -59.00 107.90 -9.51
CA ALA H 3429 -57.74 107.95 -10.25
C ALA H 3429 -56.61 108.51 -9.40
N ASN H 3430 -56.87 109.58 -8.66
CA ASN H 3430 -55.83 110.22 -7.88
C ASN H 3430 -55.38 109.32 -6.73
N ALA H 3431 -56.31 108.60 -6.11
CA ALA H 3431 -55.95 107.71 -5.02
C ALA H 3431 -54.98 106.64 -5.49
N GLU H 3432 -55.21 106.11 -6.69
CA GLU H 3432 -54.27 105.15 -7.26
C GLU H 3432 -52.91 105.79 -7.52
N GLU H 3433 -52.91 107.06 -7.93
CA GLU H 3433 -51.66 107.78 -8.14
C GLU H 3433 -50.89 107.95 -6.84
N LEU H 3434 -51.57 108.33 -5.77
CA LEU H 3434 -50.90 108.58 -4.50
C LEU H 3434 -50.31 107.30 -3.92
N PHE H 3435 -50.95 106.15 -4.16
CA PHE H 3435 -50.34 104.89 -3.78
C PHE H 3435 -49.02 104.68 -4.49
N ARG H 3436 -48.99 104.93 -5.79
CA ARG H 3436 -47.75 104.82 -6.56
C ARG H 3436 -46.72 105.81 -6.03
N MET H 3437 -47.18 106.90 -5.44
CA MET H 3437 -46.29 107.89 -4.84
C MET H 3437 -45.72 107.37 -3.52
N VAL H 3438 -46.59 107.05 -2.56
CA VAL H 3438 -46.14 106.57 -1.27
C VAL H 3438 -45.45 105.22 -1.41
N GLY H 3439 -45.81 104.44 -2.43
CA GLY H 3439 -45.16 103.16 -2.63
C GLY H 3439 -43.70 103.29 -3.00
N GLU H 3440 -43.37 104.22 -3.89
CA GLU H 3440 -41.99 104.36 -4.33
C GLU H 3440 -41.10 104.87 -3.20
N ILE H 3441 -41.65 105.68 -2.29
CA ILE H 3441 -40.90 106.11 -1.12
C ILE H 3441 -40.57 104.90 -0.25
N PHE H 3442 -41.52 104.00 -0.07
CA PHE H 3442 -41.31 102.85 0.79
C PHE H 3442 -40.24 101.93 0.22
N ILE H 3443 -40.27 101.66 -1.09
CA ILE H 3443 -39.30 100.75 -1.68
C ILE H 3443 -37.90 101.32 -1.55
N TYR H 3444 -37.78 102.65 -1.53
CA TYR H 3444 -36.51 103.27 -1.20
C TYR H 3444 -36.09 102.91 0.22
N TRP H 3445 -37.00 103.08 1.18
CA TRP H 3445 -36.69 102.78 2.57
C TRP H 3445 -36.43 101.29 2.76
N SER H 3446 -37.16 100.45 2.03
CA SER H 3446 -36.90 99.01 2.11
C SER H 3446 -35.57 98.64 1.47
N LYS H 3447 -35.14 99.42 0.48
CA LYS H 3447 -33.91 99.11 -0.24
C LYS H 3447 -32.72 99.82 0.38
N SER H 3448 -32.85 101.12 0.65
CA SER H 3448 -31.78 101.87 1.30
C SER H 3448 -31.68 101.48 2.77
N HIS H 3449 -30.44 101.35 3.26
CA HIS H 3449 -30.24 101.01 4.67
C HIS H 3449 -30.22 102.26 5.54
N ASN H 3450 -29.76 103.39 5.00
CA ASN H 3450 -29.75 104.63 5.76
C ASN H 3450 -31.16 105.08 6.12
N PHE H 3451 -32.09 105.01 5.15
CA PHE H 3451 -33.47 105.40 5.42
C PHE H 3451 -34.05 104.62 6.59
N LYS H 3452 -33.64 103.36 6.74
CA LYS H 3452 -34.15 102.56 7.85
C LYS H 3452 -33.68 103.10 9.19
N ARG H 3453 -32.41 103.48 9.29
CA ARG H 3453 -31.87 103.90 10.57
C ARG H 3453 -32.32 105.32 10.91
N GLU H 3454 -32.39 106.21 9.92
CA GLU H 3454 -32.83 107.58 10.17
C GLU H 3454 -34.27 107.62 10.65
N GLU H 3455 -35.13 106.77 10.09
CA GLU H 3455 -36.50 106.69 10.57
C GLU H 3455 -36.53 106.23 12.02
N GLN H 3456 -35.68 105.26 12.37
CA GLN H 3456 -35.64 104.79 13.75
C GLN H 3456 -34.97 105.80 14.67
N ASN H 3457 -33.92 106.46 14.19
CA ASN H 3457 -33.25 107.47 14.99
C ASN H 3457 -34.18 108.63 15.31
N PHE H 3458 -34.98 109.05 14.34
CA PHE H 3458 -35.90 110.16 14.55
C PHE H 3458 -36.94 109.83 15.62
N VAL H 3459 -37.47 108.60 15.61
CA VAL H 3459 -38.54 108.25 16.53
C VAL H 3459 -38.06 108.29 17.97
N VAL H 3460 -36.90 107.69 18.24
CA VAL H 3460 -36.44 107.57 19.62
C VAL H 3460 -36.00 108.92 20.17
N GLN H 3461 -35.31 109.72 19.34
CA GLN H 3461 -34.81 111.00 19.83
C GLN H 3461 -35.92 112.00 20.09
N ASN H 3462 -36.96 112.00 19.26
CA ASN H 3462 -38.06 112.95 19.39
C ASN H 3462 -39.26 112.36 20.12
N GLU H 3463 -39.15 111.12 20.62
CA GLU H 3463 -40.20 110.49 21.42
C GLU H 3463 -41.53 110.46 20.69
N ILE H 3464 -41.51 110.13 19.40
CA ILE H 3464 -42.75 109.96 18.66
C ILE H 3464 -43.51 108.77 19.19
N ASN H 3465 -44.77 108.98 19.56
CA ASN H 3465 -45.57 107.90 20.13
C ASN H 3465 -45.72 106.75 19.14
N ASN H 3466 -46.06 107.08 17.89
CA ASN H 3466 -46.23 106.10 16.81
C ASN H 3466 -47.37 105.13 17.14
N MET H 3467 -48.08 105.38 18.23
CA MET H 3467 -49.20 104.57 18.67
C MET H 3467 -50.50 105.36 18.72
N SER H 3468 -50.43 106.62 19.16
CA SER H 3468 -51.61 107.48 19.12
C SER H 3468 -51.99 107.84 17.69
N PHE H 3469 -51.01 107.87 16.77
CA PHE H 3469 -51.30 108.11 15.37
C PHE H 3469 -52.18 107.02 14.77
N LEU H 3470 -52.20 105.83 15.36
CA LEU H 3470 -53.02 104.73 14.88
C LEU H 3470 -54.25 104.47 15.75
N THR H 3471 -54.19 104.78 17.05
CA THR H 3471 -55.29 104.55 17.95
C THR H 3471 -56.20 105.76 18.11
N ALA H 3472 -55.97 106.83 17.35
CA ALA H 3472 -56.78 108.03 17.50
C ALA H 3472 -58.24 107.78 17.13
N ASP H 3473 -58.48 107.03 16.06
CA ASP H 3473 -59.85 106.79 15.63
C ASP H 3473 -60.63 105.99 16.67
N SER H 3474 -60.00 104.97 17.27
CA SER H 3474 -60.69 104.16 18.26
C SER H 3474 -61.08 105.00 19.48
N LYS H 3475 -60.18 105.85 19.95
CA LYS H 3475 -60.48 106.69 21.11
C LYS H 3475 -61.46 107.80 20.75
N SER H 3476 -61.35 108.38 19.56
CA SER H 3476 -62.28 109.40 19.13
C SER H 3476 -63.70 108.85 19.04
N LYS H 3477 -63.83 107.61 18.55
CA LYS H 3477 -65.12 106.94 18.45
C LYS H 3477 -65.61 106.37 19.78
N MET H 3478 -65.04 106.81 20.91
CA MET H 3478 -65.48 106.42 22.24
C MET H 3478 -65.42 104.90 22.43
N ALA H 3479 -64.20 104.38 22.33
CA ALA H 3479 -63.93 102.96 22.49
C ALA H 3479 -64.30 102.48 23.89
N ARG H 3498 -46.40 97.93 25.28
CA ARG H 3498 -45.71 97.00 26.15
C ARG H 3498 -44.52 96.36 25.44
N ARG H 3499 -44.80 95.62 24.37
CA ARG H 3499 -43.74 94.97 23.60
C ARG H 3499 -42.93 96.00 22.81
N GLY H 3500 -43.58 96.73 21.93
CA GLY H 3500 -42.91 97.74 21.12
C GLY H 3500 -43.41 99.14 21.38
N ASP H 3501 -43.64 99.48 22.65
CA ASP H 3501 -44.18 100.78 22.99
C ASP H 3501 -43.23 101.91 22.57
N ARG H 3502 -41.93 101.75 22.83
CA ARG H 3502 -40.98 102.78 22.45
C ARG H 3502 -40.88 102.91 20.94
N TYR H 3503 -40.67 101.79 20.24
CA TYR H 3503 -40.63 101.80 18.79
C TYR H 3503 -40.80 100.37 18.29
N SER H 3504 -41.52 100.22 17.18
CA SER H 3504 -41.69 98.94 16.53
C SER H 3504 -41.91 99.17 15.05
N VAL H 3505 -41.30 98.31 14.23
CA VAL H 3505 -41.47 98.42 12.78
C VAL H 3505 -42.92 98.14 12.39
N GLN H 3506 -43.60 97.29 13.16
CA GLN H 3506 -45.02 97.03 12.88
C GLN H 3506 -45.84 98.32 12.97
N THR H 3507 -45.51 99.19 13.92
CA THR H 3507 -46.20 100.45 14.09
C THR H 3507 -45.44 101.63 13.49
N SER H 3508 -44.36 101.37 12.74
CA SER H 3508 -43.65 102.44 12.05
C SER H 3508 -44.55 103.08 11.00
N LEU H 3509 -44.45 104.41 10.87
CA LEU H 3509 -45.41 105.15 10.05
C LEU H 3509 -45.25 104.85 8.55
N ILE H 3510 -44.03 104.68 8.06
CA ILE H 3510 -43.84 104.48 6.62
C ILE H 3510 -44.53 103.21 6.16
N VAL H 3511 -44.34 102.11 6.89
CA VAL H 3511 -45.04 100.88 6.54
C VAL H 3511 -46.49 100.91 7.01
N ALA H 3512 -46.80 101.72 8.03
CA ALA H 3512 -48.20 101.89 8.40
C ALA H 3512 -48.95 102.63 7.32
N THR H 3513 -48.27 103.56 6.63
CA THR H 3513 -48.91 104.27 5.52
C THR H 3513 -49.23 103.33 4.38
N LEU H 3514 -48.29 102.44 4.02
CA LEU H 3514 -48.51 101.55 2.89
C LEU H 3514 -49.54 100.48 3.22
N LYS H 3515 -49.42 99.85 4.39
CA LYS H 3515 -50.41 98.84 4.76
C LYS H 3515 -51.81 99.44 4.83
N LYS H 3516 -51.92 100.72 5.20
CA LYS H 3516 -53.20 101.41 5.12
C LYS H 3516 -53.54 101.82 3.70
N MET H 3517 -52.59 101.74 2.77
CA MET H 3517 -52.85 102.20 1.42
C MET H 3517 -52.66 101.08 0.39
N LEU H 3518 -52.24 99.89 0.83
CA LEU H 3518 -52.24 98.73 -0.07
C LEU H 3518 -53.57 98.48 -0.78
N PRO H 3519 -54.73 98.54 -0.13
CA PRO H 3519 -55.98 98.21 -0.87
C PRO H 3519 -56.21 99.07 -2.08
N ILE H 3520 -55.72 100.31 -2.09
CA ILE H 3520 -55.88 101.15 -3.28
C ILE H 3520 -55.07 100.58 -4.44
N GLY H 3521 -53.83 100.18 -4.18
CA GLY H 3521 -53.01 99.62 -5.24
C GLY H 3521 -53.51 98.28 -5.73
N LEU H 3522 -53.89 97.39 -4.80
CA LEU H 3522 -54.40 96.09 -5.19
C LEU H 3522 -55.73 96.19 -5.90
N ASN H 3523 -56.46 97.29 -5.70
CA ASN H 3523 -57.76 97.45 -6.34
C ASN H 3523 -57.61 97.73 -7.83
N MET H 3524 -56.45 98.23 -8.26
CA MET H 3524 -56.21 98.46 -9.68
C MET H 3524 -56.19 97.14 -10.45
N CYS H 3525 -55.52 96.13 -9.89
CA CYS H 3525 -55.32 94.89 -10.62
C CYS H 3525 -56.56 94.02 -10.57
N ALA H 3526 -56.93 93.45 -11.72
CA ALA H 3526 -57.99 92.47 -11.78
C ALA H 3526 -57.51 91.14 -11.20
N PRO H 3527 -58.43 90.32 -10.69
CA PRO H 3527 -58.02 89.00 -10.19
C PRO H 3527 -57.37 88.12 -11.23
N THR H 3528 -57.57 88.39 -12.52
CA THR H 3528 -56.86 87.63 -13.55
C THR H 3528 -55.35 87.82 -13.48
N ASP H 3529 -54.88 88.89 -12.84
CA ASP H 3529 -53.46 89.16 -12.73
C ASP H 3529 -52.82 88.51 -11.51
N GLN H 3530 -53.59 87.75 -10.73
CA GLN H 3530 -53.05 87.12 -9.53
C GLN H 3530 -51.86 86.22 -9.85
N ASP H 3531 -51.88 85.58 -11.02
CA ASP H 3531 -50.73 84.77 -11.40
C ASP H 3531 -49.52 85.65 -11.67
N LEU H 3532 -49.74 86.80 -12.33
CA LEU H 3532 -48.62 87.69 -12.64
C LEU H 3532 -48.02 88.29 -11.38
N ILE H 3533 -48.84 88.56 -10.36
CA ILE H 3533 -48.30 89.10 -9.11
C ILE H 3533 -47.30 88.14 -8.50
N MET H 3534 -47.69 86.87 -8.33
CA MET H 3534 -46.72 85.87 -7.86
C MET H 3534 -45.60 85.68 -8.87
N LEU H 3535 -45.92 85.81 -10.16
CA LEU H 3535 -44.89 85.66 -11.19
C LEU H 3535 -43.83 86.76 -11.11
N ALA H 3536 -44.28 88.01 -10.99
CA ALA H 3536 -43.33 89.13 -10.98
C ALA H 3536 -42.61 89.24 -9.64
N LYS H 3537 -43.26 88.82 -8.55
CA LYS H 3537 -42.60 88.82 -7.25
C LYS H 3537 -41.36 87.94 -7.26
N THR H 3538 -41.40 86.83 -8.00
CA THR H 3538 -40.25 85.93 -8.05
C THR H 3538 -39.04 86.61 -8.67
N ARG H 3539 -39.25 87.39 -9.73
CA ARG H 3539 -38.15 88.13 -10.33
C ARG H 3539 -37.57 89.14 -9.36
N TYR H 3540 -38.43 89.84 -8.61
CA TYR H 3540 -37.94 90.80 -7.63
C TYR H 3540 -37.18 90.13 -6.50
N ALA H 3541 -37.64 88.95 -6.08
CA ALA H 3541 -36.87 88.17 -5.10
C ALA H 3541 -35.56 87.69 -5.68
N LEU H 3542 -35.41 87.72 -7.00
CA LEU H 3542 -34.16 87.38 -7.67
C LEU H 3542 -33.34 88.62 -7.99
N LYS H 3543 -33.72 89.77 -7.42
CA LYS H 3543 -32.99 91.02 -7.56
C LYS H 3543 -32.93 91.48 -9.02
N ASP H 3544 -34.11 91.79 -9.55
CA ASP H 3544 -34.27 92.34 -10.89
C ASP H 3544 -34.84 93.76 -10.81
N THR H 3545 -34.45 94.61 -11.74
CA THR H 3545 -34.86 96.00 -11.72
C THR H 3545 -36.30 96.14 -12.23
N ASP H 3546 -36.81 97.37 -12.17
CA ASP H 3546 -38.18 97.62 -12.60
C ASP H 3546 -38.36 97.49 -14.10
N GLU H 3547 -37.26 97.42 -14.85
CA GLU H 3547 -37.37 97.24 -16.29
C GLU H 3547 -37.25 95.77 -16.68
N GLU H 3548 -36.53 94.98 -15.89
CA GLU H 3548 -36.43 93.55 -16.16
C GLU H 3548 -37.78 92.87 -15.98
N VAL H 3549 -38.56 93.30 -14.99
CA VAL H 3549 -39.88 92.73 -14.78
C VAL H 3549 -40.82 93.11 -15.92
N ARG H 3550 -40.70 94.34 -16.42
CA ARG H 3550 -41.63 94.83 -17.44
C ARG H 3550 -41.52 94.00 -18.72
N GLU H 3551 -40.30 93.72 -19.16
CA GLU H 3551 -40.13 92.89 -20.35
C GLU H 3551 -40.52 91.44 -20.09
N PHE H 3552 -40.25 90.95 -18.87
CA PHE H 3552 -40.59 89.58 -18.53
C PHE H 3552 -42.09 89.41 -18.36
N LEU H 3553 -42.77 90.46 -17.91
CA LEU H 3553 -44.22 90.47 -17.89
C LEU H 3553 -44.81 90.58 -19.28
N GLN H 3554 -44.15 91.32 -20.18
CA GLN H 3554 -44.66 91.48 -21.55
C GLN H 3554 -44.69 90.15 -22.29
N ASN H 3555 -43.64 89.35 -22.16
CA ASN H 3555 -43.55 88.11 -22.92
C ASN H 3555 -44.36 86.99 -22.28
N ASN H 3556 -44.87 87.17 -21.07
CA ASN H 3556 -45.62 86.15 -20.36
C ASN H 3556 -47.04 86.62 -20.08
N LEU H 3557 -47.65 87.31 -21.05
CA LEU H 3557 -49.02 87.78 -20.91
C LEU H 3557 -50.03 86.65 -21.02
N HIS H 3558 -49.67 85.51 -21.62
CA HIS H 3558 -50.62 84.42 -21.66
C HIS H 3558 -50.64 83.62 -20.40
N LEU H 3559 -49.85 84.00 -19.38
CA LEU H 3559 -49.98 83.16 -18.19
C LEU H 3559 -51.04 83.67 -17.24
N GLN H 3560 -51.81 84.69 -17.59
CA GLN H 3560 -52.77 85.20 -16.63
C GLN H 3560 -53.92 84.21 -16.48
N GLY H 3561 -54.55 84.25 -15.31
CA GLY H 3561 -55.47 83.20 -14.94
C GLY H 3561 -56.69 83.15 -15.85
N LYS H 3562 -57.30 81.96 -15.87
CA LYS H 3562 -58.53 81.72 -16.64
C LYS H 3562 -59.70 81.54 -15.68
N VAL H 3563 -60.81 82.21 -16.00
CA VAL H 3563 -61.97 82.19 -15.12
C VAL H 3563 -62.61 80.81 -15.07
N GLU H 3564 -62.69 80.13 -16.23
CA GLU H 3564 -63.30 78.80 -16.25
C GLU H 3564 -62.50 77.79 -15.45
N GLY H 3565 -61.17 77.92 -15.44
CA GLY H 3565 -60.34 76.96 -14.74
C GLY H 3565 -60.26 77.13 -13.24
N SER H 3566 -60.87 78.19 -12.70
CA SER H 3566 -60.82 78.44 -11.26
C SER H 3566 -62.20 78.84 -10.77
N PRO H 3567 -62.81 78.05 -9.88
CA PRO H 3567 -64.10 78.46 -9.30
C PRO H 3567 -63.97 79.73 -8.47
N SER H 3568 -62.78 79.94 -7.89
CA SER H 3568 -62.55 81.13 -7.09
C SER H 3568 -62.59 82.40 -7.93
N LEU H 3569 -62.05 82.34 -9.15
CA LEU H 3569 -62.01 83.52 -10.00
C LEU H 3569 -63.38 83.87 -10.56
N ARG H 3570 -64.32 82.93 -10.56
CA ARG H 3570 -65.62 83.17 -11.17
C ARG H 3570 -66.36 84.30 -10.45
N TRP H 3571 -66.30 84.31 -9.12
CA TRP H 3571 -66.98 85.36 -8.36
C TRP H 3571 -66.12 86.59 -8.17
N GLN H 3572 -64.80 86.43 -8.11
CA GLN H 3572 -63.91 87.59 -8.01
C GLN H 3572 -64.03 88.47 -9.24
N MET H 3573 -64.09 87.85 -10.43
CA MET H 3573 -64.33 88.62 -11.65
C MET H 3573 -65.66 89.35 -11.59
N ALA H 3574 -66.73 88.65 -11.21
CA ALA H 3574 -68.06 89.25 -11.24
C ALA H 3574 -68.14 90.46 -10.31
N LEU H 3575 -67.54 90.36 -9.13
CA LEU H 3575 -67.49 91.50 -8.22
C LEU H 3575 -66.65 92.62 -8.81
N TYR H 3576 -65.57 92.28 -9.50
CA TYR H 3576 -64.69 93.29 -10.08
C TYR H 3576 -65.36 93.98 -11.26
N ARG H 3577 -65.97 93.21 -12.18
CA ARG H 3577 -66.72 93.82 -13.28
C ARG H 3577 -67.89 94.66 -12.81
N GLY H 3578 -68.44 94.40 -11.62
CA GLY H 3578 -69.57 95.20 -11.17
C GLY H 3578 -69.22 96.59 -10.70
N LEU H 3579 -67.93 96.91 -10.56
CA LEU H 3579 -67.51 98.22 -10.11
C LEU H 3579 -67.85 99.26 -11.17
N PRO H 3580 -68.36 100.42 -10.77
CA PRO H 3580 -68.80 101.42 -11.76
C PRO H 3580 -67.70 101.91 -12.69
N GLY H 3581 -66.47 102.02 -12.20
CA GLY H 3581 -65.40 102.61 -12.97
C GLY H 3581 -64.60 101.63 -13.80
N ARG H 3582 -65.11 100.41 -13.96
CA ARG H 3582 -64.39 99.36 -14.67
C ARG H 3582 -64.82 99.34 -16.13
N GLU H 3583 -63.84 99.36 -17.03
CA GLU H 3583 -64.07 99.26 -18.46
C GLU H 3583 -63.14 98.20 -19.04
N GLU H 3584 -63.66 97.43 -20.00
CA GLU H 3584 -62.85 96.38 -20.61
C GLU H 3584 -61.67 96.94 -21.40
N ASP H 3585 -61.75 98.19 -21.85
CA ASP H 3585 -60.64 98.80 -22.55
C ASP H 3585 -59.46 99.08 -21.62
N ALA H 3586 -59.67 99.06 -20.31
CA ALA H 3586 -58.59 99.27 -19.36
C ALA H 3586 -57.60 98.11 -19.33
N ASP H 3587 -57.93 96.98 -19.96
CA ASP H 3587 -57.03 95.83 -20.00
C ASP H 3587 -56.13 95.90 -21.24
N ASP H 3588 -55.47 97.04 -21.44
CA ASP H 3588 -54.50 97.16 -22.51
C ASP H 3588 -53.19 96.50 -22.10
N PRO H 3589 -52.44 95.95 -23.06
CA PRO H 3589 -51.22 95.22 -22.70
C PRO H 3589 -50.22 96.06 -21.92
N GLU H 3590 -50.16 97.36 -22.19
CA GLU H 3590 -49.27 98.23 -21.42
C GLU H 3590 -49.85 98.53 -20.04
N LYS H 3591 -51.17 98.63 -19.95
CA LYS H 3591 -51.79 98.95 -18.66
C LYS H 3591 -51.66 97.80 -17.67
N ILE H 3592 -51.82 96.56 -18.13
CA ILE H 3592 -51.73 95.43 -17.21
C ILE H 3592 -50.30 95.30 -16.69
N VAL H 3593 -49.31 95.38 -17.59
CA VAL H 3593 -47.93 95.15 -17.17
C VAL H 3593 -47.45 96.25 -16.22
N ARG H 3594 -47.95 97.47 -16.39
CA ARG H 3594 -47.64 98.53 -15.43
C ARG H 3594 -48.22 98.21 -14.05
N ARG H 3595 -49.49 97.85 -13.99
CA ARG H 3595 -50.16 97.75 -12.71
C ARG H 3595 -49.69 96.53 -11.92
N VAL H 3596 -49.19 95.50 -12.60
CA VAL H 3596 -48.60 94.38 -11.88
C VAL H 3596 -47.20 94.74 -11.43
N GLN H 3597 -46.45 95.46 -12.26
CA GLN H 3597 -45.07 95.80 -11.91
C GLN H 3597 -45.00 96.69 -10.69
N GLU H 3598 -45.88 97.69 -10.61
CA GLU H 3598 -45.85 98.61 -9.49
C GLU H 3598 -46.20 97.92 -8.18
N VAL H 3599 -47.24 97.10 -8.17
CA VAL H 3599 -47.59 96.39 -6.95
C VAL H 3599 -46.55 95.32 -6.62
N SER H 3600 -46.02 94.64 -7.63
CA SER H 3600 -45.08 93.55 -7.39
C SER H 3600 -43.89 94.02 -6.59
N ALA H 3601 -43.45 95.27 -6.81
CA ALA H 3601 -42.41 95.85 -5.98
C ALA H 3601 -42.90 96.03 -4.55
N VAL H 3602 -44.18 96.36 -4.38
CA VAL H 3602 -44.68 96.71 -3.05
C VAL H 3602 -44.84 95.46 -2.19
N LEU H 3603 -45.61 94.47 -2.66
CA LEU H 3603 -45.82 93.29 -1.83
C LEU H 3603 -44.54 92.51 -1.63
N TYR H 3604 -43.59 92.63 -2.55
CA TYR H 3604 -42.32 91.94 -2.37
C TYR H 3604 -41.58 92.47 -1.15
N HIS H 3605 -41.41 93.78 -1.06
CA HIS H 3605 -40.67 94.36 0.06
C HIS H 3605 -41.45 94.31 1.37
N LEU H 3606 -42.79 94.30 1.31
CA LEU H 3606 -43.56 94.28 2.53
C LEU H 3606 -43.40 92.96 3.29
N GLU H 3607 -43.43 91.84 2.58
CA GLU H 3607 -43.26 90.55 3.24
C GLU H 3607 -41.83 90.36 3.75
N GLN H 3608 -40.88 91.12 3.23
CA GLN H 3608 -39.54 91.15 3.81
C GLN H 3608 -39.55 91.72 5.23
N THR H 3609 -40.58 92.48 5.59
CA THR H 3609 -40.64 93.16 6.87
C THR H 3609 -41.53 92.43 7.88
N GLU H 3610 -42.74 92.06 7.48
CA GLU H 3610 -43.62 91.33 8.39
C GLU H 3610 -43.00 89.99 8.79
N HIS H 3611 -42.42 89.27 7.83
CA HIS H 3611 -41.60 88.10 8.09
C HIS H 3611 -40.16 88.46 7.75
N PRO H 3612 -39.38 88.98 8.71
CA PRO H 3612 -38.00 89.37 8.39
C PRO H 3612 -37.12 88.21 7.96
N TYR H 3613 -37.51 86.97 8.29
CA TYR H 3613 -36.77 85.74 7.97
C TYR H 3613 -35.29 85.84 8.32
N LYS H 3614 -34.95 86.70 9.27
CA LYS H 3614 -33.59 86.82 9.75
C LYS H 3614 -33.24 85.76 10.78
N SER H 3615 -34.21 84.95 11.20
CA SER H 3615 -33.94 83.84 12.10
C SER H 3615 -33.16 82.75 11.37
N LYS H 3616 -32.67 81.79 12.15
CA LYS H 3616 -31.84 80.68 11.67
C LYS H 3616 -30.53 81.19 11.10
N LYS H 3617 -30.28 82.49 11.22
CA LYS H 3617 -28.99 83.09 10.87
C LYS H 3617 -28.18 83.39 12.11
N ALA H 3618 -28.77 84.15 13.05
CA ALA H 3618 -28.19 84.40 14.37
C ALA H 3618 -29.26 84.09 15.42
N VAL H 3619 -29.33 82.82 15.80
CA VAL H 3619 -30.23 82.37 16.86
C VAL H 3619 -29.44 82.47 18.16
N TRP H 3620 -30.11 82.41 19.31
CA TRP H 3620 -29.42 82.34 20.59
C TRP H 3620 -28.43 81.17 20.53
N HIS H 3621 -27.14 81.48 20.54
CA HIS H 3621 -26.12 80.50 20.25
C HIS H 3621 -25.24 80.13 21.43
N LYS H 3622 -25.13 81.00 22.44
CA LYS H 3622 -24.27 80.81 23.61
C LYS H 3622 -22.94 80.17 23.23
N LEU H 3623 -22.23 80.86 22.33
CA LEU H 3623 -20.97 80.34 21.79
C LEU H 3623 -19.99 80.02 22.90
N LEU H 3624 -19.59 81.05 23.65
CA LEU H 3624 -18.70 80.83 24.79
C LEU H 3624 -19.07 81.65 26.02
N SER H 3625 -20.17 82.40 25.99
CA SER H 3625 -20.44 83.35 27.06
C SER H 3625 -20.82 82.66 28.36
N LYS H 3626 -21.72 81.68 28.30
CA LYS H 3626 -22.34 81.14 29.52
C LYS H 3626 -21.32 80.57 30.51
N GLN H 3627 -20.17 80.12 30.03
CA GLN H 3627 -19.13 79.60 30.91
C GLN H 3627 -17.87 80.46 30.94
N ARG H 3628 -17.71 81.39 30.00
CA ARG H 3628 -16.53 82.24 29.94
C ARG H 3628 -16.86 83.72 30.04
N ARG H 3629 -18.05 84.08 30.54
CA ARG H 3629 -18.37 85.48 30.73
C ARG H 3629 -17.49 86.11 31.80
N ARG H 3630 -17.01 85.31 32.76
CA ARG H 3630 -16.12 85.83 33.78
C ARG H 3630 -14.78 86.27 33.19
N ALA H 3631 -14.25 85.50 32.22
CA ALA H 3631 -12.95 85.81 31.65
C ALA H 3631 -12.98 87.13 30.88
N VAL H 3632 -13.97 87.31 30.00
CA VAL H 3632 -14.03 88.52 29.19
C VAL H 3632 -14.25 89.75 30.06
N VAL H 3633 -15.03 89.60 31.14
CA VAL H 3633 -15.18 90.70 32.08
C VAL H 3633 -13.87 90.94 32.83
N ALA H 3634 -13.19 89.86 33.22
CA ALA H 3634 -11.92 90.01 33.94
C ALA H 3634 -10.82 90.57 33.05
N CYS H 3635 -10.97 90.43 31.73
CA CYS H 3635 -9.96 90.97 30.82
C CYS H 3635 -9.87 92.48 30.90
N PHE H 3636 -11.02 93.16 30.97
CA PHE H 3636 -11.05 94.62 31.00
C PHE H 3636 -10.54 95.20 32.31
N ARG H 3637 -10.34 94.38 33.34
CA ARG H 3637 -9.95 94.85 34.66
C ARG H 3637 -8.60 94.26 35.11
N MET H 3638 -7.71 93.97 34.16
CA MET H 3638 -6.49 93.24 34.49
C MET H 3638 -5.35 94.22 34.71
N THR H 3639 -4.43 93.87 35.62
CA THR H 3639 -3.47 94.84 36.16
C THR H 3639 -2.17 94.85 35.35
N PRO H 3640 -1.70 96.02 34.91
CA PRO H 3640 -0.53 96.07 34.04
C PRO H 3640 0.75 95.72 34.76
N LEU H 3641 1.84 95.68 33.98
CA LEU H 3641 3.13 95.24 34.50
C LEU H 3641 3.79 96.30 35.39
N TYR H 3642 3.74 97.57 34.97
CA TYR H 3642 4.45 98.62 35.69
C TYR H 3642 3.95 98.81 37.12
N ASN H 3643 2.70 98.46 37.40
CA ASN H 3643 2.14 98.56 38.74
C ASN H 3643 2.61 97.43 39.66
N LEU H 3644 3.29 96.43 39.13
CA LEU H 3644 3.63 95.21 39.83
C LEU H 3644 4.91 95.39 40.64
N PRO H 3645 5.01 94.76 41.81
CA PRO H 3645 6.22 94.92 42.63
C PRO H 3645 7.47 94.41 41.91
N THR H 3646 8.61 94.97 42.32
CA THR H 3646 9.86 94.71 41.61
C THR H 3646 10.29 93.25 41.74
N HIS H 3647 10.26 92.70 42.95
CA HIS H 3647 10.75 91.34 43.15
C HIS H 3647 9.90 90.34 42.38
N ARG H 3648 8.58 90.58 42.31
CA ARG H 3648 7.72 89.74 41.48
C ARG H 3648 8.13 89.81 40.02
N ALA H 3649 8.40 91.02 39.52
CA ALA H 3649 8.71 91.19 38.11
C ALA H 3649 9.99 90.44 37.71
N CYS H 3650 11.01 90.48 38.57
CA CYS H 3650 12.26 89.83 38.26
C CYS H 3650 12.08 88.33 38.08
N ASN H 3651 11.26 87.72 38.94
CA ASN H 3651 11.04 86.27 38.84
C ASN H 3651 10.38 85.90 37.52
N MET H 3652 9.38 86.68 37.07
CA MET H 3652 8.77 86.38 35.78
C MET H 3652 9.74 86.68 34.64
N PHE H 3653 10.62 87.66 34.82
CA PHE H 3653 11.62 87.92 33.80
C PHE H 3653 12.55 86.74 33.63
N LEU H 3654 12.99 86.14 34.74
CA LEU H 3654 13.87 84.98 34.67
C LEU H 3654 13.17 83.83 33.96
N GLU H 3655 11.90 83.59 34.27
CA GLU H 3655 11.14 82.57 33.56
C GLU H 3655 11.05 82.89 32.07
N SER H 3656 10.78 84.16 31.75
CA SER H 3656 10.70 84.55 30.34
C SER H 3656 12.06 84.50 29.67
N TYR H 3657 13.12 84.87 30.39
CA TYR H 3657 14.44 84.94 29.77
C TYR H 3657 14.98 83.55 29.47
N LYS H 3658 14.90 82.63 30.41
CA LYS H 3658 15.44 81.30 30.17
C LYS H 3658 14.68 80.56 29.08
N ALA H 3659 13.35 80.71 29.04
CA ALA H 3659 12.55 80.00 28.04
C ALA H 3659 12.75 80.55 26.65
N ALA H 3660 12.98 81.87 26.54
CA ALA H 3660 13.02 82.52 25.24
C ALA H 3660 14.43 82.89 24.78
N TRP H 3661 15.43 82.80 25.65
CA TRP H 3661 16.78 83.21 25.29
C TRP H 3661 17.86 82.20 25.62
N ILE H 3662 17.62 81.30 26.56
CA ILE H 3662 18.62 80.29 26.90
C ILE H 3662 18.19 78.91 26.41
N LEU H 3663 16.91 78.56 26.59
CA LEU H 3663 16.40 77.32 26.02
C LEU H 3663 16.51 77.33 24.50
N THR H 3664 16.18 78.45 23.87
CA THR H 3664 16.29 78.55 22.42
C THR H 3664 17.73 78.61 21.95
N GLU H 3665 18.67 78.93 22.82
CA GLU H 3665 20.07 78.96 22.44
C GLU H 3665 20.55 77.56 22.06
N ASP H 3666 21.22 77.46 20.93
CA ASP H 3666 21.75 76.20 20.43
C ASP H 3666 23.24 76.12 20.74
N HIS H 3667 23.68 74.96 21.23
CA HIS H 3667 25.07 74.74 21.61
C HIS H 3667 25.42 73.30 21.30
N SER H 3668 26.16 73.09 20.22
CA SER H 3668 26.63 71.76 19.84
C SER H 3668 28.01 71.56 20.45
N PHE H 3669 28.11 70.65 21.42
CA PHE H 3669 29.38 70.30 22.04
C PHE H 3669 29.58 68.80 22.17
N GLU H 3670 28.58 67.99 21.82
CA GLU H 3670 28.69 66.55 21.99
C GLU H 3670 29.80 65.96 21.13
N ASP H 3671 29.88 66.38 19.87
CA ASP H 3671 30.92 65.88 18.99
C ASP H 3671 32.31 66.29 19.47
N ARG H 3672 32.45 67.52 19.94
CA ARG H 3672 33.76 68.01 20.37
C ARG H 3672 34.23 67.30 21.63
N MET H 3673 33.33 67.05 22.58
CA MET H 3673 33.73 66.37 23.81
C MET H 3673 34.08 64.90 23.54
N ILE H 3674 33.28 64.22 22.72
CA ILE H 3674 33.56 62.82 22.41
C ILE H 3674 34.90 62.70 21.69
N ASP H 3675 35.20 63.63 20.79
CA ASP H 3675 36.49 63.63 20.11
C ASP H 3675 37.63 63.83 21.10
N ASP H 3676 37.47 64.78 22.03
CA ASP H 3676 38.52 65.02 23.01
C ASP H 3676 38.71 63.82 23.92
N LEU H 3677 37.63 63.18 24.32
CA LEU H 3677 37.70 62.03 25.21
C LEU H 3677 38.21 60.77 24.52
N SER H 3678 38.26 60.75 23.20
CA SER H 3678 38.65 59.56 22.46
C SER H 3678 40.13 59.54 22.08
N LYS H 3679 40.90 60.53 22.52
CA LYS H 3679 42.32 60.61 22.18
C LYS H 3679 43.17 60.09 23.33
N ALA H 3680 44.08 59.18 23.02
CA ALA H 3680 45.11 58.78 23.97
C ALA H 3680 46.21 59.84 23.97
N GLY H 3681 46.46 60.44 25.13
CA GLY H 3681 47.29 61.62 25.18
C GLY H 3681 48.75 61.39 25.48
N GLU H 3682 49.58 61.54 24.45
CA GLU H 3682 51.06 61.56 24.54
C GLU H 3682 51.59 60.51 25.52
N GLN H 3683 51.05 59.30 25.42
CA GLN H 3683 51.59 58.15 26.14
C GLN H 3683 52.20 57.12 25.19
N GLU H 3684 52.43 57.50 23.93
CA GLU H 3684 52.98 56.60 22.92
C GLU H 3684 54.48 56.79 22.73
N GLU H 3685 55.19 57.22 23.78
CA GLU H 3685 56.62 57.44 23.71
C GLU H 3685 57.41 56.26 24.28
N GLU H 3686 56.74 55.18 24.66
CA GLU H 3686 57.40 54.00 25.19
C GLU H 3686 57.17 52.76 24.32
N GLU H 3687 55.97 52.62 23.75
CA GLU H 3687 55.58 51.48 22.90
C GLU H 3687 56.13 50.16 23.42
N GLU H 3688 55.92 49.93 24.70
CA GLU H 3688 56.34 48.70 25.37
C GLU H 3688 55.22 47.67 25.31
N GLU H 3689 55.33 46.60 26.10
CA GLU H 3689 54.32 45.54 26.12
C GLU H 3689 53.08 45.99 26.88
N VAL H 3690 52.90 47.30 27.02
CA VAL H 3690 51.70 47.91 27.58
C VAL H 3690 50.56 47.80 26.56
N GLU H 3691 50.82 47.10 25.45
CA GLU H 3691 49.87 46.96 24.35
C GLU H 3691 48.52 46.43 24.80
N GLU H 3692 48.44 46.03 26.08
CA GLU H 3692 47.13 45.94 26.73
C GLU H 3692 46.29 47.19 26.47
N LYS H 3693 46.95 48.34 26.30
CA LYS H 3693 46.28 49.57 25.91
C LYS H 3693 45.20 49.96 26.93
N LYS H 3694 45.67 50.32 28.12
CA LYS H 3694 44.84 50.88 29.18
C LYS H 3694 43.80 51.81 28.57
N PRO H 3695 42.54 51.71 28.99
CA PRO H 3695 41.47 52.40 28.27
C PRO H 3695 41.68 53.90 28.22
N ASP H 3696 41.35 54.48 27.07
CA ASP H 3696 41.36 55.93 26.89
C ASP H 3696 40.20 56.52 27.70
N PRO H 3697 40.21 57.83 27.92
CA PRO H 3697 39.17 58.43 28.78
C PRO H 3697 37.74 58.07 28.39
N LEU H 3698 37.43 58.02 27.10
CA LEU H 3698 36.10 57.60 26.69
C LEU H 3698 35.84 56.14 27.06
N HIS H 3699 36.85 55.28 26.87
CA HIS H 3699 36.68 53.87 27.20
C HIS H 3699 36.50 53.67 28.70
N GLN H 3700 37.23 54.42 29.52
CA GLN H 3700 37.06 54.31 30.97
C GLN H 3700 35.69 54.78 31.40
N LEU H 3701 35.14 55.80 30.73
CA LEU H 3701 33.79 56.26 31.05
C LEU H 3701 32.76 55.18 30.77
N VAL H 3702 32.91 54.47 29.65
CA VAL H 3702 32.01 53.37 29.33
C VAL H 3702 32.13 52.27 30.38
N LEU H 3703 33.36 51.92 30.75
CA LEU H 3703 33.55 50.85 31.72
C LEU H 3703 32.98 51.21 33.08
N HIS H 3704 33.08 52.48 33.47
CA HIS H 3704 32.53 52.91 34.75
C HIS H 3704 31.01 52.74 34.77
N PHE H 3705 30.33 53.16 33.70
CA PHE H 3705 28.90 52.96 33.63
C PHE H 3705 28.54 51.49 33.50
N SER H 3706 29.36 50.72 32.79
CA SER H 3706 29.14 49.28 32.73
C SER H 3706 29.37 48.64 34.10
N ARG H 3707 30.21 49.24 34.93
CA ARG H 3707 30.44 48.71 36.27
C ARG H 3707 29.21 48.87 37.15
N THR H 3708 28.61 50.06 37.16
CA THR H 3708 27.44 50.27 38.01
C THR H 3708 26.19 49.61 37.45
N ALA H 3709 26.18 49.27 36.16
CA ALA H 3709 25.03 48.60 35.59
C ALA H 3709 24.89 47.16 36.07
N LEU H 3710 26.01 46.48 36.29
CA LEU H 3710 25.96 45.07 36.67
C LEU H 3710 26.08 44.84 38.16
N THR H 3711 26.17 45.90 38.97
CA THR H 3711 26.11 45.74 40.42
C THR H 3711 24.72 45.25 40.82
N GLU H 3712 24.67 44.32 41.77
CA GLU H 3712 23.40 43.69 42.16
C GLU H 3712 22.59 44.66 43.01
N LYS H 3713 21.43 45.06 42.50
CA LYS H 3713 20.51 45.92 43.22
C LYS H 3713 19.09 45.52 42.88
N SER H 3714 18.16 45.84 43.80
CA SER H 3714 16.76 45.53 43.55
C SER H 3714 16.18 46.39 42.43
N LYS H 3715 16.64 47.63 42.32
CA LYS H 3715 16.15 48.56 41.32
C LYS H 3715 17.31 49.39 40.77
N LEU H 3716 17.14 49.89 39.56
CA LEU H 3716 18.13 50.75 38.91
C LEU H 3716 17.77 52.19 39.22
N ASP H 3717 18.50 52.79 40.16
CA ASP H 3717 18.16 54.12 40.63
C ASP H 3717 18.44 55.17 39.56
N GLU H 3718 17.69 56.27 39.63
CA GLU H 3718 17.85 57.37 38.68
C GLU H 3718 19.23 57.98 38.85
N ASP H 3719 19.94 58.16 37.73
CA ASP H 3719 21.29 58.72 37.74
C ASP H 3719 21.40 59.75 36.62
N TYR H 3720 21.58 61.01 37.00
CA TYR H 3720 21.61 62.08 36.00
C TYR H 3720 22.92 62.09 35.22
N LEU H 3721 24.01 61.63 35.83
CA LEU H 3721 25.29 61.63 35.12
C LEU H 3721 25.27 60.66 33.95
N TYR H 3722 24.72 59.46 34.14
CA TYR H 3722 24.66 58.50 33.05
C TYR H 3722 23.79 59.03 31.91
N MET H 3723 22.65 59.62 32.25
CA MET H 3723 21.79 60.19 31.21
C MET H 3723 22.48 61.34 30.49
N ALA H 3724 23.24 62.14 31.23
CA ALA H 3724 23.97 63.24 30.61
C ALA H 3724 24.96 62.73 29.58
N TYR H 3725 25.68 61.66 29.90
CA TYR H 3725 26.69 61.16 28.98
C TYR H 3725 26.10 60.23 27.92
N ALA H 3726 25.01 59.53 28.25
CA ALA H 3726 24.38 58.66 27.26
C ALA H 3726 23.83 59.47 26.10
N ASP H 3727 23.25 60.64 26.38
CA ASP H 3727 22.73 61.48 25.30
C ASP H 3727 23.87 62.10 24.51
N ILE H 3728 25.00 62.36 25.15
CA ILE H 3728 26.16 62.92 24.46
C ILE H 3728 26.70 61.91 23.46
N MET H 3729 26.84 60.65 23.88
CA MET H 3729 27.27 59.62 22.95
C MET H 3729 26.23 59.40 21.86
N ALA H 3730 24.94 59.42 22.21
CA ALA H 3730 23.90 59.24 21.22
C ALA H 3730 23.88 60.37 20.20
N LYS H 3731 24.04 61.61 20.65
CA LYS H 3731 24.03 62.74 19.74
C LYS H 3731 25.30 62.83 18.90
N SER H 3732 26.32 62.05 19.24
CA SER H 3732 27.58 62.08 18.51
C SER H 3732 27.60 61.15 17.31
N CYS H 3733 26.56 60.35 17.11
CA CYS H 3733 26.59 59.33 16.08
C CYS H 3733 25.77 59.66 14.84
N HIS H 3734 24.60 60.28 15.00
CA HIS H 3734 23.77 60.53 13.82
C HIS H 3734 24.25 61.76 13.05
N LEU H 3735 24.25 62.92 13.69
CA LEU H 3735 24.66 64.18 13.06
C LEU H 3735 23.93 64.40 11.72
N GLU H 3736 22.63 64.12 11.71
CA GLU H 3736 21.82 64.31 10.51
C GLU H 3736 20.35 64.49 10.88
N VAL H 3749 17.60 68.19 -3.30
CA VAL H 3749 16.96 67.09 -2.59
C VAL H 3749 17.31 65.75 -3.24
N GLU H 3750 18.37 65.76 -4.05
CA GLU H 3750 18.85 64.57 -4.75
C GLU H 3750 20.30 64.33 -4.35
N VAL H 3751 20.50 63.53 -3.30
CA VAL H 3751 21.85 63.19 -2.86
C VAL H 3751 22.42 62.13 -3.79
N SER H 3752 23.60 62.40 -4.34
CA SER H 3752 24.20 61.46 -5.27
C SER H 3752 24.80 60.27 -4.51
N PHE H 3753 25.23 59.27 -5.28
CA PHE H 3753 25.69 58.02 -4.68
C PHE H 3753 26.97 58.23 -3.86
N GLU H 3754 27.83 59.14 -4.30
CA GLU H 3754 29.13 59.30 -3.67
C GLU H 3754 29.00 59.76 -2.22
N GLU H 3755 28.27 60.85 -1.99
CA GLU H 3755 28.09 61.33 -0.62
C GLU H 3755 27.09 60.51 0.16
N LYS H 3756 26.21 59.77 -0.52
CA LYS H 3756 25.34 58.83 0.17
C LYS H 3756 26.16 57.76 0.88
N GLU H 3757 27.20 57.25 0.21
CA GLU H 3757 28.08 56.29 0.85
C GLU H 3757 29.04 56.97 1.82
N MET H 3758 29.44 58.21 1.53
CA MET H 3758 30.24 58.97 2.49
C MET H 3758 29.48 59.19 3.79
N GLU H 3759 28.17 59.40 3.71
CA GLU H 3759 27.38 59.51 4.93
C GLU H 3759 27.39 58.21 5.70
N LYS H 3760 27.30 57.07 5.00
CA LYS H 3760 27.31 55.78 5.67
C LYS H 3760 28.63 55.53 6.40
N GLN H 3761 29.74 55.77 5.72
CA GLN H 3761 31.04 55.51 6.36
C GLN H 3761 31.30 56.49 7.49
N ARG H 3762 30.84 57.74 7.34
CA ARG H 3762 30.94 58.69 8.44
C ARG H 3762 30.11 58.24 9.63
N LEU H 3763 28.89 57.76 9.37
CA LEU H 3763 28.08 57.20 10.45
C LEU H 3763 28.71 55.93 11.02
N LEU H 3764 29.29 55.10 10.15
CA LEU H 3764 29.94 53.88 10.62
C LEU H 3764 31.12 54.21 11.52
N TYR H 3765 31.92 55.21 11.15
CA TYR H 3765 33.07 55.56 11.98
C TYR H 3765 32.63 56.09 13.35
N GLN H 3766 31.63 56.97 13.37
CA GLN H 3766 31.17 57.53 14.64
C GLN H 3766 30.60 56.45 15.54
N GLN H 3767 29.88 55.49 14.96
CA GLN H 3767 29.42 54.34 15.73
C GLN H 3767 30.58 53.48 16.19
N SER H 3768 31.67 53.42 15.41
CA SER H 3768 32.81 52.60 15.78
C SER H 3768 33.53 53.16 17.00
N ARG H 3769 33.50 54.48 17.20
CA ARG H 3769 34.15 55.05 18.38
C ARG H 3769 33.51 54.56 19.67
N LEU H 3770 32.27 54.10 19.62
CA LEU H 3770 31.54 53.69 20.80
C LEU H 3770 31.58 52.17 21.00
N HIS H 3771 31.27 51.41 19.94
CA HIS H 3771 31.19 49.97 20.10
C HIS H 3771 32.56 49.30 20.17
N THR H 3772 33.63 50.03 19.84
CA THR H 3772 34.97 49.52 20.09
C THR H 3772 35.44 49.80 21.51
N ARG H 3773 34.64 50.51 22.30
CA ARG H 3773 34.97 50.83 23.69
C ARG H 3773 33.93 50.28 24.65
N GLY H 3774 33.09 49.35 24.19
CA GLY H 3774 32.16 48.67 25.07
C GLY H 3774 30.79 49.29 25.19
N ALA H 3775 30.42 50.21 24.30
CA ALA H 3775 29.11 50.82 24.40
C ALA H 3775 28.00 49.82 24.13
N ALA H 3776 28.20 48.89 23.20
CA ALA H 3776 27.16 47.92 22.88
C ALA H 3776 26.85 47.05 24.10
N GLU H 3777 27.87 46.64 24.84
CA GLU H 3777 27.64 45.86 26.05
C GLU H 3777 27.01 46.71 27.15
N MET H 3778 27.37 47.98 27.24
CA MET H 3778 26.77 48.86 28.25
C MET H 3778 25.26 48.96 28.06
N VAL H 3779 24.82 49.08 26.80
CA VAL H 3779 23.40 49.23 26.52
C VAL H 3779 22.62 48.01 27.01
N LEU H 3780 23.13 46.82 26.71
CA LEU H 3780 22.44 45.60 27.13
C LEU H 3780 22.40 45.47 28.65
N GLN H 3781 23.50 45.82 29.31
CA GLN H 3781 23.55 45.70 30.77
C GLN H 3781 22.56 46.65 31.43
N MET H 3782 22.44 47.88 30.94
CA MET H 3782 21.51 48.82 31.52
C MET H 3782 20.06 48.41 31.28
N ILE H 3783 19.77 47.85 30.09
CA ILE H 3783 18.43 47.33 29.84
C ILE H 3783 18.11 46.20 30.79
N SER H 3784 19.07 45.29 30.99
CA SER H 3784 18.88 44.21 31.95
C SER H 3784 18.80 44.73 33.38
N ALA H 3785 19.49 45.84 33.66
CA ALA H 3785 19.53 46.34 35.03
C ALA H 3785 18.22 47.00 35.43
N CYS H 3786 17.52 47.65 34.49
CA CYS H 3786 16.28 48.32 34.83
C CYS H 3786 15.19 47.34 35.23
N LYS H 3787 15.31 46.08 34.84
CA LYS H 3787 14.35 45.04 35.21
C LYS H 3787 12.93 45.39 34.77
N GLY H 3788 12.80 45.97 33.57
CA GLY H 3788 11.50 46.23 33.01
C GLY H 3788 10.71 47.35 33.64
N GLU H 3789 11.39 48.31 34.27
CA GLU H 3789 10.73 49.48 34.83
C GLU H 3789 10.85 50.63 33.84
N THR H 3790 9.76 51.36 33.66
CA THR H 3790 9.76 52.47 32.73
C THR H 3790 10.23 53.75 33.42
N GLY H 3791 11.19 54.42 32.81
CA GLY H 3791 11.73 55.64 33.38
C GLY H 3791 12.66 56.31 32.41
N ALA H 3792 13.20 57.45 32.84
CA ALA H 3792 14.12 58.21 31.99
C ALA H 3792 15.44 57.48 31.82
N MET H 3793 15.77 56.57 32.74
CA MET H 3793 17.05 55.87 32.66
C MET H 3793 17.09 54.91 31.47
N VAL H 3794 16.04 54.11 31.31
CA VAL H 3794 16.01 53.15 30.20
C VAL H 3794 15.82 53.86 28.88
N SER H 3795 15.10 55.00 28.89
CA SER H 3795 14.90 55.74 27.65
C SER H 3795 16.21 56.25 27.09
N SER H 3796 17.11 56.74 27.96
CA SER H 3796 18.42 57.16 27.50
C SER H 3796 19.23 55.99 26.97
N THR H 3797 19.12 54.83 27.61
CA THR H 3797 19.81 53.64 27.13
C THR H 3797 19.32 53.21 25.77
N LEU H 3798 18.00 53.21 25.57
CA LEU H 3798 17.43 52.80 24.29
C LEU H 3798 17.84 53.76 23.17
N LYS H 3799 17.84 55.06 23.45
CA LYS H 3799 18.25 56.02 22.43
C LYS H 3799 19.72 55.84 22.08
N LEU H 3800 20.55 55.52 23.07
CA LEU H 3800 21.95 55.21 22.77
C LEU H 3800 22.07 53.94 21.93
N GLY H 3801 21.26 52.92 22.25
CA GLY H 3801 21.30 51.70 21.46
C GLY H 3801 20.89 51.91 20.03
N ILE H 3802 19.86 52.72 19.81
CA ILE H 3802 19.45 53.07 18.45
C ILE H 3802 20.54 53.88 17.75
N SER H 3803 21.24 54.72 18.50
CA SER H 3803 22.22 55.61 17.90
C SER H 3803 23.38 54.83 17.29
N ILE H 3804 23.79 53.73 17.94
CA ILE H 3804 24.89 52.93 17.41
C ILE H 3804 24.42 51.77 16.55
N LEU H 3805 23.10 51.60 16.38
CA LEU H 3805 22.56 50.55 15.53
C LEU H 3805 21.90 51.08 14.27
N ASN H 3806 21.89 52.40 14.07
CA ASN H 3806 21.23 52.98 12.91
C ASN H 3806 21.88 52.48 11.62
N GLY H 3807 21.04 52.19 10.64
CA GLY H 3807 21.52 51.62 9.39
C GLY H 3807 21.81 50.14 9.44
N GLY H 3808 21.57 49.49 10.57
CA GLY H 3808 21.85 48.07 10.70
C GLY H 3808 23.33 47.78 10.78
N ASN H 3809 23.98 48.27 11.84
CA ASN H 3809 25.39 48.05 12.03
C ASN H 3809 25.65 46.59 12.37
N ALA H 3810 26.14 45.83 11.39
CA ALA H 3810 26.33 44.39 11.59
C ALA H 3810 27.39 44.12 12.65
N GLU H 3811 28.36 45.02 12.80
CA GLU H 3811 29.40 44.81 13.80
C GLU H 3811 28.86 44.97 15.21
N VAL H 3812 27.98 45.95 15.43
CA VAL H 3812 27.36 46.11 16.73
C VAL H 3812 26.39 44.97 17.00
N GLN H 3813 25.67 44.51 15.97
CA GLN H 3813 24.74 43.40 16.14
C GLN H 3813 25.48 42.14 16.56
N GLN H 3814 26.64 41.89 15.95
CA GLN H 3814 27.43 40.71 16.32
C GLN H 3814 27.91 40.80 17.77
N LYS H 3815 28.37 41.97 18.18
CA LYS H 3815 28.83 42.14 19.56
C LYS H 3815 27.69 41.95 20.54
N MET H 3816 26.53 42.52 20.25
CA MET H 3816 25.38 42.37 21.13
C MET H 3816 24.95 40.92 21.24
N LEU H 3817 24.90 40.21 20.11
CA LEU H 3817 24.46 38.82 20.13
C LEU H 3817 25.46 37.93 20.83
N ASP H 3818 26.76 38.16 20.60
CA ASP H 3818 27.78 37.37 21.27
C ASP H 3818 27.73 37.57 22.79
N TYR H 3819 27.58 38.82 23.23
CA TYR H 3819 27.51 39.08 24.66
C TYR H 3819 26.31 38.41 25.31
N LEU H 3820 25.16 38.46 24.64
CA LEU H 3820 23.98 37.81 25.18
C LEU H 3820 24.15 36.30 25.26
N LYS H 3821 24.79 35.71 24.26
CA LYS H 3821 24.90 34.26 24.22
C LYS H 3821 25.92 33.73 25.23
N ASP H 3822 27.00 34.47 25.48
CA ASP H 3822 27.98 33.97 26.45
C ASP H 3822 27.48 34.15 27.88
N LYS H 3823 26.78 35.24 28.17
CA LYS H 3823 26.27 35.45 29.52
C LYS H 3823 25.13 34.51 29.84
N LYS H 3824 24.29 34.20 28.86
CA LYS H 3824 23.13 33.32 29.05
C LYS H 3824 22.22 33.83 30.17
N GLU H 3825 22.09 35.15 30.26
CA GLU H 3825 21.26 35.75 31.29
C GLU H 3825 19.84 35.95 30.75
N VAL H 3826 18.85 35.67 31.60
CA VAL H 3826 17.46 35.84 31.21
C VAL H 3826 16.91 37.21 31.57
N GLY H 3827 17.71 38.06 32.23
CA GLY H 3827 17.20 39.35 32.64
C GLY H 3827 16.99 40.32 31.51
N PHE H 3828 17.69 40.13 30.39
CA PHE H 3828 17.57 41.07 29.28
C PHE H 3828 16.20 41.00 28.64
N PHE H 3829 15.75 39.78 28.30
CA PHE H 3829 14.46 39.64 27.65
C PHE H 3829 13.30 39.75 28.64
N GLN H 3830 13.52 39.41 29.90
CA GLN H 3830 12.51 39.67 30.92
C GLN H 3830 12.29 41.17 31.07
N SER H 3831 13.35 41.96 31.01
CA SER H 3831 13.20 43.41 31.01
C SER H 3831 12.48 43.90 29.77
N ILE H 3832 12.85 43.36 28.59
CA ILE H 3832 12.21 43.78 27.35
C ILE H 3832 10.74 43.44 27.36
N GLN H 3833 10.40 42.21 27.79
CA GLN H 3833 9.00 41.81 27.85
C GLN H 3833 8.22 42.68 28.84
N ALA H 3834 8.82 42.98 29.99
CA ALA H 3834 8.13 43.82 30.97
C ALA H 3834 7.95 45.24 30.45
N LEU H 3835 8.94 45.76 29.74
CA LEU H 3835 8.81 47.09 29.16
C LEU H 3835 7.70 47.14 28.12
N MET H 3836 7.59 46.09 27.30
CA MET H 3836 6.56 46.06 26.26
C MET H 3836 5.16 46.01 26.86
N GLN H 3837 4.98 45.30 27.97
CA GLN H 3837 3.67 45.20 28.59
C GLN H 3837 3.24 46.51 29.25
N THR H 3838 4.18 47.41 29.53
CA THR H 3838 3.86 48.71 30.11
C THR H 3838 3.65 49.78 29.07
N CYS H 3839 3.87 49.49 27.79
CA CYS H 3839 3.60 50.46 26.75
C CYS H 3839 2.09 50.67 26.62
N SER H 3840 1.69 51.94 26.58
CA SER H 3840 0.28 52.28 26.60
C SER H 3840 -0.29 52.35 25.19
N VAL H 3841 -1.60 52.19 25.10
CA VAL H 3841 -2.33 52.33 23.85
C VAL H 3841 -3.37 53.42 24.03
N LEU H 3842 -4.15 53.70 22.99
CA LEU H 3842 -5.19 54.71 23.08
C LEU H 3842 -6.21 54.32 24.13
N ASP H 3843 -6.55 55.27 25.00
CA ASP H 3843 -7.57 55.07 26.03
C ASP H 3843 -8.65 56.14 25.87
N LEU H 3844 -9.90 55.70 25.77
CA LEU H 3844 -11.01 56.63 25.57
C LEU H 3844 -11.37 57.36 26.84
N ASN H 3845 -11.27 56.70 27.99
CA ASN H 3845 -11.63 57.33 29.25
C ASN H 3845 -10.73 58.51 29.55
N ALA H 3846 -9.42 58.36 29.33
CA ALA H 3846 -8.51 59.48 29.51
C ALA H 3846 -8.77 60.58 28.49
N PHE H 3847 -9.12 60.19 27.26
CA PHE H 3847 -9.45 61.18 26.24
C PHE H 3847 -10.69 61.98 26.62
N GLU H 3848 -11.71 61.31 27.17
CA GLU H 3848 -12.92 62.01 27.57
C GLU H 3848 -12.66 62.94 28.75
N ARG H 3849 -11.82 62.51 29.70
CA ARG H 3849 -11.47 63.38 30.81
C ARG H 3849 -10.74 64.63 30.33
N GLN H 3850 -9.85 64.48 29.36
CA GLN H 3850 -9.11 65.63 28.83
C GLN H 3850 -10.05 66.61 28.16
N ASN H 3851 -11.06 66.10 27.43
CA ASN H 3851 -12.00 66.99 26.75
C ASN H 3851 -12.76 67.85 27.75
N LYS H 3852 -13.18 67.27 28.87
CA LYS H 3852 -13.82 68.08 29.91
C LYS H 3852 -12.81 68.99 30.60
N ALA H 3853 -11.57 68.52 30.77
CA ALA H 3853 -10.55 69.33 31.41
C ALA H 3853 -10.24 70.58 30.61
N GLU H 3854 -10.12 70.44 29.27
CA GLU H 3854 -9.85 71.60 28.44
C GLU H 3854 -11.05 72.52 28.29
N GLY H 3855 -12.26 72.00 28.51
CA GLY H 3855 -13.46 72.82 28.40
C GLY H 3855 -13.75 73.70 29.59
N LEU H 3856 -13.12 73.43 30.74
CA LEU H 3856 -13.37 74.26 31.92
C LEU H 3856 -12.65 75.59 31.84
N GLY H 3857 -11.46 75.61 31.22
CA GLY H 3857 -10.68 76.82 31.12
C GLY H 3857 -10.03 77.21 32.45
N MET H 3858 -9.09 76.37 32.90
CA MET H 3858 -8.46 76.56 34.20
C MET H 3858 -7.44 77.69 34.15
N VAL H 3859 -7.39 78.45 35.26
CA VAL H 3859 -6.47 79.58 35.41
C VAL H 3859 -5.84 79.48 36.80
N ASN H 3860 -4.66 80.09 36.93
CA ASN H 3860 -3.88 80.02 38.16
C ASN H 3860 -4.12 81.26 39.01
N GLU H 3861 -3.46 81.30 40.17
CA GLU H 3861 -3.59 82.43 41.09
C GLU H 3861 -2.76 83.62 40.61
N ASP H 3862 -1.44 83.45 40.57
CA ASP H 3862 -0.54 84.53 40.19
C ASP H 3862 -0.66 84.82 38.69
N GLY H 3863 -1.52 85.77 38.33
CA GLY H 3863 -1.76 86.07 36.95
C GLY H 3863 -2.91 85.26 36.38
N THR H 3864 -2.74 84.74 35.18
CA THR H 3864 -3.78 83.91 34.55
C THR H 3864 -3.12 83.07 33.47
N VAL H 3865 -3.22 81.75 33.59
CA VAL H 3865 -2.70 80.85 32.57
C VAL H 3865 -3.80 80.56 31.56
N ILE H 3866 -3.47 80.66 30.28
CA ILE H 3866 -4.45 80.52 29.20
C ILE H 3866 -4.43 79.06 28.77
N ASN H 3867 -5.29 78.26 29.40
CA ASN H 3867 -5.50 76.86 29.02
C ASN H 3867 -4.18 76.07 29.11
N ARG H 3868 -3.73 75.91 30.36
CA ARG H 3868 -2.46 75.23 30.63
C ARG H 3868 -2.40 73.88 29.90
N GLN H 3869 -1.23 73.59 29.35
CA GLN H 3869 -1.02 72.44 28.46
C GLN H 3869 -0.31 71.30 29.16
N ASN H 3870 -0.70 71.00 30.40
CA ASN H 3870 -0.10 69.92 31.18
C ASN H 3870 -0.07 68.60 30.41
N GLY H 3871 0.83 67.71 30.82
CA GLY H 3871 1.14 66.49 30.09
C GLY H 3871 -0.04 65.70 29.55
N GLU H 3872 0.07 65.27 28.30
CA GLU H 3872 -0.99 64.49 27.68
C GLU H 3872 -1.10 63.11 28.33
N LYS H 3873 -2.31 62.74 28.71
CA LYS H 3873 -2.57 61.46 29.34
C LYS H 3873 -3.03 60.39 28.35
N VAL H 3874 -3.14 60.74 27.07
CA VAL H 3874 -3.50 59.79 26.03
C VAL H 3874 -2.24 59.46 25.26
N MET H 3875 -1.79 58.21 25.37
CA MET H 3875 -0.52 57.77 24.79
C MET H 3875 0.63 58.66 25.26
N ALA H 3876 0.86 58.65 26.58
CA ALA H 3876 1.87 59.53 27.15
C ALA H 3876 3.27 59.11 26.74
N ASP H 3877 3.50 57.81 26.59
CA ASP H 3877 4.82 57.25 26.29
C ASP H 3877 4.96 56.82 24.84
N ASP H 3878 4.36 57.54 23.91
CA ASP H 3878 4.45 57.16 22.51
C ASP H 3878 5.88 57.18 22.01
N GLU H 3879 6.65 58.18 22.45
CA GLU H 3879 8.06 58.26 22.04
C GLU H 3879 8.86 57.07 22.56
N PHE H 3880 8.59 56.66 23.81
CA PHE H 3880 9.31 55.51 24.35
C PHE H 3880 8.90 54.22 23.65
N THR H 3881 7.63 54.09 23.29
CA THR H 3881 7.19 52.90 22.58
C THR H 3881 7.87 52.79 21.22
N GLN H 3882 8.01 53.91 20.51
CA GLN H 3882 8.66 53.88 19.21
C GLN H 3882 10.12 53.47 19.33
N ASP H 3883 10.83 54.00 20.32
CA ASP H 3883 12.24 53.67 20.44
C ASP H 3883 12.46 52.28 21.01
N LEU H 3884 11.46 51.73 21.69
CA LEU H 3884 11.55 50.34 22.14
C LEU H 3884 11.44 49.39 20.95
N PHE H 3885 10.58 49.71 19.99
CA PHE H 3885 10.41 48.84 18.83
C PHE H 3885 11.40 49.19 17.73
N ARG H 3886 11.89 50.43 17.68
CA ARG H 3886 12.98 50.76 16.77
C ARG H 3886 14.25 50.01 17.15
N PHE H 3887 14.50 49.89 18.46
CA PHE H 3887 15.67 49.15 18.92
C PHE H 3887 15.59 47.68 18.53
N LEU H 3888 14.42 47.07 18.70
CA LEU H 3888 14.26 45.66 18.34
C LEU H 3888 14.37 45.46 16.83
N GLN H 3889 13.85 46.41 16.05
CA GLN H 3889 13.98 46.32 14.60
C GLN H 3889 15.44 46.38 14.18
N LEU H 3890 16.23 47.25 14.81
CA LEU H 3890 17.63 47.41 14.44
C LEU H 3890 18.46 46.20 14.80
N LEU H 3891 18.04 45.40 15.77
CA LEU H 3891 18.75 44.16 16.05
C LEU H 3891 18.65 43.19 14.89
N CYS H 3892 17.54 43.20 14.16
CA CYS H 3892 17.32 42.34 13.02
C CYS H 3892 17.56 43.04 11.69
N GLU H 3893 17.94 44.31 11.69
CA GLU H 3893 18.10 45.04 10.44
C GLU H 3893 19.20 44.43 9.60
N GLY H 3894 19.00 44.41 8.29
CA GLY H 3894 19.91 43.72 7.40
C GLY H 3894 19.67 42.24 7.29
N HIS H 3895 18.54 41.75 7.78
CA HIS H 3895 18.20 40.33 7.77
C HIS H 3895 19.25 39.51 8.54
N ASN H 3896 19.49 39.93 9.78
CA ASN H 3896 20.39 39.18 10.66
C ASN H 3896 19.69 37.92 11.14
N ASN H 3897 19.92 36.80 10.43
CA ASN H 3897 19.17 35.59 10.71
C ASN H 3897 19.47 35.05 12.11
N ASP H 3898 20.68 35.28 12.60
CA ASP H 3898 21.04 34.79 13.93
C ASP H 3898 20.31 35.57 15.01
N PHE H 3899 20.12 36.88 14.82
CA PHE H 3899 19.40 37.66 15.80
C PHE H 3899 17.90 37.55 15.63
N GLN H 3900 17.42 37.32 14.40
CA GLN H 3900 16.01 37.06 14.19
C GLN H 3900 15.58 35.77 14.90
N ASN H 3901 16.42 34.74 14.84
CA ASN H 3901 16.12 33.50 15.56
C ASN H 3901 16.28 33.67 17.06
N TYR H 3902 17.24 34.48 17.49
CA TYR H 3902 17.48 34.63 18.92
C TYR H 3902 16.36 35.38 19.62
N LEU H 3903 15.66 36.25 18.89
CA LEU H 3903 14.50 36.93 19.47
C LEU H 3903 13.35 35.96 19.70
N ARG H 3904 13.18 35.00 18.78
CA ARG H 3904 12.11 34.03 18.94
C ARG H 3904 12.41 33.04 20.06
N THR H 3905 13.64 32.53 20.12
CA THR H 3905 14.01 31.57 21.14
C THR H 3905 15.45 31.80 21.55
N GLN H 3906 15.73 31.60 22.83
CA GLN H 3906 17.08 31.69 23.39
C GLN H 3906 17.47 30.29 23.84
N THR H 3907 18.30 29.62 23.03
CA THR H 3907 18.61 28.22 23.28
C THR H 3907 19.41 28.03 24.56
N GLY H 3908 20.48 28.80 24.74
CA GLY H 3908 21.36 28.59 25.88
C GLY H 3908 20.74 28.95 27.21
N ASN H 3909 19.74 29.82 27.23
CA ASN H 3909 19.18 30.28 28.48
C ASN H 3909 18.33 29.19 29.13
N THR H 3910 18.11 29.33 30.44
CA THR H 3910 17.26 28.41 31.17
C THR H 3910 15.79 28.57 30.78
N THR H 3911 15.37 29.79 30.46
CA THR H 3911 14.00 30.07 30.04
C THR H 3911 14.03 30.89 28.77
N THR H 3912 12.94 30.82 28.02
CA THR H 3912 12.84 31.45 26.70
C THR H 3912 11.66 32.40 26.68
N ILE H 3913 11.87 33.59 26.13
CA ILE H 3913 10.80 34.56 25.90
C ILE H 3913 10.72 34.84 24.41
N ASN H 3914 9.54 34.66 23.84
CA ASN H 3914 9.32 34.88 22.41
C ASN H 3914 8.98 36.34 22.20
N ILE H 3915 9.99 37.13 21.82
CA ILE H 3915 9.78 38.56 21.59
C ILE H 3915 8.89 38.79 20.37
N ILE H 3916 8.94 37.88 19.39
CA ILE H 3916 8.09 38.02 18.21
C ILE H 3916 6.62 37.99 18.60
N ILE H 3917 6.24 37.06 19.46
CA ILE H 3917 4.85 36.97 19.91
C ILE H 3917 4.49 38.16 20.78
N CYS H 3918 5.44 38.64 21.58
CA CYS H 3918 5.19 39.80 22.42
C CYS H 3918 4.86 41.03 21.58
N THR H 3919 5.54 41.20 20.45
CA THR H 3919 5.21 42.30 19.54
C THR H 3919 3.78 42.16 18.99
N VAL H 3920 3.38 40.93 18.66
CA VAL H 3920 2.02 40.71 18.19
C VAL H 3920 1.02 41.03 19.28
N ASP H 3921 1.33 40.68 20.53
CA ASP H 3921 0.41 40.97 21.63
C ASP H 3921 0.21 42.46 21.81
N TYR H 3922 1.27 43.26 21.69
CA TYR H 3922 1.10 44.71 21.77
C TYR H 3922 0.32 45.23 20.57
N LEU H 3923 0.54 44.64 19.39
CA LEU H 3923 -0.18 45.10 18.21
C LEU H 3923 -1.68 44.88 18.35
N LEU H 3924 -2.08 43.78 18.97
CA LEU H 3924 -3.50 43.55 19.23
C LEU H 3924 -4.07 44.61 20.16
N ARG H 3925 -3.36 44.92 21.25
CA ARG H 3925 -3.84 45.97 22.14
C ARG H 3925 -3.87 47.31 21.44
N LEU H 3926 -2.88 47.57 20.58
CA LEU H 3926 -2.90 48.79 19.78
C LEU H 3926 -4.06 48.80 18.81
N GLN H 3927 -4.32 47.67 18.13
CA GLN H 3927 -5.39 47.62 17.15
C GLN H 3927 -6.75 47.81 17.81
N GLU H 3928 -6.97 47.17 18.96
CA GLU H 3928 -8.25 47.30 19.65
C GLU H 3928 -8.49 48.72 20.12
N SER H 3929 -7.43 49.40 20.58
CA SER H 3929 -7.56 50.78 20.99
C SER H 3929 -7.95 51.67 19.82
N ILE H 3930 -7.37 51.42 18.64
CA ILE H 3930 -7.71 52.21 17.46
C ILE H 3930 -9.14 51.95 17.03
N SER H 3931 -9.59 50.69 17.12
CA SER H 3931 -10.97 50.39 16.77
C SER H 3931 -11.94 51.10 17.70
N ASP H 3932 -11.64 51.14 19.00
CA ASP H 3932 -12.48 51.85 19.95
C ASP H 3932 -12.52 53.34 19.62
N PHE H 3933 -11.38 53.91 19.24
CA PHE H 3933 -11.33 55.32 18.89
C PHE H 3933 -12.20 55.61 17.66
N TYR H 3934 -12.18 54.70 16.68
CA TYR H 3934 -13.02 54.89 15.50
C TYR H 3934 -14.49 54.86 15.86
N TRP H 3935 -14.90 53.91 16.71
CA TRP H 3935 -16.30 53.82 17.11
C TRP H 3935 -16.74 55.07 17.86
N TYR H 3936 -15.83 55.68 18.62
CA TYR H 3936 -16.14 56.92 19.29
C TYR H 3936 -16.50 58.02 18.30
N TYR H 3937 -15.75 58.11 17.21
CA TYR H 3937 -15.96 59.14 16.19
C TYR H 3937 -16.84 58.68 15.05
N SER H 3938 -17.30 57.42 15.07
CA SER H 3938 -18.12 56.93 13.96
C SER H 3938 -19.43 57.71 13.85
N GLY H 3939 -20.07 57.98 14.98
CA GLY H 3939 -21.30 58.76 14.94
C GLY H 3939 -21.06 60.20 14.54
N LYS H 3940 -19.98 60.80 15.02
CA LYS H 3940 -19.68 62.19 14.73
C LYS H 3940 -19.36 62.37 13.25
N ASP H 3941 -19.83 63.48 12.68
CA ASP H 3941 -19.67 63.69 11.25
C ASP H 3941 -18.25 64.12 10.89
N VAL H 3942 -17.59 64.86 11.76
CA VAL H 3942 -16.24 65.36 11.51
C VAL H 3942 -15.38 65.10 12.75
N ILE H 3943 -14.15 64.63 12.52
CA ILE H 3943 -13.22 64.38 13.61
C ILE H 3943 -12.57 65.70 14.00
N GLU H 3944 -12.68 66.06 15.28
CA GLU H 3944 -12.14 67.32 15.75
C GLU H 3944 -10.62 67.25 15.83
N GLU H 3945 -9.99 68.36 16.24
CA GLU H 3945 -8.54 68.48 16.13
C GLU H 3945 -7.83 67.57 17.12
N GLN H 3946 -8.32 67.50 18.36
CA GLN H 3946 -7.65 66.67 19.36
C GLN H 3946 -7.68 65.20 18.97
N GLY H 3947 -8.80 64.73 18.41
CA GLY H 3947 -8.87 63.36 17.98
C GLY H 3947 -7.90 63.03 16.86
N LYS H 3948 -7.70 63.99 15.94
CA LYS H 3948 -6.73 63.79 14.87
C LYS H 3948 -5.32 63.65 15.42
N ARG H 3949 -4.98 64.45 16.44
CA ARG H 3949 -3.63 64.40 16.99
C ARG H 3949 -3.36 63.06 17.65
N ASN H 3950 -4.35 62.50 18.35
CA ASN H 3950 -4.16 61.19 18.97
C ASN H 3950 -4.15 60.07 17.95
N PHE H 3951 -4.94 60.20 16.89
CA PHE H 3951 -4.90 59.21 15.82
C PHE H 3951 -3.53 59.14 15.17
N SER H 3952 -2.91 60.29 14.93
CA SER H 3952 -1.63 60.32 14.25
C SER H 3952 -0.54 59.63 15.06
N LYS H 3953 -0.50 59.88 16.37
CA LYS H 3953 0.56 59.28 17.18
C LYS H 3953 0.36 57.79 17.35
N ALA H 3954 -0.88 57.33 17.48
CA ALA H 3954 -1.14 55.90 17.51
C ALA H 3954 -0.76 55.24 16.19
N MET H 3955 -1.06 55.90 15.07
CA MET H 3955 -0.72 55.35 13.77
C MET H 3955 0.77 55.44 13.50
N SER H 3956 1.45 56.39 14.13
CA SER H 3956 2.91 56.44 14.05
C SER H 3956 3.54 55.30 14.84
N VAL H 3957 2.95 54.96 15.99
CA VAL H 3957 3.40 53.79 16.74
C VAL H 3957 3.14 52.51 15.95
N ALA H 3958 1.97 52.42 15.30
CA ALA H 3958 1.64 51.23 14.52
C ALA H 3958 2.60 51.04 13.36
N LYS H 3959 3.07 52.14 12.76
CA LYS H 3959 4.05 52.03 11.70
C LYS H 3959 5.33 51.35 12.18
N GLN H 3960 5.80 51.74 13.37
CA GLN H 3960 7.02 51.14 13.90
C GLN H 3960 6.81 49.66 14.22
N VAL H 3961 5.66 49.31 14.79
CA VAL H 3961 5.39 47.92 15.12
C VAL H 3961 5.34 47.07 13.86
N PHE H 3962 4.70 47.59 12.81
CA PHE H 3962 4.67 46.88 11.54
C PHE H 3962 6.08 46.74 10.97
N ASN H 3963 6.87 47.81 11.07
CA ASN H 3963 8.24 47.76 10.58
C ASN H 3963 9.09 46.79 11.40
N SER H 3964 8.85 46.72 12.71
CA SER H 3964 9.55 45.75 13.53
C SER H 3964 9.16 44.32 13.16
N LEU H 3965 7.85 44.07 12.98
CA LEU H 3965 7.42 42.74 12.58
C LEU H 3965 7.95 42.36 11.21
N THR H 3966 8.01 43.33 10.29
CA THR H 3966 8.57 43.07 8.97
C THR H 3966 10.04 42.68 9.08
N GLU H 3967 10.78 43.34 9.96
CA GLU H 3967 12.20 43.05 10.09
C GLU H 3967 12.44 41.68 10.73
N TYR H 3968 11.52 41.21 11.57
CA TYR H 3968 11.68 39.89 12.17
C TYR H 3968 11.68 38.79 11.13
N ILE H 3969 10.89 38.95 10.07
CA ILE H 3969 10.60 37.85 9.16
C ILE H 3969 11.28 37.97 7.81
N GLN H 3970 11.75 39.14 7.43
CA GLN H 3970 12.38 39.29 6.13
C GLN H 3970 13.72 38.55 6.09
N GLY H 3971 14.08 38.10 4.89
CA GLY H 3971 15.31 37.38 4.68
C GLY H 3971 15.21 36.11 3.85
N PRO H 3972 14.18 35.27 4.06
CA PRO H 3972 13.21 35.22 5.16
C PRO H 3972 13.71 34.44 6.36
N CYS H 3973 13.11 34.66 7.52
CA CYS H 3973 13.35 33.85 8.71
C CYS H 3973 12.17 32.90 8.83
N THR H 3974 12.36 31.66 8.38
CA THR H 3974 11.25 30.72 8.32
C THR H 3974 10.69 30.42 9.70
N GLY H 3975 11.54 30.43 10.73
CA GLY H 3975 11.04 30.24 12.08
C GLY H 3975 10.11 31.34 12.52
N ASN H 3976 10.45 32.59 12.21
CA ASN H 3976 9.58 33.71 12.58
C ASN H 3976 8.31 33.72 11.76
N GLN H 3977 8.39 33.33 10.48
CA GLN H 3977 7.20 33.26 9.65
C GLN H 3977 6.20 32.24 10.20
N GLN H 3978 6.71 31.09 10.63
CA GLN H 3978 5.82 30.06 11.18
C GLN H 3978 5.26 30.49 12.53
N SER H 3979 6.06 31.22 13.31
CA SER H 3979 5.58 31.72 14.59
C SER H 3979 4.48 32.76 14.40
N LEU H 3980 4.66 33.65 13.42
CA LEU H 3980 3.63 34.67 13.16
C LEU H 3980 2.37 34.06 12.59
N ALA H 3981 2.51 33.05 11.73
CA ALA H 3981 1.35 32.45 11.09
C ALA H 3981 0.45 31.75 12.12
N HIS H 3982 1.03 31.30 13.23
CA HIS H 3982 0.28 30.62 14.27
C HIS H 3982 -0.07 31.54 15.43
N SER H 3983 0.19 32.83 15.31
CA SER H 3983 -0.09 33.78 16.38
C SER H 3983 -1.45 34.44 16.14
N ARG H 3984 -1.76 35.46 16.92
CA ARG H 3984 -2.96 36.27 16.71
C ARG H 3984 -2.70 37.44 15.79
N LEU H 3985 -1.69 37.34 14.92
CA LEU H 3985 -1.43 38.39 13.95
C LEU H 3985 -2.60 38.56 12.98
N TRP H 3986 -3.19 37.44 12.57
CA TRP H 3986 -4.30 37.51 11.62
C TRP H 3986 -5.48 38.27 12.19
N ASP H 3987 -5.76 38.06 13.48
CA ASP H 3987 -6.85 38.78 14.12
C ASP H 3987 -6.59 40.27 14.14
N ALA H 3988 -5.34 40.68 14.39
CA ALA H 3988 -5.01 42.09 14.36
C ALA H 3988 -5.15 42.67 12.96
N VAL H 3989 -4.75 41.92 11.94
CA VAL H 3989 -4.86 42.39 10.57
C VAL H 3989 -6.34 42.55 10.17
N VAL H 3990 -7.18 41.61 10.62
CA VAL H 3990 -8.61 41.72 10.34
C VAL H 3990 -9.18 42.99 10.96
N GLY H 3991 -8.79 43.28 12.19
CA GLY H 3991 -9.27 44.50 12.83
C GLY H 3991 -8.79 45.76 12.13
N PHE H 3992 -7.53 45.78 11.70
CA PHE H 3992 -7.00 46.95 11.02
C PHE H 3992 -7.72 47.19 9.69
N LEU H 3993 -8.03 46.12 8.97
CA LEU H 3993 -8.75 46.26 7.71
C LEU H 3993 -10.12 46.87 7.92
N HIS H 3994 -10.78 46.53 9.03
CA HIS H 3994 -12.06 47.16 9.35
C HIS H 3994 -11.89 48.64 9.60
N VAL H 3995 -10.85 49.02 10.36
CA VAL H 3995 -10.62 50.43 10.63
C VAL H 3995 -10.17 51.15 9.37
N PHE H 3996 -9.30 50.53 8.58
CA PHE H 3996 -8.82 51.17 7.35
C PHE H 3996 -9.96 51.43 6.38
N ALA H 3997 -10.84 50.44 6.20
CA ALA H 3997 -11.92 50.59 5.23
C ALA H 3997 -12.87 51.71 5.61
N HIS H 3998 -13.24 51.81 6.89
CA HIS H 3998 -14.25 52.78 7.28
C HIS H 3998 -13.66 54.17 7.47
N MET H 3999 -12.41 54.27 7.93
CA MET H 3999 -11.79 55.58 8.07
C MET H 3999 -11.45 56.17 6.71
N MET H 4000 -11.07 55.34 5.75
CA MET H 4000 -10.82 55.83 4.39
C MET H 4000 -12.07 56.47 3.81
N MET H 4001 -13.22 55.80 3.97
CA MET H 4001 -14.48 56.38 3.52
C MET H 4001 -14.82 57.64 4.31
N LYS H 4002 -14.61 57.61 5.62
CA LYS H 4002 -15.01 58.73 6.46
C LYS H 4002 -14.13 59.95 6.24
N LEU H 4003 -12.82 59.76 6.21
CA LEU H 4003 -11.91 60.90 6.11
C LEU H 4003 -11.97 61.56 4.74
N ALA H 4004 -12.46 60.85 3.73
CA ALA H 4004 -12.49 61.39 2.38
C ALA H 4004 -13.64 62.36 2.16
N GLN H 4005 -14.65 62.36 3.02
CA GLN H 4005 -15.81 63.22 2.84
C GLN H 4005 -15.57 64.66 3.25
N ASP H 4006 -14.45 64.95 3.93
CA ASP H 4006 -14.13 66.31 4.31
C ASP H 4006 -12.64 66.53 4.12
N SER H 4007 -12.30 67.55 3.33
CA SER H 4007 -10.90 67.83 3.00
C SER H 4007 -10.11 68.42 4.17
N SER H 4008 -10.78 68.79 5.25
CA SER H 4008 -10.06 69.28 6.43
C SER H 4008 -9.24 68.18 7.09
N GLN H 4009 -9.50 66.92 6.75
CA GLN H 4009 -8.80 65.77 7.32
C GLN H 4009 -7.93 65.06 6.30
N ILE H 4010 -7.49 65.76 5.26
CA ILE H 4010 -6.74 65.12 4.19
C ILE H 4010 -5.39 64.63 4.67
N GLU H 4011 -4.74 65.37 5.58
CA GLU H 4011 -3.44 64.97 6.08
C GLU H 4011 -3.53 63.66 6.86
N LEU H 4012 -4.58 63.51 7.67
CA LEU H 4012 -4.76 62.28 8.43
C LEU H 4012 -5.02 61.11 7.48
N LEU H 4013 -5.76 61.35 6.39
CA LEU H 4013 -6.02 60.29 5.42
C LEU H 4013 -4.72 59.87 4.74
N LYS H 4014 -3.85 60.81 4.41
CA LYS H 4014 -2.56 60.46 3.82
C LYS H 4014 -1.75 59.59 4.78
N GLU H 4015 -1.73 59.94 6.06
CA GLU H 4015 -1.02 59.13 7.05
C GLU H 4015 -1.67 57.76 7.20
N LEU H 4016 -3.00 57.71 7.12
CA LEU H 4016 -3.68 56.42 7.21
C LEU H 4016 -3.34 55.52 6.03
N LEU H 4017 -3.24 56.10 4.83
CA LEU H 4017 -2.99 55.29 3.64
C LEU H 4017 -1.60 54.65 3.67
N ASP H 4018 -0.59 55.39 4.14
CA ASP H 4018 0.75 54.82 4.18
C ASP H 4018 0.89 53.80 5.30
N LEU H 4019 0.07 53.90 6.34
CA LEU H 4019 0.06 52.87 7.38
C LEU H 4019 -0.44 51.55 6.81
N GLN H 4020 -1.42 51.60 5.89
CA GLN H 4020 -1.88 50.38 5.23
C GLN H 4020 -0.76 49.76 4.42
N LYS H 4021 0.02 50.58 3.72
CA LYS H 4021 1.14 50.06 2.95
C LYS H 4021 2.13 49.33 3.86
N ASP H 4022 2.38 49.86 5.05
CA ASP H 4022 3.25 49.19 6.00
C ASP H 4022 2.67 47.86 6.43
N MET H 4023 1.34 47.76 6.52
CA MET H 4023 0.71 46.47 6.82
C MET H 4023 0.88 45.50 5.66
N VAL H 4024 0.70 45.97 4.43
CA VAL H 4024 0.81 45.10 3.27
C VAL H 4024 2.24 44.64 3.07
N VAL H 4025 3.21 45.52 3.33
CA VAL H 4025 4.61 45.13 3.24
C VAL H 4025 4.91 44.00 4.22
N MET H 4026 4.33 44.07 5.43
CA MET H 4026 4.47 42.96 6.36
C MET H 4026 3.82 41.69 5.83
N LEU H 4027 2.63 41.83 5.23
CA LEU H 4027 1.96 40.67 4.65
C LEU H 4027 2.79 40.07 3.53
N LEU H 4028 3.36 40.92 2.68
CA LEU H 4028 4.21 40.41 1.59
C LEU H 4028 5.45 39.72 2.13
N SER H 4029 5.97 40.20 3.27
CA SER H 4029 7.13 39.55 3.87
C SER H 4029 6.80 38.15 4.35
N LEU H 4030 5.56 37.92 4.80
CA LEU H 4030 5.14 36.57 5.17
C LEU H 4030 5.12 35.63 3.99
N LEU H 4031 5.07 36.15 2.77
CA LEU H 4031 5.02 35.34 1.56
C LEU H 4031 6.39 35.16 0.91
N GLU H 4032 7.46 35.58 1.57
CA GLU H 4032 8.80 35.38 1.01
C GLU H 4032 9.17 33.91 1.08
N GLY H 4033 9.64 33.37 -0.04
CA GLY H 4033 9.96 31.95 -0.11
C GLY H 4033 8.75 31.06 0.05
N ASN H 4034 7.60 31.49 -0.46
CA ASN H 4034 6.35 30.75 -0.36
C ASN H 4034 6.17 29.89 -1.59
N VAL H 4035 5.95 28.60 -1.38
CA VAL H 4035 5.70 27.66 -2.47
C VAL H 4035 4.23 27.74 -2.87
N VAL H 4036 3.89 27.14 -4.02
CA VAL H 4036 2.49 27.11 -4.44
C VAL H 4036 1.68 26.29 -3.46
N ASN H 4037 0.51 26.83 -3.08
CA ASN H 4037 -0.37 26.20 -2.10
C ASN H 4037 0.32 26.04 -0.75
N GLY H 4038 1.11 27.04 -0.36
CA GLY H 4038 1.74 27.03 0.93
C GLY H 4038 0.76 27.30 2.06
N MET H 4039 1.16 26.93 3.27
CA MET H 4039 0.32 27.15 4.44
C MET H 4039 0.05 28.64 4.67
N ILE H 4040 1.09 29.47 4.59
CA ILE H 4040 0.92 30.88 4.89
C ILE H 4040 0.09 31.56 3.80
N ALA H 4041 0.31 31.19 2.54
CA ALA H 4041 -0.46 31.78 1.45
C ALA H 4041 -1.95 31.46 1.60
N ARG H 4042 -2.27 30.21 1.95
CA ARG H 4042 -3.67 29.84 2.12
C ARG H 4042 -4.25 30.41 3.42
N GLN H 4043 -3.40 30.64 4.41
CA GLN H 4043 -3.86 31.34 5.61
C GLN H 4043 -4.16 32.80 5.33
N MET H 4044 -3.35 33.43 4.47
CA MET H 4044 -3.62 34.82 4.08
C MET H 4044 -4.95 34.94 3.36
N VAL H 4045 -5.25 33.97 2.49
CA VAL H 4045 -6.51 34.02 1.76
C VAL H 4045 -7.70 33.89 2.71
N ASP H 4046 -7.57 33.02 3.72
CA ASP H 4046 -8.64 32.88 4.70
C ASP H 4046 -8.86 34.16 5.47
N MET H 4047 -7.77 34.87 5.81
CA MET H 4047 -7.91 36.14 6.51
C MET H 4047 -8.64 37.17 5.66
N LEU H 4048 -8.34 37.22 4.37
CA LEU H 4048 -9.03 38.16 3.49
C LEU H 4048 -10.50 37.81 3.36
N VAL H 4049 -10.82 36.52 3.26
CA VAL H 4049 -12.22 36.11 3.21
C VAL H 4049 -12.93 36.46 4.51
N GLU H 4050 -12.24 36.29 5.64
CA GLU H 4050 -12.83 36.62 6.93
C GLU H 4050 -13.16 38.11 7.03
N SER H 4051 -12.45 38.95 6.29
CA SER H 4051 -12.71 40.38 6.26
C SER H 4051 -13.06 40.83 4.84
N SER H 4052 -13.88 40.03 4.16
CA SER H 4052 -14.20 40.31 2.76
C SER H 4052 -14.94 41.62 2.61
N SER H 4053 -15.85 41.94 3.53
CA SER H 4053 -16.62 43.17 3.43
C SER H 4053 -15.71 44.39 3.49
N ASN H 4054 -14.71 44.36 4.38
CA ASN H 4054 -13.80 45.50 4.50
C ASN H 4054 -12.84 45.58 3.32
N VAL H 4055 -12.39 44.43 2.82
CA VAL H 4055 -11.51 44.43 1.66
C VAL H 4055 -12.24 44.98 0.43
N GLU H 4056 -13.49 44.59 0.24
CA GLU H 4056 -14.27 45.12 -0.88
C GLU H 4056 -14.44 46.62 -0.76
N MET H 4057 -14.69 47.12 0.45
CA MET H 4057 -14.79 48.56 0.66
C MET H 4057 -13.48 49.25 0.32
N ILE H 4058 -12.35 48.65 0.68
CA ILE H 4058 -11.05 49.21 0.33
C ILE H 4058 -10.86 49.21 -1.17
N LEU H 4059 -11.17 48.09 -1.83
CA LEU H 4059 -11.02 48.01 -3.28
C LEU H 4059 -11.97 48.97 -3.99
N LYS H 4060 -13.21 49.06 -3.51
CA LYS H 4060 -14.17 50.00 -4.09
C LYS H 4060 -13.77 51.45 -3.87
N PHE H 4061 -12.88 51.71 -2.92
CA PHE H 4061 -12.38 53.07 -2.74
C PHE H 4061 -11.40 53.45 -3.84
N PHE H 4062 -10.53 52.52 -4.22
CA PHE H 4062 -9.50 52.83 -5.21
C PHE H 4062 -10.08 52.93 -6.61
N ASP H 4063 -10.99 52.04 -6.97
CA ASP H 4063 -11.53 52.06 -8.33
C ASP H 4063 -12.42 53.27 -8.57
N MET H 4064 -13.19 53.68 -7.57
CA MET H 4064 -14.10 54.80 -7.76
C MET H 4064 -13.35 56.11 -7.95
N PHE H 4065 -12.10 56.16 -7.49
CA PHE H 4065 -11.29 57.34 -7.74
C PHE H 4065 -10.37 57.17 -8.94
N LEU H 4066 -10.07 55.92 -9.30
CA LEU H 4066 -9.42 55.68 -10.59
C LEU H 4066 -10.40 55.89 -11.74
N LYS H 4067 -11.63 55.43 -11.57
CA LYS H 4067 -12.66 55.69 -12.59
C LYS H 4067 -12.97 57.18 -12.68
N LEU H 4068 -13.00 57.88 -11.54
CA LEU H 4068 -13.29 59.31 -11.55
C LEU H 4068 -12.23 60.08 -12.33
N LYS H 4069 -10.96 59.67 -12.20
CA LYS H 4069 -9.89 60.39 -12.88
C LYS H 4069 -10.05 60.35 -14.39
N ASP H 4070 -10.39 59.19 -14.94
CA ASP H 4070 -10.58 59.08 -16.38
C ASP H 4070 -11.90 59.67 -16.85
N ILE H 4071 -12.94 59.64 -16.01
CA ILE H 4071 -14.25 60.16 -16.42
C ILE H 4071 -14.17 61.66 -16.67
N VAL H 4072 -13.50 62.40 -15.78
CA VAL H 4072 -13.46 63.86 -15.92
C VAL H 4072 -12.73 64.27 -17.18
N GLY H 4073 -11.83 63.43 -17.68
CA GLY H 4073 -11.17 63.70 -18.94
C GLY H 4073 -11.95 63.32 -20.17
N SER H 4074 -13.06 62.61 -20.00
CA SER H 4074 -13.86 62.18 -21.14
C SER H 4074 -14.55 63.37 -21.80
N GLU H 4075 -14.76 63.26 -23.11
CA GLU H 4075 -15.47 64.30 -23.84
C GLU H 4075 -16.93 64.37 -23.40
N ALA H 4076 -17.52 63.22 -23.06
CA ALA H 4076 -18.91 63.21 -22.63
C ALA H 4076 -19.09 64.00 -21.34
N PHE H 4077 -18.10 63.93 -20.43
CA PHE H 4077 -18.16 64.73 -19.21
C PHE H 4077 -18.09 66.22 -19.54
N GLN H 4078 -17.27 66.60 -20.52
CA GLN H 4078 -17.12 68.00 -20.86
C GLN H 4078 -18.40 68.60 -21.42
N ASP H 4079 -19.31 67.77 -21.93
CA ASP H 4079 -20.58 68.28 -22.43
C ASP H 4079 -21.40 68.91 -21.33
N TYR H 4080 -21.47 68.27 -20.16
CA TYR H 4080 -22.23 68.84 -19.04
C TYR H 4080 -21.51 70.01 -18.39
N VAL H 4081 -20.20 70.12 -18.58
CA VAL H 4081 -19.47 71.25 -18.02
C VAL H 4081 -19.85 72.50 -18.82
N THR H 4082 -20.69 73.36 -18.22
CA THR H 4082 -21.15 74.57 -18.88
C THR H 4082 -20.67 75.85 -18.22
N ASP H 4083 -20.25 75.78 -16.95
CA ASP H 4083 -19.81 76.98 -16.26
C ASP H 4083 -18.49 77.46 -16.87
N PRO H 4084 -18.41 78.73 -17.27
CA PRO H 4084 -17.15 79.22 -17.87
C PRO H 4084 -15.97 79.19 -16.91
N ARG H 4085 -16.22 79.25 -15.60
CA ARG H 4085 -15.13 79.22 -14.63
C ARG H 4085 -14.41 77.88 -14.60
N GLY H 4086 -15.01 76.82 -15.11
CA GLY H 4086 -14.40 75.50 -15.08
C GLY H 4086 -14.91 74.61 -13.97
N LEU H 4087 -16.14 74.79 -13.53
CA LEU H 4087 -16.72 74.00 -12.46
C LEU H 4087 -17.98 73.29 -12.96
N ILE H 4088 -18.63 72.55 -12.06
CA ILE H 4088 -19.85 71.83 -12.38
C ILE H 4088 -20.67 71.69 -11.12
N SER H 4089 -21.98 71.91 -11.24
CA SER H 4089 -22.86 71.85 -10.07
C SER H 4089 -23.18 70.40 -9.71
N LYS H 4090 -23.65 70.22 -8.48
CA LYS H 4090 -23.86 68.87 -7.96
C LYS H 4090 -24.95 68.13 -8.73
N LYS H 4091 -26.09 68.77 -8.97
CA LYS H 4091 -27.15 68.10 -9.72
C LYS H 4091 -26.75 67.94 -11.18
N ASP H 4092 -25.84 68.77 -11.67
CA ASP H 4092 -25.24 68.53 -12.97
C ASP H 4092 -24.21 67.41 -12.89
N PHE H 4093 -23.47 67.34 -11.79
CA PHE H 4093 -22.60 66.21 -11.53
C PHE H 4093 -23.40 64.92 -11.44
N GLN H 4094 -24.56 64.97 -10.78
CA GLN H 4094 -25.39 63.78 -10.63
C GLN H 4094 -25.86 63.26 -11.99
N LYS H 4095 -26.31 64.15 -12.87
CA LYS H 4095 -26.78 63.72 -14.18
C LYS H 4095 -25.64 63.41 -15.14
N ALA H 4096 -24.45 63.93 -14.89
CA ALA H 4096 -23.30 63.56 -15.72
C ALA H 4096 -22.77 62.18 -15.35
N MET H 4097 -22.75 61.86 -14.04
CA MET H 4097 -22.17 60.60 -13.59
C MET H 4097 -23.01 59.41 -14.02
N ASP H 4098 -24.32 59.47 -13.80
CA ASP H 4098 -25.17 58.34 -14.17
C ASP H 4098 -25.29 58.19 -15.68
N SER H 4099 -24.94 59.23 -16.44
CA SER H 4099 -24.89 59.10 -17.89
C SER H 4099 -23.76 58.20 -18.35
N GLN H 4100 -22.69 58.08 -17.55
CA GLN H 4100 -21.61 57.17 -17.86
C GLN H 4100 -21.96 55.71 -17.55
N LYS H 4101 -23.00 55.47 -16.76
CA LYS H 4101 -23.44 54.12 -16.40
C LYS H 4101 -22.30 53.31 -15.78
N GLN H 4102 -21.49 53.97 -14.95
CA GLN H 4102 -20.36 53.32 -14.30
C GLN H 4102 -20.44 53.29 -12.79
N PHE H 4103 -21.27 54.12 -12.18
CA PHE H 4103 -21.47 54.12 -10.74
C PHE H 4103 -22.92 53.80 -10.41
N THR H 4104 -23.14 53.32 -9.19
CA THR H 4104 -24.47 53.03 -8.70
C THR H 4104 -25.07 54.28 -8.07
N GLY H 4105 -26.25 54.14 -7.49
CA GLY H 4105 -26.92 55.24 -6.84
C GLY H 4105 -26.14 55.79 -5.67
N PRO H 4106 -25.96 54.99 -4.63
CA PRO H 4106 -25.16 55.45 -3.48
C PRO H 4106 -23.74 55.81 -3.85
N GLU H 4107 -23.17 55.15 -4.86
CA GLU H 4107 -21.79 55.41 -5.24
C GLU H 4107 -21.61 56.84 -5.72
N ILE H 4108 -22.54 57.33 -6.53
CA ILE H 4108 -22.49 58.73 -6.95
C ILE H 4108 -22.69 59.65 -5.76
N GLN H 4109 -23.66 59.31 -4.89
CA GLN H 4109 -23.93 60.15 -3.72
C GLN H 4109 -22.68 60.31 -2.85
N PHE H 4110 -21.88 59.24 -2.73
CA PHE H 4110 -20.63 59.33 -1.99
C PHE H 4110 -19.67 60.32 -2.64
N LEU H 4111 -19.60 60.31 -3.97
CA LEU H 4111 -18.70 61.21 -4.67
C LEU H 4111 -19.10 62.67 -4.47
N LEU H 4112 -20.41 62.94 -4.43
CA LEU H 4112 -20.85 64.30 -4.12
C LEU H 4112 -20.41 64.73 -2.74
N SER H 4113 -20.48 63.82 -1.76
CA SER H 4113 -20.02 64.14 -0.42
C SER H 4113 -18.53 64.44 -0.39
N CYS H 4114 -17.74 63.66 -1.10
CA CYS H 4114 -16.29 63.89 -1.14
C CYS H 4114 -15.96 65.15 -1.92
N SER H 4115 -16.76 65.49 -2.93
CA SER H 4115 -16.55 66.73 -3.66
C SER H 4115 -16.75 67.91 -2.72
N GLU H 4116 -15.80 68.84 -2.74
CA GLU H 4116 -15.85 70.00 -1.84
C GLU H 4116 -16.68 71.11 -2.48
N ALA H 4117 -17.97 70.82 -2.63
CA ALA H 4117 -18.90 71.81 -3.18
C ALA H 4117 -19.04 72.97 -2.21
N ASP H 4118 -19.08 74.19 -2.76
CA ASP H 4118 -19.19 75.39 -1.96
C ASP H 4118 -20.65 75.61 -1.56
N GLU H 4119 -20.96 76.79 -1.03
CA GLU H 4119 -22.33 77.15 -0.72
C GLU H 4119 -23.19 77.23 -1.99
N ASN H 4120 -22.58 77.46 -3.14
CA ASN H 4120 -23.28 77.50 -4.42
C ASN H 4120 -23.37 76.13 -5.07
N GLU H 4121 -23.05 75.06 -4.33
CA GLU H 4121 -23.10 73.70 -4.86
C GLU H 4121 -22.17 73.53 -6.06
N MET H 4122 -21.13 74.37 -6.14
CA MET H 4122 -20.27 74.44 -7.30
C MET H 4122 -19.05 73.56 -7.03
N ILE H 4123 -18.73 72.65 -7.96
CA ILE H 4123 -17.70 71.65 -7.74
C ILE H 4123 -16.51 71.90 -8.66
N ASN H 4124 -15.31 71.92 -8.08
CA ASN H 4124 -14.06 72.00 -8.84
C ASN H 4124 -13.62 70.56 -9.12
N PHE H 4125 -13.98 70.04 -10.29
CA PHE H 4125 -13.70 68.65 -10.61
C PHE H 4125 -12.24 68.41 -10.97
N GLU H 4126 -11.49 69.45 -11.33
CA GLU H 4126 -10.08 69.27 -11.65
C GLU H 4126 -9.29 68.86 -10.42
N GLU H 4127 -9.50 69.56 -9.30
CA GLU H 4127 -8.80 69.19 -8.06
C GLU H 4127 -9.43 67.97 -7.40
N PHE H 4128 -10.72 67.76 -7.60
CA PHE H 4128 -11.37 66.58 -7.03
C PHE H 4128 -10.80 65.30 -7.65
N ALA H 4129 -10.60 65.30 -8.96
CA ALA H 4129 -10.06 64.10 -9.61
C ALA H 4129 -8.62 63.84 -9.21
N ASN H 4130 -7.88 64.89 -8.87
CA ASN H 4130 -6.48 64.76 -8.50
C ASN H 4130 -6.23 64.94 -7.01
N ARG H 4131 -7.20 64.61 -6.16
CA ARG H 4131 -6.99 64.78 -4.72
C ARG H 4131 -6.39 63.53 -4.10
N PHE H 4132 -6.88 62.36 -4.47
CA PHE H 4132 -6.48 61.09 -3.85
C PHE H 4132 -5.57 60.24 -4.72
N GLN H 4133 -5.28 60.66 -5.95
CA GLN H 4133 -4.57 59.76 -6.86
C GLN H 4133 -3.12 59.57 -6.45
N GLU H 4134 -2.50 60.60 -5.86
CA GLU H 4134 -1.13 60.48 -5.39
C GLU H 4134 -1.04 59.81 -4.02
N PRO H 4135 -1.84 60.21 -3.03
CA PRO H 4135 -1.75 59.53 -1.73
C PRO H 4135 -2.08 58.06 -1.78
N ALA H 4136 -2.99 57.65 -2.65
CA ALA H 4136 -3.45 56.26 -2.71
C ALA H 4136 -2.65 55.40 -3.66
N ARG H 4137 -1.61 55.96 -4.30
CA ARG H 4137 -0.86 55.19 -5.28
C ARG H 4137 -0.01 54.12 -4.64
N ASP H 4138 0.71 54.47 -3.56
CA ASP H 4138 1.61 53.50 -2.94
C ASP H 4138 0.85 52.33 -2.35
N ILE H 4139 -0.28 52.59 -1.68
CA ILE H 4139 -1.08 51.50 -1.13
C ILE H 4139 -1.76 50.74 -2.26
N GLY H 4140 -2.25 51.45 -3.28
CA GLY H 4140 -2.91 50.79 -4.39
C GLY H 4140 -2.00 49.82 -5.12
N PHE H 4141 -0.73 50.20 -5.29
CA PHE H 4141 0.22 49.30 -5.95
C PHE H 4141 0.50 48.07 -5.12
N ASN H 4142 0.64 48.24 -3.80
CA ASN H 4142 0.96 47.10 -2.94
C ASN H 4142 -0.21 46.15 -2.82
N VAL H 4143 -1.43 46.66 -2.89
CA VAL H 4143 -2.60 45.79 -2.91
C VAL H 4143 -2.63 44.99 -4.20
N ALA H 4144 -2.25 45.62 -5.32
CA ALA H 4144 -2.15 44.90 -6.58
C ALA H 4144 -1.07 43.83 -6.54
N VAL H 4145 0.07 44.14 -5.91
CA VAL H 4145 1.13 43.16 -5.77
C VAL H 4145 0.68 42.01 -4.87
N LEU H 4146 -0.01 42.33 -3.77
CA LEU H 4146 -0.46 41.28 -2.86
C LEU H 4146 -1.45 40.34 -3.54
N LEU H 4147 -2.41 40.89 -4.28
CA LEU H 4147 -3.39 40.04 -4.96
C LEU H 4147 -2.74 39.24 -6.09
N THR H 4148 -1.82 39.86 -6.83
CA THR H 4148 -1.11 39.12 -7.86
C THR H 4148 -0.27 38.00 -7.26
N ASN H 4149 0.41 38.29 -6.15
CA ASN H 4149 1.23 37.26 -5.50
C ASN H 4149 0.40 36.09 -5.03
N LEU H 4150 -0.75 36.36 -4.41
CA LEU H 4150 -1.62 35.29 -3.92
C LEU H 4150 -2.26 34.52 -5.07
N SER H 4151 -2.70 35.22 -6.11
CA SER H 4151 -3.41 34.56 -7.20
C SER H 4151 -2.50 33.60 -7.94
N GLU H 4152 -1.20 33.89 -7.98
CA GLU H 4152 -0.26 33.03 -8.67
C GLU H 4152 0.31 31.93 -7.79
N HIS H 4153 0.08 31.97 -6.48
CA HIS H 4153 0.53 30.93 -5.58
C HIS H 4153 -0.61 30.12 -4.97
N VAL H 4154 -1.85 30.60 -5.07
CA VAL H 4154 -3.03 29.82 -4.73
C VAL H 4154 -3.93 29.88 -5.96
N PRO H 4155 -3.56 29.23 -7.06
CA PRO H 4155 -4.29 29.43 -8.32
C PRO H 4155 -5.65 28.76 -8.39
N HIS H 4156 -5.95 27.84 -7.46
CA HIS H 4156 -7.19 27.07 -7.52
C HIS H 4156 -8.10 27.36 -6.33
N ASP H 4157 -8.11 28.61 -5.88
CA ASP H 4157 -8.97 29.01 -4.77
C ASP H 4157 -10.19 29.72 -5.32
N PRO H 4158 -11.38 29.15 -5.20
CA PRO H 4158 -12.59 29.83 -5.71
C PRO H 4158 -12.85 31.16 -5.04
N ARG H 4159 -12.51 31.31 -3.75
CA ARG H 4159 -12.83 32.53 -3.03
C ARG H 4159 -11.96 33.71 -3.45
N LEU H 4160 -10.91 33.47 -4.22
CA LEU H 4160 -9.92 34.52 -4.48
C LEU H 4160 -10.22 35.35 -5.71
N ARG H 4161 -10.74 34.76 -6.80
CA ARG H 4161 -10.87 35.56 -8.02
C ARG H 4161 -11.92 36.64 -7.86
N ASN H 4162 -12.84 36.47 -6.91
CA ASN H 4162 -13.79 37.53 -6.62
C ASN H 4162 -13.08 38.81 -6.21
N PHE H 4163 -12.06 38.70 -5.37
CA PHE H 4163 -11.23 39.85 -5.06
C PHE H 4163 -10.49 40.33 -6.31
N LEU H 4164 -10.00 39.40 -7.12
CA LEU H 4164 -9.31 39.77 -8.35
C LEU H 4164 -10.26 40.50 -9.30
N GLU H 4165 -11.49 40.02 -9.42
CA GLU H 4165 -12.48 40.68 -10.28
C GLU H 4165 -12.81 42.08 -9.76
N LEU H 4166 -12.95 42.22 -8.45
CA LEU H 4166 -13.24 43.52 -7.86
C LEU H 4166 -12.07 44.48 -7.97
N ALA H 4167 -10.85 43.97 -8.09
CA ALA H 4167 -9.65 44.79 -8.24
C ALA H 4167 -9.20 44.88 -9.69
N GLU H 4168 -10.12 44.63 -10.63
CA GLU H 4168 -9.75 44.58 -12.04
C GLU H 4168 -9.20 45.92 -12.51
N SER H 4169 -9.82 47.02 -12.11
CA SER H 4169 -9.33 48.33 -12.52
C SER H 4169 -8.01 48.65 -11.85
N ILE H 4170 -7.85 48.29 -10.58
CA ILE H 4170 -6.58 48.52 -9.89
C ILE H 4170 -5.47 47.74 -10.56
N LEU H 4171 -5.73 46.47 -10.87
CA LEU H 4171 -4.73 45.66 -11.55
C LEU H 4171 -4.45 46.19 -12.95
N GLU H 4172 -5.48 46.60 -13.67
CA GLU H 4172 -5.28 47.14 -15.01
C GLU H 4172 -4.48 48.43 -14.99
N TYR H 4173 -4.75 49.30 -14.00
CA TYR H 4173 -4.02 50.56 -13.90
C TYR H 4173 -2.54 50.33 -13.62
N PHE H 4174 -2.23 49.38 -12.74
CA PHE H 4174 -0.85 49.15 -12.31
C PHE H 4174 -0.15 48.07 -13.14
N ARG H 4175 -0.80 47.55 -14.18
CA ARG H 4175 -0.16 46.52 -15.00
C ARG H 4175 1.15 46.99 -15.62
N PRO H 4176 1.25 48.19 -16.21
CA PRO H 4176 2.54 48.61 -16.76
C PRO H 4176 3.63 48.81 -15.73
N TYR H 4177 3.28 48.99 -14.46
CA TYR H 4177 4.27 49.26 -13.42
C TYR H 4177 4.56 48.06 -12.54
N LEU H 4178 3.84 46.95 -12.71
CA LEU H 4178 4.02 45.77 -11.89
C LEU H 4178 5.02 44.86 -12.59
N GLY H 4179 6.30 45.05 -12.27
CA GLY H 4179 7.35 44.24 -12.86
C GLY H 4179 7.54 42.96 -12.07
N ARG H 4180 7.66 41.85 -12.80
CA ARG H 4180 7.89 40.55 -12.19
C ARG H 4180 9.02 39.83 -12.91
N ILE H 4181 9.92 39.23 -12.12
CA ILE H 4181 11.00 38.41 -12.63
C ILE H 4181 11.04 37.14 -11.81
N GLU H 4182 11.81 36.16 -12.29
CA GLU H 4182 12.05 34.93 -11.57
C GLU H 4182 13.54 34.78 -11.31
N ILE H 4183 13.89 34.36 -10.09
CA ILE H 4183 15.27 34.14 -9.71
C ILE H 4183 15.38 32.77 -9.06
N MET H 4184 16.59 32.23 -9.06
CA MET H 4184 16.89 31.02 -8.29
C MET H 4184 17.28 31.50 -6.90
N GLY H 4185 16.40 31.27 -5.93
CA GLY H 4185 16.48 31.95 -4.66
C GLY H 4185 17.41 31.29 -3.67
N ALA H 4186 17.36 31.81 -2.44
CA ALA H 4186 18.17 31.28 -1.35
C ALA H 4186 17.79 29.86 -0.98
N SER H 4187 16.55 29.45 -1.26
CA SER H 4187 16.09 28.11 -0.90
C SER H 4187 16.32 27.08 -1.99
N ARG H 4188 17.25 27.32 -2.92
CA ARG H 4188 17.49 26.43 -4.05
C ARG H 4188 16.24 26.22 -4.89
N ARG H 4189 15.36 27.20 -4.93
CA ARG H 4189 14.12 27.10 -5.69
C ARG H 4189 13.90 28.37 -6.49
N ILE H 4190 13.17 28.23 -7.60
CA ILE H 4190 12.80 29.36 -8.43
C ILE H 4190 11.73 30.16 -7.70
N GLU H 4191 11.99 31.46 -7.52
CA GLU H 4191 11.06 32.35 -6.85
C GLU H 4191 10.67 33.47 -7.79
N ARG H 4192 9.44 33.95 -7.64
CA ARG H 4192 8.92 35.05 -8.43
C ARG H 4192 8.94 36.32 -7.60
N ILE H 4193 9.52 37.38 -8.15
CA ILE H 4193 9.74 38.64 -7.44
C ILE H 4193 8.90 39.71 -8.09
N TYR H 4194 8.15 40.46 -7.28
CA TYR H 4194 7.32 41.55 -7.75
C TYR H 4194 7.90 42.88 -7.26
N PHE H 4195 8.09 43.82 -8.17
CA PHE H 4195 8.66 45.11 -7.85
C PHE H 4195 7.95 46.17 -8.67
N GLU H 4196 8.35 47.42 -8.47
CA GLU H 4196 7.70 48.56 -9.11
C GLU H 4196 8.59 49.13 -10.20
N ILE H 4197 8.01 49.40 -11.36
CA ILE H 4197 8.69 50.06 -12.47
C ILE H 4197 8.17 51.48 -12.54
N SER H 4198 9.07 52.45 -12.41
CA SER H 4198 8.67 53.84 -12.46
C SER H 4198 8.31 54.24 -13.88
N GLU H 4199 7.51 55.30 -14.00
CA GLU H 4199 7.10 55.79 -15.31
C GLU H 4199 8.29 56.25 -16.13
N THR H 4200 9.23 56.95 -15.48
CA THR H 4200 10.40 57.44 -16.19
C THR H 4200 11.25 56.31 -16.73
N ASN H 4201 11.43 55.26 -15.93
CA ASN H 4201 12.29 54.15 -16.36
C ASN H 4201 11.72 53.44 -17.57
N ARG H 4202 10.40 53.20 -17.58
CA ARG H 4202 9.79 52.57 -18.75
C ARG H 4202 9.82 53.50 -19.95
N ALA H 4203 9.60 54.79 -19.73
CA ALA H 4203 9.61 55.75 -20.83
C ALA H 4203 10.98 55.82 -21.48
N GLN H 4204 12.04 55.84 -20.68
CA GLN H 4204 13.39 55.89 -21.23
C GLN H 4204 13.77 54.60 -21.93
N TRP H 4205 13.29 53.46 -21.42
CA TRP H 4205 13.60 52.18 -22.06
C TRP H 4205 12.96 52.06 -23.44
N GLU H 4206 11.83 52.71 -23.65
CA GLU H 4206 11.11 52.65 -24.91
C GLU H 4206 11.63 53.67 -25.93
N MET H 4207 12.64 54.45 -25.58
CA MET H 4207 13.16 55.44 -26.50
C MET H 4207 13.80 54.77 -27.70
N PRO H 4208 13.69 55.34 -28.90
CA PRO H 4208 14.14 54.63 -30.10
C PRO H 4208 15.63 54.31 -30.12
N GLN H 4209 16.50 55.17 -29.56
CA GLN H 4209 17.92 54.86 -29.60
C GLN H 4209 18.25 53.73 -28.64
N VAL H 4210 17.58 53.68 -27.48
CA VAL H 4210 17.80 52.60 -26.53
C VAL H 4210 17.37 51.27 -27.14
N LYS H 4211 16.24 51.25 -27.85
CA LYS H 4211 15.79 50.02 -28.49
C LYS H 4211 16.78 49.55 -29.54
N GLU H 4212 17.36 50.49 -30.30
CA GLU H 4212 18.38 50.12 -31.28
C GLU H 4212 19.61 49.55 -30.59
N SER H 4213 19.99 50.11 -29.45
CA SER H 4213 21.10 49.54 -28.69
C SER H 4213 20.78 48.14 -28.21
N LYS H 4214 19.53 47.90 -27.80
CA LYS H 4214 19.13 46.56 -27.38
C LYS H 4214 19.24 45.57 -28.54
N ARG H 4215 18.77 45.96 -29.73
CA ARG H 4215 18.84 45.07 -30.88
C ARG H 4215 20.28 44.73 -31.23
N GLN H 4216 21.16 45.72 -31.17
CA GLN H 4216 22.57 45.45 -31.45
C GLN H 4216 23.16 44.49 -30.43
N PHE H 4217 22.84 44.69 -29.15
CA PHE H 4217 23.36 43.81 -28.11
C PHE H 4217 22.82 42.39 -28.28
N ILE H 4218 21.53 42.25 -28.55
CA ILE H 4218 20.93 40.93 -28.71
C ILE H 4218 21.58 40.20 -29.88
N PHE H 4219 21.83 40.91 -30.97
CA PHE H 4219 22.46 40.30 -32.14
C PHE H 4219 23.86 39.80 -31.80
N ASP H 4220 24.62 40.57 -31.03
CA ASP H 4220 26.01 40.21 -30.76
C ASP H 4220 26.10 38.94 -29.92
N VAL H 4221 25.36 38.86 -28.83
CA VAL H 4221 25.50 37.72 -27.92
C VAL H 4221 24.98 36.44 -28.56
N VAL H 4222 23.88 36.54 -29.30
CA VAL H 4222 23.32 35.34 -29.93
C VAL H 4222 24.23 34.85 -31.05
N ASN H 4223 24.82 35.77 -31.82
CA ASN H 4223 25.60 35.38 -32.98
C ASN H 4223 27.02 34.97 -32.59
N GLU H 4224 27.77 35.88 -32.01
CA GLU H 4224 29.19 35.67 -31.70
C GLU H 4224 29.44 35.68 -30.20
N GLY H 4225 28.56 35.04 -29.43
CA GLY H 4225 28.71 34.99 -28.00
C GLY H 4225 28.55 33.57 -27.48
N GLY H 4226 29.02 33.37 -26.26
CA GLY H 4226 28.93 32.09 -25.59
C GLY H 4226 27.91 32.11 -24.47
N GLU H 4227 27.55 30.90 -24.03
CA GLU H 4227 26.56 30.76 -22.97
C GLU H 4227 27.14 31.08 -21.60
N ALA H 4228 28.45 30.88 -21.41
CA ALA H 4228 29.05 31.12 -20.11
C ALA H 4228 29.11 32.60 -19.78
N GLU H 4229 29.34 33.46 -20.78
CA GLU H 4229 29.44 34.89 -20.58
C GLU H 4229 28.12 35.62 -20.81
N LYS H 4230 27.05 34.90 -21.13
CA LYS H 4230 25.82 35.54 -21.57
C LYS H 4230 25.25 36.47 -20.50
N MET H 4231 25.20 36.00 -19.25
CA MET H 4231 24.60 36.82 -18.20
C MET H 4231 25.52 37.96 -17.79
N GLU H 4232 26.83 37.73 -17.78
CA GLU H 4232 27.76 38.81 -17.48
C GLU H 4232 27.71 39.88 -18.55
N LEU H 4233 27.60 39.48 -19.81
CA LEU H 4233 27.44 40.46 -20.89
C LEU H 4233 26.11 41.20 -20.76
N PHE H 4234 25.06 40.49 -20.38
CA PHE H 4234 23.74 41.11 -20.27
C PHE H 4234 23.72 42.16 -19.16
N VAL H 4235 24.31 41.84 -18.01
CA VAL H 4235 24.36 42.81 -16.91
C VAL H 4235 25.18 44.02 -17.32
N SER H 4236 26.32 43.80 -17.98
CA SER H 4236 27.13 44.91 -18.46
C SER H 4236 26.37 45.77 -19.46
N PHE H 4237 25.52 45.16 -20.30
CA PHE H 4237 24.66 45.93 -21.17
C PHE H 4237 23.66 46.76 -20.37
N CYS H 4238 23.13 46.18 -19.28
CA CYS H 4238 22.20 46.92 -18.44
C CYS H 4238 22.88 48.13 -17.80
N GLU H 4239 24.11 47.95 -17.31
CA GLU H 4239 24.83 49.07 -16.69
C GLU H 4239 25.14 50.15 -17.72
N ASP H 4240 25.54 49.76 -18.93
CA ASP H 4240 25.73 50.74 -19.99
C ASP H 4240 24.43 51.43 -20.35
N THR H 4241 23.33 50.68 -20.42
CA THR H 4241 22.03 51.28 -20.71
C THR H 4241 21.60 52.24 -19.60
N ILE H 4242 21.86 51.88 -18.34
CA ILE H 4242 21.53 52.77 -17.23
C ILE H 4242 22.28 54.08 -17.34
N PHE H 4243 23.54 54.04 -17.74
CA PHE H 4243 24.35 55.24 -17.89
C PHE H 4243 23.87 56.12 -19.04
N GLU H 4244 23.42 55.50 -20.13
CA GLU H 4244 22.89 56.27 -21.25
C GLU H 4244 21.60 56.99 -20.89
N MET H 4245 20.78 56.39 -20.03
CA MET H 4245 19.56 57.06 -19.59
C MET H 4245 19.90 58.31 -18.78
N GLN H 4246 21.01 58.29 -18.06
CA GLN H 4246 21.44 59.50 -17.34
C GLN H 4246 21.87 60.59 -18.32
N ILE H 4247 22.60 60.22 -19.37
CA ILE H 4247 23.02 61.20 -20.36
C ILE H 4247 21.80 61.80 -21.06
N ALA H 4248 20.86 60.95 -21.45
CA ALA H 4248 19.66 61.43 -22.14
C ALA H 4248 18.85 62.37 -21.25
N ALA H 4249 18.80 62.08 -19.95
CA ALA H 4249 18.07 62.94 -19.02
C ALA H 4249 18.72 64.32 -18.93
N GLN H 4250 20.06 64.37 -18.87
CA GLN H 4250 20.74 65.65 -18.71
C GLN H 4250 20.51 66.55 -19.92
N ILE H 4251 20.70 66.02 -21.13
CA ILE H 4251 20.56 66.84 -22.33
C ILE H 4251 19.12 67.19 -22.65
N SER H 4252 18.16 66.52 -22.01
CA SER H 4252 16.75 66.80 -22.26
C SER H 4252 16.38 68.20 -21.77
N GLU H 4253 15.44 68.83 -22.46
CA GLU H 4253 14.96 70.14 -22.10
C GLU H 4253 13.50 70.09 -21.67
N PRO H 4254 13.10 70.87 -20.66
CA PRO H 4254 11.71 70.89 -20.17
C PRO H 4254 10.76 71.58 -21.14
N PHE H 4540 27.98 87.76 -14.77
CA PHE H 4540 27.50 87.35 -16.09
C PHE H 4540 27.95 85.93 -16.41
N TRP H 4541 28.78 85.37 -15.53
CA TRP H 4541 29.26 84.01 -15.75
C TRP H 4541 28.11 83.01 -15.74
N GLY H 4542 27.16 83.17 -14.81
CA GLY H 4542 26.00 82.30 -14.79
C GLY H 4542 25.14 82.49 -16.03
N GLU H 4543 25.08 83.71 -16.56
CA GLU H 4543 24.26 83.97 -17.74
C GLU H 4543 24.79 83.21 -18.95
N LEU H 4544 26.12 83.17 -19.12
CA LEU H 4544 26.68 82.43 -20.24
C LEU H 4544 26.68 80.93 -19.99
N GLU H 4545 26.82 80.51 -18.72
CA GLU H 4545 26.88 79.09 -18.41
C GLU H 4545 25.54 78.40 -18.70
N VAL H 4546 24.44 79.02 -18.31
CA VAL H 4546 23.13 78.42 -18.58
C VAL H 4546 22.90 78.34 -20.09
N GLN H 4547 23.40 79.32 -20.84
CA GLN H 4547 23.26 79.27 -22.30
C GLN H 4547 24.25 78.30 -22.92
N ARG H 4548 25.44 78.15 -22.34
CA ARG H 4548 26.44 77.25 -22.91
C ARG H 4548 25.99 75.79 -22.80
N VAL H 4549 25.56 75.37 -21.62
CA VAL H 4549 25.08 74.01 -21.46
C VAL H 4549 23.82 73.77 -22.28
N LYS H 4550 22.97 74.79 -22.39
CA LYS H 4550 21.81 74.68 -23.26
C LYS H 4550 22.21 74.49 -24.70
N PHE H 4551 23.31 75.13 -25.11
CA PHE H 4551 23.76 75.03 -26.49
C PHE H 4551 24.42 73.68 -26.75
N LEU H 4552 25.19 73.18 -25.79
CA LEU H 4552 25.79 71.86 -25.92
C LEU H 4552 24.73 70.77 -25.90
N ASN H 4553 23.73 70.89 -25.02
CA ASN H 4553 22.65 69.91 -24.99
C ASN H 4553 21.84 69.98 -26.27
N TYR H 4554 21.73 71.16 -26.88
CA TYR H 4554 21.06 71.27 -28.16
C TYR H 4554 21.79 70.46 -29.23
N LEU H 4555 23.12 70.54 -29.24
CA LEU H 4555 23.90 69.75 -30.18
C LEU H 4555 23.77 68.26 -29.90
N SER H 4556 23.79 67.88 -28.63
CA SER H 4556 23.65 66.47 -28.27
C SER H 4556 22.28 65.92 -28.67
N ARG H 4557 21.23 66.68 -28.39
CA ARG H 4557 19.88 66.21 -28.72
C ARG H 4557 19.70 66.06 -30.23
N ASN H 4558 20.25 66.99 -31.01
CA ASN H 4558 20.07 67.01 -32.45
C ASN H 4558 21.33 66.54 -33.19
N PHE H 4559 22.06 65.57 -32.62
CA PHE H 4559 23.30 65.15 -33.25
C PHE H 4559 23.05 64.48 -34.60
N TYR H 4560 22.02 63.65 -34.69
CA TYR H 4560 21.77 62.93 -35.93
C TYR H 4560 21.15 63.83 -36.99
N THR H 4561 20.43 64.87 -36.59
CA THR H 4561 19.94 65.84 -37.57
C THR H 4561 21.10 66.63 -38.17
N LEU H 4562 22.11 66.95 -37.35
CA LEU H 4562 23.30 67.61 -37.88
C LEU H 4562 24.05 66.71 -38.85
N ARG H 4563 24.12 65.42 -38.54
CA ARG H 4563 24.74 64.46 -39.45
C ARG H 4563 24.00 64.39 -40.77
N PHE H 4564 22.66 64.36 -40.72
CA PHE H 4564 21.87 64.38 -41.94
C PHE H 4564 22.08 65.68 -42.71
N LEU H 4565 22.08 66.81 -42.00
CA LEU H 4565 22.21 68.10 -42.67
C LEU H 4565 23.60 68.26 -43.27
N ALA H 4566 24.63 67.71 -42.62
CA ALA H 4566 25.96 67.73 -43.20
C ALA H 4566 26.02 66.90 -44.47
N LEU H 4567 25.32 65.76 -44.49
CA LEU H 4567 25.24 64.96 -45.70
C LEU H 4567 24.52 65.70 -46.82
N PHE H 4568 23.41 66.37 -46.49
CA PHE H 4568 22.69 67.14 -47.49
C PHE H 4568 23.53 68.30 -47.99
N LEU H 4569 24.30 68.91 -47.09
CA LEU H 4569 25.17 70.02 -47.49
C LEU H 4569 26.25 69.55 -48.46
N ALA H 4570 26.66 68.29 -48.34
CA ALA H 4570 27.69 67.76 -49.24
C ALA H 4570 27.12 67.52 -50.64
N PHE H 4571 25.93 66.96 -50.73
CA PHE H 4571 25.31 66.74 -52.03
C PHE H 4571 25.00 68.06 -52.72
N ALA H 4572 24.55 69.06 -51.96
CA ALA H 4572 24.28 70.36 -52.55
C ALA H 4572 25.55 71.00 -53.12
N ILE H 4573 26.67 70.85 -52.42
CA ILE H 4573 27.93 71.42 -52.90
C ILE H 4573 28.37 70.73 -54.18
N ASN H 4574 28.27 69.40 -54.21
CA ASN H 4574 28.77 68.66 -55.36
C ASN H 4574 27.92 68.87 -56.60
N PHE H 4575 26.61 69.10 -56.44
CA PHE H 4575 25.77 69.44 -57.58
C PHE H 4575 26.27 70.72 -58.24
N ILE H 4576 26.66 71.70 -57.45
CA ILE H 4576 27.26 72.90 -57.99
C ILE H 4576 28.59 72.58 -58.66
N LEU H 4577 29.36 71.65 -58.09
CA LEU H 4577 30.64 71.28 -58.67
C LEU H 4577 30.50 70.63 -60.03
N LEU H 4578 29.32 70.07 -60.34
CA LEU H 4578 29.11 69.50 -61.66
C LEU H 4578 29.12 70.54 -62.75
N PHE H 4579 28.92 71.81 -62.42
CA PHE H 4579 28.91 72.89 -63.39
C PHE H 4579 30.28 73.50 -63.62
N TYR H 4580 31.33 72.94 -63.01
CA TYR H 4580 32.67 73.47 -63.18
C TYR H 4580 33.14 73.23 -64.62
N LYS H 4581 34.01 74.13 -65.08
CA LYS H 4581 34.51 74.10 -66.45
C LYS H 4581 35.91 74.67 -66.46
N VAL H 4582 36.78 74.11 -67.31
CA VAL H 4582 38.15 74.58 -67.45
C VAL H 4582 38.29 75.24 -68.81
N SER H 4583 38.84 76.45 -68.83
CA SER H 4583 39.02 77.20 -70.06
C SER H 4583 40.26 78.06 -69.94
N ASP H 4584 40.84 78.41 -71.09
CA ASP H 4584 42.04 79.25 -71.09
C ASP H 4584 41.71 80.70 -70.80
N SER H 4585 40.56 81.17 -71.26
CA SER H 4585 40.21 82.58 -71.09
C SER H 4585 39.78 82.85 -69.64
N PRO H 4586 40.06 84.04 -69.11
CA PRO H 4586 39.56 84.38 -67.79
C PRO H 4586 38.04 84.45 -67.80
N PRO H 4587 37.39 84.15 -66.67
CA PRO H 4587 35.93 84.21 -66.54
C PRO H 4587 35.41 85.63 -66.44
N ASN H 4626 50.25 80.54 -69.37
CA ASN H 4626 49.49 79.57 -70.15
C ASN H 4626 48.75 78.59 -69.25
N MET H 4627 48.67 78.90 -67.97
CA MET H 4627 47.91 78.10 -67.03
C MET H 4627 46.41 78.31 -67.21
N VAL H 4628 45.63 77.36 -66.73
CA VAL H 4628 44.22 77.30 -67.01
C VAL H 4628 43.42 77.83 -65.82
N TYR H 4629 42.17 78.19 -66.07
CA TYR H 4629 41.28 78.71 -65.04
C TYR H 4629 40.13 77.74 -64.83
N TYR H 4630 39.68 77.62 -63.59
CA TYR H 4630 38.52 76.82 -63.23
C TYR H 4630 37.42 77.76 -62.76
N PHE H 4631 36.23 77.62 -63.34
CA PHE H 4631 35.13 78.51 -63.00
C PHE H 4631 33.80 77.81 -63.25
N LEU H 4632 32.79 78.22 -62.49
CA LEU H 4632 31.44 77.72 -62.70
C LEU H 4632 30.87 78.31 -63.99
N GLU H 4633 30.02 77.53 -64.65
CA GLU H 4633 29.37 77.95 -65.90
C GLU H 4633 27.86 77.93 -65.68
N GLU H 4634 27.28 79.10 -65.48
CA GLU H 4634 25.84 79.22 -65.28
C GLU H 4634 25.40 80.62 -65.69
N SER H 4635 24.09 80.75 -65.95
CA SER H 4635 23.52 82.03 -66.32
C SER H 4635 22.75 82.69 -65.20
N THR H 4636 22.41 81.95 -64.13
CA THR H 4636 21.67 82.54 -63.03
C THR H 4636 22.49 83.60 -62.31
N GLY H 4637 23.77 83.32 -62.07
CA GLY H 4637 24.63 84.22 -61.35
C GLY H 4637 24.57 84.08 -59.84
N TYR H 4638 23.57 83.39 -59.31
CA TYR H 4638 23.43 83.19 -57.87
C TYR H 4638 24.15 81.94 -57.36
N MET H 4639 24.64 81.10 -58.28
CA MET H 4639 25.20 79.82 -57.84
C MET H 4639 26.63 79.96 -57.36
N GLU H 4640 27.41 80.84 -57.98
CA GLU H 4640 28.76 81.11 -57.49
C GLU H 4640 28.78 81.64 -56.07
N PRO H 4641 27.99 82.66 -55.70
CA PRO H 4641 27.94 83.04 -54.28
C PRO H 4641 27.41 81.94 -53.38
N ALA H 4642 26.51 81.11 -53.90
CA ALA H 4642 25.91 80.05 -53.08
C ALA H 4642 26.96 79.05 -52.62
N LEU H 4643 27.87 78.67 -53.51
CA LEU H 4643 28.90 77.70 -53.14
C LEU H 4643 29.77 78.22 -52.02
N TRP H 4644 30.03 79.53 -51.99
CA TRP H 4644 30.75 80.13 -50.87
C TRP H 4644 29.98 79.95 -49.56
N CYS H 4645 28.71 80.35 -49.56
CA CYS H 4645 27.90 80.19 -48.35
C CYS H 4645 27.66 78.73 -48.03
N LEU H 4646 27.53 77.88 -49.06
CA LEU H 4646 27.28 76.47 -48.83
C LEU H 4646 28.53 75.79 -48.24
N SER H 4647 29.71 76.21 -48.68
CA SER H 4647 30.94 75.62 -48.16
C SER H 4647 31.21 76.08 -46.72
N LEU H 4648 30.99 77.35 -46.43
CA LEU H 4648 31.18 77.84 -45.08
C LEU H 4648 30.21 77.18 -44.11
N LEU H 4649 28.95 77.01 -44.54
CA LEU H 4649 27.97 76.36 -43.68
C LEU H 4649 28.34 74.91 -43.40
N HIS H 4650 28.86 74.20 -44.41
CA HIS H 4650 29.18 72.78 -44.23
C HIS H 4650 30.26 72.59 -43.18
N THR H 4651 31.29 73.44 -43.19
CA THR H 4651 32.36 73.32 -42.20
C THR H 4651 31.83 73.58 -40.80
N LEU H 4652 30.94 74.56 -40.65
CA LEU H 4652 30.35 74.85 -39.34
C LEU H 4652 29.53 73.66 -38.84
N VAL H 4653 28.73 73.05 -39.73
CA VAL H 4653 27.88 71.95 -39.31
C VAL H 4653 28.71 70.73 -38.94
N ALA H 4654 29.76 70.46 -39.69
CA ALA H 4654 30.64 69.35 -39.36
C ALA H 4654 31.31 69.56 -38.01
N PHE H 4655 31.68 70.81 -37.70
CA PHE H 4655 32.26 71.12 -36.40
C PHE H 4655 31.29 70.80 -35.27
N LEU H 4656 30.02 71.15 -35.44
CA LEU H 4656 29.03 70.86 -34.42
C LEU H 4656 28.83 69.36 -34.24
N CYS H 4657 29.13 68.57 -35.28
CA CYS H 4657 29.02 67.12 -35.15
C CYS H 4657 30.09 66.58 -34.20
N ILE H 4658 31.31 67.12 -34.27
CA ILE H 4658 32.36 66.69 -33.35
C ILE H 4658 32.02 67.11 -31.93
N ILE H 4659 31.58 68.35 -31.74
CA ILE H 4659 31.19 68.81 -30.42
C ILE H 4659 30.00 68.01 -29.92
N GLY H 4660 29.02 67.77 -30.78
CA GLY H 4660 27.87 66.98 -30.39
C GLY H 4660 28.23 65.55 -30.05
N TYR H 4661 29.20 64.99 -30.77
CA TYR H 4661 29.64 63.63 -30.49
C TYR H 4661 30.35 63.54 -29.14
N ASN H 4662 31.20 64.53 -28.85
CA ASN H 4662 31.94 64.54 -27.59
C ASN H 4662 31.03 64.68 -26.38
N CYS H 4663 29.81 65.19 -26.56
CA CYS H 4663 28.88 65.39 -25.46
C CYS H 4663 27.82 64.32 -25.38
N LEU H 4664 27.67 63.49 -26.41
CA LEU H 4664 26.64 62.46 -26.47
C LEU H 4664 27.22 61.05 -26.38
N LYS H 4665 28.20 60.72 -27.20
CA LYS H 4665 28.73 59.37 -27.28
C LYS H 4665 30.03 59.17 -26.51
N VAL H 4666 30.86 60.21 -26.39
CA VAL H 4666 32.14 60.06 -25.69
C VAL H 4666 31.96 59.63 -24.23
N PRO H 4667 31.05 60.21 -23.44
CA PRO H 4667 30.94 59.77 -22.04
C PRO H 4667 30.64 58.28 -21.91
N LEU H 4668 29.91 57.70 -22.85
CA LEU H 4668 29.65 56.28 -22.82
C LEU H 4668 30.92 55.48 -23.09
N VAL H 4669 31.77 55.97 -23.99
CA VAL H 4669 33.04 55.30 -24.28
C VAL H 4669 33.94 55.32 -23.06
N ILE H 4670 34.05 56.47 -22.40
CA ILE H 4670 34.91 56.56 -21.21
C ILE H 4670 34.33 55.75 -20.07
N PHE H 4671 33.00 55.74 -19.94
CA PHE H 4671 32.36 54.96 -18.88
C PHE H 4671 32.70 53.49 -19.01
N LYS H 4672 32.58 52.93 -20.21
CA LYS H 4672 32.86 51.51 -20.40
C LYS H 4672 34.31 51.19 -20.09
N ARG H 4673 35.24 52.03 -20.55
CA ARG H 4673 36.65 51.75 -20.34
C ARG H 4673 37.01 51.85 -18.87
N GLU H 4674 36.44 52.82 -18.16
CA GLU H 4674 36.67 52.91 -16.71
C GLU H 4674 36.04 51.73 -15.99
N LYS H 4675 34.88 51.28 -16.44
CA LYS H 4675 34.18 50.20 -15.75
C LYS H 4675 34.95 48.89 -15.89
N GLU H 4676 35.41 48.58 -17.10
CA GLU H 4676 36.16 47.33 -17.29
C GLU H 4676 37.51 47.37 -16.58
N LEU H 4677 38.17 48.53 -16.56
CA LEU H 4677 39.43 48.63 -15.84
C LEU H 4677 39.22 48.45 -14.34
N ALA H 4678 38.15 49.03 -13.79
CA ALA H 4678 37.90 48.92 -12.36
C ALA H 4678 37.67 47.47 -11.94
N ARG H 4679 36.91 46.72 -12.73
CA ARG H 4679 36.60 45.34 -12.36
C ARG H 4679 37.80 44.43 -12.57
N LYS H 4680 38.66 44.73 -13.54
CA LYS H 4680 39.87 43.95 -13.70
C LYS H 4680 40.92 44.30 -12.63
N LEU H 4681 40.86 45.51 -12.08
CA LEU H 4681 41.71 45.83 -10.94
C LEU H 4681 41.29 45.05 -9.70
N GLU H 4682 39.99 44.95 -9.46
CA GLU H 4682 39.48 44.36 -8.22
C GLU H 4682 39.35 42.85 -8.31
N PHE H 4683 38.71 42.35 -9.36
CA PHE H 4683 38.44 40.93 -9.46
C PHE H 4683 39.53 40.14 -10.18
N ASP H 4684 40.55 40.82 -10.72
CA ASP H 4684 41.64 40.13 -11.40
C ASP H 4684 43.03 40.60 -10.98
N GLY H 4685 43.18 41.80 -10.45
CA GLY H 4685 44.50 42.31 -10.14
C GLY H 4685 45.35 42.49 -11.38
N LEU H 4686 44.81 43.19 -12.38
CA LEU H 4686 45.49 43.33 -13.67
C LEU H 4686 46.90 43.88 -13.49
N TYR H 4687 47.03 45.00 -12.80
CA TYR H 4687 48.32 45.64 -12.60
C TYR H 4687 48.92 45.32 -11.24
N ILE H 4688 48.26 44.47 -10.48
CA ILE H 4688 48.77 44.00 -9.20
C ILE H 4688 49.48 42.67 -9.32
N THR H 4689 48.94 41.75 -10.12
CA THR H 4689 49.49 40.41 -10.26
C THR H 4689 50.02 40.13 -11.66
N GLU H 4690 49.19 40.28 -12.70
CA GLU H 4690 49.57 39.77 -14.00
C GLU H 4690 50.46 40.74 -14.79
N GLN H 4691 50.14 42.04 -14.75
CA GLN H 4691 50.99 43.05 -15.39
C GLN H 4691 51.16 42.80 -16.89
N PRO H 4692 50.13 43.08 -17.72
CA PRO H 4692 50.22 42.81 -19.17
C PRO H 4692 51.54 43.22 -19.80
N GLY H 4693 52.05 42.41 -20.72
CA GLY H 4693 53.42 42.55 -21.20
C GLY H 4693 53.65 43.38 -22.45
N ASP H 4694 53.11 44.61 -22.48
CA ASP H 4694 53.37 45.63 -23.48
C ASP H 4694 52.80 45.29 -24.86
N ASP H 4695 52.20 44.13 -25.06
CA ASP H 4695 51.58 43.79 -26.34
C ASP H 4695 50.13 44.24 -26.41
N ASP H 4696 49.57 44.71 -25.31
CA ASP H 4696 48.18 45.19 -25.26
C ASP H 4696 48.23 46.70 -25.09
N VAL H 4697 47.95 47.42 -26.17
CA VAL H 4697 47.96 48.89 -26.09
C VAL H 4697 46.84 49.38 -25.19
N LYS H 4698 45.77 48.59 -25.03
CA LYS H 4698 44.69 48.99 -24.14
C LYS H 4698 45.10 48.87 -22.69
N GLY H 4699 45.75 47.76 -22.32
CA GLY H 4699 46.22 47.60 -20.96
C GLY H 4699 47.34 48.56 -20.61
N GLN H 4700 48.27 48.79 -21.55
CA GLN H 4700 49.38 49.68 -21.28
C GLN H 4700 48.93 51.13 -21.15
N TRP H 4701 47.98 51.57 -21.97
CA TRP H 4701 47.49 52.93 -21.86
C TRP H 4701 46.77 53.17 -20.55
N ASP H 4702 46.15 52.15 -19.98
CA ASP H 4702 45.38 52.33 -18.76
C ASP H 4702 46.25 52.52 -17.53
N ARG H 4703 47.56 52.32 -17.64
CA ARG H 4703 48.44 52.61 -16.51
C ARG H 4703 48.50 54.10 -16.21
N LEU H 4704 48.27 54.96 -17.20
CA LEU H 4704 48.34 56.40 -16.98
C LEU H 4704 47.23 56.90 -16.07
N VAL H 4705 46.11 56.18 -15.98
CA VAL H 4705 44.95 56.67 -15.24
C VAL H 4705 44.87 56.07 -13.84
N LEU H 4706 45.71 55.09 -13.51
CA LEU H 4706 45.59 54.42 -12.22
C LEU H 4706 45.84 55.37 -11.06
N ASN H 4707 46.86 56.22 -11.16
CA ASN H 4707 47.23 57.10 -10.07
C ASN H 4707 46.58 58.47 -10.17
N THR H 4708 45.76 58.71 -11.18
CA THR H 4708 45.09 60.00 -11.31
C THR H 4708 44.05 60.17 -10.21
N PRO H 4709 43.92 61.37 -9.65
CA PRO H 4709 42.91 61.58 -8.60
C PRO H 4709 41.48 61.43 -9.09
N SER H 4710 41.25 61.54 -10.40
CA SER H 4710 39.90 61.49 -10.93
C SER H 4710 39.71 60.30 -11.88
N PHE H 4711 40.25 59.14 -11.51
CA PHE H 4711 40.17 57.99 -12.40
C PHE H 4711 38.74 57.54 -12.66
N PRO H 4712 37.90 57.27 -11.65
CA PRO H 4712 36.50 56.92 -11.98
C PRO H 4712 35.63 58.16 -12.14
N SER H 4713 35.91 58.95 -13.18
CA SER H 4713 35.16 60.18 -13.41
C SER H 4713 33.75 59.89 -13.88
N ASN H 4714 33.59 58.99 -14.85
CA ASN H 4714 32.27 58.63 -15.36
C ASN H 4714 31.70 57.40 -14.70
N TYR H 4715 32.52 56.38 -14.46
CA TYR H 4715 32.06 55.21 -13.74
C TYR H 4715 31.70 55.57 -12.31
N TRP H 4716 30.55 55.09 -11.86
CA TRP H 4716 29.96 55.61 -10.62
C TRP H 4716 30.70 55.16 -9.37
N ASP H 4717 31.39 54.03 -9.41
CA ASP H 4717 32.05 53.50 -8.22
C ASP H 4717 33.29 54.33 -7.93
N LYS H 4718 33.11 55.37 -7.13
CA LYS H 4718 34.19 56.26 -6.75
C LYS H 4718 35.06 55.68 -5.64
N PHE H 4719 34.80 54.46 -5.21
CA PHE H 4719 35.50 53.85 -4.09
C PHE H 4719 36.23 52.57 -4.52
N VAL H 4720 36.52 52.45 -5.81
CA VAL H 4720 37.17 51.25 -6.33
C VAL H 4720 38.59 51.14 -5.79
N LYS H 4721 39.28 52.28 -5.67
CA LYS H 4721 40.62 52.26 -5.10
C LYS H 4721 40.60 51.79 -3.66
N ARG H 4722 39.56 52.19 -2.91
CA ARG H 4722 39.40 51.69 -1.55
C ARG H 4722 39.23 50.18 -1.52
N LYS H 4723 38.39 49.66 -2.43
CA LYS H 4723 38.14 48.22 -2.46
C LYS H 4723 39.38 47.44 -2.85
N VAL H 4724 40.13 47.92 -3.85
CA VAL H 4724 41.32 47.22 -4.29
C VAL H 4724 42.37 47.18 -3.18
N LEU H 4725 42.52 48.29 -2.45
CA LEU H 4725 43.48 48.33 -1.35
C LEU H 4725 43.10 47.34 -0.26
N ASP H 4726 41.81 47.25 0.08
CA ASP H 4726 41.39 46.33 1.12
C ASP H 4726 41.48 44.88 0.69
N LYS H 4727 41.47 44.62 -0.62
CA LYS H 4727 41.47 43.25 -1.10
C LYS H 4727 42.87 42.73 -1.37
N HIS H 4728 43.75 43.53 -1.98
CA HIS H 4728 45.10 43.10 -2.31
C HIS H 4728 46.17 43.80 -1.50
N GLY H 4729 45.78 44.65 -0.54
CA GLY H 4729 46.78 45.39 0.21
C GLY H 4729 47.63 44.50 1.11
N ASP H 4730 47.01 43.54 1.78
CA ASP H 4730 47.73 42.72 2.75
C ASP H 4730 48.81 41.89 2.08
N ILE H 4731 48.51 41.27 0.93
CA ILE H 4731 49.47 40.37 0.30
C ILE H 4731 50.58 41.12 -0.43
N PHE H 4732 50.30 42.28 -1.03
CA PHE H 4732 51.29 42.99 -1.82
C PHE H 4732 51.78 44.29 -1.20
N GLY H 4733 51.21 44.71 -0.07
CA GLY H 4733 51.67 45.92 0.57
C GLY H 4733 50.72 47.08 0.39
N ARG H 4734 50.18 47.59 1.49
CA ARG H 4734 49.24 48.71 1.40
C ARG H 4734 49.90 49.94 0.81
N GLU H 4735 51.15 50.22 1.19
CA GLU H 4735 51.82 51.41 0.70
C GLU H 4735 52.19 51.27 -0.77
N ARG H 4736 52.38 50.05 -1.27
CA ARG H 4736 52.64 49.88 -2.70
C ARG H 4736 51.37 50.10 -3.51
N ILE H 4737 50.24 49.56 -3.05
CA ILE H 4737 48.97 49.82 -3.73
C ILE H 4737 48.63 51.31 -3.68
N ALA H 4738 48.83 51.93 -2.52
CA ALA H 4738 48.56 53.35 -2.40
C ALA H 4738 49.42 54.16 -3.36
N GLU H 4739 50.66 53.73 -3.58
CA GLU H 4739 51.52 54.41 -4.54
C GLU H 4739 51.04 54.17 -5.97
N LEU H 4740 50.66 52.94 -6.28
CA LEU H 4740 50.18 52.63 -7.62
C LEU H 4740 48.90 53.36 -7.95
N LEU H 4741 47.99 53.44 -6.99
CA LEU H 4741 46.69 54.09 -7.19
C LEU H 4741 46.66 55.54 -6.75
N GLY H 4742 47.78 56.08 -6.28
CA GLY H 4742 47.82 57.48 -5.89
C GLY H 4742 46.90 57.84 -4.74
N MET H 4743 46.92 57.04 -3.68
CA MET H 4743 46.04 57.25 -2.54
C MET H 4743 46.82 57.78 -1.35
N ASP H 4744 46.24 58.77 -0.68
CA ASP H 4744 46.77 59.30 0.58
C ASP H 4744 46.16 58.48 1.72
N LEU H 4745 46.99 57.69 2.40
CA LEU H 4745 46.46 56.80 3.44
C LEU H 4745 46.01 57.60 4.66
N ALA H 4746 46.59 58.79 4.87
CA ALA H 4746 46.23 59.59 6.03
C ALA H 4746 44.85 60.23 5.88
N SER H 4747 44.39 60.44 4.65
CA SER H 4747 43.13 61.15 4.42
C SER H 4747 41.91 60.24 4.45
N LEU H 4748 42.10 58.92 4.53
CA LEU H 4748 40.96 58.01 4.53
C LEU H 4748 40.11 58.18 5.79
N GLU H 4749 40.75 58.36 6.95
CA GLU H 4749 40.01 58.38 8.21
C GLU H 4749 39.26 59.70 8.39
N ILE H 4750 39.89 60.82 8.03
CA ILE H 4750 39.30 62.13 8.30
C ILE H 4750 37.99 62.32 7.53
N THR H 4751 37.91 61.76 6.33
CA THR H 4751 36.65 61.82 5.58
C THR H 4751 35.54 61.10 6.32
N ALA H 4752 35.84 59.98 6.95
CA ALA H 4752 34.87 59.29 7.79
C ALA H 4752 34.72 59.95 9.16
N HIS H 4753 35.67 60.79 9.55
CA HIS H 4753 35.57 61.49 10.82
C HIS H 4753 34.44 62.51 10.79
N ASN H 4754 34.53 63.48 9.89
CA ASN H 4754 33.49 64.48 9.70
C ASN H 4754 33.60 64.99 8.26
N GLU H 4755 32.69 65.88 7.88
CA GLU H 4755 32.63 66.42 6.53
C GLU H 4755 33.01 67.89 6.55
N ARG H 4756 33.87 68.28 5.61
CA ARG H 4756 34.33 69.66 5.48
C ARG H 4756 33.52 70.38 4.41
N LYS H 4757 33.22 71.65 4.67
CA LYS H 4757 32.47 72.49 3.74
C LYS H 4757 33.33 73.70 3.39
N PRO H 4758 34.17 73.60 2.37
CA PRO H 4758 35.04 74.72 1.99
C PRO H 4758 34.26 75.74 1.16
N ASP H 4759 35.00 76.75 0.69
CA ASP H 4759 34.42 77.79 -0.16
C ASP H 4759 34.69 77.46 -1.62
N PRO H 4760 33.66 77.18 -2.42
CA PRO H 4760 33.85 76.95 -3.86
C PRO H 4760 33.73 78.23 -4.66
N PRO H 4761 34.80 79.02 -4.78
CA PRO H 4761 34.68 80.33 -5.41
C PRO H 4761 34.30 80.20 -6.88
N PRO H 4762 33.27 80.93 -7.33
CA PRO H 4762 32.80 80.84 -8.72
C PRO H 4762 33.61 81.68 -9.70
N GLY H 4763 34.93 81.53 -9.65
CA GLY H 4763 35.84 82.27 -10.52
C GLY H 4763 36.54 81.34 -11.48
N LEU H 4764 36.77 81.83 -12.70
CA LEU H 4764 37.48 81.04 -13.70
C LEU H 4764 38.94 80.86 -13.34
N LEU H 4765 39.53 81.82 -12.63
CA LEU H 4765 40.94 81.70 -12.25
C LEU H 4765 41.17 80.50 -11.33
N THR H 4766 40.29 80.29 -10.36
CA THR H 4766 40.42 79.14 -9.47
C THR H 4766 40.11 77.83 -10.20
N TRP H 4767 39.43 77.92 -11.34
CA TRP H 4767 39.12 76.73 -12.13
C TRP H 4767 40.33 76.24 -12.92
N LEU H 4768 41.35 77.08 -13.11
CA LEU H 4768 42.43 76.72 -14.02
C LEU H 4768 43.27 75.58 -13.49
N MET H 4769 43.68 75.66 -12.22
CA MET H 4769 44.52 74.62 -11.63
C MET H 4769 43.73 73.38 -11.22
N SER H 4770 42.40 73.43 -11.29
CA SER H 4770 41.57 72.30 -10.89
C SER H 4770 41.44 71.24 -11.97
N ILE H 4771 42.28 71.25 -13.00
CA ILE H 4771 42.20 70.27 -14.08
C ILE H 4771 43.24 69.19 -13.84
N ASP H 4772 42.85 67.94 -14.06
CA ASP H 4772 43.72 66.79 -13.87
C ASP H 4772 44.40 66.50 -15.21
N VAL H 4773 45.64 66.96 -15.34
CA VAL H 4773 46.32 66.92 -16.63
C VAL H 4773 46.57 65.47 -17.07
N LYS H 4774 46.98 64.61 -16.14
CA LYS H 4774 47.31 63.24 -16.52
C LYS H 4774 46.06 62.44 -16.88
N TYR H 4775 44.92 62.77 -16.27
CA TYR H 4775 43.68 62.13 -16.67
C TYR H 4775 43.30 62.52 -18.09
N GLN H 4776 43.43 63.80 -18.43
CA GLN H 4776 42.99 64.29 -19.72
C GLN H 4776 43.84 63.71 -20.85
N ILE H 4777 45.15 63.57 -20.63
CA ILE H 4777 46.00 62.99 -21.67
C ILE H 4777 45.67 61.52 -21.86
N TRP H 4778 45.27 60.83 -20.79
CA TRP H 4778 44.74 59.48 -20.95
C TRP H 4778 43.40 59.49 -21.66
N LYS H 4779 42.50 60.39 -21.25
CA LYS H 4779 41.17 60.40 -21.83
C LYS H 4779 41.20 60.73 -23.31
N PHE H 4780 42.00 61.73 -23.70
CA PHE H 4780 42.07 62.12 -25.10
C PHE H 4780 42.72 61.04 -25.94
N GLY H 4781 43.55 60.20 -25.34
CA GLY H 4781 44.11 59.08 -26.08
C GLY H 4781 43.08 58.00 -26.33
N VAL H 4782 42.01 57.98 -25.55
CA VAL H 4782 40.92 57.03 -25.79
C VAL H 4782 39.97 57.56 -26.85
N ILE H 4783 39.73 58.88 -26.85
CA ILE H 4783 38.89 59.47 -27.89
C ILE H 4783 39.56 59.34 -29.25
N PHE H 4784 40.87 59.62 -29.30
CA PHE H 4784 41.57 59.64 -30.58
C PHE H 4784 41.80 58.24 -31.14
N THR H 4785 41.50 57.19 -30.37
CA THR H 4785 41.52 55.83 -30.87
C THR H 4785 40.12 55.29 -31.11
N ASP H 4786 39.10 56.13 -30.97
CA ASP H 4786 37.72 55.73 -31.26
C ASP H 4786 37.45 55.90 -32.74
N ASN H 4787 36.92 54.84 -33.37
CA ASN H 4787 36.70 54.88 -34.81
C ASN H 4787 35.70 55.95 -35.21
N SER H 4788 34.60 56.06 -34.47
CA SER H 4788 33.57 57.03 -34.83
C SER H 4788 34.09 58.45 -34.70
N PHE H 4789 34.86 58.73 -33.65
CA PHE H 4789 35.43 60.07 -33.49
C PHE H 4789 36.47 60.34 -34.57
N LEU H 4790 37.28 59.33 -34.91
CA LEU H 4790 38.27 59.51 -35.96
C LEU H 4790 37.61 59.77 -37.30
N TYR H 4791 36.50 59.08 -37.59
CA TYR H 4791 35.77 59.36 -38.81
C TYR H 4791 35.24 60.78 -38.82
N LEU H 4792 34.68 61.23 -37.69
CA LEU H 4792 34.22 62.62 -37.60
C LEU H 4792 35.39 63.58 -37.69
N GLY H 4793 36.53 63.22 -37.11
CA GLY H 4793 37.73 64.04 -37.26
C GLY H 4793 38.23 64.07 -38.68
N TRP H 4794 38.16 62.93 -39.38
CA TRP H 4794 38.47 62.93 -40.80
C TRP H 4794 37.51 63.81 -41.58
N TYR H 4795 36.23 63.77 -41.23
CA TYR H 4795 35.24 64.61 -41.89
C TYR H 4795 35.55 66.08 -41.68
N MET H 4796 36.25 66.39 -40.58
CA MET H 4796 36.70 67.77 -40.34
C MET H 4796 37.76 68.19 -41.35
N VAL H 4797 38.79 67.36 -41.53
CA VAL H 4797 39.98 67.78 -42.27
C VAL H 4797 39.62 68.09 -43.72
N MET H 4798 38.83 67.21 -44.35
CA MET H 4798 38.45 67.44 -45.73
C MET H 4798 37.54 68.66 -45.86
N SER H 4799 36.75 68.94 -44.83
CA SER H 4799 35.90 70.12 -44.86
C SER H 4799 36.72 71.40 -44.88
N LEU H 4800 37.75 71.48 -44.02
CA LEU H 4800 38.66 72.61 -44.08
C LEU H 4800 39.44 72.61 -45.39
N LEU H 4801 39.88 71.44 -45.85
CA LEU H 4801 40.60 71.36 -47.11
C LEU H 4801 39.72 71.75 -48.28
N GLY H 4802 38.40 71.61 -48.13
CA GLY H 4802 37.50 72.07 -49.18
C GLY H 4802 37.57 73.56 -49.39
N HIS H 4803 37.85 74.33 -48.34
CA HIS H 4803 38.03 75.76 -48.49
C HIS H 4803 39.33 76.09 -49.20
N TYR H 4804 40.28 75.15 -49.18
CA TYR H 4804 41.50 75.31 -49.96
C TYR H 4804 41.23 75.02 -51.43
N ASN H 4805 40.74 73.82 -51.74
CA ASN H 4805 40.26 73.46 -53.07
C ASN H 4805 38.88 72.86 -52.93
N ASN H 4806 37.90 73.46 -53.61
CA ASN H 4806 36.51 73.06 -53.42
C ASN H 4806 36.24 71.64 -53.88
N PHE H 4807 37.16 71.04 -54.64
CA PHE H 4807 36.95 69.69 -55.13
C PHE H 4807 37.18 68.64 -54.05
N PHE H 4808 37.76 69.04 -52.91
CA PHE H 4808 37.91 68.11 -51.80
C PHE H 4808 36.58 67.78 -51.13
N PHE H 4809 35.54 68.57 -51.38
CA PHE H 4809 34.23 68.27 -50.82
C PHE H 4809 33.61 67.01 -51.43
N ALA H 4810 34.19 66.49 -52.52
CA ALA H 4810 33.69 65.24 -53.08
C ALA H 4810 33.90 64.08 -52.12
N ALA H 4811 34.92 64.16 -51.28
CA ALA H 4811 35.20 63.09 -50.34
C ALA H 4811 34.06 62.92 -49.33
N HIS H 4812 33.37 64.01 -49.00
CA HIS H 4812 32.25 63.92 -48.06
C HIS H 4812 31.07 63.17 -48.64
N LEU H 4813 31.06 62.94 -49.96
CA LEU H 4813 30.01 62.13 -50.56
C LEU H 4813 30.13 60.66 -50.17
N LEU H 4814 31.23 60.26 -49.54
CA LEU H 4814 31.36 58.87 -49.10
C LEU H 4814 30.58 58.61 -47.82
N ASP H 4815 30.00 59.66 -47.23
CA ASP H 4815 29.31 59.53 -45.96
C ASP H 4815 28.03 58.71 -46.09
N ILE H 4816 27.50 58.57 -47.30
CA ILE H 4816 26.28 57.79 -47.49
C ILE H 4816 26.50 56.33 -47.17
N ALA H 4817 27.75 55.86 -47.17
CA ALA H 4817 28.02 54.51 -46.71
C ALA H 4817 27.66 54.34 -45.25
N MET H 4818 27.97 55.34 -44.42
CA MET H 4818 27.56 55.35 -43.02
C MET H 4818 26.25 56.07 -42.79
N GLY H 4819 25.92 57.08 -43.59
CA GLY H 4819 24.67 57.79 -43.41
C GLY H 4819 23.46 56.94 -43.70
N VAL H 4820 23.53 56.12 -44.74
CA VAL H 4820 22.43 55.26 -45.16
C VAL H 4820 22.71 53.86 -44.62
N LYS H 4821 21.77 53.34 -43.84
CA LYS H 4821 21.96 52.03 -43.22
C LYS H 4821 21.91 50.90 -44.24
N THR H 4822 21.07 51.03 -45.27
CA THR H 4822 20.99 49.99 -46.28
C THR H 4822 22.31 49.82 -47.03
N LEU H 4823 22.94 50.93 -47.39
CA LEU H 4823 24.20 50.85 -48.12
C LEU H 4823 25.32 50.29 -47.26
N ARG H 4824 25.25 50.52 -45.95
CA ARG H 4824 26.27 49.98 -45.05
C ARG H 4824 26.20 48.46 -45.02
N THR H 4825 25.00 47.89 -45.11
CA THR H 4825 24.86 46.44 -45.16
C THR H 4825 25.48 45.88 -46.44
N ILE H 4826 25.23 46.54 -47.58
CA ILE H 4826 25.83 46.10 -48.83
C ILE H 4826 27.35 46.20 -48.77
N LEU H 4827 27.86 47.30 -48.23
CA LEU H 4827 29.30 47.46 -48.09
C LEU H 4827 29.88 46.45 -47.13
N SER H 4828 29.12 46.03 -46.12
CA SER H 4828 29.61 45.00 -45.21
C SER H 4828 29.77 43.66 -45.90
N SER H 4829 29.03 43.43 -46.98
CA SER H 4829 29.19 42.21 -47.76
C SER H 4829 30.47 42.19 -48.57
N VAL H 4830 31.16 43.32 -48.68
CA VAL H 4830 32.47 43.37 -49.34
C VAL H 4830 33.60 43.26 -48.32
N THR H 4831 33.46 43.92 -47.18
CA THR H 4831 34.48 43.90 -46.15
C THR H 4831 34.39 42.68 -45.23
N HIS H 4832 33.35 41.85 -45.37
CA HIS H 4832 33.24 40.67 -44.53
C HIS H 4832 34.38 39.69 -44.82
N ASN H 4833 34.62 39.40 -46.09
CA ASN H 4833 35.75 38.58 -46.53
C ASN H 4833 36.89 39.45 -47.03
N GLY H 4834 37.06 40.61 -46.38
CA GLY H 4834 38.05 41.57 -46.86
C GLY H 4834 39.46 41.02 -46.85
N LYS H 4835 39.82 40.29 -45.79
CA LYS H 4835 41.16 39.71 -45.73
C LYS H 4835 41.40 38.74 -46.88
N GLN H 4836 40.36 38.00 -47.27
CA GLN H 4836 40.47 37.14 -48.45
C GLN H 4836 40.58 37.98 -49.72
N LEU H 4837 39.76 39.03 -49.83
CA LEU H 4837 39.72 39.84 -51.05
C LEU H 4837 41.08 40.47 -51.36
N VAL H 4838 41.70 41.08 -50.35
CA VAL H 4838 42.98 41.76 -50.60
C VAL H 4838 44.05 40.74 -50.97
N MET H 4839 43.97 39.57 -50.37
CA MET H 4839 45.10 38.64 -50.42
C MET H 4839 44.91 37.60 -51.52
N THR H 4840 43.68 37.43 -52.03
CA THR H 4840 43.52 36.71 -53.29
C THR H 4840 44.00 37.55 -54.46
N VAL H 4841 43.99 38.88 -54.31
CA VAL H 4841 44.61 39.75 -55.29
C VAL H 4841 46.13 39.58 -55.26
N GLY H 4842 46.70 39.38 -54.06
CA GLY H 4842 48.11 39.08 -53.98
C GLY H 4842 48.48 37.82 -54.72
N LEU H 4843 47.61 36.81 -54.66
CA LEU H 4843 47.81 35.62 -55.48
C LEU H 4843 47.74 35.96 -56.96
N LEU H 4844 46.82 36.85 -57.33
CA LEU H 4844 46.74 37.32 -58.72
C LEU H 4844 48.04 38.00 -59.13
N ALA H 4845 48.69 38.70 -58.21
CA ALA H 4845 49.93 39.38 -58.53
C ALA H 4845 51.07 38.39 -58.68
N VAL H 4846 50.99 37.25 -58.01
CA VAL H 4846 52.05 36.25 -58.11
C VAL H 4846 51.90 35.42 -59.36
N VAL H 4847 50.68 34.98 -59.65
CA VAL H 4847 50.43 34.16 -60.83
C VAL H 4847 50.79 34.93 -62.11
N VAL H 4848 50.40 36.19 -62.18
CA VAL H 4848 50.75 37.01 -63.35
C VAL H 4848 52.26 37.16 -63.46
N TYR H 4849 52.94 37.26 -62.33
CA TYR H 4849 54.40 37.42 -62.37
C TYR H 4849 55.07 36.22 -63.01
N LEU H 4850 54.57 35.01 -62.71
CA LEU H 4850 55.13 33.82 -63.32
C LEU H 4850 54.95 33.83 -64.84
N TYR H 4851 53.79 34.30 -65.31
CA TYR H 4851 53.59 34.45 -66.74
C TYR H 4851 54.54 35.49 -67.32
N THR H 4852 54.82 36.55 -66.55
CA THR H 4852 55.78 37.55 -67.01
C THR H 4852 57.17 36.95 -67.16
N VAL H 4853 57.56 36.06 -66.24
CA VAL H 4853 58.86 35.41 -66.33
C VAL H 4853 58.96 34.57 -67.59
N VAL H 4854 57.90 33.80 -67.87
CA VAL H 4854 57.91 32.95 -69.07
C VAL H 4854 57.96 33.80 -70.33
N ALA H 4855 57.16 34.86 -70.38
CA ALA H 4855 57.09 35.69 -71.58
C ALA H 4855 58.43 36.36 -71.85
N PHE H 4856 59.10 36.83 -70.80
CA PHE H 4856 60.33 37.58 -70.99
C PHE H 4856 61.47 36.66 -71.40
N ASN H 4857 61.29 35.35 -71.25
CA ASN H 4857 62.34 34.41 -71.61
C ASN H 4857 62.11 33.83 -73.00
N PHE H 4858 60.85 33.77 -73.45
CA PHE H 4858 60.53 33.07 -74.69
C PHE H 4858 59.72 33.88 -75.69
N PHE H 4859 58.93 34.86 -75.25
CA PHE H 4859 57.93 35.47 -76.12
C PHE H 4859 58.08 36.97 -76.25
N ARG H 4860 59.31 37.48 -76.28
CA ARG H 4860 59.48 38.94 -76.36
C ARG H 4860 59.15 39.47 -77.74
N LYS H 4861 59.18 38.62 -78.77
CA LYS H 4861 58.91 39.10 -80.13
C LYS H 4861 57.48 39.61 -80.27
N PHE H 4862 56.57 39.11 -79.46
CA PHE H 4862 55.15 39.39 -79.62
C PHE H 4862 54.69 40.63 -78.87
N TYR H 4863 55.61 41.38 -78.26
CA TYR H 4863 55.26 42.54 -77.45
C TYR H 4863 55.64 43.85 -78.13
N ASN H 4864 55.42 43.95 -79.43
CA ASN H 4864 55.59 45.20 -80.17
C ASN H 4864 54.23 45.88 -80.24
N LYS H 4865 54.06 46.94 -79.44
CA LYS H 4865 52.79 47.68 -79.38
C LYS H 4865 52.87 48.99 -80.16
N SER H 4866 53.63 49.02 -81.25
CA SER H 4866 53.78 50.20 -82.07
C SER H 4866 53.37 49.88 -83.50
N GLU H 4867 52.42 50.65 -84.04
CA GLU H 4867 52.10 50.53 -85.45
C GLU H 4867 53.18 51.13 -86.33
N ASP H 4868 54.01 52.00 -85.78
CA ASP H 4868 55.15 52.54 -86.52
C ASP H 4868 56.15 51.43 -86.82
N GLU H 4869 56.81 51.54 -87.97
CA GLU H 4869 57.72 50.51 -88.44
C GLU H 4869 59.18 50.75 -88.07
N ASP H 4870 59.59 52.01 -87.94
CA ASP H 4870 60.98 52.32 -87.60
C ASP H 4870 61.23 52.49 -86.12
N GLU H 4871 60.20 52.84 -85.35
CA GLU H 4871 60.33 53.03 -83.91
C GLU H 4871 59.52 51.94 -83.21
N PRO H 4872 60.16 50.88 -82.73
CA PRO H 4872 59.42 49.80 -82.08
C PRO H 4872 59.23 50.06 -80.59
N ASP H 4873 58.01 49.82 -80.12
CA ASP H 4873 57.68 49.99 -78.70
C ASP H 4873 57.65 48.62 -78.04
N MET H 4874 58.83 48.14 -77.68
CA MET H 4874 58.96 46.88 -76.95
C MET H 4874 58.32 47.03 -75.57
N LYS H 4875 57.45 46.09 -75.21
CA LYS H 4875 56.84 46.11 -73.89
C LYS H 4875 57.36 45.01 -72.97
N CYS H 4876 58.28 44.17 -73.44
CA CYS H 4876 58.80 43.08 -72.63
C CYS H 4876 60.31 42.92 -72.81
N ASP H 4877 61.02 44.01 -73.04
CA ASP H 4877 62.48 43.99 -72.97
C ASP H 4877 63.00 44.18 -71.55
N ASP H 4878 62.10 44.36 -70.58
CA ASP H 4878 62.49 44.52 -69.19
C ASP H 4878 61.45 43.82 -68.33
N MET H 4879 61.89 43.33 -67.17
CA MET H 4879 60.95 42.73 -66.22
C MET H 4879 59.90 43.74 -65.78
N MET H 4880 60.33 44.93 -65.36
CA MET H 4880 59.39 45.91 -64.82
C MET H 4880 58.37 46.35 -65.86
N THR H 4881 58.82 46.58 -67.09
CA THR H 4881 57.89 46.95 -68.16
C THR H 4881 56.96 45.79 -68.49
N CYS H 4882 57.51 44.57 -68.60
CA CYS H 4882 56.68 43.41 -68.93
C CYS H 4882 55.70 43.10 -67.81
N TYR H 4883 56.14 43.19 -66.56
CA TYR H 4883 55.23 42.96 -65.44
C TYR H 4883 54.11 44.00 -65.42
N LEU H 4884 54.46 45.27 -65.57
CA LEU H 4884 53.45 46.31 -65.59
C LEU H 4884 52.47 46.11 -66.74
N PHE H 4885 52.97 45.64 -67.88
CA PHE H 4885 52.11 45.45 -69.04
C PHE H 4885 51.13 44.31 -68.82
N HIS H 4886 51.60 43.23 -68.18
CA HIS H 4886 50.72 42.09 -67.92
C HIS H 4886 49.61 42.44 -66.94
N MET H 4887 49.93 43.22 -65.89
CA MET H 4887 48.89 43.60 -64.95
C MET H 4887 47.96 44.64 -65.52
N TYR H 4888 48.49 45.63 -66.24
CA TYR H 4888 47.69 46.78 -66.67
C TYR H 4888 46.76 46.44 -67.83
N VAL H 4889 47.24 45.65 -68.80
CA VAL H 4889 46.42 45.37 -69.97
C VAL H 4889 46.03 43.90 -70.03
N GLY H 4890 46.85 43.04 -69.44
CA GLY H 4890 46.56 41.61 -69.50
C GLY H 4890 45.37 41.23 -68.65
N VAL H 4891 45.30 41.75 -67.42
CA VAL H 4891 44.21 41.41 -66.52
C VAL H 4891 42.91 42.03 -67.00
N ARG H 4892 42.96 43.28 -67.45
CA ARG H 4892 41.74 43.97 -67.86
C ARG H 4892 41.21 43.50 -69.20
N ALA H 4893 42.02 42.79 -69.98
CA ALA H 4893 41.54 42.28 -71.27
C ALA H 4893 40.54 41.15 -71.06
N GLY H 4894 39.51 41.12 -71.89
CA GLY H 4894 38.49 40.10 -71.76
C GLY H 4894 39.02 38.70 -72.04
N GLY H 4895 39.89 38.57 -73.03
CA GLY H 4895 40.42 37.26 -73.39
C GLY H 4895 41.81 37.00 -72.85
N GLY H 4896 42.27 37.85 -71.94
CA GLY H 4896 43.57 37.65 -71.34
C GLY H 4896 44.68 38.34 -72.12
N ILE H 4897 45.91 37.89 -71.85
CA ILE H 4897 47.08 38.51 -72.46
C ILE H 4897 47.11 38.25 -73.96
N GLY H 4898 46.47 37.19 -74.43
CA GLY H 4898 46.52 36.87 -75.85
C GLY H 4898 45.80 37.89 -76.70
N ASP H 4899 44.95 38.71 -76.08
CA ASP H 4899 44.22 39.73 -76.82
C ASP H 4899 45.13 40.86 -77.27
N GLU H 4900 46.15 41.18 -76.46
CA GLU H 4900 46.94 42.38 -76.71
C GLU H 4900 48.18 42.06 -77.54
N ILE H 4901 48.89 41.00 -77.21
CA ILE H 4901 50.15 40.72 -77.88
C ILE H 4901 49.89 40.16 -79.28
N GLU H 4902 50.96 40.07 -80.06
CA GLU H 4902 50.84 39.85 -81.50
C GLU H 4902 50.37 38.43 -81.82
N ASP H 4903 49.79 38.28 -83.00
CA ASP H 4903 49.20 37.02 -83.42
C ASP H 4903 50.31 35.99 -83.65
N PRO H 4904 50.24 34.83 -83.00
CA PRO H 4904 51.31 33.83 -83.14
C PRO H 4904 51.11 32.88 -84.31
N ALA H 4905 50.21 33.21 -85.23
CA ALA H 4905 49.91 32.32 -86.34
C ALA H 4905 51.14 32.10 -87.20
N GLY H 4906 51.38 30.84 -87.55
CA GLY H 4906 52.51 30.51 -88.41
C GLY H 4906 53.85 30.82 -87.78
N ASP H 4907 54.05 30.44 -86.53
CA ASP H 4907 55.28 30.69 -85.82
C ASP H 4907 55.82 29.39 -85.24
N GLU H 4908 57.12 29.39 -84.93
CA GLU H 4908 57.76 28.19 -84.40
C GLU H 4908 57.26 27.87 -82.99
N TYR H 4909 56.85 28.90 -82.25
CA TYR H 4909 56.34 28.73 -80.89
C TYR H 4909 54.83 28.85 -80.83
N GLU H 4910 54.13 28.53 -81.92
CA GLU H 4910 52.69 28.77 -81.99
C GLU H 4910 51.96 27.96 -80.93
N LEU H 4911 52.28 26.67 -80.81
CA LEU H 4911 51.54 25.82 -79.87
C LEU H 4911 51.92 26.11 -78.44
N TYR H 4912 53.13 26.63 -78.20
CA TYR H 4912 53.49 27.04 -76.86
C TYR H 4912 52.75 28.30 -76.44
N ARG H 4913 52.52 29.21 -77.39
CA ARG H 4913 51.87 30.46 -77.07
C ARG H 4913 50.36 30.28 -76.84
N VAL H 4914 49.73 29.35 -77.55
CA VAL H 4914 48.31 29.12 -77.34
C VAL H 4914 48.08 28.53 -75.95
N VAL H 4915 49.00 27.71 -75.47
CA VAL H 4915 48.92 27.23 -74.09
C VAL H 4915 49.17 28.38 -73.12
N PHE H 4916 50.08 29.29 -73.48
CA PHE H 4916 50.30 30.49 -72.70
C PHE H 4916 49.02 31.32 -72.59
N ASP H 4917 48.32 31.51 -73.71
CA ASP H 4917 47.16 32.38 -73.73
C ASP H 4917 45.98 31.75 -73.00
N ILE H 4918 45.70 30.48 -73.28
CA ILE H 4918 44.51 29.84 -72.72
C ILE H 4918 44.66 29.66 -71.21
N THR H 4919 45.83 29.23 -70.73
CA THR H 4919 46.01 29.06 -69.30
C THR H 4919 45.97 30.39 -68.56
N PHE H 4920 46.51 31.45 -69.17
CA PHE H 4920 46.34 32.78 -68.58
C PHE H 4920 44.89 33.19 -68.52
N PHE H 4921 44.12 32.91 -69.57
CA PHE H 4921 42.72 33.32 -69.60
C PHE H 4921 41.89 32.50 -68.62
N PHE H 4922 42.25 31.25 -68.39
CA PHE H 4922 41.47 30.39 -67.51
C PHE H 4922 41.81 30.64 -66.05
N PHE H 4923 43.11 30.71 -65.72
CA PHE H 4923 43.50 30.92 -64.34
C PHE H 4923 43.19 32.33 -63.87
N VAL H 4924 43.51 33.34 -64.68
CA VAL H 4924 43.38 34.73 -64.25
C VAL H 4924 41.97 35.25 -64.51
N ILE H 4925 41.56 35.26 -65.77
CA ILE H 4925 40.28 35.89 -66.11
C ILE H 4925 39.11 35.06 -65.61
N VAL H 4926 39.18 33.74 -65.75
CA VAL H 4926 38.04 32.89 -65.45
C VAL H 4926 38.02 32.49 -63.98
N ILE H 4927 39.13 31.90 -63.50
CA ILE H 4927 39.11 31.33 -62.16
C ILE H 4927 39.34 32.39 -61.11
N LEU H 4928 40.47 33.11 -61.17
CA LEU H 4928 40.82 34.03 -60.09
C LEU H 4928 39.81 35.16 -59.95
N LEU H 4929 39.30 35.69 -61.06
CA LEU H 4929 38.24 36.69 -60.94
C LEU H 4929 36.99 36.10 -60.31
N ALA H 4930 36.61 34.88 -60.71
CA ALA H 4930 35.42 34.25 -60.13
C ALA H 4930 35.57 34.05 -58.63
N ILE H 4931 36.81 33.91 -58.14
CA ILE H 4931 37.03 33.87 -56.70
C ILE H 4931 36.60 35.19 -56.06
N ILE H 4932 36.94 36.31 -56.70
CA ILE H 4932 36.50 37.61 -56.19
C ILE H 4932 34.98 37.68 -56.18
N GLN H 4933 34.35 37.31 -57.31
CA GLN H 4933 32.90 37.30 -57.37
C GLN H 4933 32.29 36.33 -56.37
N GLY H 4934 32.90 35.15 -56.19
CA GLY H 4934 32.36 34.19 -55.25
C GLY H 4934 32.41 34.69 -53.81
N LEU H 4935 33.48 35.39 -53.44
CA LEU H 4935 33.62 35.87 -52.07
C LEU H 4935 32.56 36.91 -51.72
N ILE H 4936 32.26 37.82 -52.65
CA ILE H 4936 31.17 38.78 -52.40
C ILE H 4936 29.83 38.05 -52.31
N ILE H 4937 29.61 37.10 -53.21
CA ILE H 4937 28.35 36.36 -53.20
C ILE H 4937 28.21 35.55 -51.90
N ASP H 4938 29.32 34.96 -51.43
CA ASP H 4938 29.27 34.18 -50.21
C ASP H 4938 28.93 35.04 -49.00
N ALA H 4939 29.45 36.26 -48.95
CA ALA H 4939 29.19 37.12 -47.80
C ALA H 4939 27.71 37.49 -47.69
N PHE H 4940 27.04 37.67 -48.83
CA PHE H 4940 25.60 37.95 -48.78
C PHE H 4940 24.84 36.81 -48.11
N GLY H 4941 25.17 35.57 -48.47
CA GLY H 4941 24.55 34.43 -47.79
C GLY H 4941 24.97 34.33 -46.34
N GLU H 4942 26.25 34.57 -46.06
CA GLU H 4942 26.75 34.42 -44.70
C GLU H 4942 26.13 35.46 -43.76
N LEU H 4943 26.00 36.71 -44.21
CA LEU H 4943 25.38 37.73 -43.39
C LEU H 4943 23.89 37.47 -43.24
N ARG H 4944 23.24 36.97 -44.29
CA ARG H 4944 21.79 36.73 -44.22
C ARG H 4944 21.46 35.66 -43.20
N ASP H 4945 22.22 34.57 -43.16
CA ASP H 4945 21.90 33.50 -42.22
C ASP H 4945 22.18 33.93 -40.78
N GLN H 4946 23.13 34.84 -40.57
CA GLN H 4946 23.36 35.35 -39.22
C GLN H 4946 22.13 36.09 -38.69
N GLN H 4947 21.51 36.92 -39.53
CA GLN H 4947 20.27 37.57 -39.13
C GLN H 4947 19.18 36.55 -38.85
N GLU H 4948 19.07 35.54 -39.71
CA GLU H 4948 18.03 34.53 -39.54
C GLU H 4948 18.28 33.67 -38.30
N GLN H 4949 19.55 33.34 -38.05
CA GLN H 4949 19.88 32.53 -36.87
C GLN H 4949 19.56 33.27 -35.58
N VAL H 4950 19.90 34.56 -35.52
CA VAL H 4950 19.56 35.36 -34.35
C VAL H 4950 18.04 35.44 -34.18
N LYS H 4951 17.32 35.68 -35.28
CA LYS H 4951 15.87 35.74 -35.20
C LYS H 4951 15.28 34.40 -34.80
N GLU H 4952 15.84 33.31 -35.33
CA GLU H 4952 15.30 31.98 -35.01
C GLU H 4952 15.58 31.61 -33.56
N ASP H 4953 16.77 31.95 -33.06
CA ASP H 4953 17.09 31.65 -31.66
C ASP H 4953 16.20 32.42 -30.70
N MET H 4954 15.95 33.70 -31.01
CA MET H 4954 15.11 34.51 -30.14
C MET H 4954 13.69 33.98 -30.06
N GLU H 4955 13.12 33.54 -31.18
CA GLU H 4955 11.74 33.09 -31.22
C GLU H 4955 11.57 31.64 -30.80
N THR H 4956 12.65 30.89 -30.59
CA THR H 4956 12.57 29.49 -30.22
C THR H 4956 13.14 29.17 -28.86
N LYS H 4957 13.79 30.11 -28.19
CA LYS H 4957 14.36 29.88 -26.87
C LYS H 4957 14.20 31.12 -26.02
N CYS H 4958 14.18 30.93 -24.71
CA CYS H 4958 14.16 32.06 -23.79
C CYS H 4958 15.57 32.60 -23.61
N PHE H 4959 15.71 33.92 -23.75
CA PHE H 4959 17.01 34.54 -23.60
C PHE H 4959 17.60 34.35 -22.22
N ILE H 4960 16.76 34.17 -21.20
CA ILE H 4960 17.22 34.08 -19.82
C ILE H 4960 17.48 32.63 -19.43
N CYS H 4961 16.42 31.82 -19.45
CA CYS H 4961 16.53 30.46 -18.93
C CYS H 4961 17.00 29.46 -19.98
N GLY H 4962 16.80 29.75 -21.26
CA GLY H 4962 17.26 28.86 -22.30
C GLY H 4962 16.33 27.71 -22.63
N ILE H 4963 15.17 27.62 -21.98
CA ILE H 4963 14.22 26.56 -22.29
C ILE H 4963 13.51 26.88 -23.60
N GLY H 4964 13.38 25.88 -24.46
CA GLY H 4964 12.83 26.11 -25.78
C GLY H 4964 11.35 26.41 -25.76
N SER H 4965 10.88 26.97 -26.87
CA SER H 4965 9.48 27.33 -27.01
C SER H 4965 8.55 26.13 -27.01
N ASP H 4966 9.06 24.95 -27.39
CA ASP H 4966 8.22 23.77 -27.45
C ASP H 4966 7.68 23.40 -26.07
N TYR H 4967 8.51 23.53 -25.04
CA TYR H 4967 8.05 23.23 -23.69
C TYR H 4967 6.96 24.19 -23.24
N PHE H 4968 7.12 25.48 -23.52
CA PHE H 4968 6.14 26.46 -23.06
C PHE H 4968 4.86 26.41 -23.85
N ASP H 4969 4.92 25.97 -25.11
CA ASP H 4969 3.73 25.98 -25.96
C ASP H 4969 2.72 24.90 -25.57
N THR H 4970 3.05 24.00 -24.65
CA THR H 4970 2.06 23.06 -24.15
C THR H 4970 0.86 23.81 -23.57
N THR H 4971 1.12 24.84 -22.77
CA THR H 4971 0.08 25.81 -22.43
C THR H 4971 -0.14 26.73 -23.62
N PRO H 4972 -1.39 27.03 -23.98
CA PRO H 4972 -1.63 27.90 -25.14
C PRO H 4972 -0.96 29.26 -24.96
N HIS H 4973 -0.24 29.67 -26.01
CA HIS H 4973 0.53 30.92 -26.00
C HIS H 4973 1.51 30.97 -24.83
N GLY H 4974 2.04 29.81 -24.44
CA GLY H 4974 2.90 29.76 -23.26
C GLY H 4974 4.20 30.51 -23.44
N PHE H 4975 4.82 30.37 -24.62
CA PHE H 4975 6.09 31.05 -24.85
C PHE H 4975 5.92 32.56 -24.92
N GLU H 4976 4.81 33.01 -25.51
CA GLU H 4976 4.56 34.45 -25.56
C GLU H 4976 4.39 35.03 -24.16
N THR H 4977 3.68 34.31 -23.28
CA THR H 4977 3.53 34.78 -21.91
C THR H 4977 4.83 34.68 -21.14
N HIS H 4978 5.60 33.62 -21.35
CA HIS H 4978 6.84 33.43 -20.61
C HIS H 4978 7.84 34.53 -20.89
N THR H 4979 7.97 34.93 -22.16
CA THR H 4979 8.93 35.95 -22.53
C THR H 4979 8.45 37.36 -22.25
N LEU H 4980 7.15 37.57 -22.01
CA LEU H 4980 6.61 38.89 -21.76
C LEU H 4980 6.39 39.19 -20.29
N GLU H 4981 6.11 38.18 -19.47
CA GLU H 4981 5.81 38.41 -18.06
C GLU H 4981 6.77 37.70 -17.13
N GLU H 4982 7.11 36.44 -17.43
CA GLU H 4982 7.88 35.64 -16.49
C GLU H 4982 9.36 35.92 -16.57
N HIS H 4983 9.95 35.80 -17.76
CA HIS H 4983 11.38 35.98 -17.96
C HIS H 4983 11.67 37.09 -18.97
N ASN H 4984 10.97 38.21 -18.85
CA ASN H 4984 11.22 39.34 -19.72
C ASN H 4984 12.57 39.95 -19.38
N LEU H 4985 13.44 40.06 -20.38
CA LEU H 4985 14.77 40.60 -20.14
C LEU H 4985 14.73 42.09 -19.83
N ALA H 4986 13.67 42.78 -20.25
CA ALA H 4986 13.53 44.18 -19.89
C ALA H 4986 13.26 44.34 -18.41
N ASN H 4987 12.50 43.42 -17.82
CA ASN H 4987 12.22 43.48 -16.39
C ASN H 4987 13.46 43.23 -15.54
N TYR H 4988 14.38 42.41 -16.03
CA TYR H 4988 15.65 42.25 -15.33
C TYR H 4988 16.47 43.53 -15.36
N MET H 4989 16.39 44.28 -16.47
CA MET H 4989 16.98 45.61 -16.50
C MET H 4989 16.29 46.53 -15.51
N PHE H 4990 14.96 46.47 -15.46
CA PHE H 4990 14.22 47.33 -14.54
C PHE H 4990 14.49 46.97 -13.09
N PHE H 4991 14.65 45.68 -12.79
CA PHE H 4991 14.93 45.27 -11.42
C PHE H 4991 16.25 45.84 -10.92
N LEU H 4992 17.28 45.83 -11.78
CA LEU H 4992 18.58 46.36 -11.38
C LEU H 4992 18.49 47.85 -11.07
N MET H 4993 17.77 48.60 -11.90
CA MET H 4993 17.56 50.01 -11.64
C MET H 4993 16.77 50.21 -10.36
N TYR H 4994 15.78 49.34 -10.12
CA TYR H 4994 15.01 49.39 -8.89
C TYR H 4994 15.90 49.11 -7.67
N LEU H 4995 16.81 48.13 -7.78
CA LEU H 4995 17.71 47.83 -6.68
C LEU H 4995 18.67 48.97 -6.40
N ILE H 4996 19.22 49.58 -7.45
CA ILE H 4996 20.19 50.65 -7.29
C ILE H 4996 19.60 51.88 -6.61
N ASN H 4997 18.37 52.25 -6.96
CA ASN H 4997 17.74 53.44 -6.39
C ASN H 4997 17.16 53.18 -5.01
N LYS H 4998 16.71 51.95 -4.72
CA LYS H 4998 16.11 51.65 -3.43
C LYS H 4998 17.15 51.70 -2.31
N ASP H 4999 16.72 52.19 -1.15
CA ASP H 4999 17.58 52.19 0.02
C ASP H 4999 17.84 50.76 0.48
N GLU H 5000 19.08 50.49 0.89
CA GLU H 5000 19.45 49.13 1.27
C GLU H 5000 18.70 48.68 2.52
N THR H 5001 18.43 49.59 3.45
CA THR H 5001 17.68 49.23 4.64
C THR H 5001 16.24 48.89 4.33
N GLU H 5002 15.76 49.23 3.14
CA GLU H 5002 14.41 48.89 2.71
C GLU H 5002 14.37 47.67 1.81
N HIS H 5003 15.51 47.07 1.50
CA HIS H 5003 15.54 45.89 0.66
C HIS H 5003 14.84 44.73 1.36
N THR H 5004 14.04 43.99 0.61
CA THR H 5004 13.45 42.77 1.13
C THR H 5004 14.50 41.67 1.16
N GLY H 5005 14.12 40.52 1.70
CA GLY H 5005 15.05 39.40 1.75
C GLY H 5005 15.48 38.94 0.38
N GLN H 5006 14.55 38.95 -0.58
CA GLN H 5006 14.89 38.55 -1.95
C GLN H 5006 15.69 39.63 -2.66
N GLU H 5007 15.34 40.90 -2.42
CA GLU H 5007 16.09 42.00 -3.02
C GLU H 5007 17.51 42.06 -2.46
N SER H 5008 17.66 41.84 -1.16
CA SER H 5008 19.00 41.81 -0.57
C SER H 5008 19.82 40.67 -1.13
N TYR H 5009 19.20 39.52 -1.35
CA TYR H 5009 19.91 38.37 -1.88
C TYR H 5009 20.47 38.65 -3.28
N VAL H 5010 19.65 39.23 -4.16
CA VAL H 5010 20.10 39.54 -5.51
C VAL H 5010 21.12 40.68 -5.48
N TRP H 5011 20.91 41.67 -4.63
CA TRP H 5011 21.83 42.81 -4.56
C TRP H 5011 23.21 42.37 -4.11
N LYS H 5012 23.28 41.44 -3.15
CA LYS H 5012 24.57 40.95 -2.69
C LYS H 5012 25.30 40.20 -3.80
N MET H 5013 24.59 39.35 -4.53
CA MET H 5013 25.20 38.63 -5.64
C MET H 5013 25.67 39.58 -6.73
N TYR H 5014 24.87 40.61 -7.01
CA TYR H 5014 25.25 41.58 -8.03
C TYR H 5014 26.54 42.29 -7.65
N GLN H 5015 26.66 42.68 -6.39
CA GLN H 5015 27.88 43.36 -5.94
C GLN H 5015 29.09 42.44 -5.98
N GLU H 5016 28.86 41.13 -5.91
CA GLU H 5016 29.92 40.14 -6.02
C GLU H 5016 30.11 39.62 -7.43
N ARG H 5017 29.36 40.14 -8.39
CA ARG H 5017 29.41 39.71 -9.79
C ARG H 5017 29.17 38.20 -9.91
N CYS H 5018 28.24 37.69 -9.12
CA CYS H 5018 27.82 36.29 -9.18
C CYS H 5018 26.42 36.26 -9.78
N TRP H 5019 26.27 35.55 -10.90
CA TRP H 5019 25.01 35.51 -11.64
C TRP H 5019 24.27 34.19 -11.48
N ASP H 5020 24.34 33.59 -10.30
CA ASP H 5020 23.60 32.36 -10.04
C ASP H 5020 22.13 32.61 -9.78
N PHE H 5021 21.72 33.86 -9.53
CA PHE H 5021 20.32 34.13 -9.31
C PHE H 5021 19.52 34.10 -10.60
N PHE H 5022 20.17 34.26 -11.74
CA PHE H 5022 19.46 34.13 -13.01
C PHE H 5022 19.00 32.68 -13.20
N PRO H 5023 17.73 32.45 -13.51
CA PRO H 5023 17.27 31.08 -13.75
C PRO H 5023 17.88 30.54 -15.03
N ALA H 5024 18.55 29.39 -14.92
CA ALA H 5024 19.22 28.75 -16.04
C ALA H 5024 18.70 27.33 -16.16
N GLY H 5025 17.94 27.05 -17.22
CA GLY H 5025 17.38 25.74 -17.40
C GLY H 5025 16.23 25.40 -16.49
N ASP H 5026 15.69 26.39 -15.77
CA ASP H 5026 14.60 26.17 -14.84
C ASP H 5026 13.71 27.39 -14.83
N CYS H 5027 12.46 27.20 -14.40
CA CYS H 5027 11.50 28.29 -14.36
C CYS H 5027 10.40 27.95 -13.35
N PHE H 5028 9.60 28.95 -13.03
CA PHE H 5028 8.51 28.77 -12.08
C PHE H 5028 7.50 27.76 -12.59
N ARG H 5029 7.19 27.81 -13.89
CA ARG H 5029 6.22 26.87 -14.45
C ARG H 5029 6.72 25.44 -14.37
N LYS H 5030 8.02 25.24 -14.60
CA LYS H 5030 8.59 23.89 -14.54
C LYS H 5030 8.69 23.38 -13.11
N GLN H 5031 9.05 24.24 -12.16
CA GLN H 5031 9.27 23.77 -10.80
C GLN H 5031 7.97 23.28 -10.15
N TYR H 5032 6.85 23.91 -10.46
CA TYR H 5032 5.56 23.55 -9.89
C TYR H 5032 4.62 22.98 -10.95
N GLU H 5033 5.13 22.08 -11.79
CA GLU H 5033 4.29 21.51 -12.85
C GLU H 5033 3.12 20.74 -12.26
N ASP H 5034 3.37 19.94 -11.23
CA ASP H 5034 2.30 19.13 -10.64
C ASP H 5034 1.32 19.99 -9.86
N GLN H 5035 1.80 21.00 -9.13
CA GLN H 5035 0.89 21.86 -8.39
C GLN H 5035 0.06 22.74 -9.34
N LEU H 5036 0.71 23.34 -10.33
CA LEU H 5036 -0.01 24.26 -11.22
C LEU H 5036 -0.95 23.51 -12.15
N SER H 5037 -0.56 22.33 -12.60
CA SER H 5037 -1.41 21.54 -13.49
C SER H 5037 -2.10 20.43 -12.73
PG ATP I . 26.75 1.19 -48.39
O1G ATP I . 27.86 1.85 -47.65
O2G ATP I . 25.36 1.71 -47.99
O3G ATP I . 26.90 1.26 -49.91
PB ATP I . 26.16 -1.37 -46.95
O1B ATP I . 25.48 -2.54 -47.54
O2B ATP I . 27.33 -1.70 -46.01
O3B ATP I . 26.71 -0.37 -48.06
PA ATP I . 25.24 0.65 -45.00
O1A ATP I . 26.22 1.71 -45.33
O2A ATP I . 25.50 -0.08 -43.68
O3A ATP I . 25.15 -0.45 -46.15
O5' ATP I . 23.78 1.25 -44.96
C5' ATP I . 23.52 2.63 -45.27
C4' ATP I . 23.01 3.33 -44.04
O4' ATP I . 21.60 3.12 -43.92
C3' ATP I . 23.60 2.83 -42.72
O3' ATP I . 24.71 3.63 -42.33
C2' ATP I . 22.43 2.96 -41.72
O2' ATP I . 22.72 3.90 -40.69
C1' ATP I . 21.26 3.45 -42.59
N9 ATP I . 19.98 2.85 -42.26
C8 ATP I . 18.95 3.44 -41.59
N7 ATP I . 17.90 2.66 -41.42
C5 ATP I . 18.29 1.48 -42.03
C6 ATP I . 17.63 0.24 -42.20
N6 ATP I . 16.40 -0.01 -41.76
N1 ATP I . 18.29 -0.74 -42.85
C2 ATP I . 19.52 -0.50 -43.29
N3 ATP I . 20.24 0.62 -43.20
C4 ATP I . 19.57 1.57 -42.55
CA CA J . 1.68 -26.61 -41.51
ZN ZN K . 13.71 0.56 -36.98
N1 URA L . 4.57 -14.63 -56.45
C2 URA L . 4.78 -13.54 -55.66
O2 URA L . 3.92 -13.06 -54.96
N3 URA L . 6.05 -13.04 -55.74
C4 URA L . 7.11 -13.52 -56.51
O4 URA L . 8.19 -12.97 -56.47
C5 URA L . 6.78 -14.67 -57.30
C6 URA L . 5.54 -15.18 -57.24
PG ATP M . 40.23 26.00 -28.04
O1G ATP M . 39.39 27.23 -27.93
O2G ATP M . 39.45 24.75 -28.43
O3G ATP M . 41.43 26.16 -28.98
PB ATP M . 40.53 24.88 -25.27
O1B ATP M . 41.60 23.96 -24.85
O2B ATP M . 40.14 25.95 -24.24
O3B ATP M . 40.89 25.65 -26.61
PA ATP M . 37.66 24.46 -25.80
O1A ATP M . 37.41 25.59 -26.74
O2A ATP M . 37.11 24.67 -24.39
O3A ATP M . 39.20 24.11 -25.66
O5' ATP M . 37.04 23.12 -26.38
C5' ATP M . 36.33 23.11 -27.63
C4' ATP M . 34.88 22.78 -27.37
O4' ATP M . 34.70 21.36 -27.35
C3' ATP M . 34.32 23.27 -26.03
O3' ATP M . 33.69 24.54 -26.17
C2' ATP M . 33.31 22.18 -25.62
O2' ATP M . 31.98 22.70 -25.57
C1' ATP M . 33.44 21.14 -26.75
N9 ATP M . 33.39 19.76 -26.28
C8 ATP M . 32.35 18.88 -26.45
N7 ATP M . 32.57 17.70 -25.92
C5 ATP M . 33.83 17.81 -25.37
C6 ATP M . 34.65 16.91 -24.66
N6 ATP M . 34.29 15.65 -24.38
N1 ATP M . 35.86 17.33 -24.25
C2 ATP M . 36.23 18.59 -24.53
N3 ATP M . 35.54 19.53 -25.19
C4 ATP M . 34.36 19.07 -25.58
CA CA N . 48.77 -4.38 -6.68
ZN ZN O . 29.92 13.19 -22.16
N1 URA P . 53.10 0.93 -24.90
C2 URA P . 51.85 1.42 -25.14
O2 URA P . 50.87 0.71 -25.21
N3 URA P . 51.81 2.78 -25.30
C4 URA P . 52.87 3.68 -25.23
O4 URA P . 52.68 4.87 -25.39
C5 URA P . 54.15 3.06 -24.97
C6 URA P . 54.20 1.73 -24.82
PG ATP Q . -2.87 19.28 -51.70
O1G ATP Q . -1.94 18.16 -52.04
O2G ATP Q . -2.47 20.05 -50.44
O3G ATP Q . -3.06 20.29 -52.86
PB ATP Q . -5.20 18.15 -50.20
O1B ATP Q . -6.51 18.82 -50.07
O2B ATP Q . -5.26 16.63 -50.38
O3B ATP Q . -4.34 18.73 -51.40
PA ATP Q . -2.98 17.77 -48.28
O1A ATP Q . -1.88 17.58 -49.24
O2A ATP Q . -3.45 16.50 -47.57
O3A ATP Q . -4.26 18.44 -48.95
O5' ATP Q . -2.58 18.84 -47.18
C5' ATP Q . -1.32 19.54 -47.25
C4' ATP Q . -0.46 19.14 -46.08
O4' ATP Q . -0.84 19.89 -44.91
C3' ATP Q . -0.58 17.67 -45.64
O3' ATP Q . 0.44 16.88 -46.24
C2' ATP Q . -0.42 17.72 -44.11
O2' ATP Q . 0.73 17.01 -43.67
C1' ATP Q . -0.28 19.22 -43.82
N9 ATP Q . -0.97 19.66 -42.61
C8 ATP Q . -0.39 19.95 -41.39
N7 ATP Q . -1.24 20.32 -40.47
C5 ATP Q . -2.46 20.26 -41.11
C6 ATP Q . -3.78 20.53 -40.69
N6 ATP Q . -4.09 20.93 -39.45
N1 ATP Q . -4.78 20.37 -41.59
C2 ATP Q . -4.47 19.97 -42.82
N3 ATP Q . -3.28 19.69 -43.34
C4 ATP Q . -2.32 19.85 -42.43
CA CA R . -32.25 24.37 -28.23
ZN ZN S . -3.22 19.09 -34.28
N1 URA T . -22.59 36.12 -39.98
C2 URA T . -21.29 35.73 -39.81
O2 URA T . -20.69 35.87 -38.77
N3 URA T . -20.73 35.17 -40.93
C4 URA T . -21.35 34.96 -42.16
O4 URA T . -20.72 34.45 -43.07
C5 URA T . -22.71 35.40 -42.23
C6 URA T . -23.27 35.96 -41.14
PG ATP U . 10.44 44.54 -31.13
O1G ATP U . 9.41 43.95 -32.04
O2G ATP U . 11.45 43.51 -30.59
O3G ATP U . 11.21 45.71 -31.75
PB ATP U . 9.24 44.69 -28.38
O1B ATP U . 9.74 45.58 -27.31
O2B ATP U . 7.72 44.55 -28.47
O3B ATP U . 9.76 45.16 -29.82
PA ATP U . 9.47 41.77 -28.79
O1A ATP U . 9.31 41.74 -30.26
O2A ATP U . 8.26 41.31 -27.99
O3A ATP U . 9.85 43.24 -28.27
O5' ATP U . 10.72 40.91 -28.35
C5' ATP U . 11.59 40.30 -29.32
C4' ATP U . 11.48 38.80 -29.21
O4' ATP U . 12.35 38.33 -28.17
C3' ATP U . 10.10 38.27 -28.84
O3' ATP U . 9.36 37.91 -30.00
C2' ATP U . 10.39 37.04 -27.96
O2' ATP U . 9.92 35.84 -28.56
C1' ATP U . 11.92 37.02 -27.87
N9 ATP U . 12.44 36.64 -26.56
C8 ATP U . 12.98 35.45 -26.20
N7 ATP U . 13.36 35.38 -24.95
C5 ATP U . 13.04 36.62 -24.44
C6 ATP U . 13.18 37.20 -23.16
N6 ATP U . 13.72 36.55 -22.12
N1 ATP U . 12.76 38.47 -22.99
C2 ATP U . 12.22 39.11 -24.04
N3 ATP U . 12.03 38.67 -25.28
C4 ATP U . 12.47 37.42 -25.42
CA CA V . 14.84 46.64 6.62
ZN ZN W . 12.90 31.77 -19.45
N1 URA X . 25.86 51.86 -8.26
C2 URA X . 25.69 50.83 -9.15
O2 URA X . 26.07 49.70 -8.94
N3 URA X . 25.04 51.19 -10.29
C4 URA X . 24.56 52.46 -10.63
O4 URA X . 23.99 52.63 -11.69
C5 URA X . 24.79 53.47 -9.63
C6 URA X . 25.43 53.13 -8.49
#